data_5GAI
#
_entry.id   5GAI
#
loop_
_entity.id
_entity.type
_entity.pdbx_description
1 polymer 'Portal protein'
2 polymer 'Peptidoglycan hydrolase gp4'
3 polymer 'Tail fiber protein'
#
loop_
_entity_poly.entity_id
_entity_poly.type
_entity_poly.pdbx_seq_one_letter_code
_entity_poly.pdbx_strand_id
1 'polypeptide(L)'
;ENRLESILSRFDADWTASDEARREAKNDLFFSRVSQWDDWLSQYTTLQYRGQFDVVRPVVRKLVSEMRQNPIDVLYRPKD
GARPDAADVLMGMYRTDMRHNTAKIAVNIAVREQIEAGVGAWRLVTDYEDQSPTSNNQVIRREPIHSACSHVIWDSNSKL
MDKSDARHCTVIHSMSQNGWEDFAEKYDLDADDIPSFQNPNDWVFPWLTQDTIQIAEFYEVVEKKETAFIYQDPVTGEPV
SYFKRDIKDVIDDLADSGFIKIAERQIKRRRVYKSIITCTAVLKDKQLIAGEHIPIVPVFGEWGFVEDKEVYEGVVRLTK
DGQRLRNMIMSFNADIVARTPKKKPFFWPEQIAGFEHMYDGNDDYPYYLLNRTDENSGDLPTQPLAYYENPEVPQANAYM
LEAATSAVKEVATLGVDTEAVNGGQVAFDTVNQLNMRADLETYVFQDNLATAMRRDGEIYQSIVNDIYDVPRNVTITLED
GSEKDVQLMAEVVDLATGEKQVLNDIRGRYECYTDVGPSFQSMKQQNRAEILELLGKTPQGTPEYQLLLLQYFTLLDGKG
VEMMRDYANKQLIQMGVKKPETPEEQQWLVEAQQAKQGQQDPAMVQAQGVLLQGQAELAKAQNQTLSLQIDAAKVEAQNQ
LNAARIAEIFNNMDLSKQSEFREFLKTVASFQQDRSEDARANAELLLKGDEQTHKQRMDIANILQSQRQNQPSGSVAETP
Q
;
A,B,C,D,E,F,G,H,I,J,W,X
2 'polypeptide(L)'
;TKGDLVRAALRKLGVASDATLTDVEPQSMQDAVDDLEAMMAEWYQDGKGIITGYVFSDDENPPAEGDDHGLRSSAVSAVF
HNLACRIAPDYALEATAKIIATAKYGKELLYKQTAISRAKRAPYPSRMPTGSGNSFPNLNEWHYFP
;
K,L,M,N,O,P,Q,R,S,T,U,V
3 'polypeptide(L)'
;ANVVVSNPRPIFTESRSFKAVANGKIYIGQIDTDPVNPANQIPVYIENEDGSHVQITQPLIINAAGKIVYNGQLVKIVTV
QGHSMAIYDANGSQVDYIANVLKYDPDQYSIEADKKFKYSVKLSDYPTLQDAASAAVDGLLIDRDYNFYGGETVDFGGKV
LTIECKAKFIGDGNLIFTKLGKGSRIAGVFMESTTTPWVIKPWTDDNQWLTDAAAVVATLKQSKTDGYQPTVSDYVKFPG
IETLLPPNAKGQNITSTLEIRECIGVEVHRASGLMAGFLFRGCHFCKMVDANNPSGGKDGIITFENLSGDWGKGNYVIGG
RTSYGSVSSAQFLRNNGGFERDGGVIGFTSYRAGESGVKTWQGTVGSTTSRNYNLQFRDSVVIYPVWDGFDLGADTDMNP
ELDRPGDYPITQYPLHQLPLNHLIDNLLVRGALGVGFGMDGKGMYVSNITVEDCAGSGAYLLTHESVFTNIAIIDTNTKD
FQANQIYISGACRVNGLRLIGIRSTDGQGLTIDAPNSTVSGITGMVDPSRINVANLAEEGLGNIRANSFGYDSAAIKLRI
HKLSKTLDSGALYSHINGGAGSGSAYTQLTAISGSTPDAVSLKVNHKDCRGAEIPFVPDIASDDFIKDSSCFLPYWENNS
TSLKALVKKPNGELVRLTLATL
;
Y,Z,0
#
# COMPACT_ATOMS: atom_id res chain seq x y z
N GLU A 1 46.47 16.27 -67.36
CA GLU A 1 46.51 16.68 -68.80
C GLU A 1 45.12 16.55 -69.38
N ASN A 2 45.03 16.03 -70.63
CA ASN A 2 43.78 15.84 -71.33
C ASN A 2 43.91 14.51 -72.02
N ARG A 3 42.75 13.95 -72.44
CA ARG A 3 42.63 12.70 -73.15
C ARG A 3 43.30 12.76 -74.51
N LEU A 4 43.07 13.88 -75.23
CA LEU A 4 43.69 14.16 -76.49
C LEU A 4 43.26 15.56 -76.82
N GLU A 5 41.95 15.84 -76.67
CA GLU A 5 41.37 17.13 -76.91
C GLU A 5 40.80 17.57 -75.59
N SER A 6 40.86 18.89 -75.31
CA SER A 6 40.48 19.48 -74.05
C SER A 6 39.03 19.25 -73.69
N ILE A 7 38.09 19.38 -74.66
CA ILE A 7 36.67 19.22 -74.46
C ILE A 7 36.29 17.77 -74.19
N LEU A 8 37.08 16.81 -74.73
CA LEU A 8 36.88 15.40 -74.56
C LEU A 8 37.13 14.97 -73.14
N SER A 9 38.14 15.59 -72.48
CA SER A 9 38.51 15.26 -71.12
C SER A 9 37.54 15.82 -70.11
N ARG A 10 36.69 16.80 -70.50
CA ARG A 10 35.70 17.36 -69.61
C ARG A 10 34.58 16.40 -69.37
N PHE A 11 34.01 15.83 -70.45
CA PHE A 11 32.89 14.92 -70.38
C PHE A 11 33.29 13.55 -69.91
N ASP A 12 34.52 13.09 -70.26
CA ASP A 12 35.06 11.82 -69.81
C ASP A 12 35.33 11.82 -68.33
N ALA A 13 35.80 12.96 -67.77
CA ALA A 13 36.00 13.14 -66.35
C ALA A 13 34.72 13.25 -65.57
N ASP A 14 33.65 13.73 -66.23
CA ASP A 14 32.35 13.91 -65.64
C ASP A 14 31.69 12.57 -65.45
N TRP A 15 31.78 11.69 -66.48
CA TRP A 15 31.14 10.39 -66.50
C TRP A 15 31.77 9.41 -65.54
N THR A 16 33.12 9.43 -65.40
CA THR A 16 33.85 8.58 -64.48
C THR A 16 33.56 8.94 -63.05
N ALA A 17 33.45 10.26 -62.73
CA ALA A 17 33.08 10.75 -61.43
C ALA A 17 31.63 10.48 -61.10
N SER A 18 30.77 10.41 -62.14
CA SER A 18 29.34 10.18 -62.02
C SER A 18 29.00 8.78 -61.57
N ASP A 19 29.90 7.79 -61.74
CA ASP A 19 29.63 6.42 -61.35
C ASP A 19 29.32 6.26 -59.87
N GLU A 20 30.19 6.78 -58.98
CA GLU A 20 29.94 6.76 -57.56
C GLU A 20 29.04 7.88 -57.10
N ALA A 21 28.88 8.95 -57.92
CA ALA A 21 28.06 10.09 -57.62
C ALA A 21 26.65 9.94 -58.13
N ARG A 22 26.29 8.76 -58.65
CA ARG A 22 24.95 8.44 -59.12
C ARG A 22 24.42 7.40 -58.18
N ARG A 23 25.12 6.25 -58.09
CA ARG A 23 24.77 5.08 -57.30
C ARG A 23 24.55 5.38 -55.84
N GLU A 24 25.44 6.21 -55.24
CA GLU A 24 25.35 6.62 -53.86
C GLU A 24 24.34 7.73 -53.71
N ALA A 25 24.30 8.65 -54.69
CA ALA A 25 23.47 9.84 -54.68
C ALA A 25 22.00 9.56 -54.85
N LYS A 26 21.64 8.30 -55.21
CA LYS A 26 20.29 7.81 -55.26
C LYS A 26 19.65 7.90 -53.90
N ASN A 27 20.33 7.30 -52.88
CA ASN A 27 19.89 7.31 -51.50
C ASN A 27 19.97 8.69 -50.88
N ASP A 28 21.00 9.49 -51.26
CA ASP A 28 21.30 10.78 -50.66
C ASP A 28 20.17 11.78 -50.77
N LEU A 29 19.63 12.02 -51.99
CA LEU A 29 18.59 12.99 -52.20
C LEU A 29 17.23 12.54 -51.73
N PHE A 30 17.08 11.24 -51.36
CA PHE A 30 15.92 10.72 -50.68
C PHE A 30 15.97 11.00 -49.20
N PHE A 31 17.16 11.35 -48.63
CA PHE A 31 17.32 11.58 -47.21
C PHE A 31 16.78 12.93 -46.81
N SER A 32 16.77 13.91 -47.74
CA SER A 32 16.11 15.19 -47.55
C SER A 32 14.60 15.03 -47.42
N ARG A 33 14.05 13.97 -48.05
CA ARG A 33 12.65 13.59 -47.97
C ARG A 33 12.33 12.79 -46.74
N VAL A 34 13.34 12.21 -46.07
CA VAL A 34 13.19 11.59 -44.77
C VAL A 34 13.23 12.67 -43.72
N SER A 35 14.10 13.70 -43.87
CA SER A 35 14.26 14.78 -42.92
C SER A 35 13.16 15.83 -42.96
N GLN A 36 12.43 15.94 -44.09
CA GLN A 36 11.36 16.91 -44.24
C GLN A 36 10.35 16.29 -45.16
N TRP A 37 9.21 16.98 -45.41
CA TRP A 37 8.12 16.52 -46.25
C TRP A 37 7.47 15.29 -45.65
N ASP A 38 7.30 14.22 -46.46
CA ASP A 38 6.62 13.00 -46.11
C ASP A 38 7.64 11.93 -46.34
N ASP A 39 7.75 10.98 -45.39
CA ASP A 39 8.74 9.93 -45.40
C ASP A 39 8.55 8.99 -46.56
N TRP A 40 7.30 8.54 -46.81
CA TRP A 40 6.99 7.60 -47.87
C TRP A 40 7.15 8.25 -49.22
N LEU A 41 7.54 7.43 -50.21
CA LEU A 41 7.89 7.85 -51.54
C LEU A 41 7.16 6.91 -52.44
N SER A 42 7.08 7.29 -53.75
CA SER A 42 6.55 6.48 -54.83
C SER A 42 5.06 6.31 -54.73
N GLN A 43 4.34 7.36 -54.27
CA GLN A 43 2.91 7.42 -54.35
C GLN A 43 2.51 8.86 -54.31
N TYR A 44 1.31 9.16 -54.85
CA TYR A 44 0.74 10.48 -54.78
C TYR A 44 -0.75 10.28 -54.76
N THR A 45 -1.44 11.11 -53.93
CA THR A 45 -2.88 11.20 -53.78
C THR A 45 -3.48 9.87 -53.42
N THR A 46 -2.94 9.26 -52.33
CA THR A 46 -3.38 7.98 -51.84
C THR A 46 -4.39 8.20 -50.75
N LEU A 47 -5.29 7.21 -50.58
CA LEU A 47 -6.42 7.28 -49.69
C LEU A 47 -6.35 6.06 -48.79
N GLN A 48 -5.16 5.41 -48.73
CA GLN A 48 -4.89 4.26 -47.91
C GLN A 48 -3.90 4.72 -46.88
N TYR A 49 -4.14 4.35 -45.59
CA TYR A 49 -3.40 4.82 -44.44
C TYR A 49 -1.95 4.44 -44.53
N ARG A 50 -1.07 5.41 -44.21
CA ARG A 50 0.34 5.22 -44.10
C ARG A 50 0.73 5.95 -42.86
N GLY A 51 1.36 5.23 -41.90
CA GLY A 51 1.74 5.75 -40.62
C GLY A 51 3.09 6.38 -40.70
N GLN A 52 3.53 6.98 -39.58
CA GLN A 52 4.82 7.61 -39.44
C GLN A 52 5.10 7.57 -37.97
N PHE A 53 6.39 7.70 -37.61
CA PHE A 53 6.82 7.88 -36.25
C PHE A 53 7.79 9.01 -36.28
N ASP A 54 8.53 9.16 -37.42
CA ASP A 54 9.43 10.26 -37.72
C ASP A 54 10.42 10.50 -36.61
N VAL A 55 11.17 9.44 -36.24
CA VAL A 55 12.12 9.47 -35.15
C VAL A 55 13.47 9.89 -35.68
N VAL A 56 13.63 9.88 -37.02
CA VAL A 56 14.82 10.34 -37.71
C VAL A 56 15.00 11.81 -37.49
N ARG A 57 13.90 12.59 -37.62
CA ARG A 57 13.91 14.03 -37.56
C ARG A 57 14.33 14.60 -36.21
N PRO A 58 13.92 14.11 -35.03
CA PRO A 58 14.54 14.47 -33.76
C PRO A 58 16.02 14.15 -33.64
N VAL A 59 16.51 13.03 -34.23
CA VAL A 59 17.92 12.66 -34.17
C VAL A 59 18.74 13.60 -35.02
N VAL A 60 18.21 14.02 -36.19
CA VAL A 60 18.83 14.98 -37.07
C VAL A 60 18.90 16.33 -36.40
N ARG A 61 17.75 16.82 -35.87
CA ARG A 61 17.65 18.10 -35.20
C ARG A 61 18.49 18.20 -33.96
N LYS A 62 18.81 17.06 -33.30
CA LYS A 62 19.66 17.04 -32.13
C LYS A 62 21.10 17.34 -32.48
N LEU A 63 21.61 16.72 -33.57
CA LEU A 63 22.97 16.89 -34.02
C LEU A 63 23.17 18.20 -34.74
N VAL A 64 22.11 18.73 -35.39
CA VAL A 64 22.13 19.99 -36.12
C VAL A 64 22.22 21.10 -35.12
N SER A 65 21.51 20.98 -33.97
CA SER A 65 21.50 21.96 -32.92
C SER A 65 22.83 22.04 -32.20
N GLU A 66 23.63 20.94 -32.18
CA GLU A 66 24.90 20.92 -31.51
C GLU A 66 25.98 21.61 -32.30
N MET A 67 26.01 21.43 -33.65
CA MET A 67 27.04 21.98 -34.49
C MET A 67 26.83 23.46 -34.77
N ARG A 68 25.58 23.95 -34.62
CA ARG A 68 25.23 25.32 -34.91
C ARG A 68 25.65 26.24 -33.79
N GLN A 69 25.70 25.73 -32.54
CA GLN A 69 26.16 26.48 -31.39
C GLN A 69 27.64 26.27 -31.15
N ASN A 70 28.32 25.50 -32.04
CA ASN A 70 29.76 25.37 -32.04
C ASN A 70 30.28 26.35 -33.06
N PRO A 71 31.18 27.29 -32.75
CA PRO A 71 31.56 28.33 -33.71
C PRO A 71 32.80 27.88 -34.45
N ILE A 72 32.69 27.74 -35.79
CA ILE A 72 33.82 27.41 -36.64
C ILE A 72 33.84 28.53 -37.64
N ASP A 73 34.96 29.29 -37.67
CA ASP A 73 35.10 30.43 -38.54
C ASP A 73 36.57 30.68 -38.68
N VAL A 74 36.94 31.44 -39.74
CA VAL A 74 38.27 31.88 -40.09
C VAL A 74 38.84 32.76 -39.01
N LEU A 75 40.09 32.50 -38.57
CA LEU A 75 40.73 33.29 -37.55
C LEU A 75 42.16 33.55 -37.92
N TYR A 76 42.81 32.62 -38.69
CA TYR A 76 44.25 32.53 -38.90
C TYR A 76 45.04 32.40 -37.61
N ARG A 77 46.36 32.13 -37.74
CA ARG A 77 47.28 32.05 -36.63
C ARG A 77 48.59 32.49 -37.24
N PRO A 78 49.40 33.35 -36.63
CA PRO A 78 50.78 33.64 -37.02
C PRO A 78 51.64 32.43 -37.29
N LYS A 79 52.54 32.53 -38.30
CA LYS A 79 53.53 31.54 -38.64
C LYS A 79 54.64 31.60 -37.62
N ASP A 80 55.63 30.67 -37.75
CA ASP A 80 56.81 30.62 -36.92
C ASP A 80 57.64 31.87 -37.04
N GLY A 81 57.77 32.62 -35.91
CA GLY A 81 58.53 33.85 -35.84
C GLY A 81 57.82 35.04 -36.42
N ALA A 82 56.54 34.88 -36.85
CA ALA A 82 55.74 35.93 -37.43
C ALA A 82 55.14 36.77 -36.34
N ARG A 83 54.74 38.01 -36.68
CA ARG A 83 54.18 38.96 -35.74
C ARG A 83 52.69 38.72 -35.65
N PRO A 84 52.05 38.86 -34.47
CA PRO A 84 50.61 38.78 -34.32
C PRO A 84 49.92 39.99 -34.89
N ASP A 85 50.68 41.10 -35.13
CA ASP A 85 50.18 42.34 -35.67
C ASP A 85 49.74 42.20 -37.10
N ALA A 86 50.21 41.15 -37.82
CA ALA A 86 49.79 40.88 -39.17
C ALA A 86 48.51 40.08 -39.23
N ALA A 87 48.15 39.38 -38.13
CA ALA A 87 47.00 38.51 -38.08
C ALA A 87 45.71 39.28 -38.19
N ASP A 88 45.59 40.37 -37.41
CA ASP A 88 44.41 41.20 -37.35
C ASP A 88 44.24 42.05 -38.59
N VAL A 89 45.33 42.29 -39.37
CA VAL A 89 45.28 42.96 -40.65
C VAL A 89 44.58 42.10 -41.68
N LEU A 90 44.91 40.79 -41.70
CA LEU A 90 44.33 39.80 -42.58
C LEU A 90 42.88 39.55 -42.22
N MET A 91 42.55 39.60 -40.91
CA MET A 91 41.19 39.47 -40.44
C MET A 91 40.40 40.73 -40.64
N GLY A 92 41.06 41.90 -40.76
CA GLY A 92 40.44 43.19 -40.95
C GLY A 92 39.66 43.26 -42.23
N MET A 93 40.30 42.78 -43.32
CA MET A 93 39.74 42.77 -44.65
C MET A 93 38.79 41.60 -44.83
N TYR A 94 38.90 40.53 -43.99
CA TYR A 94 38.01 39.40 -44.01
C TYR A 94 36.66 39.75 -43.41
N ARG A 95 36.61 40.68 -42.45
CA ARG A 95 35.41 40.97 -41.70
C ARG A 95 34.57 42.05 -42.34
N THR A 96 35.10 42.70 -43.40
CA THR A 96 34.39 43.76 -44.09
C THR A 96 33.34 43.17 -44.98
N ASP A 97 33.71 42.15 -45.80
CA ASP A 97 32.83 41.52 -46.76
C ASP A 97 31.92 40.46 -46.16
N MET A 98 32.25 39.96 -44.95
CA MET A 98 31.44 38.98 -44.25
C MET A 98 30.45 39.66 -43.34
N ARG A 99 30.35 41.02 -43.42
CA ARG A 99 29.39 41.86 -42.72
C ARG A 99 27.99 41.43 -43.07
N HIS A 100 27.74 41.19 -44.37
CA HIS A 100 26.47 40.78 -44.92
C HIS A 100 26.14 39.39 -44.48
N ASN A 101 24.82 39.10 -44.37
CA ASN A 101 24.29 37.90 -43.75
C ASN A 101 24.50 36.67 -44.58
N THR A 102 24.88 36.80 -45.88
CA THR A 102 25.11 35.68 -46.78
C THR A 102 26.28 34.83 -46.35
N ALA A 103 27.21 35.41 -45.55
CA ALA A 103 28.35 34.73 -45.00
C ALA A 103 27.96 33.87 -43.82
N LYS A 104 27.11 34.44 -42.94
CA LYS A 104 26.75 33.87 -41.67
C LYS A 104 25.72 32.77 -41.82
N ILE A 105 24.95 32.79 -42.93
CA ILE A 105 23.95 31.82 -43.28
C ILE A 105 24.62 30.57 -43.81
N ALA A 106 25.78 30.71 -44.48
CA ALA A 106 26.50 29.62 -45.12
C ALA A 106 27.11 28.65 -44.14
N VAL A 107 27.38 29.07 -42.88
CA VAL A 107 27.97 28.24 -41.86
C VAL A 107 26.94 27.27 -41.33
N ASN A 108 25.69 27.76 -41.11
CA ASN A 108 24.59 26.99 -40.57
C ASN A 108 24.07 25.97 -41.56
N ILE A 109 24.20 26.26 -42.88
CA ILE A 109 23.77 25.39 -43.95
C ILE A 109 24.77 24.28 -44.13
N ALA A 110 26.08 24.58 -43.94
CA ALA A 110 27.14 23.63 -44.14
C ALA A 110 27.09 22.51 -43.13
N VAL A 111 26.83 22.83 -41.85
CA VAL A 111 26.70 21.85 -40.79
C VAL A 111 25.42 21.06 -40.88
N ARG A 112 24.35 21.64 -41.48
CA ARG A 112 23.06 20.99 -41.57
C ARG A 112 23.08 19.89 -42.58
N GLU A 113 23.59 20.18 -43.79
CA GLU A 113 23.60 19.26 -44.91
C GLU A 113 24.62 18.18 -44.72
N GLN A 114 25.68 18.43 -43.92
CA GLN A 114 26.72 17.48 -43.59
C GLN A 114 26.17 16.31 -42.81
N ILE A 115 25.17 16.59 -41.93
CA ILE A 115 24.53 15.61 -41.10
C ILE A 115 23.52 14.83 -41.89
N GLU A 116 22.66 15.52 -42.67
CA GLU A 116 21.55 14.88 -43.35
C GLU A 116 21.97 14.07 -44.55
N ALA A 117 22.68 14.68 -45.51
CA ALA A 117 22.99 14.06 -46.77
C ALA A 117 24.34 13.42 -46.81
N GLY A 118 25.19 13.68 -45.80
CA GLY A 118 26.57 13.23 -45.82
C GLY A 118 27.44 14.07 -46.73
N VAL A 119 26.88 15.15 -47.32
CA VAL A 119 27.61 16.07 -48.17
C VAL A 119 27.04 17.44 -47.89
N GLY A 120 27.87 18.48 -48.07
CA GLY A 120 27.46 19.86 -48.00
C GLY A 120 28.41 20.62 -48.88
N ALA A 121 28.28 21.96 -48.94
CA ALA A 121 29.11 22.77 -49.77
C ALA A 121 28.82 24.21 -49.49
N TRP A 122 29.73 25.10 -49.94
CA TRP A 122 29.54 26.54 -49.96
C TRP A 122 30.49 27.03 -51.00
N ARG A 123 30.25 28.25 -51.55
CA ARG A 123 31.05 28.79 -52.62
C ARG A 123 31.59 30.13 -52.21
N LEU A 124 32.42 30.70 -53.12
CA LEU A 124 32.99 32.01 -53.00
C LEU A 124 32.80 32.61 -54.36
N VAL A 125 32.23 33.84 -54.40
CA VAL A 125 31.97 34.56 -55.63
C VAL A 125 32.86 35.78 -55.60
N THR A 126 32.85 36.58 -56.69
CA THR A 126 33.65 37.78 -56.80
C THR A 126 32.73 38.78 -57.42
N ASP A 127 32.62 39.97 -56.79
CA ASP A 127 31.69 41.00 -57.21
C ASP A 127 32.30 42.35 -56.92
N TYR A 128 31.59 43.42 -57.36
CA TYR A 128 31.94 44.81 -57.19
C TYR A 128 31.01 45.33 -56.13
N GLU A 129 31.55 45.75 -54.96
CA GLU A 129 30.73 46.19 -53.86
C GLU A 129 31.31 47.43 -53.27
N ASP A 130 30.42 48.40 -52.99
CA ASP A 130 30.69 49.58 -52.20
C ASP A 130 29.79 49.50 -51.00
N GLN A 131 29.16 48.33 -50.80
CA GLN A 131 28.32 48.04 -49.66
C GLN A 131 29.18 47.34 -48.63
N SER A 132 30.41 46.94 -49.05
CA SER A 132 31.45 46.46 -48.18
C SER A 132 32.75 46.78 -48.88
N PRO A 133 33.18 48.04 -49.01
CA PRO A 133 34.38 48.38 -49.78
C PRO A 133 35.60 48.08 -48.93
N THR A 134 36.68 47.57 -49.56
CA THR A 134 37.92 47.30 -48.87
C THR A 134 38.97 48.05 -49.64
N SER A 135 39.41 47.50 -50.79
CA SER A 135 40.34 48.18 -51.67
C SER A 135 39.94 47.75 -53.06
N ASN A 136 40.04 48.71 -54.01
CA ASN A 136 39.68 48.58 -55.42
C ASN A 136 38.18 48.53 -55.62
N ASN A 137 37.41 48.62 -54.51
CA ASN A 137 35.96 48.59 -54.44
C ASN A 137 35.41 47.27 -54.92
N GLN A 138 36.18 46.17 -54.66
CA GLN A 138 35.82 44.84 -55.04
C GLN A 138 36.15 44.00 -53.85
N VAL A 139 35.27 43.02 -53.53
CA VAL A 139 35.46 42.08 -52.45
C VAL A 139 34.98 40.75 -52.95
N ILE A 140 35.33 39.66 -52.22
CA ILE A 140 34.81 38.34 -52.46
C ILE A 140 33.95 38.02 -51.28
N ARG A 141 32.78 37.38 -51.54
CA ARG A 141 31.80 37.09 -50.53
C ARG A 141 31.56 35.60 -50.58
N ARG A 142 31.11 35.03 -49.44
CA ARG A 142 30.84 33.63 -49.29
C ARG A 142 29.36 33.47 -49.39
N GLU A 143 28.91 32.61 -50.32
CA GLU A 143 27.51 32.38 -50.57
C GLU A 143 27.23 30.93 -50.26
N PRO A 144 26.06 30.57 -49.76
CA PRO A 144 25.72 29.20 -49.38
C PRO A 144 25.38 28.35 -50.58
N ILE A 145 25.48 27.01 -50.42
CA ILE A 145 25.02 26.05 -51.38
C ILE A 145 24.25 25.09 -50.49
N HIS A 146 22.98 24.80 -50.86
CA HIS A 146 22.09 23.99 -50.09
C HIS A 146 21.66 22.91 -51.05
N SER A 147 21.33 21.72 -50.51
CA SER A 147 20.83 20.56 -51.24
C SER A 147 21.93 19.93 -52.03
N ALA A 148 23.11 19.76 -51.37
CA ALA A 148 24.30 19.15 -51.91
C ALA A 148 24.12 17.68 -52.22
N CYS A 149 23.03 17.08 -51.68
CA CYS A 149 22.56 15.74 -51.93
C CYS A 149 22.24 15.51 -53.39
N SER A 150 21.63 16.52 -54.02
CA SER A 150 21.18 16.48 -55.39
C SER A 150 22.25 17.02 -56.31
N HIS A 151 23.33 17.63 -55.77
CA HIS A 151 24.33 18.31 -56.57
C HIS A 151 25.62 17.53 -56.71
N VAL A 152 25.69 16.28 -56.20
CA VAL A 152 26.93 15.50 -56.23
C VAL A 152 27.15 14.98 -57.63
N ILE A 153 28.32 15.36 -58.21
CA ILE A 153 28.90 14.79 -59.40
C ILE A 153 30.39 14.89 -59.23
N TRP A 154 30.85 15.13 -57.97
CA TRP A 154 32.23 15.46 -57.69
C TRP A 154 32.90 14.23 -57.14
N ASP A 155 34.14 13.98 -57.62
CA ASP A 155 35.01 12.98 -57.07
C ASP A 155 36.39 13.49 -57.43
N SER A 156 37.38 13.21 -56.57
CA SER A 156 38.75 13.65 -56.77
C SER A 156 39.51 12.52 -57.38
N ASN A 157 40.64 12.86 -58.05
CA ASN A 157 41.52 11.90 -58.69
C ASN A 157 42.68 11.59 -57.80
N SER A 158 42.65 12.16 -56.57
CA SER A 158 43.66 11.99 -55.57
C SER A 158 42.95 11.35 -54.41
N LYS A 159 43.69 11.14 -53.31
CA LYS A 159 43.19 10.50 -52.12
C LYS A 159 42.75 11.58 -51.14
N LEU A 160 42.79 12.86 -51.60
CA LEU A 160 42.40 14.05 -50.88
C LEU A 160 40.94 14.06 -50.50
N MET A 161 40.63 14.75 -49.39
CA MET A 161 39.29 14.89 -48.88
C MET A 161 38.84 16.32 -49.05
N ASP A 162 39.80 17.30 -49.09
CA ASP A 162 39.48 18.70 -49.25
C ASP A 162 38.90 19.05 -50.60
N LYS A 163 39.45 18.45 -51.69
CA LYS A 163 39.09 18.70 -53.06
C LYS A 163 39.40 20.13 -53.43
N SER A 164 40.66 20.54 -53.16
CA SER A 164 41.18 21.85 -53.52
C SER A 164 41.94 21.75 -54.83
N ASP A 165 42.05 20.52 -55.38
CA ASP A 165 42.62 20.30 -56.68
C ASP A 165 42.08 18.98 -57.15
N ALA A 166 42.03 18.81 -58.49
CA ALA A 166 41.67 17.63 -59.24
C ALA A 166 41.09 18.13 -60.52
N ARG A 167 41.25 17.33 -61.60
CA ARG A 167 40.69 17.60 -62.90
C ARG A 167 39.58 16.62 -63.14
N HIS A 168 39.17 15.89 -62.08
CA HIS A 168 38.18 14.85 -62.14
C HIS A 168 36.89 15.33 -61.53
N CYS A 169 36.86 16.58 -61.01
CA CYS A 169 35.77 17.07 -60.22
C CYS A 169 35.04 18.14 -60.98
N THR A 170 33.72 18.21 -60.72
CA THR A 170 32.83 19.20 -61.26
C THR A 170 31.72 19.28 -60.25
N VAL A 171 30.98 20.42 -60.25
CA VAL A 171 29.88 20.67 -59.35
C VAL A 171 28.77 21.13 -60.23
N ILE A 172 27.51 21.13 -59.72
CA ILE A 172 26.35 21.56 -60.48
C ILE A 172 25.57 22.47 -59.58
N HIS A 173 25.01 23.55 -60.16
CA HIS A 173 24.18 24.50 -59.44
C HIS A 173 22.86 24.53 -60.15
N SER A 174 21.76 24.42 -59.37
CA SER A 174 20.40 24.44 -59.85
C SER A 174 19.85 25.81 -59.54
N MET A 175 19.57 26.60 -60.59
CA MET A 175 19.17 27.99 -60.47
C MET A 175 18.03 28.22 -61.42
N SER A 176 17.37 29.38 -61.28
CA SER A 176 16.24 29.80 -62.07
C SER A 176 16.72 30.56 -63.29
N GLN A 177 15.76 31.10 -64.08
CA GLN A 177 15.99 31.87 -65.27
C GLN A 177 16.58 33.21 -64.90
N ASN A 178 16.06 33.83 -63.80
CA ASN A 178 16.52 35.10 -63.29
C ASN A 178 17.90 34.96 -62.70
N GLY A 179 18.15 33.83 -61.97
CA GLY A 179 19.45 33.54 -61.38
C GLY A 179 20.51 33.17 -62.38
N TRP A 180 20.12 32.81 -63.62
CA TRP A 180 21.03 32.48 -64.70
C TRP A 180 21.63 33.75 -65.25
N GLU A 181 20.81 34.80 -65.40
CA GLU A 181 21.24 36.11 -65.84
C GLU A 181 22.19 36.75 -64.87
N ASP A 182 21.95 36.57 -63.54
CA ASP A 182 22.82 37.03 -62.48
C ASP A 182 24.17 36.34 -62.47
N PHE A 183 24.16 35.00 -62.71
CA PHE A 183 25.33 34.15 -62.80
C PHE A 183 26.16 34.50 -64.02
N ALA A 184 25.51 35.07 -65.06
CA ALA A 184 26.11 35.40 -66.32
C ALA A 184 26.82 36.73 -66.28
N GLU A 185 26.57 37.55 -65.23
CA GLU A 185 27.21 38.85 -65.09
C GLU A 185 28.62 38.68 -64.61
N LYS A 186 28.85 37.71 -63.69
CA LYS A 186 30.13 37.46 -63.08
C LYS A 186 31.10 36.80 -64.01
N TYR A 187 30.67 35.71 -64.67
CA TYR A 187 31.55 34.83 -65.43
C TYR A 187 31.58 35.14 -66.89
N ASP A 188 30.91 36.25 -67.32
CA ASP A 188 30.93 36.76 -68.68
C ASP A 188 30.33 35.78 -69.65
N LEU A 189 29.13 35.25 -69.30
CA LEU A 189 28.39 34.28 -70.06
C LEU A 189 27.25 35.01 -70.71
N ASP A 190 26.57 34.33 -71.65
CA ASP A 190 25.38 34.82 -72.31
C ASP A 190 24.26 34.87 -71.31
N ALA A 191 23.37 35.90 -71.42
CA ALA A 191 22.27 36.14 -70.51
C ALA A 191 21.26 35.02 -70.56
N ASP A 192 20.96 34.53 -71.79
CA ASP A 192 20.05 33.43 -72.01
C ASP A 192 20.86 32.41 -72.75
N ASP A 193 20.49 31.12 -72.59
CA ASP A 193 21.25 30.01 -73.10
C ASP A 193 20.36 28.82 -72.88
N ILE A 194 19.77 28.73 -71.66
CA ILE A 194 19.02 27.59 -71.17
C ILE A 194 19.97 26.42 -70.98
N PRO A 195 20.88 26.45 -70.00
CA PRO A 195 21.86 25.39 -69.79
C PRO A 195 21.20 24.15 -69.24
N SER A 196 21.73 22.97 -69.61
CA SER A 196 21.23 21.70 -69.16
C SER A 196 22.43 20.86 -68.88
N PHE A 197 22.22 19.73 -68.17
CA PHE A 197 23.27 18.85 -67.75
C PHE A 197 22.64 17.49 -67.57
N GLN A 198 23.45 16.48 -67.14
CA GLN A 198 23.07 15.09 -67.05
C GLN A 198 22.08 14.80 -65.94
N ASN A 199 21.91 15.75 -64.98
CA ASN A 199 20.89 15.72 -63.96
C ASN A 199 21.15 14.68 -62.89
N PRO A 200 22.06 14.90 -61.92
CA PRO A 200 22.18 14.06 -60.73
C PRO A 200 21.09 14.39 -59.74
N ASN A 201 20.27 15.43 -60.03
CA ASN A 201 19.23 15.97 -59.18
C ASN A 201 18.02 15.09 -59.25
N ASP A 202 16.95 15.47 -58.48
CA ASP A 202 15.74 14.71 -58.24
C ASP A 202 15.10 14.22 -59.51
N TRP A 203 14.65 12.94 -59.51
CA TRP A 203 14.01 12.32 -60.65
C TRP A 203 12.58 11.99 -60.33
N VAL A 204 12.12 12.24 -59.08
CA VAL A 204 10.77 11.88 -58.65
C VAL A 204 10.21 13.10 -57.97
N PHE A 205 11.09 13.90 -57.32
CA PHE A 205 10.80 15.12 -56.58
C PHE A 205 10.06 14.85 -55.28
N PRO A 206 10.26 15.64 -54.23
CA PRO A 206 9.30 15.76 -53.14
C PRO A 206 8.25 16.80 -53.46
N TRP A 207 8.59 17.86 -54.23
CA TRP A 207 7.69 18.94 -54.54
C TRP A 207 8.12 19.38 -55.91
N LEU A 208 7.14 19.67 -56.79
CA LEU A 208 7.39 20.09 -58.16
C LEU A 208 8.08 21.43 -58.16
N THR A 209 9.14 21.56 -58.99
CA THR A 209 9.87 22.78 -59.18
C THR A 209 9.81 23.02 -60.66
N GLN A 210 9.33 24.22 -61.08
CA GLN A 210 9.03 24.51 -62.47
C GLN A 210 10.03 25.48 -63.04
N ASP A 211 11.03 25.93 -62.25
CA ASP A 211 12.13 26.72 -62.76
C ASP A 211 13.35 26.04 -62.26
N THR A 212 13.99 25.27 -63.15
CA THR A 212 15.30 24.71 -62.88
C THR A 212 15.97 24.68 -64.23
N ILE A 213 17.14 25.33 -64.31
CA ILE A 213 18.07 25.22 -65.40
C ILE A 213 19.39 25.07 -64.69
N GLN A 214 20.25 24.15 -65.18
CA GLN A 214 21.37 23.69 -64.41
C GLN A 214 22.61 23.88 -65.21
N ILE A 215 23.65 24.43 -64.54
CA ILE A 215 24.92 24.69 -65.16
C ILE A 215 25.93 23.98 -64.30
N ALA A 216 27.00 23.45 -64.93
CA ALA A 216 28.05 22.71 -64.29
C ALA A 216 29.32 23.50 -64.36
N GLU A 217 29.97 23.74 -63.21
CA GLU A 217 31.25 24.40 -63.14
C GLU A 217 32.28 23.30 -62.99
N PHE A 218 33.14 23.15 -64.03
CA PHE A 218 34.14 22.11 -64.13
C PHE A 218 35.44 22.74 -63.71
N TYR A 219 36.22 22.05 -62.83
CA TYR A 219 37.49 22.54 -62.36
C TYR A 219 38.60 21.75 -62.97
N GLU A 220 39.72 22.45 -63.26
CA GLU A 220 40.89 21.95 -63.93
C GLU A 220 42.04 22.33 -63.04
N VAL A 221 43.24 21.75 -63.30
CA VAL A 221 44.45 22.11 -62.61
C VAL A 221 45.47 22.29 -63.71
N VAL A 222 45.98 23.53 -63.86
CA VAL A 222 47.07 23.83 -64.76
C VAL A 222 47.90 24.76 -63.92
N GLU A 223 49.25 24.60 -63.93
CA GLU A 223 50.10 25.24 -62.96
C GLU A 223 50.27 26.71 -63.26
N LYS A 224 50.63 27.03 -64.54
CA LYS A 224 50.70 28.36 -65.11
C LYS A 224 51.98 29.07 -64.73
N LYS A 225 52.21 29.25 -63.40
CA LYS A 225 53.29 30.01 -62.79
C LYS A 225 53.42 31.42 -63.31
N GLU A 226 54.65 31.98 -63.18
CA GLU A 226 54.99 33.36 -63.43
C GLU A 226 56.43 33.43 -63.00
N THR A 227 57.10 34.57 -63.27
CA THR A 227 58.52 34.64 -63.02
C THR A 227 58.90 36.09 -62.89
N ALA A 228 60.03 36.32 -62.17
CA ALA A 228 60.83 37.53 -62.17
C ALA A 228 60.07 38.78 -61.80
N PHE A 229 60.68 39.94 -62.12
CA PHE A 229 60.13 41.27 -61.95
C PHE A 229 59.96 41.63 -60.51
N ILE A 230 61.07 42.13 -59.92
CA ILE A 230 61.15 42.52 -58.54
C ILE A 230 61.05 44.02 -58.59
N TYR A 231 60.42 44.62 -57.58
CA TYR A 231 60.11 46.03 -57.56
C TYR A 231 60.56 46.51 -56.22
N GLN A 232 60.49 47.84 -56.01
CA GLN A 232 60.91 48.49 -54.80
C GLN A 232 59.69 49.08 -54.17
N ASP A 233 59.78 49.40 -52.86
CA ASP A 233 58.72 50.01 -52.13
C ASP A 233 59.38 50.82 -51.04
N PRO A 234 59.95 51.99 -51.27
CA PRO A 234 60.19 52.98 -50.21
C PRO A 234 58.85 53.53 -49.75
N VAL A 235 57.89 53.65 -50.69
CA VAL A 235 56.53 54.03 -50.45
C VAL A 235 55.82 52.79 -49.97
N THR A 236 55.30 52.88 -48.72
CA THR A 236 54.65 51.84 -47.94
C THR A 236 55.59 50.77 -47.47
N GLY A 237 56.93 51.08 -47.45
CA GLY A 237 57.97 50.30 -46.80
C GLY A 237 58.13 48.91 -47.33
N GLU A 238 59.07 48.15 -46.72
CA GLU A 238 59.43 46.78 -47.09
C GLU A 238 59.80 46.61 -48.56
N PRO A 239 60.85 47.24 -49.09
CA PRO A 239 61.25 47.13 -50.49
C PRO A 239 61.75 45.75 -50.83
N VAL A 240 62.00 45.51 -52.15
CA VAL A 240 62.48 44.27 -52.73
C VAL A 240 61.36 43.25 -52.69
N SER A 241 60.19 43.66 -53.23
CA SER A 241 58.97 42.90 -53.18
C SER A 241 58.76 42.26 -54.52
N TYR A 242 58.21 41.03 -54.52
CA TYR A 242 57.90 40.26 -55.68
C TYR A 242 56.45 40.51 -55.96
N PHE A 243 56.11 41.10 -57.13
CA PHE A 243 54.73 41.35 -57.49
C PHE A 243 54.49 40.52 -58.72
N LYS A 244 53.21 40.10 -58.90
CA LYS A 244 52.68 39.24 -59.95
C LYS A 244 52.95 39.81 -61.33
N ARG A 245 53.07 38.94 -62.36
CA ARG A 245 53.46 39.38 -63.68
C ARG A 245 52.62 38.76 -64.76
N ASP A 246 52.07 37.54 -64.53
CA ASP A 246 51.34 36.85 -65.58
C ASP A 246 49.86 37.03 -65.32
N ILE A 247 49.50 37.67 -64.19
CA ILE A 247 48.14 37.96 -63.84
C ILE A 247 47.82 39.34 -64.36
N LYS A 248 48.67 40.34 -64.03
CA LYS A 248 48.47 41.70 -64.47
C LYS A 248 49.33 41.86 -65.69
N ASP A 249 48.72 42.34 -66.79
CA ASP A 249 49.40 42.56 -68.04
C ASP A 249 49.20 44.00 -68.48
N VAL A 250 48.53 44.80 -67.62
CA VAL A 250 48.28 46.21 -67.85
C VAL A 250 49.14 46.92 -66.85
N ILE A 251 48.81 46.74 -65.56
CA ILE A 251 49.40 47.35 -64.39
C ILE A 251 50.89 47.09 -64.30
N ASP A 252 51.37 45.93 -64.80
CA ASP A 252 52.74 45.47 -64.72
C ASP A 252 53.78 46.42 -65.31
N ASP A 253 53.47 47.11 -66.44
CA ASP A 253 54.38 48.03 -67.09
C ASP A 253 54.53 49.30 -66.29
N LEU A 254 53.43 49.79 -65.67
CA LEU A 254 53.42 50.91 -64.77
C LEU A 254 54.19 50.64 -63.50
N ALA A 255 54.29 49.35 -63.10
CA ALA A 255 55.06 48.93 -61.95
C ALA A 255 56.55 49.03 -62.18
N ASP A 256 57.02 48.91 -63.44
CA ASP A 256 58.41 49.06 -63.82
C ASP A 256 58.88 50.49 -63.73
N SER A 257 57.94 51.46 -63.76
CA SER A 257 58.26 52.86 -63.77
C SER A 257 58.01 53.40 -62.40
N GLY A 258 59.08 53.90 -61.75
CA GLY A 258 59.06 54.50 -60.44
C GLY A 258 59.42 53.52 -59.36
N PHE A 259 59.47 52.21 -59.68
CA PHE A 259 59.87 51.17 -58.76
C PHE A 259 60.56 50.14 -59.60
N ILE A 260 61.74 49.64 -59.15
CA ILE A 260 62.42 48.60 -59.87
C ILE A 260 63.48 48.05 -58.94
N LYS A 261 63.78 46.73 -59.08
CA LYS A 261 64.75 46.01 -58.28
C LYS A 261 65.10 44.79 -59.10
N ILE A 262 66.10 44.03 -58.59
CA ILE A 262 66.62 42.82 -59.17
C ILE A 262 66.68 41.87 -57.99
N ALA A 263 66.95 40.57 -58.27
CA ALA A 263 66.91 39.40 -57.39
C ALA A 263 65.86 38.48 -57.94
N GLU A 264 65.62 38.57 -59.27
CA GLU A 264 64.61 37.87 -60.02
C GLU A 264 64.74 36.37 -59.91
N ARG A 265 63.58 35.69 -59.72
CA ARG A 265 63.55 34.26 -59.55
C ARG A 265 62.14 33.85 -59.89
N GLN A 266 61.96 32.59 -60.37
CA GLN A 266 60.67 32.03 -60.72
C GLN A 266 59.92 31.72 -59.47
N ILE A 267 58.59 31.94 -59.48
CA ILE A 267 57.72 31.66 -58.38
C ILE A 267 56.68 30.78 -59.01
N LYS A 268 56.26 29.73 -58.29
CA LYS A 268 55.38 28.72 -58.80
C LYS A 268 54.05 28.94 -58.16
N ARG A 269 53.00 28.84 -59.00
CA ARG A 269 51.63 28.85 -58.57
C ARG A 269 51.08 27.52 -59.00
N ARG A 270 50.03 27.07 -58.28
CA ARG A 270 49.23 25.95 -58.67
C ARG A 270 47.88 26.60 -58.73
N ARG A 271 47.30 26.66 -59.95
CA ARG A 271 46.13 27.44 -60.25
C ARG A 271 45.09 26.51 -60.76
N VAL A 272 43.80 26.93 -60.65
CA VAL A 272 42.70 26.16 -61.16
C VAL A 272 42.06 27.04 -62.20
N TYR A 273 41.38 26.39 -63.17
CA TYR A 273 40.75 27.06 -64.27
C TYR A 273 39.35 26.54 -64.28
N LYS A 274 38.37 27.43 -64.01
CA LYS A 274 36.98 27.08 -63.96
C LYS A 274 36.43 27.21 -65.36
N SER A 275 35.78 26.15 -65.85
CA SER A 275 35.24 26.10 -67.18
C SER A 275 33.79 25.85 -67.00
N ILE A 276 32.96 26.78 -67.53
CA ILE A 276 31.53 26.72 -67.49
C ILE A 276 31.13 25.83 -68.63
N ILE A 277 30.43 24.71 -68.33
CA ILE A 277 30.16 23.67 -69.30
C ILE A 277 28.72 23.26 -69.21
N THR A 278 28.13 22.89 -70.37
CA THR A 278 26.81 22.31 -70.50
C THR A 278 27.06 20.98 -71.16
N CYS A 279 26.06 20.07 -71.10
CA CYS A 279 26.13 18.74 -71.65
C CYS A 279 26.41 18.72 -73.14
N THR A 280 25.84 19.69 -73.89
CA THR A 280 26.04 19.85 -75.31
C THR A 280 27.46 20.22 -75.69
N ALA A 281 28.08 21.17 -74.95
CA ALA A 281 29.40 21.67 -75.28
C ALA A 281 29.82 22.59 -74.18
N VAL A 282 31.13 22.94 -74.14
CA VAL A 282 31.68 23.84 -73.15
C VAL A 282 31.41 25.26 -73.62
N LEU A 283 30.86 26.10 -72.72
CA LEU A 283 30.52 27.48 -73.02
C LEU A 283 31.76 28.32 -73.07
N LYS A 284 32.60 28.24 -72.01
CA LYS A 284 33.87 28.93 -71.96
C LYS A 284 34.85 27.92 -71.42
N ASP A 285 35.90 27.60 -72.22
CA ASP A 285 36.88 26.60 -71.87
C ASP A 285 38.11 27.34 -71.43
N LYS A 286 38.72 26.90 -70.30
CA LYS A 286 39.94 27.40 -69.73
C LYS A 286 39.90 28.87 -69.40
N GLN A 287 38.82 29.30 -68.70
CA GLN A 287 38.72 30.65 -68.20
C GLN A 287 39.42 30.65 -66.87
N LEU A 288 40.34 31.62 -66.65
CA LEU A 288 41.05 31.73 -65.39
C LEU A 288 40.12 32.34 -64.38
N ILE A 289 39.87 31.61 -63.28
CA ILE A 289 39.07 32.04 -62.17
C ILE A 289 40.05 32.66 -61.22
N ALA A 290 39.59 33.62 -60.39
CA ALA A 290 40.41 34.40 -59.49
C ALA A 290 41.08 33.52 -58.45
N GLY A 291 40.36 32.48 -57.95
CA GLY A 291 40.92 31.48 -57.07
C GLY A 291 42.01 30.69 -57.75
N GLU A 292 43.03 30.27 -56.96
CA GLU A 292 44.10 29.42 -57.44
C GLU A 292 43.89 28.04 -56.91
N HIS A 293 42.82 27.84 -56.11
CA HIS A 293 42.39 26.53 -55.69
C HIS A 293 40.89 26.62 -55.81
N ILE A 294 40.21 25.46 -55.75
CA ILE A 294 38.79 25.33 -56.02
C ILE A 294 37.99 26.10 -54.96
N PRO A 295 37.08 27.01 -55.30
CA PRO A 295 36.38 27.86 -54.34
C PRO A 295 35.28 27.11 -53.64
N ILE A 296 34.94 25.89 -54.11
CA ILE A 296 33.90 25.07 -53.55
C ILE A 296 34.63 23.86 -53.08
N VAL A 297 34.75 23.72 -51.73
CA VAL A 297 35.37 22.59 -51.11
C VAL A 297 34.24 21.92 -50.34
N PRO A 298 33.73 20.76 -50.75
CA PRO A 298 32.59 20.13 -50.10
C PRO A 298 32.98 19.54 -48.78
N VAL A 299 32.16 19.75 -47.73
CA VAL A 299 32.23 19.02 -46.49
C VAL A 299 31.56 17.70 -46.69
N PHE A 300 31.96 16.70 -45.87
CA PHE A 300 31.40 15.38 -45.93
C PHE A 300 31.08 15.05 -44.50
N GLY A 301 30.08 14.17 -44.29
CA GLY A 301 29.76 13.60 -43.00
C GLY A 301 30.68 12.44 -42.78
N GLU A 302 30.11 11.24 -42.52
CA GLU A 302 30.87 10.01 -42.52
C GLU A 302 31.25 9.73 -43.95
N TRP A 303 32.55 9.44 -44.18
CA TRP A 303 33.13 9.45 -45.51
C TRP A 303 34.21 8.42 -45.46
N GLY A 304 34.54 7.84 -46.64
CA GLY A 304 35.58 6.87 -46.72
C GLY A 304 35.38 6.09 -47.98
N PHE A 305 36.34 5.17 -48.24
CA PHE A 305 36.35 4.29 -49.38
C PHE A 305 36.18 2.91 -48.83
N VAL A 306 35.66 1.99 -49.67
CA VAL A 306 35.44 0.61 -49.30
C VAL A 306 36.52 -0.19 -49.98
N GLU A 307 36.48 -0.24 -51.33
CA GLU A 307 37.44 -0.94 -52.14
C GLU A 307 38.15 0.02 -53.03
N ASP A 308 38.01 1.35 -52.74
CA ASP A 308 38.21 2.48 -53.62
C ASP A 308 36.88 2.76 -54.28
N LYS A 309 35.79 2.45 -53.56
CA LYS A 309 34.43 2.72 -53.95
C LYS A 309 33.94 3.74 -52.96
N GLU A 310 33.65 4.97 -53.45
CA GLU A 310 33.27 6.11 -52.64
C GLU A 310 31.94 5.87 -51.99
N VAL A 311 31.87 6.13 -50.66
CA VAL A 311 30.67 5.99 -49.89
C VAL A 311 30.65 7.16 -48.94
N TYR A 312 29.50 7.85 -48.90
CA TYR A 312 29.22 8.87 -47.94
C TYR A 312 27.80 8.61 -47.54
N GLU A 313 27.36 9.25 -46.42
CA GLU A 313 26.10 8.95 -45.80
C GLU A 313 26.03 9.78 -44.56
N GLY A 314 24.79 10.25 -44.26
CA GLY A 314 24.47 10.96 -43.06
C GLY A 314 24.09 10.01 -41.97
N VAL A 315 23.43 10.55 -40.92
CA VAL A 315 22.87 9.83 -39.81
C VAL A 315 21.48 9.35 -40.19
N VAL A 316 20.96 9.88 -41.33
CA VAL A 316 19.61 9.65 -41.80
C VAL A 316 19.51 8.26 -42.34
N ARG A 317 20.60 7.73 -42.93
CA ARG A 317 20.64 6.44 -43.58
C ARG A 317 20.51 5.31 -42.58
N LEU A 318 21.01 5.54 -41.35
CA LEU A 318 21.09 4.54 -40.32
C LEU A 318 19.74 4.31 -39.69
N THR A 319 19.00 5.42 -39.42
CA THR A 319 17.70 5.37 -38.78
C THR A 319 16.57 5.12 -39.76
N LYS A 320 16.82 5.30 -41.09
CA LYS A 320 15.86 5.15 -42.18
C LYS A 320 15.20 3.79 -42.21
N ASP A 321 15.99 2.72 -41.97
CA ASP A 321 15.53 1.36 -42.02
C ASP A 321 14.60 1.06 -40.88
N GLY A 322 15.02 1.42 -39.63
CA GLY A 322 14.24 1.24 -38.43
C GLY A 322 12.94 2.00 -38.42
N GLN A 323 12.97 3.27 -38.88
CA GLN A 323 11.83 4.14 -39.12
C GLN A 323 10.75 3.46 -39.92
N ARG A 324 11.05 3.13 -41.19
CA ARG A 324 10.09 2.65 -42.16
C ARG A 324 9.56 1.28 -41.82
N LEU A 325 10.32 0.48 -41.03
CA LEU A 325 9.88 -0.80 -40.55
C LEU A 325 8.76 -0.68 -39.54
N ARG A 326 8.84 0.34 -38.63
CA ARG A 326 7.80 0.63 -37.67
C ARG A 326 6.53 1.08 -38.37
N ASN A 327 6.68 1.88 -39.46
CA ASN A 327 5.59 2.41 -40.26
C ASN A 327 4.76 1.33 -40.93
N MET A 328 5.37 0.16 -41.23
CA MET A 328 4.73 -0.95 -41.92
C MET A 328 3.71 -1.62 -41.03
N ILE A 329 4.06 -1.75 -39.73
CA ILE A 329 3.31 -2.44 -38.73
C ILE A 329 2.15 -1.57 -38.31
N MET A 330 2.41 -0.26 -38.17
CA MET A 330 1.43 0.75 -37.84
C MET A 330 0.34 0.86 -38.88
N SER A 331 0.67 0.60 -40.17
CA SER A 331 -0.27 0.75 -41.26
C SER A 331 -1.19 -0.44 -41.39
N PHE A 332 -0.66 -1.67 -41.24
CA PHE A 332 -1.42 -2.88 -41.48
C PHE A 332 -2.47 -3.10 -40.43
N ASN A 333 -2.05 -3.05 -39.14
CA ASN A 333 -2.90 -3.35 -38.01
C ASN A 333 -3.89 -2.25 -37.70
N ALA A 334 -3.72 -1.05 -38.31
CA ALA A 334 -4.66 0.05 -38.20
C ALA A 334 -5.94 -0.26 -38.95
N ASP A 335 -5.82 -1.02 -40.06
CA ASP A 335 -6.95 -1.45 -40.86
C ASP A 335 -7.72 -2.54 -40.16
N ILE A 336 -7.05 -3.34 -39.30
CA ILE A 336 -7.68 -4.35 -38.48
C ILE A 336 -8.55 -3.72 -37.41
N VAL A 337 -8.09 -2.57 -36.83
CA VAL A 337 -8.85 -1.80 -35.85
C VAL A 337 -10.04 -1.16 -36.50
N ALA A 338 -9.87 -0.63 -37.73
CA ALA A 338 -10.87 0.13 -38.44
C ALA A 338 -11.96 -0.78 -38.94
N ARG A 339 -11.62 -1.69 -39.88
CA ARG A 339 -12.56 -2.50 -40.59
C ARG A 339 -12.43 -3.92 -40.09
N THR A 340 -13.42 -4.38 -39.28
CA THR A 340 -13.41 -5.73 -38.76
C THR A 340 -14.80 -5.98 -38.21
N PRO A 341 -15.27 -7.24 -38.14
CA PRO A 341 -16.44 -7.60 -37.35
C PRO A 341 -16.09 -7.54 -35.88
N LYS A 342 -17.06 -7.12 -35.03
CA LYS A 342 -16.86 -6.97 -33.60
C LYS A 342 -17.57 -8.07 -32.88
N LYS A 343 -17.26 -8.23 -31.57
CA LYS A 343 -17.71 -9.28 -30.70
C LYS A 343 -19.19 -9.18 -30.47
N LYS A 344 -19.95 -10.20 -30.93
CA LYS A 344 -21.38 -10.20 -30.90
C LYS A 344 -21.81 -11.64 -30.76
N PRO A 345 -22.98 -11.97 -30.22
CA PRO A 345 -23.48 -13.32 -30.13
C PRO A 345 -23.99 -13.80 -31.47
N PHE A 346 -23.92 -15.13 -31.70
CA PHE A 346 -24.46 -15.75 -32.87
C PHE A 346 -25.84 -16.19 -32.50
N PHE A 347 -26.82 -15.86 -33.37
CA PHE A 347 -28.20 -16.25 -33.26
C PHE A 347 -28.54 -16.73 -34.63
N TRP A 348 -29.78 -17.21 -34.83
CA TRP A 348 -30.19 -17.79 -36.08
C TRP A 348 -31.54 -17.19 -36.39
N PRO A 349 -31.99 -17.14 -37.66
CA PRO A 349 -33.19 -16.41 -38.05
C PRO A 349 -34.47 -16.88 -37.40
N GLU A 350 -34.59 -18.19 -37.09
CA GLU A 350 -35.78 -18.75 -36.50
C GLU A 350 -35.97 -18.29 -35.07
N GLN A 351 -34.87 -18.19 -34.29
CA GLN A 351 -34.92 -17.88 -32.88
C GLN A 351 -34.71 -16.43 -32.59
N ILE A 352 -34.59 -15.57 -33.63
CA ILE A 352 -34.44 -14.13 -33.46
C ILE A 352 -35.65 -13.46 -34.10
N ALA A 353 -36.65 -14.26 -34.55
CA ALA A 353 -37.86 -13.77 -35.15
C ALA A 353 -38.83 -13.34 -34.09
N GLY A 354 -39.15 -12.03 -34.07
CA GLY A 354 -39.96 -11.38 -33.08
C GLY A 354 -39.18 -11.01 -31.85
N PHE A 355 -37.87 -11.33 -31.83
CA PHE A 355 -36.98 -11.06 -30.72
C PHE A 355 -35.98 -10.03 -31.17
N GLU A 356 -36.31 -9.28 -32.25
CA GLU A 356 -35.51 -8.18 -32.75
C GLU A 356 -35.69 -6.95 -31.90
N HIS A 357 -36.76 -6.94 -31.05
CA HIS A 357 -37.02 -5.88 -30.12
C HIS A 357 -36.43 -6.20 -28.77
N MET A 358 -35.92 -7.44 -28.57
CA MET A 358 -35.21 -7.82 -27.35
C MET A 358 -33.79 -7.35 -27.46
N TYR A 359 -33.21 -7.50 -28.66
CA TYR A 359 -31.89 -7.01 -29.00
C TYR A 359 -32.13 -5.86 -29.95
N ASP A 360 -32.58 -4.71 -29.40
CA ASP A 360 -32.70 -3.46 -30.14
C ASP A 360 -31.75 -2.40 -29.64
N GLY A 361 -30.84 -2.75 -28.70
CA GLY A 361 -30.00 -1.78 -28.05
C GLY A 361 -30.63 -1.06 -26.89
N ASN A 362 -31.83 -1.51 -26.43
CA ASN A 362 -32.55 -0.85 -25.36
C ASN A 362 -32.91 -1.87 -24.32
N ASP A 363 -33.48 -1.36 -23.20
CA ASP A 363 -33.91 -2.11 -22.05
C ASP A 363 -35.37 -1.75 -21.93
N ASP A 364 -36.24 -2.78 -21.89
CA ASP A 364 -37.66 -2.60 -21.57
C ASP A 364 -38.08 -3.83 -20.80
N TYR A 365 -37.10 -4.62 -20.33
CA TYR A 365 -37.33 -5.95 -19.80
C TYR A 365 -36.09 -6.24 -18.98
N PRO A 366 -36.12 -7.17 -18.01
CA PRO A 366 -34.96 -7.48 -17.20
C PRO A 366 -34.26 -8.68 -17.80
N TYR A 367 -34.69 -9.14 -19.00
CA TYR A 367 -34.14 -10.33 -19.58
C TYR A 367 -34.44 -10.33 -21.06
N TYR A 368 -33.64 -11.10 -21.83
CA TYR A 368 -33.81 -11.28 -23.25
C TYR A 368 -34.57 -12.57 -23.40
N LEU A 369 -35.14 -12.82 -24.61
CA LEU A 369 -35.85 -14.03 -24.89
C LEU A 369 -35.41 -14.50 -26.25
N LEU A 370 -35.59 -15.82 -26.50
CA LEU A 370 -35.18 -16.51 -27.71
C LEU A 370 -36.09 -17.71 -27.79
N ASN A 371 -36.17 -18.39 -28.96
CA ASN A 371 -36.90 -19.64 -29.08
C ASN A 371 -36.06 -20.77 -28.58
N ARG A 372 -36.76 -21.83 -28.13
CA ARG A 372 -36.19 -23.03 -27.58
C ARG A 372 -36.80 -24.17 -28.33
N THR A 373 -38.05 -23.99 -28.78
CA THR A 373 -38.81 -24.96 -29.53
C THR A 373 -39.23 -24.25 -30.78
N ASP A 374 -39.16 -24.97 -31.92
CA ASP A 374 -39.55 -24.48 -33.21
C ASP A 374 -40.33 -25.62 -33.81
N GLU A 375 -41.15 -25.31 -34.84
CA GLU A 375 -41.96 -26.27 -35.55
C GLU A 375 -41.12 -27.06 -36.51
N ASN A 376 -41.74 -28.11 -37.11
CA ASN A 376 -41.14 -29.10 -37.99
C ASN A 376 -40.51 -30.16 -37.14
N SER A 377 -41.35 -30.82 -36.28
CA SER A 377 -40.96 -31.79 -35.29
C SER A 377 -40.18 -31.10 -34.19
N GLY A 378 -39.58 -31.88 -33.26
CA GLY A 378 -38.90 -31.39 -32.08
C GLY A 378 -37.75 -30.48 -32.40
N ASP A 379 -37.36 -29.62 -31.42
CA ASP A 379 -36.26 -28.72 -31.60
C ASP A 379 -35.69 -28.42 -30.23
N LEU A 380 -34.37 -28.15 -30.21
CA LEU A 380 -33.63 -27.70 -29.05
C LEU A 380 -32.96 -26.44 -29.55
N PRO A 381 -32.61 -25.46 -28.72
CA PRO A 381 -32.02 -24.20 -29.18
C PRO A 381 -30.61 -24.43 -29.64
N THR A 382 -30.21 -23.76 -30.74
CA THR A 382 -28.93 -23.95 -31.38
C THR A 382 -28.03 -22.94 -30.74
N GLN A 383 -27.02 -23.45 -29.98
CA GLN A 383 -25.92 -22.78 -29.30
C GLN A 383 -26.00 -21.28 -29.13
N PRO A 384 -26.67 -20.74 -28.11
CA PRO A 384 -26.76 -19.30 -27.91
C PRO A 384 -25.83 -19.00 -26.76
N LEU A 385 -24.66 -19.67 -26.76
CA LEU A 385 -23.55 -19.37 -25.89
C LEU A 385 -22.36 -19.01 -26.75
N ALA A 386 -22.58 -18.85 -28.08
CA ALA A 386 -21.52 -18.65 -29.04
C ALA A 386 -21.34 -17.17 -29.19
N TYR A 387 -20.07 -16.73 -29.38
CA TYR A 387 -19.73 -15.34 -29.54
C TYR A 387 -18.60 -15.26 -30.50
N TYR A 388 -18.45 -14.07 -31.13
CA TYR A 388 -17.41 -13.77 -32.08
C TYR A 388 -16.20 -13.36 -31.28
N GLU A 389 -15.01 -13.84 -31.71
CA GLU A 389 -13.76 -13.54 -31.06
C GLU A 389 -13.11 -12.46 -31.86
N ASN A 390 -12.78 -11.34 -31.19
CA ASN A 390 -12.14 -10.16 -31.75
C ASN A 390 -10.78 -10.49 -32.31
N PRO A 391 -10.27 -9.81 -33.34
CA PRO A 391 -8.89 -9.96 -33.79
C PRO A 391 -7.98 -9.39 -32.73
N GLU A 392 -6.84 -10.07 -32.48
CA GLU A 392 -5.97 -9.73 -31.38
C GLU A 392 -4.68 -9.15 -31.88
N VAL A 393 -4.49 -9.14 -33.23
CA VAL A 393 -3.28 -8.75 -33.93
C VAL A 393 -2.25 -9.84 -33.77
N PRO A 394 -1.71 -10.49 -34.83
CA PRO A 394 -0.67 -11.50 -34.76
C PRO A 394 0.51 -11.17 -33.88
N GLN A 395 1.13 -12.19 -33.26
CA GLN A 395 2.31 -12.05 -32.45
C GLN A 395 3.54 -11.79 -33.28
N ALA A 396 3.45 -11.99 -34.62
CA ALA A 396 4.51 -11.65 -35.54
C ALA A 396 4.67 -10.16 -35.66
N ASN A 397 3.56 -9.38 -35.50
CA ASN A 397 3.59 -7.93 -35.53
C ASN A 397 4.15 -7.38 -34.24
N ALA A 398 3.87 -8.06 -33.12
CA ALA A 398 4.25 -7.63 -31.79
C ALA A 398 5.73 -7.77 -31.57
N TYR A 399 6.30 -8.91 -32.01
CA TYR A 399 7.71 -9.23 -31.90
C TYR A 399 8.51 -8.34 -32.84
N MET A 400 7.98 -8.11 -34.06
CA MET A 400 8.69 -7.38 -35.08
C MET A 400 8.77 -5.90 -34.79
N LEU A 401 7.80 -5.34 -34.03
CA LEU A 401 7.82 -3.95 -33.62
C LEU A 401 8.91 -3.68 -32.60
N GLU A 402 9.26 -4.71 -31.78
CA GLU A 402 10.34 -4.65 -30.83
C GLU A 402 11.67 -4.56 -31.53
N ALA A 403 11.85 -5.37 -32.61
CA ALA A 403 13.06 -5.37 -33.42
C ALA A 403 13.16 -4.14 -34.29
N ALA A 404 12.01 -3.49 -34.59
CA ALA A 404 11.94 -2.28 -35.37
C ALA A 404 12.44 -1.10 -34.58
N THR A 405 12.05 -1.00 -33.28
CA THR A 405 12.48 0.04 -32.38
C THR A 405 13.89 -0.19 -31.90
N SER A 406 14.42 -1.44 -31.99
CA SER A 406 15.78 -1.78 -31.65
C SER A 406 16.74 -1.18 -32.64
N ALA A 407 16.39 -1.19 -33.94
CA ALA A 407 17.21 -0.62 -34.99
C ALA A 407 17.33 0.87 -34.90
N VAL A 408 16.29 1.54 -34.33
CA VAL A 408 16.24 2.98 -34.14
C VAL A 408 17.15 3.41 -33.00
N LYS A 409 17.02 2.76 -31.81
CA LYS A 409 17.61 3.24 -30.58
C LYS A 409 19.11 3.17 -30.51
N GLU A 410 19.76 2.27 -31.30
CA GLU A 410 21.20 2.15 -31.34
C GLU A 410 21.83 3.36 -31.97
N VAL A 411 21.26 3.82 -33.09
CA VAL A 411 21.82 4.84 -33.94
C VAL A 411 21.24 6.19 -33.63
N ALA A 412 20.31 6.27 -32.64
CA ALA A 412 19.74 7.51 -32.15
C ALA A 412 20.78 8.37 -31.48
N THR A 413 21.78 7.72 -30.83
CA THR A 413 22.92 8.37 -30.23
C THR A 413 24.09 7.70 -30.88
N LEU A 414 25.12 8.50 -31.29
CA LEU A 414 26.26 8.02 -32.02
C LEU A 414 27.44 7.89 -31.08
N GLY A 415 27.14 7.72 -29.77
CA GLY A 415 28.09 7.67 -28.70
C GLY A 415 28.29 9.07 -28.19
N VAL A 416 29.07 9.20 -27.10
CA VAL A 416 29.27 10.47 -26.42
C VAL A 416 30.71 10.43 -26.02
N ASP A 417 31.43 11.55 -26.27
CA ASP A 417 32.78 11.77 -25.82
C ASP A 417 32.66 12.88 -24.81
N THR A 418 32.52 14.13 -25.29
CA THR A 418 32.20 15.28 -24.48
C THR A 418 30.69 15.38 -24.46
N GLU A 419 30.11 15.61 -23.25
CA GLU A 419 28.69 15.69 -23.02
C GLU A 419 28.07 16.82 -23.80
N ALA A 420 26.81 16.61 -24.27
CA ALA A 420 26.09 17.50 -25.16
C ALA A 420 26.83 17.64 -26.46
N VAL A 421 27.29 18.87 -26.80
CA VAL A 421 28.07 19.17 -27.98
C VAL A 421 29.35 18.37 -28.02
N ASN A 422 29.77 17.98 -29.25
CA ASN A 422 30.96 17.19 -29.52
C ASN A 422 30.88 15.83 -28.86
N GLY A 423 29.74 15.12 -29.07
CA GLY A 423 29.53 13.77 -28.60
C GLY A 423 30.23 12.80 -29.49
N GLY A 424 29.46 12.11 -30.35
CA GLY A 424 29.98 11.17 -31.32
C GLY A 424 30.15 11.83 -32.64
N GLN A 425 29.88 13.16 -32.70
CA GLN A 425 29.94 13.97 -33.89
C GLN A 425 31.26 14.69 -34.05
N VAL A 426 32.27 14.48 -33.16
CA VAL A 426 33.55 15.16 -33.23
C VAL A 426 34.27 14.98 -34.54
N ALA A 427 34.21 13.75 -35.12
CA ALA A 427 34.76 13.40 -36.41
C ALA A 427 34.18 14.18 -37.55
N PHE A 428 32.88 14.56 -37.44
CA PHE A 428 32.14 15.33 -38.41
C PHE A 428 32.53 16.79 -38.32
N ASP A 429 32.87 17.28 -37.09
CA ASP A 429 33.26 18.65 -36.84
C ASP A 429 34.69 18.88 -37.27
N THR A 430 35.53 17.83 -37.21
CA THR A 430 36.94 17.88 -37.58
C THR A 430 37.06 18.09 -39.06
N VAL A 431 36.24 17.34 -39.86
CA VAL A 431 36.24 17.46 -41.31
C VAL A 431 35.51 18.71 -41.78
N ASN A 432 34.65 19.32 -40.92
CA ASN A 432 33.94 20.53 -41.25
C ASN A 432 34.92 21.69 -41.26
N GLN A 433 35.73 21.82 -40.19
CA GLN A 433 36.74 22.84 -40.06
C GLN A 433 37.94 22.61 -40.93
N LEU A 434 38.14 21.37 -41.44
CA LEU A 434 39.18 21.01 -42.37
C LEU A 434 38.96 21.68 -43.70
N ASN A 435 37.70 21.65 -44.19
CA ASN A 435 37.27 22.34 -45.39
C ASN A 435 37.22 23.83 -45.24
N MET A 436 36.98 24.36 -44.01
CA MET A 436 37.01 25.80 -43.74
C MET A 436 38.39 26.37 -43.95
N ARG A 437 39.44 25.62 -43.57
CA ARG A 437 40.83 25.96 -43.76
C ARG A 437 41.24 25.82 -45.21
N ALA A 438 40.67 24.82 -45.93
CA ALA A 438 40.85 24.61 -47.35
C ALA A 438 40.31 25.75 -48.16
N ASP A 439 39.08 26.23 -47.81
CA ASP A 439 38.44 27.39 -48.36
C ASP A 439 39.18 28.66 -48.04
N LEU A 440 39.98 28.67 -46.95
CA LEU A 440 40.75 29.81 -46.53
C LEU A 440 42.01 29.96 -47.35
N GLU A 441 42.52 28.85 -47.94
CA GLU A 441 43.64 28.90 -48.86
C GLU A 441 43.29 29.68 -50.11
N THR A 442 42.10 29.38 -50.68
CA THR A 442 41.59 30.02 -51.87
C THR A 442 40.94 31.34 -51.54
N TYR A 443 40.65 31.65 -50.25
CA TYR A 443 40.13 32.94 -49.86
C TYR A 443 41.19 33.98 -50.10
N VAL A 444 42.46 33.69 -49.75
CA VAL A 444 43.56 34.62 -49.92
C VAL A 444 43.82 34.85 -51.38
N PHE A 445 43.89 33.78 -52.20
CA PHE A 445 44.28 33.87 -53.59
C PHE A 445 43.21 34.49 -54.47
N GLN A 446 41.92 34.20 -54.19
CA GLN A 446 40.79 34.74 -54.90
C GLN A 446 40.55 36.20 -54.60
N ASP A 447 40.72 36.60 -53.32
CA ASP A 447 40.53 37.96 -52.85
C ASP A 447 41.56 38.88 -53.44
N ASN A 448 42.78 38.40 -53.74
CA ASN A 448 43.87 39.26 -54.12
C ASN A 448 43.88 39.57 -55.59
N LEU A 449 43.05 38.87 -56.40
CA LEU A 449 42.92 39.19 -57.81
C LEU A 449 41.67 40.00 -58.02
N ALA A 450 41.10 40.54 -56.90
CA ALA A 450 39.98 41.43 -56.92
C ALA A 450 40.36 42.63 -56.11
N THR A 451 40.34 42.47 -54.76
CA THR A 451 40.65 43.46 -53.76
C THR A 451 42.10 43.91 -53.80
N ALA A 452 43.03 42.93 -53.86
CA ALA A 452 44.47 43.11 -53.85
C ALA A 452 44.96 43.86 -52.63
N MET A 453 46.23 44.35 -52.68
CA MET A 453 46.90 45.06 -51.61
C MET A 453 47.03 44.25 -50.35
N ARG A 454 47.43 42.96 -50.49
CA ARG A 454 47.51 42.00 -49.41
C ARG A 454 48.56 42.34 -48.39
N ARG A 455 49.74 42.87 -48.83
CA ARG A 455 50.89 43.07 -47.99
C ARG A 455 50.59 43.93 -46.79
N ASP A 456 50.89 43.38 -45.60
CA ASP A 456 50.46 43.91 -44.33
C ASP A 456 51.35 45.04 -43.90
N GLY A 457 50.75 46.00 -43.15
CA GLY A 457 51.45 47.06 -42.49
C GLY A 457 51.24 46.84 -41.03
N GLU A 458 51.59 47.86 -40.21
CA GLU A 458 51.39 47.83 -38.78
C GLU A 458 50.55 49.03 -38.44
N ILE A 459 51.18 50.23 -38.42
CA ILE A 459 50.47 51.46 -38.17
C ILE A 459 51.14 52.54 -38.99
N TYR A 460 52.39 52.30 -39.42
CA TYR A 460 53.10 53.21 -40.29
C TYR A 460 54.03 52.34 -41.07
N GLN A 461 54.32 52.71 -42.34
CA GLN A 461 55.33 52.02 -43.11
C GLN A 461 55.92 53.01 -44.09
N SER A 462 55.22 54.14 -44.35
CA SER A 462 55.42 54.91 -45.56
C SER A 462 56.29 56.11 -45.24
N ILE A 463 56.00 57.26 -45.91
CA ILE A 463 56.87 58.40 -46.13
C ILE A 463 57.46 59.00 -44.88
N VAL A 464 58.67 59.60 -45.06
CA VAL A 464 59.68 59.83 -44.05
C VAL A 464 60.29 58.50 -43.70
N ASN A 465 61.26 58.07 -44.54
CA ASN A 465 61.63 56.69 -44.64
C ASN A 465 63.01 56.50 -44.07
N ASP A 466 63.06 55.82 -42.92
CA ASP A 466 64.20 55.02 -42.51
C ASP A 466 63.49 53.77 -42.11
N ILE A 467 63.64 52.69 -42.91
CA ILE A 467 62.63 51.66 -43.02
C ILE A 467 63.28 50.33 -42.87
N TYR A 468 62.40 49.30 -42.68
CA TYR A 468 62.66 47.89 -42.47
C TYR A 468 63.51 47.55 -41.27
N ASP A 469 63.41 46.26 -40.85
CA ASP A 469 63.93 45.77 -39.59
C ASP A 469 65.10 44.86 -39.80
N VAL A 470 65.59 44.75 -41.05
CA VAL A 470 66.56 43.75 -41.48
C VAL A 470 67.93 43.94 -40.83
N PRO A 471 68.58 45.11 -40.71
CA PRO A 471 69.73 45.29 -39.83
C PRO A 471 69.34 45.23 -38.38
N ARG A 472 70.34 45.05 -37.49
CA ARG A 472 70.48 43.85 -36.70
C ARG A 472 71.95 43.77 -36.46
N ASN A 473 72.35 44.09 -35.20
CA ASN A 473 73.34 45.08 -34.90
C ASN A 473 72.71 46.04 -33.94
N VAL A 474 73.55 46.83 -33.24
CA VAL A 474 73.17 47.47 -32.01
C VAL A 474 72.84 48.91 -32.25
N THR A 475 72.86 49.37 -33.53
CA THR A 475 72.75 50.77 -33.87
C THR A 475 71.80 50.85 -35.03
N ILE A 476 70.59 51.37 -34.77
CA ILE A 476 69.60 51.74 -35.75
C ILE A 476 69.07 53.00 -35.14
N THR A 477 69.04 54.10 -35.92
CA THR A 477 68.56 55.38 -35.46
C THR A 477 67.62 55.89 -36.51
N LEU A 478 66.75 56.84 -36.08
CA LEU A 478 65.68 57.45 -36.82
C LEU A 478 64.53 56.52 -37.09
N GLU A 479 63.30 57.08 -37.01
CA GLU A 479 62.00 56.44 -37.17
C GLU A 479 61.88 55.12 -36.44
N ASP A 480 61.04 54.19 -36.96
CA ASP A 480 61.42 52.81 -37.09
C ASP A 480 61.14 52.45 -38.52
N GLY A 481 60.14 53.12 -39.14
CA GLY A 481 59.67 52.82 -40.48
C GLY A 481 58.74 51.64 -40.51
N SER A 482 58.39 51.11 -39.32
CA SER A 482 57.35 50.13 -39.12
C SER A 482 56.43 50.73 -38.09
N GLU A 483 56.87 51.87 -37.49
CA GLU A 483 56.18 52.57 -36.45
C GLU A 483 56.74 53.95 -36.52
N LYS A 484 55.99 54.91 -35.96
CA LYS A 484 56.37 56.29 -35.67
C LYS A 484 57.14 57.02 -36.74
N ASP A 485 56.53 57.19 -37.93
CA ASP A 485 57.02 58.11 -38.93
C ASP A 485 55.92 59.11 -39.09
N VAL A 486 56.30 60.41 -39.11
CA VAL A 486 55.43 61.55 -38.99
C VAL A 486 54.38 61.64 -40.06
N GLN A 487 53.22 62.22 -39.67
CA GLN A 487 52.05 62.48 -40.47
C GLN A 487 51.27 61.22 -40.70
N LEU A 488 49.98 61.25 -40.29
CA LEU A 488 48.93 60.28 -40.54
C LEU A 488 48.74 59.95 -42.01
N MET A 489 49.16 60.84 -42.94
CA MET A 489 49.27 60.59 -44.37
C MET A 489 50.08 59.36 -44.71
N ALA A 490 51.06 59.00 -43.85
CA ALA A 490 51.98 57.91 -44.02
C ALA A 490 51.49 56.64 -43.36
N GLU A 491 50.26 56.65 -42.79
CA GLU A 491 49.68 55.54 -42.08
C GLU A 491 49.41 54.40 -43.02
N VAL A 492 49.96 53.20 -42.71
CA VAL A 492 49.79 52.02 -43.51
C VAL A 492 49.49 50.96 -42.49
N VAL A 493 48.31 50.34 -42.63
CA VAL A 493 47.91 49.20 -41.85
C VAL A 493 47.78 48.05 -42.84
N ASP A 494 47.67 48.37 -44.16
CA ASP A 494 47.51 47.39 -45.19
C ASP A 494 47.51 48.18 -46.48
N LEU A 495 48.56 47.96 -47.32
CA LEU A 495 48.71 48.61 -48.60
C LEU A 495 50.04 48.14 -49.13
N ALA A 496 50.00 47.38 -50.25
CA ALA A 496 51.17 46.95 -51.02
C ALA A 496 51.87 48.10 -51.69
N THR A 497 51.08 49.05 -52.26
CA THR A 497 51.43 50.32 -52.84
C THR A 497 50.41 50.50 -53.92
N GLY A 498 49.98 51.75 -54.17
CA GLY A 498 48.92 52.05 -55.11
C GLY A 498 49.43 52.19 -56.52
N GLU A 499 50.77 52.22 -56.73
CA GLU A 499 51.47 52.46 -57.98
C GLU A 499 50.89 53.65 -58.74
N LYS A 500 50.80 53.53 -60.09
CA LYS A 500 50.08 54.48 -60.92
C LYS A 500 48.73 53.89 -61.24
N GLN A 501 48.52 52.59 -60.92
CA GLN A 501 47.26 51.93 -61.12
C GLN A 501 47.23 50.84 -60.08
N VAL A 502 46.02 50.58 -59.51
CA VAL A 502 45.79 49.62 -58.46
C VAL A 502 45.69 48.24 -59.06
N LEU A 503 45.61 47.19 -58.19
CA LEU A 503 45.54 45.79 -58.53
C LEU A 503 46.95 45.27 -58.65
N ASN A 504 47.70 45.35 -57.54
CA ASN A 504 49.03 44.79 -57.43
C ASN A 504 49.18 44.34 -56.02
N ASP A 505 49.95 43.25 -55.80
CA ASP A 505 50.13 42.69 -54.48
C ASP A 505 51.34 41.81 -54.50
N ILE A 506 51.87 41.55 -53.27
CA ILE A 506 52.95 40.67 -52.94
C ILE A 506 52.61 39.23 -53.33
N ARG A 507 53.63 38.44 -53.76
CA ARG A 507 53.44 37.05 -54.15
C ARG A 507 53.47 36.16 -52.94
N GLY A 508 54.13 36.64 -51.84
CA GLY A 508 54.08 36.03 -50.54
C GLY A 508 52.92 36.66 -49.85
N ARG A 509 51.73 36.04 -50.02
CA ARG A 509 50.44 36.56 -49.65
C ARG A 509 50.08 36.14 -48.25
N TYR A 510 51.11 35.82 -47.42
CA TYR A 510 50.94 35.20 -46.14
C TYR A 510 52.00 35.77 -45.25
N GLU A 511 51.59 36.09 -44.01
CA GLU A 511 52.46 36.21 -42.86
C GLU A 511 51.87 35.30 -41.81
N CYS A 512 50.72 34.68 -42.12
CA CYS A 512 49.96 33.82 -41.26
C CYS A 512 49.53 32.68 -42.14
N TYR A 513 49.10 31.55 -41.53
CA TYR A 513 48.71 30.37 -42.24
C TYR A 513 47.27 30.12 -41.86
N THR A 514 46.59 29.25 -42.65
CA THR A 514 45.18 28.94 -42.51
C THR A 514 44.90 28.32 -41.17
N ASP A 515 43.86 28.81 -40.46
CA ASP A 515 43.47 28.24 -39.20
C ASP A 515 42.08 28.74 -38.92
N VAL A 516 41.44 28.15 -37.88
CA VAL A 516 40.08 28.44 -37.51
C VAL A 516 40.07 28.74 -36.03
N GLY A 517 38.94 29.30 -35.55
CA GLY A 517 38.75 29.62 -34.16
C GLY A 517 37.34 30.16 -34.07
N PRO A 518 37.03 30.91 -33.01
CA PRO A 518 35.72 31.52 -32.82
C PRO A 518 35.41 32.56 -33.86
N SER A 519 34.11 32.90 -34.05
CA SER A 519 33.66 33.83 -35.06
C SER A 519 33.77 35.22 -34.50
N PHE A 520 34.55 36.08 -35.20
CA PHE A 520 34.72 37.46 -34.87
C PHE A 520 34.43 38.21 -36.13
N GLN A 521 33.61 39.28 -36.02
CA GLN A 521 33.20 40.10 -37.13
C GLN A 521 33.63 41.52 -36.87
N SER A 522 34.44 41.74 -35.82
CA SER A 522 34.97 43.04 -35.51
C SER A 522 36.17 42.85 -34.63
N MET A 523 36.96 43.94 -34.47
CA MET A 523 38.07 44.02 -33.53
C MET A 523 37.56 43.96 -32.12
N LYS A 524 36.38 44.59 -31.86
CA LYS A 524 35.75 44.68 -30.55
C LYS A 524 35.34 43.33 -30.01
N GLN A 525 34.84 42.44 -30.90
CA GLN A 525 34.42 41.10 -30.56
C GLN A 525 35.60 40.21 -30.27
N GLN A 526 36.73 40.44 -31.00
CA GLN A 526 37.96 39.72 -30.83
C GLN A 526 38.64 40.09 -29.53
N ASN A 527 38.44 41.35 -29.06
CA ASN A 527 39.06 41.85 -27.86
C ASN A 527 38.47 41.20 -26.65
N ARG A 528 37.12 41.14 -26.57
CA ARG A 528 36.39 40.63 -25.42
C ARG A 528 36.68 39.17 -25.16
N ALA A 529 36.92 38.37 -26.23
CA ALA A 529 37.22 36.97 -26.11
C ALA A 529 38.61 36.73 -25.56
N GLU A 530 39.63 37.49 -26.03
CA GLU A 530 41.00 37.41 -25.55
C GLU A 530 41.15 37.92 -24.14
N ILE A 531 40.34 38.95 -23.74
CA ILE A 531 40.29 39.50 -22.40
C ILE A 531 39.73 38.47 -21.46
N LEU A 532 38.62 37.79 -21.87
CA LEU A 532 37.97 36.75 -21.11
C LEU A 532 38.87 35.55 -20.89
N GLU A 533 39.77 35.25 -21.86
CA GLU A 533 40.74 34.18 -21.77
C GLU A 533 41.75 34.49 -20.70
N LEU A 534 42.23 35.76 -20.62
CA LEU A 534 43.16 36.19 -19.61
C LEU A 534 42.57 36.25 -18.23
N LEU A 535 41.23 36.38 -18.10
CA LEU A 535 40.57 36.34 -16.82
C LEU A 535 40.55 34.90 -16.35
N GLY A 536 41.02 34.67 -15.11
CA GLY A 536 41.14 33.34 -14.55
C GLY A 536 42.47 32.71 -14.83
N LYS A 537 43.50 33.54 -15.16
CA LYS A 537 44.86 33.07 -15.28
C LYS A 537 45.79 34.23 -15.07
N THR A 538 45.25 35.38 -14.59
CA THR A 538 46.02 36.57 -14.29
C THR A 538 45.83 36.82 -12.82
N PRO A 539 46.80 37.43 -12.10
CA PRO A 539 46.67 37.79 -10.69
C PRO A 539 45.49 38.70 -10.43
N GLN A 540 45.02 38.76 -9.16
CA GLN A 540 43.84 39.49 -8.79
C GLN A 540 44.20 40.87 -8.32
N GLY A 541 45.49 41.27 -8.46
CA GLY A 541 45.99 42.58 -8.15
C GLY A 541 45.85 43.44 -9.36
N THR A 542 46.90 44.24 -9.64
CA THR A 542 47.03 45.15 -10.77
C THR A 542 46.68 44.54 -12.14
N PRO A 543 47.07 43.33 -12.56
CA PRO A 543 46.65 42.75 -13.84
C PRO A 543 45.17 42.59 -14.04
N GLU A 544 44.39 42.32 -12.96
CA GLU A 544 42.96 42.17 -13.01
C GLU A 544 42.28 43.48 -13.28
N TYR A 545 42.85 44.58 -12.71
CA TYR A 545 42.34 45.93 -12.82
C TYR A 545 42.55 46.48 -14.22
N GLN A 546 43.58 45.99 -14.94
CA GLN A 546 43.88 46.41 -16.28
C GLN A 546 42.91 45.79 -17.25
N LEU A 547 42.44 44.55 -16.97
CA LEU A 547 41.53 43.81 -17.82
C LEU A 547 40.10 44.29 -17.68
N LEU A 548 39.72 44.81 -16.49
CA LEU A 548 38.39 45.33 -16.22
C LEU A 548 38.13 46.55 -17.05
N LEU A 549 39.08 47.52 -17.02
CA LEU A 549 39.00 48.77 -17.75
C LEU A 549 39.09 48.54 -19.24
N LEU A 550 39.84 47.52 -19.67
CA LEU A 550 40.04 47.17 -21.06
C LEU A 550 38.79 46.59 -21.67
N GLN A 551 38.00 45.87 -20.85
CA GLN A 551 36.72 45.31 -21.21
C GLN A 551 35.68 46.39 -21.33
N TYR A 552 35.77 47.46 -20.49
CA TYR A 552 34.85 48.56 -20.51
C TYR A 552 35.11 49.50 -21.66
N PHE A 553 36.32 49.41 -22.27
CA PHE A 553 36.75 50.19 -23.41
C PHE A 553 35.98 49.79 -24.64
N THR A 554 35.79 48.46 -24.81
CA THR A 554 35.18 47.86 -25.97
C THR A 554 33.67 47.95 -25.96
N LEU A 555 33.07 48.43 -24.84
CA LEU A 555 31.63 48.60 -24.70
C LEU A 555 31.19 49.80 -25.49
N LEU A 556 29.86 49.96 -25.60
CA LEU A 556 29.23 50.97 -26.41
C LEU A 556 29.06 52.23 -25.61
N ASP A 557 28.00 53.02 -25.93
CA ASP A 557 27.75 54.30 -25.31
C ASP A 557 26.27 54.37 -25.10
N GLY A 558 25.86 55.26 -24.19
CA GLY A 558 24.50 55.44 -23.80
C GLY A 558 24.58 56.51 -22.76
N LYS A 559 23.68 56.46 -21.75
CA LYS A 559 23.81 57.26 -20.56
C LYS A 559 24.79 56.55 -19.66
N GLY A 560 24.46 55.30 -19.25
CA GLY A 560 25.24 54.52 -18.33
C GLY A 560 26.48 53.93 -18.93
N VAL A 561 26.40 53.43 -20.18
CA VAL A 561 27.47 52.66 -20.81
C VAL A 561 28.65 53.55 -21.13
N GLU A 562 28.40 54.87 -21.26
CA GLU A 562 29.37 55.87 -21.61
C GLU A 562 30.37 56.10 -20.52
N MET A 563 29.96 56.13 -19.23
CA MET A 563 30.83 56.50 -18.13
C MET A 563 31.95 55.54 -17.87
N MET A 564 31.67 54.21 -17.91
CA MET A 564 32.66 53.18 -17.69
C MET A 564 33.70 53.15 -18.78
N ARG A 565 33.29 53.54 -20.01
CA ARG A 565 34.16 53.67 -21.16
C ARG A 565 34.98 54.92 -21.09
N ASP A 566 34.40 56.04 -20.58
CA ASP A 566 35.03 57.33 -20.43
C ASP A 566 36.15 57.26 -19.42
N TYR A 567 35.94 56.48 -18.33
CA TYR A 567 36.92 56.23 -17.30
C TYR A 567 38.02 55.32 -17.82
N ALA A 568 37.70 54.42 -18.78
CA ALA A 568 38.68 53.57 -19.42
C ALA A 568 39.56 54.34 -20.38
N ASN A 569 39.03 55.45 -20.98
CA ASN A 569 39.77 56.33 -21.84
C ASN A 569 40.74 57.15 -21.04
N LYS A 570 40.39 57.44 -19.76
CA LYS A 570 41.18 58.28 -18.91
C LYS A 570 42.38 57.54 -18.39
N GLN A 571 42.17 56.29 -17.89
CA GLN A 571 43.24 55.57 -17.24
C GLN A 571 44.23 54.98 -18.21
N LEU A 572 43.74 54.28 -19.25
CA LEU A 572 44.59 53.45 -20.09
C LEU A 572 45.38 54.23 -21.10
N ILE A 573 44.78 55.29 -21.69
CA ILE A 573 45.37 56.06 -22.75
C ILE A 573 46.46 56.95 -22.21
N GLN A 574 46.25 57.53 -21.01
CA GLN A 574 47.19 58.44 -20.38
C GLN A 574 48.44 57.75 -19.89
N MET A 575 48.41 56.40 -19.70
CA MET A 575 49.59 55.61 -19.39
C MET A 575 50.48 55.49 -20.61
N GLY A 576 49.89 55.64 -21.82
CA GLY A 576 50.58 55.63 -23.09
C GLY A 576 50.83 54.26 -23.62
N VAL A 577 50.37 53.20 -22.91
CA VAL A 577 50.52 51.82 -23.32
C VAL A 577 49.41 51.46 -24.29
N LYS A 578 48.18 51.98 -24.03
CA LYS A 578 47.01 51.77 -24.87
C LYS A 578 47.15 52.52 -26.16
N LYS A 579 47.60 53.81 -26.04
CA LYS A 579 47.78 54.77 -27.11
C LYS A 579 46.44 55.30 -27.60
N PRO A 580 46.31 56.55 -28.06
CA PRO A 580 45.03 57.15 -28.46
C PRO A 580 44.35 56.38 -29.56
N GLU A 581 43.06 56.02 -29.38
CA GLU A 581 42.24 55.47 -30.44
C GLU A 581 41.25 56.51 -30.91
N THR A 582 41.26 57.71 -30.27
CA THR A 582 40.44 58.87 -30.55
C THR A 582 38.96 58.59 -30.74
N PRO A 583 38.23 58.05 -29.77
CA PRO A 583 36.86 57.61 -29.98
C PRO A 583 35.86 58.74 -29.97
N GLU A 584 36.09 59.80 -29.16
CA GLU A 584 35.24 60.97 -29.14
C GLU A 584 36.02 62.08 -28.50
N GLU A 585 37.31 61.84 -28.22
CA GLU A 585 38.12 62.69 -27.39
C GLU A 585 39.51 62.49 -27.92
N GLN A 586 40.36 63.54 -27.88
CA GLN A 586 41.66 63.50 -28.50
C GLN A 586 42.51 64.43 -27.70
N GLN A 587 42.13 65.73 -27.66
CA GLN A 587 42.88 66.79 -27.03
C GLN A 587 43.25 66.55 -25.58
N TRP A 588 42.32 65.97 -24.78
CA TRP A 588 42.52 65.70 -23.37
C TRP A 588 43.36 64.45 -23.16
N LEU A 589 43.42 63.56 -24.17
CA LEU A 589 44.11 62.29 -24.07
C LEU A 589 45.59 62.55 -24.09
N VAL A 590 46.09 63.10 -25.21
CA VAL A 590 47.50 63.33 -25.49
C VAL A 590 48.13 64.33 -24.54
N GLU A 591 47.35 65.34 -24.09
CA GLU A 591 47.74 66.36 -23.14
C GLU A 591 48.16 65.75 -21.83
N ALA A 592 47.21 65.04 -21.18
CA ALA A 592 47.40 64.44 -19.88
C ALA A 592 48.21 63.18 -19.93
N GLN A 593 48.49 62.63 -21.14
CA GLN A 593 49.30 61.45 -21.32
C GLN A 593 50.74 61.67 -20.94
N GLN A 594 51.35 62.75 -21.49
CA GLN A 594 52.70 63.15 -21.17
C GLN A 594 52.82 63.75 -19.80
N ALA A 595 51.70 64.27 -19.24
CA ALA A 595 51.67 64.83 -17.91
C ALA A 595 51.64 63.75 -16.85
N LYS A 596 50.92 62.63 -17.11
CA LYS A 596 50.85 61.50 -16.21
C LYS A 596 52.15 60.75 -16.14
N GLN A 597 52.87 60.65 -17.28
CA GLN A 597 54.19 60.07 -17.38
C GLN A 597 55.22 60.89 -16.65
N GLY A 598 55.02 62.23 -16.59
CA GLY A 598 55.88 63.14 -15.89
C GLY A 598 55.71 63.09 -14.40
N GLN A 599 54.55 62.58 -13.90
CA GLN A 599 54.27 62.41 -12.49
C GLN A 599 54.90 61.15 -11.97
N GLN A 600 55.08 60.12 -12.84
CA GLN A 600 55.53 58.80 -12.47
C GLN A 600 56.99 58.81 -12.08
N ASP A 601 57.80 59.62 -12.79
CA ASP A 601 59.24 59.69 -12.61
C ASP A 601 59.64 60.17 -11.21
N PRO A 602 59.23 61.31 -10.64
CA PRO A 602 59.60 61.69 -9.28
C PRO A 602 58.89 60.85 -8.24
N ALA A 603 57.69 60.30 -8.55
CA ALA A 603 56.83 59.64 -7.60
C ALA A 603 57.42 58.37 -7.06
N MET A 604 58.07 57.55 -7.94
CA MET A 604 58.64 56.29 -7.56
C MET A 604 59.84 56.46 -6.65
N VAL A 605 60.66 57.50 -6.92
CA VAL A 605 61.79 57.90 -6.10
C VAL A 605 61.34 58.46 -4.77
N GLN A 606 60.21 59.21 -4.75
CA GLN A 606 59.63 59.79 -3.56
C GLN A 606 59.05 58.75 -2.64
N ALA A 607 58.59 57.60 -3.19
CA ALA A 607 58.01 56.50 -2.47
C ALA A 607 59.00 55.84 -1.54
N GLN A 608 60.31 55.95 -1.87
CA GLN A 608 61.42 55.49 -1.09
C GLN A 608 61.70 56.35 0.11
N GLY A 609 60.96 57.48 0.27
CA GLY A 609 61.08 58.48 1.31
C GLY A 609 60.96 57.95 2.72
N VAL A 610 60.14 56.91 2.93
CA VAL A 610 60.01 56.22 4.21
C VAL A 610 61.27 55.44 4.57
N LEU A 611 61.98 54.89 3.55
CA LEU A 611 63.25 54.20 3.72
C LEU A 611 64.41 55.16 3.67
N LEU A 612 64.18 56.45 3.29
CA LEU A 612 65.15 57.51 3.25
C LEU A 612 65.52 57.93 4.65
N GLN A 613 64.66 57.61 5.65
CA GLN A 613 64.94 57.78 7.06
C GLN A 613 66.13 56.96 7.51
N GLY A 614 66.26 55.72 6.98
CA GLY A 614 67.39 54.84 7.25
C GLY A 614 68.65 55.26 6.54
N GLN A 615 68.52 55.85 5.33
CA GLN A 615 69.61 56.39 4.55
C GLN A 615 70.14 57.66 5.17
N ALA A 616 69.25 58.42 5.84
CA ALA A 616 69.56 59.64 6.54
C ALA A 616 70.39 59.38 7.77
N GLU A 617 70.35 58.14 8.33
CA GLU A 617 71.17 57.73 9.45
C GLU A 617 72.63 57.69 9.06
N LEU A 618 72.93 57.26 7.80
CA LEU A 618 74.27 57.27 7.24
C LEU A 618 74.77 58.68 7.04
N ALA A 619 73.85 59.63 6.72
CA ALA A 619 74.19 61.01 6.51
C ALA A 619 74.53 61.67 7.83
N LYS A 620 73.72 61.41 8.88
CA LYS A 620 73.91 61.89 10.23
C LYS A 620 75.12 61.28 10.88
N ALA A 621 75.54 60.08 10.45
CA ALA A 621 76.70 59.39 10.95
C ALA A 621 77.96 60.10 10.54
N GLN A 622 77.99 60.63 9.30
CA GLN A 622 79.09 61.40 8.78
C GLN A 622 79.07 62.83 9.29
N ASN A 623 77.88 63.35 9.69
CA ASN A 623 77.71 64.71 10.13
C ASN A 623 78.22 64.93 11.53
N GLN A 624 77.97 63.95 12.43
CA GLN A 624 78.36 64.04 13.83
C GLN A 624 79.85 63.93 13.98
N THR A 625 80.51 63.16 13.07
CA THR A 625 81.94 62.99 13.07
C THR A 625 82.61 64.21 12.48
N LEU A 626 82.02 64.78 11.40
CA LEU A 626 82.59 65.89 10.65
C LEU A 626 82.62 67.17 11.43
N SER A 627 81.60 67.44 12.28
CA SER A 627 81.53 68.65 13.08
C SER A 627 82.62 68.68 14.13
N LEU A 628 83.05 67.48 14.59
CA LEU A 628 84.09 67.33 15.58
C LEU A 628 85.46 67.50 14.97
N GLN A 629 85.61 67.28 13.63
CA GLN A 629 86.88 67.41 12.95
C GLN A 629 87.25 68.85 12.78
N ILE A 630 86.27 69.74 12.50
CA ILE A 630 86.53 71.15 12.29
C ILE A 630 86.96 71.77 13.60
N ASP A 631 86.40 71.24 14.72
CA ASP A 631 86.62 71.82 16.03
C ASP A 631 87.82 71.12 16.64
N ALA A 632 88.47 70.19 15.91
CA ALA A 632 89.69 69.56 16.33
C ALA A 632 90.82 70.48 15.97
N ALA A 633 90.73 71.07 14.75
CA ALA A 633 91.68 71.99 14.19
C ALA A 633 91.67 73.32 14.89
N LYS A 634 90.51 73.70 15.49
CA LYS A 634 90.35 74.95 16.20
C LYS A 634 91.14 74.91 17.49
N VAL A 635 91.01 73.80 18.25
CA VAL A 635 91.67 73.60 19.52
C VAL A 635 93.15 73.44 19.31
N GLU A 636 93.55 72.71 18.23
CA GLU A 636 94.92 72.42 17.89
C GLU A 636 95.70 73.66 17.53
N ALA A 637 95.04 74.67 16.93
CA ALA A 637 95.67 75.91 16.53
C ALA A 637 95.92 76.80 17.73
N GLN A 638 95.04 76.73 18.75
CA GLN A 638 95.16 77.49 19.98
C GLN A 638 96.32 77.01 20.80
N ASN A 639 96.61 75.68 20.76
CA ASN A 639 97.66 75.06 21.54
C ASN A 639 99.03 75.44 21.04
N GLN A 640 99.17 75.66 19.71
CA GLN A 640 100.42 76.01 19.08
C GLN A 640 100.74 77.46 19.31
N LEU A 641 99.70 78.33 19.31
CA LEU A 641 99.82 79.75 19.54
C LEU A 641 100.14 80.03 20.99
N ASN A 642 99.54 79.25 21.92
CA ASN A 642 99.71 79.41 23.34
C ASN A 642 101.12 79.09 23.76
N ALA A 643 101.68 77.95 23.27
CA ALA A 643 103.01 77.49 23.60
C ALA A 643 104.10 78.44 23.14
N ALA A 644 103.86 79.17 22.03
CA ALA A 644 104.74 80.18 21.50
C ALA A 644 104.81 81.39 22.39
N ARG A 645 103.65 81.82 22.95
CA ARG A 645 103.55 82.96 23.82
C ARG A 645 104.01 82.64 25.22
N ILE A 646 104.02 81.35 25.63
CA ILE A 646 104.51 80.87 26.91
C ILE A 646 106.01 81.05 26.96
N ALA A 647 106.74 80.71 25.87
CA ALA A 647 108.18 80.80 25.88
C ALA A 647 108.65 82.20 25.57
N GLU A 648 107.77 83.05 25.02
CA GLU A 648 108.10 84.42 24.66
C GLU A 648 108.13 85.33 25.86
N ILE A 649 107.09 85.22 26.74
CA ILE A 649 106.93 86.04 27.92
C ILE A 649 107.92 85.68 28.99
N PHE A 650 108.48 84.43 28.94
CA PHE A 650 109.46 83.96 29.88
C PHE A 650 110.74 84.75 29.78
N ASN A 651 111.19 85.05 28.54
CA ASN A 651 112.41 85.78 28.31
C ASN A 651 112.21 87.26 28.48
N ASN A 652 111.01 87.78 28.12
CA ASN A 652 110.71 89.20 28.14
C ASN A 652 110.56 89.72 29.55
N MET A 653 110.05 88.89 30.48
CA MET A 653 109.84 89.28 31.84
C MET A 653 111.14 89.37 32.58
N ASP A 654 112.08 88.43 32.29
CA ASP A 654 113.35 88.33 32.95
C ASP A 654 114.29 89.43 32.52
N LEU A 655 114.25 89.83 31.24
CA LEU A 655 115.11 90.85 30.69
C LEU A 655 114.76 92.23 31.19
N SER A 656 113.47 92.49 31.49
CA SER A 656 113.03 93.78 32.00
C SER A 656 113.46 93.99 33.43
N LYS A 657 113.58 92.89 34.22
CA LYS A 657 113.98 92.96 35.61
C LYS A 657 115.47 93.14 35.72
N GLN A 658 116.25 92.60 34.77
CA GLN A 658 117.70 92.68 34.75
C GLN A 658 118.20 94.10 34.58
N SER A 659 117.51 94.90 33.73
CA SER A 659 117.87 96.28 33.50
C SER A 659 117.39 97.19 34.61
N GLU A 660 116.50 96.69 35.49
CA GLU A 660 115.95 97.46 36.59
C GLU A 660 116.90 97.50 37.75
N PHE A 661 117.74 96.44 37.92
CA PHE A 661 118.68 96.30 39.01
C PHE A 661 119.82 97.29 38.94
N ARG A 662 120.10 97.79 37.71
CA ARG A 662 121.18 98.70 37.44
C ARG A 662 120.89 100.07 37.98
N GLU A 663 119.60 100.40 38.19
CA GLU A 663 119.17 101.67 38.70
C GLU A 663 119.39 101.74 40.19
N PHE A 664 119.11 100.62 40.90
CA PHE A 664 119.20 100.53 42.34
C PHE A 664 120.64 100.57 42.79
N LEU A 665 121.55 100.00 41.97
CA LEU A 665 122.95 99.87 42.29
C LEU A 665 123.64 101.20 42.30
N LYS A 666 123.32 102.09 41.35
CA LYS A 666 123.94 103.39 41.25
C LYS A 666 123.39 104.39 42.23
N THR A 667 122.10 104.24 42.64
CA THR A 667 121.44 105.19 43.54
C THR A 667 122.01 105.07 44.93
N VAL A 668 122.19 103.82 45.41
CA VAL A 668 122.73 103.54 46.71
C VAL A 668 124.20 103.89 46.77
N ALA A 669 124.94 103.68 45.64
CA ALA A 669 126.34 103.96 45.52
C ALA A 669 126.67 105.43 45.56
N SER A 670 125.68 106.30 45.22
CA SER A 670 125.82 107.74 45.27
C SER A 670 125.77 108.20 46.69
N PHE A 671 124.87 107.58 47.49
CA PHE A 671 124.62 107.91 48.87
C PHE A 671 125.71 107.35 49.76
N GLN A 672 126.40 106.26 49.32
CA GLN A 672 127.38 105.60 50.13
C GLN A 672 128.63 106.42 50.27
N GLN A 673 129.10 107.01 49.15
CA GLN A 673 130.29 107.84 49.11
C GLN A 673 130.11 109.17 49.80
N ASP A 674 128.85 109.60 49.99
CA ASP A 674 128.54 110.84 50.68
C ASP A 674 128.71 110.67 52.16
N ARG A 675 128.15 109.57 52.72
CA ARG A 675 128.12 109.29 54.13
C ARG A 675 129.47 108.87 54.66
N SER A 676 130.36 108.37 53.77
CA SER A 676 131.71 107.96 54.11
C SER A 676 132.57 109.19 54.29
N GLU A 677 132.39 110.19 53.40
CA GLU A 677 133.12 111.43 53.42
C GLU A 677 132.61 112.33 54.52
N ASP A 678 131.28 112.29 54.80
CA ASP A 678 130.62 112.96 55.89
C ASP A 678 131.13 112.46 57.23
N ALA A 679 131.41 111.13 57.34
CA ALA A 679 132.00 110.51 58.50
C ALA A 679 133.40 111.00 58.76
N ARG A 680 134.21 111.17 57.68
CA ARG A 680 135.54 111.75 57.73
C ARG A 680 135.50 113.20 58.14
N ALA A 681 134.45 113.94 57.72
CA ALA A 681 134.25 115.33 58.04
C ALA A 681 133.93 115.56 59.49
N ASN A 682 133.28 114.58 60.17
CA ASN A 682 132.97 114.65 61.59
C ASN A 682 134.22 114.65 62.42
N ALA A 683 135.24 113.84 62.02
CA ALA A 683 136.54 113.78 62.66
C ALA A 683 137.32 115.06 62.50
N GLU A 684 137.22 115.73 61.32
CA GLU A 684 137.89 116.97 61.04
C GLU A 684 137.30 118.13 61.81
N LEU A 685 135.96 118.12 62.03
CA LEU A 685 135.27 119.09 62.87
C LEU A 685 135.65 118.95 64.32
N LEU A 686 135.93 117.70 64.77
CA LEU A 686 136.33 117.40 66.12
C LEU A 686 137.75 117.85 66.37
N LEU A 687 138.65 117.71 65.36
CA LEU A 687 140.02 118.16 65.44
C LEU A 687 140.12 119.66 65.53
N LYS A 688 139.24 120.40 64.80
CA LYS A 688 139.14 121.84 64.87
C LYS A 688 138.65 122.28 66.23
N GLY A 689 137.78 121.47 66.88
CA GLY A 689 137.29 121.70 68.22
C GLY A 689 138.39 121.69 69.27
N ASP A 690 139.39 120.78 69.11
CA ASP A 690 140.54 120.66 69.99
C ASP A 690 141.49 121.81 69.77
N GLU A 691 141.66 122.21 68.50
CA GLU A 691 142.55 123.26 68.05
C GLU A 691 142.07 124.60 68.52
N GLN A 692 140.78 124.92 68.33
CA GLN A 692 140.16 126.18 68.68
C GLN A 692 140.17 126.45 70.17
N THR A 693 140.20 125.40 71.02
CA THR A 693 140.31 125.54 72.46
C THR A 693 141.69 126.03 72.83
N HIS A 694 142.74 125.50 72.15
CA HIS A 694 144.12 125.87 72.39
C HIS A 694 144.42 127.25 71.87
N LYS A 695 143.74 127.66 70.78
CA LYS A 695 143.81 128.98 70.20
C LYS A 695 143.24 130.04 71.13
N GLN A 696 142.23 129.64 71.94
CA GLN A 696 141.61 130.51 72.91
C GLN A 696 142.47 130.63 74.14
N ARG A 697 143.27 129.58 74.46
CA ARG A 697 144.14 129.58 75.61
C ARG A 697 145.39 130.38 75.35
N MET A 698 145.95 130.31 74.13
CA MET A 698 147.21 130.96 73.81
C MET A 698 147.03 132.43 73.58
N ASP A 699 145.92 132.83 72.88
CA ASP A 699 145.68 134.21 72.52
C ASP A 699 145.33 135.04 73.73
N ILE A 700 144.43 134.55 74.62
CA ILE A 700 143.98 135.26 75.80
C ILE A 700 145.12 135.42 76.79
N ALA A 701 146.03 134.43 76.86
CA ALA A 701 147.15 134.45 77.77
C ALA A 701 148.10 135.60 77.49
N ASN A 702 148.36 135.89 76.19
CA ASN A 702 149.26 136.96 75.80
C ASN A 702 148.61 138.32 75.88
N ILE A 703 147.25 138.42 75.79
CA ILE A 703 146.54 139.69 75.90
C ILE A 703 146.63 140.17 77.34
N LEU A 704 146.38 139.25 78.29
CA LEU A 704 146.40 139.54 79.71
C LEU A 704 147.79 139.77 80.23
N GLN A 705 148.82 139.15 79.61
CA GLN A 705 150.19 139.27 80.03
C GLN A 705 150.74 140.61 79.63
N SER A 706 150.33 141.13 78.46
CA SER A 706 150.71 142.45 77.99
C SER A 706 149.93 143.53 78.69
N GLN A 707 148.74 143.20 79.25
CA GLN A 707 147.90 144.17 79.90
C GLN A 707 148.40 144.52 81.28
N ARG A 708 148.95 143.51 82.00
CA ARG A 708 149.52 143.71 83.32
C ARG A 708 150.86 144.37 83.27
N GLN A 709 151.64 144.16 82.18
CA GLN A 709 152.99 144.68 82.07
C GLN A 709 152.99 146.11 81.57
N ASN A 710 151.88 146.57 80.96
CA ASN A 710 151.78 147.88 80.35
C ASN A 710 151.79 148.96 81.40
N GLN A 711 151.06 148.71 82.51
CA GLN A 711 150.87 149.67 83.57
C GLN A 711 152.14 150.00 84.34
N PRO A 712 153.05 149.10 84.77
CA PRO A 712 154.33 149.47 85.33
C PRO A 712 155.27 150.12 84.35
N SER A 713 155.20 149.75 83.05
CA SER A 713 156.06 150.28 82.01
C SER A 713 155.75 151.72 81.74
N GLY A 714 154.44 152.04 81.60
CA GLY A 714 153.94 153.38 81.38
C GLY A 714 153.99 154.25 82.59
N SER A 715 154.40 153.71 83.77
CA SER A 715 154.51 154.47 84.98
C SER A 715 155.90 155.08 85.04
N VAL A 716 156.85 154.54 84.24
CA VAL A 716 158.21 155.06 84.10
C VAL A 716 158.17 156.35 83.34
N ALA A 717 157.42 156.38 82.21
CA ALA A 717 157.22 157.58 81.45
C ALA A 717 155.85 157.45 80.86
N GLU A 718 155.74 156.90 79.65
CA GLU A 718 154.47 156.61 79.03
C GLU A 718 154.81 155.66 77.92
N THR A 719 153.88 154.73 77.62
CA THR A 719 153.99 153.86 76.48
C THR A 719 152.55 153.51 76.14
N PRO A 720 152.17 153.32 74.88
CA PRO A 720 150.91 152.68 74.52
C PRO A 720 151.06 151.19 74.72
N GLN A 721 149.94 150.43 74.63
CA GLN A 721 149.97 149.00 74.82
C GLN A 721 150.60 148.36 73.58
N GLU B 1 68.79 -2.81 -54.91
CA GLU B 1 68.31 -4.17 -55.26
C GLU B 1 67.79 -4.89 -54.04
N ASN B 2 67.52 -6.21 -54.21
CA ASN B 2 67.06 -7.10 -53.17
C ASN B 2 67.54 -8.46 -53.54
N ARG B 3 68.03 -8.62 -54.79
CA ARG B 3 68.64 -9.82 -55.28
C ARG B 3 69.41 -9.38 -56.48
N LEU B 4 70.40 -10.20 -56.91
CA LEU B 4 71.28 -9.90 -58.01
C LEU B 4 70.53 -9.82 -59.31
N GLU B 5 70.94 -8.85 -60.17
CA GLU B 5 70.34 -8.51 -61.44
C GLU B 5 69.02 -7.82 -61.22
N SER B 6 69.05 -6.46 -61.21
CA SER B 6 67.98 -5.59 -60.77
C SER B 6 66.65 -5.72 -61.48
N ILE B 7 66.62 -6.17 -62.77
CA ILE B 7 65.40 -6.40 -63.51
C ILE B 7 64.57 -7.54 -62.94
N LEU B 8 65.26 -8.56 -62.38
CA LEU B 8 64.63 -9.75 -61.82
C LEU B 8 64.18 -9.47 -60.42
N SER B 9 64.71 -8.38 -59.80
CA SER B 9 64.45 -8.02 -58.43
C SER B 9 63.07 -7.38 -58.34
N ARG B 10 62.58 -6.82 -59.47
CA ARG B 10 61.33 -6.10 -59.52
C ARG B 10 60.17 -7.04 -59.40
N PHE B 11 60.18 -8.11 -60.22
CA PHE B 11 59.08 -9.04 -60.34
C PHE B 11 59.06 -10.07 -59.24
N ASP B 12 60.25 -10.58 -58.85
CA ASP B 12 60.41 -11.59 -57.83
C ASP B 12 60.03 -11.12 -56.45
N ALA B 13 60.11 -9.79 -56.19
CA ALA B 13 59.72 -9.19 -54.95
C ALA B 13 58.22 -9.06 -54.83
N ASP B 14 57.52 -8.92 -55.97
CA ASP B 14 56.07 -8.80 -56.00
C ASP B 14 55.44 -10.15 -55.80
N TRP B 15 56.09 -11.23 -56.29
CA TRP B 15 55.62 -12.60 -56.21
C TRP B 15 55.54 -13.11 -54.80
N THR B 16 56.52 -12.74 -53.92
CA THR B 16 56.56 -13.18 -52.54
C THR B 16 55.41 -12.63 -51.71
N ALA B 17 54.99 -11.38 -52.01
CA ALA B 17 53.91 -10.71 -51.31
C ALA B 17 52.58 -10.87 -52.02
N SER B 18 52.54 -11.64 -53.14
CA SER B 18 51.35 -11.81 -53.96
C SER B 18 50.31 -12.69 -53.28
N ASP B 19 50.73 -13.57 -52.34
CA ASP B 19 49.84 -14.44 -51.59
C ASP B 19 48.94 -13.62 -50.68
N GLU B 20 49.51 -12.59 -50.03
CA GLU B 20 48.79 -11.65 -49.19
C GLU B 20 47.94 -10.70 -49.98
N ALA B 21 48.24 -10.50 -51.29
CA ALA B 21 47.51 -9.59 -52.13
C ALA B 21 46.20 -10.18 -52.59
N ARG B 22 46.06 -11.52 -52.53
CA ARG B 22 44.86 -12.21 -52.89
C ARG B 22 44.03 -12.43 -51.65
N ARG B 23 44.56 -13.25 -50.72
CA ARG B 23 43.77 -13.83 -49.65
C ARG B 23 43.53 -12.92 -48.49
N GLU B 24 44.55 -12.12 -48.09
CA GLU B 24 44.45 -11.22 -46.96
C GLU B 24 43.72 -9.96 -47.34
N ALA B 25 44.02 -9.40 -48.53
CA ALA B 25 43.46 -8.13 -48.97
C ALA B 25 41.99 -8.23 -49.30
N LYS B 26 41.50 -9.45 -49.60
CA LYS B 26 40.10 -9.74 -49.84
C LYS B 26 39.30 -9.57 -48.58
N ASN B 27 39.85 -10.01 -47.42
CA ASN B 27 39.20 -9.92 -46.14
C ASN B 27 39.18 -8.50 -45.64
N ASP B 28 40.27 -7.72 -45.89
CA ASP B 28 40.44 -6.40 -45.33
C ASP B 28 39.43 -5.40 -45.84
N LEU B 29 39.27 -5.32 -47.18
CA LEU B 29 38.26 -4.49 -47.82
C LEU B 29 36.84 -4.90 -47.53
N PHE B 30 36.63 -6.18 -47.09
CA PHE B 30 35.33 -6.73 -46.79
C PHE B 30 34.83 -6.22 -45.46
N PHE B 31 35.74 -5.75 -44.58
CA PHE B 31 35.41 -5.18 -43.29
C PHE B 31 34.81 -3.82 -43.51
N SER B 32 35.41 -3.06 -44.46
CA SER B 32 35.04 -1.72 -44.85
C SER B 32 33.66 -1.62 -45.46
N ARG B 33 33.04 -2.76 -45.85
CA ARG B 33 31.67 -2.83 -46.33
C ARG B 33 30.72 -2.70 -45.17
N VAL B 34 30.89 -3.59 -44.16
CA VAL B 34 30.13 -3.63 -42.93
C VAL B 34 30.34 -2.40 -42.09
N SER B 35 31.55 -1.79 -42.16
CA SER B 35 31.94 -0.61 -41.41
C SER B 35 31.18 0.57 -41.94
N GLN B 36 31.31 0.87 -43.26
CA GLN B 36 30.59 1.96 -43.86
C GLN B 36 30.13 1.52 -45.21
N TRP B 37 28.81 1.71 -45.48
CA TRP B 37 28.04 1.26 -46.62
C TRP B 37 26.93 0.42 -46.05
N ASP B 38 26.90 -0.88 -46.35
CA ASP B 38 25.81 -1.78 -46.00
C ASP B 38 26.47 -3.09 -45.68
N ASP B 39 25.92 -3.78 -44.66
CA ASP B 39 26.34 -5.10 -44.21
C ASP B 39 25.97 -6.12 -45.26
N TRP B 40 24.71 -6.03 -45.76
CA TRP B 40 24.16 -6.90 -46.78
C TRP B 40 24.86 -6.74 -48.10
N LEU B 41 24.89 -7.84 -48.88
CA LEU B 41 25.50 -7.90 -50.18
C LEU B 41 24.59 -8.79 -50.97
N SER B 42 24.60 -8.63 -52.32
CA SER B 42 23.69 -9.26 -53.26
C SER B 42 22.28 -8.77 -52.99
N GLN B 43 22.18 -7.43 -52.91
CA GLN B 43 21.02 -6.69 -52.50
C GLN B 43 20.59 -5.79 -53.63
N TYR B 44 21.18 -5.99 -54.83
CA TYR B 44 21.06 -5.09 -55.96
C TYR B 44 19.95 -5.58 -56.85
N THR B 45 18.90 -4.73 -57.01
CA THR B 45 17.68 -4.97 -57.75
C THR B 45 17.01 -6.25 -57.27
N THR B 46 16.73 -6.31 -55.95
CA THR B 46 16.16 -7.47 -55.30
C THR B 46 14.73 -7.18 -54.95
N LEU B 47 13.96 -8.27 -54.69
CA LEU B 47 12.54 -8.23 -54.44
C LEU B 47 12.27 -8.80 -53.08
N GLN B 48 13.31 -8.98 -52.24
CA GLN B 48 13.17 -9.53 -50.91
C GLN B 48 13.70 -8.50 -49.96
N TYR B 49 12.97 -8.29 -48.83
CA TYR B 49 13.29 -7.33 -47.81
C TYR B 49 14.61 -7.69 -47.14
N ARG B 50 15.41 -6.64 -46.86
CA ARG B 50 16.66 -6.75 -46.17
C ARG B 50 16.71 -5.51 -45.34
N GLY B 51 17.18 -5.64 -44.08
CA GLY B 51 17.19 -4.56 -43.14
C GLY B 51 18.42 -4.67 -42.31
N GLN B 52 18.81 -3.55 -41.66
CA GLN B 52 19.97 -3.49 -40.81
C GLN B 52 19.54 -2.79 -39.56
N PHE B 53 20.34 -2.99 -38.48
CA PHE B 53 20.13 -2.35 -37.20
C PHE B 53 21.22 -1.33 -37.04
N ASP B 54 22.37 -1.54 -37.75
CA ASP B 54 23.49 -0.64 -37.83
C ASP B 54 24.10 -0.41 -36.46
N VAL B 55 24.22 -1.50 -35.67
CA VAL B 55 24.83 -1.51 -34.35
C VAL B 55 26.31 -1.22 -34.37
N VAL B 56 26.98 -1.50 -35.51
CA VAL B 56 28.39 -1.29 -35.68
C VAL B 56 28.74 0.17 -35.80
N ARG B 57 27.81 0.99 -36.35
CA ARG B 57 28.03 2.38 -36.66
C ARG B 57 28.22 3.30 -35.48
N PRO B 58 27.40 3.39 -34.41
CA PRO B 58 27.60 4.33 -33.32
C PRO B 58 28.84 4.07 -32.52
N VAL B 59 29.37 2.82 -32.51
CA VAL B 59 30.54 2.45 -31.77
C VAL B 59 31.77 2.89 -32.53
N VAL B 60 31.81 2.66 -33.86
CA VAL B 60 32.89 3.05 -34.73
C VAL B 60 32.96 4.56 -34.83
N ARG B 61 31.80 5.25 -34.97
CA ARG B 61 31.73 6.70 -35.02
C ARG B 61 32.16 7.34 -33.73
N LYS B 62 31.99 6.67 -32.57
CA LYS B 62 32.45 7.17 -31.30
C LYS B 62 33.95 7.05 -31.18
N LEU B 63 34.53 5.91 -31.62
CA LEU B 63 35.96 5.66 -31.54
C LEU B 63 36.76 6.56 -32.45
N VAL B 64 36.29 6.77 -33.71
CA VAL B 64 36.93 7.64 -34.68
C VAL B 64 36.97 9.06 -34.16
N SER B 65 35.88 9.52 -33.49
CA SER B 65 35.77 10.85 -32.93
C SER B 65 36.72 11.11 -31.79
N GLU B 66 37.07 10.05 -31.00
CA GLU B 66 37.99 10.14 -29.90
C GLU B 66 39.41 10.31 -30.39
N MET B 67 39.78 9.64 -31.51
CA MET B 67 41.13 9.68 -32.03
C MET B 67 41.49 11.00 -32.66
N ARG B 68 40.49 11.75 -33.22
CA ARG B 68 40.68 13.05 -33.84
C ARG B 68 41.15 14.09 -32.84
N GLN B 69 40.55 14.08 -31.63
CA GLN B 69 40.79 15.06 -30.60
C GLN B 69 41.92 14.65 -29.69
N ASN B 70 42.56 13.48 -29.94
CA ASN B 70 43.78 13.08 -29.27
C ASN B 70 44.90 13.29 -30.27
N PRO B 71 45.76 14.31 -30.16
CA PRO B 71 46.67 14.67 -31.22
C PRO B 71 47.91 13.81 -31.19
N ILE B 72 48.42 13.43 -32.38
CA ILE B 72 49.70 12.79 -32.54
C ILE B 72 50.32 13.61 -33.64
N ASP B 73 51.48 14.26 -33.33
CA ASP B 73 52.08 15.22 -34.22
C ASP B 73 53.53 15.26 -33.84
N VAL B 74 54.38 15.79 -34.74
CA VAL B 74 55.81 15.93 -34.61
C VAL B 74 56.17 16.85 -33.47
N LEU B 75 57.15 16.42 -32.63
CA LEU B 75 57.59 17.17 -31.48
C LEU B 75 59.09 17.27 -31.55
N TYR B 76 59.80 16.11 -31.56
CA TYR B 76 61.23 15.96 -31.42
C TYR B 76 61.75 16.36 -30.05
N ARG B 77 62.84 15.69 -29.61
CA ARG B 77 63.49 15.99 -28.35
C ARG B 77 64.95 15.72 -28.63
N PRO B 78 65.93 16.53 -28.19
CA PRO B 78 67.34 16.25 -28.34
C PRO B 78 67.79 14.94 -27.75
N LYS B 79 68.87 14.35 -28.30
CA LYS B 79 69.42 13.07 -27.93
C LYS B 79 70.26 13.19 -26.69
N ASP B 80 70.82 12.04 -26.23
CA ASP B 80 71.66 11.93 -25.06
C ASP B 80 72.98 12.63 -25.31
N GLY B 81 73.30 13.64 -24.47
CA GLY B 81 74.50 14.43 -24.58
C GLY B 81 74.42 15.48 -25.66
N ALA B 82 73.25 15.63 -26.32
CA ALA B 82 73.04 16.59 -27.37
C ALA B 82 72.67 17.92 -26.80
N ARG B 83 72.97 18.99 -27.58
CA ARG B 83 72.66 20.36 -27.27
C ARG B 83 71.15 20.56 -27.23
N PRO B 84 70.59 21.36 -26.32
CA PRO B 84 69.16 21.42 -26.07
C PRO B 84 68.42 22.29 -27.06
N ASP B 85 69.14 23.02 -27.94
CA ASP B 85 68.57 24.09 -28.75
C ASP B 85 68.39 23.68 -30.18
N ALA B 86 68.52 22.36 -30.49
CA ALA B 86 68.32 21.85 -31.82
C ALA B 86 66.90 21.37 -32.01
N ALA B 87 66.03 21.53 -30.98
CA ALA B 87 64.65 21.10 -31.00
C ALA B 87 63.80 21.91 -31.94
N ASP B 88 63.94 23.26 -31.90
CA ASP B 88 63.15 24.19 -32.69
C ASP B 88 63.58 24.28 -34.13
N VAL B 89 64.78 23.77 -34.48
CA VAL B 89 65.34 23.83 -35.81
C VAL B 89 64.57 22.95 -36.77
N LEU B 90 64.29 21.69 -36.36
CA LEU B 90 63.58 20.73 -37.17
C LEU B 90 62.10 21.03 -37.24
N MET B 91 61.55 21.70 -36.20
CA MET B 91 60.16 22.11 -36.15
C MET B 91 59.92 23.33 -36.98
N GLY B 92 60.95 24.17 -37.19
CA GLY B 92 60.84 25.39 -37.96
C GLY B 92 60.56 25.12 -39.40
N MET B 93 61.19 24.05 -39.96
CA MET B 93 60.98 23.61 -41.32
C MET B 93 59.68 22.86 -41.48
N TYR B 94 59.28 22.09 -40.44
CA TYR B 94 58.13 21.21 -40.47
C TYR B 94 56.83 21.97 -40.58
N ARG B 95 56.67 23.04 -39.77
CA ARG B 95 55.43 23.79 -39.69
C ARG B 95 55.19 24.66 -40.90
N THR B 96 56.26 24.96 -41.67
CA THR B 96 56.19 25.79 -42.85
C THR B 96 55.68 25.01 -44.04
N ASP B 97 56.13 23.75 -44.26
CA ASP B 97 55.74 23.02 -45.45
C ASP B 97 54.57 22.10 -45.20
N MET B 98 54.08 22.02 -43.94
CA MET B 98 52.89 21.28 -43.59
C MET B 98 51.69 22.17 -43.45
N ARG B 99 51.80 23.47 -43.83
CA ARG B 99 50.73 24.46 -43.74
C ARG B 99 49.48 24.04 -44.45
N HIS B 100 49.63 23.42 -45.66
CA HIS B 100 48.54 22.89 -46.44
C HIS B 100 47.84 21.76 -45.71
N ASN B 101 46.53 21.63 -45.98
CA ASN B 101 45.64 20.72 -45.30
C ASN B 101 45.84 19.28 -45.69
N THR B 102 46.69 18.98 -46.69
CA THR B 102 46.98 17.63 -47.15
C THR B 102 47.71 16.81 -46.10
N ALA B 103 48.33 17.47 -45.10
CA ALA B 103 48.97 16.82 -43.98
C ALA B 103 47.94 16.31 -43.01
N LYS B 104 46.91 17.15 -42.72
CA LYS B 104 45.83 16.84 -41.81
C LYS B 104 44.89 15.80 -42.40
N ILE B 105 44.72 15.78 -43.74
CA ILE B 105 43.91 14.82 -44.46
C ILE B 105 44.53 13.45 -44.34
N ALA B 106 45.88 13.37 -44.40
CA ALA B 106 46.61 12.12 -44.33
C ALA B 106 46.45 11.46 -42.99
N VAL B 107 46.40 12.25 -41.90
CA VAL B 107 46.24 11.75 -40.56
C VAL B 107 44.79 11.34 -40.32
N ASN B 108 43.81 12.18 -40.75
CA ASN B 108 42.40 11.95 -40.48
C ASN B 108 41.83 10.75 -41.20
N ILE B 109 42.34 10.44 -42.42
CA ILE B 109 41.95 9.27 -43.17
C ILE B 109 42.52 8.04 -42.53
N ALA B 110 43.82 8.09 -42.14
CA ALA B 110 44.54 6.95 -41.63
C ALA B 110 44.03 6.44 -40.32
N VAL B 111 43.57 7.35 -39.41
CA VAL B 111 43.12 6.98 -38.09
C VAL B 111 41.73 6.41 -38.13
N ARG B 112 40.91 6.83 -39.12
CA ARG B 112 39.54 6.40 -39.27
C ARG B 112 39.50 4.99 -39.79
N GLU B 113 40.39 4.69 -40.77
CA GLU B 113 40.49 3.40 -41.41
C GLU B 113 41.23 2.40 -40.55
N GLN B 114 42.15 2.86 -39.66
CA GLN B 114 42.85 2.01 -38.71
C GLN B 114 41.89 1.34 -37.75
N ILE B 115 40.80 2.05 -37.39
CA ILE B 115 39.73 1.58 -36.55
C ILE B 115 38.85 0.62 -37.32
N GLU B 116 38.56 0.92 -38.60
CA GLU B 116 37.62 0.15 -39.39
C GLU B 116 38.26 -1.08 -40.00
N ALA B 117 39.08 -0.91 -41.05
CA ALA B 117 39.65 -1.99 -41.82
C ALA B 117 40.89 -2.55 -41.19
N GLY B 118 41.49 -1.81 -40.23
CA GLY B 118 42.66 -2.23 -39.50
C GLY B 118 43.88 -1.55 -40.03
N VAL B 119 43.84 -0.99 -41.27
CA VAL B 119 44.98 -0.30 -41.86
C VAL B 119 44.58 1.08 -42.26
N GLY B 120 45.60 1.97 -42.29
CA GLY B 120 45.55 3.29 -42.82
C GLY B 120 46.98 3.58 -43.14
N ALA B 121 47.26 4.53 -44.06
CA ALA B 121 48.62 4.73 -44.50
C ALA B 121 48.76 6.15 -44.97
N TRP B 122 50.03 6.63 -45.02
CA TRP B 122 50.36 7.93 -45.51
C TRP B 122 51.77 7.84 -46.01
N ARG B 123 52.14 8.80 -46.90
CA ARG B 123 53.43 8.82 -47.54
C ARG B 123 53.97 10.21 -47.46
N LEU B 124 55.31 10.33 -47.59
CA LEU B 124 56.02 11.59 -47.66
C LEU B 124 56.58 11.66 -49.04
N VAL B 125 56.26 12.75 -49.77
CA VAL B 125 56.78 13.00 -51.09
C VAL B 125 57.48 14.32 -50.99
N THR B 126 58.15 14.73 -52.09
CA THR B 126 58.89 15.97 -52.16
C THR B 126 58.51 16.56 -53.49
N ASP B 127 58.17 17.86 -53.49
CA ASP B 127 57.71 18.53 -54.66
C ASP B 127 58.20 19.95 -54.60
N TYR B 128 57.88 20.74 -55.64
CA TYR B 128 58.26 22.11 -55.79
C TYR B 128 56.98 22.89 -55.63
N GLU B 129 56.96 23.84 -54.67
CA GLU B 129 55.89 24.80 -54.52
C GLU B 129 56.54 25.99 -53.89
N ASP B 130 56.03 27.19 -54.25
CA ASP B 130 56.51 28.46 -53.75
C ASP B 130 55.38 29.18 -53.07
N GLN B 131 54.25 28.48 -52.79
CA GLN B 131 53.10 29.07 -52.14
C GLN B 131 53.08 28.71 -50.66
N SER B 132 54.10 27.95 -50.20
CA SER B 132 54.40 27.78 -48.79
C SER B 132 55.85 27.35 -48.75
N PRO B 133 56.82 28.17 -49.19
CA PRO B 133 58.21 27.77 -49.33
C PRO B 133 58.91 27.66 -48.01
N THR B 134 59.88 26.73 -47.90
CA THR B 134 60.70 26.55 -46.71
C THR B 134 61.97 27.33 -46.97
N SER B 135 62.99 26.68 -47.59
CA SER B 135 64.22 27.35 -47.97
C SER B 135 64.61 26.71 -49.27
N ASN B 136 64.99 27.57 -50.24
CA ASN B 136 65.29 27.26 -51.63
C ASN B 136 64.01 27.01 -52.38
N ASN B 137 62.85 27.32 -51.74
CA ASN B 137 61.50 27.19 -52.24
C ASN B 137 61.18 25.75 -52.54
N GLN B 138 61.64 24.84 -51.66
CA GLN B 138 61.44 23.41 -51.77
C GLN B 138 60.68 23.00 -50.56
N VAL B 139 59.75 22.04 -50.73
CA VAL B 139 58.82 21.62 -49.71
C VAL B 139 58.78 20.12 -49.69
N ILE B 140 58.42 19.57 -48.50
CA ILE B 140 58.18 18.17 -48.27
C ILE B 140 56.79 18.16 -47.69
N ARG B 141 55.90 17.27 -48.18
CA ARG B 141 54.52 17.28 -47.77
C ARG B 141 54.13 15.87 -47.51
N ARG B 142 53.13 15.68 -46.61
CA ARG B 142 52.57 14.41 -46.27
C ARG B 142 51.32 14.28 -47.08
N GLU B 143 51.16 13.15 -47.79
CA GLU B 143 50.06 12.92 -48.69
C GLU B 143 49.26 11.74 -48.20
N PRO B 144 47.94 11.71 -48.35
CA PRO B 144 47.09 10.62 -47.88
C PRO B 144 47.19 9.42 -48.79
N ILE B 145 47.08 8.20 -48.21
CA ILE B 145 46.90 6.97 -48.93
C ILE B 145 45.61 6.44 -48.36
N HIS B 146 44.56 6.34 -49.21
CA HIS B 146 43.21 6.10 -48.77
C HIS B 146 42.80 4.80 -49.41
N SER B 147 42.27 3.88 -48.57
CA SER B 147 41.88 2.53 -48.89
C SER B 147 43.08 1.63 -48.91
N ALA B 148 43.89 1.69 -47.81
CA ALA B 148 45.10 0.92 -47.65
C ALA B 148 44.84 -0.56 -47.51
N CYS B 149 43.56 -0.92 -47.25
CA CYS B 149 43.05 -2.27 -47.13
C CYS B 149 43.02 -2.99 -48.45
N SER B 150 42.79 -2.22 -49.53
CA SER B 150 42.74 -2.70 -50.89
C SER B 150 44.11 -2.63 -51.53
N HIS B 151 45.08 -1.97 -50.85
CA HIS B 151 46.38 -1.73 -51.41
C HIS B 151 47.42 -2.70 -50.91
N VAL B 152 47.00 -3.80 -50.24
CA VAL B 152 47.90 -4.68 -49.51
C VAL B 152 48.56 -5.56 -50.54
N ILE B 153 49.88 -5.37 -50.73
CA ILE B 153 50.75 -6.29 -51.42
C ILE B 153 52.02 -6.18 -50.61
N TRP B 154 51.92 -6.40 -49.28
CA TRP B 154 53.06 -6.36 -48.41
C TRP B 154 53.00 -7.52 -47.46
N ASP B 155 54.18 -7.77 -46.83
CA ASP B 155 54.43 -8.73 -45.78
C ASP B 155 54.75 -10.05 -46.42
N SER B 156 56.04 -10.45 -46.30
CA SER B 156 56.50 -11.77 -46.63
C SER B 156 57.80 -11.98 -45.91
N ASN B 157 58.19 -11.03 -45.03
CA ASN B 157 59.40 -11.11 -44.27
C ASN B 157 59.32 -10.13 -43.12
N SER B 158 58.24 -9.30 -43.09
CA SER B 158 58.10 -8.20 -42.17
C SER B 158 57.98 -8.72 -40.76
N LYS B 159 58.69 -8.07 -39.81
CA LYS B 159 58.64 -8.36 -38.41
C LYS B 159 58.29 -7.09 -37.68
N LEU B 160 57.90 -6.02 -38.41
CA LEU B 160 57.68 -4.72 -37.84
C LEU B 160 56.38 -4.21 -38.38
N MET B 161 55.82 -3.20 -37.67
CA MET B 161 54.54 -2.63 -37.94
C MET B 161 54.69 -1.35 -38.71
N ASP B 162 55.95 -0.91 -38.98
CA ASP B 162 56.21 0.31 -39.71
C ASP B 162 56.65 0.02 -41.12
N LYS B 163 56.88 -1.29 -41.45
CA LYS B 163 57.20 -1.77 -42.78
C LYS B 163 58.50 -1.16 -43.28
N SER B 164 59.53 -1.13 -42.40
CA SER B 164 60.82 -0.56 -42.70
C SER B 164 61.85 -1.65 -42.80
N ASP B 165 61.46 -2.91 -42.51
CA ASP B 165 62.34 -4.05 -42.64
C ASP B 165 61.90 -4.87 -43.83
N ALA B 166 60.77 -4.47 -44.45
CA ALA B 166 60.23 -5.11 -45.63
C ALA B 166 60.76 -4.26 -46.75
N ARG B 167 61.53 -4.90 -47.66
CA ARG B 167 62.17 -4.24 -48.77
C ARG B 167 61.59 -4.77 -50.05
N HIS B 168 60.65 -5.74 -49.93
CA HIS B 168 60.07 -6.44 -51.06
C HIS B 168 58.63 -6.05 -51.20
N CYS B 169 58.17 -5.14 -50.30
CA CYS B 169 56.84 -4.59 -50.29
C CYS B 169 56.63 -3.70 -51.48
N THR B 170 55.37 -3.62 -51.96
CA THR B 170 55.00 -2.77 -53.05
C THR B 170 53.61 -2.30 -52.71
N VAL B 171 53.34 -1.00 -52.97
CA VAL B 171 52.05 -0.41 -52.76
C VAL B 171 51.41 -0.32 -54.11
N ILE B 172 50.15 0.14 -54.15
CA ILE B 172 49.41 0.27 -55.38
C ILE B 172 48.46 1.40 -55.14
N HIS B 173 48.14 2.16 -56.20
CA HIS B 173 47.36 3.35 -56.14
C HIS B 173 46.30 3.25 -57.19
N SER B 174 45.03 3.41 -56.77
CA SER B 174 43.87 3.42 -57.63
C SER B 174 43.51 4.85 -57.90
N MET B 175 43.12 5.14 -59.15
CA MET B 175 42.94 6.51 -59.60
C MET B 175 42.08 6.47 -60.82
N SER B 176 41.56 7.65 -61.23
CA SER B 176 40.82 7.83 -62.45
C SER B 176 41.81 8.09 -63.56
N GLN B 177 41.31 8.26 -64.81
CA GLN B 177 42.13 8.53 -65.97
C GLN B 177 42.75 9.90 -65.89
N ASN B 178 42.06 10.87 -65.23
CA ASN B 178 42.57 12.19 -64.95
C ASN B 178 43.77 12.14 -64.04
N GLY B 179 43.72 11.26 -63.02
CA GLY B 179 44.79 11.02 -62.08
C GLY B 179 46.00 10.37 -62.69
N TRP B 180 45.78 9.49 -63.69
CA TRP B 180 46.85 8.82 -64.43
C TRP B 180 47.61 9.79 -65.29
N GLU B 181 46.91 10.81 -65.84
CA GLU B 181 47.51 11.86 -66.64
C GLU B 181 48.27 12.85 -65.81
N ASP B 182 47.85 13.09 -64.54
CA ASP B 182 48.50 14.02 -63.65
C ASP B 182 49.75 13.42 -63.08
N PHE B 183 49.73 12.09 -62.81
CA PHE B 183 50.85 11.33 -62.28
C PHE B 183 51.85 11.03 -63.36
N ALA B 184 51.45 11.21 -64.65
CA ALA B 184 52.31 11.02 -65.80
C ALA B 184 53.28 12.16 -65.94
N GLU B 185 52.95 13.33 -65.35
CA GLU B 185 53.77 14.50 -65.40
C GLU B 185 54.87 14.39 -64.38
N LYS B 186 54.52 13.89 -63.18
CA LYS B 186 55.40 13.84 -62.04
C LYS B 186 56.38 12.71 -62.13
N TYR B 187 55.89 11.49 -62.43
CA TYR B 187 56.67 10.27 -62.35
C TYR B 187 57.22 9.88 -63.71
N ASP B 188 56.99 10.72 -64.75
CA ASP B 188 57.46 10.52 -66.11
C ASP B 188 56.96 9.22 -66.71
N LEU B 189 55.62 9.07 -66.78
CA LEU B 189 54.96 7.85 -67.18
C LEU B 189 54.04 8.20 -68.32
N ASP B 190 53.34 7.18 -68.88
CA ASP B 190 52.39 7.33 -69.96
C ASP B 190 51.18 8.10 -69.47
N ALA B 191 50.63 8.98 -70.34
CA ALA B 191 49.50 9.82 -70.02
C ALA B 191 48.23 9.01 -70.08
N ASP B 192 48.10 8.18 -71.14
CA ASP B 192 46.96 7.34 -71.38
C ASP B 192 47.54 6.00 -71.70
N ASP B 193 46.95 4.93 -71.12
CA ASP B 193 47.49 3.60 -71.22
C ASP B 193 46.46 2.70 -70.58
N ILE B 194 45.97 3.09 -69.37
CA ILE B 194 45.19 2.28 -68.47
C ILE B 194 46.00 1.08 -68.01
N PRO B 195 47.06 1.23 -67.20
CA PRO B 195 47.89 0.13 -66.72
C PRO B 195 47.12 -0.80 -65.80
N SER B 196 47.65 -2.02 -65.61
CA SER B 196 47.15 -2.99 -64.68
C SER B 196 48.34 -3.55 -63.98
N PHE B 197 48.12 -4.32 -62.88
CA PHE B 197 49.20 -4.88 -62.12
C PHE B 197 48.79 -6.26 -61.69
N GLN B 198 47.74 -6.39 -60.84
CA GLN B 198 47.17 -7.69 -60.55
C GLN B 198 45.80 -7.51 -59.96
N ASN B 199 45.30 -6.24 -59.94
CA ASN B 199 44.05 -5.81 -59.34
C ASN B 199 43.71 -6.42 -57.99
N PRO B 200 44.40 -6.09 -56.89
CA PRO B 200 44.08 -6.59 -55.57
C PRO B 200 42.94 -5.76 -55.00
N ASN B 201 42.57 -4.65 -55.69
CA ASN B 201 41.66 -3.66 -55.18
C ASN B 201 40.25 -4.12 -55.32
N ASP B 202 39.90 -4.69 -56.50
CA ASP B 202 38.53 -5.04 -56.84
C ASP B 202 38.62 -6.44 -57.37
N TRP B 203 37.51 -7.20 -57.26
CA TRP B 203 37.40 -8.49 -57.89
C TRP B 203 35.95 -8.70 -58.20
N VAL B 204 35.11 -8.76 -57.14
CA VAL B 204 33.71 -9.13 -57.27
C VAL B 204 32.82 -7.99 -57.69
N PHE B 205 33.28 -6.72 -57.55
CA PHE B 205 32.56 -5.52 -57.95
C PHE B 205 31.17 -5.44 -57.35
N PRO B 206 30.97 -5.12 -56.07
CA PRO B 206 29.66 -4.94 -55.46
C PRO B 206 28.91 -3.79 -56.10
N TRP B 207 29.64 -2.80 -56.66
CA TRP B 207 29.14 -1.77 -57.52
C TRP B 207 30.28 -1.56 -58.48
N LEU B 208 29.96 -1.19 -59.74
CA LEU B 208 30.93 -0.84 -60.76
C LEU B 208 31.70 0.39 -60.36
N THR B 209 33.03 0.36 -60.57
CA THR B 209 33.94 1.39 -60.16
C THR B 209 34.81 1.58 -61.38
N GLN B 210 34.88 2.84 -61.88
CA GLN B 210 35.70 3.20 -63.02
C GLN B 210 36.75 4.19 -62.57
N ASP B 211 36.93 4.30 -61.23
CA ASP B 211 37.90 5.18 -60.60
C ASP B 211 38.99 4.31 -60.04
N THR B 212 39.13 3.07 -60.57
CA THR B 212 40.17 2.13 -60.21
C THR B 212 40.95 1.86 -61.46
N ILE B 213 42.22 2.34 -61.48
CA ILE B 213 43.17 2.08 -62.53
C ILE B 213 44.44 1.85 -61.76
N GLN B 214 45.04 0.65 -61.95
CA GLN B 214 46.07 0.15 -61.07
C GLN B 214 47.40 0.54 -61.63
N ILE B 215 48.29 1.05 -60.76
CA ILE B 215 49.68 1.22 -61.08
C ILE B 215 50.36 1.09 -59.75
N ALA B 216 51.53 0.40 -59.73
CA ALA B 216 52.20 0.05 -58.50
C ALA B 216 53.47 0.82 -58.38
N GLU B 217 53.89 1.05 -57.12
CA GLU B 217 55.08 1.76 -56.76
C GLU B 217 55.82 0.83 -55.86
N PHE B 218 57.13 0.64 -56.14
CA PHE B 218 57.95 -0.38 -55.53
C PHE B 218 59.14 0.36 -55.01
N TYR B 219 59.87 -0.29 -54.07
CA TYR B 219 60.99 0.29 -53.38
C TYR B 219 62.00 -0.80 -53.27
N GLU B 220 63.28 -0.43 -53.47
CA GLU B 220 64.41 -1.32 -53.41
C GLU B 220 65.37 -0.62 -52.50
N VAL B 221 66.37 -1.36 -51.96
CA VAL B 221 67.36 -0.79 -51.09
C VAL B 221 68.67 -0.94 -51.82
N VAL B 222 69.17 0.22 -52.31
CA VAL B 222 70.47 0.37 -52.91
C VAL B 222 71.35 0.84 -51.78
N GLU B 223 72.68 0.59 -51.89
CA GLU B 223 73.69 1.23 -51.07
C GLU B 223 73.81 2.68 -51.45
N LYS B 224 74.63 3.00 -52.49
CA LYS B 224 74.78 4.29 -53.13
C LYS B 224 75.73 5.14 -52.33
N LYS B 225 75.31 5.57 -51.11
CA LYS B 225 76.12 6.20 -50.09
C LYS B 225 76.82 7.45 -50.59
N GLU B 226 78.08 7.64 -50.17
CA GLU B 226 78.79 8.90 -50.09
C GLU B 226 79.89 8.60 -49.12
N THR B 227 81.07 9.23 -49.31
CA THR B 227 82.22 8.98 -48.47
C THR B 227 83.13 10.16 -48.71
N ALA B 228 84.21 10.28 -47.88
CA ALA B 228 85.31 11.19 -48.05
C ALA B 228 84.89 12.64 -48.09
N PHE B 229 85.68 13.50 -48.79
CA PHE B 229 85.64 14.95 -48.91
C PHE B 229 84.92 15.69 -47.82
N ILE B 230 85.71 16.18 -46.84
CA ILE B 230 85.25 16.90 -45.68
C ILE B 230 85.66 18.31 -45.94
N TYR B 231 84.84 19.28 -45.48
CA TYR B 231 84.82 20.62 -46.01
C TYR B 231 84.83 21.52 -44.81
N GLN B 232 84.66 22.83 -45.04
CA GLN B 232 84.58 23.84 -44.00
C GLN B 232 83.54 24.81 -44.44
N ASP B 233 83.13 25.70 -43.51
CA ASP B 233 82.24 26.80 -43.81
C ASP B 233 83.07 28.03 -43.62
N PRO B 234 83.50 28.74 -44.68
CA PRO B 234 84.16 30.03 -44.54
C PRO B 234 83.09 31.09 -44.48
N VAL B 235 81.87 30.76 -44.97
CA VAL B 235 80.74 31.66 -45.05
C VAL B 235 79.69 30.88 -44.33
N THR B 236 78.93 31.58 -43.46
CA THR B 236 77.87 31.12 -42.57
C THR B 236 78.44 30.67 -41.25
N GLY B 237 79.74 30.96 -40.99
CA GLY B 237 80.41 30.69 -39.74
C GLY B 237 80.48 29.23 -39.37
N GLU B 238 81.05 28.96 -38.19
CA GLU B 238 81.26 27.64 -37.62
C GLU B 238 82.02 26.71 -38.55
N PRO B 239 83.30 26.91 -38.89
CA PRO B 239 84.04 26.07 -39.83
C PRO B 239 84.09 24.61 -39.44
N VAL B 240 84.37 23.74 -40.43
CA VAL B 240 84.50 22.31 -40.30
C VAL B 240 83.10 21.75 -40.20
N SER B 241 82.43 21.70 -41.36
CA SER B 241 81.13 21.09 -41.52
C SER B 241 81.20 20.39 -42.83
N TYR B 242 80.46 19.27 -42.95
CA TYR B 242 80.80 18.21 -43.88
C TYR B 242 79.59 17.90 -44.70
N PHE B 243 79.82 17.70 -46.01
CA PHE B 243 78.81 17.75 -47.04
C PHE B 243 79.11 16.62 -47.96
N LYS B 244 78.20 16.37 -48.93
CA LYS B 244 78.06 15.16 -49.69
C LYS B 244 79.18 14.99 -50.68
N ARG B 245 79.22 13.83 -51.38
CA ARG B 245 80.18 13.60 -52.43
C ARG B 245 79.47 12.92 -53.56
N ASP B 246 78.86 11.74 -53.30
CA ASP B 246 78.47 10.84 -54.37
C ASP B 246 77.12 11.22 -54.95
N ILE B 247 76.32 12.06 -54.24
CA ILE B 247 75.08 12.57 -54.78
C ILE B 247 75.37 13.74 -55.68
N LYS B 248 76.21 14.70 -55.21
CA LYS B 248 76.63 15.83 -56.01
C LYS B 248 77.94 15.49 -56.66
N ASP B 249 77.86 14.82 -57.84
CA ASP B 249 79.01 14.48 -58.66
C ASP B 249 79.49 15.67 -59.46
N VAL B 250 78.68 16.75 -59.52
CA VAL B 250 79.12 18.05 -59.98
C VAL B 250 80.01 18.70 -58.95
N ILE B 251 79.44 19.03 -57.76
CA ILE B 251 79.99 19.97 -56.82
C ILE B 251 80.91 19.32 -55.82
N ASP B 252 81.18 18.00 -55.93
CA ASP B 252 82.22 17.34 -55.17
C ASP B 252 83.59 17.94 -55.37
N ASP B 253 84.17 17.78 -56.59
CA ASP B 253 85.51 18.20 -56.94
C ASP B 253 85.68 19.71 -57.00
N LEU B 254 84.56 20.47 -57.03
CA LEU B 254 84.56 21.90 -57.09
C LEU B 254 84.78 22.45 -55.71
N ALA B 255 84.06 21.89 -54.71
CA ALA B 255 83.99 22.42 -53.36
C ALA B 255 85.26 22.25 -52.57
N ASP B 256 86.31 21.59 -53.13
CA ASP B 256 87.48 21.18 -52.39
C ASP B 256 88.58 22.19 -52.61
N SER B 257 88.39 23.15 -53.54
CA SER B 257 89.49 23.96 -54.04
C SER B 257 89.59 25.25 -53.27
N GLY B 258 88.54 25.59 -52.48
CA GLY B 258 88.42 26.87 -51.85
C GLY B 258 88.48 26.66 -50.36
N PHE B 259 88.12 25.43 -49.92
CA PHE B 259 88.08 25.09 -48.52
C PHE B 259 88.11 23.59 -48.48
N ILE B 260 88.73 23.02 -47.42
CA ILE B 260 88.92 21.61 -47.29
C ILE B 260 89.26 21.39 -45.83
N LYS B 261 89.00 20.16 -45.33
CA LYS B 261 89.49 19.72 -44.05
C LYS B 261 89.62 18.22 -44.19
N ILE B 262 90.35 17.58 -43.24
CA ILE B 262 90.65 16.18 -43.28
C ILE B 262 90.01 15.62 -42.04
N ALA B 263 89.12 14.62 -42.22
CA ALA B 263 88.51 13.89 -41.14
C ALA B 263 87.93 12.63 -41.72
N GLU B 264 88.29 12.30 -42.99
CA GLU B 264 87.54 11.46 -43.90
C GLU B 264 87.36 10.07 -43.36
N ARG B 265 86.10 9.57 -43.47
CA ARG B 265 85.72 8.23 -43.06
C ARG B 265 84.51 7.90 -43.89
N GLN B 266 84.13 6.60 -43.86
CA GLN B 266 82.98 6.05 -44.56
C GLN B 266 81.72 6.61 -43.97
N ILE B 267 80.72 6.84 -44.84
CA ILE B 267 79.36 7.14 -44.46
C ILE B 267 78.60 6.01 -45.09
N LYS B 268 77.68 5.39 -44.30
CA LYS B 268 76.82 4.35 -44.80
C LYS B 268 75.43 4.85 -44.58
N ARG B 269 74.66 4.87 -45.68
CA ARG B 269 73.27 5.25 -45.67
C ARG B 269 72.52 4.12 -46.32
N ARG B 270 71.37 3.75 -45.71
CA ARG B 270 70.29 3.09 -46.42
C ARG B 270 69.73 4.09 -47.39
N ARG B 271 69.32 3.66 -48.60
CA ARG B 271 68.92 4.56 -49.64
C ARG B 271 67.86 3.80 -50.37
N VAL B 272 66.82 4.53 -50.81
CA VAL B 272 65.69 3.95 -51.49
C VAL B 272 65.67 4.63 -52.82
N TYR B 273 65.44 3.82 -53.88
CA TYR B 273 65.01 4.31 -55.17
C TYR B 273 63.65 3.74 -55.37
N LYS B 274 62.76 4.56 -55.97
CA LYS B 274 61.44 4.19 -56.35
C LYS B 274 61.48 3.85 -57.81
N SER B 275 60.69 2.84 -58.23
CA SER B 275 60.62 2.39 -59.58
C SER B 275 59.17 2.11 -59.74
N ILE B 276 58.60 2.44 -60.91
CA ILE B 276 57.22 2.16 -61.20
C ILE B 276 57.23 0.86 -61.95
N ILE B 277 56.27 -0.03 -61.64
CA ILE B 277 56.26 -1.37 -62.16
C ILE B 277 54.87 -1.63 -62.69
N THR B 278 54.79 -2.41 -63.80
CA THR B 278 53.58 -2.96 -64.37
C THR B 278 53.80 -4.44 -64.43
N CYS B 279 52.73 -5.23 -64.70
CA CYS B 279 52.79 -6.67 -64.80
C CYS B 279 53.67 -7.16 -65.93
N THR B 280 53.56 -6.53 -67.12
CA THR B 280 54.26 -6.91 -68.34
C THR B 280 55.75 -6.67 -68.24
N ALA B 281 56.14 -5.51 -67.67
CA ALA B 281 57.46 -4.96 -67.84
C ALA B 281 57.57 -3.92 -66.78
N VAL B 282 58.65 -3.11 -66.78
CA VAL B 282 58.89 -2.15 -65.74
C VAL B 282 58.90 -0.84 -66.47
N LEU B 283 58.37 0.23 -65.83
CA LEU B 283 57.80 1.35 -66.55
C LEU B 283 58.65 2.56 -66.25
N LYS B 284 59.36 2.53 -65.10
CA LYS B 284 60.30 3.55 -64.73
C LYS B 284 61.31 2.78 -63.93
N ASP B 285 62.60 3.08 -64.12
CA ASP B 285 63.65 2.42 -63.39
C ASP B 285 64.50 3.49 -62.76
N LYS B 286 64.65 3.39 -61.41
CA LYS B 286 65.51 4.20 -60.58
C LYS B 286 65.28 5.68 -60.70
N GLN B 287 64.01 6.10 -60.50
CA GLN B 287 63.65 7.48 -60.26
C GLN B 287 63.79 7.71 -58.78
N LEU B 288 64.68 8.64 -58.38
CA LEU B 288 65.21 8.67 -57.04
C LEU B 288 64.24 9.46 -56.19
N ILE B 289 63.66 8.77 -55.19
CA ILE B 289 62.76 9.36 -54.22
C ILE B 289 63.66 9.84 -53.11
N ALA B 290 63.28 10.95 -52.45
CA ALA B 290 64.19 11.75 -51.68
C ALA B 290 64.46 11.15 -50.33
N GLY B 291 63.65 10.14 -49.91
CA GLY B 291 63.81 9.44 -48.65
C GLY B 291 65.10 8.68 -48.59
N GLU B 292 65.48 8.24 -47.36
CA GLU B 292 66.55 7.29 -47.16
C GLU B 292 65.97 6.02 -46.57
N HIS B 293 64.64 5.99 -46.39
CA HIS B 293 63.91 4.82 -45.99
C HIS B 293 62.62 4.93 -46.74
N ILE B 294 61.81 3.84 -46.73
CA ILE B 294 60.50 3.80 -47.35
C ILE B 294 59.60 4.74 -46.58
N PRO B 295 58.95 5.73 -47.19
CA PRO B 295 58.24 6.78 -46.46
C PRO B 295 56.84 6.34 -46.13
N ILE B 296 56.42 5.13 -46.60
CA ILE B 296 55.07 4.64 -46.44
C ILE B 296 55.05 3.82 -45.19
N VAL B 297 54.30 4.31 -44.18
CA VAL B 297 54.15 3.65 -42.91
C VAL B 297 52.69 3.22 -42.79
N PRO B 298 52.33 1.95 -42.92
CA PRO B 298 50.99 1.50 -42.61
C PRO B 298 50.85 1.45 -41.10
N VAL B 299 49.68 1.88 -40.57
CA VAL B 299 49.37 1.76 -39.17
C VAL B 299 48.49 0.55 -39.08
N PHE B 300 48.64 -0.22 -37.98
CA PHE B 300 47.92 -1.45 -37.77
C PHE B 300 47.35 -1.35 -36.40
N GLY B 301 46.37 -2.24 -36.08
CA GLY B 301 45.93 -2.47 -34.73
C GLY B 301 46.80 -3.55 -34.17
N GLU B 302 46.20 -4.64 -33.64
CA GLU B 302 46.92 -5.86 -33.35
C GLU B 302 47.30 -6.48 -34.67
N TRP B 303 48.58 -6.90 -34.80
CA TRP B 303 49.17 -7.25 -36.07
C TRP B 303 50.01 -8.45 -35.80
N GLY B 304 50.05 -9.38 -36.78
CA GLY B 304 50.82 -10.58 -36.62
C GLY B 304 50.46 -11.53 -37.71
N PHE B 305 50.68 -12.83 -37.45
CA PHE B 305 50.49 -13.88 -38.40
C PHE B 305 49.60 -14.90 -37.74
N VAL B 306 48.75 -15.59 -38.54
CA VAL B 306 48.03 -16.77 -38.10
C VAL B 306 49.04 -17.88 -37.89
N GLU B 307 49.89 -18.11 -38.92
CA GLU B 307 51.11 -18.88 -38.83
C GLU B 307 52.07 -18.19 -39.74
N ASP B 308 51.72 -18.09 -41.04
CA ASP B 308 52.61 -17.56 -42.06
C ASP B 308 51.84 -16.59 -42.92
N LYS B 309 50.48 -16.67 -42.93
CA LYS B 309 49.63 -15.69 -43.57
C LYS B 309 49.49 -14.52 -42.63
N GLU B 310 49.52 -13.28 -43.17
CA GLU B 310 49.37 -12.05 -42.41
C GLU B 310 47.94 -11.93 -41.96
N VAL B 311 47.72 -11.33 -40.77
CA VAL B 311 46.41 -11.05 -40.29
C VAL B 311 46.54 -9.84 -39.41
N TYR B 312 45.51 -8.97 -39.42
CA TYR B 312 45.46 -7.83 -38.55
C TYR B 312 44.01 -7.50 -38.39
N GLU B 313 43.72 -6.67 -37.36
CA GLU B 313 42.37 -6.39 -36.98
C GLU B 313 42.32 -4.99 -36.46
N GLY B 314 41.16 -4.32 -36.71
CA GLY B 314 40.81 -3.06 -36.13
C GLY B 314 39.89 -3.39 -34.99
N VAL B 315 38.73 -2.68 -34.93
CA VAL B 315 37.66 -2.98 -34.00
C VAL B 315 36.57 -3.69 -34.77
N VAL B 316 36.75 -3.83 -36.10
CA VAL B 316 35.88 -4.58 -36.96
C VAL B 316 36.77 -5.63 -37.54
N ARG B 317 36.43 -6.92 -37.27
CA ARG B 317 37.19 -8.03 -37.77
C ARG B 317 36.20 -9.13 -38.03
N LEU B 318 35.55 -9.65 -36.97
CA LEU B 318 34.51 -10.65 -37.06
C LEU B 318 33.25 -10.11 -36.45
N THR B 319 33.15 -8.76 -36.24
CA THR B 319 31.94 -8.05 -35.84
C THR B 319 30.77 -8.34 -36.75
N LYS B 320 31.10 -8.63 -38.03
CA LYS B 320 30.21 -8.94 -39.12
C LYS B 320 29.27 -10.10 -38.85
N ASP B 321 29.72 -11.08 -38.03
CA ASP B 321 28.96 -12.28 -37.69
C ASP B 321 27.68 -11.95 -36.97
N GLY B 322 27.80 -11.21 -35.83
CA GLY B 322 26.68 -10.93 -34.97
C GLY B 322 25.65 -10.00 -35.56
N GLN B 323 26.03 -9.21 -36.59
CA GLN B 323 25.16 -8.26 -37.24
C GLN B 323 24.22 -9.01 -38.16
N ARG B 324 24.69 -10.15 -38.71
CA ARG B 324 23.99 -10.92 -39.71
C ARG B 324 22.94 -11.79 -39.09
N LEU B 325 23.10 -12.20 -37.81
CA LEU B 325 22.09 -12.95 -37.08
C LEU B 325 20.86 -12.11 -36.82
N ARG B 326 21.06 -10.80 -36.52
CA ARG B 326 19.96 -9.89 -36.28
C ARG B 326 19.22 -9.61 -37.55
N ASN B 327 19.97 -9.38 -38.65
CA ASN B 327 19.49 -9.18 -40.00
C ASN B 327 18.71 -10.35 -40.55
N MET B 328 19.10 -11.59 -40.18
CA MET B 328 18.43 -12.82 -40.53
C MET B 328 17.02 -12.82 -40.00
N ILE B 329 16.85 -12.56 -38.69
CA ILE B 329 15.58 -12.56 -37.99
C ILE B 329 14.71 -11.42 -38.49
N MET B 330 15.33 -10.26 -38.83
CA MET B 330 14.67 -9.07 -39.34
C MET B 330 14.07 -9.30 -40.70
N SER B 331 14.80 -9.99 -41.60
CA SER B 331 14.38 -10.22 -42.96
C SER B 331 13.27 -11.24 -43.03
N PHE B 332 13.39 -12.32 -42.23
CA PHE B 332 12.47 -13.44 -42.27
C PHE B 332 11.13 -13.05 -41.70
N ASN B 333 11.11 -12.41 -40.50
CA ASN B 333 9.89 -12.00 -39.83
C ASN B 333 9.16 -10.87 -40.54
N ALA B 334 9.86 -10.06 -41.37
CA ALA B 334 9.24 -9.05 -42.21
C ALA B 334 8.33 -9.65 -43.26
N ASP B 335 8.74 -10.82 -43.78
CA ASP B 335 8.02 -11.60 -44.76
C ASP B 335 6.76 -12.18 -44.16
N ILE B 336 6.81 -12.62 -42.87
CA ILE B 336 5.68 -13.16 -42.13
C ILE B 336 4.66 -12.07 -41.86
N VAL B 337 5.13 -10.84 -41.55
CA VAL B 337 4.30 -9.69 -41.26
C VAL B 337 3.61 -9.22 -42.53
N ALA B 338 4.33 -9.28 -43.68
CA ALA B 338 3.84 -8.75 -44.92
C ALA B 338 2.84 -9.69 -45.53
N ARG B 339 3.30 -10.83 -46.09
CA ARG B 339 2.43 -11.79 -46.73
C ARG B 339 2.40 -13.03 -45.86
N THR B 340 1.16 -13.38 -45.44
CA THR B 340 0.75 -14.47 -44.58
C THR B 340 -0.63 -13.97 -44.21
N PRO B 341 -1.74 -14.69 -44.45
CA PRO B 341 -3.08 -14.27 -44.05
C PRO B 341 -3.18 -13.98 -42.57
N LYS B 342 -3.70 -12.78 -42.18
CA LYS B 342 -3.80 -12.39 -40.80
C LYS B 342 -5.08 -12.93 -40.20
N LYS B 343 -5.22 -12.79 -38.85
CA LYS B 343 -6.28 -13.36 -38.05
C LYS B 343 -7.64 -12.87 -38.49
N LYS B 344 -8.45 -13.80 -39.05
CA LYS B 344 -9.74 -13.52 -39.65
C LYS B 344 -10.58 -14.75 -39.39
N PRO B 345 -11.91 -14.68 -39.36
CA PRO B 345 -12.77 -15.80 -39.03
C PRO B 345 -12.88 -16.78 -40.17
N PHE B 346 -13.01 -18.09 -39.83
CA PHE B 346 -13.29 -19.15 -40.77
C PHE B 346 -14.79 -19.28 -40.81
N PHE B 347 -15.31 -19.53 -42.03
CA PHE B 347 -16.69 -19.79 -42.29
C PHE B 347 -16.68 -20.76 -43.44
N TRP B 348 -17.88 -21.21 -43.86
CA TRP B 348 -18.05 -22.19 -44.90
C TRP B 348 -19.14 -21.61 -45.79
N PRO B 349 -19.25 -21.94 -47.08
CA PRO B 349 -20.17 -21.30 -48.01
C PRO B 349 -21.64 -21.47 -47.70
N GLU B 350 -22.03 -22.58 -47.04
CA GLU B 350 -23.43 -22.91 -46.87
C GLU B 350 -23.98 -22.37 -45.57
N GLN B 351 -23.14 -21.71 -44.73
CA GLN B 351 -23.59 -21.10 -43.51
C GLN B 351 -23.35 -19.62 -43.55
N ILE B 352 -22.72 -19.10 -44.64
CA ILE B 352 -22.42 -17.70 -44.79
C ILE B 352 -23.26 -17.16 -45.91
N ALA B 353 -24.22 -17.98 -46.42
CA ALA B 353 -25.05 -17.63 -47.56
C ALA B 353 -26.05 -16.57 -47.17
N GLY B 354 -25.85 -15.34 -47.72
CA GLY B 354 -26.67 -14.19 -47.46
C GLY B 354 -26.35 -13.51 -46.15
N PHE B 355 -25.28 -13.96 -45.44
CA PHE B 355 -24.89 -13.41 -44.16
C PHE B 355 -23.48 -12.90 -44.23
N GLU B 356 -22.83 -12.99 -45.42
CA GLU B 356 -21.49 -12.48 -45.69
C GLU B 356 -21.37 -10.99 -45.52
N HIS B 357 -22.50 -10.25 -45.65
CA HIS B 357 -22.64 -8.83 -45.48
C HIS B 357 -22.34 -8.41 -44.06
N MET B 358 -22.66 -9.28 -43.08
CA MET B 358 -22.51 -9.02 -41.68
C MET B 358 -21.06 -9.22 -41.25
N TYR B 359 -20.27 -9.96 -42.06
CA TYR B 359 -18.91 -10.32 -41.76
C TYR B 359 -17.97 -9.55 -42.64
N ASP B 360 -18.43 -8.42 -43.25
CA ASP B 360 -17.57 -7.44 -43.85
C ASP B 360 -17.29 -6.32 -42.86
N GLY B 361 -17.80 -6.47 -41.61
CA GLY B 361 -17.53 -5.56 -40.52
C GLY B 361 -18.69 -4.66 -40.27
N ASN B 362 -19.16 -4.65 -39.01
CA ASN B 362 -20.26 -3.85 -38.54
C ASN B 362 -20.03 -3.69 -37.06
N ASP B 363 -20.80 -2.75 -36.46
CA ASP B 363 -20.88 -2.57 -35.02
C ASP B 363 -22.24 -1.98 -34.76
N ASP B 364 -23.16 -2.07 -35.76
CA ASP B 364 -24.44 -1.39 -35.75
C ASP B 364 -25.52 -2.43 -35.53
N TYR B 365 -25.13 -3.72 -35.38
CA TYR B 365 -26.05 -4.81 -35.19
C TYR B 365 -25.76 -5.32 -33.81
N PRO B 366 -26.71 -5.77 -32.99
CA PRO B 366 -26.39 -6.38 -31.71
C PRO B 366 -25.93 -7.81 -31.87
N TYR B 367 -26.03 -8.40 -33.08
CA TYR B 367 -25.87 -9.83 -33.26
C TYR B 367 -25.44 -10.09 -34.68
N TYR B 368 -25.02 -11.36 -34.92
CA TYR B 368 -24.64 -11.87 -36.22
C TYR B 368 -25.38 -13.16 -36.38
N LEU B 369 -25.45 -13.67 -37.64
CA LEU B 369 -26.34 -14.75 -37.99
C LEU B 369 -25.62 -15.67 -38.95
N LEU B 370 -26.07 -16.94 -38.98
CA LEU B 370 -25.61 -17.96 -39.89
C LEU B 370 -26.86 -18.70 -40.30
N ASN B 371 -26.75 -19.59 -41.33
CA ASN B 371 -27.81 -20.51 -41.70
C ASN B 371 -27.93 -21.55 -40.62
N ARG B 372 -29.17 -22.01 -40.35
CA ARG B 372 -29.45 -22.90 -39.25
C ARG B 372 -29.60 -24.30 -39.77
N THR B 373 -30.04 -24.42 -41.04
CA THR B 373 -30.30 -25.68 -41.68
C THR B 373 -30.10 -25.44 -43.15
N ASP B 374 -30.05 -26.55 -43.92
CA ASP B 374 -30.03 -26.55 -45.35
C ASP B 374 -30.97 -27.67 -45.71
N GLU B 375 -31.39 -27.73 -46.99
CA GLU B 375 -32.27 -28.78 -47.47
C GLU B 375 -31.44 -30.00 -47.75
N ASN B 376 -32.15 -31.15 -48.00
CA ASN B 376 -31.64 -32.50 -48.12
C ASN B 376 -31.61 -33.07 -46.74
N SER B 377 -30.69 -32.54 -45.90
CA SER B 377 -30.59 -32.84 -44.51
C SER B 377 -30.13 -31.55 -43.91
N GLY B 378 -30.64 -31.21 -42.70
CA GLY B 378 -30.29 -30.02 -41.96
C GLY B 378 -28.83 -29.98 -41.64
N ASP B 379 -28.20 -28.80 -41.81
CA ASP B 379 -26.81 -28.59 -41.50
C ASP B 379 -26.77 -27.48 -40.51
N LEU B 380 -26.41 -27.81 -39.25
CA LEU B 380 -26.33 -26.87 -38.17
C LEU B 380 -24.87 -26.53 -38.03
N PRO B 381 -24.48 -25.31 -37.65
CA PRO B 381 -23.09 -24.98 -37.52
C PRO B 381 -22.68 -25.26 -36.10
N THR B 382 -21.79 -26.26 -35.94
CA THR B 382 -21.28 -26.69 -34.67
C THR B 382 -19.85 -26.29 -34.74
N GLN B 383 -19.41 -25.46 -33.76
CA GLN B 383 -18.10 -24.85 -33.73
C GLN B 383 -17.80 -24.03 -34.97
N PRO B 384 -18.55 -22.96 -35.29
CA PRO B 384 -18.29 -22.12 -36.45
C PRO B 384 -17.08 -21.26 -36.23
N LEU B 385 -16.52 -21.26 -34.99
CA LEU B 385 -15.42 -20.45 -34.57
C LEU B 385 -14.17 -21.19 -34.92
N ALA B 386 -13.16 -20.42 -35.35
CA ALA B 386 -11.83 -20.86 -35.70
C ALA B 386 -11.31 -19.65 -36.38
N TYR B 387 -10.04 -19.29 -36.09
CA TYR B 387 -9.47 -18.03 -36.50
C TYR B 387 -8.07 -18.37 -36.87
N TYR B 388 -7.57 -17.76 -37.98
CA TYR B 388 -6.27 -18.02 -38.54
C TYR B 388 -5.19 -17.71 -37.54
N GLU B 389 -4.21 -18.64 -37.44
CA GLU B 389 -3.13 -18.54 -36.50
C GLU B 389 -1.92 -18.41 -37.37
N ASN B 390 -1.26 -17.25 -37.25
CA ASN B 390 -0.06 -16.87 -37.96
C ASN B 390 1.10 -17.51 -37.25
N PRO B 391 2.30 -17.61 -37.84
CA PRO B 391 3.54 -17.85 -37.12
C PRO B 391 3.73 -16.83 -36.04
N GLU B 392 3.95 -17.28 -34.78
CA GLU B 392 3.92 -16.42 -33.63
C GLU B 392 5.33 -16.01 -33.29
N VAL B 393 6.28 -16.35 -34.19
CA VAL B 393 7.71 -16.20 -34.07
C VAL B 393 8.21 -17.29 -33.14
N PRO B 394 8.82 -18.38 -33.62
CA PRO B 394 9.22 -19.51 -32.79
C PRO B 394 10.18 -19.17 -31.69
N GLN B 395 10.26 -20.02 -30.65
CA GLN B 395 11.20 -19.89 -29.56
C GLN B 395 12.64 -20.01 -30.02
N ALA B 396 12.87 -20.64 -31.20
CA ALA B 396 14.15 -20.72 -31.87
C ALA B 396 14.65 -19.39 -32.35
N ASN B 397 13.73 -18.52 -32.83
CA ASN B 397 14.03 -17.19 -33.32
C ASN B 397 14.40 -16.29 -32.16
N ALA B 398 13.67 -16.42 -31.03
CA ALA B 398 13.89 -15.66 -29.81
C ALA B 398 15.19 -16.02 -29.14
N TYR B 399 15.61 -17.31 -29.26
CA TYR B 399 16.84 -17.85 -28.73
C TYR B 399 18.02 -17.32 -29.52
N MET B 400 17.80 -17.09 -30.84
CA MET B 400 18.81 -16.58 -31.73
C MET B 400 18.97 -15.10 -31.59
N LEU B 401 17.90 -14.37 -31.19
CA LEU B 401 17.94 -12.93 -30.95
C LEU B 401 18.83 -12.61 -29.77
N GLU B 402 18.83 -13.49 -28.74
CA GLU B 402 19.65 -13.35 -27.55
C GLU B 402 21.11 -13.56 -27.89
N ALA B 403 21.40 -14.49 -28.83
CA ALA B 403 22.75 -14.80 -29.25
C ALA B 403 23.28 -13.75 -30.20
N ALA B 404 22.36 -13.05 -30.91
CA ALA B 404 22.69 -12.09 -31.93
C ALA B 404 23.12 -10.77 -31.36
N THR B 405 22.37 -10.29 -30.33
CA THR B 405 22.60 -9.03 -29.68
C THR B 405 23.89 -9.00 -28.91
N SER B 406 24.28 -10.16 -28.33
CA SER B 406 25.50 -10.29 -27.55
C SER B 406 26.71 -10.42 -28.43
N ALA B 407 26.53 -10.92 -29.68
CA ALA B 407 27.60 -11.18 -30.60
C ALA B 407 28.09 -9.94 -31.31
N VAL B 408 27.16 -9.01 -31.66
CA VAL B 408 27.48 -7.84 -32.47
C VAL B 408 28.24 -6.81 -31.68
N LYS B 409 27.96 -6.69 -30.35
CA LYS B 409 28.57 -5.73 -29.47
C LYS B 409 29.91 -6.23 -28.98
N GLU B 410 30.19 -7.54 -29.17
CA GLU B 410 31.32 -8.23 -28.58
C GLU B 410 32.64 -7.78 -29.16
N VAL B 411 32.75 -7.82 -30.50
CA VAL B 411 33.94 -7.42 -31.22
C VAL B 411 33.98 -5.91 -31.36
N ALA B 412 32.78 -5.28 -31.50
CA ALA B 412 32.59 -3.85 -31.65
C ALA B 412 33.19 -3.03 -30.55
N THR B 413 33.22 -3.56 -29.31
CA THR B 413 33.88 -2.92 -28.20
C THR B 413 35.09 -3.76 -27.90
N LEU B 414 36.29 -3.18 -28.11
CA LEU B 414 37.57 -3.81 -27.85
C LEU B 414 37.78 -3.97 -26.37
N GLY B 415 37.46 -2.90 -25.60
CA GLY B 415 37.45 -2.93 -24.17
C GLY B 415 37.83 -1.55 -23.75
N VAL B 416 36.83 -0.78 -23.25
CA VAL B 416 36.97 0.59 -22.79
C VAL B 416 37.85 0.62 -21.56
N ASP B 417 39.11 1.11 -21.76
CA ASP B 417 40.08 1.32 -20.72
C ASP B 417 39.74 2.53 -19.89
N THR B 418 39.32 3.63 -20.54
CA THR B 418 38.98 4.86 -19.86
C THR B 418 37.80 5.40 -20.62
N GLU B 419 36.76 5.87 -19.88
CA GLU B 419 35.54 6.45 -20.42
C GLU B 419 35.83 7.66 -21.26
N ALA B 420 35.00 7.87 -22.31
CA ALA B 420 35.19 8.88 -23.33
C ALA B 420 36.47 8.57 -24.08
N VAL B 421 37.35 9.58 -24.30
CA VAL B 421 38.61 9.45 -24.99
C VAL B 421 39.51 8.43 -24.33
N ASN B 422 40.31 7.72 -25.16
CA ASN B 422 41.15 6.61 -24.78
C ASN B 422 40.32 5.45 -24.29
N GLY B 423 39.31 5.06 -25.10
CA GLY B 423 38.43 3.94 -24.84
C GLY B 423 39.06 2.67 -25.30
N GLY B 424 38.43 2.00 -26.30
CA GLY B 424 38.89 0.76 -26.85
C GLY B 424 39.95 0.99 -27.89
N GLN B 425 40.26 2.26 -28.19
CA GLN B 425 41.19 2.66 -29.23
C GLN B 425 42.60 2.78 -28.71
N VAL B 426 42.85 2.51 -27.42
CA VAL B 426 44.15 2.57 -26.77
C VAL B 426 45.15 1.63 -27.40
N ALA B 427 44.71 0.42 -27.78
CA ALA B 427 45.53 -0.57 -28.46
C ALA B 427 46.04 -0.08 -29.79
N PHE B 428 45.21 0.72 -30.50
CA PHE B 428 45.54 1.29 -31.77
C PHE B 428 46.43 2.48 -31.61
N ASP B 429 46.21 3.28 -30.53
CA ASP B 429 46.85 4.56 -30.29
C ASP B 429 48.33 4.42 -29.99
N THR B 430 48.73 3.36 -29.25
CA THR B 430 50.10 3.12 -28.86
C THR B 430 50.96 2.82 -30.06
N VAL B 431 50.48 1.92 -30.95
CA VAL B 431 51.19 1.52 -32.14
C VAL B 431 51.12 2.55 -33.24
N ASN B 432 50.17 3.53 -33.14
CA ASN B 432 49.98 4.57 -34.13
C ASN B 432 51.07 5.60 -33.98
N GLN B 433 51.45 5.96 -32.73
CA GLN B 433 52.49 6.92 -32.48
C GLN B 433 53.87 6.37 -32.78
N LEU B 434 54.07 5.04 -32.71
CA LEU B 434 55.33 4.42 -33.05
C LEU B 434 55.59 4.47 -34.53
N ASN B 435 54.57 4.14 -35.35
CA ASN B 435 54.64 4.24 -36.79
C ASN B 435 54.74 5.66 -37.28
N MET B 436 54.21 6.64 -36.50
CA MET B 436 54.40 8.06 -36.73
C MET B 436 55.84 8.45 -36.52
N ARG B 437 56.46 7.97 -35.41
CA ARG B 437 57.86 8.18 -35.12
C ARG B 437 58.78 7.56 -36.16
N ALA B 438 58.38 6.40 -36.75
CA ALA B 438 59.07 5.75 -37.85
C ALA B 438 59.10 6.57 -39.11
N ASP B 439 58.00 7.31 -39.41
CA ASP B 439 57.89 8.23 -40.51
C ASP B 439 58.78 9.44 -40.30
N LEU B 440 58.93 9.86 -39.02
CA LEU B 440 59.73 10.97 -38.59
C LEU B 440 61.21 10.69 -38.67
N GLU B 441 61.64 9.40 -38.56
CA GLU B 441 63.02 8.99 -38.78
C GLU B 441 63.50 9.37 -40.16
N THR B 442 62.68 9.06 -41.18
CA THR B 442 62.98 9.35 -42.56
C THR B 442 62.48 10.72 -42.96
N TYR B 443 61.80 11.47 -42.06
CA TYR B 443 61.32 12.80 -42.37
C TYR B 443 62.49 13.74 -42.39
N VAL B 444 63.43 13.61 -41.42
CA VAL B 444 64.53 14.51 -41.27
C VAL B 444 65.52 14.31 -42.39
N PHE B 445 65.83 13.03 -42.72
CA PHE B 445 66.77 12.67 -43.75
C PHE B 445 66.30 13.05 -45.14
N GLN B 446 64.97 13.00 -45.37
CA GLN B 446 64.33 13.38 -46.61
C GLN B 446 64.31 14.86 -46.79
N ASP B 447 63.76 15.60 -45.79
CA ASP B 447 63.69 17.04 -45.70
C ASP B 447 65.03 17.73 -45.84
N ASN B 448 66.14 17.09 -45.41
CA ASN B 448 67.45 17.69 -45.42
C ASN B 448 68.11 17.51 -46.77
N LEU B 449 67.59 16.62 -47.64
CA LEU B 449 67.96 16.57 -49.04
C LEU B 449 67.16 17.56 -49.84
N ALA B 450 65.83 17.64 -49.58
CA ALA B 450 64.88 18.41 -50.34
C ALA B 450 65.05 19.89 -50.17
N THR B 451 65.05 20.36 -48.90
CA THR B 451 65.19 21.75 -48.51
C THR B 451 66.65 22.11 -48.61
N ALA B 452 67.54 21.12 -48.38
CA ALA B 452 68.97 21.22 -48.44
C ALA B 452 69.55 22.12 -47.38
N MET B 453 70.91 22.19 -47.35
CA MET B 453 71.72 22.93 -46.41
C MET B 453 71.36 22.62 -44.98
N ARG B 454 71.22 23.67 -44.13
CA ARG B 454 70.75 23.62 -42.77
C ARG B 454 71.84 23.15 -41.84
N ARG B 455 71.88 23.78 -40.64
CA ARG B 455 72.75 23.38 -39.56
C ARG B 455 72.13 23.96 -38.33
N ASP B 456 72.71 23.61 -37.14
CA ASP B 456 72.34 24.20 -35.88
C ASP B 456 73.64 24.70 -35.32
N GLY B 457 73.70 26.00 -35.03
CA GLY B 457 74.91 26.64 -34.58
C GLY B 457 74.51 28.00 -34.12
N GLU B 458 75.26 29.03 -34.59
CA GLU B 458 75.07 30.40 -34.19
C GLU B 458 75.11 31.20 -35.45
N ILE B 459 74.67 32.47 -35.36
CA ILE B 459 74.43 33.36 -36.46
C ILE B 459 75.65 34.23 -36.66
N TYR B 460 76.71 33.97 -35.87
CA TYR B 460 77.90 34.76 -35.74
C TYR B 460 78.98 33.97 -36.44
N GLN B 461 80.10 34.63 -36.84
CA GLN B 461 81.11 33.98 -37.65
C GLN B 461 82.50 34.38 -37.21
N SER B 462 82.63 35.57 -36.59
CA SER B 462 83.87 36.33 -36.60
C SER B 462 85.01 35.72 -35.81
N ILE B 463 84.74 35.23 -34.58
CA ILE B 463 85.77 35.00 -33.59
C ILE B 463 86.29 33.58 -33.74
N VAL B 464 87.64 33.47 -33.84
CA VAL B 464 88.46 32.27 -33.89
C VAL B 464 88.33 31.57 -35.21
N ASN B 465 89.45 31.60 -35.96
CA ASN B 465 89.95 30.66 -36.95
C ASN B 465 88.97 29.62 -37.45
N ASP B 466 89.21 28.34 -37.06
CA ASP B 466 88.48 27.19 -37.52
C ASP B 466 87.79 26.56 -36.35
N ILE B 467 87.55 27.37 -35.28
CA ILE B 467 86.89 27.03 -34.03
C ILE B 467 87.53 25.85 -33.33
N TYR B 468 88.87 25.98 -33.12
CA TYR B 468 89.73 25.02 -32.47
C TYR B 468 89.33 24.67 -31.07
N ASP B 469 89.68 23.42 -30.68
CA ASP B 469 89.41 22.85 -29.37
C ASP B 469 90.54 21.89 -29.06
N VAL B 470 91.71 22.14 -29.69
CA VAL B 470 92.91 21.34 -29.61
C VAL B 470 93.47 21.18 -28.20
N PRO B 471 93.55 22.15 -27.27
CA PRO B 471 93.94 21.93 -25.87
C PRO B 471 93.11 20.90 -25.15
N ARG B 472 93.62 20.36 -24.01
CA ARG B 472 93.07 19.22 -23.31
C ARG B 472 91.66 19.50 -22.87
N ASN B 473 90.80 18.44 -22.87
CA ASN B 473 89.35 18.48 -22.73
C ASN B 473 88.74 19.51 -23.66
N VAL B 474 87.65 20.20 -23.26
CA VAL B 474 87.18 21.37 -23.97
C VAL B 474 88.19 22.48 -23.73
N THR B 475 88.43 23.35 -24.73
CA THR B 475 89.36 24.45 -24.61
C THR B 475 88.80 25.45 -23.62
N ILE B 476 89.64 25.90 -22.65
CA ILE B 476 89.20 26.71 -21.54
C ILE B 476 89.83 28.08 -21.71
N THR B 477 90.69 28.24 -22.75
CA THR B 477 91.36 29.48 -23.07
C THR B 477 90.59 30.16 -24.18
N LEU B 478 89.56 29.47 -24.70
CA LEU B 478 88.62 29.96 -25.68
C LEU B 478 87.33 29.33 -25.26
N GLU B 479 86.22 29.65 -25.97
CA GLU B 479 84.94 29.04 -25.75
C GLU B 479 84.97 27.85 -26.68
N ASP B 480 84.58 28.04 -27.96
CA ASP B 480 85.44 27.60 -29.03
C ASP B 480 85.76 28.81 -29.87
N GLY B 481 85.38 30.02 -29.35
CA GLY B 481 85.23 31.23 -30.12
C GLY B 481 83.89 31.26 -30.81
N SER B 482 83.04 30.24 -30.54
CA SER B 482 81.70 30.16 -31.04
C SER B 482 80.94 29.59 -29.88
N GLU B 483 79.75 28.99 -30.16
CA GLU B 483 79.00 28.17 -29.23
C GLU B 483 78.36 29.00 -28.15
N LYS B 484 77.70 30.11 -28.59
CA LYS B 484 76.84 31.04 -27.89
C LYS B 484 77.44 32.41 -27.98
N ASP B 485 78.79 32.51 -27.83
CA ASP B 485 79.65 33.62 -28.23
C ASP B 485 79.12 34.99 -27.88
N VAL B 486 79.44 36.02 -28.70
CA VAL B 486 78.79 37.31 -28.66
C VAL B 486 78.20 37.47 -30.04
N GLN B 487 76.86 37.53 -30.12
CA GLN B 487 76.14 37.52 -31.37
C GLN B 487 75.82 38.95 -31.67
N LEU B 488 75.60 39.24 -32.97
CA LEU B 488 75.15 40.55 -33.40
C LEU B 488 74.53 40.43 -34.76
N MET B 489 74.36 39.18 -35.26
CA MET B 489 73.77 38.84 -36.55
C MET B 489 74.69 39.19 -37.69
N ALA B 490 75.10 38.14 -38.45
CA ALA B 490 75.90 38.27 -39.65
C ALA B 490 75.03 37.99 -40.84
N GLU B 491 73.69 38.04 -40.64
CA GLU B 491 72.65 37.78 -41.62
C GLU B 491 72.66 36.34 -42.06
N VAL B 492 72.67 35.44 -41.06
CA VAL B 492 72.56 34.01 -41.26
C VAL B 492 71.39 33.57 -40.44
N VAL B 493 70.60 32.60 -40.95
CA VAL B 493 69.39 32.11 -40.33
C VAL B 493 69.63 30.73 -39.77
N ASP B 494 70.92 30.38 -39.51
CA ASP B 494 71.40 29.06 -39.16
C ASP B 494 71.24 28.11 -40.31
N LEU B 495 71.77 28.52 -41.48
CA LEU B 495 71.72 27.77 -42.71
C LEU B 495 73.15 27.52 -43.07
N ALA B 496 73.46 26.33 -43.64
CA ALA B 496 74.80 25.93 -44.00
C ALA B 496 75.26 26.65 -45.24
N THR B 497 76.58 26.60 -45.52
CA THR B 497 77.24 27.27 -46.63
C THR B 497 76.70 26.82 -47.97
N GLY B 498 76.70 27.76 -48.95
CA GLY B 498 76.16 27.54 -50.27
C GLY B 498 77.18 26.94 -51.19
N GLU B 499 78.43 26.72 -50.70
CA GLU B 499 79.59 26.28 -51.44
C GLU B 499 79.84 27.08 -52.70
N LYS B 500 80.52 26.45 -53.70
CA LYS B 500 80.68 26.96 -55.04
C LYS B 500 79.37 27.01 -55.78
N GLN B 501 78.51 25.99 -55.56
CA GLN B 501 77.24 25.87 -56.22
C GLN B 501 76.33 25.25 -55.21
N VAL B 502 75.04 25.64 -55.25
CA VAL B 502 74.01 25.24 -54.31
C VAL B 502 73.52 23.85 -54.64
N LEU B 503 72.74 23.27 -53.70
CA LEU B 503 72.26 21.90 -53.70
C LEU B 503 73.32 21.03 -53.06
N ASN B 504 73.59 21.33 -51.78
CA ASN B 504 74.51 20.61 -50.95
C ASN B 504 73.87 20.61 -49.60
N ASP B 505 74.11 19.57 -48.78
CA ASP B 505 73.49 19.49 -47.48
C ASP B 505 74.37 18.72 -46.57
N ILE B 506 74.28 19.10 -45.27
CA ILE B 506 75.02 18.57 -44.16
C ILE B 506 74.76 17.10 -43.95
N ARG B 507 75.77 16.37 -43.44
CA ARG B 507 75.69 14.95 -43.18
C ARG B 507 75.40 14.74 -41.71
N GLY B 508 75.32 15.85 -40.94
CA GLY B 508 74.91 15.86 -39.56
C GLY B 508 73.45 16.20 -39.59
N ARG B 509 72.61 15.19 -39.89
CA ARG B 509 71.20 15.34 -40.13
C ARG B 509 70.45 15.00 -38.87
N TYR B 510 71.16 14.95 -37.73
CA TYR B 510 70.69 14.34 -36.51
C TYR B 510 71.29 15.17 -35.42
N GLU B 511 70.43 15.51 -34.43
CA GLU B 511 70.85 16.03 -33.16
C GLU B 511 69.66 15.83 -32.23
N CYS B 512 68.56 15.29 -32.78
CA CYS B 512 67.33 15.01 -32.07
C CYS B 512 66.90 13.66 -32.54
N TYR B 513 65.92 13.08 -31.82
CA TYR B 513 65.36 11.79 -32.13
C TYR B 513 63.87 11.95 -32.09
N THR B 514 63.17 10.92 -32.61
CA THR B 514 61.79 10.97 -32.98
C THR B 514 60.89 10.89 -31.77
N ASP B 515 59.97 11.87 -31.65
CA ASP B 515 59.05 11.94 -30.54
C ASP B 515 57.80 12.58 -31.07
N VAL B 516 56.67 12.35 -30.34
CA VAL B 516 55.38 12.90 -30.67
C VAL B 516 54.91 13.69 -29.49
N GLY B 517 53.99 14.64 -29.77
CA GLY B 517 53.44 15.53 -28.77
C GLY B 517 52.23 16.16 -29.39
N PRO B 518 51.65 17.17 -28.75
CA PRO B 518 50.47 17.90 -29.25
C PRO B 518 50.70 18.56 -30.59
N SER B 519 49.59 18.91 -31.30
CA SER B 519 49.66 19.49 -32.61
C SER B 519 50.07 20.94 -32.52
N PHE B 520 51.18 21.28 -33.21
CA PHE B 520 51.71 22.61 -33.25
C PHE B 520 52.01 22.88 -34.69
N GLN B 521 51.43 23.97 -35.23
CA GLN B 521 51.70 24.47 -36.55
C GLN B 521 52.14 25.90 -36.41
N SER B 522 52.40 26.34 -35.15
CA SER B 522 52.84 27.68 -34.87
C SER B 522 53.62 27.61 -33.59
N MET B 523 54.56 28.57 -33.45
CA MET B 523 55.32 28.81 -32.25
C MET B 523 54.45 29.40 -31.17
N LYS B 524 53.40 30.16 -31.58
CA LYS B 524 52.45 30.79 -30.69
C LYS B 524 51.63 29.78 -29.92
N GLN B 525 51.27 28.65 -30.58
CA GLN B 525 50.51 27.57 -29.98
C GLN B 525 51.38 26.77 -29.04
N GLN B 526 52.70 26.68 -29.34
CA GLN B 526 53.66 25.96 -28.55
C GLN B 526 53.94 26.69 -27.26
N ASN B 527 53.86 28.03 -27.28
CA ASN B 527 54.12 28.88 -26.13
C ASN B 527 52.94 28.83 -25.19
N ARG B 528 51.70 28.84 -25.72
CA ARG B 528 50.47 28.83 -24.95
C ARG B 528 50.30 27.55 -24.18
N ALA B 529 50.70 26.41 -24.79
CA ALA B 529 50.60 25.10 -24.19
C ALA B 529 51.69 24.90 -23.16
N GLU B 530 52.83 25.61 -23.32
CA GLU B 530 53.97 25.51 -22.45
C GLU B 530 53.73 26.26 -21.16
N ILE B 531 53.05 27.44 -21.23
CA ILE B 531 52.79 28.29 -20.10
C ILE B 531 51.89 27.60 -19.11
N LEU B 532 50.81 26.94 -19.58
CA LEU B 532 49.86 26.23 -18.77
C LEU B 532 50.46 25.05 -18.05
N GLU B 533 51.49 24.40 -18.63
CA GLU B 533 52.17 23.27 -18.04
C GLU B 533 53.12 23.71 -16.97
N LEU B 534 53.82 24.84 -17.17
CA LEU B 534 54.80 25.34 -16.24
C LEU B 534 54.19 25.98 -15.03
N LEU B 535 52.93 26.48 -15.14
CA LEU B 535 52.23 27.08 -14.03
C LEU B 535 51.61 25.99 -13.19
N GLY B 536 51.31 26.31 -11.92
CA GLY B 536 50.78 25.38 -10.96
C GLY B 536 51.89 24.78 -10.15
N LYS B 537 53.12 25.32 -10.29
CA LYS B 537 54.26 24.95 -9.50
C LYS B 537 55.18 26.14 -9.49
N THR B 538 54.64 27.33 -9.84
CA THR B 538 55.41 28.55 -10.01
C THR B 538 54.96 29.48 -8.91
N PRO B 539 55.79 29.86 -7.95
CA PRO B 539 55.43 30.86 -6.94
C PRO B 539 55.60 32.23 -7.56
N GLN B 540 54.84 33.22 -7.06
CA GLN B 540 54.82 34.58 -7.57
C GLN B 540 56.17 35.24 -7.48
N GLY B 541 56.49 36.09 -8.48
CA GLY B 541 57.75 36.75 -8.58
C GLY B 541 58.07 36.88 -10.04
N THR B 542 59.38 36.92 -10.38
CA THR B 542 59.89 37.04 -11.73
C THR B 542 59.53 35.86 -12.62
N PRO B 543 59.60 34.55 -12.29
CA PRO B 543 59.19 33.48 -13.18
C PRO B 543 57.73 33.50 -13.54
N GLU B 544 56.86 33.92 -12.59
CA GLU B 544 55.43 33.99 -12.74
C GLU B 544 55.05 35.07 -13.70
N TYR B 545 55.76 36.23 -13.60
CA TYR B 545 55.51 37.40 -14.39
C TYR B 545 56.12 37.26 -15.77
N GLN B 546 57.08 36.32 -15.97
CA GLN B 546 57.70 36.11 -17.25
C GLN B 546 56.77 35.32 -18.13
N LEU B 547 56.12 34.29 -17.55
CA LEU B 547 55.13 33.47 -18.21
C LEU B 547 53.84 34.24 -18.45
N LEU B 548 53.55 35.27 -17.62
CA LEU B 548 52.35 36.06 -17.70
C LEU B 548 52.36 36.99 -18.89
N LEU B 549 53.55 37.55 -19.20
CA LEU B 549 53.76 38.48 -20.29
C LEU B 549 53.78 37.74 -21.60
N LEU B 550 54.35 36.52 -21.61
CA LEU B 550 54.43 35.69 -22.80
C LEU B 550 53.07 35.21 -23.24
N GLN B 551 52.10 35.11 -22.29
CA GLN B 551 50.72 34.75 -22.56
C GLN B 551 50.00 35.87 -23.27
N TYR B 552 50.37 37.13 -22.97
CA TYR B 552 49.78 38.31 -23.54
C TYR B 552 50.25 38.53 -24.96
N PHE B 553 51.47 38.05 -25.29
CA PHE B 553 52.14 38.28 -26.55
C PHE B 553 51.55 37.40 -27.63
N THR B 554 51.12 36.17 -27.27
CA THR B 554 50.67 35.17 -28.22
C THR B 554 49.25 35.41 -28.68
N LEU B 555 48.54 36.38 -28.05
CA LEU B 555 47.21 36.79 -28.42
C LEU B 555 47.24 37.51 -29.74
N LEU B 556 46.14 37.40 -30.52
CA LEU B 556 45.99 38.05 -31.80
C LEU B 556 45.35 39.37 -31.51
N ASP B 557 45.96 40.46 -32.06
CA ASP B 557 45.72 41.83 -31.67
C ASP B 557 44.40 42.35 -32.13
N GLY B 558 44.06 43.56 -31.64
CA GLY B 558 42.79 44.19 -31.89
C GLY B 558 43.02 45.61 -31.48
N LYS B 559 42.08 46.19 -30.71
CA LYS B 559 42.24 47.51 -30.13
C LYS B 559 42.73 47.32 -28.73
N GLY B 560 42.01 46.49 -27.94
CA GLY B 560 42.34 46.22 -26.57
C GLY B 560 43.52 45.32 -26.40
N VAL B 561 43.63 44.29 -27.25
CA VAL B 561 44.67 43.28 -27.22
C VAL B 561 46.02 43.86 -27.57
N GLU B 562 46.02 44.99 -28.33
CA GLU B 562 47.21 45.73 -28.71
C GLU B 562 47.96 46.26 -27.51
N MET B 563 47.22 46.58 -26.41
CA MET B 563 47.78 47.12 -25.19
C MET B 563 48.49 46.03 -24.43
N MET B 564 47.89 44.82 -24.35
CA MET B 564 48.45 43.66 -23.69
C MET B 564 49.74 43.20 -24.31
N ARG B 565 49.87 43.30 -25.65
CA ARG B 565 51.05 42.89 -26.38
C ARG B 565 52.14 43.93 -26.25
N ASP B 566 51.78 45.23 -26.27
CA ASP B 566 52.72 46.34 -26.14
C ASP B 566 53.37 46.30 -24.77
N TYR B 567 52.56 46.01 -23.73
CA TYR B 567 52.97 45.81 -22.37
C TYR B 567 53.82 44.56 -22.20
N ALA B 568 53.61 43.52 -23.06
CA ALA B 568 54.32 42.28 -22.94
C ALA B 568 55.76 42.38 -23.36
N ASN B 569 56.01 43.07 -24.50
CA ASN B 569 57.32 43.22 -25.07
C ASN B 569 58.19 44.10 -24.21
N LYS B 570 57.67 45.26 -23.77
CA LYS B 570 58.41 46.25 -23.03
C LYS B 570 58.85 45.77 -21.67
N GLN B 571 58.02 44.95 -20.98
CA GLN B 571 58.31 44.48 -19.65
C GLN B 571 59.28 43.32 -19.67
N LEU B 572 59.26 42.46 -20.72
CA LEU B 572 60.21 41.36 -20.87
C LEU B 572 61.59 41.88 -21.17
N ILE B 573 61.69 43.00 -21.89
CA ILE B 573 62.91 43.70 -22.24
C ILE B 573 63.53 44.29 -20.99
N GLN B 574 62.69 44.81 -20.06
CA GLN B 574 63.14 45.40 -18.82
C GLN B 574 63.67 44.39 -17.84
N MET B 575 63.31 43.09 -18.00
CA MET B 575 63.89 42.00 -17.25
C MET B 575 65.30 41.76 -17.71
N GLY B 576 65.51 41.85 -19.05
CA GLY B 576 66.76 41.52 -19.70
C GLY B 576 66.84 40.06 -20.01
N VAL B 577 65.69 39.34 -19.89
CA VAL B 577 65.62 37.92 -20.14
C VAL B 577 65.19 37.69 -21.57
N LYS B 578 64.69 38.75 -22.25
CA LYS B 578 64.34 38.74 -23.65
C LYS B 578 65.58 38.59 -24.49
N LYS B 579 66.66 39.30 -24.08
CA LYS B 579 67.97 39.31 -24.70
C LYS B 579 67.93 39.75 -26.16
N PRO B 580 67.47 40.97 -26.48
CA PRO B 580 67.29 41.43 -27.84
C PRO B 580 68.60 41.66 -28.55
N GLU B 581 68.55 41.70 -29.90
CA GLU B 581 69.66 42.08 -30.74
C GLU B 581 69.25 43.33 -31.49
N THR B 582 68.11 43.93 -31.04
CA THR B 582 67.58 45.22 -31.46
C THR B 582 67.49 45.44 -32.96
N PRO B 583 66.61 44.78 -33.71
CA PRO B 583 66.40 45.05 -35.13
C PRO B 583 65.84 46.43 -35.39
N GLU B 584 64.99 46.95 -34.48
CA GLU B 584 64.53 48.32 -34.52
C GLU B 584 63.98 48.64 -33.16
N GLU B 585 64.27 47.77 -32.16
CA GLU B 585 63.56 47.69 -30.91
C GLU B 585 64.26 48.52 -29.87
N GLN B 586 65.37 49.20 -30.25
CA GLN B 586 66.14 50.02 -29.36
C GLN B 586 65.54 51.39 -29.20
N GLN B 587 64.59 51.75 -30.10
CA GLN B 587 63.94 53.03 -30.08
C GLN B 587 62.50 52.91 -29.62
N TRP B 588 62.04 51.69 -29.23
CA TRP B 588 60.67 51.53 -28.78
C TRP B 588 60.64 50.78 -27.48
N LEU B 589 61.22 49.55 -27.45
CA LEU B 589 61.18 48.70 -26.29
C LEU B 589 62.21 49.09 -25.28
N VAL B 590 63.51 49.07 -25.68
CA VAL B 590 64.66 49.39 -24.86
C VAL B 590 64.59 50.84 -24.41
N GLU B 591 63.91 51.71 -25.19
CA GLU B 591 63.66 53.10 -24.87
C GLU B 591 62.89 53.27 -23.57
N ALA B 592 61.92 52.37 -23.31
CA ALA B 592 61.15 52.33 -22.08
C ALA B 592 61.97 51.81 -20.91
N GLN B 593 62.98 50.96 -21.19
CA GLN B 593 63.90 50.42 -20.20
C GLN B 593 64.87 51.48 -19.75
N GLN B 594 65.31 52.34 -20.70
CA GLN B 594 66.20 53.46 -20.45
C GLN B 594 65.56 54.52 -19.60
N ALA B 595 64.22 54.70 -19.74
CA ALA B 595 63.47 55.64 -18.95
C ALA B 595 63.21 55.12 -17.56
N LYS B 596 63.10 53.78 -17.40
CA LYS B 596 62.80 53.14 -16.14
C LYS B 596 64.02 53.06 -15.25
N GLN B 597 65.21 52.81 -15.83
CA GLN B 597 66.46 52.66 -15.11
C GLN B 597 66.94 53.96 -14.51
N GLY B 598 66.54 55.12 -15.10
CA GLY B 598 66.89 56.43 -14.57
C GLY B 598 66.10 56.77 -13.33
N GLN B 599 64.90 56.17 -13.16
CA GLN B 599 64.09 56.29 -11.96
C GLN B 599 64.61 55.36 -10.90
N GLN B 600 65.12 54.18 -11.33
CA GLN B 600 65.43 53.06 -10.49
C GLN B 600 66.71 53.26 -9.74
N ASP B 601 67.75 53.83 -10.40
CA ASP B 601 69.07 54.03 -9.86
C ASP B 601 69.11 54.87 -8.58
N PRO B 602 68.52 56.06 -8.41
CA PRO B 602 68.52 56.79 -7.15
C PRO B 602 67.65 56.12 -6.10
N ALA B 603 66.65 55.31 -6.52
CA ALA B 603 65.70 54.69 -5.63
C ALA B 603 66.29 53.50 -4.92
N MET B 604 67.26 52.81 -5.57
CA MET B 604 67.98 51.68 -5.00
C MET B 604 68.89 52.09 -3.88
N VAL B 605 69.46 53.33 -3.93
CA VAL B 605 70.36 53.85 -2.92
C VAL B 605 69.63 54.03 -1.61
N GLN B 606 68.43 54.64 -1.67
CA GLN B 606 67.59 54.91 -0.52
C GLN B 606 67.03 53.66 0.11
N ALA B 607 66.88 52.57 -0.68
CA ALA B 607 66.39 51.30 -0.21
C ALA B 607 67.45 50.52 0.53
N GLN B 608 68.73 50.70 0.12
CA GLN B 608 69.87 50.06 0.73
C GLN B 608 70.31 50.81 1.96
N GLY B 609 69.76 52.02 2.22
CA GLY B 609 70.10 52.82 3.38
C GLY B 609 69.72 52.17 4.68
N VAL B 610 68.61 51.39 4.68
CA VAL B 610 68.13 50.62 5.80
C VAL B 610 69.05 49.47 6.10
N LEU B 611 69.57 48.82 5.03
CA LEU B 611 70.47 47.68 5.13
C LEU B 611 71.84 48.06 5.64
N LEU B 612 72.32 49.25 5.24
CA LEU B 612 73.62 49.77 5.60
C LEU B 612 73.56 50.57 6.88
N GLN B 613 72.36 50.65 7.52
CA GLN B 613 72.12 51.41 8.72
C GLN B 613 72.84 50.85 9.91
N GLY B 614 73.05 49.51 9.96
CA GLY B 614 73.73 48.85 11.04
C GLY B 614 75.21 49.07 11.02
N GLN B 615 75.79 49.27 9.81
CA GLN B 615 77.20 49.43 9.61
C GLN B 615 77.64 50.81 10.02
N ALA B 616 76.87 51.85 9.62
CA ALA B 616 77.16 53.24 9.93
C ALA B 616 76.89 53.59 11.36
N GLU B 617 76.00 52.83 12.04
CA GLU B 617 75.64 53.01 13.42
C GLU B 617 76.78 52.65 14.34
N LEU B 618 77.55 51.59 13.97
CA LEU B 618 78.69 51.13 14.73
C LEU B 618 79.89 52.00 14.47
N ALA B 619 79.99 52.57 13.24
CA ALA B 619 81.16 53.28 12.79
C ALA B 619 81.27 54.67 13.34
N LYS B 620 80.14 55.38 13.51
CA LYS B 620 80.13 56.78 13.89
C LYS B 620 80.54 57.01 15.32
N ALA B 621 80.33 56.01 16.19
CA ALA B 621 80.62 56.12 17.60
C ALA B 621 82.09 55.96 17.88
N GLN B 622 82.82 55.22 17.01
CA GLN B 622 84.23 54.95 17.19
C GLN B 622 85.06 56.15 16.81
N ASN B 623 84.60 56.93 15.80
CA ASN B 623 85.33 58.07 15.30
C ASN B 623 85.21 59.25 16.22
N GLN B 624 84.06 59.40 16.90
CA GLN B 624 83.79 60.50 17.80
C GLN B 624 84.56 60.37 19.08
N THR B 625 84.72 59.14 19.62
CA THR B 625 85.39 58.88 20.88
C THR B 625 86.88 59.08 20.73
N LEU B 626 87.44 58.67 19.57
CA LEU B 626 88.86 58.74 19.28
C LEU B 626 89.32 60.15 19.06
N SER B 627 88.52 60.95 18.29
CA SER B 627 88.87 62.30 17.93
C SER B 627 88.73 63.25 19.10
N LEU B 628 87.84 62.94 20.07
CA LEU B 628 87.64 63.75 21.25
C LEU B 628 88.75 63.56 22.24
N GLN B 629 89.34 62.33 22.26
CA GLN B 629 90.38 61.96 23.19
C GLN B 629 91.70 62.63 22.86
N ILE B 630 92.02 62.74 21.55
CA ILE B 630 93.26 63.34 21.09
C ILE B 630 93.21 64.85 21.18
N ASP B 631 92.01 65.46 21.14
CA ASP B 631 91.84 66.90 21.24
C ASP B 631 92.05 67.35 22.65
N ALA B 632 91.55 66.57 23.64
CA ALA B 632 91.67 66.86 25.05
C ALA B 632 93.06 66.62 25.57
N ALA B 633 93.86 65.77 24.87
CA ALA B 633 95.23 65.47 25.22
C ALA B 633 96.15 66.62 24.93
N LYS B 634 95.83 67.43 23.88
CA LYS B 634 96.60 68.58 23.50
C LYS B 634 96.44 69.71 24.48
N VAL B 635 95.22 69.84 25.08
CA VAL B 635 94.89 70.86 26.05
C VAL B 635 95.58 70.57 27.36
N GLU B 636 95.69 69.28 27.73
CA GLU B 636 96.35 68.82 28.94
C GLU B 636 97.83 69.11 28.90
N ALA B 637 98.45 69.02 27.68
CA ALA B 637 99.85 69.27 27.47
C ALA B 637 100.22 70.73 27.63
N GLN B 638 99.27 71.65 27.37
CA GLN B 638 99.49 73.08 27.52
C GLN B 638 99.55 73.49 28.96
N ASN B 639 98.82 72.79 29.85
CA ASN B 639 98.83 73.08 31.27
C ASN B 639 100.13 72.67 31.89
N GLN B 640 100.80 71.64 31.32
CA GLN B 640 102.09 71.16 31.72
C GLN B 640 103.19 72.12 31.31
N LEU B 641 103.09 72.70 30.10
CA LEU B 641 104.04 73.68 29.59
C LEU B 641 103.91 75.01 30.30
N ASN B 642 102.69 75.35 30.76
CA ASN B 642 102.41 76.55 31.52
C ASN B 642 103.00 76.41 32.91
N ALA B 643 102.88 75.20 33.51
CA ALA B 643 103.40 74.86 34.81
C ALA B 643 104.91 74.88 34.85
N ALA B 644 105.56 74.60 33.69
CA ALA B 644 106.99 74.60 33.54
C ALA B 644 107.54 76.00 33.57
N ARG B 645 106.77 76.96 33.01
CA ARG B 645 107.15 78.36 32.96
C ARG B 645 107.00 78.98 34.33
N ILE B 646 105.90 78.65 35.05
CA ILE B 646 105.54 79.20 36.35
C ILE B 646 106.58 78.92 37.40
N ALA B 647 107.15 77.69 37.40
CA ALA B 647 108.15 77.30 38.36
C ALA B 647 109.46 78.02 38.15
N GLU B 648 109.81 78.29 36.88
CA GLU B 648 111.05 78.95 36.51
C GLU B 648 110.97 80.44 36.71
N ILE B 649 109.87 81.07 36.24
CA ILE B 649 109.72 82.51 36.16
C ILE B 649 109.49 83.14 37.50
N PHE B 650 108.81 82.42 38.43
CA PHE B 650 108.51 82.94 39.74
C PHE B 650 109.71 82.80 40.64
N ASN B 651 110.60 81.82 40.35
CA ASN B 651 111.85 81.63 41.06
C ASN B 651 112.76 82.80 40.82
N ASN B 652 112.83 83.31 39.57
CA ASN B 652 113.61 84.46 39.20
C ASN B 652 113.02 85.74 39.75
N MET B 653 111.70 85.75 40.02
CA MET B 653 110.99 86.89 40.55
C MET B 653 111.23 87.06 42.02
N ASP B 654 111.42 85.93 42.75
CA ASP B 654 111.78 85.92 44.15
C ASP B 654 113.18 86.47 44.32
N LEU B 655 114.11 86.04 43.44
CA LEU B 655 115.50 86.45 43.41
C LEU B 655 115.66 87.91 43.05
N SER B 656 114.67 88.50 42.32
CA SER B 656 114.67 89.91 41.98
C SER B 656 114.47 90.76 43.20
N LYS B 657 113.59 90.30 44.12
CA LYS B 657 113.27 90.99 45.35
C LYS B 657 114.37 90.77 46.36
N GLN B 658 114.94 89.55 46.45
CA GLN B 658 116.03 89.21 47.33
C GLN B 658 117.30 89.99 47.06
N SER B 659 117.61 90.28 45.78
CA SER B 659 118.77 91.07 45.40
C SER B 659 118.56 92.55 45.64
N GLU B 660 117.28 92.98 45.77
CA GLU B 660 116.92 94.35 46.02
C GLU B 660 117.11 94.68 47.48
N PHE B 661 117.00 93.66 48.36
CA PHE B 661 117.15 93.81 49.80
C PHE B 661 118.58 94.04 50.17
N ARG B 662 119.53 93.55 49.33
CA ARG B 662 120.95 93.78 49.50
C ARG B 662 121.32 95.22 49.30
N GLU B 663 120.57 95.92 48.41
CA GLU B 663 120.73 97.33 48.11
C GLU B 663 120.15 98.17 49.20
N PHE B 664 119.06 97.69 49.85
CA PHE B 664 118.42 98.35 50.97
C PHE B 664 119.32 98.32 52.18
N LEU B 665 119.96 97.14 52.44
CA LEU B 665 120.88 96.94 53.54
C LEU B 665 122.15 97.73 53.37
N LYS B 666 122.56 97.98 52.10
CA LYS B 666 123.72 98.77 51.73
C LYS B 666 123.49 100.24 52.06
N THR B 667 122.22 100.71 52.06
CA THR B 667 121.84 102.07 52.37
C THR B 667 121.88 102.27 53.86
N VAL B 668 121.39 101.27 54.62
CA VAL B 668 121.29 101.32 56.07
C VAL B 668 122.67 101.29 56.69
N ALA B 669 123.61 100.51 56.10
CA ALA B 669 124.97 100.40 56.58
C ALA B 669 125.76 101.69 56.40
N SER B 670 125.40 102.51 55.38
CA SER B 670 126.03 103.78 55.11
C SER B 670 125.58 104.83 56.09
N PHE B 671 124.33 104.71 56.59
CA PHE B 671 123.72 105.69 57.46
C PHE B 671 124.29 105.55 58.86
N GLN B 672 124.54 104.30 59.29
CA GLN B 672 125.02 103.94 60.59
C GLN B 672 126.49 104.22 60.74
N GLN B 673 127.22 104.41 59.61
CA GLN B 673 128.64 104.65 59.60
C GLN B 673 128.91 106.08 59.99
N ASP B 674 128.04 107.01 59.51
CA ASP B 674 128.18 108.43 59.74
C ASP B 674 127.73 108.78 61.14
N ARG B 675 126.60 108.19 61.60
CA ARG B 675 126.00 108.46 62.88
C ARG B 675 126.80 108.00 64.06
N SER B 676 127.73 107.04 63.88
CA SER B 676 128.63 106.62 64.94
C SER B 676 129.56 107.72 65.36
N GLU B 677 130.10 108.50 64.39
CA GLU B 677 130.97 109.61 64.67
C GLU B 677 130.22 110.89 64.98
N ASP B 678 128.92 110.99 64.63
CA ASP B 678 128.08 112.11 65.02
C ASP B 678 127.74 112.05 66.48
N ALA B 679 127.34 110.85 66.98
CA ALA B 679 126.99 110.61 68.37
C ALA B 679 128.17 110.72 69.29
N ARG B 680 129.38 110.40 68.77
CA ARG B 680 130.64 110.55 69.45
C ARG B 680 130.98 112.01 69.61
N ALA B 681 130.65 112.82 68.58
CA ALA B 681 130.95 114.22 68.55
C ALA B 681 130.01 115.03 69.41
N ASN B 682 128.77 114.55 69.67
CA ASN B 682 127.83 115.23 70.53
C ASN B 682 128.32 115.27 71.95
N ALA B 683 128.91 114.16 72.44
CA ALA B 683 129.43 114.06 73.78
C ALA B 683 130.69 114.88 73.97
N GLU B 684 131.47 115.10 72.89
CA GLU B 684 132.67 115.89 72.93
C GLU B 684 132.35 117.37 72.91
N LEU B 685 131.35 117.80 72.11
CA LEU B 685 130.96 119.18 71.97
C LEU B 685 130.34 119.74 73.22
N LEU B 686 129.72 118.89 74.06
CA LEU B 686 129.15 119.29 75.33
C LEU B 686 130.23 119.65 76.32
N LEU B 687 131.36 118.89 76.29
CA LEU B 687 132.50 119.13 77.15
C LEU B 687 133.29 120.33 76.71
N LYS B 688 133.34 120.60 75.38
CA LYS B 688 134.02 121.74 74.79
C LYS B 688 133.25 123.00 75.05
N GLY B 689 131.92 122.88 75.26
CA GLY B 689 131.05 124.01 75.51
C GLY B 689 131.30 124.61 76.86
N ASP B 690 131.50 123.76 77.89
CA ASP B 690 131.77 124.20 79.25
C ASP B 690 133.21 124.65 79.40
N GLU B 691 134.12 124.06 78.60
CA GLU B 691 135.54 124.33 78.66
C GLU B 691 135.86 125.68 78.11
N GLN B 692 135.30 126.04 76.93
CA GLN B 692 135.53 127.31 76.28
C GLN B 692 134.82 128.46 76.96
N THR B 693 133.75 128.16 77.75
CA THR B 693 133.02 129.15 78.53
C THR B 693 133.89 129.62 79.67
N HIS B 694 134.66 128.71 80.30
CA HIS B 694 135.50 129.02 81.43
C HIS B 694 136.66 129.92 81.09
N LYS B 695 137.14 129.91 79.82
CA LYS B 695 138.25 130.74 79.39
C LYS B 695 137.78 132.15 79.14
N GLN B 696 136.52 132.32 78.72
CA GLN B 696 135.92 133.60 78.44
C GLN B 696 135.46 134.28 79.71
N ARG B 697 135.23 133.52 80.80
CA ARG B 697 134.88 134.05 82.10
C ARG B 697 136.11 134.58 82.77
N MET B 698 137.26 133.87 82.59
CA MET B 698 138.53 134.22 83.17
C MET B 698 139.09 135.45 82.50
N ASP B 699 138.85 135.61 81.17
CA ASP B 699 139.31 136.74 80.40
C ASP B 699 138.69 138.03 80.86
N ILE B 700 137.35 138.02 81.12
CA ILE B 700 136.59 139.17 81.56
C ILE B 700 137.00 139.58 82.95
N ALA B 701 137.26 138.59 83.84
CA ALA B 701 137.58 138.84 85.23
C ALA B 701 138.88 139.56 85.43
N ASN B 702 139.91 139.24 84.60
CA ASN B 702 141.21 139.87 84.71
C ASN B 702 141.24 141.25 84.10
N ILE B 703 140.34 141.55 83.14
CA ILE B 703 140.24 142.84 82.49
C ILE B 703 139.67 143.85 83.46
N LEU B 704 138.67 143.45 84.29
CA LEU B 704 138.05 144.30 85.29
C LEU B 704 139.03 144.64 86.40
N GLN B 705 139.94 143.69 86.75
CA GLN B 705 140.92 143.90 87.79
C GLN B 705 142.00 144.85 87.33
N SER B 706 142.33 144.84 86.02
CA SER B 706 143.29 145.73 85.42
C SER B 706 142.72 147.11 85.27
N GLN B 707 141.38 147.24 85.12
CA GLN B 707 140.71 148.50 84.87
C GLN B 707 140.66 149.32 86.13
N ARG B 708 140.54 148.66 87.30
CA ARG B 708 140.59 149.31 88.59
C ARG B 708 141.98 149.74 88.97
N GLN B 709 143.02 149.01 88.51
CA GLN B 709 144.40 149.30 88.82
C GLN B 709 144.98 150.32 87.87
N ASN B 710 144.29 150.59 86.74
CA ASN B 710 144.75 151.54 85.75
C ASN B 710 144.55 152.95 86.23
N GLN B 711 143.46 153.19 87.00
CA GLN B 711 143.10 154.49 87.52
C GLN B 711 144.18 155.09 88.41
N PRO B 712 144.75 154.47 89.46
CA PRO B 712 145.85 155.03 90.21
C PRO B 712 147.15 155.04 89.44
N SER B 713 147.35 154.09 88.48
CA SER B 713 148.61 153.96 87.76
C SER B 713 148.78 155.11 86.79
N GLY B 714 147.71 155.45 86.04
CA GLY B 714 147.66 156.53 85.08
C GLY B 714 147.78 157.90 85.70
N SER B 715 147.54 158.01 87.03
CA SER B 715 147.61 159.24 87.78
C SER B 715 149.06 159.63 88.00
N VAL B 716 149.92 158.65 88.37
CA VAL B 716 151.34 158.86 88.59
C VAL B 716 152.01 159.24 87.30
N ALA B 717 151.80 158.45 86.23
CA ALA B 717 152.24 158.80 84.91
C ALA B 717 151.34 158.05 83.99
N GLU B 718 151.02 158.65 82.82
CA GLU B 718 150.03 158.18 81.87
C GLU B 718 150.31 156.80 81.36
N THR B 719 149.28 155.91 81.43
CA THR B 719 149.35 154.60 80.84
C THR B 719 147.91 154.18 80.60
N PRO B 720 147.58 153.42 79.56
CA PRO B 720 146.28 152.79 79.41
C PRO B 720 146.41 151.37 79.92
N GLN B 721 145.34 150.55 79.81
CA GLN B 721 145.38 149.15 80.14
C GLN B 721 146.14 148.39 79.05
N GLU C 1 78.62 -29.32 -22.47
CA GLU C 1 79.67 -29.54 -23.49
C GLU C 1 79.07 -29.64 -24.87
N ASN C 2 79.92 -29.84 -25.89
CA ASN C 2 79.52 -30.12 -27.24
C ASN C 2 80.20 -31.41 -27.57
N ARG C 3 79.43 -32.33 -28.20
CA ARG C 3 79.83 -33.64 -28.64
C ARG C 3 80.86 -33.53 -29.73
N LEU C 4 81.74 -34.57 -29.85
CA LEU C 4 82.73 -34.66 -30.88
C LEU C 4 82.10 -34.66 -32.25
N GLU C 5 82.70 -33.86 -33.17
CA GLU C 5 82.23 -33.57 -34.51
C GLU C 5 81.07 -32.62 -34.41
N SER C 6 81.37 -31.30 -34.50
CA SER C 6 80.49 -30.19 -34.20
C SER C 6 79.14 -30.20 -34.88
N ILE C 7 79.10 -30.57 -36.20
CA ILE C 7 77.89 -30.67 -36.99
C ILE C 7 76.88 -31.65 -36.45
N LEU C 8 77.35 -32.77 -35.87
CA LEU C 8 76.52 -33.78 -35.25
C LEU C 8 76.02 -33.36 -33.91
N SER C 9 76.77 -32.51 -33.17
CA SER C 9 76.37 -32.01 -31.88
C SER C 9 75.19 -31.06 -31.99
N ARG C 10 75.05 -30.36 -33.14
CA ARG C 10 73.92 -29.50 -33.41
C ARG C 10 72.64 -30.28 -33.58
N PHE C 11 72.69 -31.35 -34.42
CA PHE C 11 71.55 -32.20 -34.73
C PHE C 11 71.13 -33.07 -33.56
N ASP C 12 72.10 -33.56 -32.75
CA ASP C 12 71.80 -34.36 -31.58
C ASP C 12 71.22 -33.50 -30.49
N ALA C 13 71.60 -32.21 -30.43
CA ALA C 13 71.02 -31.23 -29.55
C ALA C 13 69.64 -30.80 -30.00
N ASP C 14 69.31 -31.00 -31.30
CA ASP C 14 68.00 -30.72 -31.86
C ASP C 14 66.97 -31.73 -31.39
N TRP C 15 67.41 -32.90 -30.85
CA TRP C 15 66.54 -33.90 -30.24
C TRP C 15 65.73 -33.32 -29.10
N THR C 16 66.34 -32.42 -28.30
CA THR C 16 65.73 -31.77 -27.18
C THR C 16 64.83 -30.64 -27.63
N ALA C 17 65.25 -29.91 -28.70
CA ALA C 17 64.54 -28.80 -29.29
C ALA C 17 63.27 -29.25 -29.97
N SER C 18 63.28 -30.46 -30.58
CA SER C 18 62.16 -31.06 -31.26
C SER C 18 61.05 -31.48 -30.33
N ASP C 19 61.27 -31.50 -29.00
CA ASP C 19 60.25 -31.81 -28.02
C ASP C 19 59.28 -30.66 -27.95
N GLU C 20 59.83 -29.43 -27.97
CA GLU C 20 59.09 -28.20 -27.88
C GLU C 20 58.51 -27.83 -29.23
N ALA C 21 59.18 -28.22 -30.33
CA ALA C 21 58.75 -27.90 -31.68
C ALA C 21 57.51 -28.63 -32.08
N ARG C 22 57.39 -29.93 -31.70
CA ARG C 22 56.26 -30.75 -32.06
C ARG C 22 55.09 -30.50 -31.16
N ARG C 23 55.24 -30.85 -29.86
CA ARG C 23 54.17 -30.85 -28.89
C ARG C 23 53.72 -29.48 -28.49
N GLU C 24 54.66 -28.62 -28.06
CA GLU C 24 54.35 -27.39 -27.36
C GLU C 24 53.91 -26.32 -28.32
N ALA C 25 54.60 -26.19 -29.48
CA ALA C 25 54.35 -25.16 -30.47
C ALA C 25 53.03 -25.34 -31.18
N LYS C 26 52.49 -26.58 -31.17
CA LYS C 26 51.17 -26.92 -31.68
C LYS C 26 50.07 -26.23 -30.91
N ASN C 27 50.22 -26.12 -29.57
CA ASN C 27 49.29 -25.38 -28.74
C ASN C 27 49.32 -23.90 -29.06
N ASP C 28 50.54 -23.35 -29.29
CA ASP C 28 50.77 -21.92 -29.39
C ASP C 28 50.21 -21.34 -30.65
N LEU C 29 50.50 -21.99 -31.80
CA LEU C 29 50.02 -21.58 -33.11
C LEU C 29 48.53 -21.59 -33.27
N PHE C 30 47.81 -22.34 -32.41
CA PHE C 30 46.37 -22.46 -32.52
C PHE C 30 45.70 -21.36 -31.73
N PHE C 31 46.44 -20.68 -30.83
CA PHE C 31 45.95 -19.53 -30.09
C PHE C 31 45.77 -18.34 -30.99
N SER C 32 46.78 -18.09 -31.85
CA SER C 32 46.80 -17.02 -32.83
C SER C 32 45.70 -17.11 -33.86
N ARG C 33 45.16 -18.33 -34.11
CA ARG C 33 44.04 -18.55 -35.02
C ARG C 33 42.76 -17.99 -34.47
N VAL C 34 42.58 -18.02 -33.13
CA VAL C 34 41.37 -17.57 -32.48
C VAL C 34 41.35 -16.08 -32.27
N SER C 35 42.51 -15.50 -31.86
CA SER C 35 42.59 -14.10 -31.50
C SER C 35 42.52 -13.20 -32.71
N GLN C 36 42.96 -13.73 -33.87
CA GLN C 36 42.97 -13.04 -35.13
C GLN C 36 42.56 -14.09 -36.12
N TRP C 37 41.58 -13.79 -37.02
CA TRP C 37 40.94 -14.72 -37.92
C TRP C 37 40.01 -15.69 -37.18
N ASP C 38 39.26 -16.51 -37.95
CA ASP C 38 38.17 -17.37 -37.54
C ASP C 38 38.66 -18.46 -36.61
N ASP C 39 37.81 -18.87 -35.65
CA ASP C 39 38.08 -19.99 -34.77
C ASP C 39 37.49 -21.23 -35.40
N TRP C 40 36.54 -21.06 -36.36
CA TRP C 40 36.04 -22.12 -37.19
C TRP C 40 37.12 -22.65 -38.11
N LEU C 41 37.05 -23.97 -38.41
CA LEU C 41 37.93 -24.65 -39.31
C LEU C 41 37.04 -25.51 -40.19
N SER C 42 37.58 -25.93 -41.35
CA SER C 42 36.98 -26.85 -42.27
C SER C 42 35.74 -26.29 -42.93
N GLN C 43 35.84 -25.08 -43.52
CA GLN C 43 34.79 -24.55 -44.35
C GLN C 43 35.38 -23.64 -45.39
N TYR C 44 34.74 -23.65 -46.58
CA TYR C 44 34.90 -22.62 -47.58
C TYR C 44 33.55 -22.54 -48.23
N THR C 45 32.65 -21.72 -47.63
CA THR C 45 31.26 -21.53 -48.02
C THR C 45 30.47 -22.83 -47.96
N THR C 46 30.42 -23.43 -46.75
CA THR C 46 29.69 -24.66 -46.49
C THR C 46 28.22 -24.37 -46.38
N LEU C 47 27.39 -25.42 -46.59
CA LEU C 47 25.95 -25.37 -46.51
C LEU C 47 25.46 -25.04 -45.13
N GLN C 48 26.07 -25.64 -44.07
CA GLN C 48 25.75 -25.33 -42.70
C GLN C 48 26.20 -23.93 -42.37
N TYR C 49 25.37 -23.21 -41.57
CA TYR C 49 25.59 -21.84 -41.17
C TYR C 49 26.83 -21.72 -40.31
N ARG C 50 27.52 -20.57 -40.40
CA ARG C 50 28.70 -20.29 -39.63
C ARG C 50 28.47 -18.92 -39.06
N GLY C 51 28.37 -18.84 -37.72
CA GLY C 51 28.18 -17.60 -37.00
C GLY C 51 28.97 -17.77 -35.75
N GLN C 52 29.54 -16.65 -35.23
CA GLN C 52 30.50 -16.70 -34.18
C GLN C 52 30.25 -15.56 -33.24
N PHE C 53 30.30 -15.85 -31.91
CA PHE C 53 30.17 -14.86 -30.85
C PHE C 53 31.39 -14.00 -30.79
N ASP C 54 32.59 -14.65 -30.86
CA ASP C 54 33.88 -14.00 -30.92
C ASP C 54 34.20 -13.35 -29.61
N VAL C 55 34.04 -14.13 -28.52
CA VAL C 55 34.11 -13.64 -27.16
C VAL C 55 35.53 -13.67 -26.67
N VAL C 56 36.43 -14.35 -27.43
CA VAL C 56 37.82 -14.52 -27.07
C VAL C 56 38.53 -13.20 -27.27
N ARG C 57 38.42 -12.60 -28.48
CA ARG C 57 39.20 -11.44 -28.85
C ARG C 57 38.98 -10.18 -28.04
N PRO C 58 37.84 -9.68 -27.54
CA PRO C 58 37.81 -8.49 -26.68
C PRO C 58 38.53 -8.68 -25.37
N VAL C 59 38.64 -9.93 -24.86
CA VAL C 59 39.36 -10.21 -23.62
C VAL C 59 40.83 -10.18 -23.90
N VAL C 60 41.27 -10.74 -25.05
CA VAL C 60 42.67 -10.81 -25.42
C VAL C 60 43.18 -9.44 -25.79
N ARG C 61 42.46 -8.69 -26.65
CA ARG C 61 42.86 -7.39 -27.13
C ARG C 61 42.86 -6.34 -26.03
N LYS C 62 41.99 -6.49 -25.00
CA LYS C 62 41.95 -5.59 -23.87
C LYS C 62 43.19 -5.76 -23.01
N LEU C 63 43.57 -7.02 -22.73
CA LEU C 63 44.76 -7.36 -21.96
C LEU C 63 46.02 -6.90 -22.66
N VAL C 64 46.07 -6.96 -24.01
CA VAL C 64 47.16 -6.49 -24.83
C VAL C 64 47.25 -4.98 -24.74
N SER C 65 46.10 -4.28 -24.74
CA SER C 65 46.01 -2.84 -24.67
C SER C 65 46.48 -2.29 -23.34
N GLU C 66 46.36 -3.09 -22.26
CA GLU C 66 46.77 -2.71 -20.92
C GLU C 66 48.27 -2.76 -20.78
N MET C 67 48.94 -3.74 -21.42
CA MET C 67 50.39 -3.81 -21.43
C MET C 67 51.00 -2.80 -22.36
N ARG C 68 50.28 -2.39 -23.44
CA ARG C 68 50.77 -1.45 -24.43
C ARG C 68 50.77 -0.05 -23.90
N GLN C 69 49.73 0.35 -23.13
CA GLN C 69 49.57 1.69 -22.63
C GLN C 69 50.54 2.06 -21.55
N ASN C 70 51.28 1.07 -20.99
CA ASN C 70 52.39 1.33 -20.10
C ASN C 70 53.61 0.77 -20.79
N PRO C 71 54.45 1.57 -21.44
CA PRO C 71 55.70 1.10 -22.01
C PRO C 71 56.72 0.91 -20.92
N ILE C 72 57.66 -0.04 -21.08
CA ILE C 72 58.65 -0.34 -20.08
C ILE C 72 59.97 -0.14 -20.77
N ASP C 73 60.81 0.75 -20.21
CA ASP C 73 62.16 0.98 -20.66
C ASP C 73 62.87 1.47 -19.42
N VAL C 74 64.20 1.25 -19.37
CA VAL C 74 64.99 1.35 -18.17
C VAL C 74 65.37 2.77 -17.81
N LEU C 75 65.63 2.95 -16.49
CA LEU C 75 66.20 4.14 -15.90
C LEU C 75 67.61 3.80 -15.52
N TYR C 76 67.91 2.48 -15.33
CA TYR C 76 69.16 1.93 -14.83
C TYR C 76 69.40 2.39 -13.41
N ARG C 77 70.63 2.12 -12.88
CA ARG C 77 71.06 2.37 -11.52
C ARG C 77 72.45 1.77 -11.51
N PRO C 78 73.39 2.30 -10.73
CA PRO C 78 74.70 1.70 -10.54
C PRO C 78 74.61 0.55 -9.57
N LYS C 79 75.61 -0.36 -9.64
CA LYS C 79 75.77 -1.49 -8.77
C LYS C 79 76.55 -1.03 -7.57
N ASP C 80 76.72 -1.89 -6.54
CA ASP C 80 77.45 -1.61 -5.32
C ASP C 80 78.90 -1.35 -5.65
N GLY C 81 79.48 -0.30 -5.03
CA GLY C 81 80.87 0.06 -5.20
C GLY C 81 81.13 0.86 -6.45
N ALA C 82 80.07 1.22 -7.20
CA ALA C 82 80.18 1.99 -8.42
C ALA C 82 79.77 3.40 -8.13
N ARG C 83 80.17 4.32 -9.03
CA ARG C 83 79.91 5.74 -8.95
C ARG C 83 78.54 6.04 -9.53
N PRO C 84 77.87 7.15 -9.20
CA PRO C 84 76.50 7.41 -9.63
C PRO C 84 76.39 7.78 -11.08
N ASP C 85 77.42 8.43 -11.68
CA ASP C 85 77.38 8.88 -13.05
C ASP C 85 77.78 7.79 -14.03
N ALA C 86 78.12 6.59 -13.52
CA ALA C 86 78.42 5.41 -14.32
C ALA C 86 77.21 4.91 -15.06
N ALA C 87 75.99 5.22 -14.55
CA ALA C 87 74.74 4.83 -15.13
C ALA C 87 74.47 5.59 -16.40
N ASP C 88 74.96 6.84 -16.51
CA ASP C 88 74.76 7.68 -17.66
C ASP C 88 75.74 7.35 -18.77
N VAL C 89 76.77 6.52 -18.49
CA VAL C 89 77.71 6.04 -19.50
C VAL C 89 77.00 5.10 -20.45
N LEU C 90 76.28 4.11 -19.87
CA LEU C 90 75.66 3.05 -20.61
C LEU C 90 74.36 3.49 -21.21
N MET C 91 73.70 4.51 -20.60
CA MET C 91 72.43 5.03 -21.08
C MET C 91 72.68 6.08 -22.12
N GLY C 92 73.94 6.59 -22.20
CA GLY C 92 74.42 7.45 -23.25
C GLY C 92 74.44 6.74 -24.56
N MET C 93 74.84 5.45 -24.56
CA MET C 93 74.90 4.62 -25.72
C MET C 93 73.55 4.04 -26.06
N TYR C 94 72.82 3.54 -25.02
CA TYR C 94 71.66 2.72 -25.19
C TYR C 94 70.50 3.49 -25.75
N ARG C 95 70.17 4.65 -25.17
CA ARG C 95 69.05 5.44 -25.58
C ARG C 95 69.25 6.12 -26.91
N THR C 96 70.51 6.21 -27.40
CA THR C 96 70.84 6.78 -28.69
C THR C 96 70.57 5.81 -29.81
N ASP C 97 70.93 4.51 -29.67
CA ASP C 97 70.74 3.54 -30.75
C ASP C 97 69.42 2.81 -30.66
N MET C 98 68.64 3.03 -29.57
CA MET C 98 67.30 2.48 -29.43
C MET C 98 66.27 3.48 -29.84
N ARG C 99 66.70 4.67 -30.38
CA ARG C 99 65.82 5.68 -30.94
C ARG C 99 64.99 5.14 -32.08
N HIS C 100 65.55 4.16 -32.84
CA HIS C 100 64.91 3.47 -33.91
C HIS C 100 63.70 2.73 -33.41
N ASN C 101 62.66 2.69 -34.27
CA ASN C 101 61.35 2.19 -33.93
C ASN C 101 61.30 0.69 -33.96
N THR C 102 62.34 0.02 -34.53
CA THR C 102 62.45 -1.42 -34.52
C THR C 102 62.65 -1.93 -33.10
N ALA C 103 63.16 -1.08 -32.19
CA ALA C 103 63.31 -1.39 -30.78
C ALA C 103 62.03 -1.21 -30.03
N LYS C 104 61.28 -0.13 -30.33
CA LYS C 104 60.05 0.23 -29.65
C LYS C 104 58.90 -0.69 -30.00
N ILE C 105 58.78 -1.04 -31.30
CA ILE C 105 57.80 -1.96 -31.85
C ILE C 105 58.03 -3.36 -31.31
N ALA C 106 59.31 -3.73 -31.01
CA ALA C 106 59.68 -5.03 -30.49
C ALA C 106 59.09 -5.30 -29.13
N VAL C 107 58.86 -4.24 -28.32
CA VAL C 107 58.28 -4.34 -26.99
C VAL C 107 56.81 -4.68 -27.10
N ASN C 108 56.09 -3.99 -28.03
CA ASN C 108 54.66 -4.17 -28.22
C ASN C 108 54.32 -5.51 -28.84
N ILE C 109 55.25 -6.07 -29.66
CA ILE C 109 55.15 -7.40 -30.22
C ILE C 109 55.35 -8.44 -29.14
N ALA C 110 56.23 -8.17 -28.16
CA ALA C 110 56.58 -9.13 -27.13
C ALA C 110 55.48 -9.29 -26.12
N VAL C 111 54.82 -8.18 -25.73
CA VAL C 111 53.76 -8.17 -24.75
C VAL C 111 52.50 -8.78 -25.30
N ARG C 112 52.28 -8.66 -26.64
CA ARG C 112 51.10 -9.14 -27.30
C ARG C 112 51.15 -10.64 -27.42
N GLU C 113 52.32 -11.16 -27.86
CA GLU C 113 52.59 -12.58 -28.01
C GLU C 113 52.66 -13.31 -26.70
N GLN C 114 52.99 -12.62 -25.58
CA GLN C 114 53.04 -13.22 -24.26
C GLN C 114 51.65 -13.57 -23.76
N ILE C 115 50.63 -12.78 -24.14
CA ILE C 115 49.26 -13.00 -23.78
C ILE C 115 48.64 -14.05 -24.68
N GLU C 116 48.91 -13.96 -26.00
CA GLU C 116 48.30 -14.81 -26.99
C GLU C 116 48.91 -16.18 -27.00
N ALA C 117 50.16 -16.28 -27.48
CA ALA C 117 50.88 -17.51 -27.66
C ALA C 117 51.42 -18.08 -26.36
N GLY C 118 51.81 -17.19 -25.41
CA GLY C 118 52.43 -17.58 -24.17
C GLY C 118 53.92 -17.65 -24.32
N VAL C 119 54.42 -17.22 -25.51
CA VAL C 119 55.82 -17.25 -25.86
C VAL C 119 56.03 -16.11 -26.79
N GLY C 120 57.26 -15.54 -26.77
CA GLY C 120 57.64 -14.44 -27.60
C GLY C 120 59.09 -14.22 -27.32
N ALA C 121 59.77 -13.37 -28.11
CA ALA C 121 61.18 -13.16 -27.92
C ALA C 121 61.58 -11.93 -28.70
N TRP C 122 62.86 -11.52 -28.55
CA TRP C 122 63.45 -10.46 -29.32
C TRP C 122 64.93 -10.70 -29.25
N ARG C 123 65.69 -10.14 -30.22
CA ARG C 123 67.11 -10.34 -30.36
C ARG C 123 67.79 -9.01 -30.37
N LEU C 124 69.14 -9.04 -30.44
CA LEU C 124 70.00 -7.89 -30.51
C LEU C 124 70.94 -8.17 -31.65
N VAL C 125 70.93 -7.30 -32.68
CA VAL C 125 71.72 -7.44 -33.88
C VAL C 125 72.67 -6.29 -33.87
N THR C 126 73.81 -6.44 -34.57
CA THR C 126 74.87 -5.45 -34.58
C THR C 126 75.05 -5.05 -36.02
N ASP C 127 75.28 -3.73 -36.25
CA ASP C 127 75.40 -3.19 -37.58
C ASP C 127 76.26 -1.96 -37.54
N TYR C 128 76.37 -1.29 -38.70
CA TYR C 128 77.14 -0.09 -38.92
C TYR C 128 76.15 0.75 -39.66
N GLU C 129 75.76 1.91 -39.08
CA GLU C 129 74.89 2.82 -39.77
C GLU C 129 75.28 4.20 -39.33
N ASP C 130 75.41 5.12 -40.32
CA ASP C 130 75.88 6.47 -40.11
C ASP C 130 74.68 7.40 -40.10
N GLN C 131 73.47 6.86 -40.40
CA GLN C 131 72.22 7.60 -40.46
C GLN C 131 71.89 8.08 -39.08
N SER C 132 72.10 7.21 -38.08
CA SER C 132 72.05 7.54 -36.69
C SER C 132 73.30 6.89 -36.16
N PRO C 133 74.29 7.60 -35.63
CA PRO C 133 75.49 6.98 -35.07
C PRO C 133 75.28 6.88 -33.59
N THR C 134 76.27 6.31 -32.86
CA THR C 134 76.34 6.39 -31.43
C THR C 134 77.78 6.64 -31.13
N SER C 135 78.67 5.68 -31.48
CA SER C 135 80.09 5.92 -31.50
C SER C 135 80.63 5.02 -32.58
N ASN C 136 81.68 5.52 -33.29
CA ASN C 136 82.33 4.87 -34.41
C ASN C 136 81.42 4.67 -35.60
N ASN C 137 80.27 5.39 -35.62
CA ASN C 137 79.23 5.35 -36.63
C ASN C 137 78.60 3.97 -36.69
N GLN C 138 78.49 3.31 -35.52
CA GLN C 138 77.95 1.99 -35.35
C GLN C 138 76.82 2.09 -34.38
N VAL C 139 75.82 1.19 -34.52
CA VAL C 139 74.68 1.13 -33.64
C VAL C 139 74.43 -0.33 -33.39
N ILE C 140 73.70 -0.62 -32.27
CA ILE C 140 73.22 -1.94 -31.93
C ILE C 140 71.74 -1.78 -31.79
N ARG C 141 70.97 -2.50 -32.63
CA ARG C 141 69.53 -2.36 -32.69
C ARG C 141 68.90 -3.57 -32.06
N ARG C 142 67.75 -3.35 -31.38
CA ARG C 142 66.88 -4.38 -30.87
C ARG C 142 65.90 -4.68 -31.96
N GLU C 143 65.88 -5.94 -32.46
CA GLU C 143 64.94 -6.35 -33.48
C GLU C 143 64.12 -7.45 -32.87
N PRO C 144 62.82 -7.56 -33.14
CA PRO C 144 61.98 -8.59 -32.57
C PRO C 144 62.19 -9.88 -33.28
N ILE C 145 61.84 -11.00 -32.61
CA ILE C 145 61.62 -12.27 -33.25
C ILE C 145 60.13 -12.35 -33.20
N HIS C 146 59.51 -12.14 -34.38
CA HIS C 146 58.10 -11.94 -34.53
C HIS C 146 57.63 -13.11 -35.33
N SER C 147 56.50 -13.70 -34.86
CA SER C 147 55.77 -14.82 -35.39
C SER C 147 56.19 -15.98 -34.54
N ALA C 148 56.42 -15.71 -33.23
CA ALA C 148 56.76 -16.68 -32.21
C ALA C 148 55.51 -17.15 -31.53
N CYS C 149 54.53 -17.58 -32.35
CA CYS C 149 53.67 -18.69 -32.05
C CYS C 149 54.11 -19.88 -32.85
N SER C 150 55.12 -19.70 -33.75
CA SER C 150 55.50 -20.69 -34.72
C SER C 150 56.97 -20.53 -34.99
N HIS C 151 57.72 -19.85 -34.08
CA HIS C 151 59.15 -19.71 -34.14
C HIS C 151 59.70 -20.31 -32.88
N VAL C 152 58.86 -21.08 -32.16
CA VAL C 152 59.13 -21.52 -30.83
C VAL C 152 59.57 -22.96 -30.94
N ILE C 153 60.85 -23.20 -30.57
CA ILE C 153 61.50 -24.48 -30.67
C ILE C 153 62.54 -24.52 -29.58
N TRP C 154 62.57 -23.47 -28.72
CA TRP C 154 63.71 -23.15 -27.91
C TRP C 154 63.60 -23.89 -26.60
N ASP C 155 64.78 -24.18 -25.99
CA ASP C 155 64.95 -24.84 -24.71
C ASP C 155 64.31 -26.21 -24.65
N SER C 156 64.14 -26.76 -23.42
CA SER C 156 63.50 -28.02 -23.17
C SER C 156 63.39 -28.21 -21.69
N ASN C 157 64.51 -27.97 -20.96
CA ASN C 157 64.63 -28.33 -19.56
C ASN C 157 65.15 -27.12 -18.80
N SER C 158 65.28 -25.96 -19.49
CA SER C 158 65.88 -24.77 -18.95
C SER C 158 65.06 -24.21 -17.83
N LYS C 159 65.75 -23.88 -16.72
CA LYS C 159 65.14 -23.44 -15.49
C LYS C 159 65.23 -21.94 -15.39
N LEU C 160 65.73 -21.27 -16.46
CA LEU C 160 65.80 -19.83 -16.53
C LEU C 160 65.00 -19.38 -17.70
N MET C 161 64.56 -18.12 -17.61
CA MET C 161 63.71 -17.46 -18.57
C MET C 161 64.55 -16.50 -19.38
N ASP C 162 65.88 -16.43 -19.10
CA ASP C 162 66.80 -15.58 -19.81
C ASP C 162 67.52 -16.32 -20.90
N LYS C 163 67.43 -17.68 -20.91
CA LYS C 163 67.98 -18.53 -21.94
C LYS C 163 69.46 -18.35 -22.10
N SER C 164 70.23 -18.70 -21.04
CA SER C 164 71.66 -18.54 -21.02
C SER C 164 72.23 -19.70 -20.26
N ASP C 165 71.38 -20.71 -19.96
CA ASP C 165 71.73 -21.91 -19.24
C ASP C 165 71.60 -23.07 -20.19
N ALA C 166 71.54 -22.76 -21.51
CA ALA C 166 71.30 -23.71 -22.54
C ALA C 166 72.31 -23.44 -23.61
N ARG C 167 72.49 -24.45 -24.49
CA ARG C 167 73.40 -24.43 -25.59
C ARG C 167 72.89 -25.43 -26.58
N HIS C 168 71.66 -25.95 -26.32
CA HIS C 168 70.92 -26.80 -27.20
C HIS C 168 69.81 -26.00 -27.81
N CYS C 169 69.62 -24.76 -27.31
CA CYS C 169 68.62 -23.83 -27.76
C CYS C 169 68.90 -23.35 -29.15
N THR C 170 67.81 -23.03 -29.88
CA THR C 170 67.90 -22.54 -31.22
C THR C 170 66.62 -21.76 -31.42
N VAL C 171 66.63 -20.84 -32.41
CA VAL C 171 65.50 -20.03 -32.79
C VAL C 171 65.39 -20.19 -34.28
N ILE C 172 64.17 -19.96 -34.82
CA ILE C 172 63.89 -20.14 -36.21
C ILE C 172 63.13 -18.91 -36.62
N HIS C 173 63.40 -18.40 -37.85
CA HIS C 173 62.86 -17.15 -38.33
C HIS C 173 62.27 -17.43 -39.67
N SER C 174 61.42 -16.50 -40.19
CA SER C 174 60.78 -16.62 -41.47
C SER C 174 61.08 -15.37 -42.23
N MET C 175 61.64 -15.53 -43.45
CA MET C 175 62.00 -14.46 -44.32
C MET C 175 61.58 -14.84 -45.71
N SER C 176 61.63 -13.86 -46.65
CA SER C 176 61.22 -14.03 -48.02
C SER C 176 62.33 -14.67 -48.82
N GLN C 177 62.04 -14.94 -50.12
CA GLN C 177 62.92 -15.60 -51.04
C GLN C 177 64.04 -14.66 -51.43
N ASN C 178 63.70 -13.38 -51.71
CA ASN C 178 64.66 -12.36 -52.07
C ASN C 178 65.50 -11.99 -50.88
N GLY C 179 64.89 -11.97 -49.68
CA GLY C 179 65.55 -11.70 -48.42
C GLY C 179 66.57 -12.71 -48.01
N TRP C 180 66.42 -13.98 -48.47
CA TRP C 180 67.34 -15.07 -48.21
C TRP C 180 68.63 -14.91 -48.98
N GLU C 181 68.56 -14.32 -50.18
CA GLU C 181 69.72 -14.14 -51.04
C GLU C 181 70.70 -13.14 -50.48
N ASP C 182 70.21 -11.98 -49.99
CA ASP C 182 71.05 -10.96 -49.36
C ASP C 182 71.47 -11.32 -47.96
N PHE C 183 70.72 -12.22 -47.27
CA PHE C 183 71.04 -12.73 -45.96
C PHE C 183 72.19 -13.72 -46.05
N ALA C 184 72.37 -14.31 -47.24
CA ALA C 184 73.42 -15.27 -47.52
C ALA C 184 74.71 -14.60 -47.88
N GLU C 185 74.68 -13.27 -48.20
CA GLU C 185 75.87 -12.53 -48.53
C GLU C 185 76.64 -12.22 -47.27
N LYS C 186 75.90 -11.82 -46.21
CA LYS C 186 76.48 -11.35 -44.97
C LYS C 186 77.01 -12.46 -44.12
N TYR C 187 76.23 -13.57 -43.97
CA TYR C 187 76.57 -14.65 -43.07
C TYR C 187 77.27 -15.78 -43.78
N ASP C 188 77.56 -15.63 -45.09
CA ASP C 188 78.31 -16.58 -45.90
C ASP C 188 77.61 -17.91 -46.00
N LEU C 189 76.39 -17.90 -46.58
CA LEU C 189 75.50 -19.03 -46.64
C LEU C 189 75.23 -19.29 -48.10
N ASP C 190 74.42 -20.35 -48.37
CA ASP C 190 73.94 -20.68 -49.69
C ASP C 190 72.95 -19.61 -50.12
N ALA C 191 73.08 -19.13 -51.38
CA ALA C 191 72.26 -18.06 -51.93
C ALA C 191 70.82 -18.47 -52.06
N ASP C 192 70.59 -19.70 -52.53
CA ASP C 192 69.28 -20.28 -52.69
C ASP C 192 69.46 -21.71 -52.31
N ASP C 193 68.53 -22.24 -51.50
CA ASP C 193 68.69 -23.55 -50.91
C ASP C 193 67.31 -24.06 -50.58
N ILE C 194 66.31 -23.15 -50.53
CA ILE C 194 64.99 -23.39 -49.97
C ILE C 194 65.11 -23.96 -48.56
N PRO C 195 65.69 -23.22 -47.59
CA PRO C 195 66.08 -23.75 -46.29
C PRO C 195 64.89 -24.17 -45.46
N SER C 196 65.12 -25.14 -44.55
CA SER C 196 64.18 -25.58 -43.56
C SER C 196 65.04 -26.13 -42.44
N PHE C 197 64.42 -26.54 -41.32
CA PHE C 197 65.16 -27.00 -40.17
C PHE C 197 64.42 -28.15 -39.55
N GLN C 198 63.17 -27.92 -39.06
CA GLN C 198 62.36 -29.01 -38.58
C GLN C 198 60.90 -28.68 -38.69
N ASN C 199 60.57 -27.38 -38.90
CA ASN C 199 59.23 -26.85 -39.05
C ASN C 199 58.36 -27.03 -37.81
N PRO C 200 58.16 -26.02 -36.97
CA PRO C 200 57.30 -26.14 -35.79
C PRO C 200 55.95 -25.57 -36.14
N ASN C 201 55.73 -25.23 -37.44
CA ASN C 201 54.55 -24.56 -37.94
C ASN C 201 53.47 -25.58 -38.15
N ASP C 202 52.27 -25.11 -38.56
CA ASP C 202 51.04 -25.86 -38.71
C ASP C 202 51.18 -27.12 -39.53
N TRP C 203 50.38 -28.14 -39.15
CA TRP C 203 50.29 -29.39 -39.86
C TRP C 203 48.86 -29.57 -40.28
N VAL C 204 47.95 -28.68 -39.80
CA VAL C 204 46.56 -28.63 -40.19
C VAL C 204 46.48 -27.89 -41.51
N PHE C 205 47.27 -26.80 -41.63
CA PHE C 205 47.30 -25.90 -42.77
C PHE C 205 45.98 -25.23 -43.09
N PRO C 206 45.36 -24.40 -42.24
CA PRO C 206 44.25 -23.55 -42.64
C PRO C 206 44.72 -22.48 -43.62
N TRP C 207 45.99 -22.02 -43.50
CA TRP C 207 46.57 -21.06 -44.39
C TRP C 207 48.03 -21.38 -44.41
N LEU C 208 48.69 -21.12 -45.56
CA LEU C 208 50.10 -21.35 -45.70
C LEU C 208 50.60 -20.35 -46.70
N THR C 209 51.80 -19.80 -46.45
CA THR C 209 52.50 -18.94 -47.37
C THR C 209 53.73 -19.74 -47.68
N GLN C 210 53.99 -19.96 -48.98
CA GLN C 210 55.01 -20.86 -49.45
C GLN C 210 56.19 -20.06 -49.94
N ASP C 211 56.12 -18.72 -49.77
CA ASP C 211 57.18 -17.80 -50.14
C ASP C 211 57.93 -17.42 -48.89
N THR C 212 57.50 -17.93 -47.72
CA THR C 212 58.19 -17.75 -46.47
C THR C 212 58.96 -19.02 -46.24
N ILE C 213 60.31 -18.90 -46.25
CA ILE C 213 61.23 -19.99 -46.07
C ILE C 213 61.87 -19.71 -44.75
N GLN C 214 62.23 -20.79 -44.01
CA GLN C 214 62.70 -20.67 -42.66
C GLN C 214 64.17 -20.96 -42.59
N ILE C 215 64.89 -20.25 -41.70
CA ILE C 215 66.28 -20.50 -41.42
C ILE C 215 66.40 -20.49 -39.92
N ALA C 216 67.26 -21.38 -39.36
CA ALA C 216 67.43 -21.59 -37.95
C ALA C 216 68.76 -21.09 -37.50
N GLU C 217 68.77 -20.24 -36.45
CA GLU C 217 69.95 -19.72 -35.82
C GLU C 217 70.12 -20.47 -34.53
N PHE C 218 71.20 -21.29 -34.44
CA PHE C 218 71.51 -22.14 -33.32
C PHE C 218 72.51 -21.40 -32.50
N TYR C 219 72.40 -21.47 -31.15
CA TYR C 219 73.26 -20.75 -30.25
C TYR C 219 73.88 -21.75 -29.31
N GLU C 220 75.23 -21.86 -29.36
CA GLU C 220 76.02 -22.70 -28.49
C GLU C 220 76.97 -21.80 -27.77
N VAL C 221 77.48 -22.25 -26.61
CA VAL C 221 78.29 -21.45 -25.72
C VAL C 221 79.62 -22.14 -25.63
N VAL C 222 80.70 -21.49 -26.13
CA VAL C 222 82.06 -22.00 -26.00
C VAL C 222 82.78 -20.86 -25.34
N GLU C 223 83.27 -21.11 -24.10
CA GLU C 223 83.64 -20.06 -23.17
C GLU C 223 84.79 -19.18 -23.60
N LYS C 224 85.92 -19.77 -24.06
CA LYS C 224 87.09 -19.10 -24.60
C LYS C 224 87.99 -18.53 -23.53
N LYS C 225 87.44 -17.65 -22.66
CA LYS C 225 88.10 -16.97 -21.56
C LYS C 225 89.14 -15.99 -22.07
N GLU C 226 89.88 -15.34 -21.13
CA GLU C 226 90.89 -14.37 -21.48
C GLU C 226 91.78 -14.21 -20.29
N THR C 227 92.91 -13.49 -20.48
CA THR C 227 93.88 -13.29 -19.43
C THR C 227 94.70 -12.10 -19.82
N ALA C 228 95.44 -11.52 -18.84
CA ALA C 228 96.47 -10.52 -19.00
C ALA C 228 95.96 -9.24 -19.63
N PHE C 229 96.86 -8.50 -20.32
CA PHE C 229 96.61 -7.22 -20.95
C PHE C 229 96.09 -6.18 -19.99
N ILE C 230 96.89 -5.90 -18.94
CA ILE C 230 96.63 -4.86 -17.98
C ILE C 230 97.54 -3.75 -18.42
N TYR C 231 97.06 -2.49 -18.39
CA TYR C 231 97.78 -1.38 -18.96
C TYR C 231 97.56 -0.18 -18.08
N GLN C 232 98.14 0.97 -18.50
CA GLN C 232 98.02 2.24 -17.83
C GLN C 232 97.21 3.09 -18.77
N ASP C 233 97.85 3.59 -19.85
CA ASP C 233 97.29 4.31 -20.97
C ASP C 233 97.43 5.79 -20.64
N PRO C 234 98.32 6.57 -21.26
CA PRO C 234 98.47 7.99 -20.99
C PRO C 234 97.30 8.81 -21.47
N VAL C 235 96.72 8.51 -22.65
CA VAL C 235 95.79 9.38 -23.32
C VAL C 235 94.75 8.47 -23.90
N THR C 236 93.47 8.97 -23.90
CA THR C 236 92.27 8.26 -24.28
C THR C 236 92.13 6.95 -23.54
N GLY C 237 92.18 7.05 -22.19
CA GLY C 237 92.04 5.93 -21.30
C GLY C 237 92.61 6.39 -20.01
N GLU C 238 91.85 6.16 -18.90
CA GLU C 238 92.26 6.47 -17.55
C GLU C 238 93.49 5.65 -17.18
N PRO C 239 94.51 6.14 -16.45
CA PRO C 239 95.57 5.33 -15.86
C PRO C 239 95.03 4.21 -15.01
N VAL C 240 95.56 2.98 -15.18
CA VAL C 240 95.09 1.75 -14.58
C VAL C 240 93.83 1.32 -15.28
N SER C 241 93.97 0.86 -16.54
CA SER C 241 92.85 0.42 -17.34
C SER C 241 93.25 -0.91 -17.92
N TYR C 242 92.33 -1.89 -17.83
CA TYR C 242 92.53 -3.26 -18.26
C TYR C 242 91.68 -3.43 -19.48
N PHE C 243 92.27 -3.96 -20.58
CA PHE C 243 91.67 -3.98 -21.90
C PHE C 243 91.64 -5.39 -22.40
N LYS C 244 90.58 -5.71 -23.18
CA LYS C 244 90.17 -7.01 -23.67
C LYS C 244 91.23 -7.85 -24.36
N ARG C 245 90.93 -9.15 -24.55
CA ARG C 245 91.69 -10.06 -25.38
C ARG C 245 90.74 -10.58 -26.44
N ASP C 246 89.43 -10.22 -26.34
CA ASP C 246 88.33 -10.92 -26.98
C ASP C 246 88.41 -10.89 -28.48
N ILE C 247 88.75 -9.71 -29.05
CA ILE C 247 88.91 -9.54 -30.47
C ILE C 247 90.16 -8.72 -30.67
N LYS C 248 90.97 -8.56 -29.58
CA LYS C 248 92.18 -7.77 -29.61
C LYS C 248 93.29 -8.71 -29.98
N ASP C 249 93.92 -8.45 -31.15
CA ASP C 249 95.08 -9.14 -31.63
C ASP C 249 95.84 -8.13 -32.46
N VAL C 250 95.47 -6.84 -32.34
CA VAL C 250 95.86 -5.80 -33.25
C VAL C 250 96.47 -4.76 -32.35
N ILE C 251 95.62 -4.10 -31.51
CA ILE C 251 95.93 -2.97 -30.67
C ILE C 251 96.99 -3.29 -29.65
N ASP C 252 97.10 -4.60 -29.27
CA ASP C 252 97.95 -5.10 -28.20
C ASP C 252 99.42 -4.80 -28.29
N ASP C 253 100.01 -4.72 -29.52
CA ASP C 253 101.42 -4.45 -29.69
C ASP C 253 101.77 -3.00 -29.44
N LEU C 254 100.94 -2.06 -29.96
CA LEU C 254 101.08 -0.63 -29.73
C LEU C 254 100.74 -0.30 -28.30
N ALA C 255 99.88 -1.11 -27.65
CA ALA C 255 99.47 -0.90 -26.29
C ALA C 255 100.52 -1.31 -25.29
N ASP C 256 101.42 -2.26 -25.66
CA ASP C 256 102.54 -2.66 -24.82
C ASP C 256 103.60 -1.59 -24.77
N SER C 257 103.77 -0.82 -25.86
CA SER C 257 104.76 0.21 -25.95
C SER C 257 104.23 1.52 -25.43
N GLY C 258 105.09 2.23 -24.67
CA GLY C 258 104.82 3.52 -24.08
C GLY C 258 104.00 3.47 -22.82
N PHE C 259 103.63 2.25 -22.35
CA PHE C 259 102.80 2.06 -21.19
C PHE C 259 102.51 0.59 -21.07
N ILE C 260 102.59 0.06 -19.83
CA ILE C 260 102.29 -1.33 -19.56
C ILE C 260 102.08 -1.40 -18.06
N LYS C 261 101.37 -2.45 -17.59
CA LYS C 261 101.19 -2.67 -16.18
C LYS C 261 101.07 -4.16 -16.00
N ILE C 262 101.44 -4.65 -14.79
CA ILE C 262 101.40 -6.04 -14.39
C ILE C 262 100.13 -6.19 -13.56
N ALA C 263 99.99 -7.31 -12.81
CA ALA C 263 98.82 -7.73 -12.06
C ALA C 263 97.92 -8.53 -12.94
N GLU C 264 98.52 -9.18 -13.97
CA GLU C 264 97.88 -10.07 -14.90
C GLU C 264 97.33 -11.29 -14.21
N ARG C 265 96.10 -11.69 -14.59
CA ARG C 265 95.38 -12.75 -13.93
C ARG C 265 94.31 -13.16 -14.89
N GLN C 266 93.83 -14.43 -14.77
CA GLN C 266 92.75 -14.98 -15.55
C GLN C 266 91.46 -14.23 -15.26
N ILE C 267 90.68 -13.97 -16.32
CA ILE C 267 89.42 -13.29 -16.25
C ILE C 267 88.55 -14.21 -17.04
N LYS C 268 87.52 -14.80 -16.39
CA LYS C 268 86.66 -15.77 -17.02
C LYS C 268 85.57 -15.02 -17.74
N ARG C 269 85.39 -15.37 -19.02
CA ARG C 269 84.35 -14.86 -19.85
C ARG C 269 83.79 -16.06 -20.53
N ARG C 270 82.56 -15.91 -21.06
CA ARG C 270 81.91 -16.89 -21.85
C ARG C 270 81.52 -16.16 -23.10
N ARG C 271 81.59 -16.86 -24.26
CA ARG C 271 81.34 -16.27 -25.56
C ARG C 271 80.30 -17.14 -26.17
N VAL C 272 79.25 -16.53 -26.77
CA VAL C 272 78.22 -17.29 -27.44
C VAL C 272 78.49 -17.18 -28.92
N TYR C 273 78.16 -18.27 -29.64
CA TYR C 273 78.45 -18.42 -31.04
C TYR C 273 77.16 -18.73 -31.72
N LYS C 274 76.84 -17.93 -32.75
CA LYS C 274 75.68 -18.07 -33.58
C LYS C 274 76.09 -18.89 -34.77
N SER C 275 75.38 -20.02 -35.01
CA SER C 275 75.67 -20.92 -36.09
C SER C 275 74.40 -21.02 -36.88
N ILE C 276 74.45 -20.62 -38.16
CA ILE C 276 73.37 -20.74 -39.10
C ILE C 276 73.33 -22.18 -39.56
N ILE C 277 72.14 -22.83 -39.49
CA ILE C 277 72.01 -24.23 -39.71
C ILE C 277 70.73 -24.50 -40.45
N THR C 278 70.76 -25.54 -41.31
CA THR C 278 69.63 -26.07 -42.04
C THR C 278 69.63 -27.53 -41.70
N CYS C 279 68.54 -28.25 -42.08
CA CYS C 279 68.33 -29.64 -41.80
C CYS C 279 69.40 -30.52 -42.43
N THR C 280 69.81 -30.19 -43.67
CA THR C 280 70.82 -30.92 -44.40
C THR C 280 72.21 -30.84 -43.80
N ALA C 281 72.68 -29.63 -43.43
CA ALA C 281 73.99 -29.47 -42.86
C ALA C 281 74.06 -28.12 -42.21
N VAL C 282 75.13 -27.85 -41.43
CA VAL C 282 75.38 -26.56 -40.84
C VAL C 282 76.05 -25.73 -41.91
N LEU C 283 75.40 -24.60 -42.28
CA LEU C 283 75.84 -23.73 -43.35
C LEU C 283 77.01 -22.88 -42.92
N LYS C 284 76.95 -22.35 -41.68
CA LYS C 284 78.00 -21.54 -41.14
C LYS C 284 78.08 -21.96 -39.70
N ASP C 285 79.29 -22.32 -39.23
CA ASP C 285 79.47 -22.85 -37.90
C ASP C 285 80.46 -21.94 -37.21
N LYS C 286 80.09 -21.52 -35.97
CA LYS C 286 80.88 -20.69 -35.09
C LYS C 286 81.22 -19.34 -35.68
N GLN C 287 80.17 -18.58 -36.05
CA GLN C 287 80.32 -17.19 -36.44
C GLN C 287 80.14 -16.40 -35.17
N LEU C 288 81.17 -15.59 -34.82
CA LEU C 288 81.25 -14.86 -33.58
C LEU C 288 80.26 -13.73 -33.56
N ILE C 289 79.44 -13.70 -32.51
CA ILE C 289 78.48 -12.65 -32.25
C ILE C 289 79.00 -12.04 -30.97
N ALA C 290 78.85 -10.70 -30.83
CA ALA C 290 79.55 -9.90 -29.85
C ALA C 290 79.09 -10.12 -28.43
N GLY C 291 77.89 -10.72 -28.22
CA GLY C 291 77.36 -11.04 -26.90
C GLY C 291 78.25 -12.00 -26.15
N GLU C 292 78.19 -11.95 -24.80
CA GLU C 292 78.84 -12.91 -23.93
C GLU C 292 77.80 -13.78 -23.30
N HIS C 293 76.51 -13.47 -23.53
CA HIS C 293 75.42 -14.36 -23.23
C HIS C 293 74.60 -14.30 -24.47
N ILE C 294 73.63 -15.24 -24.60
CA ILE C 294 72.73 -15.33 -25.73
C ILE C 294 71.90 -14.06 -25.79
N PRO C 295 71.71 -13.37 -26.93
CA PRO C 295 71.12 -12.04 -26.94
C PRO C 295 69.63 -12.16 -27.12
N ILE C 296 69.09 -13.40 -26.99
CA ILE C 296 67.71 -13.70 -27.21
C ILE C 296 67.19 -14.09 -25.86
N VAL C 297 66.16 -13.36 -25.39
CA VAL C 297 65.51 -13.60 -24.13
C VAL C 297 64.07 -13.99 -24.45
N PRO C 298 63.60 -15.19 -24.16
CA PRO C 298 62.21 -15.55 -24.35
C PRO C 298 61.41 -14.98 -23.20
N VAL C 299 60.12 -14.67 -23.43
CA VAL C 299 59.22 -14.20 -22.40
C VAL C 299 58.11 -15.20 -22.34
N PHE C 300 57.59 -15.41 -21.12
CA PHE C 300 56.57 -16.39 -20.86
C PHE C 300 55.74 -15.73 -19.81
N GLY C 301 54.40 -15.84 -19.88
CA GLY C 301 53.52 -15.16 -18.96
C GLY C 301 53.13 -16.06 -17.84
N GLU C 302 52.80 -17.33 -18.16
CA GLU C 302 52.49 -18.35 -17.20
C GLU C 302 53.30 -19.52 -17.63
N TRP C 303 54.26 -19.94 -16.78
CA TRP C 303 55.37 -20.76 -17.18
C TRP C 303 55.59 -21.76 -16.09
N GLY C 304 56.11 -22.94 -16.45
CA GLY C 304 56.44 -23.92 -15.44
C GLY C 304 56.80 -25.22 -16.08
N PHE C 305 56.87 -26.26 -15.22
CA PHE C 305 57.14 -27.63 -15.57
C PHE C 305 56.02 -28.46 -15.02
N VAL C 306 55.88 -29.70 -15.54
CA VAL C 306 54.96 -30.68 -14.99
C VAL C 306 55.75 -31.89 -14.60
N GLU C 307 56.78 -32.28 -15.41
CA GLU C 307 57.67 -33.37 -15.06
C GLU C 307 59.04 -33.09 -15.62
N ASP C 308 59.37 -31.78 -15.82
CA ASP C 308 60.54 -31.29 -16.51
C ASP C 308 60.36 -31.42 -17.99
N LYS C 309 59.13 -31.09 -18.44
CA LYS C 309 58.81 -30.85 -19.83
C LYS C 309 58.17 -29.52 -19.80
N GLU C 310 58.79 -28.55 -20.52
CA GLU C 310 58.50 -27.14 -20.47
C GLU C 310 57.11 -26.89 -20.99
N VAL C 311 56.34 -26.05 -20.28
CA VAL C 311 54.96 -25.81 -20.62
C VAL C 311 54.69 -24.37 -20.32
N TYR C 312 53.81 -23.78 -21.16
CA TYR C 312 53.35 -22.45 -21.02
C TYR C 312 52.08 -22.41 -21.83
N GLU C 313 51.40 -21.24 -21.85
CA GLU C 313 50.16 -21.07 -22.54
C GLU C 313 49.82 -19.62 -22.44
N GLY C 314 48.77 -19.21 -23.19
CA GLY C 314 48.18 -17.90 -23.07
C GLY C 314 46.93 -18.02 -22.26
N VAL C 315 46.08 -16.97 -22.32
CA VAL C 315 44.78 -16.93 -21.69
C VAL C 315 43.74 -17.39 -22.70
N VAL C 316 44.20 -17.70 -23.93
CA VAL C 316 43.39 -17.99 -25.09
C VAL C 316 42.83 -19.40 -25.03
N ARG C 317 43.58 -20.36 -24.42
CA ARG C 317 43.25 -21.77 -24.46
C ARG C 317 41.92 -22.14 -23.86
N LEU C 318 41.58 -21.51 -22.71
CA LEU C 318 40.37 -21.82 -21.98
C LEU C 318 39.20 -21.08 -22.54
N THR C 319 39.42 -19.93 -23.19
CA THR C 319 38.35 -19.11 -23.72
C THR C 319 37.88 -19.67 -25.04
N LYS C 320 38.82 -20.21 -25.87
CA LYS C 320 38.53 -20.78 -27.17
C LYS C 320 37.81 -22.10 -27.07
N ASP C 321 37.95 -22.78 -25.90
CA ASP C 321 37.31 -24.03 -25.58
C ASP C 321 35.81 -23.84 -25.53
N GLY C 322 35.36 -22.65 -25.08
CA GLY C 322 33.97 -22.34 -24.97
C GLY C 322 33.46 -21.66 -26.20
N GLN C 323 34.35 -21.01 -27.01
CA GLN C 323 33.94 -20.27 -28.18
C GLN C 323 33.34 -21.15 -29.24
N ARG C 324 34.09 -22.20 -29.71
CA ARG C 324 33.66 -23.10 -30.75
C ARG C 324 32.40 -23.86 -30.40
N LEU C 325 32.23 -24.15 -29.10
CA LEU C 325 31.06 -24.78 -28.53
C LEU C 325 29.84 -23.87 -28.56
N ARG C 326 30.01 -22.58 -28.21
CA ARG C 326 28.98 -21.57 -28.28
C ARG C 326 28.57 -21.33 -29.70
N ASN C 327 29.56 -21.24 -30.62
CA ASN C 327 29.39 -21.04 -32.05
C ASN C 327 28.60 -22.16 -32.68
N MET C 328 28.77 -23.41 -32.18
CA MET C 328 28.09 -24.59 -32.67
C MET C 328 26.62 -24.55 -32.39
N ILE C 329 26.23 -24.21 -31.13
CA ILE C 329 24.86 -24.06 -30.68
C ILE C 329 24.17 -22.94 -31.43
N MET C 330 24.92 -21.85 -31.66
CA MET C 330 24.50 -20.64 -32.35
C MET C 330 24.17 -20.90 -33.80
N SER C 331 24.88 -21.85 -34.45
CA SER C 331 24.70 -22.15 -35.85
C SER C 331 23.59 -23.13 -36.09
N PHE C 332 23.30 -24.04 -35.11
CA PHE C 332 22.25 -25.04 -35.21
C PHE C 332 20.90 -24.37 -35.33
N ASN C 333 20.58 -23.51 -34.34
CA ASN C 333 19.29 -22.88 -34.19
C ASN C 333 19.07 -21.78 -35.20
N ALA C 334 20.15 -21.31 -35.87
CA ALA C 334 20.12 -20.35 -36.95
C ALA C 334 19.35 -20.84 -38.15
N ASP C 335 19.53 -22.14 -38.49
CA ASP C 335 18.88 -22.78 -39.61
C ASP C 335 17.42 -23.01 -39.37
N ILE C 336 16.97 -23.01 -38.09
CA ILE C 336 15.58 -23.19 -37.70
C ILE C 336 14.81 -21.91 -37.93
N VAL C 337 15.49 -20.73 -37.88
CA VAL C 337 14.87 -19.43 -38.11
C VAL C 337 14.37 -19.32 -39.52
N ALA C 338 15.21 -19.70 -40.50
CA ALA C 338 14.86 -19.60 -41.90
C ALA C 338 14.02 -20.78 -42.31
N ARG C 339 14.59 -22.00 -42.22
CA ARG C 339 13.96 -23.19 -42.72
C ARG C 339 13.26 -23.90 -41.59
N THR C 340 11.95 -24.17 -41.81
CA THR C 340 11.05 -24.93 -40.96
C THR C 340 9.68 -24.50 -41.45
N PRO C 341 8.64 -25.34 -41.47
CA PRO C 341 7.27 -24.89 -41.56
C PRO C 341 6.89 -24.29 -40.22
N LYS C 342 6.05 -23.24 -40.21
CA LYS C 342 5.65 -22.56 -39.01
C LYS C 342 4.15 -22.52 -39.02
N LYS C 343 3.55 -22.07 -37.89
CA LYS C 343 2.15 -22.18 -37.55
C LYS C 343 1.24 -21.59 -38.60
N LYS C 344 0.57 -22.50 -39.36
CA LYS C 344 -0.35 -22.16 -40.42
C LYS C 344 -1.32 -23.32 -40.43
N PRO C 345 -2.57 -23.13 -40.84
CA PRO C 345 -3.58 -24.18 -40.82
C PRO C 345 -3.36 -25.30 -41.80
N PHE C 346 -3.56 -26.56 -41.33
CA PHE C 346 -3.62 -27.72 -42.16
C PHE C 346 -5.01 -27.77 -42.73
N PHE C 347 -5.16 -28.36 -43.93
CA PHE C 347 -6.43 -28.56 -44.57
C PHE C 347 -6.27 -29.87 -45.28
N TRP C 348 -7.37 -30.36 -45.88
CA TRP C 348 -7.34 -31.51 -46.75
C TRP C 348 -7.34 -30.95 -48.15
N PRO C 349 -6.88 -31.68 -49.17
CA PRO C 349 -6.92 -31.22 -50.56
C PRO C 349 -8.32 -31.19 -51.11
N GLU C 350 -9.30 -31.78 -50.40
CA GLU C 350 -10.66 -31.92 -50.87
C GLU C 350 -11.55 -30.88 -50.22
N GLN C 351 -10.99 -30.03 -49.31
CA GLN C 351 -11.73 -28.94 -48.73
C GLN C 351 -11.05 -27.63 -49.01
N ILE C 352 -9.90 -27.65 -49.74
CA ILE C 352 -9.19 -26.45 -50.13
C ILE C 352 -9.39 -26.26 -51.62
N ALA C 353 -10.21 -27.13 -52.26
CA ALA C 353 -10.47 -27.11 -53.67
C ALA C 353 -11.23 -25.86 -54.05
N GLY C 354 -10.63 -25.08 -54.98
CA GLY C 354 -11.21 -23.88 -55.52
C GLY C 354 -11.06 -22.67 -54.65
N PHE C 355 -10.26 -22.79 -53.57
CA PHE C 355 -9.95 -21.70 -52.68
C PHE C 355 -8.49 -21.49 -52.85
N GLU C 356 -8.15 -20.31 -53.42
CA GLU C 356 -6.78 -19.87 -53.57
C GLU C 356 -6.79 -18.37 -53.70
N HIS C 357 -7.98 -17.75 -53.61
CA HIS C 357 -8.15 -16.32 -53.67
C HIS C 357 -8.54 -15.88 -52.27
N MET C 358 -8.76 -16.87 -51.36
CA MET C 358 -9.14 -16.65 -50.00
C MET C 358 -7.93 -16.83 -49.14
N TYR C 359 -6.77 -17.18 -49.75
CA TYR C 359 -5.49 -17.17 -49.09
C TYR C 359 -4.56 -16.58 -50.11
N ASP C 360 -3.82 -15.51 -49.75
CA ASP C 360 -2.76 -15.00 -50.60
C ASP C 360 -1.85 -14.09 -49.82
N GLY C 361 -2.11 -13.88 -48.52
CA GLY C 361 -1.33 -12.97 -47.71
C GLY C 361 -1.72 -11.53 -47.83
N ASN C 362 -2.88 -11.23 -48.45
CA ASN C 362 -3.32 -9.88 -48.71
C ASN C 362 -4.75 -9.82 -48.27
N ASP C 363 -5.29 -8.59 -48.13
CA ASP C 363 -6.68 -8.35 -47.81
C ASP C 363 -7.42 -8.28 -49.12
N ASP C 364 -8.00 -9.43 -49.54
CA ASP C 364 -9.02 -9.49 -50.55
C ASP C 364 -10.27 -10.06 -49.91
N TYR C 365 -10.25 -10.29 -48.57
CA TYR C 365 -11.26 -11.07 -47.90
C TYR C 365 -11.22 -10.68 -46.44
N PRO C 366 -12.32 -10.80 -45.70
CA PRO C 366 -12.29 -10.78 -44.25
C PRO C 366 -12.76 -12.10 -43.72
N TYR C 367 -12.74 -13.19 -44.53
CA TYR C 367 -13.16 -14.49 -44.06
C TYR C 367 -12.50 -15.54 -44.92
N TYR C 368 -12.77 -16.82 -44.61
CA TYR C 368 -12.20 -17.95 -45.30
C TYR C 368 -13.36 -18.85 -45.62
N LEU C 369 -13.12 -19.82 -46.53
CA LEU C 369 -14.12 -20.72 -47.02
C LEU C 369 -13.43 -22.04 -47.21
N LEU C 370 -14.12 -23.13 -46.82
CA LEU C 370 -13.66 -24.49 -46.99
C LEU C 370 -14.91 -25.26 -47.39
N ASN C 371 -14.76 -26.51 -47.89
CA ASN C 371 -15.91 -27.31 -48.27
C ASN C 371 -16.43 -28.00 -47.04
N ARG C 372 -17.72 -27.70 -46.73
CA ARG C 372 -18.45 -28.09 -45.55
C ARG C 372 -18.90 -29.52 -45.66
N THR C 373 -19.35 -29.91 -46.88
CA THR C 373 -19.93 -31.19 -47.19
C THR C 373 -19.12 -31.75 -48.33
N ASP C 374 -19.17 -33.08 -48.51
CA ASP C 374 -18.45 -33.77 -49.56
C ASP C 374 -19.32 -34.93 -49.93
N GLU C 375 -19.27 -35.35 -51.21
CA GLU C 375 -19.92 -36.53 -51.73
C GLU C 375 -19.35 -37.78 -51.08
N ASN C 376 -20.21 -38.82 -50.94
CA ASN C 376 -19.93 -40.07 -50.27
C ASN C 376 -20.03 -39.83 -48.78
N SER C 377 -21.22 -39.34 -48.36
CA SER C 377 -21.62 -39.02 -47.02
C SER C 377 -21.12 -37.64 -46.67
N GLY C 378 -22.07 -36.69 -46.48
CA GLY C 378 -21.80 -35.32 -46.11
C GLY C 378 -21.18 -35.16 -44.76
N ASP C 379 -20.79 -33.92 -44.43
CA ASP C 379 -19.96 -33.62 -43.28
C ASP C 379 -20.52 -32.35 -42.71
N LEU C 380 -20.14 -32.04 -41.45
CA LEU C 380 -20.53 -30.82 -40.78
C LEU C 380 -19.29 -30.29 -40.13
N PRO C 381 -19.20 -29.01 -39.76
CA PRO C 381 -17.97 -28.43 -39.25
C PRO C 381 -17.80 -28.87 -37.82
N THR C 382 -16.54 -29.14 -37.42
CA THR C 382 -16.19 -29.55 -36.08
C THR C 382 -14.81 -28.96 -35.84
N GLN C 383 -14.45 -27.91 -36.62
CA GLN C 383 -13.09 -27.47 -36.84
C GLN C 383 -12.24 -28.56 -37.47
N PRO C 384 -12.43 -28.91 -38.75
CA PRO C 384 -11.81 -30.05 -39.39
C PRO C 384 -10.37 -29.76 -39.70
N LEU C 385 -9.94 -28.49 -39.51
CA LEU C 385 -8.61 -27.99 -39.75
C LEU C 385 -7.77 -28.26 -38.52
N ALA C 386 -6.47 -27.97 -38.62
CA ALA C 386 -5.53 -28.12 -37.53
C ALA C 386 -4.59 -26.96 -37.71
N TYR C 387 -3.54 -26.88 -36.88
CA TYR C 387 -2.54 -25.83 -36.98
C TYR C 387 -1.23 -26.45 -36.63
N TYR C 388 -0.17 -26.16 -37.43
CA TYR C 388 1.21 -26.52 -37.17
C TYR C 388 1.65 -25.82 -35.90
N GLU C 389 2.54 -26.42 -35.09
CA GLU C 389 2.97 -25.86 -33.84
C GLU C 389 4.41 -25.47 -33.99
N ASN C 390 4.72 -24.20 -33.60
CA ASN C 390 6.00 -23.55 -33.80
C ASN C 390 7.11 -24.29 -33.06
N PRO C 391 8.35 -24.35 -33.57
CA PRO C 391 9.51 -24.89 -32.86
C PRO C 391 9.69 -24.32 -31.48
N GLU C 392 9.97 -25.19 -30.48
CA GLU C 392 10.03 -24.82 -29.09
C GLU C 392 11.46 -24.74 -28.62
N VAL C 393 12.43 -24.92 -29.55
CA VAL C 393 13.88 -24.87 -29.39
C VAL C 393 14.40 -26.02 -28.52
N PRO C 394 15.36 -26.86 -28.93
CA PRO C 394 15.94 -27.91 -28.11
C PRO C 394 16.46 -27.43 -26.77
N GLN C 395 16.03 -28.11 -25.69
CA GLN C 395 16.39 -27.80 -24.32
C GLN C 395 17.77 -28.28 -23.99
N ALA C 396 18.31 -29.26 -24.76
CA ALA C 396 19.66 -29.74 -24.61
C ALA C 396 20.67 -28.71 -25.05
N ASN C 397 20.27 -27.85 -26.02
CA ASN C 397 21.09 -26.77 -26.54
C ASN C 397 21.10 -25.63 -25.58
N ALA C 398 19.97 -25.43 -24.85
CA ALA C 398 19.80 -24.34 -23.92
C ALA C 398 20.61 -24.54 -22.67
N TYR C 399 20.64 -25.78 -22.13
CA TYR C 399 21.37 -26.12 -20.93
C TYR C 399 22.86 -26.16 -21.19
N MET C 400 23.26 -26.52 -22.44
CA MET C 400 24.65 -26.69 -22.80
C MET C 400 25.32 -25.35 -23.01
N LEU C 401 24.53 -24.33 -23.45
CA LEU C 401 25.00 -22.97 -23.65
C LEU C 401 25.40 -22.34 -22.34
N GLU C 402 24.68 -22.67 -21.24
CA GLU C 402 24.96 -22.19 -19.90
C GLU C 402 26.31 -22.64 -19.41
N ALA C 403 26.68 -23.90 -19.70
CA ALA C 403 27.98 -24.47 -19.37
C ALA C 403 29.07 -23.97 -20.27
N ALA C 404 28.70 -23.53 -21.50
CA ALA C 404 29.62 -23.05 -22.51
C ALA C 404 30.08 -21.66 -22.20
N THR C 405 29.12 -20.80 -21.76
CA THR C 405 29.39 -19.43 -21.35
C THR C 405 30.11 -19.40 -20.02
N SER C 406 29.95 -20.45 -19.19
CA SER C 406 30.59 -20.60 -17.90
C SER C 406 32.08 -20.81 -18.06
N ALA C 407 32.52 -21.54 -19.10
CA ALA C 407 33.92 -21.79 -19.38
C ALA C 407 34.66 -20.55 -19.82
N VAL C 408 33.94 -19.62 -20.47
CA VAL C 408 34.47 -18.39 -21.01
C VAL C 408 34.67 -17.36 -19.93
N LYS C 409 33.69 -17.20 -19.01
CA LYS C 409 33.63 -16.10 -18.08
C LYS C 409 34.64 -16.17 -16.97
N GLU C 410 35.23 -17.37 -16.70
CA GLU C 410 36.21 -17.53 -15.64
C GLU C 410 37.48 -16.80 -16.00
N VAL C 411 37.94 -17.01 -17.26
CA VAL C 411 39.18 -16.49 -17.78
C VAL C 411 38.96 -15.19 -18.52
N ALA C 412 37.76 -14.58 -18.36
CA ALA C 412 37.47 -13.26 -18.86
C ALA C 412 38.11 -12.22 -17.97
N THR C 413 38.47 -12.62 -16.72
CA THR C 413 39.19 -11.81 -15.78
C THR C 413 40.23 -12.74 -15.19
N LEU C 414 41.31 -12.15 -14.61
CA LEU C 414 42.38 -12.88 -13.99
C LEU C 414 42.54 -12.36 -12.58
N GLY C 415 41.56 -11.56 -12.10
CA GLY C 415 41.62 -10.91 -10.81
C GLY C 415 42.29 -9.58 -10.95
N VAL C 416 42.43 -8.84 -9.82
CA VAL C 416 43.02 -7.53 -9.78
C VAL C 416 44.00 -7.61 -8.66
N ASP C 417 45.29 -7.25 -8.93
CA ASP C 417 46.32 -7.26 -7.92
C ASP C 417 46.94 -5.90 -7.77
N THR C 418 46.55 -4.93 -8.62
CA THR C 418 47.16 -3.62 -8.63
C THR C 418 46.06 -2.68 -9.04
N GLU C 419 46.11 -1.43 -8.52
CA GLU C 419 45.16 -0.36 -8.78
C GLU C 419 45.13 -0.01 -10.25
N ALA C 420 46.32 -0.04 -10.89
CA ALA C 420 46.57 0.19 -12.30
C ALA C 420 45.76 -0.71 -13.21
N VAL C 421 45.84 -0.45 -14.54
CA VAL C 421 45.05 -1.09 -15.56
C VAL C 421 45.25 -2.59 -15.62
N ASN C 422 46.52 -3.06 -15.45
CA ASN C 422 46.87 -4.46 -15.40
C ASN C 422 46.25 -5.11 -14.18
N GLY C 423 45.70 -6.34 -14.37
CA GLY C 423 45.00 -7.07 -13.33
C GLY C 423 45.89 -8.15 -12.79
N GLY C 424 45.53 -9.42 -13.11
CA GLY C 424 46.23 -10.59 -12.66
C GLY C 424 47.42 -10.89 -13.52
N GLN C 425 47.60 -10.09 -14.60
CA GLN C 425 48.64 -10.25 -15.57
C GLN C 425 49.82 -9.39 -15.20
N VAL C 426 49.80 -8.77 -13.99
CA VAL C 426 50.93 -8.16 -13.33
C VAL C 426 52.04 -9.18 -13.16
N ALA C 427 51.68 -10.47 -12.91
CA ALA C 427 52.58 -11.60 -12.89
C ALA C 427 53.29 -11.81 -14.22
N PHE C 428 52.56 -11.65 -15.35
CA PHE C 428 53.10 -11.71 -16.70
C PHE C 428 53.99 -10.51 -16.99
N ASP C 429 53.71 -9.34 -16.38
CA ASP C 429 54.43 -8.10 -16.63
C ASP C 429 55.75 -8.09 -15.92
N THR C 430 55.79 -8.56 -14.65
CA THR C 430 56.98 -8.50 -13.83
C THR C 430 58.06 -9.42 -14.33
N VAL C 431 57.68 -10.55 -14.99
CA VAL C 431 58.62 -11.46 -15.60
C VAL C 431 59.05 -10.99 -16.98
N ASN C 432 58.26 -10.10 -17.63
CA ASN C 432 58.56 -9.57 -18.95
C ASN C 432 59.68 -8.56 -18.82
N GLN C 433 59.55 -7.62 -17.84
CA GLN C 433 60.53 -6.62 -17.54
C GLN C 433 61.77 -7.18 -16.88
N LEU C 434 61.66 -8.39 -16.28
CA LEU C 434 62.76 -9.13 -15.72
C LEU C 434 63.66 -9.62 -16.82
N ASN C 435 63.07 -10.14 -17.92
CA ASN C 435 63.77 -10.61 -19.07
C ASN C 435 64.26 -9.47 -19.93
N MET C 436 63.66 -8.25 -19.80
CA MET C 436 64.19 -7.03 -20.37
C MET C 436 65.50 -6.66 -19.73
N ARG C 437 65.62 -6.87 -18.40
CA ARG C 437 66.82 -6.63 -17.64
C ARG C 437 67.85 -7.71 -17.88
N ALA C 438 67.41 -8.90 -18.33
CA ALA C 438 68.28 -10.00 -18.74
C ALA C 438 68.92 -9.69 -20.06
N ASP C 439 68.13 -9.09 -20.99
CA ASP C 439 68.60 -8.62 -22.28
C ASP C 439 69.61 -7.51 -22.13
N LEU C 440 69.47 -6.71 -21.05
CA LEU C 440 70.34 -5.59 -20.75
C LEU C 440 71.58 -6.01 -20.01
N GLU C 441 71.58 -7.22 -19.41
CA GLU C 441 72.75 -7.83 -18.82
C GLU C 441 73.77 -8.18 -19.89
N THR C 442 73.28 -8.71 -21.04
CA THR C 442 74.10 -9.08 -22.16
C THR C 442 74.27 -7.93 -23.11
N TYR C 443 73.51 -6.81 -22.92
CA TYR C 443 73.60 -5.62 -23.74
C TYR C 443 74.92 -4.96 -23.47
N VAL C 444 75.32 -4.82 -22.19
CA VAL C 444 76.57 -4.20 -21.78
C VAL C 444 77.75 -4.96 -22.33
N PHE C 445 77.70 -6.31 -22.30
CA PHE C 445 78.73 -7.18 -22.80
C PHE C 445 78.81 -7.28 -24.31
N GLN C 446 77.81 -6.70 -25.03
CA GLN C 446 77.71 -6.75 -26.47
C GLN C 446 78.06 -5.40 -27.04
N ASP C 447 77.33 -4.35 -26.60
CA ASP C 447 77.39 -2.95 -27.00
C ASP C 447 78.78 -2.34 -27.02
N ASN C 448 79.66 -2.63 -26.03
CA ASN C 448 80.97 -2.01 -25.99
C ASN C 448 81.88 -2.53 -27.08
N LEU C 449 81.63 -3.76 -27.59
CA LEU C 449 82.27 -4.33 -28.74
C LEU C 449 81.63 -3.89 -30.04
N ALA C 450 80.28 -3.94 -30.07
CA ALA C 450 79.47 -3.74 -31.26
C ALA C 450 79.49 -2.33 -31.77
N THR C 451 79.16 -1.36 -30.88
CA THR C 451 79.23 0.05 -31.15
C THR C 451 80.68 0.49 -31.10
N ALA C 452 81.52 -0.30 -30.38
CA ALA C 452 82.94 -0.08 -30.23
C ALA C 452 83.23 1.05 -29.29
N MET C 453 84.39 0.94 -28.59
CA MET C 453 84.88 1.88 -27.61
C MET C 453 83.94 2.12 -26.47
N ARG C 454 84.10 3.28 -25.80
CA ARG C 454 83.50 3.68 -24.56
C ARG C 454 84.20 3.00 -23.40
N ARG C 455 84.29 3.74 -22.27
CA ARG C 455 85.04 3.35 -21.10
C ARG C 455 84.07 3.52 -19.97
N ASP C 456 84.37 2.92 -18.78
CA ASP C 456 83.60 3.14 -17.58
C ASP C 456 84.45 3.87 -16.57
N GLY C 457 85.64 4.36 -16.99
CA GLY C 457 86.62 4.97 -16.12
C GLY C 457 86.24 6.38 -15.76
N GLU C 458 87.15 7.08 -15.04
CA GLU C 458 86.87 8.36 -14.44
C GLU C 458 87.84 9.37 -14.97
N ILE C 459 87.72 10.61 -14.44
CA ILE C 459 88.39 11.83 -14.83
C ILE C 459 89.89 11.66 -14.72
N TYR C 460 90.66 12.40 -15.55
CA TYR C 460 92.07 12.24 -15.84
C TYR C 460 92.16 11.11 -16.83
N GLN C 461 92.29 11.48 -18.13
CA GLN C 461 91.90 10.62 -19.21
C GLN C 461 92.94 10.70 -20.28
N SER C 462 93.64 11.85 -20.35
CA SER C 462 93.87 12.54 -21.59
C SER C 462 94.32 13.92 -21.15
N ILE C 463 95.66 14.08 -21.13
CA ILE C 463 96.42 14.69 -20.05
C ILE C 463 97.61 13.76 -19.95
N VAL C 464 98.78 14.27 -19.49
CA VAL C 464 99.93 13.46 -19.17
C VAL C 464 99.59 12.57 -17.99
N ASN C 465 99.61 11.24 -18.22
CA ASN C 465 99.72 10.24 -17.20
C ASN C 465 100.75 9.27 -17.70
N ASP C 466 101.31 8.46 -16.78
CA ASP C 466 101.74 7.10 -17.00
C ASP C 466 101.99 6.65 -15.60
N ILE C 467 100.90 6.53 -14.81
CA ILE C 467 100.96 6.39 -13.38
C ILE C 467 100.14 5.19 -13.02
N TYR C 468 100.29 4.75 -11.76
CA TYR C 468 99.46 3.71 -11.20
C TYR C 468 99.40 3.92 -9.71
N ASP C 469 98.59 3.07 -9.04
CA ASP C 469 98.29 3.15 -7.63
C ASP C 469 99.00 2.04 -6.89
N VAL C 470 100.07 1.46 -7.51
CA VAL C 470 100.91 0.42 -6.94
C VAL C 470 101.65 0.88 -5.69
N PRO C 471 102.32 2.05 -5.56
CA PRO C 471 102.76 2.56 -4.27
C PRO C 471 101.56 2.89 -3.42
N ARG C 472 101.69 2.87 -2.06
CA ARG C 472 100.61 3.03 -1.10
C ARG C 472 99.51 2.04 -1.43
N ASN C 473 98.22 2.43 -1.67
CA ASN C 473 97.44 1.51 -2.50
C ASN C 473 96.27 2.12 -3.25
N VAL C 474 95.68 3.27 -2.83
CA VAL C 474 94.60 3.88 -3.60
C VAL C 474 94.59 5.38 -3.38
N THR C 475 95.66 5.95 -2.79
CA THR C 475 95.68 7.21 -2.05
C THR C 475 95.00 8.39 -2.73
N ILE C 476 94.66 9.41 -1.92
CA ILE C 476 93.91 10.56 -2.32
C ILE C 476 94.81 11.71 -1.92
N THR C 477 94.76 12.82 -2.69
CA THR C 477 95.51 14.06 -2.51
C THR C 477 96.84 14.00 -3.21
N LEU C 478 96.78 13.86 -4.56
CA LEU C 478 97.85 14.16 -5.50
C LEU C 478 99.01 13.19 -5.53
N GLU C 479 99.29 12.69 -6.74
CA GLU C 479 100.43 11.87 -7.10
C GLU C 479 100.56 12.01 -8.59
N ASP C 480 99.54 12.63 -9.24
CA ASP C 480 99.47 13.21 -10.57
C ASP C 480 98.00 13.18 -10.88
N GLY C 481 97.28 12.16 -10.37
CA GLY C 481 95.85 12.07 -10.43
C GLY C 481 95.42 10.97 -11.34
N SER C 482 94.86 9.89 -10.73
CA SER C 482 94.13 8.85 -11.40
C SER C 482 92.69 9.20 -11.10
N GLU C 483 92.15 8.69 -9.98
CA GLU C 483 91.21 9.45 -9.20
C GLU C 483 91.93 9.55 -7.89
N LYS C 484 92.51 10.74 -7.65
CA LYS C 484 93.08 11.13 -6.39
C LYS C 484 92.79 12.58 -6.18
N ASP C 485 92.13 13.21 -7.18
CA ASP C 485 91.87 14.62 -7.26
C ASP C 485 90.80 14.76 -8.31
N VAL C 486 90.27 15.99 -8.48
CA VAL C 486 89.26 16.27 -9.47
C VAL C 486 89.55 17.63 -10.03
N GLN C 487 89.09 17.86 -11.27
CA GLN C 487 88.94 19.12 -11.98
C GLN C 487 90.16 20.01 -12.01
N LEU C 488 91.33 19.44 -12.41
CA LEU C 488 92.49 20.22 -12.77
C LEU C 488 92.89 19.68 -14.10
N MET C 489 92.71 20.51 -15.17
CA MET C 489 93.00 20.21 -16.55
C MET C 489 92.21 19.01 -17.04
N ALA C 490 90.96 18.88 -16.54
CA ALA C 490 89.95 18.04 -17.12
C ALA C 490 88.67 18.61 -16.59
N GLU C 491 87.55 18.39 -17.33
CA GLU C 491 86.23 18.76 -16.89
C GLU C 491 85.27 17.72 -17.40
N VAL C 492 85.80 16.54 -17.82
CA VAL C 492 85.03 15.51 -18.48
C VAL C 492 85.14 14.31 -17.58
N VAL C 493 83.98 13.74 -17.18
CA VAL C 493 83.89 12.64 -16.25
C VAL C 493 84.23 11.31 -16.88
N ASP C 494 83.81 11.08 -18.15
CA ASP C 494 84.03 9.83 -18.82
C ASP C 494 84.21 10.14 -20.28
N LEU C 495 85.14 9.42 -20.92
CA LEU C 495 85.55 9.63 -22.28
C LEU C 495 85.86 8.26 -22.79
N ALA C 496 85.55 8.00 -24.09
CA ALA C 496 85.80 6.75 -24.76
C ALA C 496 87.27 6.44 -24.83
N THR C 497 87.61 5.14 -24.73
CA THR C 497 88.97 4.67 -24.83
C THR C 497 89.24 4.41 -26.30
N GLY C 498 90.30 5.08 -26.82
CA GLY C 498 90.70 4.99 -28.20
C GLY C 498 92.05 4.36 -28.32
N GLU C 499 92.83 4.29 -27.21
CA GLU C 499 94.21 3.84 -27.16
C GLU C 499 95.08 4.46 -28.23
N LYS C 500 95.99 3.67 -28.83
CA LYS C 500 96.83 4.10 -29.93
C LYS C 500 96.39 3.43 -31.20
N GLN C 501 95.36 2.55 -31.13
CA GLN C 501 94.82 1.90 -32.31
C GLN C 501 93.38 1.62 -31.98
N VAL C 502 92.50 1.72 -33.02
CA VAL C 502 91.06 1.71 -32.89
C VAL C 502 90.53 0.30 -32.74
N LEU C 503 89.20 0.20 -32.41
CA LEU C 503 88.45 -1.01 -32.24
C LEU C 503 88.90 -1.72 -30.98
N ASN C 504 88.81 -0.97 -29.86
CA ASN C 504 89.21 -1.42 -28.55
C ASN C 504 88.09 -1.05 -27.63
N ASP C 505 88.10 -1.58 -26.39
CA ASP C 505 87.14 -1.21 -25.38
C ASP C 505 87.71 -1.60 -24.05
N ILE C 506 87.07 -1.12 -22.95
CA ILE C 506 87.33 -1.56 -21.60
C ILE C 506 86.92 -3.01 -21.46
N ARG C 507 87.76 -3.82 -20.74
CA ARG C 507 87.52 -5.23 -20.53
C ARG C 507 86.39 -5.40 -19.56
N GLY C 508 86.41 -4.59 -18.48
CA GLY C 508 85.41 -4.60 -17.44
C GLY C 508 84.28 -3.72 -17.89
N ARG C 509 83.41 -4.29 -18.76
CA ARG C 509 82.25 -3.67 -19.33
C ARG C 509 81.21 -3.48 -18.25
N TYR C 510 81.12 -4.47 -17.32
CA TYR C 510 80.23 -4.47 -16.19
C TYR C 510 80.59 -3.33 -15.27
N GLU C 511 79.58 -2.74 -14.60
CA GLU C 511 79.81 -1.65 -13.69
C GLU C 511 78.51 -1.42 -12.99
N CYS C 512 77.41 -1.37 -13.77
CA CYS C 512 76.11 -0.94 -13.28
C CYS C 512 75.22 -2.13 -13.09
N TYR C 513 73.97 -1.85 -12.65
CA TYR C 513 72.93 -2.80 -12.38
C TYR C 513 71.85 -2.50 -13.38
N THR C 514 71.04 -3.53 -13.71
CA THR C 514 69.97 -3.45 -14.67
C THR C 514 68.72 -3.22 -13.84
N ASP C 515 68.04 -2.07 -14.04
CA ASP C 515 66.92 -1.70 -13.22
C ASP C 515 65.95 -0.98 -14.10
N VAL C 516 64.63 -1.17 -13.84
CA VAL C 516 63.56 -0.69 -14.66
C VAL C 516 62.90 0.43 -13.90
N GLY C 517 62.55 1.50 -14.64
CA GLY C 517 61.91 2.67 -14.12
C GLY C 517 60.92 3.09 -15.17
N PRO C 518 60.50 4.34 -15.20
CA PRO C 518 59.73 4.93 -16.29
C PRO C 518 60.54 4.95 -17.56
N SER C 519 59.87 5.04 -18.74
CA SER C 519 60.53 5.01 -20.02
C SER C 519 61.26 6.31 -20.26
N PHE C 520 62.48 6.22 -20.82
CA PHE C 520 63.31 7.36 -21.13
C PHE C 520 64.07 6.98 -22.36
N GLN C 521 64.39 7.99 -23.20
CA GLN C 521 65.10 7.80 -24.44
C GLN C 521 65.99 8.99 -24.67
N SER C 522 66.22 9.80 -23.61
CA SER C 522 67.19 10.86 -23.65
C SER C 522 67.49 11.23 -22.23
N MET C 523 68.62 11.96 -22.05
CA MET C 523 69.04 12.52 -20.78
C MET C 523 68.11 13.63 -20.36
N LYS C 524 67.60 14.43 -21.34
CA LYS C 524 66.69 15.52 -21.06
C LYS C 524 65.37 15.02 -20.51
N GLN C 525 64.82 13.94 -21.11
CA GLN C 525 63.63 13.26 -20.68
C GLN C 525 63.76 12.66 -19.29
N GLN C 526 64.95 12.10 -18.97
CA GLN C 526 65.29 11.51 -17.69
C GLN C 526 65.20 12.49 -16.55
N ASN C 527 65.54 13.78 -16.82
CA ASN C 527 65.60 14.80 -15.80
C ASN C 527 64.23 15.29 -15.42
N ARG C 528 63.22 15.17 -16.33
CA ARG C 528 61.89 15.70 -16.14
C ARG C 528 61.17 15.00 -15.02
N ALA C 529 61.24 13.65 -14.99
CA ALA C 529 60.59 12.85 -13.98
C ALA C 529 61.24 13.00 -12.64
N GLU C 530 62.57 13.25 -12.62
CA GLU C 530 63.34 13.51 -11.42
C GLU C 530 62.92 14.79 -10.76
N ILE C 531 62.70 15.88 -11.53
CA ILE C 531 62.25 17.18 -11.05
C ILE C 531 60.90 17.06 -10.40
N LEU C 532 59.95 16.38 -11.07
CA LEU C 532 58.59 16.16 -10.59
C LEU C 532 58.54 15.32 -9.34
N GLU C 533 59.45 14.31 -9.21
CA GLU C 533 59.54 13.46 -8.04
C GLU C 533 60.03 14.21 -6.82
N LEU C 534 60.96 15.17 -7.00
CA LEU C 534 61.47 15.97 -5.92
C LEU C 534 60.52 17.06 -5.50
N LEU C 535 59.62 17.50 -6.42
CA LEU C 535 58.59 18.48 -6.13
C LEU C 535 57.49 17.80 -5.36
N GLY C 536 56.75 18.61 -4.57
CA GLY C 536 55.64 18.13 -3.79
C GLY C 536 56.05 17.85 -2.38
N LYS C 537 57.25 18.33 -1.97
CA LYS C 537 57.67 18.24 -0.59
C LYS C 537 58.73 19.27 -0.33
N THR C 538 59.21 19.99 -1.38
CA THR C 538 60.22 21.03 -1.26
C THR C 538 59.66 22.23 -0.50
N PRO C 539 60.42 22.88 0.37
CA PRO C 539 60.01 24.12 1.00
C PRO C 539 60.19 25.24 0.01
N GLN C 540 59.29 26.26 0.04
CA GLN C 540 59.33 27.40 -0.83
C GLN C 540 60.57 28.21 -0.55
N GLY C 541 61.19 28.74 -1.63
CA GLY C 541 62.45 29.44 -1.53
C GLY C 541 63.33 28.85 -2.58
N THR C 542 64.64 28.75 -2.28
CA THR C 542 65.68 28.24 -3.16
C THR C 542 65.41 26.84 -3.72
N PRO C 543 64.98 25.78 -3.02
CA PRO C 543 64.70 24.49 -3.64
C PRO C 543 63.63 24.50 -4.70
N GLU C 544 62.53 25.26 -4.48
CA GLU C 544 61.41 25.36 -5.40
C GLU C 544 61.77 26.16 -6.62
N TYR C 545 62.65 27.19 -6.43
CA TYR C 545 63.10 28.08 -7.47
C TYR C 545 64.12 27.41 -8.36
N GLN C 546 64.87 26.43 -7.80
CA GLN C 546 65.93 25.72 -8.48
C GLN C 546 65.35 24.69 -9.39
N LEU C 547 64.32 23.94 -8.90
CA LEU C 547 63.63 22.91 -9.65
C LEU C 547 62.78 23.47 -10.76
N LEU C 548 62.27 24.73 -10.58
CA LEU C 548 61.39 25.38 -11.53
C LEU C 548 62.17 25.86 -12.72
N LEU C 549 63.35 26.49 -12.47
CA LEU C 549 64.28 26.93 -13.50
C LEU C 549 64.83 25.76 -14.27
N LEU C 550 65.06 24.62 -13.57
CA LEU C 550 65.61 23.43 -14.18
C LEU C 550 64.62 22.76 -15.11
N GLN C 551 63.30 22.90 -14.84
CA GLN C 551 62.26 22.38 -15.70
C GLN C 551 62.29 23.03 -17.06
N TYR C 552 62.60 24.34 -17.11
CA TYR C 552 62.69 25.11 -18.33
C TYR C 552 63.84 24.65 -19.20
N PHE C 553 64.98 24.25 -18.57
CA PHE C 553 66.18 23.81 -19.25
C PHE C 553 66.01 22.45 -19.88
N THR C 554 65.30 21.55 -19.16
CA THR C 554 65.12 20.16 -19.54
C THR C 554 64.07 20.00 -20.61
N LEU C 555 63.33 21.10 -20.94
CA LEU C 555 62.31 21.12 -21.94
C LEU C 555 62.87 21.83 -23.15
N LEU C 556 62.17 21.62 -24.28
CA LEU C 556 62.45 22.08 -25.63
C LEU C 556 62.57 23.57 -25.80
N ASP C 557 62.65 24.02 -27.07
CA ASP C 557 62.77 25.41 -27.44
C ASP C 557 61.70 25.67 -28.45
N GLY C 558 61.41 26.98 -28.63
CA GLY C 558 60.37 27.46 -29.48
C GLY C 558 60.75 28.89 -29.69
N LYS C 559 59.74 29.79 -29.81
CA LYS C 559 59.97 31.22 -29.83
C LYS C 559 60.13 31.69 -28.41
N GLY C 560 59.05 31.54 -27.61
CA GLY C 560 58.99 31.93 -26.23
C GLY C 560 59.48 30.87 -25.29
N VAL C 561 59.52 29.58 -25.75
CA VAL C 561 59.98 28.47 -24.94
C VAL C 561 61.48 28.55 -24.78
N GLU C 562 62.19 29.05 -25.82
CA GLU C 562 63.61 29.29 -25.82
C GLU C 562 64.00 30.38 -24.85
N MET C 563 63.11 31.37 -24.61
CA MET C 563 63.32 32.45 -23.67
C MET C 563 63.37 31.93 -22.25
N MET C 564 62.58 30.87 -21.96
CA MET C 564 62.53 30.23 -20.66
C MET C 564 63.78 29.43 -20.40
N ARG C 565 64.35 28.79 -21.45
CA ARG C 565 65.58 28.03 -21.35
C ARG C 565 66.76 28.95 -21.13
N ASP C 566 66.75 30.13 -21.78
CA ASP C 566 67.76 31.16 -21.61
C ASP C 566 67.74 31.75 -20.23
N TYR C 567 66.56 31.77 -19.56
CA TYR C 567 66.39 32.19 -18.19
C TYR C 567 66.96 31.17 -17.23
N ALA C 568 67.02 29.88 -17.64
CA ALA C 568 67.58 28.82 -16.84
C ALA C 568 69.08 28.86 -16.87
N ASN C 569 69.66 29.16 -18.06
CA ASN C 569 71.09 29.31 -18.24
C ASN C 569 71.62 30.52 -17.53
N LYS C 570 70.79 31.58 -17.44
CA LYS C 570 71.14 32.85 -16.84
C LYS C 570 71.26 32.70 -15.35
N GLN C 571 70.23 32.14 -14.69
CA GLN C 571 70.22 32.02 -13.25
C GLN C 571 71.09 30.90 -12.71
N LEU C 572 70.93 29.66 -13.23
CA LEU C 572 71.46 28.48 -12.60
C LEU C 572 72.96 28.35 -12.72
N ILE C 573 73.50 28.55 -13.95
CA ILE C 573 74.89 28.29 -14.25
C ILE C 573 75.75 29.34 -13.59
N GLN C 574 75.24 30.59 -13.51
CA GLN C 574 75.95 31.72 -12.96
C GLN C 574 75.99 31.69 -11.45
N MET C 575 75.08 30.93 -10.79
CA MET C 575 75.14 30.73 -9.35
C MET C 575 76.24 29.76 -9.00
N GLY C 576 76.59 28.85 -9.95
CA GLY C 576 77.66 27.89 -9.80
C GLY C 576 77.22 26.66 -9.06
N VAL C 577 75.90 26.50 -8.84
CA VAL C 577 75.30 25.38 -8.15
C VAL C 577 75.47 24.09 -8.92
N LYS C 578 75.39 24.15 -10.28
CA LYS C 578 75.52 23.00 -11.15
C LYS C 578 76.89 22.39 -11.10
N LYS C 579 77.94 23.24 -11.10
CA LYS C 579 79.33 22.86 -11.25
C LYS C 579 79.55 22.10 -12.55
N PRO C 580 79.31 22.72 -13.73
CA PRO C 580 79.11 22.02 -15.00
C PRO C 580 80.26 21.14 -15.45
N GLU C 581 79.98 20.22 -16.40
CA GLU C 581 80.97 19.43 -17.09
C GLU C 581 81.29 20.10 -18.41
N THR C 582 80.67 21.29 -18.64
CA THR C 582 80.96 22.23 -19.71
C THR C 582 80.92 21.67 -21.12
N PRO C 583 79.78 21.22 -21.68
CA PRO C 583 79.67 20.82 -23.07
C PRO C 583 79.94 21.95 -24.03
N GLU C 584 79.63 23.20 -23.62
CA GLU C 584 79.89 24.38 -24.40
C GLU C 584 79.83 25.57 -23.47
N GLU C 585 79.74 25.32 -22.14
CA GLU C 585 79.35 26.32 -21.18
C GLU C 585 80.57 26.85 -20.45
N GLN C 586 81.79 26.42 -20.82
CA GLN C 586 83.05 26.76 -20.17
C GLN C 586 83.35 28.24 -20.16
N GLN C 587 82.85 28.98 -21.17
CA GLN C 587 82.91 30.42 -21.19
C GLN C 587 81.53 30.83 -21.61
N TRP C 588 81.24 32.14 -21.42
CA TRP C 588 79.96 32.80 -21.54
C TRP C 588 79.20 32.71 -20.25
N LEU C 589 78.66 31.51 -19.91
CA LEU C 589 77.89 31.32 -18.69
C LEU C 589 78.78 31.19 -17.48
N VAL C 590 79.81 30.30 -17.54
CA VAL C 590 80.78 30.08 -16.50
C VAL C 590 81.69 31.29 -16.34
N GLU C 591 81.89 32.06 -17.44
CA GLU C 591 82.65 33.29 -17.42
C GLU C 591 81.97 34.36 -16.58
N ALA C 592 80.61 34.39 -16.63
CA ALA C 592 79.79 35.31 -15.89
C ALA C 592 79.42 34.78 -14.53
N GLN C 593 79.78 33.51 -14.22
CA GLN C 593 79.56 32.88 -12.94
C GLN C 593 80.34 33.55 -11.84
N GLN C 594 81.58 33.99 -12.16
CA GLN C 594 82.45 34.67 -11.24
C GLN C 594 81.99 36.08 -10.96
N ALA C 595 81.33 36.72 -11.96
CA ALA C 595 80.81 38.06 -11.85
C ALA C 595 79.60 38.11 -10.94
N LYS C 596 78.69 37.10 -11.06
CA LYS C 596 77.51 36.99 -10.24
C LYS C 596 77.84 36.60 -8.83
N GLN C 597 78.88 35.73 -8.65
CA GLN C 597 79.36 35.28 -7.37
C GLN C 597 79.93 36.42 -6.56
N GLY C 598 80.61 37.37 -7.24
CA GLY C 598 81.18 38.55 -6.63
C GLY C 598 80.15 39.58 -6.26
N GLN C 599 78.93 39.50 -6.84
CA GLN C 599 77.82 40.37 -6.56
C GLN C 599 77.12 39.92 -5.29
N GLN C 600 77.15 38.59 -5.00
CA GLN C 600 76.45 37.97 -3.92
C GLN C 600 77.14 38.22 -2.60
N ASP C 601 78.49 38.30 -2.59
CA ASP C 601 79.27 38.47 -1.38
C ASP C 601 79.01 39.77 -0.63
N PRO C 602 79.01 40.99 -1.17
CA PRO C 602 78.69 42.20 -0.43
C PRO C 602 77.22 42.27 -0.06
N ALA C 603 76.34 41.62 -0.85
CA ALA C 603 74.91 41.67 -0.67
C ALA C 603 74.49 40.83 0.52
N MET C 604 75.29 39.80 0.87
CA MET C 604 75.10 38.96 2.04
C MET C 604 75.30 39.73 3.31
N VAL C 605 76.29 40.67 3.31
CA VAL C 605 76.59 41.53 4.43
C VAL C 605 75.47 42.51 4.67
N GLN C 606 74.85 43.03 3.58
CA GLN C 606 73.73 43.93 3.64
C GLN C 606 72.48 43.25 4.17
N ALA C 607 72.26 41.97 3.80
CA ALA C 607 71.13 41.18 4.26
C ALA C 607 71.16 40.92 5.74
N GLN C 608 72.38 40.76 6.32
CA GLN C 608 72.60 40.63 7.74
C GLN C 608 72.81 41.98 8.38
N GLY C 609 72.73 43.08 7.58
CA GLY C 609 72.96 44.43 8.00
C GLY C 609 71.90 44.98 8.90
N VAL C 610 70.63 44.54 8.71
CA VAL C 610 69.51 44.89 9.56
C VAL C 610 69.63 44.25 10.92
N LEU C 611 70.25 43.04 10.99
CA LEU C 611 70.54 42.33 12.21
C LEU C 611 71.81 42.83 12.86
N LEU C 612 72.64 43.58 12.08
CA LEU C 612 73.87 44.19 12.52
C LEU C 612 73.58 45.44 13.31
N GLN C 613 72.35 45.99 13.20
CA GLN C 613 71.89 47.14 13.95
C GLN C 613 71.89 46.85 15.43
N GLY C 614 71.55 45.59 15.79
CA GLY C 614 71.57 45.10 17.16
C GLY C 614 72.95 44.89 17.70
N GLN C 615 73.91 44.47 16.84
CA GLN C 615 75.32 44.33 17.18
C GLN C 615 75.93 45.69 17.43
N ALA C 616 75.42 46.70 16.71
CA ALA C 616 75.89 48.07 16.74
C ALA C 616 75.33 48.82 17.91
N GLU C 617 74.23 48.31 18.53
CA GLU C 617 73.58 48.95 19.65
C GLU C 617 74.44 48.88 20.89
N LEU C 618 75.05 47.70 21.14
CA LEU C 618 75.95 47.48 22.25
C LEU C 618 77.28 48.12 22.00
N ALA C 619 77.70 48.23 20.71
CA ALA C 619 78.98 48.77 20.34
C ALA C 619 79.04 50.26 20.47
N LYS C 620 77.96 50.97 20.05
CA LYS C 620 77.86 52.40 20.14
C LYS C 620 77.67 52.85 21.57
N ALA C 621 77.09 51.98 22.43
CA ALA C 621 76.80 52.30 23.80
C ALA C 621 78.06 52.27 24.61
N GLN C 622 78.95 51.28 24.32
CA GLN C 622 80.21 51.10 24.98
C GLN C 622 81.19 52.22 24.66
N ASN C 623 81.08 52.80 23.44
CA ASN C 623 81.91 53.89 22.99
C ASN C 623 81.49 55.21 23.58
N GLN C 624 80.15 55.44 23.70
CA GLN C 624 79.59 56.66 24.22
C GLN C 624 79.83 56.80 25.69
N THR C 625 79.71 55.70 26.46
CA THR C 625 80.03 55.68 27.88
C THR C 625 81.52 55.84 28.13
N LEU C 626 82.37 55.40 27.18
CA LEU C 626 83.81 55.52 27.25
C LEU C 626 84.23 56.96 27.06
N SER C 627 83.45 57.75 26.28
CA SER C 627 83.71 59.16 26.06
C SER C 627 83.59 59.95 27.32
N LEU C 628 82.62 59.59 28.20
CA LEU C 628 82.39 60.23 29.48
C LEU C 628 83.49 59.93 30.47
N GLN C 629 84.13 58.74 30.34
CA GLN C 629 85.21 58.32 31.22
C GLN C 629 86.50 59.03 30.85
N ILE C 630 86.70 59.31 29.54
CA ILE C 630 87.86 60.02 29.02
C ILE C 630 87.79 61.47 29.40
N ASP C 631 86.59 62.10 29.27
CA ASP C 631 86.39 63.51 29.55
C ASP C 631 86.59 63.83 31.02
N ALA C 632 86.15 62.92 31.91
CA ALA C 632 86.26 63.10 33.33
C ALA C 632 87.68 62.90 33.80
N ALA C 633 88.46 62.02 33.12
CA ALA C 633 89.83 61.74 33.46
C ALA C 633 90.76 62.87 33.09
N LYS C 634 90.48 63.57 31.96
CA LYS C 634 91.29 64.66 31.47
C LYS C 634 91.11 65.90 32.30
N VAL C 635 89.85 66.18 32.74
CA VAL C 635 89.53 67.30 33.61
C VAL C 635 90.08 67.08 34.99
N GLU C 636 90.04 65.82 35.51
CA GLU C 636 90.57 65.47 36.81
C GLU C 636 92.07 65.64 36.87
N ALA C 637 92.78 65.31 35.77
CA ALA C 637 94.21 65.50 35.63
C ALA C 637 94.57 66.95 35.52
N GLN C 638 93.70 67.76 34.88
CA GLN C 638 93.85 69.19 34.72
C GLN C 638 93.70 69.93 36.04
N ASN C 639 92.93 69.36 37.00
CA ASN C 639 92.71 69.95 38.31
C ASN C 639 93.96 69.82 39.14
N GLN C 640 94.71 68.71 38.96
CA GLN C 640 95.97 68.43 39.63
C GLN C 640 97.06 69.35 39.15
N LEU C 641 97.10 69.64 37.81
CA LEU C 641 98.05 70.54 37.21
C LEU C 641 97.75 71.98 37.55
N ASN C 642 96.46 72.31 37.82
CA ASN C 642 96.01 73.63 38.18
C ASN C 642 96.47 73.99 39.56
N ALA C 643 96.35 73.02 40.50
CA ALA C 643 96.71 73.19 41.88
C ALA C 643 98.19 73.29 42.07
N ALA C 644 98.98 72.62 41.20
CA ALA C 644 100.42 72.65 41.23
C ALA C 644 100.97 74.00 40.85
N ARG C 645 100.29 74.71 39.93
CA ARG C 645 100.70 76.02 39.46
C ARG C 645 100.37 77.09 40.46
N ILE C 646 99.21 76.97 41.15
CA ILE C 646 98.70 77.97 42.06
C ILE C 646 99.39 77.89 43.41
N ALA C 647 99.59 76.66 43.93
CA ALA C 647 100.11 76.43 45.27
C ALA C 647 101.57 76.77 45.41
N GLU C 648 102.33 76.73 44.29
CA GLU C 648 103.75 77.02 44.27
C GLU C 648 104.04 78.48 44.48
N ILE C 649 103.06 79.36 44.19
CA ILE C 649 103.23 80.79 44.23
C ILE C 649 103.25 81.27 45.66
N PHE C 650 102.31 80.77 46.50
CA PHE C 650 102.05 81.34 47.81
C PHE C 650 103.17 81.10 48.78
N ASN C 651 103.70 79.85 48.80
CA ASN C 651 104.76 79.42 49.67
C ASN C 651 106.06 80.14 49.42
N ASN C 652 106.40 80.35 48.13
CA ASN C 652 107.64 80.97 47.71
C ASN C 652 107.59 82.47 47.90
N MET C 653 106.39 83.09 47.72
CA MET C 653 106.19 84.51 47.89
C MET C 653 106.32 84.91 49.34
N ASP C 654 105.93 84.01 50.28
CA ASP C 654 105.98 84.25 51.71
C ASP C 654 107.39 84.44 52.21
N LEU C 655 108.36 83.65 51.69
CA LEU C 655 109.74 83.73 52.11
C LEU C 655 110.40 85.01 51.69
N SER C 656 109.94 85.61 50.55
CA SER C 656 110.44 86.87 50.06
C SER C 656 109.82 88.04 50.80
N LYS C 657 108.51 87.94 51.14
CA LYS C 657 107.77 88.98 51.80
C LYS C 657 108.21 89.15 53.23
N GLN C 658 108.39 88.04 53.98
CA GLN C 658 108.87 88.09 55.34
C GLN C 658 110.27 88.65 55.45
N SER C 659 111.14 88.42 54.43
CA SER C 659 112.48 88.95 54.37
C SER C 659 112.48 90.41 53.99
N GLU C 660 111.39 90.91 53.36
CA GLU C 660 111.28 92.27 52.91
C GLU C 660 110.94 93.15 54.08
N PHE C 661 110.10 92.66 55.01
CA PHE C 661 109.68 93.43 56.17
C PHE C 661 110.69 93.35 57.26
N ARG C 662 111.55 92.30 57.26
CA ARG C 662 112.66 92.16 58.19
C ARG C 662 113.76 93.13 57.85
N GLU C 663 113.90 93.46 56.54
CA GLU C 663 114.89 94.40 56.05
C GLU C 663 114.41 95.81 56.31
N PHE C 664 113.08 96.03 56.25
CA PHE C 664 112.43 97.29 56.54
C PHE C 664 112.56 97.67 57.99
N LEU C 665 112.65 96.69 58.93
CA LEU C 665 112.85 96.96 60.35
C LEU C 665 114.15 97.68 60.59
N LYS C 666 115.22 97.29 59.84
CA LYS C 666 116.55 97.84 59.98
C LYS C 666 116.64 99.25 59.47
N THR C 667 115.79 99.59 58.47
CA THR C 667 115.76 100.89 57.82
C THR C 667 115.07 101.90 58.69
N VAL C 668 113.92 101.51 59.28
CA VAL C 668 113.08 102.35 60.08
C VAL C 668 113.73 102.62 61.41
N ALA C 669 114.35 101.59 62.02
CA ALA C 669 115.05 101.70 63.29
C ALA C 669 116.30 102.54 63.21
N SER C 670 116.90 102.69 62.00
CA SER C 670 118.05 103.52 61.78
C SER C 670 117.66 104.98 61.88
N PHE C 671 116.48 105.34 61.32
CA PHE C 671 115.94 106.68 61.40
C PHE C 671 115.31 106.98 62.73
N GLN C 672 114.88 105.94 63.48
CA GLN C 672 114.20 106.10 64.75
C GLN C 672 115.15 106.57 65.82
N GLN C 673 116.39 106.03 65.82
CA GLN C 673 117.46 106.42 66.72
C GLN C 673 118.09 107.71 66.30
N ASP C 674 117.84 108.16 65.05
CA ASP C 674 118.38 109.38 64.49
C ASP C 674 117.64 110.57 65.05
N ARG C 675 116.30 110.47 65.23
CA ARG C 675 115.49 111.55 65.75
C ARG C 675 115.83 111.88 67.18
N SER C 676 116.17 110.85 67.99
CA SER C 676 116.61 111.00 69.36
C SER C 676 118.00 111.59 69.45
N GLU C 677 118.86 111.29 68.45
CA GLU C 677 120.21 111.78 68.35
C GLU C 677 120.26 113.23 67.97
N ASP C 678 119.37 113.66 67.03
CA ASP C 678 119.25 115.03 66.60
C ASP C 678 118.66 115.90 67.68
N ALA C 679 117.80 115.32 68.55
CA ALA C 679 117.18 115.99 69.67
C ALA C 679 118.19 116.34 70.74
N ARG C 680 119.25 115.52 70.87
CA ARG C 680 120.33 115.74 71.79
C ARG C 680 121.22 116.84 71.28
N ALA C 681 121.42 116.92 69.95
CA ALA C 681 122.23 117.92 69.30
C ALA C 681 121.64 119.29 69.40
N ASN C 682 120.28 119.39 69.38
CA ASN C 682 119.57 120.63 69.51
C ASN C 682 119.64 121.13 70.93
N ALA C 683 119.55 120.21 71.92
CA ALA C 683 119.58 120.54 73.33
C ALA C 683 120.91 121.07 73.79
N GLU C 684 122.01 120.65 73.12
CA GLU C 684 123.35 121.09 73.42
C GLU C 684 123.60 122.46 72.86
N LEU C 685 123.13 122.75 71.62
CA LEU C 685 123.31 124.01 70.95
C LEU C 685 122.49 125.10 71.58
N LEU C 686 121.27 124.78 72.07
CA LEU C 686 120.39 125.72 72.72
C LEU C 686 120.80 125.99 74.14
N LEU C 687 121.62 125.10 74.76
CA LEU C 687 122.17 125.30 76.07
C LEU C 687 123.32 126.28 76.02
N LYS C 688 124.10 126.23 74.91
CA LYS C 688 125.22 127.12 74.68
C LYS C 688 124.74 128.50 74.34
N GLY C 689 123.61 128.60 73.60
CA GLY C 689 123.04 129.86 73.18
C GLY C 689 122.45 130.64 74.32
N ASP C 690 121.89 129.92 75.33
CA ASP C 690 121.28 130.51 76.50
C ASP C 690 122.35 131.11 77.40
N GLU C 691 123.48 130.38 77.56
CA GLU C 691 124.58 130.74 78.40
C GLU C 691 125.29 131.97 77.89
N GLN C 692 125.58 132.00 76.56
CA GLN C 692 126.29 133.08 75.91
C GLN C 692 125.51 134.37 75.84
N THR C 693 124.15 134.34 75.91
CA THR C 693 123.34 135.54 75.98
C THR C 693 123.53 136.21 77.31
N HIS C 694 123.56 135.42 78.42
CA HIS C 694 123.79 135.92 79.75
C HIS C 694 125.22 136.33 79.99
N LYS C 695 126.18 135.77 79.19
CA LYS C 695 127.58 136.12 79.25
C LYS C 695 127.78 137.54 78.78
N GLN C 696 127.10 137.92 77.68
CA GLN C 696 127.16 139.23 77.08
C GLN C 696 126.47 140.27 77.91
N ARG C 697 125.50 139.88 78.79
CA ARG C 697 124.83 140.80 79.67
C ARG C 697 125.78 141.25 80.75
N MET C 698 126.45 140.29 81.42
CA MET C 698 127.35 140.54 82.51
C MET C 698 128.60 141.26 82.06
N ASP C 699 129.15 140.87 80.89
CA ASP C 699 130.32 141.47 80.28
C ASP C 699 130.14 142.95 80.05
N ILE C 700 129.17 143.31 79.17
CA ILE C 700 128.97 144.64 78.69
C ILE C 700 128.53 145.57 79.80
N ALA C 701 127.61 145.11 80.68
CA ALA C 701 127.06 145.93 81.74
C ALA C 701 128.07 146.35 82.78
N ASN C 702 128.95 145.42 83.23
CA ASN C 702 129.93 145.70 84.25
C ASN C 702 131.13 146.46 83.73
N ILE C 703 131.49 146.33 82.43
CA ILE C 703 132.59 147.06 81.84
C ILE C 703 132.21 148.51 81.71
N LEU C 704 130.97 148.81 81.25
CA LEU C 704 130.45 150.15 81.07
C LEU C 704 130.23 150.86 82.37
N GLN C 705 129.93 150.11 83.46
CA GLN C 705 129.74 150.64 84.79
C GLN C 705 131.05 151.14 85.34
N SER C 706 132.14 150.36 85.14
CA SER C 706 133.49 150.68 85.55
C SER C 706 134.10 151.75 84.69
N GLN C 707 133.61 151.89 83.43
CA GLN C 707 134.09 152.83 82.44
C GLN C 707 133.72 154.24 82.82
N ARG C 708 132.55 154.38 83.49
CA ARG C 708 132.01 155.64 83.91
C ARG C 708 132.73 156.16 85.13
N GLN C 709 133.33 155.26 85.94
CA GLN C 709 134.08 155.61 87.13
C GLN C 709 135.46 156.11 86.81
N ASN C 710 135.98 155.76 85.60
CA ASN C 710 137.31 156.11 85.16
C ASN C 710 137.38 157.57 84.77
N GLN C 711 136.23 158.12 84.31
CA GLN C 711 136.10 159.46 83.80
C GLN C 711 136.28 160.53 84.85
N PRO C 712 135.74 160.50 86.09
CA PRO C 712 136.10 161.44 87.15
C PRO C 712 137.55 161.38 87.56
N SER C 713 138.17 160.17 87.57
CA SER C 713 139.57 160.02 87.91
C SER C 713 140.46 160.66 86.88
N GLY C 714 140.04 160.67 85.60
CA GLY C 714 140.72 161.33 84.51
C GLY C 714 140.43 162.80 84.42
N SER C 715 139.49 163.32 85.24
CA SER C 715 139.19 164.73 85.33
C SER C 715 140.23 165.38 86.20
N VAL C 716 140.57 164.72 87.33
CA VAL C 716 141.55 165.20 88.29
C VAL C 716 142.93 164.94 87.72
N ALA C 717 143.16 163.69 87.23
CA ALA C 717 144.40 163.28 86.64
C ALA C 717 144.19 163.36 85.14
N GLU C 718 144.61 162.30 84.40
CA GLU C 718 144.50 162.25 82.97
C GLU C 718 144.37 160.81 82.57
N THR C 719 144.15 159.89 83.56
CA THR C 719 144.05 158.46 83.34
C THR C 719 142.91 158.14 82.39
N PRO C 720 143.05 157.27 81.39
CA PRO C 720 142.00 157.07 80.41
C PRO C 720 141.05 155.98 80.83
N GLN C 721 141.54 154.97 81.58
CA GLN C 721 140.78 153.78 81.90
C GLN C 721 141.05 153.43 83.38
N GLU D 1 77.36 -39.34 10.85
CA GLU D 1 76.43 -39.97 9.88
C GLU D 1 75.43 -40.86 10.57
N ASN D 2 74.44 -41.36 9.80
CA ASN D 2 73.45 -42.30 10.27
C ASN D 2 74.07 -43.65 10.51
N ARG D 3 74.94 -44.09 9.57
CA ARG D 3 75.53 -45.41 9.59
C ARG D 3 76.96 -45.26 9.19
N LEU D 4 77.77 -46.31 9.49
CA LEU D 4 79.12 -46.45 9.01
C LEU D 4 79.02 -47.14 7.68
N GLU D 5 80.02 -46.87 6.79
CA GLU D 5 80.07 -47.27 5.41
C GLU D 5 79.10 -46.38 4.66
N SER D 6 79.61 -45.21 4.21
CA SER D 6 78.85 -44.08 3.74
C SER D 6 77.82 -44.35 2.66
N ILE D 7 78.12 -45.26 1.71
CA ILE D 7 77.22 -45.64 0.63
C ILE D 7 75.94 -46.28 1.11
N LEU D 8 76.02 -47.06 2.22
CA LEU D 8 74.89 -47.65 2.89
C LEU D 8 74.07 -46.61 3.62
N SER D 9 74.74 -45.59 4.22
CA SER D 9 74.06 -44.53 4.92
C SER D 9 73.22 -43.67 4.00
N ARG D 10 73.71 -43.41 2.76
CA ARG D 10 72.95 -42.70 1.75
C ARG D 10 71.72 -43.44 1.31
N PHE D 11 71.91 -44.72 0.89
CA PHE D 11 70.91 -45.53 0.25
C PHE D 11 69.82 -45.98 1.19
N ASP D 12 70.13 -46.15 2.49
CA ASP D 12 69.15 -46.53 3.49
C ASP D 12 68.34 -45.34 3.91
N ALA D 13 68.95 -44.15 3.99
CA ALA D 13 68.23 -42.91 4.21
C ALA D 13 67.32 -42.55 3.06
N ASP D 14 67.66 -42.98 1.82
CA ASP D 14 66.86 -42.84 0.62
C ASP D 14 65.59 -43.65 0.70
N TRP D 15 65.65 -44.86 1.32
CA TRP D 15 64.54 -45.77 1.52
C TRP D 15 63.44 -45.15 2.35
N THR D 16 63.80 -44.49 3.47
CA THR D 16 62.88 -43.83 4.37
C THR D 16 62.26 -42.60 3.73
N ALA D 17 62.99 -41.98 2.76
CA ALA D 17 62.57 -40.80 2.04
C ALA D 17 61.80 -41.14 0.78
N SER D 18 61.58 -42.46 0.49
CA SER D 18 60.84 -42.96 -0.65
C SER D 18 59.35 -42.70 -0.56
N ASP D 19 58.84 -42.30 0.62
CA ASP D 19 57.43 -42.00 0.86
C ASP D 19 57.00 -40.82 0.02
N GLU D 20 57.91 -39.83 -0.09
CA GLU D 20 57.72 -38.59 -0.78
C GLU D 20 57.83 -38.79 -2.26
N ALA D 21 58.82 -39.60 -2.71
CA ALA D 21 59.16 -39.72 -4.10
C ALA D 21 58.26 -40.66 -4.86
N ARG D 22 57.53 -41.55 -4.16
CA ARG D 22 56.58 -42.43 -4.79
C ARG D 22 55.22 -41.81 -4.86
N ARG D 23 54.51 -41.77 -3.70
CA ARG D 23 53.10 -41.49 -3.68
C ARG D 23 52.81 -40.02 -3.75
N GLU D 24 53.56 -39.18 -3.00
CA GLU D 24 53.28 -37.76 -2.93
C GLU D 24 53.66 -37.06 -4.20
N ALA D 25 54.76 -37.50 -4.84
CA ALA D 25 55.31 -36.92 -6.05
C ALA D 25 54.43 -37.18 -7.24
N LYS D 26 53.74 -38.35 -7.25
CA LYS D 26 52.79 -38.74 -8.26
C LYS D 26 51.61 -37.79 -8.26
N ASN D 27 51.08 -37.49 -7.05
CA ASN D 27 49.98 -36.57 -6.89
C ASN D 27 50.35 -35.12 -7.09
N ASP D 28 51.67 -34.77 -7.04
CA ASP D 28 52.13 -33.40 -7.14
C ASP D 28 52.12 -32.87 -8.54
N LEU D 29 52.38 -33.72 -9.56
CA LEU D 29 52.39 -33.30 -10.94
C LEU D 29 50.99 -33.09 -11.47
N PHE D 30 49.99 -33.74 -10.84
CA PHE D 30 48.58 -33.60 -11.15
C PHE D 30 48.01 -32.24 -10.81
N PHE D 31 48.60 -31.51 -9.83
CA PHE D 31 48.33 -30.10 -9.58
C PHE D 31 48.69 -29.27 -10.79
N SER D 32 49.92 -29.48 -11.31
CA SER D 32 50.53 -28.79 -12.43
C SER D 32 49.82 -29.01 -13.75
N ARG D 33 48.99 -30.08 -13.87
CA ARG D 33 48.20 -30.35 -15.05
C ARG D 33 47.06 -29.37 -15.12
N VAL D 34 46.20 -29.36 -14.08
CA VAL D 34 45.04 -28.48 -13.93
C VAL D 34 45.43 -27.02 -13.97
N SER D 35 46.70 -26.68 -13.66
CA SER D 35 47.17 -25.32 -13.68
C SER D 35 47.74 -24.96 -15.03
N GLN D 36 48.83 -25.65 -15.46
CA GLN D 36 49.56 -25.25 -16.65
C GLN D 36 48.98 -25.72 -17.96
N TRP D 37 48.57 -27.02 -18.05
CA TRP D 37 48.43 -27.67 -19.34
C TRP D 37 47.01 -27.89 -19.77
N ASP D 38 46.33 -28.95 -19.23
CA ASP D 38 44.98 -29.29 -19.61
C ASP D 38 44.26 -29.73 -18.37
N ASP D 39 42.93 -29.47 -18.37
CA ASP D 39 42.05 -29.63 -17.24
C ASP D 39 41.90 -31.08 -16.84
N TRP D 40 41.74 -31.99 -17.84
CA TRP D 40 41.57 -33.41 -17.62
C TRP D 40 42.91 -34.01 -17.26
N LEU D 41 42.88 -35.14 -16.52
CA LEU D 41 44.05 -35.87 -16.10
C LEU D 41 43.91 -37.20 -16.77
N SER D 42 45.00 -37.65 -17.44
CA SER D 42 45.08 -38.89 -18.19
C SER D 42 44.02 -38.97 -19.25
N GLN D 43 43.93 -37.88 -20.06
CA GLN D 43 43.00 -37.73 -21.15
C GLN D 43 43.53 -38.47 -22.34
N TYR D 44 42.69 -38.59 -23.38
CA TYR D 44 43.05 -39.22 -24.63
C TYR D 44 42.74 -38.22 -25.69
N THR D 45 43.35 -38.40 -26.88
CA THR D 45 43.08 -37.57 -28.05
C THR D 45 41.83 -38.18 -28.63
N THR D 46 40.77 -37.34 -28.76
CA THR D 46 39.45 -37.80 -29.10
C THR D 46 38.96 -36.94 -30.22
N LEU D 47 37.84 -37.40 -30.83
CA LEU D 47 37.17 -36.72 -31.91
C LEU D 47 35.88 -36.15 -31.35
N GLN D 48 35.69 -36.28 -30.02
CA GLN D 48 34.52 -35.86 -29.30
C GLN D 48 34.97 -34.82 -28.32
N TYR D 49 34.02 -33.95 -27.90
CA TYR D 49 34.25 -32.81 -27.05
C TYR D 49 34.80 -33.20 -25.70
N ARG D 50 35.77 -32.39 -25.21
CA ARG D 50 36.38 -32.52 -23.91
C ARG D 50 36.41 -31.12 -23.40
N GLY D 51 35.79 -30.89 -22.22
CA GLY D 51 35.57 -29.56 -21.70
C GLY D 51 36.70 -29.08 -20.86
N GLN D 52 36.59 -27.79 -20.45
CA GLN D 52 37.45 -27.11 -19.52
C GLN D 52 36.57 -26.07 -18.92
N PHE D 53 36.92 -25.59 -17.70
CA PHE D 53 36.28 -24.44 -17.10
C PHE D 53 37.42 -23.68 -16.48
N ASP D 54 37.77 -24.09 -15.23
CA ASP D 54 38.85 -23.63 -14.41
C ASP D 54 38.67 -22.21 -13.97
N VAL D 55 38.06 -22.06 -12.77
CA VAL D 55 38.13 -20.87 -11.97
C VAL D 55 39.50 -20.84 -11.30
N VAL D 56 40.19 -22.01 -11.28
CA VAL D 56 41.43 -22.23 -10.59
C VAL D 56 42.57 -21.45 -11.19
N ARG D 57 42.67 -21.37 -12.54
CA ARG D 57 43.78 -20.68 -13.20
C ARG D 57 43.75 -19.17 -12.99
N PRO D 58 42.64 -18.44 -13.05
CA PRO D 58 42.56 -17.05 -12.60
C PRO D 58 42.91 -16.80 -11.16
N VAL D 59 42.67 -17.80 -10.26
CA VAL D 59 42.93 -17.69 -8.85
C VAL D 59 44.40 -17.89 -8.62
N VAL D 60 45.03 -18.86 -9.33
CA VAL D 60 46.45 -19.17 -9.22
C VAL D 60 47.25 -18.00 -9.73
N ARG D 61 46.90 -17.44 -10.90
CA ARG D 61 47.59 -16.30 -11.47
C ARG D 61 47.49 -15.06 -10.62
N LYS D 62 46.37 -14.90 -9.87
CA LYS D 62 46.17 -13.79 -8.96
C LYS D 62 47.06 -13.91 -7.74
N LEU D 63 47.19 -15.13 -7.17
CA LEU D 63 47.96 -15.40 -5.97
C LEU D 63 49.45 -15.35 -6.23
N VAL D 64 49.87 -15.76 -7.45
CA VAL D 64 51.27 -15.78 -7.88
C VAL D 64 51.71 -14.36 -8.08
N SER D 65 50.80 -13.49 -8.60
CA SER D 65 51.09 -12.11 -8.85
C SER D 65 51.33 -11.33 -7.57
N GLU D 66 50.67 -11.71 -6.44
CA GLU D 66 50.84 -11.04 -5.17
C GLU D 66 52.21 -11.23 -4.58
N MET D 67 52.77 -12.47 -4.66
CA MET D 67 54.05 -12.77 -4.07
C MET D 67 55.21 -12.32 -4.92
N ARG D 68 54.98 -12.11 -6.24
CA ARG D 68 55.98 -11.60 -7.15
C ARG D 68 56.14 -10.11 -7.03
N GLN D 69 54.99 -9.37 -6.92
CA GLN D 69 54.98 -7.92 -6.77
C GLN D 69 55.43 -7.46 -5.41
N ASN D 70 55.48 -8.39 -4.43
CA ASN D 70 56.01 -8.14 -3.11
C ASN D 70 57.09 -9.18 -2.89
N PRO D 71 58.27 -9.07 -3.50
CA PRO D 71 59.31 -10.09 -3.42
C PRO D 71 60.00 -10.03 -2.08
N ILE D 72 60.47 -11.20 -1.59
CA ILE D 72 61.12 -11.30 -0.31
C ILE D 72 62.50 -11.78 -0.65
N ASP D 73 63.51 -10.98 -0.24
CA ASP D 73 64.89 -11.14 -0.62
C ASP D 73 65.70 -10.84 0.61
N VAL D 74 67.01 -11.14 0.58
CA VAL D 74 67.96 -10.96 1.66
C VAL D 74 68.10 -9.47 1.94
N LEU D 75 68.11 -9.07 3.24
CA LEU D 75 68.15 -7.67 3.62
C LEU D 75 69.18 -7.50 4.71
N TYR D 76 69.29 -8.50 5.62
CA TYR D 76 70.10 -8.50 6.84
C TYR D 76 69.86 -7.35 7.80
N ARG D 77 70.16 -7.62 9.09
CA ARG D 77 69.95 -6.70 10.18
C ARG D 77 71.04 -7.08 11.17
N PRO D 78 71.69 -6.17 11.89
CA PRO D 78 72.61 -6.44 12.99
C PRO D 78 72.14 -7.43 14.04
N LYS D 79 73.10 -8.16 14.66
CA LYS D 79 72.92 -9.00 15.83
C LYS D 79 72.51 -8.18 17.03
N ASP D 80 72.33 -8.87 18.18
CA ASP D 80 72.03 -8.33 19.49
C ASP D 80 73.10 -7.37 19.94
N GLY D 81 72.77 -6.05 19.93
CA GLY D 81 73.66 -4.99 20.37
C GLY D 81 74.74 -4.64 19.39
N ALA D 82 74.72 -5.22 18.16
CA ALA D 82 75.77 -5.06 17.18
C ALA D 82 75.68 -3.74 16.46
N ARG D 83 76.80 -3.36 15.83
CA ARG D 83 77.02 -2.15 15.06
C ARG D 83 76.06 -2.04 13.89
N PRO D 84 75.63 -0.85 13.44
CA PRO D 84 74.57 -0.71 12.46
C PRO D 84 75.04 -1.00 11.06
N ASP D 85 76.37 -0.91 10.77
CA ASP D 85 76.92 -1.12 9.45
C ASP D 85 77.21 -2.58 9.19
N ALA D 86 76.91 -3.47 10.18
CA ALA D 86 77.10 -4.90 10.10
C ALA D 86 76.36 -5.55 8.95
N ALA D 87 75.10 -5.10 8.68
CA ALA D 87 74.26 -5.62 7.63
C ALA D 87 74.78 -5.33 6.25
N ASP D 88 75.38 -4.13 6.07
CA ASP D 88 75.87 -3.64 4.80
C ASP D 88 77.06 -4.41 4.28
N VAL D 89 77.81 -5.10 5.17
CA VAL D 89 78.92 -5.97 4.85
C VAL D 89 78.48 -7.08 3.92
N LEU D 90 77.56 -7.94 4.42
CA LEU D 90 77.09 -9.12 3.74
C LEU D 90 76.21 -8.80 2.57
N MET D 91 75.55 -7.62 2.58
CA MET D 91 74.71 -7.13 1.50
C MET D 91 75.54 -6.58 0.38
N GLY D 92 76.76 -6.10 0.67
CA GLY D 92 77.67 -5.57 -0.30
C GLY D 92 78.10 -6.62 -1.28
N MET D 93 78.41 -7.83 -0.75
CA MET D 93 78.82 -8.96 -1.56
C MET D 93 77.63 -9.68 -2.16
N TYR D 94 76.41 -9.48 -1.62
CA TYR D 94 75.22 -10.14 -2.12
C TYR D 94 74.75 -9.49 -3.39
N ARG D 95 74.75 -8.15 -3.44
CA ARG D 95 74.15 -7.41 -4.53
C ARG D 95 75.01 -7.36 -5.77
N THR D 96 76.32 -7.70 -5.64
CA THR D 96 77.24 -7.66 -6.74
C THR D 96 77.06 -8.87 -7.63
N ASP D 97 77.02 -10.09 -7.04
CA ASP D 97 76.93 -11.32 -7.80
C ASP D 97 75.51 -11.77 -8.06
N MET D 98 74.52 -11.15 -7.39
CA MET D 98 73.11 -11.37 -7.64
C MET D 98 72.58 -10.34 -8.62
N ARG D 99 73.49 -9.51 -9.20
CA ARG D 99 73.23 -8.59 -10.29
C ARG D 99 72.70 -9.36 -11.48
N HIS D 100 73.26 -10.57 -11.70
CA HIS D 100 72.83 -11.54 -12.68
C HIS D 100 71.41 -11.94 -12.41
N ASN D 101 70.61 -12.07 -13.50
CA ASN D 101 69.17 -12.23 -13.45
C ASN D 101 68.75 -13.60 -13.01
N THR D 102 69.70 -14.57 -12.93
CA THR D 102 69.45 -15.94 -12.52
C THR D 102 69.01 -16.03 -11.06
N ALA D 103 69.33 -15.00 -10.25
CA ALA D 103 68.93 -14.91 -8.86
C ALA D 103 67.50 -14.51 -8.72
N LYS D 104 67.06 -13.47 -9.47
CA LYS D 104 65.74 -12.90 -9.41
C LYS D 104 64.69 -13.78 -10.04
N ILE D 105 65.09 -14.59 -11.04
CA ILE D 105 64.25 -15.59 -11.69
C ILE D 105 63.92 -16.68 -10.71
N ALA D 106 64.91 -17.08 -9.86
CA ALA D 106 64.75 -18.15 -8.91
C ALA D 106 63.78 -17.83 -7.79
N VAL D 107 63.64 -16.53 -7.44
CA VAL D 107 62.70 -16.06 -6.43
C VAL D 107 61.29 -16.21 -6.96
N ASN D 108 61.06 -15.83 -8.24
CA ASN D 108 59.76 -15.87 -8.89
C ASN D 108 59.28 -17.29 -9.18
N ILE D 109 60.22 -18.27 -9.28
CA ILE D 109 59.90 -19.67 -9.50
C ILE D 109 59.50 -20.29 -8.19
N ALA D 110 60.16 -19.87 -7.08
CA ALA D 110 59.95 -20.43 -5.77
C ALA D 110 58.58 -20.11 -5.21
N VAL D 111 58.05 -18.90 -5.51
CA VAL D 111 56.80 -18.45 -4.96
C VAL D 111 55.62 -19.01 -5.72
N ARG D 112 55.78 -19.33 -7.03
CA ARG D 112 54.66 -19.81 -7.82
C ARG D 112 54.38 -21.26 -7.55
N GLU D 113 55.44 -22.09 -7.34
CA GLU D 113 55.30 -23.50 -7.12
C GLU D 113 54.86 -23.77 -5.72
N GLN D 114 55.15 -22.85 -4.78
CA GLN D 114 54.77 -22.93 -3.38
C GLN D 114 53.27 -22.95 -3.22
N ILE D 115 52.56 -22.18 -4.07
CA ILE D 115 51.12 -22.10 -4.06
C ILE D 115 50.56 -23.32 -4.77
N GLU D 116 51.10 -23.62 -5.97
CA GLU D 116 50.54 -24.64 -6.84
C GLU D 116 50.76 -26.05 -6.39
N ALA D 117 52.02 -26.49 -6.19
CA ALA D 117 52.33 -27.87 -5.87
C ALA D 117 52.55 -28.08 -4.40
N GLY D 118 52.57 -27.00 -3.60
CA GLY D 118 52.82 -27.06 -2.18
C GLY D 118 54.28 -27.17 -1.83
N VAL D 119 55.20 -27.17 -2.84
CA VAL D 119 56.62 -27.26 -2.62
C VAL D 119 57.28 -26.33 -3.61
N GLY D 120 58.54 -25.97 -3.36
CA GLY D 120 59.32 -25.14 -4.24
C GLY D 120 60.67 -25.08 -3.59
N ALA D 121 61.74 -24.76 -4.34
CA ALA D 121 63.06 -24.75 -3.76
C ALA D 121 63.96 -23.91 -4.60
N TRP D 122 65.22 -23.75 -4.13
CA TRP D 122 66.28 -23.09 -4.84
C TRP D 122 67.54 -23.60 -4.19
N ARG D 123 68.68 -23.48 -4.88
CA ARG D 123 69.96 -23.90 -4.38
C ARG D 123 70.90 -22.75 -4.53
N LEU D 124 71.99 -22.75 -3.72
CA LEU D 124 73.05 -21.78 -3.79
C LEU D 124 74.26 -22.56 -4.21
N VAL D 125 75.04 -22.01 -5.17
CA VAL D 125 76.24 -22.63 -5.69
C VAL D 125 77.28 -21.55 -5.70
N THR D 126 78.57 -21.96 -5.66
CA THR D 126 79.69 -21.04 -5.74
C THR D 126 80.53 -21.49 -6.90
N ASP D 127 81.06 -20.51 -7.68
CA ASP D 127 81.89 -20.81 -8.83
C ASP D 127 82.85 -19.67 -9.03
N TYR D 128 83.70 -19.79 -10.08
CA TYR D 128 84.71 -18.86 -10.47
C TYR D 128 84.15 -18.11 -11.65
N GLU D 129 83.87 -16.80 -11.49
CA GLU D 129 83.27 -16.01 -12.54
C GLU D 129 83.78 -14.62 -12.36
N ASP D 130 83.93 -13.87 -13.49
CA ASP D 130 84.48 -12.54 -13.49
C ASP D 130 83.66 -11.68 -14.40
N GLN D 131 82.33 -11.93 -14.45
CA GLN D 131 81.39 -11.06 -15.12
C GLN D 131 80.67 -10.25 -14.07
N SER D 132 80.86 -10.60 -12.78
CA SER D 132 80.58 -9.75 -11.64
C SER D 132 81.34 -10.39 -10.49
N PRO D 133 82.67 -10.33 -10.40
CA PRO D 133 83.42 -10.80 -9.24
C PRO D 133 83.11 -9.97 -8.01
N THR D 134 83.16 -10.60 -6.81
CA THR D 134 83.28 -9.90 -5.56
C THR D 134 84.73 -9.83 -5.15
N SER D 135 85.21 -10.78 -4.31
CA SER D 135 86.60 -10.86 -3.93
C SER D 135 87.12 -12.24 -4.18
N ASN D 136 88.39 -12.30 -4.65
CA ASN D 136 89.18 -13.48 -4.94
C ASN D 136 88.67 -14.23 -6.15
N ASN D 137 87.87 -13.53 -7.01
CA ASN D 137 87.26 -14.03 -8.23
C ASN D 137 86.37 -15.22 -7.94
N GLN D 138 85.61 -15.12 -6.82
CA GLN D 138 84.73 -16.14 -6.34
C GLN D 138 83.45 -15.45 -6.03
N VAL D 139 82.33 -16.03 -6.50
CA VAL D 139 81.01 -15.45 -6.42
C VAL D 139 80.09 -16.53 -5.90
N ILE D 140 78.89 -16.12 -5.44
CA ILE D 140 77.85 -17.04 -5.04
C ILE D 140 76.65 -16.70 -5.89
N ARG D 141 76.03 -17.73 -6.51
CA ARG D 141 74.92 -17.58 -7.41
C ARG D 141 73.79 -18.38 -6.85
N ARG D 142 72.53 -17.93 -7.12
CA ARG D 142 71.33 -18.66 -6.77
C ARG D 142 70.80 -19.29 -8.02
N GLU D 143 70.89 -20.64 -8.14
CA GLU D 143 70.37 -21.38 -9.24
C GLU D 143 69.00 -21.90 -8.86
N PRO D 144 67.95 -21.75 -9.65
CA PRO D 144 66.61 -22.25 -9.36
C PRO D 144 66.54 -23.75 -9.40
N ILE D 145 65.87 -24.37 -8.39
CA ILE D 145 65.43 -25.74 -8.48
C ILE D 145 64.00 -25.62 -8.89
N HIS D 146 63.70 -26.06 -10.13
CA HIS D 146 62.45 -25.81 -10.80
C HIS D 146 61.97 -27.17 -11.21
N SER D 147 60.66 -27.42 -11.02
CA SER D 147 59.94 -28.66 -11.17
C SER D 147 60.02 -29.37 -9.85
N ALA D 148 59.57 -28.68 -8.78
CA ALA D 148 59.62 -29.18 -7.41
C ALA D 148 58.55 -30.22 -7.20
N CYS D 149 57.56 -30.28 -8.11
CA CYS D 149 56.49 -31.25 -8.14
C CYS D 149 57.03 -32.66 -8.35
N SER D 150 58.06 -32.81 -9.21
CA SER D 150 58.60 -34.09 -9.58
C SER D 150 60.02 -34.20 -9.11
N HIS D 151 60.48 -33.27 -8.24
CA HIS D 151 61.83 -33.32 -7.70
C HIS D 151 61.77 -33.57 -6.22
N VAL D 152 60.57 -33.85 -5.65
CA VAL D 152 60.44 -34.08 -4.23
C VAL D 152 60.82 -35.50 -3.94
N ILE D 153 61.84 -35.65 -3.08
CA ILE D 153 62.25 -36.90 -2.49
C ILE D 153 62.55 -36.51 -1.06
N TRP D 154 62.91 -35.22 -0.81
CA TRP D 154 63.38 -34.73 0.46
C TRP D 154 62.37 -34.94 1.56
N ASP D 155 62.84 -35.44 2.71
CA ASP D 155 62.01 -35.75 3.84
C ASP D 155 62.85 -35.48 5.04
N SER D 156 62.21 -34.98 6.11
CA SER D 156 62.86 -34.66 7.36
C SER D 156 62.18 -35.52 8.38
N ASN D 157 62.98 -36.08 9.32
CA ASN D 157 62.49 -36.86 10.44
C ASN D 157 62.49 -35.98 11.66
N SER D 158 62.91 -34.70 11.47
CA SER D 158 62.78 -33.63 12.43
C SER D 158 61.55 -32.89 11.99
N LYS D 159 61.00 -32.04 12.89
CA LYS D 159 59.73 -31.38 12.68
C LYS D 159 59.97 -29.96 12.22
N LEU D 160 61.24 -29.62 11.87
CA LEU D 160 61.64 -28.35 11.33
C LEU D 160 61.29 -28.23 9.88
N MET D 161 61.18 -26.97 9.41
CA MET D 161 60.78 -26.61 8.08
C MET D 161 61.97 -26.12 7.29
N ASP D 162 63.04 -25.68 7.99
CA ASP D 162 64.21 -25.08 7.38
C ASP D 162 65.01 -26.03 6.52
N LYS D 163 65.14 -27.32 6.95
CA LYS D 163 65.89 -28.36 6.27
C LYS D 163 67.34 -27.96 6.14
N SER D 164 67.95 -27.61 7.30
CA SER D 164 69.32 -27.22 7.40
C SER D 164 69.82 -27.87 8.67
N ASP D 165 69.32 -29.10 8.92
CA ASP D 165 69.65 -29.90 10.06
C ASP D 165 69.41 -31.34 9.67
N ALA D 166 69.05 -31.57 8.38
CA ALA D 166 68.63 -32.84 7.87
C ALA D 166 69.83 -33.57 7.34
N ARG D 167 69.66 -34.89 7.11
CA ARG D 167 70.71 -35.74 6.63
C ARG D 167 70.07 -36.95 6.01
N HIS D 168 68.75 -36.87 5.77
CA HIS D 168 67.97 -37.91 5.15
C HIS D 168 67.39 -37.39 3.87
N CYS D 169 67.71 -36.12 3.52
CA CYS D 169 67.12 -35.42 2.41
C CYS D 169 67.96 -35.61 1.18
N THR D 170 67.31 -35.58 0.00
CA THR D 170 67.99 -35.60 -1.26
C THR D 170 67.07 -34.89 -2.22
N VAL D 171 67.67 -34.23 -3.25
CA VAL D 171 66.95 -33.57 -4.31
C VAL D 171 67.38 -34.32 -5.54
N ILE D 172 66.52 -34.31 -6.59
CA ILE D 172 66.78 -34.97 -7.84
C ILE D 172 66.65 -33.90 -8.89
N HIS D 173 67.46 -34.01 -9.97
CA HIS D 173 67.48 -33.06 -11.05
C HIS D 173 67.28 -33.86 -12.31
N SER D 174 66.13 -33.62 -12.98
CA SER D 174 65.75 -34.26 -14.23
C SER D 174 66.02 -33.26 -15.31
N MET D 175 66.99 -33.59 -16.19
CA MET D 175 67.53 -32.69 -17.18
C MET D 175 67.71 -33.44 -18.46
N SER D 176 67.96 -32.70 -19.57
CA SER D 176 68.15 -33.26 -20.90
C SER D 176 69.61 -33.61 -21.06
N GLN D 177 69.97 -34.15 -22.25
CA GLN D 177 71.28 -34.71 -22.53
C GLN D 177 72.37 -33.67 -22.52
N ASN D 178 72.10 -32.50 -23.15
CA ASN D 178 73.01 -31.38 -23.20
C ASN D 178 73.22 -30.78 -21.84
N GLY D 179 72.15 -30.78 -21.00
CA GLY D 179 72.22 -30.30 -19.63
C GLY D 179 73.02 -31.19 -18.72
N TRP D 180 73.04 -32.52 -19.00
CA TRP D 180 73.80 -33.51 -18.28
C TRP D 180 75.28 -33.36 -18.54
N GLU D 181 75.65 -32.87 -19.74
CA GLU D 181 77.01 -32.59 -20.11
C GLU D 181 77.55 -31.37 -19.42
N ASP D 182 76.69 -30.34 -19.17
CA ASP D 182 77.06 -29.14 -18.45
C ASP D 182 77.10 -29.35 -16.96
N PHE D 183 76.27 -30.27 -16.43
CA PHE D 183 76.18 -30.61 -15.03
C PHE D 183 77.41 -31.37 -14.60
N ALA D 184 78.07 -32.06 -15.55
CA ALA D 184 79.24 -32.85 -15.32
C ALA D 184 80.49 -32.02 -15.35
N GLU D 185 80.43 -30.75 -15.85
CA GLU D 185 81.57 -29.87 -15.86
C GLU D 185 81.88 -29.39 -14.47
N LYS D 186 80.82 -28.99 -13.72
CA LYS D 186 80.95 -28.42 -12.40
C LYS D 186 81.30 -29.45 -11.36
N TYR D 187 80.53 -30.57 -11.33
CA TYR D 187 80.58 -31.53 -10.24
C TYR D 187 81.44 -32.73 -10.55
N ASP D 188 82.13 -32.72 -11.72
CA ASP D 188 83.10 -33.73 -12.12
C ASP D 188 82.45 -35.09 -12.21
N LEU D 189 81.36 -35.18 -13.00
CA LEU D 189 80.59 -36.39 -13.21
C LEU D 189 80.83 -36.83 -14.62
N ASP D 190 79.94 -37.71 -15.14
CA ASP D 190 80.05 -38.26 -16.49
C ASP D 190 79.22 -37.36 -17.37
N ALA D 191 79.79 -36.96 -18.52
CA ALA D 191 79.16 -36.07 -19.47
C ALA D 191 77.98 -36.73 -20.14
N ASP D 192 78.13 -38.02 -20.50
CA ASP D 192 77.09 -38.82 -21.10
C ASP D 192 77.22 -40.16 -20.44
N ASP D 193 76.07 -40.75 -20.07
CA ASP D 193 76.03 -41.98 -19.33
C ASP D 193 74.57 -42.36 -19.29
N ILE D 194 73.70 -41.39 -18.95
CA ILE D 194 72.28 -41.56 -18.67
C ILE D 194 72.06 -42.43 -17.45
N PRO D 195 72.37 -41.99 -16.22
CA PRO D 195 71.92 -42.65 -15.01
C PRO D 195 70.44 -42.47 -14.81
N SER D 196 69.80 -43.42 -14.11
CA SER D 196 68.43 -43.31 -13.66
C SER D 196 68.49 -43.57 -12.18
N PHE D 197 67.73 -42.77 -11.38
CA PHE D 197 67.78 -42.85 -9.94
C PHE D 197 66.71 -43.83 -9.49
N GLN D 198 65.53 -43.33 -9.04
CA GLN D 198 64.38 -44.15 -8.80
C GLN D 198 63.25 -43.73 -9.72
N ASN D 199 63.52 -42.75 -10.61
CA ASN D 199 62.58 -42.14 -11.52
C ASN D 199 61.26 -41.70 -10.91
N PRO D 200 61.19 -40.57 -10.22
CA PRO D 200 59.94 -40.07 -9.67
C PRO D 200 59.45 -38.99 -10.61
N ASN D 201 59.16 -39.37 -11.86
CA ASN D 201 58.77 -38.46 -12.90
C ASN D 201 57.60 -39.12 -13.58
N ASP D 202 57.83 -40.28 -14.23
CA ASP D 202 56.81 -40.99 -14.95
C ASP D 202 56.14 -41.97 -14.03
N TRP D 203 54.86 -42.25 -14.31
CA TRP D 203 54.08 -43.27 -13.68
C TRP D 203 53.16 -43.79 -14.74
N VAL D 204 52.33 -42.88 -15.31
CA VAL D 204 51.41 -43.20 -16.38
C VAL D 204 52.05 -42.86 -17.71
N PHE D 205 53.32 -42.39 -17.69
CA PHE D 205 54.14 -42.08 -18.85
C PHE D 205 53.49 -41.07 -19.79
N PRO D 206 53.17 -39.85 -19.35
CA PRO D 206 52.64 -38.82 -20.24
C PRO D 206 53.76 -38.17 -21.04
N TRP D 207 53.42 -37.06 -21.73
CA TRP D 207 54.26 -36.20 -22.54
C TRP D 207 55.44 -35.71 -21.72
N LEU D 208 56.66 -35.92 -22.27
CA LEU D 208 57.88 -35.66 -21.55
C LEU D 208 58.96 -35.56 -22.60
N THR D 209 60.09 -34.91 -22.25
CA THR D 209 61.28 -34.75 -23.07
C THR D 209 61.88 -36.07 -23.46
N GLN D 210 62.52 -36.12 -24.65
CA GLN D 210 63.14 -37.28 -25.24
C GLN D 210 64.28 -37.80 -24.39
N ASP D 211 65.12 -36.89 -23.87
CA ASP D 211 66.26 -37.23 -23.06
C ASP D 211 65.94 -36.84 -21.65
N THR D 212 66.03 -37.81 -20.73
CA THR D 212 65.76 -37.63 -19.33
C THR D 212 66.87 -38.32 -18.59
N ILE D 213 67.59 -37.55 -17.76
CA ILE D 213 68.71 -38.03 -16.98
C ILE D 213 68.37 -37.67 -15.57
N GLN D 214 68.19 -38.71 -14.71
CA GLN D 214 67.90 -38.52 -13.32
C GLN D 214 69.21 -38.69 -12.61
N ILE D 215 69.60 -37.65 -11.83
CA ILE D 215 70.79 -37.66 -11.04
C ILE D 215 70.37 -37.04 -9.74
N ALA D 216 70.81 -37.60 -8.59
CA ALA D 216 70.37 -37.16 -7.29
C ALA D 216 71.57 -36.84 -6.46
N GLU D 217 71.64 -35.58 -5.96
CA GLU D 217 72.66 -35.14 -5.04
C GLU D 217 72.05 -35.20 -3.66
N PHE D 218 72.86 -35.62 -2.68
CA PHE D 218 72.44 -35.92 -1.33
C PHE D 218 73.22 -34.96 -0.47
N TYR D 219 72.70 -34.62 0.73
CA TYR D 219 73.39 -33.79 1.68
C TYR D 219 73.39 -34.53 2.97
N GLU D 220 74.60 -34.92 3.44
CA GLU D 220 74.82 -35.60 4.69
C GLU D 220 75.34 -34.59 5.67
N VAL D 221 75.59 -35.03 6.93
CA VAL D 221 76.14 -34.19 7.98
C VAL D 221 77.33 -34.95 8.50
N VAL D 222 78.53 -34.36 8.32
CA VAL D 222 79.78 -34.85 8.87
C VAL D 222 80.39 -33.62 9.45
N GLU D 223 80.59 -33.61 10.79
CA GLU D 223 81.06 -32.47 11.55
C GLU D 223 82.39 -31.95 11.07
N LYS D 224 83.49 -32.73 11.32
CA LYS D 224 84.87 -32.49 10.91
C LYS D 224 85.55 -31.37 11.69
N LYS D 225 84.76 -30.47 12.35
CA LYS D 225 85.18 -29.46 13.29
C LYS D 225 86.37 -28.63 12.83
N GLU D 226 87.28 -28.27 13.75
CA GLU D 226 88.53 -27.59 13.47
C GLU D 226 89.12 -27.29 14.81
N THR D 227 90.44 -27.05 14.85
CA THR D 227 91.14 -26.87 16.10
C THR D 227 92.41 -26.12 15.81
N ALA D 228 92.94 -25.42 16.84
CA ALA D 228 94.33 -25.04 16.98
C ALA D 228 94.84 -23.93 16.10
N PHE D 229 95.85 -23.21 16.65
CA PHE D 229 96.64 -22.17 16.03
C PHE D 229 95.88 -20.92 15.76
N ILE D 230 96.18 -19.89 16.60
CA ILE D 230 95.76 -18.52 16.42
C ILE D 230 96.67 -17.98 15.32
N TYR D 231 96.20 -17.00 14.51
CA TYR D 231 96.96 -16.49 13.41
C TYR D 231 97.02 -15.00 13.60
N GLN D 232 97.66 -14.28 12.65
CA GLN D 232 97.92 -12.88 12.79
C GLN D 232 97.72 -12.25 11.44
N ASP D 233 97.66 -10.90 11.43
CA ASP D 233 97.50 -10.10 10.24
C ASP D 233 98.69 -9.18 10.20
N PRO D 234 99.65 -9.38 9.30
CA PRO D 234 100.64 -8.37 8.97
C PRO D 234 100.16 -7.61 7.76
N VAL D 235 98.91 -7.85 7.31
CA VAL D 235 98.34 -7.20 6.15
C VAL D 235 97.03 -6.67 6.64
N THR D 236 96.80 -5.35 6.43
CA THR D 236 95.65 -4.56 6.82
C THR D 236 95.38 -4.53 8.31
N GLY D 237 96.46 -4.42 9.11
CA GLY D 237 96.44 -4.20 10.54
C GLY D 237 95.68 -5.19 11.38
N GLU D 238 95.62 -4.86 12.69
CA GLU D 238 94.98 -5.64 13.74
C GLU D 238 95.48 -7.06 13.85
N PRO D 239 96.75 -7.34 14.16
CA PRO D 239 97.28 -8.70 14.31
C PRO D 239 96.62 -9.41 15.48
N VAL D 240 96.74 -10.76 15.49
CA VAL D 240 96.20 -11.65 16.49
C VAL D 240 94.71 -11.76 16.29
N SER D 241 94.30 -12.54 15.26
CA SER D 241 92.92 -12.82 14.98
C SER D 241 92.88 -14.29 14.66
N TYR D 242 91.82 -14.98 15.13
CA TYR D 242 91.64 -16.40 14.93
C TYR D 242 91.12 -16.67 13.55
N PHE D 243 91.81 -17.58 12.81
CA PHE D 243 91.47 -17.89 11.45
C PHE D 243 91.43 -19.39 11.38
N LYS D 244 90.67 -19.90 10.38
CA LYS D 244 90.42 -21.29 10.09
C LYS D 244 91.70 -22.02 9.77
N ARG D 245 91.76 -23.35 10.03
CA ARG D 245 92.96 -24.11 9.73
C ARG D 245 92.61 -25.45 9.15
N ASP D 246 91.42 -26.01 9.47
CA ASP D 246 91.04 -27.33 8.98
C ASP D 246 90.00 -27.20 7.91
N ILE D 247 89.42 -25.99 7.73
CA ILE D 247 88.57 -25.69 6.60
C ILE D 247 89.47 -25.49 5.39
N LYS D 248 90.61 -24.78 5.60
CA LYS D 248 91.64 -24.60 4.60
C LYS D 248 92.55 -25.80 4.73
N ASP D 249 93.32 -26.13 3.67
CA ASP D 249 94.19 -27.30 3.71
C ASP D 249 95.40 -27.06 2.84
N VAL D 250 95.53 -25.84 2.25
CA VAL D 250 96.64 -25.51 1.39
C VAL D 250 97.20 -24.24 1.96
N ILE D 251 96.30 -23.27 2.24
CA ILE D 251 96.58 -21.94 2.72
C ILE D 251 97.23 -21.99 4.09
N ASP D 252 96.91 -23.04 4.89
CA ASP D 252 97.40 -23.26 6.24
C ASP D 252 98.90 -23.33 6.39
N ASP D 253 99.63 -23.83 5.36
CA ASP D 253 101.07 -23.94 5.37
C ASP D 253 101.71 -22.57 5.31
N LEU D 254 101.27 -21.75 4.34
CA LEU D 254 101.76 -20.40 4.13
C LEU D 254 101.24 -19.44 5.18
N ALA D 255 100.11 -19.77 5.85
CA ALA D 255 99.60 -19.01 6.98
C ALA D 255 100.49 -19.13 8.20
N ASP D 256 101.14 -20.32 8.38
CA ASP D 256 102.13 -20.52 9.43
C ASP D 256 103.45 -19.88 9.09
N SER D 257 103.68 -19.55 7.80
CA SER D 257 104.89 -18.88 7.35
C SER D 257 104.70 -17.40 7.47
N GLY D 258 105.77 -16.71 7.92
CA GLY D 258 105.80 -15.27 8.12
C GLY D 258 105.26 -14.84 9.46
N PHE D 259 104.26 -15.57 10.00
CA PHE D 259 103.66 -15.26 11.25
C PHE D 259 103.08 -16.54 11.76
N ILE D 260 103.06 -16.73 13.10
CA ILE D 260 102.50 -17.90 13.70
C ILE D 260 102.19 -17.51 15.11
N LYS D 261 101.21 -18.19 15.72
CA LYS D 261 100.88 -18.01 17.11
C LYS D 261 100.20 -19.30 17.49
N ILE D 262 100.25 -19.69 18.78
CA ILE D 262 99.63 -20.89 19.25
C ILE D 262 99.17 -20.57 20.65
N ALA D 263 97.96 -21.06 20.97
CA ALA D 263 97.33 -20.90 22.25
C ALA D 263 96.21 -21.90 22.29
N GLU D 264 96.09 -22.72 21.20
CA GLU D 264 94.99 -23.60 20.86
C GLU D 264 93.64 -22.91 20.82
N ARG D 265 92.59 -23.71 20.58
CA ARG D 265 91.29 -23.24 20.16
C ARG D 265 90.54 -24.49 19.80
N GLN D 266 89.22 -24.50 20.07
CA GLN D 266 88.36 -25.55 19.59
C GLN D 266 87.09 -24.88 19.17
N ILE D 267 86.68 -25.16 17.91
CA ILE D 267 85.48 -24.63 17.30
C ILE D 267 84.92 -25.84 16.60
N LYS D 268 83.64 -26.12 16.91
CA LYS D 268 82.88 -27.23 16.40
C LYS D 268 82.08 -26.70 15.26
N ARG D 269 82.30 -27.32 14.08
CA ARG D 269 81.68 -26.98 12.82
C ARG D 269 80.82 -28.15 12.49
N ARG D 270 79.61 -27.85 11.97
CA ARG D 270 78.69 -28.80 11.41
C ARG D 270 78.77 -28.48 9.95
N ARG D 271 79.29 -29.42 9.14
CA ARG D 271 79.55 -29.22 7.73
C ARG D 271 78.69 -30.21 7.02
N VAL D 272 78.28 -29.86 5.78
CA VAL D 272 77.48 -30.73 4.94
C VAL D 272 78.34 -31.02 3.74
N TYR D 273 78.41 -32.32 3.39
CA TYR D 273 79.15 -32.82 2.25
C TYR D 273 78.12 -33.24 1.25
N LYS D 274 78.25 -32.72 0.02
CA LYS D 274 77.35 -33.02 -1.06
C LYS D 274 77.93 -34.20 -1.77
N SER D 275 77.23 -35.36 -1.72
CA SER D 275 77.64 -36.56 -2.39
C SER D 275 76.64 -36.75 -3.48
N ILE D 276 77.09 -37.14 -4.69
CA ILE D 276 76.23 -37.35 -5.82
C ILE D 276 76.25 -38.84 -6.05
N ILE D 277 75.08 -39.47 -5.85
CA ILE D 277 74.97 -40.90 -5.77
C ILE D 277 73.77 -41.29 -6.61
N THR D 278 73.85 -42.52 -7.18
CA THR D 278 72.76 -43.17 -7.86
C THR D 278 72.59 -44.47 -7.14
N CYS D 279 71.42 -45.12 -7.33
CA CYS D 279 71.01 -46.30 -6.60
C CYS D 279 71.95 -47.46 -6.78
N THR D 280 72.49 -47.64 -8.03
CA THR D 280 73.43 -48.67 -8.36
C THR D 280 74.77 -48.51 -7.66
N ALA D 281 75.36 -47.30 -7.67
CA ALA D 281 76.63 -47.06 -7.03
C ALA D 281 76.81 -45.58 -6.90
N VAL D 282 77.73 -45.14 -6.01
CA VAL D 282 78.06 -43.74 -5.83
C VAL D 282 78.89 -43.27 -7.01
N LEU D 283 78.43 -42.18 -7.68
CA LEU D 283 79.06 -41.64 -8.86
C LEU D 283 80.24 -40.79 -8.48
N LYS D 284 80.08 -39.90 -7.47
CA LYS D 284 81.16 -39.13 -6.90
C LYS D 284 80.83 -39.01 -5.44
N ASP D 285 81.81 -39.23 -4.54
CA ASP D 285 81.53 -39.35 -3.12
C ASP D 285 82.26 -38.23 -2.41
N LYS D 286 81.51 -37.55 -1.50
CA LYS D 286 81.99 -36.60 -0.54
C LYS D 286 82.74 -35.43 -1.12
N GLN D 287 82.11 -34.73 -2.09
CA GLN D 287 82.58 -33.43 -2.52
C GLN D 287 82.21 -32.45 -1.44
N LEU D 288 83.17 -31.64 -0.94
CA LEU D 288 82.87 -30.63 0.03
C LEU D 288 82.32 -29.45 -0.72
N ILE D 289 81.05 -29.08 -0.41
CA ILE D 289 80.39 -27.93 -0.98
C ILE D 289 80.74 -26.80 -0.06
N ALA D 290 80.71 -25.54 -0.58
CA ALA D 290 81.12 -24.35 0.13
C ALA D 290 80.27 -24.12 1.37
N GLY D 291 78.95 -24.40 1.28
CA GLY D 291 78.05 -24.35 2.41
C GLY D 291 78.42 -25.37 3.46
N GLU D 292 78.28 -24.98 4.75
CA GLU D 292 78.44 -25.88 5.87
C GLU D 292 77.07 -26.21 6.40
N HIS D 293 76.02 -25.58 5.81
CA HIS D 293 74.65 -25.93 6.05
C HIS D 293 74.11 -26.14 4.68
N ILE D 294 72.92 -26.78 4.60
CA ILE D 294 72.31 -27.21 3.36
C ILE D 294 71.88 -25.97 2.60
N PRO D 295 72.33 -25.72 1.36
CA PRO D 295 72.04 -24.49 0.63
C PRO D 295 70.65 -24.54 0.04
N ILE D 296 69.97 -25.70 0.13
CA ILE D 296 68.67 -25.93 -0.42
C ILE D 296 67.72 -25.76 0.73
N VAL D 297 66.94 -24.65 0.69
CA VAL D 297 65.92 -24.39 1.67
C VAL D 297 64.61 -24.43 0.92
N PRO D 298 63.76 -25.44 1.05
CA PRO D 298 62.50 -25.51 0.33
C PRO D 298 61.47 -24.63 1.01
N VAL D 299 60.63 -23.93 0.21
CA VAL D 299 59.45 -23.25 0.66
C VAL D 299 58.30 -24.19 0.52
N PHE D 300 57.39 -24.20 1.51
CA PHE D 300 56.24 -25.08 1.54
C PHE D 300 55.03 -24.19 1.55
N GLY D 301 53.89 -24.71 1.04
CA GLY D 301 52.59 -24.07 1.13
C GLY D 301 51.98 -24.49 2.43
N GLU D 302 50.76 -25.09 2.38
CA GLU D 302 50.13 -25.75 3.50
C GLU D 302 50.93 -26.99 3.80
N TRP D 303 51.33 -27.17 5.07
CA TRP D 303 52.40 -28.05 5.41
C TRP D 303 52.14 -28.60 6.78
N GLY D 304 52.75 -29.77 7.07
CA GLY D 304 52.64 -30.40 8.34
C GLY D 304 53.24 -31.77 8.23
N PHE D 305 52.82 -32.67 9.14
CA PHE D 305 53.33 -34.01 9.24
C PHE D 305 52.16 -34.92 9.45
N VAL D 306 52.29 -36.19 8.98
CA VAL D 306 51.39 -37.28 9.27
C VAL D 306 51.87 -37.79 10.61
N GLU D 307 52.81 -38.75 10.62
CA GLU D 307 53.71 -38.91 11.73
C GLU D 307 55.01 -39.31 11.09
N ASP D 308 56.05 -38.46 11.29
CA ASP D 308 57.41 -38.67 10.85
C ASP D 308 57.51 -38.73 9.33
N LYS D 309 56.65 -37.96 8.64
CA LYS D 309 56.60 -37.92 7.21
C LYS D 309 56.07 -36.56 6.88
N GLU D 310 56.74 -35.81 5.97
CA GLU D 310 56.26 -34.52 5.49
C GLU D 310 55.03 -34.72 4.64
N VAL D 311 54.01 -33.87 4.83
CA VAL D 311 52.83 -33.89 3.99
C VAL D 311 52.56 -32.45 3.69
N TYR D 312 52.22 -32.17 2.42
CA TYR D 312 52.03 -30.84 1.93
C TYR D 312 51.08 -30.94 0.78
N GLU D 313 50.36 -29.84 0.54
CA GLU D 313 49.43 -29.73 -0.55
C GLU D 313 49.37 -28.28 -0.89
N GLY D 314 49.06 -28.01 -2.17
CA GLY D 314 48.85 -26.69 -2.70
C GLY D 314 47.40 -26.33 -2.57
N VAL D 315 46.90 -25.57 -3.56
CA VAL D 315 45.54 -25.07 -3.60
C VAL D 315 44.76 -25.81 -4.68
N VAL D 316 45.43 -26.71 -5.44
CA VAL D 316 44.86 -27.32 -6.62
C VAL D 316 44.51 -28.76 -6.33
N ARG D 317 44.70 -29.27 -5.08
CA ARG D 317 44.49 -30.69 -4.79
C ARG D 317 43.03 -31.07 -4.85
N LEU D 318 42.17 -30.31 -4.15
CA LEU D 318 40.75 -30.56 -4.05
C LEU D 318 40.02 -30.17 -5.29
N THR D 319 40.62 -29.33 -6.17
CA THR D 319 39.97 -28.85 -7.35
C THR D 319 39.97 -29.91 -8.43
N LYS D 320 40.85 -30.94 -8.31
CA LYS D 320 40.92 -32.05 -9.24
C LYS D 320 39.64 -32.87 -9.22
N ASP D 321 38.96 -32.91 -8.05
CA ASP D 321 37.71 -33.61 -7.85
C ASP D 321 36.59 -32.95 -8.62
N GLY D 322 36.43 -31.62 -8.42
CA GLY D 322 35.36 -30.87 -9.01
C GLY D 322 35.52 -30.64 -10.49
N GLN D 323 36.74 -30.28 -10.95
CA GLN D 323 37.01 -29.94 -12.32
C GLN D 323 36.79 -31.06 -13.31
N ARG D 324 37.25 -32.30 -13.00
CA ARG D 324 37.04 -33.46 -13.84
C ARG D 324 35.58 -33.85 -13.90
N LEU D 325 34.83 -33.62 -12.79
CA LEU D 325 33.42 -33.87 -12.69
C LEU D 325 32.62 -32.91 -13.52
N ARG D 326 32.99 -31.60 -13.52
CA ARG D 326 32.35 -30.56 -14.30
C ARG D 326 32.48 -30.85 -15.78
N ASN D 327 33.62 -31.42 -16.20
CA ASN D 327 33.91 -31.74 -17.58
C ASN D 327 33.13 -32.94 -18.06
N MET D 328 32.90 -33.94 -17.18
CA MET D 328 32.18 -35.15 -17.52
C MET D 328 30.76 -34.87 -17.95
N ILE D 329 30.06 -34.02 -17.17
CA ILE D 329 28.69 -33.62 -17.38
C ILE D 329 28.59 -32.75 -18.61
N MET D 330 29.62 -31.88 -18.83
CA MET D 330 29.69 -30.98 -19.96
C MET D 330 29.83 -31.74 -21.25
N SER D 331 30.77 -32.70 -21.30
CA SER D 331 31.14 -33.47 -22.47
C SER D 331 30.05 -34.42 -22.91
N PHE D 332 29.18 -34.87 -21.96
CA PHE D 332 28.09 -35.77 -22.28
C PHE D 332 27.00 -34.99 -22.97
N ASN D 333 26.66 -33.78 -22.45
CA ASN D 333 25.63 -32.93 -22.99
C ASN D 333 26.02 -32.32 -24.32
N ALA D 334 27.32 -32.37 -24.69
CA ALA D 334 27.82 -31.96 -25.98
C ALA D 334 27.40 -32.92 -27.07
N ASP D 335 27.24 -34.21 -26.71
CA ASP D 335 26.86 -35.27 -27.62
C ASP D 335 25.41 -35.16 -27.96
N ILE D 336 24.55 -34.77 -26.98
CA ILE D 336 23.13 -34.58 -27.13
C ILE D 336 22.82 -33.45 -28.08
N VAL D 337 23.63 -32.36 -28.03
CA VAL D 337 23.48 -31.19 -28.85
C VAL D 337 23.90 -31.47 -30.27
N ALA D 338 25.05 -32.16 -30.46
CA ALA D 338 25.65 -32.31 -31.76
C ALA D 338 25.01 -33.43 -32.54
N ARG D 339 25.27 -34.70 -32.16
CA ARG D 339 24.77 -35.85 -32.87
C ARG D 339 23.37 -36.19 -32.42
N THR D 340 22.68 -37.00 -33.28
CA THR D 340 21.33 -37.49 -33.14
C THR D 340 20.33 -36.37 -33.40
N PRO D 341 19.48 -36.42 -34.44
CA PRO D 341 18.42 -35.45 -34.73
C PRO D 341 17.54 -35.11 -33.56
N LYS D 342 17.07 -33.83 -33.46
CA LYS D 342 16.24 -33.38 -32.39
C LYS D 342 15.19 -32.47 -32.95
N LYS D 343 13.97 -32.55 -32.33
CA LYS D 343 12.81 -31.72 -32.54
C LYS D 343 12.36 -31.61 -33.96
N LYS D 344 11.95 -32.77 -34.53
CA LYS D 344 11.27 -32.82 -35.80
C LYS D 344 9.98 -33.56 -35.54
N PRO D 345 8.85 -33.23 -36.17
CA PRO D 345 7.54 -33.74 -35.79
C PRO D 345 7.37 -35.18 -36.24
N PHE D 346 6.24 -35.81 -35.86
CA PHE D 346 5.84 -37.13 -36.27
C PHE D 346 4.55 -36.93 -37.01
N PHE D 347 4.46 -37.57 -38.21
CA PHE D 347 3.26 -37.63 -39.00
C PHE D 347 3.11 -39.10 -39.31
N TRP D 348 2.62 -39.43 -40.53
CA TRP D 348 2.47 -40.78 -41.01
C TRP D 348 2.74 -40.71 -42.49
N PRO D 349 3.27 -41.76 -43.14
CA PRO D 349 3.81 -41.69 -44.49
C PRO D 349 2.80 -41.42 -45.56
N GLU D 350 1.53 -41.85 -45.40
CA GLU D 350 0.51 -41.70 -46.41
C GLU D 350 -0.47 -40.66 -45.95
N GLN D 351 -0.07 -39.83 -44.97
CA GLN D 351 -0.80 -38.65 -44.54
C GLN D 351 0.10 -37.46 -44.80
N ILE D 352 1.15 -37.66 -45.63
CA ILE D 352 2.08 -36.62 -45.98
C ILE D 352 2.62 -36.97 -47.36
N ALA D 353 2.05 -38.01 -48.01
CA ALA D 353 2.55 -38.51 -49.28
C ALA D 353 2.04 -37.61 -50.37
N GLY D 354 2.97 -37.03 -51.16
CA GLY D 354 2.65 -36.18 -52.27
C GLY D 354 2.34 -34.78 -51.83
N PHE D 355 2.60 -34.44 -50.54
CA PHE D 355 2.33 -33.13 -49.99
C PHE D 355 3.42 -32.81 -49.01
N GLU D 356 4.48 -33.65 -48.92
CA GLU D 356 5.67 -33.44 -48.14
C GLU D 356 6.43 -32.18 -48.47
N HIS D 357 6.25 -31.67 -49.71
CA HIS D 357 6.80 -30.42 -50.23
C HIS D 357 6.29 -29.20 -49.50
N MET D 358 5.16 -29.33 -48.77
CA MET D 358 4.62 -28.31 -47.90
C MET D 358 5.43 -28.18 -46.64
N TYR D 359 5.90 -29.33 -46.10
CA TYR D 359 6.60 -29.43 -44.84
C TYR D 359 8.09 -29.50 -45.07
N ASP D 360 8.58 -29.14 -46.29
CA ASP D 360 9.97 -29.30 -46.66
C ASP D 360 10.93 -28.38 -45.93
N GLY D 361 10.40 -27.33 -45.26
CA GLY D 361 11.20 -26.37 -44.54
C GLY D 361 10.98 -25.01 -45.13
N ASN D 362 9.80 -24.78 -45.74
CA ASN D 362 9.42 -23.47 -46.21
C ASN D 362 8.13 -23.13 -45.53
N ASP D 363 7.99 -21.82 -45.24
CA ASP D 363 6.86 -21.19 -44.61
C ASP D 363 6.26 -20.28 -45.65
N ASP D 364 6.56 -20.56 -46.94
CA ASP D 364 6.22 -19.72 -48.06
C ASP D 364 4.95 -20.19 -48.72
N TYR D 365 4.24 -21.16 -48.10
CA TYR D 365 2.99 -21.67 -48.60
C TYR D 365 1.96 -21.22 -47.61
N PRO D 366 0.76 -20.77 -47.99
CA PRO D 366 -0.22 -20.21 -47.06
C PRO D 366 -0.93 -21.31 -46.32
N TYR D 367 -0.74 -22.59 -46.71
CA TYR D 367 -1.38 -23.70 -46.07
C TYR D 367 -0.56 -24.92 -46.39
N TYR D 368 -0.76 -25.99 -45.58
CA TYR D 368 -0.09 -27.25 -45.72
C TYR D 368 -1.20 -28.25 -45.79
N LEU D 369 -0.93 -29.46 -46.33
CA LEU D 369 -1.99 -30.40 -46.64
C LEU D 369 -1.58 -31.77 -46.20
N LEU D 370 -2.60 -32.65 -46.07
CA LEU D 370 -2.49 -34.01 -45.60
C LEU D 370 -3.09 -34.84 -46.70
N ASN D 371 -3.46 -36.11 -46.38
CA ASN D 371 -4.22 -36.95 -47.26
C ASN D 371 -5.44 -37.30 -46.46
N ARG D 372 -6.61 -36.95 -47.01
CA ARG D 372 -7.89 -37.07 -46.35
C ARG D 372 -8.32 -38.51 -46.18
N THR D 373 -8.16 -39.32 -47.26
CA THR D 373 -8.66 -40.66 -47.30
C THR D 373 -7.66 -41.41 -48.15
N ASP D 374 -7.48 -42.71 -47.87
CA ASP D 374 -6.63 -43.61 -48.62
C ASP D 374 -7.47 -44.84 -48.80
N GLU D 375 -7.08 -45.71 -49.77
CA GLU D 375 -7.81 -46.91 -50.12
C GLU D 375 -7.68 -47.95 -49.03
N ASN D 376 -8.46 -49.07 -49.17
CA ASN D 376 -8.69 -50.06 -48.15
C ASN D 376 -9.50 -49.41 -47.06
N SER D 377 -9.02 -49.47 -45.78
CA SER D 377 -9.65 -48.79 -44.67
C SER D 377 -9.60 -47.30 -44.87
N GLY D 378 -10.70 -46.59 -44.50
CA GLY D 378 -10.80 -45.16 -44.66
C GLY D 378 -10.00 -44.44 -43.62
N ASP D 379 -9.94 -43.10 -43.72
CA ASP D 379 -9.13 -42.27 -42.88
C ASP D 379 -9.79 -40.92 -42.89
N LEU D 380 -9.42 -40.05 -41.92
CA LEU D 380 -9.91 -38.70 -41.82
C LEU D 380 -9.07 -38.04 -40.75
N PRO D 381 -7.80 -37.70 -40.97
CA PRO D 381 -6.93 -37.18 -39.92
C PRO D 381 -7.24 -35.73 -39.61
N THR D 382 -7.26 -35.37 -38.31
CA THR D 382 -7.37 -34.01 -37.86
C THR D 382 -6.42 -33.95 -36.71
N GLN D 383 -5.49 -32.96 -36.75
CA GLN D 383 -4.37 -32.82 -35.84
C GLN D 383 -3.49 -34.06 -35.76
N PRO D 384 -2.86 -34.55 -36.84
CA PRO D 384 -2.13 -35.81 -36.82
C PRO D 384 -0.78 -35.63 -36.16
N LEU D 385 -0.33 -34.37 -35.97
CA LEU D 385 1.00 -34.04 -35.51
C LEU D 385 1.25 -34.50 -34.09
N ALA D 386 2.49 -34.96 -33.86
CA ALA D 386 3.00 -35.24 -32.54
C ALA D 386 4.42 -34.77 -32.61
N TYR D 387 5.04 -34.42 -31.47
CA TYR D 387 6.33 -33.78 -31.47
C TYR D 387 7.24 -34.62 -30.63
N TYR D 388 8.56 -34.52 -30.95
CA TYR D 388 9.61 -35.28 -30.32
C TYR D 388 10.05 -34.52 -29.10
N GLU D 389 10.03 -35.20 -27.93
CA GLU D 389 10.47 -34.64 -26.68
C GLU D 389 11.93 -34.94 -26.59
N ASN D 390 12.75 -33.88 -26.39
CA ASN D 390 14.18 -33.98 -26.43
C ASN D 390 14.66 -34.11 -25.00
N PRO D 391 15.81 -34.73 -24.73
CA PRO D 391 16.50 -34.66 -23.46
C PRO D 391 16.74 -33.23 -23.04
N GLU D 392 16.35 -32.89 -21.79
CA GLU D 392 16.47 -31.56 -21.27
C GLU D 392 17.68 -31.47 -20.39
N VAL D 393 18.50 -32.57 -20.38
CA VAL D 393 19.61 -32.84 -19.50
C VAL D 393 19.03 -33.29 -18.18
N PRO D 394 19.27 -34.52 -17.69
CA PRO D 394 18.78 -35.01 -16.40
C PRO D 394 18.93 -34.05 -15.25
N GLN D 395 17.91 -33.98 -14.36
CA GLN D 395 17.98 -33.22 -13.13
C GLN D 395 19.05 -33.77 -12.21
N ALA D 396 19.33 -35.10 -12.30
CA ALA D 396 20.43 -35.75 -11.62
C ALA D 396 21.77 -35.21 -12.02
N ASN D 397 21.99 -35.05 -13.35
CA ASN D 397 23.19 -34.49 -13.93
C ASN D 397 23.36 -33.03 -13.57
N ALA D 398 22.23 -32.28 -13.56
CA ALA D 398 22.19 -30.87 -13.23
C ALA D 398 22.49 -30.59 -11.79
N TYR D 399 21.97 -31.44 -10.87
CA TYR D 399 22.14 -31.36 -9.44
C TYR D 399 23.55 -31.75 -9.06
N MET D 400 24.19 -32.62 -9.87
CA MET D 400 25.55 -33.04 -9.67
C MET D 400 26.51 -31.97 -10.12
N LEU D 401 26.12 -31.19 -11.17
CA LEU D 401 26.91 -30.09 -11.70
C LEU D 401 26.96 -28.93 -10.73
N GLU D 402 25.88 -28.74 -9.93
CA GLU D 402 25.81 -27.75 -8.87
C GLU D 402 26.81 -28.05 -7.79
N ALA D 403 26.94 -29.35 -7.40
CA ALA D 403 27.90 -29.81 -6.43
C ALA D 403 29.31 -29.86 -6.98
N ALA D 404 29.45 -29.90 -8.33
CA ALA D 404 30.71 -29.92 -9.03
C ALA D 404 31.36 -28.57 -9.00
N THR D 405 30.57 -27.50 -9.31
CA THR D 405 31.03 -26.14 -9.34
C THR D 405 31.29 -25.60 -7.96
N SER D 406 30.62 -26.17 -6.93
CA SER D 406 30.76 -25.76 -5.55
C SER D 406 32.01 -26.34 -4.94
N ALA D 407 32.49 -27.49 -5.46
CA ALA D 407 33.62 -28.21 -4.91
C ALA D 407 34.91 -27.47 -5.10
N VAL D 408 35.05 -26.76 -6.26
CA VAL D 408 36.26 -26.13 -6.67
C VAL D 408 36.48 -24.82 -5.95
N LYS D 409 35.39 -24.01 -5.79
CA LYS D 409 35.50 -22.66 -5.28
C LYS D 409 35.73 -22.54 -3.80
N GLU D 410 35.63 -23.63 -3.01
CA GLU D 410 35.89 -23.59 -1.59
C GLU D 410 37.34 -23.33 -1.29
N VAL D 411 38.23 -24.15 -1.88
CA VAL D 411 39.65 -24.11 -1.62
C VAL D 411 40.34 -22.99 -2.34
N ALA D 412 39.67 -22.35 -3.33
CA ALA D 412 40.18 -21.20 -4.03
C ALA D 412 40.42 -20.04 -3.09
N THR D 413 39.45 -19.79 -2.18
CA THR D 413 39.55 -18.84 -1.08
C THR D 413 40.60 -19.33 -0.10
N LEU D 414 41.47 -18.40 0.41
CA LEU D 414 42.51 -18.73 1.35
C LEU D 414 42.28 -17.97 2.63
N GLY D 415 41.13 -17.27 2.74
CA GLY D 415 40.87 -16.31 3.79
C GLY D 415 41.32 -14.94 3.35
N VAL D 416 41.86 -14.82 2.11
CA VAL D 416 42.32 -13.60 1.49
C VAL D 416 41.15 -12.66 1.28
N ASP D 417 41.38 -11.35 1.44
CA ASP D 417 40.36 -10.33 1.28
C ASP D 417 41.04 -9.09 0.73
N THR D 418 42.25 -9.26 0.15
CA THR D 418 43.11 -8.17 -0.27
C THR D 418 43.61 -8.51 -1.65
N GLU D 419 44.22 -7.50 -2.32
CA GLU D 419 44.79 -7.63 -3.64
C GLU D 419 46.29 -7.78 -3.55
N ALA D 420 46.84 -8.02 -2.34
CA ALA D 420 48.25 -8.08 -2.10
C ALA D 420 48.44 -9.05 -0.96
N VAL D 421 49.72 -9.30 -0.60
CA VAL D 421 50.11 -10.31 0.39
C VAL D 421 49.54 -10.00 1.74
N ASN D 422 49.34 -11.06 2.57
CA ASN D 422 48.67 -11.04 3.84
C ASN D 422 47.21 -10.73 3.67
N GLY D 423 46.48 -10.41 4.76
CA GLY D 423 45.05 -10.17 4.70
C GLY D 423 44.27 -11.44 4.89
N GLY D 424 44.82 -12.39 5.67
CA GLY D 424 44.17 -13.64 5.99
C GLY D 424 44.73 -14.78 5.18
N GLN D 425 45.63 -14.49 4.21
CA GLN D 425 46.45 -15.48 3.55
C GLN D 425 47.82 -15.56 4.18
N VAL D 426 48.01 -14.90 5.37
CA VAL D 426 49.27 -14.67 6.06
C VAL D 426 50.09 -15.93 6.25
N ALA D 427 49.41 -17.09 6.45
CA ALA D 427 49.99 -18.40 6.64
C ALA D 427 50.92 -18.84 5.53
N PHE D 428 50.59 -18.48 4.26
CA PHE D 428 51.40 -18.82 3.11
C PHE D 428 52.58 -17.89 2.97
N ASP D 429 52.41 -16.60 3.35
CA ASP D 429 53.42 -15.59 3.18
C ASP D 429 54.48 -15.64 4.26
N THR D 430 54.09 -16.09 5.48
CA THR D 430 54.96 -16.10 6.63
C THR D 430 55.92 -17.27 6.56
N VAL D 431 55.49 -18.41 5.95
CA VAL D 431 56.33 -19.57 5.80
C VAL D 431 57.31 -19.38 4.67
N ASN D 432 57.05 -18.39 3.76
CA ASN D 432 57.96 -18.06 2.70
C ASN D 432 59.12 -17.28 3.25
N GLN D 433 58.85 -16.26 4.10
CA GLN D 433 59.89 -15.42 4.68
C GLN D 433 60.72 -16.12 5.72
N LEU D 434 60.19 -17.16 6.41
CA LEU D 434 60.95 -17.96 7.35
C LEU D 434 62.02 -18.77 6.68
N ASN D 435 61.70 -19.36 5.50
CA ASN D 435 62.63 -20.10 4.68
C ASN D 435 63.57 -19.19 3.94
N MET D 436 63.18 -17.92 3.69
CA MET D 436 64.08 -16.90 3.17
C MET D 436 65.13 -16.53 4.19
N ARG D 437 64.78 -16.51 5.49
CA ARG D 437 65.70 -16.20 6.57
C ARG D 437 66.61 -17.38 6.86
N ALA D 438 66.13 -18.62 6.61
CA ALA D 438 66.91 -19.82 6.73
C ALA D 438 67.99 -19.90 5.67
N ASP D 439 67.78 -19.21 4.52
CA ASP D 439 68.79 -19.01 3.50
C ASP D 439 69.96 -18.19 4.01
N LEU D 440 69.71 -17.20 4.90
CA LEU D 440 70.72 -16.33 5.46
C LEU D 440 71.59 -17.06 6.46
N GLU D 441 71.13 -18.23 6.98
CA GLU D 441 71.90 -19.08 7.87
C GLU D 441 73.00 -19.75 7.10
N THR D 442 72.67 -20.32 5.92
CA THR D 442 73.60 -21.06 5.09
C THR D 442 74.37 -20.12 4.18
N TYR D 443 74.04 -18.81 4.16
CA TYR D 443 74.72 -17.84 3.34
C TYR D 443 76.04 -17.46 3.97
N VAL D 444 76.09 -17.28 5.32
CA VAL D 444 77.29 -16.85 5.99
C VAL D 444 78.34 -17.94 6.02
N PHE D 445 77.94 -19.23 5.97
CA PHE D 445 78.85 -20.34 6.04
C PHE D 445 79.20 -20.84 4.65
N GLN D 446 78.71 -20.15 3.59
CA GLN D 446 78.97 -20.52 2.22
C GLN D 446 79.77 -19.46 1.55
N ASP D 447 79.21 -18.22 1.46
CA ASP D 447 79.81 -17.06 0.84
C ASP D 447 81.15 -16.71 1.43
N ASN D 448 81.33 -16.79 2.77
CA ASN D 448 82.58 -16.46 3.41
C ASN D 448 83.64 -17.52 3.22
N LEU D 449 83.30 -18.75 2.78
CA LEU D 449 84.30 -19.74 2.43
C LEU D 449 84.82 -19.49 1.03
N ALA D 450 83.93 -19.13 0.08
CA ALA D 450 84.29 -18.93 -1.31
C ALA D 450 84.91 -17.57 -1.53
N THR D 451 84.13 -16.49 -1.28
CA THR D 451 84.53 -15.12 -1.49
C THR D 451 85.56 -14.74 -0.46
N ALA D 452 85.25 -14.98 0.84
CA ALA D 452 86.08 -14.68 1.99
C ALA D 452 86.42 -13.20 2.07
N MET D 453 87.51 -12.87 2.82
CA MET D 453 88.05 -11.54 2.98
C MET D 453 87.03 -10.53 3.47
N ARG D 454 87.20 -9.25 3.05
CA ARG D 454 86.36 -8.13 3.38
C ARG D 454 86.41 -7.78 4.85
N ARG D 455 87.58 -7.25 5.29
CA ARG D 455 87.74 -6.59 6.57
C ARG D 455 86.96 -5.30 6.56
N ASP D 456 86.35 -4.91 7.72
CA ASP D 456 85.45 -3.79 7.78
C ASP D 456 85.59 -3.16 9.13
N GLY D 457 85.20 -1.86 9.22
CA GLY D 457 85.33 -1.06 10.42
C GLY D 457 86.73 -0.52 10.55
N GLU D 458 87.54 -0.72 9.49
CA GLU D 458 88.95 -0.46 9.48
C GLU D 458 89.20 0.47 8.33
N ILE D 459 89.95 1.56 8.61
CA ILE D 459 90.47 2.46 7.63
C ILE D 459 91.76 2.96 8.24
N TYR D 460 92.74 3.35 7.38
CA TYR D 460 94.15 3.49 7.69
C TYR D 460 94.74 2.10 7.75
N GLN D 461 94.43 1.27 6.73
CA GLN D 461 94.83 -0.11 6.67
C GLN D 461 96.11 -0.12 5.90
N SER D 462 97.25 -0.21 6.63
CA SER D 462 98.39 0.61 6.33
C SER D 462 99.57 -0.22 5.89
N ILE D 463 99.47 -1.57 6.00
CA ILE D 463 100.27 -2.54 5.27
C ILE D 463 101.68 -2.64 5.78
N VAL D 464 102.06 -3.87 6.25
CA VAL D 464 103.35 -4.31 6.76
C VAL D 464 104.15 -3.27 7.51
N ASN D 465 103.81 -3.08 8.81
CA ASN D 465 104.61 -2.38 9.78
C ASN D 465 104.63 -0.89 9.54
N ASP D 466 103.42 -0.33 9.25
CA ASP D 466 102.96 0.86 9.92
C ASP D 466 101.86 0.42 10.86
N ILE D 467 101.82 -0.91 11.16
CA ILE D 467 100.78 -1.61 11.84
C ILE D 467 101.18 -1.68 13.29
N TYR D 468 100.22 -1.35 14.17
CA TYR D 468 100.22 -1.81 15.54
C TYR D 468 98.79 -1.75 15.99
N ASP D 469 98.53 -2.25 17.21
CA ASP D 469 97.21 -2.24 17.82
C ASP D 469 97.38 -2.17 19.31
N VAL D 470 98.61 -1.82 19.77
CA VAL D 470 99.01 -1.79 21.15
C VAL D 470 98.27 -0.75 22.00
N PRO D 471 98.03 0.54 21.65
CA PRO D 471 97.57 1.55 22.60
C PRO D 471 96.28 1.23 23.31
N ARG D 472 96.30 1.23 24.66
CA ARG D 472 95.49 2.11 25.46
C ARG D 472 94.06 1.61 25.59
N ASN D 473 93.64 1.31 26.84
CA ASN D 473 92.28 0.94 27.18
C ASN D 473 91.31 2.04 26.91
N VAL D 474 90.12 1.63 26.38
CA VAL D 474 88.89 2.37 26.14
C VAL D 474 88.98 3.60 25.26
N THR D 475 90.14 3.85 24.62
CA THR D 475 90.31 4.95 23.69
C THR D 475 91.55 4.61 22.92
N ILE D 476 91.64 5.13 21.67
CA ILE D 476 92.71 4.84 20.75
C ILE D 476 93.21 6.21 20.38
N THR D 477 94.54 6.41 20.54
CA THR D 477 95.16 7.70 20.33
C THR D 477 96.48 7.42 19.68
N LEU D 478 96.82 8.25 18.67
CA LEU D 478 97.97 8.16 17.80
C LEU D 478 97.83 6.99 16.87
N GLU D 479 97.53 7.27 15.58
CA GLU D 479 97.39 6.33 14.48
C GLU D 479 96.46 5.20 14.81
N ASP D 480 96.64 4.04 14.15
CA ASP D 480 96.80 2.81 14.87
C ASP D 480 97.59 1.96 13.92
N GLY D 481 96.98 1.64 12.77
CA GLY D 481 97.43 0.58 11.91
C GLY D 481 96.24 -0.05 11.26
N SER D 482 95.06 0.11 11.91
CA SER D 482 93.79 0.25 11.25
C SER D 482 93.08 1.31 12.05
N GLU D 483 91.81 1.04 12.45
CA GLU D 483 91.12 1.67 13.55
C GLU D 483 91.03 3.17 13.41
N LYS D 484 90.41 3.62 12.30
CA LYS D 484 90.06 5.00 12.03
C LYS D 484 91.29 5.82 11.74
N ASP D 485 91.11 7.16 11.63
CA ASP D 485 91.92 8.11 10.89
C ASP D 485 92.21 7.72 9.46
N VAL D 486 92.86 8.65 8.71
CA VAL D 486 93.38 8.37 7.39
C VAL D 486 94.82 8.78 7.32
N GLN D 487 95.38 9.31 8.45
CA GLN D 487 96.49 10.23 8.41
C GLN D 487 97.76 9.44 8.23
N LEU D 488 98.76 10.07 7.55
CA LEU D 488 100.06 9.54 7.21
C LEU D 488 99.94 8.82 5.90
N MET D 489 98.97 9.25 5.06
CA MET D 489 98.90 9.00 3.64
C MET D 489 98.80 7.54 3.29
N ALA D 490 97.75 6.86 3.82
CA ALA D 490 97.53 5.46 3.54
C ALA D 490 96.05 5.20 3.57
N GLU D 491 95.24 6.20 3.13
CA GLU D 491 93.78 6.18 3.12
C GLU D 491 93.31 5.06 2.22
N VAL D 492 92.23 4.34 2.65
CA VAL D 492 91.67 3.26 1.89
C VAL D 492 90.18 3.45 1.85
N VAL D 493 89.54 2.88 0.80
CA VAL D 493 88.11 2.89 0.61
C VAL D 493 87.55 1.79 1.46
N ASP D 494 88.25 0.63 1.42
CA ASP D 494 87.98 -0.57 2.15
C ASP D 494 88.98 -1.51 1.53
N LEU D 495 89.73 -2.23 2.40
CA LEU D 495 90.77 -3.11 1.96
C LEU D 495 90.65 -4.32 2.86
N ALA D 496 91.33 -5.44 2.50
CA ALA D 496 91.27 -6.64 3.28
C ALA D 496 92.60 -7.33 3.23
N THR D 497 92.82 -8.24 4.22
CA THR D 497 94.03 -9.00 4.41
C THR D 497 94.27 -9.93 3.24
N GLY D 498 95.56 -10.11 2.87
CA GLY D 498 95.96 -10.98 1.81
C GLY D 498 96.81 -12.09 2.35
N GLU D 499 97.39 -11.90 3.57
CA GLU D 499 98.36 -12.77 4.20
C GLU D 499 99.52 -13.07 3.27
N LYS D 500 100.05 -14.32 3.29
CA LYS D 500 101.05 -14.77 2.36
C LYS D 500 100.37 -15.58 1.29
N GLN D 501 99.08 -15.95 1.52
CA GLN D 501 98.32 -16.73 0.61
C GLN D 501 96.89 -16.36 0.86
N VAL D 502 96.09 -16.21 -0.23
CA VAL D 502 94.74 -15.72 -0.19
C VAL D 502 93.81 -16.87 0.10
N LEU D 503 92.53 -16.53 0.43
CA LEU D 503 91.46 -17.45 0.75
C LEU D 503 91.52 -17.76 2.21
N ASN D 504 91.35 -16.72 3.05
CA ASN D 504 91.41 -16.82 4.48
C ASN D 504 90.35 -15.92 5.06
N ASP D 505 89.73 -16.36 6.17
CA ASP D 505 88.78 -15.55 6.88
C ASP D 505 88.62 -16.12 8.26
N ILE D 506 87.94 -15.33 9.13
CA ILE D 506 87.57 -15.63 10.50
C ILE D 506 86.68 -16.84 10.58
N ARG D 507 86.86 -17.67 11.64
CA ARG D 507 86.14 -18.92 11.83
C ARG D 507 84.69 -18.63 12.06
N GLY D 508 84.38 -17.65 12.94
CA GLY D 508 83.05 -17.20 13.23
C GLY D 508 82.61 -16.30 12.12
N ARG D 509 81.74 -16.82 11.23
CA ARG D 509 81.33 -16.15 10.02
C ARG D 509 80.02 -15.43 10.23
N TYR D 510 79.41 -15.61 11.44
CA TYR D 510 78.20 -14.96 11.87
C TYR D 510 78.51 -13.49 12.04
N GLU D 511 77.53 -12.61 11.74
CA GLU D 511 77.73 -11.20 11.93
C GLU D 511 76.39 -10.55 12.10
N CYS D 512 75.30 -11.25 11.71
CA CYS D 512 74.03 -10.60 11.52
C CYS D 512 72.93 -11.55 11.90
N TYR D 513 71.89 -10.96 12.54
CA TYR D 513 70.58 -11.52 12.76
C TYR D 513 69.93 -11.73 11.40
N THR D 514 69.16 -12.83 11.26
CA THR D 514 68.54 -13.18 10.01
C THR D 514 67.24 -12.43 9.91
N ASP D 515 67.12 -11.55 8.90
CA ASP D 515 65.94 -10.77 8.67
C ASP D 515 65.88 -10.53 7.19
N VAL D 516 64.66 -10.53 6.62
CA VAL D 516 64.46 -10.36 5.20
C VAL D 516 63.38 -9.32 5.03
N GLY D 517 63.23 -8.82 3.79
CA GLY D 517 62.28 -7.80 3.47
C GLY D 517 62.38 -7.54 2.00
N PRO D 518 61.91 -6.37 1.51
CA PRO D 518 61.96 -5.94 0.12
C PRO D 518 63.31 -6.06 -0.54
N SER D 519 63.31 -6.32 -1.87
CA SER D 519 64.50 -6.52 -2.68
C SER D 519 65.33 -5.26 -2.78
N PHE D 520 66.66 -5.46 -2.81
CA PHE D 520 67.62 -4.40 -3.05
C PHE D 520 68.72 -5.10 -3.79
N GLN D 521 69.31 -4.39 -4.78
CA GLN D 521 70.37 -4.90 -5.61
C GLN D 521 71.30 -3.75 -5.92
N SER D 522 71.16 -2.64 -5.15
CA SER D 522 72.02 -1.50 -5.24
C SER D 522 72.08 -0.97 -3.84
N MET D 523 73.26 -0.43 -3.44
CA MET D 523 73.48 0.14 -2.14
C MET D 523 72.69 1.41 -1.98
N LYS D 524 72.62 2.21 -3.07
CA LYS D 524 71.91 3.48 -3.11
C LYS D 524 70.42 3.30 -3.09
N GLN D 525 69.90 2.10 -3.45
CA GLN D 525 68.48 1.82 -3.45
C GLN D 525 67.98 1.61 -2.04
N GLN D 526 68.83 1.01 -1.17
CA GLN D 526 68.52 0.82 0.23
C GLN D 526 68.59 2.13 0.97
N ASN D 527 69.50 3.04 0.55
CA ASN D 527 69.72 4.32 1.19
C ASN D 527 68.54 5.23 0.97
N ARG D 528 67.96 5.21 -0.25
CA ARG D 528 66.80 5.98 -0.63
C ARG D 528 65.58 5.53 0.12
N ALA D 529 65.43 4.20 0.34
CA ALA D 529 64.33 3.63 1.07
C ALA D 529 64.30 4.05 2.52
N GLU D 530 65.49 4.19 3.16
CA GLU D 530 65.63 4.68 4.51
C GLU D 530 65.28 6.14 4.63
N ILE D 531 65.65 6.97 3.62
CA ILE D 531 65.40 8.40 3.59
C ILE D 531 63.92 8.67 3.52
N LEU D 532 63.21 7.96 2.60
CA LEU D 532 61.79 8.08 2.37
C LEU D 532 60.98 7.59 3.54
N GLU D 533 61.50 6.59 4.30
CA GLU D 533 60.87 6.05 5.49
C GLU D 533 60.91 7.06 6.62
N LEU D 534 62.02 7.82 6.73
CA LEU D 534 62.18 8.86 7.72
C LEU D 534 61.40 10.10 7.37
N LEU D 535 61.00 10.27 6.09
CA LEU D 535 60.18 11.37 5.64
C LEU D 535 58.75 11.01 5.93
N GLY D 536 57.91 12.05 6.13
CA GLY D 536 56.50 11.89 6.43
C GLY D 536 56.27 11.70 7.91
N LYS D 537 57.30 11.98 8.74
CA LYS D 537 57.13 11.94 10.18
C LYS D 537 58.16 12.86 10.80
N THR D 538 58.78 13.74 9.98
CA THR D 538 59.78 14.68 10.43
C THR D 538 59.18 16.06 10.26
N PRO D 539 59.32 16.98 11.22
CA PRO D 539 58.68 18.28 11.18
C PRO D 539 59.37 19.17 10.19
N GLN D 540 58.61 20.12 9.59
CA GLN D 540 59.08 21.08 8.63
C GLN D 540 60.14 21.96 9.24
N GLY D 541 61.14 22.33 8.40
CA GLY D 541 62.31 23.04 8.85
C GLY D 541 63.44 22.06 8.72
N THR D 542 64.52 22.30 9.49
CA THR D 542 65.80 21.63 9.37
C THR D 542 65.76 20.11 9.48
N PRO D 543 65.06 19.38 10.36
CA PRO D 543 65.03 17.92 10.37
C PRO D 543 64.55 17.27 9.10
N GLU D 544 63.53 17.84 8.43
CA GLU D 544 63.02 17.34 7.18
C GLU D 544 63.90 17.77 6.03
N TYR D 545 64.56 18.94 6.14
CA TYR D 545 65.36 19.53 5.10
C TYR D 545 66.68 18.80 4.89
N GLN D 546 67.17 18.05 5.91
CA GLN D 546 68.41 17.31 5.78
C GLN D 546 68.17 16.06 4.98
N LEU D 547 66.93 15.52 5.07
CA LEU D 547 66.50 14.33 4.36
C LEU D 547 66.30 14.64 2.90
N LEU D 548 65.79 15.85 2.55
CA LEU D 548 65.57 16.27 1.18
C LEU D 548 66.87 16.44 0.42
N LEU D 549 67.88 17.08 1.05
CA LEU D 549 69.20 17.24 0.48
C LEU D 549 69.87 15.90 0.29
N LEU D 550 69.71 15.01 1.28
CA LEU D 550 70.23 13.66 1.28
C LEU D 550 69.61 12.79 0.22
N GLN D 551 68.32 13.03 -0.12
CA GLN D 551 67.58 12.38 -1.17
C GLN D 551 68.18 12.72 -2.51
N TYR D 552 68.56 14.01 -2.72
CA TYR D 552 69.22 14.47 -3.92
C TYR D 552 70.59 13.82 -4.07
N PHE D 553 71.30 13.64 -2.93
CA PHE D 553 72.66 13.14 -2.86
C PHE D 553 72.75 11.66 -3.20
N THR D 554 71.71 10.87 -2.84
CA THR D 554 71.66 9.46 -3.12
C THR D 554 71.18 9.20 -4.52
N LEU D 555 70.50 10.20 -5.15
CA LEU D 555 70.08 10.14 -6.52
C LEU D 555 71.25 10.41 -7.41
N LEU D 556 71.14 9.94 -8.67
CA LEU D 556 72.20 9.88 -9.63
C LEU D 556 72.37 11.20 -10.32
N ASP D 557 73.40 11.28 -11.19
CA ASP D 557 73.72 12.44 -11.97
C ASP D 557 73.00 12.30 -13.29
N GLY D 558 73.05 13.38 -14.10
CA GLY D 558 72.38 13.44 -15.37
C GLY D 558 72.93 14.68 -15.99
N LYS D 559 72.04 15.51 -16.58
CA LYS D 559 72.37 16.86 -16.95
C LYS D 559 71.77 17.69 -15.85
N GLY D 560 70.45 17.52 -15.64
CA GLY D 560 69.67 18.21 -14.65
C GLY D 560 69.88 17.68 -13.26
N VAL D 561 69.90 16.33 -13.13
CA VAL D 561 69.92 15.64 -11.85
C VAL D 561 71.24 15.86 -11.15
N GLU D 562 72.30 16.12 -11.95
CA GLU D 562 73.65 16.41 -11.51
C GLU D 562 73.71 17.67 -10.69
N MET D 563 72.89 18.70 -11.04
CA MET D 563 72.84 19.96 -10.34
C MET D 563 72.28 19.82 -8.96
N MET D 564 71.27 18.93 -8.78
CA MET D 564 70.64 18.71 -7.50
C MET D 564 71.54 17.92 -6.59
N ARG D 565 72.36 17.00 -7.15
CA ARG D 565 73.33 16.22 -6.41
C ARG D 565 74.47 17.09 -5.92
N ASP D 566 74.94 18.05 -6.76
CA ASP D 566 75.99 19.00 -6.42
C ASP D 566 75.52 20.03 -5.42
N TYR D 567 74.22 20.37 -5.41
CA TYR D 567 73.62 21.24 -4.41
C TYR D 567 73.62 20.59 -3.05
N ALA D 568 73.47 19.24 -3.02
CA ALA D 568 73.57 18.47 -1.81
C ALA D 568 74.99 18.26 -1.39
N ASN D 569 75.92 18.05 -2.36
CA ASN D 569 77.33 17.84 -2.13
C ASN D 569 77.93 19.04 -1.44
N LYS D 570 77.58 20.25 -1.93
CA LYS D 570 77.95 21.53 -1.38
C LYS D 570 77.48 21.70 0.04
N GLN D 571 76.15 21.67 0.27
CA GLN D 571 75.56 21.97 1.56
C GLN D 571 75.90 20.97 2.63
N LEU D 572 75.78 19.65 2.33
CA LEU D 572 75.93 18.62 3.33
C LEU D 572 77.35 18.46 3.79
N ILE D 573 78.29 18.32 2.83
CA ILE D 573 79.64 17.91 3.16
C ILE D 573 80.41 19.07 3.72
N GLN D 574 80.29 20.27 3.12
CA GLN D 574 81.10 21.40 3.49
C GLN D 574 80.72 21.99 4.84
N MET D 575 79.41 21.98 5.19
CA MET D 575 78.96 22.46 6.50
C MET D 575 79.38 21.55 7.62
N GLY D 576 79.73 20.28 7.33
CA GLY D 576 80.17 19.33 8.32
C GLY D 576 79.01 18.69 9.04
N VAL D 577 77.83 18.61 8.38
CA VAL D 577 76.66 17.99 8.95
C VAL D 577 76.54 16.59 8.38
N LYS D 578 77.28 16.31 7.27
CA LYS D 578 77.44 14.99 6.70
C LYS D 578 78.28 14.15 7.62
N LYS D 579 79.41 14.74 8.09
CA LYS D 579 80.45 14.12 8.87
C LYS D 579 80.98 12.84 8.25
N PRO D 580 81.58 12.85 7.06
CA PRO D 580 82.09 11.66 6.40
C PRO D 580 83.15 10.93 7.19
N GLU D 581 83.37 9.64 6.83
CA GLU D 581 84.44 8.83 7.38
C GLU D 581 85.63 8.86 6.46
N THR D 582 85.61 9.77 5.45
CA THR D 582 86.66 10.02 4.48
C THR D 582 87.24 8.79 3.80
N PRO D 583 86.49 7.98 3.05
CA PRO D 583 87.01 6.75 2.47
C PRO D 583 87.73 7.03 1.17
N GLU D 584 87.39 8.13 0.47
CA GLU D 584 88.03 8.49 -0.76
C GLU D 584 87.89 9.98 -0.92
N GLU D 585 87.46 10.66 0.16
CA GLU D 585 87.11 12.06 0.15
C GLU D 585 88.17 12.74 0.96
N GLN D 586 89.06 13.49 0.28
CA GLN D 586 89.84 14.54 0.88
C GLN D 586 90.38 15.37 -0.24
N GLN D 587 89.56 15.52 -1.31
CA GLN D 587 89.99 16.03 -2.59
C GLN D 587 89.68 17.50 -2.59
N TRP D 588 88.47 17.87 -3.06
CA TRP D 588 88.02 19.23 -3.17
C TRP D 588 86.98 19.48 -2.09
N LEU D 589 86.64 18.41 -1.32
CA LEU D 589 85.52 18.41 -0.42
C LEU D 589 85.99 18.88 0.93
N VAL D 590 86.96 18.14 1.53
CA VAL D 590 87.61 18.41 2.79
C VAL D 590 88.30 19.76 2.77
N GLU D 591 88.85 20.14 1.58
CA GLU D 591 89.47 21.41 1.30
C GLU D 591 88.58 22.58 1.68
N ALA D 592 87.37 22.64 1.08
CA ALA D 592 86.40 23.69 1.31
C ALA D 592 85.59 23.50 2.57
N GLN D 593 85.75 22.34 3.26
CA GLN D 593 84.95 21.95 4.39
C GLN D 593 85.20 22.80 5.61
N GLN D 594 86.48 22.96 6.02
CA GLN D 594 86.81 23.77 7.19
C GLN D 594 86.68 25.25 6.91
N ALA D 595 86.77 25.67 5.62
CA ALA D 595 86.55 27.04 5.21
C ALA D 595 85.10 27.45 5.34
N LYS D 596 84.17 26.51 5.06
CA LYS D 596 82.74 26.72 5.17
C LYS D 596 82.28 26.62 6.60
N GLN D 597 82.92 25.74 7.41
CA GLN D 597 82.65 25.56 8.82
C GLN D 597 83.05 26.80 9.60
N GLY D 598 84.20 27.41 9.22
CA GLY D 598 84.70 28.63 9.80
C GLY D 598 83.91 29.85 9.41
N GLN D 599 83.21 29.79 8.25
CA GLN D 599 82.36 30.85 7.77
C GLN D 599 81.00 30.80 8.43
N GLN D 600 80.60 29.59 8.93
CA GLN D 600 79.28 29.33 9.43
C GLN D 600 79.08 29.95 10.79
N ASP D 601 80.09 29.79 11.70
CA ASP D 601 80.02 30.23 13.07
C ASP D 601 79.85 31.74 13.26
N PRO D 602 80.61 32.68 12.67
CA PRO D 602 80.43 34.11 12.89
C PRO D 602 79.14 34.62 12.29
N ALA D 603 78.57 33.92 11.28
CA ALA D 603 77.36 34.33 10.61
C ALA D 603 76.16 34.14 11.50
N MET D 604 76.21 33.13 12.40
CA MET D 604 75.14 32.86 13.33
C MET D 604 75.16 33.84 14.47
N VAL D 605 76.36 34.35 14.85
CA VAL D 605 76.50 35.34 15.90
C VAL D 605 75.88 36.67 15.50
N GLN D 606 76.03 37.07 14.22
CA GLN D 606 75.45 38.28 13.67
C GLN D 606 73.95 38.20 13.57
N ALA D 607 73.39 36.99 13.34
CA ALA D 607 71.97 36.77 13.25
C ALA D 607 71.28 36.80 14.60
N GLN D 608 72.08 36.64 15.68
CA GLN D 608 71.62 36.73 17.06
C GLN D 608 71.84 38.12 17.58
N GLY D 609 72.23 39.07 16.69
CA GLY D 609 72.52 40.45 17.01
C GLY D 609 71.36 41.19 17.58
N VAL D 610 70.12 40.84 17.17
CA VAL D 610 68.89 41.41 17.65
C VAL D 610 68.64 41.10 19.11
N LEU D 611 69.17 39.95 19.60
CA LEU D 611 69.10 39.54 20.98
C LEU D 611 70.17 40.21 21.82
N LEU D 612 71.25 40.74 21.16
CA LEU D 612 72.32 41.48 21.79
C LEU D 612 71.83 42.85 22.23
N GLN D 613 70.69 43.33 21.69
CA GLN D 613 70.03 44.57 22.07
C GLN D 613 69.61 44.55 23.52
N GLY D 614 69.27 43.36 24.06
CA GLY D 614 68.93 43.16 25.44
C GLY D 614 70.12 43.23 26.35
N GLN D 615 71.27 42.69 25.87
CA GLN D 615 72.56 42.75 26.54
C GLN D 615 73.10 44.15 26.57
N ALA D 616 72.72 44.99 25.57
CA ALA D 616 73.15 46.37 25.42
C ALA D 616 72.63 47.24 26.52
N GLU D 617 71.40 46.94 27.04
CA GLU D 617 70.79 47.65 28.14
C GLU D 617 71.57 47.45 29.41
N LEU D 618 72.05 46.20 29.65
CA LEU D 618 72.86 45.85 30.79
C LEU D 618 74.24 46.43 30.70
N ALA D 619 74.81 46.51 29.47
CA ALA D 619 76.11 47.06 29.21
C ALA D 619 76.15 48.56 29.45
N LYS D 620 75.00 49.25 29.30
CA LYS D 620 74.87 50.66 29.58
C LYS D 620 74.86 50.90 31.05
N ALA D 621 74.13 50.06 31.82
CA ALA D 621 73.99 50.22 33.25
C ALA D 621 75.27 50.00 34.01
N GLN D 622 76.12 49.07 33.52
CA GLN D 622 77.40 48.74 34.12
C GLN D 622 78.44 49.78 33.82
N ASN D 623 78.49 50.26 32.55
CA ASN D 623 79.46 51.22 32.09
C ASN D 623 79.18 52.60 32.62
N GLN D 624 77.89 52.94 32.85
CA GLN D 624 77.48 54.22 33.39
C GLN D 624 77.86 54.34 34.85
N THR D 625 77.96 53.19 35.57
CA THR D 625 78.43 53.15 36.94
C THR D 625 79.87 53.55 37.00
N LEU D 626 80.70 53.03 36.06
CA LEU D 626 82.10 53.35 35.97
C LEU D 626 82.34 54.77 35.49
N SER D 627 81.43 55.35 34.67
CA SER D 627 81.54 56.72 34.20
C SER D 627 81.35 57.71 35.30
N LEU D 628 80.30 57.48 36.12
CA LEU D 628 79.91 58.29 37.24
C LEU D 628 80.84 58.13 38.42
N GLN D 629 81.59 57.00 38.48
CA GLN D 629 82.57 56.76 39.53
C GLN D 629 83.79 57.65 39.35
N ILE D 630 84.17 57.94 38.07
CA ILE D 630 85.25 58.83 37.72
C ILE D 630 84.81 60.26 37.91
N ASP D 631 83.51 60.58 37.66
CA ASP D 631 82.93 61.89 37.86
C ASP D 631 82.94 62.27 39.33
N ALA D 632 82.69 61.29 40.23
CA ALA D 632 82.73 61.48 41.65
C ALA D 632 84.13 61.69 42.15
N ALA D 633 85.11 61.00 41.54
CA ALA D 633 86.51 61.10 41.88
C ALA D 633 87.14 62.38 41.40
N LYS D 634 86.54 63.01 40.36
CA LYS D 634 86.97 64.26 39.78
C LYS D 634 86.65 65.39 40.70
N VAL D 635 85.45 65.37 41.32
CA VAL D 635 85.01 66.36 42.27
C VAL D 635 85.73 66.16 43.59
N GLU D 636 86.02 64.90 43.97
CA GLU D 636 86.74 64.55 45.19
C GLU D 636 88.17 65.04 45.16
N ALA D 637 88.83 64.93 43.99
CA ALA D 637 90.19 65.39 43.79
C ALA D 637 90.27 66.90 43.83
N GLN D 638 89.21 67.59 43.35
CA GLN D 638 89.09 69.02 43.40
C GLN D 638 88.91 69.52 44.82
N ASN D 639 88.27 68.70 45.70
CA ASN D 639 88.00 69.09 47.07
C ASN D 639 89.25 69.06 47.90
N GLN D 640 90.10 68.04 47.70
CA GLN D 640 91.31 67.83 48.46
C GLN D 640 92.37 68.86 48.12
N LEU D 641 92.42 69.27 46.83
CA LEU D 641 93.36 70.26 46.35
C LEU D 641 92.93 71.66 46.71
N ASN D 642 91.61 71.90 46.89
CA ASN D 642 91.06 73.19 47.22
C ASN D 642 91.40 73.51 48.65
N ALA D 643 91.19 72.54 49.57
CA ALA D 643 91.45 72.67 50.99
C ALA D 643 92.91 72.89 51.29
N ALA D 644 93.81 72.33 50.44
CA ALA D 644 95.25 72.47 50.59
C ALA D 644 95.73 73.86 50.27
N ARG D 645 95.16 74.50 49.21
CA ARG D 645 95.55 75.83 48.79
C ARG D 645 94.95 76.90 49.65
N ILE D 646 93.83 76.58 50.36
CA ILE D 646 93.14 77.45 51.29
C ILE D 646 94.00 77.67 52.51
N ALA D 647 94.63 76.59 53.02
CA ALA D 647 95.43 76.65 54.22
C ALA D 647 96.73 77.38 54.00
N GLU D 648 97.33 77.23 52.80
CA GLU D 648 98.61 77.84 52.47
C GLU D 648 98.51 79.33 52.39
N ILE D 649 97.52 79.85 51.61
CA ILE D 649 97.34 81.27 51.38
C ILE D 649 96.86 81.98 52.61
N PHE D 650 96.17 81.27 53.54
CA PHE D 650 95.66 81.86 54.76
C PHE D 650 96.78 82.19 55.71
N ASN D 651 97.77 81.26 55.87
CA ASN D 651 98.88 81.46 56.77
C ASN D 651 99.86 82.46 56.23
N ASN D 652 100.08 82.47 54.90
CA ASN D 652 101.07 83.31 54.27
C ASN D 652 100.64 84.75 54.24
N MET D 653 99.33 85.00 54.01
CA MET D 653 98.77 86.34 53.93
C MET D 653 98.65 86.96 55.29
N ASP D 654 98.33 86.15 56.33
CA ASP D 654 98.15 86.64 57.67
C ASP D 654 99.45 87.04 58.30
N LEU D 655 100.54 86.24 58.11
CA LEU D 655 101.84 86.52 58.65
C LEU D 655 102.49 87.71 58.00
N SER D 656 102.22 87.95 56.70
CA SER D 656 102.77 89.08 55.98
C SER D 656 102.07 90.36 56.37
N LYS D 657 100.75 90.28 56.67
CA LYS D 657 99.92 91.39 57.05
C LYS D 657 100.26 91.92 58.42
N GLN D 658 100.53 91.02 59.40
CA GLN D 658 100.94 91.38 60.74
C GLN D 658 102.35 91.93 60.78
N SER D 659 103.19 91.59 59.78
CA SER D 659 104.56 92.06 59.67
C SER D 659 104.60 93.48 59.19
N GLU D 660 103.66 93.87 58.30
CA GLU D 660 103.55 95.21 57.76
C GLU D 660 103.11 96.22 58.80
N PHE D 661 102.42 95.74 59.87
CA PHE D 661 101.99 96.59 60.96
C PHE D 661 103.15 96.99 61.84
N ARG D 662 104.19 96.12 61.94
CA ARG D 662 105.37 96.40 62.75
C ARG D 662 106.18 97.54 62.16
N GLU D 663 106.22 97.61 60.81
CA GLU D 663 106.92 98.65 60.10
C GLU D 663 106.23 99.97 60.23
N PHE D 664 104.88 99.94 60.24
CA PHE D 664 104.02 101.09 60.33
C PHE D 664 104.07 101.70 61.71
N LEU D 665 104.18 100.84 62.76
CA LEU D 665 104.17 101.26 64.14
C LEU D 665 105.41 102.04 64.48
N LYS D 666 106.59 101.54 64.03
CA LYS D 666 107.87 102.15 64.28
C LYS D 666 108.07 103.43 63.49
N THR D 667 107.43 103.56 62.30
CA THR D 667 107.53 104.72 61.44
C THR D 667 106.76 105.88 62.05
N VAL D 668 105.54 105.61 62.58
CA VAL D 668 104.72 106.59 63.25
C VAL D 668 105.39 107.07 64.52
N ALA D 669 106.11 106.17 65.23
CA ALA D 669 106.82 106.50 66.45
C ALA D 669 107.98 107.43 66.22
N SER D 670 108.55 107.43 64.98
CA SER D 670 109.60 108.33 64.58
C SER D 670 109.07 109.71 64.32
N PHE D 671 107.81 109.81 63.79
CA PHE D 671 107.18 111.07 63.47
C PHE D 671 106.79 111.86 64.69
N GLN D 672 106.39 111.17 65.79
CA GLN D 672 105.92 111.78 67.00
C GLN D 672 107.03 112.54 67.69
N GLN D 673 108.18 111.86 67.90
CA GLN D 673 109.34 112.42 68.57
C GLN D 673 110.08 113.43 67.71
N ASP D 674 109.89 113.39 66.37
CA ASP D 674 110.45 114.35 65.45
C ASP D 674 109.65 115.63 65.52
N ARG D 675 108.31 115.51 65.62
CA ARG D 675 107.41 116.64 65.67
C ARG D 675 107.53 117.37 66.99
N SER D 676 107.76 116.63 68.10
CA SER D 676 107.94 117.18 69.42
C SER D 676 109.32 117.77 69.59
N GLU D 677 110.29 117.36 68.75
CA GLU D 677 111.64 117.91 68.72
C GLU D 677 111.60 119.31 68.18
N ASP D 678 110.80 119.52 67.09
CA ASP D 678 110.65 120.81 66.45
C ASP D 678 109.86 121.77 67.29
N ALA D 679 109.01 121.26 68.22
CA ALA D 679 108.23 122.07 69.13
C ALA D 679 109.08 122.61 70.23
N ARG D 680 110.06 121.79 70.70
CA ARG D 680 110.98 122.15 71.76
C ARG D 680 111.93 123.22 71.30
N ALA D 681 112.42 123.11 70.04
CA ALA D 681 113.37 124.04 69.49
C ALA D 681 112.75 125.35 69.12
N ASN D 682 111.44 125.35 68.73
CA ASN D 682 110.72 126.55 68.33
C ASN D 682 110.51 127.45 69.51
N ALA D 683 110.06 126.87 70.65
CA ALA D 683 109.71 127.61 71.84
C ALA D 683 110.92 128.24 72.50
N GLU D 684 112.09 127.55 72.48
CA GLU D 684 113.28 128.00 73.14
C GLU D 684 113.99 129.06 72.35
N LEU D 685 113.85 129.07 70.99
CA LEU D 685 114.39 130.11 70.15
C LEU D 685 113.60 131.39 70.27
N LEU D 686 112.26 131.29 70.51
CA LEU D 686 111.40 132.44 70.68
C LEU D 686 111.66 133.14 71.99
N LEU D 687 112.01 132.38 73.05
CA LEU D 687 112.37 132.92 74.36
C LEU D 687 113.69 133.65 74.32
N LYS D 688 114.64 133.18 73.47
CA LYS D 688 115.93 133.82 73.27
C LYS D 688 115.79 135.07 72.45
N GLY D 689 114.72 135.17 71.63
CA GLY D 689 114.43 136.33 70.82
C GLY D 689 114.06 137.50 71.66
N ASP D 690 113.19 137.27 72.68
CA ASP D 690 112.77 138.28 73.63
C ASP D 690 113.90 138.67 74.56
N GLU D 691 114.85 137.74 74.80
CA GLU D 691 115.93 137.91 75.73
C GLU D 691 117.02 138.76 75.14
N GLN D 692 117.36 138.53 73.85
CA GLN D 692 118.45 139.23 73.20
C GLN D 692 118.07 140.61 72.76
N THR D 693 116.76 140.91 72.54
CA THR D 693 116.31 142.25 72.21
C THR D 693 116.44 143.14 73.43
N HIS D 694 116.10 142.59 74.63
CA HIS D 694 116.18 143.27 75.90
C HIS D 694 117.61 143.49 76.34
N LYS D 695 118.53 142.61 75.89
CA LYS D 695 119.93 142.67 76.21
C LYS D 695 120.57 143.83 75.51
N GLN D 696 120.15 144.10 74.25
CA GLN D 696 120.65 145.18 73.42
C GLN D 696 120.19 146.51 73.92
N ARG D 697 119.03 146.58 74.60
CA ARG D 697 118.49 147.79 75.16
C ARG D 697 119.25 148.16 76.42
N MET D 698 119.70 147.15 77.19
CA MET D 698 120.44 147.35 78.42
C MET D 698 121.85 147.81 78.12
N ASP D 699 122.49 147.22 77.07
CA ASP D 699 123.81 147.55 76.58
C ASP D 699 123.90 149.00 76.18
N ILE D 700 123.06 149.40 75.19
CA ILE D 700 122.99 150.72 74.59
C ILE D 700 122.71 151.80 75.62
N ALA D 701 121.88 151.48 76.65
CA ALA D 701 121.51 152.41 77.70
C ALA D 701 122.70 152.84 78.51
N ASN D 702 123.58 151.88 78.90
CA ASN D 702 124.74 152.15 79.70
C ASN D 702 125.85 152.81 78.91
N ILE D 703 125.90 152.64 77.56
CA ILE D 703 126.88 153.31 76.72
C ILE D 703 126.57 154.79 76.68
N LEU D 704 125.27 155.14 76.56
CA LEU D 704 124.81 156.51 76.43
C LEU D 704 124.91 157.29 77.71
N GLN D 705 124.91 156.61 78.89
CA GLN D 705 125.08 157.26 80.17
C GLN D 705 126.53 157.62 80.39
N SER D 706 127.46 156.81 79.86
CA SER D 706 128.89 157.04 79.98
C SER D 706 129.38 158.14 79.08
N GLN D 707 128.62 158.48 78.00
CA GLN D 707 129.01 159.52 77.08
C GLN D 707 128.81 160.89 77.68
N ARG D 708 127.73 161.07 78.48
CA ARG D 708 127.38 162.35 79.04
C ARG D 708 128.28 162.74 80.17
N GLN D 709 128.83 161.75 80.92
CA GLN D 709 129.70 161.99 82.03
C GLN D 709 131.14 162.16 81.60
N ASN D 710 131.48 161.84 80.33
CA ASN D 710 132.83 161.94 79.82
C ASN D 710 133.16 163.37 79.45
N GLN D 711 132.15 164.07 78.87
CA GLN D 711 132.27 165.40 78.33
C GLN D 711 132.67 166.48 79.34
N PRO D 712 132.07 166.68 80.52
CA PRO D 712 132.52 167.68 81.49
C PRO D 712 133.83 167.27 82.13
N SER D 713 134.15 165.96 82.19
CA SER D 713 135.36 165.45 82.81
C SER D 713 136.55 165.78 81.96
N GLY D 714 136.41 165.63 80.62
CA GLY D 714 137.43 165.92 79.65
C GLY D 714 137.71 167.38 79.48
N SER D 715 136.80 168.26 79.96
CA SER D 715 136.95 169.70 79.91
C SER D 715 138.01 170.15 80.87
N VAL D 716 138.01 169.61 82.11
CA VAL D 716 138.99 169.92 83.14
C VAL D 716 140.36 169.42 82.74
N ALA D 717 140.46 168.12 82.41
CA ALA D 717 141.65 167.53 81.86
C ALA D 717 141.17 166.42 81.00
N GLU D 718 141.75 166.26 79.78
CA GLU D 718 141.30 165.33 78.78
C GLU D 718 141.35 163.91 79.25
N THR D 719 140.22 163.17 79.03
CA THR D 719 140.11 161.78 79.33
C THR D 719 139.12 161.25 78.32
N PRO D 720 139.33 160.06 77.74
CA PRO D 720 138.33 159.39 76.92
C PRO D 720 137.48 158.57 77.85
N GLN D 721 136.49 157.84 77.29
CA GLN D 721 135.59 157.01 78.06
C GLN D 721 136.36 155.82 78.66
N GLU E 1 56.88 -37.26 46.94
CA GLU E 1 56.14 -36.30 46.10
C GLU E 1 54.88 -36.97 45.60
N ASN E 2 54.84 -37.35 44.30
CA ASN E 2 53.74 -38.05 43.68
C ASN E 2 53.61 -39.43 44.30
N ARG E 3 54.78 -40.09 44.48
CA ARG E 3 54.92 -41.33 45.18
C ARG E 3 56.25 -41.22 45.87
N LEU E 4 56.57 -42.22 46.73
CA LEU E 4 57.80 -42.27 47.48
C LEU E 4 58.98 -42.65 46.61
N GLU E 5 58.73 -43.23 45.41
CA GLU E 5 59.75 -43.55 44.45
C GLU E 5 59.37 -42.81 43.19
N SER E 6 60.32 -42.00 42.67
CA SER E 6 60.14 -41.11 41.55
C SER E 6 59.91 -41.81 40.25
N ILE E 7 60.67 -42.90 39.96
CA ILE E 7 60.58 -43.61 38.71
C ILE E 7 59.33 -44.47 38.66
N LEU E 8 58.84 -44.96 39.84
CA LEU E 8 57.60 -45.68 39.99
C LEU E 8 56.40 -44.81 39.67
N SER E 9 56.52 -43.48 39.89
CA SER E 9 55.50 -42.52 39.58
C SER E 9 55.30 -42.37 38.11
N ARG E 10 56.35 -42.66 37.31
CA ARG E 10 56.37 -42.44 35.88
C ARG E 10 55.65 -43.51 35.15
N PHE E 11 55.82 -44.79 35.58
CA PHE E 11 55.21 -45.94 34.94
C PHE E 11 53.72 -45.83 35.03
N ASP E 12 53.21 -45.55 36.25
CA ASP E 12 51.82 -45.33 36.54
C ASP E 12 51.27 -44.06 35.93
N ALA E 13 52.10 -43.00 35.77
CA ALA E 13 51.75 -41.78 35.08
C ALA E 13 51.38 -42.01 33.64
N ASP E 14 52.10 -42.93 32.96
CA ASP E 14 51.85 -43.31 31.59
C ASP E 14 50.60 -44.16 31.50
N TRP E 15 50.29 -44.96 32.54
CA TRP E 15 49.12 -45.81 32.61
C TRP E 15 47.84 -45.04 32.83
N THR E 16 47.86 -43.98 33.68
CA THR E 16 46.76 -43.03 33.85
C THR E 16 46.46 -42.29 32.56
N ALA E 17 47.53 -42.04 31.77
CA ALA E 17 47.53 -41.27 30.55
C ALA E 17 47.27 -42.13 29.36
N SER E 18 47.18 -43.48 29.53
CA SER E 18 46.82 -44.45 28.52
C SER E 18 45.49 -44.16 27.90
N ASP E 19 44.50 -43.70 28.71
CA ASP E 19 43.18 -43.34 28.28
C ASP E 19 43.16 -42.09 27.43
N GLU E 20 44.12 -41.16 27.65
CA GLU E 20 44.35 -40.01 26.79
C GLU E 20 45.09 -40.39 25.54
N ALA E 21 45.89 -41.48 25.59
CA ALA E 21 46.71 -41.91 24.48
C ALA E 21 45.97 -42.79 23.53
N ARG E 22 44.78 -43.31 23.94
CA ARG E 22 43.96 -44.15 23.10
C ARG E 22 42.78 -43.37 22.61
N ARG E 23 41.84 -43.06 23.52
CA ARG E 23 40.53 -42.58 23.18
C ARG E 23 40.53 -41.13 22.78
N GLU E 24 41.34 -40.30 23.46
CA GLU E 24 41.44 -38.89 23.15
C GLU E 24 42.32 -38.65 21.96
N ALA E 25 43.47 -39.36 21.87
CA ALA E 25 44.51 -39.12 20.90
C ALA E 25 44.10 -39.51 19.51
N LYS E 26 43.26 -40.58 19.39
CA LYS E 26 42.72 -41.07 18.13
C LYS E 26 41.87 -40.01 17.46
N ASN E 27 41.04 -39.29 18.26
CA ASN E 27 40.17 -38.26 17.77
C ASN E 27 40.94 -37.04 17.32
N ASP E 28 42.00 -36.65 18.08
CA ASP E 28 42.79 -35.46 17.84
C ASP E 28 43.45 -35.43 16.48
N LEU E 29 44.23 -36.48 16.16
CA LEU E 29 44.91 -36.65 14.89
C LEU E 29 43.98 -36.80 13.70
N PHE E 30 42.72 -37.23 13.93
CA PHE E 30 41.74 -37.43 12.89
C PHE E 30 40.96 -36.16 12.64
N PHE E 31 41.14 -35.12 13.50
CA PHE E 31 40.61 -33.79 13.30
C PHE E 31 41.47 -33.06 12.29
N SER E 32 42.79 -33.33 12.30
CA SER E 32 43.74 -32.83 11.34
C SER E 32 43.57 -33.42 9.96
N ARG E 33 42.74 -34.47 9.80
CA ARG E 33 42.49 -35.11 8.53
C ARG E 33 41.64 -34.31 7.58
N VAL E 34 40.57 -33.66 8.08
CA VAL E 34 39.66 -32.88 7.26
C VAL E 34 40.20 -31.48 7.03
N SER E 35 40.73 -30.85 8.11
CA SER E 35 41.26 -29.50 8.09
C SER E 35 42.48 -29.34 7.21
N GLN E 36 43.38 -30.34 7.18
CA GLN E 36 44.52 -30.36 6.30
C GLN E 36 44.41 -31.67 5.57
N TRP E 37 44.55 -31.62 4.22
CA TRP E 37 44.40 -32.74 3.31
C TRP E 37 42.95 -33.15 3.20
N ASP E 38 42.66 -34.16 2.33
CA ASP E 38 41.35 -34.60 1.92
C ASP E 38 40.55 -35.18 3.06
N ASP E 39 39.21 -35.01 3.00
CA ASP E 39 38.24 -35.44 3.98
C ASP E 39 38.23 -36.95 4.09
N TRP E 40 38.20 -37.65 2.93
CA TRP E 40 38.16 -39.09 2.88
C TRP E 40 39.57 -39.58 2.74
N LEU E 41 39.79 -40.85 3.17
CA LEU E 41 41.08 -41.47 3.23
C LEU E 41 41.48 -42.03 1.89
N SER E 42 42.77 -42.40 1.79
CA SER E 42 43.41 -42.90 0.60
C SER E 42 42.85 -44.24 0.20
N GLN E 43 42.32 -44.29 -1.05
CA GLN E 43 41.84 -45.48 -1.67
C GLN E 43 42.46 -45.39 -3.03
N TYR E 44 43.31 -46.38 -3.39
CA TYR E 44 44.21 -46.25 -4.51
C TYR E 44 43.55 -46.75 -5.76
N THR E 45 43.07 -45.79 -6.59
CA THR E 45 42.48 -45.98 -7.90
C THR E 45 41.31 -46.94 -7.86
N THR E 46 40.30 -46.62 -7.01
CA THR E 46 39.08 -47.39 -6.89
C THR E 46 38.12 -46.93 -7.95
N LEU E 47 37.04 -47.71 -8.18
CA LEU E 47 36.05 -47.41 -9.19
C LEU E 47 34.90 -46.67 -8.56
N GLN E 48 34.92 -46.50 -7.22
CA GLN E 48 33.94 -45.70 -6.52
C GLN E 48 34.39 -44.26 -6.57
N TYR E 49 33.48 -43.34 -6.21
CA TYR E 49 33.72 -41.93 -6.26
C TYR E 49 33.53 -41.44 -4.85
N ARG E 50 34.42 -40.51 -4.41
CA ARG E 50 34.34 -39.86 -3.14
C ARG E 50 34.53 -38.42 -3.51
N GLY E 51 33.53 -37.58 -3.14
CA GLY E 51 33.54 -36.17 -3.42
C GLY E 51 34.41 -35.44 -2.46
N GLN E 52 34.52 -34.11 -2.68
CA GLN E 52 35.30 -33.22 -1.86
C GLN E 52 34.63 -31.89 -2.02
N PHE E 53 34.73 -31.04 -0.98
CA PHE E 53 34.33 -29.66 -1.05
C PHE E 53 35.32 -28.98 -0.15
N ASP E 54 35.18 -29.27 1.16
CA ASP E 54 35.97 -28.77 2.26
C ASP E 54 35.94 -27.27 2.32
N VAL E 55 34.75 -26.75 2.69
CA VAL E 55 34.50 -25.39 3.13
C VAL E 55 35.18 -25.15 4.46
N VAL E 56 35.66 -26.26 5.10
CA VAL E 56 36.42 -26.30 6.32
C VAL E 56 37.76 -25.62 6.11
N ARG E 57 38.43 -25.91 4.97
CA ARG E 57 39.78 -25.47 4.68
C ARG E 57 39.96 -23.96 4.54
N PRO E 58 39.19 -23.12 3.84
CA PRO E 58 39.38 -21.66 3.83
C PRO E 58 39.20 -21.02 5.18
N VAL E 59 38.39 -21.63 6.08
CA VAL E 59 38.15 -21.12 7.41
C VAL E 59 39.31 -21.45 8.31
N VAL E 60 39.93 -22.65 8.12
CA VAL E 60 41.08 -23.10 8.87
C VAL E 60 42.27 -22.28 8.48
N ARG E 61 42.46 -21.98 7.17
CA ARG E 61 43.56 -21.18 6.68
C ARG E 61 43.52 -19.78 7.24
N LYS E 62 42.30 -19.19 7.34
CA LYS E 62 42.10 -17.85 7.85
C LYS E 62 42.43 -17.75 9.31
N LEU E 63 42.04 -18.76 10.12
CA LEU E 63 42.25 -18.78 11.55
C LEU E 63 43.71 -18.97 11.90
N VAL E 64 44.46 -19.74 11.06
CA VAL E 64 45.88 -20.00 11.23
C VAL E 64 46.63 -18.73 10.99
N SER E 65 46.19 -17.94 9.99
CA SER E 65 46.81 -16.69 9.60
C SER E 65 46.61 -15.61 10.63
N GLU E 66 45.45 -15.62 11.32
CA GLU E 66 45.10 -14.67 12.36
C GLU E 66 45.95 -14.82 13.60
N MET E 67 46.29 -16.07 13.98
CA MET E 67 47.08 -16.34 15.16
C MET E 67 48.55 -16.12 14.92
N ARG E 68 49.00 -16.26 13.65
CA ARG E 68 50.39 -16.08 13.28
C ARG E 68 50.75 -14.64 13.15
N GLN E 69 49.79 -13.76 12.75
CA GLN E 69 50.00 -12.32 12.71
C GLN E 69 49.83 -11.68 14.07
N ASN E 70 49.34 -12.44 15.09
CA ASN E 70 49.32 -11.99 16.46
C ASN E 70 50.65 -12.39 17.08
N PRO E 71 51.43 -11.52 17.70
CA PRO E 71 52.77 -11.88 18.13
C PRO E 71 52.70 -12.35 19.56
N ILE E 72 53.03 -13.65 19.79
CA ILE E 72 53.16 -14.21 21.11
C ILE E 72 54.58 -14.68 21.10
N ASP E 73 55.45 -13.96 21.85
CA ASP E 73 56.87 -14.18 21.83
C ASP E 73 57.38 -13.58 23.12
N VAL E 74 58.64 -13.91 23.49
CA VAL E 74 59.26 -13.53 24.73
C VAL E 74 59.56 -12.05 24.76
N LEU E 75 59.08 -11.34 25.82
CA LEU E 75 59.29 -9.92 25.98
C LEU E 75 59.66 -9.69 27.42
N TYR E 76 58.77 -10.12 28.35
CA TYR E 76 58.77 -9.84 29.77
C TYR E 76 58.51 -8.40 30.08
N ARG E 77 58.40 -8.12 31.40
CA ARG E 77 58.01 -6.86 31.96
C ARG E 77 58.60 -6.93 33.35
N PRO E 78 59.02 -5.84 33.99
CA PRO E 78 59.60 -5.84 35.32
C PRO E 78 58.60 -6.12 36.41
N LYS E 79 59.05 -6.82 37.48
CA LYS E 79 58.27 -7.32 38.59
C LYS E 79 58.16 -6.23 39.64
N ASP E 80 57.41 -6.52 40.74
CA ASP E 80 57.14 -5.65 41.86
C ASP E 80 58.41 -5.20 42.55
N GLY E 81 58.65 -3.86 42.55
CA GLY E 81 59.76 -3.24 43.23
C GLY E 81 61.07 -3.41 42.51
N ALA E 82 61.05 -4.03 41.31
CA ALA E 82 62.24 -4.31 40.55
C ALA E 82 62.44 -3.25 39.52
N ARG E 83 63.72 -3.05 39.15
CA ARG E 83 64.18 -2.11 38.14
C ARG E 83 63.61 -2.47 36.79
N PRO E 84 63.26 -1.51 35.92
CA PRO E 84 62.78 -1.78 34.59
C PRO E 84 63.93 -2.02 33.65
N ASP E 85 65.18 -1.85 34.12
CA ASP E 85 66.38 -1.98 33.32
C ASP E 85 66.89 -3.40 33.38
N ALA E 86 66.18 -4.30 34.12
CA ALA E 86 66.51 -5.69 34.24
C ALA E 86 66.02 -6.48 33.06
N ALA E 87 65.08 -5.92 32.27
CA ALA E 87 64.36 -6.64 31.25
C ALA E 87 65.22 -6.89 30.04
N ASP E 88 65.97 -5.86 29.57
CA ASP E 88 66.78 -5.95 28.38
C ASP E 88 67.99 -6.84 28.57
N VAL E 89 68.54 -6.88 29.81
CA VAL E 89 69.71 -7.64 30.16
C VAL E 89 69.41 -9.13 30.09
N LEU E 90 68.23 -9.56 30.60
CA LEU E 90 67.79 -10.94 30.62
C LEU E 90 67.49 -11.47 29.24
N MET E 91 67.06 -10.57 28.31
CA MET E 91 66.75 -10.93 26.95
C MET E 91 67.98 -10.93 26.09
N GLY E 92 69.10 -10.35 26.57
CA GLY E 92 70.31 -10.17 25.80
C GLY E 92 70.92 -11.44 25.29
N MET E 93 71.14 -12.43 26.19
CA MET E 93 71.68 -13.72 25.83
C MET E 93 70.65 -14.65 25.25
N TYR E 94 69.37 -14.48 25.66
CA TYR E 94 68.32 -15.42 25.31
C TYR E 94 67.83 -15.19 23.90
N ARG E 95 67.97 -13.96 23.37
CA ARG E 95 67.64 -13.65 22.00
C ARG E 95 68.75 -14.00 21.06
N THR E 96 70.01 -14.17 21.56
CA THR E 96 71.15 -14.47 20.72
C THR E 96 71.05 -15.89 20.23
N ASP E 97 70.56 -16.79 21.10
CA ASP E 97 70.36 -18.19 20.77
C ASP E 97 69.01 -18.42 20.09
N MET E 98 68.10 -17.42 20.13
CA MET E 98 66.82 -17.47 19.45
C MET E 98 66.84 -16.68 18.16
N ARG E 99 68.03 -16.22 17.70
CA ARG E 99 68.20 -15.52 16.43
C ARG E 99 67.86 -16.45 15.30
N HIS E 100 68.23 -17.73 15.48
CA HIS E 100 67.98 -18.83 14.57
C HIS E 100 66.50 -19.07 14.40
N ASN E 101 66.12 -19.50 13.19
CA ASN E 101 64.75 -19.65 12.75
C ASN E 101 64.06 -20.82 13.38
N THR E 102 64.80 -21.73 14.07
CA THR E 102 64.26 -22.88 14.75
C THR E 102 63.30 -22.48 15.87
N ALA E 103 63.47 -21.26 16.42
CA ALA E 103 62.64 -20.69 17.45
C ALA E 103 61.36 -20.16 16.89
N LYS E 104 61.42 -19.48 15.72
CA LYS E 104 60.27 -18.85 15.11
C LYS E 104 59.32 -19.86 14.52
N ILE E 105 59.87 -20.97 13.97
CA ILE E 105 59.14 -22.05 13.34
C ILE E 105 58.31 -22.78 14.37
N ALA E 106 58.81 -22.89 15.62
CA ALA E 106 58.15 -23.58 16.70
C ALA E 106 56.87 -22.92 17.16
N VAL E 107 56.79 -21.58 17.07
CA VAL E 107 55.64 -20.82 17.50
C VAL E 107 54.56 -20.93 16.45
N ASN E 108 54.93 -20.86 15.15
CA ASN E 108 54.01 -20.90 14.03
C ASN E 108 53.43 -22.28 13.81
N ILE E 109 54.14 -23.34 14.24
CA ILE E 109 53.68 -24.72 14.16
C ILE E 109 52.64 -24.95 15.22
N ALA E 110 52.86 -24.38 16.43
CA ALA E 110 52.01 -24.62 17.57
C ALA E 110 50.63 -24.05 17.41
N VAL E 111 50.52 -22.83 16.80
CA VAL E 111 49.25 -22.15 16.60
C VAL E 111 48.43 -22.78 15.49
N ARG E 112 49.09 -23.48 14.53
CA ARG E 112 48.41 -24.17 13.46
C ARG E 112 47.82 -25.46 13.98
N GLU E 113 48.51 -26.09 14.96
CA GLU E 113 48.09 -27.33 15.57
C GLU E 113 46.99 -27.13 16.57
N GLN E 114 46.71 -25.88 17.03
CA GLN E 114 45.60 -25.63 17.92
C GLN E 114 44.29 -25.73 17.20
N ILE E 115 44.24 -25.22 15.96
CA ILE E 115 43.05 -25.16 15.15
C ILE E 115 42.77 -26.49 14.51
N GLU E 116 43.84 -27.19 14.05
CA GLU E 116 43.70 -28.43 13.32
C GLU E 116 43.55 -29.58 14.28
N ALA E 117 44.68 -29.94 14.95
CA ALA E 117 44.77 -31.07 15.85
C ALA E 117 43.98 -30.91 17.12
N GLY E 118 43.97 -29.68 17.68
CA GLY E 118 43.44 -29.41 19.00
C GLY E 118 44.51 -29.52 20.03
N VAL E 119 45.79 -29.66 19.60
CA VAL E 119 46.91 -29.97 20.45
C VAL E 119 47.99 -29.00 20.00
N GLY E 120 49.26 -29.46 19.90
CA GLY E 120 50.41 -28.68 19.50
C GLY E 120 51.31 -28.57 20.68
N ALA E 121 52.61 -28.30 20.46
CA ALA E 121 53.57 -28.25 21.53
C ALA E 121 54.87 -27.77 20.95
N TRP E 122 55.83 -27.39 21.84
CA TRP E 122 57.19 -27.07 21.46
C TRP E 122 58.05 -27.37 22.65
N ARG E 123 59.29 -27.84 22.42
CA ARG E 123 60.19 -28.20 23.49
C ARG E 123 61.38 -27.27 23.44
N LEU E 124 62.29 -27.42 24.43
CA LEU E 124 63.55 -26.71 24.50
C LEU E 124 64.55 -27.80 24.75
N VAL E 125 65.72 -27.71 24.08
CA VAL E 125 66.79 -28.67 24.17
C VAL E 125 68.00 -27.92 24.65
N THR E 126 69.12 -28.66 24.84
CA THR E 126 70.38 -28.12 25.30
C THR E 126 71.38 -28.79 24.40
N ASP E 127 72.27 -27.98 23.76
CA ASP E 127 73.20 -28.49 22.80
C ASP E 127 74.48 -27.69 22.88
N TYR E 128 75.57 -28.30 22.37
CA TYR E 128 76.87 -27.69 22.28
C TYR E 128 77.07 -27.32 20.84
N GLU E 129 77.12 -26.00 20.55
CA GLU E 129 77.29 -25.52 19.20
C GLU E 129 78.23 -24.37 19.35
N ASP E 130 79.36 -24.41 18.61
CA ASP E 130 80.35 -23.36 18.62
C ASP E 130 80.27 -22.60 17.33
N GLN E 131 79.53 -23.17 16.34
CA GLN E 131 79.38 -22.62 15.01
C GLN E 131 78.60 -21.34 15.07
N SER E 132 77.54 -21.34 15.91
CA SER E 132 76.79 -20.17 16.27
C SER E 132 76.79 -20.16 17.78
N PRO E 133 77.45 -19.24 18.48
CA PRO E 133 77.59 -19.33 19.93
C PRO E 133 76.78 -18.21 20.54
N THR E 134 76.90 -18.02 21.87
CA THR E 134 76.36 -16.90 22.58
C THR E 134 77.47 -16.51 23.53
N SER E 135 77.79 -17.38 24.51
CA SER E 135 78.92 -17.18 25.39
C SER E 135 79.44 -18.53 25.76
N ASN E 136 80.79 -18.65 25.77
CA ASN E 136 81.55 -19.85 26.05
C ASN E 136 81.27 -20.95 25.05
N ASN E 137 80.79 -20.57 23.83
CA ASN E 137 80.48 -21.44 22.73
C ASN E 137 79.38 -22.42 23.07
N GLN E 138 78.27 -21.90 23.66
CA GLN E 138 77.20 -22.70 24.21
C GLN E 138 75.92 -21.97 23.94
N VAL E 139 74.87 -22.73 23.52
CA VAL E 139 73.57 -22.19 23.13
C VAL E 139 72.52 -23.17 23.60
N ILE E 140 71.25 -22.73 23.61
CA ILE E 140 70.09 -23.58 23.75
C ILE E 140 69.25 -23.30 22.54
N ARG E 141 68.30 -24.21 22.19
CA ARG E 141 67.52 -24.07 20.99
C ARG E 141 66.13 -24.50 21.34
N ARG E 142 65.14 -23.95 20.61
CA ARG E 142 63.74 -24.26 20.75
C ARG E 142 63.40 -25.12 19.57
N GLU E 143 63.09 -26.42 19.81
CA GLU E 143 62.81 -27.38 18.78
C GLU E 143 61.31 -27.55 18.65
N PRO E 144 60.71 -27.48 17.46
CA PRO E 144 59.27 -27.62 17.27
C PRO E 144 58.81 -29.04 17.46
N ILE E 145 57.51 -29.22 17.80
CA ILE E 145 56.88 -30.50 17.90
C ILE E 145 55.63 -30.32 17.06
N HIS E 146 55.53 -31.11 15.96
CA HIS E 146 54.39 -31.09 15.08
C HIS E 146 53.85 -32.49 15.17
N SER E 147 52.50 -32.60 15.17
CA SER E 147 51.74 -33.82 15.33
C SER E 147 51.81 -34.27 16.76
N ALA E 148 51.70 -33.29 17.69
CA ALA E 148 51.60 -33.49 19.12
C ALA E 148 50.40 -34.32 19.52
N CYS E 149 49.35 -34.32 18.67
CA CYS E 149 48.17 -35.16 18.73
C CYS E 149 48.46 -36.64 18.72
N SER E 150 49.39 -37.05 17.84
CA SER E 150 49.91 -38.39 17.73
C SER E 150 50.86 -38.71 18.86
N HIS E 151 51.34 -37.67 19.59
CA HIS E 151 52.31 -37.82 20.64
C HIS E 151 51.69 -37.68 22.02
N VAL E 152 50.34 -37.79 22.15
CA VAL E 152 49.67 -37.54 23.41
C VAL E 152 49.88 -38.75 24.28
N ILE E 153 50.63 -38.57 25.40
CA ILE E 153 50.78 -39.54 26.46
C ILE E 153 50.86 -38.76 27.74
N TRP E 154 50.42 -37.48 27.69
CA TRP E 154 50.58 -36.54 28.78
C TRP E 154 49.22 -36.32 29.39
N ASP E 155 49.24 -35.89 30.67
CA ASP E 155 48.09 -35.57 31.51
C ASP E 155 47.17 -36.74 31.70
N SER E 156 46.00 -36.52 32.36
CA SER E 156 44.98 -37.51 32.49
C SER E 156 43.79 -36.83 33.12
N ASN E 157 44.03 -36.07 34.20
CA ASN E 157 43.00 -35.42 34.96
C ASN E 157 43.61 -34.18 35.55
N SER E 158 44.73 -33.70 34.96
CA SER E 158 45.42 -32.50 35.37
C SER E 158 44.54 -31.32 35.06
N LYS E 159 44.55 -30.30 35.94
CA LYS E 159 43.69 -29.15 35.79
C LYS E 159 44.51 -28.01 35.25
N LEU E 160 45.71 -28.32 34.69
CA LEU E 160 46.58 -27.35 34.08
C LEU E 160 46.97 -27.92 32.76
N MET E 161 47.44 -27.02 31.87
CA MET E 161 47.84 -27.32 30.52
C MET E 161 49.31 -27.01 30.37
N ASP E 162 49.95 -26.47 31.45
CA ASP E 162 51.31 -26.03 31.44
C ASP E 162 52.30 -27.14 31.22
N LYS E 163 52.17 -28.25 31.98
CA LYS E 163 53.06 -29.40 31.96
C LYS E 163 54.48 -28.99 32.29
N SER E 164 54.61 -28.11 33.30
CA SER E 164 55.86 -27.66 33.85
C SER E 164 55.76 -27.82 35.34
N ASP E 165 54.69 -28.50 35.79
CA ASP E 165 54.42 -28.78 37.18
C ASP E 165 53.49 -29.96 37.27
N ALA E 166 53.25 -30.64 36.12
CA ALA E 166 52.37 -31.77 36.01
C ALA E 166 53.02 -33.00 36.60
N ARG E 167 52.17 -33.98 36.97
CA ARG E 167 52.57 -35.23 37.57
C ARG E 167 52.60 -36.30 36.50
N HIS E 168 52.40 -35.89 35.23
CA HIS E 168 52.26 -36.79 34.11
C HIS E 168 53.02 -36.16 32.98
N CYS E 169 54.25 -35.69 33.28
CA CYS E 169 55.04 -34.86 32.40
C CYS E 169 55.97 -35.74 31.62
N THR E 170 55.67 -35.91 30.31
CA THR E 170 56.38 -36.83 29.47
C THR E 170 56.12 -36.37 28.05
N VAL E 171 57.00 -36.80 27.12
CA VAL E 171 56.94 -36.52 25.71
C VAL E 171 57.31 -37.79 25.02
N ILE E 172 56.96 -37.91 23.71
CA ILE E 172 57.28 -39.06 22.91
C ILE E 172 57.47 -38.53 21.52
N HIS E 173 58.42 -39.13 20.76
CA HIS E 173 58.72 -38.75 19.41
C HIS E 173 59.04 -40.01 18.65
N SER E 174 58.51 -40.11 17.42
CA SER E 174 58.75 -41.21 16.52
C SER E 174 59.71 -40.73 15.48
N MET E 175 60.60 -41.63 15.02
CA MET E 175 61.65 -41.27 14.10
C MET E 175 62.01 -42.51 13.32
N SER E 176 62.69 -42.33 12.17
CA SER E 176 63.05 -43.40 11.25
C SER E 176 64.14 -44.28 11.83
N GLN E 177 64.56 -45.31 11.06
CA GLN E 177 65.58 -46.26 11.47
C GLN E 177 66.91 -45.57 11.45
N ASN E 178 67.17 -44.78 10.39
CA ASN E 178 68.37 -44.00 10.22
C ASN E 178 68.41 -42.87 11.21
N GLY E 179 67.23 -42.29 11.55
CA GLY E 179 67.10 -41.21 12.49
C GLY E 179 67.26 -41.62 13.92
N TRP E 180 67.00 -42.91 14.27
CA TRP E 180 67.16 -43.43 15.61
C TRP E 180 68.62 -43.61 15.91
N GLU E 181 69.44 -43.85 14.86
CA GLU E 181 70.84 -44.19 14.99
C GLU E 181 71.66 -42.95 15.26
N ASP E 182 71.33 -41.83 14.58
CA ASP E 182 72.06 -40.60 14.72
C ASP E 182 71.64 -39.86 15.98
N PHE E 183 70.34 -39.96 16.37
CA PHE E 183 69.80 -39.43 17.61
C PHE E 183 70.28 -40.19 18.82
N ALA E 184 70.79 -41.43 18.64
CA ALA E 184 71.35 -42.21 19.71
C ALA E 184 72.75 -41.76 20.03
N GLU E 185 73.45 -41.11 19.07
CA GLU E 185 74.76 -40.52 19.31
C GLU E 185 74.65 -39.30 20.17
N LYS E 186 73.54 -38.52 19.96
CA LYS E 186 73.27 -37.30 20.69
C LYS E 186 72.84 -37.53 22.11
N TYR E 187 71.99 -38.54 22.36
CA TYR E 187 71.43 -38.80 23.67
C TYR E 187 72.22 -39.82 24.45
N ASP E 188 73.34 -40.35 23.89
CA ASP E 188 74.21 -41.33 24.52
C ASP E 188 73.46 -42.61 24.84
N LEU E 189 72.91 -43.24 23.79
CA LEU E 189 72.06 -44.40 23.87
C LEU E 189 72.58 -45.38 22.86
N ASP E 190 72.02 -46.62 22.87
CA ASP E 190 72.32 -47.65 21.90
C ASP E 190 71.51 -47.34 20.67
N ALA E 191 72.07 -47.66 19.49
CA ALA E 191 71.49 -47.33 18.21
C ALA E 191 70.83 -48.55 17.61
N ASP E 192 70.87 -49.70 18.32
CA ASP E 192 70.34 -50.95 17.85
C ASP E 192 69.27 -51.41 18.82
N ASP E 193 68.88 -50.54 19.78
CA ASP E 193 67.92 -50.87 20.81
C ASP E 193 66.54 -51.05 20.22
N ILE E 194 66.14 -50.13 19.32
CA ILE E 194 64.87 -50.07 18.64
C ILE E 194 63.69 -50.12 19.62
N PRO E 195 63.50 -49.11 20.49
CA PRO E 195 62.46 -49.11 21.51
C PRO E 195 61.08 -48.99 20.88
N SER E 196 60.03 -49.37 21.65
CA SER E 196 58.66 -49.33 21.22
C SER E 196 57.88 -48.81 22.40
N PHE E 197 56.59 -48.47 22.17
CA PHE E 197 55.77 -47.85 23.18
C PHE E 197 54.38 -48.40 22.97
N GLN E 198 53.41 -47.92 23.79
CA GLN E 198 52.02 -48.31 23.83
C GLN E 198 51.35 -48.05 22.49
N ASN E 199 51.66 -46.88 21.89
CA ASN E 199 51.31 -46.41 20.57
C ASN E 199 50.22 -45.37 20.71
N PRO E 200 50.55 -44.09 20.86
CA PRO E 200 49.57 -43.02 20.79
C PRO E 200 49.43 -42.56 19.36
N ASN E 201 50.30 -43.05 18.45
CA ASN E 201 50.42 -42.57 17.09
C ASN E 201 49.26 -43.06 16.26
N ASP E 202 49.12 -42.49 15.04
CA ASP E 202 47.97 -42.67 14.17
C ASP E 202 47.73 -44.11 13.80
N TRP E 203 46.44 -44.47 13.76
CA TRP E 203 45.97 -45.76 13.28
C TRP E 203 45.22 -45.52 12.01
N VAL E 204 45.00 -44.24 11.64
CA VAL E 204 44.26 -43.82 10.48
C VAL E 204 45.04 -44.12 9.23
N PHE E 205 46.35 -43.77 9.24
CA PHE E 205 47.29 -43.95 8.15
C PHE E 205 46.80 -43.44 6.81
N PRO E 206 46.62 -42.14 6.57
CA PRO E 206 46.36 -41.61 5.24
C PRO E 206 47.54 -41.84 4.32
N TRP E 207 48.77 -41.94 4.86
CA TRP E 207 49.94 -42.20 4.07
C TRP E 207 50.86 -43.02 4.94
N LEU E 208 51.53 -44.00 4.32
CA LEU E 208 52.46 -44.93 4.94
C LEU E 208 53.70 -44.20 5.41
N THR E 209 54.30 -44.67 6.53
CA THR E 209 55.57 -44.20 7.02
C THR E 209 56.36 -45.47 7.17
N GLN E 210 57.59 -45.49 6.60
CA GLN E 210 58.43 -46.67 6.52
C GLN E 210 58.85 -47.18 7.87
N ASP E 211 59.28 -46.28 8.78
CA ASP E 211 59.82 -46.68 10.06
C ASP E 211 59.38 -45.65 11.05
N THR E 212 58.86 -46.13 12.20
CA THR E 212 58.53 -45.33 13.34
C THR E 212 59.09 -46.11 14.50
N ILE E 213 60.07 -45.49 15.20
CA ILE E 213 60.75 -46.07 16.33
C ILE E 213 60.45 -45.10 17.42
N GLN E 214 59.67 -45.57 18.41
CA GLN E 214 59.11 -44.74 19.42
C GLN E 214 60.01 -44.75 20.61
N ILE E 215 60.35 -43.56 21.15
CA ILE E 215 61.04 -43.46 22.41
C ILE E 215 60.34 -42.34 23.11
N ALA E 216 60.09 -42.51 24.43
CA ALA E 216 59.44 -41.53 25.24
C ALA E 216 60.35 -41.14 26.35
N GLU E 217 60.82 -39.87 26.32
CA GLU E 217 61.68 -39.33 27.33
C GLU E 217 60.79 -38.86 28.45
N PHE E 218 60.97 -39.46 29.65
CA PHE E 218 60.11 -39.27 30.80
C PHE E 218 60.82 -38.27 31.66
N TYR E 219 60.11 -37.23 32.13
CA TYR E 219 60.68 -36.23 33.01
C TYR E 219 60.26 -36.61 34.39
N GLU E 220 61.24 -36.56 35.33
CA GLU E 220 61.06 -36.93 36.71
C GLU E 220 61.42 -35.73 37.52
N VAL E 221 60.94 -35.71 38.78
CA VAL E 221 61.04 -34.56 39.64
C VAL E 221 61.59 -35.08 40.93
N VAL E 222 62.75 -34.54 41.35
CA VAL E 222 63.28 -34.73 42.67
C VAL E 222 63.68 -33.34 43.09
N GLU E 223 63.62 -33.05 44.41
CA GLU E 223 63.79 -31.71 44.90
C GLU E 223 65.24 -31.30 44.90
N LYS E 224 66.13 -32.19 45.42
CA LYS E 224 67.58 -32.07 45.43
C LYS E 224 68.03 -31.16 46.55
N LYS E 225 67.63 -29.86 46.49
CA LYS E 225 67.83 -28.84 47.49
C LYS E 225 69.28 -28.45 47.56
N GLU E 226 69.92 -28.33 46.37
CA GLU E 226 71.32 -28.00 46.20
C GLU E 226 71.60 -26.60 46.68
N THR E 227 72.75 -26.43 47.37
CA THR E 227 73.27 -25.13 47.74
C THR E 227 74.68 -25.39 48.17
N ALA E 228 75.55 -24.37 48.03
CA ALA E 228 76.79 -24.32 48.78
C ALA E 228 76.88 -22.91 49.27
N PHE E 229 76.72 -22.74 50.61
CA PHE E 229 76.89 -21.52 51.38
C PHE E 229 76.26 -20.31 50.74
N ILE E 230 76.97 -19.16 50.79
CA ILE E 230 76.63 -17.93 50.13
C ILE E 230 78.01 -17.42 49.84
N TYR E 231 78.23 -16.85 48.64
CA TYR E 231 79.53 -16.43 48.19
C TYR E 231 79.41 -15.01 47.74
N GLN E 232 80.55 -14.28 47.76
CA GLN E 232 80.61 -12.89 47.41
C GLN E 232 81.25 -12.77 46.07
N ASP E 233 81.02 -11.61 45.41
CA ASP E 233 81.44 -11.34 44.07
C ASP E 233 82.18 -10.03 44.18
N PRO E 234 83.50 -9.97 44.03
CA PRO E 234 84.23 -8.72 44.05
C PRO E 234 84.37 -8.19 42.64
N VAL E 235 84.17 -9.06 41.61
CA VAL E 235 84.31 -8.69 40.24
C VAL E 235 82.96 -8.17 39.81
N THR E 236 82.95 -6.90 39.35
CA THR E 236 81.81 -6.12 38.92
C THR E 236 80.75 -6.00 39.99
N GLY E 237 81.20 -5.75 41.26
CA GLY E 237 80.38 -5.55 42.43
C GLY E 237 79.39 -6.65 42.67
N GLU E 238 78.26 -6.29 43.31
CA GLU E 238 77.11 -7.13 43.61
C GLU E 238 77.42 -8.37 44.43
N PRO E 239 77.99 -8.28 45.63
CA PRO E 239 78.30 -9.43 46.45
C PRO E 239 77.05 -10.03 47.07
N VAL E 240 77.22 -11.15 47.81
CA VAL E 240 76.20 -11.80 48.59
C VAL E 240 75.15 -12.40 47.69
N SER E 241 75.49 -13.55 47.07
CA SER E 241 74.58 -14.29 46.24
C SER E 241 74.86 -15.73 46.54
N TYR E 242 73.78 -16.54 46.62
CA TYR E 242 73.88 -17.95 46.91
C TYR E 242 74.03 -18.67 45.59
N PHE E 243 74.97 -19.64 45.53
CA PHE E 243 75.29 -20.32 44.30
C PHE E 243 75.20 -21.78 44.58
N LYS E 244 75.07 -22.58 43.49
CA LYS E 244 75.12 -24.01 43.52
C LYS E 244 76.57 -24.36 43.36
N ARG E 245 76.94 -25.64 43.58
CA ARG E 245 78.32 -26.04 43.47
C ARG E 245 78.36 -27.52 43.30
N ASP E 246 77.19 -28.19 43.33
CA ASP E 246 77.05 -29.63 43.23
C ASP E 246 77.29 -30.03 41.79
N ILE E 247 76.69 -29.26 40.85
CA ILE E 247 76.81 -29.44 39.43
C ILE E 247 78.19 -29.01 38.95
N LYS E 248 78.72 -27.90 39.51
CA LYS E 248 80.03 -27.36 39.17
C LYS E 248 81.11 -28.35 39.50
N ASP E 249 82.10 -28.51 38.60
CA ASP E 249 83.14 -29.51 38.75
C ASP E 249 84.51 -28.91 38.64
N VAL E 250 84.64 -27.67 38.11
CA VAL E 250 85.93 -27.05 37.93
C VAL E 250 85.91 -25.72 38.61
N ILE E 251 84.81 -24.93 38.43
CA ILE E 251 84.55 -23.67 39.09
C ILE E 251 84.53 -23.81 40.60
N ASP E 252 84.10 -25.02 41.07
CA ASP E 252 83.86 -25.37 42.45
C ASP E 252 84.99 -25.17 43.41
N ASP E 253 86.26 -25.26 42.94
CA ASP E 253 87.43 -25.08 43.78
C ASP E 253 87.60 -23.65 44.17
N LEU E 254 87.56 -22.75 43.16
CA LEU E 254 87.77 -21.33 43.31
C LEU E 254 86.56 -20.61 43.85
N ALA E 255 85.33 -21.13 43.58
CA ALA E 255 84.10 -20.56 44.06
C ALA E 255 83.93 -20.76 45.55
N ASP E 256 84.47 -21.88 46.09
CA ASP E 256 84.41 -22.20 47.49
C ASP E 256 85.40 -21.35 48.26
N SER E 257 86.66 -21.27 47.75
CA SER E 257 87.74 -20.59 48.42
C SER E 257 87.63 -19.10 48.30
N GLY E 258 88.05 -18.39 49.37
CA GLY E 258 88.13 -16.95 49.43
C GLY E 258 86.80 -16.27 49.65
N PHE E 259 85.71 -17.05 49.81
CA PHE E 259 84.39 -16.51 49.98
C PHE E 259 83.69 -17.42 50.94
N ILE E 260 82.97 -16.85 51.94
CA ILE E 260 82.21 -17.62 52.88
C ILE E 260 81.20 -16.65 53.44
N LYS E 261 80.02 -17.19 53.86
CA LYS E 261 78.94 -16.49 54.50
C LYS E 261 77.83 -17.51 54.50
N ILE E 262 77.02 -17.55 55.58
CA ILE E 262 75.84 -18.37 55.64
C ILE E 262 74.85 -17.57 56.43
N ALA E 263 73.56 -17.67 56.06
CA ALA E 263 72.49 -17.07 56.81
C ALA E 263 71.20 -17.73 56.42
N GLU E 264 71.26 -18.77 55.55
CA GLU E 264 70.12 -19.36 54.87
C GLU E 264 69.17 -20.04 55.83
N ARG E 265 67.85 -19.90 55.56
CA ARG E 265 66.83 -20.55 56.34
C ARG E 265 65.68 -20.76 55.41
N GLN E 266 65.03 -21.96 55.51
CA GLN E 266 63.86 -22.38 54.75
C GLN E 266 64.08 -22.32 53.26
N ILE E 267 65.10 -23.05 52.77
CA ILE E 267 65.49 -23.05 51.38
C ILE E 267 65.09 -24.39 50.83
N LYS E 268 64.48 -24.38 49.63
CA LYS E 268 64.06 -25.57 48.94
C LYS E 268 64.27 -25.26 47.49
N ARG E 269 64.64 -26.28 46.69
CA ARG E 269 64.83 -26.14 45.27
C ARG E 269 64.14 -27.30 44.64
N ARG E 270 64.05 -27.26 43.30
CA ARG E 270 63.39 -28.25 42.50
C ARG E 270 64.23 -28.31 41.26
N ARG E 271 64.45 -29.53 40.74
CA ARG E 271 65.13 -29.76 39.49
C ARG E 271 64.41 -30.89 38.84
N VAL E 272 64.52 -30.97 37.51
CA VAL E 272 63.90 -32.02 36.73
C VAL E 272 65.03 -32.77 36.09
N TYR E 273 64.80 -34.06 35.84
CA TYR E 273 65.79 -34.97 35.33
C TYR E 273 65.08 -35.72 34.26
N LYS E 274 65.64 -35.68 33.03
CA LYS E 274 65.11 -36.36 31.89
C LYS E 274 65.68 -37.75 31.93
N SER E 275 64.81 -38.78 32.05
CA SER E 275 65.22 -40.15 32.03
C SER E 275 64.65 -40.70 30.76
N ILE E 276 65.51 -41.33 29.95
CA ILE E 276 65.11 -41.92 28.69
C ILE E 276 64.74 -43.34 29.02
N ILE E 277 63.45 -43.68 28.81
CA ILE E 277 62.86 -44.91 29.28
C ILE E 277 62.10 -45.42 28.08
N THR E 278 62.27 -46.73 27.77
CA THR E 278 61.75 -47.37 26.58
C THR E 278 60.24 -47.42 26.62
N CYS E 279 59.68 -47.76 27.79
CA CYS E 279 58.27 -47.65 28.07
C CYS E 279 58.12 -47.87 29.54
N THR E 280 58.76 -48.95 30.07
CA THR E 280 58.69 -49.28 31.49
C THR E 280 60.03 -49.83 31.92
N ALA E 281 61.06 -49.75 31.04
CA ALA E 281 62.38 -50.25 31.33
C ALA E 281 63.31 -49.13 31.00
N VAL E 282 64.14 -48.71 31.98
CA VAL E 282 64.98 -47.53 31.84
C VAL E 282 66.20 -47.83 31.00
N LEU E 283 66.32 -47.09 29.87
CA LEU E 283 67.43 -47.17 28.97
C LEU E 283 68.59 -46.32 29.45
N LYS E 284 68.29 -45.09 29.92
CA LYS E 284 69.25 -44.20 30.50
C LYS E 284 68.58 -43.53 31.66
N ASP E 285 69.22 -43.53 32.85
CA ASP E 285 68.58 -43.10 34.07
C ASP E 285 69.18 -41.77 34.45
N LYS E 286 68.29 -40.74 34.53
CA LYS E 286 68.55 -39.43 35.09
C LYS E 286 69.69 -38.72 34.42
N GLN E 287 69.47 -38.33 33.15
CA GLN E 287 70.35 -37.48 32.38
C GLN E 287 69.99 -36.07 32.76
N LEU E 288 71.01 -35.29 33.19
CA LEU E 288 70.86 -33.94 33.68
C LEU E 288 70.45 -33.03 32.55
N ILE E 289 69.33 -32.31 32.76
CA ILE E 289 68.86 -31.28 31.88
C ILE E 289 68.91 -30.05 32.74
N ALA E 290 69.35 -28.93 32.12
CA ALA E 290 69.69 -27.68 32.77
C ALA E 290 68.53 -27.04 33.49
N GLY E 291 67.30 -27.13 32.94
CA GLY E 291 66.10 -26.54 33.51
C GLY E 291 65.77 -27.06 34.89
N GLU E 292 64.95 -26.28 35.64
CA GLU E 292 64.46 -26.67 36.94
C GLU E 292 63.00 -27.04 36.84
N HIS E 293 62.40 -26.88 35.64
CA HIS E 293 61.05 -27.31 35.38
C HIS E 293 61.09 -27.90 34.01
N ILE E 294 60.05 -28.70 33.66
CA ILE E 294 59.92 -29.41 32.40
C ILE E 294 59.76 -28.38 31.29
N PRO E 295 60.53 -28.40 30.20
CA PRO E 295 60.49 -27.30 29.24
C PRO E 295 59.77 -27.76 28.00
N ILE E 296 58.59 -28.42 28.14
CA ILE E 296 57.75 -28.78 27.02
C ILE E 296 56.38 -28.40 27.48
N VAL E 297 55.74 -27.49 26.73
CA VAL E 297 54.45 -26.94 27.07
C VAL E 297 53.48 -27.30 25.96
N PRO E 298 52.49 -28.18 26.15
CA PRO E 298 51.46 -28.43 25.16
C PRO E 298 50.47 -27.28 25.17
N VAL E 299 50.00 -26.87 23.99
CA VAL E 299 48.94 -25.92 23.80
C VAL E 299 47.77 -26.72 23.31
N PHE E 300 46.55 -26.15 23.40
CA PHE E 300 45.34 -26.85 23.04
C PHE E 300 44.43 -25.81 22.47
N GLY E 301 43.55 -26.21 21.52
CA GLY E 301 42.60 -25.31 20.90
C GLY E 301 41.50 -24.88 21.82
N GLU E 302 40.67 -25.85 22.27
CA GLU E 302 39.62 -25.63 23.24
C GLU E 302 39.75 -26.80 24.15
N TRP E 303 40.03 -26.51 25.43
CA TRP E 303 40.47 -27.48 26.41
C TRP E 303 39.42 -27.52 27.49
N GLY E 304 39.30 -28.68 28.18
CA GLY E 304 38.32 -28.83 29.20
C GLY E 304 38.19 -30.27 29.58
N PHE E 305 37.28 -30.55 30.53
CA PHE E 305 37.03 -31.85 31.10
C PHE E 305 35.66 -32.28 30.66
N VAL E 306 35.51 -33.56 30.19
CA VAL E 306 34.21 -34.16 30.01
C VAL E 306 33.51 -34.26 31.36
N GLU E 307 34.26 -34.74 32.38
CA GLU E 307 33.91 -34.61 33.78
C GLU E 307 35.04 -35.15 34.59
N ASP E 308 35.57 -36.36 34.24
CA ASP E 308 36.58 -37.05 35.01
C ASP E 308 37.93 -36.95 34.35
N LYS E 309 37.98 -36.73 33.01
CA LYS E 309 39.23 -36.75 32.28
C LYS E 309 39.17 -35.63 31.28
N GLU E 310 40.34 -35.29 30.69
CA GLU E 310 40.47 -34.19 29.76
C GLU E 310 39.91 -34.55 28.41
N VAL E 311 39.55 -33.50 27.65
CA VAL E 311 39.07 -33.58 26.30
C VAL E 311 39.50 -32.30 25.65
N TYR E 312 39.84 -32.35 24.35
CA TYR E 312 40.23 -31.17 23.64
C TYR E 312 40.01 -31.44 22.18
N GLU E 313 39.87 -30.31 21.44
CA GLU E 313 39.36 -30.29 20.10
C GLU E 313 40.00 -29.13 19.40
N GLY E 314 40.09 -29.24 18.05
CA GLY E 314 40.44 -28.13 17.20
C GLY E 314 39.23 -27.23 17.04
N VAL E 315 38.86 -26.96 15.77
CA VAL E 315 37.55 -26.46 15.42
C VAL E 315 36.78 -27.58 14.77
N VAL E 316 37.45 -28.73 14.54
CA VAL E 316 37.15 -29.58 13.41
C VAL E 316 36.33 -30.77 13.87
N ARG E 317 35.96 -30.84 15.17
CA ARG E 317 35.53 -32.07 15.81
C ARG E 317 34.24 -32.64 15.26
N LEU E 318 33.21 -31.80 15.10
CA LEU E 318 31.90 -32.22 14.66
C LEU E 318 31.62 -31.57 13.34
N THR E 319 32.68 -30.97 12.73
CA THR E 319 32.71 -30.48 11.38
C THR E 319 32.72 -31.63 10.41
N LYS E 320 33.39 -32.75 10.80
CA LYS E 320 33.58 -33.94 10.00
C LYS E 320 32.29 -34.64 9.71
N ASP E 321 31.26 -34.42 10.55
CA ASP E 321 29.96 -35.03 10.47
C ASP E 321 29.23 -34.57 9.23
N GLY E 322 29.16 -33.23 9.04
CA GLY E 322 28.46 -32.62 7.92
C GLY E 322 29.24 -32.68 6.64
N GLN E 323 30.59 -32.76 6.71
CA GLN E 323 31.45 -32.74 5.56
C GLN E 323 31.39 -34.04 4.79
N ARG E 324 31.49 -35.19 5.50
CA ARG E 324 31.38 -36.52 4.94
C ARG E 324 29.98 -36.79 4.44
N LEU E 325 28.97 -36.15 5.08
CA LEU E 325 27.58 -36.21 4.70
C LEU E 325 27.36 -35.55 3.36
N ARG E 326 27.91 -34.33 3.18
CA ARG E 326 27.77 -33.55 1.96
C ARG E 326 28.36 -34.26 0.77
N ASN E 327 29.45 -35.03 1.01
CA ASN E 327 30.13 -35.87 0.05
C ASN E 327 29.32 -37.09 -0.34
N MET E 328 28.54 -37.67 0.60
CA MET E 328 27.72 -38.85 0.36
C MET E 328 26.68 -38.58 -0.70
N ILE E 329 25.96 -37.45 -0.57
CA ILE E 329 24.89 -37.00 -1.43
C ILE E 329 25.41 -36.71 -2.81
N MET E 330 26.62 -36.11 -2.88
CA MET E 330 27.36 -35.82 -4.11
C MET E 330 27.65 -37.10 -4.85
N SER E 331 28.30 -38.07 -4.17
CA SER E 331 28.82 -39.27 -4.76
C SER E 331 27.74 -40.26 -5.13
N PHE E 332 26.53 -40.14 -4.53
CA PHE E 332 25.39 -40.96 -4.85
C PHE E 332 24.89 -40.60 -6.23
N ASN E 333 24.85 -39.27 -6.53
CA ASN E 333 24.45 -38.76 -7.82
C ASN E 333 25.47 -39.01 -8.91
N ALA E 334 26.73 -39.35 -8.55
CA ALA E 334 27.78 -39.72 -9.49
C ALA E 334 27.44 -40.96 -10.26
N ASP E 335 26.75 -41.92 -9.58
CA ASP E 335 26.28 -43.15 -10.17
C ASP E 335 25.30 -42.86 -11.28
N ILE E 336 24.34 -41.94 -11.03
CA ILE E 336 23.31 -41.54 -11.96
C ILE E 336 23.86 -40.85 -13.20
N VAL E 337 25.03 -40.16 -13.09
CA VAL E 337 25.66 -39.48 -14.21
C VAL E 337 26.21 -40.45 -15.20
N ALA E 338 27.02 -41.46 -14.77
CA ALA E 338 27.63 -42.39 -15.68
C ALA E 338 26.67 -43.48 -16.07
N ARG E 339 26.37 -44.39 -15.11
CA ARG E 339 25.43 -45.48 -15.26
C ARG E 339 24.07 -44.99 -14.90
N THR E 340 23.07 -45.91 -14.85
CA THR E 340 21.65 -45.65 -14.59
C THR E 340 21.01 -45.13 -15.86
N PRO E 341 19.91 -45.70 -16.39
CA PRO E 341 19.22 -45.20 -17.56
C PRO E 341 18.83 -43.75 -17.46
N LYS E 342 19.26 -42.94 -18.45
CA LYS E 342 18.93 -41.55 -18.58
C LYS E 342 17.97 -41.46 -19.72
N LYS E 343 17.75 -40.24 -20.27
CA LYS E 343 16.60 -39.94 -21.07
C LYS E 343 16.88 -40.30 -22.50
N LYS E 344 16.33 -41.46 -22.91
CA LYS E 344 16.39 -41.98 -24.25
C LYS E 344 14.94 -42.25 -24.57
N PRO E 345 14.24 -41.42 -25.35
CA PRO E 345 12.80 -41.48 -25.56
C PRO E 345 12.25 -42.81 -26.02
N PHE E 346 11.19 -43.33 -25.37
CA PHE E 346 10.57 -44.61 -25.66
C PHE E 346 9.96 -44.66 -27.03
N PHE E 347 10.02 -45.86 -27.66
CA PHE E 347 9.36 -46.18 -28.89
C PHE E 347 9.06 -47.65 -28.79
N TRP E 348 8.36 -48.19 -29.80
CA TRP E 348 7.96 -49.57 -29.86
C TRP E 348 8.45 -50.02 -31.24
N PRO E 349 8.77 -51.30 -31.49
CA PRO E 349 9.44 -51.73 -32.71
C PRO E 349 8.65 -51.55 -33.98
N GLU E 350 7.30 -51.62 -33.91
CA GLU E 350 6.46 -51.69 -35.08
C GLU E 350 5.92 -50.33 -35.43
N GLN E 351 6.30 -49.27 -34.69
CA GLN E 351 5.94 -47.90 -35.00
C GLN E 351 7.17 -47.13 -35.35
N ILE E 352 8.37 -47.76 -35.26
CA ILE E 352 9.63 -47.14 -35.60
C ILE E 352 10.26 -47.97 -36.71
N ALA E 353 9.47 -48.89 -37.32
CA ALA E 353 9.94 -49.78 -38.35
C ALA E 353 10.15 -49.01 -39.63
N GLY E 354 11.43 -48.93 -40.08
CA GLY E 354 11.84 -48.18 -41.25
C GLY E 354 11.95 -46.70 -40.98
N PHE E 355 11.75 -46.28 -39.71
CA PHE E 355 11.84 -44.91 -39.29
C PHE E 355 12.88 -44.80 -38.21
N GLU E 356 13.72 -45.85 -38.08
CA GLU E 356 14.87 -45.89 -37.22
C GLU E 356 16.11 -45.64 -38.05
N HIS E 357 15.90 -45.19 -39.31
CA HIS E 357 16.93 -44.72 -40.21
C HIS E 357 16.70 -43.24 -40.41
N MET E 358 15.85 -42.63 -39.54
CA MET E 358 15.51 -41.22 -39.55
C MET E 358 16.18 -40.58 -38.38
N TYR E 359 17.26 -41.21 -37.88
CA TYR E 359 18.02 -40.78 -36.74
C TYR E 359 19.47 -41.04 -37.10
N ASP E 360 19.81 -40.90 -38.40
CA ASP E 360 21.13 -41.13 -38.92
C ASP E 360 21.90 -39.84 -39.07
N GLY E 361 21.25 -38.68 -38.76
CA GLY E 361 21.91 -37.40 -38.62
C GLY E 361 22.25 -36.73 -39.91
N ASN E 362 21.86 -37.32 -41.06
CA ASN E 362 22.16 -36.78 -42.36
C ASN E 362 21.15 -35.73 -42.73
N ASP E 363 19.93 -35.79 -42.13
CA ASP E 363 18.86 -34.81 -42.26
C ASP E 363 18.46 -34.60 -43.69
N ASP E 364 17.99 -35.69 -44.34
CA ASP E 364 17.40 -35.68 -45.66
C ASP E 364 15.90 -35.67 -45.48
N TYR E 365 15.45 -35.20 -44.30
CA TYR E 365 14.08 -35.20 -43.86
C TYR E 365 13.99 -34.01 -42.94
N PRO E 366 12.84 -33.35 -42.83
CA PRO E 366 12.61 -32.36 -41.79
C PRO E 366 11.54 -32.88 -40.87
N TYR E 367 11.33 -34.22 -40.84
CA TYR E 367 10.30 -34.83 -40.04
C TYR E 367 10.70 -36.24 -39.75
N TYR E 368 9.89 -36.93 -38.91
CA TYR E 368 9.97 -38.32 -38.60
C TYR E 368 8.58 -38.79 -38.91
N LEU E 369 8.36 -40.12 -38.95
CA LEU E 369 7.08 -40.70 -39.27
C LEU E 369 6.89 -41.89 -38.37
N LEU E 370 5.66 -42.44 -38.36
CA LEU E 370 5.30 -43.63 -37.61
C LEU E 370 4.57 -44.52 -38.57
N ASN E 371 4.33 -45.81 -38.21
CA ASN E 371 3.67 -46.77 -39.07
C ASN E 371 2.18 -46.66 -38.81
N ARG E 372 1.38 -46.59 -39.91
CA ARG E 372 -0.05 -46.38 -39.86
C ARG E 372 -0.79 -47.60 -39.41
N THR E 373 -0.41 -48.76 -39.99
CA THR E 373 -1.15 -50.00 -39.87
C THR E 373 -0.13 -51.10 -39.80
N ASP E 374 -0.63 -52.32 -39.53
CA ASP E 374 0.14 -53.53 -39.44
C ASP E 374 -0.70 -54.57 -40.11
N GLU E 375 -0.12 -55.77 -40.36
CA GLU E 375 -0.82 -56.91 -40.91
C GLU E 375 -1.73 -57.53 -39.87
N ASN E 376 -2.72 -58.32 -40.37
CA ASN E 376 -3.71 -59.08 -39.63
C ASN E 376 -4.89 -58.20 -39.31
N SER E 377 -4.62 -57.05 -38.65
CA SER E 377 -5.57 -56.01 -38.43
C SER E 377 -4.70 -54.79 -38.44
N GLY E 378 -5.22 -53.67 -39.02
CA GLY E 378 -4.57 -52.38 -38.94
C GLY E 378 -4.54 -51.90 -37.52
N ASP E 379 -3.37 -51.36 -37.08
CA ASP E 379 -3.17 -50.96 -35.72
C ASP E 379 -2.36 -49.70 -35.77
N LEU E 380 -2.84 -48.66 -35.06
CA LEU E 380 -2.18 -47.38 -34.95
C LEU E 380 -1.18 -47.52 -33.82
N PRO E 381 -0.06 -46.77 -33.81
CA PRO E 381 0.97 -46.79 -32.77
C PRO E 381 0.50 -46.89 -31.34
N THR E 382 1.23 -47.68 -30.51
CA THR E 382 0.87 -47.94 -29.14
C THR E 382 1.68 -46.99 -28.31
N GLN E 383 0.97 -45.99 -27.72
CA GLN E 383 1.53 -44.93 -26.90
C GLN E 383 2.67 -44.16 -27.54
N PRO E 384 2.51 -43.48 -28.68
CA PRO E 384 3.61 -42.84 -29.39
C PRO E 384 4.02 -41.55 -28.72
N LEU E 385 3.25 -41.07 -27.72
CA LEU E 385 3.47 -39.83 -27.03
C LEU E 385 4.15 -40.10 -25.71
N ALA E 386 4.47 -41.38 -25.43
CA ALA E 386 5.13 -41.79 -24.22
C ALA E 386 6.60 -41.82 -24.50
N TYR E 387 7.38 -41.17 -23.61
CA TYR E 387 8.80 -40.96 -23.79
C TYR E 387 9.39 -41.03 -22.41
N TYR E 388 10.73 -41.25 -22.33
CA TYR E 388 11.48 -41.34 -21.09
C TYR E 388 11.45 -39.98 -20.43
N GLU E 389 11.35 -39.94 -19.08
CA GLU E 389 11.36 -38.70 -18.32
C GLU E 389 12.56 -38.74 -17.44
N ASN E 390 13.26 -37.59 -17.34
CA ASN E 390 14.54 -37.40 -16.69
C ASN E 390 14.54 -37.85 -15.23
N PRO E 391 15.62 -38.44 -14.70
CA PRO E 391 15.75 -38.77 -13.28
C PRO E 391 15.62 -37.53 -12.43
N GLU E 392 14.66 -37.51 -11.49
CA GLU E 392 14.37 -36.37 -10.66
C GLU E 392 15.33 -36.22 -9.52
N VAL E 393 15.65 -37.36 -8.85
CA VAL E 393 16.42 -37.47 -7.62
C VAL E 393 15.50 -37.12 -6.46
N PRO E 394 15.30 -37.95 -5.42
CA PRO E 394 14.45 -37.68 -4.27
C PRO E 394 14.60 -36.32 -3.63
N GLN E 395 13.50 -35.83 -3.01
CA GLN E 395 13.48 -34.60 -2.24
C GLN E 395 14.23 -34.75 -0.95
N ALA E 396 14.50 -36.02 -0.54
CA ALA E 396 15.25 -36.36 0.65
C ALA E 396 16.70 -36.00 0.50
N ASN E 397 17.27 -36.15 -0.71
CA ASN E 397 18.65 -35.83 -1.03
C ASN E 397 18.88 -34.35 -0.95
N ALA E 398 17.86 -33.56 -1.39
CA ALA E 398 17.92 -32.12 -1.44
C ALA E 398 17.77 -31.53 -0.06
N TYR E 399 16.93 -32.16 0.79
CA TYR E 399 16.65 -31.70 2.13
C TYR E 399 17.80 -32.02 3.06
N MET E 400 18.53 -33.12 2.77
CA MET E 400 19.65 -33.55 3.58
C MET E 400 20.89 -32.75 3.29
N LEU E 401 21.00 -32.21 2.05
CA LEU E 401 22.10 -31.37 1.62
C LEU E 401 22.11 -30.06 2.35
N GLU E 402 20.91 -29.53 2.68
CA GLU E 402 20.73 -28.30 3.42
C GLU E 402 21.22 -28.44 4.84
N ALA E 403 21.00 -29.63 5.44
CA ALA E 403 21.44 -29.94 6.78
C ALA E 403 22.93 -30.22 6.83
N ALA E 404 23.52 -30.66 5.71
CA ALA E 404 24.93 -30.96 5.60
C ALA E 404 25.77 -29.71 5.58
N THR E 405 25.33 -28.70 4.78
CA THR E 405 26.03 -27.45 4.63
C THR E 405 25.90 -26.58 5.86
N SER E 406 24.73 -26.64 6.55
CA SER E 406 24.48 -25.86 7.73
C SER E 406 25.20 -26.40 8.93
N ALA E 407 25.49 -27.72 8.97
CA ALA E 407 26.19 -28.37 10.06
C ALA E 407 27.61 -27.88 10.20
N VAL E 408 28.28 -27.66 9.06
CA VAL E 408 29.63 -27.18 8.98
C VAL E 408 29.66 -25.68 9.24
N LYS E 409 28.61 -24.96 8.81
CA LYS E 409 28.54 -23.51 8.87
C LYS E 409 28.48 -22.97 10.27
N GLU E 410 27.88 -23.73 11.23
CA GLU E 410 27.79 -23.34 12.62
C GLU E 410 29.14 -23.18 13.28
N VAL E 411 29.96 -24.25 13.19
CA VAL E 411 31.24 -24.37 13.86
C VAL E 411 32.33 -23.64 13.13
N ALA E 412 32.10 -23.23 11.86
CA ALA E 412 32.98 -22.39 11.09
C ALA E 412 33.11 -21.01 11.70
N THR E 413 32.05 -20.56 12.40
CA THR E 413 32.01 -19.31 13.13
C THR E 413 32.31 -19.67 14.57
N LEU E 414 33.22 -18.92 15.21
CA LEU E 414 33.61 -19.14 16.59
C LEU E 414 32.98 -18.08 17.46
N GLY E 415 32.31 -17.10 16.82
CA GLY E 415 31.78 -15.92 17.45
C GLY E 415 32.69 -14.80 17.05
N VAL E 416 32.22 -13.54 17.20
CA VAL E 416 32.96 -12.37 16.79
C VAL E 416 32.78 -11.43 17.94
N ASP E 417 33.91 -10.90 18.45
CA ASP E 417 33.92 -9.97 19.55
C ASP E 417 34.86 -8.86 19.18
N THR E 418 35.80 -9.14 18.25
CA THR E 418 36.59 -8.16 17.56
C THR E 418 36.74 -8.74 16.19
N GLU E 419 36.59 -7.91 15.14
CA GLU E 419 36.67 -8.31 13.74
C GLU E 419 38.05 -8.84 13.44
N ALA E 420 38.13 -9.96 12.67
CA ALA E 420 39.34 -10.67 12.34
C ALA E 420 39.93 -11.25 13.61
N VAL E 421 41.16 -10.79 13.99
CA VAL E 421 41.93 -11.29 15.10
C VAL E 421 41.19 -11.06 16.40
N ASN E 422 41.30 -12.03 17.34
CA ASN E 422 40.80 -11.96 18.69
C ASN E 422 39.31 -11.79 18.74
N GLY E 423 38.58 -12.58 17.92
CA GLY E 423 37.14 -12.65 17.93
C GLY E 423 36.72 -13.69 18.91
N GLY E 424 36.29 -14.87 18.39
CA GLY E 424 35.98 -16.02 19.19
C GLY E 424 37.22 -16.80 19.51
N GLN E 425 38.39 -16.38 18.96
CA GLN E 425 39.63 -17.11 19.04
C GLN E 425 40.46 -16.63 20.19
N VAL E 426 39.94 -15.71 21.05
CA VAL E 426 40.55 -15.30 22.30
C VAL E 426 40.77 -16.49 23.20
N ALA E 427 39.78 -17.43 23.25
CA ALA E 427 39.84 -18.65 24.02
C ALA E 427 40.98 -19.57 23.60
N PHE E 428 41.35 -19.55 22.29
CA PHE E 428 42.48 -20.29 21.75
C PHE E 428 43.77 -19.58 22.08
N ASP E 429 43.79 -18.23 21.95
CA ASP E 429 44.99 -17.42 22.04
C ASP E 429 45.46 -17.25 23.46
N THR E 430 44.53 -17.19 24.45
CA THR E 430 44.81 -17.00 25.86
C THR E 430 45.61 -18.16 26.40
N VAL E 431 45.20 -19.40 26.10
CA VAL E 431 45.90 -20.58 26.57
C VAL E 431 47.25 -20.76 25.90
N ASN E 432 47.45 -20.18 24.69
CA ASN E 432 48.71 -20.26 23.98
C ASN E 432 49.79 -19.46 24.67
N GLN E 433 49.46 -18.22 25.12
CA GLN E 433 50.39 -17.36 25.80
C GLN E 433 50.69 -17.80 27.20
N LEU E 434 49.67 -18.35 27.93
CA LEU E 434 49.83 -18.88 29.26
C LEU E 434 50.80 -20.03 29.32
N ASN E 435 50.70 -20.96 28.33
CA ASN E 435 51.62 -22.06 28.19
C ASN E 435 53.01 -21.60 27.80
N MET E 436 53.13 -20.52 26.97
CA MET E 436 54.42 -19.95 26.65
C MET E 436 55.08 -19.35 27.87
N ARG E 437 54.30 -18.64 28.72
CA ARG E 437 54.76 -18.08 29.97
C ARG E 437 55.29 -19.13 30.92
N ALA E 438 54.73 -20.37 30.88
CA ALA E 438 55.19 -21.51 31.65
C ALA E 438 56.54 -22.01 31.21
N ASP E 439 56.78 -22.11 29.88
CA ASP E 439 58.06 -22.42 29.28
C ASP E 439 59.10 -21.34 29.52
N LEU E 440 58.64 -20.12 29.84
CA LEU E 440 59.43 -18.97 30.18
C LEU E 440 59.62 -18.85 31.68
N GLU E 441 59.16 -19.82 32.49
CA GLU E 441 59.53 -19.89 33.90
C GLU E 441 60.84 -20.61 34.09
N THR E 442 61.22 -21.48 33.13
CA THR E 442 62.38 -22.34 33.22
C THR E 442 63.54 -21.76 32.44
N TYR E 443 63.36 -20.58 31.78
CA TYR E 443 64.26 -20.08 30.78
C TYR E 443 65.64 -19.80 31.31
N VAL E 444 65.77 -19.06 32.44
CA VAL E 444 67.02 -18.72 33.09
C VAL E 444 67.71 -19.96 33.60
N PHE E 445 66.96 -20.91 34.17
CA PHE E 445 67.51 -22.11 34.76
C PHE E 445 68.18 -22.97 33.72
N GLN E 446 67.56 -23.06 32.51
CA GLN E 446 68.10 -23.80 31.41
C GLN E 446 69.22 -23.05 30.71
N ASP E 447 69.12 -21.70 30.59
CA ASP E 447 70.07 -20.83 29.96
C ASP E 447 71.39 -20.76 30.71
N ASN E 448 71.37 -20.84 32.06
CA ASN E 448 72.55 -20.52 32.83
C ASN E 448 73.59 -21.61 32.79
N LEU E 449 73.20 -22.89 32.69
CA LEU E 449 74.14 -23.96 32.50
C LEU E 449 74.53 -24.10 31.05
N ALA E 450 73.51 -24.15 30.15
CA ALA E 450 73.68 -24.60 28.79
C ALA E 450 73.87 -23.53 27.77
N THR E 451 73.67 -22.24 28.10
CA THR E 451 74.14 -21.10 27.31
C THR E 451 75.31 -20.49 28.04
N ALA E 452 75.60 -20.99 29.27
CA ALA E 452 76.57 -20.46 30.21
C ALA E 452 76.21 -19.08 30.72
N MET E 453 77.15 -18.46 31.49
CA MET E 453 77.09 -17.17 32.16
C MET E 453 75.78 -16.84 32.85
N ARG E 454 75.50 -15.51 33.02
CA ARG E 454 74.32 -14.93 33.61
C ARG E 454 74.39 -15.02 35.12
N ARG E 455 74.11 -13.89 35.81
CA ARG E 455 73.99 -13.87 37.24
C ARG E 455 73.09 -12.71 37.55
N ASP E 456 72.30 -12.82 38.64
CA ASP E 456 71.54 -11.73 39.19
C ASP E 456 72.04 -11.67 40.60
N GLY E 457 72.54 -10.48 41.02
CA GLY E 457 73.20 -10.28 42.28
C GLY E 457 72.34 -9.51 43.22
N GLU E 458 72.97 -8.51 43.87
CA GLU E 458 72.39 -7.65 44.87
C GLU E 458 72.51 -6.28 44.29
N ILE E 459 71.51 -5.38 44.57
CA ILE E 459 71.51 -4.02 44.10
C ILE E 459 72.66 -3.23 44.67
N TYR E 460 72.95 -3.39 45.99
CA TYR E 460 74.11 -2.88 46.67
C TYR E 460 75.34 -3.57 46.18
N GLN E 461 76.50 -2.87 46.17
CA GLN E 461 77.68 -3.31 45.46
C GLN E 461 78.84 -3.17 46.41
N SER E 462 79.97 -3.83 46.05
CA SER E 462 81.02 -4.26 46.96
C SER E 462 81.71 -3.13 47.64
N ILE E 463 82.05 -2.05 46.88
CA ILE E 463 82.81 -0.92 47.36
C ILE E 463 82.03 -0.18 48.42
N VAL E 464 82.71 0.15 49.54
CA VAL E 464 82.12 0.79 50.68
C VAL E 464 83.23 1.61 51.29
N ASN E 465 83.86 2.51 50.48
CA ASN E 465 83.77 3.97 50.59
C ASN E 465 83.16 4.53 51.87
N ASP E 466 82.16 5.42 51.77
CA ASP E 466 81.56 6.04 52.92
C ASP E 466 80.13 6.29 52.51
N ILE E 467 79.17 5.95 53.41
CA ILE E 467 77.77 6.22 53.22
C ILE E 467 77.54 7.70 53.25
N TYR E 468 76.58 8.19 52.44
CA TYR E 468 76.32 9.59 52.28
C TYR E 468 75.09 9.95 53.07
N ASP E 469 75.00 11.26 53.41
CA ASP E 469 74.09 11.84 54.38
C ASP E 469 72.62 11.63 54.12
N VAL E 470 71.86 11.57 55.24
CA VAL E 470 70.43 11.56 55.27
C VAL E 470 70.08 12.53 56.37
N PRO E 471 68.87 13.09 56.46
CA PRO E 471 68.40 13.71 57.68
C PRO E 471 68.08 12.61 58.65
N ARG E 472 68.40 12.83 59.96
CA ARG E 472 68.75 11.84 60.98
C ARG E 472 68.10 10.49 60.88
N ASN E 473 68.91 9.43 61.10
CA ASN E 473 68.77 8.14 60.46
C ASN E 473 67.43 7.49 60.71
N VAL E 474 66.91 6.83 59.65
CA VAL E 474 65.62 6.21 59.55
C VAL E 474 64.65 7.31 59.19
N THR E 475 64.33 7.42 57.90
CA THR E 475 63.35 8.36 57.40
C THR E 475 62.95 7.83 56.06
N ILE E 476 61.80 8.31 55.52
CA ILE E 476 61.30 7.92 54.22
C ILE E 476 61.57 9.01 53.22
N THR E 477 62.20 10.13 53.67
CA THR E 477 62.40 11.31 52.86
C THR E 477 63.60 11.16 51.94
N LEU E 478 64.48 10.16 52.19
CA LEU E 478 65.73 10.08 51.48
C LEU E 478 66.23 8.66 51.51
N GLU E 479 65.39 7.72 52.00
CA GLU E 479 65.71 6.31 52.02
C GLU E 479 64.46 5.65 51.49
N ASP E 480 64.08 4.47 52.02
CA ASP E 480 62.73 3.97 51.91
C ASP E 480 62.11 3.79 53.26
N GLY E 481 62.76 4.29 54.33
CA GLY E 481 62.48 3.87 55.68
C GLY E 481 63.75 3.44 56.31
N SER E 482 63.64 2.55 57.33
CA SER E 482 64.74 1.82 57.93
C SER E 482 65.32 0.84 56.94
N GLU E 483 64.42 0.24 56.11
CA GLU E 483 64.64 -0.21 54.74
C GLU E 483 65.74 0.50 53.99
N LYS E 484 66.68 -0.31 53.44
CA LYS E 484 67.81 0.05 52.63
C LYS E 484 68.70 1.12 53.25
N ASP E 485 69.57 1.72 52.40
CA ASP E 485 70.59 2.65 52.76
C ASP E 485 70.91 3.36 51.49
N VAL E 486 71.65 4.49 51.58
CA VAL E 486 71.97 5.30 50.43
C VAL E 486 73.46 5.50 50.43
N GLN E 487 74.09 5.05 49.32
CA GLN E 487 75.48 5.22 49.06
C GLN E 487 75.59 5.21 47.56
N LEU E 488 76.51 6.03 47.00
CA LEU E 488 76.91 6.13 45.60
C LEU E 488 75.77 6.18 44.60
N MET E 489 76.04 5.81 43.33
CA MET E 489 75.05 5.73 42.29
C MET E 489 75.18 4.33 41.76
N ALA E 490 74.11 3.53 41.92
CA ALA E 490 73.99 2.26 41.27
C ALA E 490 72.53 1.93 41.28
N GLU E 491 72.15 0.93 40.46
CA GLU E 491 70.83 0.36 40.49
C GLU E 491 70.92 -1.05 39.97
N VAL E 492 72.09 -1.41 39.37
CA VAL E 492 72.28 -2.62 38.61
C VAL E 492 72.18 -3.83 39.50
N VAL E 493 71.47 -4.88 39.04
CA VAL E 493 71.30 -6.12 39.77
C VAL E 493 71.71 -7.20 38.82
N ASP E 494 71.43 -7.03 37.50
CA ASP E 494 71.75 -8.04 36.51
C ASP E 494 73.07 -7.71 35.92
N LEU E 495 74.12 -8.43 36.38
CA LEU E 495 75.46 -8.28 35.88
C LEU E 495 76.17 -9.53 36.33
N ALA E 496 77.25 -9.93 35.63
CA ALA E 496 77.87 -11.22 35.81
C ALA E 496 79.27 -11.03 36.28
N THR E 497 79.66 -11.82 37.30
CA THR E 497 80.97 -11.82 37.92
C THR E 497 81.89 -12.65 37.06
N GLY E 498 83.22 -12.45 37.23
CA GLY E 498 84.22 -13.24 36.57
C GLY E 498 85.00 -14.05 37.56
N GLU E 499 84.99 -13.65 38.87
CA GLU E 499 85.75 -14.22 39.97
C GLU E 499 87.17 -14.57 39.59
N LYS E 500 87.65 -15.79 39.96
CA LYS E 500 88.92 -16.30 39.53
C LYS E 500 88.67 -17.27 38.40
N GLN E 501 87.39 -17.69 38.21
CA GLN E 501 86.99 -18.54 37.11
C GLN E 501 85.56 -18.20 36.84
N VAL E 502 85.18 -18.17 35.54
CA VAL E 502 83.91 -17.69 35.06
C VAL E 502 82.85 -18.76 35.23
N LEU E 503 81.57 -18.34 35.08
CA LEU E 503 80.36 -19.11 35.26
C LEU E 503 80.06 -19.22 36.72
N ASN E 504 79.18 -18.32 37.21
CA ASN E 504 78.66 -18.35 38.55
C ASN E 504 77.26 -17.87 38.37
N ASP E 505 76.32 -18.53 39.06
CA ASP E 505 74.91 -18.35 38.78
C ASP E 505 74.13 -18.50 40.05
N ILE E 506 73.19 -17.54 40.29
CA ILE E 506 72.30 -17.56 41.43
C ILE E 506 71.24 -18.60 41.18
N ARG E 507 70.77 -19.28 42.26
CA ARG E 507 69.92 -20.44 42.15
C ARG E 507 68.47 -20.06 41.96
N GLY E 508 68.10 -18.81 42.29
CA GLY E 508 66.75 -18.33 42.11
C GLY E 508 66.82 -16.89 41.72
N ARG E 509 65.82 -16.44 40.95
CA ARG E 509 65.80 -15.12 40.37
C ARG E 509 64.39 -14.63 40.48
N TYR E 510 64.24 -13.39 40.98
CA TYR E 510 63.03 -12.62 40.84
C TYR E 510 63.50 -11.25 40.44
N GLU E 511 63.13 -10.83 39.21
CA GLU E 511 63.49 -9.54 38.65
C GLU E 511 62.38 -9.17 37.73
N CYS E 512 62.12 -10.02 36.70
CA CYS E 512 61.11 -9.78 35.71
C CYS E 512 60.22 -10.98 35.69
N TYR E 513 58.89 -10.74 35.53
CA TYR E 513 57.87 -11.76 35.65
C TYR E 513 57.56 -12.23 34.25
N THR E 514 56.90 -13.41 34.14
CA THR E 514 56.63 -14.05 32.88
C THR E 514 55.51 -13.31 32.17
N ASP E 515 55.82 -12.79 30.96
CA ASP E 515 54.88 -12.09 30.15
C ASP E 515 55.39 -12.21 28.74
N VAL E 516 54.48 -11.96 27.75
CA VAL E 516 54.76 -12.08 26.34
C VAL E 516 54.39 -10.77 25.73
N GLY E 517 54.84 -10.54 24.47
CA GLY E 517 54.59 -9.30 23.79
C GLY E 517 55.08 -9.44 22.39
N PRO E 518 55.30 -8.31 21.69
CA PRO E 518 55.85 -8.22 20.35
C PRO E 518 57.08 -9.05 20.09
N SER E 519 57.24 -9.54 18.84
CA SER E 519 58.28 -10.48 18.48
C SER E 519 59.55 -9.74 18.21
N PHE E 520 60.60 -10.06 18.99
CA PHE E 520 61.93 -9.57 18.79
C PHE E 520 62.79 -10.76 19.08
N GLN E 521 63.73 -11.06 18.15
CA GLN E 521 64.64 -12.16 18.26
C GLN E 521 66.05 -11.63 18.23
N SER E 522 66.21 -10.31 18.45
CA SER E 522 67.49 -9.67 18.58
C SER E 522 67.22 -8.38 19.30
N MET E 523 68.27 -7.80 19.95
CA MET E 523 68.14 -6.60 20.73
C MET E 523 68.02 -5.40 19.84
N LYS E 524 68.74 -5.36 18.69
CA LYS E 524 68.74 -4.24 17.77
C LYS E 524 67.42 -4.09 17.05
N GLN E 525 66.64 -5.18 16.92
CA GLN E 525 65.30 -5.14 16.36
C GLN E 525 64.34 -4.42 17.28
N GLN E 526 64.53 -4.58 18.61
CA GLN E 526 63.73 -3.95 19.63
C GLN E 526 64.13 -2.51 19.82
N ASN E 527 65.42 -2.17 19.62
CA ASN E 527 65.98 -0.84 19.78
C ASN E 527 65.37 0.16 18.83
N ARG E 528 65.01 -0.30 17.61
CA ARG E 528 64.37 0.51 16.60
C ARG E 528 62.90 0.69 16.91
N ALA E 529 62.25 -0.38 17.43
CA ALA E 529 60.82 -0.43 17.61
C ALA E 529 60.33 0.31 18.83
N GLU E 530 61.14 0.35 19.93
CA GLU E 530 60.80 1.02 21.16
C GLU E 530 60.64 2.50 21.00
N ILE E 531 61.41 3.10 20.07
CA ILE E 531 61.40 4.52 19.80
C ILE E 531 60.11 4.88 19.11
N LEU E 532 59.67 4.04 18.14
CA LEU E 532 58.44 4.22 17.39
C LEU E 532 57.22 4.06 18.27
N GLU E 533 57.30 3.18 19.30
CA GLU E 533 56.23 2.96 20.26
C GLU E 533 56.02 4.15 21.15
N LEU E 534 57.10 4.91 21.49
CA LEU E 534 57.01 6.08 22.32
C LEU E 534 56.52 7.27 21.52
N LEU E 535 56.79 7.27 20.21
CA LEU E 535 56.31 8.28 19.30
C LEU E 535 54.86 7.99 19.00
N GLY E 536 54.06 9.05 18.72
CA GLY E 536 52.67 8.90 18.39
C GLY E 536 51.79 8.77 19.60
N LYS E 537 52.31 9.07 20.81
CA LYS E 537 51.51 9.09 22.01
C LYS E 537 52.12 10.05 22.99
N THR E 538 53.15 10.81 22.56
CA THR E 538 53.82 11.80 23.38
C THR E 538 53.67 13.11 22.64
N PRO E 539 53.28 14.22 23.27
CA PRO E 539 53.09 15.50 22.60
C PRO E 539 54.42 16.12 22.26
N GLN E 540 54.39 17.16 21.38
CA GLN E 540 55.53 17.90 20.91
C GLN E 540 56.25 18.59 22.03
N GLY E 541 57.59 18.68 21.94
CA GLY E 541 58.40 19.28 22.97
C GLY E 541 59.78 18.73 22.83
N THR E 542 60.59 18.90 23.90
CA THR E 542 61.95 18.40 23.98
C THR E 542 61.99 16.88 23.99
N PRO E 543 61.19 16.09 24.73
CA PRO E 543 61.19 14.63 24.64
C PRO E 543 60.89 14.08 23.27
N GLU E 544 59.97 14.73 22.51
CA GLU E 544 59.57 14.31 21.19
C GLU E 544 60.71 14.45 20.20
N TYR E 545 61.56 15.48 20.41
CA TYR E 545 62.70 15.77 19.56
C TYR E 545 63.84 14.82 19.84
N GLN E 546 63.93 14.29 21.08
CA GLN E 546 64.98 13.39 21.49
C GLN E 546 64.73 12.02 20.95
N LEU E 547 63.44 11.63 20.80
CA LEU E 547 63.03 10.35 20.25
C LEU E 547 63.28 10.33 18.76
N LEU E 548 63.01 11.47 18.08
CA LEU E 548 63.06 11.60 16.65
C LEU E 548 64.47 11.46 16.12
N LEU E 549 65.45 12.06 16.83
CA LEU E 549 66.86 11.96 16.52
C LEU E 549 67.41 10.58 16.76
N LEU E 550 66.93 9.91 17.84
CA LEU E 550 67.41 8.61 18.26
C LEU E 550 66.99 7.51 17.31
N GLN E 551 65.87 7.72 16.57
CA GLN E 551 65.39 6.81 15.55
C GLN E 551 66.37 6.66 14.41
N TYR E 552 67.12 7.73 14.09
CA TYR E 552 68.10 7.73 13.04
C TYR E 552 69.32 6.94 13.43
N PHE E 553 69.65 6.94 14.75
CA PHE E 553 70.86 6.38 15.29
C PHE E 553 70.77 4.88 15.36
N THR E 554 69.56 4.31 15.56
CA THR E 554 69.35 2.89 15.72
C THR E 554 69.21 2.19 14.39
N LEU E 555 69.20 2.96 13.26
CA LEU E 555 69.06 2.43 11.92
C LEU E 555 70.44 2.26 11.34
N LEU E 556 70.48 1.53 10.19
CA LEU E 556 71.63 1.17 9.39
C LEU E 556 72.50 2.34 8.97
N ASP E 557 73.61 2.03 8.27
CA ASP E 557 74.51 3.01 7.70
C ASP E 557 74.54 2.70 6.23
N GLY E 558 75.18 3.59 5.45
CA GLY E 558 75.25 3.44 4.02
C GLY E 558 76.02 4.62 3.56
N LYS E 559 75.71 5.11 2.34
CA LYS E 559 76.23 6.38 1.87
C LYS E 559 75.33 7.44 2.45
N GLY E 560 74.00 7.24 2.29
CA GLY E 560 73.01 8.16 2.78
C GLY E 560 72.74 8.03 4.24
N VAL E 561 72.56 6.78 4.73
CA VAL E 561 71.99 6.51 6.05
C VAL E 561 72.95 6.86 7.16
N GLU E 562 74.27 6.82 6.86
CA GLU E 562 75.34 7.14 7.78
C GLU E 562 75.31 8.60 8.20
N MET E 563 74.78 9.49 7.31
CA MET E 563 74.62 10.90 7.61
C MET E 563 73.64 11.11 8.75
N MET E 564 72.47 10.45 8.69
CA MET E 564 71.42 10.63 9.64
C MET E 564 71.80 10.17 11.04
N ARG E 565 72.70 9.16 11.13
CA ARG E 565 73.30 8.74 12.37
C ARG E 565 74.20 9.81 12.97
N ASP E 566 74.93 10.57 12.13
CA ASP E 566 75.79 11.65 12.55
C ASP E 566 75.00 12.89 12.92
N TYR E 567 73.89 13.16 12.18
CA TYR E 567 72.94 14.23 12.43
C TYR E 567 72.24 14.02 13.76
N ALA E 568 72.04 12.73 14.16
CA ALA E 568 71.47 12.37 15.42
C ALA E 568 72.38 12.77 16.55
N ASN E 569 73.68 12.45 16.42
CA ASN E 569 74.69 12.76 17.40
C ASN E 569 74.96 14.24 17.50
N LYS E 570 74.62 15.04 16.46
CA LYS E 570 74.85 16.47 16.47
C LYS E 570 73.99 17.14 17.51
N GLN E 571 72.66 16.91 17.43
CA GLN E 571 71.70 17.56 18.30
C GLN E 571 71.58 16.90 19.64
N LEU E 572 71.74 15.54 19.73
CA LEU E 572 71.58 14.80 20.96
C LEU E 572 72.65 15.07 21.98
N ILE E 573 73.93 15.19 21.53
CA ILE E 573 75.07 15.42 22.40
C ILE E 573 75.03 16.83 22.93
N GLN E 574 74.50 17.80 22.13
CA GLN E 574 74.33 19.18 22.54
C GLN E 574 73.34 19.31 23.68
N MET E 575 72.25 18.50 23.66
CA MET E 575 71.28 18.45 24.74
C MET E 575 71.81 17.71 25.93
N GLY E 576 72.85 16.86 25.72
CA GLY E 576 73.55 16.14 26.76
C GLY E 576 72.81 14.92 27.23
N VAL E 577 71.66 14.59 26.60
CA VAL E 577 70.82 13.47 26.98
C VAL E 577 71.47 12.15 26.59
N LYS E 578 72.06 12.10 25.37
CA LYS E 578 72.74 10.94 24.84
C LYS E 578 74.10 10.83 25.45
N LYS E 579 74.75 12.01 25.69
CA LYS E 579 76.07 12.18 26.24
C LYS E 579 77.11 11.90 25.18
N PRO E 580 78.32 12.48 25.21
CA PRO E 580 79.30 12.28 24.15
C PRO E 580 79.85 10.87 24.21
N GLU E 581 80.05 10.26 23.02
CA GLU E 581 80.48 8.90 22.88
C GLU E 581 81.54 8.88 21.82
N THR E 582 82.27 7.74 21.75
CA THR E 582 83.36 7.46 20.84
C THR E 582 84.56 8.36 21.13
N PRO E 583 85.29 8.18 22.24
CA PRO E 583 86.46 8.98 22.56
C PRO E 583 87.66 8.51 21.77
N GLU E 584 87.56 7.35 21.09
CA GLU E 584 88.60 6.74 20.32
C GLU E 584 88.74 7.40 18.97
N GLU E 585 87.76 8.24 18.59
CA GLU E 585 87.70 8.97 17.34
C GLU E 585 88.88 9.92 17.26
N GLN E 586 89.48 10.04 16.06
CA GLN E 586 90.59 10.93 15.84
C GLN E 586 90.64 11.29 14.38
N GLN E 587 89.49 11.12 13.67
CA GLN E 587 89.43 11.21 12.24
C GLN E 587 88.84 12.55 11.89
N TRP E 588 87.49 12.66 11.87
CA TRP E 588 86.79 13.85 11.45
C TRP E 588 85.72 14.15 12.47
N LEU E 589 84.81 13.17 12.74
CA LEU E 589 83.54 13.31 13.40
C LEU E 589 83.55 14.21 14.61
N VAL E 590 84.36 13.89 15.66
CA VAL E 590 84.46 14.63 16.91
C VAL E 590 84.88 16.08 16.75
N GLU E 591 85.78 16.38 15.76
CA GLU E 591 86.19 17.71 15.38
C GLU E 591 85.00 18.54 14.95
N ALA E 592 84.25 18.06 13.92
CA ALA E 592 83.07 18.72 13.41
C ALA E 592 81.94 18.80 14.40
N GLN E 593 81.85 17.82 15.34
CA GLN E 593 80.87 17.80 16.40
C GLN E 593 81.12 18.92 17.38
N GLN E 594 82.42 19.17 17.72
CA GLN E 594 82.86 20.21 18.61
C GLN E 594 82.62 21.59 18.04
N ALA E 595 82.74 21.74 16.70
CA ALA E 595 82.54 22.99 16.00
C ALA E 595 81.11 23.45 16.04
N LYS E 596 80.14 22.50 16.03
CA LYS E 596 78.72 22.77 16.09
C LYS E 596 78.28 23.07 17.49
N GLN E 597 79.02 22.58 18.51
CA GLN E 597 78.76 22.87 19.91
C GLN E 597 79.23 24.27 20.22
N GLY E 598 80.40 24.65 19.67
CA GLY E 598 81.00 25.96 19.81
C GLY E 598 80.27 27.03 19.04
N GLN E 599 79.36 26.64 18.12
CA GLN E 599 78.53 27.53 17.36
C GLN E 599 77.36 27.95 18.21
N GLN E 600 76.88 27.04 19.08
CA GLN E 600 75.70 27.18 19.89
C GLN E 600 75.98 28.04 21.11
N ASP E 601 77.21 27.96 21.66
CA ASP E 601 77.58 28.62 22.91
C ASP E 601 77.50 30.13 22.89
N PRO E 602 78.05 30.94 21.97
CA PRO E 602 77.96 32.40 22.03
C PRO E 602 76.56 32.89 21.75
N ALA E 603 75.74 32.09 21.03
CA ALA E 603 74.41 32.45 20.62
C ALA E 603 73.44 32.33 21.76
N MET E 604 73.73 31.43 22.73
CA MET E 604 72.90 31.18 23.88
C MET E 604 72.98 32.30 24.89
N VAL E 605 74.17 32.94 25.01
CA VAL E 605 74.44 34.01 25.96
C VAL E 605 73.65 35.25 25.64
N GLN E 606 73.51 35.56 24.33
CA GLN E 606 72.82 36.72 23.83
C GLN E 606 71.33 36.62 24.06
N ALA E 607 70.78 35.38 24.05
CA ALA E 607 69.39 35.08 24.25
C ALA E 607 68.92 35.33 25.67
N GLN E 608 69.84 35.28 26.67
CA GLN E 608 69.50 35.50 28.06
C GLN E 608 69.38 36.97 28.40
N GLY E 609 69.77 37.87 27.47
CA GLY E 609 69.80 39.29 27.72
C GLY E 609 68.47 39.96 27.71
N VAL E 610 67.41 39.27 27.22
CA VAL E 610 66.06 39.80 27.12
C VAL E 610 65.43 40.02 28.48
N LEU E 611 65.67 39.10 29.45
CA LEU E 611 65.17 39.21 30.80
C LEU E 611 66.02 40.15 31.62
N LEU E 612 67.31 40.29 31.23
CA LEU E 612 68.27 41.14 31.90
C LEU E 612 68.05 42.61 31.61
N GLN E 613 67.13 42.96 30.65
CA GLN E 613 66.76 44.33 30.37
C GLN E 613 66.02 44.95 31.52
N GLY E 614 65.24 44.14 32.26
CA GLY E 614 64.47 44.57 33.40
C GLY E 614 65.32 44.80 34.60
N GLN E 615 66.35 43.96 34.81
CA GLN E 615 67.30 44.06 35.89
C GLN E 615 68.25 45.21 35.68
N ALA E 616 68.55 45.51 34.40
CA ALA E 616 69.43 46.57 33.99
C ALA E 616 68.86 47.93 34.26
N GLU E 617 67.52 48.07 34.15
CA GLU E 617 66.81 49.30 34.38
C GLU E 617 66.85 49.70 35.83
N LEU E 618 66.87 48.70 36.75
CA LEU E 618 66.92 48.93 38.18
C LEU E 618 68.23 49.54 38.59
N ALA E 619 69.34 49.04 37.99
CA ALA E 619 70.68 49.41 38.33
C ALA E 619 71.01 50.81 37.91
N LYS E 620 70.62 51.21 36.67
CA LYS E 620 70.90 52.51 36.12
C LYS E 620 70.01 53.58 36.69
N ALA E 621 68.84 53.19 37.25
CA ALA E 621 67.88 54.12 37.79
C ALA E 621 68.37 54.68 39.09
N GLN E 622 68.83 53.80 39.99
CA GLN E 622 69.30 54.18 41.31
C GLN E 622 70.68 54.76 41.30
N ASN E 623 71.48 54.52 40.22
CA ASN E 623 72.87 54.94 40.16
C ASN E 623 72.98 56.42 39.87
N GLN E 624 72.19 56.93 38.91
CA GLN E 624 72.24 58.30 38.46
C GLN E 624 71.85 59.28 39.53
N THR E 625 70.74 58.98 40.24
CA THR E 625 70.18 59.84 41.26
C THR E 625 70.98 59.80 42.54
N LEU E 626 71.72 58.69 42.80
CA LEU E 626 72.54 58.53 43.98
C LEU E 626 73.83 59.28 43.82
N SER E 627 74.46 59.22 42.63
CA SER E 627 75.71 59.88 42.35
C SER E 627 75.56 61.38 42.37
N LEU E 628 74.36 61.90 41.98
CA LEU E 628 74.04 63.31 42.01
C LEU E 628 73.91 63.81 43.42
N GLN E 629 73.35 62.98 44.33
CA GLN E 629 73.18 63.28 45.73
C GLN E 629 74.49 63.26 46.49
N ILE E 630 75.41 62.33 46.11
CA ILE E 630 76.75 62.21 46.66
C ILE E 630 77.58 63.42 46.26
N ASP E 631 77.46 63.88 44.99
CA ASP E 631 78.13 65.06 44.50
C ASP E 631 77.61 66.33 45.15
N ALA E 632 76.33 66.35 45.60
CA ALA E 632 75.73 67.46 46.29
C ALA E 632 76.34 67.67 47.66
N ALA E 633 76.78 66.56 48.30
CA ALA E 633 77.45 66.55 49.58
C ALA E 633 78.87 67.04 49.45
N LYS E 634 79.49 66.85 48.26
CA LYS E 634 80.82 67.32 47.94
C LYS E 634 80.85 68.82 47.75
N VAL E 635 79.75 69.41 47.21
CA VAL E 635 79.57 70.84 47.07
C VAL E 635 79.42 71.49 48.43
N GLU E 636 78.86 70.75 49.43
CA GLU E 636 78.72 71.20 50.81
C GLU E 636 80.08 71.42 51.45
N ALA E 637 81.08 70.60 51.08
CA ALA E 637 82.41 70.65 51.64
C ALA E 637 83.14 71.87 51.17
N GLN E 638 82.93 72.26 49.89
CA GLN E 638 83.57 73.42 49.29
C GLN E 638 82.96 74.68 49.82
N ASN E 639 81.65 74.66 50.11
CA ASN E 639 80.91 75.79 50.64
C ASN E 639 81.36 76.12 52.05
N GLN E 640 81.78 75.09 52.83
CA GLN E 640 82.24 75.27 54.20
C GLN E 640 83.65 75.78 54.24
N LEU E 641 84.53 75.31 53.33
CA LEU E 641 85.94 75.67 53.32
C LEU E 641 86.16 77.10 52.92
N ASN E 642 85.45 77.56 51.86
CA ASN E 642 85.52 78.91 51.36
C ASN E 642 84.86 79.90 52.28
N ALA E 643 83.88 79.44 53.10
CA ALA E 643 83.18 80.29 54.03
C ALA E 643 83.99 80.55 55.26
N ALA E 644 84.81 79.55 55.67
CA ALA E 644 85.56 79.61 56.90
C ALA E 644 86.77 80.49 56.78
N ARG E 645 87.48 80.44 55.61
CA ARG E 645 88.69 81.19 55.43
C ARG E 645 88.46 82.68 55.38
N ILE E 646 87.48 83.11 54.54
CA ILE E 646 87.25 84.51 54.22
C ILE E 646 86.74 85.27 55.42
N ALA E 647 85.96 84.60 56.31
CA ALA E 647 85.46 85.21 57.52
C ALA E 647 86.53 85.46 58.55
N GLU E 648 87.58 84.59 58.59
CA GLU E 648 88.66 84.70 59.54
C GLU E 648 89.66 85.77 59.18
N ILE E 649 90.05 85.85 57.87
CA ILE E 649 91.07 86.77 57.41
C ILE E 649 90.55 88.19 57.37
N PHE E 650 89.19 88.35 57.28
CA PHE E 650 88.51 89.61 57.26
C PHE E 650 88.55 90.24 58.64
N ASN E 651 88.31 89.42 59.68
CA ASN E 651 88.31 89.84 61.06
C ASN E 651 89.69 90.23 61.54
N ASN E 652 90.73 89.54 61.04
CA ASN E 652 92.11 89.79 61.39
C ASN E 652 92.60 91.08 60.77
N MET E 653 92.08 91.40 59.56
CA MET E 653 92.42 92.58 58.81
C MET E 653 91.79 93.80 59.42
N ASP E 654 90.56 93.66 59.98
CA ASP E 654 89.80 94.73 60.56
C ASP E 654 90.40 95.19 61.87
N LEU E 655 91.02 94.28 62.65
CA LEU E 655 91.65 94.62 63.91
C LEU E 655 92.87 95.47 63.69
N SER E 656 93.61 95.22 62.59
CA SER E 656 94.78 95.99 62.24
C SER E 656 94.41 97.30 61.59
N LYS E 657 93.21 97.36 60.94
CA LYS E 657 92.73 98.53 60.23
C LYS E 657 92.31 99.62 61.17
N GLN E 658 91.69 99.25 62.33
CA GLN E 658 91.23 100.19 63.32
C GLN E 658 92.38 100.73 64.12
N SER E 659 93.50 99.97 64.20
CA SER E 659 94.68 100.36 64.94
C SER E 659 95.47 101.39 64.17
N GLU E 660 95.35 101.42 62.83
CA GLU E 660 96.04 102.39 61.99
C GLU E 660 95.48 103.77 62.15
N PHE E 661 94.18 103.90 62.51
CA PHE E 661 93.53 105.18 62.70
C PHE E 661 93.95 105.81 64.00
N ARG E 662 94.28 104.98 65.02
CA ARG E 662 94.76 105.43 66.30
C ARG E 662 96.14 106.02 66.19
N GLU E 663 96.99 105.45 65.31
CA GLU E 663 98.33 105.92 65.07
C GLU E 663 98.37 107.17 64.24
N PHE E 664 97.36 107.36 63.35
CA PHE E 664 97.17 108.59 62.59
C PHE E 664 96.84 109.73 63.53
N LEU E 665 96.05 109.44 64.59
CA LEU E 665 95.57 110.40 65.54
C LEU E 665 96.70 110.90 66.41
N LYS E 666 97.68 110.02 66.73
CA LYS E 666 98.84 110.36 67.53
C LYS E 666 99.78 111.30 66.82
N THR E 667 99.91 111.17 65.47
CA THR E 667 100.76 112.05 64.68
C THR E 667 100.17 113.43 64.59
N VAL E 668 98.84 113.52 64.31
CA VAL E 668 98.09 114.74 64.18
C VAL E 668 97.99 115.46 65.52
N ALA E 669 98.03 114.71 66.64
CA ALA E 669 98.01 115.21 68.00
C ALA E 669 99.19 116.08 68.29
N SER E 670 100.41 115.60 67.95
CA SER E 670 101.64 116.34 68.14
C SER E 670 101.78 117.44 67.13
N PHE E 671 101.25 117.25 65.90
CA PHE E 671 101.24 118.23 64.83
C PHE E 671 100.34 119.41 65.13
N GLN E 672 99.40 119.24 66.09
CA GLN E 672 98.51 120.28 66.54
C GLN E 672 99.21 121.16 67.55
N GLN E 673 100.29 120.65 68.20
CA GLN E 673 100.96 121.37 69.25
C GLN E 673 101.88 122.41 68.66
N ASP E 674 102.49 122.09 67.49
CA ASP E 674 103.41 122.96 66.79
C ASP E 674 102.69 124.13 66.19
N ARG E 675 101.45 123.92 65.72
CA ARG E 675 100.59 124.94 65.15
C ARG E 675 100.21 125.97 66.17
N SER E 676 99.93 125.53 67.42
CA SER E 676 99.61 126.38 68.54
C SER E 676 100.76 127.29 68.91
N GLU E 677 102.00 126.78 68.80
CA GLU E 677 103.21 127.52 69.08
C GLU E 677 103.57 128.45 67.95
N ASP E 678 103.27 128.07 66.68
CA ASP E 678 103.51 128.90 65.52
C ASP E 678 102.55 130.06 65.48
N ALA E 679 101.28 129.84 65.89
CA ALA E 679 100.27 130.88 65.96
C ALA E 679 100.56 131.87 67.06
N ARG E 680 101.16 131.38 68.18
CA ARG E 680 101.66 132.19 69.27
C ARG E 680 102.87 132.99 68.86
N ALA E 681 103.71 132.41 67.97
CA ALA E 681 104.93 133.00 67.46
C ALA E 681 104.68 134.21 66.63
N ASN E 682 103.54 134.24 65.88
CA ASN E 682 103.15 135.35 65.04
C ASN E 682 102.88 136.60 65.84
N ALA E 683 102.27 136.43 67.04
CA ALA E 683 102.00 137.52 67.96
C ALA E 683 103.24 137.96 68.70
N GLU E 684 104.22 137.03 68.88
CA GLU E 684 105.46 137.28 69.56
C GLU E 684 106.44 138.01 68.68
N LEU E 685 106.36 137.83 67.33
CA LEU E 685 107.15 138.58 66.37
C LEU E 685 106.77 140.04 66.39
N LEU E 686 105.46 140.34 66.60
CA LEU E 686 104.94 141.68 66.73
C LEU E 686 105.33 142.29 68.06
N LEU E 687 105.45 141.46 69.13
CA LEU E 687 105.84 141.90 70.45
C LEU E 687 107.30 142.32 70.46
N LYS E 688 108.16 141.56 69.75
CA LYS E 688 109.56 141.86 69.54
C LYS E 688 109.74 143.09 68.70
N GLY E 689 108.76 143.38 67.80
CA GLY E 689 108.76 144.56 66.98
C GLY E 689 108.64 145.81 67.79
N ASP E 690 107.76 145.80 68.83
CA ASP E 690 107.56 146.89 69.77
C ASP E 690 108.77 147.11 70.67
N GLU E 691 109.54 146.02 70.95
CA GLU E 691 110.73 146.06 71.75
C GLU E 691 111.86 146.67 70.98
N GLN E 692 112.00 146.31 69.68
CA GLN E 692 112.99 146.87 68.78
C GLN E 692 112.70 148.31 68.44
N THR E 693 111.41 148.75 68.47
CA THR E 693 111.05 150.14 68.27
C THR E 693 111.53 150.98 69.42
N HIS E 694 111.39 150.48 70.68
CA HIS E 694 111.87 151.14 71.88
C HIS E 694 113.36 151.29 71.92
N LYS E 695 114.08 150.24 71.43
CA LYS E 695 115.52 150.19 71.29
C LYS E 695 116.04 151.31 70.43
N GLN E 696 115.62 151.32 69.15
CA GLN E 696 115.99 152.30 68.14
C GLN E 696 115.60 153.70 68.50
N ARG E 697 114.46 153.90 69.20
CA ARG E 697 113.96 155.19 69.60
C ARG E 697 114.86 155.80 70.64
N MET E 698 115.27 155.01 71.65
CA MET E 698 116.12 155.46 72.73
C MET E 698 117.54 155.65 72.26
N ASP E 699 118.00 154.84 71.26
CA ASP E 699 119.34 154.88 70.75
C ASP E 699 119.60 156.15 69.97
N ILE E 700 118.71 156.49 69.01
CA ILE E 700 118.88 157.59 68.09
C ILE E 700 118.72 158.91 68.81
N ALA E 701 117.80 158.98 69.80
CA ALA E 701 117.46 160.19 70.51
C ALA E 701 118.60 160.72 71.33
N ASN E 702 119.24 159.83 72.13
CA ASN E 702 120.28 160.19 73.07
C ASN E 702 121.60 160.46 72.38
N ILE E 703 121.84 159.88 71.18
CA ILE E 703 123.03 160.14 70.37
C ILE E 703 122.99 161.56 69.88
N LEU E 704 121.78 162.05 69.49
CA LEU E 704 121.58 163.37 68.94
C LEU E 704 121.89 164.44 69.97
N GLN E 705 121.48 164.20 71.25
CA GLN E 705 121.66 165.13 72.32
C GLN E 705 123.11 165.24 72.74
N SER E 706 123.81 164.09 72.87
CA SER E 706 125.19 164.03 73.32
C SER E 706 126.16 164.49 72.25
N GLN E 707 125.74 164.44 70.96
CA GLN E 707 126.56 164.84 69.84
C GLN E 707 126.67 166.34 69.75
N ARG E 708 125.59 167.06 70.12
CA ARG E 708 125.59 168.51 70.12
C ARG E 708 126.25 169.06 71.36
N GLN E 709 126.30 168.28 72.46
CA GLN E 709 126.88 168.70 73.72
C GLN E 709 128.39 168.52 73.71
N ASN E 710 128.91 167.61 72.85
CA ASN E 710 130.31 167.24 72.85
C ASN E 710 131.15 168.32 72.22
N GLN E 711 130.67 168.89 71.09
CA GLN E 711 131.39 169.85 70.28
C GLN E 711 131.76 171.15 70.98
N PRO E 712 130.91 171.91 71.69
CA PRO E 712 131.32 173.14 72.38
C PRO E 712 132.22 172.84 73.55
N SER E 713 132.06 171.68 74.23
CA SER E 713 132.87 171.29 75.37
C SER E 713 134.27 170.97 74.93
N GLY E 714 134.38 170.33 73.74
CA GLY E 714 135.62 169.96 73.10
C GLY E 714 136.41 171.11 72.57
N SER E 715 135.75 172.27 72.32
CA SER E 715 136.37 173.48 71.83
C SER E 715 137.23 174.11 72.91
N VAL E 716 136.72 174.16 74.16
CA VAL E 716 137.42 174.70 75.30
C VAL E 716 138.64 173.86 75.63
N ALA E 717 138.43 172.54 75.80
CA ALA E 717 139.51 171.60 75.98
C ALA E 717 138.97 170.32 75.41
N GLU E 718 139.84 169.56 74.70
CA GLU E 718 139.47 168.37 73.97
C GLU E 718 138.84 167.30 74.82
N THR E 719 137.76 166.69 74.29
CA THR E 719 137.10 165.57 74.91
C THR E 719 136.41 164.85 73.78
N PRO E 720 136.30 163.53 73.77
CA PRO E 720 135.50 162.81 72.80
C PRO E 720 134.12 162.62 73.38
N GLN E 721 133.17 162.11 72.56
CA GLN E 721 131.80 161.86 72.96
C GLN E 721 131.77 160.67 73.91
N GLU F 1 23.98 -25.17 65.45
CA GLU F 1 24.81 -26.39 65.63
C GLU F 1 24.85 -27.18 64.36
N ASN F 2 25.24 -28.46 64.47
CA ASN F 2 25.28 -29.40 63.36
C ASN F 2 24.94 -30.75 63.92
N ARG F 3 24.37 -30.79 65.16
CA ARG F 3 24.12 -31.99 65.93
C ARG F 3 25.42 -32.52 66.47
N LEU F 4 25.93 -31.79 67.51
CA LEU F 4 27.26 -31.89 68.05
C LEU F 4 27.59 -33.24 68.64
N GLU F 5 28.90 -33.60 68.54
CA GLU F 5 29.47 -34.92 68.40
C GLU F 5 30.03 -34.88 67.02
N SER F 6 31.33 -34.51 66.88
CA SER F 6 31.97 -34.10 65.66
C SER F 6 31.83 -35.05 64.46
N ILE F 7 31.97 -36.38 64.69
CA ILE F 7 31.79 -37.40 63.67
C ILE F 7 30.40 -37.46 63.08
N LEU F 8 29.37 -37.21 63.92
CA LEU F 8 27.97 -37.14 63.54
C LEU F 8 27.64 -35.83 62.90
N SER F 9 28.32 -34.72 63.31
CA SER F 9 28.11 -33.39 62.78
C SER F 9 28.43 -33.28 61.32
N ARG F 10 29.42 -34.06 60.84
CA ARG F 10 29.78 -34.12 59.44
C ARG F 10 28.70 -34.74 58.60
N PHE F 11 28.15 -35.89 59.05
CA PHE F 11 27.18 -36.65 58.28
C PHE F 11 25.78 -36.10 58.39
N ASP F 12 25.45 -35.31 59.45
CA ASP F 12 24.19 -34.61 59.58
C ASP F 12 24.14 -33.51 58.55
N ALA F 13 25.25 -32.76 58.45
CA ALA F 13 25.52 -31.73 57.47
C ALA F 13 25.73 -32.26 56.07
N ASP F 14 25.87 -33.60 55.91
CA ASP F 14 26.03 -34.27 54.64
C ASP F 14 24.68 -34.54 54.08
N TRP F 15 23.79 -35.25 54.83
CA TRP F 15 22.49 -35.72 54.41
C TRP F 15 21.61 -34.65 53.80
N THR F 16 21.54 -33.45 54.44
CA THR F 16 20.76 -32.32 53.98
C THR F 16 21.30 -31.74 52.67
N ALA F 17 22.62 -31.90 52.45
CA ALA F 17 23.33 -31.39 51.30
C ALA F 17 23.50 -32.44 50.23
N SER F 18 23.04 -33.69 50.47
CA SER F 18 23.13 -34.79 49.53
C SER F 18 22.22 -34.63 48.34
N ASP F 19 21.18 -33.77 48.47
CA ASP F 19 20.22 -33.51 47.42
C ASP F 19 20.82 -32.69 46.31
N GLU F 20 21.91 -31.94 46.64
CA GLU F 20 22.67 -31.15 45.69
C GLU F 20 23.51 -32.07 44.83
N ALA F 21 24.07 -33.12 45.45
CA ALA F 21 24.97 -34.03 44.79
C ALA F 21 24.22 -35.04 43.95
N ARG F 22 23.06 -35.51 44.43
CA ARG F 22 22.26 -36.50 43.73
C ARG F 22 21.39 -35.90 42.67
N ARG F 23 20.43 -35.04 43.07
CA ARG F 23 19.39 -34.59 42.17
C ARG F 23 19.85 -33.48 41.26
N GLU F 24 20.50 -32.44 41.85
CA GLU F 24 20.82 -31.22 41.15
C GLU F 24 22.00 -31.38 40.23
N ALA F 25 23.07 -32.04 40.72
CA ALA F 25 24.33 -32.16 40.03
C ALA F 25 24.31 -33.19 38.93
N LYS F 26 23.32 -34.13 38.95
CA LYS F 26 23.08 -35.11 37.91
C LYS F 26 22.84 -34.44 36.58
N ASN F 27 21.77 -33.60 36.52
CA ASN F 27 21.41 -32.76 35.40
C ASN F 27 22.55 -31.88 34.96
N ASP F 28 23.31 -31.31 35.94
CA ASP F 28 24.19 -30.20 35.72
C ASP F 28 25.45 -30.61 34.99
N LEU F 29 26.02 -31.79 35.34
CA LEU F 29 27.23 -32.32 34.75
C LEU F 29 27.08 -32.65 33.28
N PHE F 30 25.84 -32.92 32.82
CA PHE F 30 25.53 -33.21 31.44
C PHE F 30 25.65 -31.99 30.57
N PHE F 31 25.58 -30.76 31.13
CA PHE F 31 25.64 -29.55 30.34
C PHE F 31 27.05 -29.26 29.90
N SER F 32 28.05 -29.66 30.74
CA SER F 32 29.44 -29.73 30.36
C SER F 32 29.75 -30.84 29.39
N ARG F 33 28.84 -31.84 29.25
CA ARG F 33 29.00 -32.93 28.31
C ARG F 33 28.27 -32.63 27.02
N VAL F 34 27.70 -31.41 26.86
CA VAL F 34 27.10 -30.96 25.63
C VAL F 34 28.10 -30.01 25.02
N SER F 35 28.46 -28.92 25.74
CA SER F 35 29.45 -27.97 25.28
C SER F 35 30.84 -28.55 25.01
N GLN F 36 31.39 -29.37 25.93
CA GLN F 36 32.74 -29.88 25.83
C GLN F 36 32.83 -31.31 25.34
N TRP F 37 31.69 -31.93 24.98
CA TRP F 37 31.66 -33.31 24.55
C TRP F 37 30.51 -33.41 23.59
N ASP F 38 30.20 -34.59 23.02
CA ASP F 38 29.17 -34.78 22.00
C ASP F 38 27.82 -34.31 22.49
N ASP F 39 27.04 -33.63 21.61
CA ASP F 39 25.74 -33.06 21.93
C ASP F 39 24.77 -34.13 22.34
N TRP F 40 24.72 -35.26 21.57
CA TRP F 40 24.00 -36.45 21.95
C TRP F 40 24.69 -37.08 23.14
N LEU F 41 23.90 -37.63 24.08
CA LEU F 41 24.39 -38.11 25.34
C LEU F 41 24.02 -39.56 25.47
N SER F 42 24.89 -40.33 26.17
CA SER F 42 24.65 -41.68 26.62
C SER F 42 24.46 -42.67 25.49
N GLN F 43 25.44 -42.74 24.55
CA GLN F 43 25.47 -43.79 23.56
C GLN F 43 26.91 -44.06 23.27
N TYR F 44 27.24 -45.33 22.98
CA TYR F 44 28.57 -45.78 22.68
C TYR F 44 28.38 -46.91 21.72
N THR F 45 29.30 -47.03 20.72
CA THR F 45 29.31 -48.06 19.71
C THR F 45 28.04 -48.05 18.89
N THR F 46 27.80 -46.93 18.18
CA THR F 46 26.60 -46.72 17.40
C THR F 46 27.06 -46.71 15.97
N LEU F 47 26.40 -47.53 15.13
CA LEU F 47 26.73 -47.71 13.73
C LEU F 47 25.74 -46.94 12.90
N GLN F 48 24.72 -46.33 13.54
CA GLN F 48 23.72 -45.54 12.86
C GLN F 48 24.23 -44.14 12.81
N TYR F 49 23.81 -43.38 11.76
CA TYR F 49 24.17 -41.99 11.59
C TYR F 49 23.57 -41.17 12.69
N ARG F 50 24.39 -40.26 13.27
CA ARG F 50 23.97 -39.37 14.31
C ARG F 50 24.50 -38.05 13.87
N GLY F 51 23.58 -37.08 13.67
CA GLY F 51 23.86 -35.81 13.06
C GLY F 51 24.14 -34.83 14.14
N GLN F 52 24.78 -33.70 13.77
CA GLN F 52 25.16 -32.66 14.69
C GLN F 52 25.07 -31.41 13.87
N PHE F 53 24.81 -30.26 14.55
CA PHE F 53 24.89 -28.96 13.93
C PHE F 53 25.88 -28.22 14.77
N ASP F 54 25.78 -28.38 16.11
CA ASP F 54 26.76 -27.96 17.08
C ASP F 54 27.01 -26.46 17.03
N VAL F 55 25.94 -25.64 17.23
CA VAL F 55 26.07 -24.22 17.43
C VAL F 55 26.25 -23.92 18.90
N VAL F 56 26.25 -24.97 19.77
CA VAL F 56 26.42 -24.82 21.20
C VAL F 56 27.79 -24.29 21.51
N ARG F 57 28.84 -24.91 20.91
CA ARG F 57 30.21 -24.51 21.07
C ARG F 57 30.50 -23.11 20.57
N PRO F 58 30.06 -22.62 19.40
CA PRO F 58 30.20 -21.22 19.02
C PRO F 58 29.63 -20.20 19.97
N VAL F 59 28.51 -20.50 20.67
CA VAL F 59 27.92 -19.63 21.67
C VAL F 59 28.81 -19.57 22.89
N VAL F 60 29.38 -20.73 23.30
CA VAL F 60 30.27 -20.84 24.43
C VAL F 60 31.58 -20.15 24.14
N ARG F 61 32.18 -20.38 22.94
CA ARG F 61 33.45 -19.80 22.54
C ARG F 61 33.39 -18.31 22.39
N LYS F 62 32.18 -17.74 22.13
CA LYS F 62 31.99 -16.32 22.02
C LYS F 62 31.96 -15.68 23.39
N LEU F 63 31.27 -16.34 24.35
CA LEU F 63 31.07 -15.83 25.70
C LEU F 63 32.30 -15.99 26.54
N VAL F 64 33.11 -17.07 26.31
CA VAL F 64 34.36 -17.29 26.98
C VAL F 64 35.35 -16.22 26.59
N SER F 65 35.33 -15.77 25.31
CA SER F 65 36.16 -14.69 24.84
C SER F 65 35.80 -13.34 25.44
N GLU F 66 34.51 -13.13 25.79
CA GLU F 66 34.03 -11.92 26.44
C GLU F 66 34.49 -11.84 27.87
N MET F 67 34.40 -12.98 28.60
CA MET F 67 34.77 -13.10 30.00
C MET F 67 36.24 -12.98 30.23
N ARG F 68 37.09 -13.46 29.29
CA ARG F 68 38.53 -13.48 29.47
C ARG F 68 39.14 -12.15 29.15
N GLN F 69 38.43 -11.25 28.41
CA GLN F 69 38.86 -9.89 28.17
C GLN F 69 38.31 -8.97 29.22
N ASN F 70 37.54 -9.50 30.20
CA ASN F 70 37.13 -8.77 31.39
C ASN F 70 37.96 -9.34 32.51
N PRO F 71 38.98 -8.66 33.03
CA PRO F 71 39.89 -9.25 34.00
C PRO F 71 39.39 -9.04 35.40
N ILE F 72 39.83 -9.91 36.34
CA ILE F 72 39.63 -9.75 37.75
C ILE F 72 41.01 -9.86 38.34
N ASP F 73 41.40 -8.86 39.15
CA ASP F 73 42.73 -8.77 39.69
C ASP F 73 42.64 -7.81 40.83
N VAL F 74 43.69 -7.73 41.68
CA VAL F 74 43.81 -6.81 42.80
C VAL F 74 43.86 -5.37 42.32
N LEU F 75 43.32 -4.46 43.13
CA LEU F 75 43.45 -3.04 42.88
C LEU F 75 43.50 -2.37 44.22
N TYR F 76 42.83 -2.97 45.24
CA TYR F 76 42.75 -2.52 46.62
C TYR F 76 42.29 -1.08 46.82
N ARG F 77 42.03 -0.72 48.10
CA ARG F 77 41.35 0.50 48.48
C ARG F 77 41.69 0.65 49.94
N PRO F 78 41.61 1.83 50.55
CA PRO F 78 41.53 1.97 51.99
C PRO F 78 40.15 1.63 52.49
N LYS F 79 40.01 1.48 53.82
CA LYS F 79 38.74 1.40 54.50
C LYS F 79 38.34 2.82 54.80
N ASP F 80 37.15 3.02 55.42
CA ASP F 80 36.67 4.32 55.81
C ASP F 80 37.49 4.84 56.96
N GLY F 81 38.23 5.95 56.72
CA GLY F 81 39.10 6.57 57.68
C GLY F 81 40.44 5.90 57.83
N ALA F 82 40.74 4.87 57.00
CA ALA F 82 41.97 4.11 57.09
C ALA F 82 42.92 4.57 56.03
N ARG F 83 44.21 4.20 56.23
CA ARG F 83 45.32 4.50 55.36
C ARG F 83 45.18 3.91 53.97
N PRO F 84 45.55 4.60 52.89
CA PRO F 84 45.59 4.06 51.54
C PRO F 84 47.00 3.64 51.25
N ASP F 85 47.86 3.59 52.30
CA ASP F 85 49.21 3.13 52.22
C ASP F 85 49.26 1.67 52.59
N ALA F 86 48.09 1.03 52.80
CA ALA F 86 47.99 -0.38 53.09
C ALA F 86 47.66 -1.13 51.83
N ALA F 87 47.48 -0.40 50.71
CA ALA F 87 47.13 -0.97 49.44
C ALA F 87 48.31 -1.62 48.78
N ASP F 88 49.47 -0.92 48.74
CA ASP F 88 50.71 -1.42 48.17
C ASP F 88 51.38 -2.51 48.96
N VAL F 89 51.01 -2.69 50.25
CA VAL F 89 51.54 -3.72 51.12
C VAL F 89 51.15 -5.09 50.62
N LEU F 90 49.87 -5.23 50.23
CA LEU F 90 49.29 -6.47 49.77
C LEU F 90 49.57 -6.74 48.31
N MET F 91 49.90 -5.69 47.51
CA MET F 91 50.18 -5.80 46.09
C MET F 91 51.50 -6.47 45.83
N GLY F 92 52.47 -6.32 46.78
CA GLY F 92 53.81 -6.85 46.62
C GLY F 92 53.83 -8.34 46.66
N MET F 93 53.02 -8.94 47.55
CA MET F 93 52.97 -10.37 47.73
C MET F 93 52.16 -11.03 46.67
N TYR F 94 50.94 -10.48 46.38
CA TYR F 94 49.99 -11.04 45.45
C TYR F 94 50.55 -11.20 44.06
N ARG F 95 51.12 -10.12 43.50
CA ARG F 95 51.54 -10.07 42.13
C ARG F 95 52.82 -10.84 41.86
N THR F 96 53.59 -11.17 42.92
CA THR F 96 54.76 -12.00 42.85
C THR F 96 54.39 -13.46 42.79
N ASP F 97 53.45 -13.94 43.65
CA ASP F 97 53.16 -15.36 43.76
C ASP F 97 52.07 -15.83 42.83
N MET F 98 51.35 -14.89 42.17
CA MET F 98 50.37 -15.18 41.16
C MET F 98 50.99 -15.10 39.79
N ARG F 99 52.35 -14.94 39.72
CA ARG F 99 53.15 -14.93 38.51
C ARG F 99 52.96 -16.20 37.74
N HIS F 100 52.90 -17.34 38.48
CA HIS F 100 52.67 -18.65 37.93
C HIS F 100 51.31 -18.69 37.28
N ASN F 101 51.24 -19.40 36.13
CA ASN F 101 50.10 -19.42 35.24
C ASN F 101 48.93 -20.16 35.81
N THR F 102 49.13 -20.97 36.87
CA THR F 102 48.10 -21.73 37.53
C THR F 102 47.06 -20.83 38.20
N ALA F 103 47.42 -19.57 38.50
CA ALA F 103 46.54 -18.57 39.04
C ALA F 103 45.65 -17.98 37.97
N LYS F 104 46.24 -17.70 36.79
CA LYS F 104 45.55 -17.11 35.67
C LYS F 104 44.62 -18.12 35.03
N ILE F 105 45.06 -19.40 34.94
CA ILE F 105 44.32 -20.53 34.42
C ILE F 105 43.15 -20.84 35.31
N ALA F 106 43.27 -20.62 36.64
CA ALA F 106 42.20 -20.84 37.59
C ALA F 106 41.01 -19.95 37.37
N VAL F 107 41.25 -18.69 36.91
CA VAL F 107 40.22 -17.74 36.60
C VAL F 107 39.59 -18.09 35.27
N ASN F 108 40.42 -18.49 34.28
CA ASN F 108 39.97 -18.83 32.94
C ASN F 108 39.11 -20.07 32.90
N ILE F 109 39.38 -21.05 33.80
CA ILE F 109 38.61 -22.25 33.98
C ILE F 109 37.31 -21.94 34.64
N ALA F 110 37.31 -21.04 35.65
CA ALA F 110 36.13 -20.74 36.43
C ALA F 110 35.08 -20.04 35.62
N VAL F 111 35.47 -19.11 34.71
CA VAL F 111 34.55 -18.39 33.88
C VAL F 111 34.04 -19.24 32.74
N ARG F 112 34.79 -20.29 32.33
CA ARG F 112 34.39 -21.20 31.27
C ARG F 112 33.27 -22.09 31.73
N GLU F 113 33.39 -22.65 32.96
CA GLU F 113 32.41 -23.55 33.52
C GLU F 113 31.20 -22.79 34.04
N GLN F 114 31.35 -21.47 34.29
CA GLN F 114 30.30 -20.57 34.69
C GLN F 114 29.31 -20.36 33.57
N ILE F 115 29.78 -20.34 32.31
CA ILE F 115 28.94 -20.14 31.15
C ILE F 115 28.26 -21.44 30.81
N GLU F 116 29.00 -22.57 30.93
CA GLU F 116 28.55 -23.85 30.44
C GLU F 116 27.53 -24.48 31.35
N ALA F 117 27.96 -24.97 32.53
CA ALA F 117 27.10 -25.66 33.45
C ALA F 117 26.54 -24.74 34.51
N GLY F 118 27.04 -23.49 34.61
CA GLY F 118 26.53 -22.54 35.55
C GLY F 118 27.21 -22.62 36.89
N VAL F 119 28.29 -23.44 37.03
CA VAL F 119 29.03 -23.56 38.27
C VAL F 119 30.49 -23.61 37.89
N GLY F 120 31.34 -22.76 38.50
CA GLY F 120 32.78 -22.79 38.37
C GLY F 120 33.32 -22.36 39.69
N ALA F 121 34.67 -22.44 39.89
CA ALA F 121 35.25 -22.17 41.20
C ALA F 121 36.74 -22.15 41.09
N TRP F 122 37.41 -21.61 42.14
CA TRP F 122 38.86 -21.67 42.30
C TRP F 122 39.15 -21.72 43.78
N ARG F 123 40.33 -22.25 44.16
CA ARG F 123 40.74 -22.40 45.56
C ARG F 123 42.07 -21.73 45.75
N LEU F 124 42.59 -21.76 47.00
CA LEU F 124 43.88 -21.23 47.39
C LEU F 124 44.55 -22.29 48.23
N VAL F 125 45.86 -22.53 47.98
CA VAL F 125 46.67 -23.54 48.61
C VAL F 125 47.90 -22.86 49.17
N THR F 126 48.79 -23.64 49.83
CA THR F 126 50.00 -23.16 50.47
C THR F 126 51.15 -24.02 49.99
N ASP F 127 52.28 -23.37 49.59
CA ASP F 127 53.44 -24.06 49.07
C ASP F 127 54.66 -23.23 49.35
N TYR F 128 55.85 -23.76 48.96
CA TYR F 128 57.15 -23.12 49.11
C TYR F 128 57.63 -22.74 47.75
N GLU F 129 57.98 -21.44 47.55
CA GLU F 129 58.63 -20.97 46.35
C GLU F 129 59.85 -20.22 46.79
N ASP F 130 60.99 -20.54 46.14
CA ASP F 130 62.23 -19.83 46.29
C ASP F 130 62.60 -19.29 44.93
N GLN F 131 61.75 -19.53 43.91
CA GLN F 131 61.94 -19.02 42.56
C GLN F 131 61.06 -17.80 42.39
N SER F 132 60.23 -17.48 43.41
CA SER F 132 59.47 -16.26 43.48
C SER F 132 59.01 -16.11 44.91
N PRO F 133 59.90 -15.93 45.89
CA PRO F 133 59.53 -15.82 47.30
C PRO F 133 58.90 -14.47 47.56
N THR F 134 57.88 -14.43 48.46
CA THR F 134 57.27 -13.20 48.88
C THR F 134 57.90 -12.81 50.21
N SER F 135 57.78 -13.69 51.23
CA SER F 135 58.46 -13.51 52.48
C SER F 135 58.68 -14.89 53.02
N ASN F 136 59.89 -15.13 53.59
CA ASN F 136 60.28 -16.33 54.31
C ASN F 136 60.39 -17.55 53.41
N ASN F 137 60.44 -17.33 52.07
CA ASN F 137 60.43 -18.35 51.04
C ASN F 137 59.20 -19.23 51.11
N GLN F 138 58.04 -18.58 51.33
CA GLN F 138 56.77 -19.24 51.49
C GLN F 138 55.80 -18.35 50.78
N VAL F 139 54.90 -18.95 49.96
CA VAL F 139 53.95 -18.23 49.17
C VAL F 139 52.64 -18.96 49.29
N ILE F 140 51.54 -18.30 48.83
CA ILE F 140 50.27 -18.96 48.65
C ILE F 140 49.96 -18.85 47.19
N ARG F 141 49.18 -19.82 46.66
CA ARG F 141 49.03 -20.03 45.25
C ARG F 141 47.59 -20.29 45.01
N ARG F 142 47.08 -19.93 43.81
CA ARG F 142 45.70 -20.12 43.43
C ARG F 142 45.62 -21.31 42.52
N GLU F 143 45.04 -22.43 43.00
CA GLU F 143 44.87 -23.64 42.24
C GLU F 143 43.52 -23.64 41.56
N PRO F 144 43.39 -24.18 40.34
CA PRO F 144 42.15 -24.28 39.60
C PRO F 144 41.25 -25.38 40.10
N ILE F 145 39.93 -25.24 39.88
CA ILE F 145 38.95 -26.26 40.14
C ILE F 145 38.19 -26.29 38.84
N HIS F 146 38.20 -27.47 38.16
CA HIS F 146 37.54 -27.67 36.89
C HIS F 146 36.50 -28.72 37.15
N SER F 147 35.30 -28.52 36.56
CA SER F 147 34.14 -29.37 36.70
C SER F 147 33.60 -29.28 38.09
N ALA F 148 33.51 -28.02 38.61
CA ALA F 148 32.90 -27.68 39.87
C ALA F 148 31.43 -28.01 39.89
N CYS F 149 30.80 -28.07 38.69
CA CYS F 149 29.46 -28.54 38.41
C CYS F 149 29.20 -29.97 38.82
N SER F 150 30.19 -30.85 38.61
CA SER F 150 30.13 -32.25 38.97
C SER F 150 30.49 -32.42 40.42
N HIS F 151 31.09 -31.37 41.05
CA HIS F 151 31.59 -31.42 42.40
C HIS F 151 30.65 -30.81 43.39
N VAL F 152 29.43 -30.37 42.98
CA VAL F 152 28.55 -29.63 43.87
C VAL F 152 27.94 -30.57 44.86
N ILE F 153 28.14 -30.26 46.15
CA ILE F 153 27.49 -30.92 47.26
C ILE F 153 27.02 -29.79 48.12
N TRP F 154 27.70 -28.61 48.04
CA TRP F 154 27.56 -27.50 48.96
C TRP F 154 26.22 -26.84 48.84
N ASP F 155 25.76 -26.21 49.95
CA ASP F 155 24.59 -25.37 50.09
C ASP F 155 23.48 -26.23 50.66
N SER F 156 22.85 -25.75 51.74
CA SER F 156 21.70 -26.38 52.34
C SER F 156 20.86 -25.25 52.84
N ASN F 157 21.41 -24.48 53.81
CA ASN F 157 20.72 -23.38 54.44
C ASN F 157 21.41 -22.08 54.08
N SER F 158 22.53 -22.14 53.32
CA SER F 158 23.31 -21.00 52.91
C SER F 158 22.51 -20.17 51.93
N LYS F 159 22.69 -18.83 51.97
CA LYS F 159 22.04 -17.90 51.07
C LYS F 159 23.09 -17.06 50.40
N LEU F 160 24.39 -17.44 50.52
CA LEU F 160 25.50 -16.68 49.99
C LEU F 160 26.11 -17.42 48.85
N MET F 161 26.81 -16.67 47.98
CA MET F 161 27.52 -17.19 46.84
C MET F 161 28.99 -17.18 47.14
N ASP F 162 29.41 -16.54 48.26
CA ASP F 162 30.81 -16.42 48.63
C ASP F 162 31.39 -17.74 49.03
N LYS F 163 30.65 -18.50 49.87
CA LYS F 163 31.07 -19.76 50.47
C LYS F 163 32.37 -19.59 51.22
N SER F 164 32.44 -18.52 52.04
CA SER F 164 33.58 -18.20 52.86
C SER F 164 33.27 -18.61 54.28
N ASP F 165 32.02 -19.07 54.50
CA ASP F 165 31.57 -19.62 55.74
C ASP F 165 30.42 -20.53 55.40
N ALA F 166 30.25 -21.57 56.24
CA ALA F 166 29.20 -22.56 56.24
C ALA F 166 29.86 -23.78 56.81
N ARG F 167 29.07 -24.58 57.56
CA ARG F 167 29.53 -25.76 58.25
C ARG F 167 28.84 -26.95 57.65
N HIS F 168 28.40 -26.83 56.38
CA HIS F 168 27.64 -27.85 55.71
C HIS F 168 28.01 -27.87 54.25
N CYS F 169 29.21 -27.32 53.94
CA CYS F 169 29.66 -27.17 52.58
C CYS F 169 30.86 -28.07 52.46
N THR F 170 31.01 -28.69 51.27
CA THR F 170 32.12 -29.57 51.02
C THR F 170 32.26 -29.60 49.53
N VAL F 171 33.47 -29.95 49.06
CA VAL F 171 33.80 -30.09 47.66
C VAL F 171 34.36 -31.48 47.55
N ILE F 172 34.13 -32.14 46.40
CA ILE F 172 34.60 -33.46 46.13
C ILE F 172 35.56 -33.31 44.97
N HIS F 173 36.66 -34.09 44.97
CA HIS F 173 37.73 -33.97 44.01
C HIS F 173 37.77 -35.26 43.24
N SER F 174 38.30 -35.21 41.99
CA SER F 174 38.42 -36.37 41.14
C SER F 174 39.87 -36.44 40.74
N MET F 175 40.53 -37.56 41.10
CA MET F 175 41.95 -37.77 40.93
C MET F 175 42.18 -39.19 40.51
N SER F 176 43.43 -39.46 40.06
CA SER F 176 43.92 -40.75 39.64
C SER F 176 44.50 -41.47 40.83
N GLN F 177 45.08 -42.68 40.58
CA GLN F 177 45.59 -43.58 41.59
C GLN F 177 46.85 -43.02 42.21
N ASN F 178 47.80 -42.56 41.36
CA ASN F 178 49.02 -41.92 41.81
C ASN F 178 48.72 -40.57 42.44
N GLY F 179 47.64 -39.89 41.97
CA GLY F 179 47.11 -38.67 42.56
C GLY F 179 46.55 -38.83 43.94
N TRP F 180 46.06 -40.05 44.29
CA TRP F 180 45.51 -40.36 45.60
C TRP F 180 46.63 -40.59 46.58
N GLU F 181 47.77 -41.14 46.10
CA GLU F 181 48.98 -41.32 46.87
C GLU F 181 49.63 -39.99 47.17
N ASP F 182 49.67 -39.07 46.18
CA ASP F 182 50.16 -37.71 46.33
C ASP F 182 49.34 -36.90 47.32
N PHE F 183 48.00 -37.12 47.34
CA PHE F 183 47.07 -36.47 48.24
C PHE F 183 47.20 -37.03 49.64
N ALA F 184 47.68 -38.28 49.78
CA ALA F 184 47.76 -38.97 51.04
C ALA F 184 49.02 -38.65 51.80
N GLU F 185 50.05 -38.07 51.13
CA GLU F 185 51.28 -37.70 51.80
C GLU F 185 51.07 -36.40 52.53
N LYS F 186 50.31 -35.48 51.90
CA LYS F 186 50.04 -34.15 52.39
C LYS F 186 49.18 -34.15 53.64
N TYR F 187 48.01 -34.83 53.58
CA TYR F 187 47.00 -34.77 54.60
C TYR F 187 47.07 -35.94 55.56
N ASP F 188 48.09 -36.81 55.44
CA ASP F 188 48.35 -37.93 56.33
C ASP F 188 47.21 -38.94 56.29
N LEU F 189 47.03 -39.57 55.11
CA LEU F 189 45.95 -40.48 54.84
C LEU F 189 46.54 -41.77 54.37
N ASP F 190 45.67 -42.76 54.05
CA ASP F 190 46.04 -44.06 53.54
C ASP F 190 46.33 -43.89 52.06
N ALA F 191 47.49 -44.41 51.62
CA ALA F 191 48.03 -44.22 50.28
C ALA F 191 47.16 -44.86 49.22
N ASP F 192 46.70 -46.10 49.46
CA ASP F 192 45.86 -46.84 48.57
C ASP F 192 44.67 -47.22 49.40
N ASP F 193 43.46 -47.12 48.79
CA ASP F 193 42.22 -47.33 49.51
C ASP F 193 41.15 -47.33 48.45
N ILE F 194 41.19 -46.31 47.55
CA ILE F 194 40.17 -46.01 46.56
C ILE F 194 38.84 -45.65 47.22
N PRO F 195 38.72 -44.53 47.92
CA PRO F 195 37.49 -44.13 48.59
C PRO F 195 36.52 -43.48 47.63
N SER F 196 35.27 -43.27 48.12
CA SER F 196 34.26 -42.46 47.49
C SER F 196 33.53 -41.86 48.66
N PHE F 197 33.33 -40.52 48.64
CA PHE F 197 32.56 -39.82 49.64
C PHE F 197 31.08 -40.05 49.38
N GLN F 198 30.66 -39.88 48.11
CA GLN F 198 29.35 -40.27 47.68
C GLN F 198 29.33 -40.31 46.17
N ASN F 199 30.43 -39.84 45.51
CA ASN F 199 30.64 -39.86 44.07
C ASN F 199 29.47 -39.33 43.25
N PRO F 200 29.18 -38.03 43.19
CA PRO F 200 28.23 -37.47 42.25
C PRO F 200 28.84 -37.31 40.87
N ASN F 201 30.19 -37.45 40.73
CA ASN F 201 30.92 -37.23 39.51
C ASN F 201 30.59 -38.27 38.48
N ASP F 202 30.49 -39.55 38.93
CA ASP F 202 30.19 -40.67 38.08
C ASP F 202 29.17 -41.47 38.85
N TRP F 203 28.50 -42.43 38.18
CA TRP F 203 27.66 -43.39 38.83
C TRP F 203 27.63 -44.63 37.99
N VAL F 204 28.44 -44.67 36.89
CA VAL F 204 28.51 -45.80 35.99
C VAL F 204 29.93 -45.87 35.48
N PHE F 205 30.79 -44.90 35.86
CA PHE F 205 32.18 -44.77 35.46
C PHE F 205 32.39 -44.78 33.97
N PRO F 206 31.90 -43.81 33.20
CA PRO F 206 32.02 -43.79 31.75
C PRO F 206 33.43 -43.44 31.32
N TRP F 207 34.31 -43.02 32.26
CA TRP F 207 35.65 -42.61 31.99
C TRP F 207 36.51 -43.21 33.05
N LEU F 208 37.84 -43.22 32.82
CA LEU F 208 38.77 -43.90 33.66
C LEU F 208 40.05 -43.13 33.54
N THR F 209 40.86 -43.10 34.63
CA THR F 209 42.17 -42.49 34.66
C THR F 209 43.05 -43.43 35.46
N GLN F 210 43.06 -44.73 35.04
CA GLN F 210 43.61 -45.89 35.71
C GLN F 210 42.66 -46.38 36.76
N ASP F 211 42.42 -45.55 37.80
CA ASP F 211 41.40 -45.77 38.79
C ASP F 211 40.81 -44.41 39.03
N THR F 212 39.59 -44.40 39.62
CA THR F 212 38.85 -43.19 39.90
C THR F 212 38.69 -43.15 41.40
N ILE F 213 39.18 -42.05 42.01
CA ILE F 213 39.21 -41.85 43.44
C ILE F 213 38.45 -40.58 43.63
N GLN F 214 37.56 -40.55 44.64
CA GLN F 214 36.80 -39.40 44.98
C GLN F 214 36.99 -39.21 46.45
N ILE F 215 37.60 -38.07 46.84
CA ILE F 215 37.81 -37.71 48.23
C ILE F 215 37.18 -36.35 48.39
N ALA F 216 36.67 -36.05 49.61
CA ALA F 216 35.97 -34.82 49.90
C ALA F 216 36.65 -34.06 50.99
N GLU F 217 36.83 -32.73 50.77
CA GLU F 217 37.36 -31.80 51.73
C GLU F 217 36.19 -31.05 52.32
N PHE F 218 35.88 -31.30 53.61
CA PHE F 218 34.69 -30.83 54.29
C PHE F 218 35.13 -29.69 55.16
N TYR F 219 34.51 -28.51 55.01
CA TYR F 219 34.92 -27.30 55.69
C TYR F 219 33.98 -27.03 56.83
N GLU F 220 34.55 -26.49 57.94
CA GLU F 220 33.85 -26.17 59.16
C GLU F 220 34.21 -24.74 59.45
N VAL F 221 33.46 -24.10 60.38
CA VAL F 221 33.75 -22.77 60.85
C VAL F 221 33.69 -22.82 62.34
N VAL F 222 34.84 -22.53 63.00
CA VAL F 222 34.98 -22.45 64.43
C VAL F 222 35.54 -21.07 64.62
N GLU F 223 35.08 -20.29 65.62
CA GLU F 223 35.56 -18.94 65.76
C GLU F 223 36.83 -18.93 66.56
N LYS F 224 36.79 -19.52 67.78
CA LYS F 224 37.89 -19.67 68.73
C LYS F 224 38.10 -18.37 69.47
N LYS F 225 38.59 -17.32 68.76
CA LYS F 225 38.99 -16.02 69.27
C LYS F 225 40.09 -16.05 70.30
N GLU F 226 40.72 -14.87 70.51
CA GLU F 226 41.89 -14.74 71.33
C GLU F 226 41.90 -13.30 71.78
N THR F 227 42.47 -13.06 72.98
CA THR F 227 42.56 -11.75 73.57
C THR F 227 43.95 -11.63 74.16
N ALA F 228 44.34 -10.38 74.52
CA ALA F 228 45.58 -10.02 75.15
C ALA F 228 46.76 -10.38 74.28
N PHE F 229 47.96 -10.58 74.91
CA PHE F 229 49.19 -10.91 74.23
C PHE F 229 49.61 -9.79 73.32
N ILE F 230 49.98 -8.65 73.93
CA ILE F 230 50.21 -7.41 73.25
C ILE F 230 51.69 -7.23 73.43
N TYR F 231 52.36 -6.63 72.41
CA TYR F 231 53.79 -6.54 72.35
C TYR F 231 54.09 -5.23 71.68
N GLN F 232 55.38 -5.04 71.31
CA GLN F 232 55.84 -3.90 70.56
C GLN F 232 56.51 -4.50 69.35
N ASP F 233 56.68 -3.71 68.27
CA ASP F 233 57.34 -4.16 67.07
C ASP F 233 58.84 -4.21 67.30
N PRO F 234 59.59 -5.04 66.57
CA PRO F 234 61.04 -5.06 66.65
C PRO F 234 61.61 -3.94 65.82
N VAL F 235 60.75 -3.20 65.07
CA VAL F 235 61.16 -2.14 64.18
C VAL F 235 60.77 -0.85 64.85
N THR F 236 61.81 -0.08 65.30
CA THR F 236 61.77 1.27 65.80
C THR F 236 60.73 1.53 66.86
N GLY F 237 60.61 0.60 67.85
CA GLY F 237 59.73 0.77 68.99
C GLY F 237 58.35 0.40 68.54
N GLU F 238 57.49 1.42 68.29
CA GLU F 238 56.12 1.28 67.85
C GLU F 238 55.27 0.45 68.79
N PRO F 239 55.08 0.83 70.05
CA PRO F 239 54.33 0.06 71.04
C PRO F 239 52.87 -0.11 70.69
N VAL F 240 52.21 -1.08 71.38
CA VAL F 240 50.84 -1.50 71.21
C VAL F 240 50.66 -2.11 69.85
N SER F 241 51.41 -3.23 69.64
CA SER F 241 51.36 -4.02 68.44
C SER F 241 50.68 -5.29 68.82
N TYR F 242 49.74 -5.73 67.96
CA TYR F 242 48.89 -6.85 68.22
C TYR F 242 49.47 -8.02 67.49
N PHE F 243 49.78 -9.12 68.22
CA PHE F 243 50.35 -10.31 67.64
C PHE F 243 49.48 -11.42 68.16
N LYS F 244 49.49 -12.57 67.44
CA LYS F 244 48.63 -13.71 67.72
C LYS F 244 49.07 -14.45 68.96
N ARG F 245 48.14 -15.27 69.52
CA ARG F 245 48.33 -15.91 70.79
C ARG F 245 48.58 -17.37 70.58
N ASP F 246 47.53 -18.13 70.18
CA ASP F 246 47.47 -19.57 70.25
C ASP F 246 48.45 -20.29 69.36
N ILE F 247 48.61 -19.82 68.09
CA ILE F 247 49.35 -20.49 67.06
C ILE F 247 50.83 -20.54 67.36
N LYS F 248 51.44 -19.41 67.81
CA LYS F 248 52.84 -19.41 68.21
C LYS F 248 52.89 -19.82 69.66
N ASP F 249 53.93 -20.60 70.02
CA ASP F 249 54.18 -20.99 71.39
C ASP F 249 55.67 -21.03 71.58
N VAL F 250 56.45 -20.67 70.53
CA VAL F 250 57.89 -20.70 70.54
C VAL F 250 58.26 -19.24 70.51
N ILE F 251 57.87 -18.55 69.40
CA ILE F 251 58.05 -17.14 69.16
C ILE F 251 57.34 -16.31 70.21
N ASP F 252 56.28 -16.88 70.83
CA ASP F 252 55.51 -16.35 71.93
C ASP F 252 56.38 -15.90 73.08
N ASP F 253 57.20 -16.85 73.61
CA ASP F 253 58.16 -16.67 74.68
C ASP F 253 59.18 -15.59 74.37
N LEU F 254 59.69 -15.59 73.12
CA LEU F 254 60.71 -14.67 72.65
C LEU F 254 60.18 -13.27 72.45
N ALA F 255 58.85 -13.13 72.26
CA ALA F 255 58.18 -11.86 72.12
C ALA F 255 58.07 -11.15 73.44
N ASP F 256 58.04 -11.90 74.57
CA ASP F 256 58.06 -11.36 75.92
C ASP F 256 59.41 -10.78 76.26
N SER F 257 60.46 -11.19 75.52
CA SER F 257 61.82 -10.81 75.80
C SER F 257 62.17 -9.70 74.84
N GLY F 258 62.74 -8.59 75.39
CA GLY F 258 63.26 -7.48 74.64
C GLY F 258 62.23 -6.41 74.44
N PHE F 259 60.93 -6.76 74.59
CA PHE F 259 59.85 -5.81 74.60
C PHE F 259 58.68 -6.54 75.18
N ILE F 260 57.69 -5.78 75.70
CA ILE F 260 56.44 -6.33 76.16
C ILE F 260 55.52 -5.13 76.23
N LYS F 261 54.19 -5.37 76.20
CA LYS F 261 53.22 -4.31 76.29
C LYS F 261 51.95 -4.97 76.75
N ILE F 262 50.95 -4.15 77.15
CA ILE F 262 49.68 -4.64 77.61
C ILE F 262 48.69 -3.58 77.22
N ALA F 263 47.48 -4.00 76.79
CA ALA F 263 46.45 -3.10 76.36
C ALA F 263 45.13 -3.82 76.40
N GLU F 264 45.17 -5.17 76.55
CA GLU F 264 44.04 -6.07 76.59
C GLU F 264 43.08 -5.88 75.44
N ARG F 265 43.64 -5.86 74.20
CA ARG F 265 42.87 -5.80 72.98
C ARG F 265 42.46 -7.19 72.61
N GLN F 266 41.23 -7.32 72.05
CA GLN F 266 40.67 -8.57 71.61
C GLN F 266 40.42 -8.35 70.15
N ILE F 267 40.98 -9.23 69.30
CA ILE F 267 40.77 -9.19 67.87
C ILE F 267 40.25 -10.55 67.56
N LYS F 268 39.07 -10.58 66.90
CA LYS F 268 38.33 -11.75 66.53
C LYS F 268 39.13 -12.55 65.53
N ARG F 269 39.07 -13.88 65.68
CA ARG F 269 39.76 -14.80 64.83
C ARG F 269 38.68 -15.72 64.38
N ARG F 270 38.96 -16.42 63.27
CA ARG F 270 38.07 -17.41 62.73
C ARG F 270 39.03 -18.43 62.22
N ARG F 271 38.95 -19.67 62.75
CA ARG F 271 39.82 -20.74 62.36
C ARG F 271 38.91 -21.73 61.70
N VAL F 272 39.07 -21.90 60.38
CA VAL F 272 38.29 -22.84 59.62
C VAL F 272 39.15 -24.05 59.51
N TYR F 273 38.49 -25.23 59.56
CA TYR F 273 39.17 -26.51 59.56
C TYR F 273 38.74 -27.19 58.30
N LYS F 274 39.60 -28.10 57.84
CA LYS F 274 39.38 -28.85 56.63
C LYS F 274 39.57 -30.28 57.02
N SER F 275 38.51 -31.11 56.86
CA SER F 275 38.51 -32.47 57.29
C SER F 275 38.42 -33.32 56.06
N ILE F 276 39.25 -34.38 56.00
CA ILE F 276 39.23 -35.36 54.94
C ILE F 276 38.27 -36.42 55.37
N ILE F 277 37.20 -36.64 54.56
CA ILE F 277 36.08 -37.45 54.95
C ILE F 277 35.78 -38.40 53.82
N THR F 278 35.31 -39.62 54.19
CA THR F 278 34.85 -40.65 53.30
C THR F 278 33.49 -41.03 53.83
N CYS F 279 32.74 -41.86 53.06
CA CYS F 279 31.38 -42.24 53.38
C CYS F 279 31.28 -42.99 54.69
N THR F 280 32.22 -43.94 54.92
CA THR F 280 32.24 -44.78 56.11
C THR F 280 32.52 -44.03 57.39
N ALA F 281 33.54 -43.14 57.39
CA ALA F 281 33.90 -42.38 58.56
C ALA F 281 34.75 -41.24 58.11
N VAL F 282 35.08 -40.32 59.04
CA VAL F 282 35.96 -39.21 58.77
C VAL F 282 37.37 -39.72 59.04
N LEU F 283 38.26 -39.62 58.01
CA LEU F 283 39.59 -40.16 58.08
C LEU F 283 40.50 -39.28 58.89
N LYS F 284 40.44 -37.96 58.63
CA LYS F 284 41.22 -36.98 59.33
C LYS F 284 40.23 -35.92 59.71
N ASP F 285 40.14 -35.61 61.03
CA ASP F 285 39.12 -34.73 61.55
C ASP F 285 39.86 -33.56 62.12
N LYS F 286 39.44 -32.34 61.69
CA LYS F 286 39.95 -31.06 62.13
C LYS F 286 41.44 -30.90 61.94
N GLN F 287 41.87 -30.81 60.66
CA GLN F 287 43.23 -30.52 60.31
C GLN F 287 43.19 -29.10 59.86
N LEU F 288 43.96 -28.21 60.54
CA LEU F 288 43.94 -26.79 60.35
C LEU F 288 44.49 -26.43 58.99
N ILE F 289 43.74 -25.58 58.26
CA ILE F 289 44.11 -25.05 56.98
C ILE F 289 44.47 -23.62 57.27
N ALA F 290 45.43 -23.06 56.50
CA ALA F 290 46.03 -21.76 56.73
C ALA F 290 45.03 -20.63 56.68
N GLY F 291 44.02 -20.71 55.79
CA GLY F 291 42.93 -19.76 55.68
C GLY F 291 42.20 -19.57 56.98
N GLU F 292 41.65 -18.35 57.18
CA GLU F 292 40.81 -18.03 58.30
C GLU F 292 39.39 -18.01 57.84
N HIS F 293 39.18 -18.15 56.52
CA HIS F 293 37.89 -18.32 55.92
C HIS F 293 38.14 -19.36 54.86
N ILE F 294 37.06 -19.97 54.35
CA ILE F 294 37.09 -21.01 53.34
C ILE F 294 37.66 -20.43 52.05
N PRO F 295 38.67 -21.02 51.41
CA PRO F 295 39.37 -20.38 50.30
C PRO F 295 38.64 -20.57 49.00
N ILE F 296 37.58 -21.42 48.97
CA ILE F 296 36.91 -21.80 47.74
C ILE F 296 35.76 -20.84 47.55
N VAL F 297 35.78 -20.11 46.43
CA VAL F 297 34.74 -19.19 46.06
C VAL F 297 34.08 -19.71 44.80
N PRO F 298 32.84 -20.19 44.79
CA PRO F 298 32.16 -20.61 43.56
C PRO F 298 31.62 -19.40 42.85
N VAL F 299 31.52 -19.47 41.49
CA VAL F 299 30.86 -18.47 40.68
C VAL F 299 29.72 -19.19 40.01
N PHE F 300 28.61 -18.45 39.76
CA PHE F 300 27.37 -19.02 39.28
C PHE F 300 26.90 -18.20 38.12
N GLY F 301 26.63 -18.84 36.96
CA GLY F 301 26.19 -18.13 35.77
C GLY F 301 24.79 -17.60 35.88
N GLU F 302 23.82 -18.48 36.23
CA GLU F 302 22.46 -18.10 36.47
C GLU F 302 22.12 -18.77 37.76
N TRP F 303 21.77 -17.98 38.79
CA TRP F 303 21.73 -18.43 40.16
C TRP F 303 20.40 -18.07 40.74
N GLY F 304 19.97 -18.86 41.76
CA GLY F 304 18.79 -18.56 42.50
C GLY F 304 18.37 -19.78 43.25
N PHE F 305 17.20 -19.69 43.93
CA PHE F 305 16.62 -20.74 44.73
C PHE F 305 15.19 -20.81 44.32
N VAL F 306 14.48 -21.88 44.77
CA VAL F 306 13.07 -22.06 44.55
C VAL F 306 12.46 -22.69 45.78
N GLU F 307 13.28 -23.00 46.81
CA GLU F 307 12.77 -23.58 48.04
C GLU F 307 13.80 -23.44 49.13
N ASP F 308 14.89 -22.65 48.88
CA ASP F 308 16.12 -22.64 49.64
C ASP F 308 16.88 -23.92 49.39
N LYS F 309 17.04 -24.25 48.10
CA LYS F 309 17.95 -25.25 47.65
C LYS F 309 18.53 -24.68 46.39
N GLU F 310 19.87 -24.78 46.26
CA GLU F 310 20.64 -24.20 45.19
C GLU F 310 20.27 -24.79 43.86
N VAL F 311 19.90 -23.92 42.89
CA VAL F 311 19.55 -24.30 41.55
C VAL F 311 20.31 -23.36 40.67
N TYR F 312 20.88 -23.90 39.57
CA TYR F 312 21.76 -23.15 38.71
C TYR F 312 21.68 -23.79 37.35
N GLU F 313 22.05 -23.00 36.34
CA GLU F 313 21.99 -23.40 34.97
C GLU F 313 22.95 -22.51 34.24
N GLY F 314 23.39 -22.94 33.04
CA GLY F 314 24.18 -22.12 32.16
C GLY F 314 23.30 -21.78 31.01
N VAL F 315 23.91 -21.24 29.92
CA VAL F 315 23.22 -20.92 28.68
C VAL F 315 23.12 -22.16 27.83
N VAL F 316 23.94 -23.19 28.14
CA VAL F 316 24.03 -24.44 27.40
C VAL F 316 22.82 -25.30 27.64
N ARG F 317 22.23 -25.22 28.86
CA ARG F 317 21.09 -26.03 29.26
C ARG F 317 19.88 -25.69 28.43
N LEU F 318 19.76 -24.41 28.03
CA LEU F 318 18.64 -23.87 27.31
C LEU F 318 18.74 -24.26 25.86
N THR F 319 19.98 -24.52 25.36
CA THR F 319 20.24 -24.81 23.97
C THR F 319 19.94 -26.26 23.65
N LYS F 320 20.06 -27.18 24.65
CA LYS F 320 20.01 -28.62 24.47
C LYS F 320 18.76 -29.13 23.80
N ASP F 321 17.60 -28.54 24.15
CA ASP F 321 16.31 -28.96 23.68
C ASP F 321 16.19 -28.79 22.19
N GLY F 322 16.39 -27.55 21.67
CA GLY F 322 16.36 -27.27 20.26
C GLY F 322 17.51 -27.82 19.46
N GLN F 323 18.67 -28.11 20.11
CA GLN F 323 19.85 -28.62 19.45
C GLN F 323 19.66 -30.06 19.05
N ARG F 324 19.17 -30.89 20.00
CA ARG F 324 19.05 -32.31 19.78
C ARG F 324 17.82 -32.64 18.99
N LEU F 325 16.84 -31.72 18.90
CA LEU F 325 15.70 -31.86 18.02
C LEU F 325 16.09 -31.65 16.58
N ARG F 326 17.01 -30.70 16.29
CA ARG F 326 17.56 -30.53 14.94
C ARG F 326 18.32 -31.75 14.52
N ASN F 327 19.17 -32.30 15.42
CA ASN F 327 19.93 -33.52 15.24
C ASN F 327 19.05 -34.73 15.00
N MET F 328 17.88 -34.80 15.68
CA MET F 328 16.87 -35.84 15.58
C MET F 328 16.35 -35.95 14.17
N ILE F 329 15.75 -34.84 13.65
CA ILE F 329 15.10 -34.74 12.35
C ILE F 329 16.08 -35.07 11.24
N MET F 330 17.35 -34.60 11.41
CA MET F 330 18.43 -34.71 10.46
C MET F 330 18.70 -36.14 10.09
N SER F 331 18.81 -37.03 11.10
CA SER F 331 19.30 -38.37 10.91
C SER F 331 18.23 -39.32 10.47
N PHE F 332 16.94 -38.91 10.56
CA PHE F 332 15.84 -39.65 10.02
C PHE F 332 15.85 -39.54 8.52
N ASN F 333 16.13 -38.32 8.00
CA ASN F 333 16.29 -38.05 6.58
C ASN F 333 17.55 -38.65 6.02
N ALA F 334 18.54 -39.00 6.88
CA ALA F 334 19.72 -39.75 6.47
C ALA F 334 19.34 -41.13 5.98
N ASP F 335 18.41 -41.79 6.73
CA ASP F 335 17.93 -43.13 6.44
C ASP F 335 17.09 -43.16 5.20
N ILE F 336 16.33 -42.06 4.92
CA ILE F 336 15.52 -41.91 3.72
C ILE F 336 16.37 -41.82 2.48
N VAL F 337 17.48 -41.04 2.51
CA VAL F 337 18.45 -40.96 1.43
C VAL F 337 19.16 -42.28 1.23
N ALA F 338 19.36 -43.03 2.32
CA ALA F 338 20.19 -44.20 2.33
C ALA F 338 19.50 -45.44 1.84
N ARG F 339 18.55 -45.94 2.65
CA ARG F 339 18.06 -47.30 2.62
C ARG F 339 16.87 -47.53 1.73
N THR F 340 16.22 -46.48 1.19
CA THR F 340 14.99 -46.64 0.42
C THR F 340 15.30 -47.07 -1.01
N PRO F 341 14.34 -47.62 -1.75
CA PRO F 341 14.44 -47.82 -3.19
C PRO F 341 14.41 -46.45 -3.87
N LYS F 342 14.98 -46.30 -5.08
CA LYS F 342 15.10 -45.02 -5.74
C LYS F 342 14.39 -45.10 -7.06
N LYS F 343 14.41 -43.97 -7.82
CA LYS F 343 13.66 -43.78 -9.03
C LYS F 343 14.09 -44.72 -10.11
N LYS F 344 13.13 -45.54 -10.59
CA LYS F 344 13.31 -46.54 -11.60
C LYS F 344 11.98 -46.59 -12.29
N PRO F 345 11.87 -46.89 -13.58
CA PRO F 345 10.60 -47.09 -14.23
C PRO F 345 9.95 -48.38 -13.84
N PHE F 346 8.60 -48.39 -13.66
CA PHE F 346 7.82 -49.57 -13.42
C PHE F 346 7.61 -50.24 -14.75
N PHE F 347 7.97 -51.54 -14.82
CA PHE F 347 7.79 -52.37 -15.98
C PHE F 347 7.42 -53.73 -15.44
N TRP F 348 7.17 -54.67 -16.37
CA TRP F 348 6.97 -56.07 -16.09
C TRP F 348 8.02 -56.76 -16.92
N PRO F 349 8.36 -58.04 -16.70
CA PRO F 349 9.29 -58.78 -17.54
C PRO F 349 8.73 -58.96 -18.93
N GLU F 350 7.38 -58.99 -19.05
CA GLU F 350 6.64 -59.19 -20.26
C GLU F 350 6.79 -58.07 -21.25
N GLN F 351 6.80 -56.79 -20.78
CA GLN F 351 6.83 -55.65 -21.67
C GLN F 351 8.22 -55.13 -21.90
N ILE F 352 9.25 -55.77 -21.30
CA ILE F 352 10.62 -55.33 -21.44
C ILE F 352 11.45 -56.44 -22.03
N ALA F 353 10.81 -57.58 -22.41
CA ALA F 353 11.51 -58.76 -22.88
C ALA F 353 12.25 -58.52 -24.17
N GLY F 354 13.55 -58.90 -24.20
CA GLY F 354 14.38 -58.78 -25.38
C GLY F 354 14.85 -57.38 -25.66
N PHE F 355 14.60 -56.41 -24.74
CA PHE F 355 15.02 -55.05 -24.90
C PHE F 355 15.46 -54.53 -23.56
N GLU F 356 15.50 -55.40 -22.52
CA GLU F 356 15.95 -55.07 -21.20
C GLU F 356 17.45 -54.85 -21.13
N HIS F 357 18.19 -55.37 -22.14
CA HIS F 357 19.59 -55.13 -22.34
C HIS F 357 19.92 -53.71 -22.74
N MET F 358 18.93 -52.96 -23.30
CA MET F 358 19.11 -51.58 -23.70
C MET F 358 19.11 -50.64 -22.51
N TYR F 359 18.54 -51.10 -21.37
CA TYR F 359 18.57 -50.39 -20.12
C TYR F 359 19.77 -50.92 -19.39
N ASP F 360 20.76 -50.03 -19.15
CA ASP F 360 21.74 -50.24 -18.12
C ASP F 360 22.49 -48.94 -17.85
N GLY F 361 22.14 -47.86 -18.58
CA GLY F 361 22.85 -46.60 -18.50
C GLY F 361 23.82 -46.36 -19.62
N ASN F 362 23.89 -47.27 -20.62
CA ASN F 362 24.75 -47.09 -21.78
C ASN F 362 24.30 -45.91 -22.60
N ASP F 363 25.27 -45.21 -23.21
CA ASP F 363 25.07 -43.99 -23.96
C ASP F 363 25.22 -44.29 -25.42
N ASP F 364 24.99 -45.56 -25.81
CA ASP F 364 25.18 -46.06 -27.16
C ASP F 364 23.82 -46.24 -27.80
N TYR F 365 22.75 -45.78 -27.10
CA TYR F 365 21.38 -45.91 -27.54
C TYR F 365 20.83 -44.52 -27.69
N PRO F 366 20.15 -44.17 -28.78
CA PRO F 366 19.41 -42.93 -28.89
C PRO F 366 18.00 -43.11 -28.36
N TYR F 367 17.52 -44.37 -28.20
CA TYR F 367 16.15 -44.63 -27.81
C TYR F 367 16.12 -45.99 -27.18
N TYR F 368 15.05 -46.28 -26.41
CA TYR F 368 14.81 -47.55 -25.78
C TYR F 368 13.54 -48.08 -26.37
N LEU F 369 13.28 -49.40 -26.19
CA LEU F 369 12.17 -50.08 -26.82
C LEU F 369 11.47 -50.90 -25.78
N LEU F 370 10.20 -51.28 -26.09
CA LEU F 370 9.35 -52.08 -25.25
C LEU F 370 8.58 -52.97 -26.19
N ASN F 371 8.10 -54.14 -25.69
CA ASN F 371 7.23 -55.04 -26.43
C ASN F 371 5.89 -54.43 -26.68
N ARG F 372 5.29 -54.75 -27.84
CA ARG F 372 3.99 -54.28 -28.25
C ARG F 372 3.05 -55.45 -28.31
N THR F 373 3.60 -56.69 -28.38
CA THR F 373 2.82 -57.90 -28.48
C THR F 373 3.54 -58.99 -27.73
N ASP F 374 2.76 -60.03 -27.36
CA ASP F 374 3.20 -61.21 -26.64
C ASP F 374 2.21 -62.27 -27.04
N GLU F 375 2.51 -63.55 -26.71
CA GLU F 375 1.65 -64.69 -26.94
C GLU F 375 0.39 -64.58 -26.13
N ASN F 376 -0.71 -65.22 -26.61
CA ASN F 376 -2.07 -64.99 -26.18
C ASN F 376 -2.43 -63.58 -26.57
N SER F 377 -3.12 -62.81 -25.69
CA SER F 377 -3.36 -61.40 -25.90
C SER F 377 -2.05 -60.64 -25.96
N GLY F 378 -2.00 -59.56 -26.77
CA GLY F 378 -0.82 -58.75 -26.92
C GLY F 378 -0.45 -58.03 -25.66
N ASP F 379 0.73 -57.36 -25.66
CA ASP F 379 1.24 -56.61 -24.54
C ASP F 379 0.33 -55.45 -24.24
N LEU F 380 0.10 -55.18 -22.94
CA LEU F 380 -0.83 -54.18 -22.48
C LEU F 380 -0.15 -52.84 -22.55
N PRO F 381 -0.84 -51.73 -22.82
CA PRO F 381 -0.22 -50.43 -22.99
C PRO F 381 0.12 -49.82 -21.65
N THR F 382 -0.35 -50.43 -20.52
CA THR F 382 -0.24 -49.93 -19.17
C THR F 382 1.21 -49.88 -18.77
N GLN F 383 1.61 -48.82 -18.01
CA GLN F 383 2.96 -48.49 -17.63
C GLN F 383 3.86 -48.23 -18.84
N PRO F 384 3.55 -47.35 -19.80
CA PRO F 384 4.44 -47.09 -20.93
C PRO F 384 5.54 -46.13 -20.57
N LEU F 385 5.45 -45.43 -19.42
CA LEU F 385 6.44 -44.47 -19.01
C LEU F 385 6.37 -44.31 -17.52
N ALA F 386 5.74 -45.27 -16.79
CA ALA F 386 5.47 -45.14 -15.36
C ALA F 386 6.76 -45.07 -14.59
N TYR F 387 6.79 -44.27 -13.48
CA TYR F 387 7.96 -44.10 -12.67
C TYR F 387 7.55 -44.16 -11.23
N TYR F 388 8.58 -44.38 -10.38
CA TYR F 388 8.53 -44.37 -8.94
C TYR F 388 8.09 -43.02 -8.43
N GLU F 389 7.33 -43.00 -7.32
CA GLU F 389 7.04 -41.78 -6.60
C GLU F 389 8.11 -41.75 -5.54
N ASN F 390 8.99 -40.74 -5.64
CA ASN F 390 10.20 -40.63 -4.84
C ASN F 390 9.81 -40.17 -3.46
N PRO F 391 10.63 -40.34 -2.42
CA PRO F 391 10.36 -39.86 -1.07
C PRO F 391 9.99 -38.40 -1.03
N GLU F 392 8.77 -38.13 -0.53
CA GLU F 392 8.15 -36.83 -0.49
C GLU F 392 8.81 -35.93 0.52
N VAL F 393 9.16 -36.52 1.69
CA VAL F 393 9.70 -35.87 2.87
C VAL F 393 8.55 -35.24 3.60
N PRO F 394 8.16 -35.64 4.83
CA PRO F 394 7.13 -35.00 5.62
C PRO F 394 7.26 -33.51 5.73
N GLN F 395 6.12 -32.78 5.67
CA GLN F 395 6.08 -31.36 5.96
C GLN F 395 6.14 -31.13 7.44
N ALA F 396 5.94 -32.23 8.24
CA ALA F 396 6.12 -32.25 9.66
C ALA F 396 7.57 -32.10 10.02
N ASN F 397 8.48 -32.76 9.26
CA ASN F 397 9.92 -32.66 9.45
C ASN F 397 10.42 -31.27 9.21
N ALA F 398 9.84 -30.57 8.20
CA ALA F 398 10.18 -29.22 7.84
C ALA F 398 9.70 -28.22 8.84
N TYR F 399 8.47 -28.42 9.38
CA TYR F 399 7.85 -27.53 10.33
C TYR F 399 8.50 -27.66 11.69
N MET F 400 8.86 -28.91 12.08
CA MET F 400 9.51 -29.20 13.34
C MET F 400 10.93 -28.67 13.37
N LEU F 401 11.60 -28.58 12.19
CA LEU F 401 12.92 -28.04 12.06
C LEU F 401 12.92 -26.55 12.28
N GLU F 402 11.87 -25.85 11.77
CA GLU F 402 11.68 -24.42 11.95
C GLU F 402 11.48 -24.06 13.40
N ALA F 403 10.75 -24.91 14.16
CA ALA F 403 10.50 -24.71 15.57
C ALA F 403 11.74 -24.96 16.38
N ALA F 404 12.52 -26.02 16.03
CA ALA F 404 13.74 -26.40 16.69
C ALA F 404 14.84 -25.37 16.59
N THR F 405 14.96 -24.69 15.42
CA THR F 405 15.92 -23.62 15.20
C THR F 405 15.53 -22.34 15.90
N SER F 406 14.22 -22.12 16.17
CA SER F 406 13.72 -20.95 16.85
C SER F 406 14.04 -21.02 18.31
N ALA F 407 14.03 -22.25 18.89
CA ALA F 407 14.35 -22.50 20.28
C ALA F 407 15.82 -22.25 20.56
N VAL F 408 16.69 -22.46 19.55
CA VAL F 408 18.11 -22.21 19.62
C VAL F 408 18.39 -20.73 19.45
N LYS F 409 17.64 -20.05 18.54
CA LYS F 409 17.85 -18.66 18.20
C LYS F 409 17.67 -17.70 19.36
N GLU F 410 16.66 -17.96 20.23
CA GLU F 410 16.36 -17.13 21.38
C GLU F 410 17.44 -17.21 22.44
N VAL F 411 17.98 -18.42 22.67
CA VAL F 411 18.84 -18.70 23.79
C VAL F 411 20.29 -18.46 23.46
N ALA F 412 20.60 -18.18 22.17
CA ALA F 412 21.94 -17.85 21.72
C ALA F 412 22.32 -16.46 22.18
N THR F 413 21.30 -15.63 22.52
CA THR F 413 21.46 -14.31 23.07
C THR F 413 20.98 -14.37 24.49
N LEU F 414 21.48 -13.44 25.33
CA LEU F 414 21.13 -13.32 26.72
C LEU F 414 20.51 -11.95 26.90
N GLY F 415 20.22 -11.25 25.76
CA GLY F 415 19.84 -9.87 25.74
C GLY F 415 21.10 -9.06 25.70
N VAL F 416 20.97 -7.71 25.60
CA VAL F 416 22.12 -6.85 25.51
C VAL F 416 21.73 -5.56 26.16
N ASP F 417 22.70 -4.95 26.87
CA ASP F 417 22.57 -3.66 27.52
C ASP F 417 23.55 -2.80 26.79
N THR F 418 24.85 -2.90 27.19
CA THR F 418 25.96 -2.29 26.51
C THR F 418 26.48 -3.36 25.58
N GLU F 419 26.79 -2.98 24.32
CA GLU F 419 27.24 -3.87 23.27
C GLU F 419 28.53 -4.54 23.63
N ALA F 420 28.68 -5.81 23.18
CA ALA F 420 29.78 -6.69 23.53
C ALA F 420 29.72 -6.99 25.00
N VAL F 421 30.83 -6.76 25.75
CA VAL F 421 30.94 -7.02 27.16
C VAL F 421 29.95 -6.19 27.95
N ASN F 422 29.44 -6.78 29.06
CA ASN F 422 28.48 -6.19 29.96
C ASN F 422 27.16 -5.90 29.27
N GLY F 423 26.67 -6.91 28.51
CA GLY F 423 25.37 -6.89 27.88
C GLY F 423 24.40 -7.56 28.79
N GLY F 424 23.91 -8.76 28.37
CA GLY F 424 23.09 -9.61 29.20
C GLY F 424 23.95 -10.50 30.05
N GLN F 425 25.29 -10.38 29.89
CA GLN F 425 26.29 -11.14 30.60
C GLN F 425 26.75 -10.46 31.87
N VAL F 426 26.13 -9.32 32.28
CA VAL F 426 26.39 -8.63 33.54
C VAL F 426 26.17 -9.55 34.71
N ALA F 427 25.20 -10.48 34.61
CA ALA F 427 24.94 -11.52 35.59
C ALA F 427 26.13 -12.40 35.87
N PHE F 428 27.00 -12.63 34.85
CA PHE F 428 28.25 -13.35 35.02
C PHE F 428 29.30 -12.48 35.64
N ASP F 429 29.41 -11.21 35.20
CA ASP F 429 30.48 -10.30 35.57
C ASP F 429 30.39 -9.81 36.99
N THR F 430 29.17 -9.53 37.48
CA THR F 430 28.90 -8.99 38.80
C THR F 430 29.32 -9.99 39.85
N VAL F 431 28.84 -11.24 39.75
CA VAL F 431 29.11 -12.27 40.71
C VAL F 431 30.55 -12.75 40.67
N ASN F 432 31.28 -12.49 39.56
CA ASN F 432 32.66 -12.87 39.41
C ASN F 432 33.54 -11.99 40.26
N GLN F 433 33.27 -10.66 40.27
CA GLN F 433 34.02 -9.70 41.05
C GLN F 433 33.64 -9.71 42.51
N LEU F 434 32.38 -10.10 42.86
CA LEU F 434 31.95 -10.27 44.24
C LEU F 434 32.69 -11.38 44.92
N ASN F 435 32.85 -12.52 44.21
CA ASN F 435 33.60 -13.66 44.66
C ASN F 435 35.08 -13.40 44.67
N MET F 436 35.58 -12.50 43.78
CA MET F 436 36.97 -12.08 43.79
C MET F 436 37.30 -11.27 45.02
N ARG F 437 36.37 -10.41 45.49
CA ARG F 437 36.50 -9.63 46.71
C ARG F 437 36.55 -10.52 47.91
N ALA F 438 35.70 -11.58 47.94
CA ALA F 438 35.65 -12.56 48.99
C ALA F 438 36.92 -13.37 49.06
N ASP F 439 37.50 -13.71 47.88
CA ASP F 439 38.75 -14.42 47.75
C ASP F 439 39.93 -13.60 48.24
N LEU F 440 39.86 -12.26 48.10
CA LEU F 440 40.90 -11.35 48.56
C LEU F 440 40.79 -11.07 50.03
N GLU F 441 39.62 -11.29 50.66
CA GLU F 441 39.48 -11.17 52.10
C GLU F 441 40.11 -12.35 52.79
N THR F 442 39.98 -13.57 52.19
CA THR F 442 40.65 -14.75 52.67
C THR F 442 42.05 -14.87 52.09
N TYR F 443 42.51 -13.92 51.24
CA TYR F 443 43.85 -13.90 50.72
C TYR F 443 44.77 -13.45 51.83
N VAL F 444 44.52 -12.22 52.36
CA VAL F 444 45.34 -11.58 53.36
C VAL F 444 45.43 -12.39 54.63
N PHE F 445 44.27 -12.81 55.16
CA PHE F 445 44.13 -13.57 56.38
C PHE F 445 44.79 -14.93 56.33
N GLN F 446 44.85 -15.55 55.14
CA GLN F 446 45.57 -16.79 54.89
C GLN F 446 47.05 -16.52 54.87
N ASP F 447 47.47 -15.60 53.97
CA ASP F 447 48.84 -15.21 53.70
C ASP F 447 49.65 -14.86 54.92
N ASN F 448 49.09 -14.11 55.91
CA ASN F 448 49.90 -13.69 57.05
C ASN F 448 50.35 -14.84 57.92
N LEU F 449 49.56 -15.94 57.98
CA LEU F 449 49.94 -17.17 58.64
C LEU F 449 50.80 -18.06 57.78
N ALA F 450 50.44 -18.21 56.49
CA ALA F 450 51.04 -19.11 55.53
C ALA F 450 52.42 -18.71 55.09
N THR F 451 52.56 -17.44 54.66
CA THR F 451 53.76 -16.85 54.11
C THR F 451 54.61 -16.38 55.26
N ALA F 452 54.00 -16.22 56.47
CA ALA F 452 54.62 -15.71 57.67
C ALA F 452 55.11 -14.29 57.52
N MET F 453 55.65 -13.74 58.64
CA MET F 453 56.03 -12.36 58.83
C MET F 453 54.92 -11.40 58.41
N ARG F 454 55.31 -10.23 57.86
CA ARG F 454 54.44 -9.20 57.33
C ARG F 454 53.73 -8.45 58.43
N ARG F 455 53.57 -7.12 58.21
CA ARG F 455 52.91 -6.25 59.13
C ARG F 455 52.11 -5.30 58.28
N ASP F 456 51.11 -4.63 58.90
CA ASP F 456 50.34 -3.58 58.28
C ASP F 456 50.65 -2.39 59.13
N GLY F 457 51.12 -1.30 58.49
CA GLY F 457 51.59 -0.10 59.12
C GLY F 457 50.51 0.68 59.81
N GLU F 458 50.94 1.77 60.49
CA GLU F 458 50.06 2.70 61.15
C GLU F 458 50.41 4.09 60.69
N ILE F 459 51.41 4.21 59.79
CA ILE F 459 52.01 5.45 59.31
C ILE F 459 52.54 6.23 60.49
N TYR F 460 53.54 5.63 61.18
CA TYR F 460 54.26 6.18 62.30
C TYR F 460 53.54 5.82 63.56
N GLN F 461 54.31 5.36 64.57
CA GLN F 461 53.81 5.02 65.87
C GLN F 461 54.99 5.02 66.81
N SER F 462 56.21 5.35 66.30
CA SER F 462 57.46 5.21 67.02
C SER F 462 57.52 6.13 68.22
N ILE F 463 57.09 7.39 68.02
CA ILE F 463 57.15 8.46 69.00
C ILE F 463 55.82 9.13 68.85
N VAL F 464 55.21 9.54 69.99
CA VAL F 464 53.85 10.01 70.16
C VAL F 464 52.94 8.81 70.20
N ASN F 465 52.45 8.47 71.40
CA ASN F 465 51.68 7.27 71.63
C ASN F 465 50.70 7.56 72.72
N ASP F 466 49.43 7.18 72.46
CA ASP F 466 48.46 6.79 73.46
C ASP F 466 47.46 6.00 72.65
N ILE F 467 46.54 5.31 73.35
CA ILE F 467 45.48 4.53 72.75
C ILE F 467 44.21 4.96 73.43
N TYR F 468 44.23 6.18 74.02
CA TYR F 468 43.13 6.74 74.76
C TYR F 468 43.23 8.23 74.64
N ASP F 469 42.22 8.96 75.18
CA ASP F 469 42.12 10.39 75.08
C ASP F 469 41.55 10.91 76.38
N VAL F 470 41.84 10.21 77.50
CA VAL F 470 41.48 10.59 78.85
C VAL F 470 42.09 11.93 79.23
N PRO F 471 43.37 12.29 79.00
CA PRO F 471 43.81 13.67 79.14
C PRO F 471 43.25 14.46 77.98
N ARG F 472 42.79 15.70 78.27
CA ARG F 472 41.76 16.46 77.58
C ARG F 472 41.66 16.25 76.08
N ASN F 473 40.42 15.98 75.61
CA ASN F 473 40.15 15.13 74.48
C ASN F 473 40.73 15.62 73.18
N VAL F 474 41.38 14.67 72.46
CA VAL F 474 41.85 14.74 71.08
C VAL F 474 42.60 16.00 70.72
N THR F 475 43.64 16.32 71.54
CA THR F 475 44.52 17.44 71.35
C THR F 475 45.30 17.25 70.06
N ILE F 476 45.59 18.36 69.34
CA ILE F 476 45.97 18.33 67.95
C ILE F 476 47.39 17.81 67.82
N THR F 477 47.52 16.69 67.07
CA THR F 477 48.74 15.99 66.71
C THR F 477 49.56 15.56 67.89
N LEU F 478 48.87 15.03 68.92
CA LEU F 478 49.51 14.52 70.10
C LEU F 478 48.49 13.63 70.73
N GLU F 479 48.97 12.64 71.54
CA GLU F 479 48.18 11.77 72.38
C GLU F 479 47.34 10.80 71.59
N ASP F 480 47.86 10.32 70.44
CA ASP F 480 47.39 9.10 69.85
C ASP F 480 48.50 8.64 68.95
N GLY F 481 48.69 7.29 68.85
CA GLY F 481 49.83 6.69 68.20
C GLY F 481 49.36 5.88 67.03
N SER F 482 48.06 5.47 67.05
CA SER F 482 47.43 4.67 66.03
C SER F 482 47.33 5.40 64.72
N GLU F 483 46.96 6.70 64.77
CA GLU F 483 47.20 7.65 63.73
C GLU F 483 46.66 8.94 64.25
N LYS F 484 47.59 9.87 64.56
CA LYS F 484 47.31 11.28 64.63
C LYS F 484 48.64 11.97 64.46
N ASP F 485 49.67 11.21 64.03
CA ASP F 485 51.04 11.64 64.04
C ASP F 485 51.72 11.00 62.87
N VAL F 486 52.50 11.80 62.12
CA VAL F 486 53.29 11.36 61.00
C VAL F 486 54.50 12.23 61.08
N GLN F 487 55.69 11.61 61.07
CA GLN F 487 56.99 12.22 60.90
C GLN F 487 57.44 12.87 62.17
N LEU F 488 58.52 12.34 62.77
CA LEU F 488 59.22 13.03 63.83
C LEU F 488 60.67 12.61 63.73
N MET F 489 61.07 12.16 62.52
CA MET F 489 62.42 11.79 62.15
C MET F 489 62.86 10.51 62.83
N ALA F 490 61.99 9.47 62.73
CA ALA F 490 62.39 8.10 62.91
C ALA F 490 61.47 7.26 62.07
N GLU F 491 60.92 7.87 60.97
CA GLU F 491 59.79 7.38 60.21
C GLU F 491 60.02 6.05 59.57
N VAL F 492 59.14 5.07 59.93
CA VAL F 492 58.98 3.82 59.23
C VAL F 492 57.49 3.75 59.08
N VAL F 493 56.99 3.69 57.82
CA VAL F 493 55.58 3.61 57.54
C VAL F 493 55.14 2.18 57.75
N ASP F 494 55.86 1.22 57.12
CA ASP F 494 55.56 -0.18 57.28
C ASP F 494 56.83 -0.94 57.02
N LEU F 495 57.07 -1.99 57.84
CA LEU F 495 58.12 -2.94 57.65
C LEU F 495 57.63 -4.16 58.37
N ALA F 496 57.94 -5.36 57.82
CA ALA F 496 57.53 -6.65 58.34
C ALA F 496 58.06 -6.91 59.72
N THR F 497 57.26 -7.64 60.55
CA THR F 497 57.64 -8.08 61.87
C THR F 497 58.14 -9.50 61.69
N GLY F 498 59.44 -9.70 61.98
CA GLY F 498 60.09 -10.99 61.89
C GLY F 498 60.52 -11.45 63.25
N GLU F 499 60.59 -10.51 64.22
CA GLU F 499 61.06 -10.69 65.58
C GLU F 499 62.37 -11.44 65.70
N LYS F 500 62.59 -12.11 66.85
CA LYS F 500 63.72 -12.97 67.14
C LYS F 500 63.69 -14.21 66.28
N GLN F 501 62.48 -14.76 66.05
CA GLN F 501 62.30 -15.96 65.28
C GLN F 501 61.05 -15.73 64.48
N VAL F 502 61.06 -16.17 63.20
CA VAL F 502 59.97 -15.99 62.26
C VAL F 502 58.87 -16.99 62.55
N LEU F 503 57.72 -16.81 61.87
CA LEU F 503 56.49 -17.58 61.97
C LEU F 503 55.58 -16.87 62.93
N ASN F 504 55.54 -15.52 62.83
CA ASN F 504 54.71 -14.65 63.61
C ASN F 504 54.13 -13.68 62.65
N ASP F 505 53.11 -12.90 63.08
CA ASP F 505 52.47 -11.95 62.21
C ASP F 505 51.76 -10.94 63.06
N ILE F 506 51.22 -9.89 62.40
CA ILE F 506 50.33 -8.94 63.01
C ILE F 506 48.97 -9.59 63.08
N ARG F 507 48.18 -9.28 64.13
CA ARG F 507 46.90 -9.90 64.39
C ARG F 507 45.83 -8.97 63.89
N GLY F 508 46.19 -7.66 63.73
CA GLY F 508 45.43 -6.69 62.99
C GLY F 508 45.90 -6.80 61.58
N ARG F 509 45.28 -7.71 60.81
CA ARG F 509 45.68 -8.07 59.46
C ARG F 509 44.91 -7.24 58.47
N TYR F 510 44.22 -6.18 58.96
CA TYR F 510 43.28 -5.40 58.23
C TYR F 510 43.67 -3.97 58.48
N GLU F 511 43.92 -3.23 57.37
CA GLU F 511 43.96 -1.78 57.33
C GLU F 511 43.51 -1.41 55.93
N CYS F 512 42.90 -2.38 55.21
CA CYS F 512 42.78 -2.32 53.78
C CYS F 512 41.49 -2.98 53.43
N TYR F 513 40.85 -2.49 52.34
CA TYR F 513 39.62 -3.01 51.81
C TYR F 513 39.94 -3.51 50.43
N THR F 514 39.28 -4.63 50.04
CA THR F 514 39.50 -5.35 48.81
C THR F 514 38.88 -4.58 47.66
N ASP F 515 39.45 -4.72 46.45
CA ASP F 515 38.87 -4.08 45.29
C ASP F 515 39.35 -4.84 44.09
N VAL F 516 38.62 -4.69 42.96
CA VAL F 516 38.84 -5.45 41.75
C VAL F 516 39.09 -4.45 40.66
N GLY F 517 40.15 -4.67 39.85
CA GLY F 517 40.50 -3.80 38.77
C GLY F 517 41.19 -4.60 37.70
N PRO F 518 41.77 -3.91 36.70
CA PRO F 518 42.49 -4.52 35.58
C PRO F 518 43.67 -5.36 36.00
N SER F 519 44.18 -6.23 35.08
CA SER F 519 45.27 -7.13 35.34
C SER F 519 46.55 -6.38 35.58
N PHE F 520 47.14 -6.59 36.76
CA PHE F 520 48.41 -6.02 37.13
C PHE F 520 49.16 -7.16 37.76
N GLN F 521 50.38 -7.44 37.25
CA GLN F 521 51.20 -8.52 37.72
C GLN F 521 52.50 -7.95 38.19
N SER F 522 52.53 -6.61 38.39
CA SER F 522 53.64 -5.93 38.98
C SER F 522 53.14 -4.59 39.41
N MET F 523 53.93 -3.90 40.29
CA MET F 523 53.78 -2.51 40.64
C MET F 523 53.86 -1.66 39.41
N LYS F 524 54.85 -1.97 38.54
CA LYS F 524 55.20 -1.30 37.33
C LYS F 524 54.07 -1.30 36.33
N GLN F 525 53.33 -2.44 36.21
CA GLN F 525 52.18 -2.59 35.36
C GLN F 525 51.05 -1.68 35.74
N GLN F 526 50.83 -1.50 37.07
CA GLN F 526 49.83 -0.59 37.61
C GLN F 526 50.24 0.84 37.41
N ASN F 527 51.56 1.15 37.44
CA ASN F 527 52.07 2.49 37.31
C ASN F 527 51.96 2.97 35.88
N ARG F 528 51.93 2.04 34.91
CA ARG F 528 51.84 2.34 33.49
C ARG F 528 50.43 2.71 33.14
N ALA F 529 49.45 1.95 33.69
CA ALA F 529 48.05 2.14 33.40
C ALA F 529 47.47 3.33 34.13
N GLU F 530 48.06 3.67 35.30
CA GLU F 530 47.72 4.84 36.10
C GLU F 530 47.96 6.13 35.36
N ILE F 531 49.01 6.17 34.52
CA ILE F 531 49.34 7.31 33.68
C ILE F 531 48.34 7.43 32.58
N LEU F 532 48.04 6.30 31.88
CA LEU F 532 47.14 6.27 30.75
C LEU F 532 45.72 6.61 31.13
N GLU F 533 45.30 6.19 32.35
CA GLU F 533 44.01 6.47 32.93
C GLU F 533 43.80 7.95 33.16
N LEU F 534 44.85 8.67 33.63
CA LEU F 534 44.76 10.08 33.95
C LEU F 534 44.86 10.92 32.71
N LEU F 535 45.45 10.39 31.61
CA LEU F 535 45.51 11.05 30.33
C LEU F 535 44.14 11.02 29.70
N GLY F 536 43.83 12.07 28.89
CA GLY F 536 42.56 12.18 28.21
C GLY F 536 41.55 12.89 29.07
N LYS F 537 41.99 13.51 30.19
CA LYS F 537 41.16 14.39 30.97
C LYS F 537 42.04 15.36 31.70
N THR F 538 43.34 15.42 31.34
CA THR F 538 44.31 16.32 31.94
C THR F 538 44.80 17.24 30.84
N PRO F 539 45.01 18.54 31.08
CA PRO F 539 45.59 19.48 30.14
C PRO F 539 46.95 19.09 29.62
N GLN F 540 47.40 19.75 28.52
CA GLN F 540 48.66 19.47 27.89
C GLN F 540 49.71 20.43 28.40
N GLY F 541 49.37 21.22 29.44
CA GLY F 541 50.26 22.17 30.08
C GLY F 541 50.99 21.45 31.19
N THR F 542 51.05 22.09 32.38
CA THR F 542 51.74 21.59 33.55
C THR F 542 51.32 20.19 34.00
N PRO F 543 50.04 19.75 34.03
CA PRO F 543 49.68 18.38 34.39
C PRO F 543 50.24 17.30 33.51
N GLU F 544 50.59 17.62 32.23
CA GLU F 544 51.15 16.70 31.28
C GLU F 544 52.62 16.49 31.51
N TYR F 545 53.28 17.38 32.28
CA TYR F 545 54.72 17.37 32.49
C TYR F 545 55.13 16.15 33.28
N GLN F 546 54.33 15.81 34.31
CA GLN F 546 54.63 14.72 35.21
C GLN F 546 54.33 13.41 34.55
N LEU F 547 53.17 13.33 33.82
CA LEU F 547 52.69 12.13 33.18
C LEU F 547 53.52 11.72 31.99
N LEU F 548 54.21 12.68 31.33
CA LEU F 548 55.02 12.44 30.16
C LEU F 548 56.31 11.76 30.51
N LEU F 549 57.00 12.30 31.54
CA LEU F 549 58.31 11.84 31.94
C LEU F 549 58.21 10.57 32.74
N LEU F 550 57.12 10.41 33.53
CA LEU F 550 56.88 9.23 34.35
C LEU F 550 56.60 8.02 33.49
N GLN F 551 56.11 8.22 32.24
CA GLN F 551 55.83 7.14 31.31
C GLN F 551 57.08 6.38 30.91
N TYR F 552 58.21 7.10 30.69
CA TYR F 552 59.48 6.51 30.35
C TYR F 552 60.08 5.70 31.48
N PHE F 553 59.84 6.15 32.74
CA PHE F 553 60.30 5.51 33.96
C PHE F 553 59.62 4.19 34.19
N THR F 554 58.30 4.11 33.93
CA THR F 554 57.49 2.94 34.24
C THR F 554 57.64 1.87 33.21
N LEU F 555 57.82 2.27 31.92
CA LEU F 555 57.97 1.37 30.79
C LEU F 555 59.25 0.59 30.86
N LEU F 556 59.23 -0.59 30.18
CA LEU F 556 60.35 -1.47 29.92
C LEU F 556 61.40 -0.70 29.17
N ASP F 557 62.69 -0.93 29.51
CA ASP F 557 63.78 -0.17 28.97
C ASP F 557 64.64 -1.09 28.17
N GLY F 558 65.04 -0.58 26.98
CA GLY F 558 66.04 -1.16 26.12
C GLY F 558 66.96 0.00 25.86
N LYS F 559 67.51 0.09 24.63
CA LYS F 559 68.33 1.21 24.22
C LYS F 559 67.53 2.49 24.06
N GLY F 560 66.28 2.38 23.52
CA GLY F 560 65.49 3.54 23.19
C GLY F 560 64.87 4.24 24.36
N VAL F 561 64.24 3.47 25.28
CA VAL F 561 63.49 4.04 26.38
C VAL F 561 64.42 4.51 27.48
N GLU F 562 65.64 3.90 27.60
CA GLU F 562 66.60 4.19 28.65
C GLU F 562 67.13 5.60 28.59
N MET F 563 67.31 6.16 27.37
CA MET F 563 67.82 7.50 27.17
C MET F 563 66.83 8.51 27.69
N MET F 564 65.52 8.20 27.54
CA MET F 564 64.42 9.02 27.93
C MET F 564 64.17 8.94 29.42
N ARG F 565 64.46 7.78 30.04
CA ARG F 565 64.36 7.52 31.46
C ARG F 565 65.37 8.31 32.25
N ASP F 566 66.60 8.47 31.68
CA ASP F 566 67.67 9.26 32.23
C ASP F 566 67.29 10.70 32.30
N TYR F 567 66.53 11.18 31.28
CA TYR F 567 66.00 12.52 31.20
C TYR F 567 64.80 12.67 32.12
N ALA F 568 64.09 11.57 32.43
CA ALA F 568 62.91 11.60 33.26
C ALA F 568 63.27 11.80 34.70
N ASN F 569 64.24 11.03 35.23
CA ASN F 569 64.66 11.10 36.62
C ASN F 569 65.47 12.35 36.88
N LYS F 570 66.08 12.94 35.82
CA LYS F 570 66.88 14.12 35.92
C LYS F 570 66.00 15.33 36.11
N GLN F 571 64.91 15.45 35.32
CA GLN F 571 64.04 16.60 35.39
C GLN F 571 63.10 16.54 36.56
N LEU F 572 62.49 15.37 36.84
CA LEU F 572 61.45 15.24 37.84
C LEU F 572 61.96 15.36 39.26
N ILE F 573 63.00 14.59 39.63
CA ILE F 573 63.43 14.45 41.00
C ILE F 573 64.14 15.70 41.45
N GLN F 574 64.92 16.33 40.54
CA GLN F 574 65.68 17.52 40.83
C GLN F 574 64.81 18.75 40.93
N MET F 575 63.62 18.76 40.29
CA MET F 575 62.65 19.83 40.47
C MET F 575 61.83 19.62 41.72
N GLY F 576 61.92 18.42 42.33
CA GLY F 576 61.26 18.09 43.57
C GLY F 576 59.81 17.75 43.41
N VAL F 577 59.29 17.66 42.15
CA VAL F 577 57.92 17.33 41.89
C VAL F 577 57.64 15.87 42.20
N LYS F 578 58.56 14.96 41.78
CA LYS F 578 58.49 13.55 42.08
C LYS F 578 58.89 13.30 43.50
N LYS F 579 59.95 14.03 43.95
CA LYS F 579 60.63 13.87 45.24
C LYS F 579 61.52 12.64 45.20
N PRO F 580 62.63 12.55 45.95
CA PRO F 580 63.58 11.46 45.87
C PRO F 580 62.99 10.08 46.05
N GLU F 581 63.22 9.21 45.04
CA GLU F 581 63.02 7.79 45.13
C GLU F 581 64.41 7.29 44.96
N THR F 582 64.92 6.57 45.99
CA THR F 582 66.31 6.20 46.08
C THR F 582 66.39 4.69 46.07
N PRO F 583 66.96 4.05 45.05
CA PRO F 583 67.32 2.65 45.10
C PRO F 583 68.52 2.50 46.00
N GLU F 584 69.46 3.46 45.88
CA GLU F 584 70.52 3.73 46.81
C GLU F 584 71.11 5.06 46.40
N GLU F 585 70.54 5.70 45.36
CA GLU F 585 71.14 6.80 44.66
C GLU F 585 70.88 8.06 45.41
N GLN F 586 71.85 9.00 45.39
CA GLN F 586 71.63 10.35 45.86
C GLN F 586 72.73 11.21 45.31
N GLN F 587 73.63 10.60 44.51
CA GLN F 587 74.84 11.18 43.99
C GLN F 587 74.53 12.28 43.00
N TRP F 588 73.45 12.06 42.21
CA TRP F 588 72.99 12.97 41.19
C TRP F 588 71.66 13.53 41.62
N LEU F 589 70.67 12.64 41.90
CA LEU F 589 69.31 12.97 42.29
C LEU F 589 69.16 14.04 43.35
N VAL F 590 69.70 13.79 44.56
CA VAL F 590 69.55 14.64 45.72
C VAL F 590 70.46 15.83 45.63
N GLU F 591 71.71 15.62 45.17
CA GLU F 591 72.76 16.62 45.07
C GLU F 591 72.31 17.79 44.22
N ALA F 592 72.00 17.50 42.94
CA ALA F 592 71.60 18.46 41.94
C ALA F 592 70.21 19.01 42.16
N GLN F 593 69.39 18.42 43.08
CA GLN F 593 68.08 18.93 43.42
C GLN F 593 68.16 20.27 44.11
N GLN F 594 69.17 20.44 45.00
CA GLN F 594 69.45 21.69 45.67
C GLN F 594 70.06 22.70 44.74
N ALA F 595 70.87 22.23 43.76
CA ALA F 595 71.53 23.09 42.79
C ALA F 595 70.55 23.72 41.84
N LYS F 596 69.53 22.94 41.41
CA LYS F 596 68.46 23.37 40.53
C LYS F 596 67.54 24.34 41.23
N GLN F 597 67.29 24.14 42.54
CA GLN F 597 66.46 24.99 43.37
C GLN F 597 67.06 26.37 43.51
N GLY F 598 68.41 26.45 43.58
CA GLY F 598 69.15 27.69 43.67
C GLY F 598 69.32 28.37 42.35
N GLN F 599 69.10 27.64 41.23
CA GLN F 599 69.16 28.19 39.90
C GLN F 599 67.85 28.85 39.55
N GLN F 600 66.73 28.26 40.02
CA GLN F 600 65.38 28.65 39.70
C GLN F 600 64.99 29.95 40.33
N ASP F 601 65.27 30.10 41.64
CA ASP F 601 64.83 31.24 42.44
C ASP F 601 65.32 32.60 41.96
N PRO F 602 66.60 32.90 41.66
CA PRO F 602 67.01 34.19 41.13
C PRO F 602 66.51 34.43 39.72
N ALA F 603 66.20 33.35 38.95
CA ALA F 603 65.73 33.44 37.59
C ALA F 603 64.30 33.93 37.54
N MET F 604 63.51 33.71 38.62
CA MET F 604 62.16 34.20 38.73
C MET F 604 62.16 35.70 38.92
N VAL F 605 63.07 36.21 39.77
CA VAL F 605 63.27 37.62 40.04
C VAL F 605 63.76 38.34 38.81
N GLN F 606 64.62 37.68 38.00
CA GLN F 606 65.12 38.16 36.74
C GLN F 606 64.03 38.36 35.71
N ALA F 607 63.06 37.41 35.66
CA ALA F 607 61.97 37.41 34.71
C ALA F 607 60.89 38.36 35.11
N GLN F 608 60.69 38.57 36.43
CA GLN F 608 59.75 39.52 36.99
C GLN F 608 60.34 40.91 37.02
N GLY F 609 61.65 41.07 36.68
CA GLY F 609 62.36 42.31 36.73
C GLY F 609 61.91 43.33 35.71
N VAL F 610 61.30 42.86 34.60
CA VAL F 610 60.74 43.69 33.55
C VAL F 610 59.47 44.36 34.04
N LEU F 611 58.68 43.69 34.92
CA LEU F 611 57.50 44.28 35.52
C LEU F 611 57.88 45.15 36.70
N LEU F 612 59.10 44.96 37.27
CA LEU F 612 59.60 45.70 38.42
C LEU F 612 60.14 47.06 38.03
N GLN F 613 60.23 47.37 36.71
CA GLN F 613 60.77 48.61 36.18
C GLN F 613 59.93 49.82 36.55
N GLY F 614 58.64 49.62 36.87
CA GLY F 614 57.72 50.67 37.23
C GLY F 614 57.98 51.21 38.62
N GLN F 615 58.35 50.31 39.57
CA GLN F 615 58.59 50.69 40.94
C GLN F 615 59.94 51.36 41.09
N ALA F 616 60.90 51.03 40.20
CA ALA F 616 62.22 51.62 40.19
C ALA F 616 62.19 53.01 39.63
N GLU F 617 61.18 53.32 38.79
CA GLU F 617 60.99 54.62 38.20
C GLU F 617 60.50 55.62 39.23
N LEU F 618 59.69 55.14 40.19
CA LEU F 618 59.17 55.95 41.28
C LEU F 618 60.23 56.13 42.34
N ALA F 619 61.14 55.13 42.50
CA ALA F 619 62.17 55.14 43.51
C ALA F 619 63.23 56.16 43.20
N LYS F 620 63.62 56.29 41.91
CA LYS F 620 64.63 57.25 41.50
C LYS F 620 64.07 58.64 41.46
N ALA F 621 62.73 58.78 41.32
CA ALA F 621 62.07 60.06 41.23
C ALA F 621 62.00 60.74 42.56
N GLN F 622 61.71 59.97 43.63
CA GLN F 622 61.62 60.44 45.00
C GLN F 622 62.96 60.82 45.55
N ASN F 623 64.03 60.12 45.12
CA ASN F 623 65.38 60.40 45.56
C ASN F 623 65.92 61.62 44.84
N GLN F 624 65.50 61.84 43.57
CA GLN F 624 65.89 62.97 42.76
C GLN F 624 65.27 64.26 43.25
N THR F 625 64.05 64.18 43.84
CA THR F 625 63.36 65.29 44.44
C THR F 625 64.11 65.78 45.66
N LEU F 626 64.61 64.83 46.48
CA LEU F 626 65.39 65.10 47.66
C LEU F 626 66.76 65.65 47.31
N SER F 627 67.36 65.17 46.19
CA SER F 627 68.66 65.58 45.73
C SER F 627 68.64 66.99 45.19
N LEU F 628 67.50 67.43 44.60
CA LEU F 628 67.31 68.75 44.06
C LEU F 628 67.22 69.77 45.17
N GLN F 629 66.60 69.37 46.30
CA GLN F 629 66.45 70.20 47.48
C GLN F 629 67.77 70.43 48.18
N ILE F 630 68.72 69.47 48.08
CA ILE F 630 70.03 69.53 48.69
C ILE F 630 70.90 70.46 47.87
N ASP F 631 70.82 70.42 46.52
CA ASP F 631 71.63 71.25 45.64
C ASP F 631 71.29 72.71 45.80
N ALA F 632 69.97 73.02 45.85
CA ALA F 632 69.46 74.36 45.99
C ALA F 632 69.69 74.93 47.38
N ALA F 633 69.90 74.06 48.39
CA ALA F 633 70.17 74.45 49.76
C ALA F 633 71.53 75.06 49.91
N LYS F 634 72.50 74.66 49.05
CA LYS F 634 73.85 75.16 49.10
C LYS F 634 73.92 76.53 48.45
N VAL F 635 73.14 76.72 47.35
CA VAL F 635 72.95 78.00 46.68
C VAL F 635 72.31 79.00 47.61
N GLU F 636 71.30 78.56 48.39
CA GLU F 636 70.61 79.34 49.39
C GLU F 636 71.54 79.75 50.51
N ALA F 637 72.44 78.83 50.95
CA ALA F 637 73.38 79.05 52.02
C ALA F 637 74.43 80.06 51.65
N GLN F 638 74.87 80.06 50.37
CA GLN F 638 75.81 81.01 49.83
C GLN F 638 75.22 82.40 49.73
N ASN F 639 73.89 82.51 49.56
CA ASN F 639 73.19 83.79 49.51
C ASN F 639 73.01 84.35 50.90
N GLN F 640 72.86 83.48 51.93
CA GLN F 640 72.70 83.91 53.31
C GLN F 640 74.00 84.50 53.81
N LEU F 641 75.14 83.90 53.38
CA LEU F 641 76.47 84.34 53.72
C LEU F 641 76.81 85.61 53.00
N ASN F 642 76.26 85.82 51.77
CA ASN F 642 76.49 87.01 50.99
C ASN F 642 75.88 88.23 51.65
N ALA F 643 74.62 88.11 52.15
CA ALA F 643 73.91 89.19 52.82
C ALA F 643 74.52 89.50 54.16
N ALA F 644 75.07 88.48 54.84
CA ALA F 644 75.69 88.63 56.14
C ALA F 644 77.05 89.25 56.03
N ARG F 645 77.80 88.97 54.94
CA ARG F 645 79.11 89.53 54.69
C ARG F 645 79.05 91.00 54.40
N ILE F 646 77.98 91.47 53.70
CA ILE F 646 77.77 92.86 53.36
C ILE F 646 77.52 93.65 54.63
N ALA F 647 76.83 93.03 55.63
CA ALA F 647 76.56 93.60 56.93
C ALA F 647 77.82 93.85 57.72
N GLU F 648 78.82 92.94 57.61
CA GLU F 648 80.07 93.03 58.33
C GLU F 648 80.93 94.17 57.84
N ILE F 649 81.00 94.39 56.50
CA ILE F 649 81.78 95.47 55.92
C ILE F 649 81.05 96.78 56.05
N PHE F 650 79.70 96.76 56.20
CA PHE F 650 78.89 97.94 56.38
C PHE F 650 79.12 98.52 57.76
N ASN F 651 79.21 97.65 58.79
CA ASN F 651 79.47 98.05 60.16
C ASN F 651 80.89 98.55 60.31
N ASN F 652 81.86 97.84 59.68
CA ASN F 652 83.27 98.15 59.76
C ASN F 652 83.61 99.41 59.01
N MET F 653 82.82 99.77 57.97
CA MET F 653 82.97 100.97 57.19
C MET F 653 82.62 102.16 58.02
N ASP F 654 81.52 102.07 58.79
CA ASP F 654 81.03 103.14 59.65
C ASP F 654 82.01 103.43 60.76
N LEU F 655 82.68 102.38 61.30
CA LEU F 655 83.69 102.53 62.31
C LEU F 655 84.98 103.10 61.76
N SER F 656 85.31 102.81 60.49
CA SER F 656 86.50 103.32 59.85
C SER F 656 86.38 104.77 59.52
N LYS F 657 85.22 105.19 58.94
CA LYS F 657 84.93 106.54 58.57
C LYS F 657 84.82 107.44 59.77
N GLN F 658 84.20 106.95 60.87
CA GLN F 658 84.06 107.69 62.11
C GLN F 658 85.38 107.98 62.78
N SER F 659 86.36 107.06 62.64
CA SER F 659 87.68 107.23 63.20
C SER F 659 88.53 108.15 62.37
N GLU F 660 88.23 108.28 61.05
CA GLU F 660 88.98 109.15 60.16
C GLU F 660 88.53 110.58 60.32
N PHE F 661 87.31 110.81 60.87
CA PHE F 661 86.74 112.12 61.06
C PHE F 661 87.42 112.85 62.19
N ARG F 662 88.12 112.13 63.10
CA ARG F 662 88.72 112.69 64.28
C ARG F 662 89.99 113.40 63.92
N GLU F 663 90.78 112.79 62.99
CA GLU F 663 92.02 113.32 62.50
C GLU F 663 91.78 114.58 61.71
N PHE F 664 90.71 114.60 60.89
CA PHE F 664 90.41 115.71 60.01
C PHE F 664 89.74 116.84 60.76
N LEU F 665 89.13 116.55 61.93
CA LEU F 665 88.60 117.55 62.82
C LEU F 665 89.70 118.38 63.43
N LYS F 666 90.83 117.71 63.80
CA LYS F 666 92.00 118.37 64.31
C LYS F 666 92.78 119.07 63.22
N THR F 667 92.69 118.59 61.96
CA THR F 667 93.44 119.16 60.86
C THR F 667 92.83 120.46 60.45
N VAL F 668 91.49 120.54 60.30
CA VAL F 668 90.83 121.73 59.83
C VAL F 668 90.88 122.82 60.87
N ALA F 669 90.57 122.49 62.15
CA ALA F 669 90.45 123.47 63.20
C ALA F 669 91.75 124.15 63.54
N SER F 670 92.84 123.37 63.69
CA SER F 670 94.12 123.90 64.08
C SER F 670 94.83 124.60 62.95
N PHE F 671 94.65 124.13 61.69
CA PHE F 671 95.28 124.70 60.53
C PHE F 671 94.71 126.06 60.23
N GLN F 672 93.37 126.21 60.33
CA GLN F 672 92.66 127.43 59.99
C GLN F 672 92.99 128.56 60.94
N GLN F 673 93.26 128.24 62.24
CA GLN F 673 93.62 129.21 63.24
C GLN F 673 95.03 129.71 63.03
N ASP F 674 95.98 128.77 62.78
CA ASP F 674 97.38 129.08 62.57
C ASP F 674 97.63 129.82 61.28
N ARG F 675 96.80 129.55 60.24
CA ARG F 675 96.95 130.13 58.93
C ARG F 675 96.46 131.54 58.87
N SER F 676 95.46 131.90 59.73
CA SER F 676 94.92 133.24 59.82
C SER F 676 95.91 134.15 60.49
N GLU F 677 96.60 133.67 61.55
CA GLU F 677 97.59 134.43 62.28
C GLU F 677 98.86 134.59 61.49
N ASP F 678 99.16 133.63 60.57
CA ASP F 678 100.30 133.68 59.69
C ASP F 678 100.10 134.70 58.59
N ALA F 679 98.84 134.81 58.11
CA ALA F 679 98.44 135.76 57.08
C ALA F 679 98.50 137.18 57.57
N ARG F 680 98.19 137.37 58.87
CA ARG F 680 98.26 138.62 59.58
C ARG F 680 99.71 139.02 59.79
N ALA F 681 100.58 138.03 60.07
CA ALA F 681 102.00 138.20 60.35
C ALA F 681 102.78 138.71 59.18
N ASN F 682 102.33 138.40 57.94
CA ASN F 682 102.97 138.85 56.73
C ASN F 682 102.90 140.35 56.60
N ALA F 683 101.77 140.95 57.06
CA ALA F 683 101.57 142.38 57.06
C ALA F 683 102.30 143.06 58.20
N GLU F 684 102.59 142.33 59.31
CA GLU F 684 103.32 142.91 60.44
C GLU F 684 104.79 143.02 60.13
N LEU F 685 105.35 142.06 59.35
CA LEU F 685 106.73 142.05 58.92
C LEU F 685 107.00 143.12 57.89
N LEU F 686 105.95 143.52 57.13
CA LEU F 686 106.00 144.56 56.14
C LEU F 686 106.07 145.91 56.83
N LEU F 687 105.33 146.06 57.95
CA LEU F 687 105.28 147.27 58.75
C LEU F 687 106.61 147.54 59.42
N LYS F 688 107.36 146.48 59.80
CA LYS F 688 108.68 146.59 60.39
C LYS F 688 109.68 147.09 59.38
N GLY F 689 109.56 146.65 58.11
CA GLY F 689 110.46 147.04 57.04
C GLY F 689 110.26 148.47 56.65
N ASP F 690 108.99 148.96 56.68
CA ASP F 690 108.64 150.31 56.36
C ASP F 690 109.13 151.28 57.41
N GLU F 691 108.99 150.88 58.71
CA GLU F 691 109.31 151.69 59.86
C GLU F 691 110.79 151.90 60.03
N GLN F 692 111.58 150.82 59.83
CA GLN F 692 113.01 150.83 60.04
C GLN F 692 113.76 151.56 58.96
N THR F 693 113.15 151.77 57.76
CA THR F 693 113.77 152.55 56.71
C THR F 693 113.84 154.01 57.12
N HIS F 694 112.75 154.52 57.75
CA HIS F 694 112.68 155.87 58.24
C HIS F 694 113.52 156.11 59.47
N LYS F 695 113.80 155.06 60.29
CA LYS F 695 114.60 155.17 61.48
C LYS F 695 116.06 155.35 61.14
N GLN F 696 116.51 154.68 60.04
CA GLN F 696 117.86 154.77 59.56
C GLN F 696 118.08 156.07 58.84
N ARG F 697 117.00 156.66 58.25
CA ARG F 697 117.08 157.86 57.47
C ARG F 697 117.31 159.07 58.33
N MET F 698 116.60 159.17 59.48
CA MET F 698 116.72 160.30 60.37
C MET F 698 117.96 160.27 61.20
N ASP F 699 118.51 159.06 61.50
CA ASP F 699 119.71 158.92 62.30
C ASP F 699 120.91 159.44 61.56
N ILE F 700 121.04 159.05 60.27
CA ILE F 700 122.14 159.42 59.41
C ILE F 700 122.06 160.89 59.07
N ALA F 701 120.83 161.45 58.94
CA ALA F 701 120.59 162.83 58.61
C ALA F 701 121.09 163.79 59.65
N ASN F 702 120.90 163.44 60.95
CA ASN F 702 121.33 164.28 62.06
C ASN F 702 122.82 164.23 62.24
N ILE F 703 123.45 163.06 61.98
CA ILE F 703 124.89 162.88 62.05
C ILE F 703 125.57 163.64 60.92
N LEU F 704 124.94 163.75 59.73
CA LEU F 704 125.49 164.40 58.56
C LEU F 704 125.54 165.89 58.76
N GLN F 705 124.52 166.45 59.44
CA GLN F 705 124.40 167.86 59.72
C GLN F 705 125.44 168.28 60.72
N SER F 706 125.72 167.41 61.72
CA SER F 706 126.67 167.65 62.78
C SER F 706 128.09 167.44 62.31
N GLN F 707 128.30 166.76 61.17
CA GLN F 707 129.61 166.51 60.61
C GLN F 707 130.24 167.77 60.09
N ARG F 708 129.44 168.62 59.40
CA ARG F 708 129.87 169.89 58.88
C ARG F 708 129.98 170.95 59.95
N GLN F 709 129.25 170.77 61.09
CA GLN F 709 129.30 171.66 62.22
C GLN F 709 130.47 171.34 63.12
N ASN F 710 131.05 170.14 62.97
CA ASN F 710 132.19 169.67 63.74
C ASN F 710 133.46 170.28 63.20
N GLN F 711 133.45 170.73 61.92
CA GLN F 711 134.62 171.28 61.27
C GLN F 711 135.08 172.60 61.88
N PRO F 712 134.28 173.62 62.19
CA PRO F 712 134.74 174.78 62.94
C PRO F 712 135.12 174.47 64.37
N SER F 713 134.40 173.54 65.04
CA SER F 713 134.60 173.25 66.45
C SER F 713 135.90 172.56 66.74
N GLY F 714 136.40 171.74 65.79
CA GLY F 714 137.67 171.06 65.89
C GLY F 714 138.85 171.97 65.67
N SER F 715 138.62 173.15 65.03
CA SER F 715 139.65 174.10 64.71
C SER F 715 140.13 174.81 65.95
N VAL F 716 139.19 175.07 66.90
CA VAL F 716 139.46 175.69 68.19
C VAL F 716 140.29 174.76 69.05
N ALA F 717 140.01 173.44 68.94
CA ALA F 717 140.66 172.39 69.67
C ALA F 717 139.88 171.18 69.29
N GLU F 718 140.59 170.10 68.88
CA GLU F 718 140.00 168.94 68.25
C GLU F 718 138.95 168.26 69.08
N THR F 719 137.83 167.91 68.42
CA THR F 719 136.76 167.20 69.05
C THR F 719 136.11 166.43 67.92
N PRO F 720 135.60 165.21 68.13
CA PRO F 720 134.84 164.49 67.12
C PRO F 720 133.42 164.96 67.26
N GLN F 721 132.49 164.36 66.48
CA GLN F 721 131.09 164.67 66.56
C GLN F 721 130.52 164.15 67.89
N GLU G 1 -2.99 -0.76 65.92
CA GLU G 1 -2.50 -1.25 67.23
C GLU G 1 -2.13 -2.71 67.13
N ASN G 2 -2.16 -3.40 68.28
CA ASN G 2 -1.99 -4.83 68.42
C ASN G 2 -2.81 -5.15 69.61
N ARG G 3 -3.35 -6.39 69.67
CA ARG G 3 -4.17 -6.87 70.75
C ARG G 3 -3.37 -6.98 72.04
N LEU G 4 -4.07 -6.76 73.18
CA LEU G 4 -3.51 -6.79 74.51
C LEU G 4 -2.95 -8.15 74.84
N GLU G 5 -3.69 -9.21 74.46
CA GLU G 5 -3.22 -10.57 74.56
C GLU G 5 -2.35 -10.82 73.36
N SER G 6 -1.09 -11.26 73.62
CA SER G 6 -0.06 -11.39 72.61
C SER G 6 -0.36 -12.48 71.62
N ILE G 7 -0.84 -13.66 72.09
CA ILE G 7 -1.14 -14.81 71.26
C ILE G 7 -2.39 -14.59 70.42
N LEU G 8 -3.30 -13.70 70.86
CA LEU G 8 -4.48 -13.31 70.13
C LEU G 8 -4.10 -12.49 68.92
N SER G 9 -3.09 -11.60 69.08
CA SER G 9 -2.57 -10.75 68.02
C SER G 9 -1.84 -11.55 66.97
N ARG G 10 -1.32 -12.75 67.32
CA ARG G 10 -0.70 -13.65 66.38
C ARG G 10 -1.72 -14.27 65.46
N PHE G 11 -2.85 -14.75 66.02
CA PHE G 11 -3.91 -15.42 65.28
C PHE G 11 -4.63 -14.52 64.32
N ASP G 12 -4.88 -13.25 64.71
CA ASP G 12 -5.55 -12.26 63.90
C ASP G 12 -4.75 -11.90 62.67
N ALA G 13 -3.41 -12.01 62.77
CA ALA G 13 -2.48 -11.80 61.71
C ALA G 13 -2.45 -12.94 60.73
N ASP G 14 -2.55 -14.20 61.24
CA ASP G 14 -2.51 -15.39 60.42
C ASP G 14 -3.79 -15.55 59.62
N TRP G 15 -4.94 -15.08 60.16
CA TRP G 15 -6.22 -15.10 59.48
C TRP G 15 -6.25 -14.21 58.26
N THR G 16 -5.65 -13.01 58.38
CA THR G 16 -5.54 -12.03 57.31
C THR G 16 -4.50 -12.43 56.30
N ALA G 17 -3.50 -13.25 56.72
CA ALA G 17 -2.43 -13.71 55.88
C ALA G 17 -2.74 -15.06 55.26
N SER G 18 -3.95 -15.63 55.50
CA SER G 18 -4.36 -16.91 54.96
C SER G 18 -4.43 -16.93 53.45
N ASP G 19 -4.88 -15.81 52.84
CA ASP G 19 -5.00 -15.67 51.41
C ASP G 19 -3.69 -15.27 50.77
N GLU G 20 -2.72 -14.85 51.60
CA GLU G 20 -1.40 -14.50 51.16
C GLU G 20 -0.56 -15.73 50.97
N ALA G 21 -0.72 -16.71 51.88
CA ALA G 21 0.03 -17.94 51.84
C ALA G 21 -0.57 -18.95 50.88
N ARG G 22 -1.84 -18.76 50.46
CA ARG G 22 -2.50 -19.70 49.58
C ARG G 22 -2.71 -19.12 48.21
N ARG G 23 -3.58 -18.09 48.06
CA ARG G 23 -3.88 -17.48 46.78
C ARG G 23 -2.69 -16.78 46.16
N GLU G 24 -2.12 -15.82 46.92
CA GLU G 24 -1.06 -14.93 46.45
C GLU G 24 0.22 -15.66 46.19
N ALA G 25 0.65 -16.53 47.14
CA ALA G 25 1.96 -17.14 47.14
C ALA G 25 2.15 -18.16 46.07
N LYS G 26 1.05 -18.71 45.51
CA LYS G 26 1.09 -19.70 44.47
C LYS G 26 1.64 -19.13 43.19
N ASN G 27 1.11 -17.97 42.74
CA ASN G 27 1.52 -17.34 41.51
C ASN G 27 2.94 -16.83 41.54
N ASP G 28 3.40 -16.31 42.71
CA ASP G 28 4.74 -15.75 42.89
C ASP G 28 5.84 -16.74 42.58
N LEU G 29 5.90 -17.87 43.34
CA LEU G 29 6.85 -18.94 43.15
C LEU G 29 6.72 -19.70 41.84
N PHE G 30 5.60 -19.52 41.10
CA PHE G 30 5.35 -20.18 39.84
C PHE G 30 6.10 -19.49 38.73
N PHE G 31 6.46 -18.20 38.94
CA PHE G 31 7.13 -17.40 37.95
C PHE G 31 8.62 -17.65 37.96
N SER G 32 9.13 -18.29 39.05
CA SER G 32 10.52 -18.66 39.19
C SER G 32 10.91 -19.77 38.25
N ARG G 33 9.96 -20.68 37.91
CA ARG G 33 10.21 -21.83 37.08
C ARG G 33 10.09 -21.50 35.62
N VAL G 34 9.56 -20.31 35.30
CA VAL G 34 9.54 -19.78 33.96
C VAL G 34 10.87 -19.18 33.62
N SER G 35 11.56 -18.58 34.62
CA SER G 35 12.79 -17.84 34.45
C SER G 35 14.01 -18.64 34.86
N GLN G 36 13.83 -19.87 35.39
CA GLN G 36 14.91 -20.76 35.75
C GLN G 36 14.30 -22.13 35.62
N TRP G 37 15.12 -23.20 35.80
CA TRP G 37 14.70 -24.59 35.75
C TRP G 37 14.07 -24.92 34.41
N ASP G 38 12.85 -25.50 34.42
CA ASP G 38 12.16 -25.96 33.24
C ASP G 38 10.84 -25.24 33.27
N ASP G 39 10.36 -24.78 32.10
CA ASP G 39 9.12 -24.04 31.95
C ASP G 39 7.93 -24.88 32.34
N TRP G 40 7.95 -26.17 31.94
CA TRP G 40 7.00 -27.19 32.34
C TRP G 40 7.09 -27.45 33.82
N LEU G 41 5.96 -27.88 34.42
CA LEU G 41 5.78 -27.89 35.85
C LEU G 41 5.60 -29.31 36.29
N SER G 42 6.35 -29.71 37.36
CA SER G 42 6.22 -30.97 38.06
C SER G 42 6.35 -32.18 37.18
N GLN G 43 7.49 -32.29 36.45
CA GLN G 43 7.79 -33.45 35.64
C GLN G 43 9.05 -34.03 36.18
N TYR G 44 9.13 -35.38 36.15
CA TYR G 44 10.20 -36.16 36.71
C TYR G 44 10.73 -37.04 35.61
N THR G 45 10.50 -36.61 34.33
CA THR G 45 10.65 -37.35 33.11
C THR G 45 9.36 -38.09 32.85
N THR G 46 8.60 -37.58 31.85
CA THR G 46 7.35 -38.11 31.39
C THR G 46 7.68 -38.88 30.12
N LEU G 47 6.72 -39.69 29.62
CA LEU G 47 6.97 -40.61 28.53
C LEU G 47 6.60 -39.96 27.22
N GLN G 48 6.12 -38.70 27.26
CA GLN G 48 5.75 -37.93 26.10
C GLN G 48 6.59 -36.68 26.20
N TYR G 49 7.06 -36.18 25.03
CA TYR G 49 8.01 -35.11 24.92
C TYR G 49 7.56 -33.81 25.55
N ARG G 50 8.54 -33.07 26.12
CA ARG G 50 8.36 -31.80 26.74
C ARG G 50 9.39 -30.91 26.11
N GLY G 51 8.93 -29.87 25.38
CA GLY G 51 9.77 -28.99 24.62
C GLY G 51 10.10 -27.78 25.42
N GLN G 52 10.91 -26.88 24.84
CA GLN G 52 11.36 -25.65 25.46
C GLN G 52 11.67 -24.75 24.30
N PHE G 53 11.62 -23.42 24.55
CA PHE G 53 12.07 -22.44 23.60
C PHE G 53 12.89 -21.46 24.39
N ASP G 54 12.55 -21.27 25.68
CA ASP G 54 13.26 -20.45 26.65
C ASP G 54 13.40 -19.03 26.16
N VAL G 55 12.29 -18.49 25.58
CA VAL G 55 12.16 -17.14 25.10
C VAL G 55 12.05 -16.14 26.24
N VAL G 56 11.61 -16.60 27.44
CA VAL G 56 11.47 -15.77 28.61
C VAL G 56 12.83 -15.42 29.17
N ARG G 57 13.81 -16.34 29.05
CA ARG G 57 15.13 -16.22 29.63
C ARG G 57 15.93 -15.03 29.14
N PRO G 58 16.19 -14.69 27.86
CA PRO G 58 16.93 -13.50 27.48
C PRO G 58 16.26 -12.21 27.86
N VAL G 59 14.91 -12.17 27.97
CA VAL G 59 14.16 -10.99 28.35
C VAL G 59 14.37 -10.70 29.82
N VAL G 60 14.33 -11.75 30.67
CA VAL G 60 14.56 -11.65 32.10
C VAL G 60 16.01 -11.31 32.37
N ARG G 61 16.95 -11.94 31.63
CA ARG G 61 18.37 -11.70 31.79
C ARG G 61 18.77 -10.29 31.42
N LYS G 62 18.03 -9.63 30.50
CA LYS G 62 18.32 -8.26 30.11
C LYS G 62 17.88 -7.30 31.20
N LEU G 63 16.76 -7.60 31.89
CA LEU G 63 16.19 -6.74 32.91
C LEU G 63 16.97 -6.84 34.20
N VAL G 64 17.46 -8.06 34.55
CA VAL G 64 18.22 -8.35 35.74
C VAL G 64 19.58 -7.68 35.65
N SER G 65 20.19 -7.73 34.44
CA SER G 65 21.50 -7.18 34.16
C SER G 65 21.56 -5.68 34.30
N GLU G 66 20.43 -4.97 34.05
CA GLU G 66 20.38 -3.53 34.11
C GLU G 66 20.31 -3.04 35.54
N MET G 67 19.61 -3.79 36.43
CA MET G 67 19.55 -3.45 37.83
C MET G 67 20.81 -3.80 38.58
N ARG G 68 21.67 -4.68 38.01
CA ARG G 68 22.95 -5.05 38.59
C ARG G 68 23.98 -3.99 38.35
N GLN G 69 24.00 -3.41 37.12
CA GLN G 69 25.02 -2.45 36.72
C GLN G 69 24.67 -1.06 37.15
N ASN G 70 23.47 -0.84 37.73
CA ASN G 70 23.11 0.43 38.33
C ASN G 70 22.80 0.13 39.76
N PRO G 71 23.66 0.43 40.73
CA PRO G 71 23.42 0.07 42.12
C PRO G 71 22.63 1.19 42.76
N ILE G 72 21.76 0.85 43.73
CA ILE G 72 20.98 1.81 44.47
C ILE G 72 21.29 1.50 45.90
N ASP G 73 21.82 2.50 46.64
CA ASP G 73 22.28 2.33 47.99
C ASP G 73 22.27 3.70 48.60
N VAL G 74 22.32 3.74 49.95
CA VAL G 74 22.31 4.92 50.78
C VAL G 74 23.53 5.76 50.52
N LEU G 75 23.31 7.10 50.40
CA LEU G 75 24.38 8.03 50.14
C LEU G 75 24.10 9.28 50.97
N TYR G 76 22.83 9.47 51.41
CA TYR G 76 22.29 10.64 52.08
C TYR G 76 22.39 11.92 51.28
N ARG G 77 21.59 12.92 51.72
CA ARG G 77 21.49 14.22 51.13
C ARG G 77 21.23 15.08 52.35
N PRO G 78 21.85 16.25 52.54
CA PRO G 78 21.52 17.18 53.61
C PRO G 78 20.07 17.59 53.67
N LYS G 79 19.61 18.01 54.87
CA LYS G 79 18.27 18.49 55.11
C LYS G 79 18.24 19.96 54.79
N ASP G 80 17.04 20.57 54.87
CA ASP G 80 16.82 21.98 54.67
C ASP G 80 17.46 22.74 55.81
N GLY G 81 18.34 23.71 55.48
CA GLY G 81 19.08 24.47 56.47
C GLY G 81 20.29 23.76 57.05
N ALA G 82 20.67 22.58 56.50
CA ALA G 82 21.78 21.80 57.01
C ALA G 82 22.85 21.74 55.97
N ARG G 83 24.13 21.76 56.43
CA ARG G 83 25.32 21.76 55.62
C ARG G 83 25.44 20.46 54.84
N PRO G 84 26.04 20.41 53.65
CA PRO G 84 26.20 19.18 52.88
C PRO G 84 27.30 18.31 53.41
N ASP G 85 28.13 18.81 54.36
CA ASP G 85 29.25 18.07 54.93
C ASP G 85 28.78 17.21 56.07
N ALA G 86 27.46 17.21 56.34
CA ALA G 86 26.79 16.42 57.34
C ALA G 86 26.66 14.98 56.89
N ALA G 87 26.71 14.76 55.56
CA ALA G 87 26.44 13.49 54.93
C ALA G 87 27.61 12.56 55.10
N ASP G 88 28.85 13.06 54.85
CA ASP G 88 30.07 12.29 54.91
C ASP G 88 30.40 11.78 56.29
N VAL G 89 29.87 12.45 57.34
CA VAL G 89 29.91 12.03 58.73
C VAL G 89 29.24 10.69 58.89
N LEU G 90 27.93 10.63 58.54
CA LEU G 90 27.09 9.47 58.63
C LEU G 90 27.56 8.33 57.74
N MET G 91 28.04 8.66 56.51
CA MET G 91 28.52 7.70 55.53
C MET G 91 29.80 7.04 55.93
N GLY G 92 30.59 7.67 56.83
CA GLY G 92 31.82 7.13 57.35
C GLY G 92 31.56 5.88 58.14
N MET G 93 30.56 5.91 59.05
CA MET G 93 30.16 4.77 59.84
C MET G 93 29.23 3.85 59.08
N TYR G 94 28.58 4.31 57.98
CA TYR G 94 27.65 3.51 57.23
C TYR G 94 28.35 2.44 56.44
N ARG G 95 29.40 2.83 55.70
CA ARG G 95 30.07 1.96 54.75
C ARG G 95 30.95 0.93 55.38
N THR G 96 31.32 1.09 56.68
CA THR G 96 32.28 0.26 57.36
C THR G 96 31.78 -1.16 57.48
N ASP G 97 30.57 -1.34 58.06
CA ASP G 97 29.96 -2.64 58.23
C ASP G 97 29.31 -3.16 56.98
N MET G 98 29.19 -2.31 55.92
CA MET G 98 28.63 -2.69 54.64
C MET G 98 29.72 -3.08 53.68
N ARG G 99 31.00 -3.08 54.11
CA ARG G 99 32.15 -3.51 53.31
C ARG G 99 32.05 -4.97 52.95
N HIS G 100 31.45 -5.80 53.83
CA HIS G 100 31.22 -7.22 53.60
C HIS G 100 30.39 -7.44 52.36
N ASN G 101 30.73 -8.52 51.61
CA ASN G 101 30.14 -8.85 50.33
C ASN G 101 28.72 -9.32 50.42
N THR G 102 28.24 -9.71 51.64
CA THR G 102 26.88 -10.15 51.88
C THR G 102 25.88 -9.03 51.72
N ALA G 103 26.35 -7.75 51.72
CA ALA G 103 25.55 -6.59 51.48
C ALA G 103 25.17 -6.51 50.02
N LYS G 104 26.16 -6.74 49.14
CA LYS G 104 26.04 -6.72 47.70
C LYS G 104 25.19 -7.87 47.20
N ILE G 105 25.30 -9.04 47.87
CA ILE G 105 24.58 -10.26 47.58
C ILE G 105 23.12 -10.06 47.86
N ALA G 106 22.79 -9.33 48.95
CA ALA G 106 21.43 -9.05 49.36
C ALA G 106 20.70 -8.17 48.38
N VAL G 107 21.42 -7.23 47.73
CA VAL G 107 20.85 -6.35 46.73
C VAL G 107 20.65 -7.11 45.44
N ASN G 108 21.63 -7.95 45.03
CA ASN G 108 21.58 -8.69 43.77
C ASN G 108 20.51 -9.75 43.73
N ILE G 109 20.21 -10.41 44.87
CA ILE G 109 19.18 -11.41 44.99
C ILE G 109 17.84 -10.72 44.94
N ALA G 110 17.71 -9.58 45.63
CA ALA G 110 16.45 -8.88 45.76
C ALA G 110 15.95 -8.30 44.46
N VAL G 111 16.85 -7.72 43.64
CA VAL G 111 16.50 -7.06 42.39
C VAL G 111 16.19 -8.06 41.31
N ARG G 112 16.78 -9.28 41.41
CA ARG G 112 16.62 -10.32 40.43
C ARG G 112 15.27 -10.96 40.57
N GLU G 113 14.86 -11.26 41.83
CA GLU G 113 13.59 -11.85 42.14
C GLU G 113 12.47 -10.84 42.11
N GLN G 114 12.80 -9.53 42.15
CA GLN G 114 11.84 -8.43 42.05
C GLN G 114 11.19 -8.39 40.71
N ILE G 115 11.97 -8.74 39.66
CA ILE G 115 11.50 -8.80 38.29
C ILE G 115 10.73 -10.07 38.09
N GLU G 116 11.34 -11.22 38.50
CA GLU G 116 10.82 -12.54 38.22
C GLU G 116 9.57 -12.87 38.99
N ALA G 117 9.65 -12.87 40.34
CA ALA G 117 8.58 -13.29 41.20
C ALA G 117 7.77 -12.13 41.71
N GLY G 118 8.26 -10.89 41.50
CA GLY G 118 7.59 -9.70 41.97
C GLY G 118 7.91 -9.36 43.39
N VAL G 119 8.79 -10.14 44.06
CA VAL G 119 9.11 -9.92 45.46
C VAL G 119 10.57 -10.20 45.64
N GLY G 120 11.17 -9.53 46.65
CA GLY G 120 12.53 -9.78 47.07
C GLY G 120 12.66 -9.07 48.38
N ALA G 121 13.66 -9.46 49.22
CA ALA G 121 13.77 -8.86 50.51
C ALA G 121 15.19 -9.02 51.00
N TRP G 122 15.49 -8.38 52.15
CA TRP G 122 16.77 -8.46 52.80
C TRP G 122 16.52 -8.11 54.24
N ARG G 123 17.44 -8.50 55.15
CA ARG G 123 17.30 -8.28 56.57
C ARG G 123 18.56 -7.68 57.09
N LEU G 124 18.46 -7.02 58.28
CA LEU G 124 19.59 -6.46 58.98
C LEU G 124 19.75 -7.29 60.23
N VAL G 125 20.98 -7.76 60.51
CA VAL G 125 21.29 -8.60 61.65
C VAL G 125 22.27 -7.85 62.51
N THR G 126 22.67 -8.46 63.66
CA THR G 126 23.60 -7.88 64.60
C THR G 126 24.55 -8.99 64.96
N ASP G 127 25.86 -8.66 65.06
CA ASP G 127 26.87 -9.60 65.43
C ASP G 127 28.06 -8.81 65.92
N TYR G 128 29.12 -9.54 66.33
CA TYR G 128 30.33 -8.99 66.90
C TYR G 128 31.43 -9.38 65.96
N GLU G 129 32.04 -8.38 65.28
CA GLU G 129 33.06 -8.61 64.29
C GLU G 129 34.11 -7.59 64.60
N ASP G 130 35.38 -8.03 64.78
CA ASP G 130 36.48 -7.14 65.05
C ASP G 130 37.38 -7.11 63.85
N GLN G 131 37.23 -8.11 62.94
CA GLN G 131 37.95 -8.22 61.69
C GLN G 131 37.57 -7.07 60.78
N SER G 132 36.28 -6.71 60.83
CA SER G 132 35.76 -5.47 60.30
C SER G 132 35.36 -4.72 61.53
N PRO G 133 36.07 -3.68 61.98
CA PRO G 133 35.78 -3.00 63.24
C PRO G 133 34.68 -2.01 63.01
N THR G 134 34.18 -1.34 64.08
CA THR G 134 33.17 -0.32 63.94
C THR G 134 33.36 0.65 65.09
N SER G 135 34.28 0.31 66.04
CA SER G 135 34.52 0.99 67.30
C SER G 135 33.39 0.67 68.25
N ASN G 136 33.69 -0.20 69.24
CA ASN G 136 32.79 -1.04 70.01
C ASN G 136 32.63 -2.36 69.29
N ASN G 137 32.88 -2.36 67.95
CA ASN G 137 33.23 -3.50 67.16
C ASN G 137 32.05 -4.41 66.98
N GLN G 138 30.88 -3.79 66.67
CA GLN G 138 29.65 -4.48 66.42
C GLN G 138 29.15 -3.96 65.12
N VAL G 139 29.07 -4.87 64.12
CA VAL G 139 28.71 -4.57 62.76
C VAL G 139 27.25 -4.93 62.64
N ILE G 140 26.48 -4.16 61.82
CA ILE G 140 25.18 -4.62 61.39
C ILE G 140 25.35 -4.86 59.92
N ARG G 141 24.99 -6.08 59.47
CA ARG G 141 25.27 -6.52 58.13
C ARG G 141 23.95 -6.69 57.45
N ARG G 142 23.87 -6.28 56.16
CA ARG G 142 22.73 -6.54 55.33
C ARG G 142 22.88 -7.95 54.82
N GLU G 143 21.89 -8.81 55.12
CA GLU G 143 21.92 -10.22 54.83
C GLU G 143 20.80 -10.49 53.85
N PRO G 144 20.97 -11.41 52.91
CA PRO G 144 19.97 -11.69 51.89
C PRO G 144 18.84 -12.48 52.46
N ILE G 145 17.60 -12.24 51.97
CA ILE G 145 16.50 -13.13 52.18
C ILE G 145 16.26 -13.65 50.80
N HIS G 146 16.58 -14.95 50.63
CA HIS G 146 16.69 -15.59 49.35
C HIS G 146 15.62 -16.63 49.37
N SER G 147 14.89 -16.73 48.24
CA SER G 147 13.75 -17.59 48.01
C SER G 147 12.54 -16.87 48.53
N ALA G 148 12.57 -15.51 48.43
CA ALA G 148 11.51 -14.61 48.85
C ALA G 148 10.24 -14.82 48.05
N CYS G 149 10.38 -15.42 46.84
CA CYS G 149 9.34 -15.89 45.97
C CYS G 149 8.38 -16.86 46.64
N SER G 150 8.95 -17.79 47.43
CA SER G 150 8.23 -18.79 48.19
C SER G 150 7.86 -18.31 49.57
N HIS G 151 8.44 -17.19 50.06
CA HIS G 151 8.29 -16.77 51.44
C HIS G 151 7.19 -15.76 51.65
N VAL G 152 6.42 -15.40 50.60
CA VAL G 152 5.40 -14.39 50.64
C VAL G 152 4.24 -14.80 51.52
N ILE G 153 3.93 -13.97 52.54
CA ILE G 153 2.80 -14.13 53.42
C ILE G 153 2.39 -12.76 53.89
N TRP G 154 3.00 -11.69 53.33
CA TRP G 154 2.92 -10.36 53.90
C TRP G 154 1.81 -9.58 53.24
N ASP G 155 0.62 -9.67 53.86
CA ASP G 155 -0.33 -8.59 53.99
C ASP G 155 -1.03 -8.95 55.26
N SER G 156 -1.43 -7.93 56.04
CA SER G 156 -1.94 -8.17 57.36
C SER G 156 -2.67 -6.95 57.84
N ASN G 157 -2.74 -5.89 57.00
CA ASN G 157 -2.91 -4.48 57.36
C ASN G 157 -1.91 -3.64 56.60
N SER G 158 -1.01 -4.29 55.80
CA SER G 158 -0.06 -3.62 54.95
C SER G 158 -0.77 -2.83 53.87
N LYS G 159 -0.18 -1.70 53.44
CA LYS G 159 -0.78 -0.77 52.52
C LYS G 159 0.34 0.01 51.90
N LEU G 160 1.59 -0.21 52.37
CA LEU G 160 2.75 0.53 51.93
C LEU G 160 3.70 -0.49 51.38
N MET G 161 4.54 0.00 50.44
CA MET G 161 5.51 -0.75 49.68
C MET G 161 6.59 -1.29 50.58
N ASP G 162 7.02 -0.47 51.56
CA ASP G 162 8.05 -0.79 52.49
C ASP G 162 7.55 -1.63 53.65
N LYS G 163 6.21 -1.71 53.86
CA LYS G 163 5.59 -2.49 54.90
C LYS G 163 6.00 -1.98 56.27
N SER G 164 5.86 -0.64 56.46
CA SER G 164 6.23 0.03 57.69
C SER G 164 5.01 0.61 58.34
N ASP G 165 3.80 0.31 57.80
CA ASP G 165 2.54 0.65 58.42
C ASP G 165 1.95 -0.57 59.06
N ALA G 166 2.55 -1.76 58.80
CA ALA G 166 2.04 -3.02 59.23
C ALA G 166 2.65 -3.30 60.57
N ARG G 167 1.80 -3.63 61.56
CA ARG G 167 2.22 -3.89 62.91
C ARG G 167 1.93 -5.33 63.25
N HIS G 168 1.35 -6.08 62.30
CA HIS G 168 1.02 -7.48 62.44
C HIS G 168 1.77 -8.28 61.41
N CYS G 169 2.75 -7.64 60.73
CA CYS G 169 3.54 -8.24 59.67
C CYS G 169 4.38 -9.40 60.15
N THR G 170 4.66 -10.35 59.23
CA THR G 170 5.46 -11.51 59.53
C THR G 170 6.10 -11.92 58.22
N VAL G 171 7.27 -12.58 58.33
CA VAL G 171 8.04 -13.11 57.23
C VAL G 171 8.31 -14.54 57.60
N ILE G 172 8.66 -15.39 56.61
CA ILE G 172 8.96 -16.78 56.85
C ILE G 172 10.33 -17.01 56.25
N HIS G 173 11.12 -17.89 56.90
CA HIS G 173 12.43 -18.29 56.44
C HIS G 173 12.42 -19.79 56.44
N SER G 174 12.97 -20.39 55.36
CA SER G 174 13.04 -21.83 55.19
C SER G 174 14.50 -22.17 55.14
N MET G 175 14.86 -23.34 55.70
CA MET G 175 16.22 -23.73 55.94
C MET G 175 16.19 -25.21 56.20
N SER G 176 17.39 -25.81 56.43
CA SER G 176 17.55 -27.24 56.59
C SER G 176 17.56 -27.56 58.06
N GLN G 177 17.97 -28.81 58.41
CA GLN G 177 18.06 -29.28 59.78
C GLN G 177 19.17 -28.59 60.51
N ASN G 178 20.32 -28.42 59.83
CA ASN G 178 21.50 -27.75 60.35
C ASN G 178 21.24 -26.26 60.50
N GLY G 179 20.43 -25.69 59.59
CA GLY G 179 20.05 -24.30 59.61
C GLY G 179 19.13 -23.96 60.75
N TRP G 180 18.25 -24.90 61.14
CA TRP G 180 17.28 -24.76 62.21
C TRP G 180 17.99 -24.75 63.54
N GLU G 181 19.01 -25.61 63.69
CA GLU G 181 19.81 -25.74 64.89
C GLU G 181 20.63 -24.49 65.16
N ASP G 182 21.13 -23.82 64.08
CA ASP G 182 21.88 -22.58 64.19
C ASP G 182 20.98 -21.40 64.45
N PHE G 183 19.73 -21.45 63.95
CA PHE G 183 18.71 -20.42 64.11
C PHE G 183 18.21 -20.42 65.54
N ALA G 184 18.31 -21.60 66.21
CA ALA G 184 17.84 -21.81 67.55
C ALA G 184 18.80 -21.25 68.57
N GLU G 185 20.10 -21.13 68.23
CA GLU G 185 21.11 -20.61 69.12
C GLU G 185 20.86 -19.16 69.44
N LYS G 186 20.62 -18.36 68.38
CA LYS G 186 20.48 -16.92 68.44
C LYS G 186 19.27 -16.46 69.21
N TYR G 187 18.09 -17.06 68.91
CA TYR G 187 16.81 -16.60 69.40
C TYR G 187 16.34 -17.35 70.61
N ASP G 188 17.18 -18.26 71.18
CA ASP G 188 16.90 -19.02 72.37
C ASP G 188 15.70 -19.94 72.19
N LEU G 189 15.80 -20.85 71.20
CA LEU G 189 14.78 -21.77 70.81
C LEU G 189 15.36 -23.15 70.98
N ASP G 190 14.57 -24.19 70.66
CA ASP G 190 15.00 -25.58 70.75
C ASP G 190 15.70 -25.91 69.47
N ALA G 191 16.85 -26.64 69.58
CA ALA G 191 17.72 -27.00 68.48
C ALA G 191 17.03 -27.92 67.51
N ASP G 192 16.29 -28.93 68.04
CA ASP G 192 15.53 -29.86 67.27
C ASP G 192 14.12 -29.67 67.76
N ASP G 193 13.16 -29.63 66.82
CA ASP G 193 11.78 -29.33 67.11
C ASP G 193 11.05 -29.59 65.83
N ILE G 194 11.61 -29.06 64.71
CA ILE G 194 11.02 -29.08 63.39
C ILE G 194 9.69 -28.34 63.36
N PRO G 195 9.65 -27.01 63.55
CA PRO G 195 8.43 -26.20 63.48
C PRO G 195 7.80 -26.22 62.10
N SER G 196 6.51 -25.79 62.04
CA SER G 196 5.73 -25.74 60.84
C SER G 196 4.98 -24.45 60.87
N PHE G 197 4.30 -24.14 59.75
CA PHE G 197 3.60 -22.89 59.54
C PHE G 197 2.51 -23.25 58.56
N GLN G 198 1.67 -22.26 58.16
CA GLN G 198 0.53 -22.46 57.28
C GLN G 198 0.96 -22.73 55.85
N ASN G 199 2.24 -22.42 55.53
CA ASN G 199 2.97 -22.88 54.37
C ASN G 199 2.67 -22.03 53.15
N PRO G 200 3.56 -21.13 52.74
CA PRO G 200 3.44 -20.43 51.48
C PRO G 200 4.39 -21.07 50.48
N ASN G 201 5.16 -22.09 50.90
CA ASN G 201 6.24 -22.66 50.12
C ASN G 201 5.69 -23.59 49.09
N ASP G 202 6.56 -24.05 48.16
CA ASP G 202 6.22 -24.76 46.95
C ASP G 202 5.43 -26.03 47.17
N TRP G 203 4.50 -26.30 46.23
CA TRP G 203 3.72 -27.50 46.19
C TRP G 203 4.02 -28.22 44.89
N VAL G 204 4.81 -27.57 44.00
CA VAL G 204 5.18 -28.08 42.71
C VAL G 204 6.30 -29.07 42.89
N PHE G 205 7.30 -28.70 43.73
CA PHE G 205 8.49 -29.48 44.02
C PHE G 205 9.32 -29.75 42.79
N PRO G 206 9.97 -28.76 42.17
CA PRO G 206 10.88 -28.96 41.05
C PRO G 206 12.16 -29.62 41.51
N TRP G 207 12.39 -29.63 42.84
CA TRP G 207 13.52 -30.23 43.50
C TRP G 207 12.99 -30.54 44.87
N LEU G 208 13.77 -31.29 45.67
CA LEU G 208 13.32 -31.68 46.99
C LEU G 208 14.53 -31.74 47.85
N THR G 209 14.37 -31.32 49.13
CA THR G 209 15.39 -31.35 50.14
C THR G 209 14.80 -32.23 51.21
N GLN G 210 15.65 -33.08 51.83
CA GLN G 210 15.25 -34.08 52.82
C GLN G 210 14.65 -33.45 54.04
N ASP G 211 15.23 -32.32 54.51
CA ASP G 211 14.74 -31.58 55.64
C ASP G 211 14.48 -30.19 55.14
N THR G 212 13.20 -29.78 55.22
CA THR G 212 12.76 -28.45 54.88
C THR G 212 12.01 -28.06 56.11
N ILE G 213 12.55 -27.06 56.83
CA ILE G 213 12.06 -26.63 58.12
C ILE G 213 11.78 -25.18 57.95
N GLN G 214 10.51 -24.78 58.21
CA GLN G 214 10.08 -23.42 58.03
C GLN G 214 9.77 -22.87 59.40
N ILE G 215 10.07 -21.57 59.60
CA ILE G 215 9.81 -20.88 60.84
C ILE G 215 9.50 -19.47 60.43
N ALA G 216 8.50 -18.86 61.11
CA ALA G 216 8.03 -17.53 60.84
C ALA G 216 8.53 -16.57 61.87
N GLU G 217 9.14 -15.45 61.43
CA GLU G 217 9.56 -14.37 62.28
C GLU G 217 8.50 -13.31 62.23
N PHE G 218 7.77 -13.16 63.36
CA PHE G 218 6.71 -12.22 63.57
C PHE G 218 7.32 -10.92 64.04
N TYR G 219 6.71 -9.77 63.71
CA TYR G 219 7.14 -8.48 64.17
C TYR G 219 5.92 -7.87 64.79
N GLU G 220 6.00 -7.64 66.13
CA GLU G 220 4.93 -7.12 66.94
C GLU G 220 5.43 -5.78 67.40
N VAL G 221 4.52 -4.80 67.54
CA VAL G 221 4.89 -3.42 67.80
C VAL G 221 4.25 -2.99 69.09
N VAL G 222 5.09 -2.74 70.13
CA VAL G 222 4.68 -2.02 71.31
C VAL G 222 5.56 -0.81 71.29
N GLU G 223 4.94 0.39 71.33
CA GLU G 223 5.58 1.68 71.29
C GLU G 223 6.61 1.81 72.37
N LYS G 224 6.13 1.89 73.66
CA LYS G 224 6.88 1.93 74.89
C LYS G 224 7.67 3.21 75.11
N LYS G 225 7.92 3.97 74.01
CA LYS G 225 8.48 5.30 73.90
C LYS G 225 9.74 5.47 74.71
N GLU G 226 9.99 6.68 75.24
CA GLU G 226 11.01 6.89 76.23
C GLU G 226 10.75 8.24 76.83
N THR G 227 11.26 8.47 78.07
CA THR G 227 11.04 9.70 78.78
C THR G 227 12.29 10.05 79.55
N ALA G 228 12.75 11.31 79.38
CA ALA G 228 13.64 12.00 80.28
C ALA G 228 14.95 11.31 80.63
N PHE G 229 15.58 11.74 81.75
CA PHE G 229 16.92 11.40 82.19
C PHE G 229 17.94 11.69 81.12
N ILE G 230 17.97 12.96 80.66
CA ILE G 230 18.87 13.41 79.64
C ILE G 230 20.13 13.80 80.33
N TYR G 231 21.25 13.19 79.89
CA TYR G 231 22.56 13.40 80.44
C TYR G 231 23.30 14.39 79.60
N GLN G 232 24.45 14.87 80.12
CA GLN G 232 25.38 15.72 79.40
C GLN G 232 26.33 14.78 78.71
N ASP G 233 27.16 15.30 77.77
CA ASP G 233 28.23 14.59 77.10
C ASP G 233 29.23 14.03 78.11
N PRO G 234 29.96 12.94 77.84
CA PRO G 234 30.79 12.23 78.81
C PRO G 234 31.81 13.05 79.56
N VAL G 235 32.33 14.13 78.95
CA VAL G 235 33.37 14.94 79.54
C VAL G 235 32.76 16.30 79.66
N THR G 236 32.92 16.93 80.84
CA THR G 236 32.40 18.24 81.16
C THR G 236 33.05 19.33 80.35
N GLY G 237 32.30 20.43 80.11
CA GLY G 237 32.73 21.52 79.26
C GLY G 237 32.34 21.30 77.84
N GLU G 238 31.33 20.44 77.61
CA GLU G 238 30.90 20.03 76.30
C GLU G 238 29.38 20.13 76.32
N PRO G 239 28.69 20.24 75.18
CA PRO G 239 27.24 20.39 75.08
C PRO G 239 26.39 19.34 75.77
N VAL G 240 25.06 19.57 75.77
CA VAL G 240 24.10 18.68 76.36
C VAL G 240 23.30 18.20 75.18
N SER G 241 23.15 16.87 75.07
CA SER G 241 22.43 16.26 73.98
C SER G 241 21.62 15.15 74.58
N TYR G 242 20.60 14.67 73.82
CA TYR G 242 19.65 13.67 74.25
C TYR G 242 20.33 12.34 74.49
N PHE G 243 19.78 11.55 75.43
CA PHE G 243 20.26 10.22 75.72
C PHE G 243 19.08 9.44 76.16
N LYS G 244 19.05 8.15 75.77
CA LYS G 244 17.97 7.22 76.03
C LYS G 244 17.98 6.78 77.47
N ARG G 245 16.90 6.08 77.90
CA ARG G 245 16.74 5.65 79.27
C ARG G 245 16.10 4.28 79.26
N ASP G 246 15.30 3.96 78.21
CA ASP G 246 14.47 2.77 78.20
C ASP G 246 15.23 1.55 77.73
N ILE G 247 15.99 1.67 76.63
CA ILE G 247 16.76 0.56 76.07
C ILE G 247 17.92 0.22 76.98
N LYS G 248 18.62 1.25 77.53
CA LYS G 248 19.66 1.06 78.52
C LYS G 248 18.99 0.74 79.84
N ASP G 249 19.65 -0.02 80.71
CA ASP G 249 19.07 -0.39 81.98
C ASP G 249 20.15 -0.55 83.01
N VAL G 250 21.45 -0.47 82.62
CA VAL G 250 22.54 -0.63 83.54
C VAL G 250 23.48 0.52 83.33
N ILE G 251 23.60 1.01 82.08
CA ILE G 251 24.40 2.16 81.69
C ILE G 251 23.96 3.42 82.40
N ASP G 252 22.65 3.50 82.72
CA ASP G 252 21.95 4.65 83.26
C ASP G 252 22.49 5.23 84.55
N ASP G 253 23.05 4.41 85.47
CA ASP G 253 23.56 4.89 86.74
C ASP G 253 24.92 5.55 86.58
N LEU G 254 25.80 4.98 85.72
CA LEU G 254 27.10 5.50 85.44
C LEU G 254 27.01 6.72 84.56
N ALA G 255 25.97 6.78 83.69
CA ALA G 255 25.72 7.88 82.81
C ALA G 255 25.15 9.08 83.53
N ASP G 256 24.61 8.87 84.76
CA ASP G 256 24.10 9.92 85.62
C ASP G 256 25.26 10.56 86.34
N SER G 257 26.24 9.74 86.78
CA SER G 257 27.35 10.20 87.59
C SER G 257 28.39 10.90 86.76
N GLY G 258 28.71 12.16 87.19
CA GLY G 258 29.79 12.95 86.67
C GLY G 258 29.46 13.65 85.38
N PHE G 259 28.20 13.51 84.89
CA PHE G 259 27.75 14.25 83.73
C PHE G 259 26.25 14.06 83.63
N ILE G 260 25.50 15.10 84.04
CA ILE G 260 24.07 15.16 83.83
C ILE G 260 23.76 16.62 83.74
N LYS G 261 22.90 17.00 82.77
CA LYS G 261 22.33 18.32 82.73
C LYS G 261 21.00 18.16 82.06
N ILE G 262 19.98 18.89 82.57
CA ILE G 262 18.59 18.82 82.17
C ILE G 262 18.44 19.27 80.73
N ALA G 263 17.56 18.56 79.98
CA ALA G 263 17.09 18.97 78.68
C ALA G 263 15.83 18.19 78.43
N GLU G 264 15.25 17.62 79.52
CA GLU G 264 14.34 16.51 79.52
C GLU G 264 13.06 16.79 78.79
N ARG G 265 12.63 15.82 77.96
CA ARG G 265 11.51 15.95 77.07
C ARG G 265 11.00 14.56 76.84
N GLN G 266 9.66 14.40 76.73
CA GLN G 266 9.01 13.18 76.33
C GLN G 266 9.24 13.03 74.85
N ILE G 267 9.90 11.92 74.44
CA ILE G 267 10.24 11.67 73.06
C ILE G 267 9.59 10.36 72.75
N LYS G 268 8.58 10.43 71.85
CA LYS G 268 7.76 9.33 71.42
C LYS G 268 8.56 8.51 70.45
N ARG G 269 8.58 7.18 70.68
CA ARG G 269 9.41 6.27 69.92
C ARG G 269 8.54 5.07 69.63
N ARG G 270 8.72 4.50 68.42
CA ARG G 270 8.10 3.27 67.99
C ARG G 270 9.22 2.28 68.08
N ARG G 271 8.98 1.17 68.81
CA ARG G 271 9.94 0.13 69.03
C ARG G 271 9.29 -1.14 68.57
N VAL G 272 10.07 -2.08 67.99
CA VAL G 272 9.53 -3.32 67.48
C VAL G 272 10.13 -4.44 68.28
N TYR G 273 9.35 -5.54 68.41
CA TYR G 273 9.71 -6.73 69.14
C TYR G 273 9.52 -7.86 68.18
N LYS G 274 10.62 -8.57 67.85
CA LYS G 274 10.60 -9.70 66.97
C LYS G 274 10.27 -10.92 67.79
N SER G 275 9.22 -11.66 67.39
CA SER G 275 8.74 -12.80 68.13
C SER G 275 8.81 -13.95 67.17
N ILE G 276 9.30 -15.11 67.62
CA ILE G 276 9.35 -16.32 66.83
C ILE G 276 8.03 -17.00 67.04
N ILE G 277 7.28 -17.26 65.95
CA ILE G 277 5.94 -17.80 65.99
C ILE G 277 5.96 -19.06 65.13
N THR G 278 5.14 -20.06 65.52
CA THR G 278 4.92 -21.29 64.80
C THR G 278 3.48 -21.22 64.31
N CYS G 279 2.93 -22.36 63.84
CA CYS G 279 1.62 -22.42 63.22
C CYS G 279 0.48 -22.10 64.16
N THR G 280 0.48 -22.66 65.39
CA THR G 280 -0.66 -22.59 66.28
C THR G 280 -0.28 -22.03 67.64
N ALA G 281 0.97 -21.53 67.80
CA ALA G 281 1.41 -21.02 69.08
C ALA G 281 2.56 -20.12 68.82
N VAL G 282 2.94 -19.31 69.83
CA VAL G 282 4.11 -18.45 69.76
C VAL G 282 5.20 -19.18 70.48
N LEU G 283 6.35 -19.38 69.80
CA LEU G 283 7.48 -20.13 70.32
C LEU G 283 8.33 -19.30 71.24
N LYS G 284 8.58 -18.02 70.85
CA LYS G 284 9.30 -17.07 71.65
C LYS G 284 8.50 -15.81 71.57
N ASP G 285 8.14 -15.22 72.73
CA ASP G 285 7.20 -14.12 72.78
C ASP G 285 7.94 -12.90 73.21
N LYS G 286 7.93 -11.87 72.34
CA LYS G 286 8.40 -10.52 72.57
C LYS G 286 9.85 -10.45 73.00
N GLN G 287 10.74 -11.06 72.18
CA GLN G 287 12.17 -10.94 72.35
C GLN G 287 12.58 -9.67 71.67
N LEU G 288 13.22 -8.74 72.43
CA LEU G 288 13.60 -7.44 71.93
C LEU G 288 14.70 -7.59 70.91
N ILE G 289 14.49 -6.99 69.72
CA ILE G 289 15.43 -6.97 68.63
C ILE G 289 16.05 -5.60 68.69
N ALA G 290 17.31 -5.47 68.20
CA ALA G 290 18.10 -4.26 68.24
C ALA G 290 17.44 -3.14 67.48
N GLY G 291 16.85 -3.45 66.29
CA GLY G 291 16.09 -2.51 65.50
C GLY G 291 14.89 -2.00 66.26
N GLU G 292 14.55 -0.71 66.06
CA GLU G 292 13.39 -0.10 66.65
C GLU G 292 12.35 0.09 65.57
N HIS G 293 12.67 -0.35 64.34
CA HIS G 293 11.76 -0.38 63.24
C HIS G 293 12.00 -1.70 62.58
N ILE G 294 11.08 -2.10 61.68
CA ILE G 294 11.05 -3.39 61.03
C ILE G 294 12.28 -3.50 60.13
N PRO G 295 13.14 -4.51 60.24
CA PRO G 295 14.43 -4.54 59.55
C PRO G 295 14.29 -5.29 58.25
N ILE G 296 13.05 -5.54 57.76
CA ILE G 296 12.83 -6.21 56.50
C ILE G 296 11.79 -5.41 55.80
N VAL G 297 12.19 -4.89 54.61
CA VAL G 297 11.36 -4.13 53.72
C VAL G 297 11.29 -4.90 52.41
N PRO G 298 10.17 -5.54 52.02
CA PRO G 298 10.05 -6.24 50.77
C PRO G 298 9.92 -5.30 49.60
N VAL G 299 10.65 -5.55 48.48
CA VAL G 299 10.50 -4.81 47.24
C VAL G 299 9.37 -5.43 46.46
N PHE G 300 8.68 -4.60 45.65
CA PHE G 300 7.58 -5.04 44.84
C PHE G 300 7.84 -4.46 43.48
N GLY G 301 8.05 -5.32 42.46
CA GLY G 301 8.37 -4.89 41.12
C GLY G 301 7.16 -4.41 40.38
N GLU G 302 6.06 -5.21 40.45
CA GLU G 302 4.75 -4.82 39.99
C GLU G 302 3.89 -5.03 41.20
N TRP G 303 2.89 -4.15 41.37
CA TRP G 303 2.25 -3.97 42.64
C TRP G 303 0.88 -3.40 42.35
N GLY G 304 0.04 -3.28 43.40
CA GLY G 304 -1.28 -2.74 43.24
C GLY G 304 -2.14 -3.32 44.32
N PHE G 305 -3.41 -2.85 44.36
CA PHE G 305 -4.39 -3.26 45.34
C PHE G 305 -5.68 -3.34 44.56
N VAL G 306 -6.67 -4.11 45.06
CA VAL G 306 -8.00 -4.16 44.47
C VAL G 306 -9.05 -3.78 45.47
N GLU G 307 -8.68 -3.56 46.76
CA GLU G 307 -9.63 -3.12 47.76
C GLU G 307 -8.88 -2.57 48.94
N ASP G 308 -7.53 -2.50 48.82
CA ASP G 308 -6.57 -2.41 49.90
C ASP G 308 -6.34 -3.78 50.51
N LYS G 309 -6.16 -4.78 49.62
CA LYS G 309 -5.56 -6.05 49.93
C LYS G 309 -4.37 -6.07 49.02
N GLU G 310 -3.17 -6.35 49.58
CA GLU G 310 -1.92 -6.19 48.88
C GLU G 310 -1.69 -7.32 47.92
N VAL G 311 -1.47 -6.96 46.63
CA VAL G 311 -1.30 -7.87 45.53
C VAL G 311 0.02 -7.48 44.93
N TYR G 312 0.83 -8.50 44.57
CA TYR G 312 2.12 -8.28 43.94
C TYR G 312 2.32 -9.43 43.01
N GLU G 313 3.05 -9.16 41.90
CA GLU G 313 3.23 -10.10 40.84
C GLU G 313 4.47 -9.67 40.12
N GLY G 314 5.00 -10.55 39.25
CA GLY G 314 6.19 -10.29 38.48
C GLY G 314 5.82 -9.66 37.17
N VAL G 315 6.70 -9.90 36.17
CA VAL G 315 6.54 -9.45 34.80
C VAL G 315 6.23 -10.69 33.98
N VAL G 316 6.01 -11.83 34.67
CA VAL G 316 5.93 -13.15 34.09
C VAL G 316 4.52 -13.67 34.32
N ARG G 317 3.55 -12.74 34.53
CA ARG G 317 2.22 -13.01 35.03
C ARG G 317 1.41 -13.91 34.12
N LEU G 318 1.46 -13.70 32.79
CA LEU G 318 0.81 -14.56 31.82
C LEU G 318 1.74 -14.66 30.64
N THR G 319 3.05 -14.39 30.86
CA THR G 319 4.13 -14.69 29.93
C THR G 319 4.26 -16.20 29.84
N LYS G 320 3.95 -16.89 30.97
CA LYS G 320 4.04 -18.31 31.15
C LYS G 320 3.03 -19.08 30.33
N ASP G 321 1.89 -18.42 29.97
CA ASP G 321 0.81 -19.00 29.21
C ASP G 321 1.27 -19.36 27.83
N GLY G 322 1.88 -18.36 27.11
CA GLY G 322 2.37 -18.53 25.77
C GLY G 322 3.60 -19.38 25.69
N GLN G 323 4.41 -19.44 26.78
CA GLN G 323 5.63 -20.22 26.84
C GLN G 323 5.36 -21.69 26.72
N ARG G 324 4.45 -22.24 27.56
CA ARG G 324 4.06 -23.64 27.54
C ARG G 324 3.24 -23.97 26.32
N LEU G 325 2.58 -22.96 25.72
CA LEU G 325 1.80 -23.11 24.51
C LEU G 325 2.71 -23.32 23.31
N ARG G 326 3.85 -22.58 23.21
CA ARG G 326 4.84 -22.81 22.18
C ARG G 326 5.45 -24.17 22.31
N ASN G 327 5.70 -24.62 23.57
CA ASN G 327 6.27 -25.90 23.92
C ASN G 327 5.39 -27.05 23.48
N MET G 328 4.05 -26.85 23.48
CA MET G 328 3.06 -27.84 23.10
C MET G 328 3.18 -28.16 21.65
N ILE G 329 3.20 -27.12 20.80
CA ILE G 329 3.21 -27.20 19.35
C ILE G 329 4.43 -27.95 18.87
N MET G 330 5.59 -27.69 19.50
CA MET G 330 6.84 -28.39 19.27
C MET G 330 6.74 -29.85 19.63
N SER G 331 6.19 -30.19 20.81
CA SER G 331 6.15 -31.55 21.30
C SER G 331 5.14 -32.40 20.57
N PHE G 332 4.09 -31.77 20.00
CA PHE G 332 3.03 -32.45 19.28
C PHE G 332 3.56 -32.95 17.96
N ASN G 333 4.42 -32.15 17.30
CA ASN G 333 5.01 -32.50 16.03
C ASN G 333 6.26 -33.32 16.22
N ALA G 334 6.72 -33.54 17.48
CA ALA G 334 7.84 -34.40 17.78
C ALA G 334 7.47 -35.85 17.56
N ASP G 335 6.20 -36.20 17.87
CA ASP G 335 5.62 -37.51 17.69
C ASP G 335 5.46 -37.84 16.23
N ILE G 336 5.06 -36.85 15.40
CA ILE G 336 4.82 -37.01 13.99
C ILE G 336 6.11 -37.29 13.25
N VAL G 337 7.22 -36.67 13.69
CA VAL G 337 8.52 -36.83 13.09
C VAL G 337 9.15 -38.13 13.54
N ALA G 338 9.05 -38.48 14.84
CA ALA G 338 9.84 -39.53 15.41
C ALA G 338 9.15 -40.86 15.42
N ARG G 339 8.08 -41.04 16.23
CA ARG G 339 7.51 -42.34 16.50
C ARG G 339 6.59 -42.83 15.42
N THR G 340 6.14 -41.93 14.51
CA THR G 340 5.30 -42.27 13.38
C THR G 340 6.22 -42.79 12.30
N PRO G 341 6.00 -43.97 11.69
CA PRO G 341 6.84 -44.54 10.64
C PRO G 341 7.09 -43.62 9.47
N LYS G 342 8.29 -43.72 8.85
CA LYS G 342 8.65 -42.99 7.65
C LYS G 342 7.84 -43.49 6.49
N LYS G 343 7.60 -42.60 5.48
CA LYS G 343 6.82 -42.89 4.29
C LYS G 343 7.40 -44.01 3.48
N LYS G 344 6.53 -44.86 2.89
CA LYS G 344 6.93 -46.03 2.14
C LYS G 344 5.95 -46.19 1.00
N PRO G 345 6.29 -46.81 -0.13
CA PRO G 345 5.35 -47.05 -1.22
C PRO G 345 4.42 -48.21 -0.88
N PHE G 346 3.15 -48.16 -1.35
CA PHE G 346 2.19 -49.22 -1.17
C PHE G 346 2.41 -50.23 -2.27
N PHE G 347 2.19 -51.52 -1.93
CA PHE G 347 2.25 -52.63 -2.85
C PHE G 347 1.27 -53.64 -2.30
N TRP G 348 1.15 -54.76 -3.01
CA TRP G 348 0.22 -55.83 -2.70
C TRP G 348 1.06 -57.08 -2.87
N PRO G 349 0.74 -58.21 -2.26
CA PRO G 349 1.62 -59.37 -2.18
C PRO G 349 1.77 -60.06 -3.51
N GLU G 350 0.71 -60.12 -4.34
CA GLU G 350 0.72 -60.87 -5.58
C GLU G 350 1.58 -60.23 -6.63
N GLN G 351 1.59 -58.87 -6.70
CA GLN G 351 2.35 -58.14 -7.69
C GLN G 351 3.81 -58.01 -7.33
N ILE G 352 4.18 -58.19 -6.04
CA ILE G 352 5.54 -58.02 -5.59
C ILE G 352 6.17 -59.38 -5.44
N ALA G 353 5.43 -60.47 -5.79
CA ALA G 353 5.88 -61.82 -5.63
C ALA G 353 6.88 -62.13 -6.70
N GLY G 354 8.09 -62.56 -6.26
CA GLY G 354 9.16 -62.92 -7.16
C GLY G 354 9.94 -61.74 -7.65
N PHE G 355 9.67 -60.53 -7.10
CA PHE G 355 10.30 -59.32 -7.53
C PHE G 355 10.55 -58.45 -6.33
N GLU G 356 10.44 -59.03 -5.10
CA GLU G 356 10.73 -58.38 -3.84
C GLU G 356 12.18 -57.94 -3.71
N HIS G 357 13.08 -58.60 -4.50
CA HIS G 357 14.49 -58.30 -4.63
C HIS G 357 14.76 -56.95 -5.24
N MET G 358 13.85 -56.45 -6.08
CA MET G 358 13.93 -55.15 -6.71
C MET G 358 13.69 -54.04 -5.71
N TYR G 359 12.80 -54.32 -4.73
CA TYR G 359 12.33 -53.38 -3.73
C TYR G 359 13.02 -53.64 -2.42
N ASP G 360 14.23 -54.25 -2.44
CA ASP G 360 14.94 -54.65 -1.25
C ASP G 360 15.58 -53.49 -0.52
N GLY G 361 15.68 -52.31 -1.18
CA GLY G 361 16.19 -51.09 -0.60
C GLY G 361 17.52 -50.71 -1.18
N ASN G 362 18.15 -51.61 -1.97
CA ASN G 362 19.33 -51.30 -2.73
C ASN G 362 18.92 -50.63 -4.00
N ASP G 363 19.82 -49.77 -4.54
CA ASP G 363 19.66 -49.14 -5.82
C ASP G 363 20.90 -49.51 -6.56
N ASP G 364 20.76 -50.47 -7.51
CA ASP G 364 21.73 -50.75 -8.53
C ASP G 364 20.98 -51.30 -9.73
N TYR G 365 19.64 -51.14 -9.76
CA TYR G 365 18.79 -51.85 -10.68
C TYR G 365 18.35 -50.83 -11.71
N PRO G 366 18.45 -51.06 -13.02
CA PRO G 366 18.01 -50.14 -14.06
C PRO G 366 16.52 -49.87 -14.04
N TYR G 367 15.70 -50.82 -13.53
CA TYR G 367 14.26 -50.79 -13.71
C TYR G 367 13.67 -51.61 -12.60
N TYR G 368 12.32 -51.59 -12.51
CA TYR G 368 11.53 -52.34 -11.56
C TYR G 368 10.83 -53.39 -12.36
N LEU G 369 10.30 -54.42 -11.66
CA LEU G 369 9.59 -55.51 -12.24
C LEU G 369 8.44 -55.79 -11.33
N LEU G 370 7.28 -56.20 -11.92
CA LEU G 370 6.06 -56.50 -11.20
C LEU G 370 5.39 -57.57 -12.01
N ASN G 371 4.33 -58.19 -11.45
CA ASN G 371 3.53 -59.17 -12.14
C ASN G 371 2.44 -58.46 -12.90
N ARG G 372 2.40 -58.71 -14.23
CA ARG G 372 1.41 -58.18 -15.14
C ARG G 372 0.07 -58.82 -14.90
N THR G 373 0.07 -60.17 -14.70
CA THR G 373 -1.11 -60.97 -14.58
C THR G 373 -0.84 -61.96 -13.48
N ASP G 374 -1.92 -62.65 -13.04
CA ASP G 374 -1.89 -63.68 -12.05
C ASP G 374 -2.74 -64.78 -12.60
N GLU G 375 -2.69 -65.98 -11.99
CA GLU G 375 -3.52 -67.10 -12.38
C GLU G 375 -4.86 -66.96 -11.72
N ASN G 376 -5.84 -67.79 -12.18
CA ASN G 376 -7.22 -67.80 -11.73
C ASN G 376 -7.92 -66.53 -12.14
N SER G 377 -7.74 -66.13 -13.43
CA SER G 377 -8.30 -64.94 -14.03
C SER G 377 -7.83 -63.69 -13.32
N GLY G 378 -6.49 -63.50 -13.26
CA GLY G 378 -5.83 -62.41 -12.58
C GLY G 378 -6.12 -61.04 -13.14
N ASP G 379 -5.50 -60.02 -12.51
CA ASP G 379 -5.73 -58.63 -12.83
C ASP G 379 -4.40 -57.95 -12.92
N LEU G 380 -4.42 -56.72 -13.47
CA LEU G 380 -3.29 -55.81 -13.61
C LEU G 380 -2.84 -55.38 -12.22
N PRO G 381 -1.54 -55.14 -11.95
CA PRO G 381 -1.04 -54.68 -10.67
C PRO G 381 -1.68 -53.37 -10.26
N THR G 382 -2.25 -53.32 -9.03
CA THR G 382 -2.99 -52.19 -8.53
C THR G 382 -2.00 -51.21 -7.97
N GLN G 383 -2.16 -49.92 -8.38
CA GLN G 383 -1.43 -48.72 -8.01
C GLN G 383 -0.06 -48.91 -7.38
N PRO G 384 1.02 -49.18 -8.12
CA PRO G 384 2.37 -49.21 -7.60
C PRO G 384 2.87 -47.80 -7.41
N LEU G 385 2.13 -46.80 -7.94
CA LEU G 385 2.47 -45.40 -7.90
C LEU G 385 2.09 -44.80 -6.56
N ALA G 386 1.16 -45.46 -5.83
CA ALA G 386 0.66 -45.04 -4.53
C ALA G 386 1.74 -45.01 -3.49
N TYR G 387 1.64 -44.05 -2.55
CA TYR G 387 2.68 -43.76 -1.60
C TYR G 387 2.02 -43.36 -0.32
N TYR G 388 2.54 -43.88 0.83
CA TYR G 388 2.07 -43.62 2.18
C TYR G 388 2.43 -42.20 2.51
N GLU G 389 1.56 -41.51 3.27
CA GLU G 389 1.76 -40.13 3.62
C GLU G 389 1.53 -40.05 5.10
N ASN G 390 2.56 -39.54 5.81
CA ASN G 390 2.58 -39.21 7.23
C ASN G 390 1.73 -37.98 7.45
N PRO G 391 1.27 -37.66 8.67
CA PRO G 391 0.61 -36.40 8.98
C PRO G 391 1.49 -35.23 8.61
N GLU G 392 0.95 -34.25 7.85
CA GLU G 392 1.74 -33.18 7.29
C GLU G 392 1.59 -31.93 8.11
N VAL G 393 0.81 -32.00 9.21
CA VAL G 393 0.57 -30.94 10.18
C VAL G 393 -0.38 -29.92 9.58
N PRO G 394 -1.60 -29.68 10.09
CA PRO G 394 -2.48 -28.63 9.61
C PRO G 394 -1.90 -27.24 9.79
N GLN G 395 -2.47 -26.24 9.08
CA GLN G 395 -2.14 -24.84 9.22
C GLN G 395 -2.60 -24.29 10.56
N ALA G 396 -3.42 -25.07 11.32
CA ALA G 396 -3.90 -24.72 12.62
C ALA G 396 -2.81 -24.49 13.64
N ASN G 397 -1.72 -25.29 13.57
CA ASN G 397 -0.57 -25.16 14.44
C ASN G 397 0.23 -23.92 14.13
N ALA G 398 0.11 -23.38 12.89
CA ALA G 398 0.78 -22.16 12.48
C ALA G 398 0.09 -20.95 13.04
N TYR G 399 -1.27 -20.93 13.05
CA TYR G 399 -2.07 -19.86 13.61
C TYR G 399 -1.94 -19.82 15.11
N MET G 400 -1.80 -21.00 15.75
CA MET G 400 -1.76 -21.11 17.19
C MET G 400 -0.39 -20.73 17.69
N LEU G 401 0.67 -20.92 16.86
CA LEU G 401 2.03 -20.55 17.16
C LEU G 401 2.20 -19.05 17.14
N GLU G 402 1.50 -18.35 16.22
CA GLU G 402 1.52 -16.91 16.11
C GLU G 402 0.94 -16.27 17.33
N ALA G 403 -0.15 -16.85 17.88
CA ALA G 403 -0.79 -16.38 19.08
C ALA G 403 0.01 -16.70 20.32
N ALA G 404 0.83 -17.78 20.26
CA ALA G 404 1.65 -18.24 21.35
C ALA G 404 2.87 -17.39 21.53
N THR G 405 3.58 -17.07 20.42
CA THR G 405 4.79 -16.28 20.42
C THR G 405 4.52 -14.84 20.79
N SER G 406 3.34 -14.31 20.42
CA SER G 406 2.91 -12.97 20.70
C SER G 406 2.57 -12.81 22.16
N ALA G 407 1.94 -13.84 22.78
CA ALA G 407 1.45 -13.80 24.14
C ALA G 407 2.55 -13.77 25.16
N VAL G 408 3.77 -14.26 24.80
CA VAL G 408 4.94 -14.22 25.65
C VAL G 408 5.41 -12.80 25.75
N LYS G 409 5.57 -12.15 24.57
CA LYS G 409 6.24 -10.88 24.45
C LYS G 409 5.46 -9.70 24.97
N GLU G 410 4.10 -9.78 25.05
CA GLU G 410 3.29 -8.71 25.60
C GLU G 410 3.61 -8.43 27.04
N VAL G 411 3.36 -9.43 27.92
CA VAL G 411 3.48 -9.33 29.35
C VAL G 411 4.91 -9.25 29.79
N ALA G 412 5.84 -9.90 29.04
CA ALA G 412 7.27 -9.90 29.33
C ALA G 412 7.93 -8.56 29.17
N THR G 413 7.27 -7.60 28.48
CA THR G 413 7.77 -6.26 28.33
C THR G 413 6.88 -5.36 29.14
N LEU G 414 7.44 -4.18 29.52
CA LEU G 414 6.74 -3.16 30.24
C LEU G 414 6.63 -1.97 29.31
N GLY G 415 7.09 -2.11 28.05
CA GLY G 415 7.20 -1.05 27.08
C GLY G 415 8.50 -0.35 27.31
N VAL G 416 9.33 -0.28 26.25
CA VAL G 416 10.68 0.22 26.31
C VAL G 416 10.62 1.67 25.91
N ASP G 417 10.87 2.58 26.90
CA ASP G 417 10.91 4.02 26.72
C ASP G 417 12.08 4.44 25.85
N THR G 418 13.28 3.87 26.11
CA THR G 418 14.47 4.14 25.35
C THR G 418 15.19 2.83 25.35
N GLU G 419 15.77 2.44 24.19
CA GLU G 419 16.49 1.18 23.99
C GLU G 419 17.63 1.03 24.95
N ALA G 420 17.87 -0.22 25.40
CA ALA G 420 18.78 -0.57 26.47
C ALA G 420 18.34 0.11 27.75
N VAL G 421 19.28 0.75 28.48
CA VAL G 421 19.02 1.46 29.72
C VAL G 421 18.07 2.60 29.53
N ASN G 422 17.27 2.88 30.59
CA ASN G 422 16.18 3.84 30.63
C ASN G 422 15.03 3.36 29.79
N GLY G 423 14.75 2.04 29.84
CA GLY G 423 13.68 1.39 29.12
C GLY G 423 12.52 1.20 30.03
N GLY G 424 12.00 -0.05 30.07
CA GLY G 424 10.85 -0.42 30.85
C GLY G 424 11.20 -0.82 32.25
N GLN G 425 12.52 -0.86 32.59
CA GLN G 425 12.99 -1.25 33.90
C GLN G 425 13.11 -0.05 34.80
N VAL G 426 12.73 1.15 34.30
CA VAL G 426 12.59 2.39 35.03
C VAL G 426 11.57 2.24 36.12
N ALA G 427 10.46 1.50 35.85
CA ALA G 427 9.45 1.15 36.82
C ALA G 427 9.97 0.31 37.96
N PHE G 428 10.95 -0.59 37.70
CA PHE G 428 11.54 -1.41 38.74
C PHE G 428 12.55 -0.65 39.58
N ASP G 429 13.26 0.34 38.99
CA ASP G 429 14.31 1.08 39.68
C ASP G 429 13.74 2.04 40.69
N THR G 430 12.62 2.69 40.36
CA THR G 430 12.00 3.73 41.16
C THR G 430 11.29 3.16 42.36
N VAL G 431 10.77 1.91 42.26
CA VAL G 431 10.11 1.26 43.37
C VAL G 431 11.13 0.54 44.26
N ASN G 432 12.38 0.35 43.76
CA ASN G 432 13.44 -0.30 44.50
C ASN G 432 14.07 0.65 45.50
N GLN G 433 14.16 1.95 45.15
CA GLN G 433 14.85 2.94 45.96
C GLN G 433 14.06 3.38 47.16
N LEU G 434 12.72 3.25 47.12
CA LEU G 434 11.83 3.51 48.23
C LEU G 434 12.10 2.58 49.38
N ASN G 435 12.40 1.30 49.07
CA ASN G 435 12.79 0.30 50.04
C ASN G 435 14.18 0.50 50.58
N MET G 436 15.14 1.02 49.77
CA MET G 436 16.48 1.34 50.23
C MET G 436 16.48 2.47 51.23
N ARG G 437 15.61 3.49 51.01
CA ARG G 437 15.38 4.60 51.92
C ARG G 437 14.62 4.16 53.15
N ALA G 438 13.82 3.09 53.04
CA ALA G 438 13.06 2.51 54.14
C ALA G 438 13.94 1.69 55.03
N ASP G 439 14.89 0.93 54.43
CA ASP G 439 15.90 0.17 55.14
C ASP G 439 16.86 1.10 55.86
N LEU G 440 16.93 2.37 55.45
CA LEU G 440 17.75 3.39 56.03
C LEU G 440 17.17 3.87 57.34
N GLU G 441 15.82 3.96 57.44
CA GLU G 441 15.13 4.34 58.66
C GLU G 441 15.36 3.35 59.78
N THR G 442 15.47 2.04 59.46
CA THR G 442 15.70 0.99 60.42
C THR G 442 17.18 0.69 60.55
N TYR G 443 18.05 1.30 59.70
CA TYR G 443 19.49 1.11 59.78
C TYR G 443 20.02 1.91 60.92
N VAL G 444 19.61 3.19 61.04
CA VAL G 444 20.19 4.16 61.92
C VAL G 444 19.83 3.84 63.36
N PHE G 445 18.56 3.49 63.60
CA PHE G 445 18.01 3.18 64.91
C PHE G 445 18.44 1.81 65.39
N GLN G 446 19.10 1.00 64.53
CA GLN G 446 19.69 -0.27 64.90
C GLN G 446 21.16 -0.11 65.19
N ASP G 447 21.93 0.39 64.19
CA ASP G 447 23.36 0.60 64.17
C ASP G 447 23.86 1.39 65.34
N ASN G 448 23.17 2.50 65.70
CA ASN G 448 23.58 3.40 66.74
C ASN G 448 23.48 2.78 68.11
N LEU G 449 22.60 1.77 68.30
CA LEU G 449 22.50 1.05 69.54
C LEU G 449 23.57 0.00 69.63
N ALA G 450 23.85 -0.73 68.52
CA ALA G 450 24.85 -1.78 68.50
C ALA G 450 26.26 -1.24 68.64
N THR G 451 26.63 -0.29 67.76
CA THR G 451 27.92 0.35 67.69
C THR G 451 28.12 1.29 68.86
N ALA G 452 27.01 1.80 69.45
CA ALA G 452 27.00 2.91 70.40
C ALA G 452 27.34 4.15 69.61
N MET G 453 28.09 5.09 70.22
CA MET G 453 28.53 6.33 69.60
C MET G 453 27.39 7.18 69.09
N ARG G 454 27.68 8.01 68.05
CA ARG G 454 26.80 8.93 67.39
C ARG G 454 26.75 10.21 68.18
N ARG G 455 27.95 10.81 68.36
CA ARG G 455 28.07 12.21 68.66
C ARG G 455 29.18 12.62 67.76
N ASP G 456 28.81 13.05 66.53
CA ASP G 456 29.76 13.24 65.46
C ASP G 456 29.22 14.35 64.62
N GLY G 457 30.14 15.11 63.99
CA GLY G 457 29.79 16.20 63.14
C GLY G 457 31.03 16.52 62.39
N GLU G 458 31.42 17.81 62.39
CA GLU G 458 32.62 18.30 61.75
C GLU G 458 33.16 19.34 62.69
N ILE G 459 34.51 19.54 62.66
CA ILE G 459 35.29 20.53 63.38
C ILE G 459 34.90 20.69 64.84
N TYR G 460 34.78 21.93 65.35
CA TYR G 460 34.73 22.23 66.76
C TYR G 460 33.31 22.14 67.21
N GLN G 461 33.08 21.52 68.39
CA GLN G 461 31.78 21.47 69.00
C GLN G 461 31.99 21.04 70.44
N SER G 462 33.26 21.01 70.89
CA SER G 462 33.65 20.25 72.05
C SER G 462 34.78 21.01 72.69
N ILE G 463 34.82 20.99 74.06
CA ILE G 463 35.96 21.32 74.89
C ILE G 463 36.09 22.83 75.04
N VAL G 464 36.54 23.27 76.25
CA VAL G 464 36.79 24.64 76.68
C VAL G 464 35.53 25.35 77.10
N ASN G 465 35.56 25.85 78.36
CA ASN G 465 34.53 26.52 79.14
C ASN G 465 33.11 26.01 78.96
N ASP G 466 32.12 26.93 79.14
CA ASP G 466 30.72 26.69 79.41
C ASP G 466 30.02 25.95 78.30
N ILE G 467 28.96 25.21 78.70
CA ILE G 467 28.33 24.17 77.92
C ILE G 467 27.39 24.77 76.90
N TYR G 468 27.09 23.98 75.85
CA TYR G 468 26.15 24.21 74.75
C TYR G 468 26.28 25.52 74.02
N ASP G 469 25.26 25.84 73.18
CA ASP G 469 25.36 26.75 72.06
C ASP G 469 24.70 28.06 72.41
N VAL G 470 25.29 28.75 73.42
CA VAL G 470 24.90 30.05 73.89
C VAL G 470 25.04 31.14 72.82
N PRO G 471 26.09 31.29 71.99
CA PRO G 471 26.09 32.21 70.85
C PRO G 471 25.06 31.83 69.80
N ARG G 472 24.67 32.71 68.85
CA ARG G 472 24.21 34.08 69.00
C ARG G 472 25.30 35.04 68.61
N ASN G 473 24.89 36.14 67.93
CA ASN G 473 25.73 37.06 67.20
C ASN G 473 26.77 37.82 68.00
N VAL G 474 27.86 38.22 67.30
CA VAL G 474 28.88 39.16 67.69
C VAL G 474 29.63 38.73 68.93
N THR G 475 30.14 37.47 68.92
CA THR G 475 31.03 37.01 69.95
C THR G 475 31.90 35.99 69.25
N ILE G 476 33.23 36.10 69.46
CA ILE G 476 34.23 35.28 68.83
C ILE G 476 35.28 35.09 69.89
N THR G 477 35.75 33.83 70.03
CA THR G 477 36.79 33.38 70.94
C THR G 477 36.27 33.29 72.34
N LEU G 478 35.86 32.06 72.74
CA LEU G 478 35.62 31.57 74.09
C LEU G 478 34.71 32.40 74.98
N GLU G 479 34.66 32.01 76.27
CA GLU G 479 33.71 32.40 77.30
C GLU G 479 32.38 31.70 77.13
N ASP G 480 32.31 30.75 76.18
CA ASP G 480 31.39 29.64 76.19
C ASP G 480 32.25 28.58 75.58
N GLY G 481 32.68 28.78 74.32
CA GLY G 481 33.78 28.03 73.75
C GLY G 481 33.43 26.64 73.30
N SER G 482 32.12 26.25 73.33
CA SER G 482 31.71 24.95 72.83
C SER G 482 31.84 24.99 71.33
N GLU G 483 31.28 26.05 70.71
CA GLU G 483 31.83 26.59 69.50
C GLU G 483 31.49 28.04 69.47
N LYS G 484 32.51 28.88 69.19
CA LYS G 484 32.37 30.15 68.55
C LYS G 484 33.70 30.44 67.91
N ASP G 485 34.53 29.38 67.77
CA ASP G 485 35.87 29.44 67.29
C ASP G 485 36.12 28.11 66.65
N VAL G 486 37.00 28.08 65.62
CA VAL G 486 37.22 26.87 64.84
C VAL G 486 38.44 26.19 65.42
N GLN G 487 38.29 24.85 65.65
CA GLN G 487 39.29 23.86 65.95
C GLN G 487 40.36 24.28 66.94
N LEU G 488 41.58 23.72 66.80
CA LEU G 488 42.76 23.99 67.61
C LEU G 488 42.60 23.58 69.05
N MET G 489 41.97 22.41 69.28
CA MET G 489 41.99 21.74 70.56
C MET G 489 41.28 20.44 70.37
N ALA G 490 40.09 20.46 69.75
CA ALA G 490 39.23 19.31 69.75
C ALA G 490 38.61 19.15 68.39
N GLU G 491 38.05 17.94 68.16
CA GLU G 491 37.40 17.54 66.97
C GLU G 491 36.32 16.60 67.44
N VAL G 492 35.26 16.42 66.62
CA VAL G 492 34.18 15.49 66.91
C VAL G 492 34.14 14.45 65.82
N VAL G 493 35.20 14.40 64.97
CA VAL G 493 35.38 13.36 63.99
C VAL G 493 36.40 12.39 64.53
N ASP G 494 36.94 12.67 65.74
CA ASP G 494 37.86 11.80 66.44
C ASP G 494 37.31 11.56 67.82
N LEU G 495 36.07 12.00 68.11
CA LEU G 495 35.50 11.91 69.43
C LEU G 495 34.04 11.66 69.27
N ALA G 496 33.47 10.81 70.16
CA ALA G 496 32.08 10.47 70.17
C ALA G 496 31.76 10.02 71.56
N THR G 497 30.45 9.88 71.87
CA THR G 497 29.96 9.51 73.18
C THR G 497 30.18 8.03 73.40
N GLY G 498 31.04 7.70 74.39
CA GLY G 498 31.28 6.35 74.81
C GLY G 498 30.81 6.15 76.22
N GLU G 499 30.61 7.28 76.97
CA GLU G 499 30.29 7.33 78.39
C GLU G 499 31.27 6.51 79.21
N LYS G 500 30.81 5.95 80.35
CA LYS G 500 31.63 5.09 81.18
C LYS G 500 31.31 3.65 80.85
N GLN G 501 30.25 3.41 80.04
CA GLN G 501 29.87 2.09 79.63
C GLN G 501 29.21 2.28 78.30
N VAL G 502 29.45 1.34 77.35
CA VAL G 502 28.93 1.38 75.99
C VAL G 502 27.49 0.95 76.02
N LEU G 503 26.76 1.18 74.88
CA LEU G 503 25.34 0.94 74.70
C LEU G 503 24.66 2.20 75.14
N ASN G 504 24.99 3.31 74.45
CA ASN G 504 24.40 4.61 74.66
C ASN G 504 24.37 5.27 73.31
N ASP G 505 23.33 6.12 73.07
CA ASP G 505 23.25 6.87 71.85
C ASP G 505 22.30 8.01 72.05
N ILE G 506 22.38 9.00 71.13
CA ILE G 506 21.51 10.14 71.04
C ILE G 506 20.15 9.72 70.54
N ARG G 507 19.07 10.42 71.00
CA ARG G 507 17.71 10.13 70.61
C ARG G 507 17.43 10.68 69.24
N GLY G 508 17.91 11.92 68.96
CA GLY G 508 17.85 12.52 67.65
C GLY G 508 19.04 12.03 66.88
N ARG G 509 18.82 10.95 66.10
CA ARG G 509 19.86 10.21 65.43
C ARG G 509 20.07 10.70 64.02
N TYR G 510 19.23 11.65 63.54
CA TYR G 510 19.26 12.12 62.18
C TYR G 510 20.19 13.30 62.11
N GLU G 511 20.65 13.60 60.88
CA GLU G 511 21.40 14.80 60.58
C GLU G 511 21.23 15.06 59.11
N CYS G 512 20.62 14.08 58.40
CA CYS G 512 20.42 14.07 56.98
C CYS G 512 19.17 13.26 56.82
N TYR G 513 18.38 13.56 55.76
CA TYR G 513 17.13 12.87 55.51
C TYR G 513 17.42 11.69 54.63
N THR G 514 16.47 10.74 54.56
CA THR G 514 16.65 9.47 53.88
C THR G 514 16.67 9.67 52.38
N ASP G 515 17.81 9.33 51.73
CA ASP G 515 17.91 9.45 50.29
C ASP G 515 19.01 8.54 49.85
N VAL G 516 18.99 8.16 48.54
CA VAL G 516 19.89 7.23 47.93
C VAL G 516 20.65 7.92 46.83
N GLY G 517 21.80 7.33 46.44
CA GLY G 517 22.61 7.81 45.36
C GLY G 517 23.54 6.69 45.03
N PRO G 518 24.57 6.93 44.22
CA PRO G 518 25.62 5.97 43.88
C PRO G 518 26.24 5.27 45.06
N SER G 519 26.57 3.97 44.92
CA SER G 519 27.08 3.15 45.99
C SER G 519 28.58 3.29 46.01
N PHE G 520 29.15 3.37 47.23
CA PHE G 520 30.58 3.47 47.46
C PHE G 520 30.83 2.69 48.71
N GLN G 521 32.05 2.12 48.85
CA GLN G 521 32.39 1.24 49.95
C GLN G 521 33.49 1.83 50.78
N SER G 522 33.98 3.04 50.42
CA SER G 522 34.98 3.74 51.19
C SER G 522 34.86 5.19 50.82
N MET G 523 35.60 6.06 51.54
CA MET G 523 35.50 7.50 51.40
C MET G 523 36.22 7.97 50.17
N LYS G 524 37.32 7.30 49.75
CA LYS G 524 38.07 7.67 48.58
C LYS G 524 37.35 7.33 47.30
N GLN G 525 36.43 6.34 47.34
CA GLN G 525 35.61 5.95 46.21
C GLN G 525 34.60 7.02 45.89
N GLN G 526 34.00 7.64 46.93
CA GLN G 526 33.05 8.72 46.75
C GLN G 526 33.73 9.96 46.24
N ASN G 527 35.00 10.19 46.66
CA ASN G 527 35.76 11.36 46.31
C ASN G 527 36.12 11.39 44.85
N ARG G 528 36.44 10.23 44.23
CA ARG G 528 36.84 10.16 42.83
C ARG G 528 35.69 10.45 41.91
N ALA G 529 34.47 10.02 42.27
CA ALA G 529 33.30 10.20 41.45
C ALA G 529 32.80 11.62 41.49
N GLU G 530 32.93 12.28 42.66
CA GLU G 530 32.53 13.66 42.86
C GLU G 530 33.40 14.65 42.15
N ILE G 531 34.71 14.36 41.99
CA ILE G 531 35.67 15.23 41.33
C ILE G 531 35.31 15.34 39.87
N LEU G 532 34.97 14.20 39.24
CA LEU G 532 34.58 14.11 37.84
C LEU G 532 33.23 14.76 37.60
N GLU G 533 32.33 14.75 38.63
CA GLU G 533 31.03 15.37 38.57
C GLU G 533 31.14 16.87 38.57
N LEU G 534 32.09 17.42 39.37
CA LEU G 534 32.34 18.85 39.46
C LEU G 534 33.07 19.36 38.24
N LEU G 535 33.71 18.45 37.45
CA LEU G 535 34.36 18.78 36.20
C LEU G 535 33.33 18.64 35.10
N GLY G 536 33.69 19.12 33.89
CA GLY G 536 32.84 19.02 32.72
C GLY G 536 31.92 20.19 32.60
N LYS G 537 32.21 21.30 33.32
CA LYS G 537 31.48 22.53 33.19
C LYS G 537 32.34 23.64 33.71
N THR G 538 33.62 23.32 34.04
CA THR G 538 34.57 24.25 34.59
C THR G 538 35.25 24.97 33.43
N PRO G 539 35.73 26.20 33.60
CA PRO G 539 36.49 26.91 32.58
C PRO G 539 37.93 26.49 32.74
N GLN G 540 38.89 27.24 32.14
CA GLN G 540 40.30 26.94 32.24
C GLN G 540 40.92 27.70 33.38
N GLY G 541 40.07 28.33 34.23
CA GLY G 541 40.46 29.08 35.39
C GLY G 541 40.84 28.18 36.53
N THR G 542 40.92 28.80 37.75
CA THR G 542 41.33 28.19 38.99
C THR G 542 40.50 27.00 39.42
N PRO G 543 39.15 26.94 39.37
CA PRO G 543 38.38 25.79 39.82
C PRO G 543 38.70 24.46 39.18
N GLU G 544 39.17 24.44 37.90
CA GLU G 544 39.50 23.21 37.22
C GLU G 544 40.81 22.66 37.72
N TYR G 545 41.81 23.55 38.00
CA TYR G 545 43.13 23.18 38.41
C TYR G 545 43.16 22.56 39.79
N GLN G 546 42.16 22.91 40.65
CA GLN G 546 42.07 22.38 41.99
C GLN G 546 41.54 20.98 41.98
N LEU G 547 40.64 20.67 41.01
CA LEU G 547 40.02 19.36 40.87
C LEU G 547 40.94 18.36 40.22
N LEU G 548 41.83 18.81 39.31
CA LEU G 548 42.79 17.96 38.63
C LEU G 548 43.84 17.42 39.57
N LEU G 549 44.26 18.25 40.55
CA LEU G 549 45.22 17.92 41.57
C LEU G 549 44.63 16.95 42.55
N LEU G 550 43.35 17.17 42.91
CA LEU G 550 42.63 16.41 43.91
C LEU G 550 42.30 15.02 43.43
N GLN G 551 42.23 14.82 42.08
CA GLN G 551 42.06 13.52 41.46
C GLN G 551 43.26 12.63 41.70
N TYR G 552 44.46 13.25 41.79
CA TYR G 552 45.68 12.54 42.05
C TYR G 552 45.89 12.30 43.54
N PHE G 553 45.12 13.01 44.39
CA PHE G 553 45.22 12.99 45.83
C PHE G 553 44.56 11.74 46.35
N THR G 554 43.43 11.36 45.72
CA THR G 554 42.59 10.26 46.13
C THR G 554 43.17 8.91 45.76
N LEU G 555 44.28 8.89 44.97
CA LEU G 555 44.93 7.69 44.51
C LEU G 555 45.68 6.99 45.63
N LEU G 556 46.08 5.73 45.35
CA LEU G 556 46.76 4.84 46.25
C LEU G 556 48.25 5.11 46.23
N ASP G 557 49.08 4.05 46.40
CA ASP G 557 50.52 4.15 46.44
C ASP G 557 51.06 3.19 45.42
N GLY G 558 52.32 3.45 45.01
CA GLY G 558 53.04 2.70 44.03
C GLY G 558 54.28 3.52 43.81
N LYS G 559 55.08 3.22 42.75
CA LYS G 559 56.19 4.07 42.39
C LYS G 559 55.69 5.33 41.73
N GLY G 560 54.77 5.15 40.75
CA GLY G 560 54.22 6.23 39.96
C GLY G 560 52.86 6.65 40.43
N VAL G 561 52.17 5.80 41.25
CA VAL G 561 50.85 6.15 41.75
C VAL G 561 51.01 7.11 42.89
N GLU G 562 52.05 6.87 43.73
CA GLU G 562 52.43 7.73 44.83
C GLU G 562 53.08 9.00 44.37
N MET G 563 53.71 9.02 43.16
CA MET G 563 54.31 10.21 42.58
C MET G 563 53.30 11.29 42.37
N MET G 564 52.15 10.95 41.74
CA MET G 564 51.10 11.90 41.45
C MET G 564 50.43 12.37 42.72
N ARG G 565 50.42 11.51 43.77
CA ARG G 565 49.94 11.85 45.10
C ARG G 565 50.84 12.86 45.80
N ASP G 566 52.17 12.80 45.55
CA ASP G 566 53.15 13.74 46.07
C ASP G 566 52.95 15.10 45.45
N TYR G 567 52.68 15.14 44.13
CA TYR G 567 52.38 16.35 43.38
C TYR G 567 51.04 16.93 43.79
N ALA G 568 50.10 16.08 44.22
CA ALA G 568 48.82 16.49 44.76
C ALA G 568 48.96 17.18 46.08
N ASN G 569 49.93 16.74 46.90
CA ASN G 569 50.19 17.31 48.21
C ASN G 569 50.95 18.59 48.06
N LYS G 570 51.89 18.64 47.07
CA LYS G 570 52.79 19.74 46.87
C LYS G 570 52.07 21.00 46.48
N GLN G 571 51.12 20.90 45.54
CA GLN G 571 50.41 22.05 45.06
C GLN G 571 49.28 22.45 45.98
N LEU G 572 48.48 21.48 46.48
CA LEU G 572 47.31 21.83 47.27
C LEU G 572 47.64 22.23 48.68
N ILE G 573 48.44 21.42 49.40
CA ILE G 573 48.62 21.58 50.83
C ILE G 573 49.52 22.75 51.13
N GLN G 574 50.69 22.82 50.44
CA GLN G 574 51.73 23.78 50.75
C GLN G 574 51.36 25.18 50.30
N MET G 575 50.55 25.34 49.22
CA MET G 575 50.08 26.63 48.78
C MET G 575 48.95 27.13 49.65
N GLY G 576 48.27 26.22 50.40
CA GLY G 576 47.20 26.57 51.30
C GLY G 576 45.84 26.47 50.65
N VAL G 577 45.75 25.86 49.46
CA VAL G 577 44.51 25.61 48.72
C VAL G 577 43.68 24.60 49.46
N LYS G 578 44.33 23.55 50.01
CA LYS G 578 43.73 22.48 50.77
C LYS G 578 43.07 22.96 52.02
N LYS G 579 43.74 23.90 52.75
CA LYS G 579 43.33 24.44 54.02
C LYS G 579 43.23 23.36 55.08
N PRO G 580 44.31 22.63 55.39
CA PRO G 580 44.28 21.47 56.26
C PRO G 580 43.87 21.80 57.68
N GLU G 581 43.39 20.78 58.42
CA GLU G 581 43.01 20.88 59.80
C GLU G 581 44.10 20.30 60.66
N THR G 582 45.25 19.94 60.04
CA THR G 582 46.42 19.33 60.63
C THR G 582 46.11 18.07 61.44
N PRO G 583 45.55 17.01 60.86
CA PRO G 583 45.29 15.77 61.58
C PRO G 583 46.53 14.93 61.80
N GLU G 584 47.69 15.30 61.21
CA GLU G 584 48.88 14.48 61.32
C GLU G 584 50.09 15.31 61.01
N GLU G 585 49.90 16.62 60.74
CA GLU G 585 50.90 17.48 60.21
C GLU G 585 51.55 18.18 61.38
N GLN G 586 52.90 18.10 61.46
CA GLN G 586 53.64 18.75 62.52
C GLN G 586 54.94 19.25 61.93
N GLN G 587 55.84 18.35 61.50
CA GLN G 587 57.08 18.69 60.83
C GLN G 587 57.03 18.02 59.48
N TRP G 588 55.81 17.63 59.06
CA TRP G 588 55.53 16.84 57.91
C TRP G 588 55.17 17.78 56.80
N LEU G 589 53.89 18.18 56.72
CA LEU G 589 53.33 19.01 55.67
C LEU G 589 53.36 20.45 56.08
N VAL G 590 52.72 20.79 57.24
CA VAL G 590 52.43 22.14 57.70
C VAL G 590 53.68 23.00 57.88
N GLU G 591 54.85 22.40 58.19
CA GLU G 591 56.13 23.09 58.25
C GLU G 591 56.47 23.74 56.92
N ALA G 592 56.54 22.92 55.85
CA ALA G 592 56.82 23.32 54.49
C ALA G 592 55.77 24.21 53.87
N GLN G 593 54.52 24.21 54.42
CA GLN G 593 53.42 25.02 53.96
C GLN G 593 53.68 26.49 54.15
N GLN G 594 54.32 26.85 55.28
CA GLN G 594 54.67 28.22 55.60
C GLN G 594 55.86 28.68 54.79
N ALA G 595 56.76 27.73 54.41
CA ALA G 595 57.95 28.02 53.65
C ALA G 595 57.65 28.34 52.20
N LYS G 596 56.72 27.58 51.56
CA LYS G 596 56.35 27.78 50.18
C LYS G 596 55.50 29.01 50.01
N GLN G 597 54.71 29.36 51.06
CA GLN G 597 53.86 30.53 51.04
C GLN G 597 54.65 31.81 50.99
N GLY G 598 55.77 31.88 51.75
CA GLY G 598 56.65 33.02 51.78
C GLY G 598 57.56 33.10 50.59
N GLN G 599 57.69 32.00 49.81
CA GLN G 599 58.53 31.93 48.64
C GLN G 599 57.83 32.56 47.46
N GLN G 600 56.50 32.33 47.34
CA GLN G 600 55.70 32.77 46.22
C GLN G 600 55.31 34.22 46.33
N ASP G 601 55.26 34.77 47.57
CA ASP G 601 54.80 36.12 47.84
C ASP G 601 55.65 37.24 47.23
N PRO G 602 56.98 37.36 47.26
CA PRO G 602 57.69 38.50 46.71
C PRO G 602 57.61 38.61 45.20
N ALA G 603 57.31 37.50 44.48
CA ALA G 603 57.17 37.50 43.03
C ALA G 603 55.90 38.18 42.60
N MET G 604 54.87 38.17 43.49
CA MET G 604 53.59 38.79 43.27
C MET G 604 53.68 40.27 43.46
N VAL G 605 54.59 40.75 44.35
CA VAL G 605 54.83 42.14 44.62
C VAL G 605 55.45 42.81 43.41
N GLN G 606 56.39 42.11 42.73
CA GLN G 606 57.04 42.58 41.53
C GLN G 606 56.10 42.67 40.35
N ALA G 607 55.02 41.84 40.35
CA ALA G 607 54.02 41.82 39.32
C ALA G 607 53.07 43.00 39.39
N GLN G 608 52.96 43.63 40.58
CA GLN G 608 52.15 44.82 40.79
C GLN G 608 52.84 46.06 40.27
N GLY G 609 54.12 45.95 39.86
CA GLY G 609 54.92 47.07 39.42
C GLY G 609 54.45 47.74 38.16
N VAL G 610 53.77 47.01 37.23
CA VAL G 610 53.20 47.56 36.02
C VAL G 610 51.97 48.42 36.30
N LEU G 611 51.25 48.13 37.41
CA LEU G 611 50.09 48.87 37.84
C LEU G 611 50.52 50.16 38.50
N LEU G 612 51.67 50.11 39.19
CA LEU G 612 52.29 51.22 39.88
C LEU G 612 53.14 52.04 38.94
N GLN G 613 53.36 51.57 37.68
CA GLN G 613 54.15 52.26 36.68
C GLN G 613 53.47 53.50 36.18
N GLY G 614 52.12 53.48 36.09
CA GLY G 614 51.33 54.64 35.70
C GLY G 614 51.35 55.72 36.73
N GLN G 615 51.45 55.31 38.02
CA GLN G 615 51.53 56.19 39.15
C GLN G 615 52.92 56.77 39.28
N ALA G 616 53.94 55.99 38.85
CA ALA G 616 55.33 56.39 38.85
C ALA G 616 55.61 57.51 37.89
N GLU G 617 55.01 57.43 36.68
CA GLU G 617 55.13 58.41 35.63
C GLU G 617 54.36 59.66 35.95
N LEU G 618 53.28 59.53 36.76
CA LEU G 618 52.43 60.63 37.16
C LEU G 618 53.08 61.42 38.26
N ALA G 619 53.69 60.72 39.24
CA ALA G 619 54.25 61.30 40.43
C ALA G 619 55.61 61.90 40.22
N LYS G 620 56.40 61.42 39.23
CA LYS G 620 57.76 61.87 39.04
C LYS G 620 57.84 63.28 38.54
N ALA G 621 56.82 63.71 37.75
CA ALA G 621 56.76 65.04 37.20
C ALA G 621 56.29 66.01 38.23
N GLN G 622 55.39 65.57 39.15
CA GLN G 622 54.80 66.42 40.15
C GLN G 622 55.72 66.69 41.29
N ASN G 623 56.46 65.68 41.77
CA ASN G 623 57.31 65.79 42.94
C ASN G 623 58.50 66.67 42.69
N GLN G 624 59.11 66.56 41.49
CA GLN G 624 60.31 67.28 41.14
C GLN G 624 60.03 68.71 40.77
N THR G 625 58.84 68.99 40.18
CA THR G 625 58.45 70.32 39.76
C THR G 625 58.05 71.16 40.95
N LEU G 626 57.28 70.58 41.90
CA LEU G 626 56.85 71.31 43.08
C LEU G 626 58.02 71.64 43.99
N SER G 627 59.08 70.79 44.00
CA SER G 627 60.28 71.04 44.77
C SER G 627 61.12 72.12 44.12
N LEU G 628 61.06 72.25 42.77
CA LEU G 628 61.79 73.24 42.03
C LEU G 628 61.19 74.61 42.24
N GLN G 629 59.86 74.68 42.42
CA GLN G 629 59.14 75.92 42.64
C GLN G 629 59.46 76.52 43.98
N ILE G 630 59.49 75.68 45.04
CA ILE G 630 59.81 76.06 46.41
C ILE G 630 61.24 76.55 46.50
N ASP G 631 62.17 75.90 45.74
CA ASP G 631 63.58 76.25 45.72
C ASP G 631 63.82 77.55 45.00
N ALA G 632 63.13 77.76 43.86
CA ALA G 632 63.29 78.94 43.03
C ALA G 632 62.72 80.17 43.69
N ALA G 633 61.69 80.00 44.55
CA ALA G 633 61.04 81.06 45.27
C ALA G 633 61.88 81.54 46.42
N LYS G 634 62.62 80.62 47.08
CA LYS G 634 63.42 80.94 48.24
C LYS G 634 64.71 81.60 47.82
N VAL G 635 65.35 81.12 46.72
CA VAL G 635 66.55 81.69 46.17
C VAL G 635 66.28 83.09 45.65
N GLU G 636 65.10 83.33 45.02
CA GLU G 636 64.71 84.64 44.56
C GLU G 636 64.45 85.61 45.71
N ALA G 637 63.89 85.11 46.83
CA ALA G 637 63.69 85.90 48.03
C ALA G 637 64.99 86.34 48.65
N GLN G 638 66.01 85.44 48.61
CA GLN G 638 67.36 85.72 49.03
C GLN G 638 68.02 86.74 48.14
N ASN G 639 67.78 86.70 46.81
CA ASN G 639 68.31 87.64 45.83
C ASN G 639 67.82 89.04 46.10
N GLN G 640 66.53 89.19 46.50
CA GLN G 640 65.93 90.45 46.88
C GLN G 640 66.55 91.01 48.14
N LEU G 641 66.83 90.15 49.15
CA LEU G 641 67.61 90.48 50.34
C LEU G 641 68.98 91.00 49.98
N ASN G 642 69.77 90.19 49.22
CA ASN G 642 71.12 90.51 48.76
C ASN G 642 71.19 91.84 48.06
N ALA G 643 70.21 92.12 47.17
CA ALA G 643 70.11 93.35 46.41
C ALA G 643 69.91 94.55 47.29
N ALA G 644 69.01 94.46 48.30
CA ALA G 644 68.74 95.54 49.22
C ALA G 644 69.92 95.90 50.10
N ARG G 645 70.86 94.94 50.34
CA ARG G 645 72.08 95.20 51.07
C ARG G 645 73.12 95.91 50.23
N ILE G 646 73.01 95.82 48.88
CA ILE G 646 73.96 96.41 47.95
C ILE G 646 73.66 97.88 47.84
N ALA G 647 72.36 98.24 47.83
CA ALA G 647 71.90 99.62 47.72
C ALA G 647 72.26 100.41 48.95
N GLU G 648 72.17 99.75 50.14
CA GLU G 648 72.33 100.38 51.43
C GLU G 648 73.74 100.84 51.68
N ILE G 649 74.75 100.08 51.15
CA ILE G 649 76.15 100.39 51.35
C ILE G 649 76.62 101.47 50.39
N PHE G 650 75.97 101.61 49.21
CA PHE G 650 76.36 102.59 48.22
C PHE G 650 76.02 103.99 48.68
N ASN G 651 74.79 104.19 49.20
CA ASN G 651 74.27 105.48 49.60
C ASN G 651 75.05 106.03 50.78
N ASN G 652 75.34 105.15 51.77
CA ASN G 652 76.03 105.52 52.98
C ASN G 652 77.47 105.88 52.69
N MET G 653 78.15 105.09 51.82
CA MET G 653 79.54 105.31 51.47
C MET G 653 79.72 106.58 50.68
N ASP G 654 78.73 106.94 49.82
CA ASP G 654 78.77 108.14 49.02
C ASP G 654 78.69 109.39 49.87
N LEU G 655 77.84 109.38 50.92
CA LEU G 655 77.70 110.51 51.81
C LEU G 655 78.88 110.65 52.75
N SER G 656 79.54 109.52 53.10
CA SER G 656 80.67 109.51 54.00
C SER G 656 81.93 110.02 53.34
N LYS G 657 82.11 109.74 52.03
CA LYS G 657 83.26 110.22 51.27
C LYS G 657 83.19 111.71 51.07
N GLN G 658 81.99 112.23 50.70
CA GLN G 658 81.76 113.63 50.42
C GLN G 658 82.02 114.53 51.60
N SER G 659 81.73 114.06 52.84
CA SER G 659 81.96 114.82 54.05
C SER G 659 83.42 115.02 54.38
N GLU G 660 84.29 114.09 53.91
CA GLU G 660 85.73 114.17 54.08
C GLU G 660 86.32 115.13 53.09
N PHE G 661 85.70 115.22 51.89
CA PHE G 661 86.13 116.08 50.81
C PHE G 661 85.86 117.53 51.14
N ARG G 662 84.81 117.80 51.95
CA ARG G 662 84.49 119.14 52.42
C ARG G 662 85.46 119.61 53.47
N GLU G 663 86.09 118.67 54.22
CA GLU G 663 87.09 118.99 55.22
C GLU G 663 88.42 119.30 54.60
N PHE G 664 88.76 118.63 53.47
CA PHE G 664 89.96 118.88 52.71
C PHE G 664 89.89 120.21 52.00
N LEU G 665 88.65 120.65 51.64
CA LEU G 665 88.38 121.87 50.93
C LEU G 665 88.73 123.06 51.78
N LYS G 666 88.36 123.01 53.08
CA LYS G 666 88.59 124.08 54.03
C LYS G 666 90.05 124.24 54.39
N THR G 667 90.86 123.17 54.26
CA THR G 667 92.28 123.22 54.58
C THR G 667 93.04 123.93 53.49
N VAL G 668 92.75 123.59 52.21
CA VAL G 668 93.45 124.15 51.06
C VAL G 668 93.01 125.57 50.82
N ALA G 669 91.73 125.90 51.13
CA ALA G 669 91.16 127.23 50.95
C ALA G 669 91.79 128.24 51.87
N SER G 670 92.21 127.81 53.08
CA SER G 670 92.87 128.65 54.06
C SER G 670 94.27 128.95 53.62
N PHE G 671 94.98 127.93 53.08
CA PHE G 671 96.32 128.02 52.56
C PHE G 671 96.43 128.96 51.38
N GLN G 672 95.37 129.05 50.53
CA GLN G 672 95.30 129.94 49.40
C GLN G 672 95.31 131.40 49.81
N GLN G 673 94.60 131.71 50.93
CA GLN G 673 94.46 133.04 51.47
C GLN G 673 95.79 133.56 51.95
N ASP G 674 96.59 132.69 52.60
CA ASP G 674 97.86 133.03 53.20
C ASP G 674 98.87 133.35 52.15
N ARG G 675 98.97 132.53 51.08
CA ARG G 675 99.89 132.74 49.99
C ARG G 675 99.58 133.97 49.17
N SER G 676 98.31 134.45 49.19
CA SER G 676 97.89 135.68 48.55
C SER G 676 98.32 136.88 49.36
N GLU G 677 98.18 136.82 50.70
CA GLU G 677 98.60 137.88 51.60
C GLU G 677 100.10 137.96 51.71
N ASP G 678 100.81 136.83 51.50
CA ASP G 678 102.25 136.73 51.54
C ASP G 678 102.84 137.25 50.25
N ALA G 679 102.12 137.09 49.11
CA ALA G 679 102.60 137.53 47.82
C ALA G 679 102.69 139.03 47.72
N ARG G 680 101.67 139.76 48.22
CA ARG G 680 101.69 141.20 48.24
C ARG G 680 102.65 141.73 49.27
N ALA G 681 102.89 140.98 50.38
CA ALA G 681 103.70 141.41 51.47
C ALA G 681 105.16 141.35 51.13
N ASN G 682 105.60 140.27 50.44
CA ASN G 682 106.96 140.06 50.03
C ASN G 682 107.35 141.03 48.95
N ALA G 683 106.44 141.28 47.97
CA ALA G 683 106.69 142.17 46.86
C ALA G 683 106.87 143.60 47.31
N GLU G 684 105.98 144.06 48.23
CA GLU G 684 106.04 145.38 48.82
C GLU G 684 107.17 145.53 49.81
N LEU G 685 107.68 144.41 50.41
CA LEU G 685 108.82 144.41 51.31
C LEU G 685 110.09 144.60 50.53
N LEU G 686 110.15 144.02 49.31
CA LEU G 686 111.25 144.18 48.39
C LEU G 686 111.31 145.60 47.87
N LEU G 687 110.16 146.31 47.80
CA LEU G 687 110.10 147.72 47.45
C LEU G 687 110.68 148.57 48.55
N LYS G 688 110.57 148.15 49.84
CA LYS G 688 111.21 148.83 50.95
C LYS G 688 112.70 148.60 50.93
N GLY G 689 113.15 147.45 50.37
CA GLY G 689 114.55 147.16 50.16
C GLY G 689 115.17 148.02 49.09
N ASP G 690 114.37 148.39 48.06
CA ASP G 690 114.75 149.32 47.00
C ASP G 690 114.79 150.71 47.54
N GLU G 691 113.96 151.02 48.57
CA GLU G 691 113.90 152.32 49.20
C GLU G 691 115.12 152.50 50.08
N GLN G 692 115.57 151.43 50.78
CA GLN G 692 116.75 151.44 51.61
C GLN G 692 118.02 151.52 50.81
N THR G 693 118.06 150.90 49.61
CA THR G 693 119.21 150.95 48.73
C THR G 693 119.40 152.34 48.17
N HIS G 694 118.29 152.99 47.75
CA HIS G 694 118.28 154.35 47.24
C HIS G 694 118.57 155.38 48.30
N LYS G 695 118.24 155.07 49.57
CA LYS G 695 118.49 155.90 50.73
C LYS G 695 119.97 155.96 51.00
N GLN G 696 120.65 154.79 50.88
CA GLN G 696 122.07 154.65 51.11
C GLN G 696 122.89 155.40 50.10
N ARG G 697 122.45 155.47 48.82
CA ARG G 697 123.11 156.23 47.77
C ARG G 697 123.29 157.67 48.15
N MET G 698 122.15 158.37 48.42
CA MET G 698 122.09 159.77 48.76
C MET G 698 122.78 160.11 50.06
N ASP G 699 122.74 159.17 51.05
CA ASP G 699 123.39 159.34 52.33
C ASP G 699 124.88 159.34 52.19
N ILE G 700 125.45 158.33 51.50
CA ILE G 700 126.87 158.13 51.27
C ILE G 700 127.44 159.28 50.46
N ALA G 701 126.62 159.85 49.52
CA ALA G 701 126.99 160.97 48.69
C ALA G 701 127.41 162.16 49.50
N ASN G 702 126.49 162.69 50.34
CA ASN G 702 126.69 163.90 51.09
C ASN G 702 127.62 163.76 52.28
N ILE G 703 127.84 162.52 52.80
CA ILE G 703 128.80 162.25 53.87
C ILE G 703 130.19 162.44 53.33
N LEU G 704 130.45 161.92 52.11
CA LEU G 704 131.72 162.01 51.43
C LEU G 704 131.98 163.40 50.89
N GLN G 705 130.92 164.23 50.70
CA GLN G 705 131.06 165.63 50.39
C GLN G 705 131.58 166.40 51.58
N SER G 706 131.17 165.99 52.81
CA SER G 706 131.64 166.55 54.06
C SER G 706 133.08 166.16 54.32
N GLN G 707 133.49 164.97 53.82
CA GLN G 707 134.85 164.48 53.92
C GLN G 707 135.76 165.30 53.05
N ARG G 708 135.23 165.83 51.92
CA ARG G 708 135.95 166.68 51.01
C ARG G 708 136.05 168.10 51.53
N GLN G 709 135.13 168.49 52.43
CA GLN G 709 135.12 169.80 53.07
C GLN G 709 136.00 169.79 54.30
N ASN G 710 136.55 168.62 54.68
CA ASN G 710 137.38 168.47 55.86
C ASN G 710 138.77 168.99 55.56
N GLN G 711 139.29 168.70 54.35
CA GLN G 711 140.61 169.10 53.90
C GLN G 711 140.86 170.61 53.89
N PRO G 712 140.05 171.53 53.37
CA PRO G 712 140.31 172.96 53.47
C PRO G 712 140.21 173.47 54.89
N SER G 713 139.30 172.90 55.74
CA SER G 713 139.14 173.34 57.11
C SER G 713 140.28 172.87 57.98
N GLY G 714 140.96 171.77 57.57
CA GLY G 714 142.12 171.22 58.24
C GLY G 714 143.35 172.05 58.06
N SER G 715 143.41 172.83 56.96
CA SER G 715 144.52 173.72 56.63
C SER G 715 144.59 174.86 57.61
N VAL G 716 143.40 175.39 58.01
CA VAL G 716 143.25 176.45 58.98
C VAL G 716 143.69 175.97 60.35
N ALA G 717 143.39 174.70 60.67
CA ALA G 717 143.73 174.06 61.92
C ALA G 717 143.00 172.76 61.86
N GLU G 718 143.68 171.66 62.26
CA GLU G 718 143.21 170.29 62.18
C GLU G 718 141.89 170.09 62.87
N THR G 719 141.01 169.26 62.25
CA THR G 719 139.68 169.03 62.75
C THR G 719 139.31 167.60 62.38
N PRO G 720 138.77 166.78 63.29
CA PRO G 720 138.20 165.48 62.97
C PRO G 720 136.99 165.57 62.07
N GLN G 721 136.56 164.42 61.50
CA GLN G 721 135.38 164.33 60.67
C GLN G 721 134.14 164.49 61.56
N GLU H 1 -26.66 25.54 51.44
CA GLU H 1 -27.04 25.08 52.80
C GLU H 1 -26.81 23.60 52.91
N ASN H 2 -27.51 22.94 53.86
CA ASN H 2 -27.46 21.53 54.09
C ASN H 2 -28.84 21.16 54.52
N ARG H 3 -29.25 19.90 54.23
CA ARG H 3 -30.57 19.36 54.54
C ARG H 3 -30.80 19.33 56.02
N LEU H 4 -32.09 19.47 56.43
CA LEU H 4 -32.53 19.47 57.81
C LEU H 4 -32.16 18.17 58.48
N GLU H 5 -31.55 18.30 59.69
CA GLU H 5 -31.01 17.24 60.51
C GLU H 5 -29.77 16.67 59.88
N SER H 6 -28.59 16.94 60.50
CA SER H 6 -27.27 16.69 59.95
C SER H 6 -27.02 15.29 59.42
N ILE H 7 -27.50 14.25 60.14
CA ILE H 7 -27.39 12.84 59.76
C ILE H 7 -28.08 12.49 58.46
N LEU H 8 -29.22 13.16 58.15
CA LEU H 8 -29.98 12.96 56.95
C LEU H 8 -29.34 13.62 55.77
N SER H 9 -28.64 14.78 55.98
CA SER H 9 -27.89 15.47 54.96
C SER H 9 -26.74 14.64 54.42
N ARG H 10 -26.19 13.72 55.25
CA ARG H 10 -25.17 12.78 54.84
C ARG H 10 -25.70 11.81 53.82
N PHE H 11 -26.87 11.20 54.12
CA PHE H 11 -27.50 10.20 53.31
C PHE H 11 -28.09 10.71 52.02
N ASP H 12 -28.67 11.93 51.99
CA ASP H 12 -29.20 12.52 50.77
C ASP H 12 -28.12 12.89 49.79
N ALA H 13 -26.92 13.22 50.32
CA ALA H 13 -25.72 13.46 49.56
C ALA H 13 -25.00 12.19 49.17
N ASP H 14 -25.45 11.02 49.69
CA ASP H 14 -24.82 9.74 49.46
C ASP H 14 -25.59 9.09 48.34
N TRP H 15 -26.92 8.90 48.53
CA TRP H 15 -27.82 8.21 47.62
C TRP H 15 -27.85 8.76 46.21
N THR H 16 -27.80 10.11 46.06
CA THR H 16 -27.78 10.77 44.78
C THR H 16 -26.49 10.52 44.01
N ALA H 17 -25.37 10.38 44.76
CA ALA H 17 -24.05 10.17 44.22
C ALA H 17 -23.72 8.69 44.14
N SER H 18 -24.66 7.80 44.55
CA SER H 18 -24.50 6.36 44.49
C SER H 18 -24.57 5.85 43.08
N ASP H 19 -25.13 6.64 42.14
CA ASP H 19 -25.18 6.29 40.73
C ASP H 19 -23.79 6.24 40.13
N GLU H 20 -22.84 7.07 40.64
CA GLU H 20 -21.46 7.06 40.23
C GLU H 20 -20.73 5.90 40.86
N ALA H 21 -21.11 5.57 42.11
CA ALA H 21 -20.53 4.53 42.90
C ALA H 21 -20.78 3.15 42.38
N ARG H 22 -21.90 2.96 41.64
CA ARG H 22 -22.31 1.69 41.13
C ARG H 22 -22.03 1.60 39.66
N ARG H 23 -22.70 2.46 38.85
CA ARG H 23 -22.72 2.37 37.41
C ARG H 23 -21.40 2.70 36.76
N GLU H 24 -20.83 3.87 37.12
CA GLU H 24 -19.60 4.38 36.54
C GLU H 24 -18.42 3.62 37.04
N ALA H 25 -18.35 3.42 38.38
CA ALA H 25 -17.23 2.87 39.09
C ALA H 25 -17.00 1.41 38.79
N LYS H 26 -17.98 0.73 38.17
CA LYS H 26 -17.91 -0.67 37.82
C LYS H 26 -16.88 -0.90 36.74
N ASN H 27 -16.95 -0.11 35.65
CA ASN H 27 -16.00 -0.16 34.55
C ASN H 27 -14.61 0.25 34.95
N ASP H 28 -14.49 1.10 36.00
CA ASP H 28 -13.25 1.68 36.47
C ASP H 28 -12.47 0.74 37.36
N LEU H 29 -13.16 -0.18 38.08
CA LEU H 29 -12.49 -1.19 38.86
C LEU H 29 -12.24 -2.43 38.04
N PHE H 30 -12.76 -2.49 36.80
CA PHE H 30 -12.65 -3.65 35.94
C PHE H 30 -11.39 -3.59 35.11
N PHE H 31 -10.67 -2.44 35.12
CA PHE H 31 -9.36 -2.29 34.51
C PHE H 31 -8.36 -3.25 35.09
N SER H 32 -8.26 -3.29 36.44
CA SER H 32 -7.35 -4.12 37.19
C SER H 32 -7.69 -5.59 37.10
N ARG H 33 -8.91 -5.93 36.59
CA ARG H 33 -9.30 -7.31 36.35
C ARG H 33 -8.67 -7.86 35.09
N VAL H 34 -7.94 -7.04 34.31
CA VAL H 34 -7.22 -7.47 33.12
C VAL H 34 -5.74 -7.29 33.37
N SER H 35 -5.31 -6.05 33.68
CA SER H 35 -3.95 -5.68 33.98
C SER H 35 -3.36 -6.40 35.17
N GLN H 36 -4.07 -6.42 36.32
CA GLN H 36 -3.53 -6.94 37.56
C GLN H 36 -3.99 -8.36 37.84
N TRP H 37 -4.90 -8.93 36.99
CA TRP H 37 -5.50 -10.21 37.26
C TRP H 37 -6.07 -10.71 35.96
N ASP H 38 -6.45 -12.01 35.87
CA ASP H 38 -6.90 -12.64 34.64
C ASP H 38 -8.24 -12.10 34.20
N ASP H 39 -8.36 -11.79 32.88
CA ASP H 39 -9.55 -11.25 32.24
C ASP H 39 -10.73 -12.20 32.30
N TRP H 40 -10.49 -13.51 32.07
CA TRP H 40 -11.50 -14.54 32.12
C TRP H 40 -12.16 -14.64 33.47
N LEU H 41 -13.45 -15.03 33.47
CA LEU H 41 -14.28 -15.09 34.63
C LEU H 41 -15.02 -16.39 34.52
N SER H 42 -15.55 -16.85 35.68
CA SER H 42 -16.24 -18.11 35.85
C SER H 42 -15.26 -19.24 35.74
N GLN H 43 -14.08 -19.07 36.38
CA GLN H 43 -13.00 -20.02 36.39
C GLN H 43 -13.25 -21.00 37.49
N TYR H 44 -12.80 -22.26 37.25
CA TYR H 44 -12.89 -23.34 38.20
C TYR H 44 -11.73 -24.24 37.88
N THR H 45 -10.73 -23.74 37.09
CA THR H 45 -9.73 -24.52 36.40
C THR H 45 -10.44 -25.38 35.39
N THR H 46 -11.23 -24.70 34.52
CA THR H 46 -12.12 -25.26 33.53
C THR H 46 -11.45 -26.16 32.54
N LEU H 47 -12.24 -27.12 32.00
CA LEU H 47 -11.82 -28.12 31.05
C LEU H 47 -11.40 -27.48 29.75
N GLN H 48 -12.15 -26.43 29.31
CA GLN H 48 -11.80 -25.60 28.18
C GLN H 48 -10.48 -24.90 28.40
N TYR H 49 -9.68 -24.81 27.31
CA TYR H 49 -8.41 -24.09 27.30
C TYR H 49 -8.72 -22.62 27.42
N ARG H 50 -7.87 -21.88 28.16
CA ARG H 50 -8.02 -20.45 28.30
C ARG H 50 -6.64 -19.91 28.16
N GLY H 51 -6.49 -18.92 27.24
CA GLY H 51 -5.22 -18.34 26.93
C GLY H 51 -5.48 -16.89 26.68
N GLN H 52 -4.43 -16.06 26.93
CA GLN H 52 -4.54 -14.63 26.91
C GLN H 52 -3.25 -14.11 26.36
N PHE H 53 -3.35 -13.05 25.52
CA PHE H 53 -2.23 -12.27 25.08
C PHE H 53 -1.87 -11.30 26.18
N ASP H 54 -2.91 -10.62 26.71
CA ASP H 54 -2.86 -9.63 27.77
C ASP H 54 -1.97 -8.47 27.36
N VAL H 55 -2.48 -7.73 26.35
CA VAL H 55 -1.81 -6.68 25.62
C VAL H 55 -2.00 -5.32 26.27
N VAL H 56 -2.86 -5.23 27.32
CA VAL H 56 -3.11 -3.98 28.02
C VAL H 56 -1.92 -3.57 28.85
N ARG H 57 -1.18 -4.56 29.41
CA ARG H 57 -0.11 -4.33 30.37
C ARG H 57 1.10 -3.60 29.80
N PRO H 58 1.74 -3.89 28.66
CA PRO H 58 2.85 -3.08 28.15
C PRO H 58 2.48 -1.66 27.82
N VAL H 59 1.19 -1.35 27.58
CA VAL H 59 0.73 -0.01 27.29
C VAL H 59 0.58 0.78 28.57
N VAL H 60 0.03 0.15 29.64
CA VAL H 60 -0.20 0.79 30.92
C VAL H 60 1.11 1.00 31.61
N ARG H 61 1.98 -0.05 31.66
CA ARG H 61 3.24 -0.03 32.35
C ARG H 61 4.23 0.94 31.74
N LYS H 62 4.12 1.23 30.42
CA LYS H 62 4.99 2.17 29.75
C LYS H 62 4.71 3.58 30.16
N LEU H 63 3.41 3.93 30.28
CA LEU H 63 2.95 5.25 30.68
C LEU H 63 3.20 5.49 32.14
N VAL H 64 3.23 4.42 32.98
CA VAL H 64 3.52 4.48 34.40
C VAL H 64 4.96 4.86 34.61
N SER H 65 5.88 4.32 33.77
CA SER H 65 7.30 4.60 33.87
C SER H 65 7.61 6.04 33.54
N GLU H 66 6.86 6.63 32.57
CA GLU H 66 7.05 7.98 32.12
C GLU H 66 6.61 9.03 33.11
N MET H 67 5.53 8.77 33.88
CA MET H 67 5.04 9.72 34.87
C MET H 67 5.84 9.71 36.14
N ARG H 68 6.52 8.57 36.45
CA ARG H 68 7.35 8.46 37.63
C ARG H 68 8.67 9.16 37.43
N GLN H 69 9.26 9.08 36.22
CA GLN H 69 10.50 9.76 35.89
C GLN H 69 10.30 11.23 35.63
N ASN H 70 9.03 11.68 35.46
CA ASN H 70 8.67 13.08 35.36
C ASN H 70 7.67 13.37 36.45
N PRO H 71 8.04 13.44 37.73
CA PRO H 71 7.10 13.58 38.83
C PRO H 71 6.57 15.00 38.91
N ILE H 72 5.39 15.18 39.55
CA ILE H 72 4.80 16.47 39.77
C ILE H 72 4.60 16.54 41.26
N ASP H 73 5.30 17.51 41.91
CA ASP H 73 5.38 17.62 43.34
C ASP H 73 5.26 19.09 43.68
N VAL H 74 5.02 19.40 44.97
CA VAL H 74 4.82 20.70 45.56
C VAL H 74 6.02 21.60 45.34
N LEU H 75 5.79 22.92 45.09
CA LEU H 75 6.84 23.84 44.70
C LEU H 75 6.59 25.17 45.39
N TYR H 76 5.42 25.81 45.12
CA TYR H 76 5.03 27.14 45.56
C TYR H 76 5.82 28.20 44.83
N ARG H 77 5.15 28.95 43.93
CA ARG H 77 5.67 30.18 43.38
C ARG H 77 4.82 31.27 43.99
N PRO H 78 5.28 32.50 44.23
CA PRO H 78 4.56 33.47 45.06
C PRO H 78 3.41 34.08 44.29
N LYS H 79 2.45 34.69 45.03
CA LYS H 79 1.33 35.40 44.46
C LYS H 79 1.60 36.88 44.54
N ASP H 80 0.77 37.66 43.80
CA ASP H 80 0.74 39.10 43.85
C ASP H 80 0.27 39.55 45.21
N GLY H 81 0.87 40.63 45.73
CA GLY H 81 0.53 41.18 47.03
C GLY H 81 1.20 40.45 48.17
N ALA H 82 2.19 39.59 47.87
CA ALA H 82 2.87 38.81 48.88
C ALA H 82 4.34 38.81 48.54
N ARG H 83 5.17 38.50 49.57
CA ARG H 83 6.61 38.49 49.51
C ARG H 83 7.12 37.41 48.55
N PRO H 84 8.24 37.60 47.86
CA PRO H 84 8.72 36.68 46.84
C PRO H 84 9.48 35.52 47.45
N ASP H 85 9.85 35.61 48.75
CA ASP H 85 10.68 34.64 49.42
C ASP H 85 9.85 33.79 50.34
N ALA H 86 8.52 33.77 50.15
CA ALA H 86 7.61 32.91 50.88
C ALA H 86 7.63 31.49 50.35
N ALA H 87 8.33 31.25 49.22
CA ALA H 87 8.38 29.98 48.55
C ALA H 87 9.15 28.97 49.36
N ASP H 88 10.37 29.35 49.82
CA ASP H 88 11.25 28.46 50.56
C ASP H 88 10.85 28.32 52.02
N VAL H 89 9.97 29.22 52.53
CA VAL H 89 9.45 29.17 53.89
C VAL H 89 8.53 27.98 54.04
N LEU H 90 7.63 27.77 53.05
CA LEU H 90 6.66 26.70 53.04
C LEU H 90 7.30 25.39 52.68
N MET H 91 8.25 25.40 51.71
CA MET H 91 8.96 24.22 51.26
C MET H 91 9.94 23.72 52.27
N GLY H 92 10.46 24.62 53.14
CA GLY H 92 11.41 24.30 54.18
C GLY H 92 10.90 23.25 55.11
N MET H 93 9.62 23.38 55.52
CA MET H 93 8.95 22.44 56.39
C MET H 93 8.17 21.40 55.65
N TYR H 94 8.01 21.50 54.30
CA TYR H 94 7.34 20.47 53.52
C TYR H 94 8.30 19.33 53.26
N ARG H 95 9.58 19.66 53.03
CA ARG H 95 10.58 18.70 52.61
C ARG H 95 11.10 17.88 53.75
N THR H 96 10.99 18.42 54.99
CA THR H 96 11.48 17.78 56.19
C THR H 96 10.56 16.70 56.70
N ASP H 97 9.21 16.85 56.59
CA ASP H 97 8.28 15.83 57.06
C ASP H 97 7.82 14.90 55.96
N MET H 98 8.19 15.17 54.68
CA MET H 98 7.89 14.30 53.57
C MET H 98 9.06 13.42 53.24
N ARG H 99 10.13 13.45 54.09
CA ARG H 99 11.29 12.58 54.00
C ARG H 99 10.91 11.13 54.08
N HIS H 100 9.88 10.82 54.90
CA HIS H 100 9.34 9.51 55.14
C HIS H 100 8.79 8.92 53.88
N ASN H 101 8.90 7.58 53.77
CA ASN H 101 8.65 6.83 52.56
C ASN H 101 7.20 6.74 52.21
N THR H 102 6.26 7.01 53.16
CA THR H 102 4.84 6.97 52.87
C THR H 102 4.44 8.05 51.89
N ALA H 103 5.24 9.14 51.81
CA ALA H 103 5.08 10.23 50.88
C ALA H 103 5.61 9.86 49.52
N LYS H 104 6.74 9.12 49.46
CA LYS H 104 7.39 8.71 48.23
C LYS H 104 6.56 7.68 47.51
N ILE H 105 5.93 6.77 48.30
CA ILE H 105 5.07 5.69 47.86
C ILE H 105 3.80 6.28 47.30
N ALA H 106 3.31 7.40 47.92
CA ALA H 106 2.10 8.09 47.52
C ALA H 106 2.20 8.73 46.16
N VAL H 107 3.42 9.16 45.72
CA VAL H 107 3.63 9.74 44.42
C VAL H 107 3.56 8.67 43.35
N ASN H 108 4.15 7.47 43.61
CA ASN H 108 4.14 6.37 42.67
C ASN H 108 2.78 5.72 42.52
N ILE H 109 1.94 5.79 43.58
CA ILE H 109 0.59 5.26 43.58
C ILE H 109 -0.31 6.21 42.84
N ALA H 110 -0.11 7.53 43.01
CA ALA H 110 -0.99 8.53 42.46
C ALA H 110 -0.94 8.58 40.95
N VAL H 111 0.24 8.33 40.35
CA VAL H 111 0.43 8.41 38.92
C VAL H 111 -0.05 7.17 38.21
N ARG H 112 0.06 5.97 38.86
CA ARG H 112 -0.25 4.72 38.21
C ARG H 112 -1.73 4.46 38.15
N GLU H 113 -2.50 5.03 39.11
CA GLU H 113 -3.92 4.83 39.22
C GLU H 113 -4.69 5.66 38.23
N GLN H 114 -4.12 6.78 37.75
CA GLN H 114 -4.72 7.60 36.72
C GLN H 114 -4.83 6.85 35.42
N ILE H 115 -3.76 6.12 35.06
CA ILE H 115 -3.60 5.42 33.81
C ILE H 115 -4.39 4.15 33.84
N GLU H 116 -4.35 3.42 34.98
CA GLU H 116 -4.98 2.12 35.07
C GLU H 116 -6.41 2.26 35.54
N ALA H 117 -6.62 2.58 36.84
CA ALA H 117 -7.93 2.62 37.46
C ALA H 117 -8.87 3.67 36.90
N GLY H 118 -8.33 4.88 36.65
CA GLY H 118 -9.08 6.02 36.16
C GLY H 118 -9.39 6.95 37.30
N VAL H 119 -9.14 6.52 38.57
CA VAL H 119 -9.30 7.37 39.72
C VAL H 119 -8.15 6.97 40.62
N GLY H 120 -7.51 7.97 41.28
CA GLY H 120 -6.51 7.77 42.30
C GLY H 120 -6.71 8.89 43.26
N ALA H 121 -5.99 8.87 44.41
CA ALA H 121 -6.20 9.84 45.45
C ALA H 121 -5.11 9.68 46.47
N TRP H 122 -4.99 10.68 47.37
CA TRP H 122 -4.06 10.63 48.48
C TRP H 122 -4.66 11.50 49.55
N ARG H 123 -4.36 11.19 50.83
CA ARG H 123 -4.86 11.91 51.98
C ARG H 123 -3.69 12.54 52.68
N LEU H 124 -3.96 13.66 53.39
CA LEU H 124 -3.00 14.35 54.22
C LEU H 124 -3.46 14.16 55.64
N VAL H 125 -2.66 13.45 56.46
CA VAL H 125 -2.97 13.19 57.85
C VAL H 125 -1.86 13.79 58.67
N THR H 126 -2.14 14.06 59.97
CA THR H 126 -1.20 14.64 60.90
C THR H 126 -1.16 13.73 62.10
N ASP H 127 0.03 13.65 62.74
CA ASP H 127 0.24 12.85 63.92
C ASP H 127 1.37 13.48 64.70
N TYR H 128 1.76 12.83 65.82
CA TYR H 128 2.79 13.30 66.72
C TYR H 128 3.97 12.39 66.52
N GLU H 129 5.06 12.96 65.96
CA GLU H 129 6.29 12.25 65.75
C GLU H 129 7.36 13.09 66.39
N ASP H 130 8.16 12.46 67.28
CA ASP H 130 9.26 13.09 67.97
C ASP H 130 10.53 12.41 67.48
N GLN H 131 10.40 11.44 66.55
CA GLN H 131 11.49 10.67 65.99
C GLN H 131 12.25 11.52 65.01
N SER H 132 11.51 12.30 64.19
CA SER H 132 12.03 13.26 63.26
C SER H 132 10.99 14.35 63.16
N PRO H 133 10.85 15.22 64.18
CA PRO H 133 9.79 16.23 64.25
C PRO H 133 10.07 17.35 63.26
N THR H 134 9.04 18.17 62.96
CA THR H 134 9.23 19.44 62.29
C THR H 134 8.99 20.53 63.28
N SER H 135 7.73 20.75 63.72
CA SER H 135 7.43 21.75 64.71
C SER H 135 6.27 21.28 65.53
N ASN H 136 6.32 21.63 66.84
CA ASN H 136 5.39 21.25 67.88
C ASN H 136 5.42 19.77 68.18
N ASN H 137 6.53 19.09 67.78
CA ASN H 137 6.75 17.66 67.88
C ASN H 137 5.70 16.90 67.10
N GLN H 138 5.39 17.41 65.90
CA GLN H 138 4.34 16.91 65.05
C GLN H 138 4.85 17.04 63.65
N VAL H 139 4.27 16.22 62.74
CA VAL H 139 4.62 16.18 61.35
C VAL H 139 3.33 16.03 60.60
N ILE H 140 3.37 16.23 59.26
CA ILE H 140 2.24 16.00 58.39
C ILE H 140 2.77 15.08 57.32
N ARG H 141 1.94 14.08 56.94
CA ARG H 141 2.32 13.01 56.07
C ARG H 141 1.38 13.05 54.90
N ARG H 142 1.81 12.46 53.77
CA ARG H 142 0.96 12.19 52.64
C ARG H 142 0.89 10.69 52.59
N GLU H 143 -0.29 10.14 52.95
CA GLU H 143 -0.54 8.71 52.95
C GLU H 143 -1.35 8.41 51.70
N PRO H 144 -1.01 7.41 50.89
CA PRO H 144 -1.73 7.08 49.67
C PRO H 144 -3.12 6.56 49.93
N ILE H 145 -3.96 6.56 48.87
CA ILE H 145 -5.25 5.95 48.85
C ILE H 145 -5.20 5.18 47.57
N HIS H 146 -5.38 3.84 47.63
CA HIS H 146 -5.28 2.98 46.48
C HIS H 146 -6.62 2.30 46.42
N SER H 147 -7.13 2.14 45.17
CA SER H 147 -8.38 1.49 44.83
C SER H 147 -9.47 2.51 44.95
N ALA H 148 -9.13 3.79 44.63
CA ALA H 148 -10.00 4.93 44.71
C ALA H 148 -11.18 4.84 43.77
N CYS H 149 -11.04 4.07 42.66
CA CYS H 149 -12.08 3.72 41.73
C CYS H 149 -13.24 3.00 42.37
N SER H 150 -12.93 2.01 43.25
CA SER H 150 -13.86 1.26 44.05
C SER H 150 -14.42 2.08 45.18
N HIS H 151 -13.73 3.18 45.55
CA HIS H 151 -14.06 3.96 46.72
C HIS H 151 -14.89 5.18 46.37
N VAL H 152 -15.36 5.31 45.10
CA VAL H 152 -16.17 6.43 44.67
C VAL H 152 -17.54 6.29 45.32
N ILE H 153 -18.01 7.39 45.95
CA ILE H 153 -19.35 7.54 46.44
C ILE H 153 -19.65 9.02 46.36
N TRP H 154 -18.90 9.76 45.48
CA TRP H 154 -18.90 11.19 45.45
C TRP H 154 -19.38 11.65 44.11
N ASP H 155 -20.08 12.82 44.09
CA ASP H 155 -20.37 13.65 42.95
C ASP H 155 -21.48 14.55 43.42
N SER H 156 -21.21 15.88 43.44
CA SER H 156 -22.18 16.91 43.69
C SER H 156 -22.31 17.71 42.42
N ASN H 157 -21.95 17.06 41.27
CA ASN H 157 -21.64 17.69 40.00
C ASN H 157 -20.42 18.53 40.17
N SER H 158 -19.33 17.90 40.64
CA SER H 158 -18.06 18.54 40.94
C SER H 158 -17.44 19.00 39.65
N LYS H 159 -17.39 20.34 39.43
CA LYS H 159 -16.89 20.91 38.20
C LYS H 159 -15.45 21.31 38.41
N LEU H 160 -14.91 21.01 39.61
CA LEU H 160 -13.51 21.14 39.93
C LEU H 160 -13.08 19.72 40.14
N MET H 161 -11.82 19.40 39.78
CA MET H 161 -11.23 18.10 39.98
C MET H 161 -10.78 17.98 41.42
N ASP H 162 -10.67 19.15 42.11
CA ASP H 162 -10.20 19.34 43.46
C ASP H 162 -11.10 18.62 44.43
N LYS H 163 -12.43 18.68 44.17
CA LYS H 163 -13.48 18.09 44.96
C LYS H 163 -13.60 18.85 46.25
N SER H 164 -13.56 20.19 46.15
CA SER H 164 -13.66 21.10 47.26
C SER H 164 -14.91 21.91 47.10
N ASP H 165 -15.66 21.69 46.00
CA ASP H 165 -16.93 22.33 45.74
C ASP H 165 -18.04 21.34 46.03
N ALA H 166 -17.66 20.10 46.44
CA ALA H 166 -18.58 19.03 46.70
C ALA H 166 -18.97 19.05 48.14
N ARG H 167 -20.23 18.66 48.42
CA ARG H 167 -20.71 18.38 49.75
C ARG H 167 -21.22 16.97 49.73
N HIS H 168 -20.96 16.22 48.64
CA HIS H 168 -21.27 14.82 48.49
C HIS H 168 -19.99 14.04 48.57
N CYS H 169 -18.87 14.72 48.92
CA CYS H 169 -17.55 14.14 48.97
C CYS H 169 -17.43 13.23 50.16
N THR H 170 -17.15 11.93 49.89
CA THR H 170 -16.99 10.94 50.92
C THR H 170 -16.14 9.86 50.31
N VAL H 171 -15.38 9.13 51.17
CA VAL H 171 -14.47 8.08 50.77
C VAL H 171 -14.81 6.91 51.64
N ILE H 172 -14.39 5.69 51.20
CA ILE H 172 -14.62 4.46 51.91
C ILE H 172 -13.37 3.66 51.72
N HIS H 173 -12.99 2.83 52.72
CA HIS H 173 -11.81 2.01 52.63
C HIS H 173 -12.14 0.68 53.24
N SER H 174 -11.96 -0.41 52.44
CA SER H 174 -12.13 -1.77 52.91
C SER H 174 -10.80 -2.18 53.49
N MET H 175 -10.79 -2.61 54.76
CA MET H 175 -9.58 -2.88 55.50
C MET H 175 -9.75 -4.16 56.26
N SER H 176 -8.61 -4.70 56.75
CA SER H 176 -8.54 -5.93 57.50
C SER H 176 -8.92 -5.66 58.94
N GLN H 177 -8.97 -6.73 59.77
CA GLN H 177 -9.34 -6.66 61.17
C GLN H 177 -8.30 -5.88 61.96
N ASN H 178 -7.01 -6.10 61.62
CA ASN H 178 -5.89 -5.42 62.22
C ASN H 178 -5.79 -4.01 61.72
N GLY H 179 -6.26 -3.76 60.48
CA GLY H 179 -6.33 -2.45 59.87
C GLY H 179 -7.35 -1.57 60.52
N TRP H 180 -8.42 -2.17 61.09
CA TRP H 180 -9.48 -1.50 61.80
C TRP H 180 -8.98 -1.03 63.16
N GLU H 181 -7.93 -1.69 63.72
CA GLU H 181 -7.31 -1.26 64.96
C GLU H 181 -6.54 0.02 64.78
N ASP H 182 -5.91 0.21 63.59
CA ASP H 182 -5.13 1.39 63.26
C ASP H 182 -6.02 2.56 62.95
N PHE H 183 -7.20 2.30 62.33
CA PHE H 183 -8.20 3.30 62.02
C PHE H 183 -8.81 3.84 63.30
N ALA H 184 -9.11 2.91 64.24
CA ALA H 184 -9.72 3.21 65.51
C ALA H 184 -8.76 3.86 66.48
N GLU H 185 -7.45 3.80 66.20
CA GLU H 185 -6.41 4.39 67.02
C GLU H 185 -6.40 5.89 66.87
N LYS H 186 -6.57 6.38 65.61
CA LYS H 186 -6.53 7.78 65.30
C LYS H 186 -7.77 8.52 65.73
N TYR H 187 -8.96 7.95 65.40
CA TYR H 187 -10.22 8.66 65.52
C TYR H 187 -10.94 8.35 66.80
N ASP H 188 -10.29 7.59 67.72
CA ASP H 188 -10.79 7.27 69.05
C ASP H 188 -12.10 6.53 68.98
N LEU H 189 -12.06 5.36 68.28
CA LEU H 189 -13.21 4.51 68.06
C LEU H 189 -12.88 3.20 68.72
N ASP H 190 -13.83 2.25 68.69
CA ASP H 190 -13.65 0.93 69.25
C ASP H 190 -13.05 0.10 68.13
N ALA H 191 -12.14 -0.83 68.50
CA ALA H 191 -11.37 -1.62 67.58
C ALA H 191 -11.97 -2.98 67.40
N ASP H 192 -13.24 -3.16 67.81
CA ASP H 192 -13.95 -4.41 67.70
C ASP H 192 -15.39 -4.08 67.36
N ASP H 193 -15.64 -2.85 66.85
CA ASP H 193 -16.95 -2.36 66.49
C ASP H 193 -17.47 -3.09 65.27
N ILE H 194 -16.58 -3.29 64.27
CA ILE H 194 -16.84 -3.97 63.01
C ILE H 194 -17.97 -3.31 62.23
N PRO H 195 -17.85 -2.07 61.75
CA PRO H 195 -18.86 -1.41 60.92
C PRO H 195 -18.89 -2.00 59.54
N SER H 196 -19.91 -1.61 58.73
CA SER H 196 -20.11 -2.10 57.39
C SER H 196 -20.74 -0.98 56.62
N PHE H 197 -20.93 -1.17 55.30
CA PHE H 197 -21.41 -0.12 54.44
C PHE H 197 -22.16 -0.78 53.32
N GLN H 198 -22.72 0.03 52.39
CA GLN H 198 -23.58 -0.42 51.31
C GLN H 198 -22.82 -1.15 50.22
N ASN H 199 -21.47 -1.01 50.22
CA ASN H 199 -20.54 -1.68 49.34
C ASN H 199 -20.58 -1.09 47.95
N PRO H 200 -19.88 0.02 47.69
CA PRO H 200 -19.70 0.55 46.35
C PRO H 200 -18.43 -0.05 45.78
N ASN H 201 -17.80 -0.98 46.52
CA ASN H 201 -16.53 -1.58 46.22
C ASN H 201 -16.81 -2.77 45.34
N ASP H 202 -15.73 -3.48 44.92
CA ASP H 202 -15.76 -4.52 43.91
C ASP H 202 -16.73 -5.63 44.25
N TRP H 203 -17.39 -6.16 43.20
CA TRP H 203 -18.29 -7.27 43.30
C TRP H 203 -17.73 -8.43 42.54
N VAL H 204 -16.56 -8.23 41.87
CA VAL H 204 -15.89 -9.25 41.11
C VAL H 204 -15.12 -10.13 42.07
N PHE H 205 -14.43 -9.49 43.05
CA PHE H 205 -13.64 -10.13 44.10
C PHE H 205 -12.53 -11.00 43.55
N PRO H 206 -11.54 -10.48 42.80
CA PRO H 206 -10.39 -11.25 42.37
C PRO H 206 -9.49 -11.66 43.52
N TRP H 207 -9.43 -10.83 44.58
CA TRP H 207 -8.60 -11.05 45.73
C TRP H 207 -9.45 -10.51 46.84
N LEU H 208 -9.62 -11.29 47.93
CA LEU H 208 -10.56 -10.95 48.97
C LEU H 208 -10.01 -11.45 50.26
N THR H 209 -10.06 -10.58 51.30
CA THR H 209 -9.73 -10.88 52.68
C THR H 209 -10.92 -11.56 53.32
N GLN H 210 -10.69 -12.33 54.40
CA GLN H 210 -11.74 -12.96 55.15
C GLN H 210 -12.16 -12.09 56.31
N ASP H 211 -11.52 -10.91 56.47
CA ASP H 211 -11.92 -9.91 57.42
C ASP H 211 -12.05 -8.66 56.60
N THR H 212 -13.30 -8.17 56.40
CA THR H 212 -13.57 -7.00 55.61
C THR H 212 -14.42 -6.13 56.49
N ILE H 213 -13.90 -4.91 56.78
CA ILE H 213 -14.52 -3.93 57.63
C ILE H 213 -14.56 -2.71 56.78
N GLN H 214 -15.77 -2.19 56.48
CA GLN H 214 -15.91 -1.00 55.67
C GLN H 214 -16.28 0.12 56.58
N ILE H 215 -15.64 1.29 56.39
CA ILE H 215 -15.93 2.47 57.15
C ILE H 215 -15.77 3.60 56.18
N ALA H 216 -16.66 4.61 56.27
CA ALA H 216 -16.72 5.72 55.36
C ALA H 216 -16.42 6.97 56.13
N GLU H 217 -15.72 7.93 55.48
CA GLU H 217 -15.39 9.21 56.05
C GLU H 217 -16.05 10.22 55.15
N PHE H 218 -17.05 10.96 55.69
CA PHE H 218 -17.85 11.90 54.96
C PHE H 218 -17.28 13.26 55.26
N TYR H 219 -17.24 14.14 54.24
CA TYR H 219 -16.80 15.50 54.36
C TYR H 219 -17.93 16.38 53.89
N GLU H 220 -18.20 17.48 54.63
CA GLU H 220 -19.21 18.45 54.28
C GLU H 220 -18.48 19.76 54.26
N VAL H 221 -19.11 20.79 53.63
CA VAL H 221 -18.53 22.10 53.46
C VAL H 221 -19.54 23.02 54.06
N VAL H 222 -19.09 23.88 55.01
CA VAL H 222 -19.94 24.83 55.69
C VAL H 222 -19.18 26.12 55.57
N GLU H 223 -19.91 27.23 55.25
CA GLU H 223 -19.36 28.52 54.91
C GLU H 223 -18.65 29.15 56.08
N LYS H 224 -19.20 29.02 57.31
CA LYS H 224 -18.59 29.33 58.58
C LYS H 224 -18.23 30.81 58.77
N LYS H 225 -17.00 31.20 58.36
CA LYS H 225 -16.34 32.48 58.62
C LYS H 225 -16.10 32.74 60.09
N GLU H 226 -15.31 33.81 60.37
CA GLU H 226 -14.72 34.03 61.66
C GLU H 226 -14.34 35.49 61.72
N THR H 227 -14.19 36.03 62.95
CA THR H 227 -13.83 37.41 63.17
C THR H 227 -13.22 37.49 64.55
N ALA H 228 -12.56 38.65 64.86
CA ALA H 228 -12.02 38.99 66.15
C ALA H 228 -10.85 38.11 66.56
N PHE H 229 -10.41 38.26 67.84
CA PHE H 229 -9.28 37.59 68.44
C PHE H 229 -8.00 38.03 67.81
N ILE H 230 -7.52 39.22 68.22
CA ILE H 230 -6.37 39.87 67.62
C ILE H 230 -5.35 39.88 68.73
N TYR H 231 -4.05 39.69 68.36
CA TYR H 231 -2.97 39.65 69.30
C TYR H 231 -1.77 40.19 68.57
N GLN H 232 -0.85 40.84 69.33
CA GLN H 232 0.36 41.38 68.79
C GLN H 232 1.53 40.46 69.06
N ASP H 233 1.31 39.41 69.91
CA ASP H 233 2.23 38.35 70.22
C ASP H 233 3.38 38.81 71.10
N PRO H 234 3.98 37.96 71.95
CA PRO H 234 5.12 38.33 72.76
C PRO H 234 6.39 38.29 71.95
N VAL H 235 6.47 37.38 70.94
CA VAL H 235 7.65 37.19 70.13
C VAL H 235 7.12 36.86 68.76
N THR H 236 8.03 36.88 67.76
CA THR H 236 7.79 36.71 66.34
C THR H 236 6.92 37.80 65.76
N GLY H 237 6.99 38.99 66.40
CA GLY H 237 6.42 40.26 66.00
C GLY H 237 5.01 40.21 65.47
N GLU H 238 4.79 41.01 64.40
CA GLU H 238 3.55 41.16 63.68
C GLU H 238 2.39 41.71 64.50
N PRO H 239 2.40 42.95 65.03
CA PRO H 239 1.22 43.63 65.56
C PRO H 239 0.04 43.61 64.63
N VAL H 240 -1.20 43.44 65.17
CA VAL H 240 -2.44 43.34 64.44
C VAL H 240 -2.42 42.14 63.52
N SER H 241 -2.24 40.94 64.12
CA SER H 241 -2.27 39.69 63.40
C SER H 241 -3.50 39.00 63.89
N TYR H 242 -4.20 38.35 62.94
CA TYR H 242 -5.53 37.81 63.13
C TYR H 242 -5.39 36.37 63.48
N PHE H 243 -5.98 35.97 64.63
CA PHE H 243 -5.93 34.63 65.13
C PHE H 243 -7.34 34.14 65.10
N LYS H 244 -7.50 32.82 64.83
CA LYS H 244 -8.72 32.11 64.58
C LYS H 244 -9.69 32.19 65.73
N ARG H 245 -11.00 32.20 65.40
CA ARG H 245 -12.08 32.33 66.36
C ARG H 245 -12.48 31.01 66.94
N ASP H 246 -12.66 29.99 66.07
CA ASP H 246 -13.41 28.80 66.40
C ASP H 246 -12.55 27.63 66.76
N ILE H 247 -11.22 27.82 66.93
CA ILE H 247 -10.29 26.74 67.18
C ILE H 247 -9.42 27.23 68.32
N LYS H 248 -9.31 28.57 68.49
CA LYS H 248 -8.56 29.17 69.57
C LYS H 248 -9.58 29.65 70.57
N ASP H 249 -10.20 28.68 71.28
CA ASP H 249 -11.17 28.92 72.31
C ASP H 249 -10.55 28.62 73.65
N VAL H 250 -9.29 28.14 73.66
CA VAL H 250 -8.62 27.62 74.82
C VAL H 250 -7.50 28.58 75.14
N ILE H 251 -6.57 28.80 74.18
CA ILE H 251 -5.39 29.63 74.31
C ILE H 251 -5.76 31.08 74.57
N ASP H 252 -6.94 31.52 74.07
CA ASP H 252 -7.38 32.91 74.02
C ASP H 252 -7.37 33.68 75.33
N ASP H 253 -7.76 33.07 76.46
CA ASP H 253 -7.79 33.73 77.76
C ASP H 253 -6.41 33.86 78.36
N LEU H 254 -5.51 32.89 78.06
CA LEU H 254 -4.13 32.90 78.50
C LEU H 254 -3.33 33.87 77.67
N ALA H 255 -3.64 33.96 76.36
CA ALA H 255 -3.05 34.86 75.40
C ALA H 255 -3.42 36.29 75.64
N ASP H 256 -4.57 36.54 76.32
CA ASP H 256 -5.04 37.85 76.71
C ASP H 256 -4.10 38.44 77.75
N SER H 257 -3.57 37.57 78.65
CA SER H 257 -2.66 37.96 79.69
C SER H 257 -1.28 38.09 79.12
N GLY H 258 -0.68 39.29 79.28
CA GLY H 258 0.69 39.59 78.94
C GLY H 258 0.87 40.18 77.57
N PHE H 259 -0.17 40.11 76.71
CA PHE H 259 -0.14 40.78 75.42
C PHE H 259 -1.57 40.82 74.95
N ILE H 260 -1.92 41.86 74.16
CA ILE H 260 -3.25 42.00 73.63
C ILE H 260 -3.13 42.99 72.51
N LYS H 261 -4.08 42.94 71.53
CA LYS H 261 -4.16 43.91 70.49
C LYS H 261 -5.59 43.84 70.02
N ILE H 262 -6.05 44.87 69.27
CA ILE H 262 -7.41 44.91 68.79
C ILE H 262 -7.35 45.65 67.48
N ALA H 263 -8.16 45.16 66.51
CA ALA H 263 -8.57 45.82 65.29
C ALA H 263 -9.18 44.70 64.51
N GLU H 264 -10.51 44.57 64.61
CA GLU H 264 -11.22 43.37 64.21
C GLU H 264 -11.71 43.53 62.80
N ARG H 265 -11.66 42.42 62.03
CA ARG H 265 -12.10 42.38 60.67
C ARG H 265 -12.53 40.96 60.46
N GLN H 266 -13.58 40.75 59.62
CA GLN H 266 -14.09 39.44 59.29
C GLN H 266 -13.20 38.91 58.21
N ILE H 267 -12.64 37.70 58.44
CA ILE H 267 -11.70 37.08 57.53
C ILE H 267 -12.42 35.85 57.10
N LYS H 268 -12.57 35.69 55.75
CA LYS H 268 -13.23 34.58 55.11
C LYS H 268 -12.50 33.30 55.44
N ARG H 269 -13.30 32.27 55.76
CA ARG H 269 -12.79 30.99 56.15
C ARG H 269 -13.93 30.08 55.82
N ARG H 270 -13.65 28.77 55.73
CA ARG H 270 -14.66 27.77 55.56
C ARG H 270 -14.13 26.59 56.30
N ARG H 271 -15.02 25.86 57.00
CA ARG H 271 -14.64 24.74 57.83
C ARG H 271 -15.33 23.55 57.27
N VAL H 272 -14.54 22.48 57.02
CA VAL H 272 -15.04 21.21 56.57
C VAL H 272 -15.02 20.35 57.79
N TYR H 273 -16.02 19.45 57.90
CA TYR H 273 -16.19 18.61 59.06
C TYR H 273 -16.14 17.20 58.57
N LYS H 274 -15.17 16.43 59.09
CA LYS H 274 -15.01 15.04 58.78
C LYS H 274 -15.82 14.27 59.78
N SER H 275 -16.77 13.45 59.29
CA SER H 275 -17.68 12.71 60.11
C SER H 275 -17.42 11.29 59.78
N ILE H 276 -17.15 10.47 60.82
CA ILE H 276 -17.00 9.05 60.70
C ILE H 276 -18.40 8.50 60.67
N ILE H 277 -18.76 7.75 59.60
CA ILE H 277 -20.14 7.40 59.36
C ILE H 277 -20.17 5.95 58.99
N THR H 278 -21.29 5.28 59.36
CA THR H 278 -21.60 3.92 59.05
C THR H 278 -22.95 4.07 58.38
N CYS H 279 -23.32 3.13 57.48
CA CYS H 279 -24.50 3.22 56.64
C CYS H 279 -25.77 3.26 57.46
N THR H 280 -25.83 2.46 58.56
CA THR H 280 -26.98 2.37 59.43
C THR H 280 -27.22 3.68 60.17
N ALA H 281 -26.16 4.28 60.75
CA ALA H 281 -26.26 5.53 61.46
C ALA H 281 -24.87 6.04 61.61
N VAL H 282 -24.72 7.39 61.78
CA VAL H 282 -23.45 8.05 61.95
C VAL H 282 -22.78 7.62 63.24
N LEU H 283 -21.45 7.37 63.18
CA LEU H 283 -20.67 6.91 64.31
C LEU H 283 -20.23 8.06 65.17
N LYS H 284 -19.69 9.13 64.54
CA LYS H 284 -19.39 10.39 65.17
C LYS H 284 -19.73 11.42 64.14
N ASP H 285 -20.51 12.46 64.53
CA ASP H 285 -21.06 13.42 63.60
C ASP H 285 -20.50 14.77 63.92
N LYS H 286 -20.09 15.50 62.85
CA LYS H 286 -19.63 16.87 62.85
C LYS H 286 -18.43 17.07 63.74
N GLN H 287 -17.37 16.28 63.49
CA GLN H 287 -16.11 16.38 64.18
C GLN H 287 -15.21 17.23 63.32
N LEU H 288 -14.71 18.36 63.89
CA LEU H 288 -13.92 19.32 63.14
C LEU H 288 -12.55 18.75 62.90
N ILE H 289 -12.16 18.65 61.61
CA ILE H 289 -10.87 18.22 61.16
C ILE H 289 -10.07 19.48 60.98
N ALA H 290 -8.72 19.37 61.06
CA ALA H 290 -7.78 20.46 61.00
C ALA H 290 -7.87 21.21 59.70
N GLY H 291 -8.03 20.47 58.56
CA GLY H 291 -8.14 21.04 57.24
C GLY H 291 -9.34 21.95 57.13
N GLU H 292 -9.21 23.03 56.32
CA GLU H 292 -10.28 23.98 56.09
C GLU H 292 -10.85 23.69 54.73
N HIS H 293 -10.20 22.76 54.00
CA HIS H 293 -10.65 22.20 52.75
C HIS H 293 -10.41 20.73 52.95
N ILE H 294 -11.03 19.88 52.11
CA ILE H 294 -10.94 18.44 52.18
C ILE H 294 -9.50 18.03 51.88
N PRO H 295 -8.80 17.23 52.70
CA PRO H 295 -7.39 16.90 52.49
C PRO H 295 -7.21 15.89 51.39
N ILE H 296 -8.31 15.22 50.96
CA ILE H 296 -8.30 14.23 49.92
C ILE H 296 -8.59 14.96 48.65
N VAL H 297 -7.59 15.02 47.75
CA VAL H 297 -7.74 15.63 46.45
C VAL H 297 -7.59 14.46 45.48
N PRO H 298 -8.66 13.99 44.82
CA PRO H 298 -8.59 12.86 43.91
C PRO H 298 -8.03 13.31 42.59
N VAL H 299 -7.28 12.42 41.91
CA VAL H 299 -6.86 12.64 40.55
C VAL H 299 -7.79 11.78 39.75
N PHE H 300 -7.65 11.85 38.41
CA PHE H 300 -8.50 11.13 37.50
C PHE H 300 -7.62 10.86 36.33
N GLY H 301 -8.15 10.11 35.34
CA GLY H 301 -7.56 10.04 34.02
C GLY H 301 -8.23 11.09 33.19
N GLU H 302 -8.60 10.71 31.94
CA GLU H 302 -9.42 11.51 31.05
C GLU H 302 -10.74 11.83 31.71
N TRP H 303 -11.07 13.13 31.87
CA TRP H 303 -12.09 13.56 32.78
C TRP H 303 -13.09 14.40 32.04
N GLY H 304 -14.31 14.48 32.61
CA GLY H 304 -15.34 15.35 32.11
C GLY H 304 -16.67 14.76 32.47
N PHE H 305 -17.75 15.46 32.05
CA PHE H 305 -19.11 15.05 32.29
C PHE H 305 -19.71 14.78 30.94
N VAL H 306 -20.75 13.93 30.92
CA VAL H 306 -21.41 13.49 29.71
C VAL H 306 -22.84 14.00 29.74
N GLU H 307 -23.72 13.36 30.56
CA GLU H 307 -25.12 13.68 30.65
C GLU H 307 -25.43 14.46 31.90
N ASP H 308 -24.38 15.04 32.54
CA ASP H 308 -24.31 15.41 33.95
C ASP H 308 -24.15 14.16 34.76
N LYS H 309 -23.23 13.29 34.28
CA LYS H 309 -22.76 12.13 34.96
C LYS H 309 -21.28 12.24 34.89
N GLU H 310 -20.60 12.15 36.05
CA GLU H 310 -19.15 12.25 36.16
C GLU H 310 -18.55 11.02 35.52
N VAL H 311 -17.64 11.20 34.53
CA VAL H 311 -17.12 10.10 33.76
C VAL H 311 -15.64 10.32 33.74
N TYR H 312 -14.91 9.32 34.28
CA TYR H 312 -13.48 9.27 34.26
C TYR H 312 -13.15 7.93 33.69
N GLU H 313 -11.90 7.77 33.18
CA GLU H 313 -11.48 6.54 32.60
C GLU H 313 -9.98 6.52 32.54
N GLY H 314 -9.41 5.30 32.42
CA GLY H 314 -8.05 5.10 32.01
C GLY H 314 -8.01 5.05 30.50
N VAL H 315 -6.80 4.85 29.93
CA VAL H 315 -6.56 4.78 28.51
C VAL H 315 -7.20 3.56 27.87
N VAL H 316 -7.09 2.38 28.53
CA VAL H 316 -7.42 1.09 27.95
C VAL H 316 -8.80 0.62 28.36
N ARG H 317 -9.78 1.56 28.43
CA ARG H 317 -11.13 1.27 28.90
C ARG H 317 -11.90 0.39 27.95
N LEU H 318 -11.83 0.69 26.64
CA LEU H 318 -12.64 0.04 25.64
C LEU H 318 -11.75 -0.72 24.69
N THR H 319 -10.44 -0.79 25.03
CA THR H 319 -9.46 -1.75 24.56
C THR H 319 -9.89 -3.17 24.90
N LYS H 320 -10.69 -3.32 25.99
CA LYS H 320 -11.05 -4.57 26.61
C LYS H 320 -12.12 -5.29 25.82
N ASP H 321 -12.71 -4.64 24.78
CA ASP H 321 -13.61 -5.26 23.83
C ASP H 321 -12.82 -6.18 22.94
N GLY H 322 -11.73 -5.65 22.33
CA GLY H 322 -10.87 -6.39 21.45
C GLY H 322 -9.98 -7.36 22.17
N GLN H 323 -9.73 -7.16 23.50
CA GLN H 323 -8.91 -8.02 24.31
C GLN H 323 -9.55 -9.37 24.50
N ARG H 324 -10.90 -9.37 24.69
CA ARG H 324 -11.67 -10.57 24.90
C ARG H 324 -11.92 -11.29 23.61
N LEU H 325 -11.98 -10.56 22.47
CA LEU H 325 -12.13 -11.15 21.17
C LEU H 325 -10.89 -11.91 20.76
N ARG H 326 -9.69 -11.39 21.12
CA ARG H 326 -8.42 -12.07 20.89
C ARG H 326 -8.31 -13.32 21.71
N ASN H 327 -8.85 -13.30 22.95
CA ASN H 327 -8.85 -14.43 23.87
C ASN H 327 -9.74 -15.54 23.36
N MET H 328 -10.86 -15.18 22.66
CA MET H 328 -11.78 -16.14 22.09
C MET H 328 -11.14 -16.93 21.01
N ILE H 329 -10.52 -16.24 20.02
CA ILE H 329 -9.87 -16.82 18.86
C ILE H 329 -8.72 -17.71 19.25
N MET H 330 -7.93 -17.28 20.27
CA MET H 330 -6.80 -18.01 20.78
C MET H 330 -7.19 -19.33 21.38
N SER H 331 -8.27 -19.36 22.17
CA SER H 331 -8.75 -20.56 22.83
C SER H 331 -9.54 -21.45 21.91
N PHE H 332 -10.17 -20.87 20.85
CA PHE H 332 -10.98 -21.58 19.89
C PHE H 332 -10.11 -22.44 19.02
N ASN H 333 -8.89 -21.94 18.70
CA ASN H 333 -7.92 -22.61 17.86
C ASN H 333 -7.16 -23.64 18.65
N ALA H 334 -7.31 -23.67 20.00
CA ALA H 334 -6.70 -24.66 20.86
C ALA H 334 -7.28 -26.02 20.61
N ASP H 335 -8.64 -26.09 20.50
CA ASP H 335 -9.39 -27.29 20.22
C ASP H 335 -9.07 -27.84 18.87
N ILE H 336 -8.84 -26.96 17.86
CA ILE H 336 -8.52 -27.32 16.49
C ILE H 336 -7.17 -28.01 16.40
N VAL H 337 -6.17 -27.53 17.18
CA VAL H 337 -4.83 -28.10 17.22
C VAL H 337 -4.81 -29.36 18.04
N ALA H 338 -5.56 -29.41 19.16
CA ALA H 338 -5.48 -30.47 20.13
C ALA H 338 -6.32 -31.66 19.74
N ARG H 339 -7.66 -31.46 19.68
CA ARG H 339 -8.63 -32.51 19.49
C ARG H 339 -9.13 -32.48 18.07
N THR H 340 -8.76 -33.51 17.30
CA THR H 340 -9.24 -33.80 15.95
C THR H 340 -8.33 -34.91 15.49
N PRO H 341 -8.81 -35.94 14.79
CA PRO H 341 -7.97 -36.93 14.11
C PRO H 341 -7.05 -36.27 13.12
N LYS H 342 -5.72 -36.56 13.19
CA LYS H 342 -4.75 -36.01 12.27
C LYS H 342 -4.66 -36.89 11.06
N LYS H 343 -4.05 -36.33 9.99
CA LYS H 343 -4.03 -36.87 8.65
C LYS H 343 -3.39 -38.24 8.57
N LYS H 344 -4.21 -39.26 8.24
CA LYS H 344 -3.82 -40.65 8.24
C LYS H 344 -4.60 -41.27 7.10
N PRO H 345 -4.18 -42.40 6.51
CA PRO H 345 -4.89 -43.02 5.42
C PRO H 345 -6.12 -43.76 5.90
N PHE H 346 -7.20 -43.74 5.09
CA PHE H 346 -8.40 -44.48 5.36
C PHE H 346 -8.20 -45.88 4.85
N PHE H 347 -8.81 -46.85 5.57
CA PHE H 347 -8.78 -48.24 5.22
C PHE H 347 -10.06 -48.82 5.75
N TRP H 348 -10.31 -50.08 5.36
CA TRP H 348 -11.42 -50.88 5.77
C TRP H 348 -10.75 -52.15 6.27
N PRO H 349 -11.21 -52.86 7.29
CA PRO H 349 -10.48 -53.98 7.90
C PRO H 349 -10.23 -55.13 6.96
N GLU H 350 -11.16 -55.37 6.00
CA GLU H 350 -11.14 -56.56 5.18
C GLU H 350 -10.12 -56.49 4.06
N GLN H 351 -9.63 -55.27 3.72
CA GLN H 351 -8.67 -55.08 2.65
C GLN H 351 -7.31 -54.69 3.17
N ILE H 352 -7.09 -54.74 4.50
CA ILE H 352 -5.79 -54.53 5.11
C ILE H 352 -5.45 -55.77 5.89
N ALA H 353 -6.23 -56.87 5.66
CA ALA H 353 -6.19 -58.07 6.45
C ALA H 353 -4.87 -58.77 6.40
N GLY H 354 -4.31 -59.07 7.61
CA GLY H 354 -3.14 -59.88 7.80
C GLY H 354 -1.83 -59.20 7.55
N PHE H 355 -1.83 -57.87 7.29
CA PHE H 355 -0.63 -57.12 6.99
C PHE H 355 -0.47 -56.01 7.98
N GLU H 356 -1.23 -56.06 9.11
CA GLU H 356 -1.23 -55.07 10.16
C GLU H 356 0.08 -54.97 10.92
N HIS H 357 0.96 -56.00 10.78
CA HIS H 357 2.25 -56.09 11.41
C HIS H 357 3.21 -55.04 10.89
N MET H 358 3.04 -54.62 9.62
CA MET H 358 3.89 -53.63 9.00
C MET H 358 3.55 -52.22 9.42
N TYR H 359 2.34 -52.05 10.03
CA TYR H 359 1.80 -50.80 10.53
C TYR H 359 2.10 -50.65 12.01
N ASP H 360 2.96 -51.52 12.57
CA ASP H 360 3.25 -51.67 13.99
C ASP H 360 3.66 -50.42 14.73
N GLY H 361 4.22 -49.41 14.03
CA GLY H 361 4.54 -48.12 14.61
C GLY H 361 6.03 -47.91 14.62
N ASN H 362 6.77 -48.70 13.82
CA ASN H 362 8.19 -48.55 13.65
C ASN H 362 8.46 -48.60 12.18
N ASP H 363 9.66 -48.12 11.78
CA ASP H 363 10.08 -48.04 10.41
C ASP H 363 11.18 -49.06 10.28
N ASP H 364 10.98 -50.03 9.36
CA ASP H 364 11.86 -51.15 9.18
C ASP H 364 11.75 -51.50 7.72
N TYR H 365 10.51 -51.83 7.31
CA TYR H 365 10.10 -52.34 6.02
C TYR H 365 10.39 -51.37 4.89
N PRO H 366 10.65 -51.76 3.64
CA PRO H 366 10.81 -50.84 2.53
C PRO H 366 9.47 -50.45 1.98
N TYR H 367 8.38 -51.15 2.37
CA TYR H 367 7.12 -51.07 1.67
C TYR H 367 6.04 -51.53 2.60
N TYR H 368 4.77 -51.26 2.22
CA TYR H 368 3.60 -51.69 2.93
C TYR H 368 2.93 -52.67 2.01
N LEU H 369 2.02 -53.50 2.58
CA LEU H 369 1.31 -54.52 1.86
C LEU H 369 -0.10 -54.42 2.33
N LEU H 370 -1.03 -54.93 1.50
CA LEU H 370 -2.45 -54.85 1.74
C LEU H 370 -3.05 -56.09 1.14
N ASN H 371 -4.21 -56.54 1.68
CA ASN H 371 -5.00 -57.65 1.18
C ASN H 371 -5.57 -57.24 -0.17
N ARG H 372 -5.65 -58.21 -1.12
CA ARG H 372 -5.99 -57.90 -2.49
C ARG H 372 -7.29 -58.53 -2.89
N THR H 373 -7.58 -59.77 -2.40
CA THR H 373 -8.74 -60.51 -2.84
C THR H 373 -9.20 -61.28 -1.65
N ASP H 374 -10.53 -61.47 -1.52
CA ASP H 374 -11.16 -62.25 -0.49
C ASP H 374 -12.18 -63.08 -1.21
N GLU H 375 -12.65 -64.16 -0.54
CA GLU H 375 -13.63 -65.08 -1.09
C GLU H 375 -15.01 -64.54 -0.83
N ASN H 376 -16.04 -65.21 -1.43
CA ASN H 376 -17.44 -64.86 -1.43
C ASN H 376 -17.67 -63.99 -2.64
N SER H 377 -16.91 -64.30 -3.72
CA SER H 377 -16.84 -63.61 -4.99
C SER H 377 -15.65 -62.70 -4.88
N GLY H 378 -14.89 -62.57 -5.99
CA GLY H 378 -13.71 -61.74 -6.13
C GLY H 378 -13.87 -60.32 -5.66
N ASP H 379 -12.74 -59.70 -5.28
CA ASP H 379 -12.71 -58.37 -4.74
C ASP H 379 -11.44 -57.78 -5.26
N LEU H 380 -11.48 -56.45 -5.54
CA LEU H 380 -10.36 -55.68 -5.98
C LEU H 380 -10.20 -54.66 -4.88
N PRO H 381 -8.98 -54.30 -4.46
CA PRO H 381 -8.76 -53.44 -3.31
C PRO H 381 -9.05 -52.00 -3.66
N THR H 382 -9.64 -51.25 -2.70
CA THR H 382 -9.91 -49.83 -2.81
C THR H 382 -8.59 -49.11 -2.61
N GLN H 383 -8.45 -47.91 -3.24
CA GLN H 383 -7.25 -47.11 -3.26
C GLN H 383 -6.80 -46.70 -1.86
N PRO H 384 -5.52 -46.59 -1.58
CA PRO H 384 -5.03 -46.02 -0.33
C PRO H 384 -4.53 -44.63 -0.63
N LEU H 385 -5.34 -43.83 -1.38
CA LEU H 385 -5.03 -42.46 -1.70
C LEU H 385 -6.01 -41.56 -0.98
N ALA H 386 -6.80 -42.12 -0.04
CA ALA H 386 -7.77 -41.40 0.73
C ALA H 386 -7.08 -41.01 2.01
N TYR H 387 -7.26 -39.75 2.44
CA TYR H 387 -6.60 -39.21 3.62
C TYR H 387 -7.55 -38.24 4.24
N TYR H 388 -7.44 -38.08 5.58
CA TYR H 388 -8.26 -37.19 6.39
C TYR H 388 -7.96 -35.76 6.04
N GLU H 389 -8.99 -34.90 6.02
CA GLU H 389 -8.86 -33.48 5.78
C GLU H 389 -9.09 -32.83 7.11
N ASN H 390 -8.01 -32.20 7.64
CA ASN H 390 -7.98 -31.61 8.95
C ASN H 390 -8.70 -30.29 8.94
N PRO H 391 -9.27 -29.82 10.04
CA PRO H 391 -9.62 -28.41 10.19
C PRO H 391 -8.31 -27.69 10.44
N GLU H 392 -8.11 -26.53 9.78
CA GLU H 392 -6.82 -25.89 9.71
C GLU H 392 -6.93 -24.50 10.26
N VAL H 393 -8.03 -24.23 11.02
CA VAL H 393 -8.49 -22.93 11.45
C VAL H 393 -9.05 -22.22 10.24
N PRO H 394 -10.38 -22.09 10.08
CA PRO H 394 -10.97 -21.46 8.90
C PRO H 394 -10.62 -20.00 8.83
N GLN H 395 -10.58 -19.43 7.60
CA GLN H 395 -10.18 -18.07 7.33
C GLN H 395 -11.03 -17.02 8.02
N ALA H 396 -12.24 -17.42 8.49
CA ALA H 396 -13.15 -16.62 9.27
C ALA H 396 -12.57 -16.17 10.58
N ASN H 397 -11.78 -17.05 11.23
CA ASN H 397 -11.14 -16.82 12.50
C ASN H 397 -10.00 -15.86 12.31
N ALA H 398 -9.26 -16.00 11.19
CA ALA H 398 -8.13 -15.17 10.83
C ALA H 398 -8.57 -13.78 10.45
N TYR H 399 -9.81 -13.62 9.93
CA TYR H 399 -10.38 -12.36 9.52
C TYR H 399 -10.82 -11.59 10.75
N MET H 400 -11.30 -12.30 11.79
CA MET H 400 -11.71 -11.71 13.03
C MET H 400 -10.53 -11.37 13.89
N LEU H 401 -9.38 -12.07 13.71
CA LEU H 401 -8.15 -11.83 14.44
C LEU H 401 -7.55 -10.50 14.07
N GLU H 402 -7.71 -10.10 12.79
CA GLU H 402 -7.27 -8.83 12.26
C GLU H 402 -8.08 -7.71 12.83
N ALA H 403 -9.41 -7.91 12.96
CA ALA H 403 -10.33 -6.93 13.52
C ALA H 403 -10.22 -6.84 15.02
N ALA H 404 -9.73 -7.91 15.68
CA ALA H 404 -9.54 -8.00 17.10
C ALA H 404 -8.36 -7.19 17.54
N THR H 405 -7.24 -7.29 16.80
CA THR H 405 -6.02 -6.57 17.07
C THR H 405 -6.16 -5.11 16.72
N SER H 406 -6.98 -4.80 15.67
CA SER H 406 -7.28 -3.46 15.22
C SER H 406 -8.09 -2.72 16.25
N ALA H 407 -8.96 -3.44 16.98
CA ALA H 407 -9.80 -2.91 18.03
C ALA H 407 -8.98 -2.54 19.24
N VAL H 408 -7.94 -3.33 19.56
CA VAL H 408 -7.08 -3.11 20.70
C VAL H 408 -6.20 -1.92 20.48
N LYS H 409 -5.43 -1.91 19.35
CA LYS H 409 -4.36 -0.95 19.12
C LYS H 409 -4.81 0.48 18.98
N GLU H 410 -6.07 0.68 18.53
CA GLU H 410 -6.58 1.98 18.19
C GLU H 410 -6.86 2.82 19.41
N VAL H 411 -7.58 2.25 20.40
CA VAL H 411 -7.94 2.92 21.63
C VAL H 411 -6.92 2.70 22.72
N ALA H 412 -5.94 1.78 22.52
CA ALA H 412 -4.82 1.59 23.42
C ALA H 412 -3.88 2.78 23.36
N THR H 413 -3.82 3.46 22.18
CA THR H 413 -3.07 4.67 22.01
C THR H 413 -4.01 5.77 22.40
N LEU H 414 -3.62 6.59 23.40
CA LEU H 414 -4.44 7.68 23.89
C LEU H 414 -4.48 8.77 22.84
N GLY H 415 -3.31 9.16 22.31
CA GLY H 415 -3.22 10.26 21.39
C GLY H 415 -1.91 10.89 21.66
N VAL H 416 -0.92 10.66 20.75
CA VAL H 416 0.45 11.06 20.95
C VAL H 416 0.57 12.45 20.40
N ASP H 417 1.05 13.39 21.25
CA ASP H 417 1.28 14.76 20.86
C ASP H 417 2.70 14.81 20.39
N THR H 418 3.66 15.20 21.25
CA THR H 418 5.07 15.18 20.93
C THR H 418 5.59 13.78 21.16
N GLU H 419 6.67 13.41 20.42
CA GLU H 419 7.30 12.11 20.46
C GLU H 419 7.88 11.80 21.82
N ALA H 420 7.89 10.49 22.18
CA ALA H 420 8.38 9.97 23.45
C ALA H 420 7.55 10.52 24.59
N VAL H 421 8.21 11.03 25.65
CA VAL H 421 7.56 11.64 26.80
C VAL H 421 6.78 12.85 26.38
N ASN H 422 5.63 13.07 27.06
CA ASN H 422 4.60 14.04 26.71
C ASN H 422 3.96 13.65 25.41
N GLY H 423 3.63 12.34 25.27
CA GLY H 423 2.94 11.80 24.14
C GLY H 423 1.53 11.56 24.54
N GLY H 424 1.20 10.30 24.89
CA GLY H 424 -0.10 9.91 25.34
C GLY H 424 -0.29 10.18 26.80
N GLN H 425 0.80 10.57 27.52
CA GLN H 425 0.72 10.93 28.91
C GLN H 425 0.32 12.36 29.16
N VAL H 426 0.13 13.20 28.12
CA VAL H 426 -0.26 14.60 28.28
C VAL H 426 -1.58 14.75 28.99
N ALA H 427 -2.59 13.94 28.61
CA ALA H 427 -3.89 13.90 29.26
C ALA H 427 -3.83 13.53 30.72
N PHE H 428 -2.90 12.64 31.10
CA PHE H 428 -2.71 12.23 32.49
C PHE H 428 -1.88 13.24 33.25
N ASP H 429 -0.98 13.98 32.59
CA ASP H 429 -0.10 14.93 33.23
C ASP H 429 -0.83 16.20 33.57
N THR H 430 -1.75 16.67 32.69
CA THR H 430 -2.41 17.93 32.87
C THR H 430 -3.48 17.87 33.93
N VAL H 431 -4.10 16.68 34.16
CA VAL H 431 -5.08 16.48 35.20
C VAL H 431 -4.41 16.25 36.53
N ASN H 432 -3.15 15.73 36.52
CA ASN H 432 -2.39 15.50 37.73
C ASN H 432 -1.83 16.80 38.24
N GLN H 433 -1.52 17.75 37.32
CA GLN H 433 -0.90 19.01 37.66
C GLN H 433 -1.86 19.93 38.39
N LEU H 434 -3.18 19.78 38.14
CA LEU H 434 -4.22 20.56 38.75
C LEU H 434 -4.48 20.12 40.17
N ASN H 435 -4.56 18.79 40.41
CA ASN H 435 -4.83 18.21 41.71
C ASN H 435 -3.65 18.25 42.63
N MET H 436 -2.41 18.16 42.10
CA MET H 436 -1.20 18.35 42.87
C MET H 436 -1.10 19.77 43.38
N ARG H 437 -1.56 20.76 42.58
CA ARG H 437 -1.68 22.15 42.98
C ARG H 437 -2.81 22.37 43.96
N ALA H 438 -3.87 21.52 43.90
CA ALA H 438 -4.99 21.57 44.82
C ALA H 438 -4.60 21.13 46.20
N ASP H 439 -3.58 20.23 46.29
CA ASP H 439 -3.00 19.74 47.51
C ASP H 439 -2.39 20.87 48.31
N LEU H 440 -1.77 21.87 47.64
CA LEU H 440 -1.15 23.03 48.25
C LEU H 440 -2.12 23.90 48.99
N GLU H 441 -3.41 23.92 48.57
CA GLU H 441 -4.44 24.73 49.20
C GLU H 441 -4.81 24.16 50.54
N THR H 442 -4.98 22.82 50.61
CA THR H 442 -5.40 22.13 51.81
C THR H 442 -4.21 21.78 52.69
N TYR H 443 -2.97 21.90 52.15
CA TYR H 443 -1.75 21.63 52.90
C TYR H 443 -1.54 22.74 53.88
N VAL H 444 -1.60 24.01 53.42
CA VAL H 444 -1.40 25.18 54.25
C VAL H 444 -2.51 25.34 55.26
N PHE H 445 -3.71 24.84 54.94
CA PHE H 445 -4.86 24.93 55.80
C PHE H 445 -4.94 23.76 56.75
N GLN H 446 -3.97 22.81 56.73
CA GLN H 446 -3.92 21.73 57.69
C GLN H 446 -2.68 21.87 58.52
N ASP H 447 -1.49 21.86 57.86
CA ASP H 447 -0.16 21.97 58.42
C ASP H 447 0.04 23.19 59.30
N ASN H 448 -0.63 24.33 59.02
CA ASN H 448 -0.40 25.54 59.76
C ASN H 448 -1.29 25.58 60.98
N LEU H 449 -2.17 24.57 61.18
CA LEU H 449 -3.07 24.47 62.30
C LEU H 449 -2.62 23.36 63.22
N ALA H 450 -2.77 22.09 62.76
CA ALA H 450 -2.49 20.92 63.56
C ALA H 450 -1.04 20.74 63.91
N THR H 451 -0.11 20.90 62.93
CA THR H 451 1.33 20.92 63.19
C THR H 451 1.73 22.29 63.68
N ALA H 452 0.85 23.30 63.47
CA ALA H 452 0.97 24.67 63.91
C ALA H 452 2.19 25.38 63.39
N MET H 453 2.50 26.55 63.99
CA MET H 453 3.51 27.50 63.57
C MET H 453 3.28 27.95 62.14
N ARG H 454 4.36 28.06 61.33
CA ARG H 454 4.32 28.38 59.92
C ARG H 454 3.95 29.82 59.69
N ARG H 455 4.62 30.76 60.41
CA ARG H 455 4.44 32.17 60.17
C ARG H 455 5.73 32.86 60.49
N ASP H 456 6.05 33.89 59.68
CA ASP H 456 7.18 34.75 59.88
C ASP H 456 6.72 36.06 59.30
N GLY H 457 7.12 37.20 59.92
CA GLY H 457 6.82 38.51 59.40
C GLY H 457 7.70 38.86 58.26
N GLU H 458 9.02 38.59 58.39
CA GLU H 458 9.95 38.61 57.29
C GLU H 458 11.23 38.05 57.84
N ILE H 459 11.68 38.59 59.00
CA ILE H 459 12.96 38.23 59.58
C ILE H 459 12.83 38.46 61.06
N TYR H 460 13.49 37.58 61.86
CA TYR H 460 13.60 37.57 63.30
C TYR H 460 12.28 37.84 64.02
N GLN H 461 12.32 38.53 65.20
CA GLN H 461 11.21 38.58 66.11
C GLN H 461 10.98 40.03 66.46
N SER H 462 11.40 40.42 67.67
CA SER H 462 11.16 41.69 68.30
C SER H 462 12.36 41.78 69.21
N ILE H 463 12.15 42.28 70.46
CA ILE H 463 13.12 42.37 71.54
C ILE H 463 14.45 42.97 71.12
N VAL H 464 14.37 44.23 70.61
CA VAL H 464 15.46 44.89 69.94
C VAL H 464 16.12 45.68 71.03
N ASN H 465 17.30 45.27 71.56
CA ASN H 465 18.61 45.09 70.95
C ASN H 465 19.11 46.32 70.21
N ASP H 466 20.16 46.18 69.39
CA ASP H 466 20.81 47.25 68.64
C ASP H 466 19.89 48.03 67.76
N ILE H 467 20.14 49.36 67.68
CA ILE H 467 19.36 50.31 66.94
C ILE H 467 20.40 51.27 66.44
N TYR H 468 20.29 51.65 65.15
CA TYR H 468 21.16 52.63 64.54
C TYR H 468 20.42 53.20 63.38
N ASP H 469 20.94 54.31 62.82
CA ASP H 469 20.20 55.25 61.99
C ASP H 469 20.45 55.03 60.53
N VAL H 470 21.17 53.94 60.17
CA VAL H 470 21.44 53.54 58.81
C VAL H 470 20.15 53.13 58.08
N PRO H 471 19.21 52.32 58.59
CA PRO H 471 17.83 52.28 58.11
C PRO H 471 17.11 53.60 58.25
N ARG H 472 15.98 53.77 57.54
CA ARG H 472 15.96 54.65 56.39
C ARG H 472 14.67 54.35 55.72
N ASN H 473 13.71 55.31 55.81
CA ASN H 473 12.29 55.05 55.98
C ASN H 473 12.02 54.04 57.07
N VAL H 474 10.97 53.20 56.89
CA VAL H 474 10.67 52.09 57.76
C VAL H 474 10.96 50.92 56.86
N THR H 475 11.96 50.10 57.24
CA THR H 475 12.53 49.13 56.34
C THR H 475 13.18 48.08 57.20
N ILE H 476 13.55 46.94 56.57
CA ILE H 476 14.18 45.80 57.16
C ILE H 476 15.54 46.21 57.71
N THR H 477 15.90 45.64 58.89
CA THR H 477 17.02 45.99 59.74
C THR H 477 16.51 46.97 60.75
N LEU H 478 16.25 46.46 61.98
CA LEU H 478 16.18 47.12 63.27
C LEU H 478 15.31 48.36 63.33
N GLU H 479 15.57 49.22 64.34
CA GLU H 479 14.77 50.32 64.84
C GLU H 479 13.44 49.97 65.47
N ASP H 480 12.84 48.79 65.18
CA ASP H 480 11.54 48.45 65.70
C ASP H 480 11.55 46.98 66.06
N GLY H 481 11.36 46.10 65.05
CA GLY H 481 11.34 44.67 65.21
C GLY H 481 9.91 44.23 65.23
N SER H 482 9.38 43.87 64.04
CA SER H 482 8.12 43.17 63.91
C SER H 482 8.27 42.19 62.77
N GLU H 483 8.49 42.72 61.54
CA GLU H 483 9.51 42.29 60.61
C GLU H 483 10.88 42.72 61.11
N LYS H 484 11.72 43.27 60.21
CA LYS H 484 12.60 44.40 60.45
C LYS H 484 13.46 44.36 61.69
N ASP H 485 14.21 43.25 61.88
CA ASP H 485 15.24 43.14 62.88
C ASP H 485 16.08 41.95 62.54
N VAL H 486 17.28 41.87 63.14
CA VAL H 486 18.23 40.82 62.85
C VAL H 486 18.80 40.34 64.16
N GLN H 487 19.46 39.17 64.10
CA GLN H 487 19.99 38.43 65.21
C GLN H 487 20.48 37.19 64.53
N LEU H 488 21.71 37.26 63.98
CA LEU H 488 22.36 36.15 63.30
C LEU H 488 22.58 35.01 64.25
N MET H 489 22.23 33.79 63.79
CA MET H 489 22.24 32.55 64.53
C MET H 489 21.07 32.54 65.47
N ALA H 490 20.05 31.71 65.13
CA ALA H 490 18.69 31.77 65.64
C ALA H 490 17.93 32.92 65.03
N GLU H 491 18.10 33.14 63.71
CA GLU H 491 17.17 33.86 62.87
C GLU H 491 15.88 33.09 62.72
N VAL H 492 14.77 33.82 62.52
CA VAL H 492 13.45 33.24 62.29
C VAL H 492 13.31 33.22 60.80
N VAL H 493 12.85 32.06 60.26
CA VAL H 493 12.55 31.89 58.86
C VAL H 493 11.18 31.28 58.77
N ASP H 494 10.74 30.54 59.82
CA ASP H 494 9.43 29.93 59.83
C ASP H 494 8.94 29.80 61.25
N LEU H 495 9.84 30.01 62.25
CA LEU H 495 9.54 29.84 63.66
C LEU H 495 8.46 30.81 64.10
N ALA H 496 7.56 30.36 64.99
CA ALA H 496 6.44 31.15 65.43
C ALA H 496 6.37 31.01 66.92
N THR H 497 5.64 31.95 67.56
CA THR H 497 5.41 32.01 68.98
C THR H 497 4.63 30.78 69.45
N GLY H 498 4.98 30.30 70.65
CA GLY H 498 4.32 29.17 71.27
C GLY H 498 3.33 29.66 72.30
N GLU H 499 3.32 30.99 72.58
CA GLU H 499 2.51 31.68 73.56
C GLU H 499 2.50 30.99 74.90
N LYS H 500 1.36 31.06 75.64
CA LYS H 500 1.19 30.39 76.90
C LYS H 500 0.71 28.97 76.68
N GLN H 501 0.14 28.70 75.49
CA GLN H 501 -0.33 27.39 75.13
C GLN H 501 -0.16 27.32 73.63
N VAL H 502 0.31 26.17 73.12
CA VAL H 502 0.66 25.95 71.75
C VAL H 502 -0.57 25.65 70.92
N LEU H 503 -0.37 25.63 69.57
CA LEU H 503 -1.37 25.45 68.53
C LEU H 503 -2.05 26.76 68.25
N ASN H 504 -1.24 27.84 68.17
CA ASN H 504 -1.69 29.17 67.83
C ASN H 504 -1.06 29.52 66.51
N ASP H 505 -1.84 30.19 65.62
CA ASP H 505 -1.36 30.55 64.31
C ASP H 505 -2.23 31.63 63.75
N ILE H 506 -1.64 32.42 62.82
CA ILE H 506 -2.26 33.45 62.04
C ILE H 506 -3.18 32.85 60.99
N ARG H 507 -4.20 33.62 60.55
CA ARG H 507 -5.19 33.22 59.58
C ARG H 507 -4.62 33.34 58.18
N GLY H 508 -3.49 34.08 58.04
CA GLY H 508 -2.80 34.29 56.78
C GLY H 508 -1.89 33.12 56.58
N ARG H 509 -2.46 32.03 56.02
CA ARG H 509 -1.80 30.78 55.79
C ARG H 509 -1.41 30.72 54.33
N TYR H 510 -1.69 31.83 53.60
CA TYR H 510 -1.50 31.98 52.18
C TYR H 510 -0.53 33.11 52.06
N GLU H 511 0.55 32.88 51.26
CA GLU H 511 1.54 33.88 50.95
C GLU H 511 2.03 33.57 49.57
N CYS H 512 1.35 32.64 48.84
CA CYS H 512 1.87 32.14 47.59
C CYS H 512 0.70 31.81 46.72
N TYR H 513 1.02 31.24 45.54
CA TYR H 513 0.13 30.81 44.49
C TYR H 513 0.43 29.35 44.41
N THR H 514 -0.52 28.56 43.86
CA THR H 514 -0.41 27.13 43.79
C THR H 514 0.30 26.80 42.51
N ASP H 515 1.51 26.21 42.62
CA ASP H 515 2.31 25.87 41.48
C ASP H 515 3.10 24.67 41.89
N VAL H 516 3.45 23.81 40.90
CA VAL H 516 4.09 22.56 41.12
C VAL H 516 5.26 22.48 40.17
N GLY H 517 6.16 21.51 40.41
CA GLY H 517 7.34 21.33 39.62
C GLY H 517 7.93 20.01 39.99
N PRO H 518 9.18 19.72 39.62
CA PRO H 518 9.88 18.48 39.94
C PRO H 518 10.03 18.25 41.43
N SER H 519 10.23 16.98 41.85
CA SER H 519 10.41 16.61 43.24
C SER H 519 11.71 17.15 43.77
N PHE H 520 11.66 17.71 44.99
CA PHE H 520 12.81 18.18 45.72
C PHE H 520 12.46 17.86 47.14
N GLN H 521 13.43 17.29 47.89
CA GLN H 521 13.24 16.89 49.26
C GLN H 521 14.31 17.52 50.12
N SER H 522 15.00 18.55 49.59
CA SER H 522 15.84 19.40 50.39
C SER H 522 15.96 20.69 49.62
N MET H 523 16.33 21.77 50.34
CA MET H 523 16.44 23.11 49.80
C MET H 523 17.60 23.19 48.85
N LYS H 524 18.67 22.44 49.17
CA LYS H 524 19.89 22.36 48.39
C LYS H 524 19.70 21.64 47.09
N GLN H 525 18.78 20.64 47.02
CA GLN H 525 18.42 19.96 45.79
C GLN H 525 17.76 20.88 44.79
N GLN H 526 16.89 21.81 45.28
CA GLN H 526 16.23 22.77 44.42
C GLN H 526 17.21 23.80 43.92
N ASN H 527 18.24 24.12 44.74
CA ASN H 527 19.25 25.10 44.41
C ASN H 527 20.16 24.62 43.31
N ARG H 528 20.35 23.28 43.15
CA ARG H 528 21.20 22.71 42.12
C ARG H 528 20.61 22.97 40.76
N ALA H 529 19.29 22.69 40.59
CA ALA H 529 18.58 22.84 39.35
C ALA H 529 18.49 24.28 38.89
N GLU H 530 18.38 25.24 39.86
CA GLU H 530 18.34 26.65 39.59
C GLU H 530 19.64 27.17 39.04
N ILE H 531 20.78 26.75 39.64
CA ILE H 531 22.12 27.15 39.26
C ILE H 531 22.45 26.67 37.87
N LEU H 532 22.14 25.37 37.58
CA LEU H 532 22.41 24.75 36.30
C LEU H 532 21.63 25.38 35.17
N GLU H 533 20.36 25.80 35.45
CA GLU H 533 19.52 26.50 34.50
C GLU H 533 20.06 27.88 34.18
N LEU H 534 20.64 28.57 35.18
CA LEU H 534 21.22 29.88 35.01
C LEU H 534 22.57 29.84 34.34
N LEU H 535 23.27 28.68 34.37
CA LEU H 535 24.51 28.48 33.66
C LEU H 535 24.19 28.19 32.22
N GLY H 536 25.14 28.50 31.31
CA GLY H 536 24.99 28.27 29.90
C GLY H 536 24.34 29.44 29.22
N LYS H 537 24.41 30.65 29.84
CA LYS H 537 23.95 31.86 29.21
C LYS H 537 24.58 33.05 29.88
N THR H 538 25.42 32.81 30.91
CA THR H 538 26.12 33.85 31.63
C THR H 538 27.47 34.04 30.98
N PRO H 539 28.00 35.26 30.84
CA PRO H 539 29.30 35.50 30.23
C PRO H 539 30.41 35.12 31.19
N GLN H 540 31.59 34.75 30.63
CA GLN H 540 32.76 34.37 31.36
C GLN H 540 33.28 35.52 32.20
N GLY H 541 33.89 35.19 33.35
CA GLY H 541 34.30 36.16 34.34
C GLY H 541 33.39 35.97 35.51
N THR H 542 33.20 37.04 36.32
CA THR H 542 32.48 37.03 37.58
C THR H 542 31.08 36.43 37.52
N PRO H 543 30.17 36.66 36.56
CA PRO H 543 28.88 35.98 36.49
C PRO H 543 28.93 34.46 36.44
N GLU H 544 29.97 33.88 35.79
CA GLU H 544 30.11 32.45 35.63
C GLU H 544 30.62 31.85 36.92
N TYR H 545 31.59 32.51 37.58
CA TYR H 545 32.19 32.06 38.82
C TYR H 545 31.25 32.22 40.00
N GLN H 546 30.23 33.09 39.88
CA GLN H 546 29.27 33.35 40.92
C GLN H 546 28.37 32.15 41.08
N LEU H 547 27.98 31.56 39.94
CA LEU H 547 27.14 30.38 39.88
C LEU H 547 27.94 29.11 40.10
N LEU H 548 29.18 29.03 39.57
CA LEU H 548 30.00 27.83 39.58
C LEU H 548 30.46 27.45 40.96
N LEU H 549 30.91 28.44 41.76
CA LEU H 549 31.30 28.26 43.14
C LEU H 549 30.11 27.94 44.01
N LEU H 550 28.95 28.54 43.71
CA LEU H 550 27.71 28.33 44.43
C LEU H 550 27.19 26.93 44.22
N GLN H 551 27.51 26.32 43.05
CA GLN H 551 27.13 24.97 42.71
C GLN H 551 27.76 24.00 43.68
N TYR H 552 29.07 24.18 43.98
CA TYR H 552 29.82 23.33 44.89
C TYR H 552 29.31 23.37 46.30
N PHE H 553 28.75 24.53 46.70
CA PHE H 553 28.15 24.78 48.00
C PHE H 553 26.86 24.01 48.17
N THR H 554 26.04 23.95 47.10
CA THR H 554 24.71 23.37 47.15
C THR H 554 24.71 21.91 46.75
N LEU H 555 25.85 21.38 46.23
CA LEU H 555 26.00 19.99 45.87
C LEU H 555 26.28 19.22 47.13
N LEU H 556 26.08 17.89 47.04
CA LEU H 556 26.40 16.93 48.08
C LEU H 556 27.90 16.91 48.25
N ASP H 557 28.38 16.81 49.50
CA ASP H 557 29.79 16.93 49.79
C ASP H 557 30.23 15.65 50.43
N GLY H 558 31.34 15.11 49.89
CA GLY H 558 32.18 14.13 50.52
C GLY H 558 33.29 14.90 51.14
N LYS H 559 34.46 14.24 51.31
CA LYS H 559 35.69 14.88 51.72
C LYS H 559 36.34 15.61 50.56
N GLY H 560 35.98 15.22 49.32
CA GLY H 560 36.51 15.77 48.09
C GLY H 560 35.95 17.13 47.77
N VAL H 561 34.62 17.29 47.90
CA VAL H 561 33.91 18.50 47.52
C VAL H 561 34.08 19.52 48.62
N GLU H 562 34.46 19.09 49.84
CA GLU H 562 34.64 19.92 51.01
C GLU H 562 35.73 20.95 50.80
N MET H 563 36.78 20.62 50.02
CA MET H 563 37.88 21.52 49.71
C MET H 563 37.43 22.61 48.77
N MET H 564 36.53 22.27 47.81
CA MET H 564 36.03 23.15 46.79
C MET H 564 35.00 24.09 47.36
N ARG H 565 34.26 23.62 48.40
CA ARG H 565 33.25 24.36 49.10
C ARG H 565 33.88 25.43 49.95
N ASP H 566 35.07 25.15 50.54
CA ASP H 566 35.84 26.09 51.32
C ASP H 566 36.34 27.24 50.47
N TYR H 567 36.71 26.95 49.21
CA TYR H 567 37.10 27.94 48.22
C TYR H 567 35.91 28.74 47.76
N ALA H 568 34.69 28.16 47.80
CA ALA H 568 33.47 28.83 47.43
C ALA H 568 33.03 29.77 48.51
N ASN H 569 33.18 29.35 49.79
CA ASN H 569 32.86 30.14 50.95
C ASN H 569 33.76 31.34 51.05
N LYS H 570 35.04 31.19 50.65
CA LYS H 570 36.02 32.25 50.62
C LYS H 570 35.56 33.39 49.74
N GLN H 571 35.38 33.13 48.42
CA GLN H 571 35.08 34.17 47.48
C GLN H 571 33.72 34.79 47.67
N LEU H 572 32.67 33.96 47.79
CA LEU H 572 31.29 34.40 47.82
C LEU H 572 30.93 35.19 49.07
N ILE H 573 31.28 34.65 50.26
CA ILE H 573 30.81 35.17 51.53
C ILE H 573 31.58 36.40 51.91
N GLN H 574 32.92 36.41 51.69
CA GLN H 574 33.77 37.52 52.07
C GLN H 574 33.56 38.77 51.25
N MET H 575 32.98 38.65 50.02
CA MET H 575 32.52 39.78 49.22
C MET H 575 31.31 40.46 49.83
N GLY H 576 30.57 39.74 50.70
CA GLY H 576 29.45 40.27 51.44
C GLY H 576 28.15 40.09 50.71
N VAL H 577 28.17 39.42 49.53
CA VAL H 577 26.99 39.25 48.70
C VAL H 577 26.14 38.12 49.25
N LYS H 578 26.78 37.01 49.70
CA LYS H 578 26.11 35.88 50.29
C LYS H 578 25.77 36.18 51.72
N LYS H 579 26.71 36.84 52.44
CA LYS H 579 26.67 37.22 53.84
C LYS H 579 26.91 36.01 54.73
N PRO H 580 27.60 36.12 55.87
CA PRO H 580 27.80 35.04 56.83
C PRO H 580 26.54 34.36 57.28
N GLU H 581 26.54 33.00 57.26
CA GLU H 581 25.45 32.20 57.75
C GLU H 581 25.82 31.63 59.09
N THR H 582 27.13 31.77 59.47
CA THR H 582 27.79 31.20 60.62
C THR H 582 27.36 29.79 61.01
N PRO H 583 27.62 28.74 60.22
CA PRO H 583 27.15 27.40 60.52
C PRO H 583 28.02 26.72 61.56
N GLU H 584 29.19 27.31 61.93
CA GLU H 584 30.39 26.64 62.43
C GLU H 584 31.61 27.16 61.70
N GLU H 585 31.41 27.98 60.64
CA GLU H 585 32.46 28.65 59.91
C GLU H 585 32.76 30.03 60.44
N GLN H 586 32.26 30.42 61.63
CA GLN H 586 32.25 31.79 62.11
C GLN H 586 33.55 32.56 62.10
N GLN H 587 34.72 31.93 62.39
CA GLN H 587 36.00 32.62 62.35
C GLN H 587 36.63 32.63 60.97
N TRP H 588 36.05 31.90 60.00
CA TRP H 588 36.44 31.99 58.61
C TRP H 588 35.70 33.15 58.00
N LEU H 589 34.36 33.15 58.09
CA LEU H 589 33.52 34.07 57.36
C LEU H 589 33.59 35.48 57.88
N VAL H 590 33.14 35.71 59.14
CA VAL H 590 32.98 37.02 59.72
C VAL H 590 34.27 37.80 59.80
N GLU H 591 35.35 37.12 60.26
CA GLU H 591 36.69 37.65 60.41
C GLU H 591 37.28 38.13 59.11
N ALA H 592 37.43 37.20 58.14
CA ALA H 592 38.13 37.42 56.89
C ALA H 592 37.36 38.25 55.90
N GLN H 593 36.04 38.50 56.15
CA GLN H 593 35.23 39.37 55.33
C GLN H 593 35.69 40.80 55.44
N GLN H 594 36.00 41.24 56.68
CA GLN H 594 36.55 42.54 56.98
C GLN H 594 37.95 42.70 56.49
N ALA H 595 38.72 41.58 56.42
CA ALA H 595 40.08 41.58 55.94
C ALA H 595 40.15 41.69 54.44
N LYS H 596 39.17 41.08 53.72
CA LYS H 596 39.11 41.12 52.28
C LYS H 596 38.77 42.50 51.77
N GLN H 597 37.87 43.22 52.48
CA GLN H 597 37.53 44.59 52.18
C GLN H 597 38.68 45.54 52.43
N GLY H 598 39.57 45.20 53.40
CA GLY H 598 40.75 45.98 53.71
C GLY H 598 41.82 45.82 52.67
N GLN H 599 41.85 44.64 51.98
CA GLN H 599 42.75 44.35 50.89
C GLN H 599 42.22 44.90 49.59
N GLN H 600 40.90 45.23 49.55
CA GLN H 600 40.22 45.67 48.37
C GLN H 600 40.56 47.10 48.08
N ASP H 601 40.64 47.95 49.13
CA ASP H 601 40.89 49.37 49.01
C ASP H 601 42.22 49.74 48.34
N PRO H 602 43.41 49.22 48.65
CA PRO H 602 44.64 49.54 47.92
C PRO H 602 44.64 48.96 46.52
N ALA H 603 43.87 47.88 46.27
CA ALA H 603 43.83 47.19 45.00
C ALA H 603 43.06 47.99 43.99
N MET H 604 42.06 48.78 44.45
CA MET H 604 41.25 49.67 43.64
C MET H 604 42.08 50.81 43.11
N VAL H 605 43.08 51.29 43.89
CA VAL H 605 43.96 52.37 43.50
C VAL H 605 44.92 51.90 42.43
N GLN H 606 45.40 50.64 42.54
CA GLN H 606 46.26 50.00 41.56
C GLN H 606 45.53 49.72 40.26
N ALA H 607 44.22 49.36 40.35
CA ALA H 607 43.37 49.13 39.20
C ALA H 607 43.12 50.39 38.41
N GLN H 608 43.07 51.55 39.09
CA GLN H 608 43.01 52.85 38.46
C GLN H 608 44.36 53.33 38.02
N GLY H 609 45.47 52.64 38.41
CA GLY H 609 46.82 53.01 38.09
C GLY H 609 47.16 52.89 36.64
N VAL H 610 46.53 51.92 35.92
CA VAL H 610 46.67 51.75 34.50
C VAL H 610 45.98 52.85 33.71
N LEU H 611 44.91 53.46 34.29
CA LEU H 611 44.23 54.61 33.71
C LEU H 611 45.01 55.87 33.97
N LEU H 612 45.90 55.88 35.00
CA LEU H 612 46.75 57.00 35.34
C LEU H 612 47.95 57.09 34.43
N GLN H 613 48.19 56.06 33.58
CA GLN H 613 49.21 56.07 32.56
C GLN H 613 48.95 57.13 31.51
N GLY H 614 47.66 57.36 31.17
CA GLY H 614 47.27 58.38 30.23
C GLY H 614 47.23 59.75 30.83
N GLN H 615 46.95 59.84 32.15
CA GLN H 615 46.98 61.08 32.92
C GLN H 615 48.38 61.55 33.15
N ALA H 616 49.36 60.62 33.12
CA ALA H 616 50.76 60.90 33.36
C ALA H 616 51.37 61.73 32.28
N GLU H 617 50.84 61.63 31.03
CA GLU H 617 51.29 62.40 29.90
C GLU H 617 50.87 63.84 30.06
N LEU H 618 49.63 64.07 30.57
CA LEU H 618 49.10 65.39 30.83
C LEU H 618 49.85 66.07 31.93
N ALA H 619 50.30 65.29 32.94
CA ALA H 619 51.01 65.83 34.09
C ALA H 619 52.39 66.28 33.72
N LYS H 620 53.15 65.44 32.98
CA LYS H 620 54.52 65.76 32.60
C LYS H 620 54.61 66.86 31.57
N ALA H 621 53.55 67.08 30.77
CA ALA H 621 53.52 68.14 29.78
C ALA H 621 53.25 69.48 30.41
N GLN H 622 52.31 69.52 31.38
CA GLN H 622 51.92 70.75 32.05
C GLN H 622 52.92 71.17 33.09
N ASN H 623 53.58 70.21 33.78
CA ASN H 623 54.57 70.46 34.80
C ASN H 623 55.87 70.91 34.20
N GLN H 624 56.15 70.50 32.95
CA GLN H 624 57.32 70.92 32.18
C GLN H 624 57.20 72.39 31.85
N THR H 625 55.97 72.84 31.51
CA THR H 625 55.65 74.21 31.21
C THR H 625 55.73 75.06 32.46
N LEU H 626 55.24 74.53 33.59
CA LEU H 626 55.22 75.21 34.87
C LEU H 626 56.61 75.45 35.42
N SER H 627 57.59 74.58 35.08
CA SER H 627 58.97 74.74 35.46
C SER H 627 59.64 75.79 34.63
N LEU H 628 59.23 75.96 33.35
CA LEU H 628 59.81 76.93 32.45
C LEU H 628 59.31 78.32 32.75
N GLN H 629 58.07 78.44 33.25
CA GLN H 629 57.47 79.71 33.59
C GLN H 629 58.13 80.33 34.79
N ILE H 630 58.33 79.54 35.87
CA ILE H 630 58.91 80.04 37.11
C ILE H 630 60.39 80.33 36.96
N ASP H 631 61.09 79.60 36.06
CA ASP H 631 62.50 79.83 35.77
C ASP H 631 62.69 81.09 34.98
N ALA H 632 61.75 81.41 34.05
CA ALA H 632 61.80 82.61 33.24
C ALA H 632 61.43 83.82 34.06
N ALA H 633 60.48 83.65 35.02
CA ALA H 633 60.05 84.67 35.94
C ALA H 633 61.08 84.97 36.99
N LYS H 634 61.95 83.97 37.32
CA LYS H 634 63.02 84.11 38.27
C LYS H 634 64.10 85.00 37.73
N VAL H 635 64.50 84.77 36.46
CA VAL H 635 65.52 85.54 35.76
C VAL H 635 65.02 86.93 35.52
N GLU H 636 63.70 87.10 35.25
CA GLU H 636 63.06 88.37 35.03
C GLU H 636 63.08 89.22 36.28
N ALA H 637 62.89 88.60 37.47
CA ALA H 637 62.85 89.31 38.73
C ALA H 637 64.22 89.66 39.23
N GLN H 638 65.27 88.93 38.78
CA GLN H 638 66.67 89.25 39.04
C GLN H 638 67.06 90.50 38.31
N ASN H 639 66.57 90.64 37.06
CA ASN H 639 66.88 91.73 36.16
C ASN H 639 66.21 93.02 36.58
N GLN H 640 65.07 92.94 37.30
CA GLN H 640 64.39 94.08 37.86
C GLN H 640 65.20 94.70 38.97
N LEU H 641 65.88 93.86 39.78
CA LEU H 641 66.75 94.28 40.86
C LEU H 641 68.02 94.88 40.31
N ASN H 642 68.55 94.32 39.20
CA ASN H 642 69.76 94.79 38.55
C ASN H 642 69.57 96.15 37.94
N ALA H 643 68.38 96.42 37.35
CA ALA H 643 68.03 97.69 36.75
C ALA H 643 67.98 98.82 37.74
N ALA H 644 67.60 98.50 39.01
CA ALA H 644 67.55 99.45 40.10
C ALA H 644 68.92 99.86 40.55
N ARG H 645 69.89 98.91 40.60
CA ARG H 645 71.26 99.18 41.00
C ARG H 645 72.04 99.89 39.93
N ILE H 646 71.62 99.77 38.64
CA ILE H 646 72.14 100.52 37.52
C ILE H 646 71.87 101.98 37.73
N ALA H 647 70.59 102.35 37.95
CA ALA H 647 70.22 103.75 37.98
C ALA H 647 70.66 104.45 39.26
N GLU H 648 70.94 103.67 40.33
CA GLU H 648 71.33 104.20 41.62
C GLU H 648 72.78 104.62 41.63
N ILE H 649 73.68 103.77 41.08
CA ILE H 649 75.11 103.94 41.16
C ILE H 649 75.63 105.03 40.26
N PHE H 650 74.82 105.46 39.26
CA PHE H 650 75.17 106.50 38.32
C PHE H 650 75.30 107.83 39.04
N ASN H 651 74.35 108.14 39.95
CA ASN H 651 74.32 109.37 40.69
C ASN H 651 75.41 109.43 41.73
N ASN H 652 75.81 108.26 42.29
CA ASN H 652 76.82 108.17 43.31
C ASN H 652 78.20 108.46 42.77
N MET H 653 78.47 108.09 41.49
CA MET H 653 79.75 108.34 40.88
C MET H 653 79.92 109.79 40.51
N ASP H 654 78.82 110.43 40.04
CA ASP H 654 78.84 111.83 39.65
C ASP H 654 79.00 112.75 40.84
N LEU H 655 78.45 112.38 42.03
CA LEU H 655 78.56 113.17 43.24
C LEU H 655 79.93 113.04 43.87
N SER H 656 80.62 111.89 43.68
CA SER H 656 81.94 111.68 44.23
C SER H 656 82.97 112.47 43.48
N LYS H 657 82.81 112.57 42.14
CA LYS H 657 83.72 113.31 41.28
C LYS H 657 83.59 114.80 41.49
N GLN H 658 82.33 115.31 41.59
CA GLN H 658 82.02 116.72 41.66
C GLN H 658 82.56 117.39 42.90
N SER H 659 82.68 116.64 44.01
CA SER H 659 83.21 117.13 45.25
C SER H 659 84.73 117.23 45.25
N GLU H 660 85.41 116.54 44.31
CA GLU H 660 86.85 116.51 44.25
C GLU H 660 87.39 117.61 43.37
N PHE H 661 86.51 118.30 42.59
CA PHE H 661 86.91 119.38 41.72
C PHE H 661 87.07 120.63 42.51
N ARG H 662 86.35 120.76 43.65
CA ARG H 662 86.38 121.91 44.53
C ARG H 662 87.71 122.01 45.21
N GLU H 663 88.27 120.84 45.62
CA GLU H 663 89.55 120.70 46.27
C GLU H 663 90.67 121.12 45.35
N PHE H 664 90.62 120.64 44.09
CA PHE H 664 91.65 120.81 43.10
C PHE H 664 91.68 122.24 42.59
N LEU H 665 90.53 122.95 42.63
CA LEU H 665 90.43 124.35 42.23
C LEU H 665 91.23 125.24 43.14
N LYS H 666 91.25 124.92 44.46
CA LYS H 666 91.95 125.70 45.45
C LYS H 666 93.43 125.43 45.45
N THR H 667 93.86 124.24 44.92
CA THR H 667 95.25 123.84 44.91
C THR H 667 95.97 124.55 43.78
N VAL H 668 95.26 124.72 42.64
CA VAL H 668 95.76 125.34 41.44
C VAL H 668 95.93 126.83 41.68
N ALA H 669 94.89 127.47 42.26
CA ALA H 669 94.87 128.89 42.51
C ALA H 669 95.84 129.33 43.58
N SER H 670 96.19 128.43 44.54
CA SER H 670 97.19 128.68 45.55
C SER H 670 98.59 128.65 44.97
N PHE H 671 98.79 127.87 43.88
CA PHE H 671 100.06 127.74 43.20
C PHE H 671 100.33 128.96 42.37
N GLN H 672 99.27 129.63 41.85
CA GLN H 672 99.40 130.84 41.08
C GLN H 672 99.84 132.00 41.93
N GLN H 673 99.50 132.02 43.24
CA GLN H 673 99.94 133.05 44.17
C GLN H 673 101.42 132.95 44.48
N ASP H 674 101.99 131.74 44.32
CA ASP H 674 103.40 131.46 44.58
C ASP H 674 104.20 132.00 43.43
N ARG H 675 103.66 131.82 42.19
CA ARG H 675 104.29 132.16 40.95
C ARG H 675 104.12 133.62 40.62
N SER H 676 103.19 134.32 41.30
CA SER H 676 103.03 135.76 41.18
C SER H 676 104.20 136.46 41.80
N GLU H 677 104.65 135.98 42.98
CA GLU H 677 105.79 136.50 43.68
C GLU H 677 107.08 136.10 43.03
N ASP H 678 107.12 134.92 42.37
CA ASP H 678 108.29 134.40 41.68
C ASP H 678 108.65 135.29 40.50
N ALA H 679 107.62 135.73 39.73
CA ALA H 679 107.79 136.57 38.57
C ALA H 679 108.20 137.99 38.91
N ARG H 680 107.66 138.53 40.03
CA ARG H 680 107.90 139.89 40.45
C ARG H 680 109.23 140.04 41.14
N ALA H 681 109.76 138.95 41.74
CA ALA H 681 110.99 138.98 42.49
C ALA H 681 112.20 139.14 41.61
N ASN H 682 112.09 138.75 40.32
CA ASN H 682 113.17 138.84 39.37
C ASN H 682 113.44 140.28 39.01
N ALA H 683 112.36 141.10 38.91
CA ALA H 683 112.45 142.50 38.57
C ALA H 683 112.84 143.36 39.74
N GLU H 684 112.50 142.94 40.99
CA GLU H 684 112.80 143.69 42.19
C GLU H 684 114.26 143.64 42.54
N LEU H 685 114.90 142.45 42.39
CA LEU H 685 116.32 142.26 42.67
C LEU H 685 117.18 142.86 41.59
N LEU H 686 116.60 143.07 40.38
CA LEU H 686 117.26 143.67 39.25
C LEU H 686 117.40 145.16 39.47
N LEU H 687 116.36 145.80 40.08
CA LEU H 687 116.33 147.21 40.36
C LEU H 687 117.28 147.59 41.47
N LYS H 688 117.51 146.65 42.43
CA LYS H 688 118.52 146.83 43.46
C LYS H 688 119.90 146.81 42.87
N GLY H 689 120.09 146.06 41.76
CA GLY H 689 121.36 145.96 41.09
C GLY H 689 121.76 147.22 40.38
N ASP H 690 120.77 147.99 39.84
CA ASP H 690 121.01 149.22 39.13
C ASP H 690 121.49 150.29 40.08
N GLU H 691 120.86 150.34 41.27
CA GLU H 691 121.10 151.33 42.29
C GLU H 691 122.41 151.09 43.00
N GLN H 692 122.76 149.82 43.30
CA GLN H 692 123.99 149.46 43.95
C GLN H 692 125.22 149.63 43.09
N THR H 693 125.06 149.72 41.73
CA THR H 693 126.19 149.96 40.85
C THR H 693 126.64 151.40 41.01
N HIS H 694 125.69 152.36 41.09
CA HIS H 694 126.03 153.77 41.24
C HIS H 694 126.46 154.10 42.64
N LYS H 695 126.04 153.29 43.64
CA LYS H 695 126.41 153.48 45.03
C LYS H 695 127.88 153.23 45.24
N GLN H 696 128.40 152.18 44.57
CA GLN H 696 129.77 151.74 44.68
C GLN H 696 130.70 152.61 43.88
N ARG H 697 130.23 153.14 42.72
CA ARG H 697 131.01 153.97 41.84
C ARG H 697 131.27 155.32 42.47
N MET H 698 130.26 155.90 43.14
CA MET H 698 130.35 157.21 43.73
C MET H 698 131.11 157.17 45.04
N ASP H 699 131.05 156.02 45.77
CA ASP H 699 131.66 155.87 47.08
C ASP H 699 133.17 155.92 47.01
N ILE H 700 133.78 155.05 46.18
CA ILE H 700 135.22 154.91 46.14
C ILE H 700 135.84 156.07 45.40
N ALA H 701 135.10 156.68 44.44
CA ALA H 701 135.59 157.79 43.64
C ALA H 701 135.80 159.05 44.43
N ASN H 702 134.83 159.40 45.33
CA ASN H 702 134.91 160.61 46.12
C ASN H 702 135.96 160.49 47.20
N ILE H 703 136.12 159.29 47.81
CA ILE H 703 137.14 158.98 48.79
C ILE H 703 138.53 159.14 48.21
N LEU H 704 138.72 158.73 46.92
CA LEU H 704 139.97 158.81 46.20
C LEU H 704 140.37 160.24 45.95
N GLN H 705 139.38 161.11 45.60
CA GLN H 705 139.58 162.51 45.35
C GLN H 705 139.94 163.25 46.61
N SER H 706 139.34 162.85 47.75
CA SER H 706 139.56 163.47 49.05
C SER H 706 140.87 163.02 49.65
N GLN H 707 141.41 161.85 49.20
CA GLN H 707 142.66 161.29 49.66
C GLN H 707 143.82 161.97 49.01
N ARG H 708 143.67 162.33 47.72
CA ARG H 708 144.68 163.02 46.96
C ARG H 708 144.79 164.47 47.39
N GLN H 709 143.63 165.09 47.71
CA GLN H 709 143.54 166.45 48.23
C GLN H 709 143.99 166.51 49.68
N ASN H 710 144.08 165.35 50.37
CA ASN H 710 144.48 165.24 51.75
C ASN H 710 145.93 165.60 51.96
N GLN H 711 146.78 165.26 50.97
CA GLN H 711 148.21 165.41 51.05
C GLN H 711 148.71 166.85 51.10
N PRO H 712 148.37 167.82 50.24
CA PRO H 712 148.89 169.18 50.35
C PRO H 712 148.31 169.91 51.54
N SER H 713 147.07 169.58 51.94
CA SER H 713 146.36 170.24 53.02
C SER H 713 146.94 169.83 54.34
N GLY H 714 147.33 168.54 54.45
CA GLY H 714 147.90 167.97 55.65
C GLY H 714 149.32 168.37 55.89
N SER H 715 149.98 169.03 54.92
CA SER H 715 151.33 169.52 55.07
C SER H 715 151.31 170.82 55.82
N VAL H 716 150.20 171.59 55.67
CA VAL H 716 149.96 172.87 56.32
C VAL H 716 149.88 172.69 57.82
N ALA H 717 148.94 171.83 58.27
CA ALA H 717 148.85 171.44 59.66
C ALA H 717 148.62 169.97 59.65
N GLU H 718 147.35 169.53 59.65
CA GLU H 718 146.98 168.16 59.48
C GLU H 718 145.53 168.21 59.11
N THR H 719 145.03 167.19 58.37
CA THR H 719 143.62 167.02 58.16
C THR H 719 143.37 165.54 58.44
N PRO H 720 142.76 165.16 59.56
CA PRO H 720 142.31 163.79 59.83
C PRO H 720 141.34 163.30 58.78
N GLN H 721 141.64 162.17 58.13
CA GLN H 721 140.78 161.59 57.12
C GLN H 721 140.13 160.34 57.72
N GLU I 1 -36.62 44.23 22.10
CA GLU I 1 -37.40 44.75 23.24
C GLU I 1 -37.90 43.63 24.11
N ASN I 2 -38.38 43.99 25.32
CA ASN I 2 -39.04 43.07 26.21
C ASN I 2 -40.50 43.08 25.87
N ARG I 3 -41.19 41.95 26.17
CA ARG I 3 -42.59 41.75 25.88
C ARG I 3 -43.37 42.30 27.04
N LEU I 4 -44.71 42.46 26.87
CA LEU I 4 -45.62 42.79 27.93
C LEU I 4 -45.63 41.71 28.97
N GLU I 5 -45.45 42.10 30.25
CA GLU I 5 -45.26 41.26 31.41
C GLU I 5 -43.93 40.56 31.32
N SER I 6 -42.96 40.96 32.20
CA SER I 6 -41.58 40.54 32.20
C SER I 6 -41.38 39.03 32.23
N ILE I 7 -42.28 38.30 32.93
CA ILE I 7 -42.33 36.86 33.01
C ILE I 7 -42.52 36.18 31.67
N LEU I 8 -43.38 36.73 30.80
CA LEU I 8 -43.65 36.22 29.48
C LEU I 8 -42.58 36.58 28.49
N SER I 9 -41.74 37.61 28.79
CA SER I 9 -40.65 38.02 27.94
C SER I 9 -39.57 36.96 27.89
N ARG I 10 -39.41 36.21 29.01
CA ARG I 10 -38.42 35.18 29.13
C ARG I 10 -38.83 33.95 28.36
N PHE I 11 -40.13 33.55 28.50
CA PHE I 11 -40.68 32.37 27.87
C PHE I 11 -40.80 32.52 26.36
N ASP I 12 -41.26 33.69 25.86
CA ASP I 12 -41.41 33.98 24.45
C ASP I 12 -40.10 33.92 23.70
N ALA I 13 -39.00 34.34 24.36
CA ALA I 13 -37.65 34.27 23.82
C ALA I 13 -37.07 32.89 23.88
N ASP I 14 -37.59 32.04 24.80
CA ASP I 14 -37.16 30.68 24.98
C ASP I 14 -37.80 29.79 23.95
N TRP I 15 -38.92 30.26 23.30
CA TRP I 15 -39.60 29.56 22.23
C TRP I 15 -38.76 29.47 20.99
N THR I 16 -37.91 30.50 20.74
CA THR I 16 -36.92 30.54 19.67
C THR I 16 -35.88 29.45 19.84
N ALA I 17 -35.52 29.19 21.13
CA ALA I 17 -34.48 28.29 21.53
C ALA I 17 -35.03 26.92 21.86
N SER I 18 -36.36 26.70 21.74
CA SER I 18 -36.99 25.42 21.96
C SER I 18 -36.58 24.41 20.91
N ASP I 19 -36.32 24.88 19.67
CA ASP I 19 -35.85 24.04 18.58
C ASP I 19 -34.41 23.65 18.79
N GLU I 20 -33.63 24.53 19.47
CA GLU I 20 -32.28 24.30 19.89
C GLU I 20 -32.21 23.33 21.05
N ALA I 21 -33.31 23.23 21.84
CA ALA I 21 -33.37 22.41 23.03
C ALA I 21 -33.78 21.00 22.72
N ARG I 22 -34.28 20.73 21.48
CA ARG I 22 -34.77 19.43 21.11
C ARG I 22 -33.78 18.76 20.21
N ARG I 23 -33.71 19.19 18.93
CA ARG I 23 -32.91 18.51 17.93
C ARG I 23 -31.44 18.78 18.08
N GLU I 24 -31.05 20.06 18.28
CA GLU I 24 -29.66 20.44 18.39
C GLU I 24 -29.04 19.93 19.67
N ALA I 25 -29.77 20.03 20.80
CA ALA I 25 -29.29 19.63 22.11
C ALA I 25 -29.10 18.15 22.25
N LYS I 26 -30.02 17.35 21.64
CA LYS I 26 -29.98 15.91 21.66
C LYS I 26 -28.80 15.41 20.86
N ASN I 27 -28.47 16.10 19.74
CA ASN I 27 -27.31 15.76 18.94
C ASN I 27 -26.03 16.13 19.64
N ASP I 28 -25.98 17.24 20.42
CA ASP I 28 -24.81 17.75 21.13
C ASP I 28 -24.32 16.81 22.20
N LEU I 29 -25.23 16.34 23.08
CA LEU I 29 -24.91 15.41 24.14
C LEU I 29 -24.46 14.05 23.64
N PHE I 30 -24.76 13.75 22.36
CA PHE I 30 -24.48 12.49 21.71
C PHE I 30 -23.04 12.42 21.25
N PHE I 31 -22.37 13.59 21.04
CA PHE I 31 -20.94 13.67 20.79
C PHE I 31 -20.15 13.09 21.95
N SER I 32 -20.55 13.49 23.18
CA SER I 32 -19.99 13.07 24.44
C SER I 32 -20.27 11.62 24.79
N ARG I 33 -21.17 10.96 24.04
CA ARG I 33 -21.53 9.57 24.21
C ARG I 33 -20.54 8.69 23.51
N VAL I 34 -20.37 8.89 22.17
CA VAL I 34 -19.46 8.16 21.34
C VAL I 34 -18.02 8.28 21.81
N SER I 35 -17.59 9.50 22.25
CA SER I 35 -16.24 9.74 22.70
C SER I 35 -15.97 9.11 24.05
N GLN I 36 -16.65 9.57 25.13
CA GLN I 36 -16.48 9.05 26.46
C GLN I 36 -17.52 7.99 26.67
N TRP I 37 -17.08 6.77 27.05
CA TRP I 37 -17.88 5.56 27.17
C TRP I 37 -18.27 5.04 25.79
N ASP I 38 -19.10 3.98 25.78
CA ASP I 38 -19.38 3.07 24.68
C ASP I 38 -19.95 3.75 23.47
N ASP I 39 -19.66 3.20 22.27
CA ASP I 39 -20.26 3.60 21.02
C ASP I 39 -21.74 3.31 21.00
N TRP I 40 -22.15 2.10 21.46
CA TRP I 40 -23.54 1.68 21.49
C TRP I 40 -24.13 2.17 22.77
N LEU I 41 -25.42 2.59 22.70
CA LEU I 41 -26.08 3.29 23.78
C LEU I 41 -27.46 2.75 23.92
N SER I 42 -28.12 3.14 25.04
CA SER I 42 -29.49 2.86 25.38
C SER I 42 -29.66 1.38 25.66
N GLN I 43 -28.73 0.82 26.45
CA GLN I 43 -28.82 -0.54 26.92
C GLN I 43 -28.29 -0.55 28.32
N TYR I 44 -28.58 -1.67 29.02
CA TYR I 44 -28.16 -1.92 30.37
C TYR I 44 -27.69 -3.34 30.30
N THR I 45 -26.72 -3.57 29.39
CA THR I 45 -26.19 -4.84 28.94
C THR I 45 -27.10 -5.42 27.88
N THR I 46 -26.51 -5.79 26.72
CA THR I 46 -27.16 -6.55 25.68
C THR I 46 -26.39 -7.84 25.65
N LEU I 47 -27.12 -8.97 25.50
CA LEU I 47 -26.62 -10.33 25.61
C LEU I 47 -25.61 -10.62 24.53
N GLN I 48 -25.93 -10.16 23.29
CA GLN I 48 -25.18 -10.41 22.09
C GLN I 48 -23.97 -9.52 22.05
N TYR I 49 -22.93 -10.00 21.33
CA TYR I 49 -21.68 -9.30 21.10
C TYR I 49 -21.94 -8.06 20.28
N ARG I 50 -21.33 -6.93 20.71
CA ARG I 50 -21.33 -5.71 19.96
C ARG I 50 -19.90 -5.28 20.01
N GLY I 51 -19.28 -5.16 18.81
CA GLY I 51 -17.88 -4.85 18.68
C GLY I 51 -17.62 -3.39 18.84
N GLN I 52 -16.33 -3.01 18.75
CA GLN I 52 -15.86 -1.66 18.85
C GLN I 52 -14.56 -1.64 18.10
N PHE I 53 -14.19 -0.43 17.60
CA PHE I 53 -12.90 -0.19 17.01
C PHE I 53 -12.53 1.18 17.52
N ASP I 54 -13.27 2.20 17.03
CA ASP I 54 -13.31 3.54 17.54
C ASP I 54 -12.04 4.28 17.26
N VAL I 55 -11.88 4.70 15.98
CA VAL I 55 -10.87 5.62 15.53
C VAL I 55 -11.24 7.03 15.95
N VAL I 56 -12.50 7.20 16.44
CA VAL I 56 -13.10 8.45 16.78
C VAL I 56 -12.40 9.05 17.97
N ARG I 57 -12.38 8.32 19.11
CA ARG I 57 -11.87 8.83 20.35
C ARG I 57 -10.36 9.06 20.42
N PRO I 58 -9.37 8.29 19.93
CA PRO I 58 -7.96 8.64 20.05
C PRO I 58 -7.57 9.91 19.32
N VAL I 59 -8.34 10.30 18.27
CA VAL I 59 -8.14 11.54 17.57
C VAL I 59 -8.67 12.70 18.37
N VAL I 60 -9.87 12.55 18.99
CA VAL I 60 -10.47 13.57 19.84
C VAL I 60 -9.63 13.79 21.08
N ARG I 61 -9.13 12.69 21.70
CA ARG I 61 -8.21 12.73 22.82
C ARG I 61 -6.94 13.48 22.50
N LYS I 62 -6.37 13.31 21.27
CA LYS I 62 -5.15 13.97 20.86
C LYS I 62 -5.36 15.46 20.66
N LEU I 63 -6.50 15.86 20.06
CA LEU I 63 -6.78 17.24 19.72
C LEU I 63 -7.03 18.07 20.95
N VAL I 64 -7.60 17.45 22.01
CA VAL I 64 -7.89 18.07 23.27
C VAL I 64 -6.61 18.31 24.02
N SER I 65 -5.70 17.31 24.04
CA SER I 65 -4.45 17.34 24.78
C SER I 65 -3.49 18.39 24.29
N GLU I 66 -3.61 18.82 23.01
CA GLU I 66 -2.85 19.91 22.45
C GLU I 66 -3.23 21.24 23.06
N MET I 67 -4.55 21.48 23.30
CA MET I 67 -5.03 22.70 23.89
C MET I 67 -4.97 22.66 25.40
N ARG I 68 -4.73 21.48 26.02
CA ARG I 68 -4.54 21.35 27.45
C ARG I 68 -3.17 21.88 27.83
N GLN I 69 -2.15 21.62 26.97
CA GLN I 69 -0.79 22.04 27.19
C GLN I 69 -0.56 23.45 26.70
N ASN I 70 -1.61 24.08 26.09
CA ASN I 70 -1.55 25.46 25.67
C ASN I 70 -2.78 26.18 26.22
N PRO I 71 -2.86 26.52 27.51
CA PRO I 71 -4.00 27.22 28.09
C PRO I 71 -3.90 28.70 27.78
N ILE I 72 -5.06 29.42 27.79
CA ILE I 72 -5.13 30.81 27.42
C ILE I 72 -5.82 31.54 28.55
N ASP I 73 -5.15 32.56 29.11
CA ASP I 73 -5.65 33.40 30.19
C ASP I 73 -5.51 34.83 29.72
N VAL I 74 -5.78 35.78 30.63
CA VAL I 74 -5.93 37.20 30.39
C VAL I 74 -4.56 37.83 30.31
N LEU I 75 -4.40 38.93 29.53
CA LEU I 75 -3.10 39.54 29.30
C LEU I 75 -3.16 41.05 29.43
N TYR I 76 -4.29 41.70 29.05
CA TYR I 76 -4.50 43.14 29.08
C TYR I 76 -3.42 43.97 28.42
N ARG I 77 -3.22 43.81 27.08
CA ARG I 77 -2.40 44.74 26.31
C ARG I 77 -3.08 46.11 26.24
N PRO I 78 -2.37 47.24 26.31
CA PRO I 78 -2.99 48.56 26.37
C PRO I 78 -3.34 49.08 25.00
N LYS I 79 -4.32 50.01 24.94
CA LYS I 79 -4.94 50.55 23.74
C LYS I 79 -3.99 51.41 22.93
N ASP I 80 -4.50 51.93 21.79
CA ASP I 80 -3.81 52.79 20.86
C ASP I 80 -3.43 54.08 21.53
N GLY I 81 -2.13 54.45 21.44
CA GLY I 81 -1.63 55.71 21.93
C GLY I 81 -1.44 55.70 23.44
N ALA I 82 -1.64 54.53 24.09
CA ALA I 82 -1.57 54.37 25.51
C ALA I 82 -0.48 53.38 25.76
N ARG I 83 0.49 53.76 26.61
CA ARG I 83 1.59 52.94 27.02
C ARG I 83 1.19 52.18 28.26
N PRO I 84 1.85 51.08 28.64
CA PRO I 84 1.50 50.28 29.81
C PRO I 84 1.50 51.07 31.10
N ASP I 85 0.37 51.04 31.85
CA ASP I 85 0.26 51.69 33.12
C ASP I 85 -0.75 50.90 33.90
N ALA I 86 -1.99 50.79 33.36
CA ALA I 86 -3.10 50.10 33.96
C ALA I 86 -3.02 48.61 33.73
N ALA I 87 -2.06 48.14 32.89
CA ALA I 87 -1.89 46.76 32.53
C ALA I 87 -1.60 45.85 33.70
N ASP I 88 -0.76 46.30 34.66
CA ASP I 88 -0.46 45.56 35.86
C ASP I 88 -1.52 45.68 36.93
N VAL I 89 -2.36 46.76 36.89
CA VAL I 89 -3.41 46.99 37.85
C VAL I 89 -4.52 45.98 37.68
N LEU I 90 -4.94 45.77 36.40
CA LEU I 90 -5.99 44.86 36.01
C LEU I 90 -5.57 43.42 36.17
N MET I 91 -4.28 43.12 35.92
CA MET I 91 -3.72 41.79 36.09
C MET I 91 -3.42 41.53 37.54
N GLY I 92 -3.31 42.58 38.36
CA GLY I 92 -3.03 42.49 39.78
C GLY I 92 -4.17 41.87 40.52
N MET I 93 -5.42 42.27 40.17
CA MET I 93 -6.61 41.72 40.76
C MET I 93 -6.94 40.38 40.17
N TYR I 94 -6.50 40.10 38.91
CA TYR I 94 -6.78 38.85 38.23
C TYR I 94 -5.96 37.73 38.81
N ARG I 95 -4.67 37.98 39.10
CA ARG I 95 -3.75 36.95 39.53
C ARG I 95 -3.91 36.54 40.97
N THR I 96 -4.56 37.38 41.81
CA THR I 96 -4.73 37.05 43.21
C THR I 96 -5.88 36.11 43.40
N ASP I 97 -7.06 36.39 42.79
CA ASP I 97 -8.24 35.57 42.99
C ASP I 97 -8.29 34.34 42.12
N MET I 98 -7.53 34.32 41.00
CA MET I 98 -7.45 33.18 40.11
C MET I 98 -6.32 32.28 40.48
N ARG I 99 -5.66 32.50 41.65
CA ARG I 99 -4.53 31.72 42.11
C ARG I 99 -4.94 30.29 42.37
N HIS I 100 -6.20 30.10 42.85
CA HIS I 100 -6.87 28.83 43.04
C HIS I 100 -7.12 28.17 41.72
N ASN I 101 -7.15 26.81 41.74
CA ASN I 101 -7.22 25.97 40.57
C ASN I 101 -8.51 26.05 39.80
N THR I 102 -9.58 26.67 40.35
CA THR I 102 -10.88 26.74 39.71
C THR I 102 -10.85 27.52 38.40
N ALA I 103 -9.87 28.43 38.23
CA ALA I 103 -9.69 29.22 37.04
C ALA I 103 -9.01 28.44 35.95
N LYS I 104 -7.98 27.64 36.32
CA LYS I 104 -7.17 26.89 35.38
C LYS I 104 -7.88 25.66 34.92
N ILE I 105 -8.72 25.05 35.79
CA ILE I 105 -9.57 23.92 35.49
C ILE I 105 -10.62 24.33 34.49
N ALA I 106 -11.11 25.60 34.59
CA ALA I 106 -12.12 26.13 33.69
C ALA I 106 -11.68 26.24 32.26
N VAL I 107 -10.37 26.52 32.01
CA VAL I 107 -9.82 26.61 30.68
C VAL I 107 -9.72 25.23 30.08
N ASN I 108 -9.31 24.23 30.89
CA ASN I 108 -9.13 22.85 30.46
C ASN I 108 -10.42 22.14 30.17
N ILE I 109 -11.55 22.56 30.81
CA ILE I 109 -12.87 22.00 30.55
C ILE I 109 -13.39 22.59 29.26
N ALA I 110 -13.17 23.90 29.03
CA ALA I 110 -13.77 24.60 27.91
C ALA I 110 -13.16 24.24 26.59
N VAL I 111 -11.87 23.82 26.58
CA VAL I 111 -11.16 23.44 25.37
C VAL I 111 -11.54 22.04 24.95
N ARG I 112 -11.90 21.17 25.94
CA ARG I 112 -12.22 19.79 25.67
C ARG I 112 -13.58 19.70 25.05
N GLU I 113 -14.56 20.43 25.64
CA GLU I 113 -15.92 20.49 25.17
C GLU I 113 -16.05 21.23 23.87
N GLN I 114 -15.13 22.16 23.55
CA GLN I 114 -15.16 22.93 22.32
C GLN I 114 -14.90 22.05 21.13
N ILE I 115 -13.90 21.15 21.25
CA ILE I 115 -13.54 20.21 20.22
C ILE I 115 -14.56 19.11 20.17
N GLU I 116 -14.88 18.52 21.34
CA GLU I 116 -15.70 17.34 21.41
C GLU I 116 -17.15 17.60 21.12
N ALA I 117 -17.82 18.49 21.90
CA ALA I 117 -19.25 18.72 21.77
C ALA I 117 -19.61 19.92 20.93
N GLY I 118 -18.63 20.78 20.58
CA GLY I 118 -18.87 21.98 19.80
C GLY I 118 -19.39 23.14 20.60
N VAL I 119 -19.56 22.98 21.94
CA VAL I 119 -20.05 24.03 22.81
C VAL I 119 -19.24 23.95 24.08
N GLY I 120 -19.31 24.98 24.94
CA GLY I 120 -18.60 24.99 26.20
C GLY I 120 -18.74 26.37 26.71
N ALA I 121 -18.44 26.61 28.01
CA ALA I 121 -18.65 27.91 28.60
C ALA I 121 -18.11 27.91 29.99
N TRP I 122 -18.15 29.12 30.63
CA TRP I 122 -17.73 29.33 32.00
C TRP I 122 -18.49 30.53 32.49
N ARG I 123 -18.51 30.73 33.82
CA ARG I 123 -19.23 31.80 34.49
C ARG I 123 -18.21 32.62 35.23
N LEU I 124 -18.60 33.87 35.57
CA LEU I 124 -17.87 34.70 36.50
C LEU I 124 -18.85 34.90 37.62
N VAL I 125 -18.41 34.64 38.87
CA VAL I 125 -19.23 34.64 40.06
C VAL I 125 -18.70 35.71 40.98
N THR I 126 -19.54 36.17 41.93
CA THR I 126 -19.21 37.22 42.87
C THR I 126 -19.31 36.60 44.25
N ASP I 127 -18.32 36.92 45.11
CA ASP I 127 -18.24 36.36 46.44
C ASP I 127 -17.37 37.25 47.30
N TYR I 128 -17.24 36.87 48.59
CA TYR I 128 -16.50 37.57 49.62
C TYR I 128 -15.34 36.68 49.96
N GLU I 129 -14.10 37.13 49.68
CA GLU I 129 -12.93 36.31 49.85
C GLU I 129 -11.84 37.16 50.42
N ASP I 130 -11.24 36.70 51.55
CA ASP I 130 -10.11 37.33 52.19
C ASP I 130 -8.92 36.41 52.06
N GLN I 131 -9.14 35.17 51.56
CA GLN I 131 -8.08 34.20 51.33
C GLN I 131 -7.32 34.59 50.09
N SER I 132 -7.98 35.38 49.22
CA SER I 132 -7.36 36.06 48.12
C SER I 132 -7.61 37.51 48.47
N PRO I 133 -6.63 38.30 48.92
CA PRO I 133 -6.88 39.65 49.40
C PRO I 133 -7.03 40.61 48.25
N THR I 134 -7.99 41.54 48.36
CA THR I 134 -8.23 42.60 47.41
C THR I 134 -8.73 43.76 48.24
N SER I 135 -9.01 44.92 47.59
CA SER I 135 -9.54 46.10 48.24
C SER I 135 -10.96 45.85 48.68
N ASN I 136 -11.17 45.78 50.02
CA ASN I 136 -12.43 45.55 50.69
C ASN I 136 -12.87 44.10 50.58
N ASN I 137 -11.95 43.22 50.14
CA ASN I 137 -11.99 41.78 50.24
C ASN I 137 -13.18 41.16 49.54
N GLN I 138 -13.51 41.65 48.34
CA GLN I 138 -14.53 41.07 47.49
C GLN I 138 -13.83 40.78 46.20
N VAL I 139 -14.03 39.57 45.64
CA VAL I 139 -13.31 39.10 44.49
C VAL I 139 -14.32 38.52 43.57
N ILE I 140 -13.90 38.24 42.30
CA ILE I 140 -14.70 37.47 41.37
C ILE I 140 -13.82 36.36 40.90
N ARG I 141 -14.43 35.20 40.57
CA ARG I 141 -13.68 34.02 40.19
C ARG I 141 -14.35 33.43 38.98
N ARG I 142 -13.59 32.59 38.25
CA ARG I 142 -14.05 31.91 37.06
C ARG I 142 -14.43 30.52 37.48
N GLU I 143 -15.76 30.22 37.41
CA GLU I 143 -16.30 28.92 37.74
C GLU I 143 -16.72 28.25 36.44
N PRO I 144 -16.29 27.04 36.10
CA PRO I 144 -16.61 26.38 34.84
C PRO I 144 -18.05 25.95 34.77
N ILE I 145 -18.56 25.75 33.53
CA ILE I 145 -19.83 25.12 33.28
C ILE I 145 -19.44 23.81 32.65
N HIS I 146 -20.09 22.71 33.12
CA HIS I 146 -19.83 21.37 32.66
C HIS I 146 -21.14 20.88 32.10
N SER I 147 -21.04 20.05 31.02
CA SER I 147 -22.14 19.46 30.30
C SER I 147 -22.90 20.51 29.54
N ALA I 148 -22.15 21.44 28.89
CA ALA I 148 -22.70 22.52 28.10
C ALA I 148 -23.47 22.00 26.92
N CYS I 149 -23.10 20.77 26.46
CA CYS I 149 -23.74 19.97 25.45
C CYS I 149 -25.21 19.73 25.70
N SER I 150 -25.56 19.27 26.91
CA SER I 150 -26.91 18.98 27.32
C SER I 150 -27.67 20.25 27.66
N HIS I 151 -26.94 21.37 27.85
CA HIS I 151 -27.49 22.58 28.41
C HIS I 151 -27.80 23.64 27.38
N VAL I 152 -27.68 23.35 26.05
CA VAL I 152 -27.80 24.41 25.06
C VAL I 152 -29.23 24.91 24.98
N ILE I 153 -29.39 26.25 25.16
CA ILE I 153 -30.61 26.98 24.92
C ILE I 153 -30.21 28.42 24.65
N TRP I 154 -28.90 28.70 24.41
CA TRP I 154 -28.39 30.04 24.31
C TRP I 154 -28.19 30.37 22.86
N ASP I 155 -28.78 31.52 22.44
CA ASP I 155 -28.60 32.20 21.17
C ASP I 155 -29.24 31.45 20.04
N SER I 156 -30.35 32.01 19.52
CA SER I 156 -30.97 31.59 18.29
C SER I 156 -31.70 32.80 17.74
N ASN I 157 -31.55 33.96 18.41
CA ASN I 157 -32.21 35.20 18.08
C ASN I 157 -31.16 36.25 17.83
N SER I 158 -29.88 35.84 17.78
CA SER I 158 -28.74 36.73 17.70
C SER I 158 -27.83 36.16 16.65
N LYS I 159 -26.86 36.98 16.19
CA LYS I 159 -25.83 36.60 15.25
C LYS I 159 -24.52 36.58 15.98
N LEU I 160 -24.56 36.70 17.33
CA LEU I 160 -23.39 36.79 18.18
C LEU I 160 -22.91 35.41 18.53
N MET I 161 -21.63 35.33 18.94
CA MET I 161 -20.94 34.13 19.32
C MET I 161 -20.24 34.44 20.61
N ASP I 162 -19.86 35.73 20.80
CA ASP I 162 -19.25 36.23 22.02
C ASP I 162 -20.21 36.23 23.18
N LYS I 163 -21.48 36.66 22.93
CA LYS I 163 -22.58 36.66 23.87
C LYS I 163 -22.27 37.48 25.11
N SER I 164 -21.84 38.75 24.90
CA SER I 164 -21.52 39.67 25.95
C SER I 164 -22.45 40.85 25.84
N ASP I 165 -23.44 40.78 24.93
CA ASP I 165 -24.40 41.83 24.76
C ASP I 165 -25.64 41.29 24.10
N ALA I 166 -25.81 39.95 24.07
CA ALA I 166 -26.96 39.29 23.47
C ALA I 166 -28.20 39.61 24.27
N ARG I 167 -29.24 40.13 23.59
CA ARG I 167 -30.43 40.68 24.21
C ARG I 167 -31.21 39.65 24.97
N HIS I 168 -31.48 38.49 24.34
CA HIS I 168 -32.23 37.42 24.94
C HIS I 168 -31.37 36.19 24.87
N CYS I 169 -30.94 35.69 26.05
CA CYS I 169 -30.14 34.49 26.12
C CYS I 169 -30.41 33.87 27.45
N THR I 170 -30.30 32.53 27.53
CA THR I 170 -30.60 31.80 28.73
C THR I 170 -29.64 30.63 28.76
N VAL I 171 -29.31 30.17 29.99
CA VAL I 171 -28.45 29.04 30.23
C VAL I 171 -29.16 28.22 31.27
N ILE I 172 -28.92 26.89 31.27
CA ILE I 172 -29.50 25.97 32.22
C ILE I 172 -28.34 25.27 32.87
N HIS I 173 -28.44 25.03 34.20
CA HIS I 173 -27.40 24.35 34.94
C HIS I 173 -28.07 23.22 35.67
N SER I 174 -27.38 22.06 35.69
CA SER I 174 -27.85 20.86 36.33
C SER I 174 -26.92 20.58 37.47
N MET I 175 -27.51 20.53 38.68
CA MET I 175 -26.83 20.44 39.94
C MET I 175 -27.54 19.42 40.78
N SER I 176 -26.92 19.04 41.92
CA SER I 176 -27.36 17.95 42.75
C SER I 176 -28.27 18.51 43.82
N GLN I 177 -28.65 17.65 44.80
CA GLN I 177 -29.56 18.00 45.86
C GLN I 177 -29.01 19.08 46.77
N ASN I 178 -27.76 18.93 47.24
CA ASN I 178 -27.04 19.92 48.02
C ASN I 178 -26.63 21.10 47.16
N GLY I 179 -26.48 20.90 45.84
CA GLY I 179 -26.13 21.95 44.89
C GLY I 179 -27.20 22.99 44.78
N TRP I 180 -28.49 22.55 44.77
CA TRP I 180 -29.66 23.40 44.70
C TRP I 180 -29.83 24.24 45.94
N GLU I 181 -29.29 23.78 47.09
CA GLU I 181 -29.40 24.47 48.35
C GLU I 181 -28.47 25.65 48.41
N ASP I 182 -27.20 25.47 48.00
CA ASP I 182 -26.21 26.53 47.96
C ASP I 182 -26.49 27.54 46.86
N PHE I 183 -27.12 27.10 45.76
CA PHE I 183 -27.60 27.96 44.69
C PHE I 183 -28.74 28.83 45.16
N ALA I 184 -29.56 28.30 46.09
CA ALA I 184 -30.70 28.98 46.66
C ALA I 184 -30.30 29.86 47.80
N GLU I 185 -29.09 29.68 48.36
CA GLU I 185 -28.63 30.41 49.52
C GLU I 185 -28.22 31.80 49.11
N LYS I 186 -27.54 31.93 47.95
CA LYS I 186 -27.03 33.18 47.46
C LYS I 186 -28.09 34.02 46.80
N TYR I 187 -28.98 33.38 45.99
CA TYR I 187 -29.93 34.09 45.15
C TYR I 187 -31.29 34.22 45.79
N ASP I 188 -31.43 33.78 47.07
CA ASP I 188 -32.63 33.94 47.88
C ASP I 188 -33.81 33.22 47.26
N LEU I 189 -33.69 31.88 47.13
CA LEU I 189 -34.67 31.02 46.53
C LEU I 189 -34.98 29.99 47.58
N ASP I 190 -35.95 29.10 47.29
CA ASP I 190 -36.34 28.00 48.16
C ASP I 190 -35.22 27.00 48.20
N ALA I 191 -34.87 26.50 49.41
CA ALA I 191 -33.78 25.57 49.64
C ALA I 191 -34.05 24.23 49.01
N ASP I 192 -35.30 23.75 49.17
CA ASP I 192 -35.77 22.51 48.60
C ASP I 192 -37.00 22.88 47.83
N ASP I 193 -37.18 22.25 46.65
CA ASP I 193 -38.21 22.60 45.71
C ASP I 193 -38.17 21.52 44.66
N ILE I 194 -36.93 21.17 44.22
CA ILE I 194 -36.64 20.33 43.06
C ILE I 194 -37.12 20.99 41.78
N PRO I 195 -36.55 22.11 41.34
CA PRO I 195 -36.97 22.85 40.15
C PRO I 195 -36.69 22.10 38.88
N SER I 196 -37.25 22.58 37.75
CA SER I 196 -37.07 21.99 36.45
C SER I 196 -37.32 23.07 35.44
N PHE I 197 -37.02 22.79 34.15
CA PHE I 197 -37.20 23.73 33.07
C PHE I 197 -37.87 22.94 31.98
N GLN I 198 -37.53 23.18 30.68
CA GLN I 198 -38.17 22.51 29.56
C GLN I 198 -37.39 21.28 29.16
N ASN I 199 -36.23 21.05 29.82
CA ASN I 199 -35.42 19.86 29.69
C ASN I 199 -34.75 19.76 28.33
N PRO I 200 -33.67 20.49 28.05
CA PRO I 200 -32.87 20.28 26.84
C PRO I 200 -31.98 19.07 27.01
N ASN I 201 -31.95 18.46 28.23
CA ASN I 201 -31.08 17.37 28.60
C ASN I 201 -31.60 16.08 28.00
N ASP I 202 -30.77 15.02 28.12
CA ASP I 202 -30.86 13.76 27.42
C ASP I 202 -32.17 13.03 27.56
N TRP I 203 -32.48 12.26 26.49
CA TRP I 203 -33.54 11.27 26.50
C TRP I 203 -32.95 9.95 26.08
N VAL I 204 -31.60 9.89 25.89
CA VAL I 204 -30.90 8.70 25.43
C VAL I 204 -30.85 7.68 26.52
N PHE I 205 -30.47 8.11 27.75
CA PHE I 205 -30.37 7.34 28.98
C PHE I 205 -29.70 5.98 28.86
N PRO I 206 -28.41 5.85 28.57
CA PRO I 206 -27.69 4.59 28.70
C PRO I 206 -27.33 4.36 30.14
N TRP I 207 -27.43 5.42 30.97
CA TRP I 207 -27.24 5.39 32.40
C TRP I 207 -28.19 6.44 32.91
N LEU I 208 -28.32 6.56 34.24
CA LEU I 208 -29.27 7.45 34.85
C LEU I 208 -28.60 7.96 36.08
N THR I 209 -28.82 9.26 36.38
CA THR I 209 -28.28 9.91 37.55
C THR I 209 -29.39 10.70 38.18
N GLN I 210 -29.20 11.08 39.47
CA GLN I 210 -30.14 11.81 40.28
C GLN I 210 -29.56 13.17 40.54
N ASP I 211 -28.56 13.57 39.72
CA ASP I 211 -27.78 14.77 39.88
C ASP I 211 -28.20 15.75 38.80
N THR I 212 -29.45 15.59 38.28
CA THR I 212 -29.91 16.20 37.07
C THR I 212 -31.00 17.21 37.35
N ILE I 213 -31.13 17.69 38.63
CA ILE I 213 -32.06 18.73 39.02
C ILE I 213 -31.68 20.00 38.31
N GLN I 214 -32.64 20.68 37.64
CA GLN I 214 -32.32 21.73 36.70
C GLN I 214 -32.81 23.05 37.22
N ILE I 215 -32.10 24.14 36.87
CA ILE I 215 -32.59 25.48 37.10
C ILE I 215 -31.99 26.31 35.99
N ALA I 216 -32.79 27.27 35.45
CA ALA I 216 -32.41 28.09 34.32
C ALA I 216 -32.19 29.50 34.78
N GLU I 217 -31.19 30.17 34.17
CA GLU I 217 -30.80 31.52 34.43
C GLU I 217 -30.89 32.25 33.12
N PHE I 218 -31.77 33.28 33.04
CA PHE I 218 -32.00 34.05 31.84
C PHE I 218 -31.26 35.34 32.07
N TYR I 219 -30.63 35.88 31.00
CA TYR I 219 -29.87 37.10 31.04
C TYR I 219 -30.50 38.00 30.02
N GLU I 220 -30.71 39.28 30.39
CA GLU I 220 -31.23 40.29 29.50
C GLU I 220 -30.29 41.45 29.59
N VAL I 221 -30.41 42.41 28.63
CA VAL I 221 -29.57 43.58 28.57
C VAL I 221 -30.55 44.72 28.50
N VAL I 222 -30.53 45.61 29.51
CA VAL I 222 -31.39 46.77 29.57
C VAL I 222 -30.44 47.89 29.88
N GLU I 223 -30.53 49.02 29.13
CA GLU I 223 -29.56 50.09 29.21
C GLU I 223 -29.76 50.90 30.47
N LYS I 224 -30.62 51.95 30.44
CA LYS I 224 -30.99 52.82 31.55
C LYS I 224 -29.99 53.95 31.73
N LYS I 225 -28.70 53.70 31.42
CA LYS I 225 -27.61 54.65 31.36
C LYS I 225 -27.43 55.45 32.64
N GLU I 226 -26.87 56.68 32.55
CA GLU I 226 -26.60 57.54 33.67
C GLU I 226 -25.87 58.74 33.11
N THR I 227 -25.86 59.84 33.90
CA THR I 227 -25.38 61.12 33.44
C THR I 227 -25.21 61.92 34.72
N ALA I 228 -25.03 63.26 34.61
CA ALA I 228 -25.25 64.24 35.64
C ALA I 228 -24.19 64.23 36.70
N PHE I 229 -23.33 65.28 36.67
CA PHE I 229 -22.48 65.74 37.74
C PHE I 229 -21.28 64.85 37.94
N ILE I 230 -20.10 65.40 37.57
CA ILE I 230 -18.80 64.92 38.00
C ILE I 230 -18.72 65.08 39.51
N TYR I 231 -18.03 64.16 40.20
CA TYR I 231 -18.00 64.10 41.63
C TYR I 231 -16.55 64.28 42.01
N GLN I 232 -16.26 64.24 43.32
CA GLN I 232 -14.95 64.45 43.85
C GLN I 232 -14.75 63.43 44.91
N ASP I 233 -13.51 63.32 45.42
CA ASP I 233 -13.15 62.36 46.44
C ASP I 233 -12.63 63.18 47.58
N PRO I 234 -13.25 63.19 48.76
CA PRO I 234 -12.75 63.93 49.91
C PRO I 234 -11.76 63.07 50.65
N VAL I 235 -11.70 61.75 50.32
CA VAL I 235 -10.84 60.80 50.97
C VAL I 235 -9.63 60.70 50.09
N THR I 236 -8.46 61.10 50.65
CA THR I 236 -7.14 61.06 50.07
C THR I 236 -7.04 61.76 48.73
N GLY I 237 -7.56 63.02 48.68
CA GLY I 237 -7.49 63.92 47.55
C GLY I 237 -8.06 63.35 46.28
N GLU I 238 -7.49 63.80 45.12
CA GLU I 238 -7.87 63.43 43.78
C GLU I 238 -9.31 63.76 43.41
N PRO I 239 -9.73 65.04 43.39
CA PRO I 239 -11.09 65.42 43.03
C PRO I 239 -11.21 65.42 41.52
N VAL I 240 -12.41 65.77 40.99
CA VAL I 240 -12.69 65.90 39.58
C VAL I 240 -12.50 64.59 38.85
N SER I 241 -13.32 63.60 39.24
CA SER I 241 -13.32 62.28 38.64
C SER I 241 -14.74 61.82 38.76
N TYR I 242 -15.22 61.06 37.74
CA TYR I 242 -16.64 60.88 37.49
C TYR I 242 -17.03 59.57 38.15
N PHE I 243 -18.16 59.59 38.90
CA PHE I 243 -18.61 58.48 39.70
C PHE I 243 -20.05 58.29 39.36
N LYS I 244 -20.51 57.04 39.58
CA LYS I 244 -21.80 56.45 39.31
C LYS I 244 -22.97 57.26 39.82
N ARG I 245 -24.19 57.02 39.29
CA ARG I 245 -25.38 57.70 39.76
C ARG I 245 -26.55 56.77 39.78
N ASP I 246 -26.55 55.72 38.92
CA ASP I 246 -27.66 54.81 38.83
C ASP I 246 -27.20 53.40 39.10
N ILE I 247 -25.96 53.24 39.63
CA ILE I 247 -25.44 51.95 40.02
C ILE I 247 -25.34 52.01 41.54
N LYS I 248 -25.15 53.24 42.08
CA LYS I 248 -25.23 53.51 43.49
C LYS I 248 -26.32 54.53 43.59
N ASP I 249 -27.17 54.44 44.64
CA ASP I 249 -28.34 55.27 44.77
C ASP I 249 -28.51 55.61 46.23
N VAL I 250 -27.72 54.96 47.11
CA VAL I 250 -27.73 55.20 48.53
C VAL I 250 -26.67 56.24 48.75
N ILE I 251 -25.41 55.90 48.37
CA ILE I 251 -24.22 56.71 48.41
C ILE I 251 -24.37 57.97 47.59
N ASP I 252 -25.21 57.93 46.52
CA ASP I 252 -25.41 58.97 45.53
C ASP I 252 -25.77 60.32 46.11
N ASP I 253 -26.81 60.39 46.98
CA ASP I 253 -27.29 61.64 47.55
C ASP I 253 -26.27 62.29 48.46
N LEU I 254 -25.49 61.48 49.20
CA LEU I 254 -24.41 61.94 50.06
C LEU I 254 -23.20 62.37 49.27
N ALA I 255 -23.07 61.92 48.00
CA ALA I 255 -21.99 62.32 47.13
C ALA I 255 -22.24 63.68 46.56
N ASP I 256 -23.53 64.06 46.38
CA ASP I 256 -23.93 65.40 45.98
C ASP I 256 -23.66 66.39 47.10
N SER I 257 -23.79 65.93 48.36
CA SER I 257 -23.51 66.72 49.53
C SER I 257 -22.03 66.68 49.84
N GLY I 258 -21.51 67.79 50.42
CA GLY I 258 -20.13 67.94 50.81
C GLY I 258 -19.21 68.33 49.69
N PHE I 259 -19.50 67.91 48.45
CA PHE I 259 -18.66 68.17 47.32
C PHE I 259 -19.51 68.03 46.10
N ILE I 260 -19.12 68.74 45.01
CA ILE I 260 -19.78 68.63 43.73
C ILE I 260 -18.78 69.19 42.76
N LYS I 261 -18.94 68.85 41.46
CA LYS I 261 -18.15 69.43 40.40
C LYS I 261 -19.09 69.53 39.25
N ILE I 262 -19.05 70.69 38.53
CA ILE I 262 -20.01 71.02 37.51
C ILE I 262 -19.46 70.55 36.20
N ALA I 263 -20.33 69.87 35.42
CA ALA I 263 -20.15 69.35 34.09
C ALA I 263 -20.98 68.11 34.09
N GLU I 264 -21.61 67.80 32.93
CA GLU I 264 -22.47 66.66 32.79
C GLU I 264 -22.25 66.14 31.40
N ARG I 265 -22.28 64.79 31.24
CA ARG I 265 -22.24 64.18 29.94
C ARG I 265 -22.98 62.88 30.09
N GLN I 266 -23.66 62.45 28.99
CA GLN I 266 -24.40 61.23 28.92
C GLN I 266 -23.43 60.11 28.66
N ILE I 267 -23.42 59.11 29.58
CA ILE I 267 -22.50 58.01 29.53
C ILE I 267 -23.41 56.81 29.45
N LYS I 268 -23.15 55.91 28.48
CA LYS I 268 -24.00 54.76 28.25
C LYS I 268 -23.43 53.61 29.00
N ARG I 269 -24.25 53.03 29.90
CA ARG I 269 -23.90 51.89 30.68
C ARG I 269 -25.05 50.96 30.52
N ARG I 270 -24.75 49.74 30.02
CA ARG I 270 -25.72 48.72 29.75
C ARG I 270 -25.62 47.79 30.91
N ARG I 271 -26.76 47.49 31.58
CA ARG I 271 -26.79 46.69 32.77
C ARG I 271 -27.44 45.40 32.40
N VAL I 272 -26.86 44.28 32.88
CA VAL I 272 -27.38 42.96 32.63
C VAL I 272 -28.08 42.53 33.89
N TYR I 273 -29.20 41.80 33.72
CA TYR I 273 -30.04 41.39 34.81
C TYR I 273 -30.23 39.92 34.68
N LYS I 274 -29.75 39.18 35.71
CA LYS I 274 -29.87 37.76 35.83
C LYS I 274 -31.15 37.49 36.55
N SER I 275 -31.98 36.56 36.01
CA SER I 275 -33.26 36.21 36.57
C SER I 275 -33.23 34.72 36.70
N ILE I 276 -33.74 34.20 37.83
CA ILE I 276 -33.84 32.79 38.09
C ILE I 276 -35.23 32.41 37.65
N ILE I 277 -35.36 31.36 36.81
CA ILE I 277 -36.62 31.02 36.20
C ILE I 277 -36.73 29.52 36.11
N THR I 278 -37.99 29.03 36.25
CA THR I 278 -38.39 27.65 36.10
C THR I 278 -39.44 27.67 35.02
N CYS I 279 -39.88 26.48 34.57
CA CYS I 279 -40.86 26.33 33.50
C CYS I 279 -42.20 26.93 33.87
N THR I 280 -42.63 26.72 35.14
CA THR I 280 -43.91 27.16 35.64
C THR I 280 -44.01 28.67 35.79
N ALA I 281 -42.97 29.32 36.37
CA ALA I 281 -43.01 30.73 36.62
C ALA I 281 -41.61 31.21 36.84
N VAL I 282 -41.43 32.54 36.98
CA VAL I 282 -40.15 33.16 37.26
C VAL I 282 -40.01 33.23 38.76
N LEU I 283 -38.91 32.67 39.30
CA LEU I 283 -38.67 32.59 40.73
C LEU I 283 -38.20 33.92 41.26
N LYS I 284 -37.22 34.55 40.55
CA LYS I 284 -36.69 35.83 40.92
C LYS I 284 -36.55 36.55 39.62
N ASP I 285 -36.97 37.84 39.58
CA ASP I 285 -37.01 38.59 38.35
C ASP I 285 -36.23 39.85 38.59
N LYS I 286 -35.35 40.20 37.63
CA LYS I 286 -34.54 41.39 37.57
C LYS I 286 -33.63 41.56 38.77
N GLN I 287 -32.86 40.51 39.11
CA GLN I 287 -31.85 40.58 40.13
C GLN I 287 -30.61 41.11 39.47
N LEU I 288 -30.07 42.23 40.00
CA LEU I 288 -28.94 42.92 39.41
C LEU I 288 -27.69 42.16 39.79
N ILE I 289 -26.95 41.69 38.77
CA ILE I 289 -25.67 41.04 38.92
C ILE I 289 -24.66 42.14 38.70
N ALA I 290 -23.45 42.00 39.29
CA ALA I 290 -22.43 43.02 39.34
C ALA I 290 -21.97 43.46 37.97
N GLY I 291 -21.85 42.50 37.01
CA GLY I 291 -21.44 42.76 35.65
C GLY I 291 -22.33 43.74 34.93
N GLU I 292 -21.75 44.40 33.90
CA GLU I 292 -22.47 45.27 32.99
C GLU I 292 -22.59 44.53 31.68
N HIS I 293 -21.92 43.37 31.57
CA HIS I 293 -21.96 42.51 30.42
C HIS I 293 -22.15 41.14 30.98
N ILE I 294 -22.59 40.21 30.10
CA ILE I 294 -22.98 38.85 30.44
C ILE I 294 -21.74 38.10 30.89
N PRO I 295 -21.70 37.44 32.05
CA PRO I 295 -20.50 36.79 32.58
C PRO I 295 -20.22 35.48 31.89
N ILE I 296 -21.12 35.00 31.00
CA ILE I 296 -21.02 33.71 30.37
C ILE I 296 -20.73 34.00 28.92
N VAL I 297 -19.54 33.57 28.46
CA VAL I 297 -19.13 33.70 27.09
C VAL I 297 -18.93 32.27 26.57
N PRO I 298 -19.83 31.72 25.74
CA PRO I 298 -19.72 30.34 25.26
C PRO I 298 -18.72 30.23 24.14
N VAL I 299 -17.87 29.18 24.15
CA VAL I 299 -17.02 28.82 23.04
C VAL I 299 -17.80 27.94 22.09
N PHE I 300 -17.43 27.98 20.79
CA PHE I 300 -18.02 27.17 19.76
C PHE I 300 -16.89 26.75 18.87
N GLY I 301 -16.69 25.42 18.67
CA GLY I 301 -15.61 24.91 17.85
C GLY I 301 -15.87 25.10 16.38
N GLU I 302 -17.09 24.70 15.93
CA GLU I 302 -17.57 24.97 14.59
C GLU I 302 -18.88 25.65 14.83
N TRP I 303 -19.19 26.67 14.00
CA TRP I 303 -20.24 27.60 14.29
C TRP I 303 -20.74 28.13 12.98
N GLY I 304 -22.03 28.49 12.92
CA GLY I 304 -22.57 29.12 11.75
C GLY I 304 -24.07 29.08 11.74
N PHE I 305 -24.64 29.84 10.79
CA PHE I 305 -26.06 30.00 10.56
C PHE I 305 -26.31 29.56 9.16
N VAL I 306 -27.10 28.47 8.97
CA VAL I 306 -27.52 28.03 7.66
C VAL I 306 -28.85 28.62 7.25
N GLU I 307 -29.54 29.38 8.14
CA GLU I 307 -30.80 29.99 7.78
C GLU I 307 -31.13 31.10 8.75
N ASP I 308 -30.19 31.40 9.68
CA ASP I 308 -30.39 32.16 10.89
C ASP I 308 -31.14 31.37 11.93
N LYS I 309 -30.77 30.07 12.02
CA LYS I 309 -31.00 29.26 13.18
C LYS I 309 -29.67 28.61 13.40
N GLU I 310 -29.09 28.83 14.60
CA GLU I 310 -27.73 28.50 14.93
C GLU I 310 -27.50 27.01 14.90
N VAL I 311 -26.50 26.57 14.11
CA VAL I 311 -26.11 25.18 14.01
C VAL I 311 -24.64 25.15 14.33
N TYR I 312 -24.20 24.13 15.08
CA TYR I 312 -22.83 24.03 15.51
C TYR I 312 -22.55 22.60 15.80
N GLU I 313 -21.25 22.24 15.82
CA GLU I 313 -20.83 20.89 15.98
C GLU I 313 -19.40 20.88 16.43
N GLY I 314 -18.98 19.72 16.99
CA GLY I 314 -17.62 19.44 17.37
C GLY I 314 -16.91 18.77 16.25
N VAL I 315 -16.83 17.42 16.30
CA VAL I 315 -16.09 16.65 15.32
C VAL I 315 -16.61 15.22 15.33
N VAL I 316 -17.57 14.90 16.23
CA VAL I 316 -18.01 13.54 16.49
C VAL I 316 -19.37 13.33 15.85
N ARG I 317 -19.87 14.35 15.09
CA ARG I 317 -21.25 14.38 14.62
C ARG I 317 -21.53 13.35 13.55
N LEU I 318 -20.56 13.19 12.61
CA LEU I 318 -20.72 12.36 11.43
C LEU I 318 -19.82 11.15 11.55
N THR I 319 -19.19 10.91 12.74
CA THR I 319 -18.47 9.67 12.99
C THR I 319 -19.40 8.60 13.51
N LYS I 320 -20.68 8.93 13.75
CA LYS I 320 -21.68 8.03 14.29
C LYS I 320 -22.02 6.94 13.31
N ASP I 321 -22.12 7.32 12.02
CA ASP I 321 -22.65 6.50 10.96
C ASP I 321 -21.73 5.36 10.62
N GLY I 322 -20.45 5.67 10.35
CA GLY I 322 -19.48 4.69 9.91
C GLY I 322 -19.07 3.76 11.01
N GLN I 323 -19.00 4.26 12.26
CA GLN I 323 -18.52 3.50 13.39
C GLN I 323 -19.43 2.37 13.77
N ARG I 324 -20.76 2.61 13.70
CA ARG I 324 -21.75 1.60 13.97
C ARG I 324 -21.85 0.62 12.83
N LEU I 325 -21.49 1.05 11.59
CA LEU I 325 -21.44 0.20 10.42
C LEU I 325 -20.32 -0.80 10.52
N ARG I 326 -19.14 -0.37 11.04
CA ARG I 326 -17.97 -1.22 11.24
C ARG I 326 -18.26 -2.28 12.27
N ASN I 327 -18.84 -1.87 13.41
CA ASN I 327 -19.25 -2.70 14.51
C ASN I 327 -20.28 -3.75 14.11
N MET I 328 -21.16 -3.43 13.14
CA MET I 328 -22.19 -4.35 12.65
C MET I 328 -21.58 -5.48 11.86
N ILE I 329 -20.56 -5.18 11.02
CA ILE I 329 -19.86 -6.14 10.20
C ILE I 329 -19.02 -7.05 11.08
N MET I 330 -18.43 -6.46 12.14
CA MET I 330 -17.58 -7.13 13.10
C MET I 330 -18.34 -8.16 13.90
N SER I 331 -19.64 -7.91 14.16
CA SER I 331 -20.45 -8.78 14.99
C SER I 331 -21.26 -9.76 14.18
N PHE I 332 -21.32 -9.60 12.82
CA PHE I 332 -21.85 -10.63 11.94
C PHE I 332 -20.99 -11.86 11.98
N ASN I 333 -19.70 -11.66 11.69
CA ASN I 333 -18.74 -12.70 11.43
C ASN I 333 -18.23 -13.30 12.71
N ALA I 334 -18.24 -12.51 13.82
CA ALA I 334 -17.93 -12.97 15.16
C ALA I 334 -18.86 -14.06 15.66
N ASP I 335 -20.14 -14.02 15.20
CA ASP I 335 -21.14 -15.02 15.55
C ASP I 335 -20.95 -16.28 14.75
N ILE I 336 -20.33 -16.19 13.54
CA ILE I 336 -20.04 -17.32 12.69
C ILE I 336 -18.85 -18.06 13.24
N VAL I 337 -17.81 -17.31 13.70
CA VAL I 337 -16.59 -17.84 14.29
C VAL I 337 -16.90 -18.57 15.58
N ALA I 338 -17.89 -18.05 16.35
CA ALA I 338 -18.27 -18.56 17.63
C ALA I 338 -19.01 -19.87 17.48
N ARG I 339 -20.22 -19.84 16.86
CA ARG I 339 -21.02 -21.02 16.67
C ARG I 339 -21.19 -21.24 15.18
N THR I 340 -21.03 -22.51 14.76
CA THR I 340 -21.12 -22.98 13.40
C THR I 340 -20.74 -24.45 13.51
N PRO I 341 -21.30 -25.39 12.73
CA PRO I 341 -20.86 -26.77 12.66
C PRO I 341 -19.40 -26.86 12.25
N LYS I 342 -18.63 -27.87 12.75
CA LYS I 342 -17.21 -27.94 12.50
C LYS I 342 -16.89 -29.17 11.70
N LYS I 343 -15.78 -29.08 10.93
CA LYS I 343 -15.29 -30.05 9.98
C LYS I 343 -15.00 -31.39 10.59
N LYS I 344 -15.82 -32.41 10.23
CA LYS I 344 -15.71 -33.78 10.68
C LYS I 344 -16.15 -34.59 9.48
N PRO I 345 -15.75 -35.86 9.30
CA PRO I 345 -16.11 -36.68 8.14
C PRO I 345 -17.57 -37.03 8.11
N PHE I 346 -18.11 -37.28 6.89
CA PHE I 346 -19.49 -37.64 6.68
C PHE I 346 -19.54 -39.15 6.62
N PHE I 347 -20.59 -39.76 7.21
CA PHE I 347 -20.80 -41.18 7.16
C PHE I 347 -22.28 -41.37 7.25
N TRP I 348 -22.73 -42.64 7.16
CA TRP I 348 -24.11 -43.02 7.35
C TRP I 348 -24.07 -44.05 8.46
N PRO I 349 -25.10 -44.23 9.29
CA PRO I 349 -25.05 -45.06 10.49
C PRO I 349 -24.71 -46.51 10.28
N GLU I 350 -25.07 -47.09 9.10
CA GLU I 350 -24.86 -48.48 8.79
C GLU I 350 -23.39 -48.84 8.66
N GLN I 351 -22.59 -47.96 8.03
CA GLN I 351 -21.20 -48.25 7.71
C GLN I 351 -20.24 -47.69 8.73
N ILE I 352 -20.74 -47.06 9.81
CA ILE I 352 -19.92 -46.48 10.85
C ILE I 352 -20.25 -47.17 12.15
N ALA I 353 -20.95 -48.33 12.10
CA ALA I 353 -21.32 -49.12 13.25
C ALA I 353 -20.09 -49.64 13.97
N GLY I 354 -20.05 -49.44 15.31
CA GLY I 354 -18.96 -49.86 16.15
C GLY I 354 -17.76 -48.96 16.13
N PHE I 355 -17.86 -47.79 15.47
CA PHE I 355 -16.78 -46.84 15.37
C PHE I 355 -17.32 -45.55 15.93
N GLU I 356 -16.59 -44.97 16.89
CA GLU I 356 -16.94 -43.70 17.50
C GLU I 356 -15.77 -43.23 18.31
N HIS I 357 -14.69 -44.05 18.38
CA HIS I 357 -13.48 -43.75 19.12
C HIS I 357 -12.34 -43.63 18.13
N MET I 358 -12.68 -43.67 16.82
CA MET I 358 -11.71 -43.59 15.74
C MET I 358 -11.86 -42.26 15.06
N TYR I 359 -12.67 -41.33 15.64
CA TYR I 359 -13.03 -40.10 14.97
C TYR I 359 -13.33 -39.03 15.99
N ASP I 360 -13.03 -39.30 17.29
CA ASP I 360 -13.36 -38.37 18.36
C ASP I 360 -12.16 -37.56 18.80
N GLY I 361 -10.99 -37.71 18.14
CA GLY I 361 -9.83 -36.89 18.42
C GLY I 361 -8.67 -37.67 18.96
N ASN I 362 -8.67 -39.01 18.78
CA ASN I 362 -7.52 -39.85 19.10
C ASN I 362 -6.59 -39.84 17.91
N ASP I 363 -5.33 -40.30 18.14
CA ASP I 363 -4.28 -40.24 17.15
C ASP I 363 -3.36 -41.42 17.39
N ASP I 364 -3.84 -42.44 18.14
CA ASP I 364 -3.01 -43.51 18.65
C ASP I 364 -3.09 -44.71 17.74
N TYR I 365 -3.88 -44.61 16.65
CA TYR I 365 -4.02 -45.63 15.63
C TYR I 365 -3.23 -45.14 14.44
N PRO I 366 -2.85 -45.97 13.48
CA PRO I 366 -2.10 -45.53 12.31
C PRO I 366 -3.04 -45.33 11.15
N TYR I 367 -4.31 -45.75 11.27
CA TYR I 367 -5.24 -45.74 10.16
C TYR I 367 -6.63 -45.77 10.70
N TYR I 368 -7.61 -45.54 9.79
CA TYR I 368 -9.02 -45.55 10.10
C TYR I 368 -9.56 -46.87 9.64
N LEU I 369 -10.77 -47.22 10.12
CA LEU I 369 -11.44 -48.44 9.77
C LEU I 369 -12.89 -48.08 9.61
N LEU I 370 -13.55 -48.69 8.61
CA LEU I 370 -14.93 -48.47 8.25
C LEU I 370 -15.47 -49.80 7.83
N ASN I 371 -16.80 -50.01 7.92
CA ASN I 371 -17.43 -51.22 7.47
C ASN I 371 -17.63 -51.12 5.97
N ARG I 372 -16.99 -52.04 5.22
CA ARG I 372 -17.00 -52.08 3.79
C ARG I 372 -18.31 -52.64 3.33
N THR I 373 -18.73 -53.75 3.97
CA THR I 373 -19.91 -54.49 3.65
C THR I 373 -20.83 -54.41 4.83
N ASP I 374 -22.14 -54.52 4.55
CA ASP I 374 -23.19 -54.63 5.53
C ASP I 374 -24.10 -55.65 4.90
N GLU I 375 -25.02 -56.24 5.70
CA GLU I 375 -26.02 -57.14 5.17
C GLU I 375 -27.14 -56.35 4.55
N ASN I 376 -28.01 -57.08 3.79
CA ASN I 376 -29.10 -56.63 2.96
C ASN I 376 -28.63 -56.45 1.55
N SER I 377 -27.31 -56.19 1.37
CA SER I 377 -26.59 -56.02 0.13
C SER I 377 -25.29 -55.41 0.57
N GLY I 378 -24.15 -55.98 0.10
CA GLY I 378 -22.83 -55.50 0.39
C GLY I 378 -22.48 -54.36 -0.51
N ASP I 379 -21.27 -53.78 -0.30
CA ASP I 379 -20.77 -52.66 -1.07
C ASP I 379 -19.28 -52.72 -0.95
N LEU I 380 -18.58 -51.91 -1.78
CA LEU I 380 -17.18 -51.65 -1.63
C LEU I 380 -17.08 -50.15 -1.81
N PRO I 381 -17.06 -49.34 -0.75
CA PRO I 381 -17.04 -47.89 -0.88
C PRO I 381 -15.69 -47.40 -1.31
N THR I 382 -15.67 -46.36 -2.17
CA THR I 382 -14.45 -45.68 -2.53
C THR I 382 -14.76 -44.24 -2.23
N GLN I 383 -14.10 -43.71 -1.17
CA GLN I 383 -14.31 -42.39 -0.59
C GLN I 383 -15.76 -42.01 -0.41
N PRO I 384 -16.55 -42.65 0.47
CA PRO I 384 -17.97 -42.35 0.64
C PRO I 384 -18.15 -41.09 1.46
N LEU I 385 -17.04 -40.57 2.02
CA LEU I 385 -17.02 -39.52 2.99
C LEU I 385 -16.59 -38.25 2.32
N ALA I 386 -16.88 -37.12 2.99
CA ALA I 386 -16.45 -35.81 2.57
C ALA I 386 -16.45 -35.01 3.83
N TYR I 387 -16.24 -33.68 3.72
CA TYR I 387 -15.98 -32.86 4.86
C TYR I 387 -16.77 -31.59 4.71
N TYR I 388 -17.24 -31.08 5.87
CA TYR I 388 -18.00 -29.85 6.00
C TYR I 388 -17.17 -28.69 5.55
N GLU I 389 -17.81 -27.73 4.84
CA GLU I 389 -17.18 -26.55 4.34
C GLU I 389 -17.60 -25.46 5.28
N ASN I 390 -16.64 -25.02 6.13
CA ASN I 390 -16.83 -23.96 7.09
C ASN I 390 -16.97 -22.64 6.36
N PRO I 391 -17.73 -21.67 6.85
CA PRO I 391 -17.78 -20.35 6.23
C PRO I 391 -16.48 -19.63 6.52
N GLU I 392 -15.96 -18.88 5.53
CA GLU I 392 -14.63 -18.32 5.57
C GLU I 392 -14.72 -16.82 5.50
N VAL I 393 -15.97 -16.28 5.62
CA VAL I 393 -16.33 -14.88 5.50
C VAL I 393 -16.32 -14.50 4.03
N PRO I 394 -17.47 -14.34 3.36
CA PRO I 394 -17.53 -13.99 1.95
C PRO I 394 -16.99 -12.61 1.67
N GLN I 395 -16.61 -12.36 0.40
CA GLN I 395 -15.93 -11.16 -0.05
C GLN I 395 -16.74 -9.90 0.17
N ALA I 396 -18.08 -10.02 0.26
CA ALA I 396 -19.00 -8.92 0.47
C ALA I 396 -18.81 -8.25 1.80
N ASN I 397 -18.55 -9.05 2.86
CA ASN I 397 -18.34 -8.60 4.21
C ASN I 397 -17.00 -7.92 4.34
N ALA I 398 -15.98 -8.42 3.61
CA ALA I 398 -14.64 -7.89 3.65
C ALA I 398 -14.52 -6.62 2.86
N TYR I 399 -15.32 -6.47 1.78
CA TYR I 399 -15.39 -5.31 0.93
C TYR I 399 -16.05 -4.17 1.68
N MET I 400 -17.07 -4.49 2.51
CA MET I 400 -17.87 -3.50 3.19
C MET I 400 -17.15 -2.93 4.37
N LEU I 401 -16.26 -3.71 5.01
CA LEU I 401 -15.43 -3.28 6.11
C LEU I 401 -14.43 -2.23 5.68
N GLU I 402 -13.90 -2.36 4.44
CA GLU I 402 -12.94 -1.43 3.86
C GLU I 402 -13.53 -0.06 3.67
N ALA I 403 -14.81 0.03 3.22
CA ALA I 403 -15.47 1.30 3.02
C ALA I 403 -15.98 1.86 4.33
N ALA I 404 -16.20 0.99 5.34
CA ALA I 404 -16.70 1.38 6.64
C ALA I 404 -15.63 1.99 7.49
N THR I 405 -14.38 1.45 7.42
CA THR I 405 -13.24 1.95 8.16
C THR I 405 -12.77 3.27 7.62
N SER I 406 -12.98 3.52 6.31
CA SER I 406 -12.57 4.74 5.65
C SER I 406 -13.64 5.79 5.72
N ALA I 407 -14.82 5.45 6.30
CA ALA I 407 -15.93 6.36 6.42
C ALA I 407 -15.75 7.30 7.59
N VAL I 408 -15.23 6.75 8.71
CA VAL I 408 -15.15 7.43 9.98
C VAL I 408 -14.02 8.42 10.02
N LYS I 409 -12.82 7.99 9.54
CA LYS I 409 -11.59 8.71 9.70
C LYS I 409 -11.49 10.03 8.96
N GLU I 410 -12.41 10.27 7.99
CA GLU I 410 -12.46 11.51 7.25
C GLU I 410 -12.85 12.68 8.13
N VAL I 411 -13.89 12.51 8.97
CA VAL I 411 -14.43 13.56 9.78
C VAL I 411 -13.94 13.45 11.20
N ALA I 412 -13.13 12.41 11.52
CA ALA I 412 -12.56 12.24 12.84
C ALA I 412 -11.46 13.23 13.08
N THR I 413 -10.61 13.44 12.04
CA THR I 413 -9.46 14.33 12.07
C THR I 413 -9.88 15.66 11.51
N LEU I 414 -9.29 16.77 12.02
CA LEU I 414 -9.60 18.12 11.62
C LEU I 414 -8.63 18.61 10.56
N GLY I 415 -7.74 17.72 10.06
CA GLY I 415 -6.64 18.09 9.21
C GLY I 415 -5.38 18.30 10.00
N VAL I 416 -5.39 17.89 11.29
CA VAL I 416 -4.28 18.10 12.20
C VAL I 416 -3.38 16.91 12.05
N ASP I 417 -2.07 17.20 11.90
CA ASP I 417 -1.01 16.22 11.82
C ASP I 417 0.17 16.88 12.49
N THR I 418 -0.09 17.99 13.22
CA THR I 418 0.87 18.76 13.96
C THR I 418 0.79 18.22 15.37
N GLU I 419 1.88 18.40 16.16
CA GLU I 419 2.05 17.81 17.47
C GLU I 419 1.61 18.81 18.53
N ALA I 420 1.04 19.94 18.10
CA ALA I 420 0.65 21.03 18.96
C ALA I 420 -0.40 21.78 18.20
N VAL I 421 -1.02 22.78 18.88
CA VAL I 421 -2.08 23.65 18.39
C VAL I 421 -1.72 24.35 17.09
N ASN I 422 -2.78 24.78 16.36
CA ASN I 422 -2.71 25.40 15.05
C ASN I 422 -2.17 24.48 13.99
N GLY I 423 -2.79 23.29 13.86
CA GLY I 423 -2.61 22.40 12.74
C GLY I 423 -3.61 22.78 11.69
N GLY I 424 -4.60 21.89 11.46
CA GLY I 424 -5.79 22.17 10.70
C GLY I 424 -6.88 22.68 11.61
N GLN I 425 -6.55 22.82 12.92
CA GLN I 425 -7.46 23.22 13.97
C GLN I 425 -7.39 24.70 14.25
N VAL I 426 -6.70 25.52 13.41
CA VAL I 426 -6.55 26.97 13.56
C VAL I 426 -7.87 27.67 13.79
N ALA I 427 -8.93 27.24 13.07
CA ALA I 427 -10.28 27.74 13.16
C ALA I 427 -10.90 27.57 14.53
N PHE I 428 -10.56 26.48 15.26
CA PHE I 428 -11.03 26.19 16.59
C PHE I 428 -10.27 27.00 17.62
N ASP I 429 -8.99 27.36 17.33
CA ASP I 429 -8.14 28.07 18.26
C ASP I 429 -8.47 29.54 18.30
N THR I 430 -8.77 30.15 17.13
CA THR I 430 -8.98 31.58 17.00
C THR I 430 -10.33 31.98 17.56
N VAL I 431 -11.31 31.06 17.55
CA VAL I 431 -12.63 31.28 18.13
C VAL I 431 -12.61 31.01 19.62
N ASN I 432 -11.59 30.26 20.13
CA ASN I 432 -11.44 29.99 21.54
C ASN I 432 -10.95 31.23 22.23
N GLN I 433 -9.94 31.90 21.63
CA GLN I 433 -9.37 33.12 22.17
C GLN I 433 -10.28 34.30 21.98
N LEU I 434 -11.28 34.21 21.06
CA LEU I 434 -12.27 35.24 20.84
C LEU I 434 -13.16 35.38 22.05
N ASN I 435 -13.57 34.24 22.64
CA ASN I 435 -14.37 34.20 23.85
C ASN I 435 -13.56 34.43 25.10
N MET I 436 -12.24 34.11 25.09
CA MET I 436 -11.35 34.49 26.17
C MET I 436 -11.21 35.99 26.25
N ARG I 437 -11.11 36.67 25.07
CA ARG I 437 -11.11 38.10 24.92
C ARG I 437 -12.44 38.72 25.27
N ALA I 438 -13.56 38.00 25.00
CA ALA I 438 -14.89 38.44 25.37
C ALA I 438 -15.09 38.43 26.86
N ASP I 439 -14.35 37.54 27.58
CA ASP I 439 -14.33 37.48 29.02
C ASP I 439 -13.69 38.70 29.64
N LEU I 440 -12.72 39.36 28.94
CA LEU I 440 -12.07 40.57 29.40
C LEU I 440 -13.03 41.74 29.46
N GLU I 441 -14.01 41.80 28.52
CA GLU I 441 -15.03 42.82 28.50
C GLU I 441 -15.87 42.80 29.75
N THR I 442 -16.27 41.59 30.21
CA THR I 442 -17.14 41.42 31.34
C THR I 442 -16.34 41.25 32.62
N TYR I 443 -14.99 41.10 32.55
CA TYR I 443 -14.19 40.92 33.75
C TYR I 443 -14.01 42.24 34.45
N VAL I 444 -13.61 43.31 33.71
CA VAL I 444 -13.36 44.62 34.27
C VAL I 444 -14.67 45.26 34.67
N PHE I 445 -15.71 45.05 33.83
CA PHE I 445 -17.04 45.60 34.03
C PHE I 445 -17.77 44.93 35.18
N GLN I 446 -17.22 43.84 35.75
CA GLN I 446 -17.77 43.15 36.89
C GLN I 446 -16.93 43.46 38.09
N ASP I 447 -15.61 43.13 38.04
CA ASP I 447 -14.64 43.25 39.09
C ASP I 447 -14.53 44.64 39.70
N ASN I 448 -14.63 45.72 38.89
CA ASN I 448 -14.47 47.07 39.39
C ASN I 448 -15.67 47.52 40.19
N LEU I 449 -16.85 46.91 39.95
CA LEU I 449 -18.05 47.09 40.75
C LEU I 449 -18.07 46.20 41.96
N ALA I 450 -17.63 44.93 41.80
CA ALA I 450 -17.68 43.90 42.81
C ALA I 450 -16.71 44.15 43.93
N THR I 451 -15.42 44.38 43.57
CA THR I 451 -14.35 44.72 44.49
C THR I 451 -14.57 46.10 45.01
N ALA I 452 -14.80 47.07 44.09
CA ALA I 452 -15.09 48.47 44.34
C ALA I 452 -13.99 49.21 45.06
N MET I 453 -14.10 50.57 45.01
CA MET I 453 -13.25 51.51 45.70
C MET I 453 -11.81 51.36 45.29
N ARG I 454 -11.60 51.31 43.94
CA ARG I 454 -10.30 51.19 43.34
C ARG I 454 -10.24 52.36 42.39
N ARG I 455 -9.17 53.16 42.54
CA ARG I 455 -9.04 54.45 41.91
C ARG I 455 -7.61 54.51 41.46
N ASP I 456 -7.40 54.80 40.16
CA ASP I 456 -6.08 54.93 39.58
C ASP I 456 -5.94 56.36 39.17
N GLY I 457 -5.07 57.09 39.90
CA GLY I 457 -4.81 58.50 39.75
C GLY I 457 -4.31 58.90 38.40
N GLU I 458 -4.62 60.16 38.04
CA GLU I 458 -4.06 60.87 36.92
C GLU I 458 -4.27 62.33 37.24
N ILE I 459 -4.62 62.61 38.51
CA ILE I 459 -5.03 63.92 38.96
C ILE I 459 -4.56 64.02 40.38
N TYR I 460 -4.25 65.26 40.82
CA TYR I 460 -3.40 65.52 41.96
C TYR I 460 -4.24 65.77 43.17
N GLN I 461 -3.59 65.70 44.36
CA GLN I 461 -4.22 65.63 45.65
C GLN I 461 -4.15 66.97 46.35
N SER I 462 -4.14 68.06 45.55
CA SER I 462 -3.86 69.43 45.94
C SER I 462 -2.39 69.71 45.92
N ILE I 463 -1.76 69.51 44.72
CA ILE I 463 -0.42 69.97 44.41
C ILE I 463 -0.41 71.49 44.47
N VAL I 464 0.72 72.11 44.90
CA VAL I 464 0.93 73.55 45.09
C VAL I 464 -0.17 74.23 45.87
N ASN I 465 -0.27 75.58 45.78
CA ASN I 465 -1.20 76.37 46.55
C ASN I 465 -1.54 77.60 45.74
N ASP I 466 -1.15 77.62 44.44
CA ASP I 466 -1.81 78.45 43.45
C ASP I 466 -2.83 77.58 42.79
N ILE I 467 -4.10 78.04 42.75
CA ILE I 467 -5.15 77.39 42.01
C ILE I 467 -5.78 78.47 41.16
N TYR I 468 -5.65 78.32 39.83
CA TYR I 468 -6.59 78.88 38.88
C TYR I 468 -6.40 78.08 37.62
N ASP I 469 -7.46 77.98 36.78
CA ASP I 469 -7.49 77.10 35.63
C ASP I 469 -7.49 77.88 34.34
N VAL I 470 -7.24 79.20 34.40
CA VAL I 470 -7.36 80.11 33.28
C VAL I 470 -6.40 79.80 32.13
N PRO I 471 -5.08 79.51 32.26
CA PRO I 471 -4.22 79.32 31.10
C PRO I 471 -4.49 77.96 30.51
N ARG I 472 -4.46 77.86 29.17
CA ARG I 472 -4.82 76.68 28.39
C ARG I 472 -6.22 76.20 28.72
N ASN I 473 -6.55 74.92 28.40
CA ASN I 473 -7.76 74.27 28.89
C ASN I 473 -7.61 74.02 30.38
N VAL I 474 -6.44 73.47 30.78
CA VAL I 474 -5.90 73.54 32.11
C VAL I 474 -4.43 73.53 31.86
N THR I 475 -3.66 74.27 32.69
CA THR I 475 -2.26 74.50 32.48
C THR I 475 -1.50 73.28 32.95
N ILE I 476 -0.29 73.08 32.38
CA ILE I 476 0.57 71.97 32.70
C ILE I 476 1.74 72.58 33.41
N THR I 477 2.01 72.11 34.66
CA THR I 477 3.10 72.51 35.52
C THR I 477 2.85 73.88 36.10
N LEU I 478 2.55 73.92 37.42
CA LEU I 478 2.30 75.09 38.24
C LEU I 478 1.13 75.94 37.83
N GLU I 479 0.67 76.78 38.78
CA GLU I 479 -0.43 77.72 38.63
C GLU I 479 -1.75 77.06 38.35
N ASP I 480 -2.04 75.96 39.09
CA ASP I 480 -3.29 75.25 39.08
C ASP I 480 -3.00 74.08 39.97
N GLY I 481 -3.89 73.84 40.96
CA GLY I 481 -3.62 72.95 42.06
C GLY I 481 -4.20 71.59 41.83
N SER I 482 -4.79 71.35 40.64
CA SER I 482 -5.33 70.07 40.30
C SER I 482 -5.31 70.06 38.79
N GLU I 483 -5.61 68.88 38.19
CA GLU I 483 -5.96 68.73 36.80
C GLU I 483 -4.73 68.78 35.94
N LYS I 484 -3.92 67.70 36.04
CA LYS I 484 -2.75 67.40 35.25
C LYS I 484 -1.68 68.45 35.25
N ASP I 485 -1.19 68.83 36.45
CA ASP I 485 -0.05 69.70 36.60
C ASP I 485 1.06 68.80 37.08
N VAL I 486 2.00 68.50 36.17
CA VAL I 486 3.09 67.59 36.38
C VAL I 486 4.27 68.33 36.93
N GLN I 487 5.35 67.58 37.25
CA GLN I 487 6.60 68.03 37.82
C GLN I 487 6.37 68.33 39.28
N LEU I 488 6.89 67.42 40.15
CA LEU I 488 6.51 67.24 41.53
C LEU I 488 5.19 66.53 41.58
N MET I 489 4.97 65.72 42.64
CA MET I 489 3.94 64.72 42.62
C MET I 489 3.28 64.77 43.97
N ALA I 490 1.94 64.98 43.97
CA ALA I 490 1.09 64.81 45.13
C ALA I 490 0.22 63.60 44.92
N GLU I 491 0.29 63.00 43.70
CA GLU I 491 -0.58 61.96 43.22
C GLU I 491 -0.09 60.65 43.78
N VAL I 492 -1.01 59.68 43.99
CA VAL I 492 -0.68 58.32 44.31
C VAL I 492 -1.28 57.51 43.19
N VAL I 493 -0.48 56.55 42.64
CA VAL I 493 -0.76 55.80 41.43
C VAL I 493 -2.00 54.94 41.58
N ASP I 494 -2.15 54.25 42.73
CA ASP I 494 -3.31 53.45 43.02
C ASP I 494 -3.52 53.65 44.49
N LEU I 495 -4.80 53.78 44.91
CA LEU I 495 -5.16 54.05 46.27
C LEU I 495 -6.67 53.96 46.27
N ALA I 496 -7.28 53.80 47.47
CA ALA I 496 -8.71 53.64 47.63
C ALA I 496 -9.30 54.95 48.06
N THR I 497 -10.64 55.05 47.91
CA THR I 497 -11.41 56.20 48.32
C THR I 497 -12.71 55.60 48.81
N GLY I 498 -13.23 56.14 49.94
CA GLY I 498 -14.43 55.64 50.57
C GLY I 498 -15.54 56.64 50.49
N GLU I 499 -15.20 57.93 50.17
CA GLU I 499 -16.10 59.06 50.15
C GLU I 499 -16.87 59.20 51.46
N LYS I 500 -18.11 59.75 51.42
CA LYS I 500 -19.01 59.83 52.54
C LYS I 500 -19.50 58.47 52.97
N GLN I 501 -19.79 57.57 52.01
CA GLN I 501 -20.27 56.25 52.31
C GLN I 501 -19.68 55.31 51.30
N VAL I 502 -19.26 54.12 51.78
CA VAL I 502 -18.54 53.11 51.04
C VAL I 502 -19.41 52.51 49.96
N LEU I 503 -18.75 52.14 48.83
CA LEU I 503 -19.28 51.54 47.62
C LEU I 503 -19.37 52.65 46.62
N ASN I 504 -18.25 52.89 45.92
CA ASN I 504 -18.19 53.85 44.85
C ASN I 504 -16.99 53.47 44.05
N ASP I 505 -17.02 53.73 42.72
CA ASP I 505 -15.88 53.48 41.88
C ASP I 505 -16.09 54.29 40.63
N ILE I 506 -14.98 54.58 39.91
CA ILE I 506 -14.94 55.35 38.69
C ILE I 506 -15.74 54.68 37.59
N ARG I 507 -16.41 55.49 36.73
CA ARG I 507 -17.30 55.03 35.68
C ARG I 507 -16.56 54.25 34.62
N GLY I 508 -15.34 54.71 34.24
CA GLY I 508 -14.50 54.04 33.28
C GLY I 508 -14.09 52.69 33.80
N ARG I 509 -14.14 51.66 32.92
CA ARG I 509 -13.83 50.30 33.29
C ARG I 509 -13.12 49.69 32.11
N TYR I 510 -12.34 50.54 31.41
CA TYR I 510 -11.61 50.18 30.23
C TYR I 510 -10.40 51.07 30.28
N GLU I 511 -9.22 50.50 29.99
CA GLU I 511 -7.98 51.23 29.82
C GLU I 511 -7.11 50.40 28.92
N CYS I 512 -7.56 49.17 28.59
CA CYS I 512 -6.77 48.18 27.89
C CYS I 512 -7.74 47.47 27.03
N TYR I 513 -7.33 47.13 25.79
CA TYR I 513 -8.18 46.48 24.82
C TYR I 513 -8.12 45.00 25.10
N THR I 514 -9.01 44.21 24.45
CA THR I 514 -9.14 42.80 24.73
C THR I 514 -8.06 42.06 23.98
N ASP I 515 -7.11 41.46 24.74
CA ASP I 515 -6.07 40.65 24.17
C ASP I 515 -5.72 39.64 25.23
N VAL I 516 -5.34 38.43 24.79
CA VAL I 516 -5.09 37.31 25.65
C VAL I 516 -3.77 36.71 25.25
N GLY I 517 -3.24 35.80 26.10
CA GLY I 517 -1.94 35.21 25.88
C GLY I 517 -1.86 34.02 26.78
N PRO I 518 -0.66 33.47 27.01
CA PRO I 518 -0.39 32.34 27.90
C PRO I 518 -0.89 32.51 29.32
N SER I 519 -0.94 31.40 30.08
CA SER I 519 -1.46 31.35 31.44
C SER I 519 -0.53 32.10 32.36
N PHE I 520 -1.06 33.15 33.02
CA PHE I 520 -0.35 33.90 34.01
C PHE I 520 -1.30 34.04 35.15
N GLN I 521 -0.95 33.44 36.30
CA GLN I 521 -1.72 33.52 37.52
C GLN I 521 -0.80 34.00 38.61
N SER I 522 0.41 34.48 38.22
CA SER I 522 1.35 35.11 39.12
C SER I 522 2.15 36.01 38.22
N MET I 523 2.68 37.12 38.82
CA MET I 523 3.37 38.16 38.12
C MET I 523 4.76 37.71 37.75
N LYS I 524 5.36 36.85 38.61
CA LYS I 524 6.68 36.29 38.40
C LYS I 524 6.74 35.32 37.25
N GLN I 525 5.57 34.74 36.85
CA GLN I 525 5.49 33.82 35.75
C GLN I 525 5.65 34.54 34.43
N GLN I 526 5.10 35.77 34.32
CA GLN I 526 5.21 36.58 33.12
C GLN I 526 6.56 37.24 33.03
N ASN I 527 7.21 37.50 34.18
CA ASN I 527 8.49 38.18 34.22
C ASN I 527 9.59 37.33 33.63
N ARG I 528 9.60 36.02 33.97
CA ARG I 528 10.62 35.09 33.51
C ARG I 528 10.51 34.84 32.03
N ALA I 529 9.27 34.66 31.52
CA ALA I 529 8.99 34.42 30.13
C ALA I 529 9.37 35.58 29.25
N GLU I 530 9.20 36.83 29.75
CA GLU I 530 9.58 38.05 29.07
C GLU I 530 11.07 38.22 28.98
N ILE I 531 11.83 37.72 29.97
CA ILE I 531 13.28 37.78 29.99
C ILE I 531 13.82 36.81 28.98
N LEU I 532 13.33 35.54 29.00
CA LEU I 532 13.82 34.46 28.17
C LEU I 532 13.53 34.71 26.71
N GLU I 533 12.39 35.38 26.40
CA GLU I 533 11.99 35.76 25.07
C GLU I 533 12.93 36.78 24.48
N LEU I 534 13.42 37.73 25.32
CA LEU I 534 14.31 38.78 24.86
C LEU I 534 15.72 38.30 24.76
N LEU I 535 16.11 37.22 25.48
CA LEU I 535 17.44 36.64 25.36
C LEU I 535 17.51 35.94 24.03
N GLY I 536 18.66 36.07 23.34
CA GLY I 536 18.87 35.48 22.04
C GLY I 536 18.33 36.32 20.92
N LYS I 537 17.94 37.60 21.20
CA LYS I 537 17.56 38.52 20.16
C LYS I 537 17.84 39.92 20.62
N THR I 538 18.59 40.09 21.73
CA THR I 538 19.04 41.36 22.22
C THR I 538 20.55 41.33 22.14
N PRO I 539 21.24 42.23 21.42
CA PRO I 539 22.69 42.28 21.32
C PRO I 539 23.41 42.31 22.65
N GLN I 540 24.55 41.57 22.74
CA GLN I 540 25.36 41.45 23.93
C GLN I 540 25.96 42.78 24.31
N GLY I 541 26.04 43.04 25.63
CA GLY I 541 26.52 44.27 26.17
C GLY I 541 25.69 44.50 27.38
N THR I 542 25.57 45.80 27.78
CA THR I 542 24.79 46.24 28.92
C THR I 542 23.31 45.88 28.85
N PRO I 543 22.53 46.02 27.79
CA PRO I 543 21.12 45.63 27.77
C PRO I 543 20.84 44.17 28.04
N GLU I 544 21.63 43.24 27.45
CA GLU I 544 21.49 41.81 27.66
C GLU I 544 21.92 41.40 29.06
N TYR I 545 22.92 42.12 29.63
CA TYR I 545 23.44 41.88 30.96
C TYR I 545 22.42 42.18 32.02
N GLN I 546 21.48 43.13 31.74
CA GLN I 546 20.45 43.50 32.67
C GLN I 546 19.37 42.45 32.71
N LEU I 547 19.14 41.75 31.57
CA LEU I 547 18.17 40.68 31.47
C LEU I 547 18.65 39.46 32.21
N LEU I 548 19.97 39.15 32.15
CA LEU I 548 20.57 38.02 32.82
C LEU I 548 20.56 38.17 34.32
N LEU I 549 20.83 39.40 34.84
CA LEU I 549 20.77 39.72 36.25
C LEU I 549 19.37 39.65 36.78
N LEU I 550 18.39 40.10 35.95
CA LEU I 550 16.99 40.17 36.27
C LEU I 550 16.37 38.79 36.42
N GLN I 551 16.89 37.78 35.69
CA GLN I 551 16.44 36.41 35.76
C GLN I 551 16.66 35.82 37.14
N TYR I 552 17.72 36.24 37.85
CA TYR I 552 18.02 35.76 39.18
C TYR I 552 17.04 36.30 40.20
N PHE I 553 16.48 37.50 39.94
CA PHE I 553 15.60 38.21 40.83
C PHE I 553 14.20 37.64 40.76
N THR I 554 13.77 37.23 39.53
CA THR I 554 12.43 36.77 39.25
C THR I 554 12.24 35.32 39.64
N LEU I 555 13.34 34.58 39.88
CA LEU I 555 13.32 33.19 40.27
C LEU I 555 13.16 33.10 41.76
N LEU I 556 12.72 31.90 42.22
CA LEU I 556 12.48 31.54 43.60
C LEU I 556 13.75 31.59 44.39
N ASP I 557 13.66 32.01 45.67
CA ASP I 557 14.78 32.07 46.57
C ASP I 557 14.93 30.75 47.25
N GLY I 558 16.16 30.47 47.73
CA GLY I 558 16.53 29.25 48.39
C GLY I 558 17.54 29.69 49.38
N LYS I 559 18.54 28.81 49.67
CA LYS I 559 19.67 29.18 50.51
C LYS I 559 20.70 29.81 49.61
N GLY I 560 21.01 29.11 48.49
CA GLY I 560 21.97 29.54 47.52
C GLY I 560 21.44 30.59 46.59
N VAL I 561 20.17 30.43 46.16
CA VAL I 561 19.54 31.27 45.15
C VAL I 561 19.30 32.67 45.67
N GLU I 562 19.20 32.84 47.01
CA GLU I 562 19.04 34.12 47.67
C GLU I 562 20.22 35.03 47.43
N MET I 563 21.46 34.45 47.33
CA MET I 563 22.67 35.17 47.01
C MET I 563 22.61 35.75 45.61
N MET I 564 21.99 35.01 44.66
CA MET I 564 21.88 35.42 43.28
C MET I 564 20.94 36.58 43.13
N ARG I 565 19.90 36.66 44.00
CA ARG I 565 18.99 37.78 44.09
C ARG I 565 19.68 39.01 44.61
N ASP I 566 20.58 38.86 45.62
CA ASP I 566 21.39 39.93 46.17
C ASP I 566 22.40 40.43 45.18
N TYR I 567 22.98 39.52 44.36
CA TYR I 567 23.91 39.81 43.30
C TYR I 567 23.22 40.52 42.15
N ALA I 568 21.92 40.24 41.93
CA ALA I 568 21.10 40.89 40.94
C ALA I 568 20.87 42.31 41.30
N ASN I 569 20.51 42.58 42.58
CA ASN I 569 20.28 43.91 43.08
C ASN I 569 21.57 44.69 43.13
N LYS I 570 22.71 44.02 43.41
CA LYS I 570 24.00 44.65 43.56
C LYS I 570 24.43 45.38 42.32
N GLN I 571 24.30 44.73 41.14
CA GLN I 571 24.70 45.33 39.90
C GLN I 571 23.66 46.28 39.37
N LEU I 572 22.35 45.92 39.42
CA LEU I 572 21.27 46.66 38.79
C LEU I 572 20.99 47.99 39.42
N ILE I 573 21.05 48.08 40.77
CA ILE I 573 20.77 49.29 41.52
C ILE I 573 21.88 50.29 41.31
N GLN I 574 23.15 49.80 41.28
CA GLN I 574 24.32 50.62 41.10
C GLN I 574 24.50 51.07 39.67
N MET I 575 23.87 50.37 38.70
CA MET I 575 23.85 50.76 37.30
C MET I 575 22.77 51.77 37.06
N GLY I 576 21.85 51.98 38.04
CA GLY I 576 20.84 53.01 38.00
C GLY I 576 19.64 52.64 37.18
N VAL I 577 19.55 51.38 36.68
CA VAL I 577 18.44 50.92 35.89
C VAL I 577 17.28 50.57 36.80
N LYS I 578 17.55 49.85 37.91
CA LYS I 578 16.56 49.44 38.88
C LYS I 578 16.25 50.55 39.83
N LYS I 579 17.30 51.30 40.25
CA LYS I 579 17.27 52.50 41.08
C LYS I 579 17.01 52.16 42.54
N PRO I 580 17.67 52.81 43.52
CA PRO I 580 17.55 52.46 44.93
C PRO I 580 16.23 52.93 45.48
N GLU I 581 15.62 52.12 46.37
CA GLU I 581 14.43 52.48 47.10
C GLU I 581 14.56 51.88 48.48
N THR I 582 15.68 51.18 48.75
CA THR I 582 16.09 50.63 50.02
C THR I 582 15.07 49.75 50.74
N PRO I 583 14.58 48.63 50.19
CA PRO I 583 13.83 47.63 50.95
C PRO I 583 14.74 46.73 51.76
N GLU I 584 16.05 46.67 51.45
CA GLU I 584 16.99 45.86 52.18
C GLU I 584 18.37 46.40 51.87
N GLU I 585 18.43 47.53 51.15
CA GLU I 585 19.63 48.00 50.49
C GLU I 585 20.17 49.18 51.25
N GLN I 586 19.60 49.47 52.43
CA GLN I 586 19.90 50.61 53.27
C GLN I 586 21.29 50.61 53.82
N GLN I 587 21.82 49.42 54.22
CA GLN I 587 23.18 49.29 54.68
C GLN I 587 23.98 48.40 53.75
N TRP I 588 23.32 47.83 52.72
CA TRP I 588 23.92 46.80 51.90
C TRP I 588 24.48 47.45 50.66
N LEU I 589 23.64 48.13 49.84
CA LEU I 589 24.05 48.67 48.57
C LEU I 589 24.35 50.14 48.65
N VAL I 590 23.36 50.97 49.04
CA VAL I 590 23.35 52.41 48.90
C VAL I 590 24.56 53.14 49.48
N GLU I 591 25.18 52.57 50.54
CA GLU I 591 26.46 53.00 51.09
C GLU I 591 27.56 52.95 50.07
N ALA I 592 27.85 51.73 49.54
CA ALA I 592 28.88 51.48 48.56
C ALA I 592 28.53 52.01 47.19
N GLN I 593 27.23 52.25 46.90
CA GLN I 593 26.73 52.83 45.67
C GLN I 593 27.16 54.26 45.55
N GLN I 594 27.06 55.02 46.67
CA GLN I 594 27.45 56.41 46.75
C GLN I 594 28.95 56.57 46.63
N ALA I 595 29.73 55.62 47.20
CA ALA I 595 31.17 55.59 47.11
C ALA I 595 31.65 55.23 45.72
N LYS I 596 30.87 54.39 44.99
CA LYS I 596 31.14 53.96 43.64
C LYS I 596 30.91 55.10 42.68
N GLN I 597 29.84 55.89 42.92
CA GLN I 597 29.47 57.05 42.14
C GLN I 597 30.53 58.13 42.22
N GLY I 598 31.14 58.28 43.41
CA GLY I 598 32.20 59.22 43.65
C GLY I 598 33.52 58.79 43.06
N GLN I 599 33.68 57.47 42.78
CA GLN I 599 34.85 56.93 42.14
C GLN I 599 34.76 57.09 40.64
N GLN I 600 33.52 57.11 40.09
CA GLN I 600 33.25 57.11 38.67
C GLN I 600 33.56 58.45 38.06
N ASP I 601 33.28 59.55 38.80
CA ASP I 601 33.45 60.91 38.31
C ASP I 601 34.89 61.27 38.00
N PRO I 602 35.93 61.09 38.84
CA PRO I 602 37.31 61.34 38.46
C PRO I 602 37.83 60.27 37.52
N ALA I 603 37.30 59.03 37.55
CA ALA I 603 37.80 57.91 36.77
C ALA I 603 37.42 58.04 35.33
N MET I 604 36.35 58.79 35.02
CA MET I 604 35.93 59.11 33.67
C MET I 604 36.96 59.97 32.99
N VAL I 605 37.54 60.96 33.74
CA VAL I 605 38.58 61.83 33.24
C VAL I 605 39.87 61.08 33.02
N GLN I 606 40.17 60.08 33.89
CA GLN I 606 41.33 59.22 33.77
C GLN I 606 41.28 58.33 32.56
N ALA I 607 40.08 57.78 32.25
CA ALA I 607 39.83 56.92 31.11
C ALA I 607 39.90 57.66 29.80
N GLN I 608 39.41 58.92 29.79
CA GLN I 608 39.45 59.82 28.66
C GLN I 608 40.81 60.48 28.56
N GLY I 609 41.70 60.24 29.55
CA GLY I 609 43.03 60.80 29.67
C GLY I 609 43.91 60.57 28.49
N VAL I 610 43.86 59.35 27.90
CA VAL I 610 44.59 59.00 26.70
C VAL I 610 44.19 59.82 25.49
N LEU I 611 42.91 60.27 25.43
CA LEU I 611 42.39 61.10 24.37
C LEU I 611 42.70 62.56 24.60
N LEU I 612 43.03 62.95 25.85
CA LEU I 612 43.24 64.33 26.25
C LEU I 612 44.69 64.71 26.19
N GLN I 613 45.56 63.81 25.69
CA GLN I 613 46.99 64.02 25.62
C GLN I 613 47.37 65.09 24.61
N GLY I 614 46.48 65.43 23.67
CA GLY I 614 46.73 66.45 22.67
C GLY I 614 46.49 67.82 23.17
N GLN I 615 45.58 67.97 24.17
CA GLN I 615 45.21 69.25 24.72
C GLN I 615 46.27 69.77 25.66
N ALA I 616 46.97 68.87 26.38
CA ALA I 616 48.03 69.19 27.30
C ALA I 616 49.27 69.61 26.57
N GLU I 617 49.55 68.96 25.42
CA GLU I 617 50.69 69.24 24.57
C GLU I 617 50.51 70.52 23.81
N LEU I 618 49.25 70.88 23.46
CA LEU I 618 48.92 72.10 22.77
C LEU I 618 49.09 73.28 23.70
N ALA I 619 48.70 73.09 24.98
CA ALA I 619 48.83 74.09 26.03
C ALA I 619 50.26 74.26 26.46
N LYS I 620 51.11 73.22 26.25
CA LYS I 620 52.52 73.26 26.57
C LYS I 620 53.25 74.05 25.53
N ALA I 621 52.87 73.89 24.24
CA ALA I 621 53.56 74.47 23.13
C ALA I 621 53.28 75.95 22.96
N GLN I 622 52.01 76.36 23.12
CA GLN I 622 51.59 77.74 22.98
C GLN I 622 52.12 78.62 24.09
N ASN I 623 52.25 78.06 25.31
CA ASN I 623 52.72 78.77 26.48
C ASN I 623 54.23 78.87 26.46
N GLN I 624 54.92 77.85 25.88
CA GLN I 624 56.37 77.81 25.74
C GLN I 624 56.88 78.91 24.84
N THR I 625 56.06 79.35 23.86
CA THR I 625 56.37 80.43 22.96
C THR I 625 56.43 81.73 23.72
N LEU I 626 55.46 81.95 24.65
CA LEU I 626 55.37 83.13 25.47
C LEU I 626 56.46 83.20 26.52
N SER I 627 56.88 82.04 27.08
CA SER I 627 57.85 81.99 28.15
C SER I 627 59.23 82.36 27.65
N LEU I 628 59.59 81.94 26.42
CA LEU I 628 60.84 82.25 25.79
C LEU I 628 60.86 83.67 25.27
N GLN I 629 59.68 84.26 25.01
CA GLN I 629 59.56 85.58 24.46
C GLN I 629 59.79 86.64 25.51
N ILE I 630 59.24 86.45 26.74
CA ILE I 630 59.38 87.38 27.84
C ILE I 630 60.78 87.30 28.42
N ASP I 631 61.38 86.09 28.43
CA ASP I 631 62.71 85.86 28.94
C ASP I 631 63.74 86.56 28.08
N ALA I 632 63.60 86.43 26.74
CA ALA I 632 64.51 87.02 25.78
C ALA I 632 64.37 88.51 25.69
N ALA I 633 63.15 89.04 25.94
CA ALA I 633 62.87 90.46 25.86
C ALA I 633 63.46 91.20 27.02
N LYS I 634 63.48 90.56 28.22
CA LYS I 634 64.01 91.16 29.42
C LYS I 634 65.52 91.22 29.40
N VAL I 635 66.18 90.18 28.82
CA VAL I 635 67.62 90.09 28.68
C VAL I 635 68.11 91.12 27.67
N GLU I 636 67.31 91.36 26.60
CA GLU I 636 67.59 92.34 25.58
C GLU I 636 67.54 93.74 26.16
N ALA I 637 66.57 94.00 27.07
CA ALA I 637 66.37 95.27 27.72
C ALA I 637 67.47 95.58 28.69
N GLN I 638 68.10 94.54 29.31
CA GLN I 638 69.18 94.71 30.24
C GLN I 638 70.46 95.02 29.53
N ASN I 639 70.71 94.42 28.33
CA ASN I 639 71.91 94.67 27.56
C ASN I 639 71.93 96.09 27.03
N GLN I 640 70.74 96.64 26.69
CA GLN I 640 70.59 98.00 26.23
C GLN I 640 70.79 98.98 27.36
N LEU I 641 70.23 98.68 28.56
CA LEU I 641 70.36 99.49 29.75
C LEU I 641 71.76 99.49 30.32
N ASN I 642 72.52 98.38 30.11
CA ASN I 642 73.90 98.21 30.52
C ASN I 642 74.79 99.12 29.72
N ALA I 643 74.54 99.20 28.39
CA ALA I 643 75.32 100.00 27.48
C ALA I 643 74.93 101.45 27.57
N ALA I 644 73.73 101.75 28.14
CA ALA I 644 73.24 103.09 28.29
C ALA I 644 74.00 103.83 29.35
N ARG I 645 74.19 103.22 30.54
CA ARG I 645 74.84 103.86 31.66
C ARG I 645 76.34 103.89 31.49
N ILE I 646 76.93 102.72 31.14
CA ILE I 646 78.36 102.54 31.15
C ILE I 646 79.03 103.38 30.09
N ALA I 647 78.45 103.47 28.88
CA ALA I 647 78.99 104.34 27.85
C ALA I 647 78.78 105.82 28.14
N GLU I 648 77.80 106.17 29.00
CA GLU I 648 77.51 107.54 29.35
C GLU I 648 78.42 108.05 30.42
N ILE I 649 78.85 107.19 31.37
CA ILE I 649 79.70 107.59 32.48
C ILE I 649 81.11 107.78 31.99
N PHE I 650 81.51 107.10 30.89
CA PHE I 650 82.80 107.30 30.25
C PHE I 650 82.90 108.67 29.63
N ASN I 651 81.80 109.19 29.03
CA ASN I 651 81.74 110.54 28.50
C ASN I 651 81.85 111.58 29.58
N ASN I 652 81.27 111.28 30.77
CA ASN I 652 81.28 112.17 31.91
C ASN I 652 82.65 112.20 32.55
N MET I 653 83.33 111.02 32.61
CA MET I 653 84.67 110.85 33.13
C MET I 653 85.67 111.51 32.24
N ASP I 654 85.43 111.50 30.90
CA ASP I 654 86.28 112.14 29.93
C ASP I 654 86.28 113.63 30.14
N LEU I 655 85.09 114.24 30.32
CA LEU I 655 84.94 115.66 30.56
C LEU I 655 85.49 116.07 31.90
N SER I 656 85.45 115.18 32.92
CA SER I 656 86.00 115.44 34.24
C SER I 656 87.50 115.53 34.21
N LYS I 657 88.15 114.64 33.41
CA LYS I 657 89.57 114.60 33.24
C LYS I 657 90.08 115.77 32.45
N GLN I 658 89.40 116.10 31.32
CA GLN I 658 89.77 117.18 30.42
C GLN I 658 89.74 118.55 31.07
N SER I 659 88.84 118.77 32.05
CA SER I 659 88.74 120.02 32.78
C SER I 659 89.87 120.21 33.76
N GLU I 660 90.42 119.11 34.30
CA GLU I 660 91.52 119.15 35.24
C GLU I 660 92.82 119.33 34.51
N PHE I 661 92.94 118.79 33.27
CA PHE I 661 94.15 118.85 32.48
C PHE I 661 94.49 120.23 32.01
N ARG I 662 93.49 121.13 31.92
CA ARG I 662 93.69 122.50 31.55
C ARG I 662 94.24 123.28 32.72
N GLU I 663 93.76 123.00 33.94
CA GLU I 663 94.23 123.67 35.14
C GLU I 663 95.58 123.18 35.61
N PHE I 664 95.94 121.91 35.29
CA PHE I 664 97.30 121.39 35.39
C PHE I 664 98.27 122.14 34.53
N LEU I 665 97.81 122.56 33.32
CA LEU I 665 98.66 123.11 32.30
C LEU I 665 99.12 124.51 32.68
N LYS I 666 98.22 125.29 33.34
CA LYS I 666 98.47 126.66 33.74
C LYS I 666 99.47 126.80 34.84
N THR I 667 99.66 125.76 35.71
CA THR I 667 100.60 125.80 36.81
C THR I 667 102.01 125.66 36.29
N VAL I 668 102.23 124.70 35.37
CA VAL I 668 103.53 124.37 34.83
C VAL I 668 103.98 125.46 33.88
N ALA I 669 103.04 126.03 33.10
CA ALA I 669 103.31 127.07 32.13
C ALA I 669 103.69 128.38 32.76
N SER I 670 103.22 128.63 34.01
CA SER I 670 103.50 129.84 34.75
C SER I 670 104.92 129.82 35.27
N PHE I 671 105.43 128.62 35.64
CA PHE I 671 106.78 128.41 36.12
C PHE I 671 107.77 128.50 34.99
N GLN I 672 107.34 128.19 33.75
CA GLN I 672 108.18 128.24 32.58
C GLN I 672 108.48 129.66 32.18
N GLN I 673 107.52 130.58 32.42
CA GLN I 673 107.67 131.99 32.10
C GLN I 673 108.50 132.69 33.14
N ASP I 674 108.47 132.22 34.41
CA ASP I 674 109.16 132.83 35.52
C ASP I 674 110.63 132.59 35.43
N ARG I 675 111.03 131.39 34.97
CA ARG I 675 112.41 130.97 34.83
C ARG I 675 113.12 131.72 33.73
N SER I 676 112.36 132.08 32.65
CA SER I 676 112.85 132.87 31.54
C SER I 676 113.19 134.29 31.95
N GLU I 677 112.40 134.87 32.88
CA GLU I 677 112.60 136.20 33.42
C GLU I 677 113.70 136.21 34.45
N ASP I 678 113.96 135.04 35.10
CA ASP I 678 114.99 134.89 36.10
C ASP I 678 116.35 134.87 35.44
N ALA I 679 116.46 134.27 34.23
CA ALA I 679 117.69 134.18 33.50
C ALA I 679 118.09 135.48 32.87
N ARG I 680 117.11 136.37 32.60
CA ARG I 680 117.34 137.67 32.04
C ARG I 680 117.93 138.60 33.07
N ALA I 681 117.42 138.52 34.32
CA ALA I 681 117.85 139.39 35.39
C ALA I 681 119.18 138.97 35.95
N ASN I 682 119.48 137.65 35.99
CA ASN I 682 120.71 137.14 36.53
C ASN I 682 121.89 137.40 35.64
N ALA I 683 121.66 137.43 34.30
CA ALA I 683 122.69 137.70 33.32
C ALA I 683 123.11 139.15 33.32
N GLU I 684 122.16 140.05 33.66
CA GLU I 684 122.39 141.47 33.74
C GLU I 684 123.14 141.81 35.01
N LEU I 685 122.88 141.06 36.10
CA LEU I 685 123.54 141.20 37.37
C LEU I 685 124.98 140.73 37.30
N LEU I 686 125.32 139.82 36.35
CA LEU I 686 126.69 139.37 36.16
C LEU I 686 127.50 140.46 35.50
N LEU I 687 126.90 141.20 34.54
CA LEU I 687 127.53 142.29 33.83
C LEU I 687 127.86 143.44 34.76
N LYS I 688 126.97 143.70 35.75
CA LYS I 688 127.15 144.72 36.76
C LYS I 688 128.20 144.31 37.75
N GLY I 689 128.31 142.99 38.04
CA GLY I 689 129.30 142.45 38.96
C GLY I 689 130.70 142.61 38.46
N ASP I 690 130.92 142.50 37.13
CA ASP I 690 132.20 142.67 36.48
C ASP I 690 132.56 144.13 36.37
N GLU I 691 131.54 145.02 36.29
CA GLU I 691 131.71 146.45 36.17
C GLU I 691 132.14 147.03 37.50
N GLN I 692 131.56 146.53 38.61
CA GLN I 692 131.87 146.96 39.96
C GLN I 692 133.25 146.53 40.40
N THR I 693 133.74 145.37 39.89
CA THR I 693 135.07 144.88 40.19
C THR I 693 136.11 145.72 39.50
N HIS I 694 135.86 146.10 38.23
CA HIS I 694 136.76 146.89 37.43
C HIS I 694 136.87 148.31 37.92
N LYS I 695 135.79 148.85 38.54
CA LYS I 695 135.76 150.17 39.12
C LYS I 695 136.68 150.24 40.32
N GLN I 696 136.73 149.14 41.11
CA GLN I 696 137.61 148.99 42.24
C GLN I 696 139.04 148.89 41.79
N ARG I 697 139.36 148.05 40.75
CA ARG I 697 140.71 147.85 40.25
C ARG I 697 141.35 149.14 39.77
N MET I 698 140.55 150.01 39.12
CA MET I 698 140.97 151.29 38.59
C MET I 698 141.31 152.27 39.69
N ASP I 699 140.48 152.27 40.77
CA ASP I 699 140.59 153.18 41.88
C ASP I 699 141.72 152.81 42.81
N ILE I 700 141.95 151.49 43.03
CA ILE I 700 142.99 150.94 43.87
C ILE I 700 144.36 151.36 43.38
N ALA I 701 144.53 151.51 42.05
CA ALA I 701 145.77 151.95 41.45
C ALA I 701 146.17 153.33 41.91
N ASN I 702 145.22 154.29 41.91
CA ASN I 702 145.48 155.68 42.28
C ASN I 702 145.56 155.88 43.77
N ILE I 703 144.88 155.02 44.57
CA ILE I 703 144.91 155.04 46.01
C ILE I 703 146.29 154.65 46.49
N LEU I 704 146.91 153.64 45.85
CA LEU I 704 148.25 153.16 46.11
C LEU I 704 149.30 154.13 45.63
N GLN I 705 148.98 155.00 44.63
CA GLN I 705 149.86 156.05 44.17
C GLN I 705 149.90 157.17 45.17
N SER I 706 148.72 157.53 45.75
CA SER I 706 148.58 158.60 46.72
C SER I 706 149.23 158.23 48.03
N GLN I 707 149.35 156.91 48.33
CA GLN I 707 149.97 156.40 49.53
C GLN I 707 151.47 156.59 49.52
N ARG I 708 152.12 156.42 48.34
CA ARG I 708 153.54 156.57 48.19
C ARG I 708 153.95 158.01 48.09
N GLN I 709 153.06 158.88 47.56
CA GLN I 709 153.27 160.30 47.43
C GLN I 709 153.06 161.00 48.74
N ASN I 710 152.38 160.32 49.70
CA ASN I 710 152.14 160.83 51.03
C ASN I 710 153.39 160.71 51.85
N GLN I 711 154.33 159.81 51.45
CA GLN I 711 155.58 159.63 52.16
C GLN I 711 156.45 160.89 52.10
N PRO I 712 156.68 161.61 50.99
CA PRO I 712 157.27 162.93 51.04
C PRO I 712 156.39 164.01 51.65
N SER I 713 155.05 163.96 51.48
CA SER I 713 154.16 165.01 51.94
C SER I 713 154.04 165.05 53.44
N GLY I 714 153.94 163.86 54.07
CA GLY I 714 153.85 163.66 55.49
C GLY I 714 155.09 164.02 56.25
N SER I 715 156.25 164.16 55.55
CA SER I 715 157.52 164.54 56.12
C SER I 715 157.45 165.92 56.70
N VAL I 716 156.78 166.86 55.99
CA VAL I 716 156.55 168.23 56.41
C VAL I 716 155.67 168.24 57.63
N ALA I 717 154.48 167.61 57.54
CA ALA I 717 153.62 167.42 58.67
C ALA I 717 152.78 166.22 58.32
N GLU I 718 152.66 165.26 59.28
CA GLU I 718 151.93 164.02 59.13
C GLU I 718 150.47 164.25 58.88
N THR I 719 149.84 163.37 58.05
CA THR I 719 148.42 163.39 57.86
C THR I 719 147.95 161.97 57.57
N PRO I 720 146.83 161.48 58.09
CA PRO I 720 146.33 160.13 57.79
C PRO I 720 145.74 160.04 56.41
N GLN I 721 146.01 158.92 55.69
CA GLN I 721 145.42 158.66 54.39
C GLN I 721 144.24 157.71 54.59
N GLU J 1 -30.17 54.32 -14.20
CA GLU J 1 -31.34 54.99 -13.56
C GLU J 1 -32.30 53.96 -13.05
N ASN J 2 -33.55 54.40 -12.75
CA ASN J 2 -34.63 53.56 -12.30
C ASN J 2 -35.88 54.31 -12.64
N ARG J 3 -37.04 53.62 -12.57
CA ARG J 3 -38.36 54.17 -12.80
C ARG J 3 -38.71 55.19 -11.74
N LEU J 4 -39.52 56.21 -12.13
CA LEU J 4 -39.93 57.33 -11.31
C LEU J 4 -40.68 56.93 -10.06
N GLU J 5 -40.51 57.77 -9.00
CA GLU J 5 -40.99 57.60 -7.65
C GLU J 5 -40.20 56.56 -6.91
N SER J 6 -39.51 56.98 -5.82
CA SER J 6 -38.47 56.25 -5.13
C SER J 6 -38.83 54.86 -4.61
N ILE J 7 -40.11 54.61 -4.25
CA ILE J 7 -40.58 53.30 -3.84
C ILE J 7 -40.54 52.29 -4.97
N LEU J 8 -40.89 52.72 -6.20
CA LEU J 8 -40.89 51.93 -7.40
C LEU J 8 -39.49 51.73 -7.92
N SER J 9 -38.54 52.65 -7.59
CA SER J 9 -37.15 52.54 -8.01
C SER J 9 -36.48 51.33 -7.42
N ARG J 10 -36.88 50.99 -6.17
CA ARG J 10 -36.36 49.87 -5.43
C ARG J 10 -36.95 48.57 -5.89
N PHE J 11 -38.26 48.57 -6.27
CA PHE J 11 -38.93 47.42 -6.84
C PHE J 11 -38.47 47.12 -8.24
N ASP J 12 -38.08 48.16 -9.01
CA ASP J 12 -37.50 48.05 -10.33
C ASP J 12 -36.18 47.33 -10.30
N ALA J 13 -35.35 47.66 -9.27
CA ALA J 13 -34.11 47.02 -8.98
C ALA J 13 -34.26 45.66 -8.34
N ASP J 14 -35.44 45.35 -7.77
CA ASP J 14 -35.77 44.07 -7.18
C ASP J 14 -35.96 43.06 -8.28
N TRP J 15 -36.66 43.45 -9.36
CA TRP J 15 -36.93 42.64 -10.54
C TRP J 15 -35.68 42.27 -11.28
N THR J 16 -34.69 43.21 -11.32
CA THR J 16 -33.37 43.03 -11.87
C THR J 16 -32.62 41.90 -11.20
N ALA J 17 -32.70 41.87 -9.85
CA ALA J 17 -31.97 40.95 -9.02
C ALA J 17 -32.78 39.73 -8.67
N SER J 18 -34.02 39.59 -9.22
CA SER J 18 -34.90 38.48 -8.96
C SER J 18 -34.33 37.14 -9.39
N ASP J 19 -33.44 37.13 -10.42
CA ASP J 19 -32.80 35.91 -10.86
C ASP J 19 -31.71 35.45 -9.92
N GLU J 20 -31.17 36.37 -9.07
CA GLU J 20 -30.26 36.05 -8.00
C GLU J 20 -31.01 35.52 -6.81
N ALA J 21 -32.28 35.95 -6.64
CA ALA J 21 -33.15 35.61 -5.54
C ALA J 21 -33.56 34.16 -5.58
N ARG J 22 -33.73 33.62 -6.81
CA ARG J 22 -34.25 32.30 -7.03
C ARG J 22 -33.13 31.34 -7.31
N ARG J 23 -32.48 31.47 -8.49
CA ARG J 23 -31.56 30.48 -9.00
C ARG J 23 -30.25 30.45 -8.24
N GLU J 24 -29.61 31.63 -8.05
CA GLU J 24 -28.30 31.72 -7.46
C GLU J 24 -28.33 31.46 -5.98
N ALA J 25 -29.34 32.00 -5.27
CA ALA J 25 -29.49 31.87 -3.83
C ALA J 25 -29.73 30.45 -3.41
N LYS J 26 -30.47 29.67 -4.24
CA LYS J 26 -30.80 28.28 -3.99
C LYS J 26 -29.55 27.42 -4.03
N ASN J 27 -28.61 27.74 -4.95
CA ASN J 27 -27.36 27.03 -5.07
C ASN J 27 -26.47 27.30 -3.88
N ASP J 28 -26.32 28.60 -3.49
CA ASP J 28 -25.44 29.05 -2.43
C ASP J 28 -25.75 28.45 -1.09
N LEU J 29 -27.04 28.49 -0.66
CA LEU J 29 -27.52 27.96 0.61
C LEU J 29 -27.32 26.48 0.76
N PHE J 30 -27.30 25.73 -0.37
CA PHE J 30 -27.09 24.32 -0.38
C PHE J 30 -25.62 24.00 -0.23
N PHE J 31 -24.72 24.90 -0.69
CA PHE J 31 -23.29 24.69 -0.64
C PHE J 31 -22.74 24.97 0.73
N SER J 32 -23.44 25.83 1.51
CA SER J 32 -23.22 26.01 2.93
C SER J 32 -23.52 24.75 3.71
N ARG J 33 -24.45 23.92 3.18
CA ARG J 33 -24.87 22.70 3.82
C ARG J 33 -24.11 21.48 3.32
N VAL J 34 -23.26 21.62 2.27
CA VAL J 34 -22.33 20.56 1.86
C VAL J 34 -21.31 20.34 2.95
N SER J 35 -20.88 21.42 3.64
CA SER J 35 -19.93 21.33 4.72
C SER J 35 -20.66 21.22 6.03
N GLN J 36 -21.28 22.33 6.51
CA GLN J 36 -22.02 22.38 7.76
C GLN J 36 -23.27 21.55 7.68
N TRP J 37 -23.77 21.04 8.83
CA TRP J 37 -24.94 20.19 8.93
C TRP J 37 -24.79 18.95 8.06
N ASP J 38 -25.82 18.60 7.25
CA ASP J 38 -25.84 17.41 6.43
C ASP J 38 -25.99 17.86 5.01
N ASP J 39 -25.21 17.26 4.08
CA ASP J 39 -25.27 17.51 2.65
C ASP J 39 -26.60 17.03 2.10
N TRP J 40 -27.02 15.82 2.52
CA TRP J 40 -28.24 15.18 2.12
C TRP J 40 -29.48 15.98 2.47
N LEU J 41 -30.51 15.81 1.62
CA LEU J 41 -31.75 16.54 1.68
C LEU J 41 -32.78 15.55 1.21
N SER J 42 -34.04 15.72 1.67
CA SER J 42 -35.21 14.95 1.33
C SER J 42 -35.34 13.77 2.27
N GLN J 43 -34.79 13.89 3.49
CA GLN J 43 -34.96 12.91 4.53
C GLN J 43 -34.67 13.58 5.83
N TYR J 44 -35.16 12.98 6.94
CA TYR J 44 -35.01 13.51 8.27
C TYR J 44 -35.11 12.29 9.16
N THR J 45 -34.26 11.28 8.86
CA THR J 45 -34.38 9.88 9.24
C THR J 45 -35.43 9.24 8.39
N THR J 46 -35.00 8.32 7.51
CA THR J 46 -35.86 7.49 6.69
C THR J 46 -35.32 6.09 6.80
N LEU J 47 -36.05 5.14 6.18
CA LEU J 47 -35.80 3.72 6.27
C LEU J 47 -34.93 3.28 5.12
N GLN J 48 -34.44 4.25 4.31
CA GLN J 48 -33.49 4.01 3.27
C GLN J 48 -32.20 4.52 3.81
N TYR J 49 -31.26 3.58 4.04
CA TYR J 49 -29.95 3.83 4.59
C TYR J 49 -29.14 4.71 3.67
N ARG J 50 -28.38 5.66 4.27
CA ARG J 50 -27.54 6.59 3.57
C ARG J 50 -26.32 6.67 4.43
N GLY J 51 -25.14 6.51 3.80
CA GLY J 51 -23.85 6.47 4.45
C GLY J 51 -23.35 7.85 4.65
N GLN J 52 -22.18 7.99 5.31
CA GLN J 52 -21.50 9.24 5.36
C GLN J 52 -20.04 8.99 5.44
N PHE J 53 -19.26 9.63 4.53
CA PHE J 53 -17.84 9.74 4.60
C PHE J 53 -17.60 11.16 5.01
N ASP J 54 -18.07 12.11 4.16
CA ASP J 54 -17.86 13.53 4.25
C ASP J 54 -16.41 13.90 4.21
N VAL J 55 -15.79 13.60 3.05
CA VAL J 55 -14.42 13.89 2.68
C VAL J 55 -14.24 15.36 2.33
N VAL J 56 -15.34 16.15 2.25
CA VAL J 56 -15.34 17.57 2.00
C VAL J 56 -14.70 18.28 3.17
N ARG J 57 -15.02 17.86 4.42
CA ARG J 57 -14.55 18.55 5.62
C ARG J 57 -13.05 18.66 5.75
N PRO J 58 -12.14 17.70 5.53
CA PRO J 58 -10.70 17.92 5.59
C PRO J 58 -10.18 18.99 4.65
N VAL J 59 -10.82 19.19 3.48
CA VAL J 59 -10.42 20.17 2.50
C VAL J 59 -10.86 21.53 2.95
N VAL J 60 -12.10 21.67 3.46
CA VAL J 60 -12.69 22.92 3.87
C VAL J 60 -12.08 23.41 5.15
N ARG J 61 -11.88 22.51 6.15
CA ARG J 61 -11.27 22.82 7.42
C ARG J 61 -9.85 23.29 7.26
N LYS J 62 -9.13 22.81 6.21
CA LYS J 62 -7.77 23.24 5.94
C LYS J 62 -7.75 24.61 5.32
N LEU J 63 -8.64 24.88 4.33
CA LEU J 63 -8.66 26.13 3.59
C LEU J 63 -9.14 27.29 4.42
N VAL J 64 -10.14 27.07 5.30
CA VAL J 64 -10.70 28.07 6.19
C VAL J 64 -9.67 28.44 7.21
N SER J 65 -8.96 27.44 7.79
CA SER J 65 -7.93 27.61 8.80
C SER J 65 -6.73 28.37 8.29
N GLU J 66 -6.41 28.23 6.98
CA GLU J 66 -5.31 28.90 6.35
C GLU J 66 -5.59 30.37 6.19
N MET J 67 -6.88 30.77 6.00
CA MET J 67 -7.25 32.17 5.92
C MET J 67 -7.39 32.81 7.27
N ARG J 68 -7.52 32.02 8.38
CA ARG J 68 -7.56 32.54 9.73
C ARG J 68 -6.20 33.03 10.15
N GLN J 69 -5.12 32.37 9.66
CA GLN J 69 -3.76 32.69 10.00
C GLN J 69 -3.14 33.61 8.98
N ASN J 70 -3.94 34.06 7.96
CA ASN J 70 -3.53 35.07 7.02
C ASN J 70 -4.17 36.35 7.52
N PRO J 71 -3.44 37.35 8.03
CA PRO J 71 -4.04 38.52 8.64
C PRO J 71 -4.50 39.48 7.58
N ILE J 72 -5.67 40.12 7.79
CA ILE J 72 -6.29 41.01 6.85
C ILE J 72 -7.01 42.03 7.70
N ASP J 73 -7.12 43.27 7.14
CA ASP J 73 -7.94 44.36 7.59
C ASP J 73 -7.09 45.29 8.40
N VAL J 74 -7.06 46.59 7.99
CA VAL J 74 -6.37 47.71 8.61
C VAL J 74 -4.90 47.62 8.31
N LEU J 75 -4.39 48.53 7.44
CA LEU J 75 -2.99 48.89 7.51
C LEU J 75 -2.82 50.29 6.99
N TYR J 76 -3.74 50.76 6.10
CA TYR J 76 -3.68 52.01 5.34
C TYR J 76 -2.31 52.24 4.70
N ARG J 77 -1.93 53.53 4.47
CA ARG J 77 -0.69 53.98 3.90
C ARG J 77 -1.02 55.40 3.52
N PRO J 78 -0.30 56.44 3.94
CA PRO J 78 -0.47 57.82 3.49
C PRO J 78 -0.63 58.05 2.01
N LYS J 79 -1.53 58.99 1.62
CA LYS J 79 -1.78 59.41 0.27
C LYS J 79 -0.59 60.20 -0.22
N ASP J 80 -0.24 60.08 -1.52
CA ASP J 80 0.79 60.88 -2.14
C ASP J 80 0.36 62.32 -2.23
N GLY J 81 1.26 63.26 -1.87
CA GLY J 81 0.96 64.67 -1.81
C GLY J 81 0.15 65.01 -0.59
N ALA J 82 0.50 64.38 0.56
CA ALA J 82 -0.20 64.59 1.80
C ALA J 82 0.77 64.26 2.90
N ARG J 83 0.35 64.54 4.16
CA ARG J 83 1.12 64.32 5.37
C ARG J 83 1.50 62.85 5.52
N PRO J 84 2.70 62.50 6.00
CA PRO J 84 3.11 61.13 6.23
C PRO J 84 2.53 60.58 7.50
N ASP J 85 1.84 61.42 8.30
CA ASP J 85 1.30 61.05 9.59
C ASP J 85 -0.18 60.72 9.42
N ALA J 86 -0.66 60.70 8.15
CA ALA J 86 -2.05 60.54 7.79
C ALA J 86 -2.73 59.29 8.26
N ALA J 87 -1.99 58.15 8.33
CA ALA J 87 -2.58 56.85 8.55
C ALA J 87 -2.90 56.58 10.00
N ASP J 88 -2.13 57.15 10.96
CA ASP J 88 -2.28 56.83 12.37
C ASP J 88 -3.56 57.35 12.96
N VAL J 89 -4.17 58.40 12.33
CA VAL J 89 -5.42 58.96 12.75
C VAL J 89 -6.53 57.99 12.46
N LEU J 90 -6.50 57.37 11.27
CA LEU J 90 -7.52 56.44 10.82
C LEU J 90 -7.44 55.12 11.53
N MET J 91 -6.20 54.61 11.77
CA MET J 91 -5.94 53.36 12.44
C MET J 91 -6.23 53.44 13.91
N GLY J 92 -5.96 54.62 14.54
CA GLY J 92 -6.16 54.83 15.95
C GLY J 92 -7.62 54.85 16.33
N MET J 93 -8.48 55.34 15.41
CA MET J 93 -9.91 55.39 15.64
C MET J 93 -10.56 54.09 15.24
N TYR J 94 -9.87 53.24 14.45
CA TYR J 94 -10.42 51.97 13.99
C TYR J 94 -10.28 50.91 15.06
N ARG J 95 -9.12 50.87 15.71
CA ARG J 95 -8.76 49.79 16.60
C ARG J 95 -9.34 49.94 17.99
N THR J 96 -9.79 51.15 18.36
CA THR J 96 -10.35 51.43 19.66
C THR J 96 -11.79 50.98 19.78
N ASP J 97 -12.64 51.24 18.76
CA ASP J 97 -14.05 50.89 18.80
C ASP J 97 -14.30 49.50 18.26
N MET J 98 -13.29 48.87 17.62
CA MET J 98 -13.34 47.48 17.20
C MET J 98 -12.77 46.58 18.28
N ARG J 99 -12.54 47.13 19.50
CA ARG J 99 -12.12 46.43 20.69
C ARG J 99 -13.07 45.29 21.01
N HIS J 100 -14.40 45.55 20.88
CA HIS J 100 -15.42 44.55 21.09
C HIS J 100 -15.28 43.45 20.07
N ASN J 101 -15.51 42.20 20.54
CA ASN J 101 -15.27 40.97 19.79
C ASN J 101 -16.30 40.72 18.73
N THR J 102 -17.39 41.53 18.67
CA THR J 102 -18.45 41.44 17.68
C THR J 102 -17.94 41.78 16.28
N ALA J 103 -16.79 42.50 16.21
CA ALA J 103 -16.11 42.84 14.99
C ALA J 103 -15.35 41.66 14.44
N LYS J 104 -14.72 40.86 15.34
CA LYS J 104 -13.87 39.75 14.99
C LYS J 104 -14.66 38.54 14.55
N ILE J 105 -15.96 38.46 14.96
CA ILE J 105 -16.89 37.42 14.55
C ILE J 105 -17.16 37.56 13.07
N ALA J 106 -17.33 38.82 12.59
CA ALA J 106 -17.62 39.14 11.22
C ALA J 106 -16.48 38.82 10.28
N VAL J 107 -15.22 38.81 10.78
CA VAL J 107 -14.04 38.46 10.03
C VAL J 107 -14.02 36.96 9.82
N ASN J 108 -14.36 36.17 10.86
CA ASN J 108 -14.39 34.72 10.81
C ASN J 108 -15.48 34.20 9.89
N ILE J 109 -16.65 34.88 9.83
CA ILE J 109 -17.74 34.55 8.92
C ILE J 109 -17.34 34.82 7.48
N ALA J 110 -16.56 35.89 7.25
CA ALA J 110 -16.20 36.33 5.92
C ALA J 110 -15.36 35.31 5.20
N VAL J 111 -14.30 34.79 5.85
CA VAL J 111 -13.38 33.86 5.25
C VAL J 111 -13.94 32.46 5.17
N ARG J 112 -14.85 32.08 6.09
CA ARG J 112 -15.37 30.73 6.15
C ARG J 112 -16.44 30.47 5.13
N GLU J 113 -17.40 31.40 5.00
CA GLU J 113 -18.56 31.24 4.14
C GLU J 113 -18.23 31.55 2.71
N GLN J 114 -17.09 32.23 2.45
CA GLN J 114 -16.60 32.51 1.13
C GLN J 114 -16.17 31.23 0.43
N ILE J 115 -15.57 30.31 1.22
CA ILE J 115 -15.08 29.04 0.75
C ILE J 115 -16.23 28.09 0.61
N GLU J 116 -17.16 28.06 1.60
CA GLU J 116 -18.23 27.09 1.63
C GLU J 116 -19.35 27.48 0.69
N ALA J 117 -20.11 28.53 1.04
CA ALA J 117 -21.29 28.95 0.32
C ALA J 117 -21.02 29.76 -0.92
N GLY J 118 -19.82 30.37 -1.01
CA GLY J 118 -19.45 31.22 -2.11
C GLY J 118 -19.68 32.68 -1.82
N VAL J 119 -20.36 33.04 -0.69
CA VAL J 119 -20.56 34.42 -0.31
C VAL J 119 -20.43 34.52 1.19
N GLY J 120 -20.11 35.74 1.68
CA GLY J 120 -20.11 36.09 3.08
C GLY J 120 -20.29 37.58 3.12
N ALA J 121 -20.81 38.14 4.24
CA ALA J 121 -21.13 39.55 4.31
C ALA J 121 -20.79 40.07 5.68
N TRP J 122 -20.60 41.41 5.79
CA TRP J 122 -20.45 42.09 7.05
C TRP J 122 -20.86 43.52 6.82
N ARG J 123 -21.26 44.24 7.90
CA ARG J 123 -21.76 45.59 7.79
C ARG J 123 -21.08 46.46 8.79
N LEU J 124 -20.98 47.77 8.46
CA LEU J 124 -20.49 48.81 9.33
C LEU J 124 -21.68 49.65 9.67
N VAL J 125 -21.92 49.88 10.98
CA VAL J 125 -23.04 50.68 11.46
C VAL J 125 -22.44 51.70 12.38
N THR J 126 -23.28 52.65 12.84
CA THR J 126 -22.88 53.72 13.73
C THR J 126 -23.95 53.76 14.79
N ASP J 127 -23.52 53.76 16.08
CA ASP J 127 -24.42 53.78 17.21
C ASP J 127 -23.77 54.60 18.29
N TYR J 128 -24.45 54.70 19.45
CA TYR J 128 -24.05 55.49 20.58
C TYR J 128 -23.62 54.54 21.65
N GLU J 129 -22.31 54.53 21.96
CA GLU J 129 -21.74 53.71 23.00
C GLU J 129 -20.71 54.57 23.67
N ASP J 130 -20.33 54.21 24.91
CA ASP J 130 -19.34 54.89 25.69
C ASP J 130 -18.64 53.85 26.51
N GLN J 131 -18.64 52.58 26.01
CA GLN J 131 -17.94 51.48 26.60
C GLN J 131 -16.68 51.22 25.82
N SER J 132 -16.50 51.94 24.69
CA SER J 132 -15.26 52.01 23.96
C SER J 132 -15.34 53.31 23.21
N PRO J 133 -15.31 54.48 23.87
CA PRO J 133 -15.69 55.74 23.27
C PRO J 133 -14.63 56.25 22.34
N THR J 134 -15.06 56.94 21.25
CA THR J 134 -14.21 57.66 20.34
C THR J 134 -14.88 59.02 20.25
N SER J 135 -14.27 59.95 19.47
CA SER J 135 -14.65 61.35 19.41
C SER J 135 -16.10 61.62 19.11
N ASN J 136 -16.63 62.69 19.75
CA ASN J 136 -18.00 63.17 19.71
C ASN J 136 -18.98 62.14 20.26
N ASN J 137 -18.47 61.18 21.08
CA ASN J 137 -19.21 60.12 21.75
C ASN J 137 -19.97 59.24 20.77
N GLN J 138 -19.45 59.11 19.52
CA GLN J 138 -20.04 58.30 18.48
C GLN J 138 -18.99 57.30 18.15
N VAL J 139 -19.39 56.04 17.88
CA VAL J 139 -18.50 54.96 17.58
C VAL J 139 -19.01 54.34 16.31
N ILE J 140 -18.13 53.58 15.62
CA ILE J 140 -18.47 52.85 14.43
C ILE J 140 -18.12 51.42 14.74
N ARG J 141 -19.11 50.51 14.57
CA ARG J 141 -18.98 49.13 14.94
C ARG J 141 -19.14 48.31 13.69
N ARG J 142 -18.43 47.16 13.62
CA ARG J 142 -18.60 46.18 12.58
C ARG J 142 -19.47 45.12 13.18
N GLU J 143 -20.59 44.79 12.50
CA GLU J 143 -21.56 43.84 12.99
C GLU J 143 -21.59 42.69 12.02
N PRO J 144 -21.80 41.45 12.49
CA PRO J 144 -21.79 40.26 11.65
C PRO J 144 -23.07 40.14 10.86
N ILE J 145 -22.98 39.52 9.67
CA ILE J 145 -24.11 39.17 8.84
C ILE J 145 -23.74 37.77 8.45
N HIS J 146 -24.68 36.84 8.65
CA HIS J 146 -24.46 35.44 8.38
C HIS J 146 -25.73 34.98 7.73
N SER J 147 -25.60 33.96 6.85
CA SER J 147 -26.62 33.39 6.02
C SER J 147 -26.73 34.22 4.78
N ALA J 148 -25.59 34.82 4.35
CA ALA J 148 -25.44 35.64 3.16
C ALA J 148 -25.81 34.87 1.91
N CYS J 149 -25.62 33.53 1.99
CA CYS J 149 -26.04 32.52 1.05
C CYS J 149 -27.51 32.56 0.71
N SER J 150 -28.37 32.56 1.75
CA SER J 150 -29.81 32.63 1.63
C SER J 150 -30.27 34.05 1.41
N HIS J 151 -29.37 35.04 1.58
CA HIS J 151 -29.72 36.45 1.57
C HIS J 151 -29.41 37.12 0.26
N VAL J 152 -29.11 36.37 -0.83
CA VAL J 152 -28.70 36.99 -2.08
C VAL J 152 -29.94 37.53 -2.75
N ILE J 153 -29.99 38.87 -2.90
CA ILE J 153 -30.95 39.58 -3.70
C ILE J 153 -30.22 40.78 -4.25
N TRP J 154 -28.87 40.69 -4.37
CA TRP J 154 -28.07 41.79 -4.82
C TRP J 154 -27.70 41.49 -6.24
N ASP J 155 -28.00 42.44 -7.15
CA ASP J 155 -27.47 42.49 -8.48
C ASP J 155 -27.57 43.94 -8.85
N SER J 156 -26.76 44.38 -9.83
CA SER J 156 -26.80 45.73 -10.35
C SER J 156 -26.09 45.76 -11.66
N ASN J 157 -25.59 44.59 -12.13
CA ASN J 157 -24.75 44.42 -13.31
C ASN J 157 -23.43 45.14 -13.10
N SER J 158 -22.83 44.95 -11.90
CA SER J 158 -21.55 45.52 -11.54
C SER J 158 -20.54 44.42 -11.68
N LYS J 159 -19.38 44.78 -12.27
CA LYS J 159 -18.33 43.86 -12.63
C LYS J 159 -17.28 43.86 -11.54
N LEU J 160 -17.56 44.53 -10.41
CA LEU J 160 -16.69 44.58 -9.26
C LEU J 160 -17.34 43.80 -8.15
N MET J 161 -16.53 43.42 -7.15
CA MET J 161 -16.93 42.55 -6.06
C MET J 161 -17.04 43.35 -4.78
N ASP J 162 -16.65 44.65 -4.80
CA ASP J 162 -16.75 45.52 -3.66
C ASP J 162 -18.18 45.85 -3.28
N LYS J 163 -19.04 46.07 -4.30
CA LYS J 163 -20.44 46.41 -4.19
C LYS J 163 -20.60 47.75 -3.51
N SER J 164 -19.73 48.71 -3.91
CA SER J 164 -19.76 50.08 -3.45
C SER J 164 -19.99 50.95 -4.66
N ASP J 165 -20.06 50.33 -5.87
CA ASP J 165 -20.34 50.98 -7.12
C ASP J 165 -21.74 50.62 -7.54
N ALA J 166 -22.42 49.78 -6.73
CA ALA J 166 -23.74 49.27 -6.97
C ALA J 166 -24.73 50.28 -6.47
N ARG J 167 -26.02 50.14 -6.85
CA ARG J 167 -27.05 51.07 -6.46
C ARG J 167 -28.39 50.42 -6.65
N HIS J 168 -28.40 49.16 -7.15
CA HIS J 168 -29.60 48.39 -7.36
C HIS J 168 -29.54 47.19 -6.47
N CYS J 169 -28.52 47.14 -5.59
CA CYS J 169 -28.29 46.06 -4.66
C CYS J 169 -29.16 46.27 -3.44
N THR J 170 -29.41 45.15 -2.73
CA THR J 170 -30.15 45.16 -1.51
C THR J 170 -29.71 43.90 -0.81
N VAL J 171 -29.93 43.82 0.52
CA VAL J 171 -29.61 42.69 1.35
C VAL J 171 -30.86 42.41 2.11
N ILE J 172 -30.98 41.21 2.70
CA ILE J 172 -32.15 40.80 3.43
C ILE J 172 -31.63 40.12 4.67
N HIS J 173 -32.37 40.26 5.79
CA HIS J 173 -32.00 39.67 7.05
C HIS J 173 -33.19 38.88 7.52
N SER J 174 -32.94 37.64 7.99
CA SER J 174 -33.94 36.74 8.52
C SER J 174 -33.68 36.69 10.00
N MET J 175 -34.75 36.87 10.80
CA MET J 175 -34.63 37.07 12.22
C MET J 175 -35.90 36.59 12.87
N SER J 176 -35.84 36.39 14.20
CA SER J 176 -36.93 35.94 15.03
C SER J 176 -37.78 37.13 15.40
N GLN J 177 -38.84 36.89 16.21
CA GLN J 177 -39.77 37.90 16.66
C GLN J 177 -39.09 38.84 17.62
N ASN J 178 -38.19 38.32 18.48
CA ASN J 178 -37.39 39.10 19.40
C ASN J 178 -36.40 39.96 18.66
N GLY J 179 -35.80 39.40 17.57
CA GLY J 179 -34.85 40.10 16.75
C GLY J 179 -35.45 41.21 15.92
N TRP J 180 -36.75 41.12 15.57
CA TRP J 180 -37.48 42.12 14.83
C TRP J 180 -37.76 43.31 15.69
N GLU J 181 -37.96 43.11 17.00
CA GLU J 181 -38.22 44.15 17.95
C GLU J 181 -37.00 44.97 18.23
N ASP J 182 -35.79 44.34 18.25
CA ASP J 182 -34.53 45.04 18.43
C ASP J 182 -34.08 45.75 17.18
N PHE J 183 -34.52 45.26 16.00
CA PHE J 183 -34.22 45.85 14.71
C PHE J 183 -35.06 47.10 14.52
N ALA J 184 -36.20 47.17 15.24
CA ALA J 184 -37.14 48.26 15.17
C ALA J 184 -36.74 49.42 16.02
N GLU J 185 -35.86 49.21 17.05
CA GLU J 185 -35.46 50.27 17.95
C GLU J 185 -34.58 51.27 17.25
N LYS J 186 -33.57 50.75 16.52
CA LYS J 186 -32.52 51.53 15.92
C LYS J 186 -32.96 52.25 14.67
N TYR J 187 -33.71 51.53 13.79
CA TYR J 187 -34.04 52.00 12.47
C TYR J 187 -35.39 52.66 12.41
N ASP J 188 -36.05 52.86 13.59
CA ASP J 188 -37.28 53.60 13.75
C ASP J 188 -38.42 52.96 12.99
N LEU J 189 -38.71 51.68 13.33
CA LEU J 189 -39.72 50.88 12.69
C LEU J 189 -40.67 50.46 13.78
N ASP J 190 -41.71 49.69 13.39
CA ASP J 190 -42.70 49.17 14.32
C ASP J 190 -42.14 47.90 14.91
N ALA J 191 -42.36 47.71 16.23
CA ALA J 191 -41.85 46.60 17.02
C ALA J 191 -42.43 45.29 16.56
N ASP J 192 -43.75 45.28 16.27
CA ASP J 192 -44.45 44.15 15.73
C ASP J 192 -45.08 44.67 14.47
N ASP J 193 -45.05 43.84 13.41
CA ASP J 193 -45.51 44.20 12.10
C ASP J 193 -45.46 42.90 11.34
N ILE J 194 -44.33 42.16 11.49
CA ILE J 194 -44.01 40.94 10.79
C ILE J 194 -43.98 41.14 9.27
N PRO J 195 -43.07 41.93 8.71
CA PRO J 195 -42.92 42.07 7.26
C PRO J 195 -42.42 40.79 6.64
N SER J 196 -42.63 40.64 5.31
CA SER J 196 -42.18 39.50 4.56
C SER J 196 -41.83 40.04 3.21
N PHE J 197 -40.64 39.65 2.68
CA PHE J 197 -40.16 40.05 1.39
C PHE J 197 -40.62 39.04 0.36
N GLN J 198 -39.78 38.75 -0.67
CA GLN J 198 -40.16 37.88 -1.77
C GLN J 198 -39.65 36.48 -1.56
N ASN J 199 -39.01 36.23 -0.39
CA ASN J 199 -38.51 34.94 0.04
C ASN J 199 -37.38 34.43 -0.86
N PRO J 200 -36.19 35.05 -0.89
CA PRO J 200 -35.03 34.50 -1.55
C PRO J 200 -34.39 33.43 -0.69
N ASN J 201 -34.84 33.30 0.57
CA ASN J 201 -34.28 32.45 1.59
C ASN J 201 -34.74 31.05 1.34
N ASP J 202 -34.19 30.09 2.12
CA ASP J 202 -34.43 28.67 1.98
C ASP J 202 -35.90 28.36 2.11
N TRP J 203 -36.35 27.44 1.23
CA TRP J 203 -37.71 26.97 1.18
C TRP J 203 -37.73 25.56 1.72
N VAL J 204 -36.53 25.03 2.08
CA VAL J 204 -36.34 23.70 2.58
C VAL J 204 -36.74 23.64 4.03
N PHE J 205 -36.26 24.62 4.83
CA PHE J 205 -36.46 24.73 6.26
C PHE J 205 -36.07 23.49 7.04
N PRO J 206 -34.81 23.04 7.04
CA PRO J 206 -34.37 21.91 7.86
C PRO J 206 -34.26 22.29 9.31
N TRP J 207 -34.40 23.59 9.64
CA TRP J 207 -34.37 24.10 10.98
C TRP J 207 -35.52 25.06 11.07
N LEU J 208 -35.87 25.46 12.32
CA LEU J 208 -37.02 26.30 12.59
C LEU J 208 -36.61 27.31 13.61
N THR J 209 -37.40 28.40 13.70
CA THR J 209 -37.26 29.48 14.65
C THR J 209 -38.67 29.77 15.10
N GLN J 210 -38.83 30.74 16.05
CA GLN J 210 -40.11 31.21 16.54
C GLN J 210 -40.94 31.79 15.42
N ASP J 211 -40.31 32.65 14.60
CA ASP J 211 -40.92 33.23 13.43
C ASP J 211 -39.78 33.51 12.50
N THR J 212 -40.06 33.53 11.18
CA THR J 212 -39.11 33.91 10.17
C THR J 212 -39.68 35.20 9.66
N ILE J 213 -38.93 36.30 9.93
CA ILE J 213 -39.37 37.65 9.65
C ILE J 213 -38.31 38.18 8.75
N GLN J 214 -38.71 38.54 7.51
CA GLN J 214 -37.80 38.98 6.49
C GLN J 214 -37.99 40.44 6.31
N ILE J 215 -36.87 41.19 6.23
CA ILE J 215 -36.90 42.60 5.98
C ILE J 215 -35.67 42.89 5.15
N ALA J 216 -35.82 43.78 4.14
CA ALA J 216 -34.80 44.06 3.16
C ALA J 216 -34.30 45.46 3.37
N GLU J 217 -32.95 45.62 3.41
CA GLU J 217 -32.30 46.91 3.51
C GLU J 217 -31.77 47.22 2.15
N PHE J 218 -32.34 48.27 1.50
CA PHE J 218 -32.01 48.67 0.16
C PHE J 218 -30.98 49.76 0.27
N TYR J 219 -29.99 49.76 -0.66
CA TYR J 219 -28.92 50.72 -0.67
C TYR J 219 -28.88 51.27 -2.06
N GLU J 220 -29.03 52.61 -2.16
CA GLU J 220 -29.06 53.34 -3.41
C GLU J 220 -28.00 54.40 -3.30
N VAL J 221 -27.59 54.95 -4.46
CA VAL J 221 -26.53 55.92 -4.57
C VAL J 221 -27.14 57.08 -5.32
N VAL J 222 -26.96 58.31 -4.78
CA VAL J 222 -27.42 59.54 -5.39
C VAL J 222 -26.17 60.39 -5.41
N GLU J 223 -25.93 61.12 -6.54
CA GLU J 223 -24.72 61.88 -6.77
C GLU J 223 -24.52 63.03 -5.82
N LYS J 224 -25.60 63.81 -5.53
CA LYS J 224 -25.65 64.82 -4.49
C LYS J 224 -24.57 65.87 -4.56
N LYS J 225 -24.61 66.72 -5.62
CA LYS J 225 -23.75 67.88 -5.82
C LYS J 225 -23.83 68.82 -4.63
N GLU J 226 -22.67 69.39 -4.23
CA GLU J 226 -22.56 70.31 -3.14
C GLU J 226 -21.64 71.41 -3.59
N THR J 227 -21.69 72.57 -2.89
CA THR J 227 -20.91 73.73 -3.26
C THR J 227 -20.80 74.57 -2.02
N ALA J 228 -19.84 75.53 -2.01
CA ALA J 228 -19.65 76.54 -0.99
C ALA J 228 -19.27 75.95 0.35
N PHE J 229 -19.63 76.63 1.46
CA PHE J 229 -19.35 76.24 2.82
C PHE J 229 -17.86 76.19 3.07
N ILE J 230 -17.19 77.36 2.92
CA ILE J 230 -15.76 77.50 3.10
C ILE J 230 -15.64 78.37 4.31
N TYR J 231 -14.69 78.04 5.22
CA TYR J 231 -14.60 78.69 6.50
C TYR J 231 -13.14 78.81 6.84
N GLN J 232 -12.79 79.94 7.50
CA GLN J 232 -11.47 80.26 7.97
C GLN J 232 -11.05 79.36 9.10
N ASP J 233 -12.00 79.16 10.06
CA ASP J 233 -11.89 78.41 11.28
C ASP J 233 -11.24 79.28 12.33
N PRO J 234 -11.77 79.49 13.53
CA PRO J 234 -11.08 80.15 14.63
C PRO J 234 -10.05 79.22 15.24
N VAL J 235 -10.03 77.94 14.81
CA VAL J 235 -9.15 76.91 15.30
C VAL J 235 -7.91 77.04 14.46
N THR J 236 -6.72 76.94 15.11
CA THR J 236 -5.43 77.09 14.50
C THR J 236 -5.20 76.07 13.42
N GLY J 237 -4.46 76.48 12.36
CA GLY J 237 -4.07 75.64 11.25
C GLY J 237 -5.21 75.33 10.33
N GLU J 238 -4.85 74.66 9.21
CA GLU J 238 -5.70 74.25 8.12
C GLU J 238 -6.51 75.39 7.53
N PRO J 239 -5.89 76.42 6.94
CA PRO J 239 -6.61 77.58 6.43
C PRO J 239 -7.36 77.23 5.17
N VAL J 240 -8.58 77.80 5.00
CA VAL J 240 -9.41 77.68 3.82
C VAL J 240 -9.82 76.24 3.60
N SER J 241 -10.69 75.71 4.50
CA SER J 241 -11.12 74.33 4.45
C SER J 241 -12.59 74.30 4.16
N TYR J 242 -12.95 73.47 3.16
CA TYR J 242 -14.29 73.26 2.67
C TYR J 242 -14.92 72.16 3.48
N PHE J 243 -16.20 72.36 3.88
CA PHE J 243 -16.89 71.50 4.81
C PHE J 243 -18.20 71.19 4.16
N LYS J 244 -18.87 70.12 4.67
CA LYS J 244 -20.10 69.53 4.21
C LYS J 244 -21.24 70.51 4.07
N ARG J 245 -22.26 70.15 3.24
CA ARG J 245 -23.38 71.02 2.95
C ARG J 245 -24.65 70.30 3.34
N ASP J 246 -24.74 68.99 3.07
CA ASP J 246 -25.98 68.25 3.19
C ASP J 246 -26.35 68.04 4.64
N ILE J 247 -25.35 67.69 5.48
CA ILE J 247 -25.52 67.46 6.89
C ILE J 247 -25.52 68.79 7.60
N LYS J 248 -24.62 69.71 7.18
CA LYS J 248 -24.41 70.97 7.85
C LYS J 248 -25.35 71.99 7.27
N ASP J 249 -26.46 72.22 8.00
CA ASP J 249 -27.41 73.26 7.73
C ASP J 249 -27.89 73.72 9.08
N VAL J 250 -27.13 73.36 10.15
CA VAL J 250 -27.54 73.53 11.52
C VAL J 250 -26.36 74.20 12.15
N ILE J 251 -25.15 73.58 12.01
CA ILE J 251 -23.89 74.03 12.56
C ILE J 251 -23.44 75.32 11.89
N ASP J 252 -24.01 75.60 10.69
CA ASP J 252 -23.70 76.74 9.86
C ASP J 252 -23.96 78.12 10.41
N ASP J 253 -24.93 78.27 11.34
CA ASP J 253 -25.31 79.59 11.84
C ASP J 253 -24.25 80.26 12.67
N LEU J 254 -23.60 79.52 13.59
CA LEU J 254 -22.50 80.02 14.39
C LEU J 254 -21.21 79.92 13.64
N ALA J 255 -21.15 79.12 12.54
CA ALA J 255 -19.97 78.98 11.73
C ALA J 255 -19.77 80.19 10.84
N ASP J 256 -20.86 80.78 10.31
CA ASP J 256 -20.83 82.02 9.55
C ASP J 256 -20.47 83.19 10.42
N SER J 257 -20.89 83.15 11.72
CA SER J 257 -20.65 84.20 12.67
C SER J 257 -19.19 84.26 13.05
N GLY J 258 -18.60 85.47 12.90
CA GLY J 258 -17.25 85.79 13.31
C GLY J 258 -16.17 85.33 12.38
N PHE J 259 -16.52 84.70 11.22
CA PHE J 259 -15.54 84.19 10.29
C PHE J 259 -16.30 83.53 9.18
N ILE J 260 -15.87 83.79 7.93
CA ILE J 260 -16.42 83.16 6.75
C ILE J 260 -15.32 83.31 5.73
N LYS J 261 -15.26 82.41 4.73
CA LYS J 261 -14.29 82.50 3.67
C LYS J 261 -15.02 82.19 2.39
N ILE J 262 -14.43 82.64 1.26
CA ILE J 262 -14.92 82.39 -0.07
C ILE J 262 -13.76 81.74 -0.79
N ALA J 263 -14.01 80.59 -1.42
CA ALA J 263 -13.05 79.91 -2.26
C ALA J 263 -13.80 78.90 -3.07
N GLU J 264 -15.13 79.12 -3.26
CA GLU J 264 -16.14 78.11 -3.48
C GLU J 264 -15.88 77.29 -4.71
N ARG J 265 -16.16 75.96 -4.60
CA ARG J 265 -15.89 75.03 -5.65
C ARG J 265 -16.95 73.97 -5.53
N GLN J 266 -17.48 73.51 -6.69
CA GLN J 266 -18.44 72.44 -6.77
C GLN J 266 -17.75 71.13 -6.49
N ILE J 267 -18.27 70.36 -5.51
CA ILE J 267 -17.70 69.11 -5.08
C ILE J 267 -18.85 68.16 -5.20
N LYS J 268 -18.61 66.95 -5.76
CA LYS J 268 -19.62 65.92 -5.79
C LYS J 268 -19.16 64.94 -4.77
N ARG J 269 -20.06 64.58 -3.82
CA ARG J 269 -19.84 63.51 -2.90
C ARG J 269 -21.09 62.72 -3.00
N ARG J 270 -20.96 61.47 -3.49
CA ARG J 270 -22.03 60.51 -3.55
C ARG J 270 -22.33 60.11 -2.13
N ARG J 271 -23.61 59.99 -1.76
CA ARG J 271 -23.98 59.58 -0.42
C ARG J 271 -25.05 58.58 -0.63
N VAL J 272 -25.09 57.57 0.27
CA VAL J 272 -25.95 56.43 0.12
C VAL J 272 -27.03 56.52 1.15
N TYR J 273 -28.22 56.00 0.78
CA TYR J 273 -29.38 55.99 1.63
C TYR J 273 -29.71 54.57 1.88
N LYS J 274 -29.86 54.23 3.18
CA LYS J 274 -30.31 52.94 3.63
C LYS J 274 -31.79 53.11 3.84
N SER J 275 -32.61 52.29 3.15
CA SER J 275 -34.04 52.39 3.23
C SER J 275 -34.52 51.03 3.62
N ILE J 276 -35.46 51.00 4.59
CA ILE J 276 -36.05 49.78 5.07
C ILE J 276 -37.33 49.64 4.30
N ILE J 277 -37.40 48.63 3.41
CA ILE J 277 -38.48 48.45 2.48
C ILE J 277 -38.92 47.02 2.55
N THR J 278 -40.23 46.81 2.35
CA THR J 278 -40.91 45.54 2.30
C THR J 278 -41.62 45.62 0.97
N CYS J 279 -41.92 44.45 0.34
CA CYS J 279 -42.62 44.35 -0.92
C CYS J 279 -43.99 44.99 -0.85
N THR J 280 -44.67 44.87 0.32
CA THR J 280 -45.94 45.50 0.61
C THR J 280 -45.87 47.03 0.60
N ALA J 281 -44.84 47.62 1.24
CA ALA J 281 -44.72 49.06 1.33
C ALA J 281 -43.40 49.39 1.97
N VAL J 282 -42.95 50.66 1.83
CA VAL J 282 -41.70 51.11 2.40
C VAL J 282 -41.98 51.55 3.82
N LEU J 283 -41.25 50.94 4.79
CA LEU J 283 -41.41 51.21 6.19
C LEU J 283 -40.69 52.48 6.58
N LYS J 284 -39.44 52.65 6.11
CA LYS J 284 -38.64 53.82 6.38
C LYS J 284 -38.04 54.20 5.06
N ASP J 285 -38.18 55.48 4.66
CA ASP J 285 -37.77 55.96 3.37
C ASP J 285 -36.65 56.93 3.61
N LYS J 286 -35.46 56.62 3.06
CA LYS J 286 -34.27 57.44 3.09
C LYS J 286 -33.80 57.78 4.48
N GLN J 287 -33.31 56.76 5.23
CA GLN J 287 -32.66 56.98 6.50
C GLN J 287 -31.20 57.05 6.18
N LEU J 288 -30.61 58.26 6.36
CA LEU J 288 -29.25 58.55 6.00
C LEU J 288 -28.30 57.78 6.88
N ILE J 289 -27.37 57.03 6.25
CA ILE J 289 -26.28 56.36 6.93
C ILE J 289 -25.10 57.24 6.64
N ALA J 290 -24.10 57.26 7.54
CA ALA J 290 -22.99 58.19 7.49
C ALA J 290 -22.02 57.91 6.37
N GLY J 291 -22.05 56.68 5.78
CA GLY J 291 -21.24 56.29 4.65
C GLY J 291 -21.51 57.12 3.43
N GLU J 292 -20.47 57.29 2.58
CA GLU J 292 -20.58 57.92 1.29
C GLU J 292 -20.37 56.86 0.23
N HIS J 293 -20.17 55.60 0.69
CA HIS J 293 -20.25 54.41 -0.11
C HIS J 293 -21.07 53.49 0.75
N ILE J 294 -21.53 52.38 0.15
CA ILE J 294 -22.36 51.37 0.77
C ILE J 294 -21.54 50.71 1.86
N PRO J 295 -21.99 50.63 3.13
CA PRO J 295 -21.18 50.14 4.23
C PRO J 295 -21.11 48.64 4.22
N ILE J 296 -22.03 47.96 3.51
CA ILE J 296 -22.05 46.52 3.43
C ILE J 296 -21.23 46.18 2.22
N VAL J 297 -20.05 45.57 2.44
CA VAL J 297 -19.18 45.11 1.39
C VAL J 297 -19.13 43.62 1.57
N PRO J 298 -19.65 42.80 0.66
CA PRO J 298 -19.64 41.35 0.80
C PRO J 298 -18.36 40.86 0.17
N VAL J 299 -18.15 39.53 0.22
CA VAL J 299 -17.07 38.89 -0.49
C VAL J 299 -17.73 37.83 -1.31
N PHE J 300 -16.97 37.33 -2.29
CA PHE J 300 -17.39 36.28 -3.18
C PHE J 300 -16.21 35.37 -3.22
N GLY J 301 -16.43 34.09 -3.60
CA GLY J 301 -15.37 33.15 -3.86
C GLY J 301 -14.84 33.35 -5.23
N GLU J 302 -14.74 32.25 -6.00
CA GLU J 302 -14.43 32.26 -7.41
C GLU J 302 -15.64 32.79 -8.12
N TRP J 303 -15.45 33.91 -8.87
CA TRP J 303 -16.53 34.80 -9.20
C TRP J 303 -16.24 35.38 -10.55
N GLY J 304 -17.32 35.78 -11.26
CA GLY J 304 -17.20 36.47 -12.51
C GLY J 304 -18.57 36.54 -13.11
N PHE J 305 -18.59 36.79 -14.43
CA PHE J 305 -19.78 36.87 -15.24
C PHE J 305 -19.57 35.85 -16.33
N VAL J 306 -20.67 35.30 -16.88
CA VAL J 306 -20.63 34.38 -18.00
C VAL J 306 -21.60 34.82 -19.08
N GLU J 307 -22.31 35.95 -18.87
CA GLU J 307 -23.30 36.41 -19.83
C GLU J 307 -23.50 37.89 -19.59
N ASP J 308 -22.69 38.44 -18.66
CA ASP J 308 -22.87 39.71 -17.97
C ASP J 308 -23.80 39.52 -16.80
N LYS J 309 -23.99 38.26 -16.36
CA LYS J 309 -24.76 37.93 -15.19
C LYS J 309 -23.91 37.05 -14.34
N GLU J 310 -23.83 37.41 -13.03
CA GLU J 310 -22.98 36.79 -12.05
C GLU J 310 -23.36 35.39 -11.74
N VAL J 311 -22.33 34.52 -11.68
CA VAL J 311 -22.47 33.16 -11.20
C VAL J 311 -21.17 32.92 -10.50
N TYR J 312 -21.26 32.29 -9.30
CA TYR J 312 -20.12 32.05 -8.47
C TYR J 312 -20.27 30.70 -7.86
N GLU J 313 -19.17 30.22 -7.25
CA GLU J 313 -19.07 28.89 -6.73
C GLU J 313 -18.15 28.96 -5.56
N GLY J 314 -18.29 27.95 -4.65
CA GLY J 314 -17.38 27.72 -3.56
C GLY J 314 -16.30 26.82 -4.05
N VAL J 315 -15.79 25.95 -3.14
CA VAL J 315 -14.81 24.95 -3.48
C VAL J 315 -15.47 23.59 -3.35
N VAL J 316 -16.74 23.57 -2.89
CA VAL J 316 -17.46 22.36 -2.54
C VAL J 316 -18.57 22.12 -3.52
N ARG J 317 -18.68 22.96 -4.57
CA ARG J 317 -19.79 22.95 -5.51
C ARG J 317 -19.86 21.68 -6.30
N LEU J 318 -18.71 21.19 -6.84
CA LEU J 318 -18.67 20.04 -7.69
C LEU J 318 -17.97 18.90 -7.00
N THR J 319 -17.64 19.07 -5.69
CA THR J 319 -17.07 18.05 -4.84
C THR J 319 -18.15 17.12 -4.34
N LYS J 320 -19.39 17.64 -4.18
CA LYS J 320 -20.50 16.96 -3.55
C LYS J 320 -20.96 15.71 -4.26
N ASP J 321 -20.74 15.58 -5.60
CA ASP J 321 -21.11 14.40 -6.34
C ASP J 321 -20.22 13.23 -5.99
N GLY J 322 -18.98 13.51 -5.55
CA GLY J 322 -18.01 12.51 -5.21
C GLY J 322 -18.35 11.82 -3.92
N GLN J 323 -18.62 12.59 -2.85
CA GLN J 323 -18.88 12.05 -1.54
C GLN J 323 -20.21 11.36 -1.41
N ARG J 324 -21.27 11.89 -2.08
CA ARG J 324 -22.59 11.31 -2.09
C ARG J 324 -22.61 9.98 -2.78
N LEU J 325 -21.80 9.82 -3.85
CA LEU J 325 -21.63 8.57 -4.56
C LEU J 325 -20.92 7.54 -3.71
N ARG J 326 -19.86 7.92 -2.94
CA ARG J 326 -19.16 7.06 -2.00
C ARG J 326 -20.11 6.53 -0.96
N ASN J 327 -21.02 7.40 -0.45
CA ASN J 327 -22.02 7.06 0.55
C ASN J 327 -23.07 6.12 0.01
N MET J 328 -23.36 6.17 -1.31
CA MET J 328 -24.43 5.41 -1.94
C MET J 328 -24.03 3.98 -2.15
N ILE J 329 -22.76 3.75 -2.57
CA ILE J 329 -22.19 2.45 -2.87
C ILE J 329 -22.06 1.68 -1.58
N MET J 330 -21.68 2.39 -0.49
CA MET J 330 -21.48 1.81 0.82
C MET J 330 -22.79 1.37 1.42
N SER J 331 -23.90 2.09 1.12
CA SER J 331 -25.21 1.78 1.66
C SER J 331 -25.89 0.64 0.97
N PHE J 332 -25.72 0.53 -0.38
CA PHE J 332 -26.44 -0.43 -1.19
C PHE J 332 -25.97 -1.82 -0.86
N ASN J 333 -24.63 -2.03 -0.86
CA ASN J 333 -24.01 -3.29 -0.55
C ASN J 333 -24.02 -3.58 0.94
N ALA J 334 -24.26 -2.56 1.81
CA ALA J 334 -24.48 -2.76 3.23
C ALA J 334 -25.79 -3.47 3.50
N ASP J 335 -26.79 -3.30 2.60
CA ASP J 335 -28.06 -3.99 2.68
C ASP J 335 -27.88 -5.43 2.29
N ILE J 336 -26.93 -5.75 1.38
CA ILE J 336 -26.66 -7.09 0.91
C ILE J 336 -26.04 -7.93 2.01
N VAL J 337 -25.09 -7.36 2.79
CA VAL J 337 -24.46 -8.07 3.89
C VAL J 337 -25.37 -8.17 5.08
N ALA J 338 -26.43 -7.32 5.13
CA ALA J 338 -27.40 -7.30 6.20
C ALA J 338 -28.43 -8.37 5.98
N ARG J 339 -29.26 -8.22 4.93
CA ARG J 339 -30.29 -9.19 4.57
C ARG J 339 -29.75 -10.00 3.42
N THR J 340 -29.80 -11.34 3.58
CA THR J 340 -29.42 -12.35 2.62
C THR J 340 -29.31 -13.63 3.43
N PRO J 341 -29.67 -14.80 2.92
CA PRO J 341 -29.40 -16.08 3.56
C PRO J 341 -27.93 -16.35 3.69
N LYS J 342 -27.52 -16.97 4.82
CA LYS J 342 -26.14 -17.25 5.12
C LYS J 342 -25.86 -18.70 4.83
N LYS J 343 -24.56 -19.07 4.75
CA LYS J 343 -24.07 -20.34 4.27
C LYS J 343 -24.41 -21.47 5.20
N LYS J 344 -25.29 -22.39 4.74
CA LYS J 344 -25.78 -23.51 5.50
C LYS J 344 -25.86 -24.66 4.51
N PRO J 345 -25.62 -25.91 4.91
CA PRO J 345 -25.73 -27.08 4.06
C PRO J 345 -27.17 -27.43 3.78
N PHE J 346 -27.46 -27.85 2.51
CA PHE J 346 -28.78 -28.23 2.08
C PHE J 346 -28.95 -29.69 2.36
N PHE J 347 -30.17 -30.11 2.78
CA PHE J 347 -30.51 -31.48 3.04
C PHE J 347 -31.94 -31.61 2.63
N TRP J 348 -32.48 -32.84 2.75
CA TRP J 348 -33.87 -33.13 2.49
C TRP J 348 -34.40 -33.59 3.84
N PRO J 349 -35.68 -33.39 4.18
CA PRO J 349 -36.25 -33.71 5.48
C PRO J 349 -36.05 -35.14 5.93
N GLU J 350 -36.23 -36.11 5.02
CA GLU J 350 -36.15 -37.52 5.31
C GLU J 350 -34.77 -37.96 5.74
N GLN J 351 -33.70 -37.44 5.09
CA GLN J 351 -32.35 -37.83 5.40
C GLN J 351 -31.76 -37.14 6.60
N ILE J 352 -32.33 -35.99 7.04
CA ILE J 352 -31.86 -35.30 8.22
C ILE J 352 -32.73 -35.67 9.41
N ALA J 353 -33.69 -36.62 9.20
CA ALA J 353 -34.61 -37.06 10.22
C ALA J 353 -33.91 -37.79 11.34
N GLY J 354 -34.22 -37.39 12.59
CA GLY J 354 -33.69 -37.99 13.79
C GLY J 354 -32.31 -37.53 14.13
N PHE J 355 -31.78 -36.54 13.37
CA PHE J 355 -30.47 -35.98 13.61
C PHE J 355 -30.72 -34.57 14.00
N GLU J 356 -30.26 -34.23 15.22
CA GLU J 356 -30.24 -32.90 15.74
C GLU J 356 -29.15 -32.84 16.77
N HIS J 357 -28.28 -33.89 16.79
CA HIS J 357 -27.14 -33.97 17.65
C HIS J 357 -25.93 -34.20 16.77
N MET J 358 -26.15 -34.25 15.44
CA MET J 358 -25.10 -34.39 14.45
C MET J 358 -25.02 -33.10 13.68
N TYR J 359 -26.01 -32.22 13.89
CA TYR J 359 -25.99 -30.83 13.49
C TYR J 359 -26.62 -30.19 14.67
N ASP J 360 -25.94 -29.19 15.28
CA ASP J 360 -26.52 -28.46 16.38
C ASP J 360 -25.89 -27.10 16.48
N GLY J 361 -25.14 -26.66 15.45
CA GLY J 361 -24.43 -25.40 15.48
C GLY J 361 -23.15 -25.43 16.26
N ASN J 362 -22.68 -26.63 16.65
CA ASN J 362 -21.45 -26.77 17.40
C ASN J 362 -21.04 -28.19 17.16
N ASP J 363 -19.77 -28.54 17.50
CA ASP J 363 -19.27 -29.88 17.40
C ASP J 363 -19.56 -30.56 18.72
N ASP J 364 -20.57 -31.48 18.70
CA ASP J 364 -20.89 -32.34 19.82
C ASP J 364 -20.72 -33.77 19.38
N TYR J 365 -20.11 -34.00 18.20
CA TYR J 365 -20.20 -35.26 17.51
C TYR J 365 -18.83 -35.60 16.96
N PRO J 366 -18.52 -36.89 16.74
CA PRO J 366 -17.29 -37.31 16.09
C PRO J 366 -17.46 -37.32 14.59
N TYR J 367 -18.71 -37.30 14.07
CA TYR J 367 -18.95 -37.40 12.65
C TYR J 367 -20.35 -36.93 12.40
N TYR J 368 -20.69 -36.75 11.10
CA TYR J 368 -22.02 -36.39 10.67
C TYR J 368 -22.71 -37.67 10.28
N LEU J 369 -24.06 -37.68 10.29
CA LEU J 369 -24.85 -38.81 9.91
C LEU J 369 -26.06 -38.31 9.17
N LEU J 370 -26.53 -39.11 8.20
CA LEU J 370 -27.69 -38.86 7.38
C LEU J 370 -28.29 -40.22 7.13
N ASN J 371 -29.51 -40.28 6.52
CA ASN J 371 -30.14 -41.53 6.18
C ASN J 371 -30.00 -41.71 4.70
N ARG J 372 -29.17 -42.72 4.33
CA ARG J 372 -28.87 -43.13 2.97
C ARG J 372 -30.07 -43.77 2.33
N THR J 373 -30.78 -44.63 3.09
CA THR J 373 -31.90 -45.41 2.59
C THR J 373 -33.10 -44.98 3.37
N ASP J 374 -34.31 -45.09 2.77
CA ASP J 374 -35.54 -44.61 3.36
C ASP J 374 -36.60 -45.60 2.99
N GLU J 375 -37.72 -45.59 3.77
CA GLU J 375 -38.91 -46.40 3.59
C GLU J 375 -39.61 -46.04 2.31
N ASN J 376 -40.30 -47.04 1.69
CA ASN J 376 -40.89 -47.06 0.36
C ASN J 376 -39.85 -47.56 -0.59
N SER J 377 -38.82 -46.73 -0.87
CA SER J 377 -37.77 -47.08 -1.77
C SER J 377 -36.59 -46.28 -1.30
N GLY J 378 -35.37 -46.81 -1.52
CA GLY J 378 -34.14 -46.13 -1.19
C GLY J 378 -33.83 -45.08 -2.23
N ASP J 379 -32.68 -44.41 -2.05
CA ASP J 379 -32.24 -43.36 -2.94
C ASP J 379 -30.77 -43.56 -3.14
N LEU J 380 -30.11 -44.15 -2.10
CA LEU J 380 -28.71 -44.48 -2.01
C LEU J 380 -27.75 -43.41 -2.53
N PRO J 381 -27.71 -42.18 -2.01
CA PRO J 381 -26.85 -41.14 -2.53
C PRO J 381 -25.47 -41.28 -1.93
N THR J 382 -24.48 -40.54 -2.50
CA THR J 382 -23.14 -40.49 -2.00
C THR J 382 -22.83 -39.04 -1.89
N GLN J 383 -22.46 -38.59 -0.66
CA GLN J 383 -22.20 -37.21 -0.30
C GLN J 383 -23.31 -36.23 -0.64
N PRO J 384 -24.48 -36.21 0.00
CA PRO J 384 -25.62 -35.49 -0.55
C PRO J 384 -25.82 -34.17 0.17
N LEU J 385 -25.15 -33.10 -0.31
CA LEU J 385 -25.43 -31.76 0.15
C LEU J 385 -24.88 -30.80 -0.86
N ALA J 386 -25.39 -29.56 -0.78
CA ALA J 386 -24.88 -28.40 -1.47
C ALA J 386 -24.87 -27.35 -0.41
N TYR J 387 -24.40 -26.12 -0.73
CA TYR J 387 -24.34 -25.04 0.22
C TYR J 387 -25.03 -23.88 -0.40
N TYR J 388 -25.16 -22.77 0.37
CA TYR J 388 -25.69 -21.52 -0.10
C TYR J 388 -24.49 -20.63 -0.20
N GLU J 389 -24.17 -20.15 -1.43
CA GLU J 389 -23.08 -19.24 -1.63
C GLU J 389 -23.72 -17.88 -1.55
N ASN J 390 -23.28 -17.09 -0.54
CA ASN J 390 -23.76 -15.76 -0.28
C ASN J 390 -23.34 -14.84 -1.40
N PRO J 391 -24.08 -13.77 -1.72
CA PRO J 391 -23.66 -12.73 -2.66
C PRO J 391 -22.34 -12.15 -2.24
N GLU J 392 -21.34 -12.11 -3.16
CA GLU J 392 -20.00 -11.68 -2.83
C GLU J 392 -19.77 -10.26 -3.28
N VAL J 393 -20.79 -9.62 -3.90
CA VAL J 393 -20.81 -8.25 -4.38
C VAL J 393 -19.92 -8.14 -5.61
N PRO J 394 -20.44 -7.86 -6.82
CA PRO J 394 -19.67 -7.62 -8.03
C PRO J 394 -18.50 -6.66 -7.91
N GLN J 395 -17.50 -6.84 -8.80
CA GLN J 395 -16.35 -5.97 -8.97
C GLN J 395 -16.75 -4.64 -9.54
N ALA J 396 -17.99 -4.54 -10.12
CA ALA J 396 -18.55 -3.32 -10.65
C ALA J 396 -18.71 -2.24 -9.63
N ASN J 397 -19.10 -2.64 -8.40
CA ASN J 397 -19.29 -1.74 -7.27
C ASN J 397 -17.98 -1.20 -6.78
N ALA J 398 -16.92 -2.04 -6.82
CA ALA J 398 -15.58 -1.67 -6.44
C ALA J 398 -14.95 -0.73 -7.43
N TYR J 399 -15.23 -0.93 -8.75
CA TYR J 399 -14.70 -0.14 -9.83
C TYR J 399 -15.37 1.22 -9.86
N MET J 400 -16.67 1.27 -9.54
CA MET J 400 -17.44 2.50 -9.47
C MET J 400 -17.03 3.32 -8.25
N LEU J 401 -16.57 2.64 -7.17
CA LEU J 401 -16.07 3.28 -5.97
C LEU J 401 -14.74 3.94 -6.21
N GLU J 402 -13.93 3.41 -7.17
CA GLU J 402 -12.68 4.03 -7.60
C GLU J 402 -12.95 5.34 -8.28
N ALA J 403 -13.98 5.39 -9.17
CA ALA J 403 -14.40 6.60 -9.86
C ALA J 403 -15.08 7.58 -8.93
N ALA J 404 -15.61 7.10 -7.79
CA ALA J 404 -16.22 7.92 -6.76
C ALA J 404 -15.19 8.72 -6.02
N THR J 405 -14.07 8.07 -5.62
CA THR J 405 -12.98 8.69 -4.90
C THR J 405 -12.12 9.53 -5.82
N SER J 406 -12.14 9.24 -7.14
CA SER J 406 -11.43 9.99 -8.15
C SER J 406 -12.08 11.33 -8.39
N ALA J 407 -13.41 11.44 -8.16
CA ALA J 407 -14.15 12.65 -8.35
C ALA J 407 -13.80 13.69 -7.33
N VAL J 408 -13.50 13.23 -6.09
CA VAL J 408 -13.14 14.06 -4.97
C VAL J 408 -11.76 14.64 -5.15
N LYS J 409 -10.76 13.79 -5.46
CA LYS J 409 -9.35 14.14 -5.44
C LYS J 409 -8.95 15.25 -6.39
N GLU J 410 -9.65 15.40 -7.55
CA GLU J 410 -9.43 16.49 -8.48
C GLU J 410 -9.64 17.83 -7.84
N VAL J 411 -10.89 18.09 -7.38
CA VAL J 411 -11.34 19.32 -6.77
C VAL J 411 -10.78 19.55 -5.39
N ALA J 412 -10.32 18.48 -4.69
CA ALA J 412 -9.70 18.57 -3.39
C ALA J 412 -8.32 19.19 -3.45
N THR J 413 -7.74 19.26 -4.67
CA THR J 413 -6.44 19.85 -4.94
C THR J 413 -6.76 21.06 -5.78
N LEU J 414 -6.23 22.25 -5.38
CA LEU J 414 -6.47 23.49 -6.07
C LEU J 414 -5.23 23.89 -6.82
N GLY J 415 -4.17 23.05 -6.74
CA GLY J 415 -2.85 23.36 -7.25
C GLY J 415 -2.05 23.95 -6.13
N VAL J 416 -0.72 23.73 -6.17
CA VAL J 416 0.18 24.16 -5.13
C VAL J 416 1.24 24.93 -5.87
N ASP J 417 1.48 26.18 -5.42
CA ASP J 417 2.51 27.02 -5.95
C ASP J 417 3.20 27.65 -4.76
N THR J 418 2.49 27.71 -3.61
CA THR J 418 3.04 28.06 -2.34
C THR J 418 2.39 27.08 -1.40
N GLU J 419 3.21 26.34 -0.63
CA GLU J 419 2.78 25.32 0.31
C GLU J 419 2.01 25.94 1.45
N ALA J 420 1.01 25.19 1.98
CA ALA J 420 0.09 25.64 3.01
C ALA J 420 -0.73 26.79 2.47
N VAL J 421 -0.58 28.00 3.08
CA VAL J 421 -1.26 29.22 2.71
C VAL J 421 -0.93 29.60 1.29
N ASN J 422 -1.91 30.22 0.57
CA ASN J 422 -1.82 30.57 -0.84
C ASN J 422 -1.59 29.33 -1.70
N GLY J 423 -0.98 29.50 -2.89
CA GLY J 423 -0.81 28.45 -3.84
C GLY J 423 -1.95 28.42 -4.81
N GLY J 424 -3.04 27.72 -4.44
CA GLY J 424 -4.19 27.51 -5.29
C GLY J 424 -5.37 28.24 -4.74
N GLN J 425 -5.31 28.68 -3.46
CA GLN J 425 -6.41 29.33 -2.80
C GLN J 425 -6.29 30.83 -2.93
N VAL J 426 -5.30 31.34 -3.72
CA VAL J 426 -5.06 32.73 -4.00
C VAL J 426 -6.28 33.40 -4.60
N ALA J 427 -7.08 32.66 -5.41
CA ALA J 427 -8.30 33.15 -5.99
C ALA J 427 -9.34 33.55 -4.98
N PHE J 428 -9.43 32.81 -3.84
CA PHE J 428 -10.31 33.13 -2.73
C PHE J 428 -9.72 34.21 -1.84
N ASP J 429 -8.38 34.23 -1.69
CA ASP J 429 -7.73 35.09 -0.72
C ASP J 429 -7.61 36.52 -1.17
N THR J 430 -7.32 36.73 -2.48
CA THR J 430 -7.06 38.03 -3.04
C THR J 430 -8.31 38.86 -3.14
N VAL J 431 -9.48 38.21 -3.39
CA VAL J 431 -10.74 38.88 -3.52
C VAL J 431 -11.31 39.23 -2.17
N ASN J 432 -10.85 38.56 -1.08
CA ASN J 432 -11.30 38.85 0.26
C ASN J 432 -10.64 40.12 0.76
N GLN J 433 -9.31 40.25 0.54
CA GLN J 433 -8.53 41.37 1.02
C GLN J 433 -8.80 42.65 0.26
N LEU J 434 -9.23 42.55 -1.03
CA LEU J 434 -9.63 43.69 -1.83
C LEU J 434 -10.89 44.31 -1.30
N ASN J 435 -11.85 43.48 -0.88
CA ASN J 435 -13.09 43.91 -0.27
C ASN J 435 -12.89 44.42 1.15
N MET J 436 -11.81 43.97 1.85
CA MET J 436 -11.38 44.56 3.11
C MET J 436 -10.85 45.95 2.91
N ARG J 437 -10.08 46.20 1.82
CA ARG J 437 -9.64 47.52 1.42
C ARG J 437 -10.82 48.41 1.07
N ALA J 438 -11.88 47.84 0.46
CA ALA J 438 -13.12 48.52 0.17
C ALA J 438 -13.85 48.91 1.43
N ASP J 439 -13.81 48.03 2.47
CA ASP J 439 -14.30 48.31 3.79
C ASP J 439 -13.59 49.49 4.43
N LEU J 440 -12.26 49.63 4.19
CA LEU J 440 -11.46 50.76 4.64
C LEU J 440 -11.83 52.03 3.90
N GLU J 441 -12.32 51.97 2.64
CA GLU J 441 -12.76 53.14 1.90
C GLU J 441 -14.06 53.65 2.43
N THR J 442 -15.01 52.74 2.75
CA THR J 442 -16.30 53.08 3.31
C THR J 442 -16.21 53.27 4.81
N TYR J 443 -14.99 53.10 5.40
CA TYR J 443 -14.73 53.33 6.80
C TYR J 443 -14.46 54.80 6.90
N VAL J 444 -13.44 55.32 6.18
CA VAL J 444 -13.03 56.71 6.17
C VAL J 444 -14.19 57.63 5.82
N PHE J 445 -15.03 57.20 4.86
CA PHE J 445 -16.18 57.94 4.38
C PHE J 445 -17.34 57.96 5.37
N GLN J 446 -17.33 57.07 6.38
CA GLN J 446 -18.39 56.91 7.35
C GLN J 446 -17.99 57.54 8.66
N ASP J 447 -16.89 57.04 9.24
CA ASP J 447 -16.29 57.40 10.51
C ASP J 447 -15.95 58.86 10.61
N ASN J 448 -15.49 59.53 9.51
CA ASN J 448 -15.13 60.92 9.59
C ASN J 448 -16.34 61.82 9.68
N LEU J 449 -17.53 61.36 9.23
CA LEU J 449 -18.74 62.14 9.33
C LEU J 449 -19.36 62.04 10.70
N ALA J 450 -19.40 60.83 11.30
CA ALA J 450 -20.07 60.61 12.56
C ALA J 450 -19.17 60.91 13.73
N THR J 451 -18.08 60.13 13.87
CA THR J 451 -17.10 60.24 14.94
C THR J 451 -16.36 61.55 14.84
N ALA J 452 -15.81 61.84 13.63
CA ALA J 452 -15.22 63.11 13.26
C ALA J 452 -14.06 63.52 14.13
N MET J 453 -13.75 64.84 14.13
CA MET J 453 -12.60 65.47 14.75
C MET J 453 -11.29 64.88 14.25
N ARG J 454 -10.20 65.07 15.03
CA ARG J 454 -8.87 64.57 14.77
C ARG J 454 -8.29 65.08 13.47
N ARG J 455 -8.21 66.43 13.33
CA ARG J 455 -7.70 67.09 12.16
C ARG J 455 -6.41 67.76 12.56
N ASP J 456 -5.29 67.36 11.92
CA ASP J 456 -3.98 67.89 12.21
C ASP J 456 -3.29 68.11 10.90
N GLY J 457 -2.20 68.89 10.92
CA GLY J 457 -1.39 69.19 9.76
C GLY J 457 -0.24 68.25 9.65
N GLU J 458 0.32 67.82 10.81
CA GLU J 458 1.24 66.70 10.87
C GLU J 458 0.79 65.88 12.04
N ILE J 459 1.40 66.09 13.24
CA ILE J 459 0.91 65.55 14.48
C ILE J 459 0.54 66.71 15.40
N TYR J 460 0.58 67.94 14.85
CA TYR J 460 0.17 69.14 15.54
C TYR J 460 -0.66 69.85 14.52
N GLN J 461 -1.52 70.78 14.98
CA GLN J 461 -2.35 71.59 14.12
C GLN J 461 -1.86 73.01 14.23
N SER J 462 -0.67 73.21 14.85
CA SER J 462 -0.25 74.46 15.44
C SER J 462 -0.09 75.56 14.43
N ILE J 463 -0.47 76.80 14.85
CA ILE J 463 -0.29 78.08 14.18
C ILE J 463 -1.04 78.21 12.85
N VAL J 464 -1.41 79.47 12.50
CA VAL J 464 -2.12 79.88 11.30
C VAL J 464 -3.61 79.69 11.55
N ASN J 465 -4.03 79.96 12.80
CA ASN J 465 -4.78 81.13 13.21
C ASN J 465 -6.17 81.17 12.60
N ASP J 466 -6.27 81.59 11.32
CA ASP J 466 -7.50 81.72 10.59
C ASP J 466 -7.08 81.36 9.18
N ILE J 467 -6.56 82.37 8.43
CA ILE J 467 -6.23 82.23 7.04
C ILE J 467 -4.94 82.97 6.82
N TYR J 468 -4.29 82.68 5.69
CA TYR J 468 -3.06 83.30 5.27
C TYR J 468 -3.12 83.18 3.77
N ASP J 469 -2.53 84.15 3.04
CA ASP J 469 -2.82 84.33 1.63
C ASP J 469 -1.60 84.91 0.96
N VAL J 470 -0.48 85.00 1.71
CA VAL J 470 0.77 85.55 1.25
C VAL J 470 1.55 84.72 0.22
N PRO J 471 1.74 83.38 0.30
CA PRO J 471 2.89 82.63 -0.20
C PRO J 471 3.82 83.21 -1.24
N ARG J 472 4.97 83.76 -0.75
CA ARG J 472 6.33 83.48 -1.17
C ARG J 472 6.52 83.03 -2.60
N ASN J 473 7.18 81.87 -2.82
CA ASN J 473 7.43 81.29 -4.12
C ASN J 473 6.40 80.21 -4.31
N VAL J 474 6.73 78.95 -3.93
CA VAL J 474 5.85 77.82 -4.03
C VAL J 474 5.97 77.12 -2.70
N THR J 475 7.17 77.20 -2.07
CA THR J 475 7.47 76.59 -0.79
C THR J 475 6.68 77.28 0.30
N ILE J 476 6.23 76.49 1.31
CA ILE J 476 5.32 76.93 2.33
C ILE J 476 6.09 76.74 3.61
N THR J 477 6.49 77.85 4.26
CA THR J 477 7.14 77.84 5.55
C THR J 477 6.10 77.91 6.64
N LEU J 478 6.32 78.75 7.68
CA LEU J 478 5.44 78.93 8.81
C LEU J 478 4.09 79.52 8.46
N GLU J 479 4.07 80.61 7.65
CA GLU J 479 3.32 80.76 6.41
C GLU J 479 1.92 80.20 6.45
N ASP J 480 1.61 79.16 5.63
CA ASP J 480 0.33 78.48 5.66
C ASP J 480 0.56 77.11 6.26
N GLY J 481 1.80 76.83 6.75
CA GLY J 481 2.15 75.65 7.51
C GLY J 481 1.28 75.44 8.71
N SER J 482 0.93 74.17 8.98
CA SER J 482 0.16 73.77 10.13
C SER J 482 0.92 72.74 10.91
N GLU J 483 2.15 72.40 10.46
CA GLU J 483 3.32 72.32 11.32
C GLU J 483 3.40 71.01 12.06
N LYS J 484 4.65 70.62 12.42
CA LYS J 484 4.87 70.02 13.71
C LYS J 484 5.94 70.80 14.40
N ASP J 485 5.57 71.35 15.57
CA ASP J 485 6.46 72.02 16.50
C ASP J 485 5.69 72.04 17.78
N VAL J 486 6.39 72.20 18.92
CA VAL J 486 5.82 72.28 20.25
C VAL J 486 4.87 73.45 20.39
N GLN J 487 3.86 73.30 21.29
CA GLN J 487 2.74 74.19 21.47
C GLN J 487 3.17 75.59 21.84
N LEU J 488 2.36 76.58 21.41
CA LEU J 488 2.58 77.96 21.76
C LEU J 488 1.27 78.69 21.79
N MET J 489 0.16 78.00 21.46
CA MET J 489 -1.18 78.50 21.61
C MET J 489 -1.96 77.27 21.96
N ALA J 490 -2.77 77.36 23.05
CA ALA J 490 -3.67 76.33 23.56
C ALA J 490 -3.02 74.96 23.63
N GLU J 491 -3.81 73.89 23.39
CA GLU J 491 -3.30 72.56 23.23
C GLU J 491 -3.55 72.29 21.79
N VAL J 492 -2.45 72.22 21.02
CA VAL J 492 -2.44 71.99 19.60
C VAL J 492 -1.81 70.64 19.37
N VAL J 493 -1.47 69.92 20.46
CA VAL J 493 -0.97 68.57 20.45
C VAL J 493 -2.04 67.64 19.93
N ASP J 494 -3.28 67.82 20.47
CA ASP J 494 -4.45 67.17 19.99
C ASP J 494 -5.44 68.29 19.88
N LEU J 495 -5.92 68.56 18.64
CA LEU J 495 -6.84 69.63 18.40
C LEU J 495 -7.46 69.31 17.07
N ALA J 496 -8.67 69.86 16.82
CA ALA J 496 -9.38 69.67 15.59
C ALA J 496 -10.40 70.77 15.54
N THR J 497 -11.07 70.94 14.38
CA THR J 497 -12.05 71.98 14.18
C THR J 497 -13.28 71.68 15.02
N GLY J 498 -13.56 72.60 15.97
CA GLY J 498 -14.72 72.58 16.80
C GLY J 498 -15.57 73.78 16.50
N GLU J 499 -15.01 74.80 15.81
CA GLU J 499 -15.60 76.09 15.54
C GLU J 499 -16.23 76.71 16.77
N LYS J 500 -17.41 77.35 16.63
CA LYS J 500 -18.20 77.86 17.73
C LYS J 500 -19.34 76.89 17.96
N GLN J 501 -19.48 75.88 17.07
CA GLN J 501 -20.47 74.84 17.23
C GLN J 501 -19.87 73.62 16.61
N VAL J 502 -19.94 72.48 17.33
CA VAL J 502 -19.19 71.27 17.05
C VAL J 502 -19.86 70.43 16.00
N LEU J 503 -19.12 69.38 15.54
CA LEU J 503 -19.52 68.40 14.57
C LEU J 503 -19.52 69.01 13.19
N ASN J 504 -18.30 69.28 12.69
CA ASN J 504 -18.09 69.73 11.33
C ASN J 504 -16.75 69.17 10.95
N ASP J 505 -16.60 68.81 9.66
CA ASP J 505 -15.39 68.19 9.18
C ASP J 505 -15.38 68.33 7.69
N ILE J 506 -14.23 67.95 7.06
CA ILE J 506 -13.97 68.09 5.65
C ILE J 506 -14.95 67.28 4.84
N ARG J 507 -15.45 67.88 3.73
CA ARG J 507 -16.43 67.31 2.84
C ARG J 507 -15.83 66.17 2.05
N GLY J 508 -14.59 66.37 1.54
CA GLY J 508 -13.82 65.35 0.88
C GLY J 508 -13.14 64.52 1.91
N ARG J 509 -13.78 63.37 2.27
CA ARG J 509 -13.28 62.46 3.28
C ARG J 509 -12.44 61.45 2.57
N TYR J 510 -11.12 61.70 2.55
CA TYR J 510 -10.12 60.76 2.12
C TYR J 510 -8.85 61.32 2.72
N GLU J 511 -7.83 60.46 2.91
CA GLU J 511 -6.59 60.94 3.46
C GLU J 511 -5.50 59.95 3.15
N CYS J 512 -5.86 58.74 2.65
CA CYS J 512 -4.94 57.64 2.60
C CYS J 512 -5.35 56.71 1.50
N TYR J 513 -4.31 56.08 0.89
CA TYR J 513 -4.41 54.87 0.11
C TYR J 513 -4.81 53.77 1.05
N THR J 514 -5.81 52.95 0.64
CA THR J 514 -6.34 51.89 1.46
C THR J 514 -5.57 50.65 1.11
N ASP J 515 -5.02 49.99 2.16
CA ASP J 515 -4.20 48.83 1.98
C ASP J 515 -4.44 48.04 3.23
N VAL J 516 -4.29 46.70 3.15
CA VAL J 516 -4.54 45.82 4.27
C VAL J 516 -3.41 44.84 4.27
N GLY J 517 -3.19 44.20 5.43
CA GLY J 517 -2.06 43.32 5.61
C GLY J 517 -2.13 42.92 7.04
N PRO J 518 -1.01 42.91 7.79
CA PRO J 518 -0.96 42.60 9.20
C PRO J 518 -1.90 43.43 10.03
N SER J 519 -2.78 42.76 10.80
CA SER J 519 -3.85 43.38 11.53
C SER J 519 -3.37 43.48 12.96
N PHE J 520 -3.64 44.65 13.58
CA PHE J 520 -3.25 44.93 14.94
C PHE J 520 -4.46 45.58 15.54
N GLN J 521 -4.53 45.61 16.89
CA GLN J 521 -5.63 46.18 17.61
C GLN J 521 -5.11 47.24 18.57
N SER J 522 -3.83 47.64 18.39
CA SER J 522 -3.29 48.78 19.08
C SER J 522 -2.08 49.21 18.32
N MET J 523 -1.65 50.48 18.55
CA MET J 523 -0.42 51.04 18.07
C MET J 523 0.76 50.34 18.69
N LYS J 524 0.63 49.94 19.97
CA LYS J 524 1.66 49.25 20.73
C LYS J 524 1.96 47.89 20.16
N GLN J 525 0.92 47.13 19.73
CA GLN J 525 1.04 45.83 19.11
C GLN J 525 1.70 45.93 17.75
N GLN J 526 1.43 47.03 17.01
CA GLN J 526 2.02 47.33 15.72
C GLN J 526 3.48 47.66 15.85
N ASN J 527 3.90 48.26 17.00
CA ASN J 527 5.29 48.63 17.21
C ASN J 527 6.15 47.43 17.49
N ARG J 528 5.59 46.38 18.13
CA ARG J 528 6.32 45.21 18.54
C ARG J 528 6.77 44.40 17.36
N ALA J 529 5.87 44.20 16.36
CA ALA J 529 6.15 43.42 15.19
C ALA J 529 7.03 44.16 14.21
N GLU J 530 6.94 45.52 14.18
CA GLU J 530 7.72 46.36 13.29
C GLU J 530 9.18 46.39 13.64
N ILE J 531 9.53 46.23 14.93
CA ILE J 531 10.91 46.20 15.41
C ILE J 531 11.61 44.99 14.85
N LEU J 532 10.97 43.80 15.00
CA LEU J 532 11.49 42.53 14.56
C LEU J 532 11.66 42.46 13.07
N GLU J 533 10.81 43.19 12.31
CA GLU J 533 10.87 43.29 10.87
C GLU J 533 12.09 44.07 10.42
N LEU J 534 12.47 45.14 11.16
CA LEU J 534 13.59 45.98 10.84
C LEU J 534 14.89 45.38 11.30
N LEU J 535 14.85 44.43 12.27
CA LEU J 535 16.03 43.73 12.73
C LEU J 535 16.38 42.68 11.72
N GLY J 536 17.69 42.33 11.65
CA GLY J 536 18.20 41.38 10.69
C GLY J 536 18.56 42.04 9.39
N LYS J 537 18.57 43.40 9.37
CA LYS J 537 19.05 44.16 8.25
C LYS J 537 19.52 45.49 8.75
N THR J 538 19.66 45.62 10.10
CA THR J 538 20.13 46.81 10.76
C THR J 538 21.38 46.33 11.48
N PRO J 539 22.60 46.76 11.13
CA PRO J 539 23.81 46.38 11.81
C PRO J 539 23.96 47.20 13.07
N GLN J 540 24.90 46.80 13.95
CA GLN J 540 25.18 47.41 15.23
C GLN J 540 25.55 48.86 15.11
N GLY J 541 25.16 49.66 16.13
CA GLY J 541 25.41 51.08 16.15
C GLY J 541 24.23 51.74 16.79
N THR J 542 24.08 53.05 16.53
CA THR J 542 23.01 53.89 17.06
C THR J 542 21.63 53.46 16.57
N PRO J 543 21.32 53.15 15.30
CA PRO J 543 19.99 52.69 14.89
C PRO J 543 19.55 51.41 15.54
N GLU J 544 20.50 50.47 15.77
CA GLU J 544 20.24 49.19 16.41
C GLU J 544 19.92 49.37 17.86
N TYR J 545 20.51 50.41 18.50
CA TYR J 545 20.31 50.72 19.90
C TYR J 545 18.96 51.36 20.13
N GLN J 546 18.38 52.00 19.09
CA GLN J 546 17.10 52.65 19.18
C GLN J 546 16.01 51.61 19.12
N LEU J 547 16.16 50.59 18.24
CA LEU J 547 15.22 49.50 18.10
C LEU J 547 15.25 48.58 19.30
N LEU J 548 16.43 48.45 19.94
CA LEU J 548 16.66 47.61 21.09
C LEU J 548 15.97 48.12 22.32
N LEU J 549 15.92 49.46 22.49
CA LEU J 549 15.27 50.10 23.60
C LEU J 549 13.79 50.16 23.38
N LEU J 550 13.37 50.28 22.09
CA LEU J 550 11.98 50.40 21.69
C LEU J 550 11.23 49.11 21.94
N GLN J 551 11.93 47.95 21.93
CA GLN J 551 11.36 46.67 22.25
C GLN J 551 10.94 46.59 23.70
N TYR J 552 11.80 47.09 24.62
CA TYR J 552 11.52 47.15 26.04
C TYR J 552 10.47 48.19 26.38
N PHE J 553 10.29 49.21 25.51
CA PHE J 553 9.44 50.37 25.70
C PHE J 553 8.00 49.97 25.55
N THR J 554 7.73 48.99 24.66
CA THR J 554 6.39 48.61 24.27
C THR J 554 5.88 47.49 25.15
N LEU J 555 6.74 46.89 26.02
CA LEU J 555 6.36 45.77 26.84
C LEU J 555 5.78 46.26 28.13
N LEU J 556 4.88 45.41 28.70
CA LEU J 556 4.03 45.60 29.87
C LEU J 556 4.73 45.99 31.15
N ASP J 557 3.99 45.91 32.27
CA ASP J 557 4.46 46.27 33.58
C ASP J 557 4.38 45.01 34.39
N GLY J 558 5.45 44.76 35.18
CA GLY J 558 5.56 43.62 36.04
C GLY J 558 6.54 44.04 37.07
N LYS J 559 7.11 43.07 37.84
CA LYS J 559 8.24 43.35 38.71
C LYS J 559 9.44 43.58 37.82
N GLY J 560 9.69 42.59 36.93
CA GLY J 560 10.77 42.58 35.98
C GLY J 560 10.51 43.41 34.77
N VAL J 561 9.28 43.35 34.21
CA VAL J 561 8.99 43.88 32.88
C VAL J 561 9.00 45.39 32.90
N GLU J 562 8.58 45.98 34.05
CA GLU J 562 8.52 47.41 34.25
C GLU J 562 9.90 48.01 34.37
N MET J 563 10.89 47.23 34.87
CA MET J 563 12.26 47.68 35.05
C MET J 563 12.92 47.96 33.73
N MET J 564 12.73 47.06 32.74
CA MET J 564 13.27 47.18 31.40
C MET J 564 12.59 48.29 30.63
N ARG J 565 11.29 48.54 30.93
CA ARG J 565 10.53 49.63 30.36
C ARG J 565 11.05 50.97 30.81
N ASP J 566 11.47 51.07 32.10
CA ASP J 566 12.08 52.25 32.69
C ASP J 566 13.45 52.52 32.12
N TYR J 567 14.16 51.47 31.66
CA TYR J 567 15.44 51.57 31.00
C TYR J 567 15.27 52.21 29.63
N ALA J 568 14.11 51.97 28.98
CA ALA J 568 13.78 52.53 27.70
C ALA J 568 13.36 53.98 27.82
N ASN J 569 12.67 54.35 28.94
CA ASN J 569 12.18 55.69 29.16
C ASN J 569 13.33 56.61 29.49
N LYS J 570 14.34 56.08 30.22
CA LYS J 570 15.50 56.81 30.65
C LYS J 570 16.38 57.14 29.48
N GLN J 571 16.60 56.17 28.56
CA GLN J 571 17.46 56.38 27.43
C GLN J 571 16.80 57.17 26.32
N LEU J 572 15.59 56.77 25.87
CA LEU J 572 14.97 57.32 24.68
C LEU J 572 14.48 58.73 24.85
N ILE J 573 13.76 59.03 25.96
CA ILE J 573 13.09 60.30 26.14
C ILE J 573 14.11 61.39 26.38
N GLN J 574 15.18 61.07 27.14
CA GLN J 574 16.21 62.00 27.51
C GLN J 574 17.16 62.30 26.39
N MET J 575 17.35 61.36 25.43
CA MET J 575 18.17 61.59 24.26
C MET J 575 17.43 62.45 23.26
N GLY J 576 16.08 62.54 23.38
CA GLY J 576 15.27 63.38 22.54
C GLY J 576 14.94 62.78 21.21
N VAL J 577 15.15 61.45 21.03
CA VAL J 577 14.85 60.76 19.79
C VAL J 577 13.35 60.55 19.67
N LYS J 578 12.63 60.57 20.82
CA LYS J 578 11.18 60.52 20.87
C LYS J 578 10.59 61.77 20.29
N LYS J 579 11.23 62.93 20.60
CA LYS J 579 10.77 64.26 20.27
C LYS J 579 9.43 64.55 20.91
N PRO J 580 9.31 64.61 22.25
CA PRO J 580 8.05 64.67 23.01
C PRO J 580 6.97 65.57 22.45
N GLU J 581 5.72 65.05 22.44
CA GLU J 581 4.54 65.76 22.00
C GLU J 581 4.03 66.73 23.02
N THR J 582 4.34 66.50 24.31
CA THR J 582 4.04 67.36 25.44
C THR J 582 2.57 67.76 25.61
N PRO J 583 1.56 66.87 25.69
CA PRO J 583 0.21 67.24 26.08
C PRO J 583 0.13 67.37 27.59
N GLU J 584 1.10 66.79 28.33
CA GLU J 584 1.21 66.91 29.75
C GLU J 584 2.59 66.48 30.16
N GLU J 585 3.47 66.13 29.17
CA GLU J 585 4.77 65.56 29.43
C GLU J 585 5.76 66.67 29.67
N GLN J 586 6.79 66.38 30.51
CA GLN J 586 7.48 67.26 31.42
C GLN J 586 7.28 66.84 32.85
N GLN J 587 6.95 65.55 33.08
CA GLN J 587 6.94 64.93 34.39
C GLN J 587 8.35 64.49 34.71
N TRP J 588 9.26 65.48 34.89
CA TRP J 588 10.70 65.39 34.90
C TRP J 588 11.29 64.81 33.63
N LEU J 589 10.48 64.67 32.55
CA LEU J 589 10.88 64.16 31.27
C LEU J 589 11.70 65.17 30.52
N VAL J 590 11.10 66.36 30.24
CA VAL J 590 11.71 67.49 29.57
C VAL J 590 12.89 68.01 30.35
N GLU J 591 12.75 68.05 31.70
CA GLU J 591 13.77 68.50 32.63
C GLU J 591 15.07 67.72 32.46
N ALA J 592 15.01 66.38 32.64
CA ALA J 592 16.14 65.50 32.50
C ALA J 592 16.61 65.31 31.07
N GLN J 593 15.77 65.67 30.07
CA GLN J 593 16.11 65.61 28.66
C GLN J 593 17.15 66.64 28.31
N GLN J 594 16.97 67.88 28.82
CA GLN J 594 17.89 68.97 28.60
C GLN J 594 19.17 68.79 29.36
N ALA J 595 19.10 68.06 30.51
CA ALA J 595 20.23 67.80 31.36
C ALA J 595 21.18 66.79 30.76
N LYS J 596 20.63 65.76 30.06
CA LYS J 596 21.41 64.70 29.46
C LYS J 596 22.07 65.16 28.18
N GLN J 597 21.37 66.00 27.40
CA GLN J 597 21.87 66.56 26.15
C GLN J 597 23.02 67.49 26.40
N GLY J 598 22.99 68.24 27.52
CA GLY J 598 24.05 69.14 27.92
C GLY J 598 25.22 68.42 28.52
N GLN J 599 25.03 67.16 28.98
CA GLN J 599 26.05 66.32 29.56
C GLN J 599 26.89 65.69 28.47
N GLN J 600 26.29 65.50 27.27
CA GLN J 600 26.92 64.85 26.14
C GLN J 600 27.88 65.78 25.43
N ASP J 601 27.66 67.12 25.51
CA ASP J 601 28.48 68.10 24.84
C ASP J 601 29.92 68.17 25.34
N PRO J 602 30.28 68.15 26.62
CA PRO J 602 31.67 68.08 27.08
C PRO J 602 32.40 66.84 26.64
N ALA J 603 31.70 65.70 26.43
CA ALA J 603 32.29 64.45 26.04
C ALA J 603 32.80 64.50 24.62
N MET J 604 32.16 65.33 23.76
CA MET J 604 32.59 65.55 22.40
C MET J 604 33.87 66.35 22.34
N VAL J 605 34.09 67.27 23.32
CA VAL J 605 35.28 68.08 23.42
C VAL J 605 36.48 67.23 23.77
N GLN J 606 36.28 66.23 24.66
CA GLN J 606 37.32 65.28 25.05
C GLN J 606 37.74 64.40 23.89
N ALA J 607 36.77 64.03 23.01
CA ALA J 607 37.02 63.24 21.82
C ALA J 607 37.75 64.02 20.74
N GLN J 608 37.64 65.37 20.75
CA GLN J 608 38.34 66.25 19.83
C GLN J 608 39.77 66.43 20.25
N GLY J 609 40.16 65.94 21.46
CA GLY J 609 41.50 66.01 21.98
C GLY J 609 42.48 65.19 21.19
N VAL J 610 42.00 64.08 20.57
CA VAL J 610 42.76 63.20 19.71
C VAL J 610 43.20 63.93 18.46
N LEU J 611 42.26 64.70 17.86
CA LEU J 611 42.46 65.51 16.69
C LEU J 611 43.39 66.68 16.96
N LEU J 612 43.51 67.10 18.24
CA LEU J 612 44.36 68.18 18.69
C LEU J 612 45.76 67.68 18.97
N GLN J 613 46.01 66.35 18.94
CA GLN J 613 47.35 65.78 19.04
C GLN J 613 48.19 66.17 17.84
N GLY J 614 47.56 66.27 16.64
CA GLY J 614 48.22 66.67 15.43
C GLY J 614 48.41 68.15 15.32
N GLN J 615 47.47 68.94 15.90
CA GLN J 615 47.56 70.39 15.97
C GLN J 615 48.66 70.80 16.91
N ALA J 616 48.86 70.00 18.00
CA ALA J 616 49.86 70.23 19.01
C ALA J 616 51.22 69.86 18.52
N GLU J 617 51.32 68.87 17.60
CA GLU J 617 52.57 68.40 17.06
C GLU J 617 53.24 69.46 16.22
N LEU J 618 52.42 70.21 15.45
CA LEU J 618 52.86 71.34 14.65
C LEU J 618 53.38 72.47 15.50
N ALA J 619 52.74 72.69 16.68
CA ALA J 619 53.10 73.76 17.58
C ALA J 619 54.34 73.43 18.37
N LYS J 620 54.59 72.14 18.70
CA LYS J 620 55.78 71.67 19.38
C LYS J 620 56.96 71.70 18.46
N ALA J 621 56.72 71.47 17.15
CA ALA J 621 57.73 71.48 16.11
C ALA J 621 58.21 72.88 15.84
N GLN J 622 57.36 73.89 16.13
CA GLN J 622 57.67 75.30 15.99
C GLN J 622 58.58 75.75 17.10
N ASN J 623 58.47 75.14 18.31
CA ASN J 623 59.26 75.49 19.46
C ASN J 623 60.70 75.06 19.34
N GLN J 624 60.98 73.98 18.58
CA GLN J 624 62.32 73.48 18.36
C GLN J 624 63.13 74.46 17.55
N THR J 625 62.50 75.04 16.50
CA THR J 625 63.09 76.05 15.65
C THR J 625 63.20 77.38 16.36
N LEU J 626 62.19 77.71 17.21
CA LEU J 626 62.12 78.94 17.97
C LEU J 626 63.22 79.06 18.98
N SER J 627 63.67 77.92 19.57
CA SER J 627 64.71 77.89 20.58
C SER J 627 66.03 78.39 20.03
N LEU J 628 66.32 78.11 18.73
CA LEU J 628 67.51 78.54 18.06
C LEU J 628 67.44 80.00 17.67
N GLN J 629 66.22 80.50 17.33
CA GLN J 629 65.99 81.89 16.97
C GLN J 629 66.15 82.81 18.15
N ILE J 630 65.76 82.35 19.36
CA ILE J 630 65.86 83.07 20.61
C ILE J 630 67.31 83.15 21.04
N ASP J 631 68.08 82.06 20.83
CA ASP J 631 69.49 82.00 21.15
C ASP J 631 70.30 82.91 20.26
N ALA J 632 69.92 83.03 18.97
CA ALA J 632 70.59 83.84 17.98
C ALA J 632 70.43 85.32 18.25
N ALA J 633 69.30 85.73 18.88
CA ALA J 633 69.02 87.11 19.20
C ALA J 633 69.82 87.58 20.38
N LYS J 634 70.18 86.66 21.32
CA LYS J 634 70.95 86.98 22.49
C LYS J 634 72.42 87.12 22.17
N VAL J 635 72.91 86.43 21.10
CA VAL J 635 74.27 86.54 20.62
C VAL J 635 74.46 87.88 19.96
N GLU J 636 73.44 88.35 19.19
CA GLU J 636 73.45 89.62 18.51
C GLU J 636 73.51 90.79 19.46
N ALA J 637 72.75 90.68 20.59
CA ALA J 637 72.71 91.66 21.64
C ALA J 637 74.02 91.78 22.36
N GLN J 638 74.75 90.64 22.50
CA GLN J 638 76.05 90.55 23.12
C GLN J 638 77.10 91.19 22.26
N ASN J 639 76.98 91.09 20.92
CA ASN J 639 77.95 91.60 19.98
C ASN J 639 77.88 93.10 19.93
N GLN J 640 76.65 93.67 19.98
CA GLN J 640 76.40 95.09 20.01
C GLN J 640 76.76 95.70 21.35
N LEU J 641 76.76 94.89 22.43
CA LEU J 641 77.06 95.35 23.77
C LEU J 641 78.54 95.53 23.93
N ASN J 642 79.35 94.56 23.42
CA ASN J 642 80.80 94.63 23.48
C ASN J 642 81.35 95.61 22.47
N ALA J 643 80.58 95.93 21.41
CA ALA J 643 81.02 96.83 20.36
C ALA J 643 81.08 98.25 20.83
N ALA J 644 79.98 98.73 21.48
CA ALA J 644 79.92 100.06 22.03
C ALA J 644 80.77 100.22 23.26
N ARG J 645 81.00 99.11 24.02
CA ARG J 645 81.85 99.09 25.18
C ARG J 645 83.27 99.50 24.89
N ILE J 646 83.97 98.71 24.05
CA ILE J 646 85.37 98.90 23.72
C ILE J 646 85.57 100.16 22.90
N ALA J 647 84.61 100.51 22.02
CA ALA J 647 84.71 101.69 21.17
C ALA J 647 84.65 102.97 21.96
N GLU J 648 83.83 103.01 23.04
CA GLU J 648 83.70 104.16 23.91
C GLU J 648 84.91 104.35 24.79
N ILE J 649 85.54 103.22 25.23
CA ILE J 649 86.72 103.21 26.07
C ILE J 649 87.90 103.69 25.27
N PHE J 650 87.94 103.35 23.95
CA PHE J 650 88.98 103.75 23.05
C PHE J 650 88.95 105.25 22.83
N ASN J 651 87.73 105.85 22.74
CA ASN J 651 87.55 107.26 22.52
C ASN J 651 87.88 108.07 23.75
N ASN J 652 87.68 107.47 24.95
CA ASN J 652 87.93 108.11 26.23
C ASN J 652 89.42 108.18 26.48
N MET J 653 90.19 107.20 25.93
CA MET J 653 91.61 107.15 26.09
C MET J 653 92.33 108.10 25.19
N ASP J 654 91.85 108.30 23.93
CA ASP J 654 92.54 109.15 22.97
C ASP J 654 92.47 110.61 23.34
N LEU J 655 91.29 111.08 23.81
CA LEU J 655 91.08 112.47 24.14
C LEU J 655 91.79 112.86 25.40
N SER J 656 91.94 111.91 26.35
CA SER J 656 92.56 112.17 27.64
C SER J 656 94.06 112.21 27.53
N LYS J 657 94.66 111.30 26.73
CA LYS J 657 96.10 111.18 26.62
C LYS J 657 96.74 112.32 25.88
N GLN J 658 96.01 112.94 24.91
CA GLN J 658 96.52 114.04 24.12
C GLN J 658 96.64 115.32 24.93
N SER J 659 95.64 115.61 25.80
CA SER J 659 95.63 116.79 26.63
C SER J 659 96.56 116.68 27.80
N GLU J 660 96.81 115.44 28.27
CA GLU J 660 97.69 115.16 29.40
C GLU J 660 99.13 115.23 28.95
N PHE J 661 99.39 115.03 27.64
CA PHE J 661 100.70 115.04 27.02
C PHE J 661 101.27 116.43 27.01
N ARG J 662 100.39 117.46 26.93
CA ARG J 662 100.77 118.86 26.92
C ARG J 662 101.39 119.29 28.24
N GLU J 663 101.05 118.57 29.33
CA GLU J 663 101.50 118.90 30.66
C GLU J 663 102.90 118.41 30.85
N PHE J 664 103.18 117.17 30.37
CA PHE J 664 104.46 116.52 30.49
C PHE J 664 105.49 117.14 29.59
N LEU J 665 105.03 117.82 28.51
CA LEU J 665 105.88 118.48 27.56
C LEU J 665 106.46 119.72 28.19
N LYS J 666 105.60 120.51 28.88
CA LYS J 666 106.00 121.71 29.56
C LYS J 666 106.72 121.44 30.86
N THR J 667 106.54 120.23 31.47
CA THR J 667 107.25 119.85 32.67
C THR J 667 108.71 119.63 32.36
N VAL J 668 109.00 118.96 31.21
CA VAL J 668 110.34 118.74 30.72
C VAL J 668 110.94 120.05 30.24
N ALA J 669 110.13 120.93 29.59
CA ALA J 669 110.59 122.21 29.11
C ALA J 669 111.00 123.15 30.23
N SER J 670 110.25 123.14 31.36
CA SER J 670 110.58 123.92 32.54
C SER J 670 111.75 123.35 33.28
N PHE J 671 111.98 122.01 33.17
CA PHE J 671 113.07 121.32 33.82
C PHE J 671 114.37 121.64 33.14
N GLN J 672 114.36 121.83 31.80
CA GLN J 672 115.53 122.15 31.01
C GLN J 672 116.03 123.52 31.35
N GLN J 673 115.12 124.52 31.41
CA GLN J 673 115.44 125.89 31.72
C GLN J 673 115.92 126.07 33.14
N ASP J 674 115.36 125.27 34.10
CA ASP J 674 115.74 125.29 35.50
C ASP J 674 117.12 124.68 35.68
N ARG J 675 117.41 123.58 34.96
CA ARG J 675 118.66 122.85 35.05
C ARG J 675 119.79 123.61 34.41
N SER J 676 119.47 124.42 33.38
CA SER J 676 120.42 125.29 32.69
C SER J 676 120.76 126.48 33.55
N GLU J 677 119.79 126.93 34.40
CA GLU J 677 119.95 128.06 35.28
C GLU J 677 120.87 127.73 36.42
N ASP J 678 120.85 126.45 36.89
CA ASP J 678 121.75 125.97 37.92
C ASP J 678 123.18 125.99 37.46
N ALA J 679 123.42 125.64 36.17
CA ALA J 679 124.74 125.65 35.55
C ALA J 679 125.21 127.05 35.24
N ARG J 680 124.27 128.00 35.04
CA ARG J 680 124.54 129.40 34.80
C ARG J 680 124.98 130.05 36.07
N ALA J 681 124.38 129.64 37.22
CA ALA J 681 124.66 130.18 38.53
C ALA J 681 126.04 129.81 39.02
N ASN J 682 126.57 128.64 38.57
CA ASN J 682 127.89 128.18 38.93
C ASN J 682 128.94 129.01 38.23
N ALA J 683 128.65 129.46 36.98
CA ALA J 683 129.55 130.24 36.18
C ALA J 683 129.58 131.69 36.60
N GLU J 684 128.44 132.22 37.11
CA GLU J 684 128.30 133.60 37.52
C GLU J 684 129.06 133.90 38.78
N LEU J 685 128.91 133.02 39.79
CA LEU J 685 129.54 133.17 41.08
C LEU J 685 131.02 132.92 41.03
N LEU J 686 131.47 132.10 40.05
CA LEU J 686 132.87 131.78 39.89
C LEU J 686 133.60 132.91 39.20
N LEU J 687 132.94 133.64 38.28
CA LEU J 687 133.57 134.73 37.56
C LEU J 687 133.82 135.92 38.45
N LYS J 688 132.84 136.25 39.32
CA LYS J 688 132.96 137.35 40.25
C LYS J 688 133.93 137.03 41.35
N GLY J 689 134.01 135.74 41.75
CA GLY J 689 134.88 135.30 42.82
C GLY J 689 136.32 135.22 42.44
N ASP J 690 136.64 134.95 41.15
CA ASP J 690 138.01 134.80 40.71
C ASP J 690 138.66 136.15 40.56
N GLU J 691 137.91 137.13 40.00
CA GLU J 691 138.40 138.47 39.74
C GLU J 691 138.74 139.20 41.01
N GLN J 692 137.81 139.18 42.01
CA GLN J 692 137.99 139.90 43.24
C GLN J 692 139.02 139.28 44.16
N THR J 693 139.45 138.01 43.94
CA THR J 693 140.52 137.41 44.71
C THR J 693 141.85 137.94 44.22
N HIS J 694 142.06 137.99 42.88
CA HIS J 694 143.29 138.48 42.29
C HIS J 694 143.49 139.95 42.49
N LYS J 695 142.38 140.71 42.67
CA LYS J 695 142.37 142.13 42.90
C LYS J 695 142.94 142.45 44.26
N GLN J 696 142.58 141.63 45.27
CA GLN J 696 143.01 141.77 46.64
C GLN J 696 144.49 141.48 46.81
N ARG J 697 145.05 140.54 46.02
CA ARG J 697 146.46 140.18 46.04
C ARG J 697 147.32 141.38 45.77
N MET J 698 147.13 142.02 44.59
CA MET J 698 147.87 143.17 44.14
C MET J 698 147.64 144.40 45.00
N ASP J 699 146.45 144.52 45.62
CA ASP J 699 146.10 145.62 46.51
C ASP J 699 146.93 145.56 47.77
N ILE J 700 147.01 144.36 48.41
CA ILE J 700 147.76 144.11 49.61
C ILE J 700 149.25 144.20 49.35
N ALA J 701 149.69 143.84 48.13
CA ALA J 701 151.10 143.78 47.76
C ALA J 701 151.80 145.10 47.88
N ASN J 702 151.23 146.17 47.29
CA ASN J 702 151.86 147.48 47.24
C ASN J 702 151.74 148.22 48.54
N ILE J 703 150.73 147.91 49.38
CA ILE J 703 150.56 148.47 50.70
C ILE J 703 151.68 148.01 51.61
N LEU J 704 152.04 146.71 51.51
CA LEU J 704 153.11 146.09 52.25
C LEU J 704 154.48 146.53 51.78
N GLN J 705 154.61 146.96 50.49
CA GLN J 705 155.85 147.47 49.95
C GLN J 705 156.09 148.87 50.45
N SER J 706 155.01 149.67 50.59
CA SER J 706 155.05 151.02 51.08
C SER J 706 155.26 151.05 52.57
N GLN J 707 154.97 149.93 53.28
CA GLN J 707 155.16 149.78 54.70
C GLN J 707 156.63 149.62 55.03
N ARG J 708 157.38 148.91 54.14
CA ARG J 708 158.80 148.70 54.29
C ARG J 708 159.58 149.95 53.96
N GLN J 709 159.00 150.87 53.15
CA GLN J 709 159.64 152.12 52.80
C GLN J 709 159.25 153.21 53.77
N ASN J 710 158.25 152.93 54.66
CA ASN J 710 157.75 153.89 55.60
C ASN J 710 158.70 154.05 56.74
N GLN J 711 159.27 152.92 57.24
CA GLN J 711 160.16 152.90 58.37
C GLN J 711 161.46 153.65 58.10
N PRO J 712 162.21 153.55 56.99
CA PRO J 712 163.35 154.42 56.72
C PRO J 712 162.99 155.86 56.51
N SER J 713 161.83 156.15 55.85
CA SER J 713 161.42 157.51 55.54
C SER J 713 161.05 158.25 56.80
N GLY J 714 160.33 157.56 57.72
CA GLY J 714 159.89 158.05 59.01
C GLY J 714 161.01 158.36 59.97
N SER J 715 162.21 157.78 59.76
CA SER J 715 163.36 157.99 60.61
C SER J 715 163.90 159.39 60.45
N VAL J 716 164.04 159.84 59.18
CA VAL J 716 164.51 161.17 58.84
C VAL J 716 163.54 162.22 59.32
N ALA J 717 162.25 162.08 58.93
CA ALA J 717 161.18 162.92 59.40
C ALA J 717 159.99 162.03 59.34
N GLU J 718 159.17 162.01 60.43
CA GLU J 718 158.02 161.13 60.57
C GLU J 718 157.01 161.34 59.48
N THR J 719 156.52 160.23 58.90
CA THR J 719 155.52 160.26 57.87
C THR J 719 154.76 158.96 58.01
N PRO J 720 153.43 158.92 57.85
CA PRO J 720 152.68 157.67 57.87
C PRO J 720 152.55 157.22 56.44
N GLN J 721 151.94 156.04 56.23
CA GLN J 721 151.68 155.50 54.91
C GLN J 721 150.47 156.22 54.31
N THR K 1 -61.03 -35.31 -41.60
CA THR K 1 -61.84 -34.07 -41.42
C THR K 1 -61.26 -33.24 -40.31
N LYS K 2 -61.07 -31.92 -40.57
CA LYS K 2 -60.51 -31.00 -39.62
C LYS K 2 -61.35 -29.76 -39.76
N GLY K 3 -61.90 -29.28 -38.62
CA GLY K 3 -62.80 -28.15 -38.59
C GLY K 3 -62.05 -26.88 -38.37
N ASP K 4 -62.83 -25.77 -38.29
CA ASP K 4 -62.33 -24.43 -38.07
C ASP K 4 -62.18 -24.25 -36.59
N LEU K 5 -61.47 -23.17 -36.18
CA LEU K 5 -61.11 -22.91 -34.82
C LEU K 5 -61.94 -21.78 -34.27
N VAL K 6 -63.08 -21.48 -34.95
CA VAL K 6 -63.95 -20.36 -34.65
C VAL K 6 -64.70 -20.52 -33.34
N ARG K 7 -65.24 -21.73 -33.04
CA ARG K 7 -66.00 -21.99 -31.85
C ARG K 7 -65.58 -23.37 -31.43
N ALA K 8 -65.81 -23.74 -30.15
CA ALA K 8 -65.33 -24.97 -29.55
C ALA K 8 -65.96 -26.22 -30.10
N ALA K 9 -67.24 -26.14 -30.56
CA ALA K 9 -67.93 -27.27 -31.15
C ALA K 9 -67.29 -27.75 -32.44
N LEU K 10 -66.94 -26.80 -33.33
CA LEU K 10 -66.32 -27.06 -34.60
C LEU K 10 -64.83 -27.30 -34.47
N ARG K 11 -64.21 -26.75 -33.40
CA ARG K 11 -62.82 -26.91 -33.04
C ARG K 11 -62.51 -28.32 -32.65
N LYS K 12 -63.48 -29.01 -31.99
CA LYS K 12 -63.34 -30.29 -31.35
C LYS K 12 -62.98 -31.39 -32.30
N LEU K 13 -63.65 -31.47 -33.48
CA LEU K 13 -63.38 -32.48 -34.48
C LEU K 13 -62.05 -32.30 -35.18
N GLY K 14 -61.45 -31.07 -35.10
CA GLY K 14 -60.13 -30.79 -35.63
C GLY K 14 -59.05 -31.05 -34.62
N VAL K 15 -59.39 -31.08 -33.31
CA VAL K 15 -58.49 -31.39 -32.22
C VAL K 15 -58.23 -32.88 -32.25
N ALA K 16 -59.30 -33.68 -32.42
CA ALA K 16 -59.22 -35.12 -32.51
C ALA K 16 -58.59 -35.60 -33.79
N SER K 17 -58.61 -34.75 -34.86
CA SER K 17 -58.00 -35.07 -36.12
C SER K 17 -56.49 -35.08 -36.02
N ASP K 18 -55.93 -34.18 -35.18
CA ASP K 18 -54.50 -34.08 -34.96
C ASP K 18 -54.00 -35.28 -34.20
N ALA K 19 -54.64 -35.58 -33.06
CA ALA K 19 -54.15 -36.53 -32.09
C ALA K 19 -54.16 -37.95 -32.59
N THR K 20 -55.34 -38.45 -33.02
CA THR K 20 -55.53 -39.84 -33.33
C THR K 20 -56.21 -39.97 -34.68
N LEU K 21 -57.50 -39.59 -34.74
CA LEU K 21 -58.44 -39.89 -35.81
C LEU K 21 -58.04 -39.32 -37.15
N THR K 22 -58.41 -40.06 -38.22
CA THR K 22 -58.25 -39.58 -39.58
C THR K 22 -59.56 -39.88 -40.23
N ASP K 23 -60.35 -38.80 -40.49
CA ASP K 23 -61.66 -38.82 -41.10
C ASP K 23 -62.65 -39.65 -40.33
N VAL K 24 -62.72 -39.43 -39.00
CA VAL K 24 -63.65 -40.10 -38.13
C VAL K 24 -64.09 -39.00 -37.21
N GLU K 25 -65.42 -38.92 -36.94
CA GLU K 25 -66.03 -37.98 -36.04
C GLU K 25 -65.55 -38.21 -34.63
N PRO K 26 -65.38 -37.20 -33.77
CA PRO K 26 -64.87 -37.37 -32.43
C PRO K 26 -65.90 -38.03 -31.56
N GLN K 27 -65.45 -38.90 -30.63
CA GLN K 27 -66.29 -39.53 -29.64
C GLN K 27 -66.14 -38.77 -28.35
N SER K 28 -65.36 -37.66 -28.39
CA SER K 28 -65.31 -36.64 -27.36
C SER K 28 -66.65 -35.99 -27.25
N MET K 29 -67.16 -35.84 -26.01
CA MET K 29 -68.44 -35.26 -25.73
C MET K 29 -68.18 -33.85 -25.27
N GLN K 30 -68.59 -33.52 -24.02
CA GLN K 30 -68.38 -32.25 -23.38
C GLN K 30 -67.18 -32.32 -22.47
N ASP K 31 -66.60 -33.53 -22.30
CA ASP K 31 -65.53 -33.81 -21.37
C ASP K 31 -64.25 -33.10 -21.74
N ALA K 32 -63.94 -33.08 -23.06
CA ALA K 32 -62.77 -32.42 -23.60
C ALA K 32 -62.96 -30.93 -23.76
N VAL K 33 -64.22 -30.46 -23.72
CA VAL K 33 -64.55 -29.06 -23.94
C VAL K 33 -64.28 -28.28 -22.67
N ASP K 34 -64.63 -28.85 -21.50
CA ASP K 34 -64.44 -28.26 -20.19
C ASP K 34 -62.98 -28.13 -19.84
N ASP K 35 -62.13 -29.06 -20.35
CA ASP K 35 -60.70 -29.00 -20.22
C ASP K 35 -60.10 -27.81 -20.93
N LEU K 36 -60.70 -27.40 -22.07
CA LEU K 36 -60.32 -26.22 -22.82
C LEU K 36 -60.80 -24.95 -22.17
N GLU K 37 -62.00 -24.98 -21.53
CA GLU K 37 -62.55 -23.88 -20.77
C GLU K 37 -61.68 -23.53 -19.58
N ALA K 38 -61.15 -24.55 -18.87
CA ALA K 38 -60.29 -24.34 -17.73
C ALA K 38 -58.86 -24.07 -18.13
N MET K 39 -58.46 -24.43 -19.37
CA MET K 39 -57.15 -24.14 -19.93
C MET K 39 -56.94 -22.65 -20.04
N MET K 40 -57.97 -21.98 -20.59
CA MET K 40 -58.08 -20.54 -20.66
C MET K 40 -59.06 -20.12 -19.62
N ALA K 41 -58.68 -20.36 -18.34
CA ALA K 41 -59.28 -19.75 -17.19
C ALA K 41 -58.11 -19.29 -16.38
N GLU K 42 -57.20 -20.24 -16.06
CA GLU K 42 -55.87 -20.01 -15.55
C GLU K 42 -55.03 -19.09 -16.43
N TRP K 43 -55.10 -19.30 -17.76
CA TRP K 43 -54.43 -18.49 -18.76
C TRP K 43 -55.13 -17.19 -19.01
N TYR K 44 -56.41 -17.07 -18.58
CA TYR K 44 -57.20 -15.87 -18.74
C TYR K 44 -57.11 -15.02 -17.49
N GLN K 45 -56.31 -15.44 -16.47
CA GLN K 45 -56.06 -14.64 -15.28
C GLN K 45 -55.25 -13.42 -15.65
N ASP K 46 -54.21 -13.63 -16.49
CA ASP K 46 -53.35 -12.63 -17.07
C ASP K 46 -52.47 -11.92 -16.06
N GLY K 47 -52.24 -12.54 -14.88
CA GLY K 47 -51.23 -12.11 -13.94
C GLY K 47 -50.18 -13.16 -13.78
N LYS K 48 -50.48 -14.40 -14.21
CA LYS K 48 -49.62 -15.54 -14.01
C LYS K 48 -49.65 -16.32 -15.28
N GLY K 49 -50.85 -16.83 -15.65
CA GLY K 49 -51.03 -17.65 -16.82
C GLY K 49 -50.94 -16.81 -18.05
N ILE K 50 -50.32 -17.39 -19.11
CA ILE K 50 -49.94 -16.73 -20.35
C ILE K 50 -51.18 -16.24 -21.05
N ILE K 51 -51.20 -14.94 -21.43
CA ILE K 51 -52.34 -14.25 -22.02
C ILE K 51 -52.68 -14.86 -23.35
N THR K 52 -53.94 -15.32 -23.50
CA THR K 52 -54.43 -15.95 -24.70
C THR K 52 -55.49 -15.08 -25.29
N GLY K 53 -56.42 -14.58 -24.42
CA GLY K 53 -57.62 -13.88 -24.82
C GLY K 53 -58.64 -14.93 -25.17
N TYR K 54 -59.87 -14.79 -24.64
CA TYR K 54 -60.87 -15.81 -24.86
C TYR K 54 -62.20 -15.18 -24.61
N VAL K 55 -63.25 -15.76 -25.23
CA VAL K 55 -64.63 -15.41 -25.04
C VAL K 55 -65.21 -16.68 -24.50
N PHE K 56 -66.01 -16.56 -23.42
CA PHE K 56 -66.52 -17.69 -22.67
C PHE K 56 -67.95 -17.89 -23.09
N SER K 57 -68.47 -19.10 -22.78
CA SER K 57 -69.79 -19.55 -23.17
C SER K 57 -70.87 -18.72 -22.54
N ASP K 58 -71.92 -18.42 -23.33
CA ASP K 58 -73.08 -17.70 -22.88
C ASP K 58 -74.28 -18.57 -23.10
N ASP K 59 -74.03 -19.84 -23.55
CA ASP K 59 -75.01 -20.87 -23.81
C ASP K 59 -75.72 -20.56 -25.11
N GLU K 60 -75.45 -21.40 -26.14
CA GLU K 60 -76.08 -21.32 -27.44
C GLU K 60 -77.22 -22.29 -27.38
N ASN K 61 -76.94 -23.57 -27.73
CA ASN K 61 -77.74 -24.70 -27.34
C ASN K 61 -76.83 -25.52 -26.44
N PRO K 62 -75.54 -25.80 -26.74
CA PRO K 62 -74.69 -26.50 -25.78
C PRO K 62 -74.18 -25.47 -24.78
N PRO K 63 -74.07 -25.75 -23.48
CA PRO K 63 -73.69 -24.76 -22.48
C PRO K 63 -72.20 -24.52 -22.41
N ALA K 64 -71.35 -25.43 -22.96
CA ALA K 64 -69.92 -25.31 -22.80
C ALA K 64 -69.26 -25.06 -24.13
N GLU K 65 -70.05 -25.09 -25.23
CA GLU K 65 -69.55 -24.89 -26.58
C GLU K 65 -70.24 -23.66 -27.13
N GLY K 66 -70.83 -22.84 -26.24
CA GLY K 66 -71.50 -21.60 -26.57
C GLY K 66 -70.51 -20.48 -26.76
N ASP K 67 -69.20 -20.79 -26.58
CA ASP K 67 -68.09 -19.86 -26.64
C ASP K 67 -67.75 -19.50 -28.05
N ASP K 68 -66.85 -18.49 -28.19
CA ASP K 68 -66.35 -18.01 -29.44
C ASP K 68 -64.87 -17.83 -29.19
N HIS K 69 -64.10 -17.57 -30.26
CA HIS K 69 -62.67 -17.40 -30.16
C HIS K 69 -62.38 -15.98 -29.74
N GLY K 70 -61.31 -15.81 -28.94
CA GLY K 70 -60.81 -14.53 -28.50
C GLY K 70 -59.33 -14.51 -28.74
N LEU K 71 -58.81 -15.60 -29.34
CA LEU K 71 -57.40 -15.92 -29.53
C LEU K 71 -56.66 -14.84 -30.28
N ARG K 72 -55.36 -14.66 -29.91
CA ARG K 72 -54.49 -13.65 -30.44
C ARG K 72 -54.08 -14.01 -31.85
N SER K 73 -53.05 -14.89 -31.98
CA SER K 73 -52.52 -15.29 -33.26
C SER K 73 -51.58 -16.42 -32.95
N SER K 74 -50.68 -16.22 -31.96
CA SER K 74 -49.81 -17.26 -31.45
C SER K 74 -50.61 -18.21 -30.58
N ALA K 75 -51.69 -17.70 -29.95
CA ALA K 75 -52.67 -18.47 -29.22
C ALA K 75 -53.47 -19.41 -30.10
N VAL K 76 -53.61 -19.09 -31.41
CA VAL K 76 -54.27 -19.93 -32.38
C VAL K 76 -53.50 -21.21 -32.62
N SER K 77 -52.15 -21.15 -32.51
CA SER K 77 -51.27 -22.29 -32.69
C SER K 77 -50.93 -22.94 -31.39
N ALA K 78 -51.55 -22.52 -30.26
CA ALA K 78 -51.17 -22.99 -28.95
C ALA K 78 -52.26 -23.88 -28.46
N VAL K 79 -53.47 -23.30 -28.22
CA VAL K 79 -54.51 -23.88 -27.42
C VAL K 79 -55.03 -25.23 -27.88
N PHE K 80 -55.35 -25.38 -29.20
CA PHE K 80 -56.00 -26.58 -29.68
C PHE K 80 -55.03 -27.72 -29.93
N HIS K 81 -53.74 -27.38 -30.19
CA HIS K 81 -52.63 -28.31 -30.25
C HIS K 81 -52.30 -28.88 -28.89
N ASN K 82 -52.44 -28.06 -27.83
CA ASN K 82 -52.23 -28.47 -26.45
C ASN K 82 -53.35 -29.38 -26.03
N LEU K 83 -54.59 -29.07 -26.45
CA LEU K 83 -55.77 -29.86 -26.16
C LEU K 83 -55.70 -31.20 -26.84
N ALA K 84 -55.09 -31.27 -28.04
CA ALA K 84 -54.90 -32.48 -28.80
C ALA K 84 -53.98 -33.44 -28.10
N CYS K 85 -52.97 -32.91 -27.38
CA CYS K 85 -52.07 -33.70 -26.59
C CYS K 85 -52.73 -34.21 -25.33
N ARG K 86 -53.73 -33.47 -24.78
CA ARG K 86 -54.42 -33.82 -23.56
C ARG K 86 -55.43 -34.90 -23.81
N ILE K 87 -56.09 -34.91 -25.00
CA ILE K 87 -57.09 -35.89 -25.34
C ILE K 87 -56.48 -37.09 -26.00
N ALA K 88 -55.15 -37.10 -26.27
CA ALA K 88 -54.46 -38.26 -26.79
C ALA K 88 -54.43 -39.41 -25.78
N PRO K 89 -54.15 -39.24 -24.47
CA PRO K 89 -54.27 -40.29 -23.46
C PRO K 89 -55.64 -40.87 -23.28
N ASP K 90 -56.72 -40.20 -23.76
CA ASP K 90 -58.09 -40.70 -23.72
C ASP K 90 -58.19 -41.98 -24.50
N TYR K 91 -57.56 -42.01 -25.71
CA TYR K 91 -57.52 -43.15 -26.60
C TYR K 91 -56.38 -44.08 -26.23
N ALA K 92 -55.66 -43.77 -25.13
CA ALA K 92 -54.53 -44.51 -24.60
C ALA K 92 -53.36 -44.49 -25.56
N LEU K 93 -53.04 -43.29 -26.09
CA LEU K 93 -51.98 -43.08 -27.04
C LEU K 93 -51.31 -41.80 -26.63
N GLU K 94 -50.15 -41.50 -27.27
CA GLU K 94 -49.37 -40.32 -26.99
C GLU K 94 -49.24 -39.60 -28.30
N ALA K 95 -49.38 -38.26 -28.25
CA ALA K 95 -49.30 -37.35 -29.39
C ALA K 95 -47.93 -37.40 -30.03
N THR K 96 -47.89 -37.18 -31.38
CA THR K 96 -46.69 -37.23 -32.17
C THR K 96 -45.88 -35.95 -31.96
N ALA K 97 -44.65 -35.91 -32.51
CA ALA K 97 -43.66 -34.89 -32.25
C ALA K 97 -44.00 -33.55 -32.84
N LYS K 98 -44.78 -33.50 -33.94
CA LYS K 98 -45.20 -32.27 -34.56
C LYS K 98 -46.20 -31.52 -33.71
N ILE K 99 -47.08 -32.25 -32.99
CA ILE K 99 -48.19 -31.66 -32.24
C ILE K 99 -47.66 -31.01 -31.00
N ILE K 100 -46.70 -31.67 -30.31
CA ILE K 100 -46.13 -31.18 -29.08
C ILE K 100 -45.22 -30.01 -29.34
N ALA K 101 -44.57 -29.94 -30.55
CA ALA K 101 -43.66 -28.88 -30.88
C ALA K 101 -44.38 -27.61 -31.23
N THR K 102 -45.51 -27.72 -32.00
CA THR K 102 -46.36 -26.61 -32.39
C THR K 102 -47.00 -25.95 -31.21
N ALA K 103 -47.52 -26.74 -30.22
CA ALA K 103 -48.16 -26.22 -29.04
C ALA K 103 -47.24 -25.44 -28.14
N LYS K 104 -45.97 -25.91 -28.04
CA LYS K 104 -44.91 -25.30 -27.27
C LYS K 104 -44.46 -24.00 -27.87
N TYR K 105 -44.16 -24.01 -29.19
CA TYR K 105 -43.67 -22.87 -29.93
C TYR K 105 -44.77 -21.84 -30.14
N GLY K 106 -46.04 -22.26 -30.05
CA GLY K 106 -47.19 -21.39 -30.08
C GLY K 106 -47.38 -20.67 -28.78
N LYS K 107 -47.09 -21.37 -27.64
CA LYS K 107 -47.17 -20.80 -26.31
C LYS K 107 -45.96 -19.92 -26.03
N GLU K 108 -44.84 -20.18 -26.72
CA GLU K 108 -43.58 -19.52 -26.52
C GLU K 108 -43.58 -18.12 -27.07
N LEU K 109 -44.08 -17.95 -28.32
CA LEU K 109 -44.22 -16.66 -28.95
C LEU K 109 -45.34 -15.86 -28.32
N LEU K 110 -46.29 -16.54 -27.64
CA LEU K 110 -47.40 -15.91 -26.99
C LEU K 110 -47.00 -15.15 -25.74
N TYR K 111 -46.03 -15.68 -24.96
CA TYR K 111 -45.54 -15.04 -23.76
C TYR K 111 -44.47 -14.02 -24.08
N LYS K 112 -43.96 -13.99 -25.33
CA LYS K 112 -42.90 -13.11 -25.75
C LYS K 112 -43.22 -11.64 -25.58
N GLN K 113 -44.42 -11.22 -26.07
CA GLN K 113 -44.91 -9.87 -25.93
C GLN K 113 -45.48 -9.58 -24.56
N THR K 114 -45.89 -10.64 -23.82
CA THR K 114 -46.47 -10.56 -22.50
C THR K 114 -45.43 -10.22 -21.47
N ALA K 115 -44.21 -10.78 -21.64
CA ALA K 115 -43.09 -10.64 -20.73
C ALA K 115 -42.60 -9.23 -20.58
N ILE K 116 -42.67 -8.42 -21.68
CA ILE K 116 -42.16 -7.07 -21.73
C ILE K 116 -43.06 -6.16 -20.94
N SER K 117 -44.39 -6.42 -21.00
CA SER K 117 -45.40 -5.62 -20.35
C SER K 117 -45.36 -5.77 -18.85
N ARG K 118 -45.22 -7.04 -18.38
CA ARG K 118 -45.23 -7.37 -16.97
C ARG K 118 -43.96 -6.99 -16.27
N ALA K 119 -42.79 -7.31 -16.88
CA ALA K 119 -41.53 -7.23 -16.23
C ALA K 119 -40.72 -6.12 -16.83
N LYS K 120 -40.20 -5.24 -15.95
CA LYS K 120 -39.30 -4.17 -16.28
C LYS K 120 -38.48 -3.97 -15.04
N ARG K 121 -37.16 -3.66 -15.20
CA ARG K 121 -36.27 -3.41 -14.09
C ARG K 121 -36.67 -2.14 -13.38
N ALA K 122 -36.67 -2.20 -12.03
CA ALA K 122 -36.92 -1.07 -11.16
C ALA K 122 -35.77 -0.09 -11.29
N PRO K 123 -35.97 1.23 -11.23
CA PRO K 123 -34.90 2.20 -11.38
C PRO K 123 -34.18 2.35 -10.06
N TYR K 124 -33.31 3.39 -9.93
CA TYR K 124 -32.52 3.70 -8.77
C TYR K 124 -33.37 3.85 -7.52
N PRO K 125 -32.95 3.38 -6.34
CA PRO K 125 -33.63 3.61 -5.07
C PRO K 125 -33.49 5.04 -4.60
N SER K 126 -34.01 5.35 -3.38
CA SER K 126 -33.95 6.68 -2.79
C SER K 126 -32.90 6.61 -1.72
N ARG K 127 -31.66 6.28 -2.12
CA ARG K 127 -30.45 6.77 -1.50
C ARG K 127 -29.68 7.54 -2.53
N MET K 128 -30.36 7.96 -3.61
CA MET K 128 -29.75 8.36 -4.86
C MET K 128 -29.55 9.86 -4.83
N PRO K 129 -28.36 10.41 -5.02
CA PRO K 129 -28.16 11.85 -5.17
C PRO K 129 -28.61 12.31 -6.53
N THR K 130 -28.98 13.60 -6.66
CA THR K 130 -29.35 14.23 -7.90
C THR K 130 -28.18 14.25 -8.87
N GLY K 131 -26.94 14.48 -8.36
CA GLY K 131 -25.75 14.59 -9.16
C GLY K 131 -25.45 16.04 -9.35
N SER K 132 -24.14 16.39 -9.38
CA SER K 132 -23.70 17.76 -9.49
C SER K 132 -23.29 18.06 -10.91
N GLY K 133 -23.36 17.05 -11.81
CA GLY K 133 -23.15 17.26 -13.22
C GLY K 133 -24.42 17.76 -13.85
N ASN K 134 -25.55 17.70 -13.09
CA ASN K 134 -26.84 18.21 -13.47
C ASN K 134 -26.75 19.71 -13.58
N SER K 135 -27.47 20.28 -14.58
CA SER K 135 -27.50 21.70 -14.78
C SER K 135 -28.93 22.09 -14.62
N PHE K 136 -29.21 22.86 -13.54
CA PHE K 136 -30.53 23.28 -13.09
C PHE K 136 -31.49 22.12 -12.91
N PRO K 137 -31.25 21.12 -12.05
CA PRO K 137 -32.22 20.06 -11.78
C PRO K 137 -33.44 20.59 -11.09
N ASN K 138 -33.25 21.66 -10.25
CA ASN K 138 -34.27 22.38 -9.52
C ASN K 138 -34.70 21.60 -8.31
N LEU K 139 -33.87 20.60 -7.91
CA LEU K 139 -34.13 19.71 -6.81
C LEU K 139 -32.78 19.31 -6.29
N ASN K 140 -32.74 18.91 -5.00
CA ASN K 140 -31.57 18.32 -4.39
C ASN K 140 -32.08 17.02 -3.87
N GLU K 141 -31.49 15.90 -4.36
CA GLU K 141 -31.98 14.55 -4.23
C GLU K 141 -33.34 14.39 -4.88
N TRP K 142 -33.92 13.17 -4.76
CA TRP K 142 -35.07 12.77 -5.54
C TRP K 142 -35.84 11.84 -4.65
N HIS K 143 -37.17 11.77 -4.88
CA HIS K 143 -38.09 10.92 -4.14
C HIS K 143 -37.82 9.47 -4.39
N TYR K 144 -37.42 9.11 -5.62
CA TYR K 144 -36.96 7.79 -5.95
C TYR K 144 -35.83 8.08 -6.91
N PHE K 145 -35.84 7.52 -8.15
CA PHE K 145 -35.04 8.05 -9.23
C PHE K 145 -35.60 9.37 -9.78
N PRO K 146 -36.87 9.64 -10.07
CA PRO K 146 -37.22 10.77 -10.93
C PRO K 146 -37.07 12.08 -10.20
N THR L 1 -73.89 -33.94 -21.27
CA THR L 1 -73.41 -32.54 -21.24
C THR L 1 -72.82 -32.20 -19.90
N LYS L 2 -72.10 -31.06 -19.83
CA LYS L 2 -71.44 -30.59 -18.65
C LYS L 2 -71.57 -29.09 -18.71
N GLY L 3 -71.87 -28.48 -17.55
CA GLY L 3 -71.94 -27.05 -17.40
C GLY L 3 -70.73 -26.66 -16.61
N ASP L 4 -70.86 -25.58 -15.79
CA ASP L 4 -69.88 -25.17 -14.82
C ASP L 4 -69.71 -26.23 -13.77
N LEU L 5 -68.46 -26.39 -13.26
CA LEU L 5 -68.12 -27.43 -12.32
C LEU L 5 -68.35 -26.84 -10.96
N VAL L 6 -69.52 -27.20 -10.38
CA VAL L 6 -69.94 -26.80 -9.06
C VAL L 6 -69.94 -27.99 -8.15
N ARG L 7 -69.39 -29.13 -8.63
CA ARG L 7 -69.39 -30.38 -7.92
C ARG L 7 -68.15 -31.08 -8.36
N ALA L 8 -67.66 -32.00 -7.51
CA ALA L 8 -66.56 -32.88 -7.81
C ALA L 8 -67.04 -34.03 -8.66
N ALA L 9 -68.38 -34.17 -8.85
CA ALA L 9 -69.02 -35.11 -9.74
C ALA L 9 -68.67 -34.87 -11.19
N LEU L 10 -68.69 -33.58 -11.62
CA LEU L 10 -68.29 -33.17 -12.96
C LEU L 10 -66.80 -33.37 -13.17
N ARG L 11 -66.00 -33.25 -12.09
CA ARG L 11 -64.57 -33.45 -12.12
C ARG L 11 -64.27 -34.92 -12.30
N LYS L 12 -64.97 -35.80 -11.56
CA LYS L 12 -64.76 -37.24 -11.53
C LYS L 12 -64.92 -37.90 -12.87
N LEU L 13 -66.03 -37.58 -13.60
CA LEU L 13 -66.29 -38.12 -14.91
C LEU L 13 -65.34 -37.63 -15.98
N GLY L 14 -64.74 -36.43 -15.80
CA GLY L 14 -63.73 -35.87 -16.68
C GLY L 14 -62.37 -36.46 -16.42
N VAL L 15 -62.09 -36.85 -15.16
CA VAL L 15 -60.86 -37.46 -14.70
C VAL L 15 -60.78 -38.87 -15.20
N ALA L 16 -61.93 -39.59 -15.21
CA ALA L 16 -62.01 -40.94 -15.71
C ALA L 16 -61.82 -41.00 -17.21
N SER L 17 -62.16 -39.89 -17.93
CA SER L 17 -61.96 -39.76 -19.35
C SER L 17 -60.51 -39.48 -19.70
N ASP L 18 -59.72 -38.90 -18.77
CA ASP L 18 -58.34 -38.59 -19.01
C ASP L 18 -57.49 -39.82 -18.82
N ALA L 19 -57.79 -40.62 -17.77
CA ALA L 19 -56.97 -41.71 -17.33
C ALA L 19 -57.05 -42.93 -18.22
N THR L 20 -58.29 -43.41 -18.49
CA THR L 20 -58.52 -44.66 -19.17
C THR L 20 -59.47 -44.47 -20.32
N LEU L 21 -60.74 -44.14 -20.00
CA LEU L 21 -61.88 -44.08 -20.89
C LEU L 21 -61.68 -43.11 -22.02
N THR L 22 -62.37 -43.37 -23.16
CA THR L 22 -62.30 -42.53 -24.33
C THR L 22 -63.58 -41.73 -24.37
N ASP L 23 -63.78 -40.87 -23.34
CA ASP L 23 -64.81 -39.87 -23.26
C ASP L 23 -66.19 -40.46 -23.23
N VAL L 24 -66.39 -41.46 -22.34
CA VAL L 24 -67.64 -42.17 -22.19
C VAL L 24 -67.95 -42.19 -20.73
N GLU L 25 -69.20 -42.59 -20.39
CA GLU L 25 -69.75 -42.64 -19.06
C GLU L 25 -68.93 -43.55 -18.17
N PRO L 26 -68.54 -43.17 -16.95
CA PRO L 26 -67.67 -43.99 -16.13
C PRO L 26 -68.45 -44.96 -15.30
N GLN L 27 -67.74 -45.99 -14.78
CA GLN L 27 -68.27 -46.97 -13.86
C GLN L 27 -68.22 -46.38 -12.47
N SER L 28 -67.41 -45.31 -12.28
CA SER L 28 -67.21 -44.60 -11.05
C SER L 28 -68.47 -43.89 -10.65
N MET L 29 -68.71 -43.80 -9.33
CA MET L 29 -69.90 -43.22 -8.75
C MET L 29 -69.48 -42.63 -7.43
N GLN L 30 -68.17 -42.76 -7.09
CA GLN L 30 -67.45 -42.04 -6.08
C GLN L 30 -66.13 -42.76 -6.05
N ASP L 31 -65.08 -42.12 -6.61
CA ASP L 31 -63.77 -42.71 -6.67
C ASP L 31 -62.78 -41.58 -6.64
N ALA L 32 -62.80 -40.72 -7.69
CA ALA L 32 -61.86 -39.62 -7.87
C ALA L 32 -61.99 -38.55 -6.81
N VAL L 33 -63.20 -38.38 -6.24
CA VAL L 33 -63.51 -37.41 -5.21
C VAL L 33 -62.78 -37.71 -3.92
N ASP L 34 -62.65 -39.02 -3.58
CA ASP L 34 -61.92 -39.50 -2.42
C ASP L 34 -60.45 -39.17 -2.49
N ASP L 35 -59.88 -39.25 -3.70
CA ASP L 35 -58.50 -38.90 -3.98
C ASP L 35 -58.31 -37.40 -3.98
N LEU L 36 -59.33 -36.63 -4.44
CA LEU L 36 -59.34 -35.18 -4.43
C LEU L 36 -59.28 -34.62 -3.04
N GLU L 37 -60.15 -35.11 -2.13
CA GLU L 37 -60.19 -34.71 -0.74
C GLU L 37 -58.89 -35.00 -0.02
N ALA L 38 -58.27 -36.18 -0.27
CA ALA L 38 -57.01 -36.55 0.32
C ALA L 38 -55.82 -35.80 -0.24
N MET L 39 -55.91 -35.29 -1.49
CA MET L 39 -54.88 -34.50 -2.13
C MET L 39 -54.96 -33.09 -1.65
N MET L 40 -56.19 -32.63 -1.32
CA MET L 40 -56.46 -31.35 -0.74
C MET L 40 -56.47 -31.44 0.77
N ALA L 41 -55.41 -32.06 1.32
CA ALA L 41 -55.01 -31.84 2.69
C ALA L 41 -53.52 -31.76 2.69
N GLU L 42 -52.85 -32.44 1.72
CA GLU L 42 -51.46 -32.25 1.38
C GLU L 42 -51.26 -30.88 0.76
N TRP L 43 -52.19 -30.51 -0.14
CA TRP L 43 -52.33 -29.19 -0.70
C TRP L 43 -53.34 -28.54 0.18
N TYR L 44 -53.07 -27.30 0.64
CA TYR L 44 -53.93 -26.54 1.52
C TYR L 44 -53.89 -27.20 2.88
N GLN L 45 -52.72 -27.07 3.56
CA GLN L 45 -52.50 -27.51 4.92
C GLN L 45 -52.95 -26.41 5.84
N ASP L 46 -54.24 -26.01 5.72
CA ASP L 46 -54.87 -24.89 6.38
C ASP L 46 -54.33 -23.61 5.81
N GLY L 47 -54.13 -23.59 4.47
CA GLY L 47 -53.59 -22.47 3.74
C GLY L 47 -52.09 -22.39 3.80
N LYS L 48 -51.40 -23.39 4.41
CA LYS L 48 -49.96 -23.39 4.55
C LYS L 48 -49.36 -24.34 3.54
N GLY L 49 -50.23 -25.06 2.78
CA GLY L 49 -49.82 -25.94 1.72
C GLY L 49 -49.89 -25.18 0.43
N ILE L 50 -50.33 -25.87 -0.65
CA ILE L 50 -50.56 -25.27 -1.94
C ILE L 50 -51.95 -24.69 -1.92
N ILE L 51 -52.03 -23.36 -2.14
CA ILE L 51 -53.25 -22.61 -1.99
C ILE L 51 -53.96 -22.72 -3.31
N THR L 52 -55.17 -23.32 -3.28
CA THR L 52 -55.99 -23.54 -4.45
C THR L 52 -57.35 -22.94 -4.22
N GLY L 53 -57.54 -22.21 -3.08
CA GLY L 53 -58.82 -21.70 -2.67
C GLY L 53 -59.67 -22.73 -1.98
N TYR L 54 -59.10 -23.93 -1.68
CA TYR L 54 -59.80 -25.05 -1.09
C TYR L 54 -60.35 -24.72 0.28
N VAL L 55 -61.56 -25.25 0.58
CA VAL L 55 -62.16 -25.23 1.88
C VAL L 55 -62.55 -26.65 2.16
N PHE L 56 -62.33 -27.09 3.41
CA PHE L 56 -62.53 -28.45 3.87
C PHE L 56 -63.99 -28.83 3.86
N SER L 57 -64.27 -30.14 3.66
CA SER L 57 -65.60 -30.70 3.64
C SER L 57 -65.67 -31.68 4.77
N ASP L 58 -66.83 -31.69 5.47
CA ASP L 58 -67.09 -32.50 6.65
C ASP L 58 -67.15 -33.96 6.30
N ASP L 59 -67.90 -34.28 5.20
CA ASP L 59 -68.11 -35.62 4.68
C ASP L 59 -68.83 -36.48 5.68
N GLU L 60 -69.91 -35.92 6.26
CA GLU L 60 -70.80 -36.60 7.16
C GLU L 60 -72.14 -36.53 6.49
N ASN L 61 -72.84 -35.37 6.63
CA ASN L 61 -73.98 -35.04 5.81
C ASN L 61 -73.58 -34.85 4.35
N PRO L 62 -72.49 -34.17 3.94
CA PRO L 62 -72.00 -34.22 2.57
C PRO L 62 -71.70 -35.65 2.15
N PRO L 63 -72.16 -36.18 1.02
CA PRO L 63 -72.00 -37.57 0.63
C PRO L 63 -70.59 -37.89 0.19
N ALA L 64 -69.68 -36.89 0.07
CA ALA L 64 -68.36 -37.00 -0.49
C ALA L 64 -68.44 -37.19 -1.97
N GLU L 65 -69.32 -36.40 -2.63
CA GLU L 65 -69.48 -36.40 -4.06
C GLU L 65 -69.80 -34.99 -4.44
N GLY L 66 -70.93 -34.47 -3.91
CA GLY L 66 -71.36 -33.11 -4.07
C GLY L 66 -70.66 -32.18 -3.12
N ASP L 67 -69.79 -32.76 -2.25
CA ASP L 67 -69.03 -32.13 -1.18
C ASP L 67 -68.36 -30.84 -1.54
N ASP L 68 -68.07 -30.02 -0.50
CA ASP L 68 -67.48 -28.70 -0.61
C ASP L 68 -66.09 -28.81 -1.17
N HIS L 69 -65.70 -27.82 -2.00
CA HIS L 69 -64.40 -27.79 -2.61
C HIS L 69 -63.96 -26.37 -2.58
N GLY L 70 -64.69 -25.44 -3.25
CA GLY L 70 -64.39 -24.03 -3.24
C GLY L 70 -63.26 -23.67 -4.16
N LEU L 71 -62.77 -24.64 -4.96
CA LEU L 71 -61.66 -24.51 -5.87
C LEU L 71 -61.89 -23.46 -6.92
N ARG L 72 -60.79 -22.76 -7.29
CA ARG L 72 -60.73 -21.76 -8.32
C ARG L 72 -60.94 -22.38 -9.67
N SER L 73 -61.41 -21.56 -10.65
CA SER L 73 -61.54 -21.91 -12.05
C SER L 73 -60.19 -22.23 -12.66
N SER L 74 -59.15 -21.48 -12.22
CA SER L 74 -57.77 -21.69 -12.58
C SER L 74 -57.24 -23.02 -12.10
N ALA L 75 -57.65 -23.44 -10.88
CA ALA L 75 -57.20 -24.68 -10.27
C ALA L 75 -57.82 -25.92 -10.89
N VAL L 76 -58.84 -25.79 -11.77
CA VAL L 76 -59.47 -26.91 -12.44
C VAL L 76 -58.52 -27.57 -13.41
N SER L 77 -57.78 -26.76 -14.21
CA SER L 77 -56.84 -27.23 -15.23
C SER L 77 -55.67 -28.02 -14.69
N ALA L 78 -55.41 -27.95 -13.37
CA ALA L 78 -54.33 -28.66 -12.72
C ALA L 78 -54.84 -29.98 -12.26
N VAL L 79 -55.90 -29.97 -11.40
CA VAL L 79 -56.37 -31.10 -10.63
C VAL L 79 -56.70 -32.31 -11.45
N PHE L 80 -57.32 -32.19 -12.65
CA PHE L 80 -57.77 -33.37 -13.38
C PHE L 80 -56.64 -34.14 -14.02
N HIS L 81 -55.43 -33.55 -14.17
CA HIS L 81 -54.24 -34.26 -14.54
C HIS L 81 -53.63 -35.00 -13.37
N ASN L 82 -53.74 -34.45 -12.14
CA ASN L 82 -53.22 -35.07 -10.94
C ASN L 82 -54.07 -36.24 -10.52
N LEU L 83 -55.41 -36.07 -10.57
CA LEU L 83 -56.39 -37.08 -10.21
C LEU L 83 -56.40 -38.22 -11.19
N ALA L 84 -56.02 -37.96 -12.48
CA ALA L 84 -55.91 -38.94 -13.51
C ALA L 84 -54.81 -39.92 -13.21
N CYS L 85 -53.70 -39.42 -12.60
CA CYS L 85 -52.58 -40.25 -12.21
C CYS L 85 -52.90 -41.00 -10.94
N ARG L 86 -53.77 -40.44 -10.07
CA ARG L 86 -54.16 -41.05 -8.81
C ARG L 86 -55.07 -42.24 -8.99
N ILE L 87 -55.97 -42.23 -10.01
CA ILE L 87 -56.81 -43.37 -10.29
C ILE L 87 -56.15 -44.32 -11.28
N ALA L 88 -54.95 -43.97 -11.79
CA ALA L 88 -54.17 -44.84 -12.64
C ALA L 88 -53.73 -46.13 -11.96
N PRO L 89 -53.17 -46.22 -10.74
CA PRO L 89 -52.87 -47.48 -10.07
C PRO L 89 -54.09 -48.27 -9.74
N ASP L 90 -55.26 -47.61 -9.51
CA ASP L 90 -56.51 -48.23 -9.16
C ASP L 90 -56.98 -49.23 -10.21
N TYR L 91 -56.67 -48.95 -11.50
CA TYR L 91 -56.99 -49.82 -12.62
C TYR L 91 -55.84 -50.75 -12.96
N ALA L 92 -54.76 -50.73 -12.13
CA ALA L 92 -53.55 -51.52 -12.31
C ALA L 92 -52.80 -51.08 -13.54
N LEU L 93 -52.61 -49.75 -13.67
CA LEU L 93 -51.97 -49.12 -14.81
C LEU L 93 -51.10 -48.02 -14.24
N GLU L 94 -50.39 -47.31 -15.12
CA GLU L 94 -49.54 -46.20 -14.74
C GLU L 94 -49.69 -45.20 -15.84
N ALA L 95 -49.83 -43.91 -15.44
CA ALA L 95 -50.04 -42.78 -16.31
C ALA L 95 -48.86 -42.54 -17.23
N THR L 96 -49.16 -42.00 -18.45
CA THR L 96 -48.19 -41.72 -19.49
C THR L 96 -47.48 -40.41 -19.15
N ALA L 97 -46.48 -40.03 -19.97
CA ALA L 97 -45.59 -38.92 -19.70
C ALA L 97 -46.24 -37.58 -19.85
N LYS L 98 -47.30 -37.48 -20.69
CA LYS L 98 -48.07 -36.26 -20.87
C LYS L 98 -48.84 -35.92 -19.62
N ILE L 99 -49.42 -36.92 -18.92
CA ILE L 99 -50.31 -36.68 -17.81
C ILE L 99 -49.52 -36.28 -16.59
N ILE L 100 -48.35 -36.94 -16.34
CA ILE L 100 -47.56 -36.69 -15.15
C ILE L 100 -46.85 -35.37 -15.23
N ALA L 101 -46.52 -34.89 -16.45
CA ALA L 101 -45.82 -33.64 -16.65
C ALA L 101 -46.74 -32.46 -16.44
N THR L 102 -47.95 -32.48 -17.03
CA THR L 102 -48.98 -31.48 -16.83
C THR L 102 -49.53 -31.47 -15.42
N ALA L 103 -49.44 -32.62 -14.70
CA ALA L 103 -49.82 -32.74 -13.31
C ALA L 103 -48.89 -31.97 -12.42
N LYS L 104 -47.56 -32.03 -12.70
CA LYS L 104 -46.56 -31.29 -11.97
C LYS L 104 -46.55 -29.85 -12.39
N TYR L 105 -46.77 -29.55 -13.70
CA TYR L 105 -46.81 -28.20 -14.23
C TYR L 105 -48.00 -27.44 -13.72
N GLY L 106 -49.14 -28.13 -13.49
CA GLY L 106 -50.33 -27.54 -12.93
C GLY L 106 -50.18 -27.28 -11.46
N LYS L 107 -49.47 -28.18 -10.74
CA LYS L 107 -49.19 -28.06 -9.33
C LYS L 107 -48.23 -26.92 -9.07
N GLU L 108 -47.32 -26.69 -10.05
CA GLU L 108 -46.29 -25.67 -10.01
C GLU L 108 -46.88 -24.31 -10.12
N LEU L 109 -47.89 -24.13 -11.02
CA LEU L 109 -48.56 -22.88 -11.30
C LEU L 109 -49.38 -22.44 -10.12
N LEU L 110 -50.08 -23.39 -9.46
CA LEU L 110 -50.92 -23.13 -8.30
C LEU L 110 -50.12 -22.69 -7.11
N TYR L 111 -48.87 -23.22 -6.97
CA TYR L 111 -47.97 -22.84 -5.91
C TYR L 111 -47.09 -21.68 -6.30
N LYS L 112 -47.10 -21.25 -7.59
CA LYS L 112 -46.16 -20.27 -8.12
C LYS L 112 -46.24 -18.94 -7.42
N GLN L 113 -47.46 -18.35 -7.32
CA GLN L 113 -47.72 -17.09 -6.68
C GLN L 113 -47.40 -17.11 -5.20
N THR L 114 -47.59 -18.29 -4.56
CA THR L 114 -47.35 -18.50 -3.15
C THR L 114 -45.86 -18.50 -2.86
N ALA L 115 -45.06 -19.15 -3.73
CA ALA L 115 -43.62 -19.27 -3.61
C ALA L 115 -42.92 -17.96 -3.87
N ILE L 116 -43.54 -17.07 -4.67
CA ILE L 116 -43.04 -15.76 -5.03
C ILE L 116 -43.08 -14.87 -3.81
N SER L 117 -44.25 -14.83 -3.13
CA SER L 117 -44.51 -13.94 -2.03
C SER L 117 -43.76 -14.33 -0.78
N ARG L 118 -43.55 -15.66 -0.58
CA ARG L 118 -42.89 -16.18 0.60
C ARG L 118 -41.40 -16.20 0.42
N ALA L 119 -40.89 -15.97 -0.82
CA ALA L 119 -39.48 -15.83 -1.08
C ALA L 119 -39.15 -14.36 -1.11
N LYS L 120 -38.96 -13.78 0.09
CA LYS L 120 -38.64 -12.39 0.26
C LYS L 120 -37.76 -12.35 1.49
N ARG L 121 -36.69 -11.53 1.42
CA ARG L 121 -35.78 -11.27 2.51
C ARG L 121 -36.44 -10.53 3.65
N ALA L 122 -35.95 -10.79 4.89
CA ALA L 122 -36.43 -10.20 6.11
C ALA L 122 -35.77 -8.85 6.29
N PRO L 123 -36.34 -7.88 7.02
CA PRO L 123 -35.76 -6.58 7.33
C PRO L 123 -34.33 -6.57 7.81
N TYR L 124 -33.65 -5.40 7.65
CA TYR L 124 -32.26 -5.19 8.04
C TYR L 124 -32.14 -5.39 9.54
N PRO L 125 -31.09 -6.03 10.09
CA PRO L 125 -30.90 -6.22 11.53
C PRO L 125 -30.95 -4.97 12.36
N SER L 126 -31.18 -5.12 13.69
CA SER L 126 -31.25 -4.05 14.66
C SER L 126 -29.84 -3.75 15.12
N ARG L 127 -29.00 -3.29 14.17
CA ARG L 127 -27.62 -2.94 14.41
C ARG L 127 -27.17 -2.12 13.22
N MET L 128 -28.08 -1.88 12.24
CA MET L 128 -27.85 -1.00 11.11
C MET L 128 -27.81 0.43 11.64
N PRO L 129 -26.91 1.33 11.23
CA PRO L 129 -26.85 2.69 11.76
C PRO L 129 -28.08 3.49 11.43
N THR L 130 -28.38 4.52 12.26
CA THR L 130 -29.42 5.51 12.02
C THR L 130 -29.07 6.33 10.80
N GLY L 131 -27.76 6.60 10.62
CA GLY L 131 -27.21 7.28 9.48
C GLY L 131 -27.07 8.72 9.83
N SER L 132 -25.92 9.32 9.45
CA SER L 132 -25.67 10.74 9.52
C SER L 132 -25.77 11.26 8.11
N GLY L 133 -25.95 10.32 7.13
CA GLY L 133 -26.35 10.63 5.78
C GLY L 133 -27.84 10.77 5.74
N ASN L 134 -28.52 10.41 6.85
CA ASN L 134 -29.92 10.66 7.06
C ASN L 134 -29.89 11.72 8.12
N SER L 135 -30.57 12.85 7.88
CA SER L 135 -30.50 14.02 8.73
C SER L 135 -31.00 13.76 10.13
N PHE L 136 -30.37 14.44 11.12
CA PHE L 136 -30.64 14.34 12.53
C PHE L 136 -30.38 12.95 13.10
N PRO L 137 -29.14 12.42 13.11
CA PRO L 137 -28.82 11.12 13.70
C PRO L 137 -29.18 11.09 15.18
N ASN L 138 -29.98 10.10 15.62
CA ASN L 138 -30.46 10.02 16.98
C ASN L 138 -30.47 8.57 17.36
N LEU L 139 -31.23 7.75 16.59
CA LEU L 139 -31.63 6.40 16.95
C LEU L 139 -30.45 5.49 17.18
N ASN L 140 -30.58 4.60 18.19
CA ASN L 140 -29.62 3.57 18.49
C ASN L 140 -30.24 2.32 17.96
N GLU L 141 -29.42 1.46 17.31
CA GLU L 141 -29.86 0.29 16.56
C GLU L 141 -30.71 0.73 15.39
N TRP L 142 -31.68 -0.12 14.96
CA TRP L 142 -32.44 0.13 13.76
C TRP L 142 -33.87 -0.22 14.03
N HIS L 143 -34.76 0.29 13.16
CA HIS L 143 -36.20 0.20 13.23
C HIS L 143 -36.70 -1.22 13.09
N TYR L 144 -36.14 -1.95 12.09
CA TYR L 144 -36.44 -3.30 11.71
C TYR L 144 -37.70 -3.31 10.87
N PHE L 145 -38.03 -2.15 10.25
CA PHE L 145 -39.12 -2.04 9.29
C PHE L 145 -38.73 -2.40 7.87
N PRO L 146 -37.66 -1.95 7.20
CA PRO L 146 -37.54 -2.09 5.76
C PRO L 146 -37.08 -3.49 5.40
N THR M 1 -57.50 -43.18 1.03
CA THR M 1 -58.49 -42.88 2.08
C THR M 1 -59.65 -42.14 1.49
N LYS M 2 -60.83 -42.27 2.15
CA LYS M 2 -62.05 -41.64 1.74
C LYS M 2 -62.07 -40.22 2.27
N GLY M 3 -63.08 -39.43 1.85
CA GLY M 3 -63.25 -38.06 2.26
C GLY M 3 -63.52 -37.95 3.74
N ASP M 4 -64.15 -38.99 4.32
CA ASP M 4 -64.38 -39.11 5.74
C ASP M 4 -63.23 -39.94 6.24
N LEU M 5 -62.44 -39.36 7.17
CA LEU M 5 -61.39 -40.06 7.86
C LEU M 5 -61.49 -39.56 9.27
N VAL M 6 -61.84 -40.46 10.21
CA VAL M 6 -61.85 -40.20 11.63
C VAL M 6 -61.47 -41.49 12.33
N ARG M 7 -61.16 -42.56 11.55
CA ARG M 7 -61.14 -43.89 12.09
C ARG M 7 -60.16 -44.66 11.25
N ALA M 8 -59.45 -45.63 11.88
CA ALA M 8 -58.48 -46.49 11.24
C ALA M 8 -59.10 -47.43 10.23
N ALA M 9 -60.41 -47.76 10.40
CA ALA M 9 -61.19 -48.58 9.49
C ALA M 9 -61.39 -47.91 8.16
N LEU M 10 -61.63 -46.57 8.16
CA LEU M 10 -61.84 -45.77 6.98
C LEU M 10 -60.56 -45.60 6.20
N ARG M 11 -59.42 -45.58 6.92
CA ARG M 11 -58.09 -45.57 6.35
C ARG M 11 -57.75 -46.87 5.69
N LYS M 12 -58.15 -48.00 6.32
CA LYS M 12 -57.88 -49.37 5.94
C LYS M 12 -58.43 -49.71 4.58
N LEU M 13 -59.74 -49.41 4.37
CA LEU M 13 -60.43 -49.65 3.13
C LEU M 13 -60.00 -48.72 2.01
N GLY M 14 -59.26 -47.64 2.36
CA GLY M 14 -58.70 -46.70 1.41
C GLY M 14 -57.43 -47.21 0.79
N VAL M 15 -56.73 -48.15 1.47
CA VAL M 15 -55.50 -48.76 1.01
C VAL M 15 -55.83 -49.71 -0.11
N ALA M 16 -56.94 -50.46 0.05
CA ALA M 16 -57.42 -51.43 -0.90
C ALA M 16 -57.88 -50.78 -2.18
N SER M 17 -58.57 -49.61 -2.07
CA SER M 17 -59.06 -48.86 -3.20
C SER M 17 -57.94 -48.19 -3.98
N ASP M 18 -56.77 -47.97 -3.32
CA ASP M 18 -55.59 -47.38 -3.92
C ASP M 18 -54.85 -48.42 -4.72
N ALA M 19 -55.03 -49.71 -4.35
CA ALA M 19 -54.22 -50.80 -4.82
C ALA M 19 -54.67 -51.27 -6.18
N THR M 20 -55.58 -52.27 -6.25
CA THR M 20 -55.93 -52.92 -7.49
C THR M 20 -57.39 -52.70 -7.83
N LEU M 21 -58.13 -51.89 -7.04
CA LEU M 21 -59.58 -51.95 -7.04
C LEU M 21 -60.13 -50.63 -7.47
N THR M 22 -61.12 -50.66 -8.40
CA THR M 22 -61.94 -49.52 -8.71
C THR M 22 -63.34 -50.04 -8.65
N ASP M 23 -64.14 -49.52 -7.67
CA ASP M 23 -65.51 -49.89 -7.41
C ASP M 23 -65.68 -51.36 -7.08
N VAL M 24 -64.81 -51.89 -6.19
CA VAL M 24 -64.82 -53.27 -5.76
C VAL M 24 -64.52 -53.17 -4.30
N GLU M 25 -65.23 -54.01 -3.48
CA GLU M 25 -65.10 -54.09 -2.05
C GLU M 25 -63.69 -54.46 -1.62
N PRO M 26 -63.15 -53.94 -0.51
CA PRO M 26 -61.77 -54.12 -0.07
C PRO M 26 -61.18 -55.51 -0.13
N GLN M 27 -59.87 -55.58 -0.45
CA GLN M 27 -59.10 -56.81 -0.42
C GLN M 27 -58.28 -56.81 0.84
N SER M 28 -58.36 -55.71 1.63
CA SER M 28 -57.68 -55.56 2.89
C SER M 28 -58.61 -56.13 3.92
N MET M 29 -58.07 -57.00 4.80
CA MET M 29 -58.82 -57.63 5.85
C MET M 29 -58.25 -57.15 7.14
N GLN M 30 -57.19 -57.81 7.64
CA GLN M 30 -56.40 -57.36 8.77
C GLN M 30 -55.11 -56.76 8.28
N ASP M 31 -54.89 -56.75 6.94
CA ASP M 31 -53.59 -56.53 6.34
C ASP M 31 -53.05 -55.14 6.55
N ALA M 32 -53.85 -54.10 6.19
CA ALA M 32 -53.40 -52.73 6.18
C ALA M 32 -53.24 -52.16 7.56
N VAL M 33 -54.08 -52.59 8.54
CA VAL M 33 -54.03 -52.12 9.91
C VAL M 33 -52.89 -52.70 10.70
N ASP M 34 -52.42 -53.93 10.34
CA ASP M 34 -51.24 -54.54 10.91
C ASP M 34 -50.01 -53.78 10.48
N ASP M 35 -50.01 -53.33 9.21
CA ASP M 35 -48.96 -52.53 8.62
C ASP M 35 -49.02 -51.10 9.05
N LEU M 36 -50.20 -50.60 9.52
CA LEU M 36 -50.43 -49.25 9.98
C LEU M 36 -49.62 -48.95 11.22
N GLU M 37 -49.69 -49.85 12.22
CA GLU M 37 -48.90 -49.74 13.42
C GLU M 37 -47.42 -49.94 13.20
N ALA M 38 -47.04 -50.74 12.18
CA ALA M 38 -45.65 -50.92 11.83
C ALA M 38 -45.08 -49.73 11.09
N MET M 39 -45.93 -49.00 10.33
CA MET M 39 -45.54 -47.82 9.61
C MET M 39 -45.26 -46.67 10.54
N MET M 40 -46.11 -46.52 11.59
CA MET M 40 -45.81 -45.60 12.66
C MET M 40 -45.34 -46.44 13.82
N ALA M 41 -44.06 -46.85 13.79
CA ALA M 41 -43.34 -47.39 14.92
C ALA M 41 -41.90 -47.01 14.74
N GLU M 42 -41.32 -47.54 13.62
CA GLU M 42 -39.94 -47.40 13.19
C GLU M 42 -39.49 -45.96 13.09
N TRP M 43 -40.39 -45.07 12.60
CA TRP M 43 -40.14 -43.65 12.45
C TRP M 43 -40.01 -42.95 13.77
N TYR M 44 -40.60 -43.50 14.84
CA TYR M 44 -40.60 -42.92 16.17
C TYR M 44 -39.47 -43.47 16.99
N GLN M 45 -38.43 -44.08 16.36
CA GLN M 45 -37.33 -44.75 17.04
C GLN M 45 -36.66 -43.85 18.06
N ASP M 46 -36.69 -44.27 19.35
CA ASP M 46 -36.19 -43.56 20.52
C ASP M 46 -36.60 -42.11 20.62
N GLY M 47 -37.87 -41.80 20.28
CA GLY M 47 -38.46 -40.47 20.37
C GLY M 47 -38.02 -39.53 19.28
N LYS M 48 -37.09 -39.98 18.41
CA LYS M 48 -36.50 -39.19 17.35
C LYS M 48 -37.00 -39.78 16.05
N GLY M 49 -36.73 -39.07 14.93
CA GLY M 49 -37.23 -39.43 13.64
C GLY M 49 -38.57 -38.76 13.43
N ILE M 50 -39.24 -39.09 12.30
CA ILE M 50 -40.50 -38.55 11.89
C ILE M 50 -41.59 -38.83 12.90
N ILE M 51 -42.42 -37.79 13.18
CA ILE M 51 -43.48 -37.82 14.16
C ILE M 51 -44.70 -37.27 13.48
N THR M 52 -45.89 -37.51 14.06
CA THR M 52 -47.15 -37.13 13.49
C THR M 52 -48.01 -36.66 14.63
N GLY M 53 -48.26 -37.56 15.62
CA GLY M 53 -49.31 -37.38 16.61
C GLY M 53 -50.34 -38.45 16.42
N TYR M 54 -49.97 -39.53 15.69
CA TYR M 54 -50.74 -40.74 15.47
C TYR M 54 -51.05 -41.42 16.79
N VAL M 55 -52.26 -42.03 16.88
CA VAL M 55 -52.77 -42.67 18.06
C VAL M 55 -52.31 -44.11 17.98
N PHE M 56 -51.49 -44.54 18.96
CA PHE M 56 -50.79 -45.81 18.93
C PHE M 56 -51.66 -46.91 19.49
N SER M 57 -51.25 -48.16 19.20
CA SER M 57 -51.84 -49.37 19.72
C SER M 57 -50.69 -50.33 19.85
N ASP M 58 -50.85 -51.38 20.70
CA ASP M 58 -49.83 -52.38 20.92
C ASP M 58 -49.70 -53.30 19.72
N ASP M 59 -50.85 -53.63 19.08
CA ASP M 59 -50.96 -54.46 17.89
C ASP M 59 -50.50 -55.86 18.18
N GLU M 60 -51.09 -56.48 19.22
CA GLU M 60 -50.86 -57.86 19.56
C GLU M 60 -52.24 -58.38 19.80
N ASN M 61 -52.89 -57.87 20.88
CA ASN M 61 -54.29 -58.12 21.16
C ASN M 61 -55.21 -57.42 20.16
N PRO M 62 -55.08 -56.15 19.75
CA PRO M 62 -55.93 -55.57 18.72
C PRO M 62 -55.23 -55.79 17.38
N PRO M 63 -55.89 -55.59 16.25
CA PRO M 63 -55.25 -55.57 14.94
C PRO M 63 -54.66 -54.20 14.67
N ALA M 64 -54.84 -53.24 15.61
CA ALA M 64 -54.55 -51.83 15.46
C ALA M 64 -55.48 -51.18 14.46
N GLU M 65 -56.78 -51.51 14.59
CA GLU M 65 -57.86 -50.83 13.91
C GLU M 65 -58.66 -50.12 14.97
N GLY M 66 -58.27 -50.30 16.26
CA GLY M 66 -58.97 -49.77 17.41
C GLY M 66 -58.58 -48.34 17.68
N ASP M 67 -57.59 -47.81 16.93
CA ASP M 67 -57.16 -46.43 17.02
C ASP M 67 -58.06 -45.55 16.19
N ASP M 68 -57.86 -44.23 16.34
CA ASP M 68 -58.63 -43.21 15.66
C ASP M 68 -57.63 -42.27 15.08
N HIS M 69 -58.13 -41.34 14.22
CA HIS M 69 -57.35 -40.38 13.47
C HIS M 69 -56.63 -39.43 14.40
N GLY M 70 -55.30 -39.35 14.25
CA GLY M 70 -54.45 -38.42 14.95
C GLY M 70 -53.54 -37.75 13.97
N LEU M 71 -53.68 -38.10 12.67
CA LEU M 71 -52.77 -37.71 11.62
C LEU M 71 -52.84 -36.23 11.32
N ARG M 72 -51.71 -35.68 10.82
CA ARG M 72 -51.63 -34.33 10.32
C ARG M 72 -52.22 -34.30 8.94
N SER M 73 -52.46 -33.06 8.42
CA SER M 73 -53.00 -32.80 7.11
C SER M 73 -52.08 -33.28 6.00
N SER M 74 -50.76 -33.13 6.20
CA SER M 74 -49.73 -33.60 5.30
C SER M 74 -49.60 -35.12 5.28
N ALA M 75 -50.02 -35.80 6.37
CA ALA M 75 -49.95 -37.24 6.49
C ALA M 75 -51.17 -37.93 5.93
N VAL M 76 -52.19 -37.18 5.45
CA VAL M 76 -53.39 -37.74 4.85
C VAL M 76 -53.03 -38.42 3.54
N SER M 77 -52.25 -37.73 2.68
CA SER M 77 -51.83 -38.22 1.38
C SER M 77 -50.60 -39.08 1.48
N ALA M 78 -50.08 -39.30 2.71
CA ALA M 78 -48.92 -40.13 2.92
C ALA M 78 -49.36 -41.54 3.15
N VAL M 79 -50.22 -41.75 4.17
CA VAL M 79 -50.47 -43.05 4.78
C VAL M 79 -50.97 -44.13 3.85
N PHE M 80 -52.02 -43.89 3.02
CA PHE M 80 -52.66 -44.96 2.29
C PHE M 80 -51.89 -45.40 1.06
N HIS M 81 -51.00 -44.52 0.53
CA HIS M 81 -50.08 -44.87 -0.52
C HIS M 81 -48.91 -45.65 0.02
N ASN M 82 -48.49 -45.38 1.27
CA ASN M 82 -47.38 -46.04 1.90
C ASN M 82 -47.77 -47.45 2.27
N LEU M 83 -48.99 -47.62 2.82
CA LEU M 83 -49.56 -48.88 3.22
C LEU M 83 -49.85 -49.77 2.04
N ALA M 84 -50.06 -49.19 0.84
CA ALA M 84 -50.25 -49.92 -0.39
C ALA M 84 -49.00 -50.63 -0.81
N CYS M 85 -47.81 -50.04 -0.50
CA CYS M 85 -46.52 -50.63 -0.79
C CYS M 85 -46.18 -51.71 0.21
N ARG M 86 -46.75 -51.62 1.45
CA ARG M 86 -46.50 -52.55 2.52
C ARG M 86 -47.28 -53.83 2.33
N ILE M 87 -48.54 -53.74 1.82
CA ILE M 87 -49.36 -54.91 1.57
C ILE M 87 -49.06 -55.50 0.21
N ALA M 88 -48.24 -54.80 -0.63
CA ALA M 88 -47.89 -55.27 -1.95
C ALA M 88 -47.10 -56.57 -1.93
N PRO M 89 -46.05 -56.82 -1.11
CA PRO M 89 -45.43 -58.12 -0.98
C PRO M 89 -46.39 -59.20 -0.57
N ASP M 90 -46.43 -60.31 -1.33
CA ASP M 90 -47.15 -61.51 -0.96
C ASP M 90 -46.38 -62.67 -1.55
N TYR M 91 -45.48 -62.36 -2.50
CA TYR M 91 -44.51 -63.29 -3.03
C TYR M 91 -43.35 -62.40 -3.44
N ALA M 92 -43.17 -61.28 -2.69
CA ALA M 92 -42.20 -60.24 -2.94
C ALA M 92 -42.54 -59.44 -4.17
N LEU M 93 -43.83 -59.02 -4.28
CA LEU M 93 -44.34 -58.11 -5.29
C LEU M 93 -44.10 -56.68 -4.84
N GLU M 94 -44.34 -55.72 -5.77
CA GLU M 94 -44.07 -54.32 -5.57
C GLU M 94 -45.27 -53.55 -6.03
N ALA M 95 -45.31 -52.26 -5.60
CA ALA M 95 -46.28 -51.28 -6.01
C ALA M 95 -45.70 -50.51 -7.17
N THR M 96 -46.56 -49.78 -7.92
CA THR M 96 -46.20 -49.05 -9.10
C THR M 96 -45.57 -47.71 -8.72
N ALA M 97 -45.11 -46.93 -9.72
CA ALA M 97 -44.30 -45.74 -9.54
C ALA M 97 -45.06 -44.58 -8.96
N LYS M 98 -46.39 -44.49 -9.20
CA LYS M 98 -47.23 -43.44 -8.64
C LYS M 98 -47.39 -43.63 -7.15
N ILE M 99 -47.52 -44.90 -6.69
CA ILE M 99 -47.79 -45.24 -5.32
C ILE M 99 -46.59 -44.92 -4.44
N ILE M 100 -45.36 -45.21 -4.92
CA ILE M 100 -44.16 -44.94 -4.14
C ILE M 100 -43.81 -43.47 -4.14
N ALA M 101 -44.27 -42.70 -5.16
CA ALA M 101 -43.94 -41.29 -5.32
C ALA M 101 -44.68 -40.44 -4.33
N THR M 102 -46.01 -40.67 -4.22
CA THR M 102 -46.93 -39.90 -3.41
C THR M 102 -46.67 -40.13 -1.95
N ALA M 103 -46.39 -41.41 -1.57
CA ALA M 103 -46.07 -41.80 -0.21
C ALA M 103 -44.77 -41.21 0.29
N LYS M 104 -43.80 -41.01 -0.63
CA LYS M 104 -42.50 -40.44 -0.35
C LYS M 104 -42.60 -38.96 -0.11
N TYR M 105 -43.43 -38.28 -0.92
CA TYR M 105 -43.65 -36.85 -0.85
C TYR M 105 -44.55 -36.50 0.31
N GLY M 106 -45.39 -37.44 0.78
CA GLY M 106 -46.24 -37.24 1.93
C GLY M 106 -45.45 -37.40 3.19
N LYS M 107 -44.46 -38.32 3.19
CA LYS M 107 -43.52 -38.56 4.27
C LYS M 107 -42.60 -37.37 4.45
N GLU M 108 -42.26 -36.68 3.33
CA GLU M 108 -41.34 -35.57 3.32
C GLU M 108 -41.96 -34.32 3.89
N LEU M 109 -43.26 -34.09 3.59
CA LEU M 109 -43.99 -32.93 4.05
C LEU M 109 -44.48 -33.13 5.45
N LEU M 110 -44.48 -34.38 5.95
CA LEU M 110 -44.79 -34.74 7.31
C LEU M 110 -43.70 -34.28 8.25
N TYR M 111 -42.42 -34.36 7.79
CA TYR M 111 -41.27 -33.97 8.58
C TYR M 111 -40.91 -32.53 8.30
N LYS M 112 -41.62 -31.84 7.39
CA LYS M 112 -41.34 -30.46 7.01
C LYS M 112 -41.47 -29.52 8.17
N GLN M 113 -42.53 -29.69 9.01
CA GLN M 113 -42.77 -28.85 10.15
C GLN M 113 -41.87 -29.18 11.31
N THR M 114 -41.41 -30.46 11.39
CA THR M 114 -40.62 -30.96 12.49
C THR M 114 -39.16 -30.57 12.34
N ALA M 115 -38.64 -30.61 11.10
CA ALA M 115 -37.25 -30.35 10.79
C ALA M 115 -36.80 -28.96 11.11
N ILE M 116 -37.65 -27.95 10.81
CA ILE M 116 -37.41 -26.55 11.08
C ILE M 116 -37.40 -26.29 12.57
N SER M 117 -38.28 -26.98 13.34
CA SER M 117 -38.40 -26.83 14.77
C SER M 117 -37.21 -27.41 15.51
N ARG M 118 -36.68 -28.57 15.03
CA ARG M 118 -35.57 -29.25 15.65
C ARG M 118 -34.26 -28.63 15.23
N ALA M 119 -34.27 -27.78 14.19
CA ALA M 119 -33.10 -27.07 13.73
C ALA M 119 -32.91 -25.89 14.64
N LYS M 120 -31.84 -25.93 15.45
CA LYS M 120 -31.53 -24.87 16.36
C LYS M 120 -30.03 -24.85 16.47
N ARG M 121 -29.42 -23.64 16.37
CA ARG M 121 -28.02 -23.47 16.66
C ARG M 121 -27.96 -23.19 18.13
N ALA M 122 -27.16 -24.01 18.85
CA ALA M 122 -26.96 -23.95 20.28
C ALA M 122 -26.39 -22.61 20.71
N PRO M 123 -26.76 -22.06 21.87
CA PRO M 123 -26.24 -20.82 22.41
C PRO M 123 -24.74 -20.68 22.41
N TYR M 124 -24.23 -19.43 22.32
CA TYR M 124 -22.85 -19.08 22.11
C TYR M 124 -21.94 -19.60 23.21
N PRO M 125 -20.70 -20.02 22.94
CA PRO M 125 -19.82 -20.67 23.91
C PRO M 125 -19.32 -19.70 24.94
N SER M 126 -18.59 -20.23 25.96
CA SER M 126 -18.00 -19.49 27.05
C SER M 126 -16.89 -18.58 26.57
N ARG M 127 -16.20 -19.00 25.48
CA ARG M 127 -15.13 -18.28 24.83
C ARG M 127 -15.59 -16.97 24.25
N MET M 128 -16.79 -16.96 23.61
CA MET M 128 -17.39 -15.81 22.96
C MET M 128 -17.62 -14.69 23.96
N PRO M 129 -17.29 -13.42 23.69
CA PRO M 129 -17.46 -12.37 24.66
C PRO M 129 -18.71 -11.61 24.34
N THR M 130 -19.09 -10.66 25.23
CA THR M 130 -20.20 -9.74 25.01
C THR M 130 -19.59 -8.37 24.72
N GLY M 131 -18.25 -8.23 24.90
CA GLY M 131 -17.50 -7.05 24.56
C GLY M 131 -17.75 -5.92 25.52
N SER M 132 -17.02 -4.79 25.31
CA SER M 132 -17.14 -3.60 26.11
C SER M 132 -17.98 -2.60 25.35
N GLY M 133 -18.68 -3.05 24.29
CA GLY M 133 -19.67 -2.27 23.57
C GLY M 133 -20.98 -2.27 24.32
N ASN M 134 -21.06 -2.99 25.46
CA ASN M 134 -22.22 -3.08 26.29
C ASN M 134 -21.77 -2.85 27.70
N SER M 135 -22.73 -2.51 28.59
CA SER M 135 -22.55 -2.30 30.01
C SER M 135 -22.06 -3.54 30.71
N PHE M 136 -21.38 -3.36 31.87
CA PHE M 136 -20.85 -4.45 32.66
C PHE M 136 -21.86 -4.67 33.77
N PRO M 137 -22.52 -5.83 33.90
CA PRO M 137 -23.54 -6.02 34.92
C PRO M 137 -22.97 -6.55 36.21
N ASN M 138 -21.90 -7.39 36.15
CA ASN M 138 -21.26 -7.93 37.32
C ASN M 138 -20.05 -8.65 36.80
N LEU M 139 -20.26 -9.46 35.73
CA LEU M 139 -19.26 -10.29 35.13
C LEU M 139 -19.33 -9.99 33.67
N ASN M 140 -18.29 -10.39 32.92
CA ASN M 140 -18.19 -10.11 31.51
C ASN M 140 -17.67 -11.36 30.88
N GLU M 141 -17.83 -11.42 29.53
CA GLU M 141 -17.43 -12.50 28.66
C GLU M 141 -18.45 -13.58 28.76
N TRP M 142 -19.24 -13.79 27.68
CA TRP M 142 -20.52 -14.48 27.70
C TRP M 142 -20.34 -15.88 28.22
N HIS M 143 -21.21 -16.26 29.19
CA HIS M 143 -21.18 -17.56 29.80
C HIS M 143 -22.58 -17.85 30.25
N TYR M 144 -23.58 -17.27 29.53
CA TYR M 144 -25.00 -17.35 29.80
C TYR M 144 -25.36 -16.47 30.97
N PHE M 145 -24.82 -15.23 30.99
CA PHE M 145 -25.16 -14.25 31.98
C PHE M 145 -25.07 -12.87 31.35
N PRO M 146 -23.95 -12.27 30.91
CA PRO M 146 -23.89 -10.84 30.70
C PRO M 146 -24.53 -10.45 29.39
N THR N 1 -45.81 -55.66 10.21
CA THR N 1 -46.79 -56.61 10.80
C THR N 1 -47.22 -56.19 12.17
N LYS N 2 -46.30 -55.66 13.02
CA LYS N 2 -46.64 -55.24 14.36
C LYS N 2 -45.70 -54.12 14.71
N GLY N 3 -46.15 -53.24 15.64
CA GLY N 3 -45.32 -52.18 16.17
C GLY N 3 -44.61 -52.64 17.41
N ASP N 4 -45.18 -53.65 18.11
CA ASP N 4 -44.60 -54.19 19.33
C ASP N 4 -44.81 -55.68 19.27
N LEU N 5 -43.72 -56.43 19.57
CA LEU N 5 -43.72 -57.86 19.55
C LEU N 5 -42.51 -58.25 20.35
N VAL N 6 -42.51 -59.47 20.94
CA VAL N 6 -41.41 -59.97 21.75
C VAL N 6 -41.34 -61.46 21.55
N ARG N 7 -42.08 -62.00 20.54
CA ARG N 7 -42.18 -63.41 20.29
C ARG N 7 -41.70 -63.60 18.88
N ALA N 8 -40.64 -64.44 18.72
CA ALA N 8 -39.99 -64.66 17.45
C ALA N 8 -40.78 -65.56 16.55
N ALA N 9 -41.74 -66.32 17.13
CA ALA N 9 -42.63 -67.20 16.41
C ALA N 9 -43.55 -66.46 15.47
N LEU N 10 -44.03 -65.27 15.90
CA LEU N 10 -44.92 -64.45 15.09
C LEU N 10 -44.15 -63.62 14.09
N ARG N 11 -42.83 -63.40 14.30
CA ARG N 11 -41.96 -62.78 13.33
C ARG N 11 -41.71 -63.70 12.17
N LYS N 12 -41.66 -65.02 12.44
CA LYS N 12 -41.32 -66.01 11.44
C LYS N 12 -42.46 -66.25 10.50
N LEU N 13 -43.70 -66.42 11.02
CA LEU N 13 -44.86 -66.72 10.21
C LEU N 13 -45.42 -65.52 9.50
N GLY N 14 -45.27 -64.31 10.09
CA GLY N 14 -45.81 -63.09 9.51
C GLY N 14 -45.01 -62.63 8.33
N VAL N 15 -43.68 -62.85 8.37
CA VAL N 15 -42.75 -62.48 7.33
C VAL N 15 -42.82 -63.49 6.21
N ALA N 16 -43.01 -64.79 6.55
CA ALA N 16 -43.05 -65.88 5.59
C ALA N 16 -44.24 -65.82 4.68
N SER N 17 -45.31 -65.09 5.09
CA SER N 17 -46.51 -64.89 4.31
C SER N 17 -46.22 -63.95 3.17
N ASP N 18 -45.54 -62.81 3.49
CA ASP N 18 -45.24 -61.77 2.52
C ASP N 18 -44.09 -62.15 1.63
N ALA N 19 -43.22 -63.09 2.08
CA ALA N 19 -42.04 -63.48 1.36
C ALA N 19 -42.34 -64.47 0.26
N THR N 20 -43.21 -65.47 0.54
CA THR N 20 -43.49 -66.54 -0.39
C THR N 20 -44.98 -66.69 -0.56
N LEU N 21 -45.70 -66.97 0.56
CA LEU N 21 -47.00 -67.62 0.56
C LEU N 21 -48.04 -66.86 -0.22
N THR N 22 -48.40 -67.42 -1.40
CA THR N 22 -49.63 -67.18 -2.14
C THR N 22 -49.44 -68.12 -3.30
N ASP N 23 -50.16 -69.28 -3.25
CA ASP N 23 -50.16 -70.37 -4.21
C ASP N 23 -48.93 -71.22 -4.07
N VAL N 24 -48.20 -71.06 -2.93
CA VAL N 24 -46.96 -71.72 -2.63
C VAL N 24 -46.92 -71.70 -1.13
N GLU N 25 -45.95 -72.43 -0.54
CA GLU N 25 -45.76 -72.51 0.89
C GLU N 25 -44.28 -72.34 1.13
N PRO N 26 -43.83 -71.94 2.32
CA PRO N 26 -42.42 -71.78 2.69
C PRO N 26 -41.54 -72.97 2.39
N GLN N 27 -40.26 -72.73 2.04
CA GLN N 27 -39.30 -73.74 1.65
C GLN N 27 -38.19 -73.78 2.68
N SER N 28 -38.37 -73.09 3.83
CA SER N 28 -37.39 -73.01 4.89
C SER N 28 -37.45 -74.26 5.71
N MET N 29 -36.40 -74.51 6.52
CA MET N 29 -36.29 -75.65 7.39
C MET N 29 -36.68 -75.26 8.79
N GLN N 30 -37.24 -74.04 8.97
CA GLN N 30 -37.63 -73.44 10.22
C GLN N 30 -36.38 -73.03 10.97
N ASP N 31 -35.39 -72.53 10.21
CA ASP N 31 -34.14 -72.01 10.71
C ASP N 31 -34.20 -70.51 10.84
N ALA N 32 -35.37 -69.89 10.54
CA ALA N 32 -35.54 -68.45 10.50
C ALA N 32 -35.23 -67.74 11.79
N VAL N 33 -35.66 -68.33 12.94
CA VAL N 33 -35.44 -67.77 14.26
C VAL N 33 -34.01 -67.95 14.70
N ASP N 34 -33.38 -69.11 14.35
CA ASP N 34 -31.98 -69.36 14.60
C ASP N 34 -31.08 -68.38 13.88
N ASP N 35 -31.48 -67.96 12.67
CA ASP N 35 -30.84 -66.93 11.89
C ASP N 35 -31.06 -65.55 12.48
N LEU N 36 -32.23 -65.31 13.12
CA LEU N 36 -32.60 -64.08 13.80
C LEU N 36 -31.73 -63.85 15.01
N GLU N 37 -31.51 -64.92 15.81
CA GLU N 37 -30.61 -64.93 16.95
C GLU N 37 -29.18 -64.69 16.54
N ALA N 38 -28.76 -65.18 15.34
CA ALA N 38 -27.44 -64.92 14.81
C ALA N 38 -27.35 -63.54 14.18
N MET N 39 -28.49 -62.89 13.90
CA MET N 39 -28.57 -61.57 13.29
C MET N 39 -28.25 -60.52 14.30
N MET N 40 -28.74 -60.68 15.56
CA MET N 40 -28.18 -59.93 16.65
C MET N 40 -27.27 -60.90 17.35
N ALA N 41 -26.07 -61.01 16.78
CA ALA N 41 -24.87 -61.55 17.37
C ALA N 41 -23.83 -60.72 16.70
N GLU N 42 -23.77 -60.84 15.36
CA GLU N 42 -23.02 -59.99 14.46
C GLU N 42 -23.25 -58.52 14.66
N TRP N 43 -24.54 -58.11 14.83
CA TRP N 43 -24.91 -56.73 15.01
C TRP N 43 -24.70 -56.26 16.43
N TYR N 44 -24.85 -57.16 17.43
CA TYR N 44 -24.76 -56.78 18.82
C TYR N 44 -23.49 -57.35 19.37
N GLN N 45 -22.48 -56.48 19.58
CA GLN N 45 -21.16 -56.90 20.00
C GLN N 45 -20.66 -55.90 20.99
N ASP N 46 -21.15 -54.64 20.90
CA ASP N 46 -20.85 -53.51 21.75
C ASP N 46 -19.44 -53.04 21.53
N GLY N 47 -19.28 -51.86 20.89
CA GLY N 47 -17.99 -51.27 20.58
C GLY N 47 -17.40 -51.87 19.34
N LYS N 48 -18.15 -52.75 18.66
CA LYS N 48 -17.84 -53.24 17.34
C LYS N 48 -19.16 -53.39 16.64
N GLY N 49 -20.25 -52.88 17.24
CA GLY N 49 -21.56 -53.01 16.66
C GLY N 49 -22.52 -52.21 17.47
N ILE N 50 -23.79 -52.26 17.01
CA ILE N 50 -24.96 -51.57 17.52
C ILE N 50 -25.24 -52.05 18.93
N ILE N 51 -25.73 -51.14 19.81
CA ILE N 51 -26.12 -51.47 21.16
C ILE N 51 -27.58 -51.13 21.23
N THR N 52 -28.44 -52.14 21.49
CA THR N 52 -29.88 -51.97 21.61
C THR N 52 -30.33 -52.37 22.99
N GLY N 53 -29.40 -52.83 23.85
CA GLY N 53 -29.73 -53.41 25.13
C GLY N 53 -30.10 -54.87 25.01
N TYR N 54 -29.68 -55.52 23.89
CA TYR N 54 -30.01 -56.89 23.55
C TYR N 54 -29.51 -57.86 24.60
N VAL N 55 -30.31 -58.90 24.88
CA VAL N 55 -29.92 -59.99 25.74
C VAL N 55 -30.11 -61.23 24.91
N PHE N 56 -29.20 -62.21 25.11
CA PHE N 56 -29.19 -63.44 24.36
C PHE N 56 -29.97 -64.43 25.17
N SER N 57 -30.88 -65.16 24.49
CA SER N 57 -31.60 -66.28 25.06
C SER N 57 -30.70 -67.49 25.01
N ASP N 58 -30.98 -68.49 25.88
CA ASP N 58 -30.18 -69.69 26.04
C ASP N 58 -30.22 -70.52 24.79
N ASP N 59 -31.43 -70.64 24.18
CA ASP N 59 -31.72 -71.40 22.98
C ASP N 59 -31.46 -72.86 23.20
N GLU N 60 -31.93 -73.38 24.36
CA GLU N 60 -31.79 -74.76 24.70
C GLU N 60 -32.99 -75.06 25.54
N ASN N 61 -33.12 -74.36 26.69
CA ASN N 61 -34.32 -74.36 27.50
C ASN N 61 -35.47 -73.68 26.76
N PRO N 62 -35.35 -72.52 26.09
CA PRO N 62 -36.30 -72.08 25.07
C PRO N 62 -36.33 -73.02 23.90
N PRO N 63 -37.36 -73.07 23.05
CA PRO N 63 -37.39 -73.96 21.89
C PRO N 63 -36.52 -73.37 20.79
N ALA N 64 -36.08 -72.09 20.97
CA ALA N 64 -35.33 -71.29 20.03
C ALA N 64 -36.14 -71.01 18.79
N GLU N 65 -37.47 -70.82 18.97
CA GLU N 65 -38.37 -70.47 17.90
C GLU N 65 -39.37 -69.49 18.44
N GLY N 66 -39.62 -69.52 19.78
CA GLY N 66 -40.50 -68.60 20.45
C GLY N 66 -39.74 -67.66 21.32
N ASP N 67 -38.39 -67.61 21.16
CA ASP N 67 -37.48 -66.88 22.02
C ASP N 67 -37.73 -65.39 22.09
N ASP N 68 -37.36 -64.81 23.26
CA ASP N 68 -37.56 -63.42 23.58
C ASP N 68 -36.30 -62.68 23.20
N HIS N 69 -36.37 -61.33 23.20
CA HIS N 69 -35.27 -60.48 22.80
C HIS N 69 -35.18 -59.36 23.78
N GLY N 70 -34.01 -58.67 23.78
CA GLY N 70 -33.77 -57.48 24.58
C GLY N 70 -33.96 -56.24 23.77
N LEU N 71 -34.47 -56.39 22.52
CA LEU N 71 -34.69 -55.32 21.56
C LEU N 71 -35.66 -54.30 22.05
N ARG N 72 -35.46 -53.04 21.58
CA ARG N 72 -36.28 -51.89 21.85
C ARG N 72 -37.67 -52.09 21.33
N SER N 73 -38.66 -51.38 21.92
CA SER N 73 -40.06 -51.47 21.58
C SER N 73 -40.34 -51.05 20.15
N SER N 74 -39.63 -50.00 19.67
CA SER N 74 -39.79 -49.46 18.34
C SER N 74 -38.74 -50.00 17.40
N ALA N 75 -37.87 -50.93 17.87
CA ALA N 75 -36.89 -51.60 17.06
C ALA N 75 -37.42 -52.92 16.59
N VAL N 76 -38.69 -53.25 16.95
CA VAL N 76 -39.37 -54.46 16.53
C VAL N 76 -39.71 -54.31 15.07
N SER N 77 -40.08 -53.07 14.69
CA SER N 77 -40.48 -52.66 13.37
C SER N 77 -39.35 -52.63 12.37
N ALA N 78 -38.10 -52.82 12.82
CA ALA N 78 -36.93 -52.76 11.98
C ALA N 78 -36.57 -54.18 11.66
N VAL N 79 -36.30 -54.99 12.70
CA VAL N 79 -35.69 -56.31 12.63
C VAL N 79 -36.36 -57.29 11.71
N PHE N 80 -37.72 -57.28 11.59
CA PHE N 80 -38.41 -58.27 10.79
C PHE N 80 -38.30 -58.01 9.30
N HIS N 81 -37.95 -56.78 8.87
CA HIS N 81 -37.61 -56.48 7.49
C HIS N 81 -36.28 -57.09 7.10
N ASN N 82 -35.29 -57.04 8.03
CA ASN N 82 -33.98 -57.62 7.85
C ASN N 82 -34.03 -59.12 7.90
N LEU N 83 -35.03 -59.68 8.65
CA LEU N 83 -35.29 -61.09 8.76
C LEU N 83 -35.84 -61.62 7.46
N ALA N 84 -36.63 -60.78 6.74
CA ALA N 84 -37.22 -61.12 5.46
C ALA N 84 -36.17 -61.26 4.40
N CYS N 85 -35.13 -60.41 4.45
CA CYS N 85 -33.99 -60.48 3.55
C CYS N 85 -33.13 -61.68 3.83
N ARG N 86 -33.06 -62.12 5.11
CA ARG N 86 -32.21 -63.20 5.56
C ARG N 86 -32.78 -64.55 5.18
N ILE N 87 -34.13 -64.70 5.27
CA ILE N 87 -34.81 -65.93 4.93
C ILE N 87 -35.13 -65.99 3.46
N ALA N 88 -34.86 -64.91 2.68
CA ALA N 88 -35.05 -64.91 1.24
C ALA N 88 -34.13 -65.91 0.55
N PRO N 89 -32.83 -66.06 0.86
CA PRO N 89 -32.00 -67.16 0.39
C PRO N 89 -32.50 -68.54 0.72
N ASP N 90 -33.22 -68.73 1.86
CA ASP N 90 -33.80 -70.00 2.24
C ASP N 90 -34.88 -70.45 1.28
N TYR N 91 -35.52 -69.48 0.56
CA TYR N 91 -36.53 -69.75 -0.43
C TYR N 91 -35.94 -69.74 -1.82
N ALA N 92 -34.60 -69.57 -1.95
CA ALA N 92 -33.89 -69.41 -3.21
C ALA N 92 -34.35 -68.17 -3.95
N LEU N 93 -34.40 -67.04 -3.22
CA LEU N 93 -34.89 -65.77 -3.71
C LEU N 93 -33.95 -64.73 -3.18
N GLU N 94 -34.12 -63.48 -3.67
CA GLU N 94 -33.47 -62.31 -3.16
C GLU N 94 -34.60 -61.36 -2.94
N ALA N 95 -34.62 -60.69 -1.76
CA ALA N 95 -35.67 -59.78 -1.35
C ALA N 95 -35.80 -58.60 -2.28
N THR N 96 -37.06 -58.13 -2.45
CA THR N 96 -37.45 -57.11 -3.40
C THR N 96 -37.14 -55.75 -2.82
N ALA N 97 -37.41 -54.67 -3.60
CA ALA N 97 -36.96 -53.31 -3.37
C ALA N 97 -37.53 -52.70 -2.12
N LYS N 98 -38.85 -52.88 -1.85
CA LYS N 98 -39.51 -52.38 -0.67
C LYS N 98 -38.95 -53.00 0.59
N ILE N 99 -38.56 -54.30 0.54
CA ILE N 99 -38.11 -55.03 1.70
C ILE N 99 -36.70 -54.63 2.06
N ILE N 100 -35.77 -54.55 1.06
CA ILE N 100 -34.38 -54.23 1.30
C ILE N 100 -34.20 -52.81 1.72
N ALA N 101 -35.08 -51.88 1.26
CA ALA N 101 -35.01 -50.47 1.53
C ALA N 101 -35.31 -50.19 2.98
N THR N 102 -36.47 -50.72 3.45
CA THR N 102 -36.93 -50.58 4.81
C THR N 102 -36.02 -51.29 5.79
N ALA N 103 -35.43 -52.45 5.39
CA ALA N 103 -34.45 -53.19 6.17
C ALA N 103 -33.16 -52.43 6.43
N LYS N 104 -32.67 -51.68 5.42
CA LYS N 104 -31.50 -50.84 5.51
C LYS N 104 -31.79 -49.66 6.40
N TYR N 105 -32.95 -49.01 6.20
CA TYR N 105 -33.42 -47.88 6.97
C TYR N 105 -33.71 -48.26 8.41
N GLY N 106 -34.00 -49.56 8.66
CA GLY N 106 -34.24 -50.10 9.98
C GLY N 106 -32.96 -50.27 10.74
N LYS N 107 -31.91 -50.79 10.06
CA LYS N 107 -30.57 -50.93 10.61
C LYS N 107 -29.92 -49.59 10.86
N GLU N 108 -30.31 -48.57 10.05
CA GLU N 108 -29.75 -47.25 10.05
C GLU N 108 -30.25 -46.43 11.21
N LEU N 109 -31.56 -46.53 11.53
CA LEU N 109 -32.15 -45.88 12.67
C LEU N 109 -31.78 -46.60 13.95
N LEU N 110 -31.31 -47.87 13.86
CA LEU N 110 -30.92 -48.65 15.00
C LEU N 110 -29.62 -48.14 15.59
N TYR N 111 -28.64 -47.77 14.72
CA TYR N 111 -27.37 -47.21 15.12
C TYR N 111 -27.46 -45.71 15.34
N LYS N 112 -28.60 -45.06 14.98
CA LYS N 112 -28.80 -43.63 15.13
C LYS N 112 -28.64 -43.21 16.57
N GLN N 113 -29.44 -43.81 17.48
CA GLN N 113 -29.41 -43.52 18.90
C GLN N 113 -28.12 -43.95 19.56
N THR N 114 -27.49 -45.03 19.04
CA THR N 114 -26.28 -45.61 19.57
C THR N 114 -25.11 -44.65 19.39
N ALA N 115 -25.07 -43.95 18.23
CA ALA N 115 -24.02 -43.01 17.92
C ALA N 115 -24.19 -41.69 18.62
N ILE N 116 -25.43 -41.32 19.01
CA ILE N 116 -25.75 -40.06 19.66
C ILE N 116 -25.24 -40.07 21.09
N SER N 117 -25.44 -41.21 21.81
CA SER N 117 -25.10 -41.34 23.21
C SER N 117 -23.62 -41.53 23.40
N ARG N 118 -22.98 -42.25 22.46
CA ARG N 118 -21.58 -42.63 22.51
C ARG N 118 -20.72 -41.66 21.74
N ALA N 119 -21.31 -40.53 21.27
CA ALA N 119 -20.63 -39.51 20.50
C ALA N 119 -19.39 -38.98 21.17
N LYS N 120 -19.53 -38.53 22.46
CA LYS N 120 -18.48 -38.13 23.38
C LYS N 120 -17.38 -37.29 22.78
N ARG N 121 -16.15 -37.39 23.34
CA ARG N 121 -15.01 -36.62 22.92
C ARG N 121 -13.83 -37.37 23.44
N ALA N 122 -12.64 -37.20 22.81
CA ALA N 122 -11.39 -37.69 23.30
C ALA N 122 -10.69 -36.54 23.99
N PRO N 123 -10.23 -36.65 25.23
CA PRO N 123 -9.51 -35.60 25.95
C PRO N 123 -8.30 -35.03 25.26
N TYR N 124 -7.82 -33.86 25.76
CA TYR N 124 -6.66 -33.14 25.30
C TYR N 124 -5.40 -33.98 25.38
N PRO N 125 -4.38 -33.76 24.54
CA PRO N 125 -3.09 -34.45 24.60
C PRO N 125 -2.40 -34.38 25.94
N SER N 126 -1.34 -35.22 26.10
CA SER N 126 -0.57 -35.29 27.33
C SER N 126 0.60 -34.36 27.26
N ARG N 127 0.64 -33.52 26.19
CA ARG N 127 1.69 -32.56 25.95
C ARG N 127 1.04 -31.20 25.90
N MET N 128 -0.28 -31.12 26.20
CA MET N 128 -1.08 -29.92 26.15
C MET N 128 -1.16 -29.35 27.54
N PRO N 129 -0.91 -28.05 27.79
CA PRO N 129 -1.05 -27.46 29.10
C PRO N 129 -2.50 -27.09 29.34
N THR N 130 -2.90 -26.92 30.62
CA THR N 130 -4.24 -26.55 31.03
C THR N 130 -4.58 -25.16 30.54
N GLY N 131 -3.60 -24.24 30.64
CA GLY N 131 -3.77 -22.85 30.31
C GLY N 131 -3.93 -22.12 31.61
N SER N 132 -3.22 -20.99 31.73
CA SER N 132 -3.19 -20.19 32.94
C SER N 132 -4.08 -18.98 32.78
N GLY N 133 -5.04 -19.04 31.82
CA GLY N 133 -6.04 -18.01 31.64
C GLY N 133 -7.12 -18.13 32.67
N ASN N 134 -7.11 -19.24 33.46
CA ASN N 134 -7.94 -19.45 34.62
C ASN N 134 -7.10 -18.92 35.74
N SER N 135 -7.67 -18.05 36.61
CA SER N 135 -6.96 -17.56 37.78
C SER N 135 -6.87 -18.68 38.79
N PHE N 136 -5.70 -18.78 39.45
CA PHE N 136 -5.34 -19.83 40.38
C PHE N 136 -5.42 -21.21 39.75
N PRO N 137 -4.76 -21.49 38.61
CA PRO N 137 -4.97 -22.73 37.87
C PRO N 137 -4.21 -23.90 38.46
N ASN N 138 -3.29 -23.67 39.43
CA ASN N 138 -2.34 -24.64 39.94
C ASN N 138 -1.49 -25.14 38.80
N LEU N 139 -1.10 -26.45 38.78
CA LEU N 139 -0.33 -27.04 37.71
C LEU N 139 -1.06 -26.96 36.40
N ASN N 140 -0.31 -26.62 35.33
CA ASN N 140 -0.83 -26.46 33.99
C ASN N 140 -0.39 -27.64 33.19
N GLU N 141 -0.86 -28.84 33.58
CA GLU N 141 -0.55 -30.08 32.91
C GLU N 141 -1.84 -30.79 32.67
N TRP N 142 -1.86 -31.62 31.60
CA TRP N 142 -2.94 -32.53 31.29
C TRP N 142 -2.22 -33.76 30.83
N HIS N 143 -2.93 -34.91 30.88
CA HIS N 143 -2.31 -36.20 30.66
C HIS N 143 -3.42 -37.12 30.25
N TYR N 144 -4.16 -36.70 29.20
CA TYR N 144 -5.32 -37.37 28.65
C TYR N 144 -6.42 -37.41 29.67
N PHE N 145 -6.66 -36.24 30.31
CA PHE N 145 -7.87 -35.95 31.03
C PHE N 145 -8.27 -34.58 30.59
N PRO N 146 -9.55 -34.21 30.61
CA PRO N 146 -10.04 -33.04 29.90
C PRO N 146 -9.69 -31.79 30.69
N THR O 1 -12.37 -79.51 1.29
CA THR O 1 -12.94 -80.54 2.19
C THR O 1 -11.86 -81.10 3.09
N LYS O 2 -12.27 -81.57 4.28
CA LYS O 2 -11.46 -82.06 5.38
C LYS O 2 -10.48 -81.05 5.93
N GLY O 3 -9.92 -81.34 7.13
CA GLY O 3 -8.95 -80.49 7.76
C GLY O 3 -7.56 -80.69 7.21
N ASP O 4 -7.35 -81.78 6.43
CA ASP O 4 -6.10 -82.04 5.79
C ASP O 4 -6.44 -82.83 4.56
N LEU O 5 -5.67 -82.61 3.48
CA LEU O 5 -5.77 -83.36 2.26
C LEU O 5 -4.39 -83.90 2.08
N VAL O 6 -4.25 -85.23 2.32
CA VAL O 6 -2.98 -85.92 2.35
C VAL O 6 -2.46 -86.10 0.96
N ARG O 7 -3.35 -86.52 0.04
CA ARG O 7 -3.01 -86.90 -1.31
C ARG O 7 -3.72 -85.98 -2.25
N ALA O 8 -3.13 -85.83 -3.47
CA ALA O 8 -3.71 -85.08 -4.56
C ALA O 8 -4.86 -85.82 -5.19
N ALA O 9 -4.98 -87.15 -4.91
CA ALA O 9 -6.11 -87.96 -5.30
C ALA O 9 -7.36 -87.53 -4.58
N LEU O 10 -7.24 -87.18 -3.27
CA LEU O 10 -8.29 -86.64 -2.45
C LEU O 10 -8.70 -85.26 -2.89
N ARG O 11 -7.75 -84.48 -3.46
CA ARG O 11 -8.01 -83.18 -4.01
C ARG O 11 -8.73 -83.29 -5.32
N LYS O 12 -8.47 -84.36 -6.11
CA LYS O 12 -9.02 -84.54 -7.44
C LYS O 12 -10.47 -84.91 -7.39
N LEU O 13 -10.85 -85.87 -6.51
CA LEU O 13 -12.23 -86.30 -6.35
C LEU O 13 -13.11 -85.23 -5.73
N GLY O 14 -12.53 -84.34 -4.88
CA GLY O 14 -13.26 -83.25 -4.29
C GLY O 14 -13.63 -82.18 -5.28
N VAL O 15 -12.73 -81.91 -6.25
CA VAL O 15 -12.89 -80.96 -7.33
C VAL O 15 -13.94 -81.40 -8.30
N ALA O 16 -14.05 -82.74 -8.54
CA ALA O 16 -15.05 -83.33 -9.39
C ALA O 16 -16.43 -83.05 -8.86
N SER O 17 -16.61 -83.16 -7.52
CA SER O 17 -17.85 -82.86 -6.83
C SER O 17 -18.17 -81.38 -6.83
N ASP O 18 -17.12 -80.51 -6.79
CA ASP O 18 -17.22 -79.07 -6.77
C ASP O 18 -17.74 -78.53 -8.08
N ALA O 19 -17.44 -79.24 -9.20
CA ALA O 19 -17.93 -78.89 -10.51
C ALA O 19 -19.33 -79.42 -10.65
N THR O 20 -19.47 -80.76 -10.73
CA THR O 20 -20.69 -81.49 -10.94
C THR O 20 -20.19 -82.91 -11.03
N LEU O 21 -20.82 -83.83 -10.26
CA LEU O 21 -20.54 -85.25 -10.31
C LEU O 21 -20.95 -85.80 -11.65
N THR O 22 -22.10 -85.32 -12.19
CA THR O 22 -22.58 -85.63 -13.51
C THR O 22 -21.62 -85.06 -14.54
N ASP O 23 -21.45 -85.80 -15.67
CA ASP O 23 -20.60 -85.45 -16.78
C ASP O 23 -19.15 -85.52 -16.35
N VAL O 24 -18.79 -86.60 -15.64
CA VAL O 24 -17.43 -86.88 -15.22
C VAL O 24 -17.36 -88.39 -15.33
N GLU O 25 -16.24 -88.89 -15.89
CA GLU O 25 -15.91 -90.29 -15.85
C GLU O 25 -14.41 -90.26 -15.65
N PRO O 26 -13.80 -91.04 -14.76
CA PRO O 26 -12.37 -91.07 -14.58
C PRO O 26 -11.70 -91.80 -15.71
N GLN O 27 -10.51 -91.31 -16.11
CA GLN O 27 -9.65 -91.96 -17.07
C GLN O 27 -8.26 -91.42 -16.84
N SER O 28 -8.09 -90.60 -15.78
CA SER O 28 -6.90 -89.84 -15.54
C SER O 28 -6.55 -90.06 -14.10
N MET O 29 -5.28 -90.43 -13.86
CA MET O 29 -4.74 -90.58 -12.53
C MET O 29 -3.36 -90.04 -12.63
N GLN O 30 -2.96 -89.25 -11.59
CA GLN O 30 -1.69 -88.60 -11.43
C GLN O 30 -1.69 -87.27 -12.18
N ASP O 31 -2.85 -86.89 -12.77
CA ASP O 31 -3.08 -85.63 -13.46
C ASP O 31 -2.96 -84.45 -12.51
N ALA O 32 -3.54 -84.60 -11.31
CA ALA O 32 -3.52 -83.60 -10.26
C ALA O 32 -2.18 -83.52 -9.56
N VAL O 33 -1.39 -84.61 -9.60
CA VAL O 33 -0.08 -84.69 -9.02
C VAL O 33 0.90 -83.90 -9.84
N ASP O 34 0.83 -84.05 -11.19
CA ASP O 34 1.71 -83.43 -12.14
C ASP O 34 1.56 -81.93 -12.12
N ASP O 35 0.31 -81.44 -11.96
CA ASP O 35 0.00 -80.03 -11.91
C ASP O 35 0.43 -79.42 -10.59
N LEU O 36 0.12 -80.10 -9.45
CA LEU O 36 0.42 -79.61 -8.12
C LEU O 36 1.89 -79.52 -7.81
N GLU O 37 2.67 -80.56 -8.17
CA GLU O 37 4.11 -80.58 -7.99
C GLU O 37 4.85 -79.60 -8.85
N ALA O 38 4.35 -79.33 -10.08
CA ALA O 38 4.98 -78.36 -10.94
C ALA O 38 4.67 -76.95 -10.54
N MET O 39 3.49 -76.72 -9.90
CA MET O 39 3.06 -75.43 -9.40
C MET O 39 3.91 -75.04 -8.23
N MET O 40 4.22 -76.02 -7.36
CA MET O 40 5.16 -75.93 -6.28
C MET O 40 6.51 -76.43 -6.70
N ALA O 41 6.97 -76.03 -7.90
CA ALA O 41 8.35 -76.12 -8.29
C ALA O 41 8.72 -74.77 -8.82
N GLU O 42 7.84 -74.20 -9.67
CA GLU O 42 7.87 -72.83 -10.17
C GLU O 42 7.83 -71.80 -9.05
N TRP O 43 7.14 -72.13 -7.96
CA TRP O 43 6.99 -71.30 -6.78
C TRP O 43 8.14 -71.48 -5.83
N TYR O 44 9.03 -72.48 -6.06
CA TYR O 44 10.29 -72.55 -5.36
C TYR O 44 11.42 -72.11 -6.23
N GLN O 45 11.13 -71.64 -7.48
CA GLN O 45 12.13 -71.30 -8.47
C GLN O 45 13.00 -70.17 -7.97
N ASP O 46 14.32 -70.46 -7.88
CA ASP O 46 15.40 -69.58 -7.49
C ASP O 46 15.15 -68.78 -6.22
N GLY O 47 14.42 -69.40 -5.25
CA GLY O 47 14.25 -68.91 -3.90
C GLY O 47 13.38 -67.69 -3.73
N LYS O 48 12.79 -67.13 -4.82
CA LYS O 48 12.07 -65.87 -4.74
C LYS O 48 10.59 -66.09 -4.90
N GLY O 49 10.12 -67.33 -5.11
CA GLY O 49 8.72 -67.62 -5.32
C GLY O 49 7.95 -67.69 -4.02
N ILE O 50 6.75 -68.31 -4.07
CA ILE O 50 5.84 -68.42 -2.95
C ILE O 50 6.18 -69.66 -2.16
N ILE O 51 6.36 -69.51 -0.82
CA ILE O 51 6.66 -70.60 0.08
C ILE O 51 5.32 -71.06 0.59
N THR O 52 5.06 -72.38 0.48
CA THR O 52 3.81 -72.99 0.90
C THR O 52 4.07 -74.04 1.95
N GLY O 53 5.34 -74.46 2.12
CA GLY O 53 5.74 -75.58 2.95
C GLY O 53 5.61 -76.92 2.26
N TYR O 54 5.23 -76.94 0.96
CA TYR O 54 5.19 -78.10 0.09
C TYR O 54 6.56 -78.68 -0.15
N VAL O 55 6.62 -80.02 -0.32
CA VAL O 55 7.80 -80.75 -0.69
C VAL O 55 7.32 -81.79 -1.67
N PHE O 56 8.23 -82.22 -2.59
CA PHE O 56 7.96 -83.17 -3.64
C PHE O 56 7.66 -84.54 -3.09
N SER O 57 6.87 -85.33 -3.87
CA SER O 57 6.40 -86.65 -3.49
C SER O 57 7.52 -87.63 -3.24
N ASP O 58 7.27 -88.56 -2.28
CA ASP O 58 8.20 -89.61 -1.91
C ASP O 58 8.24 -90.63 -3.01
N ASP O 59 7.04 -90.93 -3.58
CA ASP O 59 6.82 -91.88 -4.65
C ASP O 59 7.07 -93.27 -4.13
N GLU O 60 6.54 -93.54 -2.92
CA GLU O 60 6.65 -94.81 -2.25
C GLU O 60 5.42 -94.89 -1.40
N ASN O 61 5.30 -93.95 -0.43
CA ASN O 61 4.14 -93.75 0.39
C ASN O 61 2.92 -93.34 -0.42
N PRO O 62 2.92 -92.41 -1.39
CA PRO O 62 1.75 -92.18 -2.23
C PRO O 62 1.65 -93.29 -3.25
N PRO O 63 0.47 -93.67 -3.75
CA PRO O 63 0.31 -94.68 -4.78
C PRO O 63 0.81 -94.26 -6.15
N ALA O 64 1.25 -92.99 -6.32
CA ALA O 64 1.56 -92.36 -7.59
C ALA O 64 0.28 -92.08 -8.33
N GLU O 65 -0.73 -91.63 -7.56
CA GLU O 65 -1.97 -91.07 -8.03
C GLU O 65 -2.25 -89.92 -7.10
N GLY O 66 -1.62 -89.97 -5.89
CA GLY O 66 -1.57 -88.90 -4.94
C GLY O 66 -0.14 -88.45 -4.86
N ASP O 67 0.16 -87.64 -3.82
CA ASP O 67 1.51 -87.21 -3.55
C ASP O 67 1.62 -86.93 -2.09
N ASP O 68 2.87 -86.88 -1.57
CA ASP O 68 3.13 -86.60 -0.19
C ASP O 68 3.36 -85.12 -0.17
N HIS O 69 2.33 -84.36 0.29
CA HIS O 69 2.26 -82.93 0.19
C HIS O 69 3.26 -82.25 1.10
N GLY O 70 3.28 -82.63 2.40
CA GLY O 70 4.18 -82.09 3.39
C GLY O 70 3.80 -80.71 3.87
N LEU O 71 2.64 -80.18 3.41
CA LEU O 71 2.14 -78.86 3.71
C LEU O 71 1.83 -78.66 5.16
N ARG O 72 1.83 -77.35 5.56
CA ARG O 72 1.32 -76.84 6.81
C ARG O 72 -0.15 -77.17 6.90
N SER O 73 -0.69 -77.28 8.13
CA SER O 73 -2.07 -77.64 8.37
C SER O 73 -3.01 -76.50 8.02
N SER O 74 -2.47 -75.29 7.84
CA SER O 74 -3.21 -74.11 7.48
C SER O 74 -2.99 -73.76 6.02
N ALA O 75 -2.14 -74.52 5.29
CA ALA O 75 -1.80 -74.23 3.92
C ALA O 75 -2.22 -75.38 3.04
N VAL O 76 -3.02 -76.32 3.60
CA VAL O 76 -3.46 -77.51 2.89
C VAL O 76 -4.86 -77.29 2.36
N SER O 77 -5.52 -76.18 2.79
CA SER O 77 -6.86 -75.84 2.36
C SER O 77 -6.82 -74.57 1.56
N ALA O 78 -5.60 -74.08 1.23
CA ALA O 78 -5.39 -72.97 0.34
C ALA O 78 -5.21 -73.53 -1.04
N VAL O 79 -4.20 -74.41 -1.17
CA VAL O 79 -3.61 -74.91 -2.40
C VAL O 79 -4.59 -75.57 -3.35
N PHE O 80 -5.57 -76.37 -2.81
CA PHE O 80 -6.39 -77.21 -3.64
C PHE O 80 -7.44 -76.43 -4.41
N HIS O 81 -7.68 -75.15 -4.05
CA HIS O 81 -8.50 -74.24 -4.81
C HIS O 81 -7.82 -73.79 -6.08
N ASN O 82 -6.49 -73.51 -6.01
CA ASN O 82 -5.65 -73.16 -7.14
C ASN O 82 -5.51 -74.33 -8.09
N LEU O 83 -5.41 -75.55 -7.51
CA LEU O 83 -5.30 -76.78 -8.25
C LEU O 83 -6.61 -77.18 -8.87
N ALA O 84 -7.75 -76.71 -8.29
CA ALA O 84 -9.09 -77.09 -8.69
C ALA O 84 -9.42 -76.64 -10.07
N CYS O 85 -9.00 -75.42 -10.43
CA CYS O 85 -9.32 -74.80 -11.69
C CYS O 85 -8.51 -75.38 -12.82
N ARG O 86 -7.33 -75.99 -12.51
CA ARG O 86 -6.47 -76.62 -13.49
C ARG O 86 -6.99 -77.98 -13.89
N ILE O 87 -7.49 -78.76 -12.90
CA ILE O 87 -7.99 -80.11 -13.12
C ILE O 87 -9.48 -80.10 -13.37
N ALA O 88 -10.12 -78.91 -13.37
CA ALA O 88 -11.50 -78.70 -13.74
C ALA O 88 -11.77 -79.16 -15.16
N PRO O 89 -10.95 -78.88 -16.18
CA PRO O 89 -11.14 -79.49 -17.48
C PRO O 89 -10.37 -80.80 -17.43
N ASP O 90 -11.15 -81.89 -17.45
CA ASP O 90 -10.70 -83.26 -17.42
C ASP O 90 -11.88 -84.06 -17.91
N TYR O 91 -13.00 -83.38 -18.23
CA TYR O 91 -14.14 -83.96 -18.90
C TYR O 91 -14.83 -82.84 -19.63
N ALA O 92 -14.07 -81.76 -19.93
CA ALA O 92 -14.57 -80.49 -20.43
C ALA O 92 -15.56 -79.83 -19.51
N LEU O 93 -15.15 -79.58 -18.25
CA LEU O 93 -15.87 -78.78 -17.30
C LEU O 93 -14.94 -77.65 -16.96
N GLU O 94 -15.43 -76.63 -16.23
CA GLU O 94 -14.61 -75.51 -15.87
C GLU O 94 -15.16 -74.94 -14.59
N ALA O 95 -14.25 -74.35 -13.78
CA ALA O 95 -14.48 -73.76 -12.49
C ALA O 95 -15.47 -72.62 -12.53
N THR O 96 -16.22 -72.47 -11.42
CA THR O 96 -17.26 -71.46 -11.23
C THR O 96 -16.55 -70.26 -10.63
N ALA O 97 -17.20 -69.07 -10.68
CA ALA O 97 -16.70 -67.80 -10.19
C ALA O 97 -16.34 -67.78 -8.72
N LYS O 98 -17.02 -68.60 -7.88
CA LYS O 98 -16.70 -68.79 -6.48
C LYS O 98 -15.36 -69.45 -6.30
N ILE O 99 -15.00 -70.42 -7.18
CA ILE O 99 -13.82 -71.23 -7.04
C ILE O 99 -12.58 -70.44 -7.35
N ILE O 100 -12.60 -69.59 -8.41
CA ILE O 100 -11.48 -68.75 -8.79
C ILE O 100 -11.26 -67.62 -7.81
N ALA O 101 -12.33 -67.20 -7.08
CA ALA O 101 -12.28 -66.16 -6.08
C ALA O 101 -11.54 -66.62 -4.86
N THR O 102 -11.83 -67.86 -4.42
CA THR O 102 -11.25 -68.53 -3.28
C THR O 102 -9.82 -68.93 -3.60
N ALA O 103 -9.56 -69.33 -4.87
CA ALA O 103 -8.24 -69.70 -5.36
C ALA O 103 -7.26 -68.54 -5.36
N LYS O 104 -7.72 -67.36 -5.83
CA LYS O 104 -6.92 -66.14 -5.87
C LYS O 104 -6.64 -65.62 -4.47
N TYR O 105 -7.57 -65.87 -3.52
CA TYR O 105 -7.42 -65.56 -2.12
C TYR O 105 -6.49 -66.55 -1.46
N GLY O 106 -6.43 -67.80 -1.97
CA GLY O 106 -5.55 -68.83 -1.47
C GLY O 106 -4.12 -68.56 -1.81
N LYS O 107 -3.86 -68.02 -3.03
CA LYS O 107 -2.55 -67.62 -3.47
C LYS O 107 -2.04 -66.41 -2.71
N GLU O 108 -2.98 -65.54 -2.27
CA GLU O 108 -2.70 -64.32 -1.54
C GLU O 108 -2.30 -64.63 -0.12
N LEU O 109 -2.88 -65.70 0.47
CA LEU O 109 -2.64 -66.11 1.84
C LEU O 109 -1.32 -66.81 1.99
N LEU O 110 -0.95 -67.65 1.00
CA LEU O 110 0.29 -68.41 0.99
C LEU O 110 1.52 -67.54 0.98
N TYR O 111 1.46 -66.38 0.29
CA TYR O 111 2.55 -65.45 0.19
C TYR O 111 2.41 -64.34 1.21
N LYS O 112 1.32 -64.32 2.00
CA LYS O 112 1.06 -63.30 2.99
C LYS O 112 2.11 -63.28 4.08
N GLN O 113 2.39 -64.45 4.70
CA GLN O 113 3.37 -64.58 5.75
C GLN O 113 4.79 -64.54 5.23
N THR O 114 4.98 -64.79 3.91
CA THR O 114 6.29 -64.84 3.29
C THR O 114 6.79 -63.45 3.03
N ALA O 115 5.91 -62.57 2.50
CA ALA O 115 6.24 -61.23 2.07
C ALA O 115 6.61 -60.29 3.19
N ILE O 116 6.07 -60.51 4.41
CA ILE O 116 6.30 -59.68 5.57
C ILE O 116 7.66 -60.00 6.14
N SER O 117 8.06 -61.29 6.10
CA SER O 117 9.30 -61.79 6.67
C SER O 117 10.48 -61.35 5.86
N ARG O 118 10.33 -61.30 4.51
CA ARG O 118 11.39 -60.91 3.60
C ARG O 118 11.56 -59.43 3.58
N ALA O 119 10.52 -58.66 3.97
CA ALA O 119 10.53 -57.23 3.97
C ALA O 119 11.39 -56.70 5.09
N LYS O 120 12.39 -55.87 4.72
CA LYS O 120 13.31 -55.21 5.62
C LYS O 120 14.27 -54.52 4.68
N ARG O 121 14.49 -53.20 4.92
CA ARG O 121 15.34 -52.35 4.12
C ARG O 121 16.79 -52.77 4.15
N ALA O 122 17.49 -52.51 3.03
CA ALA O 122 18.89 -52.80 2.82
C ALA O 122 19.77 -51.98 3.74
N PRO O 123 20.97 -52.44 4.12
CA PRO O 123 21.98 -51.66 4.84
C PRO O 123 22.33 -50.34 4.21
N TYR O 124 22.95 -49.44 5.00
CA TYR O 124 23.39 -48.11 4.61
C TYR O 124 24.43 -48.16 3.50
N PRO O 125 24.52 -47.16 2.60
CA PRO O 125 25.48 -47.12 1.49
C PRO O 125 26.93 -47.28 1.84
N SER O 126 27.77 -47.49 0.79
CA SER O 126 29.20 -47.67 0.92
C SER O 126 29.89 -46.34 0.78
N ARG O 127 29.11 -45.23 0.75
CA ARG O 127 29.59 -43.88 0.69
C ARG O 127 29.10 -43.14 1.90
N MET O 128 28.36 -43.82 2.81
CA MET O 128 27.63 -43.17 3.88
C MET O 128 28.48 -43.14 5.13
N PRO O 129 28.69 -42.00 5.80
CA PRO O 129 29.35 -41.93 7.09
C PRO O 129 28.45 -42.43 8.20
N THR O 130 29.06 -42.71 9.37
CA THR O 130 28.38 -43.17 10.57
C THR O 130 28.27 -42.00 11.51
N GLY O 131 28.86 -40.83 11.12
CA GLY O 131 28.82 -39.61 11.87
C GLY O 131 29.76 -39.62 13.03
N SER O 132 29.94 -38.44 13.67
CA SER O 132 30.80 -38.25 14.80
C SER O 132 29.96 -37.77 15.97
N GLY O 133 28.61 -37.90 15.85
CA GLY O 133 27.68 -37.53 16.89
C GLY O 133 27.58 -38.60 17.94
N ASN O 134 28.24 -39.75 17.68
CA ASN O 134 28.36 -40.88 18.59
C ASN O 134 29.73 -40.80 19.19
N SER O 135 29.92 -41.46 20.35
CA SER O 135 31.17 -41.52 21.05
C SER O 135 32.18 -42.36 20.31
N PHE O 136 31.73 -43.53 19.80
CA PHE O 136 32.58 -44.48 19.11
C PHE O 136 31.88 -44.72 17.79
N PRO O 137 32.51 -44.58 16.62
CA PRO O 137 31.81 -44.65 15.35
C PRO O 137 31.70 -46.07 14.86
N ASN O 138 32.63 -46.98 15.26
CA ASN O 138 32.70 -48.36 14.84
C ASN O 138 32.72 -48.49 13.32
N LEU O 139 32.01 -49.51 12.77
CA LEU O 139 32.00 -49.87 11.37
C LEU O 139 31.43 -48.78 10.50
N ASN O 140 31.88 -48.73 9.23
CA ASN O 140 31.48 -47.70 8.30
C ASN O 140 31.64 -48.30 6.93
N GLU O 141 30.96 -47.71 5.92
CA GLU O 141 31.05 -48.04 4.51
C GLU O 141 30.51 -49.42 4.24
N TRP O 142 29.28 -49.67 4.75
CA TRP O 142 28.58 -50.93 4.72
C TRP O 142 28.04 -51.23 3.34
N HIS O 143 27.60 -52.49 3.13
CA HIS O 143 27.19 -53.03 1.85
C HIS O 143 26.03 -52.29 1.23
N TYR O 144 26.03 -52.24 -0.12
CA TYR O 144 24.95 -51.65 -0.88
C TYR O 144 25.04 -52.18 -2.28
N PHE O 145 25.95 -53.16 -2.50
CA PHE O 145 26.37 -53.65 -3.80
C PHE O 145 25.31 -54.31 -4.67
N PRO O 146 24.37 -55.19 -4.26
CA PRO O 146 23.72 -56.06 -5.22
C PRO O 146 22.60 -55.32 -5.91
N THR P 1 10.89 -86.30 -5.98
CA THR P 1 10.73 -86.65 -7.42
C THR P 1 9.35 -86.28 -7.88
N LYS P 2 9.20 -86.11 -9.23
CA LYS P 2 7.99 -85.78 -9.94
C LYS P 2 7.71 -84.30 -9.91
N GLY P 3 8.76 -83.48 -9.66
CA GLY P 3 8.68 -82.04 -9.77
C GLY P 3 8.90 -81.69 -11.22
N ASP P 4 9.71 -82.52 -11.91
CA ASP P 4 9.88 -82.51 -13.34
C ASP P 4 9.37 -83.86 -13.74
N LEU P 5 8.47 -83.90 -14.75
CA LEU P 5 7.89 -85.12 -15.26
C LEU P 5 8.94 -85.90 -16.00
N VAL P 6 8.80 -87.26 -15.96
CA VAL P 6 9.75 -88.21 -16.49
C VAL P 6 9.91 -88.07 -17.98
N ARG P 7 8.78 -87.87 -18.72
CA ARG P 7 8.83 -87.83 -20.15
C ARG P 7 7.82 -86.83 -20.61
N ALA P 8 8.01 -86.35 -21.87
CA ALA P 8 7.18 -85.39 -22.55
C ALA P 8 5.81 -85.93 -22.86
N ALA P 9 5.65 -87.28 -22.94
CA ALA P 9 4.39 -87.94 -23.13
C ALA P 9 3.46 -87.80 -21.94
N LEU P 10 4.03 -87.76 -20.71
CA LEU P 10 3.29 -87.52 -19.49
C LEU P 10 2.82 -86.09 -19.39
N ARG P 11 3.59 -85.17 -19.99
CA ARG P 11 3.26 -83.77 -20.06
C ARG P 11 2.22 -83.49 -21.11
N LYS P 12 2.20 -84.33 -22.18
CA LYS P 12 1.27 -84.29 -23.29
C LYS P 12 -0.13 -84.60 -22.85
N LEU P 13 -0.31 -85.69 -22.06
CA LEU P 13 -1.60 -86.12 -21.55
C LEU P 13 -2.20 -85.13 -20.58
N GLY P 14 -1.36 -84.31 -19.90
CA GLY P 14 -1.82 -83.23 -19.04
C GLY P 14 -2.45 -82.11 -19.81
N VAL P 15 -1.99 -81.86 -21.05
CA VAL P 15 -2.55 -80.88 -21.95
C VAL P 15 -3.83 -81.41 -22.57
N ALA P 16 -3.89 -82.74 -22.85
CA ALA P 16 -5.06 -83.41 -23.38
C ALA P 16 -6.24 -83.34 -22.44
N SER P 17 -5.96 -83.39 -21.11
CA SER P 17 -6.88 -83.18 -20.02
C SER P 17 -7.55 -81.83 -20.16
N ASP P 18 -6.70 -80.76 -20.17
CA ASP P 18 -7.07 -79.37 -20.26
C ASP P 18 -7.81 -79.03 -21.54
N ALA P 19 -7.70 -79.87 -22.60
CA ALA P 19 -8.32 -79.66 -23.88
C ALA P 19 -9.76 -80.13 -23.82
N THR P 20 -10.01 -81.46 -23.88
CA THR P 20 -11.35 -81.99 -23.81
C THR P 20 -11.33 -83.15 -22.84
N LEU P 21 -10.76 -84.31 -23.28
CA LEU P 21 -10.64 -85.55 -22.55
C LEU P 21 -11.94 -86.05 -21.98
N THR P 22 -12.92 -86.34 -22.87
CA THR P 22 -14.20 -86.90 -22.54
C THR P 22 -14.15 -88.39 -22.83
N ASP P 23 -12.93 -88.99 -22.72
CA ASP P 23 -12.51 -90.22 -23.36
C ASP P 23 -12.39 -89.99 -24.83
N VAL P 24 -11.77 -88.84 -25.20
CA VAL P 24 -11.27 -88.58 -26.53
C VAL P 24 -9.90 -87.98 -26.31
N GLU P 25 -9.09 -87.94 -27.38
CA GLU P 25 -7.78 -87.33 -27.34
C GLU P 25 -7.69 -86.62 -28.67
N PRO P 26 -7.39 -85.32 -28.76
CA PRO P 26 -7.25 -84.61 -30.02
C PRO P 26 -6.18 -85.20 -30.92
N GLN P 27 -6.23 -84.84 -32.23
CA GLN P 27 -5.30 -85.28 -33.22
C GLN P 27 -4.23 -84.23 -33.38
N SER P 28 -4.32 -83.13 -32.59
CA SER P 28 -3.35 -82.07 -32.54
C SER P 28 -2.43 -82.30 -31.37
N MET P 29 -2.64 -83.40 -30.59
CA MET P 29 -1.76 -83.78 -29.51
C MET P 29 -0.50 -84.39 -30.05
N GLN P 30 -0.60 -85.02 -31.24
CA GLN P 30 0.53 -85.57 -31.97
C GLN P 30 1.48 -84.50 -32.43
N ASP P 31 0.96 -83.28 -32.68
CA ASP P 31 1.72 -82.13 -33.07
C ASP P 31 2.02 -81.27 -31.87
N ALA P 32 1.56 -81.63 -30.65
CA ALA P 32 1.85 -80.91 -29.44
C ALA P 32 3.30 -81.02 -29.04
N VAL P 33 3.90 -82.21 -29.25
CA VAL P 33 5.31 -82.45 -29.01
C VAL P 33 6.19 -81.71 -30.00
N ASP P 34 5.70 -81.54 -31.25
CA ASP P 34 6.36 -80.75 -32.28
C ASP P 34 6.31 -79.28 -31.95
N ASP P 35 5.17 -78.84 -31.33
CA ASP P 35 4.93 -77.48 -30.92
C ASP P 35 5.85 -77.06 -29.79
N LEU P 36 6.39 -78.01 -28.98
CA LEU P 36 7.37 -77.71 -27.95
C LEU P 36 8.64 -77.14 -28.53
N GLU P 37 9.09 -77.69 -29.68
CA GLU P 37 10.23 -77.20 -30.44
C GLU P 37 9.98 -75.83 -30.99
N ALA P 38 8.75 -75.56 -31.48
CA ALA P 38 8.39 -74.31 -32.11
C ALA P 38 8.17 -73.21 -31.12
N MET P 39 7.61 -73.54 -29.94
CA MET P 39 7.34 -72.64 -28.85
C MET P 39 8.61 -72.11 -28.26
N MET P 40 9.62 -73.00 -28.11
CA MET P 40 10.90 -72.68 -27.53
C MET P 40 11.86 -72.07 -28.51
N ALA P 41 11.61 -72.22 -29.83
CA ALA P 41 12.43 -71.60 -30.84
C ALA P 41 11.81 -70.29 -31.27
N GLU P 42 10.62 -69.92 -30.75
CA GLU P 42 10.03 -68.63 -30.99
C GLU P 42 10.42 -67.69 -29.87
N TRP P 43 10.15 -68.09 -28.60
CA TRP P 43 10.66 -67.40 -27.44
C TRP P 43 11.50 -68.39 -26.71
N TYR P 44 12.73 -67.95 -26.33
CA TYR P 44 13.89 -68.73 -25.96
C TYR P 44 14.63 -69.02 -27.24
N GLN P 45 14.38 -68.19 -28.28
CA GLN P 45 14.96 -68.29 -29.60
C GLN P 45 16.46 -68.10 -29.57
N ASP P 46 17.18 -69.00 -30.28
CA ASP P 46 18.61 -69.00 -30.45
C ASP P 46 19.35 -69.20 -29.14
N GLY P 47 18.70 -69.88 -28.15
CA GLY P 47 19.32 -70.21 -26.89
C GLY P 47 19.36 -69.06 -25.92
N LYS P 48 18.68 -67.93 -26.25
CA LYS P 48 18.70 -66.73 -25.46
C LYS P 48 17.28 -66.24 -25.37
N GLY P 49 17.01 -65.33 -24.40
CA GLY P 49 15.67 -64.88 -24.11
C GLY P 49 15.27 -65.52 -22.83
N ILE P 50 13.99 -65.97 -22.76
CA ILE P 50 13.41 -66.59 -21.59
C ILE P 50 14.03 -67.94 -21.36
N ILE P 51 14.88 -68.06 -20.30
CA ILE P 51 15.62 -69.26 -19.98
C ILE P 51 14.62 -70.32 -19.56
N THR P 52 14.79 -71.55 -20.08
CA THR P 52 13.87 -72.63 -19.83
C THR P 52 14.70 -73.86 -19.57
N GLY P 53 15.93 -73.91 -20.14
CA GLY P 53 16.81 -75.05 -20.06
C GLY P 53 16.47 -76.12 -21.05
N TYR P 54 15.48 -75.85 -21.95
CA TYR P 54 15.01 -76.73 -22.99
C TYR P 54 16.11 -77.10 -23.95
N VAL P 55 16.10 -78.37 -24.43
CA VAL P 55 17.05 -78.86 -25.40
C VAL P 55 16.23 -79.28 -26.58
N PHE P 56 16.72 -78.97 -27.79
CA PHE P 56 16.02 -79.17 -29.03
C PHE P 56 16.39 -80.51 -29.59
N SER P 57 15.43 -81.13 -30.31
CA SER P 57 15.59 -82.41 -30.97
C SER P 57 16.15 -82.17 -32.35
N ASP P 58 16.48 -83.27 -33.07
CA ASP P 58 17.03 -83.25 -34.41
C ASP P 58 16.03 -82.69 -35.41
N ASP P 59 14.73 -82.99 -35.20
CA ASP P 59 13.61 -82.55 -36.01
C ASP P 59 13.62 -83.25 -37.34
N GLU P 60 13.88 -84.57 -37.30
CA GLU P 60 13.82 -85.43 -38.45
C GLU P 60 12.93 -86.56 -38.00
N ASN P 61 13.54 -87.69 -37.55
CA ASN P 61 12.88 -88.78 -36.89
C ASN P 61 12.29 -88.40 -35.54
N PRO P 62 12.92 -87.69 -34.59
CA PRO P 62 12.30 -87.38 -33.32
C PRO P 62 11.36 -86.20 -33.49
N PRO P 63 10.19 -86.16 -32.85
CA PRO P 63 9.35 -84.98 -32.87
C PRO P 63 9.39 -84.38 -31.49
N ALA P 64 10.54 -84.51 -30.78
CA ALA P 64 10.72 -84.18 -29.37
C ALA P 64 9.96 -85.14 -28.50
N GLU P 65 10.15 -86.44 -28.79
CA GLU P 65 9.52 -87.54 -28.10
C GLU P 65 10.41 -88.73 -28.40
N GLY P 66 11.52 -88.47 -29.14
CA GLY P 66 12.55 -89.42 -29.47
C GLY P 66 13.79 -88.98 -28.76
N ASP P 67 13.81 -87.71 -28.28
CA ASP P 67 14.89 -87.16 -27.49
C ASP P 67 14.23 -86.48 -26.32
N ASP P 68 15.06 -86.18 -25.29
CA ASP P 68 14.66 -85.57 -24.04
C ASP P 68 14.13 -84.17 -24.26
N HIS P 69 13.13 -83.78 -23.42
CA HIS P 69 12.59 -82.44 -23.40
C HIS P 69 13.59 -81.49 -22.78
N GLY P 70 14.27 -81.91 -21.68
CA GLY P 70 15.31 -81.16 -21.03
C GLY P 70 14.80 -80.06 -20.14
N LEU P 71 13.46 -79.98 -19.96
CA LEU P 71 12.79 -79.01 -19.12
C LEU P 71 13.21 -79.13 -17.67
N ARG P 72 13.25 -77.97 -16.98
CA ARG P 72 13.46 -77.89 -15.55
C ARG P 72 12.14 -78.18 -14.88
N SER P 73 12.18 -78.48 -13.56
CA SER P 73 11.01 -78.72 -12.75
C SER P 73 10.12 -77.50 -12.67
N SER P 74 10.76 -76.32 -12.57
CA SER P 74 10.13 -75.03 -12.54
C SER P 74 9.52 -74.66 -13.86
N ALA P 75 10.11 -75.15 -14.96
CA ALA P 75 9.68 -74.88 -16.30
C ALA P 75 8.49 -75.69 -16.72
N VAL P 76 8.04 -76.69 -15.91
CA VAL P 76 6.89 -77.51 -16.25
C VAL P 76 5.63 -76.67 -16.22
N SER P 77 5.37 -75.96 -15.09
CA SER P 77 4.17 -75.16 -14.85
C SER P 77 4.00 -73.99 -15.80
N ALA P 78 5.06 -73.61 -16.54
CA ALA P 78 4.97 -72.59 -17.55
C ALA P 78 4.47 -73.22 -18.82
N VAL P 79 5.24 -74.22 -19.33
CA VAL P 79 5.10 -74.74 -20.67
C VAL P 79 3.75 -75.34 -20.99
N PHE P 80 3.14 -76.19 -20.11
CA PHE P 80 1.97 -76.93 -20.53
C PHE P 80 0.71 -76.09 -20.53
N HIS P 81 0.75 -74.87 -19.94
CA HIS P 81 -0.30 -73.89 -20.07
C HIS P 81 -0.19 -73.13 -21.37
N ASN P 82 1.05 -72.76 -21.81
CA ASN P 82 1.26 -72.05 -23.06
C ASN P 82 1.11 -72.97 -24.24
N LEU P 83 1.40 -74.28 -24.04
CA LEU P 83 1.25 -75.34 -25.01
C LEU P 83 -0.20 -75.60 -25.31
N ALA P 84 -1.08 -75.47 -24.28
CA ALA P 84 -2.50 -75.72 -24.41
C ALA P 84 -3.19 -74.60 -25.16
N CYS P 85 -2.62 -73.37 -25.11
CA CYS P 85 -3.15 -72.23 -25.81
C CYS P 85 -2.84 -72.30 -27.29
N ARG P 86 -1.67 -72.86 -27.65
CA ARG P 86 -1.14 -72.88 -28.99
C ARG P 86 -1.75 -73.93 -29.86
N ILE P 87 -2.03 -75.13 -29.30
CA ILE P 87 -2.56 -76.24 -30.07
C ILE P 87 -4.06 -76.17 -30.15
N ALA P 88 -4.69 -75.26 -29.36
CA ALA P 88 -6.12 -75.07 -29.38
C ALA P 88 -6.62 -74.51 -30.71
N PRO P 89 -6.14 -73.43 -31.35
CA PRO P 89 -6.57 -73.01 -32.68
C PRO P 89 -6.12 -73.94 -33.76
N ASP P 90 -5.04 -74.72 -33.53
CA ASP P 90 -4.56 -75.73 -34.44
C ASP P 90 -5.58 -76.86 -34.58
N TYR P 91 -6.36 -77.11 -33.50
CA TYR P 91 -7.45 -78.06 -33.46
C TYR P 91 -8.79 -77.38 -33.69
N ALA P 92 -8.78 -76.04 -33.98
CA ALA P 92 -9.94 -75.24 -34.29
C ALA P 92 -10.87 -75.06 -33.10
N LEU P 93 -10.28 -74.68 -31.96
CA LEU P 93 -10.94 -74.36 -30.71
C LEU P 93 -10.18 -73.18 -30.17
N GLU P 94 -10.54 -72.71 -28.95
CA GLU P 94 -9.87 -71.60 -28.32
C GLU P 94 -9.86 -71.89 -26.86
N ALA P 95 -8.70 -71.62 -26.20
CA ALA P 95 -8.47 -71.83 -24.78
C ALA P 95 -9.35 -70.97 -23.91
N THR P 96 -9.68 -71.50 -22.71
CA THR P 96 -10.54 -70.87 -21.73
C THR P 96 -9.73 -69.87 -20.93
N ALA P 97 -10.40 -69.13 -20.02
CA ALA P 97 -9.86 -68.00 -19.30
C ALA P 97 -8.82 -68.40 -18.28
N LYS P 98 -8.96 -69.59 -17.65
CA LYS P 98 -8.02 -70.10 -16.68
C LYS P 98 -6.71 -70.48 -17.33
N ILE P 99 -6.77 -71.05 -18.56
CA ILE P 99 -5.60 -71.55 -19.25
C ILE P 99 -4.74 -70.40 -19.73
N ILE P 100 -5.35 -69.31 -20.26
CA ILE P 100 -4.61 -68.16 -20.76
C ILE P 100 -4.08 -67.30 -19.64
N ALA P 101 -4.71 -67.35 -18.43
CA ALA P 101 -4.30 -66.58 -17.28
C ALA P 101 -3.04 -67.13 -16.68
N THR P 102 -2.99 -68.47 -16.52
CA THR P 102 -1.87 -69.19 -15.97
C THR P 102 -0.72 -69.25 -16.95
N ALA P 103 -1.02 -69.25 -18.27
CA ALA P 103 -0.04 -69.24 -19.32
C ALA P 103 0.85 -68.01 -19.29
N LYS P 104 0.25 -66.83 -19.06
CA LYS P 104 0.94 -65.57 -18.91
C LYS P 104 1.66 -65.46 -17.58
N TYR P 105 1.11 -66.12 -16.52
CA TYR P 105 1.66 -66.07 -15.18
C TYR P 105 2.85 -66.97 -15.07
N GLY P 106 2.83 -68.13 -15.76
CA GLY P 106 3.92 -69.08 -15.77
C GLY P 106 5.04 -68.65 -16.66
N LYS P 107 4.73 -67.91 -17.75
CA LYS P 107 5.71 -67.35 -18.67
C LYS P 107 6.54 -66.28 -17.98
N GLU P 108 5.90 -65.55 -17.04
CA GLU P 108 6.47 -64.45 -16.32
C GLU P 108 7.38 -64.92 -15.22
N LEU P 109 6.94 -65.94 -14.43
CA LEU P 109 7.69 -66.50 -13.33
C LEU P 109 8.85 -67.36 -13.83
N LEU P 110 8.81 -67.79 -15.11
CA LEU P 110 9.89 -68.49 -15.74
C LEU P 110 11.01 -67.54 -16.08
N TYR P 111 10.65 -66.28 -16.40
CA TYR P 111 11.56 -65.25 -16.84
C TYR P 111 11.97 -64.35 -15.70
N LYS P 112 11.45 -64.57 -14.46
CA LYS P 112 11.67 -63.63 -13.38
C LYS P 112 13.11 -63.52 -12.94
N GLN P 113 13.83 -64.65 -12.77
CA GLN P 113 15.22 -64.66 -12.38
C GLN P 113 16.13 -64.15 -13.46
N THR P 114 15.72 -64.34 -14.74
CA THR P 114 16.49 -63.93 -15.90
C THR P 114 16.47 -62.43 -15.99
N ALA P 115 15.27 -61.82 -15.79
CA ALA P 115 15.05 -60.40 -15.81
C ALA P 115 15.77 -59.70 -14.68
N ILE P 116 15.86 -60.34 -13.49
CA ILE P 116 16.54 -59.84 -12.31
C ILE P 116 18.05 -59.85 -12.52
N SER P 117 18.59 -60.89 -13.18
CA SER P 117 20.01 -61.03 -13.44
C SER P 117 20.47 -60.06 -14.50
N ARG P 118 19.57 -59.71 -15.44
CA ARG P 118 19.82 -58.75 -16.49
C ARG P 118 19.49 -57.35 -16.03
N ALA P 119 19.05 -57.21 -14.75
CA ALA P 119 18.72 -55.94 -14.14
C ALA P 119 19.88 -55.56 -13.26
N LYS P 120 21.05 -55.31 -13.89
CA LYS P 120 22.21 -54.81 -13.21
C LYS P 120 22.81 -53.83 -14.16
N ARG P 121 23.08 -52.61 -13.65
CA ARG P 121 23.67 -51.50 -14.36
C ARG P 121 25.09 -51.78 -14.78
N ALA P 122 25.49 -51.17 -15.91
CA ALA P 122 26.81 -51.22 -16.50
C ALA P 122 27.81 -50.58 -15.58
N PRO P 123 29.08 -50.95 -15.57
CA PRO P 123 30.03 -50.34 -14.66
C PRO P 123 30.63 -49.12 -15.32
N TYR P 124 30.19 -47.92 -14.86
CA TYR P 124 30.64 -46.61 -15.24
C TYR P 124 30.88 -46.40 -16.73
N PRO P 125 29.88 -46.48 -17.61
CA PRO P 125 30.04 -46.29 -19.03
C PRO P 125 30.33 -44.85 -19.39
N SER P 126 31.15 -44.68 -20.45
CA SER P 126 31.54 -43.44 -21.08
C SER P 126 32.67 -42.75 -20.35
N ARG P 127 32.39 -42.16 -19.15
CA ARG P 127 33.36 -41.40 -18.40
C ARG P 127 33.08 -41.66 -16.95
N MET P 128 34.07 -41.34 -16.07
CA MET P 128 33.93 -41.33 -14.63
C MET P 128 35.33 -41.11 -14.08
N PRO P 129 35.63 -40.00 -13.38
CA PRO P 129 36.86 -39.84 -12.63
C PRO P 129 36.72 -40.49 -11.27
N THR P 130 37.84 -40.67 -10.53
CA THR P 130 37.80 -41.24 -9.19
C THR P 130 37.87 -40.13 -8.16
N GLY P 131 38.10 -38.86 -8.59
CA GLY P 131 38.17 -37.72 -7.70
C GLY P 131 39.47 -37.70 -6.94
N SER P 132 39.63 -36.68 -6.07
CA SER P 132 40.78 -36.55 -5.21
C SER P 132 40.43 -36.94 -3.80
N GLY P 133 39.17 -37.38 -3.56
CA GLY P 133 38.76 -37.99 -2.31
C GLY P 133 39.20 -39.42 -2.24
N ASN P 134 39.70 -39.95 -3.38
CA ASN P 134 40.34 -41.23 -3.48
C ASN P 134 41.69 -40.90 -4.05
N SER P 135 42.76 -41.38 -3.38
CA SER P 135 44.13 -41.15 -3.76
C SER P 135 44.45 -41.74 -5.11
N PHE P 136 45.40 -41.09 -5.82
CA PHE P 136 45.83 -41.42 -7.16
C PHE P 136 44.71 -41.22 -8.15
N PRO P 137 44.51 -40.02 -8.70
CA PRO P 137 43.60 -39.76 -9.81
C PRO P 137 43.77 -40.68 -10.98
N ASN P 138 45.05 -40.97 -11.35
CA ASN P 138 45.48 -41.97 -12.32
C ASN P 138 44.67 -41.88 -13.60
N LEU P 139 44.26 -43.02 -14.19
CA LEU P 139 43.43 -43.09 -15.37
C LEU P 139 42.08 -42.52 -15.06
N ASN P 140 41.46 -41.84 -16.04
CA ASN P 140 40.14 -41.26 -15.92
C ASN P 140 39.56 -41.35 -17.29
N GLU P 141 38.26 -40.97 -17.43
CA GLU P 141 37.49 -41.06 -18.65
C GLU P 141 37.23 -42.52 -18.97
N TRP P 142 36.80 -43.28 -17.95
CA TRP P 142 36.65 -44.72 -18.02
C TRP P 142 35.53 -45.11 -18.92
N HIS P 143 35.89 -45.85 -19.99
CA HIS P 143 34.98 -46.34 -21.01
C HIS P 143 34.01 -47.35 -20.44
N TYR P 144 34.51 -48.28 -19.59
CA TYR P 144 33.68 -49.07 -18.71
C TYR P 144 34.54 -49.33 -17.50
N PHE P 145 35.35 -50.40 -17.60
CA PHE P 145 36.23 -50.96 -16.60
C PHE P 145 37.35 -50.08 -16.07
N PRO P 146 38.14 -49.24 -16.77
CA PRO P 146 39.50 -48.93 -16.35
C PRO P 146 39.63 -48.18 -15.04
N THR Q 1 -32.97 -77.07 18.65
CA THR Q 1 -32.05 -76.23 17.84
C THR Q 1 -31.51 -75.10 18.69
N LYS Q 2 -30.33 -74.56 18.29
CA LYS Q 2 -29.67 -73.48 18.99
C LYS Q 2 -29.56 -72.35 18.02
N GLY Q 3 -29.70 -71.11 18.52
CA GLY Q 3 -29.65 -69.90 17.73
C GLY Q 3 -28.25 -69.43 17.48
N ASP Q 4 -27.25 -70.09 18.13
CA ASP Q 4 -25.84 -69.76 17.95
C ASP Q 4 -25.21 -70.80 17.08
N LEU Q 5 -25.96 -71.91 16.79
CA LEU Q 5 -25.56 -72.99 15.90
C LEU Q 5 -24.27 -73.64 16.36
N VAL Q 6 -24.22 -74.06 17.64
CA VAL Q 6 -23.02 -74.56 18.29
C VAL Q 6 -22.51 -75.82 17.64
N ARG Q 7 -23.43 -76.78 17.36
CA ARG Q 7 -23.10 -78.02 16.71
C ARG Q 7 -22.88 -77.80 15.25
N ALA Q 8 -21.99 -78.62 14.64
CA ALA Q 8 -21.76 -78.66 13.21
C ALA Q 8 -22.95 -79.19 12.47
N ALA Q 9 -23.78 -80.05 13.12
CA ALA Q 9 -25.03 -80.54 12.58
C ALA Q 9 -26.06 -79.45 12.39
N LEU Q 10 -26.10 -78.48 13.33
CA LEU Q 10 -26.92 -77.29 13.25
C LEU Q 10 -26.50 -76.38 12.13
N ARG Q 11 -25.17 -76.24 11.93
CA ARG Q 11 -24.61 -75.48 10.83
C ARG Q 11 -24.80 -76.18 9.50
N LYS Q 12 -24.90 -77.53 9.48
CA LYS Q 12 -25.08 -78.32 8.30
C LYS Q 12 -26.46 -78.11 7.71
N LEU Q 13 -27.49 -78.11 8.57
CA LEU Q 13 -28.86 -77.85 8.18
C LEU Q 13 -29.07 -76.39 7.83
N GLY Q 14 -28.25 -75.46 8.38
CA GLY Q 14 -28.27 -74.05 8.04
C GLY Q 14 -27.75 -73.79 6.66
N VAL Q 15 -26.67 -74.51 6.27
CA VAL Q 15 -26.05 -74.46 4.96
C VAL Q 15 -26.96 -75.08 3.94
N ALA Q 16 -27.64 -76.20 4.31
CA ALA Q 16 -28.59 -76.87 3.46
C ALA Q 16 -29.84 -76.08 3.21
N SER Q 17 -30.22 -75.17 4.15
CA SER Q 17 -31.41 -74.36 4.04
C SER Q 17 -31.18 -73.25 3.05
N ASP Q 18 -29.96 -72.69 3.02
CA ASP Q 18 -29.57 -71.62 2.12
C ASP Q 18 -29.43 -72.12 0.70
N ALA Q 19 -29.19 -73.44 0.52
CA ALA Q 19 -29.08 -74.05 -0.80
C ALA Q 19 -30.43 -74.54 -1.27
N THR Q 20 -31.46 -74.48 -0.38
CA THR Q 20 -32.85 -74.79 -0.64
C THR Q 20 -33.02 -76.20 -1.14
N LEU Q 21 -32.38 -77.16 -0.44
CA LEU Q 21 -32.46 -78.57 -0.74
C LEU Q 21 -32.38 -79.21 0.61
N THR Q 22 -33.13 -80.31 0.83
CA THR Q 22 -33.11 -81.06 2.07
C THR Q 22 -32.28 -82.29 1.81
N ASP Q 23 -30.96 -82.07 1.55
CA ASP Q 23 -29.96 -83.06 1.26
C ASP Q 23 -30.33 -83.89 0.06
N VAL Q 24 -30.72 -83.20 -1.05
CA VAL Q 24 -31.20 -83.83 -2.25
C VAL Q 24 -29.99 -84.02 -3.13
N GLU Q 25 -29.69 -85.31 -3.45
CA GLU Q 25 -28.53 -85.75 -4.19
C GLU Q 25 -27.22 -85.24 -3.63
N PRO Q 26 -26.80 -85.55 -2.38
CA PRO Q 26 -25.68 -84.90 -1.71
C PRO Q 26 -24.40 -84.90 -2.49
N GLN Q 27 -23.79 -83.71 -2.67
CA GLN Q 27 -22.51 -83.59 -3.32
C GLN Q 27 -21.58 -83.00 -2.31
N SER Q 28 -22.06 -82.02 -1.52
CA SER Q 28 -21.36 -81.55 -0.36
C SER Q 28 -22.40 -81.07 0.63
N MET Q 29 -23.66 -81.55 0.50
CA MET Q 29 -24.76 -81.21 1.37
C MET Q 29 -24.55 -81.76 2.75
N GLN Q 30 -24.06 -83.02 2.84
CA GLN Q 30 -23.77 -83.68 4.09
C GLN Q 30 -22.28 -83.72 4.35
N ASP Q 31 -21.46 -83.25 3.37
CA ASP Q 31 -20.02 -83.14 3.51
C ASP Q 31 -19.68 -81.74 3.96
N ALA Q 32 -20.72 -80.91 4.24
CA ALA Q 32 -20.61 -79.54 4.70
C ALA Q 32 -19.86 -79.42 6.01
N VAL Q 33 -19.93 -80.47 6.87
CA VAL Q 33 -19.22 -80.54 8.13
C VAL Q 33 -17.73 -80.78 7.95
N ASP Q 34 -17.30 -81.39 6.82
CA ASP Q 34 -15.91 -81.55 6.46
C ASP Q 34 -15.39 -80.26 5.84
N ASP Q 35 -16.26 -79.58 5.06
CA ASP Q 35 -16.01 -78.29 4.44
C ASP Q 35 -15.80 -77.20 5.48
N LEU Q 36 -16.49 -77.31 6.64
CA LEU Q 36 -16.32 -76.51 7.84
C LEU Q 36 -14.89 -76.54 8.34
N GLU Q 37 -14.25 -77.73 8.32
CA GLU Q 37 -12.88 -77.91 8.71
C GLU Q 37 -11.93 -77.19 7.79
N ALA Q 38 -12.13 -77.35 6.46
CA ALA Q 38 -11.30 -76.72 5.44
C ALA Q 38 -11.45 -75.22 5.41
N MET Q 39 -12.57 -74.68 5.94
CA MET Q 39 -12.84 -73.27 6.02
C MET Q 39 -12.02 -72.66 7.12
N MET Q 40 -11.82 -73.41 8.23
CA MET Q 40 -10.95 -73.03 9.31
C MET Q 40 -9.62 -73.70 9.15
N ALA Q 41 -9.01 -73.54 7.96
CA ALA Q 41 -7.59 -73.65 7.81
C ALA Q 41 -7.17 -72.63 6.79
N GLU Q 42 -8.07 -72.27 5.85
CA GLU Q 42 -7.90 -71.13 4.98
C GLU Q 42 -8.09 -69.84 5.74
N TRP Q 43 -9.15 -69.79 6.59
CA TRP Q 43 -9.32 -68.75 7.57
C TRP Q 43 -8.52 -69.18 8.78
N TYR Q 44 -7.95 -68.19 9.50
CA TYR Q 44 -7.06 -68.38 10.62
C TYR Q 44 -5.79 -69.07 10.14
N GLN Q 45 -5.22 -68.57 9.02
CA GLN Q 45 -4.01 -69.11 8.45
C GLN Q 45 -2.84 -68.39 9.03
N ASP Q 46 -2.14 -69.09 9.97
CA ASP Q 46 -0.98 -68.66 10.72
C ASP Q 46 -1.26 -67.47 11.59
N GLY Q 47 -2.54 -67.28 12.00
CA GLY Q 47 -2.96 -66.20 12.85
C GLY Q 47 -3.13 -64.90 12.13
N LYS Q 48 -2.91 -64.89 10.78
CA LYS Q 48 -2.99 -63.70 9.97
C LYS Q 48 -4.27 -63.76 9.18
N GLY Q 49 -5.00 -64.90 9.24
CA GLY Q 49 -6.30 -65.04 8.67
C GLY Q 49 -7.31 -64.48 9.63
N ILE Q 50 -8.62 -64.64 9.30
CA ILE Q 50 -9.72 -64.22 10.15
C ILE Q 50 -9.75 -65.07 11.39
N ILE Q 51 -9.77 -64.41 12.57
CA ILE Q 51 -9.73 -65.09 13.85
C ILE Q 51 -11.17 -65.32 14.24
N THR Q 52 -11.58 -66.60 14.25
CA THR Q 52 -12.92 -67.00 14.61
C THR Q 52 -12.89 -67.62 15.99
N GLY Q 53 -11.67 -67.99 16.47
CA GLY Q 53 -11.49 -68.71 17.71
C GLY Q 53 -11.77 -70.19 17.57
N TYR Q 54 -12.04 -70.66 16.33
CA TYR Q 54 -12.46 -72.01 16.05
C TYR Q 54 -11.52 -72.54 15.01
N VAL Q 55 -11.19 -73.85 15.15
CA VAL Q 55 -10.35 -74.60 14.26
C VAL Q 55 -11.21 -75.77 13.84
N PHE Q 56 -10.64 -76.98 13.69
CA PHE Q 56 -11.32 -78.15 13.17
C PHE Q 56 -12.39 -78.65 14.10
N SER Q 57 -12.09 -78.66 15.42
CA SER Q 57 -13.06 -78.99 16.45
C SER Q 57 -12.66 -78.21 17.68
N ASP Q 58 -13.53 -78.20 18.72
CA ASP Q 58 -13.29 -77.42 19.90
C ASP Q 58 -13.44 -78.27 21.13
N ASP Q 59 -14.69 -78.46 21.64
CA ASP Q 59 -14.93 -79.15 22.90
C ASP Q 59 -15.34 -80.58 22.69
N GLU Q 60 -15.47 -81.04 21.42
CA GLU Q 60 -15.89 -82.38 21.11
C GLU Q 60 -14.78 -82.97 20.30
N ASN Q 61 -14.35 -84.20 20.67
CA ASN Q 61 -13.19 -84.87 20.11
C ASN Q 61 -13.32 -85.21 18.63
N PRO Q 62 -14.43 -85.72 18.07
CA PRO Q 62 -14.65 -85.83 16.63
C PRO Q 62 -14.30 -84.58 15.83
N PRO Q 63 -13.67 -84.65 14.65
CA PRO Q 63 -13.22 -83.48 13.92
C PRO Q 63 -14.36 -82.85 13.15
N ALA Q 64 -15.52 -83.53 13.05
CA ALA Q 64 -16.61 -83.06 12.23
C ALA Q 64 -17.85 -83.76 12.69
N GLU Q 65 -19.01 -83.18 12.35
CA GLU Q 65 -20.35 -83.66 12.57
C GLU Q 65 -20.72 -83.57 14.03
N GLY Q 66 -21.52 -82.54 14.37
CA GLY Q 66 -22.15 -82.36 15.65
C GLY Q 66 -21.21 -81.77 16.67
N ASP Q 67 -19.95 -81.47 16.29
CA ASP Q 67 -18.94 -80.93 17.17
C ASP Q 67 -19.23 -79.51 17.57
N ASP Q 68 -18.85 -79.17 18.83
CA ASP Q 68 -19.03 -77.86 19.41
C ASP Q 68 -18.00 -76.92 18.84
N HIS Q 69 -18.18 -75.60 19.06
CA HIS Q 69 -17.37 -74.60 18.43
C HIS Q 69 -16.80 -73.64 19.43
N GLY Q 70 -15.77 -72.90 18.98
CA GLY Q 70 -15.17 -71.79 19.67
C GLY Q 70 -15.52 -70.50 19.00
N LEU Q 71 -16.57 -70.49 18.13
CA LEU Q 71 -16.97 -69.33 17.35
C LEU Q 71 -17.33 -68.15 18.21
N ARG Q 72 -17.01 -66.96 17.68
CA ARG Q 72 -17.30 -65.66 18.24
C ARG Q 72 -18.66 -65.27 17.71
N SER Q 73 -19.15 -64.09 18.14
CA SER Q 73 -20.48 -63.60 17.86
C SER Q 73 -20.76 -63.37 16.39
N SER Q 74 -19.89 -62.61 15.68
CA SER Q 74 -20.07 -62.33 14.27
C SER Q 74 -19.53 -63.44 13.41
N ALA Q 75 -18.86 -64.45 14.03
CA ALA Q 75 -18.38 -65.61 13.36
C ALA Q 75 -19.49 -66.58 13.05
N VAL Q 76 -20.63 -66.52 13.78
CA VAL Q 76 -21.81 -67.34 13.50
C VAL Q 76 -22.39 -66.94 12.15
N SER Q 77 -22.51 -65.62 11.89
CA SER Q 77 -22.99 -65.06 10.64
C SER Q 77 -21.99 -65.17 9.51
N ALA Q 78 -20.75 -65.64 9.80
CA ALA Q 78 -19.75 -65.88 8.78
C ALA Q 78 -19.93 -67.29 8.26
N VAL Q 79 -19.88 -68.30 9.18
CA VAL Q 79 -19.67 -69.69 8.85
C VAL Q 79 -20.65 -70.31 7.88
N PHE Q 80 -21.98 -70.22 8.11
CA PHE Q 80 -22.93 -71.00 7.35
C PHE Q 80 -23.32 -70.30 6.06
N HIS Q 81 -22.93 -69.02 5.92
CA HIS Q 81 -23.10 -68.26 4.71
C HIS Q 81 -22.00 -68.59 3.72
N ASN Q 82 -20.74 -68.71 4.18
CA ASN Q 82 -19.60 -68.96 3.32
C ASN Q 82 -19.62 -70.38 2.80
N LEU Q 83 -20.02 -71.35 3.66
CA LEU Q 83 -20.21 -72.74 3.30
C LEU Q 83 -21.31 -72.94 2.30
N ALA Q 84 -22.36 -72.08 2.34
CA ALA Q 84 -23.46 -72.14 1.42
C ALA Q 84 -23.08 -71.62 0.05
N CYS Q 85 -22.05 -70.75 -0.02
CA CYS Q 85 -21.49 -70.24 -1.25
C CYS Q 85 -20.64 -71.29 -1.91
N ARG Q 86 -19.95 -72.15 -1.12
CA ARG Q 86 -19.03 -73.14 -1.63
C ARG Q 86 -19.76 -74.34 -2.20
N ILE Q 87 -20.95 -74.69 -1.67
CA ILE Q 87 -21.72 -75.81 -2.18
C ILE Q 87 -22.58 -75.42 -3.36
N ALA Q 88 -22.70 -74.10 -3.67
CA ALA Q 88 -23.46 -73.62 -4.80
C ALA Q 88 -22.86 -74.03 -6.14
N PRO Q 89 -21.54 -73.98 -6.41
CA PRO Q 89 -20.93 -74.50 -7.64
C PRO Q 89 -21.16 -75.94 -7.94
N ASP Q 90 -21.51 -76.78 -6.94
CA ASP Q 90 -21.74 -78.20 -7.08
C ASP Q 90 -22.86 -78.49 -8.04
N TYR Q 91 -23.96 -77.71 -7.92
CA TYR Q 91 -25.16 -77.83 -8.70
C TYR Q 91 -25.11 -76.88 -9.88
N ALA Q 92 -23.94 -76.23 -10.11
CA ALA Q 92 -23.69 -75.26 -11.16
C ALA Q 92 -24.53 -74.02 -10.95
N LEU Q 93 -24.48 -73.49 -9.71
CA LEU Q 93 -25.19 -72.31 -9.29
C LEU Q 93 -24.16 -71.41 -8.68
N GLU Q 94 -24.59 -70.19 -8.29
CA GLU Q 94 -23.76 -69.21 -7.65
C GLU Q 94 -24.65 -68.53 -6.66
N ALA Q 95 -24.11 -68.23 -5.45
CA ALA Q 95 -24.80 -67.62 -4.35
C ALA Q 95 -25.33 -66.24 -4.69
N THR Q 96 -26.47 -65.87 -4.06
CA THR Q 96 -27.14 -64.61 -4.25
C THR Q 96 -26.44 -63.55 -3.42
N ALA Q 97 -26.88 -62.28 -3.56
CA ALA Q 97 -26.20 -61.11 -3.03
C ALA Q 97 -26.29 -60.99 -1.52
N LYS Q 98 -27.31 -61.60 -0.87
CA LYS Q 98 -27.47 -61.52 0.56
C LYS Q 98 -26.51 -62.46 1.26
N ILE Q 99 -26.20 -63.62 0.65
CA ILE Q 99 -25.38 -64.64 1.26
C ILE Q 99 -23.94 -64.17 1.32
N ILE Q 100 -23.45 -63.53 0.23
CA ILE Q 100 -22.09 -63.07 0.14
C ILE Q 100 -21.88 -61.80 0.93
N ALA Q 101 -22.96 -61.03 1.19
CA ALA Q 101 -22.88 -59.78 1.91
C ALA Q 101 -22.68 -60.00 3.39
N THR Q 102 -23.44 -60.97 3.96
CA THR Q 102 -23.42 -61.32 5.35
C THR Q 102 -22.12 -61.98 5.74
N ALA Q 103 -21.55 -62.83 4.85
CA ALA Q 103 -20.33 -63.56 5.10
C ALA Q 103 -19.11 -62.67 5.17
N LYS Q 104 -19.11 -61.56 4.40
CA LYS Q 104 -18.04 -60.59 4.35
C LYS Q 104 -18.07 -59.72 5.57
N TYR Q 105 -19.29 -59.33 5.99
CA TYR Q 105 -19.53 -58.49 7.15
C TYR Q 105 -19.33 -59.29 8.42
N GLY Q 106 -19.34 -60.64 8.33
CA GLY Q 106 -19.05 -61.51 9.44
C GLY Q 106 -17.59 -61.59 9.70
N LYS Q 107 -16.76 -61.63 8.62
CA LYS Q 107 -15.33 -61.71 8.71
C LYS Q 107 -14.68 -60.40 9.07
N GLU Q 108 -15.35 -59.26 8.78
CA GLU Q 108 -14.78 -57.94 8.94
C GLU Q 108 -14.79 -57.45 10.36
N LEU Q 109 -15.82 -57.85 11.13
CA LEU Q 109 -15.98 -57.45 12.51
C LEU Q 109 -15.07 -58.23 13.43
N LEU Q 110 -14.70 -59.46 13.02
CA LEU Q 110 -13.79 -60.32 13.74
C LEU Q 110 -12.39 -59.78 13.70
N TYR Q 111 -11.97 -59.33 12.49
CA TYR Q 111 -10.65 -58.81 12.22
C TYR Q 111 -10.51 -57.39 12.75
N LYS Q 112 -11.62 -56.72 13.16
CA LYS Q 112 -11.62 -55.36 13.67
C LYS Q 112 -10.74 -55.21 14.90
N GLN Q 113 -10.72 -56.23 15.79
CA GLN Q 113 -9.89 -56.23 16.98
C GLN Q 113 -8.44 -56.42 16.64
N THR Q 114 -8.15 -57.30 15.64
CA THR Q 114 -6.81 -57.65 15.21
C THR Q 114 -6.10 -56.46 14.62
N ALA Q 115 -6.84 -55.64 13.84
CA ALA Q 115 -6.34 -54.44 13.21
C ALA Q 115 -5.96 -53.36 14.19
N ILE Q 116 -6.80 -53.14 15.23
CA ILE Q 116 -6.62 -52.05 16.16
C ILE Q 116 -5.54 -52.39 17.17
N SER Q 117 -5.51 -53.66 17.66
CA SER Q 117 -4.62 -54.04 18.73
C SER Q 117 -3.18 -54.15 18.29
N ARG Q 118 -2.94 -54.84 17.15
CA ARG Q 118 -1.60 -55.10 16.66
C ARG Q 118 -0.97 -53.92 15.96
N ALA Q 119 -1.76 -52.92 15.53
CA ALA Q 119 -1.25 -51.77 14.84
C ALA Q 119 -1.65 -50.55 15.61
N LYS Q 120 -0.64 -49.86 16.17
CA LYS Q 120 -0.77 -48.68 16.99
C LYS Q 120 0.50 -47.93 16.76
N ARG Q 121 0.65 -46.75 17.40
CA ARG Q 121 1.88 -45.99 17.36
C ARG Q 121 2.73 -46.52 18.48
N ALA Q 122 3.96 -46.99 18.15
CA ALA Q 122 4.85 -47.65 19.08
C ALA Q 122 5.76 -46.58 19.62
N PRO Q 123 6.46 -46.74 20.75
CA PRO Q 123 7.36 -45.75 21.34
C PRO Q 123 8.43 -45.21 20.42
N TYR Q 124 9.05 -44.08 20.84
CA TYR Q 124 10.06 -43.32 20.12
C TYR Q 124 11.25 -44.17 19.71
N PRO Q 125 11.92 -43.90 18.58
CA PRO Q 125 13.05 -44.68 18.11
C PRO Q 125 14.30 -44.39 18.90
N SER Q 126 15.47 -44.86 18.39
CA SER Q 126 16.78 -44.77 19.00
C SER Q 126 17.21 -43.36 19.32
N ARG Q 127 16.95 -42.42 18.38
CA ARG Q 127 17.26 -41.03 18.55
C ARG Q 127 16.00 -40.36 18.98
N MET Q 128 16.05 -39.71 20.17
CA MET Q 128 14.95 -38.97 20.71
C MET Q 128 15.53 -38.34 21.95
N PRO Q 129 15.68 -37.03 22.07
CA PRO Q 129 16.20 -36.38 23.26
C PRO Q 129 15.24 -36.45 24.42
N THR Q 130 15.75 -36.16 25.64
CA THR Q 130 14.95 -35.90 26.81
C THR Q 130 14.81 -34.40 26.96
N GLY Q 131 15.51 -33.62 26.09
CA GLY Q 131 15.51 -32.18 26.07
C GLY Q 131 15.96 -31.58 27.36
N SER Q 132 15.54 -30.32 27.61
CA SER Q 132 15.74 -29.65 28.87
C SER Q 132 14.38 -29.29 29.41
N GLY Q 133 13.31 -29.89 28.85
CA GLY Q 133 11.95 -29.71 29.31
C GLY Q 133 11.60 -30.78 30.30
N ASN Q 134 12.54 -31.75 30.51
CA ASN Q 134 12.42 -32.79 31.50
C ASN Q 134 13.63 -32.66 32.38
N SER Q 135 13.44 -32.99 33.67
CA SER Q 135 14.48 -33.00 34.68
C SER Q 135 14.29 -34.30 35.39
N PHE Q 136 15.30 -34.71 36.19
CA PHE Q 136 15.46 -36.03 36.77
C PHE Q 136 15.55 -37.06 35.65
N PRO Q 137 16.56 -37.02 34.76
CA PRO Q 137 16.55 -37.68 33.46
C PRO Q 137 16.29 -39.17 33.47
N ASN Q 138 16.73 -39.89 34.53
CA ASN Q 138 16.63 -41.33 34.66
C ASN Q 138 17.47 -41.99 33.61
N LEU Q 139 18.72 -41.47 33.48
CA LEU Q 139 19.66 -41.70 32.40
C LEU Q 139 19.24 -40.87 31.21
N ASN Q 140 20.08 -39.87 30.87
CA ASN Q 140 19.83 -38.87 29.85
C ASN Q 140 19.78 -39.54 28.50
N GLU Q 141 18.95 -38.99 27.57
CA GLU Q 141 18.60 -39.56 26.27
C GLU Q 141 17.54 -40.61 26.44
N TRP Q 142 16.49 -40.56 25.58
CA TRP Q 142 15.41 -41.51 25.59
C TRP Q 142 15.75 -42.50 24.51
N HIS Q 143 16.16 -43.70 24.95
CA HIS Q 143 16.65 -44.77 24.13
C HIS Q 143 15.56 -45.41 23.31
N TYR Q 144 14.37 -45.65 23.91
CA TYR Q 144 13.26 -46.17 23.15
C TYR Q 144 12.02 -45.78 23.90
N PHE Q 145 11.76 -46.47 25.04
CA PHE Q 145 10.63 -46.25 25.91
C PHE Q 145 10.62 -44.89 26.60
N PRO Q 146 11.66 -44.28 27.19
CA PRO Q 146 11.44 -43.34 28.30
C PRO Q 146 10.90 -42.00 27.84
N THR R 1 3.44 -77.86 -35.40
CA THR R 1 4.49 -78.21 -36.40
C THR R 1 5.86 -77.94 -35.82
N LYS R 2 6.90 -78.58 -36.42
CA LYS R 2 8.28 -78.53 -35.97
C LYS R 2 8.86 -77.15 -36.03
N GLY R 3 9.76 -76.84 -35.06
CA GLY R 3 10.42 -75.56 -34.94
C GLY R 3 11.59 -75.40 -35.86
N ASP R 4 12.00 -76.49 -36.55
CA ASP R 4 13.07 -76.46 -37.52
C ASP R 4 12.56 -77.23 -38.70
N LEU R 5 12.46 -76.53 -39.85
CA LEU R 5 11.98 -77.05 -41.10
C LEU R 5 12.64 -76.17 -42.13
N VAL R 6 12.79 -76.70 -43.37
CA VAL R 6 13.34 -75.96 -44.49
C VAL R 6 12.31 -75.92 -45.58
N ARG R 7 11.08 -76.42 -45.30
CA ARG R 7 10.00 -76.47 -46.25
C ARG R 7 8.82 -75.80 -45.63
N ALA R 8 8.08 -75.03 -46.47
CA ALA R 8 6.85 -74.38 -46.12
C ALA R 8 5.70 -75.33 -46.32
N ALA R 9 5.93 -76.46 -47.03
CA ALA R 9 4.95 -77.48 -47.30
C ALA R 9 4.65 -78.28 -46.06
N LEU R 10 5.72 -78.73 -45.36
CA LEU R 10 5.66 -79.50 -44.14
C LEU R 10 5.12 -78.66 -43.00
N ARG R 11 5.29 -77.33 -43.12
CA ARG R 11 4.88 -76.35 -42.16
C ARG R 11 3.39 -76.11 -42.18
N LYS R 12 2.79 -76.10 -43.38
CA LYS R 12 1.37 -75.84 -43.56
C LYS R 12 0.57 -77.04 -43.17
N LEU R 13 0.98 -78.25 -43.64
CA LEU R 13 0.20 -79.47 -43.49
C LEU R 13 -0.02 -79.92 -42.08
N GLY R 14 0.84 -79.52 -41.11
CA GLY R 14 0.65 -79.90 -39.72
C GLY R 14 -0.41 -79.08 -39.05
N VAL R 15 -0.53 -77.78 -39.45
CA VAL R 15 -1.47 -76.85 -38.87
C VAL R 15 -2.85 -77.09 -39.45
N ALA R 16 -2.91 -77.29 -40.79
CA ALA R 16 -4.13 -77.37 -41.54
C ALA R 16 -4.90 -78.64 -41.33
N SER R 17 -4.22 -79.78 -41.08
CA SER R 17 -4.84 -81.09 -41.02
C SER R 17 -5.79 -81.23 -39.87
N ASP R 18 -5.45 -80.67 -38.69
CA ASP R 18 -6.20 -80.89 -37.50
C ASP R 18 -7.30 -79.85 -37.34
N ALA R 19 -7.37 -78.88 -38.28
CA ALA R 19 -8.35 -77.82 -38.26
C ALA R 19 -9.19 -77.90 -39.51
N THR R 20 -8.71 -77.25 -40.60
CA THR R 20 -9.45 -76.97 -41.81
C THR R 20 -9.83 -78.20 -42.61
N LEU R 21 -8.96 -79.24 -42.65
CA LEU R 21 -9.08 -80.30 -43.63
C LEU R 21 -9.85 -81.47 -43.08
N THR R 22 -10.35 -81.36 -41.83
CA THR R 22 -11.13 -82.38 -41.19
C THR R 22 -12.47 -81.78 -40.90
N ASP R 23 -13.52 -82.56 -41.24
CA ASP R 23 -14.94 -82.27 -41.10
C ASP R 23 -15.44 -81.32 -42.16
N VAL R 24 -14.53 -80.83 -43.03
CA VAL R 24 -14.86 -79.97 -44.15
C VAL R 24 -13.86 -80.39 -45.19
N GLU R 25 -14.33 -80.56 -46.45
CA GLU R 25 -13.54 -80.98 -47.58
C GLU R 25 -12.45 -79.97 -47.91
N PRO R 26 -11.25 -80.35 -48.34
CA PRO R 26 -10.19 -79.39 -48.65
C PRO R 26 -10.49 -78.60 -49.89
N GLN R 27 -10.16 -77.28 -49.88
CA GLN R 27 -10.14 -76.46 -51.06
C GLN R 27 -8.72 -75.99 -51.23
N SER R 28 -7.91 -76.13 -50.16
CA SER R 28 -6.50 -75.81 -50.16
C SER R 28 -5.94 -76.79 -49.17
N MET R 29 -4.73 -77.32 -49.45
CA MET R 29 -4.04 -78.19 -48.54
C MET R 29 -2.61 -78.30 -48.97
N GLN R 30 -2.24 -77.63 -50.08
CA GLN R 30 -0.91 -77.63 -50.61
C GLN R 30 -0.80 -76.48 -51.58
N ASP R 31 -1.91 -75.71 -51.74
CA ASP R 31 -2.03 -74.71 -52.77
C ASP R 31 -1.74 -73.34 -52.21
N ALA R 32 -1.50 -73.25 -50.87
CA ALA R 32 -1.37 -71.99 -50.19
C ALA R 32 -0.07 -71.94 -49.45
N VAL R 33 0.87 -72.87 -49.74
CA VAL R 33 2.21 -72.86 -49.18
C VAL R 33 3.03 -71.70 -49.70
N ASP R 34 2.58 -71.15 -50.86
CA ASP R 34 3.13 -70.01 -51.55
C ASP R 34 2.81 -68.72 -50.85
N ASP R 35 1.82 -68.74 -49.92
CA ASP R 35 1.48 -67.62 -49.06
C ASP R 35 2.63 -67.30 -48.14
N LEU R 36 3.43 -68.32 -47.74
CA LEU R 36 4.58 -68.15 -46.88
C LEU R 36 5.73 -67.50 -47.60
N GLU R 37 5.89 -67.78 -48.90
CA GLU R 37 6.91 -67.16 -49.72
C GLU R 37 6.54 -65.74 -50.07
N ALA R 38 5.22 -65.46 -50.23
CA ALA R 38 4.71 -64.12 -50.43
C ALA R 38 4.62 -63.32 -49.16
N MET R 39 4.72 -63.98 -47.98
CA MET R 39 4.73 -63.35 -46.67
C MET R 39 6.04 -62.64 -46.47
N MET R 40 7.12 -63.32 -46.93
CA MET R 40 8.46 -62.84 -46.87
C MET R 40 8.75 -62.00 -48.09
N ALA R 41 7.89 -60.98 -48.30
CA ALA R 41 8.17 -59.89 -49.19
C ALA R 41 7.75 -58.64 -48.46
N GLU R 42 6.76 -58.73 -47.55
CA GLU R 42 6.46 -57.73 -46.55
C GLU R 42 7.53 -57.73 -45.48
N TRP R 43 7.86 -58.95 -44.98
CA TRP R 43 8.96 -59.18 -44.09
C TRP R 43 10.12 -59.44 -45.00
N TYR R 44 11.28 -58.76 -44.78
CA TYR R 44 12.45 -58.86 -45.62
C TYR R 44 12.17 -58.12 -46.91
N GLN R 45 12.40 -56.79 -46.91
CA GLN R 45 12.12 -55.92 -48.03
C GLN R 45 13.44 -55.69 -48.71
N ASP R 46 14.05 -56.80 -49.20
CA ASP R 46 15.37 -56.87 -49.79
C ASP R 46 16.42 -56.59 -48.75
N GLY R 47 16.21 -57.10 -47.51
CA GLY R 47 17.09 -56.92 -46.39
C GLY R 47 16.94 -55.59 -45.71
N LYS R 48 15.95 -54.76 -46.14
CA LYS R 48 15.72 -53.45 -45.57
C LYS R 48 14.53 -53.53 -44.66
N GLY R 49 13.83 -54.69 -44.67
CA GLY R 49 12.71 -54.99 -43.81
C GLY R 49 13.23 -55.74 -42.63
N ILE R 50 12.46 -56.79 -42.24
CA ILE R 50 12.80 -57.70 -41.17
C ILE R 50 13.84 -58.65 -41.69
N ILE R 51 15.05 -58.66 -41.07
CA ILE R 51 16.17 -59.43 -41.53
C ILE R 51 15.99 -60.81 -40.96
N THR R 52 15.97 -61.82 -41.87
CA THR R 52 15.77 -63.21 -41.51
C THR R 52 16.70 -64.06 -42.33
N GLY R 53 17.50 -63.44 -43.24
CA GLY R 53 18.31 -64.18 -44.18
C GLY R 53 17.54 -64.76 -45.35
N TYR R 54 16.27 -64.31 -45.55
CA TYR R 54 15.38 -64.82 -46.57
C TYR R 54 15.94 -64.62 -47.96
N VAL R 55 15.71 -65.61 -48.84
CA VAL R 55 16.08 -65.58 -50.23
C VAL R 55 14.80 -65.84 -50.98
N PHE R 56 14.54 -65.00 -52.01
CA PHE R 56 13.33 -65.01 -52.80
C PHE R 56 13.26 -66.24 -53.66
N SER R 57 12.03 -66.71 -53.95
CA SER R 57 11.80 -67.90 -54.73
C SER R 57 10.60 -67.60 -55.59
N ASP R 58 10.68 -68.01 -56.88
CA ASP R 58 9.72 -67.67 -57.90
C ASP R 58 8.38 -68.30 -57.66
N ASP R 59 8.40 -69.59 -57.25
CA ASP R 59 7.25 -70.49 -57.17
C ASP R 59 6.66 -70.68 -58.54
N GLU R 60 7.55 -70.87 -59.54
CA GLU R 60 7.21 -71.17 -60.90
C GLU R 60 8.28 -72.10 -61.37
N ASN R 61 9.55 -71.61 -61.35
CA ASN R 61 10.73 -72.41 -61.62
C ASN R 61 10.94 -73.52 -60.59
N PRO R 62 10.81 -73.34 -59.26
CA PRO R 62 10.84 -74.47 -58.32
C PRO R 62 9.45 -75.08 -58.34
N PRO R 63 9.19 -76.29 -57.84
CA PRO R 63 7.88 -76.94 -57.92
C PRO R 63 6.83 -76.27 -57.08
N ALA R 64 7.20 -75.24 -56.26
CA ALA R 64 6.33 -74.50 -55.39
C ALA R 64 5.82 -75.35 -54.25
N GLU R 65 6.72 -76.21 -53.71
CA GLU R 65 6.48 -76.95 -52.49
C GLU R 65 7.81 -77.51 -52.04
N GLY R 66 8.86 -77.36 -52.87
CA GLY R 66 10.20 -77.79 -52.61
C GLY R 66 11.05 -76.59 -52.27
N ASP R 67 10.39 -75.42 -52.05
CA ASP R 67 11.01 -74.13 -51.84
C ASP R 67 11.90 -74.12 -50.62
N ASP R 68 13.05 -73.43 -50.75
CA ASP R 68 13.99 -73.24 -49.67
C ASP R 68 14.00 -71.76 -49.53
N HIS R 69 13.63 -71.30 -48.32
CA HIS R 69 13.41 -69.91 -48.01
C HIS R 69 14.58 -69.33 -47.27
N GLY R 70 15.51 -70.18 -46.74
CA GLY R 70 16.72 -69.71 -46.12
C GLY R 70 16.54 -69.14 -44.74
N LEU R 71 15.34 -69.31 -44.14
CA LEU R 71 14.98 -68.81 -42.84
C LEU R 71 15.83 -69.40 -41.74
N ARG R 72 16.05 -68.59 -40.66
CA ARG R 72 16.72 -68.97 -39.44
C ARG R 72 15.82 -69.88 -38.66
N SER R 73 16.37 -70.53 -37.59
CA SER R 73 15.65 -71.40 -36.68
C SER R 73 14.57 -70.63 -35.96
N SER R 74 14.88 -69.37 -35.58
CA SER R 74 13.98 -68.42 -34.99
C SER R 74 12.87 -68.01 -35.91
N ALA R 75 13.18 -67.78 -37.20
CA ALA R 75 12.25 -67.30 -38.19
C ALA R 75 11.32 -68.35 -38.73
N VAL R 76 11.65 -69.65 -38.56
CA VAL R 76 10.80 -70.77 -38.92
C VAL R 76 9.62 -70.84 -37.98
N SER R 77 9.85 -70.47 -36.70
CA SER R 77 8.89 -70.61 -35.63
C SER R 77 8.08 -69.36 -35.43
N ALA R 78 8.24 -68.37 -36.32
CA ALA R 78 7.51 -67.13 -36.31
C ALA R 78 6.43 -67.28 -37.34
N VAL R 79 6.88 -67.56 -38.60
CA VAL R 79 6.11 -67.50 -39.82
C VAL R 79 4.85 -68.33 -39.82
N PHE R 80 4.79 -69.49 -39.12
CA PHE R 80 3.65 -70.38 -39.24
C PHE R 80 2.43 -69.90 -38.50
N HIS R 81 2.59 -68.95 -37.53
CA HIS R 81 1.48 -68.29 -36.89
C HIS R 81 0.81 -67.31 -37.82
N ASN R 82 1.60 -66.62 -38.66
CA ASN R 82 1.10 -65.70 -39.65
C ASN R 82 0.58 -66.44 -40.87
N LEU R 83 1.12 -67.65 -41.16
CA LEU R 83 0.68 -68.51 -42.25
C LEU R 83 -0.73 -68.95 -42.02
N ALA R 84 -1.09 -69.23 -40.74
CA ALA R 84 -2.42 -69.59 -40.32
C ALA R 84 -3.42 -68.47 -40.51
N CYS R 85 -2.93 -67.19 -40.50
CA CYS R 85 -3.74 -66.03 -40.78
C CYS R 85 -4.01 -65.90 -42.25
N ARG R 86 -2.98 -66.11 -43.10
CA ARG R 86 -3.04 -65.93 -44.54
C ARG R 86 -3.88 -66.96 -45.24
N ILE R 87 -3.95 -68.20 -44.71
CA ILE R 87 -4.73 -69.26 -45.30
C ILE R 87 -6.19 -69.14 -44.91
N ALA R 88 -6.51 -68.32 -43.86
CA ALA R 88 -7.86 -68.10 -43.42
C ALA R 88 -8.74 -67.40 -44.46
N PRO R 89 -8.37 -66.34 -45.20
CA PRO R 89 -9.12 -65.82 -46.33
C PRO R 89 -9.35 -66.81 -47.44
N ASP R 90 -8.35 -67.67 -47.74
CA ASP R 90 -8.41 -68.71 -48.75
C ASP R 90 -9.52 -69.71 -48.44
N TYR R 91 -9.74 -69.95 -47.13
CA TYR R 91 -10.72 -70.85 -46.59
C TYR R 91 -12.00 -70.11 -46.22
N ALA R 92 -12.06 -68.78 -46.49
CA ALA R 92 -13.21 -67.91 -46.28
C ALA R 92 -13.64 -67.81 -44.85
N LEU R 93 -12.68 -67.53 -43.94
CA LEU R 93 -12.91 -67.23 -42.55
C LEU R 93 -11.88 -66.21 -42.17
N GLU R 94 -11.92 -65.75 -40.89
CA GLU R 94 -10.96 -64.84 -40.33
C GLU R 94 -10.42 -65.52 -39.11
N ALA R 95 -9.07 -65.48 -38.94
CA ALA R 95 -8.33 -66.08 -37.87
C ALA R 95 -8.71 -65.50 -36.52
N THR R 96 -8.65 -66.36 -35.47
CA THR R 96 -9.02 -66.02 -34.11
C THR R 96 -7.93 -65.17 -33.47
N ALA R 97 -8.17 -64.71 -32.22
CA ALA R 97 -7.35 -63.73 -31.52
C ALA R 97 -6.01 -64.26 -31.11
N LYS R 98 -5.91 -65.58 -30.82
CA LYS R 98 -4.66 -66.22 -30.46
C LYS R 98 -3.71 -66.27 -31.63
N ILE R 99 -4.23 -66.44 -32.87
CA ILE R 99 -3.41 -66.63 -34.03
C ILE R 99 -2.83 -65.32 -34.49
N ILE R 100 -3.65 -64.24 -34.49
CA ILE R 100 -3.25 -62.94 -35.03
C ILE R 100 -2.27 -62.23 -34.13
N ALA R 101 -2.39 -62.43 -32.80
CA ALA R 101 -1.58 -61.77 -31.80
C ALA R 101 -0.19 -62.35 -31.76
N THR R 102 -0.11 -63.71 -31.77
CA THR R 102 1.14 -64.46 -31.79
C THR R 102 1.87 -64.25 -33.10
N ALA R 103 1.13 -64.08 -34.23
CA ALA R 103 1.69 -63.75 -35.53
C ALA R 103 2.42 -62.43 -35.54
N LYS R 104 1.87 -61.40 -34.84
CA LYS R 104 2.49 -60.12 -34.63
C LYS R 104 3.67 -60.20 -33.67
N TYR R 105 3.61 -61.13 -32.69
CA TYR R 105 4.68 -61.37 -31.75
C TYR R 105 5.86 -62.00 -32.44
N GLY R 106 5.62 -62.94 -33.40
CA GLY R 106 6.65 -63.55 -34.20
C GLY R 106 7.28 -62.59 -35.17
N LYS R 107 6.51 -61.59 -35.63
CA LYS R 107 6.98 -60.54 -36.50
C LYS R 107 7.91 -59.60 -35.77
N GLU R 108 7.62 -59.39 -34.45
CA GLU R 108 8.35 -58.49 -33.60
C GLU R 108 9.66 -59.09 -33.14
N LEU R 109 9.66 -60.40 -32.81
CA LEU R 109 10.78 -61.17 -32.32
C LEU R 109 11.97 -61.16 -33.24
N LEU R 110 11.71 -61.36 -34.55
CA LEU R 110 12.71 -61.41 -35.60
C LEU R 110 13.27 -60.03 -35.86
N TYR R 111 12.50 -58.97 -35.48
CA TYR R 111 12.86 -57.59 -35.66
C TYR R 111 13.54 -57.03 -34.44
N LYS R 112 13.61 -57.78 -33.29
CA LYS R 112 14.22 -57.28 -32.07
C LYS R 112 15.70 -57.10 -32.23
N GLN R 113 16.37 -58.02 -32.97
CA GLN R 113 17.79 -57.96 -33.23
C GLN R 113 18.11 -56.87 -34.20
N THR R 114 17.21 -56.62 -35.17
CA THR R 114 17.36 -55.61 -36.20
C THR R 114 17.19 -54.23 -35.62
N ALA R 115 16.22 -54.07 -34.70
CA ALA R 115 15.89 -52.84 -34.02
C ALA R 115 16.99 -52.34 -33.13
N ILE R 116 17.68 -53.27 -32.41
CA ILE R 116 18.77 -52.97 -31.50
C ILE R 116 20.00 -52.58 -32.29
N SER R 117 20.25 -53.24 -33.46
CA SER R 117 21.38 -52.94 -34.31
C SER R 117 21.26 -51.58 -34.94
N ARG R 118 20.02 -51.18 -35.31
CA ARG R 118 19.73 -49.88 -35.89
C ARG R 118 19.49 -48.84 -34.83
N ALA R 119 19.57 -49.23 -33.52
CA ALA R 119 19.48 -48.33 -32.40
C ALA R 119 20.89 -47.99 -31.99
N LYS R 120 21.50 -47.06 -32.75
CA LYS R 120 22.86 -46.64 -32.52
C LYS R 120 22.87 -45.20 -32.93
N ARG R 121 23.55 -44.35 -32.13
CA ARG R 121 23.57 -42.91 -32.27
C ARG R 121 24.24 -42.49 -33.55
N ALA R 122 23.74 -41.38 -34.14
CA ALA R 122 24.18 -40.80 -35.39
C ALA R 122 25.63 -40.37 -35.39
N PRO R 123 26.32 -40.33 -36.53
CA PRO R 123 27.63 -39.70 -36.64
C PRO R 123 27.46 -38.20 -36.57
N TYR R 124 28.46 -37.52 -35.96
CA TYR R 124 28.46 -36.09 -35.69
C TYR R 124 28.39 -35.25 -36.96
N PRO R 125 27.81 -34.05 -36.96
CA PRO R 125 27.68 -33.22 -38.14
C PRO R 125 28.99 -32.50 -38.42
N SER R 126 29.00 -31.56 -39.39
CA SER R 126 30.17 -30.85 -39.87
C SER R 126 30.74 -29.88 -38.87
N ARG R 127 29.98 -29.52 -37.82
CA ARG R 127 30.43 -28.67 -36.75
C ARG R 127 30.47 -29.54 -35.53
N MET R 128 31.69 -29.69 -34.93
CA MET R 128 31.88 -30.49 -33.76
C MET R 128 33.32 -30.32 -33.34
N PRO R 129 33.65 -29.53 -32.31
CA PRO R 129 35.00 -29.41 -31.80
C PRO R 129 35.30 -30.55 -30.85
N THR R 130 36.60 -30.76 -30.55
CA THR R 130 37.09 -31.67 -29.53
C THR R 130 37.46 -30.86 -28.30
N GLY R 131 37.29 -29.52 -28.35
CA GLY R 131 37.65 -28.63 -27.28
C GLY R 131 39.15 -28.54 -27.10
N SER R 132 39.57 -28.06 -25.92
CA SER R 132 40.95 -27.93 -25.54
C SER R 132 41.21 -28.77 -24.33
N GLY R 133 40.22 -29.57 -23.87
CA GLY R 133 40.36 -30.41 -22.70
C GLY R 133 41.06 -31.70 -23.02
N ASN R 134 41.18 -32.03 -24.33
CA ASN R 134 41.95 -33.15 -24.80
C ASN R 134 43.39 -32.71 -24.92
N SER R 135 44.31 -33.67 -25.10
CA SER R 135 45.71 -33.40 -25.25
C SER R 135 45.92 -32.80 -26.61
N PHE R 136 46.45 -31.56 -26.64
CA PHE R 136 46.67 -30.73 -27.82
C PHE R 136 45.36 -30.17 -28.31
N PRO R 137 45.29 -29.01 -28.98
CA PRO R 137 44.05 -28.49 -29.55
C PRO R 137 43.55 -29.37 -30.66
N ASN R 138 44.46 -30.07 -31.38
CA ASN R 138 44.19 -31.01 -32.45
C ASN R 138 43.39 -30.38 -33.57
N LEU R 139 42.72 -31.21 -34.39
CA LEU R 139 41.84 -30.78 -35.46
C LEU R 139 40.49 -30.62 -34.81
N ASN R 140 39.62 -29.78 -35.41
CA ASN R 140 38.31 -29.48 -34.89
C ASN R 140 37.45 -29.36 -36.12
N GLU R 141 36.12 -29.52 -35.93
CA GLU R 141 35.11 -29.50 -36.96
C GLU R 141 35.27 -30.59 -37.99
N TRP R 142 35.22 -31.86 -37.54
CA TRP R 142 35.13 -33.02 -38.41
C TRP R 142 33.77 -33.08 -39.05
N HIS R 143 33.68 -33.75 -40.21
CA HIS R 143 32.43 -34.07 -40.88
C HIS R 143 31.78 -35.25 -40.22
N TYR R 144 31.29 -36.23 -41.01
CA TYR R 144 30.57 -37.39 -40.53
C TYR R 144 31.52 -38.53 -40.27
N PHE R 145 32.85 -38.25 -40.19
CA PHE R 145 33.87 -39.23 -39.91
C PHE R 145 33.71 -39.86 -38.54
N PRO R 146 33.49 -39.18 -37.39
CA PRO R 146 33.58 -39.85 -36.10
C PRO R 146 32.27 -40.55 -35.83
N THR S 1 -1.24 -68.08 -54.78
CA THR S 1 -0.31 -66.98 -55.15
C THR S 1 1.05 -67.55 -55.47
N LYS S 2 2.09 -66.69 -55.52
CA LYS S 2 3.44 -67.08 -55.79
C LYS S 2 4.30 -66.17 -54.95
N GLY S 3 5.58 -66.57 -54.75
CA GLY S 3 6.55 -65.76 -54.03
C GLY S 3 7.12 -64.66 -54.89
N ASP S 4 6.94 -64.75 -56.22
CA ASP S 4 7.25 -63.68 -57.14
C ASP S 4 6.22 -63.77 -58.21
N LEU S 5 5.66 -62.61 -58.60
CA LEU S 5 4.63 -62.49 -59.60
C LEU S 5 5.27 -61.68 -60.67
N VAL S 6 5.12 -62.12 -61.94
CA VAL S 6 5.86 -61.56 -63.05
C VAL S 6 4.96 -61.42 -64.26
N ARG S 7 3.68 -61.85 -64.15
CA ARG S 7 2.73 -61.77 -65.24
C ARG S 7 1.40 -61.57 -64.59
N ALA S 8 0.51 -60.81 -65.28
CA ALA S 8 -0.80 -60.44 -64.81
C ALA S 8 -1.73 -61.62 -64.69
N ALA S 9 -1.54 -62.67 -65.53
CA ALA S 9 -2.28 -63.90 -65.46
C ALA S 9 -1.95 -64.68 -64.20
N LEU S 10 -0.67 -64.64 -63.78
CA LEU S 10 -0.19 -65.25 -62.56
C LEU S 10 -0.62 -64.49 -61.33
N ARG S 11 -0.89 -63.16 -61.47
CA ARG S 11 -1.41 -62.32 -60.42
C ARG S 11 -2.83 -62.70 -60.11
N LYS S 12 -3.66 -62.93 -61.17
CA LYS S 12 -5.07 -63.20 -61.06
C LYS S 12 -5.38 -64.47 -60.30
N LEU S 13 -4.63 -65.57 -60.55
CA LEU S 13 -4.81 -66.81 -59.81
C LEU S 13 -4.47 -66.69 -58.34
N GLY S 14 -3.61 -65.72 -57.96
CA GLY S 14 -3.25 -65.44 -56.60
C GLY S 14 -4.23 -64.54 -55.91
N VAL S 15 -4.94 -63.70 -56.68
CA VAL S 15 -5.97 -62.79 -56.23
C VAL S 15 -7.20 -63.58 -55.90
N ALA S 16 -7.53 -64.56 -56.79
CA ALA S 16 -8.61 -65.50 -56.61
C ALA S 16 -8.41 -66.36 -55.40
N SER S 17 -7.15 -66.78 -55.11
CA SER S 17 -6.80 -67.54 -53.94
C SER S 17 -6.91 -66.77 -52.66
N ASP S 18 -6.83 -65.41 -52.71
CA ASP S 18 -6.74 -64.58 -51.53
C ASP S 18 -8.09 -63.97 -51.24
N ALA S 19 -9.14 -64.34 -52.03
CA ALA S 19 -10.41 -63.68 -52.02
C ALA S 19 -11.28 -64.38 -51.01
N THR S 20 -11.99 -65.44 -51.46
CA THR S 20 -12.94 -66.17 -50.66
C THR S 20 -13.01 -67.56 -51.26
N LEU S 21 -12.03 -67.87 -52.14
CA LEU S 21 -12.00 -69.05 -52.97
C LEU S 21 -10.55 -69.47 -52.98
N THR S 22 -10.25 -70.68 -53.50
CA THR S 22 -8.88 -71.10 -53.72
C THR S 22 -8.81 -71.56 -55.14
N ASP S 23 -8.10 -70.77 -55.98
CA ASP S 23 -7.90 -70.98 -57.41
C ASP S 23 -9.17 -71.22 -58.18
N VAL S 24 -10.22 -70.41 -57.91
CA VAL S 24 -11.44 -70.45 -58.67
C VAL S 24 -11.57 -69.01 -59.09
N GLU S 25 -11.39 -68.78 -60.41
CA GLU S 25 -11.27 -67.46 -60.99
C GLU S 25 -12.63 -66.82 -61.12
N PRO S 26 -12.76 -65.49 -61.09
CA PRO S 26 -14.03 -64.81 -61.33
C PRO S 26 -14.40 -64.95 -62.78
N GLN S 27 -15.71 -64.82 -63.11
CA GLN S 27 -16.23 -64.98 -64.45
C GLN S 27 -15.70 -63.91 -65.36
N SER S 28 -15.66 -62.66 -64.85
CA SER S 28 -15.15 -61.51 -65.57
C SER S 28 -13.70 -61.39 -65.17
N MET S 29 -12.79 -61.96 -66.00
CA MET S 29 -11.38 -61.75 -65.88
C MET S 29 -10.94 -60.72 -66.88
N GLN S 30 -11.88 -60.26 -67.75
CA GLN S 30 -11.59 -59.29 -68.78
C GLN S 30 -11.59 -57.90 -68.19
N ASP S 31 -12.57 -57.60 -67.31
CA ASP S 31 -12.65 -56.32 -66.65
C ASP S 31 -11.88 -56.35 -65.35
N ALA S 32 -11.49 -57.53 -64.83
CA ALA S 32 -10.71 -57.58 -63.61
C ALA S 32 -9.24 -57.37 -63.86
N VAL S 33 -8.75 -57.66 -65.10
CA VAL S 33 -7.40 -57.30 -65.50
C VAL S 33 -7.33 -55.83 -65.79
N ASP S 34 -8.44 -55.22 -66.27
CA ASP S 34 -8.56 -53.80 -66.48
C ASP S 34 -8.43 -53.05 -65.16
N ASP S 35 -8.97 -53.63 -64.06
CA ASP S 35 -8.80 -53.09 -62.72
C ASP S 35 -7.39 -53.28 -62.22
N LEU S 36 -6.76 -54.46 -62.48
CA LEU S 36 -5.38 -54.75 -62.12
C LEU S 36 -4.37 -53.82 -62.77
N GLU S 37 -4.50 -53.60 -64.10
CA GLU S 37 -3.66 -52.72 -64.86
C GLU S 37 -3.82 -51.26 -64.50
N ALA S 38 -5.04 -50.83 -64.10
CA ALA S 38 -5.26 -49.47 -63.66
C ALA S 38 -4.78 -49.26 -62.24
N MET S 39 -4.78 -50.35 -61.42
CA MET S 39 -4.35 -50.36 -60.04
C MET S 39 -2.87 -50.12 -59.97
N MET S 40 -2.10 -50.71 -60.93
CA MET S 40 -0.71 -50.36 -61.08
C MET S 40 -0.66 -49.42 -62.24
N ALA S 41 -0.99 -48.15 -61.93
CA ALA S 41 -0.71 -46.96 -62.67
C ALA S 41 -0.57 -45.99 -61.55
N GLU S 42 -1.67 -45.88 -60.77
CA GLU S 42 -1.84 -45.23 -59.49
C GLU S 42 -0.73 -45.59 -58.54
N TRP S 43 -0.40 -46.90 -58.44
CA TRP S 43 0.78 -47.37 -57.77
C TRP S 43 1.90 -47.20 -58.76
N TYR S 44 2.92 -46.37 -58.41
CA TYR S 44 3.92 -45.81 -59.29
C TYR S 44 3.31 -44.69 -60.09
N GLN S 45 2.61 -43.76 -59.38
CA GLN S 45 1.92 -42.60 -59.91
C GLN S 45 2.86 -41.66 -60.62
N ASP S 46 2.94 -41.79 -61.96
CA ASP S 46 3.73 -40.97 -62.87
C ASP S 46 5.20 -40.99 -62.53
N GLY S 47 5.70 -42.12 -61.95
CA GLY S 47 7.07 -42.30 -61.55
C GLY S 47 7.42 -41.63 -60.25
N LYS S 48 6.41 -41.03 -59.56
CA LYS S 48 6.60 -40.24 -58.35
C LYS S 48 5.92 -40.95 -57.21
N GLY S 49 5.13 -42.01 -57.50
CA GLY S 49 4.32 -42.67 -56.50
C GLY S 49 5.05 -43.82 -55.87
N ILE S 50 4.26 -44.85 -55.48
CA ILE S 50 4.66 -46.07 -54.82
C ILE S 50 5.73 -46.78 -55.61
N ILE S 51 6.83 -47.22 -54.96
CA ILE S 51 7.94 -47.83 -55.65
C ILE S 51 7.56 -49.26 -55.92
N THR S 52 7.23 -49.56 -57.19
CA THR S 52 6.96 -50.89 -57.65
C THR S 52 7.63 -51.00 -58.99
N GLY S 53 7.75 -49.87 -59.73
CA GLY S 53 8.39 -49.80 -61.02
C GLY S 53 7.53 -50.34 -62.13
N TYR S 54 6.27 -50.73 -61.82
CA TYR S 54 5.34 -51.35 -62.74
C TYR S 54 4.97 -50.45 -63.90
N VAL S 55 4.77 -51.08 -65.09
CA VAL S 55 4.48 -50.44 -66.34
C VAL S 55 3.14 -49.77 -66.34
N PHE S 56 2.98 -48.70 -67.15
CA PHE S 56 1.73 -47.99 -67.32
C PHE S 56 0.92 -48.70 -68.37
N SER S 57 -0.37 -48.32 -68.48
CA SER S 57 -1.28 -48.85 -69.47
C SER S 57 -1.79 -47.66 -70.24
N ASP S 58 -1.63 -47.72 -71.58
CA ASP S 58 -2.06 -46.69 -72.50
C ASP S 58 -2.42 -47.38 -73.78
N ASP S 59 -2.73 -48.70 -73.73
CA ASP S 59 -2.82 -49.60 -74.86
C ASP S 59 -1.46 -49.81 -75.49
N GLU S 60 -0.48 -50.17 -74.62
CA GLU S 60 0.90 -50.39 -74.98
C GLU S 60 1.06 -51.78 -75.55
N ASN S 61 2.29 -52.10 -76.03
CA ASN S 61 2.61 -53.35 -76.70
C ASN S 61 2.38 -54.61 -75.87
N PRO S 62 2.69 -54.74 -74.57
CA PRO S 62 2.37 -55.94 -73.78
C PRO S 62 0.88 -56.26 -73.74
N PRO S 63 0.43 -57.47 -73.45
CA PRO S 63 -0.99 -57.83 -73.46
C PRO S 63 -1.62 -57.44 -72.15
N ALA S 64 -2.96 -57.34 -72.10
CA ALA S 64 -3.73 -56.95 -70.92
C ALA S 64 -3.60 -57.94 -69.81
N GLU S 65 -3.66 -59.25 -70.15
CA GLU S 65 -3.49 -60.33 -69.22
C GLU S 65 -2.28 -61.08 -69.69
N GLY S 66 -1.36 -61.41 -68.75
CA GLY S 66 -0.05 -61.92 -69.05
C GLY S 66 0.91 -60.78 -69.25
N ASP S 67 0.55 -59.57 -68.74
CA ASP S 67 1.25 -58.32 -68.89
C ASP S 67 2.64 -58.39 -68.33
N ASP S 68 3.61 -57.76 -69.06
CA ASP S 68 5.00 -57.66 -68.66
C ASP S 68 5.11 -56.83 -67.41
N HIS S 69 6.00 -57.24 -66.49
CA HIS S 69 6.06 -56.66 -65.17
C HIS S 69 7.23 -55.72 -65.07
N GLY S 70 7.17 -54.86 -64.03
CA GLY S 70 8.27 -54.07 -63.58
C GLY S 70 8.36 -54.24 -62.09
N LEU S 71 7.46 -55.09 -61.52
CA LEU S 71 7.25 -55.32 -60.11
C LEU S 71 8.48 -55.78 -59.38
N ARG S 72 8.65 -55.33 -58.13
CA ARG S 72 9.72 -55.72 -57.24
C ARG S 72 9.44 -57.08 -56.69
N SER S 73 10.49 -57.76 -56.15
CA SER S 73 10.37 -59.03 -55.49
C SER S 73 9.81 -58.87 -54.09
N SER S 74 9.85 -57.63 -53.54
CA SER S 74 9.36 -57.33 -52.22
C SER S 74 8.00 -56.65 -52.29
N ALA S 75 7.50 -56.36 -53.52
CA ALA S 75 6.22 -55.72 -53.74
C ALA S 75 5.13 -56.74 -53.93
N VAL S 76 5.46 -58.04 -53.80
CA VAL S 76 4.56 -59.15 -54.05
C VAL S 76 3.47 -59.22 -53.01
N SER S 77 3.79 -58.98 -51.72
CA SER S 77 2.87 -59.08 -50.60
C SER S 77 1.77 -58.03 -50.60
N ALA S 78 1.85 -57.03 -51.49
CA ALA S 78 0.90 -55.94 -51.55
C ALA S 78 -0.11 -56.22 -52.63
N VAL S 79 0.34 -56.40 -53.89
CA VAL S 79 -0.45 -56.38 -55.10
C VAL S 79 -1.68 -57.25 -55.11
N PHE S 80 -1.57 -58.55 -54.71
CA PHE S 80 -2.68 -59.48 -54.90
C PHE S 80 -3.66 -59.44 -53.75
N HIS S 81 -3.33 -58.69 -52.67
CA HIS S 81 -4.23 -58.43 -51.58
C HIS S 81 -5.19 -57.33 -51.94
N ASN S 82 -4.71 -56.27 -52.61
CA ASN S 82 -5.50 -55.08 -52.86
C ASN S 82 -6.50 -55.32 -53.97
N LEU S 83 -6.16 -56.18 -54.97
CA LEU S 83 -7.09 -56.53 -56.03
C LEU S 83 -8.16 -57.48 -55.53
N ALA S 84 -7.85 -58.26 -54.47
CA ALA S 84 -8.80 -59.16 -53.83
C ALA S 84 -9.90 -58.41 -53.12
N CYS S 85 -9.61 -57.15 -52.70
CA CYS S 85 -10.58 -56.25 -52.12
C CYS S 85 -11.49 -55.68 -53.16
N ARG S 86 -10.98 -55.49 -54.41
CA ARG S 86 -11.72 -54.89 -55.50
C ARG S 86 -12.65 -55.90 -56.13
N ILE S 87 -12.30 -57.20 -56.15
CA ILE S 87 -13.16 -58.24 -56.68
C ILE S 87 -14.06 -58.83 -55.63
N ALA S 88 -13.93 -58.40 -54.34
CA ALA S 88 -14.82 -58.84 -53.29
C ALA S 88 -16.26 -58.38 -53.49
N PRO S 89 -16.60 -57.14 -53.91
CA PRO S 89 -17.96 -56.75 -54.25
C PRO S 89 -18.60 -57.51 -55.39
N ASP S 90 -17.81 -58.20 -56.24
CA ASP S 90 -18.30 -59.04 -57.33
C ASP S 90 -19.14 -60.17 -56.79
N TYR S 91 -18.72 -60.72 -55.62
CA TYR S 91 -19.37 -61.84 -54.97
C TYR S 91 -20.38 -61.35 -53.97
N ALA S 92 -20.63 -60.01 -53.92
CA ALA S 92 -21.51 -59.34 -53.00
C ALA S 92 -21.02 -59.47 -51.59
N LEU S 93 -19.70 -59.18 -51.41
CA LEU S 93 -19.01 -59.31 -50.16
C LEU S 93 -18.12 -58.11 -50.07
N GLU S 94 -17.37 -58.00 -48.96
CA GLU S 94 -16.37 -56.99 -48.76
C GLU S 94 -15.31 -57.75 -48.04
N ALA S 95 -14.03 -57.49 -48.40
CA ALA S 95 -12.87 -58.20 -47.92
C ALA S 95 -12.71 -58.13 -46.42
N THR S 96 -12.21 -59.26 -45.84
CA THR S 96 -12.07 -59.46 -44.42
C THR S 96 -10.86 -58.70 -43.91
N ALA S 97 -10.63 -58.72 -42.58
CA ALA S 97 -9.67 -57.90 -41.89
C ALA S 97 -8.24 -58.21 -42.26
N LYS S 98 -7.90 -59.49 -42.51
CA LYS S 98 -6.57 -59.90 -42.93
C LYS S 98 -6.21 -59.38 -44.30
N ILE S 99 -7.18 -59.28 -45.23
CA ILE S 99 -6.92 -58.90 -46.60
C ILE S 99 -6.68 -57.41 -46.68
N ILE S 100 -7.50 -56.59 -45.98
CA ILE S 100 -7.40 -55.14 -46.03
C ILE S 100 -6.23 -54.64 -45.24
N ALA S 101 -5.78 -55.40 -44.21
CA ALA S 101 -4.68 -55.04 -43.36
C ALA S 101 -3.37 -55.19 -44.08
N THR S 102 -3.17 -56.35 -44.74
CA THR S 102 -1.98 -56.68 -45.51
C THR S 102 -1.87 -55.82 -46.74
N ALA S 103 -3.01 -55.52 -47.40
CA ALA S 103 -3.05 -54.69 -48.59
C ALA S 103 -2.64 -53.26 -48.32
N LYS S 104 -3.02 -52.74 -47.14
CA LYS S 104 -2.75 -51.39 -46.72
C LYS S 104 -1.34 -51.23 -46.22
N TYR S 105 -0.85 -52.23 -45.43
CA TYR S 105 0.47 -52.23 -44.85
C TYR S 105 1.53 -52.53 -45.90
N GLY S 106 1.21 -53.40 -46.88
CA GLY S 106 2.06 -53.68 -48.01
C GLY S 106 2.21 -52.50 -48.93
N LYS S 107 1.14 -51.68 -49.07
CA LYS S 107 1.16 -50.42 -49.78
C LYS S 107 1.97 -49.39 -49.05
N GLU S 108 2.08 -49.52 -47.70
CA GLU S 108 2.72 -48.56 -46.84
C GLU S 108 4.21 -48.67 -46.91
N LEU S 109 4.76 -49.92 -46.91
CA LEU S 109 6.19 -50.16 -46.91
C LEU S 109 6.86 -49.69 -48.17
N LEU S 110 6.25 -50.01 -49.33
CA LEU S 110 6.72 -49.65 -50.64
C LEU S 110 6.75 -48.16 -50.85
N TYR S 111 5.72 -47.45 -50.33
CA TYR S 111 5.54 -46.02 -50.48
C TYR S 111 6.31 -45.26 -49.42
N LYS S 112 6.85 -45.96 -48.39
CA LYS S 112 7.52 -45.38 -47.26
C LYS S 112 8.79 -44.66 -47.65
N GLN S 113 9.55 -45.28 -48.58
CA GLN S 113 10.83 -44.78 -49.04
C GLN S 113 10.66 -43.62 -49.98
N THR S 114 9.45 -43.48 -50.58
CA THR S 114 9.16 -42.46 -51.55
C THR S 114 9.00 -41.12 -50.86
N ALA S 115 8.31 -41.12 -49.70
CA ALA S 115 8.03 -39.91 -48.96
C ALA S 115 9.25 -39.39 -48.26
N ILE S 116 10.19 -40.29 -47.89
CA ILE S 116 11.45 -39.95 -47.25
C ILE S 116 12.37 -39.29 -48.26
N SER S 117 12.39 -39.81 -49.52
CA SER S 117 13.23 -39.28 -50.59
C SER S 117 12.77 -37.92 -51.05
N ARG S 118 11.42 -37.69 -51.09
CA ARG S 118 10.83 -36.45 -51.50
C ARG S 118 10.80 -35.45 -50.36
N ALA S 119 11.12 -35.88 -49.12
CA ALA S 119 11.10 -35.04 -47.95
C ALA S 119 12.14 -33.96 -48.02
N LYS S 120 13.39 -34.35 -48.39
CA LYS S 120 14.56 -33.52 -48.60
C LYS S 120 14.74 -32.45 -47.53
N ARG S 121 15.18 -31.26 -47.96
CA ARG S 121 15.31 -30.09 -47.16
C ARG S 121 14.90 -29.01 -48.11
N ALA S 122 14.61 -27.80 -47.57
CA ALA S 122 14.25 -26.66 -48.35
C ALA S 122 15.52 -25.97 -48.78
N PRO S 123 15.56 -25.24 -49.88
CA PRO S 123 16.70 -24.42 -50.25
C PRO S 123 16.73 -23.22 -49.35
N TYR S 124 17.94 -22.76 -48.95
CA TYR S 124 18.10 -21.64 -48.05
C TYR S 124 17.51 -20.37 -48.63
N PRO S 125 16.69 -19.61 -47.90
CA PRO S 125 16.13 -18.34 -48.36
C PRO S 125 17.17 -17.28 -48.62
N SER S 126 16.73 -16.17 -49.27
CA SER S 126 17.52 -14.99 -49.53
C SER S 126 17.27 -14.00 -48.43
N ARG S 127 16.75 -14.51 -47.29
CA ARG S 127 16.44 -13.77 -46.10
C ARG S 127 17.40 -14.23 -45.03
N MET S 128 18.35 -15.14 -45.39
CA MET S 128 19.34 -15.68 -44.51
C MET S 128 20.64 -15.66 -45.29
N PRO S 129 21.75 -15.11 -44.79
CA PRO S 129 23.00 -15.05 -45.52
C PRO S 129 23.75 -16.33 -45.28
N THR S 130 24.90 -16.53 -45.96
CA THR S 130 25.71 -17.72 -45.80
C THR S 130 26.51 -17.66 -44.52
N GLY S 131 26.71 -16.44 -43.95
CA GLY S 131 27.47 -16.23 -42.75
C GLY S 131 28.86 -15.82 -43.13
N SER S 132 29.46 -14.92 -42.33
CA SER S 132 30.80 -14.42 -42.52
C SER S 132 31.77 -15.17 -41.65
N GLY S 133 31.31 -16.26 -40.99
CA GLY S 133 32.14 -17.17 -40.25
C GLY S 133 32.80 -18.15 -41.19
N ASN S 134 32.40 -18.10 -42.49
CA ASN S 134 32.99 -18.85 -43.56
C ASN S 134 34.22 -18.12 -44.00
N SER S 135 35.23 -18.89 -44.48
CA SER S 135 36.42 -18.34 -45.07
C SER S 135 36.13 -18.19 -46.53
N PHE S 136 36.37 -16.96 -47.07
CA PHE S 136 35.99 -16.54 -48.40
C PHE S 136 34.51 -16.73 -48.66
N PRO S 137 33.58 -16.01 -48.02
CA PRO S 137 32.16 -16.30 -48.09
C PRO S 137 31.58 -15.98 -49.45
N ASN S 138 32.31 -15.21 -50.30
CA ASN S 138 31.91 -14.81 -51.64
C ASN S 138 30.60 -14.06 -51.64
N LEU S 139 30.63 -12.83 -51.06
CA LEU S 139 29.47 -12.05 -50.67
C LEU S 139 28.79 -12.74 -49.50
N ASN S 140 27.61 -12.24 -49.08
CA ASN S 140 26.85 -12.90 -48.04
C ASN S 140 25.43 -12.94 -48.48
N GLU S 141 25.05 -14.08 -49.09
CA GLU S 141 23.70 -14.34 -49.48
C GLU S 141 23.61 -15.81 -49.75
N TRP S 142 22.38 -16.34 -49.76
CA TRP S 142 22.11 -17.68 -50.21
C TRP S 142 20.95 -17.56 -51.15
N HIS S 143 21.16 -18.07 -52.38
CA HIS S 143 20.12 -18.31 -53.35
C HIS S 143 20.35 -19.76 -53.63
N TYR S 144 19.30 -20.59 -53.39
CA TYR S 144 19.37 -22.04 -53.43
C TYR S 144 20.27 -22.52 -52.32
N PHE S 145 20.70 -23.81 -52.34
CA PHE S 145 21.55 -24.38 -51.30
C PHE S 145 22.94 -23.78 -51.26
N PRO S 146 23.75 -23.61 -52.33
CA PRO S 146 25.15 -23.26 -52.16
C PRO S 146 25.27 -21.77 -52.01
N THR T 1 -29.06 -35.80 -73.67
CA THR T 1 -27.87 -35.51 -74.50
C THR T 1 -27.18 -34.25 -74.02
N LYS T 2 -25.86 -34.14 -74.34
CA LYS T 2 -24.97 -33.08 -73.94
C LYS T 2 -24.72 -32.99 -72.46
N GLY T 3 -23.60 -32.34 -72.09
CA GLY T 3 -23.17 -32.17 -70.72
C GLY T 3 -23.89 -31.02 -70.07
N ASP T 4 -24.69 -30.28 -70.85
CA ASP T 4 -25.38 -29.09 -70.45
C ASP T 4 -26.82 -29.37 -70.73
N LEU T 5 -27.69 -29.10 -69.73
CA LEU T 5 -29.11 -29.26 -69.82
C LEU T 5 -29.61 -27.86 -69.68
N VAL T 6 -30.23 -27.35 -70.78
CA VAL T 6 -30.89 -26.07 -70.81
C VAL T 6 -32.28 -26.27 -71.33
N ARG T 7 -32.70 -27.55 -71.50
CA ARG T 7 -33.98 -27.91 -72.06
C ARG T 7 -34.67 -28.70 -70.99
N ALA T 8 -35.98 -28.44 -70.78
CA ALA T 8 -36.75 -29.08 -69.74
C ALA T 8 -37.23 -30.46 -70.12
N ALA T 9 -37.17 -30.83 -71.42
CA ALA T 9 -37.41 -32.18 -71.85
C ALA T 9 -36.32 -33.13 -71.44
N LEU T 10 -35.07 -32.61 -71.30
CA LEU T 10 -33.93 -33.38 -70.83
C LEU T 10 -33.77 -33.29 -69.34
N ARG T 11 -34.49 -32.34 -68.70
CA ARG T 11 -34.40 -32.09 -67.28
C ARG T 11 -35.17 -33.11 -66.50
N LYS T 12 -36.38 -33.48 -66.98
CA LYS T 12 -37.28 -34.39 -66.31
C LYS T 12 -36.71 -35.77 -66.25
N LEU T 13 -36.23 -36.28 -67.41
CA LEU T 13 -35.62 -37.59 -67.54
C LEU T 13 -34.30 -37.72 -66.82
N GLY T 14 -33.58 -36.59 -66.60
CA GLY T 14 -32.32 -36.56 -65.88
C GLY T 14 -32.50 -36.73 -64.40
N VAL T 15 -33.61 -36.18 -63.85
CA VAL T 15 -33.98 -36.26 -62.44
C VAL T 15 -34.56 -37.62 -62.19
N ALA T 16 -35.33 -38.14 -63.16
CA ALA T 16 -35.97 -39.44 -63.12
C ALA T 16 -34.99 -40.57 -63.13
N SER T 17 -33.78 -40.39 -63.71
CA SER T 17 -32.72 -41.40 -63.68
C SER T 17 -32.16 -41.56 -62.29
N ASP T 18 -31.91 -40.43 -61.60
CA ASP T 18 -31.39 -40.39 -60.25
C ASP T 18 -32.39 -40.91 -59.23
N ALA T 19 -33.69 -40.68 -59.48
CA ALA T 19 -34.76 -41.14 -58.62
C ALA T 19 -35.18 -42.54 -58.95
N THR T 20 -34.68 -43.08 -60.10
CA THR T 20 -34.87 -44.43 -60.59
C THR T 20 -36.34 -44.74 -60.78
N LEU T 21 -37.01 -43.93 -61.64
CA LEU T 21 -38.43 -44.04 -61.87
C LEU T 21 -38.61 -44.91 -63.07
N THR T 22 -39.29 -46.06 -62.87
CA THR T 22 -39.65 -46.97 -63.93
C THR T 22 -41.15 -47.15 -63.90
N ASP T 23 -41.85 -46.27 -63.14
CA ASP T 23 -43.29 -46.23 -62.95
C ASP T 23 -43.76 -47.46 -62.22
N VAL T 24 -43.04 -47.80 -61.13
CA VAL T 24 -43.43 -48.82 -60.18
C VAL T 24 -43.75 -48.11 -58.88
N GLU T 25 -43.76 -46.76 -58.93
CA GLU T 25 -44.03 -45.86 -57.83
C GLU T 25 -45.53 -45.71 -57.70
N PRO T 26 -46.06 -45.16 -56.61
CA PRO T 26 -47.48 -44.87 -56.42
C PRO T 26 -48.09 -44.00 -57.48
N GLN T 27 -47.28 -43.15 -58.15
CA GLN T 27 -47.75 -42.27 -59.17
C GLN T 27 -46.57 -41.92 -60.02
N SER T 28 -46.85 -41.29 -61.18
CA SER T 28 -45.85 -40.74 -62.07
C SER T 28 -46.29 -39.31 -62.23
N MET T 29 -45.31 -38.37 -62.24
CA MET T 29 -45.59 -36.96 -62.24
C MET T 29 -44.71 -36.34 -63.28
N GLN T 30 -45.05 -35.07 -63.65
CA GLN T 30 -44.32 -34.30 -64.63
C GLN T 30 -43.43 -33.36 -63.85
N ASP T 31 -43.57 -33.36 -62.49
CA ASP T 31 -42.87 -32.47 -61.60
C ASP T 31 -41.43 -32.87 -61.52
N ALA T 32 -40.58 -31.94 -61.97
CA ALA T 32 -39.15 -32.00 -61.90
C ALA T 32 -38.78 -30.66 -62.47
N VAL T 33 -39.38 -30.34 -63.64
CA VAL T 33 -39.34 -29.04 -64.27
C VAL T 33 -39.93 -27.96 -63.38
N ASP T 34 -41.12 -28.22 -62.80
CA ASP T 34 -41.80 -27.35 -61.87
C ASP T 34 -41.08 -27.25 -60.55
N ASP T 35 -40.30 -28.30 -60.22
CA ASP T 35 -39.59 -28.46 -58.98
C ASP T 35 -38.39 -27.56 -58.97
N LEU T 36 -37.63 -27.52 -60.09
CA LEU T 36 -36.44 -26.68 -60.26
C LEU T 36 -36.79 -25.23 -60.32
N GLU T 37 -37.91 -24.88 -61.00
CA GLU T 37 -38.43 -23.53 -61.05
C GLU T 37 -38.81 -22.98 -59.69
N ALA T 38 -39.41 -23.82 -58.82
CA ALA T 38 -39.69 -23.46 -57.45
C ALA T 38 -38.45 -23.38 -56.57
N MET T 39 -37.44 -24.24 -56.83
CA MET T 39 -36.24 -24.33 -56.03
C MET T 39 -35.24 -23.25 -56.38
N MET T 40 -35.39 -22.61 -57.56
CA MET T 40 -34.60 -21.48 -57.96
C MET T 40 -35.47 -20.25 -58.05
N ALA T 41 -36.66 -20.30 -57.41
CA ALA T 41 -37.37 -19.12 -57.01
C ALA T 41 -36.90 -18.78 -55.63
N GLU T 42 -37.04 -19.75 -54.69
CA GLU T 42 -36.60 -19.69 -53.32
C GLU T 42 -35.17 -19.29 -53.10
N TRP T 43 -34.25 -19.89 -53.88
CA TRP T 43 -32.82 -19.64 -53.84
C TRP T 43 -32.42 -18.31 -54.44
N TYR T 44 -33.34 -17.67 -55.21
CA TYR T 44 -33.08 -16.40 -55.87
C TYR T 44 -33.82 -15.25 -55.24
N GLN T 45 -34.31 -15.37 -53.98
CA GLN T 45 -34.91 -14.23 -53.33
C GLN T 45 -34.81 -14.45 -51.84
N ASP T 46 -35.00 -13.35 -51.07
CA ASP T 46 -34.99 -13.29 -49.62
C ASP T 46 -33.61 -13.51 -49.07
N GLY T 47 -32.62 -12.72 -49.57
CA GLY T 47 -31.23 -12.89 -49.25
C GLY T 47 -30.58 -13.94 -50.09
N LYS T 48 -31.32 -14.47 -51.10
CA LYS T 48 -30.93 -15.55 -51.98
C LYS T 48 -30.48 -16.78 -51.23
N GLY T 49 -29.61 -17.58 -51.86
CA GLY T 49 -29.01 -18.73 -51.26
C GLY T 49 -27.84 -19.03 -52.14
N ILE T 50 -27.74 -20.31 -52.56
CA ILE T 50 -26.95 -20.76 -53.68
C ILE T 50 -27.41 -20.12 -54.98
N ILE T 51 -26.45 -19.77 -55.85
CA ILE T 51 -26.70 -19.20 -57.16
C ILE T 51 -26.12 -20.23 -58.09
N THR T 52 -26.94 -20.70 -59.06
CA THR T 52 -26.66 -21.84 -59.88
C THR T 52 -26.48 -21.48 -61.33
N GLY T 53 -26.56 -20.17 -61.68
CA GLY T 53 -26.52 -19.71 -63.04
C GLY T 53 -27.86 -19.76 -63.72
N TYR T 54 -28.93 -20.11 -62.96
CA TYR T 54 -30.31 -20.20 -63.40
C TYR T 54 -30.81 -18.84 -63.81
N VAL T 55 -31.66 -18.81 -64.87
CA VAL T 55 -32.36 -17.65 -65.32
C VAL T 55 -33.80 -18.07 -65.39
N PHE T 56 -34.71 -17.14 -65.04
CA PHE T 56 -36.13 -17.40 -64.86
C PHE T 56 -36.78 -17.76 -66.16
N SER T 57 -37.83 -18.61 -66.06
CA SER T 57 -38.61 -19.04 -67.19
C SER T 57 -40.02 -19.27 -66.71
N ASP T 58 -40.38 -18.60 -65.59
CA ASP T 58 -41.68 -18.66 -64.97
C ASP T 58 -42.61 -17.77 -65.77
N ASP T 59 -43.93 -18.11 -65.76
CA ASP T 59 -44.99 -17.39 -66.41
C ASP T 59 -44.80 -17.32 -67.91
N GLU T 60 -44.67 -18.51 -68.54
CA GLU T 60 -44.45 -18.64 -69.96
C GLU T 60 -45.43 -19.64 -70.48
N ASN T 61 -45.57 -19.68 -71.82
CA ASN T 61 -46.49 -20.53 -72.57
C ASN T 61 -46.28 -22.03 -72.40
N PRO T 62 -45.08 -22.66 -72.35
CA PRO T 62 -44.91 -24.11 -72.26
C PRO T 62 -45.64 -24.77 -71.11
N PRO T 63 -45.95 -26.07 -71.14
CA PRO T 63 -46.60 -26.79 -70.06
C PRO T 63 -45.67 -27.02 -68.89
N ALA T 64 -44.37 -26.63 -69.02
CA ALA T 64 -43.26 -27.03 -68.20
C ALA T 64 -42.65 -28.28 -68.76
N GLU T 65 -42.28 -28.24 -70.07
CA GLU T 65 -41.46 -29.24 -70.71
C GLU T 65 -40.73 -28.58 -71.85
N GLY T 66 -41.07 -27.31 -72.18
CA GLY T 66 -40.48 -26.58 -73.27
C GLY T 66 -39.69 -25.40 -72.79
N ASP T 67 -39.99 -24.95 -71.54
CA ASP T 67 -39.29 -23.86 -70.87
C ASP T 67 -37.85 -24.18 -70.60
N ASP T 68 -36.98 -23.14 -70.54
CA ASP T 68 -35.55 -23.31 -70.55
C ASP T 68 -35.01 -22.69 -69.29
N HIS T 69 -34.42 -23.55 -68.41
CA HIS T 69 -33.79 -23.18 -67.17
C HIS T 69 -32.54 -22.37 -67.38
N GLY T 70 -31.70 -22.75 -68.38
CA GLY T 70 -30.54 -21.97 -68.73
C GLY T 70 -29.38 -22.18 -67.79
N LEU T 71 -29.40 -23.29 -67.00
CA LEU T 71 -28.32 -23.72 -66.15
C LEU T 71 -27.02 -23.94 -66.89
N ARG T 72 -25.90 -23.80 -66.15
CA ARG T 72 -24.56 -24.06 -66.60
C ARG T 72 -24.35 -25.55 -66.73
N SER T 73 -23.32 -25.95 -67.50
CA SER T 73 -22.92 -27.33 -67.72
C SER T 73 -22.55 -28.01 -66.43
N SER T 74 -21.75 -27.31 -65.60
CA SER T 74 -21.31 -27.75 -64.30
C SER T 74 -22.41 -27.72 -63.27
N ALA T 75 -23.46 -26.91 -63.52
CA ALA T 75 -24.61 -26.79 -62.66
C ALA T 75 -25.57 -27.95 -62.77
N VAL T 76 -25.38 -28.85 -63.77
CA VAL T 76 -26.21 -30.03 -63.97
C VAL T 76 -25.98 -30.99 -62.84
N SER T 77 -24.70 -31.27 -62.52
CA SER T 77 -24.24 -32.29 -61.60
C SER T 77 -24.66 -32.08 -60.16
N ALA T 78 -25.21 -30.89 -59.83
CA ALA T 78 -25.67 -30.57 -58.52
C ALA T 78 -27.15 -30.83 -58.47
N VAL T 79 -27.91 -30.13 -59.35
CA VAL T 79 -29.33 -29.93 -59.24
C VAL T 79 -30.15 -31.20 -59.22
N PHE T 80 -29.84 -32.22 -60.07
CA PHE T 80 -30.72 -33.36 -60.22
C PHE T 80 -30.75 -34.26 -59.01
N HIS T 81 -29.77 -34.11 -58.09
CA HIS T 81 -29.81 -34.78 -56.80
C HIS T 81 -30.76 -34.11 -55.84
N ASN T 82 -30.76 -32.76 -55.79
CA ASN T 82 -31.66 -31.99 -54.94
C ASN T 82 -33.10 -32.10 -55.38
N LEU T 83 -33.33 -32.29 -56.70
CA LEU T 83 -34.64 -32.38 -57.30
C LEU T 83 -35.23 -33.73 -57.07
N ALA T 84 -34.39 -34.79 -57.06
CA ALA T 84 -34.83 -36.15 -56.92
C ALA T 84 -35.16 -36.46 -55.47
N CYS T 85 -34.66 -35.62 -54.53
CA CYS T 85 -34.94 -35.76 -53.12
C CYS T 85 -36.30 -35.20 -52.82
N ARG T 86 -36.65 -34.04 -53.43
CA ARG T 86 -37.85 -33.30 -53.10
C ARG T 86 -39.09 -33.97 -53.62
N ILE T 87 -39.02 -34.63 -54.81
CA ILE T 87 -40.15 -35.32 -55.38
C ILE T 87 -40.25 -36.75 -54.85
N ALA T 88 -39.27 -37.19 -54.03
CA ALA T 88 -39.27 -38.51 -53.44
C ALA T 88 -40.37 -38.75 -52.43
N PRO T 89 -40.75 -37.91 -51.45
CA PRO T 89 -41.88 -38.15 -50.55
C PRO T 89 -43.22 -38.28 -51.23
N ASP T 90 -43.38 -37.72 -52.45
CA ASP T 90 -44.57 -37.81 -53.25
C ASP T 90 -44.77 -39.23 -53.73
N TYR T 91 -43.65 -39.92 -54.01
CA TYR T 91 -43.61 -41.30 -54.46
C TYR T 91 -43.44 -42.23 -53.28
N ALA T 92 -43.49 -41.72 -52.03
CA ALA T 92 -43.33 -42.48 -50.81
C ALA T 92 -41.97 -43.14 -50.73
N LEU T 93 -40.91 -42.35 -50.99
CA LEU T 93 -39.54 -42.78 -51.02
C LEU T 93 -38.76 -41.72 -50.28
N GLU T 94 -37.49 -42.04 -49.98
CA GLU T 94 -36.57 -41.13 -49.36
C GLU T 94 -35.25 -41.48 -49.97
N ALA T 95 -34.48 -40.43 -50.36
CA ALA T 95 -33.20 -40.52 -51.02
C ALA T 95 -32.15 -41.21 -50.18
N THR T 96 -31.20 -41.89 -50.87
CA THR T 96 -30.10 -42.62 -50.28
C THR T 96 -29.01 -41.64 -49.89
N ALA T 97 -27.94 -42.13 -49.24
CA ALA T 97 -26.88 -41.35 -48.65
C ALA T 97 -26.02 -40.66 -49.68
N LYS T 98 -25.80 -41.29 -50.86
CA LYS T 98 -25.01 -40.70 -51.92
C LYS T 98 -25.70 -39.53 -52.55
N ILE T 99 -27.06 -39.58 -52.67
CA ILE T 99 -27.82 -38.54 -53.33
C ILE T 99 -27.84 -37.28 -52.50
N ILE T 100 -28.01 -37.40 -51.16
CA ILE T 100 -28.08 -36.23 -50.30
C ILE T 100 -26.71 -35.62 -50.08
N ALA T 101 -25.63 -36.42 -50.17
CA ALA T 101 -24.27 -35.97 -49.98
C ALA T 101 -23.79 -35.15 -51.15
N THR T 102 -24.03 -35.67 -52.39
CA THR T 102 -23.70 -35.03 -53.64
C THR T 102 -24.55 -33.80 -53.86
N ALA T 103 -25.81 -33.80 -53.39
CA ALA T 103 -26.71 -32.67 -53.49
C ALA T 103 -26.21 -31.46 -52.75
N LYS T 104 -25.66 -31.68 -51.54
CA LYS T 104 -25.13 -30.62 -50.69
C LYS T 104 -23.78 -30.16 -51.16
N TYR T 105 -22.90 -31.10 -51.58
CA TYR T 105 -21.56 -30.78 -52.06
C TYR T 105 -21.63 -30.11 -53.41
N GLY T 106 -22.63 -30.47 -54.24
CA GLY T 106 -22.82 -29.95 -55.56
C GLY T 106 -23.23 -28.51 -55.52
N LYS T 107 -24.27 -28.18 -54.71
CA LYS T 107 -24.77 -26.83 -54.60
C LYS T 107 -23.76 -25.89 -53.96
N GLU T 108 -22.84 -26.45 -53.14
CA GLU T 108 -21.78 -25.71 -52.50
C GLU T 108 -20.72 -25.28 -53.49
N LEU T 109 -20.46 -26.11 -54.53
CA LEU T 109 -19.50 -25.82 -55.56
C LEU T 109 -20.03 -24.80 -56.54
N LEU T 110 -21.37 -24.71 -56.68
CA LEU T 110 -22.03 -23.75 -57.53
C LEU T 110 -22.05 -22.38 -56.87
N TYR T 111 -22.13 -22.34 -55.52
CA TYR T 111 -22.06 -21.13 -54.73
C TYR T 111 -20.62 -20.74 -54.44
N LYS T 112 -19.64 -21.61 -54.74
CA LYS T 112 -18.24 -21.42 -54.44
C LYS T 112 -17.67 -20.19 -55.08
N GLN T 113 -18.00 -19.94 -56.37
CA GLN T 113 -17.50 -18.80 -57.10
C GLN T 113 -18.13 -17.51 -56.64
N THR T 114 -19.39 -17.59 -56.14
CA THR T 114 -20.15 -16.45 -55.68
C THR T 114 -19.61 -15.92 -54.37
N ALA T 115 -19.32 -16.82 -53.40
CA ALA T 115 -18.88 -16.46 -52.07
C ALA T 115 -17.46 -15.93 -52.02
N ILE T 116 -16.66 -16.21 -53.07
CA ILE T 116 -15.31 -15.72 -53.23
C ILE T 116 -15.39 -14.27 -53.67
N SER T 117 -16.27 -13.97 -54.65
CA SER T 117 -16.45 -12.66 -55.22
C SER T 117 -17.11 -11.68 -54.28
N ARG T 118 -17.88 -12.16 -53.27
CA ARG T 118 -18.55 -11.31 -52.30
C ARG T 118 -17.66 -11.02 -51.11
N ALA T 119 -16.40 -11.52 -51.11
CA ALA T 119 -15.47 -11.31 -50.03
C ALA T 119 -14.64 -10.11 -50.34
N LYS T 120 -14.59 -9.16 -49.38
CA LYS T 120 -13.79 -7.95 -49.38
C LYS T 120 -14.40 -7.09 -48.31
N ARG T 121 -13.54 -6.46 -47.46
CA ARG T 121 -13.93 -5.58 -46.38
C ARG T 121 -14.68 -4.36 -46.86
N ALA T 122 -15.68 -3.92 -46.05
CA ALA T 122 -16.47 -2.73 -46.24
C ALA T 122 -15.61 -1.50 -46.06
N PRO T 123 -15.87 -0.34 -46.71
CA PRO T 123 -15.15 0.92 -46.54
C PRO T 123 -14.84 1.37 -45.13
N TYR T 124 -13.81 2.23 -44.97
CA TYR T 124 -13.30 2.70 -43.70
C TYR T 124 -14.37 3.43 -42.89
N PRO T 125 -14.37 3.35 -41.55
CA PRO T 125 -15.32 4.04 -40.68
C PRO T 125 -15.31 5.55 -40.82
N SER T 126 -16.32 6.20 -40.20
CA SER T 126 -16.55 7.63 -40.19
C SER T 126 -15.37 8.42 -39.68
N ARG T 127 -14.58 7.82 -38.76
CA ARG T 127 -13.39 8.42 -38.24
C ARG T 127 -12.27 7.52 -38.68
N MET T 128 -11.37 8.06 -39.54
CA MET T 128 -10.18 7.37 -39.97
C MET T 128 -9.21 8.50 -40.24
N PRO T 129 -7.94 8.45 -39.84
CA PRO T 129 -6.92 9.43 -40.20
C PRO T 129 -6.77 9.63 -41.69
N THR T 130 -6.26 10.79 -42.14
CA THR T 130 -5.90 11.01 -43.52
C THR T 130 -4.41 10.79 -43.67
N GLY T 131 -3.69 10.65 -42.54
CA GLY T 131 -2.29 10.32 -42.46
C GLY T 131 -1.41 11.46 -42.87
N SER T 132 -0.10 11.35 -42.53
CA SER T 132 0.92 12.26 -42.99
C SER T 132 2.01 11.44 -43.62
N GLY T 133 1.82 10.11 -43.73
CA GLY T 133 2.69 9.24 -44.48
C GLY T 133 2.25 9.27 -45.92
N ASN T 134 0.95 9.61 -46.14
CA ASN T 134 0.36 9.88 -47.42
C ASN T 134 0.99 11.13 -47.98
N SER T 135 1.19 11.16 -49.32
CA SER T 135 1.86 12.27 -49.98
C SER T 135 0.81 12.91 -50.81
N PHE T 136 0.47 14.17 -50.44
CA PHE T 136 -0.51 15.02 -51.09
C PHE T 136 -1.88 14.39 -51.25
N PRO T 137 -2.61 13.93 -50.22
CA PRO T 137 -3.95 13.39 -50.37
C PRO T 137 -4.91 14.51 -50.72
N ASN T 138 -4.60 15.76 -50.30
CA ASN T 138 -5.34 16.98 -50.52
C ASN T 138 -6.74 16.88 -49.96
N LEU T 139 -6.86 16.28 -48.76
CA LEU T 139 -8.11 16.07 -48.11
C LEU T 139 -7.77 15.87 -46.67
N ASN T 140 -8.74 16.17 -45.77
CA ASN T 140 -8.65 15.88 -44.36
C ASN T 140 -9.86 15.05 -44.10
N GLU T 141 -9.72 14.02 -43.22
CA GLU T 141 -10.74 13.05 -42.86
C GLU T 141 -10.97 12.09 -43.99
N TRP T 142 -11.13 10.79 -43.67
CA TRP T 142 -11.70 9.83 -44.58
C TRP T 142 -12.90 9.34 -43.82
N HIS T 143 -14.10 9.73 -44.33
CA HIS T 143 -15.34 9.51 -43.66
C HIS T 143 -15.95 8.25 -44.22
N TYR T 144 -16.80 8.39 -45.26
CA TYR T 144 -17.05 7.33 -46.20
C TYR T 144 -16.64 7.83 -47.56
N PHE T 145 -15.76 8.86 -47.57
CA PHE T 145 -15.26 9.51 -48.76
C PHE T 145 -14.49 8.57 -49.69
N PRO T 146 -13.54 7.69 -49.29
CA PRO T 146 -12.71 7.02 -50.27
C PRO T 146 -13.47 5.85 -50.85
N THR U 1 -2.12 -53.31 -73.70
CA THR U 1 -2.54 -53.53 -72.29
C THR U 1 -3.49 -52.43 -71.91
N LYS U 2 -4.72 -52.81 -71.49
CA LYS U 2 -5.75 -51.85 -71.18
C LYS U 2 -6.05 -51.94 -69.73
N GLY U 3 -5.64 -50.87 -69.01
CA GLY U 3 -6.17 -50.47 -67.75
C GLY U 3 -6.78 -49.12 -67.97
N ASP U 4 -6.43 -48.49 -69.13
CA ASP U 4 -6.72 -47.13 -69.50
C ASP U 4 -8.21 -46.88 -69.63
N LEU U 5 -8.96 -47.85 -70.21
CA LEU U 5 -10.39 -47.80 -70.41
C LEU U 5 -10.79 -46.64 -71.28
N VAL U 6 -10.10 -46.50 -72.45
CA VAL U 6 -10.37 -45.50 -73.46
C VAL U 6 -11.77 -45.71 -73.99
N ARG U 7 -12.56 -44.61 -74.01
CA ARG U 7 -13.97 -44.56 -74.35
C ARG U 7 -14.76 -44.98 -73.15
N ALA U 8 -15.42 -43.99 -72.50
CA ALA U 8 -16.08 -44.09 -71.20
C ALA U 8 -17.13 -45.16 -71.04
N ALA U 9 -17.63 -45.76 -72.15
CA ALA U 9 -18.46 -46.95 -72.16
C ALA U 9 -17.88 -48.14 -71.45
N LEU U 10 -16.55 -48.31 -71.54
CA LEU U 10 -15.81 -49.36 -70.88
C LEU U 10 -15.76 -49.21 -69.38
N ARG U 11 -15.80 -47.96 -68.89
CA ARG U 11 -15.81 -47.69 -67.46
C ARG U 11 -17.12 -48.05 -66.83
N LYS U 12 -18.25 -47.79 -67.52
CA LYS U 12 -19.59 -48.07 -67.05
C LYS U 12 -19.90 -49.55 -66.94
N LEU U 13 -19.41 -50.36 -67.90
CA LEU U 13 -19.59 -51.81 -67.87
C LEU U 13 -18.65 -52.45 -66.88
N GLY U 14 -17.60 -51.72 -66.46
CA GLY U 14 -16.68 -52.14 -65.43
C GLY U 14 -17.30 -52.01 -64.06
N VAL U 15 -18.20 -51.00 -63.88
CA VAL U 15 -18.96 -50.80 -62.66
C VAL U 15 -19.97 -51.90 -62.49
N ALA U 16 -20.60 -52.36 -63.61
CA ALA U 16 -21.55 -53.43 -63.61
C ALA U 16 -20.95 -54.75 -63.18
N SER U 17 -19.69 -55.01 -63.60
CA SER U 17 -18.92 -56.17 -63.21
C SER U 17 -18.43 -56.10 -61.79
N ASP U 18 -18.26 -54.88 -61.23
CA ASP U 18 -17.80 -54.66 -59.88
C ASP U 18 -18.93 -54.89 -58.93
N ALA U 19 -20.16 -54.46 -59.31
CA ALA U 19 -21.35 -54.60 -58.51
C ALA U 19 -21.81 -56.03 -58.39
N THR U 20 -21.80 -56.77 -59.52
CA THR U 20 -22.26 -58.14 -59.56
C THR U 20 -21.40 -58.81 -60.60
N LEU U 21 -20.94 -60.05 -60.32
CA LEU U 21 -20.10 -60.83 -61.18
C LEU U 21 -20.80 -61.26 -62.45
N THR U 22 -22.09 -61.62 -62.35
CA THR U 22 -22.92 -62.06 -63.45
C THR U 22 -23.43 -60.88 -64.26
N ASP U 23 -23.30 -59.65 -63.69
CA ASP U 23 -23.68 -58.38 -64.29
C ASP U 23 -25.18 -58.27 -64.34
N VAL U 24 -25.86 -58.64 -63.23
CA VAL U 24 -27.29 -58.55 -63.09
C VAL U 24 -27.48 -57.62 -61.94
N GLU U 25 -28.20 -56.49 -62.20
CA GLU U 25 -28.39 -55.43 -61.26
C GLU U 25 -29.87 -55.11 -61.30
N PRO U 26 -30.45 -54.43 -60.30
CA PRO U 26 -31.85 -54.02 -60.30
C PRO U 26 -32.19 -52.98 -61.36
N GLN U 27 -33.43 -52.45 -61.30
CA GLN U 27 -33.99 -51.48 -62.21
C GLN U 27 -33.17 -50.23 -62.37
N SER U 28 -33.24 -49.63 -63.57
CA SER U 28 -32.42 -48.51 -63.93
C SER U 28 -33.14 -47.78 -65.04
N MET U 29 -32.68 -46.56 -65.36
CA MET U 29 -33.27 -45.73 -66.36
C MET U 29 -32.13 -45.01 -67.03
N GLN U 30 -32.18 -44.96 -68.38
CA GLN U 30 -31.21 -44.34 -69.27
C GLN U 30 -31.17 -42.85 -69.07
N ASP U 31 -29.98 -42.25 -69.34
CA ASP U 31 -29.60 -40.86 -69.20
C ASP U 31 -28.75 -40.75 -67.98
N ALA U 32 -27.85 -41.74 -67.80
CA ALA U 32 -26.77 -41.71 -66.85
C ALA U 32 -25.53 -41.23 -67.56
N VAL U 33 -25.62 -40.99 -68.90
CA VAL U 33 -24.52 -40.56 -69.72
C VAL U 33 -24.31 -39.08 -69.56
N ASP U 34 -25.40 -38.31 -69.29
CA ASP U 34 -25.34 -36.89 -69.05
C ASP U 34 -24.77 -36.61 -67.68
N ASP U 35 -24.92 -37.59 -66.75
CA ASP U 35 -24.44 -37.50 -65.40
C ASP U 35 -22.94 -37.68 -65.35
N LEU U 36 -22.37 -38.49 -66.30
CA LEU U 36 -20.95 -38.75 -66.40
C LEU U 36 -20.23 -37.53 -66.88
N GLU U 37 -20.76 -36.85 -67.93
CA GLU U 37 -20.18 -35.65 -68.48
C GLU U 37 -20.32 -34.47 -67.55
N ALA U 38 -21.45 -34.41 -66.80
CA ALA U 38 -21.70 -33.39 -65.81
C ALA U 38 -20.76 -33.48 -64.63
N MET U 39 -20.32 -34.72 -64.28
CA MET U 39 -19.35 -34.97 -63.22
C MET U 39 -18.00 -34.42 -63.61
N MET U 40 -17.65 -34.54 -64.91
CA MET U 40 -16.42 -34.04 -65.48
C MET U 40 -16.51 -32.57 -65.82
N ALA U 41 -17.72 -31.97 -65.74
CA ALA U 41 -17.97 -30.56 -65.90
C ALA U 41 -17.73 -29.85 -64.59
N GLU U 42 -18.46 -30.31 -63.53
CA GLU U 42 -18.36 -29.87 -62.15
C GLU U 42 -16.95 -29.95 -61.62
N TRP U 43 -16.22 -31.05 -61.96
CA TRP U 43 -14.79 -31.11 -61.79
C TRP U 43 -14.20 -30.27 -62.89
N TYR U 44 -13.44 -29.22 -62.50
CA TYR U 44 -12.92 -28.17 -63.35
C TYR U 44 -14.04 -27.17 -63.62
N GLN U 45 -14.76 -26.76 -62.55
CA GLN U 45 -15.82 -25.77 -62.64
C GLN U 45 -15.22 -24.40 -62.51
N ASP U 46 -15.25 -23.66 -63.63
CA ASP U 46 -14.73 -22.31 -63.81
C ASP U 46 -13.25 -22.23 -63.54
N GLY U 47 -12.53 -23.35 -63.79
CA GLY U 47 -11.10 -23.44 -63.61
C GLY U 47 -10.69 -23.61 -62.17
N LYS U 48 -11.66 -23.78 -61.25
CA LYS U 48 -11.41 -23.84 -59.83
C LYS U 48 -11.61 -25.25 -59.31
N GLY U 49 -12.20 -26.15 -60.12
CA GLY U 49 -12.41 -27.51 -59.70
C GLY U 49 -11.18 -28.34 -59.96
N ILE U 50 -11.28 -29.66 -59.69
CA ILE U 50 -10.25 -30.65 -59.94
C ILE U 50 -10.07 -30.79 -61.44
N ILE U 51 -8.82 -30.68 -61.93
CA ILE U 51 -8.50 -30.71 -63.35
C ILE U 51 -8.58 -32.14 -63.81
N THR U 52 -9.47 -32.41 -64.81
CA THR U 52 -9.66 -33.73 -65.36
C THR U 52 -9.27 -33.76 -66.81
N GLY U 53 -9.04 -32.59 -67.44
CA GLY U 53 -8.68 -32.49 -68.84
C GLY U 53 -9.87 -32.62 -69.76
N TYR U 54 -11.09 -32.69 -69.20
CA TYR U 54 -12.33 -32.74 -69.94
C TYR U 54 -12.78 -31.33 -70.19
N VAL U 55 -13.67 -31.17 -71.19
CA VAL U 55 -14.34 -29.95 -71.52
C VAL U 55 -15.64 -30.01 -70.74
N PHE U 56 -16.29 -28.85 -70.53
CA PHE U 56 -17.54 -28.69 -69.79
C PHE U 56 -18.65 -29.48 -70.42
N SER U 57 -18.70 -29.51 -71.77
CA SER U 57 -19.67 -30.30 -72.49
C SER U 57 -18.97 -30.84 -73.69
N ASP U 58 -19.28 -32.11 -74.00
CA ASP U 58 -18.76 -32.80 -75.14
C ASP U 58 -19.94 -33.57 -75.66
N ASP U 59 -19.87 -34.02 -76.93
CA ASP U 59 -20.96 -34.74 -77.52
C ASP U 59 -20.38 -35.50 -78.69
N GLU U 60 -21.09 -36.56 -79.11
CA GLU U 60 -20.85 -37.24 -80.35
C GLU U 60 -22.23 -37.58 -80.82
N ASN U 61 -22.89 -38.50 -80.09
CA ASN U 61 -24.32 -38.46 -79.88
C ASN U 61 -24.52 -38.60 -78.38
N PRO U 62 -23.85 -39.46 -77.60
CA PRO U 62 -23.92 -39.38 -76.15
C PRO U 62 -22.81 -38.45 -75.71
N PRO U 63 -22.90 -37.76 -74.58
CA PRO U 63 -21.87 -36.86 -74.12
C PRO U 63 -20.78 -37.60 -73.40
N ALA U 64 -21.06 -38.80 -72.86
CA ALA U 64 -20.16 -39.53 -71.98
C ALA U 64 -18.97 -40.03 -72.77
N GLU U 65 -19.25 -40.51 -74.00
CA GLU U 65 -18.27 -41.06 -74.91
C GLU U 65 -17.99 -40.03 -75.98
N GLY U 66 -18.46 -38.77 -75.78
CA GLY U 66 -18.13 -37.66 -76.65
C GLY U 66 -16.74 -37.15 -76.39
N ASP U 67 -16.15 -37.55 -75.24
CA ASP U 67 -14.75 -37.38 -74.95
C ASP U 67 -14.42 -38.71 -74.34
N ASP U 68 -13.45 -39.43 -74.96
CA ASP U 68 -13.08 -40.78 -74.59
C ASP U 68 -12.40 -40.80 -73.25
N HIS U 69 -11.44 -39.87 -73.02
CA HIS U 69 -10.77 -39.75 -71.76
C HIS U 69 -10.15 -38.39 -71.70
N GLY U 70 -8.83 -38.27 -71.99
CA GLY U 70 -8.07 -37.06 -71.76
C GLY U 70 -7.54 -37.08 -70.36
N LEU U 71 -7.45 -38.29 -69.78
CA LEU U 71 -7.02 -38.56 -68.43
C LEU U 71 -5.66 -39.19 -68.48
N ARG U 72 -4.98 -39.19 -67.31
CA ARG U 72 -3.73 -39.89 -67.07
C ARG U 72 -4.05 -41.35 -66.89
N SER U 73 -3.00 -42.21 -66.87
CA SER U 73 -3.09 -43.62 -66.56
C SER U 73 -3.51 -43.81 -65.11
N SER U 74 -2.92 -42.99 -64.21
CA SER U 74 -3.18 -42.98 -62.79
C SER U 74 -4.58 -42.52 -62.47
N ALA U 75 -5.07 -41.54 -63.26
CA ALA U 75 -6.36 -40.90 -63.15
C ALA U 75 -7.52 -41.79 -63.49
N VAL U 76 -7.29 -42.97 -64.11
CA VAL U 76 -8.34 -43.91 -64.46
C VAL U 76 -8.95 -44.51 -63.22
N SER U 77 -8.12 -44.97 -62.25
CA SER U 77 -8.53 -45.53 -60.97
C SER U 77 -9.21 -44.53 -60.07
N ALA U 78 -9.21 -43.24 -60.45
CA ALA U 78 -9.96 -42.22 -59.76
C ALA U 78 -11.36 -42.24 -60.27
N VAL U 79 -11.53 -42.02 -61.61
CA VAL U 79 -12.78 -41.67 -62.20
C VAL U 79 -13.82 -42.77 -62.12
N PHE U 80 -13.47 -44.06 -62.41
CA PHE U 80 -14.46 -45.10 -62.46
C PHE U 80 -14.95 -45.54 -61.09
N HIS U 81 -14.23 -45.17 -60.01
CA HIS U 81 -14.67 -45.37 -58.65
C HIS U 81 -15.67 -44.32 -58.21
N ASN U 82 -15.45 -43.03 -58.56
CA ASN U 82 -16.40 -41.96 -58.33
C ASN U 82 -17.64 -42.13 -59.18
N LEU U 83 -17.46 -42.65 -60.41
CA LEU U 83 -18.52 -42.98 -61.33
C LEU U 83 -19.32 -44.15 -60.83
N ALA U 84 -18.66 -45.13 -60.16
CA ALA U 84 -19.31 -46.30 -59.61
C ALA U 84 -20.26 -45.95 -58.51
N CYS U 85 -19.90 -44.91 -57.72
CA CYS U 85 -20.72 -44.43 -56.64
C CYS U 85 -21.90 -43.64 -57.16
N ARG U 86 -21.73 -42.94 -58.31
CA ARG U 86 -22.72 -42.04 -58.84
C ARG U 86 -23.84 -42.77 -59.54
N ILE U 87 -23.50 -43.82 -60.34
CA ILE U 87 -24.48 -44.59 -61.08
C ILE U 87 -25.00 -45.73 -60.26
N ALA U 88 -24.48 -45.95 -59.02
CA ALA U 88 -25.00 -46.97 -58.13
C ALA U 88 -26.41 -46.66 -57.67
N PRO U 89 -26.84 -45.46 -57.26
CA PRO U 89 -28.24 -45.14 -57.01
C PRO U 89 -29.13 -45.29 -58.22
N ASP U 90 -28.60 -45.09 -59.44
CA ASP U 90 -29.32 -45.27 -60.69
C ASP U 90 -29.69 -46.72 -60.89
N TYR U 91 -28.82 -47.66 -60.42
CA TYR U 91 -29.06 -49.09 -60.50
C TYR U 91 -29.77 -49.58 -59.25
N ALA U 92 -30.16 -48.66 -58.33
CA ALA U 92 -30.82 -48.96 -57.07
C ALA U 92 -29.95 -49.83 -56.19
N LEU U 93 -28.70 -49.38 -55.98
CA LEU U 93 -27.66 -50.03 -55.24
C LEU U 93 -26.90 -48.91 -54.57
N GLU U 94 -25.87 -49.26 -53.77
CA GLU U 94 -25.03 -48.29 -53.13
C GLU U 94 -23.66 -48.91 -53.06
N ALA U 95 -22.61 -48.08 -53.29
CA ALA U 95 -21.22 -48.46 -53.33
C ALA U 95 -20.72 -49.02 -52.02
N THR U 96 -19.74 -49.95 -52.10
CA THR U 96 -19.15 -50.64 -50.99
C THR U 96 -18.04 -49.80 -50.38
N ALA U 97 -17.41 -50.32 -49.30
CA ALA U 97 -16.43 -49.61 -48.51
C ALA U 97 -15.12 -49.40 -49.24
N LYS U 98 -14.70 -50.36 -50.09
CA LYS U 98 -13.47 -50.23 -50.86
C LYS U 98 -13.62 -49.22 -51.96
N ILE U 99 -14.84 -49.08 -52.52
CA ILE U 99 -15.11 -48.21 -53.66
C ILE U 99 -15.12 -46.77 -53.21
N ILE U 100 -15.77 -46.45 -52.06
CA ILE U 100 -15.87 -45.09 -51.56
C ILE U 100 -14.55 -44.57 -51.02
N ALA U 101 -13.66 -45.49 -50.56
CA ALA U 101 -12.35 -45.16 -50.02
C ALA U 101 -11.41 -44.78 -51.13
N THR U 102 -11.49 -45.50 -52.26
CA THR U 102 -10.68 -45.27 -53.43
C THR U 102 -11.19 -44.07 -54.19
N ALA U 103 -12.53 -43.82 -54.18
CA ALA U 103 -13.14 -42.70 -54.86
C ALA U 103 -12.71 -41.35 -54.33
N LYS U 104 -12.57 -41.20 -52.99
CA LYS U 104 -12.12 -39.98 -52.36
C LYS U 104 -10.65 -39.76 -52.56
N TYR U 105 -9.85 -40.83 -52.47
CA TYR U 105 -8.41 -40.78 -52.64
C TYR U 105 -8.05 -40.60 -54.10
N GLY U 106 -8.98 -40.96 -55.02
CA GLY U 106 -8.79 -40.92 -56.44
C GLY U 106 -8.80 -39.54 -57.01
N LYS U 107 -9.82 -38.72 -56.63
CA LYS U 107 -9.97 -37.38 -57.14
C LYS U 107 -8.98 -36.44 -56.48
N GLU U 108 -8.34 -36.93 -55.40
CA GLU U 108 -7.30 -36.28 -54.66
C GLU U 108 -5.98 -36.35 -55.40
N LEU U 109 -5.78 -37.40 -56.24
CA LEU U 109 -4.55 -37.61 -57.00
C LEU U 109 -4.43 -36.62 -58.12
N LEU U 110 -5.55 -36.31 -58.80
CA LEU U 110 -5.61 -35.38 -59.91
C LEU U 110 -5.40 -33.97 -59.43
N TYR U 111 -5.80 -33.69 -58.17
CA TYR U 111 -5.69 -32.40 -57.53
C TYR U 111 -4.39 -32.29 -56.78
N LYS U 112 -3.60 -33.39 -56.66
CA LYS U 112 -2.35 -33.43 -55.91
C LYS U 112 -1.32 -32.46 -56.42
N GLN U 113 -1.15 -32.38 -57.76
CA GLN U 113 -0.23 -31.48 -58.41
C GLN U 113 -0.77 -30.08 -58.46
N THR U 114 -2.11 -29.93 -58.58
CA THR U 114 -2.80 -28.66 -58.69
C THR U 114 -2.77 -27.90 -57.38
N ALA U 115 -2.80 -28.64 -56.25
CA ALA U 115 -2.78 -28.11 -54.90
C ALA U 115 -1.51 -27.39 -54.59
N ILE U 116 -0.36 -27.99 -54.99
CA ILE U 116 0.98 -27.47 -54.76
C ILE U 116 1.19 -26.24 -55.60
N SER U 117 0.61 -26.20 -56.83
CA SER U 117 0.71 -25.08 -57.74
C SER U 117 -0.01 -23.86 -57.20
N ARG U 118 -1.18 -24.07 -56.55
CA ARG U 118 -1.98 -23.01 -55.98
C ARG U 118 -1.52 -22.65 -54.58
N ALA U 119 -0.52 -23.38 -54.03
CA ALA U 119 0.01 -23.13 -52.72
C ALA U 119 1.30 -22.39 -52.91
N LYS U 120 1.25 -21.07 -52.60
CA LYS U 120 2.30 -20.12 -52.74
C LYS U 120 1.57 -18.82 -52.62
N ARG U 121 1.97 -18.01 -51.61
CA ARG U 121 1.43 -16.70 -51.32
C ARG U 121 1.75 -15.75 -52.44
N ALA U 122 0.82 -14.81 -52.72
CA ALA U 122 1.02 -13.76 -53.69
C ALA U 122 1.94 -12.73 -53.07
N PRO U 123 2.68 -11.90 -53.83
CA PRO U 123 3.57 -10.87 -53.33
C PRO U 123 2.99 -9.92 -52.31
N TYR U 124 3.89 -9.16 -51.62
CA TYR U 124 3.65 -8.23 -50.53
C TYR U 124 2.44 -7.32 -50.72
N PRO U 125 1.88 -6.71 -49.66
CA PRO U 125 0.75 -5.78 -49.75
C PRO U 125 1.01 -4.54 -50.56
N SER U 126 0.15 -3.51 -50.41
CA SER U 126 0.26 -2.27 -51.15
C SER U 126 1.10 -1.27 -50.37
N ARG U 127 1.75 -1.74 -49.28
CA ARG U 127 2.60 -0.94 -48.44
C ARG U 127 3.68 -1.87 -48.00
N MET U 128 4.97 -1.47 -48.16
CA MET U 128 6.08 -2.29 -47.72
C MET U 128 7.26 -1.35 -47.55
N PRO U 129 8.22 -1.56 -46.65
CA PRO U 129 9.42 -0.73 -46.55
C PRO U 129 10.50 -1.38 -47.38
N THR U 130 11.70 -0.76 -47.42
CA THR U 130 12.88 -1.42 -47.94
C THR U 130 14.09 -0.78 -47.31
N GLY U 131 13.91 0.40 -46.64
CA GLY U 131 14.92 1.09 -45.87
C GLY U 131 16.22 1.32 -46.59
N SER U 132 17.34 1.19 -45.85
CA SER U 132 18.69 1.33 -46.35
C SER U 132 19.41 0.02 -46.22
N GLY U 133 18.66 -1.09 -45.98
CA GLY U 133 19.23 -2.42 -45.93
C GLY U 133 19.45 -2.99 -47.30
N ASN U 134 19.03 -2.24 -48.35
CA ASN U 134 19.23 -2.57 -49.73
C ASN U 134 19.90 -1.39 -50.37
N SER U 135 20.88 -1.66 -51.26
CA SER U 135 21.50 -0.68 -52.12
C SER U 135 20.99 -1.08 -53.46
N PHE U 136 20.35 -0.12 -54.17
CA PHE U 136 19.44 -0.37 -55.27
C PHE U 136 18.28 -1.25 -54.84
N PRO U 137 17.31 -0.77 -54.07
CA PRO U 137 16.07 -1.49 -53.81
C PRO U 137 15.27 -1.78 -55.06
N ASN U 138 15.48 -0.96 -56.12
CA ASN U 138 14.69 -0.82 -57.31
C ASN U 138 13.69 0.26 -56.96
N LEU U 139 14.24 1.44 -56.58
CA LEU U 139 13.56 2.62 -56.12
C LEU U 139 13.14 2.47 -54.68
N ASN U 140 13.66 3.37 -53.80
CA ASN U 140 13.40 3.40 -52.37
C ASN U 140 11.94 3.63 -52.09
N GLU U 141 11.45 2.92 -51.04
CA GLU U 141 10.09 2.82 -50.59
C GLU U 141 9.30 1.96 -51.53
N TRP U 142 8.91 0.76 -51.06
CA TRP U 142 8.20 -0.21 -51.85
C TRP U 142 6.74 -0.08 -51.54
N HIS U 143 5.91 -0.74 -52.36
CA HIS U 143 4.51 -0.93 -52.09
C HIS U 143 4.33 -2.38 -52.35
N TYR U 144 4.16 -2.73 -53.65
CA TYR U 144 4.30 -4.07 -54.14
C TYR U 144 5.76 -4.14 -54.47
N PHE U 145 6.13 -3.76 -55.72
CA PHE U 145 7.48 -3.43 -56.07
C PHE U 145 7.32 -2.28 -57.03
N PRO U 146 8.10 -1.20 -56.99
CA PRO U 146 7.93 -0.08 -57.90
C PRO U 146 8.26 -0.45 -59.32
N THR V 1 -44.01 -22.30 -67.80
CA THR V 1 -45.00 -21.83 -66.79
C THR V 1 -44.42 -21.88 -65.41
N LYS V 2 -44.97 -21.06 -64.49
CA LYS V 2 -44.49 -20.86 -63.14
C LYS V 2 -44.58 -22.12 -62.32
N GLY V 3 -43.48 -22.44 -61.59
CA GLY V 3 -43.38 -23.62 -60.76
C GLY V 3 -43.99 -23.42 -59.40
N ASP V 4 -44.39 -22.18 -59.07
CA ASP V 4 -45.03 -21.81 -57.84
C ASP V 4 -46.48 -21.60 -58.14
N LEU V 5 -47.30 -21.56 -57.07
CA LEU V 5 -48.74 -21.47 -57.13
C LEU V 5 -49.05 -20.16 -56.47
N VAL V 6 -49.84 -19.30 -57.15
CA VAL V 6 -50.13 -17.96 -56.69
C VAL V 6 -51.51 -17.91 -56.08
N ARG V 7 -52.21 -19.07 -56.02
CA ARG V 7 -53.56 -19.17 -55.53
C ARG V 7 -53.52 -20.20 -54.45
N ALA V 8 -54.09 -19.86 -53.27
CA ALA V 8 -54.19 -20.66 -52.09
C ALA V 8 -54.97 -21.93 -52.24
N ALA V 9 -55.98 -21.94 -53.15
CA ALA V 9 -56.79 -23.09 -53.45
C ALA V 9 -56.04 -24.15 -54.22
N LEU V 10 -54.97 -23.74 -54.95
CA LEU V 10 -54.06 -24.65 -55.62
C LEU V 10 -53.09 -25.23 -54.65
N ARG V 11 -52.68 -24.46 -53.60
CA ARG V 11 -51.68 -24.89 -52.65
C ARG V 11 -52.15 -26.02 -51.78
N LYS V 12 -53.47 -26.08 -51.45
CA LYS V 12 -54.01 -27.08 -50.55
C LYS V 12 -54.06 -28.45 -51.17
N LEU V 13 -54.27 -28.55 -52.50
CA LEU V 13 -54.33 -29.80 -53.22
C LEU V 13 -52.97 -30.36 -53.53
N GLY V 14 -51.92 -29.49 -53.59
CA GLY V 14 -50.60 -29.90 -53.97
C GLY V 14 -49.74 -30.27 -52.80
N VAL V 15 -50.08 -29.79 -51.58
CA VAL V 15 -49.31 -30.04 -50.39
C VAL V 15 -49.62 -31.41 -49.84
N ALA V 16 -50.84 -31.93 -50.13
CA ALA V 16 -51.28 -33.25 -49.71
C ALA V 16 -50.58 -34.35 -50.46
N SER V 17 -50.08 -34.03 -51.69
CA SER V 17 -49.34 -34.94 -52.54
C SER V 17 -48.01 -35.30 -51.94
N ASP V 18 -47.30 -34.29 -51.39
CA ASP V 18 -45.99 -34.41 -50.79
C ASP V 18 -46.07 -35.19 -49.50
N ALA V 19 -47.11 -34.90 -48.69
CA ALA V 19 -47.32 -35.45 -47.37
C ALA V 19 -47.59 -36.93 -47.38
N THR V 20 -48.42 -37.42 -48.34
CA THR V 20 -48.86 -38.80 -48.38
C THR V 20 -48.74 -39.25 -49.82
N LEU V 21 -49.81 -39.86 -50.38
CA LEU V 21 -49.82 -40.62 -51.61
C LEU V 21 -48.86 -41.79 -51.54
N THR V 22 -49.14 -42.70 -50.59
CA THR V 22 -48.47 -43.96 -50.41
C THR V 22 -49.26 -45.07 -51.08
N ASP V 23 -50.18 -44.69 -52.00
CA ASP V 23 -51.28 -45.47 -52.53
C ASP V 23 -52.39 -45.52 -51.51
N VAL V 24 -52.64 -44.35 -50.86
CA VAL V 24 -53.83 -44.13 -50.07
C VAL V 24 -54.29 -42.75 -50.46
N GLU V 25 -55.55 -42.43 -50.07
CA GLU V 25 -56.12 -41.12 -50.18
C GLU V 25 -56.08 -40.61 -48.76
N PRO V 26 -55.58 -39.41 -48.43
CA PRO V 26 -54.94 -39.18 -47.15
C PRO V 26 -55.94 -38.94 -46.06
N GLN V 27 -57.18 -38.52 -46.39
CA GLN V 27 -58.28 -38.56 -45.46
C GLN V 27 -59.57 -38.47 -46.26
N SER V 28 -59.46 -38.44 -47.61
CA SER V 28 -60.53 -38.22 -48.56
C SER V 28 -61.21 -36.88 -48.39
N MET V 29 -60.41 -35.87 -47.99
CA MET V 29 -60.82 -34.49 -47.89
C MET V 29 -59.52 -33.73 -47.99
N GLN V 30 -59.64 -32.40 -48.16
CA GLN V 30 -58.51 -31.50 -48.14
C GLN V 30 -58.87 -30.51 -47.08
N ASP V 31 -58.06 -30.49 -46.01
CA ASP V 31 -58.14 -29.49 -44.98
C ASP V 31 -56.70 -29.22 -44.65
N ALA V 32 -56.04 -28.44 -45.53
CA ALA V 32 -54.74 -27.86 -45.26
C ALA V 32 -54.92 -26.39 -44.98
N VAL V 33 -56.15 -25.86 -45.12
CA VAL V 33 -56.44 -24.45 -45.00
C VAL V 33 -56.57 -24.06 -43.55
N ASP V 34 -57.05 -24.98 -42.69
CA ASP V 34 -57.18 -24.80 -41.26
C ASP V 34 -55.82 -24.80 -40.61
N ASP V 35 -54.90 -25.60 -41.19
CA ASP V 35 -53.53 -25.73 -40.78
C ASP V 35 -52.75 -24.50 -41.16
N LEU V 36 -53.02 -23.94 -42.36
CA LEU V 36 -52.39 -22.73 -42.90
C LEU V 36 -52.71 -21.52 -42.06
N GLU V 37 -53.93 -21.45 -41.49
CA GLU V 37 -54.33 -20.39 -40.59
C GLU V 37 -53.53 -20.33 -39.32
N ALA V 38 -53.28 -21.49 -38.66
CA ALA V 38 -52.52 -21.51 -37.43
C ALA V 38 -51.03 -21.41 -37.67
N MET V 39 -50.55 -21.84 -38.86
CA MET V 39 -49.16 -21.83 -39.25
C MET V 39 -48.60 -20.44 -39.41
N MET V 40 -49.34 -19.59 -40.16
CA MET V 40 -48.95 -18.23 -40.43
C MET V 40 -49.63 -17.26 -39.52
N ALA V 41 -50.26 -17.74 -38.43
CA ALA V 41 -50.59 -16.89 -37.31
C ALA V 41 -49.61 -17.12 -36.19
N GLU V 42 -48.91 -18.28 -36.20
CA GLU V 42 -47.76 -18.52 -35.36
C GLU V 42 -46.62 -17.65 -35.79
N TRP V 43 -46.39 -17.59 -37.12
CA TRP V 43 -45.48 -16.65 -37.74
C TRP V 43 -46.20 -15.36 -37.97
N TYR V 44 -45.41 -14.29 -38.21
CA TYR V 44 -45.85 -12.95 -38.55
C TYR V 44 -46.69 -12.35 -37.45
N GLN V 45 -46.25 -12.53 -36.17
CA GLN V 45 -46.98 -12.04 -35.02
C GLN V 45 -46.78 -10.56 -34.88
N ASP V 46 -47.82 -9.79 -35.27
CA ASP V 46 -47.92 -8.35 -35.25
C ASP V 46 -46.89 -7.74 -36.18
N GLY V 47 -46.54 -8.47 -37.27
CA GLY V 47 -45.59 -8.03 -38.26
C GLY V 47 -44.16 -8.16 -37.84
N LYS V 48 -43.90 -8.78 -36.65
CA LYS V 48 -42.56 -8.90 -36.10
C LYS V 48 -42.03 -10.28 -36.32
N GLY V 49 -42.91 -11.26 -36.61
CA GLY V 49 -42.53 -12.64 -36.84
C GLY V 49 -42.02 -12.81 -38.24
N ILE V 50 -41.84 -14.09 -38.65
CA ILE V 50 -41.39 -14.48 -39.97
C ILE V 50 -42.39 -14.05 -41.01
N ILE V 51 -41.91 -13.28 -42.01
CA ILE V 51 -42.74 -12.65 -43.02
C ILE V 51 -43.40 -13.66 -43.91
N THR V 52 -44.75 -13.52 -44.04
CA THR V 52 -45.57 -14.30 -44.91
C THR V 52 -46.60 -13.36 -45.48
N GLY V 53 -46.86 -12.22 -44.78
CA GLY V 53 -47.84 -11.23 -45.19
C GLY V 53 -49.25 -11.62 -44.86
N TYR V 54 -49.42 -12.73 -44.09
CA TYR V 54 -50.70 -13.31 -43.75
C TYR V 54 -51.56 -12.40 -42.90
N VAL V 55 -52.90 -12.54 -43.07
CA VAL V 55 -53.91 -11.83 -42.33
C VAL V 55 -54.53 -12.91 -41.49
N PHE V 56 -54.48 -12.74 -40.15
CA PHE V 56 -54.93 -13.71 -39.17
C PHE V 56 -56.40 -14.04 -39.30
N SER V 57 -56.75 -15.33 -39.06
CA SER V 57 -58.12 -15.76 -39.11
C SER V 57 -58.21 -17.06 -38.35
N ASP V 58 -59.42 -17.36 -37.85
CA ASP V 58 -59.80 -18.65 -37.31
C ASP V 58 -60.95 -19.15 -38.16
N ASP V 59 -61.19 -18.47 -39.31
CA ASP V 59 -62.29 -18.59 -40.22
C ASP V 59 -63.53 -17.95 -39.63
N GLU V 60 -63.92 -16.81 -40.22
CA GLU V 60 -65.23 -16.23 -40.05
C GLU V 60 -65.77 -16.29 -41.45
N ASN V 61 -65.43 -15.28 -42.29
CA ASN V 61 -65.50 -15.37 -43.72
C ASN V 61 -64.31 -16.12 -44.32
N PRO V 62 -63.02 -15.94 -43.99
CA PRO V 62 -61.96 -16.45 -44.87
C PRO V 62 -61.47 -17.81 -44.40
N PRO V 63 -61.53 -18.91 -45.16
CA PRO V 63 -60.95 -20.19 -44.76
C PRO V 63 -59.44 -20.19 -44.87
N ALA V 64 -58.84 -19.17 -45.54
CA ALA V 64 -57.47 -19.09 -46.01
C ALA V 64 -57.47 -19.05 -47.52
N GLU V 65 -58.62 -18.69 -48.13
CA GLU V 65 -58.70 -18.32 -49.53
C GLU V 65 -59.37 -16.98 -49.60
N GLY V 66 -60.17 -16.62 -48.56
CA GLY V 66 -60.95 -15.42 -48.53
C GLY V 66 -60.16 -14.22 -48.06
N ASP V 67 -58.88 -14.43 -47.69
CA ASP V 67 -58.02 -13.40 -47.16
C ASP V 67 -56.73 -13.46 -47.93
N ASP V 68 -55.91 -12.40 -47.77
CA ASP V 68 -54.67 -12.24 -48.47
C ASP V 68 -53.61 -13.09 -47.81
N HIS V 69 -53.02 -14.01 -48.62
CA HIS V 69 -51.94 -14.89 -48.23
C HIS V 69 -50.69 -14.07 -48.03
N GLY V 70 -50.47 -13.10 -48.96
CA GLY V 70 -49.40 -12.13 -48.89
C GLY V 70 -48.07 -12.65 -49.32
N LEU V 71 -47.99 -13.93 -49.76
CA LEU V 71 -46.79 -14.57 -50.23
C LEU V 71 -46.38 -13.93 -51.54
N ARG V 72 -45.05 -13.80 -51.74
CA ARG V 72 -44.49 -13.17 -52.92
C ARG V 72 -44.38 -14.19 -54.03
N SER V 73 -43.36 -14.05 -54.91
CA SER V 73 -43.16 -14.90 -56.05
C SER V 73 -42.14 -15.97 -55.74
N SER V 74 -41.72 -16.10 -54.46
CA SER V 74 -40.77 -17.10 -54.07
C SER V 74 -41.12 -17.68 -52.74
N ALA V 75 -41.82 -16.91 -51.87
CA ALA V 75 -42.19 -17.34 -50.53
C ALA V 75 -43.08 -18.55 -50.47
N VAL V 76 -43.81 -18.85 -51.57
CA VAL V 76 -44.64 -20.02 -51.77
C VAL V 76 -43.84 -21.29 -51.59
N SER V 77 -42.63 -21.32 -52.20
CA SER V 77 -41.71 -22.42 -52.26
C SER V 77 -41.21 -22.89 -50.91
N ALA V 78 -41.30 -22.02 -49.88
CA ALA V 78 -40.83 -22.31 -48.55
C ALA V 78 -41.96 -22.93 -47.78
N VAL V 79 -43.07 -22.17 -47.66
CA VAL V 79 -44.15 -22.38 -46.71
C VAL V 79 -44.84 -23.72 -46.83
N PHE V 80 -44.99 -24.28 -48.07
CA PHE V 80 -45.71 -25.52 -48.25
C PHE V 80 -44.97 -26.75 -47.76
N HIS V 81 -43.65 -26.64 -47.47
CA HIS V 81 -42.90 -27.70 -46.84
C HIS V 81 -43.22 -27.78 -45.37
N ASN V 82 -43.42 -26.62 -44.72
CA ASN V 82 -43.81 -26.53 -43.32
C ASN V 82 -45.25 -26.93 -43.14
N LEU V 83 -46.08 -26.66 -44.19
CA LEU V 83 -47.48 -27.00 -44.23
C LEU V 83 -47.68 -28.48 -44.40
N ALA V 84 -46.73 -29.16 -45.10
CA ALA V 84 -46.76 -30.59 -45.33
C ALA V 84 -46.49 -31.35 -44.05
N CYS V 85 -45.76 -30.72 -43.10
CA CYS V 85 -45.50 -31.28 -41.80
C CYS V 85 -46.71 -31.14 -40.90
N ARG V 86 -47.50 -30.04 -41.08
CA ARG V 86 -48.60 -29.70 -40.21
C ARG V 86 -49.83 -30.51 -40.52
N ILE V 87 -50.05 -30.86 -41.82
CA ILE V 87 -51.14 -31.71 -42.24
C ILE V 87 -50.85 -33.17 -42.00
N ALA V 88 -49.60 -33.53 -41.63
CA ALA V 88 -49.22 -34.90 -41.37
C ALA V 88 -49.92 -35.47 -40.15
N PRO V 89 -50.05 -34.82 -38.97
CA PRO V 89 -50.88 -35.29 -37.88
C PRO V 89 -52.34 -35.51 -38.20
N ASP V 90 -52.91 -34.74 -39.17
CA ASP V 90 -54.29 -34.87 -39.60
C ASP V 90 -54.53 -36.23 -40.21
N TYR V 91 -53.50 -36.74 -40.93
CA TYR V 91 -53.54 -37.98 -41.66
C TYR V 91 -52.95 -39.09 -40.83
N ALA V 92 -52.60 -38.80 -39.54
CA ALA V 92 -52.00 -39.73 -38.60
C ALA V 92 -50.66 -40.22 -39.06
N LEU V 93 -49.77 -39.26 -39.41
CA LEU V 93 -48.46 -39.49 -39.95
C LEU V 93 -47.55 -38.50 -39.30
N GLU V 94 -46.24 -38.61 -39.60
CA GLU V 94 -45.23 -37.68 -39.18
C GLU V 94 -44.32 -37.57 -40.37
N ALA V 95 -43.92 -36.32 -40.71
CA ALA V 95 -43.12 -35.97 -41.86
C ALA V 95 -41.76 -36.63 -41.84
N THR V 96 -41.24 -36.94 -43.06
CA THR V 96 -39.97 -37.60 -43.27
C THR V 96 -38.86 -36.56 -43.22
N ALA V 97 -37.59 -37.02 -43.33
CA ALA V 97 -36.40 -36.24 -43.10
C ALA V 97 -36.19 -35.13 -44.10
N LYS V 98 -36.55 -35.34 -45.39
CA LYS V 98 -36.40 -34.34 -46.41
C LYS V 98 -37.37 -33.20 -46.22
N ILE V 99 -38.62 -33.50 -45.77
CA ILE V 99 -39.66 -32.49 -45.63
C ILE V 99 -39.32 -31.54 -44.51
N ILE V 100 -38.82 -32.05 -43.35
CA ILE V 100 -38.50 -31.21 -42.21
C ILE V 100 -37.22 -30.43 -42.41
N ALA V 101 -36.28 -30.93 -43.26
CA ALA V 101 -35.02 -30.28 -43.54
C ALA V 101 -35.21 -29.08 -44.42
N THR V 102 -36.04 -29.24 -45.48
CA THR V 102 -36.41 -28.21 -46.42
C THR V 102 -37.29 -27.18 -45.77
N ALA V 103 -38.19 -27.61 -44.85
CA ALA V 103 -39.12 -26.75 -44.17
C ALA V 103 -38.44 -25.79 -43.24
N LYS V 104 -37.42 -26.27 -42.49
CA LYS V 104 -36.61 -25.44 -41.62
C LYS V 104 -35.72 -24.51 -42.41
N TYR V 105 -35.22 -24.95 -43.58
CA TYR V 105 -34.42 -24.14 -44.47
C TYR V 105 -35.25 -23.04 -45.11
N GLY V 106 -36.54 -23.31 -45.40
CA GLY V 106 -37.45 -22.37 -45.98
C GLY V 106 -37.89 -21.35 -44.98
N LYS V 107 -38.09 -21.78 -43.71
CA LYS V 107 -38.46 -20.94 -42.59
C LYS V 107 -37.35 -19.99 -42.23
N GLU V 108 -36.08 -20.44 -42.44
CA GLU V 108 -34.87 -19.71 -42.13
C GLU V 108 -34.60 -18.70 -43.22
N LEU V 109 -34.97 -19.04 -44.48
CA LEU V 109 -34.63 -18.27 -45.66
C LEU V 109 -35.52 -17.06 -45.80
N LEU V 110 -36.80 -17.14 -45.32
CA LEU V 110 -37.74 -16.05 -45.37
C LEU V 110 -37.30 -14.90 -44.51
N TYR V 111 -36.77 -15.23 -43.31
CA TYR V 111 -36.33 -14.28 -42.33
C TYR V 111 -34.84 -14.00 -42.44
N LYS V 112 -34.15 -14.57 -43.47
CA LYS V 112 -32.72 -14.42 -43.68
C LYS V 112 -32.30 -12.99 -43.84
N GLN V 113 -32.88 -12.28 -44.84
CA GLN V 113 -32.57 -10.90 -45.12
C GLN V 113 -33.25 -9.95 -44.16
N THR V 114 -34.33 -10.43 -43.51
CA THR V 114 -35.19 -9.64 -42.66
C THR V 114 -34.52 -9.32 -41.36
N ALA V 115 -33.84 -10.32 -40.75
CA ALA V 115 -33.20 -10.21 -39.47
C ALA V 115 -32.02 -9.27 -39.47
N ILE V 116 -31.31 -9.18 -40.63
CA ILE V 116 -30.15 -8.32 -40.82
C ILE V 116 -30.57 -6.87 -40.82
N SER V 117 -31.76 -6.58 -41.41
CA SER V 117 -32.28 -5.24 -41.56
C SER V 117 -32.90 -4.76 -40.27
N ARG V 118 -33.44 -5.68 -39.45
CA ARG V 118 -34.11 -5.36 -38.21
C ARG V 118 -33.13 -5.39 -37.06
N ALA V 119 -31.85 -5.73 -37.33
CA ALA V 119 -30.80 -5.69 -36.34
C ALA V 119 -30.34 -4.25 -36.31
N LYS V 120 -30.55 -3.59 -35.14
CA LYS V 120 -30.25 -2.19 -34.98
C LYS V 120 -29.89 -1.99 -33.54
N ARG V 121 -29.08 -0.95 -33.27
CA ARG V 121 -28.71 -0.54 -31.94
C ARG V 121 -29.27 0.83 -31.76
N ALA V 122 -29.56 1.19 -30.50
CA ALA V 122 -30.16 2.44 -30.08
C ALA V 122 -29.28 3.63 -30.43
N PRO V 123 -29.82 4.82 -30.73
CA PRO V 123 -29.04 6.04 -30.94
C PRO V 123 -28.37 6.48 -29.66
N TYR V 124 -27.42 7.44 -29.76
CA TYR V 124 -26.65 7.95 -28.64
C TYR V 124 -27.55 8.56 -27.58
N PRO V 125 -27.27 8.42 -26.29
CA PRO V 125 -28.07 8.98 -25.21
C PRO V 125 -27.74 10.44 -25.00
N SER V 126 -28.33 11.05 -23.95
CA SER V 126 -28.07 12.40 -23.50
C SER V 126 -26.74 12.47 -22.81
N ARG V 127 -26.25 11.30 -22.33
CA ARG V 127 -25.01 11.13 -21.62
C ARG V 127 -23.81 11.41 -22.50
N MET V 128 -23.90 11.01 -23.79
CA MET V 128 -22.89 11.22 -24.80
C MET V 128 -22.61 12.71 -25.02
N PRO V 129 -21.36 13.19 -25.02
CA PRO V 129 -21.06 14.58 -25.28
C PRO V 129 -21.07 14.82 -26.76
N THR V 130 -21.42 16.05 -27.20
CA THR V 130 -21.36 16.47 -28.58
C THR V 130 -19.92 16.46 -29.04
N GLY V 131 -19.02 16.95 -28.17
CA GLY V 131 -17.60 16.99 -28.41
C GLY V 131 -17.26 18.33 -28.96
N SER V 132 -16.10 18.87 -28.52
CA SER V 132 -15.57 20.13 -28.96
C SER V 132 -14.44 19.87 -29.92
N GLY V 133 -14.13 18.56 -30.17
CA GLY V 133 -13.12 18.10 -31.10
C GLY V 133 -13.62 18.06 -32.51
N ASN V 134 -14.92 18.40 -32.73
CA ASN V 134 -15.56 18.37 -34.01
C ASN V 134 -15.38 19.70 -34.68
N SER V 135 -15.64 19.74 -36.00
CA SER V 135 -15.64 20.92 -36.82
C SER V 135 -17.09 21.15 -37.10
N PHE V 136 -17.53 22.43 -36.94
CA PHE V 136 -18.93 22.81 -36.80
C PHE V 136 -19.59 22.10 -35.63
N PRO V 137 -19.23 22.31 -34.35
CA PRO V 137 -19.71 21.49 -33.23
C PRO V 137 -21.19 21.61 -33.02
N ASN V 138 -21.77 22.81 -33.30
CA ASN V 138 -23.17 23.14 -33.10
C ASN V 138 -23.56 23.02 -31.65
N LEU V 139 -22.96 23.88 -30.80
CA LEU V 139 -23.07 23.85 -29.35
C LEU V 139 -22.35 22.65 -28.78
N ASN V 140 -22.47 22.42 -27.45
CA ASN V 140 -21.74 21.36 -26.78
C ASN V 140 -22.65 20.71 -25.77
N GLU V 141 -22.60 19.36 -25.75
CA GLU V 141 -23.17 18.46 -24.77
C GLU V 141 -24.66 18.27 -24.95
N TRP V 142 -25.06 17.01 -25.23
CA TRP V 142 -26.42 16.56 -25.44
C TRP V 142 -27.27 16.70 -24.20
N HIS V 143 -28.58 16.86 -24.43
CA HIS V 143 -29.63 16.56 -23.48
C HIS V 143 -30.77 16.03 -24.30
N TYR V 144 -30.44 15.54 -25.52
CA TYR V 144 -31.28 15.31 -26.69
C TYR V 144 -31.49 16.61 -27.41
N PHE V 145 -30.69 17.64 -27.06
CA PHE V 145 -30.47 18.81 -27.86
C PHE V 145 -29.07 19.24 -27.48
N PRO V 146 -28.20 19.65 -28.38
CA PRO V 146 -26.83 19.98 -28.03
C PRO V 146 -26.80 21.33 -27.36
N GLU W 1 -12.82 54.77 -40.62
CA GLU W 1 -13.70 54.16 -41.66
C GLU W 1 -12.94 53.20 -42.54
N ASN W 2 -13.63 52.64 -43.55
CA ASN W 2 -13.11 51.67 -44.47
C ASN W 2 -13.84 51.88 -45.76
N ARG W 3 -14.84 52.78 -45.77
CA ARG W 3 -15.65 53.12 -46.92
C ARG W 3 -15.69 54.62 -46.94
N LEU W 4 -16.29 55.20 -48.00
CA LEU W 4 -16.40 56.63 -48.16
C LEU W 4 -17.73 57.12 -47.61
N GLU W 5 -18.54 56.19 -47.04
CA GLU W 5 -19.78 56.50 -46.39
C GLU W 5 -19.65 55.89 -45.03
N SER W 6 -20.00 56.69 -43.98
CA SER W 6 -19.78 56.35 -42.60
C SER W 6 -20.65 55.22 -42.13
N ILE W 7 -21.96 55.25 -42.47
CA ILE W 7 -22.94 54.26 -42.04
C ILE W 7 -22.74 52.95 -42.78
N LEU W 8 -22.18 53.01 -44.01
CA LEU W 8 -21.94 51.86 -44.86
C LEU W 8 -20.78 51.06 -44.33
N SER W 9 -19.76 51.75 -43.77
CA SER W 9 -18.56 51.13 -43.24
C SER W 9 -18.84 50.34 -41.99
N ARG W 10 -19.97 50.64 -41.30
CA ARG W 10 -20.36 49.96 -40.09
C ARG W 10 -20.89 48.58 -40.41
N PHE W 11 -21.83 48.50 -41.38
CA PHE W 11 -22.49 47.27 -41.78
C PHE W 11 -21.57 46.27 -42.43
N ASP W 12 -20.61 46.74 -43.27
CA ASP W 12 -19.59 45.92 -43.89
C ASP W 12 -18.66 45.31 -42.88
N ALA W 13 -18.36 46.06 -41.78
CA ALA W 13 -17.55 45.59 -40.68
C ALA W 13 -18.30 44.67 -39.75
N ASP W 14 -19.65 44.74 -39.77
CA ASP W 14 -20.52 43.91 -38.96
C ASP W 14 -20.86 42.65 -39.72
N TRP W 15 -20.24 42.44 -40.90
CA TRP W 15 -20.43 41.26 -41.70
C TRP W 15 -19.13 40.51 -41.73
N THR W 16 -18.06 41.07 -42.34
CA THR W 16 -16.77 40.44 -42.49
C THR W 16 -16.09 40.00 -41.21
N ALA W 17 -16.03 40.89 -40.18
CA ALA W 17 -15.42 40.60 -38.90
C ALA W 17 -16.25 39.68 -38.06
N SER W 18 -17.59 39.81 -38.19
CA SER W 18 -18.54 39.07 -37.41
C SER W 18 -18.64 37.65 -37.88
N ASP W 19 -18.61 37.40 -39.21
CA ASP W 19 -18.69 36.07 -39.80
C ASP W 19 -17.72 35.07 -39.22
N GLU W 20 -16.46 35.49 -39.02
CA GLU W 20 -15.42 34.65 -38.49
C GLU W 20 -15.49 34.50 -36.99
N ALA W 21 -15.86 35.58 -36.25
CA ALA W 21 -15.79 35.56 -34.80
C ALA W 21 -17.07 35.08 -34.17
N ARG W 22 -18.18 34.99 -34.93
CA ARG W 22 -19.48 34.51 -34.47
C ARG W 22 -19.46 33.03 -34.21
N ARG W 23 -18.92 32.25 -35.19
CA ARG W 23 -18.81 30.81 -35.07
C ARG W 23 -17.79 30.40 -34.03
N GLU W 24 -16.84 31.30 -33.69
CA GLU W 24 -15.91 31.11 -32.61
C GLU W 24 -16.59 31.36 -31.28
N ALA W 25 -17.46 32.40 -31.22
CA ALA W 25 -18.22 32.82 -30.05
C ALA W 25 -19.21 31.82 -29.55
N LYS W 26 -19.56 30.80 -30.38
CA LYS W 26 -20.37 29.67 -30.00
C LYS W 26 -19.71 28.91 -28.86
N ASN W 27 -18.45 28.47 -29.09
CA ASN W 27 -17.71 27.63 -28.20
C ASN W 27 -17.12 28.40 -27.04
N ASP W 28 -16.81 29.71 -27.25
CA ASP W 28 -16.14 30.56 -26.28
C ASP W 28 -16.87 30.69 -24.97
N LEU W 29 -18.17 31.08 -25.03
CA LEU W 29 -19.00 31.28 -23.85
C LEU W 29 -19.30 30.01 -23.09
N PHE W 30 -19.13 28.82 -23.73
CA PHE W 30 -19.22 27.54 -23.07
C PHE W 30 -18.03 27.26 -22.21
N PHE W 31 -16.83 27.81 -22.54
CA PHE W 31 -15.59 27.46 -21.87
C PHE W 31 -15.50 28.12 -20.52
N SER W 32 -16.08 29.34 -20.39
CA SER W 32 -16.26 30.02 -19.13
C SER W 32 -17.21 29.29 -18.23
N ARG W 33 -18.13 28.48 -18.81
CA ARG W 33 -19.11 27.72 -18.09
C ARG W 33 -18.70 26.30 -17.80
N VAL W 34 -17.50 25.82 -18.25
CA VAL W 34 -17.05 24.51 -17.82
C VAL W 34 -16.42 24.67 -16.45
N SER W 35 -15.61 25.72 -16.27
CA SER W 35 -14.89 25.97 -15.04
C SER W 35 -15.75 26.62 -13.97
N GLN W 36 -16.55 27.66 -14.34
CA GLN W 36 -17.25 28.50 -13.39
C GLN W 36 -18.66 28.02 -13.12
N TRP W 37 -19.10 26.99 -13.85
CA TRP W 37 -20.46 26.48 -13.79
C TRP W 37 -20.28 25.02 -14.09
N ASP W 38 -21.39 24.25 -14.14
CA ASP W 38 -21.39 22.80 -14.31
C ASP W 38 -20.71 22.41 -15.60
N ASP W 39 -19.92 21.30 -15.57
CA ASP W 39 -19.14 20.81 -16.69
C ASP W 39 -20.00 20.41 -17.85
N TRP W 40 -21.17 19.78 -17.58
CA TRP W 40 -22.17 19.48 -18.58
C TRP W 40 -22.84 20.77 -18.98
N LEU W 41 -23.21 20.89 -20.28
CA LEU W 41 -23.58 22.15 -20.86
C LEU W 41 -24.88 21.97 -21.57
N SER W 42 -25.72 23.03 -21.54
CA SER W 42 -26.96 23.15 -22.27
C SER W 42 -27.94 22.06 -21.89
N GLN W 43 -28.14 21.87 -20.56
CA GLN W 43 -29.08 20.92 -20.02
C GLN W 43 -29.95 21.74 -19.10
N TYR W 44 -31.28 21.49 -19.11
CA TYR W 44 -32.21 22.24 -18.31
C TYR W 44 -33.22 21.25 -17.83
N THR W 45 -33.55 21.31 -16.51
CA THR W 45 -34.46 20.43 -15.81
C THR W 45 -34.00 18.99 -15.93
N THR W 46 -32.74 18.75 -15.48
CA THR W 46 -32.07 17.48 -15.62
C THR W 46 -32.52 16.62 -14.47
N LEU W 47 -33.12 15.44 -14.77
CA LEU W 47 -33.62 14.52 -13.78
C LEU W 47 -32.96 13.19 -13.97
N GLN W 48 -31.90 13.14 -14.81
CA GLN W 48 -31.13 11.95 -15.07
C GLN W 48 -29.83 12.13 -14.33
N TYR W 49 -29.16 11.00 -13.97
CA TYR W 49 -27.91 11.02 -13.26
C TYR W 49 -26.84 11.51 -14.18
N ARG W 50 -25.98 12.42 -13.65
CA ARG W 50 -24.86 12.97 -14.36
C ARG W 50 -23.70 12.85 -13.41
N GLY W 51 -22.59 12.26 -13.88
CA GLY W 51 -21.38 12.14 -13.11
C GLY W 51 -20.62 13.43 -13.13
N GLN W 52 -19.50 13.49 -12.38
CA GLN W 52 -18.69 14.67 -12.32
C GLN W 52 -17.36 14.22 -11.79
N PHE W 53 -16.25 14.87 -12.22
CA PHE W 53 -14.96 14.69 -11.60
C PHE W 53 -14.38 16.07 -11.46
N ASP W 54 -14.67 16.97 -12.44
CA ASP W 54 -14.25 18.36 -12.50
C ASP W 54 -12.76 18.52 -12.29
N VAL W 55 -11.95 18.08 -13.27
CA VAL W 55 -10.54 18.41 -13.33
C VAL W 55 -10.33 19.73 -14.03
N VAL W 56 -11.34 20.24 -14.78
CA VAL W 56 -11.24 21.42 -15.60
C VAL W 56 -10.97 22.64 -14.77
N ARG W 57 -11.79 22.87 -13.72
CA ARG W 57 -11.61 23.99 -12.81
C ARG W 57 -10.32 23.89 -12.03
N PRO W 58 -9.85 22.79 -11.43
CA PRO W 58 -8.54 22.71 -10.78
C PRO W 58 -7.35 23.08 -11.62
N VAL W 59 -7.33 22.75 -12.94
CA VAL W 59 -6.29 23.18 -13.87
C VAL W 59 -6.29 24.68 -14.01
N VAL W 60 -7.50 25.31 -14.03
CA VAL W 60 -7.65 26.74 -14.15
C VAL W 60 -7.37 27.42 -12.82
N ARG W 61 -7.72 26.80 -11.66
CA ARG W 61 -7.41 27.31 -10.34
C ARG W 61 -5.94 27.48 -10.12
N LYS W 62 -5.10 26.53 -10.60
CA LYS W 62 -3.68 26.60 -10.41
C LYS W 62 -3.07 27.70 -11.24
N LEU W 63 -3.48 27.84 -12.52
CA LEU W 63 -2.89 28.80 -13.44
C LEU W 63 -3.31 30.22 -13.16
N VAL W 64 -4.58 30.44 -12.76
CA VAL W 64 -5.12 31.75 -12.44
C VAL W 64 -4.49 32.28 -11.19
N SER W 65 -4.27 31.41 -10.18
CA SER W 65 -3.66 31.77 -8.92
C SER W 65 -2.21 32.16 -9.06
N GLU W 66 -1.51 31.65 -10.10
CA GLU W 66 -0.14 31.98 -10.40
C GLU W 66 -0.04 33.38 -10.95
N MET W 67 -0.95 33.76 -11.87
CA MET W 67 -0.91 35.06 -12.52
C MET W 67 -1.37 36.18 -11.61
N ARG W 68 -2.19 35.89 -10.57
CA ARG W 68 -2.64 36.90 -9.63
C ARG W 68 -1.57 37.21 -8.61
N GLN W 69 -0.80 36.19 -8.15
CA GLN W 69 0.26 36.37 -7.17
C GLN W 69 1.52 36.92 -7.78
N ASN W 70 1.62 36.93 -9.13
CA ASN W 70 2.71 37.56 -9.84
C ASN W 70 2.18 38.92 -10.26
N PRO W 71 2.64 40.06 -9.76
CA PRO W 71 1.98 41.34 -10.00
C PRO W 71 2.34 41.84 -11.38
N ILE W 72 1.34 42.38 -12.11
CA ILE W 72 1.55 43.03 -13.38
C ILE W 72 0.84 44.33 -13.21
N ASP W 73 1.61 45.44 -13.21
CA ASP W 73 1.09 46.75 -12.93
C ASP W 73 2.04 47.70 -13.61
N VAL W 74 1.81 49.02 -13.43
CA VAL W 74 2.47 50.12 -14.10
C VAL W 74 3.79 50.39 -13.41
N LEU W 75 4.84 50.74 -14.21
CA LEU W 75 6.17 51.00 -13.71
C LEU W 75 6.68 52.29 -14.32
N TYR W 76 6.24 52.63 -15.56
CA TYR W 76 6.65 53.81 -16.29
C TYR W 76 8.16 54.01 -16.39
N ARG W 77 8.87 53.11 -17.10
CA ARG W 77 10.27 53.33 -17.44
C ARG W 77 10.39 54.43 -18.47
N PRO W 78 11.44 55.26 -18.50
CA PRO W 78 11.51 56.46 -19.31
C PRO W 78 11.91 56.11 -20.73
N LYS W 79 11.72 57.06 -21.67
CA LYS W 79 11.97 56.91 -23.08
C LYS W 79 13.45 57.05 -23.34
N ASP W 80 13.84 56.89 -24.63
CA ASP W 80 15.19 57.03 -25.12
C ASP W 80 15.72 58.43 -24.89
N GLY W 81 16.68 58.58 -23.96
CA GLY W 81 17.33 59.84 -23.67
C GLY W 81 16.50 60.77 -22.82
N ALA W 82 15.32 60.30 -22.35
CA ALA W 82 14.36 61.11 -21.62
C ALA W 82 14.83 61.38 -20.23
N ARG W 83 14.27 62.47 -19.64
CA ARG W 83 14.55 62.93 -18.30
C ARG W 83 14.15 61.88 -17.27
N PRO W 84 14.80 61.78 -16.11
CA PRO W 84 14.45 60.84 -15.07
C PRO W 84 13.22 61.27 -14.31
N ASP W 85 12.73 62.51 -14.54
CA ASP W 85 11.56 63.08 -13.90
C ASP W 85 10.30 62.67 -14.63
N ALA W 86 10.45 61.91 -15.74
CA ALA W 86 9.42 61.49 -16.66
C ALA W 86 8.33 60.64 -16.05
N ALA W 87 8.68 59.77 -15.08
CA ALA W 87 7.75 58.82 -14.51
C ALA W 87 6.86 59.48 -13.50
N ASP W 88 7.36 60.53 -12.81
CA ASP W 88 6.67 61.21 -11.73
C ASP W 88 5.43 61.93 -12.18
N VAL W 89 5.37 62.35 -13.47
CA VAL W 89 4.23 63.02 -14.06
C VAL W 89 3.04 62.11 -14.08
N LEU W 90 3.22 60.90 -14.67
CA LEU W 90 2.15 60.00 -14.97
C LEU W 90 1.83 59.08 -13.82
N MET W 91 2.74 58.99 -12.82
CA MET W 91 2.52 58.32 -11.55
C MET W 91 1.77 59.22 -10.62
N GLY W 92 1.79 60.55 -10.87
CA GLY W 92 1.07 61.52 -10.10
C GLY W 92 -0.41 61.32 -10.22
N MET W 93 -0.89 61.06 -11.46
CA MET W 93 -2.28 60.81 -11.73
C MET W 93 -2.67 59.39 -11.40
N TYR W 94 -1.82 58.41 -11.77
CA TYR W 94 -2.08 56.98 -11.66
C TYR W 94 -2.33 56.54 -10.24
N ARG W 95 -1.41 56.88 -9.31
CA ARG W 95 -1.48 56.43 -7.95
C ARG W 95 -2.56 57.10 -7.15
N THR W 96 -3.12 58.24 -7.64
CA THR W 96 -4.20 58.94 -7.00
C THR W 96 -5.54 58.31 -7.32
N ASP W 97 -5.84 58.05 -8.62
CA ASP W 97 -7.17 57.61 -9.01
C ASP W 97 -7.33 56.10 -9.04
N MET W 98 -6.20 55.35 -8.94
CA MET W 98 -6.21 53.90 -8.88
C MET W 98 -6.18 53.39 -7.46
N ARG W 99 -6.34 54.29 -6.45
CA ARG W 99 -6.42 53.93 -5.04
C ARG W 99 -7.60 53.03 -4.79
N HIS W 100 -8.71 53.30 -5.53
CA HIS W 100 -9.90 52.47 -5.58
C HIS W 100 -9.57 51.12 -6.14
N ASN W 101 -10.28 50.08 -5.64
CA ASN W 101 -9.98 48.69 -5.89
C ASN W 101 -10.30 48.24 -7.28
N THR W 102 -10.99 49.06 -8.10
CA THR W 102 -11.43 48.71 -9.43
C THR W 102 -10.28 48.50 -10.40
N ALA W 103 -9.07 49.00 -10.06
CA ALA W 103 -7.87 48.84 -10.84
C ALA W 103 -7.33 47.44 -10.69
N LYS W 104 -7.30 46.97 -9.42
CA LYS W 104 -6.72 45.70 -9.02
C LYS W 104 -7.63 44.56 -9.37
N ILE W 105 -8.96 44.80 -9.32
CA ILE W 105 -10.01 43.87 -9.67
C ILE W 105 -9.97 43.63 -11.17
N ALA W 106 -9.64 44.68 -11.97
CA ALA W 106 -9.60 44.61 -13.41
C ALA W 106 -8.52 43.70 -13.94
N VAL W 107 -7.39 43.56 -13.20
CA VAL W 107 -6.29 42.70 -13.58
C VAL W 107 -6.65 41.27 -13.27
N ASN W 108 -7.31 41.00 -12.11
CA ASN W 108 -7.67 39.67 -11.68
C ASN W 108 -8.77 39.05 -12.52
N ILE W 109 -9.61 39.91 -13.16
CA ILE W 109 -10.66 39.50 -14.05
C ILE W 109 -10.10 39.18 -15.41
N ALA W 110 -9.05 39.92 -15.86
CA ALA W 110 -8.49 39.73 -17.17
C ALA W 110 -7.74 38.44 -17.30
N VAL W 111 -7.09 37.98 -16.21
CA VAL W 111 -6.27 36.79 -16.22
C VAL W 111 -7.10 35.55 -16.12
N ARG W 112 -8.29 35.61 -15.46
CA ARG W 112 -9.13 34.44 -15.28
C ARG W 112 -9.89 34.12 -16.53
N GLU W 113 -10.25 35.14 -17.35
CA GLU W 113 -10.94 34.95 -18.60
C GLU W 113 -9.99 34.51 -19.69
N GLN W 114 -8.72 34.97 -19.62
CA GLN W 114 -7.67 34.66 -20.57
C GLN W 114 -7.31 33.19 -20.51
N ILE W 115 -7.38 32.58 -19.31
CA ILE W 115 -7.08 31.19 -19.08
C ILE W 115 -8.27 30.33 -19.46
N GLU W 116 -9.51 30.78 -19.14
CA GLU W 116 -10.68 29.97 -19.37
C GLU W 116 -11.08 29.92 -20.83
N ALA W 117 -11.62 31.04 -21.36
CA ALA W 117 -12.16 31.07 -22.69
C ALA W 117 -11.22 31.63 -23.71
N GLY W 118 -10.04 32.15 -23.28
CA GLY W 118 -9.01 32.59 -24.16
C GLY W 118 -9.07 34.05 -24.49
N VAL W 119 -10.10 34.81 -24.04
CA VAL W 119 -10.20 36.24 -24.26
C VAL W 119 -10.73 36.86 -23.01
N GLY W 120 -10.08 37.97 -22.59
CA GLY W 120 -10.52 38.83 -21.52
C GLY W 120 -10.10 40.20 -21.95
N ALA W 121 -10.53 41.26 -21.22
CA ALA W 121 -10.30 42.62 -21.67
C ALA W 121 -10.67 43.56 -20.57
N TRP W 122 -10.31 44.86 -20.74
CA TRP W 122 -10.59 45.90 -19.78
C TRP W 122 -10.61 47.20 -20.55
N ARG W 123 -11.22 48.24 -19.94
CA ARG W 123 -11.40 49.54 -20.55
C ARG W 123 -11.01 50.64 -19.61
N LEU W 124 -10.87 51.85 -20.18
CA LEU W 124 -10.56 53.07 -19.47
C LEU W 124 -11.71 54.00 -19.73
N VAL W 125 -12.42 54.40 -18.65
CA VAL W 125 -13.57 55.28 -18.71
C VAL W 125 -13.27 56.42 -17.77
N THR W 126 -14.00 57.55 -17.97
CA THR W 126 -13.82 58.76 -17.19
C THR W 126 -15.18 59.18 -16.70
N ASP W 127 -15.20 59.74 -15.47
CA ASP W 127 -16.38 60.31 -14.86
C ASP W 127 -15.89 61.39 -13.94
N TYR W 128 -16.82 62.06 -13.23
CA TYR W 128 -16.54 63.15 -12.33
C TYR W 128 -16.63 62.60 -10.93
N GLU W 129 -15.47 62.51 -10.23
CA GLU W 129 -15.41 61.99 -8.88
C GLU W 129 -14.40 62.83 -8.16
N ASP W 130 -14.73 63.20 -6.90
CA ASP W 130 -13.89 64.02 -6.04
C ASP W 130 -13.33 63.12 -4.98
N GLN W 131 -13.69 61.81 -5.02
CA GLN W 131 -13.22 60.76 -4.15
C GLN W 131 -11.74 60.58 -4.29
N SER W 132 -11.25 60.70 -5.55
CA SER W 132 -9.85 60.85 -5.84
C SER W 132 -9.76 62.16 -6.59
N PRO W 133 -8.96 63.15 -6.19
CA PRO W 133 -8.85 64.40 -6.91
C PRO W 133 -7.70 64.38 -7.88
N THR W 134 -7.97 64.45 -9.21
CA THR W 134 -6.97 64.75 -10.19
C THR W 134 -7.58 65.80 -11.09
N SER W 135 -6.86 66.94 -11.25
CA SER W 135 -7.09 68.11 -12.07
C SER W 135 -8.50 68.35 -12.58
N ASN W 136 -9.29 69.11 -11.78
CA ASN W 136 -10.66 69.51 -12.02
C ASN W 136 -11.61 68.40 -11.63
N ASN W 137 -11.13 67.47 -10.77
CA ASN W 137 -11.92 66.48 -10.07
C ASN W 137 -12.58 65.51 -11.01
N GLN W 138 -11.80 65.06 -12.04
CA GLN W 138 -12.23 64.07 -12.99
C GLN W 138 -11.20 62.99 -12.87
N VAL W 139 -11.65 61.72 -12.87
CA VAL W 139 -10.79 60.58 -12.65
C VAL W 139 -10.88 59.72 -13.86
N ILE W 140 -9.81 58.94 -14.13
CA ILE W 140 -9.80 57.92 -15.15
C ILE W 140 -9.70 56.62 -14.42
N ARG W 141 -10.78 55.81 -14.50
CA ARG W 141 -10.89 54.55 -13.81
C ARG W 141 -10.64 53.46 -14.80
N ARG W 142 -9.89 52.42 -14.37
CA ARG W 142 -9.65 51.22 -15.13
C ARG W 142 -10.70 50.22 -14.69
N GLU W 143 -11.60 49.86 -15.62
CA GLU W 143 -12.76 49.04 -15.33
C GLU W 143 -12.64 47.76 -16.13
N PRO W 144 -13.02 46.60 -15.62
CA PRO W 144 -12.95 45.33 -16.34
C PRO W 144 -14.06 45.23 -17.35
N ILE W 145 -13.83 44.53 -18.48
CA ILE W 145 -14.86 44.12 -19.41
C ILE W 145 -14.94 42.64 -19.18
N HIS W 146 -16.06 42.16 -18.58
CA HIS W 146 -16.19 40.79 -18.18
C HIS W 146 -17.17 40.20 -19.15
N SER W 147 -16.83 39.02 -19.71
CA SER W 147 -17.56 38.25 -20.69
C SER W 147 -17.20 38.74 -22.06
N ALA W 148 -15.96 39.29 -22.21
CA ALA W 148 -15.41 39.76 -23.47
C ALA W 148 -15.28 38.67 -24.50
N CYS W 149 -15.12 37.41 -24.02
CA CYS W 149 -15.08 36.21 -24.82
C CYS W 149 -16.39 35.90 -25.53
N SER W 150 -17.52 36.24 -24.86
CA SER W 150 -18.86 36.10 -25.39
C SER W 150 -19.18 37.17 -26.40
N HIS W 151 -18.43 38.30 -26.35
CA HIS W 151 -18.77 39.51 -27.04
C HIS W 151 -18.09 39.64 -28.37
N VAL W 152 -17.36 38.59 -28.84
CA VAL W 152 -16.54 38.71 -30.04
C VAL W 152 -17.40 38.69 -31.28
N ILE W 153 -17.26 39.78 -32.06
CA ILE W 153 -17.75 39.94 -33.41
C ILE W 153 -16.74 40.84 -34.07
N TRP W 154 -15.52 40.94 -33.47
CA TRP W 154 -14.48 41.87 -33.84
C TRP W 154 -13.40 41.08 -34.52
N ASP W 155 -12.48 41.80 -35.24
CA ASP W 155 -11.34 41.27 -35.94
C ASP W 155 -11.76 40.63 -37.25
N SER W 156 -11.27 41.21 -38.37
CA SER W 156 -11.45 40.67 -39.70
C SER W 156 -10.08 40.30 -40.20
N ASN W 157 -9.30 41.31 -40.66
CA ASN W 157 -7.97 41.12 -41.21
C ASN W 157 -6.94 41.70 -40.26
N SER W 158 -7.37 42.22 -39.08
CA SER W 158 -6.53 42.91 -38.13
C SER W 158 -5.47 41.98 -37.59
N LYS W 159 -4.23 42.49 -37.42
CA LYS W 159 -3.11 41.67 -37.03
C LYS W 159 -2.52 42.10 -35.72
N LEU W 160 -3.08 43.16 -35.08
CA LEU W 160 -2.57 43.59 -33.79
C LEU W 160 -3.34 42.91 -32.70
N MET W 161 -2.57 42.52 -31.65
CA MET W 161 -3.01 41.91 -30.43
C MET W 161 -3.78 42.89 -29.58
N ASP W 162 -3.36 44.17 -29.57
CA ASP W 162 -3.99 45.22 -28.80
C ASP W 162 -5.22 45.78 -29.46
N LYS W 163 -5.44 45.46 -30.76
CA LYS W 163 -6.64 45.80 -31.50
C LYS W 163 -6.77 47.29 -31.64
N SER W 164 -5.70 47.96 -32.12
CA SER W 164 -5.66 49.40 -32.28
C SER W 164 -5.53 49.75 -33.74
N ASP W 165 -5.50 48.74 -34.64
CA ASP W 165 -5.46 48.95 -36.08
C ASP W 165 -6.81 48.61 -36.64
N ALA W 166 -7.72 48.10 -35.79
CA ALA W 166 -9.00 47.60 -36.19
C ALA W 166 -9.94 48.76 -36.30
N ARG W 167 -10.55 48.88 -37.49
CA ARG W 167 -11.62 49.80 -37.78
C ARG W 167 -12.82 48.98 -38.14
N HIS W 168 -12.71 47.64 -37.90
CA HIS W 168 -13.73 46.67 -38.16
C HIS W 168 -14.28 46.14 -36.87
N CYS W 169 -13.74 46.62 -35.72
CA CYS W 169 -14.04 46.08 -34.42
C CYS W 169 -15.23 46.77 -33.83
N THR W 170 -16.05 45.97 -33.11
CA THR W 170 -17.19 46.45 -32.38
C THR W 170 -17.33 45.50 -31.24
N VAL W 171 -17.68 46.01 -30.04
CA VAL W 171 -17.87 45.23 -28.84
C VAL W 171 -19.34 45.37 -28.54
N ILE W 172 -19.95 44.31 -27.97
CA ILE W 172 -21.36 44.30 -27.66
C ILE W 172 -21.47 44.24 -26.16
N HIS W 173 -22.54 44.84 -25.60
CA HIS W 173 -22.87 44.76 -24.21
C HIS W 173 -24.26 44.19 -24.18
N SER W 174 -24.49 43.14 -23.37
CA SER W 174 -25.81 42.60 -23.13
C SER W 174 -26.04 42.83 -21.67
N MET W 175 -26.96 43.76 -21.31
CA MET W 175 -27.13 44.14 -19.93
C MET W 175 -28.60 44.06 -19.61
N SER W 176 -28.93 44.38 -18.34
CA SER W 176 -30.27 44.37 -17.79
C SER W 176 -30.96 45.66 -18.17
N GLN W 177 -32.23 45.82 -17.73
CA GLN W 177 -33.02 47.01 -17.97
C GLN W 177 -32.43 48.19 -17.25
N ASN W 178 -31.92 47.97 -16.02
CA ASN W 178 -31.30 49.00 -15.23
C ASN W 178 -29.91 49.29 -15.75
N GLY W 179 -29.22 48.26 -16.30
CA GLY W 179 -27.91 48.39 -16.88
C GLY W 179 -27.90 49.17 -18.18
N TRP W 180 -29.05 49.21 -18.90
CA TRP W 180 -29.24 49.96 -20.13
C TRP W 180 -29.43 51.42 -19.79
N GLU W 181 -30.14 51.70 -18.67
CA GLU W 181 -30.45 53.03 -18.23
C GLU W 181 -29.22 53.76 -17.73
N ASP W 182 -28.25 53.04 -17.12
CA ASP W 182 -26.97 53.60 -16.69
C ASP W 182 -26.00 53.76 -17.85
N PHE W 183 -26.21 52.99 -18.95
CA PHE W 183 -25.37 53.01 -20.13
C PHE W 183 -25.70 54.23 -20.95
N ALA W 184 -26.94 54.73 -20.81
CA ALA W 184 -27.45 55.85 -21.55
C ALA W 184 -27.10 57.17 -20.94
N GLU W 185 -26.50 57.18 -19.73
CA GLU W 185 -26.13 58.40 -19.04
C GLU W 185 -24.90 59.00 -19.65
N LYS W 186 -23.86 58.16 -19.89
CA LYS W 186 -22.56 58.58 -20.36
C LYS W 186 -22.57 59.00 -21.81
N TYR W 187 -23.18 58.15 -22.66
CA TYR W 187 -23.01 58.22 -24.10
C TYR W 187 -24.08 59.01 -24.79
N ASP W 188 -24.99 59.65 -24.01
CA ASP W 188 -26.01 60.56 -24.50
C ASP W 188 -27.04 59.83 -25.33
N LEU W 189 -27.66 58.79 -24.72
CA LEU W 189 -28.62 57.93 -25.37
C LEU W 189 -29.89 58.04 -24.58
N ASP W 190 -30.95 57.33 -25.03
CA ASP W 190 -32.23 57.32 -24.35
C ASP W 190 -32.17 56.23 -23.31
N ALA W 191 -32.73 56.52 -22.11
CA ALA W 191 -32.70 55.65 -20.95
C ALA W 191 -33.48 54.38 -21.19
N ASP W 192 -34.67 54.51 -21.82
CA ASP W 192 -35.50 53.40 -22.18
C ASP W 192 -35.64 53.52 -23.67
N ASP W 193 -35.53 52.37 -24.36
CA ASP W 193 -35.52 52.29 -25.81
C ASP W 193 -35.55 50.83 -26.09
N ILE W 194 -34.70 50.05 -25.38
CA ILE W 194 -34.49 48.63 -25.54
C ILE W 194 -33.94 48.32 -26.93
N PRO W 195 -32.71 48.72 -27.28
CA PRO W 195 -32.08 48.40 -28.56
C PRO W 195 -31.80 46.93 -28.70
N SER W 196 -31.47 46.50 -29.95
CA SER W 196 -31.11 45.13 -30.25
C SER W 196 -29.93 45.16 -31.18
N PHE W 197 -29.27 43.99 -31.33
CA PHE W 197 -28.09 43.83 -32.15
C PHE W 197 -28.04 42.36 -32.48
N GLN W 198 -27.06 41.94 -33.30
CA GLN W 198 -26.92 40.60 -33.83
C GLN W 198 -26.75 39.53 -32.77
N ASN W 199 -25.95 39.81 -31.70
CA ASN W 199 -25.85 39.02 -30.49
C ASN W 199 -25.00 37.77 -30.68
N PRO W 200 -23.71 37.77 -30.30
CA PRO W 200 -22.88 36.58 -30.31
C PRO W 200 -22.90 35.95 -28.92
N ASN W 201 -23.75 36.47 -28.01
CA ASN W 201 -23.91 35.98 -26.65
C ASN W 201 -24.91 34.86 -26.71
N ASP W 202 -25.24 34.25 -25.54
CA ASP W 202 -26.08 33.07 -25.40
C ASP W 202 -27.43 33.24 -26.06
N TRP W 203 -27.92 32.12 -26.63
CA TRP W 203 -29.25 32.04 -27.20
C TRP W 203 -30.04 31.00 -26.46
N VAL W 204 -29.39 30.26 -25.53
CA VAL W 204 -30.01 29.21 -24.75
C VAL W 204 -30.04 29.62 -23.30
N PHE W 205 -29.47 30.81 -22.98
CA PHE W 205 -29.43 31.51 -21.71
C PHE W 205 -29.47 30.66 -20.44
N PRO W 206 -28.36 30.07 -19.99
CA PRO W 206 -28.24 29.49 -18.66
C PRO W 206 -28.34 30.56 -17.59
N TRP W 207 -27.99 31.82 -17.95
CA TRP W 207 -28.05 32.93 -17.05
C TRP W 207 -28.52 34.07 -17.90
N LEU W 208 -29.33 34.96 -17.30
CA LEU W 208 -29.99 36.03 -17.98
C LEU W 208 -29.93 37.19 -17.03
N THR W 209 -29.53 38.37 -17.54
CA THR W 209 -29.31 39.58 -16.78
C THR W 209 -30.56 40.09 -16.09
N GLN W 210 -31.68 40.12 -16.85
CA GLN W 210 -33.02 40.31 -16.38
C GLN W 210 -33.81 40.13 -17.64
N ASP W 211 -33.39 40.90 -18.66
CA ASP W 211 -33.71 40.71 -20.05
C ASP W 211 -32.49 41.28 -20.68
N THR W 212 -31.94 40.61 -21.72
CA THR W 212 -30.72 41.03 -22.36
C THR W 212 -31.08 42.08 -23.39
N ILE W 213 -30.37 43.22 -23.31
CA ILE W 213 -30.59 44.38 -24.13
C ILE W 213 -29.26 44.62 -24.76
N GLN W 214 -29.21 44.48 -26.10
CA GLN W 214 -27.97 44.51 -26.83
C GLN W 214 -27.76 45.90 -27.35
N ILE W 215 -26.51 46.39 -27.23
CA ILE W 215 -26.11 47.67 -27.76
C ILE W 215 -24.66 47.48 -28.13
N ALA W 216 -24.23 48.09 -29.26
CA ALA W 216 -22.91 47.91 -29.81
C ALA W 216 -22.15 49.20 -29.74
N GLU W 217 -20.91 49.15 -29.22
CA GLU W 217 -19.99 50.25 -29.26
C GLU W 217 -19.00 49.94 -30.35
N PHE W 218 -19.03 50.74 -31.44
CA PHE W 218 -18.21 50.55 -32.61
C PHE W 218 -17.00 51.40 -32.35
N TYR W 219 -15.81 50.94 -32.80
CA TYR W 219 -14.56 51.64 -32.62
C TYR W 219 -13.91 51.66 -33.96
N GLU W 220 -13.58 52.90 -34.42
CA GLU W 220 -12.95 53.14 -35.69
C GLU W 220 -11.82 54.08 -35.41
N VAL W 221 -10.95 54.26 -36.43
CA VAL W 221 -9.76 55.06 -36.32
C VAL W 221 -9.90 56.06 -37.45
N VAL W 222 -9.99 57.36 -37.09
CA VAL W 222 -10.02 58.45 -38.06
C VAL W 222 -8.98 59.37 -37.50
N GLU W 223 -8.03 59.83 -38.35
CA GLU W 223 -6.82 60.49 -37.94
C GLU W 223 -7.03 61.78 -37.18
N LYS W 224 -7.92 62.69 -37.69
CA LYS W 224 -8.35 63.94 -37.10
C LYS W 224 -7.32 65.03 -37.27
N LYS W 225 -6.06 64.79 -36.80
CA LYS W 225 -4.94 65.69 -36.85
C LYS W 225 -5.22 66.95 -36.05
N GLU W 226 -4.47 68.04 -36.32
CA GLU W 226 -4.62 69.31 -35.69
C GLU W 226 -3.49 70.16 -36.19
N THR W 227 -3.62 71.50 -36.05
CA THR W 227 -2.64 72.44 -36.54
C THR W 227 -2.86 73.73 -35.79
N ALA W 228 -1.82 74.60 -35.76
CA ALA W 228 -1.87 75.96 -35.24
C ALA W 228 -2.23 76.02 -33.78
N PHE W 229 -2.82 77.16 -33.33
CA PHE W 229 -3.22 77.43 -31.96
C PHE W 229 -2.06 77.37 -31.00
N ILE W 230 -1.08 78.28 -31.21
CA ILE W 230 0.11 78.35 -30.40
C ILE W 230 -0.12 79.59 -29.57
N TYR W 231 0.23 79.53 -28.27
CA TYR W 231 -0.02 80.63 -27.35
C TYR W 231 1.12 80.63 -26.36
N GLN W 232 1.12 81.62 -25.45
CA GLN W 232 2.11 81.76 -24.41
C GLN W 232 1.33 81.86 -23.14
N ASP W 233 1.77 81.13 -22.09
CA ASP W 233 1.12 81.14 -20.81
C ASP W 233 2.19 81.59 -19.85
N PRO W 234 2.15 82.81 -19.31
CA PRO W 234 3.02 83.21 -18.22
C PRO W 234 2.39 82.76 -16.92
N VAL W 235 1.12 82.30 -16.97
CA VAL W 235 0.36 81.84 -15.84
C VAL W 235 0.69 80.38 -15.72
N THR W 236 1.20 79.97 -14.53
CA THR W 236 1.62 78.63 -14.19
C THR W 236 2.58 78.02 -15.19
N GLY W 237 3.67 78.77 -15.50
CA GLY W 237 4.79 78.32 -16.29
C GLY W 237 4.46 77.96 -17.72
N GLU W 238 5.49 77.42 -18.41
CA GLU W 238 5.48 76.98 -19.79
C GLU W 238 5.00 78.01 -20.81
N PRO W 239 5.60 79.19 -20.99
CA PRO W 239 5.31 80.05 -22.12
C PRO W 239 5.89 79.47 -23.40
N VAL W 240 5.30 79.81 -24.56
CA VAL W 240 5.68 79.35 -25.88
C VAL W 240 5.48 77.85 -25.96
N SER W 241 4.20 77.43 -25.94
CA SER W 241 3.84 76.04 -25.92
C SER W 241 2.67 75.86 -26.84
N TYR W 242 2.75 74.78 -27.66
CA TYR W 242 1.86 74.48 -28.75
C TYR W 242 0.71 73.69 -28.21
N PHE W 243 -0.54 74.12 -28.54
CA PHE W 243 -1.73 73.58 -27.92
C PHE W 243 -2.64 73.11 -29.01
N LYS W 244 -3.53 72.18 -28.61
CA LYS W 244 -4.46 71.40 -29.40
C LYS W 244 -5.43 72.23 -30.23
N ARG W 245 -6.28 71.53 -31.00
CA ARG W 245 -7.30 72.13 -31.84
C ARG W 245 -8.61 71.47 -31.47
N ASP W 246 -8.55 70.35 -30.71
CA ASP W 246 -9.62 69.39 -30.55
C ASP W 246 -10.85 69.98 -29.91
N ILE W 247 -10.66 70.80 -28.85
CA ILE W 247 -11.74 71.42 -28.11
C ILE W 247 -11.31 72.83 -27.81
N LYS W 248 -10.28 73.33 -28.56
CA LYS W 248 -9.74 74.66 -28.42
C LYS W 248 -10.38 75.54 -29.47
N ASP W 249 -11.41 75.02 -30.18
CA ASP W 249 -12.19 75.80 -31.12
C ASP W 249 -13.12 76.75 -30.40
N VAL W 250 -13.40 76.48 -29.11
CA VAL W 250 -14.13 77.35 -28.24
C VAL W 250 -13.17 78.27 -27.52
N ILE W 251 -12.14 77.69 -26.85
CA ILE W 251 -11.19 78.34 -25.97
C ILE W 251 -10.40 79.44 -26.63
N ASP W 252 -10.19 79.34 -27.97
CA ASP W 252 -9.30 80.17 -28.76
C ASP W 252 -9.55 81.66 -28.70
N ASP W 253 -10.80 82.12 -28.43
CA ASP W 253 -11.15 83.53 -28.42
C ASP W 253 -10.59 84.25 -27.21
N LEU W 254 -10.63 83.59 -26.03
CA LEU W 254 -10.10 84.14 -24.80
C LEU W 254 -8.61 83.98 -24.78
N ALA W 255 -8.08 82.98 -25.55
CA ALA W 255 -6.67 82.73 -25.65
C ALA W 255 -5.97 83.77 -26.50
N ASP W 256 -6.71 84.46 -27.41
CA ASP W 256 -6.14 85.49 -28.24
C ASP W 256 -5.91 86.76 -27.46
N SER W 257 -6.63 86.96 -26.33
CA SER W 257 -6.55 88.18 -25.57
C SER W 257 -5.51 88.04 -24.49
N GLY W 258 -4.55 88.99 -24.48
CA GLY W 258 -3.52 89.14 -23.48
C GLY W 258 -2.25 88.43 -23.87
N PHE W 259 -2.30 87.53 -24.88
CA PHE W 259 -1.13 86.84 -25.36
C PHE W 259 -1.51 86.23 -26.69
N ILE W 260 -0.49 85.97 -27.54
CA ILE W 260 -0.66 85.25 -28.77
C ILE W 260 0.71 84.79 -29.16
N LYS W 261 0.82 83.75 -30.01
CA LYS W 261 2.08 83.29 -30.53
C LYS W 261 1.80 82.69 -31.87
N ILE W 262 2.79 82.80 -32.79
CA ILE W 262 2.77 82.17 -34.07
C ILE W 262 4.02 81.34 -34.05
N ALA W 263 3.85 80.00 -34.20
CA ALA W 263 4.94 79.09 -34.43
C ALA W 263 4.35 77.92 -35.17
N GLU W 264 3.24 78.16 -35.90
CA GLU W 264 2.24 77.19 -36.30
C GLU W 264 2.82 76.08 -37.13
N ARG W 265 2.33 74.84 -36.91
CA ARG W 265 2.89 73.68 -37.52
C ARG W 265 1.81 72.65 -37.63
N GLN W 266 1.96 71.74 -38.61
CA GLN W 266 1.04 70.65 -38.86
C GLN W 266 1.52 69.48 -38.06
N ILE W 267 0.60 68.91 -37.25
CA ILE W 267 0.86 67.78 -36.40
C ILE W 267 -0.09 66.72 -36.89
N LYS W 268 0.40 65.47 -36.99
CA LYS W 268 -0.34 64.35 -37.51
C LYS W 268 -0.41 63.39 -36.37
N ARG W 269 -1.66 63.03 -35.99
CA ARG W 269 -1.91 62.12 -34.90
C ARG W 269 -2.96 61.19 -35.38
N ARG W 270 -3.12 60.09 -34.62
CA ARG W 270 -4.05 59.03 -34.87
C ARG W 270 -4.98 59.11 -33.69
N ARG W 271 -6.31 59.25 -33.96
CA ARG W 271 -7.31 59.36 -32.94
C ARG W 271 -8.33 58.32 -33.24
N VAL W 272 -9.11 57.92 -32.21
CA VAL W 272 -10.11 56.89 -32.36
C VAL W 272 -11.43 57.53 -32.01
N TYR W 273 -12.52 56.98 -32.59
CA TYR W 273 -13.85 57.51 -32.45
C TYR W 273 -14.74 56.36 -32.12
N LYS W 274 -15.47 56.50 -30.99
CA LYS W 274 -16.43 55.54 -30.51
C LYS W 274 -17.78 55.98 -31.01
N SER W 275 -18.53 55.06 -31.65
CA SER W 275 -19.85 55.34 -32.17
C SER W 275 -20.77 54.34 -31.52
N ILE W 276 -21.97 54.79 -31.11
CA ILE W 276 -23.00 53.95 -30.55
C ILE W 276 -23.93 53.67 -31.70
N ILE W 277 -24.20 52.36 -31.96
CA ILE W 277 -24.90 51.96 -33.15
C ILE W 277 -25.75 50.75 -32.82
N THR W 278 -26.86 50.62 -33.58
CA THR W 278 -27.76 49.50 -33.59
C THR W 278 -27.87 49.12 -35.05
N CYS W 279 -28.48 47.95 -35.35
CA CYS W 279 -28.61 47.43 -36.69
C CYS W 279 -29.44 48.35 -37.57
N THR W 280 -30.51 48.95 -37.00
CA THR W 280 -31.41 49.84 -37.71
C THR W 280 -30.74 51.14 -38.13
N ALA W 281 -29.98 51.80 -37.22
CA ALA W 281 -29.35 53.06 -37.54
C ALA W 281 -28.30 53.34 -36.51
N VAL W 282 -27.40 54.32 -36.82
CA VAL W 282 -26.39 54.79 -35.91
C VAL W 282 -27.04 55.80 -34.97
N LEU W 283 -26.98 55.52 -33.66
CA LEU W 283 -27.62 56.34 -32.64
C LEU W 283 -26.78 57.55 -32.34
N LYS W 284 -25.45 57.35 -32.20
CA LYS W 284 -24.51 58.40 -31.91
C LYS W 284 -23.37 58.15 -32.85
N ASP W 285 -23.00 59.16 -33.68
CA ASP W 285 -22.01 58.98 -34.72
C ASP W 285 -20.85 59.87 -34.37
N LYS W 286 -19.65 59.25 -34.25
CA LYS W 286 -18.37 59.89 -34.04
C LYS W 286 -18.34 60.72 -32.79
N GLN W 287 -18.69 60.12 -31.64
CA GLN W 287 -18.56 60.73 -30.34
C GLN W 287 -17.11 60.70 -29.98
N LEU W 288 -16.53 61.90 -29.69
CA LEU W 288 -15.13 62.07 -29.44
C LEU W 288 -14.75 61.41 -28.14
N ILE W 289 -13.75 60.52 -28.21
CA ILE W 289 -13.20 59.83 -27.08
C ILE W 289 -11.77 60.25 -27.10
N ALA W 290 -11.25 60.62 -25.90
CA ALA W 290 -10.01 61.33 -25.70
C ALA W 290 -8.79 60.55 -26.15
N GLY W 291 -8.77 59.21 -25.94
CA GLY W 291 -7.68 58.33 -26.31
C GLY W 291 -7.28 58.44 -27.75
N GLU W 292 -5.98 58.15 -28.03
CA GLU W 292 -5.43 58.18 -29.38
C GLU W 292 -5.23 56.79 -29.90
N HIS W 293 -5.58 55.76 -29.10
CA HIS W 293 -5.63 54.39 -29.54
C HIS W 293 -6.87 53.86 -28.89
N ILE W 294 -7.36 52.69 -29.38
CA ILE W 294 -8.57 52.05 -28.88
C ILE W 294 -8.32 51.61 -27.45
N PRO W 295 -9.18 51.88 -26.47
CA PRO W 295 -8.88 51.59 -25.08
C PRO W 295 -9.67 50.36 -24.71
N ILE W 296 -9.62 49.34 -25.58
CA ILE W 296 -10.10 48.01 -25.31
C ILE W 296 -8.99 47.20 -25.87
N VAL W 297 -8.31 46.44 -24.98
CA VAL W 297 -7.20 45.60 -25.34
C VAL W 297 -7.60 44.19 -25.01
N PRO W 298 -7.85 43.29 -25.97
CA PRO W 298 -8.09 41.89 -25.67
C PRO W 298 -6.77 41.24 -25.30
N VAL W 299 -6.78 40.41 -24.23
CA VAL W 299 -5.66 39.59 -23.83
C VAL W 299 -6.02 38.22 -24.28
N PHE W 300 -5.02 37.47 -24.79
CA PHE W 300 -5.26 36.22 -25.47
C PHE W 300 -4.48 35.16 -24.77
N GLY W 301 -5.02 33.92 -24.83
CA GLY W 301 -4.30 32.71 -24.51
C GLY W 301 -3.66 32.27 -25.78
N GLU W 302 -4.00 31.05 -26.26
CA GLU W 302 -3.65 30.60 -27.58
C GLU W 302 -4.48 31.36 -28.58
N TRP W 303 -3.84 31.84 -29.67
CA TRP W 303 -4.50 32.71 -30.62
C TRP W 303 -3.77 32.53 -31.91
N GLY W 304 -4.49 32.80 -33.02
CA GLY W 304 -3.97 32.71 -34.36
C GLY W 304 -5.16 32.54 -35.23
N PHE W 305 -4.93 32.58 -36.56
CA PHE W 305 -5.98 32.36 -37.53
C PHE W 305 -5.68 31.05 -38.19
N VAL W 306 -6.76 30.34 -38.61
CA VAL W 306 -6.66 29.03 -39.20
C VAL W 306 -6.88 29.11 -40.69
N GLU W 307 -7.28 30.29 -41.22
CA GLU W 307 -7.45 30.50 -42.64
C GLU W 307 -7.61 31.97 -42.91
N ASP W 308 -7.50 32.80 -41.82
CA ASP W 308 -8.00 34.16 -41.69
C ASP W 308 -9.40 34.09 -41.13
N LYS W 309 -9.60 33.15 -40.18
CA LYS W 309 -10.74 33.10 -39.29
C LYS W 309 -10.16 33.17 -37.91
N GLU W 310 -10.73 34.05 -37.03
CA GLU W 310 -10.27 34.21 -35.67
C GLU W 310 -10.59 32.97 -34.87
N VAL W 311 -9.55 32.34 -34.27
CA VAL W 311 -9.71 31.14 -33.48
C VAL W 311 -8.85 31.32 -32.27
N TYR W 312 -9.48 31.17 -31.07
CA TYR W 312 -8.78 31.26 -29.82
C TYR W 312 -9.47 30.36 -28.85
N GLU W 313 -8.71 29.83 -27.87
CA GLU W 313 -9.26 29.05 -26.80
C GLU W 313 -8.25 29.10 -25.69
N GLY W 314 -8.70 28.74 -24.47
CA GLY W 314 -7.85 28.61 -23.32
C GLY W 314 -7.41 27.18 -23.20
N VAL W 315 -7.21 26.72 -21.94
CA VAL W 315 -6.86 25.37 -21.59
C VAL W 315 -8.11 24.51 -21.52
N VAL W 316 -9.30 25.15 -21.52
CA VAL W 316 -10.58 24.52 -21.28
C VAL W 316 -11.01 23.62 -22.40
N ARG W 317 -10.91 24.04 -23.70
CA ARG W 317 -11.34 23.24 -24.85
C ARG W 317 -10.66 21.89 -24.90
N LEU W 318 -9.39 21.84 -24.45
CA LEU W 318 -8.55 20.68 -24.36
C LEU W 318 -9.10 19.67 -23.37
N THR W 319 -9.39 20.17 -22.14
CA THR W 319 -9.70 19.35 -20.99
C THR W 319 -11.14 18.87 -21.00
N LYS W 320 -12.10 19.74 -21.43
CA LYS W 320 -13.53 19.48 -21.34
C LYS W 320 -13.97 18.33 -22.21
N ASP W 321 -13.22 18.06 -23.30
CA ASP W 321 -13.50 17.02 -24.26
C ASP W 321 -13.43 15.66 -23.63
N GLY W 322 -12.40 15.42 -22.79
CA GLY W 322 -12.26 14.18 -22.05
C GLY W 322 -13.05 14.17 -20.78
N GLN W 323 -13.26 15.34 -20.11
CA GLN W 323 -13.98 15.42 -18.85
C GLN W 323 -15.43 15.03 -18.97
N ARG W 324 -16.14 15.57 -19.98
CA ARG W 324 -17.51 15.24 -20.29
C ARG W 324 -17.66 13.81 -20.75
N LEU W 325 -16.58 13.22 -21.31
CA LEU W 325 -16.55 11.86 -21.78
C LEU W 325 -16.42 10.91 -20.62
N ARG W 326 -15.59 11.26 -19.60
CA ARG W 326 -15.45 10.50 -18.37
C ARG W 326 -16.75 10.39 -17.61
N ASN W 327 -17.60 11.44 -17.68
CA ASN W 327 -18.85 11.52 -16.97
C ASN W 327 -19.91 10.64 -17.59
N MET W 328 -19.76 10.28 -18.88
CA MET W 328 -20.69 9.41 -19.59
C MET W 328 -20.58 8.00 -19.08
N ILE W 329 -19.32 7.55 -18.86
CA ILE W 329 -18.93 6.25 -18.34
C ILE W 329 -19.39 6.10 -16.92
N MET W 330 -19.26 7.20 -16.13
CA MET W 330 -19.63 7.29 -14.74
C MET W 330 -21.11 7.07 -14.54
N SER W 331 -21.94 7.57 -15.50
CA SER W 331 -23.38 7.45 -15.45
C SER W 331 -23.83 6.06 -15.87
N PHE W 332 -23.11 5.41 -16.81
CA PHE W 332 -23.34 4.04 -17.22
C PHE W 332 -23.06 3.07 -16.09
N ASN W 333 -21.94 3.26 -15.35
CA ASN W 333 -21.52 2.38 -14.29
C ASN W 333 -22.36 2.58 -13.05
N ALA W 334 -23.13 3.69 -12.97
CA ALA W 334 -24.07 3.94 -11.89
C ALA W 334 -25.29 3.09 -11.99
N ASP W 335 -25.60 2.57 -13.22
CA ASP W 335 -26.69 1.64 -13.45
C ASP W 335 -26.43 0.33 -12.76
N ILE W 336 -25.13 -0.08 -12.70
CA ILE W 336 -24.74 -1.40 -12.29
C ILE W 336 -24.83 -1.55 -10.79
N VAL W 337 -24.57 -0.44 -10.06
CA VAL W 337 -24.59 -0.41 -8.61
C VAL W 337 -26.01 -0.44 -8.10
N ALA W 338 -26.95 0.20 -8.83
CA ALA W 338 -28.26 0.49 -8.32
C ALA W 338 -29.32 -0.35 -8.97
N ARG W 339 -29.61 -0.08 -10.26
CA ARG W 339 -30.77 -0.61 -10.95
C ARG W 339 -30.48 -1.85 -11.75
N THR W 340 -29.36 -2.55 -11.45
CA THR W 340 -29.04 -3.85 -11.99
C THR W 340 -28.97 -4.72 -10.77
N PRO W 341 -29.65 -5.87 -10.68
CA PRO W 341 -29.65 -6.72 -9.50
C PRO W 341 -28.32 -7.43 -9.38
N LYS W 342 -28.06 -8.07 -8.22
CA LYS W 342 -26.77 -8.61 -7.88
C LYS W 342 -26.88 -10.10 -7.80
N LYS W 343 -25.76 -10.78 -7.44
CA LYS W 343 -25.59 -12.21 -7.44
C LYS W 343 -26.55 -12.85 -6.48
N LYS W 344 -27.26 -13.92 -6.92
CA LYS W 344 -28.19 -14.65 -6.10
C LYS W 344 -28.28 -16.04 -6.69
N PRO W 345 -28.60 -17.09 -5.93
CA PRO W 345 -28.84 -18.42 -6.48
C PRO W 345 -30.10 -18.52 -7.32
N PHE W 346 -30.32 -19.70 -7.94
CA PHE W 346 -31.49 -20.05 -8.70
C PHE W 346 -32.12 -21.21 -8.01
N PHE W 347 -33.46 -21.32 -8.06
CA PHE W 347 -34.19 -22.43 -7.48
C PHE W 347 -35.42 -22.57 -8.32
N TRP W 348 -36.18 -23.66 -8.05
CA TRP W 348 -37.45 -23.93 -8.69
C TRP W 348 -38.41 -24.05 -7.53
N PRO W 349 -39.69 -23.70 -7.65
CA PRO W 349 -40.60 -23.62 -6.51
C PRO W 349 -41.06 -24.98 -6.02
N GLU W 350 -40.74 -26.08 -6.75
CA GLU W 350 -41.19 -27.41 -6.40
C GLU W 350 -40.09 -28.18 -5.72
N GLN W 351 -38.89 -27.58 -5.52
CA GLN W 351 -37.80 -28.20 -4.80
C GLN W 351 -37.48 -27.34 -3.60
N ILE W 352 -38.39 -26.43 -3.21
CA ILE W 352 -38.13 -25.52 -2.11
C ILE W 352 -39.46 -25.19 -1.47
N ALA W 353 -40.50 -26.01 -1.74
CA ALA W 353 -41.87 -25.75 -1.34
C ALA W 353 -42.04 -25.87 0.15
N GLY W 354 -42.47 -24.76 0.79
CA GLY W 354 -42.65 -24.65 2.22
C GLY W 354 -41.36 -24.42 2.96
N PHE W 355 -40.24 -24.25 2.23
CA PHE W 355 -38.93 -24.00 2.78
C PHE W 355 -38.39 -22.74 2.17
N GLU W 356 -39.23 -21.91 1.49
CA GLU W 356 -38.73 -20.70 0.87
C GLU W 356 -38.93 -19.49 1.75
N HIS W 357 -39.62 -19.64 2.91
CA HIS W 357 -39.73 -18.59 3.89
C HIS W 357 -38.75 -18.85 5.01
N MET W 358 -38.13 -20.06 5.01
CA MET W 358 -37.12 -20.48 5.93
C MET W 358 -35.85 -19.71 5.67
N TYR W 359 -35.50 -19.51 4.36
CA TYR W 359 -34.41 -18.65 3.94
C TYR W 359 -34.81 -17.22 4.19
N ASP W 360 -33.98 -16.45 4.93
CA ASP W 360 -34.03 -15.01 4.87
C ASP W 360 -32.79 -14.41 5.50
N GLY W 361 -31.88 -15.24 6.06
CA GLY W 361 -30.77 -14.76 6.85
C GLY W 361 -30.82 -15.19 8.27
N ASN W 362 -31.61 -16.25 8.61
CA ASN W 362 -31.62 -16.83 9.93
C ASN W 362 -30.30 -17.48 10.24
N ASP W 363 -29.86 -17.38 11.51
CA ASP W 363 -28.66 -17.99 12.03
C ASP W 363 -29.11 -18.97 13.10
N ASP W 364 -30.41 -19.33 13.09
CA ASP W 364 -31.05 -20.09 14.13
C ASP W 364 -31.27 -21.49 13.62
N TYR W 365 -30.72 -21.83 12.44
CA TYR W 365 -30.86 -23.14 11.84
C TYR W 365 -29.44 -23.58 11.51
N PRO W 366 -28.96 -24.77 11.85
CA PRO W 366 -27.62 -25.22 11.45
C PRO W 366 -27.62 -25.67 10.03
N TYR W 367 -28.82 -25.85 9.41
CA TYR W 367 -28.94 -26.40 8.09
C TYR W 367 -30.17 -25.81 7.45
N TYR W 368 -30.14 -25.72 6.10
CA TYR W 368 -31.25 -25.35 5.28
C TYR W 368 -31.73 -26.61 4.61
N LEU W 369 -32.93 -26.55 4.00
CA LEU W 369 -33.66 -27.69 3.51
C LEU W 369 -34.20 -27.37 2.15
N LEU W 370 -34.54 -28.45 1.41
CA LEU W 370 -35.10 -28.44 0.08
C LEU W 370 -36.02 -29.64 0.06
N ASN W 371 -36.86 -29.77 -0.99
CA ASN W 371 -37.66 -30.95 -1.22
C ASN W 371 -36.94 -31.79 -2.24
N ARG W 372 -37.24 -33.10 -2.26
CA ARG W 372 -36.64 -34.08 -3.12
C ARG W 372 -37.71 -34.58 -4.03
N THR W 373 -38.53 -35.54 -3.54
CA THR W 373 -39.55 -36.21 -4.30
C THR W 373 -40.80 -35.38 -4.40
N ASP W 374 -41.65 -35.74 -5.38
CA ASP W 374 -42.89 -35.09 -5.66
C ASP W 374 -43.83 -36.20 -6.00
N GLU W 375 -45.16 -35.91 -6.00
CA GLU W 375 -46.18 -36.82 -6.46
C GLU W 375 -46.16 -36.86 -7.97
N ASN W 376 -46.77 -37.94 -8.53
CA ASN W 376 -46.98 -38.22 -9.95
C ASN W 376 -45.83 -39.04 -10.48
N SER W 377 -44.64 -38.88 -9.85
CA SER W 377 -43.42 -39.60 -10.13
C SER W 377 -42.43 -38.82 -9.30
N GLY W 378 -41.55 -39.55 -8.57
CA GLY W 378 -40.50 -38.98 -7.75
C GLY W 378 -39.50 -38.18 -8.55
N ASP W 379 -38.71 -37.35 -7.84
CA ASP W 379 -37.68 -36.53 -8.43
C ASP W 379 -36.56 -36.52 -7.43
N LEU W 380 -35.35 -36.12 -7.88
CA LEU W 380 -34.23 -35.90 -7.00
C LEU W 380 -33.51 -34.74 -7.62
N PRO W 381 -33.19 -33.64 -6.91
CA PRO W 381 -32.58 -32.45 -7.48
C PRO W 381 -31.28 -32.69 -8.20
N THR W 382 -31.21 -32.27 -9.47
CA THR W 382 -30.02 -32.27 -10.27
C THR W 382 -29.95 -30.84 -10.69
N GLN W 383 -28.82 -30.17 -10.38
CA GLN W 383 -28.66 -28.73 -10.44
C GLN W 383 -29.59 -28.05 -9.46
N PRO W 384 -29.43 -28.16 -8.14
CA PRO W 384 -30.34 -27.60 -7.15
C PRO W 384 -30.20 -26.10 -7.10
N LEU W 385 -29.13 -25.54 -7.71
CA LEU W 385 -28.98 -24.13 -7.86
C LEU W 385 -28.00 -23.87 -8.96
N ALA W 386 -27.98 -22.60 -9.40
CA ALA W 386 -26.97 -22.06 -10.28
C ALA W 386 -26.72 -20.71 -9.68
N TYR W 387 -25.85 -19.89 -10.32
CA TYR W 387 -25.47 -18.61 -9.77
C TYR W 387 -25.69 -17.57 -10.84
N TYR W 388 -26.03 -16.35 -10.38
CA TYR W 388 -26.37 -15.24 -11.23
C TYR W 388 -25.10 -14.51 -11.57
N GLU W 389 -24.86 -14.33 -12.88
CA GLU W 389 -23.72 -13.62 -13.41
C GLU W 389 -24.14 -12.19 -13.58
N ASN W 390 -23.19 -11.25 -13.40
CA ASN W 390 -23.46 -9.84 -13.39
C ASN W 390 -22.44 -9.19 -14.28
N PRO W 391 -22.66 -7.98 -14.78
CA PRO W 391 -21.63 -7.17 -15.39
C PRO W 391 -20.74 -6.65 -14.29
N GLU W 392 -19.41 -6.59 -14.56
CA GLU W 392 -18.40 -6.28 -13.59
C GLU W 392 -17.80 -4.94 -13.95
N VAL W 393 -18.52 -4.19 -14.84
CA VAL W 393 -18.07 -3.06 -15.61
C VAL W 393 -17.28 -3.66 -16.75
N PRO W 394 -17.81 -3.82 -17.97
CA PRO W 394 -17.14 -4.54 -19.05
C PRO W 394 -15.83 -3.91 -19.45
N GLN W 395 -14.95 -4.69 -20.13
CA GLN W 395 -13.64 -4.24 -20.60
C GLN W 395 -13.74 -3.04 -21.49
N ALA W 396 -14.86 -2.90 -22.25
CA ALA W 396 -15.16 -1.76 -23.09
C ALA W 396 -15.25 -0.46 -22.34
N ASN W 397 -15.88 -0.48 -21.14
CA ASN W 397 -16.07 0.67 -20.28
C ASN W 397 -14.79 0.99 -19.57
N ALA W 398 -14.04 -0.05 -19.13
CA ALA W 398 -12.84 0.11 -18.36
C ALA W 398 -11.71 0.68 -19.19
N TYR W 399 -11.54 0.20 -20.44
CA TYR W 399 -10.56 0.65 -21.40
C TYR W 399 -10.89 2.04 -21.91
N MET W 400 -12.18 2.41 -21.89
CA MET W 400 -12.68 3.68 -22.36
C MET W 400 -12.39 4.77 -21.36
N LEU W 401 -12.38 4.42 -20.05
CA LEU W 401 -12.05 5.32 -18.96
C LEU W 401 -10.58 5.64 -18.97
N GLU W 402 -9.73 4.65 -19.31
CA GLU W 402 -8.29 4.79 -19.39
C GLU W 402 -7.88 5.77 -20.47
N ALA W 403 -8.55 5.75 -21.64
CA ALA W 403 -8.28 6.66 -22.73
C ALA W 403 -8.81 8.05 -22.45
N ALA W 404 -9.87 8.15 -21.63
CA ALA W 404 -10.49 9.40 -21.26
C ALA W 404 -9.65 10.16 -20.25
N THR W 405 -9.07 9.44 -19.26
CA THR W 405 -8.19 10.01 -18.25
C THR W 405 -6.84 10.36 -18.82
N SER W 406 -6.39 9.64 -19.88
CA SER W 406 -5.14 9.90 -20.57
C SER W 406 -5.17 11.23 -21.27
N ALA W 407 -6.34 11.62 -21.83
CA ALA W 407 -6.52 12.89 -22.48
C ALA W 407 -6.49 14.05 -21.51
N VAL W 408 -6.84 13.81 -20.23
CA VAL W 408 -6.89 14.81 -19.18
C VAL W 408 -5.50 15.12 -18.66
N LYS W 409 -4.67 14.08 -18.37
CA LYS W 409 -3.40 14.29 -17.71
C LYS W 409 -2.35 14.99 -18.55
N GLU W 410 -2.45 14.91 -19.90
CA GLU W 410 -1.54 15.59 -20.80
C GLU W 410 -1.76 17.08 -20.82
N VAL W 411 -3.04 17.51 -20.74
CA VAL W 411 -3.43 18.89 -20.92
C VAL W 411 -3.55 19.60 -19.61
N ALA W 412 -3.29 18.88 -18.49
CA ALA W 412 -3.24 19.43 -17.16
C ALA W 412 -2.07 20.38 -17.04
N THR W 413 -0.93 19.99 -17.65
CA THR W 413 0.27 20.79 -17.74
C THR W 413 0.24 21.52 -19.06
N LEU W 414 1.08 22.58 -19.17
CA LEU W 414 1.17 23.41 -20.34
C LEU W 414 2.51 23.15 -21.00
N GLY W 415 3.23 22.07 -20.55
CA GLY W 415 4.60 21.84 -20.93
C GLY W 415 5.49 22.77 -20.17
N VAL W 416 5.33 22.80 -18.83
CA VAL W 416 5.92 23.79 -17.96
C VAL W 416 7.43 23.81 -18.03
N ASP W 417 7.99 25.04 -17.96
CA ASP W 417 9.41 25.28 -17.97
C ASP W 417 9.86 25.73 -16.60
N THR W 418 8.90 25.97 -15.67
CA THR W 418 9.22 26.43 -14.34
C THR W 418 8.20 25.78 -13.45
N GLU W 419 8.64 25.27 -12.28
CA GLU W 419 7.79 24.67 -11.28
C GLU W 419 7.16 25.77 -10.47
N ALA W 420 5.95 25.51 -9.90
CA ALA W 420 5.18 26.48 -9.15
C ALA W 420 4.77 27.60 -10.07
N VAL W 421 5.06 28.88 -9.69
CA VAL W 421 4.74 30.05 -10.47
C VAL W 421 5.51 30.05 -11.76
N ASN W 422 4.89 30.58 -12.85
CA ASN W 422 5.34 30.50 -14.22
C ASN W 422 5.34 29.08 -14.73
N GLY W 423 5.69 28.88 -16.03
CA GLY W 423 5.61 27.56 -16.61
C GLY W 423 5.61 27.71 -18.10
N GLY W 424 4.62 27.03 -18.74
CA GLY W 424 4.26 27.25 -20.12
C GLY W 424 3.31 28.41 -20.23
N GLN W 425 2.91 28.99 -19.06
CA GLN W 425 2.06 30.14 -18.98
C GLN W 425 2.89 31.40 -19.07
N VAL W 426 4.23 31.30 -19.26
CA VAL W 426 5.11 32.41 -19.59
C VAL W 426 4.65 33.08 -20.88
N ALA W 427 4.16 32.26 -21.84
CA ALA W 427 3.53 32.71 -23.07
C ALA W 427 2.27 33.51 -22.83
N PHE W 428 1.46 33.12 -21.81
CA PHE W 428 0.24 33.81 -21.45
C PHE W 428 0.53 35.08 -20.67
N ASP W 429 1.63 35.11 -19.88
CA ASP W 429 1.97 36.21 -19.00
C ASP W 429 2.55 37.36 -19.77
N THR W 430 3.36 37.06 -20.84
CA THR W 430 4.05 38.06 -21.61
C THR W 430 3.10 38.81 -22.52
N VAL W 431 2.01 38.15 -22.99
CA VAL W 431 1.00 38.78 -23.81
C VAL W 431 0.01 39.52 -22.97
N ASN W 432 -0.11 39.20 -21.66
CA ASN W 432 -1.03 39.88 -20.76
C ASN W 432 -0.47 41.22 -20.38
N GLN W 433 0.86 41.26 -20.08
CA GLN W 433 1.55 42.47 -19.71
C GLN W 433 1.84 43.37 -20.90
N LEU W 434 1.83 42.81 -22.13
CA LEU W 434 1.99 43.56 -23.35
C LEU W 434 0.79 44.45 -23.60
N ASN W 435 -0.43 43.92 -23.34
CA ASN W 435 -1.66 44.66 -23.43
C ASN W 435 -1.83 45.64 -22.29
N MET W 436 -1.18 45.40 -21.12
CA MET W 436 -1.07 46.37 -20.05
C MET W 436 -0.34 47.60 -20.50
N ARG W 437 0.81 47.43 -21.20
CA ARG W 437 1.58 48.52 -21.77
C ARG W 437 0.84 49.23 -22.88
N ALA W 438 0.04 48.49 -23.67
CA ALA W 438 -0.78 49.02 -24.73
C ALA W 438 -1.87 49.94 -24.26
N ASP W 439 -2.60 49.52 -23.20
CA ASP W 439 -3.63 50.30 -22.55
C ASP W 439 -3.04 51.47 -21.80
N LEU W 440 -1.76 51.35 -21.37
CA LEU W 440 -1.03 52.39 -20.67
C LEU W 440 -0.62 53.49 -21.61
N GLU W 441 -0.42 53.20 -22.92
CA GLU W 441 -0.08 54.18 -23.92
C GLU W 441 -1.23 55.15 -24.14
N THR W 442 -2.44 54.61 -24.35
CA THR W 442 -3.66 55.37 -24.51
C THR W 442 -4.13 55.98 -23.20
N TYR W 443 -3.62 55.52 -22.03
CA TYR W 443 -3.90 56.11 -20.73
C TYR W 443 -3.37 57.52 -20.67
N VAL W 444 -2.17 57.76 -21.26
CA VAL W 444 -1.52 59.05 -21.27
C VAL W 444 -2.31 60.00 -22.15
N PHE W 445 -2.61 59.57 -23.39
CA PHE W 445 -3.31 60.37 -24.37
C PHE W 445 -4.75 60.65 -24.02
N GLN W 446 -5.36 59.83 -23.14
CA GLN W 446 -6.72 60.01 -22.67
C GLN W 446 -6.76 61.00 -21.54
N ASP W 447 -6.06 60.68 -20.44
CA ASP W 447 -6.02 61.43 -19.20
C ASP W 447 -5.58 62.87 -19.35
N ASN W 448 -4.68 63.16 -20.31
CA ASN W 448 -4.19 64.51 -20.55
C ASN W 448 -5.14 65.35 -21.36
N LEU W 449 -6.27 64.79 -21.86
CA LEU W 449 -7.28 65.52 -22.60
C LEU W 449 -8.54 65.60 -21.79
N ALA W 450 -9.14 64.43 -21.45
CA ALA W 450 -10.38 64.31 -20.70
C ALA W 450 -10.36 65.01 -19.36
N THR W 451 -9.37 64.67 -18.50
CA THR W 451 -9.13 65.33 -17.23
C THR W 451 -8.44 66.65 -17.47
N ALA W 452 -7.66 66.74 -18.58
CA ALA W 452 -6.97 67.92 -19.06
C ALA W 452 -5.88 68.39 -18.12
N MET W 453 -5.39 69.64 -18.33
CA MET W 453 -4.20 70.21 -17.75
C MET W 453 -2.98 69.34 -17.98
N ARG W 454 -2.04 69.30 -16.99
CA ARG W 454 -0.90 68.41 -16.99
C ARG W 454 0.07 68.71 -18.10
N ARG W 455 0.55 69.97 -18.16
CA ARG W 455 1.56 70.41 -19.09
C ARG W 455 2.90 70.19 -18.46
N ASP W 456 3.85 69.70 -19.29
CA ASP W 456 5.12 69.19 -18.85
C ASP W 456 6.24 70.04 -19.39
N GLY W 457 7.25 70.25 -18.53
CA GLY W 457 8.46 70.94 -18.91
C GLY W 457 9.21 71.23 -17.65
N GLU W 458 10.53 71.54 -17.79
CA GLU W 458 11.40 71.90 -16.71
C GLU W 458 11.45 73.39 -16.66
N ILE W 459 10.83 73.98 -15.60
CA ILE W 459 10.66 75.41 -15.52
C ILE W 459 10.39 75.73 -14.07
N TYR W 460 9.96 76.97 -13.77
CA TYR W 460 9.85 77.54 -12.45
C TYR W 460 8.51 78.20 -12.47
N GLN W 461 7.66 77.83 -11.49
CA GLN W 461 6.24 78.08 -11.47
C GLN W 461 5.91 79.54 -11.27
N SER W 462 6.63 80.20 -10.33
CA SER W 462 6.21 81.43 -9.70
C SER W 462 6.06 82.56 -10.68
N ILE W 463 4.95 83.33 -10.51
CA ILE W 463 4.65 84.53 -11.25
C ILE W 463 5.66 85.58 -10.84
N VAL W 464 6.16 86.38 -11.82
CA VAL W 464 7.20 87.37 -11.70
C VAL W 464 8.52 86.63 -11.69
N ASN W 465 9.37 86.97 -12.69
CA ASN W 465 10.57 86.24 -12.99
C ASN W 465 11.67 87.25 -13.03
N ASP W 466 12.93 86.76 -13.07
CA ASP W 466 14.06 87.48 -13.63
C ASP W 466 14.01 87.53 -15.15
N ILE W 467 15.19 87.51 -15.81
CA ILE W 467 15.32 87.78 -17.22
C ILE W 467 16.20 86.73 -17.84
N TYR W 468 16.21 86.74 -19.19
CA TYR W 468 17.03 85.99 -20.11
C TYR W 468 16.84 84.49 -20.10
N ASP W 469 17.39 83.85 -21.14
CA ASP W 469 17.25 82.43 -21.39
C ASP W 469 18.45 82.00 -22.19
N VAL W 470 19.54 82.82 -22.17
CA VAL W 470 20.64 82.75 -23.10
C VAL W 470 21.46 81.49 -22.90
N PRO W 471 21.87 81.02 -21.71
CA PRO W 471 22.44 79.69 -21.56
C PRO W 471 21.34 78.66 -21.60
N ARG W 472 20.39 78.69 -20.63
CA ARG W 472 19.30 77.75 -20.43
C ARG W 472 19.69 76.29 -20.51
N ASN W 473 19.49 75.65 -21.69
CA ASN W 473 18.89 74.35 -21.84
C ASN W 473 19.68 73.24 -21.21
N VAL W 474 18.96 72.16 -20.80
CA VAL W 474 19.45 70.99 -20.09
C VAL W 474 20.25 71.32 -18.87
N THR W 475 19.59 72.00 -17.89
CA THR W 475 20.16 72.28 -16.60
C THR W 475 19.09 71.97 -15.59
N ILE W 476 19.53 71.76 -14.33
CA ILE W 476 18.70 71.60 -13.16
C ILE W 476 19.40 72.54 -12.23
N THR W 477 18.64 73.52 -11.67
CA THR W 477 19.09 74.54 -10.74
C THR W 477 19.72 75.65 -11.52
N LEU W 478 19.05 76.83 -11.53
CA LEU W 478 19.51 78.08 -12.08
C LEU W 478 19.84 77.99 -13.56
N GLU W 479 20.77 78.85 -14.03
CA GLU W 479 20.69 79.69 -15.20
C GLU W 479 20.43 81.10 -14.71
N ASP W 480 19.28 81.30 -14.05
CA ASP W 480 18.88 82.50 -13.38
C ASP W 480 17.71 82.02 -12.56
N GLY W 481 17.04 82.93 -11.80
CA GLY W 481 15.79 82.64 -11.14
C GLY W 481 14.63 82.63 -12.11
N SER W 482 14.88 82.94 -13.40
CA SER W 482 13.89 83.16 -14.42
C SER W 482 13.19 81.87 -14.79
N GLU W 483 13.96 80.77 -14.95
CA GLU W 483 13.43 79.47 -15.27
C GLU W 483 14.26 78.46 -14.53
N LYS W 484 13.61 77.31 -14.20
CA LYS W 484 14.16 76.06 -13.70
C LYS W 484 15.23 76.20 -12.66
N ASP W 485 14.83 76.80 -11.52
CA ASP W 485 15.60 76.87 -10.32
C ASP W 485 14.77 76.12 -9.32
N VAL W 486 15.44 75.30 -8.48
CA VAL W 486 14.79 74.30 -7.68
C VAL W 486 14.22 74.87 -6.42
N GLN W 487 14.64 76.11 -6.02
CA GLN W 487 14.31 76.77 -4.77
C GLN W 487 14.53 75.85 -3.59
N LEU W 488 13.68 75.91 -2.54
CA LEU W 488 13.65 74.91 -1.50
C LEU W 488 12.74 73.82 -2.00
N MET W 489 11.56 74.20 -2.51
CA MET W 489 10.90 73.46 -3.56
C MET W 489 10.14 74.48 -4.36
N ALA W 490 10.25 74.38 -5.70
CA ALA W 490 9.47 75.18 -6.62
C ALA W 490 9.60 74.58 -7.99
N GLU W 491 10.33 73.45 -8.12
CA GLU W 491 10.76 72.87 -9.37
C GLU W 491 9.56 72.30 -10.09
N VAL W 492 9.40 72.67 -11.38
CA VAL W 492 8.26 72.25 -12.16
C VAL W 492 8.73 71.12 -13.02
N VAL W 493 7.95 70.02 -12.97
CA VAL W 493 8.09 68.88 -13.81
C VAL W 493 6.74 68.79 -14.48
N ASP W 494 5.69 68.57 -13.65
CA ASP W 494 4.29 68.59 -14.00
C ASP W 494 3.70 69.80 -13.33
N LEU W 495 2.63 70.39 -13.92
CA LEU W 495 2.04 71.61 -13.43
C LEU W 495 0.78 71.81 -14.22
N ALA W 496 -0.15 72.64 -13.67
CA ALA W 496 -1.45 72.94 -14.20
C ALA W 496 -1.33 73.93 -15.33
N THR W 497 -2.45 74.14 -16.06
CA THR W 497 -2.49 74.94 -17.26
C THR W 497 -2.85 76.36 -16.92
N GLY W 498 -2.45 77.30 -17.81
CA GLY W 498 -2.64 78.71 -17.64
C GLY W 498 -3.80 79.18 -18.46
N GLU W 499 -3.52 80.19 -19.33
CA GLU W 499 -4.46 80.94 -20.14
C GLU W 499 -5.49 81.67 -19.32
N LYS W 500 -6.57 82.14 -19.98
CA LYS W 500 -7.65 82.89 -19.37
C LYS W 500 -8.77 81.93 -19.10
N GLN W 501 -8.63 80.67 -19.59
CA GLN W 501 -9.62 79.63 -19.43
C GLN W 501 -8.80 78.38 -19.30
N VAL W 502 -9.08 77.58 -18.26
CA VAL W 502 -8.35 76.38 -17.93
C VAL W 502 -8.99 75.20 -18.61
N LEU W 503 -8.26 74.05 -18.57
CA LEU W 503 -8.59 72.77 -19.17
C LEU W 503 -8.15 72.79 -20.60
N ASN W 504 -6.84 73.06 -20.81
CA ASN W 504 -6.18 72.96 -22.08
C ASN W 504 -4.86 72.30 -21.81
N ASP W 505 -4.16 71.84 -22.88
CA ASP W 505 -2.96 71.07 -22.70
C ASP W 505 -2.10 71.16 -23.92
N ILE W 506 -0.79 70.91 -23.71
CA ILE W 506 0.24 70.72 -24.70
C ILE W 506 -0.01 69.45 -25.48
N ARG W 507 0.41 69.41 -26.77
CA ARG W 507 0.18 68.28 -27.65
C ARG W 507 1.18 67.18 -27.36
N GLY W 508 2.25 67.49 -26.60
CA GLY W 508 3.28 66.56 -26.23
C GLY W 508 2.86 65.94 -24.93
N ARG W 509 1.77 65.14 -25.00
CA ARG W 509 1.12 64.43 -23.94
C ARG W 509 2.04 63.36 -23.42
N TYR W 510 2.76 62.70 -24.37
CA TYR W 510 3.74 61.67 -24.10
C TYR W 510 4.89 62.28 -23.32
N GLU W 511 5.49 61.49 -22.40
CA GLU W 511 6.61 61.98 -21.64
C GLU W 511 7.36 60.78 -21.11
N CYS W 512 6.76 59.57 -21.18
CA CYS W 512 7.38 58.41 -20.60
C CYS W 512 6.94 57.21 -21.40
N TYR W 513 7.81 56.17 -21.44
CA TYR W 513 7.61 54.94 -22.16
C TYR W 513 6.80 54.05 -21.24
N THR W 514 6.01 53.13 -21.84
CA THR W 514 5.10 52.27 -21.15
C THR W 514 5.83 51.02 -20.79
N ASP W 515 5.79 50.62 -19.50
CA ASP W 515 6.48 49.44 -19.05
C ASP W 515 5.75 48.95 -17.83
N VAL W 516 6.04 47.69 -17.43
CA VAL W 516 5.35 46.98 -16.39
C VAL W 516 6.35 46.60 -15.33
N GLY W 517 5.83 46.33 -14.11
CA GLY W 517 6.67 45.98 -12.98
C GLY W 517 5.75 45.68 -11.83
N PRO W 518 6.24 45.70 -10.60
CA PRO W 518 5.45 45.44 -9.41
C PRO W 518 4.59 46.64 -9.08
N SER W 519 3.46 46.40 -8.37
CA SER W 519 2.46 47.40 -8.05
C SER W 519 2.99 48.46 -7.14
N PHE W 520 2.75 49.74 -7.52
CA PHE W 520 3.12 50.88 -6.73
C PHE W 520 1.91 51.75 -6.72
N GLN W 521 1.40 52.06 -5.51
CA GLN W 521 0.27 52.95 -5.30
C GLN W 521 0.70 54.00 -4.32
N SER W 522 2.01 54.05 -4.00
CA SER W 522 2.56 55.04 -3.11
C SER W 522 4.01 55.15 -3.47
N MET W 523 4.60 56.32 -3.14
CA MET W 523 5.99 56.63 -3.39
C MET W 523 6.88 55.90 -2.41
N LYS W 524 6.33 55.51 -1.23
CA LYS W 524 7.07 54.79 -0.21
C LYS W 524 7.26 53.35 -0.60
N GLN W 525 6.37 52.80 -1.47
CA GLN W 525 6.46 51.44 -1.95
C GLN W 525 7.55 51.33 -2.99
N GLN W 526 7.67 52.37 -3.87
CA GLN W 526 8.65 52.43 -4.93
C GLN W 526 10.05 52.57 -4.38
N ASN W 527 10.20 53.34 -3.28
CA ASN W 527 11.46 53.57 -2.61
C ASN W 527 11.94 52.32 -1.93
N ARG W 528 11.01 51.57 -1.28
CA ARG W 528 11.29 50.39 -0.49
C ARG W 528 11.69 49.23 -1.36
N ALA W 529 11.12 49.16 -2.58
CA ALA W 529 11.38 48.08 -3.52
C ALA W 529 12.79 48.10 -4.03
N GLU W 530 13.37 49.31 -4.25
CA GLU W 530 14.71 49.47 -4.76
C GLU W 530 15.78 49.19 -3.72
N ILE W 531 15.45 49.17 -2.41
CA ILE W 531 16.41 48.93 -1.35
C ILE W 531 16.86 47.49 -1.40
N LEU W 532 15.89 46.56 -1.49
CA LEU W 532 16.11 45.13 -1.45
C LEU W 532 16.91 44.63 -2.62
N GLU W 533 16.77 45.31 -3.79
CA GLU W 533 17.50 45.01 -5.01
C GLU W 533 18.97 45.33 -4.88
N LEU W 534 19.30 46.46 -4.20
CA LEU W 534 20.66 46.94 -4.11
C LEU W 534 21.49 46.21 -3.09
N LEU W 535 20.87 45.64 -2.03
CA LEU W 535 21.59 44.99 -0.96
C LEU W 535 22.32 43.76 -1.43
N GLY W 536 23.54 43.53 -0.89
CA GLY W 536 24.34 42.37 -1.16
C GLY W 536 25.12 42.43 -2.44
N LYS W 537 25.16 43.62 -3.10
CA LYS W 537 25.87 43.78 -4.34
C LYS W 537 26.29 45.22 -4.50
N THR W 538 26.31 45.97 -3.38
CA THR W 538 26.72 47.36 -3.33
C THR W 538 27.74 47.44 -2.21
N PRO W 539 28.60 48.47 -2.11
CA PRO W 539 29.59 48.61 -1.06
C PRO W 539 29.02 48.55 0.34
N GLN W 540 29.83 48.09 1.31
CA GLN W 540 29.36 47.76 2.65
C GLN W 540 29.63 48.90 3.60
N GLY W 541 30.11 50.05 3.08
CA GLY W 541 30.41 51.23 3.86
C GLY W 541 29.19 52.10 3.89
N THR W 542 29.39 53.40 3.58
CA THR W 542 28.41 54.48 3.54
C THR W 542 27.11 54.15 2.82
N PRO W 543 27.02 53.49 1.63
CA PRO W 543 25.75 53.18 0.97
C PRO W 543 24.77 52.35 1.77
N GLU W 544 25.24 51.52 2.72
CA GLU W 544 24.39 50.72 3.57
C GLU W 544 23.63 51.56 4.54
N TYR W 545 24.31 52.59 5.14
CA TYR W 545 23.73 53.56 6.03
C TYR W 545 22.75 54.47 5.32
N GLN W 546 22.96 54.71 4.00
CA GLN W 546 22.11 55.55 3.20
C GLN W 546 20.79 54.86 2.91
N LEU W 547 20.85 53.52 2.65
CA LEU W 547 19.70 52.69 2.43
C LEU W 547 19.01 52.29 3.72
N LEU W 548 19.72 52.39 4.86
CA LEU W 548 19.22 52.08 6.20
C LEU W 548 18.19 53.09 6.60
N LEU W 549 18.54 54.39 6.45
CA LEU W 549 17.68 55.49 6.77
C LEU W 549 16.56 55.62 5.76
N LEU W 550 16.77 55.15 4.51
CA LEU W 550 15.76 55.13 3.47
C LEU W 550 14.68 54.12 3.78
N GLN W 551 15.05 52.99 4.45
CA GLN W 551 14.12 51.98 4.91
C GLN W 551 13.22 52.53 5.99
N TYR W 552 13.77 53.40 6.87
CA TYR W 552 13.01 54.02 7.92
C TYR W 552 12.20 55.20 7.40
N PHE W 553 12.54 55.72 6.20
CA PHE W 553 11.85 56.81 5.55
C PHE W 553 10.54 56.34 4.96
N THR W 554 10.48 55.04 4.61
CA THR W 554 9.35 54.42 3.95
C THR W 554 8.43 53.77 4.94
N LEU W 555 8.72 53.91 6.25
CA LEU W 555 8.00 53.28 7.33
C LEU W 555 6.55 53.65 7.38
N LEU W 556 5.76 52.70 7.92
CA LEU W 556 4.34 52.79 8.14
C LEU W 556 4.14 53.64 9.36
N ASP W 557 2.87 54.00 9.64
CA ASP W 557 2.53 54.85 10.75
C ASP W 557 2.43 54.01 11.99
N GLY W 558 2.64 54.66 13.14
CA GLY W 558 2.60 53.99 14.41
C GLY W 558 2.94 55.01 15.44
N LYS W 559 3.18 54.53 16.68
CA LYS W 559 3.59 55.36 17.79
C LYS W 559 5.09 55.32 17.85
N GLY W 560 5.64 54.12 18.13
CA GLY W 560 7.06 53.83 18.16
C GLY W 560 7.66 53.76 16.79
N VAL W 561 6.85 53.46 15.75
CA VAL W 561 7.29 53.38 14.37
C VAL W 561 7.64 54.75 13.86
N GLU W 562 6.89 55.78 14.33
CA GLU W 562 7.07 57.17 14.02
C GLU W 562 8.37 57.72 14.58
N MET W 563 8.92 57.11 15.66
CA MET W 563 10.18 57.51 16.27
C MET W 563 11.33 57.30 15.30
N MET W 564 11.36 56.11 14.65
CA MET W 564 12.39 55.73 13.70
C MET W 564 12.26 56.49 12.41
N ARG W 565 11.02 56.92 12.07
CA ARG W 565 10.71 57.65 10.86
C ARG W 565 11.12 59.10 10.98
N ASP W 566 10.90 59.72 12.16
CA ASP W 566 11.29 61.08 12.46
C ASP W 566 12.78 61.19 12.58
N TYR W 567 13.46 60.10 13.02
CA TYR W 567 14.90 59.98 13.08
C TYR W 567 15.47 59.94 11.67
N ALA W 568 14.74 59.36 10.70
CA ALA W 568 15.18 59.30 9.32
C ALA W 568 15.02 60.62 8.62
N ASN W 569 13.94 61.38 8.95
CA ASN W 569 13.64 62.66 8.37
C ASN W 569 14.68 63.67 8.76
N LYS W 570 15.24 63.54 9.97
CA LYS W 570 16.24 64.44 10.51
C LYS W 570 17.59 64.18 9.90
N GLN W 571 18.00 62.90 9.77
CA GLN W 571 19.33 62.57 9.31
C GLN W 571 19.52 62.80 7.83
N LEU W 572 18.56 62.36 6.99
CA LEU W 572 18.68 62.40 5.54
C LEU W 572 18.73 63.80 5.00
N ILE W 573 17.93 64.72 5.56
CA ILE W 573 17.81 66.08 5.11
C ILE W 573 19.04 66.86 5.51
N GLN W 574 19.58 66.59 6.72
CA GLN W 574 20.68 67.35 7.27
C GLN W 574 22.03 66.91 6.76
N MET W 575 22.10 65.77 6.01
CA MET W 575 23.33 65.36 5.37
C MET W 575 23.39 65.93 3.98
N GLY W 576 22.35 66.68 3.54
CA GLY W 576 22.34 67.36 2.27
C GLY W 576 22.10 66.46 1.09
N VAL W 577 21.72 65.17 1.34
CA VAL W 577 21.53 64.19 0.30
C VAL W 577 20.06 64.10 -0.05
N LYS W 578 19.18 64.68 0.79
CA LYS W 578 17.76 64.74 0.52
C LYS W 578 17.40 66.19 0.40
N LYS W 579 18.07 67.06 1.20
CA LYS W 579 17.96 68.51 1.19
C LYS W 579 16.64 68.98 1.77
N PRO W 580 16.52 70.17 2.37
CA PRO W 580 15.28 70.61 2.98
C PRO W 580 14.36 71.11 1.90
N GLU W 581 13.05 70.79 2.01
CA GLU W 581 12.04 71.32 1.14
C GLU W 581 11.24 72.34 1.89
N THR W 582 11.46 72.43 3.24
CA THR W 582 10.69 73.19 4.20
C THR W 582 9.17 73.13 3.97
N PRO W 583 8.50 72.00 4.16
CA PRO W 583 7.08 71.85 3.87
C PRO W 583 6.18 72.55 4.86
N GLU W 584 6.71 73.09 6.00
CA GLU W 584 6.09 73.15 7.32
C GLU W 584 6.95 72.40 8.29
N GLU W 585 8.25 72.25 7.95
CA GLU W 585 9.27 71.77 8.87
C GLU W 585 10.43 72.71 8.74
N GLN W 586 10.13 74.03 8.70
CA GLN W 586 11.08 75.07 8.34
C GLN W 586 12.19 75.29 9.35
N GLN W 587 11.90 75.17 10.67
CA GLN W 587 12.89 75.27 11.72
C GLN W 587 12.99 73.96 12.45
N TRP W 588 12.40 72.89 11.87
CA TRP W 588 12.48 71.54 12.38
C TRP W 588 13.57 70.82 11.62
N LEU W 589 14.18 71.50 10.61
CA LEU W 589 15.19 70.92 9.75
C LEU W 589 16.34 71.87 9.70
N VAL W 590 16.15 73.05 9.05
CA VAL W 590 17.17 74.01 8.67
C VAL W 590 17.97 74.55 9.83
N GLU W 591 17.32 74.75 11.00
CA GLU W 591 17.92 75.23 12.24
C GLU W 591 19.05 74.34 12.69
N ALA W 592 18.74 73.05 12.94
CA ALA W 592 19.68 72.06 13.40
C ALA W 592 20.60 71.59 12.32
N GLN W 593 20.25 71.83 11.02
CA GLN W 593 21.07 71.51 9.87
C GLN W 593 22.25 72.43 9.80
N GLN W 594 22.02 73.73 10.08
CA GLN W 594 23.05 74.75 10.09
C GLN W 594 24.01 74.54 11.24
N ALA W 595 23.49 74.06 12.40
CA ALA W 595 24.29 73.74 13.56
C ALA W 595 25.17 72.52 13.36
N LYS W 596 24.69 71.54 12.56
CA LYS W 596 25.40 70.31 12.25
C LYS W 596 26.57 70.56 11.33
N GLN W 597 26.38 71.47 10.34
CA GLN W 597 27.37 71.89 9.38
C GLN W 597 28.42 72.76 10.02
N GLY W 598 28.00 73.61 11.00
CA GLY W 598 28.88 74.51 11.71
C GLY W 598 29.81 73.80 12.66
N GLN W 599 29.42 72.59 13.13
CA GLN W 599 30.21 71.76 14.01
C GLN W 599 31.20 70.96 13.22
N GLN W 600 30.94 70.76 11.91
CA GLN W 600 31.72 69.90 11.04
C GLN W 600 32.98 70.58 10.59
N ASP W 601 32.92 71.91 10.32
CA ASP W 601 34.02 72.68 9.78
C ASP W 601 35.23 72.80 10.69
N PRO W 602 35.21 73.19 11.97
CA PRO W 602 36.41 73.29 12.79
C PRO W 602 37.02 71.94 13.08
N ALA W 603 36.20 70.85 13.09
CA ALA W 603 36.65 69.51 13.35
C ALA W 603 37.39 68.94 12.17
N MET W 604 37.08 69.43 10.94
CA MET W 604 37.73 69.02 9.72
C MET W 604 39.14 69.57 9.66
N VAL W 605 39.35 70.82 10.14
CA VAL W 605 40.66 71.45 10.17
C VAL W 605 41.59 70.73 11.13
N GLN W 606 41.07 70.32 12.30
CA GLN W 606 41.81 69.58 13.30
C GLN W 606 42.16 68.18 12.84
N ALA W 607 41.26 67.54 12.04
CA ALA W 607 41.43 66.21 11.51
C ALA W 607 42.54 66.13 10.49
N GLN W 608 42.72 67.21 9.70
CA GLN W 608 43.78 67.33 8.74
C GLN W 608 45.10 67.60 9.41
N GLY W 609 45.09 68.04 10.68
CA GLY W 609 46.28 68.26 11.49
C GLY W 609 46.98 66.99 11.85
N VAL W 610 46.23 65.87 11.94
CA VAL W 610 46.73 64.55 12.22
C VAL W 610 47.59 64.05 11.08
N LEU W 611 47.11 64.26 9.83
CA LEU W 611 47.85 63.90 8.63
C LEU W 611 49.01 64.83 8.37
N LEU W 612 48.94 66.07 8.92
CA LEU W 612 49.95 67.10 8.78
C LEU W 612 51.18 66.82 9.60
N GLN W 613 51.13 65.84 10.54
CA GLN W 613 52.22 65.51 11.43
C GLN W 613 53.48 65.05 10.72
N GLY W 614 53.35 64.27 9.62
CA GLY W 614 54.49 63.80 8.87
C GLY W 614 55.11 64.87 8.03
N GLN W 615 54.28 65.79 7.49
CA GLN W 615 54.71 66.87 6.63
C GLN W 615 55.34 67.97 7.45
N ALA W 616 54.97 68.07 8.74
CA ALA W 616 55.44 69.09 9.66
C ALA W 616 56.87 68.86 10.06
N GLU W 617 57.41 67.64 9.85
CA GLU W 617 58.80 67.32 10.09
C GLU W 617 59.69 68.04 9.12
N LEU W 618 59.29 68.07 7.81
CA LEU W 618 60.01 68.75 6.77
C LEU W 618 59.89 70.24 6.91
N ALA W 619 58.69 70.74 7.31
CA ALA W 619 58.43 72.14 7.54
C ALA W 619 59.28 72.72 8.65
N LYS W 620 59.57 71.88 9.68
CA LYS W 620 60.42 72.21 10.80
C LYS W 620 61.86 72.23 10.37
N ALA W 621 62.27 71.31 9.47
CA ALA W 621 63.63 71.19 9.00
C ALA W 621 64.00 72.30 8.06
N GLN W 622 63.03 72.77 7.24
CA GLN W 622 63.18 73.88 6.32
C GLN W 622 63.29 75.20 7.04
N ASN W 623 62.50 75.39 8.11
CA ASN W 623 62.53 76.59 8.90
C ASN W 623 63.78 76.66 9.74
N GLN W 624 64.29 75.49 10.20
CA GLN W 624 65.51 75.38 10.96
C GLN W 624 66.73 75.63 10.12
N THR W 625 66.66 75.38 8.79
CA THR W 625 67.74 75.64 7.84
C THR W 625 68.07 77.11 7.82
N LEU W 626 67.04 78.00 7.78
CA LEU W 626 67.24 79.42 7.77
C LEU W 626 67.60 79.95 9.13
N SER W 627 67.23 79.24 10.22
CA SER W 627 67.55 79.64 11.58
C SER W 627 69.00 79.36 11.92
N LEU W 628 69.58 78.31 11.31
CA LEU W 628 70.97 77.94 11.44
C LEU W 628 71.87 78.90 10.70
N GLN W 629 71.36 79.51 9.60
CA GLN W 629 72.11 80.43 8.77
C GLN W 629 72.22 81.78 9.41
N ILE W 630 71.12 82.30 10.01
CA ILE W 630 71.10 83.60 10.65
C ILE W 630 71.86 83.56 11.96
N ASP W 631 71.94 82.38 12.62
CA ASP W 631 72.66 82.17 13.86
C ASP W 631 74.13 82.11 13.57
N ALA W 632 74.51 81.54 12.40
CA ALA W 632 75.88 81.41 11.98
C ALA W 632 76.45 82.72 11.54
N ALA W 633 75.59 83.67 11.09
CA ALA W 633 75.99 84.99 10.68
C ALA W 633 76.36 85.87 11.85
N LYS W 634 75.88 85.54 13.07
CA LYS W 634 76.21 86.27 14.28
C LYS W 634 77.60 85.99 14.74
N VAL W 635 78.10 84.74 14.50
CA VAL W 635 79.44 84.31 14.83
C VAL W 635 80.43 84.98 13.92
N GLU W 636 80.06 85.16 12.63
CA GLU W 636 80.87 85.81 11.63
C GLU W 636 81.08 87.26 11.94
N ALA W 637 80.01 87.95 12.40
CA ALA W 637 80.06 89.35 12.74
C ALA W 637 80.73 89.60 14.06
N GLN W 638 80.79 88.57 14.94
CA GLN W 638 81.43 88.64 16.22
C GLN W 638 82.93 88.72 16.09
N ASN W 639 83.50 87.92 15.16
CA ASN W 639 84.92 87.83 14.93
C ASN W 639 85.43 89.03 14.17
N GLN W 640 84.62 89.57 13.23
CA GLN W 640 84.95 90.75 12.45
C GLN W 640 85.08 91.97 13.32
N LEU W 641 84.22 92.08 14.37
CA LEU W 641 84.29 93.15 15.34
C LEU W 641 85.43 92.93 16.30
N ASN W 642 85.72 91.65 16.67
CA ASN W 642 86.74 91.31 17.64
C ASN W 642 88.12 91.62 17.13
N ALA W 643 88.34 91.52 15.79
CA ALA W 643 89.62 91.81 15.19
C ALA W 643 89.90 93.29 15.21
N ALA W 644 88.86 94.14 15.06
CA ALA W 644 89.01 95.57 15.04
C ALA W 644 89.16 96.17 16.42
N ARG W 645 88.33 95.72 17.40
CA ARG W 645 88.29 96.26 18.74
C ARG W 645 89.55 96.06 19.54
N ILE W 646 90.22 94.89 19.35
CA ILE W 646 91.46 94.56 20.02
C ILE W 646 92.59 95.36 19.41
N ALA W 647 92.54 95.59 18.07
CA ALA W 647 93.58 96.28 17.35
C ALA W 647 93.62 97.76 17.62
N GLU W 648 92.47 98.37 18.01
CA GLU W 648 92.38 99.78 18.33
C GLU W 648 93.11 100.10 19.62
N ILE W 649 92.86 99.31 20.68
CA ILE W 649 93.44 99.51 21.99
C ILE W 649 94.88 99.04 22.04
N PHE W 650 95.28 98.12 21.13
CA PHE W 650 96.63 97.61 21.01
C PHE W 650 97.53 98.69 20.46
N ASN W 651 97.02 99.52 19.52
CA ASN W 651 97.78 100.58 18.91
C ASN W 651 97.87 101.78 19.82
N ASN W 652 96.89 101.95 20.75
CA ASN W 652 96.83 103.09 21.63
C ASN W 652 97.81 102.96 22.77
N MET W 653 97.96 101.74 23.34
CA MET W 653 98.87 101.46 24.41
C MET W 653 100.31 101.42 23.96
N ASP W 654 100.55 101.03 22.69
CA ASP W 654 101.88 100.95 22.11
C ASP W 654 102.42 102.34 21.88
N LEU W 655 101.54 103.26 21.42
CA LEU W 655 101.86 104.63 21.08
C LEU W 655 102.21 105.44 22.30
N SER W 656 101.63 105.10 23.48
CA SER W 656 101.86 105.80 24.73
C SER W 656 103.25 105.60 25.26
N LYS W 657 103.86 104.44 24.95
CA LYS W 657 105.19 104.09 25.41
C LYS W 657 106.22 104.83 24.61
N GLN W 658 105.92 105.10 23.32
CA GLN W 658 106.79 105.80 22.40
C GLN W 658 106.76 107.29 22.63
N SER W 659 105.59 107.82 23.09
CA SER W 659 105.38 109.24 23.28
C SER W 659 106.14 109.78 24.45
N GLU W 660 106.13 109.04 25.58
CA GLU W 660 106.82 109.43 26.80
C GLU W 660 108.31 109.23 26.70
N PHE W 661 108.78 108.42 25.73
CA PHE W 661 110.17 108.08 25.55
C PHE W 661 110.95 109.25 25.00
N ARG W 662 110.31 110.07 24.12
CA ARG W 662 110.97 111.19 23.47
C ARG W 662 111.14 112.35 24.41
N GLU W 663 110.27 112.42 25.45
CA GLU W 663 110.32 113.45 26.46
C GLU W 663 111.45 113.22 27.42
N PHE W 664 111.77 111.93 27.70
CA PHE W 664 112.81 111.55 28.63
C PHE W 664 114.19 111.81 28.07
N LEU W 665 114.34 111.91 26.73
CA LEU W 665 115.62 112.16 26.09
C LEU W 665 116.12 113.55 26.39
N LYS W 666 115.20 114.55 26.42
CA LYS W 666 115.53 115.93 26.69
C LYS W 666 115.79 116.17 28.16
N THR W 667 115.22 115.31 29.05
CA THR W 667 115.36 115.42 30.48
C THR W 667 116.75 114.98 30.89
N VAL W 668 117.25 113.88 30.29
CA VAL W 668 118.54 113.29 30.59
C VAL W 668 119.65 114.14 30.00
N ALA W 669 119.40 114.74 28.82
CA ALA W 669 120.40 115.52 28.10
C ALA W 669 120.81 116.76 28.84
N SER W 670 119.83 117.55 29.34
CA SER W 670 120.07 118.78 30.06
C SER W 670 120.66 118.53 31.42
N PHE W 671 120.36 117.35 32.02
CA PHE W 671 120.81 116.95 33.33
C PHE W 671 122.30 116.71 33.35
N GLN W 672 122.88 116.28 32.20
CA GLN W 672 124.27 115.90 32.11
C GLN W 672 125.16 117.12 32.04
N GLN W 673 124.63 118.24 31.51
CA GLN W 673 125.37 119.47 31.32
C GLN W 673 125.66 120.15 32.63
N ASP W 674 124.65 120.18 33.54
CA ASP W 674 124.75 120.82 34.83
C ASP W 674 125.66 120.06 35.75
N ARG W 675 125.56 118.70 35.75
CA ARG W 675 126.35 117.84 36.58
C ARG W 675 127.82 117.86 36.26
N SER W 676 128.20 118.14 35.00
CA SER W 676 129.59 118.29 34.62
C SER W 676 130.12 119.65 35.01
N GLU W 677 129.26 120.70 34.96
CA GLU W 677 129.63 122.06 35.28
C GLU W 677 129.78 122.24 36.77
N ASP W 678 128.82 121.70 37.56
CA ASP W 678 128.79 121.75 39.00
C ASP W 678 129.93 120.97 39.62
N ALA W 679 130.28 119.81 39.00
CA ALA W 679 131.38 118.97 39.46
C ALA W 679 132.71 119.63 39.29
N ARG W 680 132.88 120.36 38.16
CA ARG W 680 134.07 121.13 37.87
C ARG W 680 134.19 122.31 38.80
N ALA W 681 133.03 122.90 39.19
CA ALA W 681 132.95 124.06 40.06
C ALA W 681 133.29 123.74 41.49
N ASN W 682 133.16 122.46 41.92
CA ASN W 682 133.51 122.03 43.25
C ASN W 682 135.01 122.04 43.43
N ALA W 683 135.76 121.73 42.35
CA ALA W 683 137.20 121.72 42.33
C ALA W 683 137.77 123.11 42.26
N GLU W 684 137.02 124.08 41.69
CA GLU W 684 137.44 125.47 41.57
C GLU W 684 137.40 126.18 42.90
N LEU W 685 136.50 125.76 43.82
CA LEU W 685 136.38 126.32 45.15
C LEU W 685 137.57 125.96 46.00
N LEU W 686 138.21 124.80 45.71
CA LEU W 686 139.38 124.33 46.41
C LEU W 686 140.61 125.08 45.99
N LEU W 687 140.68 125.52 44.71
CA LEU W 687 141.77 126.32 44.20
C LEU W 687 141.72 127.73 44.73
N LYS W 688 140.49 128.22 45.04
CA LYS W 688 140.28 129.52 45.61
C LYS W 688 140.59 129.50 47.09
N GLY W 689 140.35 128.34 47.75
CA GLY W 689 140.64 128.15 49.15
C GLY W 689 142.11 128.11 49.44
N ASP W 690 142.90 127.57 48.48
CA ASP W 690 144.34 127.48 48.57
C ASP W 690 144.96 128.84 48.39
N GLU W 691 144.38 129.64 47.44
CA GLU W 691 144.86 130.94 47.06
C GLU W 691 144.67 131.95 48.15
N GLN W 692 143.47 131.96 48.79
CA GLN W 692 143.14 132.89 49.85
C GLN W 692 143.85 132.61 51.15
N THR W 693 144.28 131.35 51.40
CA THR W 693 145.09 130.99 52.56
C THR W 693 146.47 131.60 52.44
N HIS W 694 147.05 131.59 51.21
CA HIS W 694 148.34 132.18 50.90
C HIS W 694 148.30 133.68 50.99
N LYS W 695 147.18 134.29 50.54
CA LYS W 695 146.98 135.72 50.50
C LYS W 695 146.90 136.31 51.89
N GLN W 696 146.20 135.59 52.81
CA GLN W 696 146.03 135.96 54.19
C GLN W 696 147.30 135.76 54.98
N ARG W 697 148.12 134.77 54.58
CA ARG W 697 149.36 134.43 55.24
C ARG W 697 150.40 135.47 54.98
N MET W 698 150.55 135.90 53.70
CA MET W 698 151.51 136.88 53.24
C MET W 698 151.21 138.25 53.79
N ASP W 699 149.91 138.58 53.93
CA ASP W 699 149.41 139.84 54.46
C ASP W 699 149.92 140.08 55.87
N ILE W 700 149.56 139.17 56.80
CA ILE W 700 149.86 139.27 58.21
C ILE W 700 151.34 139.13 58.49
N ALA W 701 152.07 138.36 57.63
CA ALA W 701 153.48 138.05 57.81
C ALA W 701 154.36 139.27 57.76
N ASN W 702 154.22 140.11 56.69
CA ASN W 702 155.03 141.29 56.50
C ASN W 702 154.67 142.38 57.48
N ILE W 703 153.39 142.44 57.93
CA ILE W 703 152.92 143.36 58.95
C ILE W 703 153.59 143.07 60.27
N LEU W 704 153.76 141.77 60.63
CA LEU W 704 154.40 141.33 61.85
C LEU W 704 155.88 141.62 61.81
N GLN W 705 156.49 141.54 60.60
CA GLN W 705 157.90 141.78 60.40
C GLN W 705 158.23 143.22 60.64
N SER W 706 157.40 144.15 60.12
CA SER W 706 157.58 145.57 60.26
C SER W 706 157.14 146.07 61.61
N GLN W 707 156.38 145.27 62.39
CA GLN W 707 155.90 145.65 63.69
C GLN W 707 156.98 145.54 64.72
N ARG W 708 157.81 144.47 64.62
CA ARG W 708 158.86 144.19 65.56
C ARG W 708 160.07 145.04 65.31
N GLN W 709 160.34 145.39 64.03
CA GLN W 709 161.49 146.19 63.65
C GLN W 709 161.26 147.67 63.87
N ASN W 710 159.98 148.08 64.07
CA ASN W 710 159.62 149.47 64.26
C ASN W 710 160.03 149.92 65.65
N GLN W 711 159.78 149.06 66.65
CA GLN W 711 159.87 149.38 68.05
C GLN W 711 161.27 149.74 68.52
N PRO W 712 162.39 149.07 68.21
CA PRO W 712 163.73 149.53 68.56
C PRO W 712 164.12 150.79 67.82
N SER W 713 163.67 150.94 66.55
CA SER W 713 164.01 152.04 65.67
C SER W 713 163.41 153.32 66.16
N GLY W 714 162.12 153.28 66.57
CA GLY W 714 161.38 154.41 67.09
C GLY W 714 161.82 154.85 68.45
N SER W 715 162.64 154.03 69.16
CA SER W 715 163.16 154.36 70.46
C SER W 715 164.35 155.30 70.28
N VAL W 716 165.09 155.17 69.16
CA VAL W 716 166.23 156.00 68.83
C VAL W 716 165.82 157.44 68.63
N ALA W 717 164.89 157.72 67.69
CA ALA W 717 164.32 159.02 67.51
C ALA W 717 162.83 158.90 67.60
N GLU W 718 162.20 158.40 66.50
CA GLU W 718 160.80 158.07 66.39
C GLU W 718 160.58 157.83 64.93
N THR W 719 159.91 156.70 64.61
CA THR W 719 159.43 156.42 63.28
C THR W 719 158.14 155.66 63.51
N PRO W 720 157.05 155.91 62.77
CA PRO W 720 155.87 155.08 62.79
C PRO W 720 156.06 153.89 61.88
N GLN W 721 155.22 152.84 62.05
CA GLN W 721 155.27 151.63 61.30
C GLN W 721 154.68 151.85 59.90
N GLU X 1 20.09 39.63 -63.57
CA GLU X 1 19.12 39.49 -62.46
C GLU X 1 17.75 39.25 -63.03
N ASN X 2 16.74 40.04 -62.60
CA ASN X 2 15.38 39.99 -63.09
C ASN X 2 15.33 40.40 -64.54
N ARG X 3 14.32 39.87 -65.27
CA ARG X 3 14.12 40.05 -66.69
C ARG X 3 13.93 41.52 -67.05
N LEU X 4 14.36 41.88 -68.28
CA LEU X 4 14.30 43.21 -68.82
C LEU X 4 12.87 43.67 -68.96
N GLU X 5 11.99 42.75 -69.40
CA GLU X 5 10.56 42.97 -69.46
C GLU X 5 10.02 42.73 -68.07
N SER X 6 9.25 43.71 -67.55
CA SER X 6 8.77 43.76 -66.18
C SER X 6 7.76 42.68 -65.88
N ILE X 7 6.80 42.46 -66.81
CA ILE X 7 5.73 41.48 -66.66
C ILE X 7 6.26 40.07 -66.80
N LEU X 8 7.37 39.88 -67.57
CA LEU X 8 8.01 38.60 -67.75
C LEU X 8 8.71 38.13 -66.49
N SER X 9 9.19 39.08 -65.65
CA SER X 9 9.80 38.79 -64.36
C SER X 9 8.82 38.20 -63.39
N ARG X 10 7.51 38.53 -63.56
CA ARG X 10 6.43 38.02 -62.75
C ARG X 10 6.16 36.59 -63.09
N PHE X 11 6.01 36.29 -64.41
CA PHE X 11 5.67 34.99 -64.96
C PHE X 11 6.65 33.91 -64.64
N ASP X 12 7.98 34.23 -64.66
CA ASP X 12 9.03 33.28 -64.38
C ASP X 12 9.03 32.84 -62.94
N ALA X 13 8.63 33.74 -62.02
CA ALA X 13 8.50 33.45 -60.62
C ALA X 13 7.13 32.95 -60.24
N ASP X 14 6.14 33.03 -61.16
CA ASP X 14 4.78 32.63 -60.92
C ASP X 14 4.65 31.13 -61.04
N TRP X 15 5.54 30.48 -61.82
CA TRP X 15 5.47 29.06 -62.08
C TRP X 15 5.86 28.25 -60.88
N THR X 16 6.92 28.66 -60.14
CA THR X 16 7.31 28.05 -58.88
C THR X 16 6.39 28.47 -57.75
N ALA X 17 5.71 29.64 -57.89
CA ALA X 17 4.77 30.16 -56.93
C ALA X 17 3.46 29.44 -56.99
N SER X 18 3.16 28.76 -58.13
CA SER X 18 1.95 27.99 -58.30
C SER X 18 1.93 26.80 -57.38
N ASP X 19 3.08 26.10 -57.20
CA ASP X 19 3.18 25.00 -56.25
C ASP X 19 3.25 25.46 -54.82
N GLU X 20 3.55 26.76 -54.58
CA GLU X 20 3.53 27.37 -53.28
C GLU X 20 2.11 27.62 -52.83
N ALA X 21 1.24 28.13 -53.72
CA ALA X 21 -0.10 28.51 -53.37
C ALA X 21 -1.08 27.37 -53.57
N ARG X 22 -0.66 26.25 -54.21
CA ARG X 22 -1.47 25.07 -54.29
C ARG X 22 -1.09 24.14 -53.17
N ARG X 23 0.10 23.52 -53.28
CA ARG X 23 0.49 22.45 -52.40
C ARG X 23 0.98 22.90 -51.05
N GLU X 24 1.92 23.88 -51.02
CA GLU X 24 2.63 24.23 -49.80
C GLU X 24 1.77 24.92 -48.79
N ALA X 25 1.09 26.04 -49.17
CA ALA X 25 0.36 26.89 -48.26
C ALA X 25 -0.91 26.26 -47.74
N LYS X 26 -1.42 25.24 -48.48
CA LYS X 26 -2.53 24.41 -48.10
C LYS X 26 -2.18 23.60 -46.89
N ASN X 27 -1.02 22.89 -46.95
CA ASN X 27 -0.51 22.10 -45.85
C ASN X 27 -0.06 22.93 -44.68
N ASP X 28 0.42 24.18 -44.93
CA ASP X 28 0.97 25.09 -43.94
C ASP X 28 -0.05 25.49 -42.90
N LEU X 29 -1.27 25.91 -43.34
CA LEU X 29 -2.31 26.31 -42.41
C LEU X 29 -2.93 25.15 -41.67
N PHE X 30 -2.70 23.88 -42.14
CA PHE X 30 -3.16 22.70 -41.43
C PHE X 30 -2.33 22.42 -40.20
N PHE X 31 -1.04 22.86 -40.14
CA PHE X 31 -0.20 22.76 -38.97
C PHE X 31 -0.83 23.51 -37.83
N SER X 32 -1.14 24.80 -38.08
CA SER X 32 -1.76 25.71 -37.14
C SER X 32 -3.17 25.33 -36.78
N ARG X 33 -3.85 24.49 -37.61
CA ARG X 33 -5.17 24.01 -37.34
C ARG X 33 -5.16 22.92 -36.30
N VAL X 34 -4.10 22.09 -36.22
CA VAL X 34 -3.98 21.04 -35.24
C VAL X 34 -3.56 21.60 -33.89
N SER X 35 -2.61 22.56 -33.87
CA SER X 35 -2.12 23.13 -32.63
C SER X 35 -3.04 24.15 -32.01
N GLN X 36 -3.57 25.12 -32.80
CA GLN X 36 -4.40 26.20 -32.29
C GLN X 36 -5.86 25.89 -32.35
N TRP X 37 -6.25 24.67 -32.78
CA TRP X 37 -7.64 24.31 -32.94
C TRP X 37 -7.65 22.81 -32.97
N ASP X 38 -8.82 22.18 -33.19
CA ASP X 38 -9.02 20.75 -33.15
C ASP X 38 -8.18 20.01 -34.15
N ASP X 39 -7.68 18.82 -33.74
CA ASP X 39 -6.89 17.91 -34.54
C ASP X 39 -7.68 17.39 -35.72
N TRP X 40 -8.95 16.97 -35.49
CA TRP X 40 -9.81 16.51 -36.56
C TRP X 40 -10.32 17.69 -37.32
N LEU X 41 -10.51 17.51 -38.64
CA LEU X 41 -10.90 18.55 -39.54
C LEU X 41 -11.82 17.90 -40.53
N SER X 42 -12.67 18.73 -41.19
CA SER X 42 -13.47 18.35 -42.35
C SER X 42 -14.57 17.38 -42.01
N GLN X 43 -15.34 17.69 -40.95
CA GLN X 43 -16.61 17.06 -40.67
C GLN X 43 -17.57 18.20 -40.56
N TYR X 44 -18.82 17.99 -41.01
CA TYR X 44 -19.75 19.07 -41.23
C TYR X 44 -21.01 18.73 -40.52
N THR X 45 -21.37 19.58 -39.53
CA THR X 45 -22.55 19.54 -38.70
C THR X 45 -22.76 18.21 -38.04
N THR X 46 -21.67 17.68 -37.43
CA THR X 46 -21.66 16.41 -36.74
C THR X 46 -21.86 16.67 -35.27
N LEU X 47 -22.68 15.80 -34.63
CA LEU X 47 -23.04 15.91 -33.25
C LEU X 47 -22.47 14.74 -32.51
N GLN X 48 -21.78 13.80 -33.21
CA GLN X 48 -21.23 12.62 -32.59
C GLN X 48 -19.85 12.98 -32.13
N TYR X 49 -19.39 12.33 -31.03
CA TYR X 49 -18.15 12.62 -30.36
C TYR X 49 -16.96 12.38 -31.26
N ARG X 50 -15.94 13.27 -31.17
CA ARG X 50 -14.67 13.12 -31.82
C ARG X 50 -13.67 13.52 -30.79
N GLY X 51 -12.65 12.66 -30.61
CA GLY X 51 -11.73 12.72 -29.51
C GLY X 51 -10.68 13.77 -29.70
N GLN X 52 -9.92 13.99 -28.60
CA GLN X 52 -8.78 14.85 -28.53
C GLN X 52 -7.99 14.31 -27.37
N PHE X 53 -6.66 14.54 -27.37
CA PHE X 53 -5.83 14.27 -26.22
C PHE X 53 -4.96 15.47 -26.05
N ASP X 54 -4.63 16.15 -27.18
CA ASP X 54 -3.98 17.45 -27.28
C ASP X 54 -2.70 17.53 -26.49
N VAL X 55 -1.82 16.52 -26.63
CA VAL X 55 -0.45 16.58 -26.14
C VAL X 55 0.41 17.37 -27.12
N VAL X 56 -0.17 17.71 -28.30
CA VAL X 56 0.49 18.45 -29.36
C VAL X 56 0.82 19.84 -28.87
N ARG X 57 -0.22 20.60 -28.46
CA ARG X 57 -0.10 21.99 -28.08
C ARG X 57 0.69 22.26 -26.80
N PRO X 58 0.76 21.48 -25.71
CA PRO X 58 1.71 21.67 -24.62
C PRO X 58 3.17 21.70 -25.05
N VAL X 59 3.55 20.92 -26.08
CA VAL X 59 4.91 20.90 -26.60
C VAL X 59 5.18 22.17 -27.39
N VAL X 60 4.14 22.69 -28.11
CA VAL X 60 4.23 23.93 -28.85
C VAL X 60 4.39 25.07 -27.88
N ARG X 61 3.53 25.15 -26.83
CA ARG X 61 3.54 26.17 -25.81
C ARG X 61 4.82 26.19 -25.00
N LYS X 62 5.46 25.01 -24.83
CA LYS X 62 6.75 24.89 -24.16
C LYS X 62 7.83 25.58 -24.94
N LEU X 63 7.83 25.40 -26.29
CA LEU X 63 8.80 25.98 -27.19
C LEU X 63 8.57 27.45 -27.39
N VAL X 64 7.29 27.90 -27.37
CA VAL X 64 6.89 29.29 -27.53
C VAL X 64 7.40 30.11 -26.38
N SER X 65 7.29 29.58 -25.14
CA SER X 65 7.74 30.26 -23.94
C SER X 65 9.25 30.35 -23.87
N GLU X 66 9.96 29.41 -24.53
CA GLU X 66 11.40 29.37 -24.55
C GLU X 66 11.99 30.35 -25.53
N MET X 67 11.35 30.59 -26.70
CA MET X 67 11.90 31.49 -27.70
C MET X 67 11.59 32.94 -27.41
N ARG X 68 10.59 33.22 -26.54
CA ARG X 68 10.27 34.56 -26.14
C ARG X 68 11.19 35.05 -25.05
N GLN X 69 11.82 34.13 -24.27
CA GLN X 69 12.77 34.48 -23.24
C GLN X 69 14.19 34.45 -23.73
N ASN X 70 14.42 34.11 -25.03
CA ASN X 70 15.72 34.23 -25.64
C ASN X 70 15.85 35.65 -26.13
N PRO X 71 17.00 36.33 -26.04
CA PRO X 71 17.06 37.74 -26.39
C PRO X 71 17.50 37.86 -27.83
N ILE X 72 16.55 38.22 -28.72
CA ILE X 72 16.80 38.47 -30.11
C ILE X 72 16.05 39.75 -30.35
N ASP X 73 16.79 40.85 -30.64
CA ASP X 73 16.22 42.11 -31.02
C ASP X 73 17.30 42.89 -31.72
N VAL X 74 17.94 43.86 -31.01
CA VAL X 74 18.86 44.81 -31.59
C VAL X 74 19.95 45.01 -30.58
N LEU X 75 21.21 45.14 -31.07
CA LEU X 75 22.35 45.44 -30.26
C LEU X 75 23.22 46.36 -31.05
N TYR X 76 23.79 45.87 -32.18
CA TYR X 76 24.75 46.54 -33.04
C TYR X 76 26.08 46.63 -32.34
N ARG X 77 27.12 46.03 -32.94
CA ARG X 77 28.49 46.22 -32.53
C ARG X 77 29.14 46.89 -33.72
N PRO X 78 29.96 47.94 -33.55
CA PRO X 78 30.72 48.55 -34.62
C PRO X 78 31.69 47.61 -35.28
N LYS X 79 32.11 47.94 -36.53
CA LYS X 79 33.00 47.17 -37.34
C LYS X 79 34.42 47.53 -36.98
N ASP X 80 35.40 46.90 -37.68
CA ASP X 80 36.82 47.10 -37.49
C ASP X 80 37.19 48.53 -37.78
N GLY X 81 37.88 49.19 -36.81
CA GLY X 81 38.33 50.55 -36.94
C GLY X 81 37.27 51.58 -36.70
N ALA X 82 36.04 51.16 -36.31
CA ALA X 82 34.91 52.04 -36.13
C ALA X 82 34.81 52.45 -34.68
N ARG X 83 34.24 53.65 -34.45
CA ARG X 83 34.05 54.25 -33.15
C ARG X 83 33.03 53.48 -32.33
N PRO X 84 33.12 53.43 -31.00
CA PRO X 84 32.23 52.64 -30.15
C PRO X 84 30.89 53.31 -29.98
N ASP X 85 30.75 54.59 -30.42
CA ASP X 85 29.57 55.40 -30.26
C ASP X 85 28.78 55.40 -31.54
N ALA X 86 29.07 54.45 -32.46
CA ALA X 86 28.37 54.33 -33.71
C ALA X 86 27.19 53.39 -33.59
N ALA X 87 27.11 52.62 -32.47
CA ALA X 87 26.08 51.63 -32.28
C ALA X 87 24.78 52.20 -31.81
N ASP X 88 24.85 53.19 -30.89
CA ASP X 88 23.70 53.82 -30.27
C ASP X 88 22.95 54.76 -31.18
N VAL X 89 23.50 55.02 -32.39
CA VAL X 89 22.85 55.84 -33.39
C VAL X 89 21.72 55.04 -34.01
N LEU X 90 22.02 53.79 -34.41
CA LEU X 90 21.06 52.90 -35.01
C LEU X 90 20.13 52.30 -34.01
N MET X 91 20.67 51.83 -32.86
CA MET X 91 19.92 51.15 -31.83
C MET X 91 19.02 52.11 -31.09
N GLY X 92 19.47 53.37 -30.91
CA GLY X 92 18.70 54.39 -30.22
C GLY X 92 17.51 54.85 -31.01
N MET X 93 17.66 55.00 -32.35
CA MET X 93 16.60 55.44 -33.23
C MET X 93 15.68 54.32 -33.62
N TYR X 94 16.11 53.05 -33.45
CA TYR X 94 15.25 51.89 -33.60
C TYR X 94 14.32 51.86 -32.42
N ARG X 95 14.83 52.17 -31.23
CA ARG X 95 14.06 52.10 -30.03
C ARG X 95 13.14 53.27 -29.84
N THR X 96 13.30 54.37 -30.62
CA THR X 96 12.43 55.53 -30.51
C THR X 96 11.12 55.27 -31.22
N ASP X 97 11.17 54.74 -32.46
CA ASP X 97 9.99 54.59 -33.29
C ASP X 97 9.28 53.28 -33.09
N MET X 98 9.93 52.33 -32.38
CA MET X 98 9.37 51.03 -32.07
C MET X 98 8.75 51.01 -30.70
N ARG X 99 8.64 52.18 -30.01
CA ARG X 99 8.01 52.32 -28.71
C ARG X 99 6.55 51.94 -28.76
N HIS X 100 5.86 52.23 -29.90
CA HIS X 100 4.52 51.79 -30.18
C HIS X 100 4.44 50.28 -30.19
N ASN X 101 3.25 49.75 -29.80
CA ASN X 101 3.06 48.36 -29.44
C ASN X 101 3.14 47.40 -30.59
N THR X 102 3.08 47.89 -31.85
CA THR X 102 3.05 47.07 -33.05
C THR X 102 4.34 46.29 -33.24
N ALA X 103 5.46 46.80 -32.71
CA ALA X 103 6.76 46.19 -32.82
C ALA X 103 6.91 45.02 -31.88
N LYS X 104 6.38 45.19 -30.65
CA LYS X 104 6.48 44.22 -29.58
C LYS X 104 5.52 43.08 -29.78
N ILE X 105 4.39 43.34 -30.48
CA ILE X 105 3.40 42.35 -30.87
C ILE X 105 3.98 41.45 -31.94
N ALA X 106 4.84 42.02 -32.83
CA ALA X 106 5.44 41.30 -33.93
C ALA X 106 6.41 40.24 -33.53
N VAL X 107 7.11 40.40 -32.38
CA VAL X 107 8.10 39.45 -31.92
C VAL X 107 7.42 38.19 -31.43
N ASN X 108 6.34 38.34 -30.63
CA ASN X 108 5.63 37.24 -30.04
C ASN X 108 4.85 36.42 -31.05
N ILE X 109 4.34 37.08 -32.11
CA ILE X 109 3.62 36.42 -33.18
C ILE X 109 4.56 35.63 -34.05
N ALA X 110 5.76 36.19 -34.35
CA ALA X 110 6.70 35.60 -35.27
C ALA X 110 7.30 34.33 -34.75
N VAL X 111 7.65 34.27 -33.45
CA VAL X 111 8.27 33.11 -32.83
C VAL X 111 7.27 31.99 -32.64
N ARG X 112 5.97 32.33 -32.44
CA ARG X 112 4.91 31.36 -32.21
C ARG X 112 4.53 30.69 -33.48
N GLU X 113 4.46 31.46 -34.60
CA GLU X 113 4.07 30.96 -35.88
C GLU X 113 5.16 30.13 -36.50
N GLN X 114 6.45 30.43 -36.16
CA GLN X 114 7.63 29.76 -36.66
C GLN X 114 7.70 28.31 -36.25
N ILE X 115 7.29 28.00 -35.00
CA ILE X 115 7.36 26.68 -34.45
C ILE X 115 6.30 25.81 -35.09
N GLU X 116 5.05 26.31 -35.12
CA GLU X 116 3.91 25.54 -35.59
C GLU X 116 3.95 25.25 -37.06
N ALA X 117 3.94 26.33 -37.89
CA ALA X 117 3.80 26.24 -39.32
C ALA X 117 5.09 25.93 -40.01
N GLY X 118 6.21 26.48 -39.49
CA GLY X 118 7.49 26.44 -40.17
C GLY X 118 7.72 27.71 -40.93
N VAL X 119 6.81 28.71 -40.80
CA VAL X 119 6.91 29.99 -41.46
C VAL X 119 6.50 31.00 -40.44
N GLY X 120 6.85 32.29 -40.66
CA GLY X 120 6.48 33.35 -39.77
C GLY X 120 7.13 34.55 -40.39
N ALA X 121 6.62 35.78 -40.14
CA ALA X 121 7.20 36.92 -40.78
C ALA X 121 6.76 38.17 -40.08
N TRP X 122 7.32 39.31 -40.55
CA TRP X 122 6.94 40.63 -40.12
C TRP X 122 7.40 41.53 -41.24
N ARG X 123 6.80 42.74 -41.33
CA ARG X 123 7.11 43.67 -42.40
C ARG X 123 7.36 45.02 -41.81
N LEU X 124 8.13 45.86 -42.53
CA LEU X 124 8.43 47.21 -42.16
C LEU X 124 7.68 48.08 -43.15
N VAL X 125 6.93 49.07 -42.63
CA VAL X 125 6.13 49.98 -43.42
C VAL X 125 6.70 51.35 -43.18
N THR X 126 6.12 52.38 -43.86
CA THR X 126 6.53 53.76 -43.74
C THR X 126 5.27 54.51 -43.41
N ASP X 127 5.35 55.44 -42.44
CA ASP X 127 4.20 56.19 -42.00
C ASP X 127 4.66 57.52 -41.47
N TYR X 128 3.73 58.49 -41.44
CA TYR X 128 3.92 59.83 -40.95
C TYR X 128 3.15 59.86 -39.66
N GLU X 129 3.87 59.96 -38.52
CA GLU X 129 3.23 59.89 -37.22
C GLU X 129 4.08 60.71 -36.27
N ASP X 130 3.41 61.49 -35.38
CA ASP X 130 4.07 62.35 -34.42
C ASP X 130 3.85 61.81 -33.02
N GLN X 131 3.17 60.64 -32.90
CA GLN X 131 2.99 59.92 -31.65
C GLN X 131 4.30 59.44 -31.11
N SER X 132 5.20 58.96 -31.99
CA SER X 132 6.59 58.78 -31.67
C SER X 132 7.29 59.85 -32.49
N PRO X 133 7.80 60.94 -31.90
CA PRO X 133 8.42 62.01 -32.66
C PRO X 133 9.83 61.63 -33.03
N THR X 134 10.25 62.02 -34.26
CA THR X 134 11.60 61.87 -34.75
C THR X 134 11.79 63.11 -35.59
N SER X 135 13.00 63.31 -36.18
CA SER X 135 13.22 64.33 -37.19
C SER X 135 12.38 64.03 -38.40
N ASN X 136 11.75 65.10 -38.97
CA ASN X 136 10.80 65.08 -40.07
C ASN X 136 9.45 64.48 -39.66
N ASN X 137 9.40 63.78 -38.50
CA ASN X 137 8.27 63.12 -37.89
C ASN X 137 7.75 62.01 -38.78
N GLN X 138 8.66 61.35 -39.53
CA GLN X 138 8.34 60.21 -40.32
C GLN X 138 9.10 59.09 -39.67
N VAL X 139 8.40 57.96 -39.44
CA VAL X 139 8.91 56.85 -38.70
C VAL X 139 8.63 55.63 -39.53
N ILE X 140 9.34 54.52 -39.22
CA ILE X 140 9.04 53.23 -39.79
C ILE X 140 8.69 52.37 -38.63
N ARG X 141 7.64 51.53 -38.79
CA ARG X 141 7.16 50.70 -37.71
C ARG X 141 7.09 49.31 -38.25
N ARG X 142 7.22 48.33 -37.32
CA ARG X 142 7.22 46.93 -37.62
C ARG X 142 5.82 46.43 -37.45
N GLU X 143 5.16 46.06 -38.56
CA GLU X 143 3.82 45.56 -38.57
C GLU X 143 3.89 44.05 -38.57
N PRO X 144 3.19 43.32 -37.69
CA PRO X 144 3.23 41.87 -37.63
C PRO X 144 2.53 41.27 -38.82
N ILE X 145 3.08 40.15 -39.37
CA ILE X 145 2.36 39.35 -40.33
C ILE X 145 1.91 38.21 -39.47
N HIS X 146 0.58 38.14 -39.27
CA HIS X 146 -0.05 37.27 -38.32
C HIS X 146 -0.80 36.28 -39.14
N SER X 147 -0.60 34.97 -38.82
CA SER X 147 -1.11 33.84 -39.56
C SER X 147 -0.38 33.74 -40.86
N ALA X 148 0.98 33.77 -40.78
CA ALA X 148 1.89 33.72 -41.90
C ALA X 148 1.75 32.48 -42.73
N CYS X 149 1.19 31.39 -42.13
CA CYS X 149 0.86 30.11 -42.73
C CYS X 149 -0.14 30.22 -43.87
N SER X 150 -1.13 31.14 -43.72
CA SER X 150 -2.18 31.39 -44.68
C SER X 150 -1.72 32.44 -45.66
N HIS X 151 -0.53 33.03 -45.42
CA HIS X 151 0.02 34.11 -46.20
C HIS X 151 1.24 33.68 -46.97
N VAL X 152 1.35 32.37 -47.30
CA VAL X 152 2.55 31.83 -47.92
C VAL X 152 2.27 31.77 -49.39
N ILE X 153 3.18 32.36 -50.20
CA ILE X 153 3.35 32.03 -51.60
C ILE X 153 4.83 32.21 -51.90
N TRP X 154 5.65 32.50 -50.85
CA TRP X 154 7.03 32.91 -51.01
C TRP X 154 7.89 31.76 -51.47
N ASP X 155 8.84 32.11 -52.36
CA ASP X 155 9.77 31.17 -52.94
C ASP X 155 11.06 31.94 -53.02
N SER X 156 12.18 31.22 -53.20
CA SER X 156 13.48 31.83 -53.30
C SER X 156 14.21 30.97 -54.28
N ASN X 157 14.91 31.63 -55.23
CA ASN X 157 15.72 30.97 -56.23
C ASN X 157 17.16 31.01 -55.80
N SER X 158 17.42 31.72 -54.67
CA SER X 158 18.71 31.88 -54.07
C SER X 158 18.78 30.83 -53.00
N LYS X 159 20.01 30.50 -52.53
CA LYS X 159 20.23 29.51 -51.50
C LYS X 159 20.35 30.21 -50.17
N LEU X 160 20.18 31.56 -50.17
CA LEU X 160 20.21 32.41 -49.02
C LEU X 160 18.87 32.31 -48.32
N MET X 161 18.87 32.61 -47.01
CA MET X 161 17.70 32.52 -46.18
C MET X 161 17.18 33.89 -45.86
N ASP X 162 18.04 34.94 -46.01
CA ASP X 162 17.72 36.31 -45.66
C ASP X 162 16.58 36.88 -46.47
N LYS X 163 16.52 36.53 -47.78
CA LYS X 163 15.50 36.93 -48.73
C LYS X 163 15.52 38.43 -48.89
N SER X 164 16.74 38.97 -49.13
CA SER X 164 17.01 40.37 -49.26
C SER X 164 17.56 40.65 -50.64
N ASP X 165 17.50 39.64 -51.54
CA ASP X 165 18.02 39.76 -52.88
C ASP X 165 17.37 38.72 -53.76
N ALA X 166 16.37 37.97 -53.23
CA ALA X 166 15.64 36.96 -53.96
C ALA X 166 14.84 37.61 -55.07
N ARG X 167 14.69 36.89 -56.20
CA ARG X 167 14.11 37.40 -57.41
C ARG X 167 12.87 36.64 -57.78
N HIS X 168 12.51 35.61 -56.98
CA HIS X 168 11.33 34.81 -57.19
C HIS X 168 10.44 34.92 -55.98
N CYS X 169 10.73 35.90 -55.09
CA CYS X 169 9.99 36.10 -53.88
C CYS X 169 8.81 36.99 -54.09
N THR X 170 7.68 36.61 -53.46
CA THR X 170 6.47 37.37 -53.47
C THR X 170 5.79 36.98 -52.19
N VAL X 171 5.03 37.93 -51.59
CA VAL X 171 4.31 37.73 -50.34
C VAL X 171 2.87 37.95 -50.71
N ILE X 172 1.93 37.36 -49.94
CA ILE X 172 0.52 37.49 -50.23
C ILE X 172 -0.12 37.90 -48.93
N HIS X 173 -1.19 38.73 -49.02
CA HIS X 173 -1.90 39.23 -47.88
C HIS X 173 -3.34 38.92 -48.11
N SER X 174 -3.91 38.05 -47.23
CA SER X 174 -5.29 37.66 -47.25
C SER X 174 -6.02 38.59 -46.32
N MET X 175 -6.95 39.39 -46.89
CA MET X 175 -7.62 40.45 -46.18
C MET X 175 -9.07 40.42 -46.58
N SER X 176 -9.92 41.14 -45.81
CA SER X 176 -11.35 41.23 -46.09
C SER X 176 -11.59 42.26 -47.15
N GLN X 177 -12.87 42.42 -47.57
CA GLN X 177 -13.29 43.37 -48.59
C GLN X 177 -13.11 44.79 -48.11
N ASN X 178 -13.23 45.01 -46.77
CA ASN X 178 -13.01 46.28 -46.12
C ASN X 178 -11.56 46.67 -46.18
N GLY X 179 -10.66 45.68 -45.99
CA GLY X 179 -9.23 45.86 -45.98
C GLY X 179 -8.66 46.22 -47.33
N TRP X 180 -9.31 45.75 -48.42
CA TRP X 180 -8.89 46.02 -49.79
C TRP X 180 -9.09 47.46 -50.18
N GLU X 181 -10.08 48.15 -49.56
CA GLU X 181 -10.35 49.55 -49.80
C GLU X 181 -9.21 50.42 -49.36
N ASP X 182 -8.69 50.17 -48.13
CA ASP X 182 -7.62 50.94 -47.52
C ASP X 182 -6.28 50.61 -48.12
N PHE X 183 -6.13 49.39 -48.71
CA PHE X 183 -4.93 48.94 -49.37
C PHE X 183 -4.78 49.64 -50.71
N ALA X 184 -5.92 50.04 -51.32
CA ALA X 184 -5.96 50.68 -52.61
C ALA X 184 -5.76 52.17 -52.50
N GLU X 185 -5.84 52.74 -51.27
CA GLU X 185 -5.62 54.15 -51.04
C GLU X 185 -4.13 54.42 -51.03
N LYS X 186 -3.34 53.50 -50.42
CA LYS X 186 -1.92 53.69 -50.23
C LYS X 186 -1.12 53.55 -51.49
N TYR X 187 -1.40 52.48 -52.28
CA TYR X 187 -0.58 52.12 -53.41
C TYR X 187 -1.13 52.63 -54.72
N ASP X 188 -2.21 53.43 -54.67
CA ASP X 188 -2.85 54.05 -55.82
C ASP X 188 -3.39 53.01 -56.77
N LEU X 189 -4.39 52.24 -56.29
CA LEU X 189 -4.94 51.09 -56.98
C LEU X 189 -6.43 51.32 -57.07
N ASP X 190 -7.13 50.39 -57.76
CA ASP X 190 -8.57 50.39 -57.87
C ASP X 190 -9.08 49.64 -56.67
N ALA X 191 -10.16 50.14 -56.04
CA ALA X 191 -10.69 49.59 -54.81
C ALA X 191 -11.92 48.76 -55.08
N ASP X 192 -12.30 48.61 -56.37
CA ASP X 192 -13.45 47.85 -56.78
C ASP X 192 -12.96 46.66 -57.56
N ASP X 193 -11.63 46.38 -57.51
CA ASP X 193 -10.96 45.34 -58.27
C ASP X 193 -11.41 43.97 -57.81
N ILE X 194 -11.47 43.76 -56.47
CA ILE X 194 -11.75 42.50 -55.81
C ILE X 194 -10.76 41.42 -56.26
N PRO X 195 -9.46 41.56 -55.98
CA PRO X 195 -8.41 40.75 -56.59
C PRO X 195 -8.32 39.40 -55.95
N SER X 196 -7.50 38.51 -56.56
CA SER X 196 -7.18 37.20 -56.05
C SER X 196 -5.82 36.91 -56.59
N PHE X 197 -5.22 35.78 -56.15
CA PHE X 197 -3.96 35.28 -56.66
C PHE X 197 -4.34 34.01 -57.38
N GLN X 198 -4.63 32.94 -56.61
CA GLN X 198 -5.43 31.84 -57.09
C GLN X 198 -6.06 31.18 -55.89
N ASN X 199 -6.04 31.86 -54.72
CA ASN X 199 -6.27 31.34 -53.39
C ASN X 199 -5.05 30.56 -52.92
N PRO X 200 -4.30 31.00 -51.89
CA PRO X 200 -3.25 30.19 -51.29
C PRO X 200 -3.84 29.18 -50.34
N ASN X 201 -5.11 29.36 -49.93
CA ASN X 201 -5.68 28.66 -48.81
C ASN X 201 -6.23 27.34 -49.29
N ASP X 202 -6.57 26.47 -48.32
CA ASP X 202 -7.17 25.18 -48.52
C ASP X 202 -8.53 25.29 -49.17
N TRP X 203 -8.90 24.26 -49.95
CA TRP X 203 -10.18 24.19 -50.61
C TRP X 203 -11.02 23.14 -49.94
N VAL X 204 -10.49 22.52 -48.84
CA VAL X 204 -11.20 21.56 -48.03
C VAL X 204 -12.27 22.28 -47.24
N PHE X 205 -11.89 23.43 -46.64
CA PHE X 205 -12.73 24.34 -45.88
C PHE X 205 -13.44 23.72 -44.69
N PRO X 206 -12.77 23.38 -43.57
CA PRO X 206 -13.43 23.08 -42.29
C PRO X 206 -14.13 24.28 -41.69
N TRP X 207 -13.94 25.48 -42.28
CA TRP X 207 -14.66 26.68 -41.96
C TRP X 207 -14.56 27.47 -43.24
N LEU X 208 -15.44 28.50 -43.41
CA LEU X 208 -15.39 29.34 -44.59
C LEU X 208 -15.69 30.73 -44.11
N THR X 209 -14.70 31.65 -44.28
CA THR X 209 -14.83 33.06 -43.96
C THR X 209 -15.36 33.75 -45.19
N GLN X 210 -16.12 34.86 -44.98
CA GLN X 210 -16.87 35.59 -45.98
C GLN X 210 -15.98 36.18 -47.05
N ASP X 211 -14.85 36.79 -46.64
CA ASP X 211 -13.92 37.40 -47.54
C ASP X 211 -12.56 37.10 -46.99
N THR X 212 -11.64 36.68 -47.90
CA THR X 212 -10.28 36.35 -47.58
C THR X 212 -9.46 36.80 -48.77
N ILE X 213 -10.03 37.71 -49.62
CA ILE X 213 -9.54 38.08 -50.94
C ILE X 213 -8.12 38.59 -50.87
N GLN X 214 -7.30 38.26 -51.90
CA GLN X 214 -5.88 38.30 -51.75
C GLN X 214 -5.28 39.23 -52.74
N ILE X 215 -4.06 39.72 -52.43
CA ILE X 215 -3.29 40.52 -53.33
C ILE X 215 -1.86 40.19 -53.01
N ALA X 216 -1.00 40.12 -54.05
CA ALA X 216 0.36 39.68 -53.95
C ALA X 216 1.27 40.87 -54.14
N GLU X 217 2.25 41.05 -53.23
CA GLU X 217 3.25 42.07 -53.30
C GLU X 217 4.52 41.38 -53.74
N PHE X 218 4.99 41.73 -54.96
CA PHE X 218 6.08 41.08 -55.64
C PHE X 218 7.28 41.96 -55.43
N TYR X 219 8.49 41.35 -55.33
CA TYR X 219 9.72 42.07 -55.16
C TYR X 219 10.63 41.59 -56.25
N GLU X 220 11.15 42.53 -57.05
CA GLU X 220 12.09 42.29 -58.11
C GLU X 220 13.26 43.18 -57.79
N VAL X 221 14.46 42.84 -58.33
CA VAL X 221 15.70 43.51 -57.96
C VAL X 221 16.23 44.16 -59.21
N VAL X 222 16.64 45.45 -59.09
CA VAL X 222 17.35 46.18 -60.10
C VAL X 222 18.40 46.89 -59.28
N GLU X 223 19.68 46.91 -59.72
CA GLU X 223 20.74 47.46 -58.90
C GLU X 223 20.65 48.97 -58.84
N LYS X 224 20.54 49.62 -60.02
CA LYS X 224 20.29 51.03 -60.25
C LYS X 224 21.56 51.82 -60.07
N LYS X 225 22.06 51.92 -58.80
CA LYS X 225 23.25 52.65 -58.37
C LYS X 225 23.21 54.11 -58.75
N GLU X 226 24.39 54.79 -58.72
CA GLU X 226 24.46 56.23 -58.71
C GLU X 226 25.91 56.60 -58.58
N THR X 227 26.17 57.93 -58.67
CA THR X 227 27.49 58.48 -58.68
C THR X 227 27.33 59.93 -58.29
N ALA X 228 28.47 60.58 -57.91
CA ALA X 228 28.63 62.00 -57.67
C ALA X 228 27.59 62.60 -56.75
N PHE X 229 27.12 63.84 -57.07
CA PHE X 229 26.12 64.58 -56.33
C PHE X 229 26.65 64.95 -54.98
N ILE X 230 27.67 65.84 -54.96
CA ILE X 230 28.32 66.26 -53.73
C ILE X 230 27.85 67.68 -53.59
N TYR X 231 27.72 68.14 -52.32
CA TYR X 231 27.20 69.43 -51.99
C TYR X 231 27.96 69.91 -50.79
N GLN X 232 27.61 71.10 -50.26
CA GLN X 232 28.18 71.63 -49.05
C GLN X 232 27.03 71.79 -48.09
N ASP X 233 27.37 72.05 -46.81
CA ASP X 233 26.40 72.32 -45.78
C ASP X 233 26.68 73.74 -45.38
N PRO X 234 25.80 74.72 -45.61
CA PRO X 234 26.02 76.10 -45.20
C PRO X 234 25.75 76.26 -43.72
N VAL X 235 25.17 75.24 -43.06
CA VAL X 235 24.82 75.30 -41.65
C VAL X 235 25.99 74.78 -40.89
N THR X 236 26.67 75.69 -40.14
CA THR X 236 27.77 75.47 -39.23
C THR X 236 28.93 74.73 -39.88
N GLY X 237 29.28 75.13 -41.13
CA GLY X 237 30.40 74.60 -41.86
C GLY X 237 30.16 73.18 -42.29
N GLU X 238 31.25 72.52 -42.74
CA GLU X 238 31.31 71.17 -43.27
C GLU X 238 30.95 71.14 -44.73
N PRO X 239 31.92 71.24 -45.65
CA PRO X 239 31.66 71.02 -47.07
C PRO X 239 31.87 69.55 -47.32
N VAL X 240 31.63 69.09 -48.57
CA VAL X 240 31.81 67.73 -49.02
C VAL X 240 30.85 66.80 -48.31
N SER X 241 29.53 67.06 -48.47
CA SER X 241 28.49 66.21 -47.97
C SER X 241 27.98 65.42 -49.15
N TYR X 242 27.63 64.15 -48.89
CA TYR X 242 27.26 63.19 -49.91
C TYR X 242 25.77 63.06 -49.87
N PHE X 243 25.07 63.48 -50.95
CA PHE X 243 23.63 63.39 -51.01
C PHE X 243 23.32 62.62 -52.24
N LYS X 244 22.13 61.97 -52.26
CA LYS X 244 21.70 60.99 -53.22
C LYS X 244 21.43 61.59 -54.59
N ARG X 245 21.14 60.71 -55.57
CA ARG X 245 20.80 61.10 -56.91
C ARG X 245 19.43 60.56 -57.23
N ASP X 246 19.15 59.30 -56.80
CA ASP X 246 18.04 58.54 -57.31
C ASP X 246 16.75 58.86 -56.60
N ILE X 247 16.82 58.95 -55.25
CA ILE X 247 15.65 59.14 -54.40
C ILE X 247 15.11 60.53 -54.64
N LYS X 248 16.01 61.56 -54.75
CA LYS X 248 15.62 62.90 -55.10
C LYS X 248 15.34 62.92 -56.58
N ASP X 249 14.40 63.81 -57.00
CA ASP X 249 14.05 63.95 -58.40
C ASP X 249 13.66 65.38 -58.61
N VAL X 250 13.55 66.17 -57.51
CA VAL X 250 13.06 67.52 -57.58
C VAL X 250 14.01 68.37 -56.76
N ILE X 251 14.62 67.79 -55.69
CA ILE X 251 15.51 68.50 -54.79
C ILE X 251 16.76 68.96 -55.49
N ASP X 252 17.14 68.23 -56.57
CA ASP X 252 18.37 68.37 -57.32
C ASP X 252 18.65 69.70 -57.96
N ASP X 253 17.62 70.47 -58.38
CA ASP X 253 17.80 71.75 -59.03
C ASP X 253 18.14 72.86 -58.06
N LEU X 254 17.45 72.88 -56.89
CA LEU X 254 17.64 73.89 -55.88
C LEU X 254 18.81 73.55 -54.99
N ALA X 255 19.30 72.29 -55.07
CA ALA X 255 20.45 71.84 -54.32
C ALA X 255 21.71 72.43 -54.90
N ASP X 256 21.74 72.68 -56.22
CA ASP X 256 22.85 73.31 -56.92
C ASP X 256 22.97 74.77 -56.58
N SER X 257 21.86 75.43 -56.20
CA SER X 257 21.87 76.83 -55.83
C SER X 257 22.10 76.94 -54.35
N GLY X 258 22.80 78.03 -53.93
CA GLY X 258 23.18 78.30 -52.57
C GLY X 258 24.48 77.64 -52.19
N PHE X 259 24.73 76.42 -52.72
CA PHE X 259 25.91 75.66 -52.40
C PHE X 259 26.06 74.64 -53.49
N ILE X 260 27.31 74.21 -53.75
CA ILE X 260 27.59 73.12 -54.66
C ILE X 260 28.98 72.68 -54.29
N LYS X 261 29.34 71.41 -54.59
CA LYS X 261 30.68 70.93 -54.39
C LYS X 261 30.86 69.79 -55.35
N ILE X 262 32.11 69.32 -55.50
CA ILE X 262 32.45 68.18 -56.30
C ILE X 262 33.58 67.51 -55.58
N ALA X 263 33.53 66.17 -55.54
CA ALA X 263 34.64 65.33 -55.17
C ALA X 263 34.36 63.97 -55.76
N GLU X 264 33.15 63.83 -56.36
CA GLU X 264 32.51 62.62 -56.81
C GLU X 264 32.43 61.49 -55.80
N ARG X 265 31.77 60.39 -56.21
CA ARG X 265 31.50 59.25 -55.39
C ARG X 265 31.20 58.16 -56.38
N GLN X 266 31.41 56.89 -56.00
CA GLN X 266 30.81 55.77 -56.69
C GLN X 266 30.39 54.85 -55.61
N ILE X 267 29.07 54.57 -55.54
CA ILE X 267 28.48 53.78 -54.49
C ILE X 267 27.55 52.83 -55.20
N LYS X 268 27.39 51.63 -54.61
CA LYS X 268 26.57 50.58 -55.14
C LYS X 268 25.43 50.51 -54.19
N ARG X 269 24.21 50.47 -54.78
CA ARG X 269 22.99 50.26 -54.08
C ARG X 269 22.39 49.06 -54.75
N ARG X 270 21.52 48.34 -54.02
CA ARG X 270 20.75 47.24 -54.54
C ARG X 270 19.37 47.59 -54.10
N ARG X 271 18.51 47.98 -55.07
CA ARG X 271 17.18 48.47 -54.80
C ARG X 271 16.21 47.42 -55.24
N VAL X 272 15.06 47.34 -54.53
CA VAL X 272 14.01 46.44 -54.87
C VAL X 272 12.82 47.30 -55.16
N TYR X 273 11.98 46.83 -56.08
CA TYR X 273 10.82 47.55 -56.56
C TYR X 273 9.68 46.66 -56.22
N LYS X 274 8.76 47.19 -55.40
CA LYS X 274 7.60 46.47 -54.98
C LYS X 274 6.56 46.75 -56.01
N SER X 275 5.82 45.70 -56.44
CA SER X 275 4.86 45.84 -57.50
C SER X 275 3.66 45.09 -57.02
N ILE X 276 2.48 45.68 -57.24
CA ILE X 276 1.23 45.10 -56.86
C ILE X 276 0.76 44.33 -58.06
N ILE X 277 0.51 43.03 -57.88
CA ILE X 277 0.19 42.09 -58.94
C ILE X 277 -1.02 41.36 -58.44
N THR X 278 -2.02 41.17 -59.34
CA THR X 278 -3.21 40.40 -59.11
C THR X 278 -2.89 38.94 -59.34
N CYS X 279 -3.66 38.23 -60.20
CA CYS X 279 -3.48 36.83 -60.47
C CYS X 279 -2.19 36.56 -61.22
N THR X 280 -1.93 37.32 -62.30
CA THR X 280 -0.74 37.16 -63.11
C THR X 280 -0.40 38.50 -63.73
N ALA X 281 -1.38 39.44 -63.78
CA ALA X 281 -1.23 40.70 -64.46
C ALA X 281 -0.83 41.71 -63.43
N VAL X 282 0.09 42.64 -63.78
CA VAL X 282 0.61 43.57 -62.82
C VAL X 282 -0.27 44.80 -62.82
N LEU X 283 -0.78 45.15 -61.62
CA LEU X 283 -1.70 46.23 -61.37
C LEU X 283 -0.97 47.54 -61.22
N LYS X 284 0.17 47.53 -60.48
CA LYS X 284 1.02 48.69 -60.27
C LYS X 284 2.41 48.22 -60.55
N ASP X 285 3.13 48.91 -61.45
CA ASP X 285 4.43 48.47 -61.94
C ASP X 285 5.45 49.49 -61.51
N LYS X 286 6.60 49.00 -60.98
CA LYS X 286 7.78 49.77 -60.62
C LYS X 286 7.48 50.87 -59.62
N GLN X 287 6.83 50.52 -58.50
CA GLN X 287 6.62 51.43 -57.40
C GLN X 287 7.75 51.23 -56.44
N LEU X 288 8.60 52.26 -56.24
CA LEU X 288 9.79 52.16 -55.41
C LEU X 288 9.38 52.11 -53.96
N ILE X 289 9.85 51.07 -53.24
CA ILE X 289 9.66 50.90 -51.81
C ILE X 289 10.91 51.49 -51.18
N ALA X 290 10.74 52.14 -50.00
CA ALA X 290 11.76 52.89 -49.31
C ALA X 290 12.95 52.05 -48.93
N GLY X 291 12.71 50.80 -48.46
CA GLY X 291 13.76 49.86 -48.16
C GLY X 291 14.37 49.38 -49.43
N GLU X 292 15.69 49.61 -49.60
CA GLU X 292 16.44 49.21 -50.76
C GLU X 292 16.58 47.71 -50.81
N HIS X 293 16.84 47.07 -49.65
CA HIS X 293 16.73 45.64 -49.52
C HIS X 293 15.30 45.35 -49.15
N ILE X 294 14.87 44.08 -49.33
CA ILE X 294 13.50 43.64 -49.10
C ILE X 294 13.12 43.85 -47.64
N PRO X 295 11.97 44.42 -47.28
CA PRO X 295 11.68 44.75 -45.89
C PRO X 295 10.69 43.76 -45.35
N ILE X 296 10.70 42.50 -45.84
CA ILE X 296 9.92 41.44 -45.28
C ILE X 296 10.87 40.28 -45.24
N VAL X 297 11.16 39.80 -44.01
CA VAL X 297 12.08 38.71 -43.77
C VAL X 297 11.31 37.57 -43.16
N PRO X 298 11.04 36.46 -43.84
CA PRO X 298 10.40 35.31 -43.24
C PRO X 298 11.40 34.51 -42.44
N VAL X 299 10.96 33.95 -41.29
CA VAL X 299 11.72 33.04 -40.46
C VAL X 299 11.18 31.67 -40.75
N PHE X 300 12.04 30.64 -40.54
CA PHE X 300 11.71 29.28 -40.88
C PHE X 300 12.34 28.45 -39.81
N GLY X 301 11.59 27.51 -39.19
CA GLY X 301 12.15 26.67 -38.15
C GLY X 301 12.94 25.52 -38.70
N GLU X 302 12.33 24.73 -39.61
CA GLU X 302 12.94 23.58 -40.24
C GLU X 302 12.88 23.91 -41.71
N TRP X 303 14.05 24.05 -42.36
CA TRP X 303 14.15 24.79 -43.59
C TRP X 303 15.05 24.05 -44.54
N GLY X 304 14.94 24.36 -45.85
CA GLY X 304 15.80 23.81 -46.85
C GLY X 304 15.27 24.15 -48.20
N PHE X 305 15.78 23.45 -49.24
CA PHE X 305 15.36 23.61 -50.61
C PHE X 305 15.11 22.24 -51.15
N VAL X 306 14.44 22.19 -52.33
CA VAL X 306 14.30 21.02 -53.14
C VAL X 306 15.45 21.03 -54.10
N GLU X 307 15.55 22.12 -54.90
CA GLU X 307 16.75 22.44 -55.63
C GLU X 307 16.65 23.85 -56.13
N ASP X 308 15.44 24.47 -56.01
CA ASP X 308 15.25 25.86 -56.39
C ASP X 308 13.91 26.28 -55.85
N LYS X 309 13.18 25.36 -55.18
CA LYS X 309 11.90 25.66 -54.56
C LYS X 309 12.18 25.58 -53.09
N GLU X 310 11.70 26.58 -52.33
CA GLU X 310 11.94 26.70 -50.92
C GLU X 310 10.90 25.86 -50.21
N VAL X 311 11.34 25.07 -49.21
CA VAL X 311 10.50 24.11 -48.53
C VAL X 311 10.78 24.27 -47.07
N TYR X 312 9.73 24.07 -46.24
CA TYR X 312 9.81 24.24 -44.82
C TYR X 312 8.70 23.43 -44.22
N GLU X 313 8.81 23.16 -42.90
CA GLU X 313 7.83 22.45 -42.14
C GLU X 313 8.01 22.88 -40.71
N GLY X 314 7.01 22.55 -39.86
CA GLY X 314 7.07 22.73 -38.43
C GLY X 314 7.12 21.36 -37.82
N VAL X 315 6.89 21.31 -36.49
CA VAL X 315 6.94 20.08 -35.70
C VAL X 315 5.59 19.39 -35.67
N VAL X 316 4.51 20.05 -36.15
CA VAL X 316 3.14 19.57 -36.03
C VAL X 316 2.82 18.49 -37.03
N ARG X 317 3.46 18.50 -38.24
CA ARG X 317 3.28 17.52 -39.30
C ARG X 317 3.54 16.11 -38.85
N LEU X 318 4.56 15.94 -37.99
CA LEU X 318 5.05 14.66 -37.56
C LEU X 318 4.18 14.10 -36.45
N THR X 319 3.49 14.99 -35.69
CA THR X 319 2.68 14.62 -34.55
C THR X 319 1.28 14.21 -34.93
N LYS X 320 0.69 14.91 -35.94
CA LYS X 320 -0.73 14.85 -36.26
C LYS X 320 -1.19 13.52 -36.80
N ASP X 321 -0.27 12.71 -37.36
CA ASP X 321 -0.54 11.40 -37.90
C ASP X 321 -0.93 10.44 -36.80
N GLY X 322 -0.11 10.39 -35.73
CA GLY X 322 -0.36 9.57 -34.58
C GLY X 322 -1.46 10.12 -33.71
N GLN X 323 -1.67 11.46 -33.73
CA GLN X 323 -2.70 12.11 -32.93
C GLN X 323 -4.09 11.79 -33.39
N ARG X 324 -4.32 11.69 -34.72
CA ARG X 324 -5.61 11.32 -35.27
C ARG X 324 -5.89 9.87 -35.00
N LEU X 325 -4.84 9.01 -35.01
CA LEU X 325 -4.98 7.61 -34.70
C LEU X 325 -5.37 7.35 -33.26
N ARG X 326 -4.86 8.18 -32.30
CA ARG X 326 -5.25 8.13 -30.90
C ARG X 326 -6.71 8.49 -30.72
N ASN X 327 -7.13 9.61 -31.35
CA ASN X 327 -8.49 10.13 -31.30
C ASN X 327 -9.51 9.19 -31.87
N MET X 328 -9.11 8.36 -32.87
CA MET X 328 -9.96 7.44 -33.58
C MET X 328 -10.42 6.33 -32.68
N ILE X 329 -9.48 5.78 -31.87
CA ILE X 329 -9.68 4.65 -31.01
C ILE X 329 -10.49 5.07 -29.81
N MET X 330 -10.29 6.33 -29.33
CA MET X 330 -10.97 6.90 -28.19
C MET X 330 -12.47 6.98 -28.42
N SER X 331 -12.86 7.42 -29.64
CA SER X 331 -14.23 7.62 -30.05
C SER X 331 -14.91 6.35 -30.48
N PHE X 332 -14.13 5.31 -30.89
CA PHE X 332 -14.65 4.00 -31.26
C PHE X 332 -15.21 3.34 -30.04
N ASN X 333 -14.45 3.40 -28.91
CA ASN X 333 -14.86 2.85 -27.64
C ASN X 333 -16.06 3.58 -27.06
N ALA X 334 -16.23 4.88 -27.39
CA ALA X 334 -17.40 5.67 -27.02
C ALA X 334 -18.67 5.15 -27.61
N ASP X 335 -18.60 4.65 -28.86
CA ASP X 335 -19.73 4.12 -29.60
C ASP X 335 -20.13 2.79 -29.03
N ILE X 336 -19.15 1.91 -28.71
CA ILE X 336 -19.35 0.60 -28.15
C ILE X 336 -19.98 0.67 -26.77
N VAL X 337 -19.54 1.62 -25.91
CA VAL X 337 -20.04 1.82 -24.56
C VAL X 337 -21.43 2.38 -24.55
N ALA X 338 -21.78 3.25 -25.54
CA ALA X 338 -23.07 3.89 -25.61
C ALA X 338 -24.07 2.96 -26.22
N ARG X 339 -23.82 2.54 -27.47
CA ARG X 339 -24.72 1.73 -28.26
C ARG X 339 -24.34 0.30 -28.05
N THR X 340 -25.25 -0.47 -27.42
CA THR X 340 -25.15 -1.87 -27.10
C THR X 340 -26.28 -2.05 -26.09
N PRO X 341 -27.05 -3.13 -26.08
CA PRO X 341 -28.01 -3.39 -25.01
C PRO X 341 -27.25 -3.87 -23.79
N LYS X 342 -27.69 -3.43 -22.59
CA LYS X 342 -27.09 -3.74 -21.30
C LYS X 342 -27.14 -5.23 -21.03
N LYS X 343 -26.14 -5.75 -20.27
CA LYS X 343 -26.03 -7.16 -19.96
C LYS X 343 -27.17 -7.60 -19.09
N LYS X 344 -27.89 -8.65 -19.55
CA LYS X 344 -29.07 -9.16 -18.92
C LYS X 344 -29.10 -10.63 -19.24
N PRO X 345 -29.75 -11.49 -18.45
CA PRO X 345 -29.76 -12.93 -18.67
C PRO X 345 -30.65 -13.30 -19.83
N PHE X 346 -30.25 -14.33 -20.60
CA PHE X 346 -31.06 -14.93 -21.63
C PHE X 346 -31.95 -15.91 -20.91
N PHE X 347 -33.23 -15.98 -21.34
CA PHE X 347 -34.16 -16.96 -20.86
C PHE X 347 -34.97 -17.31 -22.06
N TRP X 348 -35.88 -18.28 -21.90
CA TRP X 348 -36.72 -18.78 -22.94
C TRP X 348 -38.13 -18.62 -22.40
N PRO X 349 -39.14 -18.19 -23.18
CA PRO X 349 -40.42 -17.74 -22.65
C PRO X 349 -41.22 -18.75 -21.85
N GLU X 350 -41.03 -20.06 -22.08
CA GLU X 350 -41.84 -21.09 -21.48
C GLU X 350 -41.40 -21.42 -20.07
N GLN X 351 -40.15 -21.06 -19.68
CA GLN X 351 -39.60 -21.38 -18.39
C GLN X 351 -39.42 -20.16 -17.54
N ILE X 352 -39.79 -18.96 -18.06
CA ILE X 352 -39.68 -17.71 -17.34
C ILE X 352 -41.08 -17.17 -17.14
N ALA X 353 -42.11 -17.95 -17.58
CA ALA X 353 -43.50 -17.60 -17.50
C ALA X 353 -43.95 -17.47 -16.07
N GLY X 354 -44.79 -16.46 -15.78
CA GLY X 354 -45.41 -16.28 -14.48
C GLY X 354 -44.49 -15.67 -13.46
N PHE X 355 -43.28 -15.24 -13.87
CA PHE X 355 -42.31 -14.62 -12.99
C PHE X 355 -42.10 -13.25 -13.56
N GLU X 356 -42.16 -12.25 -12.66
CA GLU X 356 -41.86 -10.88 -12.98
C GLU X 356 -41.60 -10.12 -11.70
N HIS X 357 -41.80 -10.78 -10.53
CA HIS X 357 -41.69 -10.17 -9.23
C HIS X 357 -40.46 -10.69 -8.56
N MET X 358 -39.72 -11.60 -9.25
CA MET X 358 -38.48 -12.16 -8.77
C MET X 358 -37.39 -11.65 -9.66
N TYR X 359 -37.73 -10.78 -10.64
CA TYR X 359 -36.79 -10.16 -11.54
C TYR X 359 -37.11 -8.71 -11.48
N ASP X 360 -36.16 -7.91 -10.95
CA ASP X 360 -36.31 -6.50 -10.72
C ASP X 360 -34.91 -5.95 -10.78
N GLY X 361 -34.78 -4.61 -10.78
CA GLY X 361 -33.52 -3.93 -10.76
C GLY X 361 -32.93 -3.79 -9.38
N ASN X 362 -33.67 -4.18 -8.32
CA ASN X 362 -33.22 -4.05 -6.96
C ASN X 362 -33.41 -5.36 -6.29
N ASP X 363 -32.76 -5.53 -5.11
CA ASP X 363 -32.69 -6.78 -4.38
C ASP X 363 -33.70 -6.63 -3.29
N ASP X 364 -34.67 -7.57 -3.21
CA ASP X 364 -35.65 -7.61 -2.15
C ASP X 364 -36.01 -9.05 -1.90
N TYR X 365 -35.29 -9.98 -2.55
CA TYR X 365 -35.69 -11.36 -2.65
C TYR X 365 -34.39 -12.13 -2.59
N PRO X 366 -34.35 -13.34 -2.05
CA PRO X 366 -33.10 -14.05 -1.82
C PRO X 366 -32.60 -14.72 -3.08
N TYR X 367 -33.48 -15.07 -4.04
CA TYR X 367 -33.09 -15.88 -5.17
C TYR X 367 -34.14 -15.79 -6.23
N TYR X 368 -33.79 -16.27 -7.44
CA TYR X 368 -34.59 -16.26 -8.62
C TYR X 368 -35.36 -17.55 -8.68
N LEU X 369 -36.41 -17.59 -9.53
CA LEU X 369 -37.29 -18.74 -9.62
C LEU X 369 -37.61 -18.91 -11.08
N LEU X 370 -37.64 -20.18 -11.52
CA LEU X 370 -37.88 -20.59 -12.89
C LEU X 370 -38.77 -21.79 -12.77
N ASN X 371 -39.33 -22.26 -13.92
CA ASN X 371 -40.12 -23.47 -14.00
C ASN X 371 -39.20 -24.64 -14.06
N ARG X 372 -39.70 -25.82 -13.61
CA ARG X 372 -38.96 -27.05 -13.58
C ARG X 372 -39.59 -28.02 -14.55
N THR X 373 -40.87 -27.78 -14.93
CA THR X 373 -41.61 -28.66 -15.79
C THR X 373 -42.35 -27.79 -16.78
N ASP X 374 -42.86 -28.42 -17.86
CA ASP X 374 -43.60 -27.76 -18.90
C ASP X 374 -44.67 -28.73 -19.31
N GLU X 375 -45.70 -28.21 -20.03
CA GLU X 375 -46.75 -28.98 -20.62
C GLU X 375 -46.29 -29.48 -21.96
N ASN X 376 -47.04 -30.46 -22.52
CA ASN X 376 -46.81 -31.15 -23.77
C ASN X 376 -45.71 -32.17 -23.58
N SER X 377 -46.10 -33.47 -23.65
CA SER X 377 -45.29 -34.64 -23.39
C SER X 377 -44.54 -34.55 -22.07
N GLY X 378 -43.37 -35.21 -21.98
CA GLY X 378 -42.62 -35.38 -20.75
C GLY X 378 -41.54 -34.34 -20.64
N ASP X 379 -41.56 -33.29 -21.50
CA ASP X 379 -40.55 -32.26 -21.59
C ASP X 379 -40.38 -31.46 -20.32
N LEU X 380 -39.11 -31.12 -20.02
CA LEU X 380 -38.69 -30.26 -18.94
C LEU X 380 -37.84 -29.22 -19.65
N PRO X 381 -37.63 -28.00 -19.12
CA PRO X 381 -36.80 -26.95 -19.71
C PRO X 381 -35.44 -27.36 -20.21
N THR X 382 -34.96 -26.72 -21.30
CA THR X 382 -33.69 -27.01 -21.92
C THR X 382 -32.91 -25.73 -21.80
N GLN X 383 -31.77 -25.81 -21.06
CA GLN X 383 -30.85 -24.73 -20.75
C GLN X 383 -31.46 -23.83 -19.68
N PRO X 384 -30.93 -23.72 -18.46
CA PRO X 384 -31.60 -22.97 -17.41
C PRO X 384 -31.28 -21.50 -17.54
N LEU X 385 -30.09 -21.16 -18.08
CA LEU X 385 -29.65 -19.79 -18.15
C LEU X 385 -28.57 -19.69 -19.18
N ALA X 386 -28.21 -18.43 -19.50
CA ALA X 386 -27.15 -18.04 -20.40
C ALA X 386 -27.19 -16.54 -20.28
N TYR X 387 -26.11 -15.83 -20.68
CA TYR X 387 -25.99 -14.42 -20.40
C TYR X 387 -25.42 -13.76 -21.61
N TYR X 388 -25.78 -12.46 -21.78
CA TYR X 388 -25.29 -11.58 -22.81
C TYR X 388 -23.86 -11.22 -22.50
N GLU X 389 -23.06 -10.96 -23.55
CA GLU X 389 -21.71 -10.47 -23.39
C GLU X 389 -21.64 -9.31 -24.33
N ASN X 390 -21.36 -8.11 -23.74
CA ASN X 390 -21.13 -6.87 -24.44
C ASN X 390 -19.88 -6.99 -25.28
N PRO X 391 -19.68 -6.26 -26.39
CA PRO X 391 -18.42 -6.19 -27.10
C PRO X 391 -17.34 -5.70 -26.16
N GLU X 392 -16.21 -6.44 -26.04
CA GLU X 392 -15.22 -6.19 -25.02
C GLU X 392 -14.09 -5.37 -25.56
N VAL X 393 -14.16 -4.96 -26.86
CA VAL X 393 -13.18 -4.17 -27.58
C VAL X 393 -11.99 -5.03 -27.95
N PRO X 394 -11.57 -5.15 -29.22
CA PRO X 394 -10.37 -5.86 -29.63
C PRO X 394 -9.11 -5.53 -28.86
N GLN X 395 -8.17 -6.50 -28.74
CA GLN X 395 -6.82 -6.28 -28.29
C GLN X 395 -6.05 -5.53 -29.35
N ALA X 396 -6.58 -5.52 -30.61
CA ALA X 396 -6.06 -4.78 -31.73
C ALA X 396 -6.13 -3.29 -31.48
N ASN X 397 -7.20 -2.82 -30.81
CA ASN X 397 -7.42 -1.42 -30.49
C ASN X 397 -6.45 -0.96 -29.45
N ALA X 398 -6.07 -1.83 -28.49
CA ALA X 398 -5.16 -1.52 -27.44
C ALA X 398 -3.73 -1.54 -27.92
N TYR X 399 -3.43 -2.42 -28.90
CA TYR X 399 -2.13 -2.55 -29.52
C TYR X 399 -1.82 -1.34 -30.36
N MET X 400 -2.84 -0.81 -31.08
CA MET X 400 -2.68 0.34 -31.93
C MET X 400 -2.64 1.63 -31.18
N LEU X 401 -3.34 1.75 -30.02
CA LEU X 401 -3.27 2.93 -29.18
C LEU X 401 -1.88 3.13 -28.64
N GLU X 402 -1.17 2.02 -28.31
CA GLU X 402 0.20 2.02 -27.86
C GLU X 402 1.16 2.47 -28.95
N ALA X 403 0.91 2.08 -30.22
CA ALA X 403 1.75 2.46 -31.33
C ALA X 403 1.47 3.88 -31.77
N ALA X 404 0.25 4.38 -31.49
CA ALA X 404 -0.20 5.73 -31.79
C ALA X 404 0.46 6.72 -30.87
N THR X 405 0.48 6.42 -29.55
CA THR X 405 1.13 7.22 -28.54
C THR X 405 2.65 7.18 -28.66
N SER X 406 3.20 6.11 -29.28
CA SER X 406 4.61 5.97 -29.55
C SER X 406 5.05 6.94 -30.61
N ALA X 407 4.25 7.11 -31.68
CA ALA X 407 4.56 7.99 -32.79
C ALA X 407 4.55 9.44 -32.40
N VAL X 408 3.74 9.78 -31.36
CA VAL X 408 3.62 11.12 -30.84
C VAL X 408 4.79 11.46 -29.94
N LYS X 409 5.22 10.51 -29.06
CA LYS X 409 6.21 10.83 -28.04
C LYS X 409 7.62 10.94 -28.55
N GLU X 410 7.95 10.42 -29.76
CA GLU X 410 9.26 10.57 -30.36
C GLU X 410 9.51 12.00 -30.73
N VAL X 411 8.49 12.62 -31.36
CA VAL X 411 8.54 13.94 -31.95
C VAL X 411 8.14 15.00 -30.96
N ALA X 412 7.66 14.59 -29.76
CA ALA X 412 7.42 15.47 -28.63
C ALA X 412 8.74 15.97 -28.09
N THR X 413 9.83 15.19 -28.33
CA THR X 413 11.19 15.57 -28.07
C THR X 413 11.66 16.13 -29.38
N LEU X 414 12.30 17.34 -29.35
CA LEU X 414 12.69 18.06 -30.55
C LEU X 414 14.14 17.77 -30.86
N GLY X 415 14.81 16.95 -30.01
CA GLY X 415 16.23 16.72 -30.10
C GLY X 415 16.89 17.54 -29.05
N VAL X 416 16.28 17.56 -27.83
CA VAL X 416 16.68 18.36 -26.70
C VAL X 416 18.08 18.01 -26.27
N ASP X 417 18.91 19.05 -26.06
CA ASP X 417 20.28 18.95 -25.63
C ASP X 417 20.28 19.53 -24.24
N THR X 418 20.22 20.87 -24.14
CA THR X 418 20.13 21.58 -22.88
C THR X 418 18.67 21.74 -22.60
N GLU X 419 18.25 21.45 -21.34
CA GLU X 419 16.88 21.55 -20.87
C GLU X 419 16.40 22.98 -20.99
N ALA X 420 15.11 23.14 -21.37
CA ALA X 420 14.48 24.42 -21.62
C ALA X 420 15.10 25.00 -22.86
N VAL X 421 15.61 26.25 -22.78
CA VAL X 421 16.17 26.98 -23.91
C VAL X 421 17.38 26.26 -24.46
N ASN X 422 17.55 26.35 -25.81
CA ASN X 422 18.68 25.83 -26.55
C ASN X 422 18.75 24.32 -26.47
N GLY X 423 17.58 23.66 -26.66
CA GLY X 423 17.47 22.23 -26.75
C GLY X 423 17.63 21.82 -28.19
N GLY X 424 16.52 21.34 -28.80
CA GLY X 424 16.44 21.09 -30.22
C GLY X 424 16.13 22.36 -30.95
N GLN X 425 15.89 23.47 -30.21
CA GLN X 425 15.44 24.72 -30.75
C GLN X 425 16.60 25.66 -30.99
N VAL X 426 17.88 25.21 -30.84
CA VAL X 426 19.05 25.97 -31.27
C VAL X 426 18.96 26.29 -32.75
N ALA X 427 18.48 25.30 -33.54
CA ALA X 427 18.18 25.40 -34.94
C ALA X 427 17.16 26.47 -35.25
N PHE X 428 16.14 26.63 -34.38
CA PHE X 428 15.08 27.62 -34.53
C PHE X 428 15.56 28.99 -34.11
N ASP X 429 16.48 29.07 -33.12
CA ASP X 429 16.90 30.32 -32.52
C ASP X 429 17.91 31.01 -33.37
N THR X 430 18.86 30.26 -33.97
CA THR X 430 19.95 30.83 -34.74
C THR X 430 19.47 31.37 -36.07
N VAL X 431 18.42 30.76 -36.65
CA VAL X 431 17.85 31.21 -37.91
C VAL X 431 16.94 32.40 -37.71
N ASN X 432 16.40 32.58 -36.48
CA ASN X 432 15.55 33.69 -36.12
C ASN X 432 16.36 34.96 -36.07
N GLN X 433 17.58 34.89 -35.48
CA GLN X 433 18.46 36.03 -35.35
C GLN X 433 19.09 36.41 -36.66
N LEU X 434 19.35 35.45 -37.58
CA LEU X 434 19.88 35.73 -38.91
C LEU X 434 18.92 36.54 -39.75
N ASN X 435 17.60 36.20 -39.69
CA ASN X 435 16.55 36.97 -40.33
C ASN X 435 16.29 38.29 -39.64
N MET X 436 16.53 38.37 -38.31
CA MET X 436 16.44 39.60 -37.56
C MET X 436 17.51 40.57 -37.98
N ARG X 437 18.75 40.06 -38.15
CA ARG X 437 19.88 40.79 -38.67
C ARG X 437 19.69 41.22 -40.11
N ALA X 438 18.88 40.47 -40.89
CA ALA X 438 18.47 40.84 -42.23
C ALA X 438 17.49 41.99 -42.22
N ASP X 439 16.58 42.03 -41.21
CA ASP X 439 15.67 43.14 -40.98
C ASP X 439 16.42 44.40 -40.59
N LEU X 440 17.50 44.24 -39.80
CA LEU X 440 18.37 45.33 -39.39
C LEU X 440 19.26 45.78 -40.51
N GLU X 441 19.50 44.93 -41.53
CA GLU X 441 20.27 45.27 -42.71
C GLU X 441 19.50 46.26 -43.57
N THR X 442 18.17 46.04 -43.72
CA THR X 442 17.31 46.92 -44.46
C THR X 442 16.79 48.05 -43.57
N TYR X 443 17.11 48.06 -42.26
CA TYR X 443 16.73 49.12 -41.35
C TYR X 443 17.44 50.40 -41.72
N VAL X 444 18.75 50.30 -42.05
CA VAL X 444 19.57 51.43 -42.39
C VAL X 444 19.22 51.97 -43.75
N PHE X 445 18.78 51.10 -44.69
CA PHE X 445 18.44 51.47 -46.04
C PHE X 445 17.00 51.89 -46.17
N GLN X 446 16.22 51.93 -45.06
CA GLN X 446 14.84 52.35 -45.09
C GLN X 446 14.63 53.57 -44.23
N ASP X 447 14.89 53.45 -42.90
CA ASP X 447 14.68 54.46 -41.89
C ASP X 447 15.40 55.76 -42.15
N ASN X 448 16.62 55.70 -42.71
CA ASN X 448 17.48 56.85 -42.90
C ASN X 448 16.95 57.77 -43.97
N LEU X 449 16.23 57.22 -44.98
CA LEU X 449 15.55 58.00 -45.99
C LEU X 449 14.39 58.79 -45.43
N ALA X 450 13.52 58.12 -44.64
CA ALA X 450 12.28 58.70 -44.14
C ALA X 450 12.52 59.74 -43.07
N THR X 451 13.30 59.38 -42.03
CA THR X 451 13.61 60.20 -40.89
C THR X 451 14.51 61.35 -41.28
N ALA X 452 15.51 61.04 -42.14
CA ALA X 452 16.51 61.93 -42.68
C ALA X 452 17.77 61.63 -41.91
N MET X 453 18.90 61.52 -42.64
CA MET X 453 20.24 61.54 -42.10
C MET X 453 20.50 60.28 -41.31
N ARG X 454 21.19 60.40 -40.15
CA ARG X 454 21.51 59.34 -39.23
C ARG X 454 22.70 58.53 -39.69
N ARG X 455 23.75 59.21 -40.19
CA ARG X 455 25.07 58.64 -40.38
C ARG X 455 25.64 58.34 -39.01
N ASP X 456 26.32 57.18 -38.88
CA ASP X 456 26.80 56.69 -37.61
C ASP X 456 28.11 57.34 -37.23
N GLY X 457 28.52 57.13 -35.97
CA GLY X 457 29.73 57.66 -35.38
C GLY X 457 29.48 59.04 -34.88
N GLU X 458 30.50 59.64 -34.23
CA GLU X 458 30.41 60.95 -33.66
C GLU X 458 31.70 61.61 -34.04
N ILE X 459 31.62 62.77 -34.74
CA ILE X 459 32.78 63.44 -35.28
C ILE X 459 32.48 64.92 -35.27
N TYR X 460 33.55 65.73 -35.06
CA TYR X 460 33.51 67.16 -34.81
C TYR X 460 33.32 67.83 -36.14
N GLN X 461 32.23 68.63 -36.26
CA GLN X 461 31.84 69.18 -37.53
C GLN X 461 31.16 70.51 -37.29
N SER X 462 30.86 70.86 -36.02
CA SER X 462 29.84 71.85 -35.71
C SER X 462 30.41 72.87 -34.79
N ILE X 463 29.63 73.96 -34.61
CA ILE X 463 29.97 75.16 -33.87
C ILE X 463 29.94 74.88 -32.38
N VAL X 464 30.44 75.86 -31.59
CA VAL X 464 30.98 75.78 -30.25
C VAL X 464 32.43 75.56 -30.51
N ASN X 465 33.21 76.67 -30.48
CA ASN X 465 34.48 76.83 -31.14
C ASN X 465 34.37 76.50 -32.63
N ASP X 466 35.44 75.93 -33.23
CA ASP X 466 35.62 75.93 -34.67
C ASP X 466 34.83 74.80 -35.29
N ILE X 467 34.80 74.77 -36.64
CA ILE X 467 33.86 74.00 -37.42
C ILE X 467 34.66 73.06 -38.28
N TYR X 468 33.95 72.07 -38.87
CA TYR X 468 34.40 71.07 -39.82
C TYR X 468 35.56 70.21 -39.36
N ASP X 469 36.10 69.38 -40.28
CA ASP X 469 37.21 68.51 -40.01
C ASP X 469 37.94 68.27 -41.31
N VAL X 470 37.56 69.00 -42.39
CA VAL X 470 37.85 68.64 -43.75
C VAL X 470 39.32 68.69 -44.18
N PRO X 471 40.24 69.61 -43.83
CA PRO X 471 41.42 69.84 -44.66
C PRO X 471 42.43 68.75 -44.38
N ARG X 472 43.12 68.28 -45.45
CA ARG X 472 44.29 67.42 -45.40
C ARG X 472 44.00 66.13 -44.65
N ASN X 473 45.06 65.53 -44.04
CA ASN X 473 44.94 64.46 -43.08
C ASN X 473 44.29 64.95 -41.81
N VAL X 474 43.62 64.03 -41.08
CA VAL X 474 43.29 64.21 -39.68
C VAL X 474 44.59 64.20 -38.90
N THR X 475 44.63 64.93 -37.77
CA THR X 475 45.87 65.26 -37.12
C THR X 475 45.51 65.51 -35.68
N ILE X 476 46.54 65.58 -34.80
CA ILE X 476 46.35 65.70 -33.38
C ILE X 476 46.35 67.16 -33.01
N THR X 477 45.13 67.70 -32.78
CA THR X 477 44.81 68.99 -32.20
C THR X 477 45.40 70.12 -33.00
N LEU X 478 45.17 70.11 -34.33
CA LEU X 478 45.63 71.13 -35.24
C LEU X 478 44.59 71.24 -36.31
N GLU X 479 44.69 72.33 -37.12
CA GLU X 479 44.00 72.60 -38.37
C GLU X 479 42.70 73.31 -38.14
N ASP X 480 41.92 72.89 -37.11
CA ASP X 480 40.90 73.72 -36.51
C ASP X 480 41.25 73.88 -35.05
N GLY X 481 42.36 73.26 -34.60
CA GLY X 481 42.77 73.23 -33.21
C GLY X 481 41.99 72.19 -32.46
N SER X 482 41.15 71.43 -33.19
CA SER X 482 40.80 70.07 -32.87
C SER X 482 40.81 69.35 -34.19
N GLU X 483 40.91 68.01 -34.14
CA GLU X 483 40.13 67.17 -35.02
C GLU X 483 39.41 66.20 -34.14
N LYS X 484 38.11 65.92 -34.44
CA LYS X 484 37.35 64.79 -33.95
C LYS X 484 37.35 64.63 -32.44
N ASP X 485 36.95 65.70 -31.70
CA ASP X 485 36.89 65.63 -30.27
C ASP X 485 35.90 66.64 -29.77
N VAL X 486 35.54 66.49 -28.47
CA VAL X 486 34.57 67.31 -27.78
C VAL X 486 35.33 68.47 -27.20
N GLN X 487 34.70 69.67 -27.16
CA GLN X 487 35.20 70.79 -26.39
C GLN X 487 34.86 70.60 -24.94
N LEU X 488 33.61 70.17 -24.67
CA LEU X 488 33.20 69.60 -23.42
C LEU X 488 32.16 68.61 -23.83
N MET X 489 31.08 69.11 -24.46
CA MET X 489 30.36 68.40 -25.47
C MET X 489 30.18 69.43 -26.54
N ALA X 490 30.59 69.11 -27.78
CA ALA X 490 30.41 69.98 -28.91
C ALA X 490 30.44 69.17 -30.17
N GLU X 491 30.39 67.83 -30.04
CA GLU X 491 30.69 66.91 -31.10
C GLU X 491 29.37 66.29 -31.44
N VAL X 492 29.01 66.31 -32.75
CA VAL X 492 27.72 65.86 -33.22
C VAL X 492 27.85 64.52 -33.87
N VAL X 493 26.71 63.79 -33.98
CA VAL X 493 26.60 62.49 -34.59
C VAL X 493 26.78 62.64 -36.07
N ASP X 494 26.11 63.66 -36.66
CA ASP X 494 26.14 63.93 -38.06
C ASP X 494 25.81 65.39 -38.18
N LEU X 495 26.36 66.05 -39.22
CA LEU X 495 26.01 67.40 -39.57
C LEU X 495 25.78 67.31 -41.05
N ALA X 496 24.58 67.74 -41.47
CA ALA X 496 24.25 67.83 -42.86
C ALA X 496 23.12 68.80 -42.93
N THR X 497 22.95 69.45 -44.11
CA THR X 497 21.96 70.46 -44.33
C THR X 497 20.70 69.79 -44.80
N GLY X 498 19.54 70.43 -44.52
CA GLY X 498 18.23 70.01 -44.93
C GLY X 498 17.94 70.42 -46.35
N GLU X 499 18.92 71.08 -47.02
CA GLU X 499 18.85 71.62 -48.35
C GLU X 499 17.74 72.63 -48.48
N LYS X 500 17.21 72.83 -49.70
CA LYS X 500 16.14 73.78 -49.95
C LYS X 500 14.82 73.06 -49.99
N GLN X 501 14.83 71.71 -49.89
CA GLN X 501 13.64 70.90 -49.89
C GLN X 501 13.93 69.76 -48.97
N VAL X 502 12.92 69.39 -48.14
CA VAL X 502 13.03 68.39 -47.11
C VAL X 502 12.90 67.01 -47.69
N LEU X 503 13.10 65.98 -46.84
CA LEU X 503 13.09 64.58 -47.18
C LEU X 503 14.31 64.26 -48.01
N ASN X 504 15.49 64.52 -47.41
CA ASN X 504 16.76 64.23 -48.01
C ASN X 504 17.60 63.56 -46.95
N ASP X 505 18.65 62.82 -47.37
CA ASP X 505 19.47 62.09 -46.45
C ASP X 505 20.84 61.94 -47.02
N ILE X 506 21.83 61.80 -46.10
CA ILE X 506 23.23 61.60 -46.39
C ILE X 506 23.45 60.15 -46.76
N ARG X 507 24.49 59.86 -47.58
CA ARG X 507 24.71 58.55 -48.17
C ARG X 507 25.27 57.58 -47.15
N GLY X 508 25.84 58.11 -46.04
CA GLY X 508 26.34 57.29 -44.95
C GLY X 508 25.15 56.92 -44.14
N ARG X 509 25.02 55.63 -43.75
CA ARG X 509 23.83 55.15 -43.08
C ARG X 509 24.22 54.11 -42.07
N TYR X 510 25.52 53.77 -41.97
CA TYR X 510 25.98 52.70 -41.12
C TYR X 510 27.43 52.94 -40.85
N GLU X 511 27.95 52.28 -39.79
CA GLU X 511 29.36 52.07 -39.59
C GLU X 511 29.47 50.81 -38.76
N CYS X 512 28.38 50.00 -38.73
CA CYS X 512 28.23 48.90 -37.81
C CYS X 512 27.75 47.74 -38.62
N TYR X 513 27.85 46.54 -38.02
CA TYR X 513 27.38 45.30 -38.60
C TYR X 513 26.30 44.83 -37.67
N THR X 514 25.27 44.19 -38.27
CA THR X 514 24.03 43.82 -37.61
C THR X 514 24.26 42.79 -36.53
N ASP X 515 23.57 42.97 -35.38
CA ASP X 515 23.64 42.06 -34.25
C ASP X 515 22.34 42.18 -33.53
N VAL X 516 22.02 41.17 -32.69
CA VAL X 516 20.79 41.08 -31.95
C VAL X 516 21.15 41.11 -30.49
N GLY X 517 20.21 41.61 -29.64
CA GLY X 517 20.49 41.82 -28.25
C GLY X 517 19.21 41.69 -27.49
N PRO X 518 19.13 42.23 -26.28
CA PRO X 518 17.95 42.14 -25.43
C PRO X 518 16.89 43.09 -25.93
N SER X 519 15.60 42.70 -25.81
CA SER X 519 14.50 43.46 -26.36
C SER X 519 14.13 44.51 -25.36
N PHE X 520 14.31 45.79 -25.78
CA PHE X 520 13.92 46.95 -25.02
C PHE X 520 13.52 47.94 -26.07
N GLN X 521 12.74 48.96 -25.67
CA GLN X 521 12.35 50.04 -26.54
C GLN X 521 12.81 51.33 -25.93
N SER X 522 13.81 51.28 -25.02
CA SER X 522 14.40 52.44 -24.43
C SER X 522 15.83 52.09 -24.16
N MET X 523 16.74 53.07 -24.38
CA MET X 523 18.16 52.93 -24.16
C MET X 523 18.49 52.83 -22.69
N LYS X 524 17.66 53.42 -21.80
CA LYS X 524 17.95 53.50 -20.39
C LYS X 524 17.58 52.23 -19.67
N GLN X 525 16.79 51.34 -20.32
CA GLN X 525 16.45 50.03 -19.78
C GLN X 525 17.63 49.11 -19.90
N GLN X 526 18.33 49.14 -21.07
CA GLN X 526 19.51 48.34 -21.33
C GLN X 526 20.66 48.76 -20.47
N ASN X 527 20.74 50.07 -20.14
CA ASN X 527 21.80 50.64 -19.32
C ASN X 527 21.71 50.10 -17.91
N ARG X 528 20.50 50.17 -17.31
CA ARG X 528 20.23 49.70 -15.96
C ARG X 528 20.48 48.23 -15.79
N ALA X 529 20.15 47.42 -16.84
CA ALA X 529 20.32 45.99 -16.83
C ALA X 529 21.77 45.62 -16.86
N GLU X 530 22.60 46.36 -17.64
CA GLU X 530 24.01 46.13 -17.79
C GLU X 530 24.79 46.53 -16.56
N ILE X 531 24.37 47.61 -15.87
CA ILE X 531 24.99 48.08 -14.65
C ILE X 531 24.68 47.15 -13.51
N LEU X 532 23.42 46.67 -13.43
CA LEU X 532 22.94 45.76 -12.42
C LEU X 532 23.61 44.40 -12.52
N GLU X 533 24.05 44.03 -13.74
CA GLU X 533 24.74 42.78 -13.98
C GLU X 533 26.15 42.89 -13.48
N LEU X 534 26.83 44.03 -13.77
CA LEU X 534 28.21 44.25 -13.38
C LEU X 534 28.36 44.50 -11.89
N LEU X 535 27.25 44.76 -11.15
CA LEU X 535 27.27 44.92 -9.72
C LEU X 535 27.40 43.56 -9.09
N GLY X 536 28.31 43.44 -8.11
CA GLY X 536 28.52 42.25 -7.32
C GLY X 536 29.38 41.20 -7.97
N LYS X 537 29.93 41.45 -9.17
CA LYS X 537 30.83 40.53 -9.83
C LYS X 537 32.13 41.22 -10.14
N THR X 538 32.25 42.51 -9.73
CA THR X 538 33.43 43.32 -9.91
C THR X 538 34.03 43.46 -8.52
N PRO X 539 35.31 43.84 -8.36
CA PRO X 539 35.93 44.09 -7.06
C PRO X 539 35.18 45.11 -6.25
N GLN X 540 35.32 45.08 -4.90
CA GLN X 540 34.51 45.86 -4.00
C GLN X 540 35.14 47.20 -3.73
N GLY X 541 36.23 47.54 -4.46
CA GLY X 541 36.91 48.81 -4.38
C GLY X 541 36.27 49.76 -5.34
N THR X 542 37.12 50.50 -6.10
CA THR X 542 36.73 51.51 -7.07
C THR X 542 35.71 51.05 -8.10
N PRO X 543 35.74 49.87 -8.77
CA PRO X 543 34.72 49.47 -9.73
C PRO X 543 33.32 49.37 -9.17
N GLU X 544 33.17 49.04 -7.87
CA GLU X 544 31.88 48.85 -7.25
C GLU X 544 31.22 50.16 -6.97
N TYR X 545 32.02 51.15 -6.50
CA TYR X 545 31.58 52.47 -6.12
C TYR X 545 31.15 53.27 -7.34
N GLN X 546 31.75 53.01 -8.52
CA GLN X 546 31.40 53.73 -9.73
C GLN X 546 30.09 53.22 -10.28
N LEU X 547 29.88 51.88 -10.26
CA LEU X 547 28.68 51.24 -10.75
C LEU X 547 27.48 51.49 -9.87
N LEU X 548 27.72 51.76 -8.56
CA LEU X 548 26.71 52.04 -7.57
C LEU X 548 25.99 53.32 -7.89
N LEU X 549 26.78 54.39 -8.09
CA LEU X 549 26.31 55.72 -8.41
C LEU X 549 25.71 55.78 -9.79
N LEU X 550 26.23 54.94 -10.71
CA LEU X 550 25.84 54.89 -12.10
C LEU X 550 24.48 54.29 -12.28
N GLN X 551 24.10 53.36 -11.36
CA GLN X 551 22.80 52.74 -11.27
C GLN X 551 21.73 53.78 -11.07
N TYR X 552 21.93 54.67 -10.07
CA TYR X 552 21.03 55.76 -9.72
C TYR X 552 20.95 56.81 -10.80
N PHE X 553 22.05 56.97 -11.58
CA PHE X 553 22.19 57.94 -12.64
C PHE X 553 21.34 57.55 -13.84
N THR X 554 21.09 56.23 -14.03
CA THR X 554 20.26 55.72 -15.11
C THR X 554 18.84 55.50 -14.62
N LEU X 555 18.59 55.62 -13.29
CA LEU X 555 17.28 55.41 -12.69
C LEU X 555 16.50 56.69 -12.75
N LEU X 556 15.20 56.59 -12.37
CA LEU X 556 14.22 57.65 -12.37
C LEU X 556 14.39 58.53 -11.15
N ASP X 557 13.28 59.13 -10.67
CA ASP X 557 13.24 59.96 -9.50
C ASP X 557 11.93 59.65 -8.83
N GLY X 558 11.83 60.10 -7.57
CA GLY X 558 10.72 59.84 -6.69
C GLY X 558 10.93 60.86 -5.62
N LYS X 559 10.65 60.51 -4.34
CA LYS X 559 11.15 61.25 -3.21
C LYS X 559 12.47 60.62 -2.80
N GLY X 560 12.42 59.31 -2.46
CA GLY X 560 13.54 58.50 -2.06
C GLY X 560 14.44 58.11 -3.19
N VAL X 561 13.90 57.99 -4.43
CA VAL X 561 14.67 57.57 -5.58
C VAL X 561 15.52 58.75 -6.01
N GLU X 562 14.95 59.97 -5.94
CA GLU X 562 15.60 61.24 -6.19
C GLU X 562 16.72 61.49 -5.23
N MET X 563 16.58 61.02 -3.97
CA MET X 563 17.58 61.12 -2.93
C MET X 563 18.85 60.38 -3.29
N MET X 564 18.71 59.16 -3.87
CA MET X 564 19.82 58.35 -4.29
C MET X 564 20.45 58.88 -5.55
N ARG X 565 19.70 59.70 -6.33
CA ARG X 565 20.20 60.35 -7.52
C ARG X 565 21.04 61.53 -7.14
N ASP X 566 20.70 62.23 -6.04
CA ASP X 566 21.45 63.36 -5.51
C ASP X 566 22.82 62.93 -5.07
N TYR X 567 22.92 61.70 -4.50
CA TYR X 567 24.13 61.06 -4.08
C TYR X 567 25.00 60.68 -5.27
N ALA X 568 24.37 60.36 -6.42
CA ALA X 568 25.07 60.03 -7.65
C ALA X 568 25.56 61.23 -8.38
N ASN X 569 24.74 62.31 -8.45
CA ASN X 569 25.05 63.53 -9.16
C ASN X 569 26.21 64.24 -8.50
N LYS X 570 26.18 64.26 -7.14
CA LYS X 570 27.19 64.84 -6.29
C LYS X 570 28.54 64.22 -6.52
N GLN X 571 28.67 62.90 -6.24
CA GLN X 571 29.95 62.24 -6.19
C GLN X 571 30.61 62.09 -7.55
N LEU X 572 29.85 61.71 -8.60
CA LEU X 572 30.37 61.41 -9.91
C LEU X 572 31.02 62.60 -10.59
N ILE X 573 30.27 63.72 -10.71
CA ILE X 573 30.67 64.87 -11.49
C ILE X 573 31.75 65.63 -10.76
N GLN X 574 31.61 65.77 -9.42
CA GLN X 574 32.55 66.54 -8.62
C GLN X 574 33.89 65.86 -8.48
N MET X 575 33.92 64.51 -8.55
CA MET X 575 35.16 63.74 -8.55
C MET X 575 35.78 63.78 -9.92
N GLY X 576 34.94 63.87 -10.98
CA GLY X 576 35.38 63.99 -12.35
C GLY X 576 35.36 62.68 -13.08
N VAL X 577 34.77 61.62 -12.48
CA VAL X 577 34.67 60.29 -13.09
C VAL X 577 33.77 60.33 -14.30
N LYS X 578 32.57 60.96 -14.16
CA LYS X 578 31.64 61.14 -15.24
C LYS X 578 32.07 62.29 -16.12
N LYS X 579 32.55 63.39 -15.48
CA LYS X 579 32.92 64.66 -16.10
C LYS X 579 31.67 65.45 -16.45
N PRO X 580 31.65 66.78 -16.40
CA PRO X 580 30.50 67.56 -16.83
C PRO X 580 30.44 67.53 -18.34
N GLU X 581 29.22 67.43 -18.89
CA GLU X 581 28.95 67.66 -20.30
C GLU X 581 27.77 68.60 -20.39
N THR X 582 27.41 69.23 -19.24
CA THR X 582 26.20 69.99 -18.99
C THR X 582 24.88 69.32 -19.36
N PRO X 583 24.47 68.17 -18.81
CA PRO X 583 23.17 67.60 -19.11
C PRO X 583 22.19 67.87 -18.00
N GLU X 584 22.64 68.43 -16.85
CA GLU X 584 21.77 68.68 -15.71
C GLU X 584 22.38 69.75 -14.86
N GLU X 585 23.31 70.53 -15.44
CA GLU X 585 24.17 71.38 -14.66
C GLU X 585 24.68 72.44 -15.60
N GLN X 586 25.19 73.55 -15.01
CA GLN X 586 26.03 74.53 -15.68
C GLN X 586 26.42 75.55 -14.64
N GLN X 587 25.97 75.34 -13.38
CA GLN X 587 26.30 76.17 -12.25
C GLN X 587 26.04 75.35 -11.02
N TRP X 588 25.45 74.14 -11.21
CA TRP X 588 24.91 73.32 -10.16
C TRP X 588 26.01 72.48 -9.57
N LEU X 589 26.39 71.42 -10.30
CA LEU X 589 27.38 70.43 -9.90
C LEU X 589 28.77 70.92 -10.17
N VAL X 590 28.98 71.61 -11.33
CA VAL X 590 30.28 71.97 -11.86
C VAL X 590 30.92 73.10 -11.07
N GLU X 591 30.13 73.80 -10.22
CA GLU X 591 30.62 74.80 -9.31
C GLU X 591 31.34 74.14 -8.16
N ALA X 592 30.62 73.24 -7.43
CA ALA X 592 31.12 72.48 -6.31
C ALA X 592 32.15 71.44 -6.67
N GLN X 593 32.36 71.16 -8.00
CA GLN X 593 33.39 70.31 -8.50
C GLN X 593 34.76 70.86 -8.23
N GLN X 594 34.89 72.20 -8.34
CA GLN X 594 36.11 72.93 -8.06
C GLN X 594 36.44 72.95 -6.59
N ALA X 595 35.40 72.91 -5.71
CA ALA X 595 35.58 72.93 -4.28
C ALA X 595 35.99 71.58 -3.73
N LYS X 596 35.49 70.47 -4.33
CA LYS X 596 35.81 69.13 -3.89
C LYS X 596 37.23 68.75 -4.23
N GLN X 597 37.67 69.14 -5.45
CA GLN X 597 39.01 68.92 -5.96
C GLN X 597 40.00 69.83 -5.27
N GLY X 598 39.54 71.03 -4.86
CA GLY X 598 40.33 72.01 -4.14
C GLY X 598 40.61 71.60 -2.72
N GLN X 599 39.73 70.76 -2.11
CA GLN X 599 39.90 70.24 -0.78
C GLN X 599 40.79 69.02 -0.81
N GLN X 600 40.83 68.30 -1.96
CA GLN X 600 41.51 67.04 -2.10
C GLN X 600 43.00 67.22 -2.23
N ASP X 601 43.42 68.26 -2.98
CA ASP X 601 44.81 68.51 -3.31
C ASP X 601 45.70 68.84 -2.12
N PRO X 602 45.44 69.77 -1.17
CA PRO X 602 46.33 70.02 -0.04
C PRO X 602 46.36 68.86 0.92
N ALA X 603 45.27 68.05 1.00
CA ALA X 603 45.16 66.93 1.90
C ALA X 603 45.96 65.75 1.41
N MET X 604 46.25 65.70 0.09
CA MET X 604 47.03 64.66 -0.53
C MET X 604 48.49 64.80 -0.17
N VAL X 605 48.98 66.06 -0.03
CA VAL X 605 50.36 66.37 0.34
C VAL X 605 50.64 65.95 1.77
N GLN X 606 49.62 66.08 2.65
CA GLN X 606 49.65 65.67 4.03
C GLN X 606 49.78 64.17 4.18
N ALA X 607 49.00 63.41 3.36
CA ALA X 607 49.02 61.95 3.31
C ALA X 607 50.36 61.42 2.85
N GLN X 608 50.99 62.13 1.89
CA GLN X 608 52.31 61.84 1.37
C GLN X 608 53.39 62.34 2.30
N GLY X 609 53.04 63.07 3.38
CA GLY X 609 53.93 63.70 4.32
C GLY X 609 54.85 62.76 5.05
N VAL X 610 54.47 61.48 5.22
CA VAL X 610 55.29 60.47 5.85
C VAL X 610 56.51 60.10 5.03
N LEU X 611 56.46 60.33 3.70
CA LEU X 611 57.56 60.16 2.77
C LEU X 611 58.52 61.34 2.87
N LEU X 612 58.08 62.47 3.46
CA LEU X 612 58.85 63.69 3.57
C LEU X 612 59.59 63.72 4.89
N GLN X 613 59.37 62.71 5.77
CA GLN X 613 60.05 62.59 7.04
C GLN X 613 61.52 62.26 6.89
N GLY X 614 61.87 61.43 5.87
CA GLY X 614 63.25 61.08 5.59
C GLY X 614 64.02 62.23 5.00
N GLN X 615 63.30 63.11 4.26
CA GLN X 615 63.86 64.30 3.65
C GLN X 615 64.14 65.36 4.68
N ALA X 616 63.41 65.30 5.82
CA ALA X 616 63.54 66.25 6.91
C ALA X 616 64.78 66.00 7.72
N GLU X 617 65.11 64.71 7.95
CA GLU X 617 66.25 64.28 8.74
C GLU X 617 67.54 64.57 8.03
N LEU X 618 67.52 64.52 6.68
CA LEU X 618 68.66 64.78 5.85
C LEU X 618 68.90 66.27 5.71
N ALA X 619 67.82 67.09 5.68
CA ALA X 619 67.93 68.49 5.37
C ALA X 619 68.56 69.32 6.45
N LYS X 620 68.08 69.20 7.71
CA LYS X 620 68.54 70.05 8.80
C LYS X 620 69.84 69.58 9.39
N ALA X 621 70.22 68.29 9.17
CA ALA X 621 71.44 67.73 9.71
C ALA X 621 72.65 68.16 8.94
N GLN X 622 72.52 68.23 7.58
CA GLN X 622 73.59 68.59 6.69
C GLN X 622 73.90 70.06 6.77
N ASN X 623 72.85 70.90 6.96
CA ASN X 623 72.99 72.34 7.04
C ASN X 623 73.66 72.73 8.33
N GLN X 624 73.32 72.03 9.45
CA GLN X 624 73.87 72.28 10.76
C GLN X 624 75.36 72.04 10.82
N THR X 625 75.86 71.04 10.06
CA THR X 625 77.26 70.72 9.97
C THR X 625 77.99 71.76 9.15
N LEU X 626 77.37 72.25 8.05
CA LEU X 626 77.92 73.27 7.20
C LEU X 626 78.01 74.60 7.90
N SER X 627 77.04 74.91 8.79
CA SER X 627 77.00 76.15 9.55
C SER X 627 78.08 76.18 10.59
N LEU X 628 78.30 75.03 11.29
CA LEU X 628 79.34 74.89 12.30
C LEU X 628 80.71 74.87 11.68
N GLN X 629 80.84 74.48 10.40
CA GLN X 629 82.11 74.42 9.70
C GLN X 629 82.63 75.81 9.40
N ILE X 630 81.73 76.75 9.04
CA ILE X 630 82.08 78.12 8.73
C ILE X 630 82.31 78.88 10.01
N ASP X 631 81.51 78.61 11.06
CA ASP X 631 81.64 79.25 12.36
C ASP X 631 82.92 78.90 13.04
N ALA X 632 83.35 77.62 12.93
CA ALA X 632 84.53 77.12 13.57
C ALA X 632 85.79 77.59 12.89
N ALA X 633 85.76 77.70 11.54
CA ALA X 633 86.88 78.16 10.76
C ALA X 633 87.12 79.64 10.93
N LYS X 634 86.05 80.41 11.22
CA LYS X 634 86.10 81.85 11.40
C LYS X 634 86.68 82.20 12.75
N VAL X 635 86.32 81.41 13.80
CA VAL X 635 86.82 81.55 15.15
C VAL X 635 88.26 81.12 15.22
N GLU X 636 88.63 80.07 14.46
CA GLU X 636 89.99 79.57 14.36
C GLU X 636 90.92 80.58 13.75
N ALA X 637 90.45 81.30 12.69
CA ALA X 637 91.18 82.35 12.04
C ALA X 637 91.31 83.60 12.88
N GLN X 638 90.37 83.82 13.82
CA GLN X 638 90.38 84.94 14.74
C GLN X 638 91.43 84.76 15.80
N ASN X 639 91.70 83.50 16.21
CA ASN X 639 92.68 83.17 17.22
C ASN X 639 94.07 83.49 16.74
N GLN X 640 94.32 83.38 15.42
CA GLN X 640 95.58 83.73 14.79
C GLN X 640 95.90 85.19 14.93
N LEU X 641 94.88 86.07 14.69
CA LEU X 641 95.01 87.50 14.75
C LEU X 641 95.09 88.01 16.17
N ASN X 642 94.39 87.32 17.10
CA ASN X 642 94.36 87.70 18.50
C ASN X 642 95.69 87.41 19.14
N ALA X 643 96.22 86.19 18.89
CA ALA X 643 97.49 85.72 19.41
C ALA X 643 98.66 86.49 18.84
N ALA X 644 98.49 87.09 17.63
CA ALA X 644 99.50 87.90 17.00
C ALA X 644 99.68 89.19 17.76
N ARG X 645 98.56 89.91 18.06
CA ARG X 645 98.58 91.16 18.77
C ARG X 645 98.99 91.02 20.22
N ILE X 646 98.63 89.87 20.86
CA ILE X 646 99.00 89.56 22.23
C ILE X 646 100.49 89.30 22.31
N ALA X 647 101.07 88.60 21.31
CA ALA X 647 102.48 88.29 21.30
C ALA X 647 103.34 89.50 21.02
N GLU X 648 102.77 90.52 20.32
CA GLU X 648 103.48 91.72 19.95
C GLU X 648 103.58 92.72 21.06
N ILE X 649 102.57 92.79 21.98
CA ILE X 649 102.54 93.78 23.04
C ILE X 649 103.54 93.43 24.13
N PHE X 650 103.96 92.14 24.19
CA PHE X 650 104.96 91.65 25.11
C PHE X 650 106.32 92.14 24.69
N ASN X 651 106.59 92.12 23.36
CA ASN X 651 107.83 92.56 22.76
C ASN X 651 108.00 94.07 22.88
N ASN X 652 106.87 94.82 22.77
CA ASN X 652 106.84 96.26 22.90
C ASN X 652 107.03 96.67 24.33
N MET X 653 106.59 95.82 25.29
CA MET X 653 106.71 96.07 26.71
C MET X 653 108.13 95.86 27.15
N ASP X 654 108.80 94.80 26.62
CA ASP X 654 110.16 94.47 26.97
C ASP X 654 111.13 95.53 26.53
N LEU X 655 111.01 96.01 25.27
CA LEU X 655 111.92 96.98 24.71
C LEU X 655 111.76 98.34 25.33
N SER X 656 110.50 98.74 25.63
CA SER X 656 110.21 100.03 26.23
C SER X 656 110.65 100.13 27.65
N LYS X 657 110.53 99.04 28.46
CA LYS X 657 110.90 99.06 29.85
C LYS X 657 112.40 99.06 30.01
N GLN X 658 113.12 98.17 29.30
CA GLN X 658 114.56 98.08 29.39
C GLN X 658 115.28 99.35 29.00
N SER X 659 114.85 99.99 27.88
CA SER X 659 115.44 101.22 27.39
C SER X 659 115.12 102.42 28.25
N GLU X 660 113.98 102.39 28.99
CA GLU X 660 113.55 103.48 29.84
C GLU X 660 114.36 103.49 31.11
N PHE X 661 114.73 102.29 31.61
CA PHE X 661 115.56 102.13 32.79
C PHE X 661 116.97 102.57 32.50
N ARG X 662 117.46 102.39 31.25
CA ARG X 662 118.78 102.80 30.83
C ARG X 662 118.88 104.29 30.61
N GLU X 663 117.77 105.01 30.32
CA GLU X 663 117.76 106.46 30.25
C GLU X 663 117.95 107.06 31.62
N PHE X 664 117.26 106.48 32.63
CA PHE X 664 117.33 106.88 34.02
C PHE X 664 118.61 106.45 34.68
N LEU X 665 119.34 105.49 34.06
CA LEU X 665 120.62 105.00 34.53
C LEU X 665 121.66 106.07 34.35
N LYS X 666 121.59 106.82 33.23
CA LYS X 666 122.46 107.91 32.91
C LYS X 666 122.24 109.10 33.82
N THR X 667 120.99 109.29 34.32
CA THR X 667 120.63 110.38 35.21
C THR X 667 121.30 110.20 36.55
N VAL X 668 121.22 108.98 37.10
CA VAL X 668 121.78 108.62 38.38
C VAL X 668 123.29 108.57 38.31
N ALA X 669 123.84 108.17 37.14
CA ALA X 669 125.28 108.11 36.90
C ALA X 669 125.91 109.48 36.89
N SER X 670 125.23 110.48 36.27
CA SER X 670 125.66 111.86 36.24
C SER X 670 125.58 112.49 37.61
N PHE X 671 124.53 112.11 38.40
CA PHE X 671 124.32 112.59 39.74
C PHE X 671 125.37 112.05 40.69
N GLN X 672 125.92 110.85 40.40
CA GLN X 672 126.91 110.20 41.24
C GLN X 672 128.25 110.88 41.14
N GLN X 673 128.61 111.40 39.93
CA GLN X 673 129.85 112.08 39.69
C GLN X 673 129.92 113.40 40.43
N ASP X 674 128.83 114.19 40.37
CA ASP X 674 128.75 115.48 41.00
C ASP X 674 128.64 115.40 42.50
N ARG X 675 127.89 114.42 43.03
CA ARG X 675 127.63 114.34 44.46
C ARG X 675 128.80 113.84 45.25
N SER X 676 129.66 113.00 44.61
CA SER X 676 130.87 112.48 45.20
C SER X 676 131.87 113.60 45.39
N GLU X 677 132.01 114.49 44.38
CA GLU X 677 132.97 115.56 44.40
C GLU X 677 132.44 116.78 45.14
N ASP X 678 131.13 116.82 45.45
CA ASP X 678 130.52 117.86 46.24
C ASP X 678 130.89 117.64 47.69
N ALA X 679 130.76 116.39 48.18
CA ALA X 679 131.06 116.00 49.54
C ALA X 679 132.55 116.00 49.78
N ARG X 680 133.35 115.75 48.72
CA ARG X 680 134.79 115.73 48.74
C ARG X 680 135.32 117.12 48.95
N ALA X 681 134.68 118.13 48.33
CA ALA X 681 135.12 119.50 48.41
C ALA X 681 134.68 120.16 49.68
N ASN X 682 133.65 119.60 50.36
CA ASN X 682 133.17 120.09 51.63
C ASN X 682 134.19 119.79 52.70
N ALA X 683 134.65 118.52 52.74
CA ALA X 683 135.55 118.03 53.76
C ALA X 683 136.99 118.38 53.48
N GLU X 684 137.34 118.73 52.22
CA GLU X 684 138.64 119.23 51.84
C GLU X 684 138.88 120.62 52.37
N LEU X 685 137.82 121.47 52.38
CA LEU X 685 137.83 122.78 52.99
C LEU X 685 137.97 122.72 54.49
N LEU X 686 137.47 121.63 55.14
CA LEU X 686 137.65 121.42 56.56
C LEU X 686 139.07 121.04 56.88
N LEU X 687 139.78 120.36 55.92
CA LEU X 687 141.18 120.00 56.06
C LEU X 687 142.06 121.22 56.03
N LYS X 688 141.69 122.23 55.19
CA LYS X 688 142.36 123.52 55.16
C LYS X 688 142.02 124.33 56.38
N GLY X 689 140.87 124.03 57.03
CA GLY X 689 140.43 124.66 58.25
C GLY X 689 141.25 124.25 59.44
N ASP X 690 141.85 123.03 59.40
CA ASP X 690 142.71 122.51 60.44
C ASP X 690 144.02 123.26 60.45
N GLU X 691 144.50 123.63 59.23
CA GLU X 691 145.74 124.32 59.03
C GLU X 691 145.58 125.77 59.39
N GLN X 692 144.43 126.38 59.03
CA GLN X 692 144.15 127.79 59.22
C GLN X 692 143.93 128.16 60.67
N THR X 693 143.42 127.24 61.53
CA THR X 693 143.23 127.50 62.94
C THR X 693 144.55 127.73 63.64
N HIS X 694 145.59 126.92 63.29
CA HIS X 694 146.91 127.03 63.86
C HIS X 694 147.69 128.17 63.27
N LYS X 695 147.36 128.58 62.01
CA LYS X 695 148.06 129.65 61.33
C LYS X 695 147.71 130.97 61.94
N GLN X 696 146.40 131.20 62.19
CA GLN X 696 145.85 132.36 62.83
C GLN X 696 146.26 132.46 64.27
N ARG X 697 146.46 131.29 64.94
CA ARG X 697 146.84 131.21 66.33
C ARG X 697 148.21 131.77 66.55
N MET X 698 149.18 131.30 65.73
CA MET X 698 150.56 131.68 65.79
C MET X 698 150.78 133.12 65.41
N ASP X 699 149.95 133.65 64.47
CA ASP X 699 150.04 135.01 63.99
C ASP X 699 149.61 135.98 65.06
N ILE X 700 148.44 135.72 65.72
CA ILE X 700 147.88 136.55 66.77
C ILE X 700 148.78 136.54 67.98
N ALA X 701 149.36 135.36 68.32
CA ALA X 701 150.24 135.19 69.46
C ALA X 701 151.52 135.97 69.32
N ASN X 702 152.07 136.06 68.09
CA ASN X 702 153.30 136.78 67.80
C ASN X 702 153.08 138.27 67.73
N ILE X 703 151.88 138.73 67.30
CA ILE X 703 151.50 140.13 67.29
C ILE X 703 151.41 140.65 68.71
N LEU X 704 150.83 139.83 69.62
CA LEU X 704 150.72 140.11 71.03
C LEU X 704 152.05 140.02 71.74
N GLN X 705 153.00 139.22 71.20
CA GLN X 705 154.34 139.11 71.72
C GLN X 705 155.11 140.37 71.44
N SER X 706 154.94 140.96 70.22
CA SER X 706 155.52 142.23 69.84
C SER X 706 154.90 143.38 70.59
N GLN X 707 153.62 143.23 71.02
CA GLN X 707 152.92 144.19 71.85
C GLN X 707 153.51 144.26 73.23
N ARG X 708 154.06 143.12 73.72
CA ARG X 708 154.71 143.02 75.00
C ARG X 708 156.09 143.63 74.96
N GLN X 709 156.73 143.61 73.77
CA GLN X 709 158.07 144.13 73.54
C GLN X 709 158.04 145.61 73.30
N ASN X 710 156.84 146.17 73.00
CA ASN X 710 156.63 147.58 72.73
C ASN X 710 156.78 148.36 74.00
N GLN X 711 156.25 147.79 75.11
CA GLN X 711 156.09 148.45 76.38
C GLN X 711 157.39 148.80 77.09
N PRO X 712 158.45 147.97 77.21
CA PRO X 712 159.73 148.40 77.73
C PRO X 712 160.44 149.37 76.81
N SER X 713 160.29 149.21 75.47
CA SER X 713 160.97 150.04 74.49
C SER X 713 160.42 151.44 74.51
N GLY X 714 159.09 151.57 74.74
CA GLY X 714 158.39 152.83 74.86
C GLY X 714 158.69 153.58 76.13
N SER X 715 159.28 152.91 77.16
CA SER X 715 159.61 153.51 78.43
C SER X 715 160.76 154.47 78.27
N VAL X 716 161.83 154.04 77.55
CA VAL X 716 163.00 154.83 77.25
C VAL X 716 162.64 156.04 76.43
N ALA X 717 161.98 155.81 75.28
CA ALA X 717 161.43 156.86 74.46
C ALA X 717 160.29 156.22 73.77
N GLU X 718 159.15 156.95 73.62
CA GLU X 718 157.92 156.46 73.06
C GLU X 718 158.08 155.96 71.65
N THR X 719 157.38 154.85 71.34
CA THR X 719 157.39 154.24 70.04
C THR X 719 156.02 153.59 69.93
N PRO X 720 155.36 153.56 68.77
CA PRO X 720 154.05 152.95 68.65
C PRO X 720 154.25 151.48 68.39
N GLN X 721 153.16 150.69 68.56
CA GLN X 721 153.15 149.26 68.34
C GLN X 721 153.30 148.98 66.83
N ALA Y 1 -104.41 -41.27 -2.92
CA ALA Y 1 -104.37 -42.66 -2.42
C ALA Y 1 -102.95 -43.06 -2.13
N ASN Y 2 -102.47 -44.14 -2.77
CA ASN Y 2 -101.18 -44.72 -2.51
C ASN Y 2 -100.26 -44.49 -3.69
N VAL Y 3 -100.77 -43.84 -4.76
CA VAL Y 3 -100.03 -43.65 -5.99
C VAL Y 3 -99.26 -42.37 -5.87
N VAL Y 4 -97.96 -42.42 -6.22
CA VAL Y 4 -97.09 -41.27 -6.15
C VAL Y 4 -96.04 -41.46 -7.20
N VAL Y 5 -95.57 -40.34 -7.80
CA VAL Y 5 -94.54 -40.31 -8.80
C VAL Y 5 -93.21 -40.27 -8.08
N SER Y 6 -92.14 -40.74 -8.76
CA SER Y 6 -90.80 -40.81 -8.22
C SER Y 6 -90.22 -39.46 -7.94
N ASN Y 7 -90.50 -38.50 -8.84
CA ASN Y 7 -90.05 -37.13 -8.72
C ASN Y 7 -91.34 -36.36 -8.52
N PRO Y 8 -91.59 -35.72 -7.37
CA PRO Y 8 -92.79 -34.93 -7.12
C PRO Y 8 -93.02 -33.82 -8.12
N ARG Y 9 -91.92 -33.25 -8.68
CA ARG Y 9 -91.98 -32.35 -9.79
C ARG Y 9 -90.96 -32.93 -10.75
N PRO Y 10 -91.29 -33.35 -11.99
CA PRO Y 10 -90.36 -33.99 -12.91
C PRO Y 10 -89.13 -33.17 -13.17
N ILE Y 11 -87.94 -33.76 -12.94
CA ILE Y 11 -86.69 -33.07 -13.10
C ILE Y 11 -85.73 -34.10 -13.61
N PHE Y 12 -84.89 -33.68 -14.59
CA PHE Y 12 -84.00 -34.55 -15.33
C PHE Y 12 -82.64 -33.98 -15.11
N THR Y 13 -81.66 -34.85 -14.82
CA THR Y 13 -80.31 -34.47 -14.53
C THR Y 13 -79.44 -35.45 -15.27
N GLU Y 14 -78.14 -35.08 -15.43
CA GLU Y 14 -77.11 -35.87 -16.07
C GLU Y 14 -76.87 -37.14 -15.29
N SER Y 15 -76.40 -38.21 -15.98
CA SER Y 15 -76.26 -39.55 -15.44
C SER Y 15 -75.31 -39.65 -14.26
N ARG Y 16 -74.15 -38.97 -14.30
CA ARG Y 16 -73.10 -39.11 -13.31
C ARG Y 16 -72.75 -37.79 -12.70
N SER Y 17 -73.63 -36.77 -12.85
CA SER Y 17 -73.44 -35.51 -12.19
C SER Y 17 -74.79 -34.94 -11.94
N PHE Y 18 -74.98 -34.25 -10.79
CA PHE Y 18 -76.24 -33.68 -10.41
C PHE Y 18 -76.23 -32.27 -10.89
N LYS Y 19 -76.65 -32.07 -12.17
CA LYS Y 19 -76.79 -30.78 -12.75
C LYS Y 19 -77.88 -30.97 -13.75
N ALA Y 20 -78.81 -29.99 -13.84
CA ALA Y 20 -79.93 -30.01 -14.76
C ALA Y 20 -79.51 -30.06 -16.20
N VAL Y 21 -80.33 -30.76 -17.02
CA VAL Y 21 -80.14 -30.87 -18.45
C VAL Y 21 -80.64 -29.58 -19.01
N ALA Y 22 -79.79 -28.89 -19.80
CA ALA Y 22 -80.07 -27.58 -20.33
C ALA Y 22 -80.16 -27.72 -21.81
N ASN Y 23 -81.29 -27.24 -22.38
CA ASN Y 23 -81.59 -27.23 -23.80
C ASN Y 23 -81.66 -28.62 -24.37
N GLY Y 24 -82.29 -29.55 -23.61
CA GLY Y 24 -82.45 -30.92 -24.00
C GLY Y 24 -83.75 -31.13 -24.70
N LYS Y 25 -83.89 -32.31 -25.33
CA LYS Y 25 -85.08 -32.72 -26.04
C LYS Y 25 -85.49 -34.04 -25.45
N ILE Y 26 -86.81 -34.31 -25.46
CA ILE Y 26 -87.38 -35.52 -24.93
C ILE Y 26 -88.22 -36.04 -26.05
N TYR Y 27 -88.01 -37.31 -26.45
CA TYR Y 27 -88.80 -37.93 -27.49
C TYR Y 27 -89.64 -38.93 -26.78
N ILE Y 28 -90.98 -38.85 -26.99
CA ILE Y 28 -91.95 -39.67 -26.32
C ILE Y 28 -92.51 -40.54 -27.40
N GLY Y 29 -92.56 -41.88 -27.16
CA GLY Y 29 -92.97 -42.82 -28.18
C GLY Y 29 -93.47 -44.05 -27.52
N GLN Y 30 -93.74 -45.10 -28.32
CA GLN Y 30 -94.25 -46.39 -27.91
C GLN Y 30 -93.29 -47.09 -26.97
N ILE Y 31 -93.84 -47.89 -26.01
CA ILE Y 31 -93.07 -48.63 -25.03
C ILE Y 31 -92.19 -49.69 -25.65
N ASP Y 32 -91.00 -49.88 -25.02
CA ASP Y 32 -90.01 -50.89 -25.33
C ASP Y 32 -89.48 -50.81 -26.74
N THR Y 33 -89.46 -49.59 -27.32
CA THR Y 33 -88.96 -49.32 -28.64
C THR Y 33 -88.43 -47.92 -28.55
N ASP Y 34 -87.39 -47.60 -29.37
CA ASP Y 34 -86.77 -46.30 -29.42
C ASP Y 34 -87.79 -45.27 -29.89
N PRO Y 35 -87.90 -44.09 -29.28
CA PRO Y 35 -88.88 -43.09 -29.68
C PRO Y 35 -88.23 -42.14 -30.66
N VAL Y 36 -86.99 -42.43 -31.11
CA VAL Y 36 -86.22 -41.64 -32.05
C VAL Y 36 -86.90 -41.65 -33.39
N ASN Y 37 -87.37 -42.85 -33.82
CA ASN Y 37 -88.08 -43.07 -35.06
C ASN Y 37 -89.40 -42.32 -35.03
N PRO Y 38 -89.84 -41.62 -36.08
CA PRO Y 38 -91.10 -40.91 -36.08
C PRO Y 38 -92.30 -41.83 -36.01
N ALA Y 39 -92.16 -43.08 -36.50
CA ALA Y 39 -93.21 -44.08 -36.51
C ALA Y 39 -93.58 -44.50 -35.11
N ASN Y 40 -92.56 -44.75 -34.26
CA ASN Y 40 -92.74 -45.09 -32.87
C ASN Y 40 -93.19 -43.90 -32.07
N GLN Y 41 -92.64 -42.69 -32.39
CA GLN Y 41 -92.93 -41.45 -31.73
C GLN Y 41 -94.41 -41.11 -31.82
N ILE Y 42 -95.01 -40.64 -30.71
CA ILE Y 42 -96.43 -40.44 -30.59
C ILE Y 42 -96.65 -38.98 -30.27
N PRO Y 43 -97.78 -38.37 -30.61
CA PRO Y 43 -98.08 -36.99 -30.29
C PRO Y 43 -98.41 -36.89 -28.83
N VAL Y 44 -98.00 -35.78 -28.19
CA VAL Y 44 -98.17 -35.57 -26.78
C VAL Y 44 -99.16 -34.44 -26.65
N TYR Y 45 -99.96 -34.46 -25.55
CA TYR Y 45 -101.01 -33.50 -25.33
C TYR Y 45 -100.74 -32.83 -24.02
N ILE Y 46 -101.18 -31.55 -23.90
CA ILE Y 46 -101.19 -30.82 -22.65
C ILE Y 46 -102.54 -31.11 -22.04
N GLU Y 47 -102.53 -31.63 -20.78
CA GLU Y 47 -103.72 -31.97 -20.06
C GLU Y 47 -104.05 -30.80 -19.18
N ASN Y 48 -105.17 -30.14 -19.53
CA ASN Y 48 -105.71 -29.00 -18.83
C ASN Y 48 -106.64 -29.56 -17.79
N GLU Y 49 -106.55 -29.02 -16.56
CA GLU Y 49 -107.34 -29.44 -15.41
C GLU Y 49 -108.79 -29.06 -15.57
N ASP Y 50 -109.10 -28.17 -16.54
CA ASP Y 50 -110.42 -27.81 -16.99
C ASP Y 50 -111.16 -29.00 -17.55
N GLY Y 51 -110.42 -29.89 -18.26
CA GLY Y 51 -111.00 -31.06 -18.89
C GLY Y 51 -110.82 -30.97 -20.37
N SER Y 52 -109.76 -30.27 -20.84
CA SER Y 52 -109.49 -30.12 -22.25
C SER Y 52 -108.14 -30.72 -22.52
N HIS Y 53 -107.98 -31.20 -23.78
CA HIS Y 53 -106.77 -31.77 -24.31
C HIS Y 53 -106.51 -31.01 -25.56
N VAL Y 54 -105.26 -30.55 -25.75
CA VAL Y 54 -104.85 -29.82 -26.93
C VAL Y 54 -103.59 -30.50 -27.36
N GLN Y 55 -103.31 -30.48 -28.69
CA GLN Y 55 -102.21 -31.19 -29.27
C GLN Y 55 -101.12 -30.21 -29.57
N ILE Y 56 -99.87 -30.64 -29.26
CA ILE Y 56 -98.67 -29.87 -29.43
C ILE Y 56 -97.71 -30.80 -30.13
N THR Y 57 -96.56 -30.26 -30.59
CA THR Y 57 -95.51 -30.99 -31.27
C THR Y 57 -94.94 -32.08 -30.38
N GLN Y 58 -94.49 -33.19 -31.01
CA GLN Y 58 -94.05 -34.39 -30.35
C GLN Y 58 -92.86 -34.22 -29.41
N PRO Y 59 -91.76 -33.51 -29.69
CA PRO Y 59 -90.67 -33.38 -28.73
C PRO Y 59 -90.99 -32.36 -27.68
N LEU Y 60 -90.54 -32.61 -26.43
CA LEU Y 60 -90.71 -31.72 -25.30
C LEU Y 60 -89.39 -31.06 -25.09
N ILE Y 61 -89.43 -29.77 -24.69
CA ILE Y 61 -88.25 -28.95 -24.52
C ILE Y 61 -87.94 -28.95 -23.06
N ILE Y 62 -86.64 -29.10 -22.70
CA ILE Y 62 -86.17 -29.09 -21.33
C ILE Y 62 -85.51 -27.74 -21.18
N ASN Y 63 -85.94 -26.96 -20.14
CA ASN Y 63 -85.38 -25.66 -19.81
C ASN Y 63 -84.09 -25.83 -19.04
N ALA Y 64 -83.77 -24.87 -18.15
CA ALA Y 64 -82.53 -24.87 -17.39
C ALA Y 64 -82.77 -25.34 -15.99
N ALA Y 65 -84.03 -25.75 -15.67
CA ALA Y 65 -84.39 -26.27 -14.37
C ALA Y 65 -84.47 -27.76 -14.46
N GLY Y 66 -84.34 -28.33 -15.69
CA GLY Y 66 -84.43 -29.75 -15.94
C GLY Y 66 -85.87 -30.18 -16.05
N LYS Y 67 -86.82 -29.22 -16.03
CA LYS Y 67 -88.24 -29.49 -16.08
C LYS Y 67 -88.74 -29.35 -17.47
N ILE Y 68 -89.89 -30.03 -17.75
CA ILE Y 68 -90.62 -29.91 -18.99
C ILE Y 68 -91.20 -28.52 -19.11
N VAL Y 69 -91.19 -27.96 -20.34
CA VAL Y 69 -91.70 -26.64 -20.57
C VAL Y 69 -92.26 -26.67 -21.97
N TYR Y 70 -93.43 -26.03 -22.17
CA TYR Y 70 -93.95 -25.81 -23.49
C TYR Y 70 -94.70 -24.51 -23.36
N ASN Y 71 -94.56 -23.62 -24.38
CA ASN Y 71 -95.11 -22.28 -24.45
C ASN Y 71 -94.62 -21.39 -23.33
N GLY Y 72 -93.36 -21.59 -22.87
CA GLY Y 72 -92.75 -20.79 -21.84
C GLY Y 72 -93.42 -20.92 -20.49
N GLN Y 73 -94.02 -22.10 -20.20
CA GLN Y 73 -94.69 -22.33 -18.93
C GLN Y 73 -94.62 -23.79 -18.65
N LEU Y 74 -94.69 -24.15 -17.34
CA LEU Y 74 -94.69 -25.52 -16.89
C LEU Y 74 -96.02 -26.14 -17.24
N VAL Y 75 -95.96 -27.29 -17.95
CA VAL Y 75 -97.11 -27.94 -18.53
C VAL Y 75 -97.16 -29.33 -17.95
N LYS Y 76 -98.36 -29.96 -18.03
CA LYS Y 76 -98.59 -31.30 -17.57
C LYS Y 76 -98.88 -32.07 -18.83
N ILE Y 77 -97.92 -32.94 -19.22
CA ILE Y 77 -97.92 -33.64 -20.48
C ILE Y 77 -98.47 -35.01 -20.23
N VAL Y 78 -99.32 -35.50 -21.17
CA VAL Y 78 -99.99 -36.77 -21.08
C VAL Y 78 -99.94 -37.35 -22.46
N THR Y 79 -100.18 -38.68 -22.54
CA THR Y 79 -100.25 -39.42 -23.78
C THR Y 79 -101.43 -40.34 -23.65
N VAL Y 80 -101.85 -40.92 -24.81
CA VAL Y 80 -103.06 -41.71 -24.94
C VAL Y 80 -102.77 -43.17 -24.75
N GLN Y 81 -101.51 -43.51 -24.38
CA GLN Y 81 -101.08 -44.86 -24.20
C GLN Y 81 -99.89 -44.79 -23.30
N GLY Y 82 -99.42 -45.98 -22.81
CA GLY Y 82 -98.17 -46.10 -22.09
C GLY Y 82 -97.05 -45.74 -23.03
N HIS Y 83 -96.06 -44.98 -22.53
CA HIS Y 83 -95.05 -44.38 -23.37
C HIS Y 83 -93.69 -44.67 -22.82
N SER Y 84 -92.67 -44.44 -23.66
CA SER Y 84 -91.27 -44.52 -23.31
C SER Y 84 -90.78 -43.11 -23.38
N MET Y 85 -89.82 -42.77 -22.51
CA MET Y 85 -89.27 -41.45 -22.38
C MET Y 85 -87.80 -41.61 -22.61
N ALA Y 86 -87.20 -40.74 -23.43
CA ALA Y 86 -85.78 -40.78 -23.69
C ALA Y 86 -85.29 -39.38 -23.53
N ILE Y 87 -84.33 -39.20 -22.59
CA ILE Y 87 -83.80 -37.92 -22.18
C ILE Y 87 -82.54 -37.74 -22.99
N TYR Y 88 -82.44 -36.59 -23.71
CA TYR Y 88 -81.33 -36.24 -24.55
C TYR Y 88 -80.89 -34.90 -24.08
N ASP Y 89 -79.56 -34.66 -24.11
CA ASP Y 89 -78.96 -33.42 -23.69
C ASP Y 89 -78.74 -32.55 -24.91
N ALA Y 90 -77.95 -31.46 -24.74
CA ALA Y 90 -77.72 -30.47 -25.75
C ALA Y 90 -76.78 -30.90 -26.84
N ASN Y 91 -76.00 -31.97 -26.61
CA ASN Y 91 -75.05 -32.50 -27.57
C ASN Y 91 -75.70 -33.65 -28.30
N GLY Y 92 -76.96 -33.98 -27.95
CA GLY Y 92 -77.76 -35.01 -28.58
C GLY Y 92 -77.44 -36.38 -28.05
N SER Y 93 -76.53 -36.47 -27.04
CA SER Y 93 -76.17 -37.69 -26.37
C SER Y 93 -77.33 -38.13 -25.51
N GLN Y 94 -77.48 -39.47 -25.32
CA GLN Y 94 -78.59 -40.04 -24.59
C GLN Y 94 -78.17 -40.18 -23.15
N VAL Y 95 -78.82 -39.36 -22.30
CA VAL Y 95 -78.55 -39.27 -20.88
C VAL Y 95 -79.15 -40.48 -20.21
N ASP Y 96 -80.42 -40.78 -20.54
CA ASP Y 96 -81.17 -41.83 -19.90
C ASP Y 96 -82.23 -42.28 -20.87
N TYR Y 97 -82.65 -43.55 -20.72
CA TYR Y 97 -83.70 -44.16 -21.50
C TYR Y 97 -84.54 -44.90 -20.49
N ILE Y 98 -85.86 -44.64 -20.55
CA ILE Y 98 -86.87 -45.24 -19.72
C ILE Y 98 -87.80 -45.88 -20.70
N ALA Y 99 -87.94 -47.22 -20.64
CA ALA Y 99 -88.75 -47.95 -21.58
C ALA Y 99 -90.22 -47.92 -21.24
N ASN Y 100 -90.55 -47.79 -19.93
CA ASN Y 100 -91.92 -47.91 -19.47
C ASN Y 100 -92.22 -46.78 -18.53
N VAL Y 101 -93.22 -45.95 -18.89
CA VAL Y 101 -93.77 -44.90 -18.07
C VAL Y 101 -95.26 -45.12 -18.14
N LEU Y 102 -95.90 -45.44 -16.99
CA LEU Y 102 -97.33 -45.62 -16.96
C LEU Y 102 -97.77 -45.15 -15.60
N LYS Y 103 -98.90 -44.41 -15.55
CA LYS Y 103 -99.43 -43.83 -14.34
C LYS Y 103 -100.92 -43.86 -14.51
N TYR Y 104 -101.64 -43.83 -13.36
CA TYR Y 104 -103.08 -43.95 -13.31
C TYR Y 104 -103.72 -42.61 -13.03
N ASP Y 105 -102.92 -41.53 -12.92
CA ASP Y 105 -103.30 -40.28 -12.25
C ASP Y 105 -104.43 -39.62 -13.04
N PRO Y 106 -105.65 -39.43 -12.51
CA PRO Y 106 -106.80 -39.06 -13.30
C PRO Y 106 -107.02 -37.57 -13.33
N ASP Y 107 -106.06 -36.75 -12.87
CA ASP Y 107 -106.26 -35.35 -12.55
C ASP Y 107 -106.61 -34.54 -13.78
N GLN Y 108 -107.41 -33.47 -13.56
CA GLN Y 108 -108.58 -33.07 -14.31
C GLN Y 108 -109.83 -33.62 -13.66
N TYR Y 109 -110.18 -34.91 -13.92
CA TYR Y 109 -111.14 -35.71 -13.18
C TYR Y 109 -112.56 -35.30 -13.51
N SER Y 110 -112.74 -34.45 -14.56
CA SER Y 110 -114.02 -34.15 -15.14
C SER Y 110 -114.37 -35.12 -16.23
N ILE Y 111 -113.42 -35.38 -17.15
CA ILE Y 111 -113.61 -36.28 -18.27
C ILE Y 111 -113.41 -37.70 -17.80
N GLU Y 112 -112.40 -37.91 -16.92
CA GLU Y 112 -111.96 -39.19 -16.46
C GLU Y 112 -113.00 -39.89 -15.63
N ALA Y 113 -113.69 -39.16 -14.73
CA ALA Y 113 -114.56 -39.79 -13.75
C ALA Y 113 -115.86 -40.30 -14.34
N ASP Y 114 -116.25 -39.83 -15.55
CA ASP Y 114 -117.39 -40.34 -16.28
C ASP Y 114 -117.16 -41.73 -16.81
N LYS Y 115 -115.96 -41.96 -17.38
CA LYS Y 115 -115.61 -43.20 -18.04
C LYS Y 115 -115.17 -44.27 -17.09
N LYS Y 116 -114.59 -43.94 -15.91
CA LYS Y 116 -114.02 -44.94 -15.03
C LYS Y 116 -114.91 -45.31 -13.87
N PHE Y 117 -116.13 -44.72 -13.76
CA PHE Y 117 -117.02 -45.02 -12.65
C PHE Y 117 -118.43 -45.14 -13.15
N LYS Y 118 -119.27 -45.76 -12.30
CA LYS Y 118 -120.70 -45.93 -12.49
C LYS Y 118 -121.36 -44.93 -11.57
N TYR Y 119 -122.63 -44.57 -11.87
CA TYR Y 119 -123.37 -43.59 -11.13
C TYR Y 119 -124.65 -44.25 -10.68
N SER Y 120 -124.93 -44.15 -9.36
CA SER Y 120 -126.20 -44.50 -8.80
C SER Y 120 -126.38 -43.52 -7.69
N VAL Y 121 -127.58 -42.91 -7.59
CA VAL Y 121 -127.86 -41.95 -6.56
C VAL Y 121 -128.53 -42.71 -5.45
N LYS Y 122 -128.21 -42.33 -4.20
CA LYS Y 122 -128.75 -42.93 -3.01
C LYS Y 122 -129.85 -42.03 -2.55
N LEU Y 123 -130.94 -42.62 -2.01
CA LEU Y 123 -132.12 -41.91 -1.59
C LEU Y 123 -131.84 -41.10 -0.34
N SER Y 124 -130.83 -41.54 0.46
CA SER Y 124 -130.40 -40.89 1.68
C SER Y 124 -129.75 -39.53 1.47
N ASP Y 125 -129.30 -39.23 0.23
CA ASP Y 125 -128.63 -37.97 -0.09
C ASP Y 125 -129.64 -36.95 -0.56
N TYR Y 126 -130.96 -37.29 -0.59
CA TYR Y 126 -132.00 -36.41 -1.02
C TYR Y 126 -133.09 -36.47 0.01
N PRO Y 127 -134.00 -35.50 0.09
CA PRO Y 127 -135.03 -35.50 1.12
C PRO Y 127 -136.25 -36.21 0.61
N THR Y 128 -136.41 -36.36 -0.72
CA THR Y 128 -137.60 -36.93 -1.32
C THR Y 128 -137.13 -37.82 -2.44
N LEU Y 129 -138.05 -38.72 -2.88
CA LEU Y 129 -137.84 -39.64 -3.97
C LEU Y 129 -137.90 -38.92 -5.28
N GLN Y 130 -138.62 -37.78 -5.35
CA GLN Y 130 -138.77 -36.97 -6.54
C GLN Y 130 -137.45 -36.34 -6.93
N ASP Y 131 -136.67 -35.90 -5.92
CA ASP Y 131 -135.36 -35.29 -6.10
C ASP Y 131 -134.34 -36.31 -6.53
N ALA Y 132 -134.44 -37.55 -5.98
CA ALA Y 132 -133.53 -38.63 -6.30
C ALA Y 132 -133.87 -39.28 -7.63
N ALA Y 133 -135.10 -39.05 -8.14
CA ALA Y 133 -135.58 -39.58 -9.39
C ALA Y 133 -135.02 -38.79 -10.54
N SER Y 134 -134.98 -37.46 -10.37
CA SER Y 134 -134.48 -36.54 -11.36
C SER Y 134 -132.97 -36.50 -11.35
N ALA Y 135 -132.35 -36.95 -10.24
CA ALA Y 135 -130.91 -36.97 -10.08
C ALA Y 135 -130.35 -38.31 -10.48
N ALA Y 136 -131.22 -39.28 -10.84
CA ALA Y 136 -130.80 -40.60 -11.26
C ALA Y 136 -130.60 -40.50 -12.74
N VAL Y 137 -129.35 -40.77 -13.19
CA VAL Y 137 -128.99 -40.74 -14.59
C VAL Y 137 -128.69 -42.12 -15.08
N ASP Y 138 -128.62 -43.12 -14.18
CA ASP Y 138 -128.29 -44.47 -14.55
C ASP Y 138 -128.87 -45.34 -13.49
N GLY Y 139 -128.31 -45.30 -12.26
CA GLY Y 139 -128.78 -46.14 -11.19
C GLY Y 139 -129.66 -45.35 -10.29
N LEU Y 140 -130.43 -46.08 -9.45
CA LEU Y 140 -131.27 -45.52 -8.42
C LEU Y 140 -131.23 -46.56 -7.34
N LEU Y 141 -131.16 -46.11 -6.08
CA LEU Y 141 -130.97 -46.97 -4.94
C LEU Y 141 -131.90 -46.44 -3.91
N ILE Y 142 -132.63 -47.36 -3.24
CA ILE Y 142 -133.64 -47.04 -2.27
C ILE Y 142 -133.12 -47.78 -1.07
N ASP Y 143 -132.70 -47.01 -0.05
CA ASP Y 143 -132.03 -47.53 1.12
C ASP Y 143 -132.76 -47.12 2.37
N ARG Y 144 -133.96 -46.51 2.21
CA ARG Y 144 -134.69 -45.98 3.33
C ARG Y 144 -136.12 -45.85 2.90
N ASP Y 145 -137.01 -45.57 3.88
CA ASP Y 145 -138.44 -45.57 3.70
C ASP Y 145 -138.86 -44.28 3.06
N TYR Y 146 -140.02 -44.30 2.37
CA TYR Y 146 -140.56 -43.15 1.70
C TYR Y 146 -142.03 -43.24 1.98
N ASN Y 147 -142.60 -42.11 2.46
CA ASN Y 147 -144.03 -41.92 2.60
C ASN Y 147 -144.61 -41.41 1.31
N PHE Y 148 -145.92 -41.68 1.14
CA PHE Y 148 -146.65 -41.41 -0.07
C PHE Y 148 -148.09 -41.33 0.33
N TYR Y 149 -148.90 -40.74 -0.57
CA TYR Y 149 -150.31 -40.48 -0.32
C TYR Y 149 -151.00 -40.86 -1.59
N GLY Y 150 -152.35 -40.96 -1.56
CA GLY Y 150 -153.19 -41.12 -2.72
C GLY Y 150 -153.01 -40.05 -3.75
N GLY Y 151 -152.30 -40.40 -4.84
CA GLY Y 151 -152.11 -39.59 -6.01
C GLY Y 151 -150.86 -38.79 -5.84
N GLU Y 152 -149.70 -39.48 -5.96
CA GLU Y 152 -148.39 -38.87 -5.82
C GLU Y 152 -147.65 -39.41 -6.99
N THR Y 153 -147.12 -38.52 -7.87
CA THR Y 153 -146.49 -38.91 -9.10
C THR Y 153 -145.06 -38.49 -9.04
N VAL Y 154 -144.17 -39.41 -9.46
CA VAL Y 154 -142.73 -39.26 -9.46
C VAL Y 154 -142.37 -39.42 -10.91
N ASP Y 155 -141.49 -38.54 -11.42
CA ASP Y 155 -141.10 -38.53 -12.81
C ASP Y 155 -139.62 -38.76 -12.86
N PHE Y 156 -139.18 -39.59 -13.84
CA PHE Y 156 -137.78 -39.91 -14.04
C PHE Y 156 -137.25 -39.17 -15.23
N GLY Y 157 -138.11 -38.45 -15.98
CA GLY Y 157 -137.70 -37.61 -17.09
C GLY Y 157 -137.47 -38.36 -18.37
N GLY Y 158 -137.85 -39.66 -18.44
CA GLY Y 158 -137.74 -40.46 -19.64
C GLY Y 158 -136.47 -41.25 -19.66
N LYS Y 159 -135.64 -41.09 -18.60
CA LYS Y 159 -134.38 -41.79 -18.42
C LYS Y 159 -134.63 -43.25 -18.17
N VAL Y 160 -133.69 -44.11 -18.66
CA VAL Y 160 -133.74 -45.54 -18.47
C VAL Y 160 -132.95 -45.78 -17.22
N LEU Y 161 -133.55 -46.48 -16.22
CA LEU Y 161 -132.97 -46.60 -14.91
C LEU Y 161 -133.12 -48.01 -14.43
N THR Y 162 -132.06 -48.51 -13.75
CA THR Y 162 -132.02 -49.78 -13.07
C THR Y 162 -132.18 -49.42 -11.63
N ILE Y 163 -133.29 -49.89 -11.01
CA ILE Y 163 -133.72 -49.48 -9.70
C ILE Y 163 -133.50 -50.70 -8.86
N GLU Y 164 -133.00 -50.48 -7.63
CA GLU Y 164 -132.62 -51.51 -6.70
C GLU Y 164 -133.21 -51.10 -5.38
N CYS Y 165 -134.08 -51.94 -4.80
CA CYS Y 165 -134.83 -51.59 -3.62
C CYS Y 165 -134.43 -52.62 -2.62
N LYS Y 166 -133.95 -52.12 -1.46
CA LYS Y 166 -133.37 -52.89 -0.40
C LYS Y 166 -134.12 -52.54 0.86
N ALA Y 167 -135.33 -52.00 0.68
CA ALA Y 167 -136.02 -51.23 1.67
C ALA Y 167 -137.46 -51.36 1.29
N LYS Y 168 -138.35 -50.86 2.16
CA LYS Y 168 -139.78 -50.96 1.97
C LYS Y 168 -140.34 -49.58 1.95
N PHE Y 169 -141.67 -49.51 1.75
CA PHE Y 169 -142.36 -48.31 1.38
C PHE Y 169 -143.58 -48.41 2.24
N ILE Y 170 -143.71 -47.45 3.19
CA ILE Y 170 -144.77 -47.42 4.16
C ILE Y 170 -145.60 -46.20 3.88
N GLY Y 171 -146.93 -46.41 3.72
CA GLY Y 171 -147.84 -45.32 3.47
C GLY Y 171 -149.12 -45.92 3.04
N ASP Y 172 -150.00 -45.10 2.45
CA ASP Y 172 -151.30 -45.51 1.99
C ASP Y 172 -151.44 -44.86 0.64
N GLY Y 173 -152.27 -45.47 -0.24
CA GLY Y 173 -152.57 -44.93 -1.55
C GLY Y 173 -151.39 -45.11 -2.46
N ASN Y 174 -151.19 -44.16 -3.41
CA ASN Y 174 -150.71 -44.51 -4.71
C ASN Y 174 -149.35 -43.88 -4.86
N LEU Y 175 -148.32 -44.73 -5.01
CA LEU Y 175 -146.99 -44.32 -5.34
C LEU Y 175 -146.85 -44.65 -6.80
N ILE Y 176 -146.80 -43.59 -7.63
CA ILE Y 176 -146.93 -43.68 -9.06
C ILE Y 176 -145.58 -43.29 -9.59
N PHE Y 177 -145.16 -43.90 -10.72
CA PHE Y 177 -143.95 -43.53 -11.40
C PHE Y 177 -144.35 -43.29 -12.82
N THR Y 178 -143.45 -42.68 -13.62
CA THR Y 178 -143.77 -42.32 -14.98
C THR Y 178 -142.47 -42.25 -15.74
N LYS Y 179 -142.55 -42.47 -17.07
CA LYS Y 179 -141.52 -42.20 -18.04
C LYS Y 179 -140.24 -42.98 -17.82
N LEU Y 180 -140.27 -44.29 -18.17
CA LEU Y 180 -139.10 -45.13 -18.23
C LEU Y 180 -139.08 -45.70 -19.61
N GLY Y 181 -137.86 -45.82 -20.18
CA GLY Y 181 -137.64 -46.35 -21.50
C GLY Y 181 -137.21 -47.77 -21.40
N LYS Y 182 -136.84 -48.37 -22.56
CA LYS Y 182 -136.45 -49.75 -22.70
C LYS Y 182 -135.13 -50.01 -22.02
N GLY Y 183 -135.02 -51.16 -21.32
CA GLY Y 183 -133.83 -51.58 -20.62
C GLY Y 183 -133.92 -51.32 -19.15
N SER Y 184 -135.08 -50.78 -18.65
CA SER Y 184 -135.27 -50.51 -17.26
C SER Y 184 -135.55 -51.78 -16.49
N ARG Y 185 -135.30 -51.71 -15.15
CA ARG Y 185 -135.43 -52.83 -14.25
C ARG Y 185 -135.85 -52.25 -12.94
N ILE Y 186 -136.66 -53.03 -12.18
CA ILE Y 186 -137.19 -52.66 -10.90
C ILE Y 186 -137.10 -53.98 -10.18
N ALA Y 187 -136.58 -54.00 -8.93
CA ALA Y 187 -136.40 -55.24 -8.22
C ALA Y 187 -136.49 -54.95 -6.76
N GLY Y 188 -136.94 -55.95 -5.98
CA GLY Y 188 -136.68 -56.06 -4.56
C GLY Y 188 -137.69 -55.28 -3.74
N VAL Y 189 -138.73 -54.72 -4.42
CA VAL Y 189 -139.70 -53.81 -3.86
C VAL Y 189 -140.53 -54.48 -2.79
N PHE Y 190 -140.94 -53.71 -1.75
CA PHE Y 190 -141.87 -54.18 -0.75
C PHE Y 190 -142.75 -53.02 -0.42
N MET Y 191 -144.08 -53.29 -0.31
CA MET Y 191 -145.09 -52.29 -0.12
C MET Y 191 -145.88 -52.71 1.08
N GLU Y 192 -146.29 -51.76 1.95
CA GLU Y 192 -146.92 -52.13 3.19
C GLU Y 192 -147.73 -50.95 3.64
N SER Y 193 -148.82 -51.23 4.41
CA SER Y 193 -149.65 -50.24 5.05
C SER Y 193 -148.95 -49.76 6.30
N THR Y 194 -149.46 -48.64 6.88
CA THR Y 194 -148.98 -48.12 8.14
C THR Y 194 -149.74 -48.78 9.27
N THR Y 195 -150.82 -48.13 9.77
CA THR Y 195 -151.99 -48.69 10.43
C THR Y 195 -152.36 -50.08 9.95
N THR Y 196 -152.74 -50.98 10.89
CA THR Y 196 -153.05 -52.36 10.62
C THR Y 196 -154.55 -52.39 10.37
N PRO Y 197 -155.07 -52.87 9.23
CA PRO Y 197 -156.45 -52.59 8.85
C PRO Y 197 -157.32 -53.69 9.40
N TRP Y 198 -158.65 -53.43 9.48
CA TRP Y 198 -159.68 -54.43 9.63
C TRP Y 198 -159.71 -55.36 8.46
N VAL Y 199 -160.11 -56.63 8.72
CA VAL Y 199 -159.97 -57.72 7.80
C VAL Y 199 -161.21 -58.57 7.92
N ILE Y 200 -161.22 -59.71 7.19
CA ILE Y 200 -162.22 -60.74 7.29
C ILE Y 200 -161.41 -62.00 7.20
N LYS Y 201 -161.95 -63.10 7.78
CA LYS Y 201 -161.34 -64.40 7.69
C LYS Y 201 -162.49 -65.32 7.39
N PRO Y 202 -162.75 -65.68 6.13
CA PRO Y 202 -163.83 -66.58 5.82
C PRO Y 202 -163.29 -67.94 5.49
N TRP Y 203 -162.70 -68.63 6.48
CA TRP Y 203 -162.24 -69.99 6.27
C TRP Y 203 -162.10 -70.65 7.60
N THR Y 204 -161.96 -72.00 7.57
CA THR Y 204 -161.67 -72.82 8.71
C THR Y 204 -160.37 -73.50 8.38
N ASP Y 205 -159.62 -73.87 9.45
CA ASP Y 205 -158.18 -74.00 9.38
C ASP Y 205 -157.85 -75.46 9.17
N ASP Y 206 -158.91 -76.28 9.03
CA ASP Y 206 -158.89 -77.71 9.26
C ASP Y 206 -159.34 -78.33 7.96
N ASN Y 207 -159.30 -77.51 6.87
CA ASN Y 207 -159.61 -77.80 5.48
C ASN Y 207 -160.92 -77.11 5.25
N GLN Y 208 -160.96 -76.21 4.23
CA GLN Y 208 -162.15 -75.76 3.56
C GLN Y 208 -162.75 -74.59 4.31
N TRP Y 209 -164.07 -74.63 4.60
CA TRP Y 209 -164.89 -73.47 4.32
C TRP Y 209 -166.04 -73.37 5.28
N LEU Y 210 -166.73 -72.22 5.12
CA LEU Y 210 -167.88 -71.77 5.87
C LEU Y 210 -168.88 -71.57 4.78
N THR Y 211 -170.19 -71.69 5.11
CA THR Y 211 -171.25 -71.49 4.14
C THR Y 211 -172.39 -70.89 4.93
N ASP Y 212 -172.02 -70.10 5.96
CA ASP Y 212 -172.83 -69.92 7.15
C ASP Y 212 -172.35 -68.61 7.68
N ALA Y 213 -173.07 -68.08 8.71
CA ALA Y 213 -173.22 -66.66 8.91
C ALA Y 213 -172.05 -66.19 9.73
N ALA Y 214 -172.21 -66.13 11.08
CA ALA Y 214 -171.50 -65.16 11.86
C ALA Y 214 -170.32 -65.88 12.43
N ALA Y 215 -169.16 -65.75 11.74
CA ALA Y 215 -168.21 -66.83 11.65
C ALA Y 215 -167.01 -66.31 10.92
N VAL Y 216 -167.08 -65.02 10.51
CA VAL Y 216 -166.21 -64.41 9.53
C VAL Y 216 -165.78 -63.14 10.19
N VAL Y 217 -166.68 -62.60 11.04
CA VAL Y 217 -166.57 -61.30 11.66
C VAL Y 217 -166.46 -61.60 13.15
N ALA Y 218 -166.51 -62.91 13.51
CA ALA Y 218 -166.64 -63.40 14.85
C ALA Y 218 -165.34 -64.11 15.15
N THR Y 219 -164.46 -64.21 14.12
CA THR Y 219 -163.12 -64.74 14.20
C THR Y 219 -162.20 -63.60 13.78
N LEU Y 220 -162.76 -62.37 13.70
CA LEU Y 220 -162.08 -61.13 13.44
C LEU Y 220 -161.01 -60.82 14.45
N LYS Y 221 -159.80 -60.55 13.92
CA LYS Y 221 -158.69 -59.98 14.62
C LYS Y 221 -157.97 -59.27 13.52
N GLN Y 222 -157.41 -58.06 13.79
CA GLN Y 222 -156.72 -57.29 12.78
C GLN Y 222 -155.43 -57.98 12.39
N SER Y 223 -155.10 -57.92 11.08
CA SER Y 223 -154.15 -58.83 10.49
C SER Y 223 -153.53 -58.10 9.34
N LYS Y 224 -152.30 -58.52 8.96
CA LYS Y 224 -151.78 -58.25 7.65
C LYS Y 224 -151.42 -59.55 6.96
N THR Y 225 -151.65 -60.70 7.64
CA THR Y 225 -151.63 -61.99 6.99
C THR Y 225 -152.47 -62.87 7.89
N ASP Y 226 -153.11 -63.92 7.30
CA ASP Y 226 -154.25 -64.64 7.84
C ASP Y 226 -155.41 -63.69 8.04
N GLY Y 227 -155.73 -62.93 6.98
CA GLY Y 227 -156.89 -62.10 6.93
C GLY Y 227 -156.58 -61.04 5.94
N TYR Y 228 -157.62 -60.59 5.20
CA TYR Y 228 -157.48 -59.61 4.16
C TYR Y 228 -158.71 -58.76 4.22
N GLN Y 229 -158.57 -57.47 3.84
CA GLN Y 229 -159.55 -56.42 4.02
C GLN Y 229 -160.87 -56.72 3.33
N PRO Y 230 -162.04 -56.30 3.85
CA PRO Y 230 -163.34 -56.84 3.49
C PRO Y 230 -163.65 -56.89 2.01
N THR Y 231 -164.36 -57.94 1.56
CA THR Y 231 -164.68 -58.14 0.16
C THR Y 231 -166.17 -58.08 0.12
N VAL Y 232 -166.71 -57.36 -0.89
CA VAL Y 232 -168.05 -56.84 -0.87
C VAL Y 232 -168.98 -57.81 -1.57
N SER Y 233 -168.41 -58.96 -2.04
CA SER Y 233 -169.05 -59.81 -3.01
C SER Y 233 -169.60 -61.01 -2.28
N ASP Y 234 -169.30 -61.13 -0.96
CA ASP Y 234 -169.04 -62.41 -0.35
C ASP Y 234 -170.23 -62.78 0.50
N TYR Y 235 -171.29 -61.93 0.50
CA TYR Y 235 -172.05 -61.70 1.71
C TYR Y 235 -173.33 -62.50 1.61
N VAL Y 236 -173.51 -63.25 0.50
CA VAL Y 236 -174.60 -64.19 0.31
C VAL Y 236 -173.98 -65.56 0.14
N LYS Y 237 -172.64 -65.66 0.28
CA LYS Y 237 -171.93 -66.93 0.21
C LYS Y 237 -171.59 -67.37 1.63
N PHE Y 238 -171.87 -66.49 2.63
CA PHE Y 238 -171.59 -66.74 4.02
C PHE Y 238 -172.75 -66.13 4.76
N PRO Y 239 -174.01 -66.48 4.49
CA PRO Y 239 -175.10 -65.53 4.35
C PRO Y 239 -175.32 -64.64 5.55
N GLY Y 240 -175.23 -63.31 5.36
CA GLY Y 240 -175.39 -62.34 6.41
C GLY Y 240 -174.14 -62.25 7.24
N ILE Y 241 -173.25 -61.29 6.87
CA ILE Y 241 -172.04 -60.99 7.60
C ILE Y 241 -171.73 -59.54 7.36
N GLU Y 242 -172.65 -58.83 6.65
CA GLU Y 242 -172.36 -57.65 5.87
C GLU Y 242 -172.16 -56.50 6.83
N THR Y 243 -173.01 -56.49 7.89
CA THR Y 243 -173.41 -55.29 8.58
C THR Y 243 -172.72 -55.31 9.92
N LEU Y 244 -171.85 -56.33 10.15
CA LEU Y 244 -171.31 -56.66 11.44
C LEU Y 244 -169.94 -56.04 11.53
N LEU Y 245 -169.46 -55.46 10.41
CA LEU Y 245 -168.08 -55.06 10.23
C LEU Y 245 -168.03 -53.62 10.65
N PRO Y 246 -166.93 -53.10 11.21
CA PRO Y 246 -166.79 -51.70 11.62
C PRO Y 246 -167.01 -50.75 10.45
N PRO Y 247 -167.50 -49.52 10.61
CA PRO Y 247 -167.92 -48.66 9.51
C PRO Y 247 -166.76 -48.32 8.61
N ASN Y 248 -165.60 -47.95 9.23
CA ASN Y 248 -164.38 -47.58 8.59
C ASN Y 248 -163.69 -48.72 7.87
N ALA Y 249 -164.02 -50.00 8.20
CA ALA Y 249 -163.53 -51.18 7.54
C ALA Y 249 -164.03 -51.34 6.12
N LYS Y 250 -164.95 -50.46 5.67
CA LYS Y 250 -165.68 -50.61 4.45
C LYS Y 250 -165.61 -49.26 3.82
N GLY Y 251 -165.09 -49.19 2.57
CA GLY Y 251 -164.56 -47.97 2.01
C GLY Y 251 -163.15 -47.70 2.45
N GLN Y 252 -162.50 -48.66 3.16
CA GLN Y 252 -161.26 -48.49 3.88
C GLN Y 252 -160.12 -48.13 2.95
N ASN Y 253 -159.28 -47.17 3.39
CA ASN Y 253 -158.25 -46.58 2.56
C ASN Y 253 -156.90 -46.91 3.13
N ILE Y 254 -156.86 -47.80 4.16
CA ILE Y 254 -155.63 -48.21 4.81
C ILE Y 254 -155.19 -49.44 4.08
N THR Y 255 -154.41 -49.22 2.99
CA THR Y 255 -153.91 -50.27 2.14
C THR Y 255 -152.54 -49.76 1.76
N SER Y 256 -152.01 -50.19 0.60
CA SER Y 256 -150.85 -49.63 -0.02
C SER Y 256 -151.08 -49.93 -1.47
N THR Y 257 -150.50 -49.12 -2.38
CA THR Y 257 -150.62 -49.35 -3.79
C THR Y 257 -149.31 -48.90 -4.39
N LEU Y 258 -148.83 -49.69 -5.37
CA LEU Y 258 -147.67 -49.38 -6.17
C LEU Y 258 -148.30 -49.29 -7.53
N GLU Y 259 -147.85 -48.32 -8.35
CA GLU Y 259 -148.45 -48.07 -9.62
C GLU Y 259 -147.34 -47.62 -10.51
N ILE Y 260 -147.48 -47.92 -11.83
CA ILE Y 260 -146.61 -47.42 -12.86
C ILE Y 260 -147.60 -46.75 -13.77
N ARG Y 261 -147.15 -45.76 -14.56
CA ARG Y 261 -147.97 -45.07 -15.50
C ARG Y 261 -147.08 -44.82 -16.67
N GLU Y 262 -147.56 -45.14 -17.89
CA GLU Y 262 -147.01 -44.74 -19.17
C GLU Y 262 -145.52 -44.94 -19.27
N CYS Y 263 -145.11 -46.22 -19.38
CA CYS Y 263 -143.73 -46.57 -19.62
C CYS Y 263 -143.75 -47.66 -20.64
N ILE Y 264 -142.60 -47.86 -21.32
CA ILE Y 264 -142.43 -48.88 -22.34
C ILE Y 264 -141.15 -49.59 -21.99
N GLY Y 265 -141.20 -50.94 -21.93
CA GLY Y 265 -140.02 -51.76 -21.76
C GLY Y 265 -139.46 -51.74 -20.37
N VAL Y 266 -140.32 -51.97 -19.35
CA VAL Y 266 -139.93 -51.97 -17.97
C VAL Y 266 -140.27 -53.35 -17.51
N GLU Y 267 -139.40 -53.94 -16.66
CA GLU Y 267 -139.56 -55.27 -16.16
C GLU Y 267 -139.38 -55.10 -14.69
N VAL Y 268 -140.06 -55.97 -13.91
CA VAL Y 268 -140.19 -55.80 -12.49
C VAL Y 268 -139.91 -57.19 -11.99
N HIS Y 269 -139.47 -57.31 -10.71
CA HIS Y 269 -139.02 -58.54 -10.14
C HIS Y 269 -139.36 -58.44 -8.68
N ARG Y 270 -139.64 -59.60 -8.05
CA ARG Y 270 -139.57 -59.82 -6.61
C ARG Y 270 -140.54 -58.94 -5.88
N ALA Y 271 -141.80 -58.91 -6.35
CA ALA Y 271 -142.83 -58.02 -5.85
C ALA Y 271 -143.58 -58.74 -4.77
N SER Y 272 -143.71 -58.09 -3.60
CA SER Y 272 -144.44 -58.66 -2.49
C SER Y 272 -144.85 -57.50 -1.64
N GLY Y 273 -145.90 -57.70 -0.82
CA GLY Y 273 -146.33 -56.69 0.09
C GLY Y 273 -147.16 -57.35 1.12
N LEU Y 274 -147.73 -56.55 2.05
CA LEU Y 274 -148.69 -57.03 3.01
C LEU Y 274 -149.70 -55.93 3.11
N MET Y 275 -150.98 -56.25 2.82
CA MET Y 275 -152.09 -55.33 2.74
C MET Y 275 -151.86 -54.26 1.72
N ALA Y 276 -151.72 -54.67 0.44
CA ALA Y 276 -150.91 -53.97 -0.51
C ALA Y 276 -151.47 -54.34 -1.85
N GLY Y 277 -151.01 -53.65 -2.92
CA GLY Y 277 -151.27 -54.11 -4.25
C GLY Y 277 -150.24 -53.58 -5.18
N PHE Y 278 -150.48 -53.81 -6.49
CA PHE Y 278 -149.59 -53.48 -7.57
C PHE Y 278 -150.52 -53.10 -8.69
N LEU Y 279 -150.04 -52.23 -9.60
CA LEU Y 279 -150.84 -51.78 -10.71
C LEU Y 279 -149.89 -51.38 -11.79
N PHE Y 280 -150.36 -51.50 -13.04
CA PHE Y 280 -149.73 -50.97 -14.22
C PHE Y 280 -150.90 -50.33 -14.90
N ARG Y 281 -150.67 -49.18 -15.59
CA ARG Y 281 -151.70 -48.62 -16.42
C ARG Y 281 -150.96 -47.75 -17.37
N GLY Y 282 -151.54 -47.54 -18.58
CA GLY Y 282 -151.02 -46.65 -19.59
C GLY Y 282 -149.82 -47.25 -20.29
N CYS Y 283 -149.46 -48.50 -19.91
CA CYS Y 283 -148.22 -49.14 -20.26
C CYS Y 283 -148.49 -50.21 -21.26
N HIS Y 284 -147.53 -50.37 -22.19
CA HIS Y 284 -147.51 -51.46 -23.12
C HIS Y 284 -146.12 -51.99 -23.00
N PHE Y 285 -145.99 -53.33 -23.17
CA PHE Y 285 -144.76 -54.08 -23.09
C PHE Y 285 -144.09 -53.92 -21.75
N CYS Y 286 -144.82 -54.20 -20.66
CA CYS Y 286 -144.27 -54.13 -19.32
C CYS Y 286 -144.68 -55.40 -18.66
N LYS Y 287 -143.82 -55.89 -17.75
CA LYS Y 287 -143.88 -57.27 -17.32
C LYS Y 287 -143.50 -57.36 -15.88
N MET Y 288 -143.76 -58.55 -15.30
CA MET Y 288 -143.64 -58.85 -13.91
C MET Y 288 -143.02 -60.21 -13.92
N VAL Y 289 -142.18 -60.50 -12.90
CA VAL Y 289 -141.48 -61.76 -12.78
C VAL Y 289 -141.53 -62.04 -11.30
N ASP Y 290 -141.94 -63.28 -10.95
CA ASP Y 290 -141.92 -63.86 -9.62
C ASP Y 290 -142.77 -63.07 -8.65
N ALA Y 291 -142.63 -63.39 -7.34
CA ALA Y 291 -143.46 -62.87 -6.28
C ALA Y 291 -143.07 -63.69 -5.09
N ASN Y 292 -142.93 -63.02 -3.92
CA ASN Y 292 -142.41 -63.63 -2.71
C ASN Y 292 -143.54 -64.06 -1.81
N ASN Y 293 -144.77 -64.20 -2.37
CA ASN Y 293 -146.02 -64.35 -1.66
C ASN Y 293 -146.45 -63.05 -1.00
N PRO Y 294 -146.96 -62.05 -1.72
CA PRO Y 294 -147.78 -60.98 -1.17
C PRO Y 294 -149.00 -61.44 -0.41
N SER Y 295 -149.51 -60.56 0.48
CA SER Y 295 -150.87 -60.56 0.92
C SER Y 295 -151.48 -59.28 0.43
N GLY Y 296 -152.78 -59.33 0.07
CA GLY Y 296 -153.42 -58.30 -0.70
C GLY Y 296 -154.47 -57.71 0.19
N GLY Y 297 -154.70 -56.38 0.07
CA GLY Y 297 -155.72 -55.67 0.81
C GLY Y 297 -156.97 -55.57 0.01
N LYS Y 298 -157.61 -54.37 0.04
CA LYS Y 298 -158.71 -53.99 -0.83
C LYS Y 298 -158.29 -53.94 -2.26
N ASP Y 299 -157.11 -53.33 -2.52
CA ASP Y 299 -156.36 -53.51 -3.74
C ASP Y 299 -155.94 -54.93 -3.96
N GLY Y 300 -156.08 -55.39 -5.23
CA GLY Y 300 -155.66 -56.70 -5.67
C GLY Y 300 -154.21 -56.61 -6.00
N ILE Y 301 -153.62 -57.74 -6.44
CA ILE Y 301 -152.19 -57.92 -6.43
C ILE Y 301 -151.74 -57.51 -7.81
N ILE Y 302 -151.62 -58.45 -8.78
CA ILE Y 302 -151.09 -58.10 -10.08
C ILE Y 302 -152.28 -57.64 -10.86
N THR Y 303 -152.27 -56.34 -11.25
CA THR Y 303 -153.34 -55.73 -11.99
C THR Y 303 -152.69 -55.11 -13.18
N PHE Y 304 -153.30 -55.32 -14.36
CA PHE Y 304 -153.01 -54.59 -15.56
C PHE Y 304 -154.32 -53.97 -15.94
N GLU Y 305 -154.34 -52.63 -16.02
CA GLU Y 305 -155.50 -51.86 -16.35
C GLU Y 305 -155.14 -51.13 -17.60
N ASN Y 306 -155.74 -51.55 -18.73
CA ASN Y 306 -155.65 -50.85 -19.99
C ASN Y 306 -157.05 -50.48 -20.39
N LEU Y 307 -157.98 -50.45 -19.40
CA LEU Y 307 -159.38 -50.11 -19.55
C LEU Y 307 -159.50 -48.67 -19.99
N SER Y 308 -158.67 -47.81 -19.38
CA SER Y 308 -158.47 -46.44 -19.78
C SER Y 308 -157.28 -46.47 -20.70
N GLY Y 309 -157.37 -45.77 -21.84
CA GLY Y 309 -156.34 -45.75 -22.86
C GLY Y 309 -156.42 -46.98 -23.72
N ASP Y 310 -155.47 -47.06 -24.69
CA ASP Y 310 -155.35 -48.08 -25.72
C ASP Y 310 -155.18 -49.46 -25.14
N TRP Y 311 -155.59 -50.49 -25.93
CA TRP Y 311 -155.54 -51.89 -25.57
C TRP Y 311 -154.14 -52.33 -25.23
N GLY Y 312 -154.00 -53.13 -24.15
CA GLY Y 312 -152.73 -53.57 -23.65
C GLY Y 312 -152.21 -54.71 -24.47
N LYS Y 313 -150.88 -54.74 -24.69
CA LYS Y 313 -150.23 -55.84 -25.34
C LYS Y 313 -148.86 -55.88 -24.74
N GLY Y 314 -148.32 -57.10 -24.50
CA GLY Y 314 -147.02 -57.29 -23.89
C GLY Y 314 -147.08 -57.24 -22.40
N ASN Y 315 -148.30 -57.20 -21.82
CA ASN Y 315 -148.52 -57.20 -20.40
C ASN Y 315 -148.54 -58.64 -19.99
N TYR Y 316 -147.46 -59.08 -19.30
CA TYR Y 316 -147.17 -60.49 -19.18
C TYR Y 316 -146.61 -60.73 -17.80
N VAL Y 317 -146.78 -61.98 -17.29
CA VAL Y 317 -146.36 -62.38 -15.97
C VAL Y 317 -145.57 -63.63 -16.22
N ILE Y 318 -144.37 -63.75 -15.59
CA ILE Y 318 -143.57 -64.95 -15.60
C ILE Y 318 -143.50 -65.45 -14.19
N GLY Y 319 -144.21 -66.55 -13.87
CA GLY Y 319 -144.20 -67.21 -12.57
C GLY Y 319 -144.71 -66.35 -11.44
N GLY Y 320 -144.50 -66.85 -10.20
CA GLY Y 320 -144.82 -66.14 -8.98
C GLY Y 320 -146.03 -66.74 -8.34
N ARG Y 321 -146.04 -66.72 -6.99
CA ARG Y 321 -147.05 -67.31 -6.17
C ARG Y 321 -147.53 -66.23 -5.26
N THR Y 322 -148.86 -66.15 -5.04
CA THR Y 322 -149.50 -65.04 -4.37
C THR Y 322 -150.51 -65.62 -3.40
N SER Y 323 -151.02 -64.77 -2.49
CA SER Y 323 -152.08 -65.13 -1.57
C SER Y 323 -152.88 -63.89 -1.33
N TYR Y 324 -154.19 -64.09 -1.05
CA TYR Y 324 -155.19 -63.11 -0.67
C TYR Y 324 -155.41 -62.04 -1.72
N GLY Y 325 -155.96 -60.88 -1.30
CA GLY Y 325 -156.58 -59.91 -2.16
C GLY Y 325 -158.06 -60.11 -2.10
N SER Y 326 -158.81 -58.98 -2.05
CA SER Y 326 -160.25 -58.92 -2.25
C SER Y 326 -160.60 -59.28 -3.67
N VAL Y 327 -159.79 -58.78 -4.62
CA VAL Y 327 -160.08 -58.76 -6.02
C VAL Y 327 -158.84 -59.29 -6.64
N SER Y 328 -158.87 -59.59 -7.96
CA SER Y 328 -158.04 -60.58 -8.60
C SER Y 328 -156.56 -60.30 -8.47
N SER Y 329 -155.79 -61.40 -8.35
CA SER Y 329 -154.36 -61.39 -8.17
C SER Y 329 -153.65 -61.49 -9.49
N ALA Y 330 -154.41 -61.42 -10.60
CA ALA Y 330 -153.91 -61.56 -11.93
C ALA Y 330 -155.11 -61.27 -12.76
N GLN Y 331 -155.13 -60.06 -13.39
CA GLN Y 331 -156.27 -59.62 -14.14
C GLN Y 331 -155.78 -58.75 -15.24
N PHE Y 332 -156.52 -58.81 -16.37
CA PHE Y 332 -156.30 -58.02 -17.54
C PHE Y 332 -157.61 -57.35 -17.80
N LEU Y 333 -157.56 -56.02 -18.11
CA LEU Y 333 -158.74 -55.24 -18.37
C LEU Y 333 -158.45 -54.61 -19.69
N ARG Y 334 -159.23 -54.97 -20.74
CA ARG Y 334 -159.16 -54.40 -22.06
C ARG Y 334 -157.80 -54.58 -22.70
N ASN Y 335 -157.39 -55.86 -22.88
CA ASN Y 335 -156.10 -56.20 -23.42
C ASN Y 335 -156.41 -57.04 -24.62
N ASN Y 336 -155.71 -56.73 -25.73
CA ASN Y 336 -155.78 -57.46 -26.96
C ASN Y 336 -154.34 -57.74 -27.26
N GLY Y 337 -153.99 -59.05 -27.29
CA GLY Y 337 -152.66 -59.51 -27.62
C GLY Y 337 -152.41 -59.47 -29.10
N GLY Y 338 -153.47 -59.09 -29.87
CA GLY Y 338 -153.45 -58.95 -31.30
C GLY Y 338 -153.16 -60.24 -31.99
N PHE Y 339 -152.41 -60.13 -33.10
CA PHE Y 339 -152.00 -61.22 -33.93
C PHE Y 339 -151.08 -62.16 -33.18
N GLU Y 340 -150.13 -61.59 -32.41
CA GLU Y 340 -149.08 -62.29 -31.71
C GLU Y 340 -149.57 -63.24 -30.64
N ARG Y 341 -150.62 -62.81 -29.90
CA ARG Y 341 -151.08 -63.39 -28.66
C ARG Y 341 -150.10 -63.09 -27.57
N ASP Y 342 -149.61 -61.84 -27.54
CA ASP Y 342 -148.59 -61.37 -26.64
C ASP Y 342 -149.29 -60.86 -25.41
N GLY Y 343 -148.87 -61.37 -24.24
CA GLY Y 343 -149.47 -61.09 -22.96
C GLY Y 343 -150.19 -62.31 -22.51
N GLY Y 344 -150.26 -62.51 -21.17
CA GLY Y 344 -150.86 -63.68 -20.59
C GLY Y 344 -150.17 -63.94 -19.29
N VAL Y 345 -150.33 -65.17 -18.74
CA VAL Y 345 -149.69 -65.58 -17.52
C VAL Y 345 -149.27 -67.00 -17.79
N ILE Y 346 -147.98 -67.32 -17.57
CA ILE Y 346 -147.51 -68.68 -17.59
C ILE Y 346 -146.85 -68.90 -16.25
N GLY Y 347 -147.50 -69.74 -15.41
CA GLY Y 347 -147.07 -70.05 -14.07
C GLY Y 347 -147.72 -69.11 -13.09
N PHE Y 348 -148.52 -69.66 -12.16
CA PHE Y 348 -149.20 -68.85 -11.19
C PHE Y 348 -149.68 -69.74 -10.08
N THR Y 349 -149.93 -69.15 -8.90
CA THR Y 349 -150.62 -69.77 -7.79
C THR Y 349 -151.32 -68.61 -7.12
N SER Y 350 -152.53 -68.87 -6.57
CA SER Y 350 -153.31 -67.90 -5.84
C SER Y 350 -153.96 -68.72 -4.77
N TYR Y 351 -154.05 -68.17 -3.53
CA TYR Y 351 -154.77 -68.77 -2.44
C TYR Y 351 -155.75 -67.73 -1.95
N ARG Y 352 -157.03 -68.16 -1.75
CA ARG Y 352 -158.04 -67.49 -0.95
C ARG Y 352 -158.33 -66.08 -1.41
N ALA Y 353 -158.52 -65.92 -2.74
CA ALA Y 353 -159.09 -64.72 -3.33
C ALA Y 353 -160.52 -64.57 -2.91
N GLY Y 354 -160.97 -63.30 -2.73
CA GLY Y 354 -162.34 -62.99 -2.38
C GLY Y 354 -163.24 -63.05 -3.58
N GLU Y 355 -162.66 -63.23 -4.79
CA GLU Y 355 -163.37 -63.13 -6.04
C GLU Y 355 -162.85 -64.29 -6.84
N SER Y 356 -161.66 -64.12 -7.45
CA SER Y 356 -161.11 -65.04 -8.40
C SER Y 356 -159.64 -64.74 -8.38
N GLY Y 357 -158.78 -65.72 -8.72
CA GLY Y 357 -157.34 -65.54 -8.68
C GLY Y 357 -156.84 -65.12 -10.02
N VAL Y 358 -157.50 -65.58 -11.10
CA VAL Y 358 -157.12 -65.36 -12.46
C VAL Y 358 -158.42 -65.08 -13.13
N LYS Y 359 -158.53 -63.94 -13.85
CA LYS Y 359 -159.79 -63.49 -14.37
C LYS Y 359 -159.50 -62.68 -15.61
N THR Y 360 -160.42 -62.80 -16.60
CA THR Y 360 -160.53 -61.90 -17.71
C THR Y 360 -161.94 -61.41 -17.59
N TRP Y 361 -162.11 -60.07 -17.47
CA TRP Y 361 -163.32 -59.47 -16.99
C TRP Y 361 -164.38 -59.42 -18.05
N GLN Y 362 -165.65 -59.49 -17.60
CA GLN Y 362 -166.79 -59.77 -18.43
C GLN Y 362 -167.61 -58.53 -18.57
N GLY Y 363 -168.51 -58.54 -19.59
CA GLY Y 363 -169.48 -57.50 -19.85
C GLY Y 363 -168.85 -56.22 -20.30
N THR Y 364 -169.69 -55.17 -20.43
CA THR Y 364 -169.26 -53.87 -20.85
C THR Y 364 -169.25 -53.09 -19.55
N VAL Y 365 -168.04 -52.65 -19.11
CA VAL Y 365 -167.86 -51.88 -17.90
C VAL Y 365 -167.85 -50.45 -18.33
N GLY Y 366 -168.88 -49.69 -17.92
CA GLY Y 366 -169.09 -48.34 -18.39
C GLY Y 366 -169.60 -48.39 -19.81
N SER Y 367 -168.98 -47.60 -20.70
CA SER Y 367 -169.33 -47.52 -22.10
C SER Y 367 -168.20 -48.11 -22.92
N THR Y 368 -167.23 -48.79 -22.26
CA THR Y 368 -166.07 -49.35 -22.92
C THR Y 368 -166.03 -50.80 -22.50
N THR Y 369 -165.23 -51.61 -23.24
CA THR Y 369 -165.16 -53.05 -23.10
C THR Y 369 -164.03 -53.39 -22.17
N SER Y 370 -164.28 -54.37 -21.26
CA SER Y 370 -163.27 -54.91 -20.36
C SER Y 370 -162.83 -56.26 -20.86
N ARG Y 371 -163.42 -56.73 -21.98
CA ARG Y 371 -163.20 -58.04 -22.57
C ARG Y 371 -161.79 -58.19 -23.06
N ASN Y 372 -161.24 -59.41 -22.93
CA ASN Y 372 -159.85 -59.68 -23.24
C ASN Y 372 -159.81 -60.64 -24.38
N TYR Y 373 -158.73 -60.51 -25.18
CA TYR Y 373 -158.53 -61.28 -26.38
C TYR Y 373 -157.09 -61.72 -26.38
N ASN Y 374 -156.83 -62.92 -26.93
CA ASN Y 374 -155.53 -63.37 -27.35
C ASN Y 374 -154.50 -63.39 -26.25
N LEU Y 375 -154.77 -64.17 -25.18
CA LEU Y 375 -153.89 -64.27 -24.04
C LEU Y 375 -153.54 -65.73 -23.90
N GLN Y 376 -152.35 -66.00 -23.31
CA GLN Y 376 -151.82 -67.34 -23.15
C GLN Y 376 -151.92 -67.65 -21.69
N PHE Y 377 -152.56 -68.79 -21.35
CA PHE Y 377 -152.74 -69.20 -19.99
C PHE Y 377 -152.30 -70.63 -19.91
N ARG Y 378 -151.24 -70.89 -19.12
CA ARG Y 378 -150.75 -72.22 -18.89
C ARG Y 378 -150.21 -72.21 -17.50
N ASP Y 379 -150.35 -73.36 -16.79
CA ASP Y 379 -149.72 -73.68 -15.52
C ASP Y 379 -150.14 -72.73 -14.42
N SER Y 380 -151.35 -72.13 -14.55
CA SER Y 380 -151.90 -71.24 -13.57
C SER Y 380 -152.73 -72.07 -12.63
N VAL Y 381 -152.80 -71.63 -11.35
CA VAL Y 381 -153.42 -72.38 -10.29
C VAL Y 381 -154.14 -71.34 -9.47
N VAL Y 382 -155.40 -71.64 -9.09
CA VAL Y 382 -156.14 -70.82 -8.16
C VAL Y 382 -156.77 -71.85 -7.27
N ILE Y 383 -156.45 -71.81 -5.95
CA ILE Y 383 -156.99 -72.73 -4.98
C ILE Y 383 -157.76 -71.90 -4.02
N TYR Y 384 -158.87 -72.49 -3.52
CA TYR Y 384 -159.77 -71.95 -2.52
C TYR Y 384 -160.40 -70.60 -2.88
N PRO Y 385 -161.09 -70.40 -4.00
CA PRO Y 385 -161.78 -69.15 -4.28
C PRO Y 385 -163.15 -69.15 -3.62
N VAL Y 386 -163.65 -67.96 -3.21
CA VAL Y 386 -164.98 -67.79 -2.64
C VAL Y 386 -166.01 -68.03 -3.71
N TRP Y 387 -165.77 -67.47 -4.92
CA TRP Y 387 -166.60 -67.62 -6.09
C TRP Y 387 -165.78 -68.41 -7.09
N ASP Y 388 -165.73 -67.96 -8.37
CA ASP Y 388 -165.05 -68.63 -9.45
C ASP Y 388 -163.56 -68.66 -9.22
N GLY Y 389 -162.87 -69.75 -9.61
CA GLY Y 389 -161.43 -69.85 -9.51
C GLY Y 389 -160.81 -69.30 -10.74
N PHE Y 390 -161.45 -69.59 -11.88
CA PHE Y 390 -160.98 -69.22 -13.18
C PHE Y 390 -162.19 -68.66 -13.84
N ASP Y 391 -161.99 -67.51 -14.52
CA ASP Y 391 -162.99 -66.94 -15.36
C ASP Y 391 -162.18 -66.56 -16.55
N LEU Y 392 -162.48 -67.23 -17.69
CA LEU Y 392 -161.83 -66.99 -18.95
C LEU Y 392 -162.90 -66.54 -19.91
N GLY Y 393 -164.05 -66.07 -19.37
CA GLY Y 393 -165.23 -65.66 -20.08
C GLY Y 393 -165.06 -64.25 -20.59
N ALA Y 394 -166.18 -63.62 -21.02
CA ALA Y 394 -166.16 -62.27 -21.47
C ALA Y 394 -167.56 -61.69 -21.49
N ASP Y 395 -168.58 -62.46 -21.05
CA ASP Y 395 -169.96 -62.05 -21.18
C ASP Y 395 -170.65 -62.43 -19.92
N THR Y 396 -171.41 -61.47 -19.35
CA THR Y 396 -172.16 -61.64 -18.13
C THR Y 396 -173.48 -62.28 -18.44
N ASP Y 397 -174.20 -62.75 -17.40
CA ASP Y 397 -175.47 -63.45 -17.47
C ASP Y 397 -176.54 -62.57 -18.06
N MET Y 398 -176.51 -61.26 -17.71
CA MET Y 398 -177.40 -60.27 -18.27
C MET Y 398 -176.72 -59.75 -19.51
N ASN Y 399 -177.50 -59.47 -20.58
CA ASN Y 399 -176.99 -59.00 -21.85
C ASN Y 399 -176.31 -57.64 -21.72
N PRO Y 400 -175.26 -57.33 -22.47
CA PRO Y 400 -174.61 -56.02 -22.43
C PRO Y 400 -175.38 -55.10 -23.34
N GLU Y 401 -174.94 -53.83 -23.48
CA GLU Y 401 -175.51 -52.88 -24.42
C GLU Y 401 -175.33 -53.39 -25.83
N LEU Y 402 -176.37 -53.17 -26.67
CA LEU Y 402 -176.47 -53.71 -28.00
C LEU Y 402 -175.36 -53.23 -28.91
N ASP Y 403 -174.87 -54.16 -29.76
CA ASP Y 403 -173.79 -53.98 -30.71
C ASP Y 403 -172.53 -53.55 -30.02
N ARG Y 404 -172.04 -54.43 -29.11
CA ARG Y 404 -170.92 -54.29 -28.18
C ARG Y 404 -169.82 -53.33 -28.64
N PRO Y 405 -169.36 -52.35 -27.86
CA PRO Y 405 -168.34 -51.42 -28.31
C PRO Y 405 -166.97 -52.05 -28.25
N GLY Y 406 -166.15 -51.88 -29.31
CA GLY Y 406 -164.79 -52.39 -29.35
C GLY Y 406 -164.73 -53.86 -29.62
N ASP Y 407 -165.89 -54.50 -29.90
CA ASP Y 407 -166.00 -55.94 -30.03
C ASP Y 407 -166.96 -56.21 -31.15
N TYR Y 408 -167.08 -57.50 -31.53
CA TYR Y 408 -168.04 -57.96 -32.50
C TYR Y 408 -169.45 -57.76 -31.94
N PRO Y 409 -170.46 -57.37 -32.71
CA PRO Y 409 -171.81 -57.10 -32.23
C PRO Y 409 -172.50 -58.25 -31.53
N ILE Y 410 -173.61 -57.94 -30.80
CA ILE Y 410 -174.46 -58.91 -30.16
C ILE Y 410 -175.30 -59.61 -31.19
N THR Y 411 -175.51 -58.95 -32.37
CA THR Y 411 -176.25 -59.49 -33.48
C THR Y 411 -175.43 -60.54 -34.20
N GLN Y 412 -174.11 -60.29 -34.37
CA GLN Y 412 -173.18 -61.20 -35.00
C GLN Y 412 -172.99 -62.45 -34.18
N TYR Y 413 -172.81 -62.30 -32.85
CA TYR Y 413 -172.69 -63.41 -31.94
C TYR Y 413 -173.63 -63.18 -30.79
N PRO Y 414 -174.64 -64.02 -30.54
CA PRO Y 414 -175.52 -63.96 -29.39
C PRO Y 414 -174.81 -64.02 -28.06
N LEU Y 415 -175.54 -63.80 -26.94
CA LEU Y 415 -174.96 -63.78 -25.62
C LEU Y 415 -174.31 -65.10 -25.26
N HIS Y 416 -173.09 -65.00 -24.66
CA HIS Y 416 -172.23 -66.10 -24.28
C HIS Y 416 -171.65 -66.79 -25.50
N GLN Y 417 -171.42 -65.99 -26.56
CA GLN Y 417 -170.73 -66.39 -27.76
C GLN Y 417 -170.02 -65.14 -28.15
N LEU Y 418 -168.74 -65.28 -28.55
CA LEU Y 418 -167.90 -64.24 -29.07
C LEU Y 418 -166.53 -64.85 -28.97
N PRO Y 419 -165.71 -64.98 -30.02
CA PRO Y 419 -164.39 -65.58 -29.92
C PRO Y 419 -163.45 -64.63 -29.23
N LEU Y 420 -162.61 -65.17 -28.31
CA LEU Y 420 -161.60 -64.43 -27.61
C LEU Y 420 -160.28 -64.97 -28.05
N ASN Y 421 -160.25 -66.28 -28.38
CA ASN Y 421 -159.11 -67.02 -28.88
C ASN Y 421 -158.02 -67.08 -27.84
N HIS Y 422 -158.41 -67.35 -26.57
CA HIS Y 422 -157.50 -67.62 -25.48
C HIS Y 422 -157.02 -69.03 -25.63
N LEU Y 423 -155.82 -69.31 -25.10
CA LEU Y 423 -155.21 -70.62 -25.12
C LEU Y 423 -155.11 -71.02 -23.68
N ILE Y 424 -155.58 -72.25 -23.38
CA ILE Y 424 -155.89 -72.66 -22.03
C ILE Y 424 -155.34 -74.05 -21.88
N ASP Y 425 -154.50 -74.28 -20.83
CA ASP Y 425 -153.93 -75.57 -20.58
C ASP Y 425 -153.56 -75.60 -19.12
N ASN Y 426 -153.55 -76.82 -18.50
CA ASN Y 426 -152.89 -77.14 -17.25
C ASN Y 426 -153.34 -76.28 -16.09
N LEU Y 427 -154.68 -76.24 -15.83
CA LEU Y 427 -155.22 -75.49 -14.72
C LEU Y 427 -155.54 -76.45 -13.61
N LEU Y 428 -155.56 -75.94 -12.36
CA LEU Y 428 -155.75 -76.76 -11.19
C LEU Y 428 -156.47 -75.91 -10.17
N VAL Y 429 -157.42 -76.53 -9.43
CA VAL Y 429 -158.23 -75.87 -8.42
C VAL Y 429 -158.40 -76.90 -7.35
N ARG Y 430 -158.36 -76.46 -6.06
CA ARG Y 430 -158.63 -77.31 -4.93
C ARG Y 430 -159.60 -76.61 -4.03
N GLY Y 431 -160.73 -77.29 -3.72
CA GLY Y 431 -161.48 -77.06 -2.51
C GLY Y 431 -162.61 -76.08 -2.63
N ALA Y 432 -162.87 -75.52 -3.85
CA ALA Y 432 -163.59 -74.27 -4.04
C ALA Y 432 -164.97 -74.27 -3.44
N LEU Y 433 -165.30 -73.18 -2.70
CA LEU Y 433 -166.64 -72.90 -2.23
C LEU Y 433 -167.57 -72.60 -3.36
N GLY Y 434 -167.09 -71.82 -4.35
CA GLY Y 434 -167.84 -71.47 -5.53
C GLY Y 434 -167.54 -72.50 -6.58
N VAL Y 435 -167.47 -72.05 -7.84
CA VAL Y 435 -167.13 -72.88 -8.98
C VAL Y 435 -165.62 -72.85 -9.08
N GLY Y 436 -165.01 -73.88 -9.69
CA GLY Y 436 -163.59 -73.88 -9.98
C GLY Y 436 -163.30 -73.26 -11.32
N PHE Y 437 -164.25 -73.37 -12.28
CA PHE Y 437 -163.96 -73.14 -13.67
C PHE Y 437 -165.24 -72.63 -14.28
N GLY Y 438 -165.12 -71.69 -15.24
CA GLY Y 438 -166.28 -71.21 -15.94
C GLY Y 438 -165.81 -70.24 -16.96
N MET Y 439 -166.44 -70.27 -18.15
CA MET Y 439 -166.08 -69.40 -19.24
C MET Y 439 -167.23 -69.38 -20.19
N ASP Y 440 -167.15 -68.47 -21.19
CA ASP Y 440 -168.11 -68.35 -22.26
C ASP Y 440 -167.32 -68.05 -23.50
N GLY Y 441 -167.98 -68.12 -24.66
CA GLY Y 441 -167.36 -67.82 -25.92
C GLY Y 441 -167.84 -68.83 -26.92
N LYS Y 442 -167.32 -68.69 -28.16
CA LYS Y 442 -167.63 -69.55 -29.27
C LYS Y 442 -166.35 -69.60 -30.04
N GLY Y 443 -165.98 -70.80 -30.54
CA GLY Y 443 -164.76 -71.00 -31.27
C GLY Y 443 -163.58 -71.18 -30.35
N MET Y 444 -163.85 -71.40 -29.05
CA MET Y 444 -162.83 -71.53 -28.03
C MET Y 444 -162.32 -72.94 -28.03
N TYR Y 445 -161.04 -73.11 -27.67
CA TYR Y 445 -160.39 -74.40 -27.64
C TYR Y 445 -159.69 -74.46 -26.32
N VAL Y 446 -159.92 -75.58 -25.60
CA VAL Y 446 -159.65 -75.70 -24.18
C VAL Y 446 -159.14 -77.09 -24.03
N SER Y 447 -158.14 -77.31 -23.14
CA SER Y 447 -157.62 -78.62 -22.84
C SER Y 447 -157.15 -78.60 -21.42
N ASN Y 448 -157.13 -79.79 -20.78
CA ASN Y 448 -156.38 -80.12 -19.59
C ASN Y 448 -156.82 -79.33 -18.39
N ILE Y 449 -158.15 -79.31 -18.12
CA ILE Y 449 -158.73 -78.62 -17.00
C ILE Y 449 -158.90 -79.63 -15.89
N THR Y 450 -158.49 -79.25 -14.66
CA THR Y 450 -158.57 -80.09 -13.50
C THR Y 450 -159.17 -79.22 -12.44
N VAL Y 451 -160.21 -79.74 -11.76
CA VAL Y 451 -160.83 -79.12 -10.63
C VAL Y 451 -161.12 -80.30 -9.74
N GLU Y 452 -160.92 -80.14 -8.41
CA GLU Y 452 -161.16 -81.21 -7.48
C GLU Y 452 -161.45 -80.62 -6.13
N ASP Y 453 -162.07 -81.46 -5.26
CA ASP Y 453 -162.07 -81.37 -3.81
C ASP Y 453 -163.18 -80.48 -3.28
N CYS Y 454 -164.16 -80.09 -4.15
CA CYS Y 454 -164.79 -78.80 -4.00
C CYS Y 454 -165.98 -78.95 -3.10
N ALA Y 455 -166.24 -77.93 -2.25
CA ALA Y 455 -167.44 -77.82 -1.45
C ALA Y 455 -168.65 -77.53 -2.30
N GLY Y 456 -168.54 -76.59 -3.25
CA GLY Y 456 -169.53 -76.33 -4.27
C GLY Y 456 -169.16 -77.03 -5.54
N SER Y 457 -169.56 -76.43 -6.69
CA SER Y 457 -169.33 -76.94 -8.02
C SER Y 457 -167.87 -77.05 -8.36
N GLY Y 458 -167.54 -78.07 -9.17
CA GLY Y 458 -166.28 -78.14 -9.87
C GLY Y 458 -166.29 -77.28 -11.08
N ALA Y 459 -167.42 -77.26 -11.82
CA ALA Y 459 -167.44 -76.68 -13.12
C ALA Y 459 -168.84 -76.27 -13.41
N TYR Y 460 -168.94 -75.22 -14.24
CA TYR Y 460 -170.15 -74.68 -14.77
C TYR Y 460 -169.63 -74.11 -16.05
N LEU Y 461 -170.46 -74.08 -17.12
CA LEU Y 461 -170.08 -73.37 -18.32
C LEU Y 461 -171.28 -72.65 -18.83
N LEU Y 462 -170.99 -71.55 -19.55
CA LEU Y 462 -171.96 -70.71 -20.21
C LEU Y 462 -171.74 -70.85 -21.70
N THR Y 463 -170.74 -71.66 -22.11
CA THR Y 463 -170.22 -71.73 -23.47
C THR Y 463 -171.28 -72.28 -24.38
N HIS Y 464 -171.29 -71.81 -25.65
CA HIS Y 464 -172.13 -72.33 -26.67
C HIS Y 464 -171.24 -72.48 -27.86
N GLU Y 465 -171.21 -73.70 -28.44
CA GLU Y 465 -170.49 -74.03 -29.65
C GLU Y 465 -168.99 -73.85 -29.49
N SER Y 466 -168.42 -74.49 -28.46
CA SER Y 466 -167.01 -74.43 -28.13
C SER Y 466 -166.53 -75.84 -28.04
N VAL Y 467 -165.19 -76.01 -28.00
CA VAL Y 467 -164.52 -77.29 -28.05
C VAL Y 467 -163.68 -77.37 -26.80
N PHE Y 468 -163.59 -78.60 -26.22
CA PHE Y 468 -162.97 -78.85 -24.94
C PHE Y 468 -162.37 -80.21 -25.10
N THR Y 469 -161.42 -80.56 -24.19
CA THR Y 469 -160.82 -81.88 -24.16
C THR Y 469 -160.35 -82.03 -22.74
N ASN Y 470 -160.28 -83.30 -22.24
CA ASN Y 470 -159.46 -83.73 -21.14
C ASN Y 470 -159.84 -83.05 -19.84
N ILE Y 471 -161.16 -83.05 -19.55
CA ILE Y 471 -161.72 -82.41 -18.38
C ILE Y 471 -161.78 -83.45 -17.31
N ALA Y 472 -161.39 -83.08 -16.07
CA ALA Y 472 -161.44 -83.95 -14.93
C ALA Y 472 -162.06 -83.18 -13.81
N ILE Y 473 -163.21 -83.68 -13.29
CA ILE Y 473 -163.93 -83.07 -12.21
C ILE Y 473 -164.09 -84.21 -11.25
N ILE Y 474 -163.41 -84.13 -10.09
CA ILE Y 474 -163.30 -85.23 -9.16
C ILE Y 474 -163.73 -84.74 -7.80
N ASP Y 475 -164.68 -85.47 -7.18
CA ASP Y 475 -165.07 -85.38 -5.78
C ASP Y 475 -166.05 -84.27 -5.49
N THR Y 476 -166.38 -83.44 -6.49
CA THR Y 476 -166.86 -82.10 -6.22
C THR Y 476 -168.28 -82.14 -5.74
N ASN Y 477 -168.68 -81.11 -4.96
CA ASN Y 477 -169.93 -81.01 -4.24
C ASN Y 477 -169.95 -81.98 -3.11
N THR Y 478 -168.93 -81.88 -2.21
CA THR Y 478 -168.73 -82.73 -1.06
C THR Y 478 -169.84 -82.47 -0.05
N LYS Y 479 -170.20 -81.18 0.12
CA LYS Y 479 -171.16 -80.72 1.09
C LYS Y 479 -172.41 -80.30 0.35
N ASP Y 480 -172.44 -80.55 -0.99
CA ASP Y 480 -173.64 -80.85 -1.73
C ASP Y 480 -174.45 -79.62 -2.05
N PHE Y 481 -173.78 -78.52 -2.46
CA PHE Y 481 -174.39 -77.21 -2.44
C PHE Y 481 -174.89 -76.83 -3.81
N GLN Y 482 -174.52 -77.60 -4.86
CA GLN Y 482 -175.27 -77.64 -6.09
C GLN Y 482 -175.35 -79.08 -6.51
N ALA Y 483 -176.24 -79.38 -7.48
CA ALA Y 483 -176.63 -80.74 -7.78
C ALA Y 483 -175.92 -81.23 -9.01
N ASN Y 484 -175.21 -80.32 -9.74
CA ASN Y 484 -174.32 -80.67 -10.82
C ASN Y 484 -172.97 -80.99 -10.23
N GLN Y 485 -172.02 -81.42 -11.08
CA GLN Y 485 -170.61 -81.25 -10.82
C GLN Y 485 -170.00 -80.59 -12.01
N ILE Y 486 -170.63 -80.75 -13.19
CA ILE Y 486 -170.17 -80.18 -14.43
C ILE Y 486 -171.43 -79.92 -15.19
N TYR Y 487 -171.45 -78.79 -15.95
CA TYR Y 487 -172.62 -78.31 -16.60
C TYR Y 487 -172.11 -77.69 -17.87
N ILE Y 488 -172.88 -77.87 -18.97
CA ILE Y 488 -172.60 -77.27 -20.25
C ILE Y 488 -173.97 -76.89 -20.76
N SER Y 489 -174.11 -75.68 -21.34
CA SER Y 489 -175.37 -75.16 -21.82
C SER Y 489 -175.41 -75.18 -23.32
N GLY Y 490 -174.30 -75.63 -23.97
CA GLY Y 490 -174.04 -75.33 -25.35
C GLY Y 490 -174.43 -76.46 -26.23
N ALA Y 491 -173.76 -76.50 -27.41
CA ALA Y 491 -173.82 -77.59 -28.36
C ALA Y 491 -172.42 -78.16 -28.42
N CYS Y 492 -171.63 -77.92 -27.35
CA CYS Y 492 -170.21 -78.13 -27.28
C CYS Y 492 -169.82 -79.57 -27.50
N ARG Y 493 -168.67 -79.76 -28.18
CA ARG Y 493 -168.15 -81.05 -28.56
C ARG Y 493 -166.92 -81.28 -27.73
N VAL Y 494 -166.88 -82.42 -26.99
CA VAL Y 494 -165.94 -82.61 -25.93
C VAL Y 494 -165.54 -84.05 -26.10
N ASN Y 495 -164.31 -84.41 -25.66
CA ASN Y 495 -163.83 -85.77 -25.67
C ASN Y 495 -163.00 -85.89 -24.43
N GLY Y 496 -163.28 -86.94 -23.62
CA GLY Y 496 -162.46 -87.33 -22.52
C GLY Y 496 -162.99 -86.66 -21.29
N LEU Y 497 -163.66 -87.43 -20.42
CA LEU Y 497 -164.24 -86.92 -19.20
C LEU Y 497 -164.10 -88.04 -18.23
N ARG Y 498 -163.58 -87.75 -17.02
CA ARG Y 498 -163.34 -88.75 -16.00
C ARG Y 498 -163.75 -88.13 -14.70
N LEU Y 499 -164.45 -88.93 -13.88
CA LEU Y 499 -165.34 -88.42 -12.88
C LEU Y 499 -165.23 -89.29 -11.66
N ILE Y 500 -165.59 -88.69 -10.50
CA ILE Y 500 -166.08 -89.35 -9.29
C ILE Y 500 -164.91 -89.51 -8.36
N GLY Y 501 -165.04 -88.91 -7.15
CA GLY Y 501 -164.07 -89.01 -6.08
C GLY Y 501 -164.39 -90.20 -5.21
N ILE Y 502 -164.52 -89.94 -3.88
CA ILE Y 502 -164.73 -90.98 -2.89
C ILE Y 502 -166.21 -91.06 -2.61
N ARG Y 503 -167.00 -90.12 -3.19
CA ARG Y 503 -168.20 -89.59 -2.61
C ARG Y 503 -168.42 -88.30 -3.33
N SER Y 504 -169.37 -88.32 -4.29
CA SER Y 504 -169.83 -87.13 -4.95
C SER Y 504 -171.21 -87.46 -5.43
N THR Y 505 -172.10 -86.45 -5.42
CA THR Y 505 -172.59 -85.78 -6.61
C THR Y 505 -173.51 -84.75 -6.03
N ASP Y 506 -174.41 -85.22 -5.14
CA ASP Y 506 -175.17 -84.40 -4.23
C ASP Y 506 -175.76 -85.30 -3.16
N GLY Y 507 -175.47 -86.63 -3.24
CA GLY Y 507 -176.51 -87.63 -3.23
C GLY Y 507 -177.29 -87.75 -4.50
N GLN Y 508 -176.65 -87.56 -5.67
CA GLN Y 508 -176.97 -88.22 -6.91
C GLN Y 508 -178.18 -87.64 -7.59
N GLY Y 509 -177.98 -87.09 -8.80
CA GLY Y 509 -178.78 -86.00 -9.27
C GLY Y 509 -178.02 -85.32 -10.35
N LEU Y 510 -177.14 -86.10 -11.05
CA LEU Y 510 -176.52 -85.80 -12.31
C LEU Y 510 -175.18 -85.18 -12.02
N THR Y 511 -174.10 -85.96 -12.27
CA THR Y 511 -172.75 -85.45 -12.40
C THR Y 511 -172.68 -84.50 -13.57
N ILE Y 512 -173.27 -84.90 -14.72
CA ILE Y 512 -173.18 -84.14 -15.94
C ILE Y 512 -174.62 -83.95 -16.35
N ASP Y 513 -175.00 -82.66 -16.46
CA ASP Y 513 -176.25 -82.24 -17.02
C ASP Y 513 -175.79 -81.36 -18.14
N ALA Y 514 -176.05 -81.81 -19.38
CA ALA Y 514 -175.72 -81.03 -20.54
C ALA Y 514 -176.54 -81.64 -21.66
N PRO Y 515 -177.87 -81.50 -21.64
CA PRO Y 515 -178.77 -82.27 -22.49
C PRO Y 515 -178.73 -81.81 -23.93
N ASN Y 516 -177.96 -80.75 -24.25
CA ASN Y 516 -177.97 -80.10 -25.54
C ASN Y 516 -176.59 -80.23 -26.13
N SER Y 517 -175.62 -80.84 -25.39
CA SER Y 517 -174.24 -80.95 -25.80
C SER Y 517 -173.97 -82.39 -26.12
N THR Y 518 -173.13 -82.61 -27.16
CA THR Y 518 -172.67 -83.90 -27.59
C THR Y 518 -171.32 -84.10 -26.96
N VAL Y 519 -171.25 -85.09 -26.03
CA VAL Y 519 -170.07 -85.34 -25.23
C VAL Y 519 -169.77 -86.80 -25.46
N SER Y 520 -168.46 -87.12 -25.53
CA SER Y 520 -167.96 -88.46 -25.72
C SER Y 520 -166.86 -88.60 -24.73
N GLY Y 521 -166.40 -89.85 -24.50
CA GLY Y 521 -165.30 -90.14 -23.61
C GLY Y 521 -165.70 -90.20 -22.17
N ILE Y 522 -167.02 -90.17 -21.85
CA ILE Y 522 -167.51 -90.24 -20.49
C ILE Y 522 -167.26 -91.65 -20.00
N THR Y 523 -166.45 -91.76 -18.93
CA THR Y 523 -165.99 -93.00 -18.36
C THR Y 523 -165.73 -92.68 -16.91
N GLY Y 524 -165.44 -93.73 -16.11
CA GLY Y 524 -165.11 -93.61 -14.72
C GLY Y 524 -166.03 -94.53 -13.98
N MET Y 525 -166.28 -94.19 -12.69
CA MET Y 525 -167.16 -94.94 -11.83
C MET Y 525 -168.52 -94.27 -11.81
N VAL Y 526 -168.72 -93.28 -12.72
CA VAL Y 526 -169.96 -92.57 -12.92
C VAL Y 526 -171.04 -93.53 -13.40
N ASP Y 527 -172.28 -93.32 -12.90
CA ASP Y 527 -173.41 -94.17 -13.18
C ASP Y 527 -174.09 -93.67 -14.43
N PRO Y 528 -174.91 -94.46 -15.13
CA PRO Y 528 -175.69 -94.01 -16.26
C PRO Y 528 -176.87 -93.17 -15.84
N SER Y 529 -177.18 -93.12 -14.52
CA SER Y 529 -178.23 -92.29 -13.97
C SER Y 529 -177.64 -91.00 -13.44
N ARG Y 530 -176.31 -90.81 -13.60
CA ARG Y 530 -175.64 -89.57 -13.32
C ARG Y 530 -175.31 -88.88 -14.62
N ILE Y 531 -175.68 -89.47 -15.78
CA ILE Y 531 -175.33 -88.92 -17.07
C ILE Y 531 -176.61 -88.48 -17.71
N ASN Y 532 -176.62 -87.23 -18.21
CA ASN Y 532 -177.65 -86.69 -19.07
C ASN Y 532 -176.86 -85.91 -20.07
N VAL Y 533 -176.87 -86.35 -21.35
CA VAL Y 533 -176.26 -85.62 -22.45
C VAL Y 533 -177.15 -85.83 -23.63
N ALA Y 534 -176.92 -85.05 -24.73
CA ALA Y 534 -177.70 -85.09 -25.94
C ALA Y 534 -177.45 -86.36 -26.69
N ASN Y 535 -176.16 -86.74 -26.82
CA ASN Y 535 -175.75 -87.93 -27.51
C ASN Y 535 -174.52 -88.41 -26.80
N LEU Y 536 -174.39 -89.76 -26.71
CA LEU Y 536 -173.23 -90.38 -26.13
C LEU Y 536 -173.03 -91.63 -26.93
N ALA Y 537 -171.80 -91.81 -27.45
CA ALA Y 537 -171.41 -92.97 -28.19
C ALA Y 537 -169.92 -92.96 -28.15
N GLU Y 538 -169.29 -94.09 -28.55
CA GLU Y 538 -167.87 -94.22 -28.63
C GLU Y 538 -167.64 -95.42 -29.49
N GLU Y 539 -167.87 -95.24 -30.82
CA GLU Y 539 -167.98 -96.32 -31.76
C GLU Y 539 -166.64 -96.68 -32.37
N GLY Y 540 -165.56 -95.99 -31.96
CA GLY Y 540 -164.25 -96.17 -32.54
C GLY Y 540 -163.51 -97.34 -31.95
N LEU Y 541 -163.99 -97.87 -30.80
CA LEU Y 541 -163.36 -98.97 -30.10
C LEU Y 541 -163.38 -100.25 -30.89
N GLY Y 542 -162.32 -101.08 -30.71
CA GLY Y 542 -162.11 -102.33 -31.38
C GLY Y 542 -162.90 -103.44 -30.78
N ASN Y 543 -162.48 -104.69 -31.05
CA ASN Y 543 -163.10 -105.90 -30.56
C ASN Y 543 -163.20 -105.89 -29.07
N ILE Y 544 -164.42 -106.20 -28.57
CA ILE Y 544 -164.79 -105.96 -27.20
C ILE Y 544 -164.36 -107.16 -26.43
N ARG Y 545 -163.81 -106.92 -25.22
CA ARG Y 545 -163.43 -107.95 -24.31
C ARG Y 545 -163.78 -107.39 -22.96
N ALA Y 546 -164.47 -108.21 -22.14
CA ALA Y 546 -164.96 -107.79 -20.86
C ALA Y 546 -164.31 -108.67 -19.85
N ASN Y 547 -163.83 -108.06 -18.74
CA ASN Y 547 -163.07 -108.73 -17.72
C ASN Y 547 -163.85 -108.55 -16.45
N SER Y 548 -164.09 -109.68 -15.73
CA SER Y 548 -164.83 -109.65 -14.49
C SER Y 548 -163.87 -109.62 -13.36
N PHE Y 549 -163.99 -108.57 -12.53
CA PHE Y 549 -163.24 -108.43 -11.31
C PHE Y 549 -164.25 -107.82 -10.41
N GLY Y 550 -164.46 -108.42 -9.21
CA GLY Y 550 -165.50 -108.02 -8.30
C GLY Y 550 -166.86 -108.51 -8.72
N TYR Y 551 -166.92 -109.35 -9.77
CA TYR Y 551 -168.16 -109.89 -10.29
C TYR Y 551 -167.91 -111.34 -10.54
N ASP Y 552 -169.00 -112.14 -10.56
CA ASP Y 552 -168.97 -113.56 -10.86
C ASP Y 552 -169.73 -113.77 -12.14
N SER Y 553 -170.08 -112.66 -12.84
CA SER Y 553 -170.78 -112.70 -14.11
C SER Y 553 -170.08 -111.70 -14.97
N ALA Y 554 -170.22 -111.86 -16.31
CA ALA Y 554 -169.59 -111.01 -17.29
C ALA Y 554 -170.67 -110.61 -18.23
N ALA Y 555 -170.76 -109.31 -18.54
CA ALA Y 555 -171.78 -108.84 -19.43
C ALA Y 555 -171.30 -107.61 -20.13
N ILE Y 556 -171.79 -107.46 -21.39
CA ILE Y 556 -171.72 -106.24 -22.13
C ILE Y 556 -173.18 -105.90 -22.26
N LYS Y 557 -173.61 -104.89 -21.48
CA LYS Y 557 -174.99 -104.47 -21.40
C LYS Y 557 -175.29 -103.48 -22.49
N LEU Y 558 -176.56 -103.41 -22.92
CA LEU Y 558 -177.08 -102.41 -23.83
C LEU Y 558 -178.15 -101.71 -23.05
N ARG Y 559 -178.16 -100.36 -23.08
CA ARG Y 559 -179.12 -99.58 -22.34
C ARG Y 559 -179.49 -98.41 -23.21
N ILE Y 560 -180.81 -98.12 -23.25
CA ILE Y 560 -181.38 -96.96 -23.89
C ILE Y 560 -181.93 -96.21 -22.72
N HIS Y 561 -181.70 -94.88 -22.69
CA HIS Y 561 -181.98 -94.05 -21.54
C HIS Y 561 -183.30 -93.33 -21.73
N LYS Y 562 -183.95 -93.53 -22.89
CA LYS Y 562 -185.33 -93.17 -23.10
C LYS Y 562 -186.23 -94.26 -22.61
N LEU Y 563 -185.73 -95.53 -22.58
CA LEU Y 563 -186.39 -96.66 -21.96
C LEU Y 563 -186.48 -96.48 -20.46
N SER Y 564 -185.35 -96.01 -19.86
CA SER Y 564 -185.15 -95.63 -18.48
C SER Y 564 -183.66 -95.75 -18.31
N LYS Y 565 -183.10 -94.97 -17.36
CA LYS Y 565 -181.68 -94.96 -17.08
C LYS Y 565 -181.34 -95.97 -16.01
N THR Y 566 -182.33 -96.78 -15.57
CA THR Y 566 -182.16 -97.80 -14.59
C THR Y 566 -182.53 -99.15 -15.16
N LEU Y 567 -182.92 -99.21 -16.47
CA LEU Y 567 -183.37 -100.43 -17.10
C LEU Y 567 -182.60 -100.62 -18.36
N ASP Y 568 -181.99 -101.82 -18.51
CA ASP Y 568 -181.26 -102.22 -19.69
C ASP Y 568 -182.27 -102.57 -20.74
N SER Y 569 -181.91 -102.38 -22.03
CA SER Y 569 -182.75 -102.70 -23.15
C SER Y 569 -182.41 -104.07 -23.70
N GLY Y 570 -181.23 -104.60 -23.30
CA GLY Y 570 -180.83 -105.92 -23.71
C GLY Y 570 -179.45 -106.12 -23.18
N ALA Y 571 -178.98 -107.38 -23.11
CA ALA Y 571 -177.64 -107.63 -22.65
C ALA Y 571 -177.24 -108.98 -23.12
N LEU Y 572 -175.90 -109.22 -23.10
CA LEU Y 572 -175.32 -110.52 -23.26
C LEU Y 572 -174.83 -110.84 -21.89
N TYR Y 573 -175.39 -111.87 -21.24
CA TYR Y 573 -175.01 -112.25 -19.89
C TYR Y 573 -174.29 -113.55 -20.01
N SER Y 574 -173.32 -113.80 -19.11
CA SER Y 574 -172.67 -115.07 -18.96
C SER Y 574 -172.61 -115.30 -17.49
N HIS Y 575 -173.22 -116.41 -17.02
CA HIS Y 575 -173.26 -116.77 -15.63
C HIS Y 575 -172.76 -118.18 -15.58
N ILE Y 576 -172.02 -118.51 -14.49
CA ILE Y 576 -171.37 -119.79 -14.31
C ILE Y 576 -172.41 -120.74 -13.77
N ASN Y 577 -172.50 -121.95 -14.38
CA ASN Y 577 -173.29 -123.04 -13.84
C ASN Y 577 -172.36 -123.82 -12.94
N GLY Y 578 -172.84 -124.11 -11.70
CA GLY Y 578 -172.03 -124.71 -10.67
C GLY Y 578 -171.08 -123.67 -10.12
N GLY Y 579 -170.14 -124.10 -9.25
CA GLY Y 579 -169.14 -123.23 -8.65
C GLY Y 579 -168.17 -122.71 -9.68
N ALA Y 580 -167.34 -121.73 -9.26
CA ALA Y 580 -166.32 -121.12 -10.09
C ALA Y 580 -165.21 -122.10 -10.39
N GLY Y 581 -164.58 -121.95 -11.58
CA GLY Y 581 -163.51 -122.81 -12.02
C GLY Y 581 -164.01 -124.08 -12.67
N SER Y 582 -165.34 -124.20 -12.89
CA SER Y 582 -165.97 -125.35 -13.50
C SER Y 582 -165.57 -125.52 -14.95
N GLY Y 583 -165.42 -124.38 -15.67
CA GLY Y 583 -165.08 -124.35 -17.07
C GLY Y 583 -166.29 -124.44 -17.94
N SER Y 584 -167.50 -124.43 -17.33
CA SER Y 584 -168.75 -124.51 -18.03
C SER Y 584 -169.55 -123.34 -17.53
N ALA Y 585 -170.15 -122.60 -18.48
CA ALA Y 585 -170.97 -121.45 -18.17
C ALA Y 585 -171.92 -121.33 -19.31
N TYR Y 586 -173.08 -120.66 -19.07
CA TYR Y 586 -174.12 -120.49 -20.05
C TYR Y 586 -174.15 -119.05 -20.45
N THR Y 587 -174.31 -118.82 -21.77
CA THR Y 587 -174.37 -117.51 -22.35
C THR Y 587 -175.82 -117.26 -22.67
N GLN Y 588 -176.33 -116.09 -22.22
CA GLN Y 588 -177.69 -115.68 -22.36
C GLN Y 588 -177.73 -114.56 -23.36
N LEU Y 589 -178.72 -114.62 -24.28
CA LEU Y 589 -179.12 -113.54 -25.14
C LEU Y 589 -180.46 -113.16 -24.63
N THR Y 590 -180.57 -111.96 -24.01
CA THR Y 590 -181.70 -111.61 -23.17
C THR Y 590 -182.36 -110.41 -23.76
N ALA Y 591 -183.64 -110.23 -23.39
CA ALA Y 591 -184.43 -109.08 -23.73
C ALA Y 591 -185.29 -108.83 -22.54
N ILE Y 592 -185.44 -107.54 -22.16
CA ILE Y 592 -186.16 -107.15 -20.97
C ILE Y 592 -187.64 -107.22 -21.25
N SER Y 593 -188.44 -107.69 -20.27
CA SER Y 593 -189.87 -107.71 -20.41
C SER Y 593 -190.45 -107.39 -19.06
N GLY Y 594 -191.42 -106.43 -19.04
CA GLY Y 594 -192.14 -106.06 -17.84
C GLY Y 594 -191.36 -105.19 -16.90
N SER Y 595 -190.14 -104.76 -17.32
CA SER Y 595 -189.19 -103.96 -16.57
C SER Y 595 -188.39 -104.85 -15.66
N THR Y 596 -188.32 -106.16 -15.99
CA THR Y 596 -187.56 -107.13 -15.23
C THR Y 596 -186.51 -107.64 -16.19
N PRO Y 597 -185.20 -107.42 -16.00
CA PRO Y 597 -184.17 -107.94 -16.89
C PRO Y 597 -184.08 -109.44 -16.78
N ASP Y 598 -183.66 -110.10 -17.89
CA ASP Y 598 -183.53 -111.54 -18.04
C ASP Y 598 -184.84 -112.26 -17.82
N ALA Y 599 -185.95 -111.60 -18.22
CA ALA Y 599 -187.29 -112.15 -18.17
C ALA Y 599 -187.46 -113.13 -19.28
N VAL Y 600 -186.90 -112.81 -20.47
CA VAL Y 600 -186.95 -113.65 -21.62
C VAL Y 600 -185.51 -113.85 -21.98
N SER Y 601 -185.03 -115.12 -21.94
CA SER Y 601 -183.64 -115.43 -22.13
C SER Y 601 -183.57 -116.59 -23.08
N LEU Y 602 -182.63 -116.51 -24.06
CA LEU Y 602 -182.26 -117.59 -24.92
C LEU Y 602 -180.92 -118.03 -24.41
N LYS Y 603 -180.86 -119.22 -23.77
CA LYS Y 603 -179.67 -119.69 -23.08
C LYS Y 603 -179.13 -120.84 -23.87
N VAL Y 604 -177.78 -120.99 -23.88
CA VAL Y 604 -177.12 -122.10 -24.50
C VAL Y 604 -176.20 -122.60 -23.42
N ASN Y 605 -176.19 -123.95 -23.22
CA ASN Y 605 -175.44 -124.69 -22.22
C ASN Y 605 -175.97 -124.41 -20.84
N HIS Y 606 -177.31 -124.23 -20.71
CA HIS Y 606 -177.96 -123.91 -19.45
C HIS Y 606 -177.88 -125.07 -18.49
N LYS Y 607 -177.11 -124.86 -17.40
CA LYS Y 607 -176.82 -125.83 -16.36
C LYS Y 607 -176.16 -127.06 -16.92
N ASP Y 608 -175.23 -126.81 -17.89
CA ASP Y 608 -174.40 -127.76 -18.59
C ASP Y 608 -175.22 -128.82 -19.30
N CYS Y 609 -176.30 -128.38 -20.00
CA CYS Y 609 -177.15 -129.26 -20.76
C CYS Y 609 -176.52 -129.64 -22.07
N ARG Y 610 -175.81 -128.68 -22.71
CA ARG Y 610 -175.26 -128.77 -24.04
C ARG Y 610 -176.35 -128.74 -25.07
N GLY Y 611 -177.34 -127.85 -24.86
CA GLY Y 611 -178.44 -127.67 -25.77
C GLY Y 611 -178.87 -126.24 -25.61
N ALA Y 612 -179.92 -125.84 -26.37
CA ALA Y 612 -180.44 -124.50 -26.37
C ALA Y 612 -181.75 -124.51 -25.64
N GLU Y 613 -181.88 -123.65 -24.61
CA GLU Y 613 -183.11 -123.47 -23.88
C GLU Y 613 -183.77 -122.28 -24.53
N ILE Y 614 -184.91 -122.51 -25.21
CA ILE Y 614 -185.52 -121.55 -26.10
C ILE Y 614 -186.84 -121.18 -25.48
N PRO Y 615 -187.16 -119.91 -25.21
CA PRO Y 615 -188.44 -119.51 -24.64
C PRO Y 615 -189.55 -119.56 -25.66
N PHE Y 616 -190.81 -119.63 -25.18
CA PHE Y 616 -192.00 -119.62 -26.01
C PHE Y 616 -193.02 -118.78 -25.29
N VAL Y 617 -194.08 -118.38 -26.04
CA VAL Y 617 -195.19 -117.58 -25.54
C VAL Y 617 -195.98 -118.43 -24.56
N PRO Y 618 -196.31 -118.02 -23.34
CA PRO Y 618 -197.01 -118.86 -22.37
C PRO Y 618 -198.47 -119.02 -22.70
N ASP Y 619 -198.98 -118.24 -23.67
CA ASP Y 619 -200.36 -118.23 -24.09
C ASP Y 619 -200.31 -118.40 -25.58
N ILE Y 620 -201.49 -118.44 -26.24
CA ILE Y 620 -201.62 -118.56 -27.69
C ILE Y 620 -200.99 -117.36 -28.36
N ALA Y 621 -200.18 -117.63 -29.42
CA ALA Y 621 -199.48 -116.60 -30.17
C ALA Y 621 -200.46 -115.73 -30.91
N SER Y 622 -200.12 -114.43 -31.04
CA SER Y 622 -200.93 -113.46 -31.73
C SER Y 622 -200.27 -113.22 -33.06
N ASP Y 623 -201.02 -112.57 -33.98
CA ASP Y 623 -200.60 -112.31 -35.33
C ASP Y 623 -199.68 -111.11 -35.37
N ASP Y 624 -199.67 -110.30 -34.29
CA ASP Y 624 -198.84 -109.12 -34.16
C ASP Y 624 -197.63 -109.42 -33.31
N PHE Y 625 -197.41 -110.71 -32.95
CA PHE Y 625 -196.26 -111.14 -32.18
C PHE Y 625 -195.22 -111.68 -33.11
N ILE Y 626 -195.51 -111.67 -34.44
CA ILE Y 626 -194.62 -112.17 -35.44
C ILE Y 626 -194.80 -111.25 -36.61
N LYS Y 627 -193.69 -110.89 -37.27
CA LYS Y 627 -193.65 -110.00 -38.41
C LYS Y 627 -192.58 -110.48 -39.32
N ASP Y 628 -191.84 -111.55 -38.93
CA ASP Y 628 -190.65 -111.98 -39.60
C ASP Y 628 -191.02 -113.11 -40.52
N SER Y 629 -190.85 -112.89 -41.85
CA SER Y 629 -190.99 -113.91 -42.86
C SER Y 629 -189.92 -114.95 -42.71
N SER Y 630 -190.32 -116.24 -42.93
CA SER Y 630 -189.51 -117.42 -42.82
C SER Y 630 -188.96 -117.61 -41.42
N CYS Y 631 -189.82 -117.41 -40.40
CA CYS Y 631 -189.50 -117.58 -39.01
C CYS Y 631 -190.75 -118.10 -38.38
N PHE Y 632 -190.62 -118.84 -37.25
CA PHE Y 632 -191.76 -119.37 -36.54
C PHE Y 632 -191.57 -119.05 -35.09
N LEU Y 633 -192.70 -118.79 -34.41
CA LEU Y 633 -192.75 -118.41 -33.02
C LEU Y 633 -193.42 -119.55 -32.32
N PRO Y 634 -192.75 -120.30 -31.43
CA PRO Y 634 -193.36 -121.37 -30.67
C PRO Y 634 -194.23 -120.76 -29.59
N TYR Y 635 -195.35 -121.41 -29.24
CA TYR Y 635 -196.26 -120.94 -28.25
C TYR Y 635 -196.81 -122.15 -27.55
N TRP Y 636 -197.45 -121.96 -26.37
CA TRP Y 636 -197.99 -123.03 -25.60
C TRP Y 636 -199.49 -122.89 -25.62
N GLU Y 637 -200.18 -124.04 -25.75
CA GLU Y 637 -201.60 -124.17 -25.63
C GLU Y 637 -201.84 -125.03 -24.44
N ASN Y 638 -202.41 -124.43 -23.36
CA ASN Y 638 -202.70 -125.07 -22.10
C ASN Y 638 -203.79 -126.10 -22.24
N ASN Y 639 -204.78 -125.81 -23.12
CA ASN Y 639 -205.96 -126.60 -23.36
C ASN Y 639 -205.67 -127.98 -23.89
N SER Y 640 -204.73 -128.10 -24.85
CA SER Y 640 -204.42 -129.36 -25.48
C SER Y 640 -203.19 -130.00 -24.85
N THR Y 641 -202.45 -129.21 -24.03
CA THR Y 641 -201.21 -129.60 -23.37
C THR Y 641 -200.18 -130.00 -24.41
N SER Y 642 -200.00 -129.12 -25.42
CA SER Y 642 -199.13 -129.39 -26.54
C SER Y 642 -198.52 -128.09 -26.96
N LEU Y 643 -197.28 -128.18 -27.48
CA LEU Y 643 -196.48 -127.06 -27.93
C LEU Y 643 -196.77 -126.92 -29.40
N LYS Y 644 -197.18 -125.72 -29.85
CA LYS Y 644 -197.54 -125.48 -31.23
C LYS Y 644 -196.69 -124.34 -31.70
N ALA Y 645 -196.56 -124.18 -33.04
CA ALA Y 645 -195.73 -123.15 -33.64
C ALA Y 645 -196.61 -122.35 -34.55
N LEU Y 646 -196.54 -121.00 -34.41
CA LEU Y 646 -197.19 -120.08 -35.32
C LEU Y 646 -196.12 -119.76 -36.32
N VAL Y 647 -196.32 -120.23 -37.57
CA VAL Y 647 -195.31 -120.20 -38.59
C VAL Y 647 -195.72 -119.08 -39.51
N LYS Y 648 -194.78 -118.14 -39.73
CA LYS Y 648 -194.91 -117.13 -40.75
C LYS Y 648 -193.98 -117.57 -41.82
N LYS Y 649 -194.56 -117.98 -42.96
CA LYS Y 649 -193.90 -118.63 -44.07
C LYS Y 649 -193.07 -117.62 -44.83
N PRO Y 650 -192.23 -118.03 -45.80
CA PRO Y 650 -191.56 -117.11 -46.72
C PRO Y 650 -192.56 -116.57 -47.72
N ASN Y 651 -193.82 -117.08 -47.70
CA ASN Y 651 -194.93 -116.58 -48.48
C ASN Y 651 -195.52 -115.35 -47.79
N GLY Y 652 -195.18 -115.16 -46.49
CA GLY Y 652 -195.62 -114.05 -45.68
C GLY Y 652 -196.95 -114.29 -45.06
N GLU Y 653 -197.49 -115.53 -45.19
CA GLU Y 653 -198.80 -115.90 -44.70
C GLU Y 653 -198.62 -116.77 -43.49
N LEU Y 654 -199.60 -116.71 -42.56
CA LEU Y 654 -199.58 -117.41 -41.32
C LEU Y 654 -200.25 -118.75 -41.46
N VAL Y 655 -199.66 -119.79 -40.83
CA VAL Y 655 -200.22 -121.12 -40.76
C VAL Y 655 -199.79 -121.62 -39.42
N ARG Y 656 -200.69 -122.35 -38.71
CA ARG Y 656 -200.43 -122.89 -37.40
C ARG Y 656 -200.24 -124.37 -37.57
N LEU Y 657 -199.13 -124.90 -36.99
CA LEU Y 657 -198.74 -126.28 -37.08
C LEU Y 657 -198.57 -126.77 -35.67
N THR Y 658 -198.56 -128.11 -35.49
CA THR Y 658 -198.34 -128.76 -34.21
C THR Y 658 -196.88 -129.09 -34.14
N LEU Y 659 -196.12 -128.38 -33.25
CA LEU Y 659 -194.68 -128.50 -33.22
C LEU Y 659 -194.24 -129.70 -32.42
N ALA Y 660 -194.85 -129.95 -31.24
CA ALA Y 660 -194.51 -131.07 -30.40
C ALA Y 660 -195.75 -131.63 -29.78
N THR Y 661 -195.94 -132.96 -29.90
CA THR Y 661 -196.97 -133.70 -29.21
C THR Y 661 -196.34 -135.05 -29.01
N LEU Y 662 -196.55 -135.66 -27.82
CA LEU Y 662 -196.01 -136.95 -27.47
C LEU Y 662 -196.73 -138.05 -28.28
N ALA Z 1 -106.47 -38.84 -23.14
CA ALA Z 1 -105.09 -39.00 -22.59
C ALA Z 1 -105.09 -38.83 -21.10
N ASN Z 2 -104.19 -39.55 -20.40
CA ASN Z 2 -104.23 -39.57 -18.96
C ASN Z 2 -102.93 -40.13 -18.42
N VAL Z 3 -101.98 -40.55 -19.29
CA VAL Z 3 -100.74 -41.17 -18.86
C VAL Z 3 -99.72 -40.07 -18.73
N VAL Z 4 -99.59 -39.50 -17.50
CA VAL Z 4 -98.73 -38.39 -17.20
C VAL Z 4 -97.28 -38.82 -17.26
N VAL Z 5 -96.41 -37.92 -17.82
CA VAL Z 5 -94.99 -38.12 -17.94
C VAL Z 5 -94.33 -38.14 -16.57
N SER Z 6 -93.30 -38.99 -16.41
CA SER Z 6 -92.57 -39.09 -15.18
C SER Z 6 -91.28 -39.79 -15.50
N ASN Z 7 -90.32 -39.74 -14.55
CA ASN Z 7 -89.06 -40.41 -14.64
C ASN Z 7 -89.11 -41.42 -13.51
N PRO Z 8 -89.03 -42.73 -13.72
CA PRO Z 8 -89.04 -43.73 -12.66
C PRO Z 8 -87.81 -43.71 -11.77
N ARG Z 9 -86.80 -42.87 -12.09
CA ARG Z 9 -85.56 -42.79 -11.35
C ARG Z 9 -85.72 -41.63 -10.38
N PRO Z 10 -85.82 -41.83 -9.07
CA PRO Z 10 -86.12 -40.78 -8.11
C PRO Z 10 -84.93 -39.91 -7.85
N ILE Z 11 -85.18 -38.60 -7.66
CA ILE Z 11 -84.17 -37.61 -7.33
C ILE Z 11 -83.87 -37.75 -5.87
N PHE Z 12 -82.56 -37.76 -5.52
CA PHE Z 12 -82.09 -37.90 -4.17
C PHE Z 12 -81.23 -36.71 -3.91
N THR Z 13 -81.46 -36.06 -2.75
CA THR Z 13 -80.69 -34.95 -2.27
C THR Z 13 -80.56 -35.24 -0.81
N GLU Z 14 -79.63 -34.55 -0.12
CA GLU Z 14 -79.41 -34.68 1.30
C GLU Z 14 -80.52 -33.99 2.04
N SER Z 15 -80.69 -34.34 3.34
CA SER Z 15 -81.69 -33.78 4.20
C SER Z 15 -81.50 -32.30 4.45
N ARG Z 16 -80.23 -31.86 4.67
CA ARG Z 16 -79.92 -30.50 5.02
C ARG Z 16 -79.01 -29.86 4.00
N SER Z 17 -78.78 -30.51 2.84
CA SER Z 17 -77.95 -29.96 1.79
C SER Z 17 -78.63 -30.31 0.49
N PHE Z 18 -78.21 -29.64 -0.61
CA PHE Z 18 -78.76 -29.85 -1.93
C PHE Z 18 -77.88 -30.83 -2.67
N LYS Z 19 -76.79 -31.30 -2.02
CA LYS Z 19 -75.84 -32.26 -2.54
C LYS Z 19 -76.55 -33.56 -2.79
N ALA Z 20 -76.22 -34.26 -3.90
CA ALA Z 20 -76.92 -35.45 -4.30
C ALA Z 20 -76.21 -36.64 -3.77
N VAL Z 21 -77.00 -37.59 -3.22
CA VAL Z 21 -76.58 -38.84 -2.59
C VAL Z 21 -75.80 -39.65 -3.58
N ALA Z 22 -74.69 -40.28 -3.15
CA ALA Z 22 -73.87 -41.07 -4.04
C ALA Z 22 -73.19 -42.14 -3.26
N ASN Z 23 -72.99 -43.30 -3.93
CA ASN Z 23 -72.35 -44.51 -3.45
C ASN Z 23 -73.05 -45.01 -2.21
N GLY Z 24 -74.40 -44.97 -2.25
CA GLY Z 24 -75.25 -45.31 -1.15
C GLY Z 24 -75.80 -46.69 -1.31
N LYS Z 25 -76.63 -47.09 -0.33
CA LYS Z 25 -77.29 -48.38 -0.30
C LYS Z 25 -78.71 -48.07 0.02
N ILE Z 26 -79.65 -48.83 -0.61
CA ILE Z 26 -81.07 -48.62 -0.45
C ILE Z 26 -81.58 -49.96 -0.05
N TYR Z 27 -82.34 -50.04 1.06
CA TYR Z 27 -82.94 -51.26 1.53
C TYR Z 27 -84.40 -51.11 1.29
N ILE Z 28 -85.03 -52.19 0.75
CA ILE Z 28 -86.43 -52.24 0.45
C ILE Z 28 -87.00 -53.29 1.38
N GLY Z 29 -88.21 -53.05 1.93
CA GLY Z 29 -88.77 -53.87 2.97
C GLY Z 29 -90.26 -53.80 2.92
N GLN Z 30 -90.93 -54.38 3.95
CA GLN Z 30 -92.37 -54.48 4.07
C GLN Z 30 -92.96 -53.16 4.52
N ILE Z 31 -94.31 -53.07 4.49
CA ILE Z 31 -95.08 -51.90 4.80
C ILE Z 31 -94.94 -51.58 6.28
N ASP Z 32 -94.50 -50.33 6.58
CA ASP Z 32 -94.37 -49.75 7.90
C ASP Z 32 -93.49 -50.54 8.82
N THR Z 33 -92.28 -50.92 8.32
CA THR Z 33 -91.28 -51.64 9.07
C THR Z 33 -89.97 -51.04 8.64
N ASP Z 34 -88.88 -51.37 9.37
CA ASP Z 34 -87.54 -50.93 9.01
C ASP Z 34 -87.06 -51.91 7.96
N PRO Z 35 -86.61 -51.50 6.78
CA PRO Z 35 -86.25 -52.40 5.70
C PRO Z 35 -84.86 -52.96 5.90
N VAL Z 36 -84.08 -52.39 6.85
CA VAL Z 36 -82.70 -52.69 7.09
C VAL Z 36 -82.53 -54.12 7.54
N ASN Z 37 -83.43 -54.58 8.45
CA ASN Z 37 -83.45 -55.94 8.97
C ASN Z 37 -83.73 -56.92 7.86
N PRO Z 38 -83.06 -58.07 7.76
CA PRO Z 38 -83.25 -59.04 6.68
C PRO Z 38 -84.59 -59.72 6.75
N ALA Z 39 -85.25 -59.70 7.94
CA ALA Z 39 -86.54 -60.30 8.18
C ALA Z 39 -87.64 -59.60 7.43
N ASN Z 40 -87.53 -58.26 7.29
CA ASN Z 40 -88.54 -57.46 6.64
C ASN Z 40 -88.23 -57.22 5.18
N GLN Z 41 -87.07 -57.69 4.66
CA GLN Z 41 -86.71 -57.50 3.27
C GLN Z 41 -87.63 -58.27 2.35
N ILE Z 42 -87.97 -57.67 1.18
CA ILE Z 42 -88.87 -58.25 0.21
C ILE Z 42 -88.20 -58.16 -1.14
N PRO Z 43 -88.52 -59.03 -2.12
CA PRO Z 43 -87.93 -59.05 -3.45
C PRO Z 43 -87.97 -57.76 -4.21
N VAL Z 44 -86.79 -57.31 -4.71
CA VAL Z 44 -86.65 -56.12 -5.51
C VAL Z 44 -86.49 -56.60 -6.92
N TYR Z 45 -87.22 -55.96 -7.86
CA TYR Z 45 -87.28 -56.35 -9.25
C TYR Z 45 -86.71 -55.21 -10.05
N ILE Z 46 -86.20 -55.53 -11.27
CA ILE Z 46 -85.72 -54.56 -12.19
C ILE Z 46 -86.69 -54.69 -13.32
N GLU Z 47 -87.29 -53.56 -13.75
CA GLU Z 47 -88.12 -53.50 -14.92
C GLU Z 47 -87.17 -53.24 -16.06
N ASN Z 48 -87.14 -54.19 -17.00
CA ASN Z 48 -86.20 -54.22 -18.09
C ASN Z 48 -86.78 -53.44 -19.23
N GLU Z 49 -85.99 -53.32 -20.33
CA GLU Z 49 -86.36 -52.57 -21.50
C GLU Z 49 -87.03 -53.47 -22.49
N ASP Z 50 -87.34 -54.73 -22.08
CA ASP Z 50 -88.14 -55.67 -22.81
C ASP Z 50 -89.45 -55.80 -22.09
N GLY Z 51 -89.62 -55.09 -20.95
CA GLY Z 51 -90.82 -55.10 -20.13
C GLY Z 51 -90.86 -56.29 -19.21
N SER Z 52 -89.77 -57.10 -19.16
CA SER Z 52 -89.64 -58.28 -18.34
C SER Z 52 -89.14 -57.86 -16.97
N HIS Z 53 -89.04 -58.83 -16.03
CA HIS Z 53 -88.62 -58.54 -14.69
C HIS Z 53 -87.70 -59.63 -14.22
N VAL Z 54 -86.57 -59.21 -13.60
CA VAL Z 54 -85.57 -60.09 -13.05
C VAL Z 54 -85.45 -59.67 -11.60
N GLN Z 55 -85.23 -60.66 -10.70
CA GLN Z 55 -85.16 -60.45 -9.27
C GLN Z 55 -83.72 -60.23 -8.89
N ILE Z 56 -83.47 -59.21 -8.03
CA ILE Z 56 -82.16 -58.84 -7.56
C ILE Z 56 -82.26 -58.65 -6.06
N THR Z 57 -81.08 -58.56 -5.42
CA THR Z 57 -80.90 -58.33 -4.00
C THR Z 57 -81.29 -56.90 -3.67
N GLN Z 58 -81.69 -56.67 -2.40
CA GLN Z 58 -82.23 -55.42 -1.91
C GLN Z 58 -81.28 -54.25 -2.02
N PRO Z 59 -79.97 -54.28 -1.71
CA PRO Z 59 -79.06 -53.15 -1.90
C PRO Z 59 -79.04 -52.61 -3.31
N LEU Z 60 -79.26 -51.29 -3.48
CA LEU Z 60 -79.24 -50.61 -4.75
C LEU Z 60 -78.16 -49.59 -4.64
N ILE Z 61 -77.33 -49.48 -5.69
CA ILE Z 61 -76.20 -48.59 -5.74
C ILE Z 61 -76.72 -47.28 -6.28
N ILE Z 62 -76.23 -46.14 -5.74
CA ILE Z 62 -76.70 -44.83 -6.09
C ILE Z 62 -75.55 -44.20 -6.84
N ASN Z 63 -75.84 -43.57 -8.01
CA ASN Z 63 -74.85 -42.92 -8.84
C ASN Z 63 -74.53 -41.55 -8.29
N ALA Z 64 -73.70 -40.78 -9.02
CA ALA Z 64 -73.20 -39.51 -8.57
C ALA Z 64 -74.11 -38.37 -8.96
N ALA Z 65 -75.35 -38.70 -9.40
CA ALA Z 65 -76.36 -37.74 -9.77
C ALA Z 65 -77.55 -37.87 -8.85
N GLY Z 66 -77.52 -38.83 -7.89
CA GLY Z 66 -78.62 -39.04 -6.97
C GLY Z 66 -79.78 -39.71 -7.62
N LYS Z 67 -79.51 -40.80 -8.38
CA LYS Z 67 -80.53 -41.53 -9.09
C LYS Z 67 -80.21 -42.99 -8.90
N ILE Z 68 -81.17 -43.87 -9.25
CA ILE Z 68 -81.04 -45.31 -9.16
C ILE Z 68 -80.27 -45.84 -10.34
N VAL Z 69 -79.37 -46.80 -10.06
CA VAL Z 69 -78.53 -47.40 -11.06
C VAL Z 69 -78.27 -48.79 -10.54
N TYR Z 70 -78.25 -49.80 -11.44
CA TYR Z 70 -77.89 -51.14 -11.04
C TYR Z 70 -77.40 -51.80 -12.30
N ASN Z 71 -76.55 -52.83 -12.15
CA ASN Z 71 -75.82 -53.51 -13.21
C ASN Z 71 -74.79 -52.61 -13.87
N GLY Z 72 -74.48 -51.44 -13.25
CA GLY Z 72 -73.55 -50.46 -13.77
C GLY Z 72 -74.13 -49.60 -14.85
N GLN Z 73 -75.44 -49.76 -15.17
CA GLN Z 73 -76.09 -49.01 -16.22
C GLN Z 73 -77.39 -48.53 -15.67
N LEU Z 74 -78.06 -47.58 -16.38
CA LEU Z 74 -79.27 -46.96 -15.90
C LEU Z 74 -80.44 -47.86 -16.19
N VAL Z 75 -81.14 -48.27 -15.11
CA VAL Z 75 -82.22 -49.23 -15.18
C VAL Z 75 -83.32 -48.67 -14.32
N LYS Z 76 -84.53 -49.27 -14.46
CA LYS Z 76 -85.72 -48.89 -13.73
C LYS Z 76 -85.86 -49.93 -12.66
N ILE Z 77 -85.96 -49.51 -11.38
CA ILE Z 77 -86.11 -50.38 -10.24
C ILE Z 77 -87.54 -50.23 -9.80
N VAL Z 78 -88.27 -51.37 -9.77
CA VAL Z 78 -89.68 -51.40 -9.48
C VAL Z 78 -89.88 -52.42 -8.41
N THR Z 79 -91.08 -52.38 -7.78
CA THR Z 79 -91.50 -53.33 -6.78
C THR Z 79 -92.88 -53.74 -7.22
N VAL Z 80 -93.41 -54.83 -6.63
CA VAL Z 80 -94.68 -55.40 -6.97
C VAL Z 80 -95.62 -55.21 -5.81
N GLN Z 81 -95.21 -54.39 -4.82
CA GLN Z 81 -95.97 -54.21 -3.60
C GLN Z 81 -95.54 -52.91 -3.01
N GLY Z 82 -96.30 -52.43 -1.99
CA GLY Z 82 -95.94 -51.31 -1.15
C GLY Z 82 -94.72 -51.70 -0.34
N HIS Z 83 -93.91 -50.72 0.08
CA HIS Z 83 -92.63 -51.06 0.64
C HIS Z 83 -92.14 -49.91 1.45
N SER Z 84 -91.13 -50.17 2.30
CA SER Z 84 -90.45 -49.15 3.06
C SER Z 84 -89.10 -48.97 2.41
N MET Z 85 -88.57 -47.73 2.41
CA MET Z 85 -87.33 -47.41 1.75
C MET Z 85 -86.49 -46.63 2.72
N ALA Z 86 -85.21 -47.04 2.89
CA ALA Z 86 -84.27 -46.33 3.72
C ALA Z 86 -83.10 -45.95 2.86
N ILE Z 87 -82.90 -44.63 2.68
CA ILE Z 87 -81.90 -44.04 1.82
C ILE Z 87 -80.70 -43.74 2.68
N TYR Z 88 -79.52 -44.24 2.26
CA TYR Z 88 -78.26 -44.07 2.96
C TYR Z 88 -77.30 -43.54 1.95
N ASP Z 89 -76.30 -42.74 2.41
CA ASP Z 89 -75.24 -42.22 1.59
C ASP Z 89 -74.01 -43.09 1.78
N ALA Z 90 -72.82 -42.59 1.37
CA ALA Z 90 -71.57 -43.32 1.41
C ALA Z 90 -70.96 -43.35 2.78
N ASN Z 91 -71.43 -42.47 3.69
CA ASN Z 91 -70.86 -42.32 5.02
C ASN Z 91 -71.71 -43.06 6.03
N GLY Z 92 -72.79 -43.71 5.56
CA GLY Z 92 -73.65 -44.54 6.38
C GLY Z 92 -74.68 -43.73 7.11
N SER Z 93 -74.73 -42.40 6.88
CA SER Z 93 -75.72 -41.50 7.43
C SER Z 93 -77.04 -41.77 6.74
N GLN Z 94 -78.16 -41.66 7.48
CA GLN Z 94 -79.47 -41.93 6.95
C GLN Z 94 -80.04 -40.64 6.46
N VAL Z 95 -80.19 -40.53 5.13
CA VAL Z 95 -80.67 -39.37 4.43
C VAL Z 95 -82.16 -39.22 4.66
N ASP Z 96 -82.94 -40.29 4.38
CA ASP Z 96 -84.37 -40.28 4.53
C ASP Z 96 -84.77 -41.59 5.14
N TYR Z 97 -86.01 -41.65 5.66
CA TYR Z 97 -86.65 -42.85 6.08
C TYR Z 97 -88.07 -42.65 5.63
N ILE Z 98 -88.59 -43.63 4.88
CA ILE Z 98 -89.93 -43.62 4.36
C ILE Z 98 -90.54 -44.88 4.92
N ALA Z 99 -91.56 -44.73 5.80
CA ALA Z 99 -92.24 -45.83 6.43
C ALA Z 99 -93.02 -46.65 5.43
N ASN Z 100 -93.76 -45.99 4.51
CA ASN Z 100 -94.44 -46.68 3.45
C ASN Z 100 -94.42 -45.71 2.31
N VAL Z 101 -93.70 -46.08 1.22
CA VAL Z 101 -93.50 -45.31 0.01
C VAL Z 101 -94.79 -45.17 -0.75
N LEU Z 102 -95.56 -46.28 -0.86
CA LEU Z 102 -96.88 -46.26 -1.44
C LEU Z 102 -97.86 -45.97 -0.34
N LYS Z 103 -98.08 -44.67 -0.08
CA LYS Z 103 -99.00 -44.17 0.90
C LYS Z 103 -99.23 -42.72 0.56
N TYR Z 104 -98.46 -42.20 -0.43
CA TYR Z 104 -98.15 -40.80 -0.55
C TYR Z 104 -99.04 -40.24 -1.62
N ASP Z 105 -99.11 -38.88 -1.64
CA ASP Z 105 -100.28 -38.05 -1.77
C ASP Z 105 -101.64 -38.69 -1.48
N PRO Z 106 -102.06 -38.81 -0.22
CA PRO Z 106 -103.39 -39.31 0.10
C PRO Z 106 -104.23 -38.08 0.28
N ASP Z 107 -105.56 -38.24 0.53
CA ASP Z 107 -106.54 -37.19 0.62
C ASP Z 107 -106.86 -36.59 -0.72
N GLN Z 108 -108.09 -36.04 -0.82
CA GLN Z 108 -108.74 -35.55 -2.02
C GLN Z 108 -109.29 -36.73 -2.76
N TYR Z 109 -110.62 -36.93 -2.61
CA TYR Z 109 -111.35 -38.15 -2.86
C TYR Z 109 -111.30 -38.65 -4.28
N SER Z 110 -110.84 -37.82 -5.23
CA SER Z 110 -110.69 -38.13 -6.64
C SER Z 110 -109.75 -39.28 -6.91
N ILE Z 111 -108.65 -39.34 -6.14
CA ILE Z 111 -107.60 -40.34 -6.25
C ILE Z 111 -108.06 -41.61 -5.56
N GLU Z 112 -108.77 -41.43 -4.43
CA GLU Z 112 -109.15 -42.49 -3.51
C GLU Z 112 -110.48 -43.10 -3.88
N ALA Z 113 -111.07 -42.66 -5.02
CA ALA Z 113 -112.36 -43.10 -5.50
C ALA Z 113 -112.28 -44.46 -6.13
N ASP Z 114 -111.05 -44.89 -6.49
CA ASP Z 114 -110.73 -46.15 -7.12
C ASP Z 114 -111.09 -47.33 -6.26
N LYS Z 115 -110.92 -47.18 -4.92
CA LYS Z 115 -111.04 -48.27 -3.99
C LYS Z 115 -112.38 -48.33 -3.31
N LYS Z 116 -113.39 -47.54 -3.76
CA LYS Z 116 -114.60 -47.42 -2.97
C LYS Z 116 -115.79 -47.03 -3.82
N PHE Z 117 -115.68 -47.11 -5.17
CA PHE Z 117 -116.81 -46.87 -6.04
C PHE Z 117 -116.69 -47.82 -7.18
N LYS Z 118 -117.87 -48.37 -7.62
CA LYS Z 118 -118.02 -49.33 -8.69
C LYS Z 118 -117.58 -48.75 -10.00
N TYR Z 119 -116.87 -49.57 -10.81
CA TYR Z 119 -116.40 -49.19 -12.12
C TYR Z 119 -117.46 -49.52 -13.13
N SER Z 120 -117.56 -48.69 -14.17
CA SER Z 120 -118.33 -48.98 -15.34
C SER Z 120 -117.77 -48.05 -16.37
N VAL Z 121 -118.01 -48.35 -17.66
CA VAL Z 121 -117.57 -47.57 -18.78
C VAL Z 121 -118.83 -47.26 -19.51
N LYS Z 122 -118.77 -46.23 -20.39
CA LYS Z 122 -119.92 -45.73 -21.08
C LYS Z 122 -119.46 -45.59 -22.50
N LEU Z 123 -120.36 -45.96 -23.43
CA LEU Z 123 -120.08 -46.06 -24.85
C LEU Z 123 -119.86 -44.70 -25.47
N SER Z 124 -120.46 -43.64 -24.88
CA SER Z 124 -120.35 -42.28 -25.36
C SER Z 124 -118.98 -41.67 -25.14
N ASP Z 125 -118.21 -42.19 -24.14
CA ASP Z 125 -116.91 -41.69 -23.79
C ASP Z 125 -115.81 -42.40 -24.53
N TYR Z 126 -116.13 -43.45 -25.32
CA TYR Z 126 -115.15 -44.17 -26.11
C TYR Z 126 -115.59 -44.07 -27.57
N PRO Z 127 -114.69 -44.04 -28.56
CA PRO Z 127 -115.06 -43.86 -29.95
C PRO Z 127 -115.88 -44.99 -30.53
N THR Z 128 -115.63 -46.25 -30.09
CA THR Z 128 -116.23 -47.43 -30.66
C THR Z 128 -116.56 -48.37 -29.52
N LEU Z 129 -117.34 -49.42 -29.84
CA LEU Z 129 -117.71 -50.48 -28.94
C LEU Z 129 -116.54 -51.38 -28.67
N GLN Z 130 -115.56 -51.44 -29.61
CA GLN Z 130 -114.32 -52.18 -29.48
C GLN Z 130 -113.46 -51.59 -28.38
N ASP Z 131 -113.46 -50.24 -28.28
CA ASP Z 131 -112.69 -49.51 -27.31
C ASP Z 131 -113.33 -49.59 -25.95
N ALA Z 132 -114.68 -49.51 -25.89
CA ALA Z 132 -115.45 -49.54 -24.67
C ALA Z 132 -115.46 -50.92 -24.05
N ALA Z 133 -115.36 -51.99 -24.87
CA ALA Z 133 -115.42 -53.36 -24.43
C ALA Z 133 -114.12 -53.76 -23.78
N SER Z 134 -112.98 -53.38 -24.39
CA SER Z 134 -111.66 -53.70 -23.87
C SER Z 134 -111.31 -52.84 -22.69
N ALA Z 135 -111.99 -51.69 -22.52
CA ALA Z 135 -111.75 -50.78 -21.42
C ALA Z 135 -112.69 -51.08 -20.27
N ALA Z 136 -113.57 -52.10 -20.41
CA ALA Z 136 -114.52 -52.46 -19.39
C ALA Z 136 -113.83 -53.48 -18.54
N VAL Z 137 -113.78 -53.23 -17.21
CA VAL Z 137 -113.18 -54.13 -16.26
C VAL Z 137 -114.22 -54.57 -15.26
N ASP Z 138 -115.47 -54.07 -15.40
CA ASP Z 138 -116.51 -54.37 -14.46
C ASP Z 138 -117.80 -54.26 -15.24
N GLY Z 139 -118.38 -53.05 -15.34
CA GLY Z 139 -119.63 -52.84 -16.03
C GLY Z 139 -119.34 -52.31 -17.40
N LEU Z 140 -120.34 -52.47 -18.30
CA LEU Z 140 -120.34 -51.92 -19.64
C LEU Z 140 -121.72 -51.39 -19.82
N LEU Z 141 -121.84 -50.08 -20.13
CA LEU Z 141 -123.10 -49.39 -20.25
C LEU Z 141 -123.13 -48.91 -21.67
N ILE Z 142 -124.27 -49.19 -22.34
CA ILE Z 142 -124.53 -48.83 -23.71
C ILE Z 142 -125.58 -47.77 -23.57
N ASP Z 143 -125.18 -46.50 -23.82
CA ASP Z 143 -126.02 -45.34 -23.65
C ASP Z 143 -126.25 -44.65 -24.97
N ARG Z 144 -125.83 -45.30 -26.08
CA ARG Z 144 -126.02 -44.76 -27.40
C ARG Z 144 -126.00 -45.94 -28.32
N ASP Z 145 -126.51 -45.76 -29.56
CA ASP Z 145 -126.56 -46.80 -30.56
C ASP Z 145 -125.18 -46.95 -31.16
N TYR Z 146 -124.88 -48.17 -31.65
CA TYR Z 146 -123.60 -48.50 -32.21
C TYR Z 146 -123.90 -49.03 -33.58
N ASN Z 147 -123.30 -48.39 -34.61
CA ASN Z 147 -123.41 -48.78 -35.99
C ASN Z 147 -122.41 -49.86 -36.23
N PHE Z 148 -122.89 -51.02 -36.74
CA PHE Z 148 -122.05 -52.17 -37.00
C PHE Z 148 -122.37 -52.67 -38.37
N TYR Z 149 -121.44 -53.49 -38.90
CA TYR Z 149 -121.51 -54.11 -40.18
C TYR Z 149 -121.09 -55.53 -39.94
N GLY Z 150 -121.34 -56.44 -40.92
CA GLY Z 150 -120.99 -57.84 -40.79
C GLY Z 150 -119.50 -58.03 -40.72
N GLY Z 151 -119.05 -58.93 -39.81
CA GLY Z 151 -117.64 -59.19 -39.61
C GLY Z 151 -117.00 -58.24 -38.64
N GLU Z 152 -117.81 -57.40 -37.93
CA GLU Z 152 -117.32 -56.48 -36.93
C GLU Z 152 -117.09 -57.30 -35.70
N THR Z 153 -115.83 -57.30 -35.20
CA THR Z 153 -115.42 -58.10 -34.06
C THR Z 153 -115.12 -57.13 -32.96
N VAL Z 154 -115.73 -57.38 -31.78
CA VAL Z 154 -115.58 -56.58 -30.59
C VAL Z 154 -114.95 -57.54 -29.61
N ASP Z 155 -113.77 -57.17 -29.07
CA ASP Z 155 -113.01 -57.97 -28.15
C ASP Z 155 -113.27 -57.43 -26.77
N PHE Z 156 -113.62 -58.33 -25.83
CA PHE Z 156 -113.98 -57.99 -24.47
C PHE Z 156 -112.83 -58.30 -23.55
N GLY Z 157 -111.72 -58.84 -24.09
CA GLY Z 157 -110.48 -59.05 -23.37
C GLY Z 157 -110.42 -60.26 -22.50
N GLY Z 158 -111.45 -61.15 -22.53
CA GLY Z 158 -111.46 -62.36 -21.74
C GLY Z 158 -111.83 -62.07 -20.32
N LYS Z 159 -112.82 -61.18 -20.12
CA LYS Z 159 -113.25 -60.74 -18.83
C LYS Z 159 -114.70 -61.04 -18.67
N VAL Z 160 -115.15 -61.25 -17.41
CA VAL Z 160 -116.53 -61.40 -17.05
C VAL Z 160 -117.04 -59.99 -16.93
N LEU Z 161 -118.09 -59.66 -17.71
CA LEU Z 161 -118.56 -58.30 -17.80
C LEU Z 161 -120.05 -58.38 -17.90
N THR Z 162 -120.74 -57.44 -17.21
CA THR Z 162 -122.17 -57.31 -17.22
C THR Z 162 -122.47 -56.18 -18.14
N ILE Z 163 -123.08 -56.53 -19.29
CA ILE Z 163 -123.41 -55.63 -20.37
C ILE Z 163 -124.86 -55.29 -20.13
N GLU Z 164 -125.12 -54.01 -19.80
CA GLU Z 164 -126.45 -53.52 -19.55
C GLU Z 164 -126.72 -52.56 -20.67
N CYS Z 165 -127.68 -52.94 -21.54
CA CYS Z 165 -128.01 -52.25 -22.76
C CYS Z 165 -129.25 -51.47 -22.48
N LYS Z 166 -129.08 -50.13 -22.43
CA LYS Z 166 -130.16 -49.18 -22.26
C LYS Z 166 -130.32 -48.43 -23.55
N ALA Z 167 -129.72 -48.95 -24.64
CA ALA Z 167 -129.83 -48.38 -25.95
C ALA Z 167 -129.63 -49.52 -26.90
N LYS Z 168 -129.97 -49.29 -28.18
CA LYS Z 168 -130.02 -50.28 -29.23
C LYS Z 168 -128.66 -50.56 -29.79
N PHE Z 169 -128.60 -51.54 -30.71
CA PHE Z 169 -127.46 -51.81 -31.54
C PHE Z 169 -128.06 -51.89 -32.90
N ILE Z 170 -127.64 -50.96 -33.79
CA ILE Z 170 -128.23 -50.78 -35.09
C ILE Z 170 -127.23 -51.24 -36.12
N GLY Z 171 -127.70 -51.96 -37.14
CA GLY Z 171 -126.81 -52.45 -38.17
C GLY Z 171 -127.39 -53.69 -38.73
N ASP Z 172 -126.69 -54.26 -39.74
CA ASP Z 172 -127.05 -55.51 -40.35
C ASP Z 172 -125.79 -56.30 -40.38
N GLY Z 173 -125.94 -57.64 -40.47
CA GLY Z 173 -124.83 -58.56 -40.41
C GLY Z 173 -124.67 -59.01 -39.00
N ASN Z 174 -123.46 -59.50 -38.66
CA ASN Z 174 -123.14 -60.04 -37.37
C ASN Z 174 -122.32 -59.05 -36.60
N LEU Z 175 -122.80 -58.69 -35.39
CA LEU Z 175 -122.03 -57.96 -34.41
C LEU Z 175 -121.49 -59.04 -33.53
N ILE Z 176 -120.16 -59.27 -33.57
CA ILE Z 176 -119.53 -60.45 -33.02
C ILE Z 176 -118.96 -60.02 -31.70
N PHE Z 177 -119.35 -60.74 -30.61
CA PHE Z 177 -118.82 -60.55 -29.28
C PHE Z 177 -118.02 -61.79 -29.03
N THR Z 178 -116.74 -61.61 -28.61
CA THR Z 178 -115.82 -62.70 -28.38
C THR Z 178 -115.24 -62.49 -27.01
N LYS Z 179 -114.76 -63.61 -26.40
CA LYS Z 179 -114.02 -63.62 -25.16
C LYS Z 179 -114.76 -63.01 -24.00
N LEU Z 180 -115.96 -63.57 -23.68
CA LEU Z 180 -116.73 -63.19 -22.52
C LEU Z 180 -116.70 -64.39 -21.63
N GLY Z 181 -116.34 -64.15 -20.34
CA GLY Z 181 -116.13 -65.19 -19.36
C GLY Z 181 -117.42 -65.74 -18.83
N LYS Z 182 -117.29 -66.67 -17.84
CA LYS Z 182 -118.39 -67.34 -17.19
C LYS Z 182 -119.19 -66.38 -16.36
N GLY Z 183 -120.55 -66.49 -16.42
CA GLY Z 183 -121.44 -65.69 -15.62
C GLY Z 183 -121.73 -64.33 -16.20
N SER Z 184 -121.26 -64.03 -17.45
CA SER Z 184 -121.53 -62.77 -18.11
C SER Z 184 -122.99 -62.67 -18.47
N ARG Z 185 -123.57 -61.46 -18.33
CA ARG Z 185 -124.96 -61.21 -18.59
C ARG Z 185 -125.03 -60.16 -19.64
N ILE Z 186 -126.03 -60.26 -20.54
CA ILE Z 186 -126.35 -59.24 -21.51
C ILE Z 186 -127.80 -59.03 -21.27
N ALA Z 187 -128.22 -57.83 -20.80
CA ALA Z 187 -129.57 -57.59 -20.38
C ALA Z 187 -130.08 -56.35 -21.05
N GLY Z 188 -131.38 -56.34 -21.41
CA GLY Z 188 -132.06 -55.20 -21.98
C GLY Z 188 -131.79 -54.97 -23.43
N VAL Z 189 -131.09 -55.91 -24.10
CA VAL Z 189 -130.63 -55.79 -25.47
C VAL Z 189 -131.77 -55.62 -26.46
N PHE Z 190 -131.56 -54.73 -27.44
CA PHE Z 190 -132.50 -54.45 -28.50
C PHE Z 190 -131.65 -54.47 -29.74
N MET Z 191 -132.21 -54.97 -30.86
CA MET Z 191 -131.49 -55.09 -32.11
C MET Z 191 -132.43 -54.57 -33.16
N GLU Z 192 -132.00 -53.57 -33.97
CA GLU Z 192 -132.86 -53.03 -34.99
C GLU Z 192 -132.04 -52.84 -36.23
N SER Z 193 -132.59 -53.25 -37.40
CA SER Z 193 -131.91 -53.09 -38.66
C SER Z 193 -132.04 -51.66 -39.14
N THR Z 194 -131.01 -51.18 -39.87
CA THR Z 194 -130.96 -49.82 -40.39
C THR Z 194 -131.97 -49.62 -41.49
N THR Z 195 -132.10 -50.62 -42.40
CA THR Z 195 -133.05 -50.61 -43.47
C THR Z 195 -134.32 -51.25 -42.96
N THR Z 196 -135.45 -50.98 -43.65
CA THR Z 196 -136.73 -51.56 -43.32
C THR Z 196 -136.98 -52.58 -44.40
N PRO Z 197 -137.00 -53.88 -44.14
CA PRO Z 197 -137.19 -54.88 -45.18
C PRO Z 197 -138.64 -55.04 -45.47
N TRP Z 198 -138.97 -55.67 -46.61
CA TRP Z 198 -140.31 -56.00 -46.99
C TRP Z 198 -140.76 -57.18 -46.19
N VAL Z 199 -142.07 -57.21 -45.85
CA VAL Z 199 -142.68 -58.29 -45.13
C VAL Z 199 -143.98 -58.57 -45.82
N ILE Z 200 -144.47 -59.80 -45.66
CA ILE Z 200 -145.74 -60.26 -46.16
C ILE Z 200 -146.48 -60.77 -44.96
N LYS Z 201 -147.82 -60.67 -44.99
CA LYS Z 201 -148.66 -61.12 -43.92
C LYS Z 201 -149.54 -62.20 -44.53
N PRO Z 202 -149.38 -63.47 -44.18
CA PRO Z 202 -150.26 -64.50 -44.71
C PRO Z 202 -151.24 -64.84 -43.62
N TRP Z 203 -152.07 -63.84 -43.22
CA TRP Z 203 -153.18 -64.06 -42.33
C TRP Z 203 -154.10 -62.90 -42.49
N THR Z 204 -155.35 -63.07 -41.97
CA THR Z 204 -156.43 -62.13 -42.11
C THR Z 204 -156.30 -61.05 -41.05
N ASP Z 205 -157.44 -60.51 -40.56
CA ASP Z 205 -157.50 -59.58 -39.47
C ASP Z 205 -158.16 -60.27 -38.31
N ASP Z 206 -158.51 -61.57 -38.48
CA ASP Z 206 -159.02 -62.43 -37.44
C ASP Z 206 -157.93 -63.40 -37.06
N ASN Z 207 -156.72 -63.26 -37.69
CA ASN Z 207 -155.53 -64.02 -37.40
C ASN Z 207 -155.70 -65.46 -37.79
N GLN Z 208 -156.22 -65.71 -39.02
CA GLN Z 208 -156.32 -67.03 -39.60
C GLN Z 208 -155.17 -67.23 -40.55
N TRP Z 209 -155.45 -67.37 -41.86
CA TRP Z 209 -154.44 -67.63 -42.86
C TRP Z 209 -154.98 -67.05 -44.14
N LEU Z 210 -154.04 -66.73 -45.06
CA LEU Z 210 -154.34 -66.43 -46.43
C LEU Z 210 -153.59 -67.47 -47.21
N THR Z 211 -154.34 -68.27 -48.00
CA THR Z 211 -153.80 -69.40 -48.73
C THR Z 211 -153.78 -69.08 -50.20
N ASP Z 212 -154.28 -67.88 -50.56
CA ASP Z 212 -154.26 -67.36 -51.91
C ASP Z 212 -152.98 -66.57 -51.99
N ALA Z 213 -152.21 -66.78 -53.08
CA ALA Z 213 -150.93 -66.17 -53.28
C ALA Z 213 -151.03 -64.68 -53.50
N ALA Z 214 -152.04 -64.24 -54.29
CA ALA Z 214 -152.29 -62.86 -54.60
C ALA Z 214 -152.71 -62.05 -53.39
N ALA Z 215 -153.38 -62.69 -52.41
CA ALA Z 215 -153.83 -62.04 -51.18
C ALA Z 215 -152.68 -61.74 -50.26
N VAL Z 216 -151.64 -62.59 -50.24
CA VAL Z 216 -150.44 -62.42 -49.44
C VAL Z 216 -149.59 -61.32 -50.03
N VAL Z 217 -149.52 -61.25 -51.38
CA VAL Z 217 -148.83 -60.22 -52.13
C VAL Z 217 -149.50 -58.88 -51.94
N ALA Z 218 -150.85 -58.85 -51.79
CA ALA Z 218 -151.61 -57.63 -51.56
C ALA Z 218 -151.31 -56.97 -50.23
N THR Z 219 -150.84 -57.74 -49.22
CA THR Z 219 -150.50 -57.24 -47.91
C THR Z 219 -149.03 -56.88 -47.81
N LEU Z 220 -148.27 -56.98 -48.94
CA LEU Z 220 -146.85 -56.67 -49.02
C LEU Z 220 -146.61 -55.21 -48.66
N LYS Z 221 -145.67 -54.98 -47.71
CA LYS Z 221 -145.40 -53.66 -47.21
C LYS Z 221 -144.01 -53.71 -46.63
N GLN Z 222 -143.39 -52.54 -46.40
CA GLN Z 222 -142.14 -52.44 -45.70
C GLN Z 222 -142.49 -52.15 -44.27
N SER Z 223 -142.23 -53.12 -43.38
CA SER Z 223 -142.51 -53.01 -41.97
C SER Z 223 -141.61 -54.02 -41.33
N LYS Z 224 -141.49 -53.97 -39.98
CA LYS Z 224 -140.69 -54.90 -39.22
C LYS Z 224 -141.58 -55.67 -38.29
N THR Z 225 -142.91 -55.59 -38.48
CA THR Z 225 -143.86 -56.25 -37.63
C THR Z 225 -145.12 -56.41 -38.44
N ASP Z 226 -146.05 -57.27 -37.96
CA ASP Z 226 -147.30 -57.65 -38.60
C ASP Z 226 -147.03 -58.41 -39.87
N GLY Z 227 -146.07 -59.36 -39.80
CA GLY Z 227 -145.65 -60.11 -40.94
C GLY Z 227 -144.19 -60.39 -40.76
N TYR Z 228 -143.64 -61.21 -41.66
CA TYR Z 228 -142.26 -61.59 -41.67
C TYR Z 228 -141.86 -61.65 -43.11
N GLN Z 229 -140.54 -61.52 -43.39
CA GLN Z 229 -139.96 -61.43 -44.71
C GLN Z 229 -140.24 -62.66 -45.54
N PRO Z 230 -140.44 -62.58 -46.87
CA PRO Z 230 -140.70 -63.73 -47.73
C PRO Z 230 -139.66 -64.81 -47.62
N THR Z 231 -140.11 -66.04 -47.30
CA THR Z 231 -139.27 -67.20 -47.03
C THR Z 231 -139.30 -68.03 -48.28
N VAL Z 232 -138.31 -68.95 -48.42
CA VAL Z 232 -138.20 -69.89 -49.51
C VAL Z 232 -139.28 -70.94 -49.34
N SER Z 233 -139.61 -71.25 -48.06
CA SER Z 233 -140.65 -72.19 -47.68
C SER Z 233 -142.02 -71.66 -48.00
N ASP Z 234 -142.19 -70.30 -48.02
CA ASP Z 234 -143.44 -69.63 -48.36
C ASP Z 234 -143.73 -69.75 -49.83
N TYR Z 235 -142.68 -69.91 -50.68
CA TYR Z 235 -142.80 -70.00 -52.12
C TYR Z 235 -143.38 -71.34 -52.49
N VAL Z 236 -143.01 -72.39 -51.71
CA VAL Z 236 -143.49 -73.74 -51.91
C VAL Z 236 -144.89 -73.85 -51.34
N LYS Z 237 -145.14 -73.21 -50.17
CA LYS Z 237 -146.40 -73.28 -49.46
C LYS Z 237 -147.55 -72.63 -50.20
N PHE Z 238 -147.30 -71.46 -50.81
CA PHE Z 238 -148.29 -70.72 -51.55
C PHE Z 238 -147.78 -70.74 -52.97
N PRO Z 239 -148.41 -71.40 -53.94
CA PRO Z 239 -147.83 -71.55 -55.26
C PRO Z 239 -148.01 -70.29 -56.07
N GLY Z 240 -146.96 -69.89 -56.82
CA GLY Z 240 -147.01 -68.76 -57.72
C GLY Z 240 -146.83 -67.44 -57.03
N ILE Z 241 -146.55 -67.44 -55.71
CA ILE Z 241 -146.36 -66.24 -54.93
C ILE Z 241 -145.06 -65.56 -55.28
N GLU Z 242 -144.00 -66.34 -55.61
CA GLU Z 242 -142.67 -65.88 -55.88
C GLU Z 242 -142.60 -64.98 -57.09
N THR Z 243 -143.29 -65.37 -58.18
CA THR Z 243 -143.34 -64.61 -59.43
C THR Z 243 -143.99 -63.26 -59.26
N LEU Z 244 -145.09 -63.22 -58.46
CA LEU Z 244 -145.85 -62.02 -58.15
C LEU Z 244 -145.04 -61.04 -57.34
N LEU Z 245 -144.27 -61.53 -56.34
CA LEU Z 245 -143.42 -60.73 -55.48
C LEU Z 245 -142.33 -60.05 -56.28
N PRO Z 246 -141.91 -58.82 -55.95
CA PRO Z 246 -140.89 -58.10 -56.69
C PRO Z 246 -139.52 -58.61 -56.29
N PRO Z 247 -138.44 -58.38 -57.04
CA PRO Z 247 -137.11 -58.87 -56.74
C PRO Z 247 -136.54 -58.37 -55.43
N ASN Z 248 -136.81 -57.11 -55.05
CA ASN Z 248 -136.30 -56.48 -53.85
C ASN Z 248 -136.82 -57.09 -52.56
N ALA Z 249 -138.00 -57.74 -52.61
CA ALA Z 249 -138.61 -58.39 -51.46
C ALA Z 249 -138.17 -59.83 -51.35
N LYS Z 250 -137.35 -60.31 -52.30
CA LYS Z 250 -136.86 -61.67 -52.33
C LYS Z 250 -135.38 -61.64 -52.22
N GLY Z 251 -134.78 -62.71 -51.63
CA GLY Z 251 -133.35 -62.84 -51.48
C GLY Z 251 -132.79 -62.04 -50.35
N GLN Z 252 -133.68 -61.45 -49.50
CA GLN Z 252 -133.33 -60.60 -48.38
C GLN Z 252 -132.51 -61.32 -47.34
N ASN Z 253 -131.65 -60.54 -46.64
CA ASN Z 253 -130.77 -61.03 -45.61
C ASN Z 253 -130.69 -59.97 -44.56
N ILE Z 254 -131.78 -59.16 -44.41
CA ILE Z 254 -131.81 -58.00 -43.56
C ILE Z 254 -132.23 -58.46 -42.19
N THR Z 255 -131.23 -58.61 -41.28
CA THR Z 255 -131.45 -58.96 -39.90
C THR Z 255 -130.34 -58.27 -39.17
N SER Z 256 -130.64 -57.76 -37.96
CA SER Z 256 -129.70 -57.17 -37.05
C SER Z 256 -129.42 -58.25 -36.05
N THR Z 257 -128.20 -58.82 -36.10
CA THR Z 257 -127.88 -60.05 -35.41
C THR Z 257 -126.77 -59.72 -34.45
N LEU Z 258 -126.95 -60.14 -33.18
CA LEU Z 258 -125.94 -60.08 -32.16
C LEU Z 258 -125.49 -61.50 -32.00
N GLU Z 259 -124.22 -61.76 -32.37
CA GLU Z 259 -123.67 -63.08 -32.39
C GLU Z 259 -122.71 -63.14 -31.24
N ILE Z 260 -122.89 -64.15 -30.36
CA ILE Z 260 -121.96 -64.46 -29.31
C ILE Z 260 -121.19 -65.61 -29.87
N ARG Z 261 -119.86 -65.44 -30.07
CA ARG Z 261 -119.04 -66.41 -30.75
C ARG Z 261 -118.05 -66.96 -29.76
N GLU Z 262 -118.20 -68.27 -29.47
CA GLU Z 262 -117.30 -69.09 -28.69
C GLU Z 262 -117.06 -68.55 -27.30
N CYS Z 263 -118.17 -68.41 -26.55
CA CYS Z 263 -118.14 -67.94 -25.19
C CYS Z 263 -118.98 -68.91 -24.40
N ILE Z 264 -118.81 -68.89 -23.06
CA ILE Z 264 -119.43 -69.83 -22.16
C ILE Z 264 -119.94 -68.98 -21.03
N GLY Z 265 -121.20 -69.23 -20.60
CA GLY Z 265 -121.82 -68.54 -19.50
C GLY Z 265 -122.45 -67.25 -19.88
N VAL Z 266 -122.52 -66.93 -21.20
CA VAL Z 266 -123.11 -65.70 -21.68
C VAL Z 266 -124.56 -66.01 -21.88
N GLU Z 267 -125.43 -65.35 -21.08
CA GLU Z 267 -126.85 -65.57 -21.15
C GLU Z 267 -127.46 -64.26 -21.51
N VAL Z 268 -128.31 -64.28 -22.57
CA VAL Z 268 -128.97 -63.11 -23.08
C VAL Z 268 -130.30 -63.05 -22.40
N HIS Z 269 -130.48 -62.00 -21.58
CA HIS Z 269 -131.65 -61.74 -20.79
C HIS Z 269 -132.40 -60.62 -21.45
N ARG Z 270 -133.74 -60.71 -21.46
CA ARG Z 270 -134.64 -59.70 -21.95
C ARG Z 270 -134.39 -59.33 -23.39
N ALA Z 271 -134.27 -60.36 -24.26
CA ALA Z 271 -133.99 -60.20 -25.66
C ALA Z 271 -135.20 -59.64 -26.36
N SER Z 272 -135.01 -58.49 -27.04
CA SER Z 272 -136.05 -57.81 -27.77
C SER Z 272 -135.41 -57.37 -29.04
N GLY Z 273 -136.22 -56.78 -29.93
CA GLY Z 273 -135.72 -56.19 -31.14
C GLY Z 273 -136.79 -56.21 -32.16
N LEU Z 274 -136.52 -55.54 -33.31
CA LEU Z 274 -137.32 -55.60 -34.49
C LEU Z 274 -136.38 -56.03 -35.57
N MET Z 275 -136.70 -57.16 -36.27
CA MET Z 275 -135.82 -57.84 -37.20
C MET Z 275 -134.52 -58.22 -36.54
N ALA Z 276 -134.63 -59.04 -35.48
CA ALA Z 276 -133.60 -59.34 -34.54
C ALA Z 276 -133.25 -60.79 -34.63
N GLY Z 277 -131.99 -61.13 -34.26
CA GLY Z 277 -131.59 -62.50 -34.16
C GLY Z 277 -130.46 -62.55 -33.20
N PHE Z 278 -130.30 -63.73 -32.55
CA PHE Z 278 -129.24 -63.98 -31.61
C PHE Z 278 -128.72 -65.32 -32.02
N LEU Z 279 -127.43 -65.40 -32.41
CA LEU Z 279 -126.82 -66.60 -32.90
C LEU Z 279 -125.68 -66.90 -31.98
N PHE Z 280 -125.68 -68.11 -31.37
CA PHE Z 280 -124.63 -68.52 -30.47
C PHE Z 280 -123.83 -69.54 -31.24
N ARG Z 281 -122.58 -69.18 -31.65
CA ARG Z 281 -121.77 -70.02 -32.48
C ARG Z 281 -120.70 -70.66 -31.66
N GLY Z 282 -120.71 -72.02 -31.58
CA GLY Z 282 -119.68 -72.78 -30.90
C GLY Z 282 -119.79 -72.72 -29.40
N CYS Z 283 -120.88 -72.12 -28.89
CA CYS Z 283 -121.08 -71.86 -27.48
C CYS Z 283 -121.62 -73.08 -26.79
N HIS Z 284 -121.44 -73.11 -25.46
CA HIS Z 284 -121.90 -74.18 -24.62
C HIS Z 284 -122.26 -73.52 -23.32
N PHE Z 285 -123.36 -73.97 -22.69
CA PHE Z 285 -123.88 -73.48 -21.42
C PHE Z 285 -124.24 -72.02 -21.51
N CYS Z 286 -124.95 -71.65 -22.60
CA CYS Z 286 -125.42 -70.31 -22.86
C CYS Z 286 -126.90 -70.46 -23.08
N LYS Z 287 -127.69 -69.58 -22.44
CA LYS Z 287 -129.13 -69.69 -22.38
C LYS Z 287 -129.73 -68.46 -22.98
N MET Z 288 -131.01 -68.58 -23.36
CA MET Z 288 -131.88 -67.47 -23.68
C MET Z 288 -132.88 -67.48 -22.56
N VAL Z 289 -132.79 -66.47 -21.67
CA VAL Z 289 -133.50 -66.45 -20.42
C VAL Z 289 -134.46 -65.29 -20.50
N ASP Z 290 -135.79 -65.60 -20.52
CA ASP Z 290 -136.86 -64.64 -20.44
C ASP Z 290 -136.80 -63.57 -21.50
N ALA Z 291 -136.96 -63.99 -22.79
CA ALA Z 291 -136.96 -63.07 -23.91
C ALA Z 291 -138.32 -62.44 -23.98
N ASN Z 292 -138.34 -61.10 -24.17
CA ASN Z 292 -139.53 -60.32 -24.06
C ASN Z 292 -139.85 -59.79 -25.43
N ASN Z 293 -140.88 -60.41 -26.06
CA ASN Z 293 -141.45 -60.09 -27.36
C ASN Z 293 -140.50 -59.57 -28.44
N PRO Z 294 -139.54 -60.36 -28.94
CA PRO Z 294 -138.71 -59.96 -30.08
C PRO Z 294 -139.48 -60.27 -31.35
N SER Z 295 -139.05 -59.66 -32.47
CA SER Z 295 -139.60 -59.91 -33.78
C SER Z 295 -138.41 -60.40 -34.56
N GLY Z 296 -138.56 -61.56 -35.24
CA GLY Z 296 -137.46 -62.24 -35.87
C GLY Z 296 -137.24 -61.74 -37.26
N GLY Z 297 -136.20 -62.32 -37.92
CA GLY Z 297 -135.82 -61.97 -39.26
C GLY Z 297 -135.42 -63.24 -39.95
N LYS Z 298 -134.53 -63.12 -40.96
CA LYS Z 298 -133.95 -64.22 -41.70
C LYS Z 298 -133.10 -65.09 -40.81
N ASP Z 299 -132.35 -64.48 -39.87
CA ASP Z 299 -131.63 -65.19 -38.85
C ASP Z 299 -132.61 -65.41 -37.72
N GLY Z 300 -132.62 -66.65 -37.16
CA GLY Z 300 -133.50 -67.04 -36.08
C GLY Z 300 -133.22 -66.25 -34.85
N ILE Z 301 -134.28 -66.07 -34.01
CA ILE Z 301 -134.22 -65.34 -32.78
C ILE Z 301 -133.34 -66.06 -31.79
N ILE Z 302 -133.58 -67.37 -31.63
CA ILE Z 302 -132.78 -68.25 -30.83
C ILE Z 302 -132.16 -69.22 -31.80
N THR Z 303 -130.83 -69.11 -32.01
CA THR Z 303 -130.13 -69.92 -32.98
C THR Z 303 -128.94 -70.42 -32.26
N PHE Z 304 -128.79 -71.76 -32.23
CA PHE Z 304 -127.64 -72.42 -31.69
C PHE Z 304 -127.03 -73.06 -32.89
N GLU Z 305 -125.86 -72.52 -33.34
CA GLU Z 305 -125.11 -73.03 -34.45
C GLU Z 305 -123.90 -73.65 -33.83
N ASN Z 306 -123.85 -74.99 -33.83
CA ASN Z 306 -122.75 -75.73 -33.25
C ASN Z 306 -122.11 -76.52 -34.35
N LEU Z 307 -122.43 -76.16 -35.62
CA LEU Z 307 -121.84 -76.70 -36.83
C LEU Z 307 -120.37 -76.33 -36.86
N SER Z 308 -120.07 -75.06 -36.49
CA SER Z 308 -118.74 -74.61 -36.20
C SER Z 308 -118.57 -74.82 -34.72
N GLY Z 309 -117.42 -75.42 -34.32
CA GLY Z 309 -117.18 -75.82 -32.96
C GLY Z 309 -117.76 -77.18 -32.72
N ASP Z 310 -117.63 -77.68 -31.47
CA ASP Z 310 -118.07 -78.99 -31.06
C ASP Z 310 -119.55 -78.97 -30.83
N TRP Z 311 -120.16 -80.18 -30.64
CA TRP Z 311 -121.58 -80.38 -30.41
C TRP Z 311 -122.04 -79.62 -29.20
N GLY Z 312 -123.15 -78.85 -29.36
CA GLY Z 312 -123.72 -78.02 -28.34
C GLY Z 312 -124.28 -78.81 -27.21
N LYS Z 313 -124.08 -78.30 -25.98
CA LYS Z 313 -124.58 -78.93 -24.79
C LYS Z 313 -124.81 -77.78 -23.85
N GLY Z 314 -125.96 -77.80 -23.14
CA GLY Z 314 -126.29 -76.76 -22.19
C GLY Z 314 -126.91 -75.56 -22.82
N ASN Z 315 -127.35 -75.66 -24.10
CA ASN Z 315 -127.95 -74.56 -24.81
C ASN Z 315 -129.44 -74.71 -24.68
N TYR Z 316 -130.08 -73.78 -23.93
CA TYR Z 316 -131.44 -73.94 -23.45
C TYR Z 316 -132.21 -72.69 -23.76
N VAL Z 317 -133.55 -72.85 -23.78
CA VAL Z 317 -134.50 -71.78 -23.82
C VAL Z 317 -135.32 -71.97 -22.58
N ILE Z 318 -135.22 -71.05 -21.61
CA ILE Z 318 -135.85 -71.17 -20.31
C ILE Z 318 -136.63 -69.90 -20.18
N GLY Z 319 -137.98 -70.02 -20.12
CA GLY Z 319 -138.89 -68.91 -20.02
C GLY Z 319 -138.95 -68.10 -21.30
N GLY Z 320 -139.74 -67.00 -21.27
CA GLY Z 320 -139.85 -66.08 -22.38
C GLY Z 320 -140.67 -66.59 -23.51
N ARG Z 321 -140.76 -65.76 -24.56
CA ARG Z 321 -141.56 -66.03 -25.73
C ARG Z 321 -140.92 -65.33 -26.89
N THR Z 322 -141.38 -65.65 -28.11
CA THR Z 322 -140.89 -65.10 -29.35
C THR Z 322 -142.09 -64.83 -30.21
N SER Z 323 -141.89 -64.02 -31.28
CA SER Z 323 -142.90 -63.67 -32.23
C SER Z 323 -142.20 -63.46 -33.53
N TYR Z 324 -142.94 -63.67 -34.65
CA TYR Z 324 -142.51 -63.57 -36.03
C TYR Z 324 -141.30 -64.43 -36.32
N GLY Z 325 -140.49 -64.07 -37.34
CA GLY Z 325 -139.38 -64.86 -37.81
C GLY Z 325 -139.73 -65.44 -39.14
N SER Z 326 -138.70 -65.50 -40.02
CA SER Z 326 -138.82 -66.03 -41.36
C SER Z 326 -138.20 -67.40 -41.38
N VAL Z 327 -137.73 -67.89 -40.22
CA VAL Z 327 -137.14 -69.18 -40.05
C VAL Z 327 -137.57 -69.58 -38.67
N SER Z 328 -137.12 -70.77 -38.20
CA SER Z 328 -137.38 -71.31 -36.90
C SER Z 328 -136.95 -70.36 -35.81
N SER Z 329 -137.86 -70.11 -34.84
CA SER Z 329 -137.62 -69.25 -33.71
C SER Z 329 -136.66 -69.88 -32.75
N ALA Z 330 -136.83 -71.20 -32.47
CA ALA Z 330 -135.92 -71.98 -31.68
C ALA Z 330 -135.40 -73.06 -32.56
N GLN Z 331 -134.08 -73.02 -32.88
CA GLN Z 331 -133.47 -73.96 -33.79
C GLN Z 331 -132.22 -74.48 -33.17
N PHE Z 332 -132.02 -75.80 -33.32
CA PHE Z 332 -130.91 -76.53 -32.75
C PHE Z 332 -130.18 -77.11 -33.92
N LEU Z 333 -128.90 -76.71 -34.11
CA LEU Z 333 -128.05 -77.24 -35.15
C LEU Z 333 -126.94 -77.96 -34.42
N ARG Z 334 -126.87 -79.30 -34.55
CA ARG Z 334 -125.79 -80.12 -34.02
C ARG Z 334 -125.67 -80.05 -32.52
N ASN Z 335 -126.73 -80.46 -31.79
CA ASN Z 335 -126.79 -80.38 -30.35
C ASN Z 335 -127.06 -81.77 -29.86
N ASN Z 336 -126.14 -82.28 -29.01
CA ASN Z 336 -126.23 -83.56 -28.38
C ASN Z 336 -126.10 -83.25 -26.92
N GLY Z 337 -127.18 -83.54 -26.15
CA GLY Z 337 -127.23 -83.33 -24.73
C GLY Z 337 -126.56 -84.44 -23.98
N GLY Z 338 -126.14 -85.51 -24.70
CA GLY Z 338 -125.51 -86.67 -24.14
C GLY Z 338 -126.46 -87.44 -23.27
N PHE Z 339 -125.91 -88.11 -22.25
CA PHE Z 339 -126.66 -88.90 -21.29
C PHE Z 339 -127.36 -88.01 -20.29
N GLU Z 340 -126.91 -86.73 -20.16
CA GLU Z 340 -127.51 -85.74 -19.29
C GLU Z 340 -128.87 -85.32 -19.76
N ARG Z 341 -129.03 -85.24 -21.11
CA ARG Z 341 -130.19 -84.75 -21.81
C ARG Z 341 -130.28 -83.26 -21.66
N ASP Z 342 -129.13 -82.58 -21.80
CA ASP Z 342 -129.00 -81.14 -21.73
C ASP Z 342 -129.49 -80.56 -23.03
N GLY Z 343 -129.86 -79.26 -22.98
CA GLY Z 343 -130.49 -78.53 -24.04
C GLY Z 343 -131.96 -78.84 -24.11
N GLY Z 344 -132.73 -77.93 -24.74
CA GLY Z 344 -134.14 -78.12 -24.92
C GLY Z 344 -134.84 -76.80 -24.86
N VAL Z 345 -136.19 -76.85 -24.83
CA VAL Z 345 -137.06 -75.69 -24.80
C VAL Z 345 -138.09 -75.99 -23.76
N ILE Z 346 -138.22 -75.09 -22.75
CA ILE Z 346 -139.12 -75.26 -21.63
C ILE Z 346 -139.72 -73.90 -21.39
N GLY Z 347 -141.08 -73.84 -21.25
CA GLY Z 347 -141.80 -72.64 -20.90
C GLY Z 347 -141.75 -71.58 -21.96
N PHE Z 348 -142.22 -71.92 -23.19
CA PHE Z 348 -141.94 -71.12 -24.36
C PHE Z 348 -143.19 -71.03 -25.18
N THR Z 349 -143.29 -69.93 -25.96
CA THR Z 349 -144.40 -69.64 -26.84
C THR Z 349 -143.71 -69.12 -28.07
N SER Z 350 -144.08 -69.64 -29.26
CA SER Z 350 -143.48 -69.27 -30.51
C SER Z 350 -144.64 -68.92 -31.40
N TYR Z 351 -144.44 -67.93 -32.30
CA TYR Z 351 -145.48 -67.42 -33.14
C TYR Z 351 -144.86 -67.15 -34.50
N ARG Z 352 -145.52 -67.68 -35.57
CA ARG Z 352 -145.21 -67.48 -36.98
C ARG Z 352 -143.77 -67.69 -37.37
N ALA Z 353 -143.23 -68.91 -37.15
CA ALA Z 353 -141.94 -69.28 -37.68
C ALA Z 353 -142.17 -69.64 -39.12
N GLY Z 354 -141.22 -69.29 -40.01
CA GLY Z 354 -141.33 -69.56 -41.43
C GLY Z 354 -141.00 -70.99 -41.76
N GLU Z 355 -140.51 -71.76 -40.77
CA GLU Z 355 -140.24 -73.17 -40.90
C GLU Z 355 -141.09 -73.83 -39.85
N SER Z 356 -140.54 -74.04 -38.64
CA SER Z 356 -141.22 -74.71 -37.56
C SER Z 356 -140.79 -74.00 -36.31
N GLY Z 357 -141.75 -73.70 -35.41
CA GLY Z 357 -141.55 -72.95 -34.17
C GLY Z 357 -140.42 -73.45 -33.31
N VAL Z 358 -140.42 -74.76 -33.02
CA VAL Z 358 -139.38 -75.44 -32.30
C VAL Z 358 -139.02 -76.57 -33.21
N LYS Z 359 -137.75 -76.59 -33.67
CA LYS Z 359 -137.34 -77.47 -34.73
C LYS Z 359 -136.01 -78.03 -34.35
N THR Z 360 -135.91 -79.38 -34.45
CA THR Z 360 -134.66 -80.08 -34.53
C THR Z 360 -134.51 -80.38 -35.98
N TRP Z 361 -133.39 -79.94 -36.60
CA TRP Z 361 -133.22 -79.93 -38.04
C TRP Z 361 -133.13 -81.32 -38.60
N GLN Z 362 -133.70 -81.46 -39.82
CA GLN Z 362 -133.92 -82.73 -40.46
C GLN Z 362 -132.67 -83.12 -41.19
N GLY Z 363 -132.13 -84.31 -40.85
CA GLY Z 363 -130.97 -84.91 -41.45
C GLY Z 363 -129.74 -84.06 -41.42
N THR Z 364 -128.79 -84.33 -42.36
CA THR Z 364 -127.54 -83.64 -42.47
C THR Z 364 -127.80 -82.43 -43.33
N VAL Z 365 -127.54 -81.23 -42.78
CA VAL Z 365 -127.70 -79.97 -43.45
C VAL Z 365 -126.38 -79.30 -43.16
N GLY Z 366 -125.69 -78.84 -44.24
CA GLY Z 366 -124.37 -78.28 -44.15
C GLY Z 366 -123.38 -79.39 -44.29
N SER Z 367 -122.07 -79.04 -44.20
CA SER Z 367 -120.96 -79.97 -44.35
C SER Z 367 -120.96 -81.01 -43.27
N THR Z 368 -121.22 -80.59 -42.01
CA THR Z 368 -121.34 -81.46 -40.87
C THR Z 368 -122.80 -81.57 -40.55
N THR Z 369 -123.17 -82.61 -39.78
CA THR Z 369 -124.51 -83.00 -39.39
C THR Z 369 -125.18 -81.90 -38.58
N SER Z 370 -126.51 -81.76 -38.72
CA SER Z 370 -127.29 -80.82 -37.94
C SER Z 370 -128.29 -81.57 -37.10
N ARG Z 371 -128.22 -82.93 -37.11
CA ARG Z 371 -129.11 -83.82 -36.41
C ARG Z 371 -128.95 -83.63 -34.92
N ASN Z 372 -130.08 -83.72 -34.17
CA ASN Z 372 -130.08 -83.40 -32.77
C ASN Z 372 -130.51 -84.60 -32.00
N TYR Z 373 -129.92 -84.77 -30.80
CA TYR Z 373 -130.17 -85.90 -29.94
C TYR Z 373 -130.34 -85.36 -28.56
N ASN Z 374 -131.18 -86.04 -27.74
CA ASN Z 374 -131.27 -85.87 -26.30
C ASN Z 374 -131.57 -84.47 -25.85
N LEU Z 375 -132.72 -83.92 -26.28
CA LEU Z 375 -133.17 -82.59 -25.93
C LEU Z 375 -134.49 -82.79 -25.24
N GLN Z 376 -134.90 -81.84 -24.39
CA GLN Z 376 -136.09 -81.95 -23.56
C GLN Z 376 -137.06 -80.88 -23.96
N PHE Z 377 -138.27 -81.30 -24.37
CA PHE Z 377 -139.30 -80.39 -24.79
C PHE Z 377 -140.48 -80.65 -23.93
N ARG Z 378 -140.83 -79.66 -23.06
CA ARG Z 378 -141.99 -79.74 -22.21
C ARG Z 378 -142.49 -78.36 -22.02
N ASP Z 379 -143.84 -78.23 -21.85
CA ASP Z 379 -144.57 -77.02 -21.54
C ASP Z 379 -144.32 -75.93 -22.56
N SER Z 380 -144.25 -76.35 -23.85
CA SER Z 380 -143.95 -75.48 -24.96
C SER Z 380 -145.18 -75.40 -25.83
N VAL Z 381 -145.38 -74.21 -26.42
CA VAL Z 381 -146.56 -73.86 -27.19
C VAL Z 381 -146.01 -73.29 -28.47
N VAL Z 382 -146.57 -73.72 -29.62
CA VAL Z 382 -146.28 -73.08 -30.88
C VAL Z 382 -147.63 -72.80 -31.47
N ILE Z 383 -147.91 -71.50 -31.67
CA ILE Z 383 -149.16 -71.00 -32.19
C ILE Z 383 -148.85 -70.52 -33.58
N TYR Z 384 -149.69 -70.94 -34.54
CA TYR Z 384 -149.63 -70.62 -35.96
C TYR Z 384 -148.30 -70.90 -36.64
N PRO Z 385 -147.73 -72.11 -36.64
CA PRO Z 385 -146.60 -72.44 -37.49
C PRO Z 385 -147.07 -72.67 -38.91
N VAL Z 386 -146.19 -72.41 -39.91
CA VAL Z 386 -146.46 -72.65 -41.31
C VAL Z 386 -146.51 -74.15 -41.56
N TRP Z 387 -145.55 -74.89 -40.96
CA TRP Z 387 -145.46 -76.33 -41.06
C TRP Z 387 -145.69 -76.83 -39.67
N ASP Z 388 -144.87 -77.83 -39.20
CA ASP Z 388 -144.98 -78.44 -37.90
C ASP Z 388 -144.70 -77.44 -36.81
N GLY Z 389 -145.35 -77.62 -35.63
CA GLY Z 389 -145.08 -76.81 -34.47
C GLY Z 389 -143.90 -77.38 -33.76
N PHE Z 390 -143.87 -78.73 -33.63
CA PHE Z 390 -142.75 -79.45 -33.10
C PHE Z 390 -142.32 -80.41 -34.15
N ASP Z 391 -141.12 -80.14 -34.74
CA ASP Z 391 -140.49 -81.02 -35.68
C ASP Z 391 -139.39 -81.61 -34.85
N LEU Z 392 -139.56 -82.89 -34.45
CA LEU Z 392 -138.68 -83.56 -33.53
C LEU Z 392 -137.94 -84.65 -34.27
N GLY Z 393 -137.99 -84.63 -35.63
CA GLY Z 393 -137.31 -85.58 -36.46
C GLY Z 393 -135.86 -85.23 -36.60
N ALA Z 394 -135.09 -86.07 -37.32
CA ALA Z 394 -133.70 -85.81 -37.58
C ALA Z 394 -133.22 -86.71 -38.70
N ASP Z 395 -134.15 -87.26 -39.51
CA ASP Z 395 -133.81 -88.36 -40.38
C ASP Z 395 -134.91 -88.43 -41.39
N THR Z 396 -135.29 -87.27 -41.97
CA THR Z 396 -136.45 -87.15 -42.82
C THR Z 396 -136.00 -87.41 -44.25
N ASP Z 397 -135.63 -86.34 -44.99
CA ASP Z 397 -135.58 -86.38 -46.44
C ASP Z 397 -134.15 -86.36 -46.90
N MET Z 398 -133.18 -86.31 -45.95
CA MET Z 398 -131.77 -86.29 -46.28
C MET Z 398 -131.19 -87.68 -46.20
N ASN Z 399 -130.05 -87.83 -46.90
CA ASN Z 399 -129.25 -89.03 -47.06
C ASN Z 399 -129.99 -90.35 -47.19
N PRO Z 400 -130.61 -90.66 -48.33
CA PRO Z 400 -131.26 -91.94 -48.56
C PRO Z 400 -130.19 -92.94 -48.96
N GLU Z 401 -128.93 -92.47 -49.12
CA GLU Z 401 -127.79 -93.21 -49.59
C GLU Z 401 -127.14 -93.89 -48.41
N LEU Z 402 -126.11 -94.74 -48.70
CA LEU Z 402 -125.59 -95.77 -47.84
C LEU Z 402 -124.97 -95.23 -46.56
N ASP Z 403 -124.35 -94.03 -46.63
CA ASP Z 403 -123.69 -93.40 -45.51
C ASP Z 403 -124.50 -92.16 -45.22
N ARG Z 404 -124.71 -91.88 -43.93
CA ARG Z 404 -125.34 -90.67 -43.48
C ARG Z 404 -124.29 -89.97 -42.64
N PRO Z 405 -123.77 -88.78 -42.99
CA PRO Z 405 -122.64 -88.20 -42.30
C PRO Z 405 -122.96 -87.75 -40.90
N GLY Z 406 -122.03 -87.98 -39.93
CA GLY Z 406 -122.17 -87.62 -38.54
C GLY Z 406 -123.30 -88.35 -37.88
N ASP Z 407 -123.61 -89.56 -38.38
CA ASP Z 407 -124.77 -90.29 -37.99
C ASP Z 407 -124.49 -91.72 -38.35
N TYR Z 408 -125.31 -92.65 -37.80
CA TYR Z 408 -125.30 -94.06 -38.11
C TYR Z 408 -125.70 -94.27 -39.56
N PRO Z 409 -125.16 -95.25 -40.30
CA PRO Z 409 -125.59 -95.59 -41.65
C PRO Z 409 -127.05 -95.93 -41.77
N ILE Z 410 -127.59 -95.93 -43.02
CA ILE Z 410 -128.96 -96.28 -43.30
C ILE Z 410 -129.12 -97.80 -43.26
N THR Z 411 -127.99 -98.54 -43.42
CA THR Z 411 -127.93 -99.97 -43.23
C THR Z 411 -128.12 -100.36 -41.78
N GLN Z 412 -127.52 -99.60 -40.83
CA GLN Z 412 -127.64 -99.84 -39.42
C GLN Z 412 -129.04 -99.58 -38.91
N TYR Z 413 -129.65 -98.44 -39.31
CA TYR Z 413 -131.00 -98.12 -38.95
C TYR Z 413 -131.65 -97.58 -40.21
N PRO Z 414 -132.77 -98.10 -40.70
CA PRO Z 414 -133.49 -97.59 -41.86
C PRO Z 414 -133.87 -96.13 -41.76
N LEU Z 415 -134.28 -95.50 -42.90
CA LEU Z 415 -134.68 -94.12 -42.96
C LEU Z 415 -135.91 -93.89 -42.11
N HIS Z 416 -135.89 -92.79 -41.31
CA HIS Z 416 -136.91 -92.40 -40.37
C HIS Z 416 -136.83 -93.21 -39.10
N GLN Z 417 -135.62 -93.74 -38.78
CA GLN Z 417 -135.38 -94.45 -37.55
C GLN Z 417 -134.02 -94.05 -37.08
N LEU Z 418 -133.94 -93.59 -35.81
CA LEU Z 418 -132.71 -93.25 -35.15
C LEU Z 418 -133.04 -93.34 -33.67
N PRO Z 419 -132.07 -93.48 -32.78
CA PRO Z 419 -132.36 -93.45 -31.35
C PRO Z 419 -131.99 -92.08 -30.85
N LEU Z 420 -132.86 -91.08 -31.12
CA LEU Z 420 -132.67 -89.70 -30.75
C LEU Z 420 -132.80 -89.55 -29.26
N ASN Z 421 -133.86 -90.18 -28.71
CA ASN Z 421 -134.19 -90.26 -27.30
C ASN Z 421 -134.45 -88.90 -26.71
N HIS Z 422 -135.28 -88.08 -27.40
CA HIS Z 422 -135.79 -86.83 -26.91
C HIS Z 422 -136.80 -87.11 -25.83
N LEU Z 423 -136.94 -86.18 -24.86
CA LEU Z 423 -137.88 -86.30 -23.76
C LEU Z 423 -139.07 -85.47 -24.16
N ILE Z 424 -140.21 -86.14 -24.42
CA ILE Z 424 -141.36 -85.55 -25.05
C ILE Z 424 -142.55 -85.72 -24.13
N ASP Z 425 -143.05 -84.60 -23.55
CA ASP Z 425 -144.23 -84.61 -22.73
C ASP Z 425 -144.79 -83.21 -22.75
N ASN Z 426 -146.14 -83.06 -22.56
CA ASN Z 426 -146.88 -81.82 -22.48
C ASN Z 426 -146.57 -80.81 -23.56
N LEU Z 427 -146.98 -81.10 -24.81
CA LEU Z 427 -146.74 -80.20 -25.92
C LEU Z 427 -148.07 -79.89 -26.52
N LEU Z 428 -148.23 -78.62 -26.96
CA LEU Z 428 -149.49 -78.08 -27.43
C LEU Z 428 -149.19 -77.37 -28.73
N VAL Z 429 -150.01 -77.63 -29.77
CA VAL Z 429 -149.88 -77.06 -31.08
C VAL Z 429 -151.25 -76.61 -31.48
N ARG Z 430 -151.35 -75.37 -32.01
CA ARG Z 430 -152.60 -74.81 -32.42
C ARG Z 430 -152.30 -73.91 -33.58
N GLY Z 431 -153.23 -73.85 -34.56
CA GLY Z 431 -153.19 -72.90 -35.64
C GLY Z 431 -152.35 -73.29 -36.82
N ALA Z 432 -151.84 -74.54 -36.91
CA ALA Z 432 -150.94 -74.95 -37.97
C ALA Z 432 -151.62 -74.93 -39.32
N LEU Z 433 -151.00 -74.28 -40.35
CA LEU Z 433 -151.50 -74.27 -41.70
C LEU Z 433 -151.38 -75.62 -42.34
N GLY Z 434 -150.21 -76.27 -42.15
CA GLY Z 434 -149.95 -77.61 -42.60
C GLY Z 434 -150.14 -78.52 -41.43
N VAL Z 435 -149.33 -79.60 -41.41
CA VAL Z 435 -149.29 -80.59 -40.37
C VAL Z 435 -148.82 -79.92 -39.09
N GLY Z 436 -149.41 -80.29 -37.93
CA GLY Z 436 -149.13 -79.63 -36.68
C GLY Z 436 -148.03 -80.30 -35.91
N PHE Z 437 -147.79 -81.61 -36.15
CA PHE Z 437 -146.80 -82.33 -35.37
C PHE Z 437 -146.19 -83.31 -36.33
N GLY Z 438 -144.85 -83.48 -36.27
CA GLY Z 438 -144.24 -84.53 -37.03
C GLY Z 438 -142.96 -84.85 -36.37
N MET Z 439 -142.54 -86.13 -36.49
CA MET Z 439 -141.30 -86.58 -35.94
C MET Z 439 -140.97 -87.88 -36.60
N ASP Z 440 -139.70 -88.29 -36.48
CA ASP Z 440 -139.24 -89.59 -36.90
C ASP Z 440 -138.34 -90.08 -35.80
N GLY Z 441 -138.02 -91.39 -35.82
CA GLY Z 441 -137.21 -91.98 -34.80
C GLY Z 441 -137.76 -93.34 -34.48
N LYS Z 442 -137.03 -94.04 -33.59
CA LYS Z 442 -137.31 -95.38 -33.16
C LYS Z 442 -136.87 -95.40 -31.74
N GLY Z 443 -137.66 -96.06 -30.85
CA GLY Z 443 -137.37 -96.11 -29.45
C GLY Z 443 -137.82 -94.87 -28.75
N MET Z 444 -138.65 -94.04 -29.43
CA MET Z 444 -139.13 -92.79 -28.92
C MET Z 444 -140.36 -93.07 -28.12
N TYR Z 445 -140.56 -92.32 -27.02
CA TYR Z 445 -141.70 -92.49 -26.15
C TYR Z 445 -142.25 -91.11 -26.01
N VAL Z 446 -143.52 -90.98 -26.41
CA VAL Z 446 -144.21 -89.73 -26.63
C VAL Z 446 -145.43 -89.82 -25.79
N SER Z 447 -145.77 -88.72 -25.07
CA SER Z 447 -146.91 -88.70 -24.20
C SER Z 447 -147.44 -87.30 -24.16
N ASN Z 448 -148.77 -87.15 -23.94
CA ASN Z 448 -149.48 -85.91 -23.73
C ASN Z 448 -149.30 -84.93 -24.86
N ILE Z 449 -149.87 -85.24 -26.04
CA ILE Z 449 -149.78 -84.39 -27.20
C ILE Z 449 -151.20 -84.05 -27.53
N THR Z 450 -151.50 -82.74 -27.59
CA THR Z 450 -152.81 -82.23 -27.90
C THR Z 450 -152.61 -81.27 -29.05
N VAL Z 451 -153.23 -81.57 -30.21
CA VAL Z 451 -153.14 -80.75 -31.40
C VAL Z 451 -154.57 -80.48 -31.76
N GLU Z 452 -154.98 -79.19 -31.76
CA GLU Z 452 -156.34 -78.83 -32.07
C GLU Z 452 -156.34 -77.55 -32.82
N ASP Z 453 -157.48 -77.24 -33.50
CA ASP Z 453 -157.76 -76.03 -34.23
C ASP Z 453 -156.70 -75.72 -35.26
N CYS Z 454 -156.41 -76.70 -36.14
CA CYS Z 454 -155.40 -76.56 -37.16
C CYS Z 454 -156.11 -76.70 -38.48
N ALA Z 455 -155.71 -75.85 -39.45
CA ALA Z 455 -156.20 -75.85 -40.80
C ALA Z 455 -155.81 -77.11 -41.53
N GLY Z 456 -154.54 -77.55 -41.34
CA GLY Z 456 -154.04 -78.81 -41.82
C GLY Z 456 -154.12 -79.84 -40.75
N SER Z 457 -153.59 -81.06 -41.06
CA SER Z 457 -153.56 -82.25 -40.24
C SER Z 457 -152.95 -82.02 -38.88
N GLY Z 458 -153.33 -82.88 -37.91
CA GLY Z 458 -152.86 -82.81 -36.55
C GLY Z 458 -151.49 -83.39 -36.43
N ALA Z 459 -151.27 -84.60 -37.03
CA ALA Z 459 -149.98 -85.22 -36.98
C ALA Z 459 -149.76 -86.06 -38.20
N TYR Z 460 -148.52 -86.02 -38.75
CA TYR Z 460 -148.02 -86.99 -39.70
C TYR Z 460 -146.82 -87.55 -38.99
N LEU Z 461 -146.88 -88.85 -38.65
CA LEU Z 461 -145.91 -89.51 -37.81
C LEU Z 461 -145.16 -90.45 -38.70
N LEU Z 462 -143.87 -90.12 -38.93
CA LEU Z 462 -142.98 -90.88 -39.78
C LEU Z 462 -142.19 -91.87 -38.97
N THR Z 463 -142.45 -91.91 -37.64
CA THR Z 463 -141.88 -92.82 -36.66
C THR Z 463 -142.22 -94.26 -36.98
N HIS Z 464 -141.35 -95.18 -36.52
CA HIS Z 464 -141.59 -96.58 -36.58
C HIS Z 464 -141.05 -97.13 -35.30
N GLU Z 465 -141.86 -97.99 -34.63
CA GLU Z 465 -141.62 -98.57 -33.33
C GLU Z 465 -141.47 -97.52 -32.25
N SER Z 466 -142.48 -96.63 -32.17
CA SER Z 466 -142.55 -95.56 -31.22
C SER Z 466 -143.93 -95.62 -30.62
N VAL Z 467 -144.07 -95.14 -29.37
CA VAL Z 467 -145.30 -95.26 -28.61
C VAL Z 467 -145.83 -93.86 -28.42
N PHE Z 468 -147.15 -93.67 -28.68
CA PHE Z 468 -147.83 -92.40 -28.59
C PHE Z 468 -148.98 -92.58 -27.66
N THR Z 469 -148.93 -91.88 -26.51
CA THR Z 469 -149.84 -92.09 -25.39
C THR Z 469 -150.58 -90.81 -25.12
N ASN Z 470 -151.92 -90.89 -24.89
CA ASN Z 470 -152.79 -89.79 -24.54
C ASN Z 470 -152.75 -88.69 -25.59
N ILE Z 471 -153.22 -89.05 -26.81
CA ILE Z 471 -153.17 -88.22 -27.98
C ILE Z 471 -154.56 -87.70 -28.23
N ALA Z 472 -154.69 -86.38 -28.48
CA ALA Z 472 -155.94 -85.75 -28.77
C ALA Z 472 -155.75 -85.02 -30.06
N ILE Z 473 -156.47 -85.46 -31.12
CA ILE Z 473 -156.47 -84.82 -32.39
C ILE Z 473 -157.92 -84.47 -32.61
N ILE Z 474 -158.27 -83.17 -32.45
CA ILE Z 474 -159.64 -82.71 -32.44
C ILE Z 474 -159.64 -81.48 -33.32
N ASP Z 475 -160.52 -81.45 -34.37
CA ASP Z 475 -160.70 -80.33 -35.27
C ASP Z 475 -159.45 -79.97 -36.01
N THR Z 476 -158.86 -80.95 -36.71
CA THR Z 476 -157.69 -80.73 -37.53
C THR Z 476 -158.08 -81.21 -38.90
N ASN Z 477 -157.39 -80.67 -39.93
CA ASN Z 477 -157.64 -80.92 -41.33
C ASN Z 477 -159.03 -80.45 -41.69
N THR Z 478 -159.33 -79.18 -41.33
CA THR Z 478 -160.62 -78.58 -41.48
C THR Z 478 -160.72 -77.84 -42.80
N LYS Z 479 -159.61 -77.76 -43.55
CA LYS Z 479 -159.57 -77.15 -44.87
C LYS Z 479 -159.29 -78.22 -45.89
N ASP Z 480 -158.96 -79.44 -45.42
CA ASP Z 480 -158.79 -80.64 -46.21
C ASP Z 480 -157.68 -80.52 -47.23
N PHE Z 481 -156.50 -80.01 -46.79
CA PHE Z 481 -155.28 -80.04 -47.56
C PHE Z 481 -154.79 -81.46 -47.66
N GLN Z 482 -154.89 -82.20 -46.54
CA GLN Z 482 -154.53 -83.59 -46.41
C GLN Z 482 -155.82 -84.35 -46.42
N ALA Z 483 -155.78 -85.66 -46.07
CA ALA Z 483 -156.87 -86.57 -46.29
C ALA Z 483 -157.36 -87.11 -44.98
N ASN Z 484 -156.76 -86.67 -43.84
CA ASN Z 484 -157.02 -87.27 -42.57
C ASN Z 484 -156.62 -86.31 -41.48
N GLN Z 485 -157.13 -86.56 -40.26
CA GLN Z 485 -156.77 -85.85 -39.06
C GLN Z 485 -155.43 -86.29 -38.55
N ILE Z 486 -155.09 -87.60 -38.70
CA ILE Z 486 -153.83 -88.11 -38.25
C ILE Z 486 -153.43 -89.24 -39.18
N TYR Z 487 -152.11 -89.34 -39.47
CA TYR Z 487 -151.55 -90.28 -40.40
C TYR Z 487 -150.33 -90.82 -39.71
N ILE Z 488 -150.10 -92.15 -39.82
CA ILE Z 488 -148.93 -92.81 -39.32
C ILE Z 488 -148.48 -93.72 -40.44
N SER Z 489 -147.28 -93.47 -41.01
CA SER Z 489 -146.75 -94.24 -42.11
C SER Z 489 -146.22 -95.57 -41.62
N GLY Z 490 -145.48 -95.56 -40.48
CA GLY Z 490 -144.87 -96.72 -39.89
C GLY Z 490 -145.84 -97.48 -39.05
N ALA Z 491 -145.30 -98.51 -38.35
CA ALA Z 491 -146.05 -99.30 -37.40
C ALA Z 491 -145.66 -98.78 -36.06
N CYS Z 492 -146.67 -98.27 -35.31
CA CYS Z 492 -146.47 -97.62 -34.04
C CYS Z 492 -147.54 -98.15 -33.15
N ARG Z 493 -147.40 -97.91 -31.83
CA ARG Z 493 -148.33 -98.42 -30.84
C ARG Z 493 -148.93 -97.19 -30.22
N VAL Z 494 -150.25 -96.99 -30.46
CA VAL Z 494 -150.93 -95.81 -30.00
C VAL Z 494 -151.88 -96.28 -28.94
N ASN Z 495 -151.63 -95.86 -27.68
CA ASN Z 495 -152.45 -96.21 -26.55
C ASN Z 495 -153.27 -95.00 -26.23
N GLY Z 496 -154.58 -95.06 -26.56
CA GLY Z 496 -155.54 -94.00 -26.39
C GLY Z 496 -155.46 -93.09 -27.58
N LEU Z 497 -156.64 -92.55 -27.99
CA LEU Z 497 -156.72 -91.59 -29.06
C LEU Z 497 -158.05 -90.92 -28.80
N ARG Z 498 -158.21 -89.66 -29.28
CA ARG Z 498 -159.45 -88.91 -29.18
C ARG Z 498 -159.62 -88.27 -30.51
N LEU Z 499 -160.75 -88.56 -31.18
CA LEU Z 499 -161.06 -88.10 -32.52
C LEU Z 499 -162.43 -87.52 -32.48
N ILE Z 500 -162.79 -86.79 -33.57
CA ILE Z 500 -164.07 -86.18 -33.85
C ILE Z 500 -164.20 -84.90 -33.08
N GLY Z 501 -164.08 -83.77 -33.81
CA GLY Z 501 -164.40 -82.46 -33.30
C GLY Z 501 -165.77 -82.09 -33.76
N ILE Z 502 -166.03 -80.75 -33.81
CA ILE Z 502 -167.31 -80.19 -34.21
C ILE Z 502 -167.45 -80.27 -35.72
N ARG Z 503 -166.30 -80.47 -36.43
CA ARG Z 503 -166.25 -80.75 -37.84
C ARG Z 503 -165.30 -81.90 -37.94
N SER Z 504 -165.41 -82.71 -39.02
CA SER Z 504 -164.53 -83.83 -39.26
C SER Z 504 -164.29 -83.88 -40.74
N THR Z 505 -163.24 -84.65 -41.12
CA THR Z 505 -162.70 -84.74 -42.46
C THR Z 505 -163.69 -85.24 -43.47
N ASP Z 506 -163.50 -84.80 -44.73
CA ASP Z 506 -164.31 -85.19 -45.86
C ASP Z 506 -163.47 -85.08 -47.10
N GLY Z 507 -162.12 -84.99 -46.93
CA GLY Z 507 -161.17 -84.96 -48.02
C GLY Z 507 -160.94 -86.35 -48.57
N GLN Z 508 -161.28 -87.38 -47.75
CA GLN Z 508 -161.46 -88.74 -48.18
C GLN Z 508 -162.50 -89.31 -47.24
N GLY Z 509 -162.79 -88.60 -46.13
CA GLY Z 509 -163.72 -89.05 -45.12
C GLY Z 509 -163.13 -90.03 -44.16
N LEU Z 510 -161.79 -90.31 -44.25
CA LEU Z 510 -161.11 -91.11 -43.27
C LEU Z 510 -160.60 -90.19 -42.20
N THR Z 511 -161.10 -90.39 -40.96
CA THR Z 511 -160.77 -89.60 -39.80
C THR Z 511 -159.36 -89.94 -39.38
N ILE Z 512 -159.01 -91.25 -39.40
CA ILE Z 512 -157.67 -91.72 -39.19
C ILE Z 512 -157.42 -92.70 -40.31
N ASP Z 513 -156.37 -92.41 -41.10
CA ASP Z 513 -155.83 -93.30 -42.09
C ASP Z 513 -154.45 -93.55 -41.57
N ALA Z 514 -154.19 -94.77 -41.07
CA ALA Z 514 -152.90 -95.14 -40.55
C ALA Z 514 -152.85 -96.64 -40.64
N PRO Z 515 -152.84 -97.22 -41.85
CA PRO Z 515 -153.14 -98.62 -42.10
C PRO Z 515 -152.04 -99.56 -41.66
N ASN Z 516 -150.85 -99.05 -41.23
CA ASN Z 516 -149.74 -99.88 -40.83
C ASN Z 516 -149.58 -99.81 -39.34
N SER Z 517 -150.28 -98.87 -38.67
CA SER Z 517 -150.16 -98.66 -37.24
C SER Z 517 -151.26 -99.42 -36.56
N THR Z 518 -150.99 -99.83 -35.30
CA THR Z 518 -151.92 -100.53 -34.46
C THR Z 518 -152.31 -99.50 -33.43
N VAL Z 519 -153.63 -99.18 -33.37
CA VAL Z 519 -154.16 -98.17 -32.51
C VAL Z 519 -155.14 -98.89 -31.64
N SER Z 520 -155.14 -98.58 -30.32
CA SER Z 520 -156.06 -99.12 -29.36
C SER Z 520 -156.63 -97.95 -28.62
N GLY Z 521 -157.91 -98.08 -28.17
CA GLY Z 521 -158.56 -97.10 -27.33
C GLY Z 521 -158.99 -95.86 -28.05
N ILE Z 522 -159.61 -96.00 -29.26
CA ILE Z 522 -160.07 -94.86 -30.01
C ILE Z 522 -161.36 -94.37 -29.40
N THR Z 523 -161.34 -93.08 -29.00
CA THR Z 523 -162.44 -92.40 -28.35
C THR Z 523 -162.99 -91.49 -29.41
N GLY Z 524 -164.31 -91.25 -29.37
CA GLY Z 524 -165.00 -90.43 -30.34
C GLY Z 524 -166.01 -91.31 -30.97
N MET Z 525 -166.97 -90.67 -31.67
CA MET Z 525 -168.12 -91.32 -32.25
C MET Z 525 -167.81 -91.68 -33.69
N VAL Z 526 -166.50 -91.77 -34.02
CA VAL Z 526 -165.95 -92.10 -35.31
C VAL Z 526 -166.41 -93.47 -35.74
N ASP Z 527 -166.87 -93.58 -37.01
CA ASP Z 527 -167.41 -94.79 -37.57
C ASP Z 527 -166.28 -95.75 -37.86
N PRO Z 528 -166.47 -97.06 -37.85
CA PRO Z 528 -165.44 -98.05 -38.17
C PRO Z 528 -164.91 -97.92 -39.56
N SER Z 529 -165.76 -97.53 -40.54
CA SER Z 529 -165.41 -97.34 -41.93
C SER Z 529 -164.47 -96.17 -42.15
N ARG Z 530 -164.43 -95.22 -41.18
CA ARG Z 530 -163.58 -94.06 -41.22
C ARG Z 530 -162.28 -94.32 -40.50
N ILE Z 531 -162.05 -95.57 -40.01
CA ILE Z 531 -160.85 -95.95 -39.31
C ILE Z 531 -160.22 -96.98 -40.19
N ASN Z 532 -159.00 -96.70 -40.70
CA ASN Z 532 -158.19 -97.66 -41.40
C ASN Z 532 -156.97 -97.81 -40.55
N VAL Z 533 -156.83 -98.98 -39.87
CA VAL Z 533 -155.68 -99.29 -39.07
C VAL Z 533 -155.37 -100.74 -39.30
N ALA Z 534 -154.14 -101.17 -38.91
CA ALA Z 534 -153.65 -102.51 -39.12
C ALA Z 534 -154.34 -103.49 -38.22
N ASN Z 535 -154.48 -103.15 -36.93
CA ASN Z 535 -155.12 -103.97 -35.95
C ASN Z 535 -155.85 -103.04 -35.03
N LEU Z 536 -157.13 -103.37 -34.72
CA LEU Z 536 -157.94 -102.61 -33.81
C LEU Z 536 -158.57 -103.62 -32.91
N ALA Z 537 -158.24 -103.58 -31.60
CA ALA Z 537 -158.81 -104.46 -30.62
C ALA Z 537 -158.65 -103.83 -29.28
N GLU Z 538 -159.51 -104.24 -28.32
CA GLU Z 538 -159.48 -103.82 -26.93
C GLU Z 538 -159.34 -105.09 -26.14
N GLU Z 539 -158.57 -105.04 -25.03
CA GLU Z 539 -158.33 -106.18 -24.19
C GLU Z 539 -158.14 -105.70 -22.78
N GLY Z 540 -158.43 -104.41 -22.49
CA GLY Z 540 -158.20 -103.82 -21.20
C GLY Z 540 -159.48 -103.50 -20.51
N LEU Z 541 -160.61 -103.40 -21.27
CA LEU Z 541 -161.91 -103.05 -20.75
C LEU Z 541 -162.46 -104.12 -19.83
N GLY Z 542 -163.21 -103.69 -18.80
CA GLY Z 542 -163.86 -104.56 -17.85
C GLY Z 542 -165.25 -104.88 -18.31
N ASN Z 543 -166.15 -105.18 -17.34
CA ASN Z 543 -167.56 -105.37 -17.60
C ASN Z 543 -168.13 -103.99 -17.79
N ILE Z 544 -168.80 -103.77 -18.94
CA ILE Z 544 -169.14 -102.46 -19.39
C ILE Z 544 -170.58 -102.45 -19.77
N ARG Z 545 -171.15 -101.22 -19.86
CA ARG Z 545 -172.51 -100.95 -20.21
C ARG Z 545 -172.45 -99.90 -21.27
N ALA Z 546 -173.27 -100.09 -22.33
CA ALA Z 546 -173.40 -99.18 -23.43
C ALA Z 546 -174.54 -98.26 -23.11
N ASN Z 547 -174.36 -96.94 -23.36
CA ASN Z 547 -175.33 -95.93 -23.03
C ASN Z 547 -175.71 -95.25 -24.31
N SER Z 548 -177.03 -95.03 -24.49
CA SER Z 548 -177.59 -94.41 -25.67
C SER Z 548 -178.34 -93.20 -25.21
N PHE Z 549 -178.16 -92.07 -25.92
CA PHE Z 549 -178.86 -90.85 -25.66
C PHE Z 549 -179.11 -90.30 -27.03
N GLY Z 550 -180.36 -89.82 -27.27
CA GLY Z 550 -180.77 -89.26 -28.54
C GLY Z 550 -181.06 -90.32 -29.56
N TYR Z 551 -181.01 -91.61 -29.15
CA TYR Z 551 -181.21 -92.75 -30.01
C TYR Z 551 -182.33 -93.54 -29.39
N ASP Z 552 -183.12 -94.22 -30.26
CA ASP Z 552 -184.23 -95.07 -29.85
C ASP Z 552 -183.78 -96.50 -29.93
N SER Z 553 -182.46 -96.73 -30.13
CA SER Z 553 -181.90 -98.05 -30.28
C SER Z 553 -180.51 -97.98 -29.74
N ALA Z 554 -180.04 -99.11 -29.18
CA ALA Z 554 -178.69 -99.28 -28.71
C ALA Z 554 -178.13 -100.35 -29.58
N ALA Z 555 -177.01 -100.05 -30.28
CA ALA Z 555 -176.45 -100.94 -31.26
C ALA Z 555 -175.03 -101.18 -30.89
N ILE Z 556 -174.65 -102.48 -30.83
CA ILE Z 556 -173.29 -102.93 -30.70
C ILE Z 556 -173.13 -103.82 -31.89
N LYS Z 557 -172.22 -103.46 -32.82
CA LYS Z 557 -172.14 -104.09 -34.11
C LYS Z 557 -170.83 -104.80 -34.18
N LEU Z 558 -170.82 -105.97 -34.85
CA LEU Z 558 -169.66 -106.79 -35.06
C LEU Z 558 -169.35 -106.61 -36.52
N ARG Z 559 -168.13 -106.16 -36.84
CA ARG Z 559 -167.81 -105.78 -38.20
C ARG Z 559 -166.42 -106.23 -38.47
N ILE Z 560 -166.23 -106.83 -39.68
CA ILE Z 560 -164.97 -107.24 -40.22
C ILE Z 560 -164.90 -106.44 -41.48
N HIS Z 561 -163.73 -105.80 -41.74
CA HIS Z 561 -163.58 -104.85 -42.80
C HIS Z 561 -162.91 -105.49 -43.98
N LYS Z 562 -162.44 -106.74 -43.81
CA LYS Z 562 -162.07 -107.63 -44.89
C LYS Z 562 -163.29 -108.10 -45.63
N LEU Z 563 -164.40 -108.36 -44.87
CA LEU Z 563 -165.70 -108.67 -45.39
C LEU Z 563 -166.28 -107.54 -46.21
N SER Z 564 -166.19 -106.29 -45.67
CA SER Z 564 -166.59 -105.07 -46.31
C SER Z 564 -166.54 -104.05 -45.21
N LYS Z 565 -165.99 -102.85 -45.53
CA LYS Z 565 -165.80 -101.76 -44.62
C LYS Z 565 -167.09 -101.15 -44.11
N THR Z 566 -168.14 -101.12 -44.98
CA THR Z 566 -169.38 -100.44 -44.67
C THR Z 566 -170.48 -101.40 -44.31
N LEU Z 567 -170.23 -102.73 -44.33
CA LEU Z 567 -171.24 -103.71 -44.02
C LEU Z 567 -170.77 -104.50 -42.84
N ASP Z 568 -171.73 -104.85 -41.95
CA ASP Z 568 -171.48 -105.59 -40.73
C ASP Z 568 -171.44 -107.06 -41.05
N SER Z 569 -170.84 -107.85 -40.15
CA SER Z 569 -170.80 -109.29 -40.23
C SER Z 569 -171.83 -109.86 -39.28
N GLY Z 570 -172.34 -109.00 -38.36
CA GLY Z 570 -173.36 -109.39 -37.43
C GLY Z 570 -173.59 -108.18 -36.58
N ALA Z 571 -174.72 -108.10 -35.86
CA ALA Z 571 -174.92 -106.98 -34.99
C ALA Z 571 -175.91 -107.40 -33.96
N LEU Z 572 -175.90 -106.68 -32.82
CA LEU Z 572 -176.79 -106.91 -31.72
C LEU Z 572 -177.50 -105.60 -31.53
N TYR Z 573 -178.82 -105.59 -31.85
CA TYR Z 573 -179.66 -104.42 -31.76
C TYR Z 573 -180.62 -104.66 -30.64
N SER Z 574 -181.01 -103.56 -29.96
CA SER Z 574 -182.04 -103.57 -28.97
C SER Z 574 -182.88 -102.38 -29.30
N HIS Z 575 -184.18 -102.59 -29.58
CA HIS Z 575 -185.10 -101.55 -29.96
C HIS Z 575 -186.24 -101.68 -28.99
N ILE Z 576 -186.89 -100.54 -28.68
CA ILE Z 576 -187.98 -100.46 -27.71
C ILE Z 576 -189.23 -101.02 -28.33
N ASN Z 577 -189.98 -101.86 -27.57
CA ASN Z 577 -191.31 -102.33 -27.94
C ASN Z 577 -192.26 -101.20 -27.69
N GLY Z 578 -192.94 -100.73 -28.76
CA GLY Z 578 -193.84 -99.59 -28.71
C GLY Z 578 -193.09 -98.33 -28.37
N GLY Z 579 -193.81 -97.35 -27.78
CA GLY Z 579 -193.26 -96.07 -27.37
C GLY Z 579 -192.23 -96.20 -26.28
N ALA Z 580 -191.41 -95.14 -26.11
CA ALA Z 580 -190.36 -95.04 -25.13
C ALA Z 580 -190.92 -94.97 -23.73
N GLY Z 581 -190.15 -95.47 -22.74
CA GLY Z 581 -190.53 -95.48 -21.34
C GLY Z 581 -191.37 -96.66 -20.97
N SER Z 582 -191.56 -97.63 -21.92
CA SER Z 582 -192.33 -98.83 -21.71
C SER Z 582 -191.68 -99.75 -20.71
N GLY Z 583 -190.34 -99.83 -20.73
CA GLY Z 583 -189.55 -100.68 -19.87
C GLY Z 583 -189.38 -102.05 -20.45
N SER Z 584 -189.89 -102.28 -21.68
CA SER Z 584 -189.82 -103.54 -22.38
C SER Z 584 -189.21 -103.20 -23.71
N ALA Z 585 -188.14 -103.94 -24.08
CA ALA Z 585 -187.43 -103.72 -25.32
C ALA Z 585 -187.04 -105.09 -25.80
N TYR Z 586 -187.19 -105.32 -27.13
CA TYR Z 586 -186.89 -106.56 -27.77
C TYR Z 586 -185.49 -106.49 -28.29
N THR Z 587 -184.71 -107.57 -28.07
CA THR Z 587 -183.32 -107.65 -28.46
C THR Z 587 -183.28 -108.66 -29.56
N GLN Z 588 -182.64 -108.29 -30.69
CA GLN Z 588 -182.55 -109.14 -31.85
C GLN Z 588 -181.10 -109.34 -32.16
N LEU Z 589 -180.77 -110.55 -32.64
CA LEU Z 589 -179.45 -110.92 -33.06
C LEU Z 589 -179.53 -111.11 -34.54
N THR Z 590 -178.75 -110.31 -35.29
CA THR Z 590 -178.87 -110.20 -36.73
C THR Z 590 -177.61 -110.75 -37.35
N ALA Z 591 -177.74 -111.23 -38.61
CA ALA Z 591 -176.64 -111.71 -39.40
C ALA Z 591 -176.88 -111.21 -40.79
N ILE Z 592 -175.80 -111.11 -41.59
CA ILE Z 592 -175.85 -110.57 -42.93
C ILE Z 592 -175.97 -111.74 -43.88
N SER Z 593 -176.81 -111.60 -44.92
CA SER Z 593 -176.96 -112.61 -45.93
C SER Z 593 -177.20 -111.89 -47.22
N GLY Z 594 -176.51 -112.31 -48.31
CA GLY Z 594 -176.68 -111.77 -49.63
C GLY Z 594 -176.02 -110.42 -49.82
N SER Z 595 -175.28 -109.94 -48.79
CA SER Z 595 -174.64 -108.65 -48.70
C SER Z 595 -175.65 -107.60 -48.29
N THR Z 596 -176.77 -108.03 -47.67
CA THR Z 596 -177.80 -107.16 -47.18
C THR Z 596 -177.84 -107.37 -45.68
N PRO Z 597 -177.48 -106.40 -44.83
CA PRO Z 597 -177.53 -106.55 -43.38
C PRO Z 597 -178.94 -106.76 -42.87
N ASP Z 598 -179.06 -107.50 -41.75
CA ASP Z 598 -180.29 -107.79 -41.03
C ASP Z 598 -181.28 -108.54 -41.88
N ALA Z 599 -180.76 -109.42 -42.76
CA ALA Z 599 -181.55 -110.26 -43.63
C ALA Z 599 -182.16 -111.39 -42.86
N VAL Z 600 -181.33 -112.03 -42.00
CA VAL Z 600 -181.71 -113.17 -41.19
C VAL Z 600 -181.49 -112.74 -39.78
N SER Z 601 -182.51 -112.94 -38.91
CA SER Z 601 -182.44 -112.50 -37.55
C SER Z 601 -183.11 -113.51 -36.68
N LEU Z 602 -182.70 -113.53 -35.39
CA LEU Z 602 -183.30 -114.30 -34.34
C LEU Z 602 -183.72 -113.25 -33.35
N LYS Z 603 -185.05 -113.03 -33.20
CA LYS Z 603 -185.59 -112.02 -32.32
C LYS Z 603 -186.00 -112.68 -31.05
N VAL Z 604 -185.81 -112.00 -29.90
CA VAL Z 604 -186.19 -112.49 -28.60
C VAL Z 604 -187.12 -111.43 -28.08
N ASN Z 605 -188.29 -111.85 -27.54
CA ASN Z 605 -189.34 -111.02 -26.98
C ASN Z 605 -189.95 -110.15 -28.05
N HIS Z 606 -190.18 -110.72 -29.26
CA HIS Z 606 -190.65 -110.02 -30.43
C HIS Z 606 -192.06 -109.51 -30.27
N LYS Z 607 -192.19 -108.18 -30.08
CA LYS Z 607 -193.43 -107.47 -29.86
C LYS Z 607 -194.17 -107.95 -28.65
N ASP Z 608 -193.45 -108.10 -27.51
CA ASP Z 608 -193.96 -108.48 -26.22
C ASP Z 608 -194.60 -109.84 -26.21
N CYS Z 609 -193.93 -110.87 -26.79
CA CYS Z 609 -194.48 -112.20 -26.86
C CYS Z 609 -193.83 -113.11 -25.85
N ARG Z 610 -192.60 -112.75 -25.41
CA ARG Z 610 -191.76 -113.53 -24.52
C ARG Z 610 -191.40 -114.88 -25.11
N GLY Z 611 -191.06 -114.89 -26.41
CA GLY Z 611 -190.70 -116.10 -27.11
C GLY Z 611 -189.70 -115.71 -28.16
N ALA Z 612 -188.90 -116.70 -28.60
CA ALA Z 612 -187.83 -116.50 -29.55
C ALA Z 612 -188.34 -116.87 -30.92
N GLU Z 613 -187.98 -116.06 -31.94
CA GLU Z 613 -188.31 -116.29 -33.32
C GLU Z 613 -187.18 -117.10 -33.88
N ILE Z 614 -187.52 -118.28 -34.44
CA ILE Z 614 -186.57 -119.26 -34.90
C ILE Z 614 -186.61 -119.17 -36.41
N PRO Z 615 -185.60 -118.65 -37.11
CA PRO Z 615 -185.56 -118.61 -38.56
C PRO Z 615 -185.38 -119.99 -39.15
N PHE Z 616 -185.71 -120.16 -40.44
CA PHE Z 616 -185.60 -121.42 -41.12
C PHE Z 616 -185.29 -121.13 -42.56
N VAL Z 617 -184.71 -122.13 -43.27
CA VAL Z 617 -184.33 -122.07 -44.67
C VAL Z 617 -185.59 -121.92 -45.50
N PRO Z 618 -185.74 -121.03 -46.47
CA PRO Z 618 -186.98 -120.85 -47.22
C PRO Z 618 -187.18 -121.95 -48.25
N ASP Z 619 -186.18 -122.83 -48.43
CA ASP Z 619 -186.16 -123.90 -49.39
C ASP Z 619 -185.67 -125.08 -48.61
N ILE Z 620 -185.53 -126.26 -49.28
CA ILE Z 620 -185.04 -127.49 -48.68
C ILE Z 620 -183.59 -127.28 -48.25
N ALA Z 621 -183.25 -127.73 -47.02
CA ALA Z 621 -181.93 -127.61 -46.45
C ALA Z 621 -180.93 -128.45 -47.20
N SER Z 622 -179.67 -127.95 -47.27
CA SER Z 622 -178.57 -128.63 -47.90
C SER Z 622 -177.84 -129.34 -46.80
N ASP Z 623 -176.99 -130.31 -47.17
CA ASP Z 623 -176.27 -131.13 -46.24
C ASP Z 623 -174.90 -130.54 -46.02
N ASP Z 624 -174.61 -129.38 -46.65
CA ASP Z 624 -173.38 -128.65 -46.49
C ASP Z 624 -173.66 -127.43 -45.65
N PHE Z 625 -174.97 -127.12 -45.41
CA PHE Z 625 -175.38 -126.02 -44.57
C PHE Z 625 -175.10 -126.35 -43.13
N ILE Z 626 -175.43 -127.59 -42.72
CA ILE Z 626 -175.26 -128.07 -41.38
C ILE Z 626 -174.18 -129.10 -41.45
N LYS Z 627 -173.22 -128.99 -40.51
CA LYS Z 627 -172.05 -129.85 -40.42
C LYS Z 627 -171.73 -129.96 -38.96
N ASP Z 628 -172.68 -129.58 -38.08
CA ASP Z 628 -172.49 -129.55 -36.65
C ASP Z 628 -173.28 -130.70 -36.11
N SER Z 629 -172.57 -131.68 -35.49
CA SER Z 629 -173.18 -132.81 -34.82
C SER Z 629 -173.96 -132.35 -33.63
N SER Z 630 -175.12 -133.02 -33.41
CA SER Z 630 -176.06 -132.77 -32.35
C SER Z 630 -176.68 -131.38 -32.45
N CYS Z 631 -177.11 -131.00 -33.68
CA CYS Z 631 -177.77 -129.75 -33.97
C CYS Z 631 -178.76 -130.05 -35.05
N PHE Z 632 -179.81 -129.21 -35.21
CA PHE Z 632 -180.83 -129.42 -36.22
C PHE Z 632 -181.13 -128.08 -36.83
N LEU Z 633 -181.32 -128.08 -38.16
CA LEU Z 633 -181.56 -126.91 -38.95
C LEU Z 633 -182.95 -127.06 -39.53
N PRO Z 634 -183.96 -126.28 -39.13
CA PRO Z 634 -185.29 -126.32 -39.72
C PRO Z 634 -185.26 -125.78 -41.13
N TYR Z 635 -186.21 -126.23 -41.98
CA TYR Z 635 -186.28 -125.83 -43.36
C TYR Z 635 -187.73 -125.89 -43.77
N TRP Z 636 -188.05 -125.25 -44.92
CA TRP Z 636 -189.40 -125.13 -45.38
C TRP Z 636 -189.55 -125.97 -46.61
N GLU Z 637 -190.77 -126.53 -46.77
CA GLU Z 637 -191.18 -127.23 -47.95
C GLU Z 637 -192.57 -126.72 -48.19
N ASN Z 638 -192.78 -126.10 -49.38
CA ASN Z 638 -193.95 -125.33 -49.71
C ASN Z 638 -195.16 -126.20 -49.96
N ASN Z 639 -194.98 -127.34 -50.68
CA ASN Z 639 -196.04 -128.24 -51.07
C ASN Z 639 -196.68 -128.93 -49.90
N SER Z 640 -195.88 -129.36 -48.90
CA SER Z 640 -196.38 -129.96 -47.67
C SER Z 640 -197.11 -128.93 -46.82
N THR Z 641 -196.57 -127.69 -46.75
CA THR Z 641 -196.96 -126.64 -45.83
C THR Z 641 -196.70 -127.11 -44.42
N SER Z 642 -195.49 -127.65 -44.19
CA SER Z 642 -195.10 -128.23 -42.92
C SER Z 642 -193.64 -127.98 -42.73
N LEU Z 643 -193.23 -127.69 -41.47
CA LEU Z 643 -191.85 -127.52 -41.08
C LEU Z 643 -191.24 -128.89 -41.03
N LYS Z 644 -190.01 -129.02 -41.55
CA LYS Z 644 -189.26 -130.25 -41.51
C LYS Z 644 -187.87 -129.80 -41.16
N ALA Z 645 -187.15 -130.61 -40.36
CA ALA Z 645 -185.84 -130.24 -39.87
C ALA Z 645 -184.88 -131.31 -40.23
N LEU Z 646 -183.76 -130.89 -40.87
CA LEU Z 646 -182.63 -131.74 -41.17
C LEU Z 646 -181.84 -131.79 -39.90
N VAL Z 647 -181.66 -133.02 -39.36
CA VAL Z 647 -181.10 -133.23 -38.07
C VAL Z 647 -179.81 -133.93 -38.35
N LYS Z 648 -178.70 -133.39 -37.79
CA LYS Z 648 -177.44 -134.06 -37.75
C LYS Z 648 -177.32 -134.53 -36.34
N LYS Z 649 -177.37 -135.86 -36.15
CA LYS Z 649 -177.42 -136.54 -34.88
C LYS Z 649 -176.07 -136.44 -34.18
N PRO Z 650 -175.95 -136.80 -32.90
CA PRO Z 650 -174.66 -136.92 -32.21
C PRO Z 650 -173.92 -138.14 -32.71
N ASN Z 651 -174.57 -138.97 -33.56
CA ASN Z 651 -173.98 -140.11 -34.22
C ASN Z 651 -173.18 -139.66 -35.41
N GLY Z 652 -173.39 -138.39 -35.85
CA GLY Z 652 -172.69 -137.79 -36.97
C GLY Z 652 -173.33 -138.12 -38.27
N GLU Z 653 -174.55 -138.69 -38.25
CA GLU Z 653 -175.26 -139.13 -39.42
C GLU Z 653 -176.50 -138.28 -39.55
N LEU Z 654 -176.88 -137.98 -40.80
CA LEU Z 654 -177.98 -137.11 -41.12
C LEU Z 654 -179.24 -137.93 -41.24
N VAL Z 655 -180.36 -137.37 -40.71
CA VAL Z 655 -181.67 -137.97 -40.79
C VAL Z 655 -182.62 -136.81 -40.94
N ARG Z 656 -183.68 -136.96 -41.77
CA ARG Z 656 -184.65 -135.91 -42.01
C ARG Z 656 -185.90 -136.35 -41.32
N LEU Z 657 -186.32 -135.57 -40.31
CA LEU Z 657 -187.47 -135.82 -39.50
C LEU Z 657 -188.38 -134.65 -39.70
N THR Z 658 -189.72 -134.83 -39.54
CA THR Z 658 -190.69 -133.79 -39.70
C THR Z 658 -190.82 -133.07 -38.38
N LEU Z 659 -190.49 -131.76 -38.37
CA LEU Z 659 -190.43 -130.92 -37.21
C LEU Z 659 -191.82 -130.55 -36.72
N ALA Z 660 -192.76 -130.25 -37.64
CA ALA Z 660 -194.10 -129.92 -37.27
C ALA Z 660 -194.99 -130.41 -38.38
N THR Z 661 -196.23 -130.79 -38.02
CA THR Z 661 -197.18 -131.38 -38.92
C THR Z 661 -198.38 -130.47 -39.02
N LEU Z 662 -198.97 -130.40 -40.23
CA LEU Z 662 -200.15 -129.62 -40.50
C LEU Z 662 -201.38 -130.41 -40.06
N ALA AA 1 -93.07 -46.62 -14.22
CA ALA AA 1 -94.16 -47.58 -13.92
C ALA AA 1 -95.06 -47.07 -12.84
N ASN AA 2 -96.16 -47.83 -12.59
CA ASN AA 2 -97.18 -47.52 -11.62
C ASN AA 2 -96.65 -47.66 -10.21
N VAL AA 3 -95.86 -48.75 -9.99
CA VAL AA 3 -95.27 -49.06 -8.72
C VAL AA 3 -93.79 -49.01 -8.98
N VAL AA 4 -93.08 -48.17 -8.20
CA VAL AA 4 -91.70 -47.84 -8.41
C VAL AA 4 -91.12 -47.68 -7.03
N VAL AA 5 -89.77 -47.73 -6.92
CA VAL AA 5 -89.07 -47.38 -5.71
C VAL AA 5 -88.80 -45.92 -5.83
N SER AA 6 -88.96 -45.17 -4.71
CA SER AA 6 -88.90 -43.72 -4.82
C SER AA 6 -88.62 -43.10 -3.49
N ASN AA 7 -88.21 -41.82 -3.56
CA ASN AA 7 -88.17 -40.90 -2.46
C ASN AA 7 -89.34 -39.99 -2.76
N PRO AA 8 -90.48 -40.09 -2.07
CA PRO AA 8 -91.66 -39.32 -2.42
C PRO AA 8 -91.69 -38.05 -1.60
N ARG AA 9 -90.62 -37.76 -0.82
CA ARG AA 9 -90.49 -36.53 -0.06
C ARG AA 9 -90.38 -35.36 -1.02
N PRO AA 10 -90.94 -34.17 -0.73
CA PRO AA 10 -90.93 -33.00 -1.61
C PRO AA 10 -89.59 -32.64 -2.18
N ILE AA 11 -89.55 -32.10 -3.41
CA ILE AA 11 -88.34 -31.59 -3.99
C ILE AA 11 -88.76 -30.40 -4.80
N PHE AA 12 -88.00 -29.30 -4.69
CA PHE AA 12 -88.35 -28.05 -5.31
C PHE AA 12 -87.08 -27.44 -5.79
N THR AA 13 -87.14 -26.90 -7.03
CA THR AA 13 -86.12 -26.10 -7.65
C THR AA 13 -86.92 -25.02 -8.32
N GLU AA 14 -86.26 -23.93 -8.78
CA GLU AA 14 -86.91 -22.85 -9.49
C GLU AA 14 -87.49 -23.35 -10.79
N SER AA 15 -88.55 -22.67 -11.28
CA SER AA 15 -89.25 -23.05 -12.48
C SER AA 15 -88.40 -22.99 -13.72
N ARG AA 16 -87.50 -21.97 -13.83
CA ARG AA 16 -86.70 -21.72 -15.02
C ARG AA 16 -85.22 -21.82 -14.72
N SER AA 17 -84.84 -22.30 -13.52
CA SER AA 17 -83.44 -22.33 -13.13
C SER AA 17 -83.26 -23.49 -12.20
N PHE AA 18 -82.00 -23.97 -12.07
CA PHE AA 18 -81.63 -25.07 -11.23
C PHE AA 18 -80.94 -24.44 -10.05
N LYS AA 19 -81.64 -24.42 -8.89
CA LYS AA 19 -81.12 -23.78 -7.71
C LYS AA 19 -81.90 -24.39 -6.58
N ALA AA 20 -81.27 -24.50 -5.38
CA ALA AA 20 -81.87 -24.97 -4.16
C ALA AA 20 -82.93 -24.02 -3.68
N VAL AA 21 -83.96 -24.57 -2.99
CA VAL AA 21 -85.03 -23.80 -2.41
C VAL AA 21 -84.83 -24.00 -0.94
N ALA AA 22 -84.48 -22.90 -0.23
CA ALA AA 22 -84.16 -22.94 1.17
C ALA AA 22 -84.79 -21.76 1.82
N ASN AA 23 -85.25 -21.97 3.08
CA ASN AA 23 -85.85 -21.01 3.98
C ASN AA 23 -87.02 -20.31 3.35
N GLY AA 24 -87.92 -21.10 2.72
CA GLY AA 24 -89.07 -20.61 2.02
C GLY AA 24 -90.28 -20.75 2.88
N LYS AA 25 -91.41 -20.21 2.37
CA LYS AA 25 -92.70 -20.31 3.00
C LYS AA 25 -93.61 -20.77 1.91
N ILE AA 26 -94.45 -21.80 2.22
CA ILE AA 26 -95.38 -22.35 1.28
C ILE AA 26 -96.71 -22.09 1.92
N TYR AA 27 -97.57 -21.37 1.17
CA TYR AA 27 -98.86 -20.96 1.65
C TYR AA 27 -99.84 -21.83 0.94
N ILE AA 28 -100.76 -22.44 1.71
CA ILE AA 28 -101.77 -23.33 1.20
C ILE AA 28 -103.03 -22.55 1.43
N GLY AA 29 -103.98 -22.61 0.47
CA GLY AA 29 -105.12 -21.74 0.51
C GLY AA 29 -106.27 -22.35 -0.20
N GLN AA 30 -107.35 -21.55 -0.33
CA GLN AA 30 -108.63 -21.91 -0.87
C GLN AA 30 -108.54 -22.13 -2.36
N ILE AA 31 -109.67 -22.59 -2.95
CA ILE AA 31 -109.79 -22.92 -4.35
C ILE AA 31 -110.06 -21.61 -5.06
N ASP AA 32 -109.30 -21.33 -6.15
CA ASP AA 32 -109.36 -20.12 -6.97
C ASP AA 32 -109.07 -18.87 -6.18
N THR AA 33 -107.97 -18.88 -5.38
CA THR AA 33 -107.54 -17.73 -4.63
C THR AA 33 -106.04 -17.71 -4.74
N ASP AA 34 -105.43 -16.58 -4.31
CA ASP AA 34 -104.00 -16.44 -4.20
C ASP AA 34 -103.77 -16.76 -2.75
N PRO AA 35 -102.99 -17.78 -2.37
CA PRO AA 35 -102.78 -18.15 -0.97
C PRO AA 35 -101.82 -17.20 -0.30
N VAL AA 36 -101.23 -16.24 -1.05
CA VAL AA 36 -100.25 -15.29 -0.58
C VAL AA 36 -100.86 -14.42 0.50
N ASN AA 37 -102.13 -14.00 0.31
CA ASN AA 37 -102.91 -13.24 1.27
C ASN AA 37 -103.17 -14.11 2.49
N PRO AA 38 -103.10 -13.63 3.73
CA PRO AA 38 -103.26 -14.46 4.91
C PRO AA 38 -104.71 -14.77 5.20
N ALA AA 39 -105.66 -14.11 4.50
CA ALA AA 39 -107.08 -14.29 4.72
C ALA AA 39 -107.63 -15.24 3.69
N ASN AA 40 -106.76 -15.75 2.79
CA ASN AA 40 -107.14 -16.69 1.75
C ASN AA 40 -106.46 -18.00 2.03
N GLN AA 41 -105.77 -18.14 3.20
CA GLN AA 41 -105.09 -19.36 3.57
C GLN AA 41 -106.05 -20.23 4.32
N ILE AA 42 -105.73 -21.55 4.38
CA ILE AA 42 -106.51 -22.55 5.07
C ILE AA 42 -105.50 -23.33 5.89
N PRO AA 43 -105.90 -24.06 6.95
CA PRO AA 43 -105.00 -24.89 7.75
C PRO AA 43 -104.34 -25.98 6.95
N VAL AA 44 -103.12 -26.37 7.35
CA VAL AA 44 -102.34 -27.39 6.68
C VAL AA 44 -102.34 -28.58 7.59
N TYR AA 45 -102.46 -29.78 6.99
CA TYR AA 45 -102.53 -31.04 7.68
C TYR AA 45 -101.33 -31.82 7.27
N ILE AA 46 -100.73 -32.56 8.23
CA ILE AA 46 -99.63 -33.44 7.97
C ILE AA 46 -100.24 -34.80 8.04
N GLU AA 47 -99.89 -35.68 7.08
CA GLU AA 47 -100.23 -37.08 7.13
C GLU AA 47 -99.04 -37.70 7.77
N ASN AA 48 -99.22 -38.17 9.02
CA ASN AA 48 -98.20 -38.81 9.81
C ASN AA 48 -98.03 -40.21 9.29
N GLU AA 49 -96.88 -40.83 9.61
CA GLU AA 49 -96.58 -42.18 9.21
C GLU AA 49 -97.06 -43.13 10.28
N ASP AA 50 -97.88 -42.62 11.22
CA ASP AA 50 -98.62 -43.37 12.20
C ASP AA 50 -100.05 -43.47 11.72
N GLY AA 51 -100.40 -42.77 10.61
CA GLY AA 51 -101.70 -42.85 10.00
C GLY AA 51 -102.72 -41.95 10.64
N SER AA 52 -102.28 -40.78 11.17
CA SER AA 52 -103.16 -39.83 11.83
C SER AA 52 -102.88 -38.49 11.21
N HIS AA 53 -103.84 -37.54 11.34
CA HIS AA 53 -103.68 -36.18 10.87
C HIS AA 53 -103.50 -35.29 12.06
N VAL AA 54 -102.56 -34.33 11.95
CA VAL AA 54 -102.31 -33.32 12.95
C VAL AA 54 -102.35 -32.02 12.19
N GLN AA 55 -102.93 -30.96 12.81
CA GLN AA 55 -103.07 -29.65 12.19
C GLN AA 55 -101.91 -28.82 12.64
N ILE AA 56 -101.31 -28.07 11.69
CA ILE AA 56 -100.14 -27.26 11.90
C ILE AA 56 -100.40 -25.91 11.30
N THR AA 57 -99.47 -24.95 11.59
CA THR AA 57 -99.49 -23.59 11.12
C THR AA 57 -99.41 -23.51 9.62
N GLN AA 58 -100.04 -22.46 9.05
CA GLN AA 58 -100.22 -22.25 7.64
C GLN AA 58 -98.93 -22.06 6.84
N PRO AA 59 -97.90 -21.28 7.19
CA PRO AA 59 -96.67 -21.21 6.41
C PRO AA 59 -95.83 -22.44 6.71
N LEU AA 60 -95.22 -23.04 5.66
CA LEU AA 60 -94.47 -24.26 5.74
C LEU AA 60 -93.02 -23.95 5.52
N ILE AA 61 -92.15 -24.39 6.45
CA ILE AA 61 -90.73 -24.14 6.43
C ILE AA 61 -90.10 -25.18 5.54
N ILE AA 62 -89.06 -24.77 4.77
CA ILE AA 62 -88.40 -25.59 3.79
C ILE AA 62 -86.95 -25.53 4.21
N ASN AA 63 -86.29 -26.70 4.35
CA ASN AA 63 -84.87 -26.81 4.58
C ASN AA 63 -84.13 -26.56 3.29
N ALA AA 64 -82.80 -26.81 3.25
CA ALA AA 64 -82.01 -26.67 2.04
C ALA AA 64 -81.98 -28.00 1.37
N ALA AA 65 -82.90 -28.17 0.40
CA ALA AA 65 -82.99 -29.32 -0.45
C ALA AA 65 -84.11 -28.97 -1.40
N GLY AA 66 -85.24 -28.47 -0.83
CA GLY AA 66 -86.54 -28.50 -1.45
C GLY AA 66 -87.46 -29.41 -0.70
N LYS AA 67 -87.09 -29.82 0.53
CA LYS AA 67 -87.85 -30.77 1.31
C LYS AA 67 -88.52 -29.96 2.38
N ILE AA 68 -89.82 -30.24 2.64
CA ILE AA 68 -90.61 -29.54 3.62
C ILE AA 68 -90.33 -30.20 4.95
N VAL AA 69 -90.11 -29.36 5.99
CA VAL AA 69 -89.74 -29.78 7.30
C VAL AA 69 -90.66 -29.05 8.24
N TYR AA 70 -91.16 -29.75 9.27
CA TYR AA 70 -91.89 -29.13 10.33
C TYR AA 70 -91.63 -29.98 11.54
N ASN AA 71 -91.48 -29.33 12.72
CA ASN AA 71 -91.07 -29.91 13.99
C ASN AA 71 -89.67 -30.48 13.95
N GLY AA 72 -88.84 -30.07 12.95
CA GLY AA 72 -87.51 -30.61 12.77
C GLY AA 72 -87.53 -31.96 12.09
N GLN AA 73 -88.69 -32.38 11.55
CA GLN AA 73 -88.87 -33.69 10.96
C GLN AA 73 -89.41 -33.47 9.58
N LEU AA 74 -89.09 -34.39 8.64
CA LEU AA 74 -89.62 -34.35 7.30
C LEU AA 74 -91.04 -34.82 7.33
N VAL AA 75 -91.96 -33.98 6.78
CA VAL AA 75 -93.38 -34.14 6.91
C VAL AA 75 -93.98 -34.22 5.54
N LYS AA 76 -95.11 -34.98 5.45
CA LYS AA 76 -95.88 -35.13 4.23
C LYS AA 76 -96.98 -34.10 4.34
N ILE AA 77 -97.14 -33.24 3.32
CA ILE AA 77 -98.11 -32.18 3.32
C ILE AA 77 -99.30 -32.63 2.52
N VAL AA 78 -100.48 -32.63 3.18
CA VAL AA 78 -101.72 -33.12 2.62
C VAL AA 78 -102.76 -32.08 2.92
N THR AA 79 -103.82 -32.03 2.08
CA THR AA 79 -104.93 -31.12 2.26
C THR AA 79 -106.12 -31.92 1.81
N VAL AA 80 -107.23 -31.85 2.56
CA VAL AA 80 -108.46 -32.58 2.35
C VAL AA 80 -109.13 -32.15 1.07
N GLN AA 81 -109.14 -30.83 0.81
CA GLN AA 81 -109.74 -30.21 -0.35
C GLN AA 81 -108.63 -29.81 -1.29
N GLY AA 82 -109.02 -29.43 -2.55
CA GLY AA 82 -108.13 -28.82 -3.52
C GLY AA 82 -107.62 -27.51 -2.99
N HIS AA 83 -106.44 -27.07 -3.46
CA HIS AA 83 -105.81 -25.93 -2.86
C HIS AA 83 -104.87 -25.29 -3.82
N SER AA 84 -104.62 -23.98 -3.59
CA SER AA 84 -103.64 -23.20 -4.29
C SER AA 84 -102.36 -23.24 -3.48
N MET AA 85 -101.22 -23.38 -4.18
CA MET AA 85 -99.92 -23.53 -3.57
C MET AA 85 -99.02 -22.51 -4.20
N ALA AA 86 -98.44 -21.61 -3.36
CA ALA AA 86 -97.45 -20.65 -3.81
C ALA AA 86 -96.22 -20.92 -3.01
N ILE AA 87 -95.16 -21.41 -3.70
CA ILE AA 87 -93.90 -21.80 -3.10
C ILE AA 87 -92.99 -20.61 -3.24
N TYR AA 88 -92.27 -20.28 -2.14
CA TYR AA 88 -91.35 -19.17 -2.10
C TYR AA 88 -90.07 -19.72 -1.57
N ASP AA 89 -89.00 -18.92 -1.70
CA ASP AA 89 -87.66 -19.23 -1.27
C ASP AA 89 -87.22 -18.08 -0.40
N ALA AA 90 -85.90 -18.02 -0.08
CA ALA AA 90 -85.33 -17.00 0.78
C ALA AA 90 -85.17 -15.69 0.06
N ASN AA 91 -85.21 -15.71 -1.29
CA ASN AA 91 -85.10 -14.54 -2.12
C ASN AA 91 -86.44 -13.85 -2.24
N GLY AA 92 -87.54 -14.56 -1.89
CA GLY AA 92 -88.88 -14.05 -1.96
C GLY AA 92 -89.45 -14.16 -3.35
N SER AA 93 -88.69 -14.80 -4.28
CA SER AA 93 -89.08 -15.03 -5.64
C SER AA 93 -90.02 -16.19 -5.70
N GLN AA 94 -90.89 -16.21 -6.74
CA GLN AA 94 -91.85 -17.27 -6.96
C GLN AA 94 -91.09 -18.45 -7.50
N VAL AA 95 -91.24 -19.61 -6.82
CA VAL AA 95 -90.57 -20.83 -7.20
C VAL AA 95 -91.49 -21.54 -8.16
N ASP AA 96 -92.61 -22.11 -7.65
CA ASP AA 96 -93.63 -22.72 -8.47
C ASP AA 96 -94.95 -22.24 -7.96
N TYR AA 97 -95.92 -22.06 -8.89
CA TYR AA 97 -97.26 -21.64 -8.58
C TYR AA 97 -98.16 -22.70 -9.17
N ILE AA 98 -99.10 -23.20 -8.33
CA ILE AA 98 -100.11 -24.17 -8.70
C ILE AA 98 -101.38 -23.47 -8.33
N ALA AA 99 -102.24 -23.18 -9.35
CA ALA AA 99 -103.49 -22.51 -9.17
C ALA AA 99 -104.49 -23.34 -8.41
N ASN AA 100 -104.65 -24.63 -8.79
CA ASN AA 100 -105.50 -25.57 -8.10
C ASN AA 100 -104.99 -26.94 -8.45
N VAL AA 101 -105.46 -27.97 -7.71
CA VAL AA 101 -105.05 -29.34 -7.90
C VAL AA 101 -105.82 -29.91 -9.07
N LEU AA 102 -107.16 -29.70 -9.08
CA LEU AA 102 -108.00 -30.10 -10.19
C LEU AA 102 -109.38 -29.53 -10.01
N LYS AA 103 -109.66 -28.85 -8.87
CA LYS AA 103 -110.98 -28.41 -8.50
C LYS AA 103 -111.15 -26.96 -8.82
N TYR AA 104 -112.42 -26.51 -8.91
CA TYR AA 104 -112.78 -25.14 -9.16
C TYR AA 104 -113.95 -24.88 -8.26
N ASP AA 105 -114.33 -23.59 -8.09
CA ASP AA 105 -115.33 -23.18 -7.11
C ASP AA 105 -116.72 -23.72 -7.42
N PRO AA 106 -117.31 -23.70 -8.61
CA PRO AA 106 -118.69 -24.15 -8.76
C PRO AA 106 -118.68 -25.61 -9.15
N ASP AA 107 -117.56 -26.11 -9.73
CA ASP AA 107 -117.48 -27.45 -10.25
C ASP AA 107 -117.21 -28.43 -9.14
N GLN AA 108 -116.23 -28.11 -8.26
CA GLN AA 108 -115.49 -29.04 -7.42
C GLN AA 108 -115.03 -30.21 -8.26
N TYR AA 109 -115.14 -31.45 -7.73
CA TYR AA 109 -115.69 -32.50 -8.54
C TYR AA 109 -116.16 -33.52 -7.55
N SER AA 110 -115.23 -34.08 -6.75
CA SER AA 110 -115.42 -35.31 -6.03
C SER AA 110 -116.30 -35.16 -4.82
N ILE AA 111 -116.49 -33.91 -4.32
CA ILE AA 111 -117.34 -33.60 -3.20
C ILE AA 111 -118.79 -33.95 -3.49
N GLU AA 112 -119.30 -33.49 -4.65
CA GLU AA 112 -120.64 -33.79 -5.12
C GLU AA 112 -120.71 -35.15 -5.78
N ALA AA 113 -119.56 -35.66 -6.30
CA ALA AA 113 -119.54 -36.84 -7.13
C ALA AA 113 -119.66 -38.09 -6.32
N ASP AA 114 -119.10 -38.11 -5.09
CA ASP AA 114 -119.16 -39.24 -4.18
C ASP AA 114 -120.56 -39.59 -3.75
N LYS AA 115 -121.53 -38.64 -3.83
CA LYS AA 115 -122.92 -38.89 -3.54
C LYS AA 115 -123.60 -39.61 -4.66
N LYS AA 116 -123.32 -39.21 -5.92
CA LYS AA 116 -123.98 -39.73 -7.09
C LYS AA 116 -123.27 -40.89 -7.71
N PHE AA 117 -122.08 -41.31 -7.20
CA PHE AA 117 -121.42 -42.52 -7.63
C PHE AA 117 -122.10 -43.70 -7.00
N LYS AA 118 -122.06 -44.86 -7.69
CA LYS AA 118 -122.49 -46.13 -7.14
C LYS AA 118 -121.36 -46.66 -6.32
N TYR AA 119 -121.65 -47.04 -5.06
CA TYR AA 119 -120.65 -47.46 -4.11
C TYR AA 119 -120.47 -48.95 -4.25
N SER AA 120 -119.21 -49.39 -4.42
CA SER AA 120 -118.87 -50.78 -4.32
C SER AA 120 -117.42 -50.80 -3.93
N VAL AA 121 -117.05 -51.81 -3.11
CA VAL AA 121 -115.67 -52.07 -2.76
C VAL AA 121 -115.33 -53.32 -3.52
N LYS AA 122 -114.07 -53.79 -3.39
CA LYS AA 122 -113.59 -54.94 -4.11
C LYS AA 122 -112.98 -55.85 -3.08
N LEU AA 123 -112.92 -57.15 -3.41
CA LEU AA 123 -112.36 -58.17 -2.57
C LEU AA 123 -110.85 -58.11 -2.59
N SER AA 124 -110.26 -57.41 -3.59
CA SER AA 124 -108.83 -57.25 -3.74
C SER AA 124 -108.37 -55.97 -3.07
N ASP AA 125 -109.29 -55.20 -2.46
CA ASP AA 125 -108.98 -53.97 -1.76
C ASP AA 125 -108.98 -54.25 -0.28
N TYR AA 126 -109.26 -55.51 0.11
CA TYR AA 126 -109.32 -55.93 1.50
C TYR AA 126 -108.70 -57.30 1.53
N PRO AA 127 -108.27 -57.83 2.68
CA PRO AA 127 -107.56 -59.09 2.72
C PRO AA 127 -108.54 -60.23 2.87
N THR AA 128 -109.80 -59.97 3.33
CA THR AA 128 -110.75 -61.00 3.63
C THR AA 128 -112.09 -60.53 3.12
N LEU AA 129 -113.05 -61.48 3.03
CA LEU AA 129 -114.41 -61.24 2.61
C LEU AA 129 -115.17 -60.55 3.71
N GLN AA 130 -114.78 -60.77 4.99
CA GLN AA 130 -115.38 -60.16 6.14
C GLN AA 130 -115.14 -58.67 6.18
N ASP AA 131 -113.92 -58.24 5.78
CA ASP AA 131 -113.54 -56.86 5.74
C ASP AA 131 -114.19 -56.15 4.58
N ALA AA 132 -114.33 -56.83 3.43
CA ALA AA 132 -114.93 -56.26 2.24
C ALA AA 132 -116.43 -56.17 2.34
N ALA AA 133 -117.06 -57.06 3.14
CA ALA AA 133 -118.49 -57.11 3.32
C ALA AA 133 -118.96 -56.05 4.27
N SER AA 134 -118.16 -55.78 5.33
CA SER AA 134 -118.46 -54.79 6.34
C SER AA 134 -118.17 -53.41 5.80
N ALA AA 135 -117.26 -53.31 4.78
CA ALA AA 135 -116.90 -52.07 4.15
C ALA AA 135 -117.77 -51.81 2.95
N ALA AA 136 -118.73 -52.72 2.66
CA ALA AA 136 -119.65 -52.60 1.56
C ALA AA 136 -120.94 -52.17 2.17
N VAL AA 137 -121.54 -51.09 1.63
CA VAL AA 137 -122.80 -50.55 2.13
C VAL AA 137 -123.80 -50.57 1.00
N ASP AA 138 -123.40 -51.06 -0.18
CA ASP AA 138 -124.28 -51.13 -1.32
C ASP AA 138 -123.78 -52.30 -2.13
N GLY AA 139 -122.71 -52.11 -2.93
CA GLY AA 139 -122.22 -53.12 -3.81
C GLY AA 139 -121.10 -53.85 -3.15
N LEU AA 140 -120.94 -55.12 -3.56
CA LEU AA 140 -119.88 -55.99 -3.13
C LEU AA 140 -119.49 -56.67 -4.40
N LEU AA 141 -118.18 -56.56 -4.77
CA LEU AA 141 -117.69 -57.06 -6.03
C LEU AA 141 -116.63 -58.05 -5.67
N ILE AA 142 -116.78 -59.26 -6.24
CA ILE AA 142 -115.90 -60.38 -6.05
C ILE AA 142 -115.17 -60.44 -7.35
N ASP AA 143 -113.88 -60.04 -7.33
CA ASP AA 143 -113.04 -59.96 -8.50
C ASP AA 143 -111.88 -60.91 -8.38
N ARG AA 144 -111.89 -61.77 -7.34
CA ARG AA 144 -110.86 -62.74 -7.13
C ARG AA 144 -111.49 -63.83 -6.31
N ASP AA 145 -110.83 -65.00 -6.26
CA ASP AA 145 -111.34 -66.17 -5.56
C ASP AA 145 -111.16 -65.99 -4.07
N TYR AA 146 -112.04 -66.64 -3.28
CA TYR AA 146 -112.02 -66.57 -1.84
C TYR AA 146 -112.00 -68.00 -1.39
N ASN AA 147 -111.11 -68.30 -0.41
CA ASN AA 147 -110.95 -69.61 0.18
C ASN AA 147 -111.74 -69.64 1.45
N PHE AA 148 -112.68 -70.60 1.55
CA PHE AA 148 -113.52 -70.78 2.71
C PHE AA 148 -113.51 -72.23 3.10
N TYR AA 149 -113.97 -72.48 4.34
CA TYR AA 149 -114.03 -73.78 4.95
C TYR AA 149 -115.38 -73.84 5.61
N GLY AA 150 -115.85 -75.05 5.97
CA GLY AA 150 -117.15 -75.27 6.55
C GLY AA 150 -117.25 -74.68 7.93
N GLY AA 151 -118.40 -74.05 8.24
CA GLY AA 151 -118.66 -73.47 9.54
C GLY AA 151 -118.08 -72.09 9.66
N GLU AA 152 -117.83 -71.41 8.51
CA GLU AA 152 -117.23 -70.10 8.46
C GLU AA 152 -118.33 -69.14 8.18
N THR AA 153 -118.66 -68.29 9.17
CA THR AA 153 -119.70 -67.30 9.06
C THR AA 153 -119.00 -66.00 8.78
N VAL AA 154 -119.43 -65.34 7.68
CA VAL AA 154 -119.02 -64.01 7.31
C VAL AA 154 -120.24 -63.17 7.52
N ASP AA 155 -120.19 -62.30 8.55
CA ASP AA 155 -121.13 -61.22 8.75
C ASP AA 155 -120.92 -60.16 7.71
N PHE AA 156 -122.01 -59.47 7.31
CA PHE AA 156 -121.96 -58.35 6.39
C PHE AA 156 -122.23 -57.11 7.20
N GLY AA 157 -122.42 -57.28 8.54
CA GLY AA 157 -122.99 -56.29 9.41
C GLY AA 157 -124.49 -56.41 9.40
N GLY AA 158 -125.03 -57.44 8.68
CA GLY AA 158 -126.43 -57.62 8.44
C GLY AA 158 -126.94 -56.76 7.33
N LYS AA 159 -126.03 -56.02 6.65
CA LYS AA 159 -126.31 -55.15 5.53
C LYS AA 159 -126.87 -55.88 4.34
N VAL AA 160 -127.77 -55.20 3.59
CA VAL AA 160 -128.37 -55.72 2.39
C VAL AA 160 -127.43 -55.32 1.28
N LEU AA 161 -126.89 -56.30 0.53
CA LEU AA 161 -125.90 -56.05 -0.48
C LEU AA 161 -126.29 -56.77 -1.74
N THR AA 162 -125.75 -56.27 -2.86
CA THR AA 162 -125.88 -56.85 -4.18
C THR AA 162 -124.51 -57.42 -4.44
N ILE AA 163 -124.42 -58.76 -4.53
CA ILE AA 163 -123.17 -59.47 -4.66
C ILE AA 163 -123.08 -59.86 -6.11
N GLU AA 164 -122.13 -59.24 -6.83
CA GLU AA 164 -121.91 -59.47 -8.23
C GLU AA 164 -120.67 -60.30 -8.27
N CYS AA 165 -120.82 -61.56 -8.73
CA CYS AA 165 -119.78 -62.56 -8.67
C CYS AA 165 -119.21 -62.68 -10.05
N LYS AA 166 -117.97 -62.20 -10.21
CA LYS AA 166 -117.21 -62.30 -11.44
C LYS AA 166 -116.06 -63.25 -11.26
N ALA AA 167 -116.00 -63.93 -10.10
CA ALA AA 167 -114.91 -64.83 -9.81
C ALA AA 167 -115.47 -65.90 -8.92
N LYS AA 168 -114.86 -67.11 -9.04
CA LYS AA 168 -115.29 -68.33 -8.40
C LYS AA 168 -115.19 -68.25 -6.90
N PHE AA 169 -116.10 -68.99 -6.23
CA PHE AA 169 -116.09 -69.22 -4.82
C PHE AA 169 -115.54 -70.61 -4.68
N ILE AA 170 -114.28 -70.71 -4.19
CA ILE AA 170 -113.54 -71.94 -4.13
C ILE AA 170 -113.42 -72.36 -2.69
N GLY AA 171 -113.61 -73.67 -2.42
CA GLY AA 171 -113.53 -74.16 -1.07
C GLY AA 171 -114.44 -75.33 -0.97
N ASP AA 172 -114.60 -75.84 0.26
CA ASP AA 172 -115.50 -76.93 0.54
C ASP AA 172 -116.21 -76.54 1.80
N GLY AA 173 -117.43 -77.09 1.99
CA GLY AA 173 -118.28 -76.81 3.12
C GLY AA 173 -118.91 -75.46 2.99
N ASN AA 174 -119.80 -75.13 3.96
CA ASN AA 174 -120.68 -73.99 3.88
C ASN AA 174 -119.93 -72.71 4.14
N LEU AA 175 -120.49 -71.60 3.61
CA LEU AA 175 -120.01 -70.27 3.84
C LEU AA 175 -121.29 -69.58 4.10
N ILE AA 176 -121.48 -69.13 5.37
CA ILE AA 176 -122.73 -68.66 5.88
C ILE AA 176 -122.74 -67.16 5.76
N PHE AA 177 -123.91 -66.57 5.41
CA PHE AA 177 -124.14 -65.14 5.49
C PHE AA 177 -125.33 -64.94 6.38
N THR AA 178 -125.08 -64.43 7.62
CA THR AA 178 -126.08 -64.25 8.65
C THR AA 178 -126.84 -62.95 8.51
N LYS AA 179 -128.14 -62.98 8.91
CA LYS AA 179 -128.99 -61.87 9.28
C LYS AA 179 -129.09 -60.77 8.24
N LEU AA 180 -129.40 -61.13 6.98
CA LEU AA 180 -129.51 -60.21 5.89
C LEU AA 180 -130.94 -59.79 5.75
N GLY AA 181 -131.17 -58.47 5.54
CA GLY AA 181 -132.48 -57.89 5.36
C GLY AA 181 -132.91 -58.05 3.92
N LYS AA 182 -134.04 -57.41 3.56
CA LYS AA 182 -134.87 -57.86 2.47
C LYS AA 182 -134.42 -57.14 1.23
N GLY AA 183 -134.22 -57.91 0.14
CA GLY AA 183 -133.88 -57.38 -1.17
C GLY AA 183 -132.49 -57.74 -1.56
N SER AA 184 -131.84 -58.68 -0.82
CA SER AA 184 -130.48 -59.12 -1.09
C SER AA 184 -130.48 -59.91 -2.37
N ARG AA 185 -129.44 -59.70 -3.21
CA ARG AA 185 -129.33 -60.34 -4.49
C ARG AA 185 -127.95 -60.91 -4.56
N ILE AA 186 -127.81 -62.06 -5.27
CA ILE AA 186 -126.53 -62.67 -5.55
C ILE AA 186 -126.73 -63.13 -6.97
N ALA AA 187 -125.72 -62.90 -7.85
CA ALA AA 187 -125.85 -63.25 -9.24
C ALA AA 187 -124.53 -63.79 -9.70
N GLY AA 188 -124.57 -64.64 -10.76
CA GLY AA 188 -123.42 -65.12 -11.49
C GLY AA 188 -122.44 -65.94 -10.71
N VAL AA 189 -122.91 -66.71 -9.70
CA VAL AA 189 -122.05 -67.36 -8.74
C VAL AA 189 -121.65 -68.72 -9.30
N PHE AA 190 -120.36 -69.09 -9.08
CA PHE AA 190 -119.78 -70.34 -9.50
C PHE AA 190 -119.21 -70.94 -8.25
N MET AA 191 -119.33 -72.28 -8.07
CA MET AA 191 -118.89 -72.97 -6.89
C MET AA 191 -118.01 -74.09 -7.35
N GLU AA 192 -116.71 -74.04 -6.98
CA GLU AA 192 -115.74 -75.04 -7.41
C GLU AA 192 -115.13 -75.61 -6.17
N SER AA 193 -114.88 -76.94 -6.16
CA SER AA 193 -114.24 -77.61 -5.06
C SER AA 193 -112.75 -77.60 -5.32
N THR AA 194 -111.96 -77.34 -4.25
CA THR AA 194 -110.52 -77.21 -4.31
C THR AA 194 -109.85 -78.57 -4.38
N THR AA 195 -110.59 -79.64 -4.02
CA THR AA 195 -110.13 -81.00 -4.04
C THR AA 195 -111.04 -81.66 -5.03
N THR AA 196 -110.48 -82.54 -5.90
CA THR AA 196 -111.24 -83.27 -6.89
C THR AA 196 -111.62 -84.58 -6.23
N PRO AA 197 -112.90 -84.92 -6.03
CA PRO AA 197 -113.27 -86.12 -5.29
C PRO AA 197 -113.30 -87.27 -6.25
N TRP AA 198 -113.50 -88.50 -5.70
CA TRP AA 198 -113.73 -89.68 -6.49
C TRP AA 198 -115.22 -89.73 -6.70
N VAL AA 199 -115.63 -90.00 -7.96
CA VAL AA 199 -117.01 -90.06 -8.35
C VAL AA 199 -117.19 -91.37 -9.05
N ILE AA 200 -118.44 -91.91 -8.97
CA ILE AA 200 -118.82 -93.15 -9.58
C ILE AA 200 -119.79 -92.82 -10.67
N LYS AA 201 -119.84 -93.71 -11.69
CA LYS AA 201 -120.69 -93.55 -12.83
C LYS AA 201 -121.34 -94.89 -13.01
N PRO AA 202 -122.59 -95.10 -12.61
CA PRO AA 202 -123.25 -96.37 -12.83
C PRO AA 202 -124.16 -96.21 -14.02
N TRP AA 203 -123.59 -95.83 -15.18
CA TRP AA 203 -124.30 -95.78 -16.43
C TRP AA 203 -123.27 -95.83 -17.52
N THR AA 204 -123.75 -95.90 -18.79
CA THR AA 204 -122.93 -96.13 -19.96
C THR AA 204 -123.05 -94.89 -20.83
N ASP AA 205 -122.45 -94.94 -22.04
CA ASP AA 205 -122.53 -93.87 -23.01
C ASP AA 205 -123.69 -94.12 -23.94
N ASP AA 206 -124.51 -95.17 -23.65
CA ASP AA 206 -125.74 -95.46 -24.33
C ASP AA 206 -126.88 -94.96 -23.45
N ASN AA 207 -126.54 -94.40 -22.26
CA ASN AA 207 -127.46 -93.84 -21.29
C ASN AA 207 -128.32 -94.94 -20.70
N GLN AA 208 -127.67 -96.07 -20.33
CA GLN AA 208 -128.31 -97.20 -19.70
C GLN AA 208 -127.49 -97.54 -18.49
N TRP AA 209 -128.19 -97.88 -17.37
CA TRP AA 209 -127.57 -98.19 -16.09
C TRP AA 209 -126.65 -99.38 -16.12
N LEU AA 210 -125.61 -99.33 -15.26
CA LEU AA 210 -124.75 -100.44 -14.95
C LEU AA 210 -125.30 -100.98 -13.67
N THR AA 211 -125.79 -102.25 -13.72
CA THR AA 211 -126.44 -102.90 -12.60
C THR AA 211 -125.48 -103.90 -12.00
N ASP AA 212 -124.28 -104.03 -12.61
CA ASP AA 212 -123.20 -104.85 -12.14
C ASP AA 212 -122.38 -103.90 -11.31
N ALA AA 213 -122.12 -104.26 -10.05
CA ALA AA 213 -121.42 -103.44 -9.09
C ALA AA 213 -119.96 -103.30 -9.40
N ALA AA 214 -119.36 -104.33 -10.03
CA ALA AA 214 -117.96 -104.33 -10.42
C ALA AA 214 -117.71 -103.37 -11.56
N ALA AA 215 -118.72 -103.19 -12.45
CA ALA AA 215 -118.65 -102.28 -13.57
C ALA AA 215 -118.67 -100.83 -13.16
N VAL AA 216 -119.30 -100.50 -11.99
CA VAL AA 216 -119.36 -99.15 -11.47
C VAL AA 216 -118.02 -98.79 -10.89
N VAL AA 217 -117.37 -99.75 -10.19
CA VAL AA 217 -116.05 -99.64 -9.61
C VAL AA 217 -115.00 -99.53 -10.70
N ALA AA 218 -115.20 -100.20 -11.86
CA ALA AA 218 -114.31 -100.11 -12.99
C ALA AA 218 -114.29 -98.74 -13.64
N THR AA 219 -115.40 -97.98 -13.54
CA THR AA 219 -115.51 -96.63 -14.07
C THR AA 219 -115.17 -95.59 -13.04
N LEU AA 220 -114.74 -96.00 -11.82
CA LEU AA 220 -114.33 -95.13 -10.72
C LEU AA 220 -113.16 -94.28 -11.16
N LYS AA 221 -113.26 -92.95 -10.92
CA LYS AA 221 -112.30 -92.01 -11.40
C LYS AA 221 -112.40 -90.80 -10.52
N GLN AA 222 -111.38 -89.91 -10.60
CA GLN AA 222 -111.41 -88.64 -9.92
C GLN AA 222 -111.79 -87.64 -10.97
N SER AA 223 -113.01 -87.08 -10.85
CA SER AA 223 -113.51 -86.09 -11.76
C SER AA 223 -114.42 -85.22 -10.95
N LYS AA 224 -114.66 -84.00 -11.47
CA LYS AA 224 -115.49 -83.00 -10.84
C LYS AA 224 -116.80 -82.90 -11.58
N THR AA 225 -117.02 -83.80 -12.58
CA THR AA 225 -118.24 -83.85 -13.35
C THR AA 225 -118.27 -85.26 -13.92
N ASP AA 226 -119.41 -85.63 -14.56
CA ASP AA 226 -119.62 -86.93 -15.18
C ASP AA 226 -119.65 -88.02 -14.15
N GLY AA 227 -120.46 -87.82 -13.09
CA GLY AA 227 -120.55 -88.74 -12.01
C GLY AA 227 -120.89 -87.94 -10.80
N TYR AA 228 -121.11 -88.67 -9.69
CA TYR AA 228 -121.52 -88.08 -8.44
C TYR AA 228 -120.91 -88.98 -7.40
N GLN AA 229 -120.55 -88.39 -6.24
CA GLN AA 229 -119.85 -89.05 -5.16
C GLN AA 229 -120.71 -90.16 -4.57
N PRO AA 230 -120.17 -91.33 -4.18
CA PRO AA 230 -120.94 -92.45 -3.64
C PRO AA 230 -121.94 -92.13 -2.58
N THR AA 231 -123.13 -92.78 -2.66
CA THR AA 231 -124.26 -92.52 -1.80
C THR AA 231 -124.51 -93.82 -1.12
N VAL AA 232 -125.05 -93.78 0.12
CA VAL AA 232 -125.47 -94.93 0.90
C VAL AA 232 -126.60 -95.69 0.23
N SER AA 233 -127.35 -95.00 -0.66
CA SER AA 233 -128.45 -95.53 -1.43
C SER AA 233 -127.97 -96.40 -2.56
N ASP AA 234 -126.74 -96.16 -3.09
CA ASP AA 234 -126.14 -96.95 -4.14
C ASP AA 234 -125.62 -98.26 -3.61
N TYR AA 235 -125.35 -98.33 -2.28
CA TYR AA 235 -124.83 -99.52 -1.63
C TYR AA 235 -125.89 -100.58 -1.57
N VAL AA 236 -127.16 -100.15 -1.39
CA VAL AA 236 -128.31 -101.02 -1.32
C VAL AA 236 -128.70 -101.44 -2.71
N LYS AA 237 -128.64 -100.51 -3.68
CA LYS AA 237 -129.08 -100.73 -5.05
C LYS AA 237 -128.19 -101.69 -5.81
N PHE AA 238 -126.86 -101.61 -5.60
CA PHE AA 238 -125.89 -102.43 -6.28
C PHE AA 238 -125.22 -103.19 -5.17
N PRO AA 239 -125.35 -104.51 -5.04
CA PRO AA 239 -124.77 -105.23 -3.91
C PRO AA 239 -123.29 -105.41 -4.11
N GLY AA 240 -122.51 -105.24 -3.03
CA GLY AA 240 -121.07 -105.48 -3.01
C GLY AA 240 -120.28 -104.35 -3.58
N ILE AA 241 -120.92 -103.21 -3.95
CA ILE AA 241 -120.24 -102.05 -4.49
C ILE AA 241 -119.42 -101.37 -3.42
N GLU AA 242 -119.94 -101.36 -2.16
CA GLU AA 242 -119.35 -100.71 -1.02
C GLU AA 242 -118.01 -101.31 -0.64
N THR AA 243 -117.92 -102.66 -0.62
CA THR AA 243 -116.71 -103.38 -0.28
C THR AA 243 -115.61 -103.18 -1.29
N LEU AA 244 -115.96 -103.21 -2.60
CA LEU AA 244 -115.05 -103.06 -3.71
C LEU AA 244 -114.44 -101.68 -3.77
N LEU AA 245 -115.24 -100.61 -3.54
CA LEU AA 245 -114.78 -99.24 -3.51
C LEU AA 245 -113.79 -99.03 -2.38
N PRO AA 246 -112.70 -98.26 -2.54
CA PRO AA 246 -111.77 -97.93 -1.47
C PRO AA 246 -112.44 -97.07 -0.41
N PRO AA 247 -112.02 -97.03 0.86
CA PRO AA 247 -112.66 -96.21 1.88
C PRO AA 247 -112.40 -94.73 1.70
N ASN AA 248 -111.43 -94.37 0.85
CA ASN AA 248 -111.05 -93.00 0.58
C ASN AA 248 -111.71 -92.54 -0.70
N ALA AA 249 -112.49 -93.43 -1.34
CA ALA AA 249 -113.16 -93.17 -2.58
C ALA AA 249 -114.64 -93.26 -2.40
N LYS AA 250 -115.13 -93.35 -1.14
CA LYS AA 250 -116.55 -93.44 -0.87
C LYS AA 250 -116.85 -92.78 0.43
N GLY AA 251 -118.09 -92.27 0.56
CA GLY AA 251 -118.62 -91.68 1.78
C GLY AA 251 -118.10 -90.29 2.04
N GLN AA 252 -117.33 -89.73 1.09
CA GLN AA 252 -116.71 -88.44 1.21
C GLN AA 252 -117.67 -87.35 0.83
N ASN AA 253 -117.42 -86.14 1.39
CA ASN AA 253 -118.17 -84.95 1.10
C ASN AA 253 -117.09 -83.96 0.75
N ILE AA 254 -117.00 -83.62 -0.55
CA ILE AA 254 -116.10 -82.62 -1.06
C ILE AA 254 -117.00 -81.89 -2.01
N THR AA 255 -117.65 -80.82 -1.50
CA THR AA 255 -118.66 -80.11 -2.24
C THR AA 255 -118.50 -78.70 -1.78
N SER AA 256 -118.56 -77.75 -2.75
CA SER AA 256 -118.40 -76.34 -2.50
C SER AA 256 -119.77 -75.80 -2.30
N THR AA 257 -120.05 -75.29 -1.07
CA THR AA 257 -121.40 -75.18 -0.58
C THR AA 257 -121.50 -73.78 -0.03
N LEU AA 258 -122.73 -73.26 0.08
CA LEU AA 258 -123.01 -71.89 0.40
C LEU AA 258 -124.25 -71.99 1.26
N GLU AA 259 -124.50 -70.97 2.09
CA GLU AA 259 -125.63 -71.00 2.98
C GLU AA 259 -125.97 -69.55 3.22
N ILE AA 260 -127.25 -69.31 3.58
CA ILE AA 260 -127.75 -68.03 4.01
C ILE AA 260 -128.43 -68.42 5.29
N ARG AA 261 -128.18 -67.68 6.41
CA ARG AA 261 -128.68 -68.10 7.70
C ARG AA 261 -129.52 -67.06 8.39
N GLU AA 262 -130.82 -67.40 8.63
CA GLU AA 262 -131.77 -66.61 9.38
C GLU AA 262 -132.05 -65.26 8.78
N CYS AA 263 -132.55 -65.24 7.53
CA CYS AA 263 -132.54 -64.05 6.71
C CYS AA 263 -133.88 -63.95 6.04
N ILE AA 264 -134.10 -62.80 5.36
CA ILE AA 264 -135.30 -62.48 4.65
C ILE AA 264 -134.83 -62.02 3.30
N GLY AA 265 -135.54 -62.42 2.22
CA GLY AA 265 -135.52 -61.69 0.97
C GLY AA 265 -134.34 -61.98 0.11
N VAL AA 266 -133.57 -63.04 0.44
CA VAL AA 266 -132.33 -63.34 -0.25
C VAL AA 266 -132.68 -64.25 -1.40
N GLU AA 267 -132.37 -63.81 -2.63
CA GLU AA 267 -132.64 -64.57 -3.82
C GLU AA 267 -131.30 -64.76 -4.46
N VAL AA 268 -131.05 -66.01 -4.94
CA VAL AA 268 -129.79 -66.42 -5.50
C VAL AA 268 -130.18 -66.67 -6.93
N HIS AA 269 -129.45 -66.03 -7.86
CA HIS AA 269 -129.72 -66.08 -9.27
C HIS AA 269 -128.53 -66.70 -9.93
N ARG AA 270 -128.80 -67.56 -10.95
CA ARG AA 270 -127.84 -68.04 -11.92
C ARG AA 270 -126.72 -68.81 -11.27
N ALA AA 271 -127.08 -69.91 -10.56
CA ALA AA 271 -126.12 -70.73 -9.88
C ALA AA 271 -125.42 -71.61 -10.88
N SER AA 272 -124.07 -71.63 -10.78
CA SER AA 272 -123.22 -72.49 -11.55
C SER AA 272 -122.30 -73.21 -10.59
N GLY AA 273 -121.48 -74.12 -11.15
CA GLY AA 273 -120.37 -74.71 -10.47
C GLY AA 273 -120.17 -76.12 -10.93
N LEU AA 274 -119.19 -76.79 -10.28
CA LEU AA 274 -118.88 -78.18 -10.49
C LEU AA 274 -118.60 -78.72 -9.12
N MET AA 275 -119.34 -79.79 -8.72
CA MET AA 275 -119.35 -80.38 -7.38
C MET AA 275 -119.80 -79.31 -6.44
N ALA AA 276 -121.09 -78.93 -6.57
CA ALA AA 276 -121.59 -77.72 -6.00
C ALA AA 276 -122.83 -78.04 -5.23
N GLY AA 277 -123.25 -77.06 -4.41
CA GLY AA 277 -124.42 -77.22 -3.59
C GLY AA 277 -124.72 -75.88 -3.06
N PHE AA 278 -125.97 -75.73 -2.57
CA PHE AA 278 -126.46 -74.51 -1.99
C PHE AA 278 -127.41 -75.02 -0.97
N LEU AA 279 -127.60 -74.22 0.09
CA LEU AA 279 -128.39 -74.61 1.22
C LEU AA 279 -128.88 -73.31 1.75
N PHE AA 280 -129.87 -73.35 2.66
CA PHE AA 280 -130.37 -72.18 3.32
C PHE AA 280 -130.67 -72.70 4.69
N ARG AA 281 -130.59 -71.82 5.73
CA ARG AA 281 -131.05 -72.21 7.04
C ARG AA 281 -131.79 -71.04 7.60
N GLY AA 282 -132.84 -71.30 8.42
CA GLY AA 282 -133.70 -70.35 9.09
C GLY AA 282 -134.34 -69.31 8.20
N CYS AA 283 -134.44 -69.59 6.88
CA CYS AA 283 -134.69 -68.59 5.89
C CYS AA 283 -136.14 -68.61 5.51
N HIS AA 284 -136.65 -67.40 5.25
CA HIS AA 284 -138.01 -67.17 4.83
C HIS AA 284 -137.78 -66.35 3.60
N PHE AA 285 -138.75 -66.38 2.65
CA PHE AA 285 -138.80 -65.49 1.50
C PHE AA 285 -137.57 -65.62 0.63
N CYS AA 286 -137.16 -66.88 0.33
CA CYS AA 286 -135.82 -67.18 -0.09
C CYS AA 286 -135.96 -68.30 -1.08
N LYS AA 287 -135.18 -68.23 -2.19
CA LYS AA 287 -135.49 -68.98 -3.40
C LYS AA 287 -134.22 -69.14 -4.18
N MET AA 288 -134.30 -69.98 -5.23
CA MET AA 288 -133.25 -70.21 -6.17
C MET AA 288 -133.94 -70.01 -7.49
N VAL AA 289 -133.40 -69.08 -8.29
CA VAL AA 289 -133.97 -68.64 -9.54
C VAL AA 289 -132.85 -68.86 -10.53
N ASP AA 290 -133.18 -69.37 -11.74
CA ASP AA 290 -132.27 -69.53 -12.87
C ASP AA 290 -131.12 -70.47 -12.61
N ALA AA 291 -130.29 -70.72 -13.65
CA ALA AA 291 -129.20 -71.65 -13.54
C ALA AA 291 -128.27 -71.39 -14.69
N ASN AA 292 -127.08 -72.04 -14.62
CA ASN AA 292 -126.15 -72.18 -15.72
C ASN AA 292 -125.98 -73.67 -15.93
N ASN AA 293 -126.86 -74.49 -15.30
CA ASN AA 293 -126.78 -75.93 -15.20
C ASN AA 293 -125.59 -76.39 -14.38
N PRO AA 294 -125.56 -76.21 -13.06
CA PRO AA 294 -124.46 -76.68 -12.21
C PRO AA 294 -124.46 -78.18 -12.06
N SER AA 295 -123.27 -78.77 -11.84
CA SER AA 295 -123.10 -80.17 -11.54
C SER AA 295 -123.08 -80.29 -10.05
N GLY AA 296 -124.02 -81.09 -9.48
CA GLY AA 296 -124.17 -81.25 -8.06
C GLY AA 296 -123.16 -82.20 -7.50
N GLY AA 297 -122.83 -82.03 -6.19
CA GLY AA 297 -121.92 -82.86 -5.47
C GLY AA 297 -122.68 -83.68 -4.49
N LYS AA 298 -122.03 -84.02 -3.35
CA LYS AA 298 -122.58 -84.81 -2.26
C LYS AA 298 -123.73 -84.12 -1.59
N ASP AA 299 -123.60 -82.79 -1.35
CA ASP AA 299 -124.65 -81.99 -0.73
C ASP AA 299 -125.67 -81.66 -1.77
N GLY AA 300 -126.94 -81.48 -1.32
CA GLY AA 300 -128.07 -81.11 -2.15
C GLY AA 300 -127.86 -79.79 -2.84
N ILE AA 301 -128.37 -79.70 -4.08
CA ILE AA 301 -128.10 -78.58 -4.96
C ILE AA 301 -128.92 -77.39 -4.51
N ILE AA 302 -130.17 -77.64 -4.08
CA ILE AA 302 -131.04 -76.63 -3.50
C ILE AA 302 -131.59 -77.37 -2.32
N THR AA 303 -131.49 -76.77 -1.12
CA THR AA 303 -131.88 -77.38 0.12
C THR AA 303 -132.37 -76.23 0.96
N PHE AA 304 -133.39 -76.49 1.80
CA PHE AA 304 -133.89 -75.52 2.75
C PHE AA 304 -133.87 -76.25 4.05
N GLU AA 305 -133.46 -75.51 5.11
CA GLU AA 305 -133.59 -75.88 6.49
C GLU AA 305 -134.26 -74.73 7.14
N ASN AA 306 -134.97 -74.98 8.26
CA ASN AA 306 -135.20 -73.97 9.27
C ASN AA 306 -134.76 -74.52 10.60
N LEU AA 307 -133.77 -75.45 10.60
CA LEU AA 307 -133.50 -76.33 11.72
C LEU AA 307 -132.73 -75.62 12.81
N SER AA 308 -132.15 -74.44 12.49
CA SER AA 308 -132.03 -73.37 13.45
C SER AA 308 -132.79 -72.23 12.84
N GLY AA 309 -133.63 -71.57 13.66
CA GLY AA 309 -134.62 -70.63 13.21
C GLY AA 309 -135.94 -71.23 13.57
N ASP AA 310 -137.02 -70.77 12.92
CA ASP AA 310 -138.34 -71.34 13.05
C ASP AA 310 -138.92 -71.36 11.67
N TRP AA 311 -140.07 -72.06 11.52
CA TRP AA 311 -140.54 -72.68 10.30
C TRP AA 311 -140.78 -71.67 9.20
N GLY AA 312 -140.57 -72.12 7.93
CA GLY AA 312 -140.45 -71.27 6.77
C GLY AA 312 -141.75 -70.67 6.33
N LYS AA 313 -141.70 -69.95 5.18
CA LYS AA 313 -142.84 -69.40 4.49
C LYS AA 313 -142.25 -68.55 3.40
N GLY AA 314 -142.87 -68.61 2.20
CA GLY AA 314 -142.42 -67.85 1.04
C GLY AA 314 -141.28 -68.54 0.35
N ASN AA 315 -140.95 -69.79 0.78
CA ASN AA 315 -139.79 -70.51 0.32
C ASN AA 315 -140.23 -71.42 -0.77
N TYR AA 316 -139.62 -71.26 -1.96
CA TYR AA 316 -140.16 -71.76 -3.21
C TYR AA 316 -138.95 -71.96 -4.07
N VAL AA 317 -139.16 -72.50 -5.29
CA VAL AA 317 -138.13 -72.62 -6.30
C VAL AA 317 -138.93 -72.41 -7.55
N ILE AA 318 -138.34 -71.66 -8.51
CA ILE AA 318 -138.95 -71.36 -9.79
C ILE AA 318 -137.75 -71.35 -10.70
N GLY AA 319 -137.89 -71.94 -11.92
CA GLY AA 319 -137.00 -71.73 -13.03
C GLY AA 319 -135.71 -72.49 -12.88
N GLY AA 320 -134.87 -72.46 -13.93
CA GLY AA 320 -133.57 -73.08 -13.98
C GLY AA 320 -133.64 -74.58 -13.97
N ARG AA 321 -132.45 -75.24 -13.97
CA ARG AA 321 -132.37 -76.66 -13.80
C ARG AA 321 -130.99 -77.01 -13.36
N THR AA 322 -130.81 -78.28 -12.93
CA THR AA 322 -129.57 -78.77 -12.40
C THR AA 322 -129.34 -80.14 -12.97
N SER AA 323 -128.10 -80.65 -12.81
CA SER AA 323 -127.69 -81.96 -13.24
C SER AA 323 -126.92 -82.55 -12.08
N TYR AA 324 -126.73 -83.89 -12.11
CA TYR AA 324 -126.03 -84.68 -11.12
C TYR AA 324 -126.60 -84.50 -9.72
N GLY AA 325 -125.76 -84.67 -8.68
CA GLY AA 325 -126.17 -84.68 -7.31
C GLY AA 325 -126.13 -86.10 -6.81
N SER AA 326 -125.91 -86.26 -5.49
CA SER AA 326 -125.87 -87.55 -4.84
C SER AA 326 -127.11 -87.72 -4.00
N VAL AA 327 -127.94 -86.66 -3.95
CA VAL AA 327 -129.12 -86.57 -3.13
C VAL AA 327 -130.00 -85.62 -3.89
N SER AA 328 -131.21 -85.33 -3.35
CA SER AA 328 -132.22 -84.51 -3.98
C SER AA 328 -131.73 -83.12 -4.30
N SER AA 329 -132.20 -82.60 -5.46
CA SER AA 329 -131.71 -81.39 -6.05
C SER AA 329 -132.64 -80.28 -5.68
N ALA AA 330 -133.77 -80.63 -5.03
CA ALA AA 330 -134.67 -79.67 -4.44
C ALA AA 330 -135.27 -80.44 -3.32
N GLN AA 331 -135.44 -79.78 -2.15
CA GLN AA 331 -136.00 -80.41 -0.98
C GLN AA 331 -136.39 -79.31 -0.04
N PHE AA 332 -137.22 -79.65 0.97
CA PHE AA 332 -137.63 -78.74 2.02
C PHE AA 332 -137.53 -79.51 3.30
N LEU AA 333 -136.94 -78.87 4.35
CA LEU AA 333 -136.95 -79.40 5.70
C LEU AA 333 -137.42 -78.27 6.57
N ARG AA 334 -138.50 -78.54 7.34
CA ARG AA 334 -139.06 -77.67 8.36
C ARG AA 334 -139.60 -76.37 7.78
N ASN AA 335 -140.36 -76.47 6.67
CA ASN AA 335 -140.86 -75.31 5.98
C ASN AA 335 -142.34 -75.45 6.11
N ASN AA 336 -143.00 -74.38 6.62
CA ASN AA 336 -144.39 -74.40 7.03
C ASN AA 336 -145.25 -74.59 5.82
N GLY AA 337 -146.32 -75.39 5.99
CA GLY AA 337 -147.16 -75.79 4.89
C GLY AA 337 -148.27 -74.80 4.67
N GLY AA 338 -148.62 -74.03 5.73
CA GLY AA 338 -149.76 -73.13 5.78
C GLY AA 338 -151.04 -73.76 5.30
N PHE AA 339 -151.92 -72.91 4.71
CA PHE AA 339 -153.22 -73.31 4.23
C PHE AA 339 -153.20 -73.15 2.73
N GLU AA 340 -152.05 -72.68 2.17
CA GLU AA 340 -151.94 -72.19 0.83
C GLU AA 340 -151.12 -73.15 0.01
N ARG AA 341 -150.75 -74.30 0.63
CA ARG AA 341 -149.87 -75.32 0.07
C ARG AA 341 -148.48 -74.78 -0.18
N ASP AA 342 -147.95 -73.99 0.80
CA ASP AA 342 -146.67 -73.31 0.75
C ASP AA 342 -145.56 -74.32 0.65
N GLY AA 343 -144.55 -74.01 -0.20
CA GLY AA 343 -143.42 -74.86 -0.46
C GLY AA 343 -143.73 -75.60 -1.72
N GLY AA 344 -142.81 -75.55 -2.69
CA GLY AA 344 -143.02 -76.27 -3.92
C GLY AA 344 -141.94 -75.94 -4.88
N VAL AA 345 -141.96 -76.65 -6.03
CA VAL AA 345 -140.98 -76.53 -7.08
C VAL AA 345 -141.81 -76.47 -8.33
N ILE AA 346 -141.46 -75.54 -9.24
CA ILE AA 346 -142.21 -75.28 -10.45
C ILE AA 346 -141.15 -75.06 -11.51
N GLY AA 347 -141.30 -75.74 -12.68
CA GLY AA 347 -140.46 -75.57 -13.85
C GLY AA 347 -139.01 -75.89 -13.62
N PHE AA 348 -138.73 -77.12 -13.14
CA PHE AA 348 -137.40 -77.51 -12.75
C PHE AA 348 -137.13 -78.87 -13.37
N THR AA 349 -135.84 -79.14 -13.67
CA THR AA 349 -135.37 -80.40 -14.20
C THR AA 349 -134.25 -80.84 -13.29
N SER AA 350 -134.24 -82.14 -12.94
CA SER AA 350 -133.23 -82.77 -12.13
C SER AA 350 -132.81 -83.95 -12.97
N TYR AA 351 -131.53 -84.36 -12.83
CA TYR AA 351 -130.96 -85.46 -13.54
C TYR AA 351 -130.02 -86.09 -12.57
N ARG AA 352 -129.95 -87.45 -12.62
CA ARG AA 352 -128.98 -88.30 -11.97
C ARG AA 352 -128.74 -88.00 -10.51
N ALA AA 353 -129.82 -88.05 -9.70
CA ALA AA 353 -129.71 -87.95 -8.26
C ALA AA 353 -129.39 -89.33 -7.77
N GLY AA 354 -128.58 -89.41 -6.68
CA GLY AA 354 -128.13 -90.66 -6.13
C GLY AA 354 -129.14 -91.31 -5.24
N GLU AA 355 -130.30 -90.66 -5.01
CA GLU AA 355 -131.37 -91.20 -4.20
C GLU AA 355 -132.63 -90.93 -4.97
N SER AA 356 -133.10 -89.67 -4.95
CA SER AA 356 -134.33 -89.24 -5.57
C SER AA 356 -134.05 -87.83 -5.96
N GLY AA 357 -134.71 -87.33 -7.04
CA GLY AA 357 -134.54 -85.96 -7.49
C GLY AA 357 -135.33 -84.98 -6.67
N VAL AA 358 -136.55 -85.39 -6.22
CA VAL AA 358 -137.44 -84.56 -5.46
C VAL AA 358 -137.93 -85.50 -4.39
N LYS AA 359 -137.78 -85.08 -3.11
CA LYS AA 359 -138.07 -85.95 -2.00
C LYS AA 359 -138.50 -85.08 -0.86
N THR AA 360 -139.49 -85.59 -0.08
CA THR AA 360 -140.09 -84.91 1.04
C THR AA 360 -139.41 -85.46 2.25
N TRP AA 361 -139.43 -84.71 3.38
CA TRP AA 361 -138.77 -85.15 4.57
C TRP AA 361 -139.69 -84.97 5.74
N GLN AA 362 -139.44 -85.81 6.77
CA GLN AA 362 -140.14 -85.77 8.01
C GLN AA 362 -139.25 -86.48 8.99
N GLY AA 363 -139.51 -86.23 10.29
CA GLY AA 363 -138.89 -86.95 11.37
C GLY AA 363 -138.20 -85.89 12.15
N THR AA 364 -136.97 -86.18 12.63
CA THR AA 364 -136.23 -85.30 13.49
C THR AA 364 -134.84 -85.32 12.93
N VAL AA 365 -134.37 -84.14 12.44
CA VAL AA 365 -133.11 -84.00 11.77
C VAL AA 365 -132.56 -82.78 12.45
N GLY AA 366 -131.38 -82.92 13.09
CA GLY AA 366 -130.74 -81.84 13.78
C GLY AA 366 -131.10 -82.01 15.22
N SER AA 367 -131.68 -80.95 15.83
CA SER AA 367 -132.12 -80.97 17.20
C SER AA 367 -133.60 -80.73 17.25
N THR AA 368 -134.30 -80.80 16.10
CA THR AA 368 -135.65 -80.30 16.00
C THR AA 368 -136.31 -81.01 14.84
N THR AA 369 -137.67 -81.02 14.84
CA THR AA 369 -138.58 -81.31 13.74
C THR AA 369 -138.06 -80.90 12.37
N SER AA 370 -138.23 -81.78 11.36
CA SER AA 370 -137.89 -81.51 9.98
C SER AA 370 -139.11 -81.66 9.11
N ARG AA 371 -140.31 -81.71 9.72
CA ARG AA 371 -141.51 -82.21 9.09
C ARG AA 371 -142.08 -81.21 8.12
N ASN AA 372 -142.82 -81.70 7.12
CA ASN AA 372 -143.30 -80.91 6.02
C ASN AA 372 -144.66 -81.44 5.71
N TYR AA 373 -145.61 -80.51 5.49
CA TYR AA 373 -146.98 -80.81 5.13
C TYR AA 373 -147.33 -79.79 4.09
N ASN AA 374 -148.41 -80.07 3.32
CA ASN AA 374 -149.14 -79.08 2.53
C ASN AA 374 -148.23 -78.46 1.50
N LEU AA 375 -147.81 -79.25 0.49
CA LEU AA 375 -146.87 -78.84 -0.52
C LEU AA 375 -147.53 -79.05 -1.86
N GLN AA 376 -146.99 -78.35 -2.89
CA GLN AA 376 -147.38 -78.50 -4.28
C GLN AA 376 -146.14 -78.93 -4.99
N PHE AA 377 -146.29 -79.80 -6.00
CA PHE AA 377 -145.20 -80.14 -6.88
C PHE AA 377 -145.87 -80.23 -8.22
N ARG AA 378 -145.32 -79.49 -9.20
CA ARG AA 378 -145.83 -79.47 -10.54
C ARG AA 378 -144.68 -79.13 -11.42
N ASP AA 379 -144.78 -79.57 -12.70
CA ASP AA 379 -143.89 -79.26 -13.81
C ASP AA 379 -142.46 -79.58 -13.44
N SER AA 380 -142.23 -80.84 -13.03
CA SER AA 380 -140.92 -81.28 -12.62
C SER AA 380 -140.57 -82.47 -13.46
N VAL AA 381 -139.25 -82.66 -13.63
CA VAL AA 381 -138.66 -83.69 -14.42
C VAL AA 381 -137.61 -84.28 -13.54
N VAL AA 382 -137.71 -85.59 -13.24
CA VAL AA 382 -136.64 -86.28 -12.55
C VAL AA 382 -136.42 -87.45 -13.46
N ILE AA 383 -135.24 -87.45 -14.13
CA ILE AA 383 -134.86 -88.46 -15.08
C ILE AA 383 -133.66 -89.14 -14.49
N TYR AA 384 -133.62 -90.48 -14.63
CA TYR AA 384 -132.60 -91.36 -14.11
C TYR AA 384 -132.38 -91.27 -12.60
N PRO AA 385 -133.37 -91.41 -11.70
CA PRO AA 385 -133.13 -91.60 -10.28
C PRO AA 385 -132.72 -93.02 -9.99
N VAL AA 386 -131.95 -93.24 -8.89
CA VAL AA 386 -131.56 -94.54 -8.40
C VAL AA 386 -132.77 -95.27 -7.87
N TRP AA 387 -133.62 -94.55 -7.09
CA TRP AA 387 -134.82 -95.08 -6.51
C TRP AA 387 -135.95 -94.28 -7.09
N ASP AA 388 -136.88 -93.76 -6.24
CA ASP AA 388 -138.07 -93.03 -6.62
C ASP AA 388 -137.70 -91.77 -7.37
N GLY AA 389 -138.54 -91.37 -8.35
CA GLY AA 389 -138.39 -90.10 -9.02
C GLY AA 389 -139.00 -89.04 -8.16
N PHE AA 390 -140.11 -89.39 -7.48
CA PHE AA 390 -140.93 -88.45 -6.78
C PHE AA 390 -141.41 -89.16 -5.57
N ASP AA 391 -141.22 -88.52 -4.40
CA ASP AA 391 -141.59 -89.03 -3.12
C ASP AA 391 -142.24 -87.80 -2.56
N LEU AA 392 -143.58 -87.86 -2.41
CA LEU AA 392 -144.40 -86.70 -2.20
C LEU AA 392 -145.16 -86.85 -0.92
N GLY AA 393 -144.80 -87.88 -0.10
CA GLY AA 393 -145.60 -88.36 0.99
C GLY AA 393 -145.44 -87.47 2.19
N ALA AA 394 -146.13 -87.83 3.30
CA ALA AA 394 -146.06 -87.06 4.51
C ALA AA 394 -146.62 -87.87 5.66
N ASP AA 395 -146.95 -89.16 5.44
CA ASP AA 395 -147.47 -90.03 6.49
C ASP AA 395 -146.35 -90.91 6.94
N THR AA 396 -145.35 -91.14 6.04
CA THR AA 396 -144.23 -92.05 6.12
C THR AA 396 -144.60 -93.44 6.62
N ASP AA 397 -143.61 -94.23 7.11
CA ASP AA 397 -143.70 -95.67 6.99
C ASP AA 397 -142.70 -96.32 7.91
N MET AA 398 -142.22 -95.57 8.95
CA MET AA 398 -140.89 -95.68 9.51
C MET AA 398 -140.56 -97.07 10.01
N ASN AA 399 -139.26 -97.43 9.93
CA ASN AA 399 -138.77 -98.79 9.81
C ASN AA 399 -139.09 -99.69 11.00
N PRO AA 400 -138.98 -99.35 12.29
CA PRO AA 400 -139.32 -100.28 13.38
C PRO AA 400 -140.80 -100.17 13.62
N GLU AA 401 -141.31 -100.69 14.77
CA GLU AA 401 -142.64 -100.45 15.31
C GLU AA 401 -143.19 -99.07 15.04
N LEU AA 402 -144.48 -99.00 14.63
CA LEU AA 402 -144.79 -98.48 13.32
C LEU AA 402 -145.19 -97.02 13.40
N ASP AA 403 -145.12 -96.44 14.61
CA ASP AA 403 -145.54 -95.09 14.90
C ASP AA 403 -144.30 -94.25 14.81
N ARG AA 404 -144.50 -92.91 14.67
CA ARG AA 404 -143.43 -91.96 14.48
C ARG AA 404 -143.45 -91.03 15.69
N PRO AA 405 -142.35 -90.41 16.11
CA PRO AA 405 -142.19 -90.06 17.51
C PRO AA 405 -142.68 -88.67 17.79
N GLY AA 406 -143.68 -88.56 18.70
CA GLY AA 406 -144.41 -87.34 18.97
C GLY AA 406 -145.23 -86.85 17.81
N ASP AA 407 -145.70 -87.78 16.94
CA ASP AA 407 -146.33 -87.39 15.71
C ASP AA 407 -147.19 -88.55 15.27
N TYR AA 408 -148.01 -88.31 14.23
CA TYR AA 408 -149.33 -88.88 14.09
C TYR AA 408 -149.28 -90.36 13.79
N PRO AA 409 -150.19 -91.23 14.22
CA PRO AA 409 -149.85 -92.64 14.37
C PRO AA 409 -150.16 -93.34 13.07
N ILE AA 410 -149.70 -94.59 12.89
CA ILE AA 410 -150.12 -95.43 11.79
C ILE AA 410 -150.81 -96.63 12.41
N THR AA 411 -150.92 -96.67 13.76
CA THR AA 411 -151.75 -97.62 14.49
C THR AA 411 -153.19 -97.19 14.43
N GLN AA 412 -153.43 -95.86 14.60
CA GLN AA 412 -154.71 -95.21 14.53
C GLN AA 412 -155.29 -95.29 13.14
N TYR AA 413 -154.42 -95.15 12.12
CA TYR AA 413 -154.81 -95.03 10.73
C TYR AA 413 -154.34 -96.26 9.99
N PRO AA 414 -155.19 -97.21 9.56
CA PRO AA 414 -154.75 -98.43 8.91
C PRO AA 414 -154.28 -98.13 7.51
N LEU AA 415 -153.17 -98.79 7.08
CA LEU AA 415 -151.92 -98.10 6.88
C LEU AA 415 -152.03 -97.03 5.84
N HIS AA 416 -151.52 -95.82 6.18
CA HIS AA 416 -151.21 -94.76 5.24
C HIS AA 416 -152.47 -94.03 4.82
N GLN AA 417 -153.40 -93.90 5.79
CA GLN AA 417 -154.40 -92.86 5.81
C GLN AA 417 -153.81 -91.76 6.65
N LEU AA 418 -154.24 -90.50 6.38
CA LEU AA 418 -154.23 -89.38 7.30
C LEU AA 418 -154.48 -88.20 6.40
N PRO AA 419 -155.59 -87.44 6.47
CA PRO AA 419 -155.73 -86.16 5.81
C PRO AA 419 -154.68 -85.15 6.24
N LEU AA 420 -153.98 -84.59 5.24
CA LEU AA 420 -152.92 -83.63 5.41
C LEU AA 420 -153.12 -82.69 4.25
N ASN AA 421 -153.05 -83.26 3.03
CA ASN AA 421 -153.57 -82.72 1.80
C ASN AA 421 -152.52 -81.94 1.06
N HIS AA 422 -152.46 -82.15 -0.26
CA HIS AA 422 -151.30 -81.90 -1.08
C HIS AA 422 -151.86 -81.81 -2.47
N LEU AA 423 -151.01 -81.43 -3.46
CA LEU AA 423 -151.43 -81.26 -4.82
C LEU AA 423 -150.29 -81.71 -5.69
N ILE AA 424 -150.65 -82.44 -6.76
CA ILE AA 424 -149.70 -83.07 -7.65
C ILE AA 424 -150.32 -82.93 -9.01
N ASP AA 425 -149.51 -82.49 -10.00
CA ASP AA 425 -149.94 -82.38 -11.37
C ASP AA 425 -148.67 -82.43 -12.17
N ASN AA 426 -148.75 -82.83 -13.47
CA ASN AA 426 -147.77 -82.55 -14.50
C ASN AA 426 -146.38 -83.04 -14.17
N LEU AA 427 -146.17 -84.37 -14.05
CA LEU AA 427 -144.88 -84.91 -13.68
C LEU AA 427 -144.50 -85.94 -14.70
N LEU AA 428 -143.17 -86.18 -14.83
CA LEU AA 428 -142.62 -87.08 -15.80
C LEU AA 428 -141.39 -87.69 -15.20
N VAL AA 429 -141.15 -89.00 -15.49
CA VAL AA 429 -139.95 -89.68 -15.11
C VAL AA 429 -139.66 -90.58 -16.28
N ARG AA 430 -138.38 -90.64 -16.69
CA ARG AA 430 -137.93 -91.50 -17.75
C ARG AA 430 -136.55 -91.98 -17.40
N GLY AA 431 -136.28 -93.27 -17.68
CA GLY AA 431 -134.98 -93.87 -17.52
C GLY AA 431 -134.66 -94.36 -16.15
N ALA AA 432 -135.65 -94.37 -15.20
CA ALA AA 432 -135.45 -94.78 -13.83
C ALA AA 432 -135.03 -96.22 -13.72
N LEU AA 433 -134.20 -96.53 -12.69
CA LEU AA 433 -133.81 -97.90 -12.39
C LEU AA 433 -134.64 -98.35 -11.22
N GLY AA 434 -135.23 -97.38 -10.49
CA GLY AA 434 -136.10 -97.61 -9.38
C GLY AA 434 -137.47 -97.23 -9.83
N VAL AA 435 -138.24 -96.62 -8.91
CA VAL AA 435 -139.61 -96.24 -9.12
C VAL AA 435 -139.61 -94.86 -9.74
N GLY AA 436 -140.80 -94.37 -10.15
CA GLY AA 436 -140.99 -93.04 -10.66
C GLY AA 436 -141.78 -92.22 -9.68
N PHE AA 437 -142.44 -92.87 -8.69
CA PHE AA 437 -143.60 -92.27 -8.07
C PHE AA 437 -143.76 -92.91 -6.72
N GLY AA 438 -144.49 -92.23 -5.81
CA GLY AA 438 -144.77 -92.73 -4.50
C GLY AA 438 -145.39 -91.59 -3.75
N MET AA 439 -146.53 -91.86 -3.08
CA MET AA 439 -147.18 -90.92 -2.20
C MET AA 439 -148.07 -91.74 -1.30
N ASP AA 440 -148.71 -91.05 -0.32
CA ASP AA 440 -149.54 -91.67 0.68
C ASP AA 440 -150.73 -90.76 0.89
N GLY AA 441 -151.77 -91.27 1.59
CA GLY AA 441 -152.60 -90.44 2.43
C GLY AA 441 -154.03 -90.63 2.06
N LYS AA 442 -154.93 -90.02 2.87
CA LYS AA 442 -156.37 -90.12 2.74
C LYS AA 442 -156.83 -88.72 2.46
N GLY AA 443 -157.91 -88.59 1.66
CA GLY AA 443 -158.52 -87.32 1.37
C GLY AA 443 -157.79 -86.64 0.25
N MET AA 444 -156.88 -87.39 -0.41
CA MET AA 444 -156.12 -86.96 -1.54
C MET AA 444 -156.94 -87.12 -2.78
N TYR AA 445 -156.70 -86.20 -3.75
CA TYR AA 445 -157.37 -86.18 -5.02
C TYR AA 445 -156.26 -85.73 -5.92
N VAL AA 446 -156.10 -86.41 -7.07
CA VAL AA 446 -154.87 -86.38 -7.84
C VAL AA 446 -155.33 -86.49 -9.26
N SER AA 447 -154.62 -85.78 -10.18
CA SER AA 447 -154.87 -85.86 -11.59
C SER AA 447 -153.52 -85.64 -12.20
N ASN AA 448 -153.28 -86.29 -13.37
CA ASN AA 448 -152.25 -85.93 -14.31
C ASN AA 448 -150.90 -86.33 -13.78
N ILE AA 449 -150.54 -87.63 -13.95
CA ILE AA 449 -149.18 -88.09 -13.76
C ILE AA 449 -148.90 -88.77 -15.08
N THR AA 450 -147.61 -88.97 -15.41
CA THR AA 450 -147.19 -89.77 -16.52
C THR AA 450 -145.80 -90.23 -16.15
N VAL AA 451 -145.43 -91.44 -16.61
CA VAL AA 451 -144.10 -92.01 -16.45
C VAL AA 451 -144.03 -92.83 -17.71
N GLU AA 452 -142.82 -93.00 -18.28
CA GLU AA 452 -142.66 -93.85 -19.43
C GLU AA 452 -141.22 -94.28 -19.49
N ASP AA 453 -140.98 -95.42 -20.19
CA ASP AA 453 -139.68 -95.91 -20.62
C ASP AA 453 -138.67 -95.99 -19.50
N CYS AA 454 -138.81 -96.99 -18.60
CA CYS AA 454 -137.92 -97.13 -17.48
C CYS AA 454 -137.57 -98.58 -17.36
N ALA AA 455 -136.34 -98.85 -16.87
CA ALA AA 455 -135.86 -100.18 -16.54
C ALA AA 455 -136.62 -100.72 -15.35
N GLY AA 456 -136.78 -99.86 -14.31
CA GLY AA 456 -137.47 -100.21 -13.10
C GLY AA 456 -138.93 -99.89 -13.27
N SER AA 457 -139.70 -100.10 -12.18
CA SER AA 457 -141.12 -99.89 -12.10
C SER AA 457 -141.47 -98.43 -12.34
N GLY AA 458 -142.68 -98.18 -12.88
CA GLY AA 458 -143.11 -96.84 -13.22
C GLY AA 458 -143.66 -96.15 -12.01
N ALA AA 459 -144.22 -96.93 -11.06
CA ALA AA 459 -145.11 -96.36 -10.09
C ALA AA 459 -145.26 -97.34 -8.96
N TYR AA 460 -145.59 -96.77 -7.79
CA TYR AA 460 -145.76 -97.45 -6.54
C TYR AA 460 -146.60 -96.47 -5.79
N LEU AA 461 -147.42 -96.96 -4.84
CA LEU AA 461 -148.15 -96.12 -3.94
C LEU AA 461 -148.16 -96.82 -2.62
N LEU AA 462 -148.36 -96.05 -1.54
CA LEU AA 462 -148.69 -96.56 -0.22
C LEU AA 462 -150.15 -96.34 0.04
N THR AA 463 -150.84 -95.64 -0.90
CA THR AA 463 -152.01 -94.83 -0.65
C THR AA 463 -153.18 -95.63 -0.14
N HIS AA 464 -154.04 -94.97 0.67
CA HIS AA 464 -155.23 -95.58 1.16
C HIS AA 464 -156.27 -94.49 1.15
N GLU AA 465 -157.32 -94.69 0.32
CA GLU AA 465 -158.35 -93.75 -0.05
C GLU AA 465 -157.82 -92.47 -0.64
N SER AA 466 -156.99 -92.61 -1.68
CA SER AA 466 -156.65 -91.54 -2.60
C SER AA 466 -157.44 -91.80 -3.84
N VAL AA 467 -157.61 -90.76 -4.69
CA VAL AA 467 -158.31 -90.84 -5.94
C VAL AA 467 -157.32 -90.38 -6.98
N PHE AA 468 -157.28 -91.09 -8.13
CA PHE AA 468 -156.31 -90.85 -9.17
C PHE AA 468 -157.10 -90.73 -10.43
N THR AA 469 -156.59 -89.91 -11.39
CA THR AA 469 -157.29 -89.57 -12.60
C THR AA 469 -156.18 -89.41 -13.61
N ASN AA 470 -156.35 -90.04 -14.80
CA ASN AA 470 -155.64 -89.72 -16.03
C ASN AA 470 -154.16 -89.99 -15.84
N ILE AA 471 -153.84 -91.28 -15.56
CA ILE AA 471 -152.51 -91.76 -15.29
C ILE AA 471 -152.15 -92.56 -16.49
N ALA AA 472 -150.85 -92.57 -16.86
CA ALA AA 472 -150.37 -93.43 -17.91
C ALA AA 472 -148.99 -93.85 -17.50
N ILE AA 473 -148.71 -95.17 -17.67
CA ILE AA 473 -147.43 -95.74 -17.34
C ILE AA 473 -147.22 -96.58 -18.56
N ILE AA 474 -146.02 -96.51 -19.19
CA ILE AA 474 -145.79 -97.12 -20.48
C ILE AA 474 -144.41 -97.70 -20.42
N ASP AA 475 -144.29 -99.01 -20.75
CA ASP AA 475 -143.05 -99.73 -20.96
C ASP AA 475 -142.08 -99.58 -19.80
N THR AA 476 -142.57 -99.91 -18.59
CA THR AA 476 -141.78 -99.86 -17.38
C THR AA 476 -141.73 -101.26 -16.88
N ASN AA 477 -140.75 -101.55 -15.99
CA ASN AA 477 -140.55 -102.84 -15.37
C ASN AA 477 -140.09 -103.82 -16.43
N THR AA 478 -139.10 -103.38 -17.24
CA THR AA 478 -138.53 -104.14 -18.33
C THR AA 478 -137.17 -104.67 -17.96
N LYS AA 479 -136.86 -104.67 -16.64
CA LYS AA 479 -135.63 -105.22 -16.10
C LYS AA 479 -136.01 -105.84 -14.79
N ASP AA 480 -137.16 -105.40 -14.22
CA ASP AA 480 -137.85 -105.98 -13.09
C ASP AA 480 -137.20 -105.58 -11.80
N PHE AA 481 -137.90 -104.71 -11.04
CA PHE AA 481 -137.59 -104.40 -9.65
C PHE AA 481 -138.89 -104.51 -8.90
N GLN AA 482 -139.97 -104.92 -9.61
CA GLN AA 482 -141.27 -105.26 -9.10
C GLN AA 482 -141.75 -106.31 -10.07
N ALA AA 483 -142.96 -106.84 -9.87
CA ALA AA 483 -143.59 -107.76 -10.79
C ALA AA 483 -144.56 -107.05 -11.70
N ASN AA 484 -144.66 -105.71 -11.59
CA ASN AA 484 -145.72 -104.96 -12.22
C ASN AA 484 -145.30 -103.53 -12.33
N GLN AA 485 -145.98 -102.79 -13.23
CA GLN AA 485 -145.71 -101.40 -13.55
C GLN AA 485 -146.23 -100.48 -12.47
N ILE AA 486 -147.38 -100.83 -11.84
CA ILE AA 486 -148.10 -99.91 -11.01
C ILE AA 486 -148.73 -100.73 -9.93
N TYR AA 487 -148.76 -100.18 -8.69
CA TYR AA 487 -149.06 -100.92 -7.50
C TYR AA 487 -149.76 -99.95 -6.57
N ILE AA 488 -150.67 -100.48 -5.73
CA ILE AA 488 -151.34 -99.73 -4.70
C ILE AA 488 -151.32 -100.66 -3.51
N SER AA 489 -151.02 -100.13 -2.29
CA SER AA 489 -150.85 -100.93 -1.09
C SER AA 489 -152.06 -100.89 -0.21
N GLY AA 490 -153.13 -100.15 -0.60
CA GLY AA 490 -154.40 -100.28 0.08
C GLY AA 490 -155.48 -99.84 -0.85
N ALA AA 491 -156.75 -99.96 -0.38
CA ALA AA 491 -157.94 -99.67 -1.15
C ALA AA 491 -158.01 -98.22 -1.53
N CYS AA 492 -158.42 -97.93 -2.79
CA CYS AA 492 -158.36 -96.62 -3.37
C CYS AA 492 -159.33 -96.62 -4.51
N ARG AA 493 -159.50 -95.43 -5.14
CA ARG AA 493 -160.29 -95.21 -6.31
C ARG AA 493 -159.28 -94.80 -7.33
N VAL AA 494 -159.40 -95.33 -8.57
CA VAL AA 494 -158.50 -95.01 -9.66
C VAL AA 494 -159.40 -94.90 -10.86
N ASN AA 495 -159.08 -93.92 -11.73
CA ASN AA 495 -159.77 -93.66 -12.97
C ASN AA 495 -158.63 -93.38 -13.91
N GLY AA 496 -158.67 -93.99 -15.11
CA GLY AA 496 -157.83 -93.61 -16.23
C GLY AA 496 -156.51 -94.28 -16.11
N LEU AA 497 -156.25 -95.26 -17.01
CA LEU AA 497 -154.96 -95.91 -17.04
C LEU AA 497 -154.72 -96.31 -18.47
N ARG AA 498 -153.51 -96.04 -18.97
CA ARG AA 498 -153.03 -96.55 -20.23
C ARG AA 498 -151.79 -97.33 -19.89
N LEU AA 499 -151.61 -98.49 -20.56
CA LEU AA 499 -150.59 -99.44 -20.21
C LEU AA 499 -150.00 -99.97 -21.47
N ILE AA 500 -148.74 -100.46 -21.36
CA ILE AA 500 -148.00 -101.24 -22.35
C ILE AA 500 -147.49 -100.34 -23.43
N GLY AA 501 -146.15 -100.29 -23.61
CA GLY AA 501 -145.57 -99.69 -24.79
C GLY AA 501 -145.23 -100.77 -25.74
N ILE AA 502 -144.65 -101.89 -25.22
CA ILE AA 502 -144.44 -103.09 -25.99
C ILE AA 502 -144.14 -104.21 -25.02
N ARG AA 503 -143.95 -103.90 -23.71
CA ARG AA 503 -143.64 -104.90 -22.72
C ARG AA 503 -144.15 -104.46 -21.39
N SER AA 504 -144.35 -105.46 -20.51
CA SER AA 504 -144.51 -105.32 -19.09
C SER AA 504 -143.91 -106.60 -18.59
N THR AA 505 -143.14 -106.52 -17.47
CA THR AA 505 -142.40 -107.62 -16.88
C THR AA 505 -141.40 -108.15 -17.89
N ASP AA 506 -141.41 -109.47 -18.20
CA ASP AA 506 -140.61 -110.06 -19.25
C ASP AA 506 -141.54 -110.61 -20.29
N GLY AA 507 -142.81 -110.14 -20.29
CA GLY AA 507 -143.91 -110.74 -21.01
C GLY AA 507 -144.68 -111.63 -20.09
N GLN AA 508 -144.27 -111.68 -18.80
CA GLN AA 508 -144.92 -112.44 -17.75
C GLN AA 508 -145.98 -111.57 -17.12
N GLY AA 509 -146.79 -112.19 -16.22
CA GLY AA 509 -148.06 -111.67 -15.78
C GLY AA 509 -147.93 -110.41 -14.97
N LEU AA 510 -149.06 -109.71 -14.79
CA LEU AA 510 -149.23 -108.51 -14.01
C LEU AA 510 -148.61 -107.30 -14.67
N THR AA 511 -149.46 -106.29 -14.94
CA THR AA 511 -149.05 -104.98 -15.35
C THR AA 511 -149.60 -104.07 -14.28
N ILE AA 512 -150.84 -104.37 -13.81
CA ILE AA 512 -151.40 -103.72 -12.65
C ILE AA 512 -151.64 -104.85 -11.69
N ASP AA 513 -151.36 -104.60 -10.38
CA ASP AA 513 -151.67 -105.52 -9.34
C ASP AA 513 -152.23 -104.66 -8.24
N ALA AA 514 -153.53 -104.85 -7.94
CA ALA AA 514 -154.26 -103.99 -7.04
C ALA AA 514 -154.99 -104.95 -6.15
N PRO AA 515 -154.80 -104.97 -4.83
CA PRO AA 515 -155.32 -106.05 -4.00
C PRO AA 515 -156.72 -105.72 -3.56
N ASN AA 516 -157.11 -104.42 -3.58
CA ASN AA 516 -158.25 -103.95 -2.83
C ASN AA 516 -158.69 -102.65 -3.43
N SER AA 517 -157.95 -102.11 -4.43
CA SER AA 517 -158.32 -100.89 -5.11
C SER AA 517 -159.23 -101.16 -6.27
N THR AA 518 -160.05 -100.13 -6.57
CA THR AA 518 -161.18 -100.19 -7.45
C THR AA 518 -160.69 -99.34 -8.56
N VAL AA 519 -160.51 -99.95 -9.75
CA VAL AA 519 -159.81 -99.35 -10.85
C VAL AA 519 -160.82 -99.24 -11.95
N SER AA 520 -160.69 -98.17 -12.77
CA SER AA 520 -161.53 -97.92 -13.90
C SER AA 520 -160.60 -97.38 -14.93
N GLY AA 521 -161.04 -97.36 -16.21
CA GLY AA 521 -160.39 -96.62 -17.24
C GLY AA 521 -159.26 -97.36 -17.90
N ILE AA 522 -159.07 -98.66 -17.59
CA ILE AA 522 -157.98 -99.45 -18.14
C ILE AA 522 -158.33 -99.71 -19.59
N THR AA 523 -157.45 -99.23 -20.49
CA THR AA 523 -157.63 -99.38 -21.91
C THR AA 523 -156.23 -99.47 -22.43
N GLY AA 524 -156.00 -100.27 -23.49
CA GLY AA 524 -154.70 -100.38 -24.10
C GLY AA 524 -154.55 -101.78 -24.61
N MET AA 525 -153.28 -102.22 -24.70
CA MET AA 525 -152.90 -103.47 -25.30
C MET AA 525 -152.62 -104.49 -24.23
N VAL AA 526 -152.87 -104.13 -22.95
CA VAL AA 526 -152.70 -104.97 -21.79
C VAL AA 526 -153.61 -106.19 -21.88
N ASP AA 527 -153.06 -107.37 -21.52
CA ASP AA 527 -153.76 -108.63 -21.58
C ASP AA 527 -154.73 -108.69 -20.41
N PRO AA 528 -155.85 -109.42 -20.48
CA PRO AA 528 -156.73 -109.64 -19.34
C PRO AA 528 -156.06 -110.40 -18.22
N SER AA 529 -155.16 -111.36 -18.55
CA SER AA 529 -154.34 -112.11 -17.64
C SER AA 529 -153.31 -111.26 -16.92
N ARG AA 530 -152.98 -110.07 -17.49
CA ARG AA 530 -152.06 -109.12 -16.94
C ARG AA 530 -152.78 -108.06 -16.15
N ILE AA 531 -154.10 -108.21 -15.92
CA ILE AA 531 -154.85 -107.27 -15.11
C ILE AA 531 -155.29 -108.11 -13.97
N ASN AA 532 -154.96 -107.66 -12.74
CA ASN AA 532 -155.49 -108.22 -11.53
C ASN AA 532 -155.84 -106.99 -10.75
N VAL AA 533 -157.15 -106.79 -10.50
CA VAL AA 533 -157.64 -105.67 -9.75
C VAL AA 533 -158.80 -106.18 -8.96
N ALA AA 534 -159.22 -105.43 -7.91
CA ALA AA 534 -160.32 -105.79 -7.06
C ALA AA 534 -161.63 -105.65 -7.78
N ASN AA 535 -161.79 -104.57 -8.57
CA ASN AA 535 -162.99 -104.33 -9.33
C ASN AA 535 -162.58 -103.59 -10.57
N LEU AA 536 -163.26 -103.88 -11.71
CA LEU AA 536 -163.03 -103.18 -12.95
C LEU AA 536 -164.37 -103.07 -13.61
N ALA AA 537 -164.81 -101.82 -13.90
CA ALA AA 537 -165.98 -101.60 -14.70
C ALA AA 537 -165.97 -100.17 -15.17
N GLU AA 538 -166.65 -99.91 -16.30
CA GLU AA 538 -166.93 -98.57 -16.79
C GLU AA 538 -168.38 -98.66 -17.15
N GLU AA 539 -169.26 -97.98 -16.37
CA GLU AA 539 -170.69 -98.02 -16.60
C GLU AA 539 -171.14 -96.68 -17.14
N GLY AA 540 -170.19 -95.71 -17.24
CA GLY AA 540 -170.45 -94.42 -17.84
C GLY AA 540 -170.20 -94.43 -19.31
N LEU AA 541 -169.61 -95.54 -19.83
CA LEU AA 541 -169.22 -95.73 -21.20
C LEU AA 541 -170.41 -95.67 -22.14
N GLY AA 542 -170.22 -95.05 -23.33
CA GLY AA 542 -171.22 -94.91 -24.35
C GLY AA 542 -171.39 -96.17 -25.13
N ASN AA 543 -172.08 -96.08 -26.29
CA ASN AA 543 -172.24 -97.15 -27.25
C ASN AA 543 -170.90 -97.60 -27.75
N ILE AA 544 -170.76 -98.89 -28.08
CA ILE AA 544 -169.49 -99.46 -28.47
C ILE AA 544 -169.76 -100.34 -29.65
N ARG AA 545 -168.69 -100.71 -30.37
CA ARG AA 545 -168.75 -101.64 -31.47
C ARG AA 545 -167.51 -102.49 -31.36
N ALA AA 546 -167.49 -103.60 -32.11
CA ALA AA 546 -166.40 -104.52 -32.21
C ALA AA 546 -165.94 -104.38 -33.63
N ASN AA 547 -164.69 -103.91 -33.81
CA ASN AA 547 -164.14 -103.58 -35.11
C ASN AA 547 -162.96 -104.48 -35.29
N SER AA 548 -162.82 -105.10 -36.48
CA SER AA 548 -161.78 -106.04 -36.75
C SER AA 548 -161.01 -105.58 -37.94
N PHE AA 549 -159.66 -105.60 -37.78
CA PHE AA 549 -158.73 -105.34 -38.84
C PHE AA 549 -157.62 -106.29 -38.54
N GLY AA 550 -157.14 -107.03 -39.56
CA GLY AA 550 -156.12 -108.04 -39.39
C GLY AA 550 -156.66 -109.32 -38.84
N TYR AA 551 -158.01 -109.45 -38.73
CA TYR AA 551 -158.64 -110.64 -38.18
C TYR AA 551 -159.71 -111.03 -39.16
N ASP AA 552 -160.12 -112.31 -39.11
CA ASP AA 552 -161.14 -112.87 -39.97
C ASP AA 552 -162.39 -113.11 -39.15
N SER AA 553 -162.41 -112.63 -37.89
CA SER AA 553 -163.53 -112.83 -37.01
C SER AA 553 -163.65 -111.58 -36.19
N ALA AA 554 -164.90 -111.26 -35.81
CA ALA AA 554 -165.24 -110.16 -34.93
C ALA AA 554 -165.92 -110.80 -33.76
N ALA AA 555 -165.66 -110.29 -32.54
CA ALA AA 555 -166.09 -110.96 -31.34
C ALA AA 555 -166.42 -109.95 -30.29
N ILE AA 556 -167.46 -110.27 -29.49
CA ILE AA 556 -167.75 -109.62 -28.25
C ILE AA 556 -167.47 -110.72 -27.26
N LYS AA 557 -166.38 -110.58 -26.48
CA LYS AA 557 -165.88 -111.60 -25.59
C LYS AA 557 -166.36 -111.28 -24.21
N LEU AA 558 -166.89 -112.29 -23.50
CA LEU AA 558 -167.39 -112.17 -22.16
C LEU AA 558 -166.53 -113.12 -21.38
N ARG AA 559 -165.68 -112.61 -20.47
CA ARG AA 559 -164.73 -113.42 -19.75
C ARG AA 559 -164.95 -113.17 -18.29
N ILE AA 560 -165.09 -114.28 -17.51
CA ILE AA 560 -165.17 -114.25 -16.08
C ILE AA 560 -163.87 -114.85 -15.67
N HIS AA 561 -163.11 -114.13 -14.80
CA HIS AA 561 -161.77 -114.51 -14.40
C HIS AA 561 -161.80 -115.43 -13.22
N LYS AA 562 -162.98 -115.54 -12.56
CA LYS AA 562 -163.27 -116.55 -11.57
C LYS AA 562 -163.34 -117.91 -12.22
N LEU AA 563 -163.99 -117.99 -13.42
CA LEU AA 563 -164.04 -119.17 -14.24
C LEU AA 563 -162.69 -119.57 -14.78
N SER AA 564 -161.91 -118.58 -15.29
CA SER AA 564 -160.58 -118.78 -15.81
C SER AA 564 -160.18 -117.45 -16.40
N LYS AA 565 -158.92 -117.02 -16.13
CA LYS AA 565 -158.36 -115.78 -16.60
C LYS AA 565 -157.92 -115.88 -18.04
N THR AA 566 -157.81 -117.12 -18.58
CA THR AA 566 -157.27 -117.37 -19.90
C THR AA 566 -158.34 -117.92 -20.83
N LEU AA 567 -159.60 -118.07 -20.36
CA LEU AA 567 -160.65 -118.64 -21.18
C LEU AA 567 -161.90 -117.87 -20.92
N ASP AA 568 -162.64 -117.57 -22.02
CA ASP AA 568 -163.92 -116.89 -22.03
C ASP AA 568 -164.97 -117.77 -21.41
N SER AA 569 -166.01 -117.13 -20.83
CA SER AA 569 -167.16 -117.80 -20.27
C SER AA 569 -168.28 -117.79 -21.28
N GLY AA 570 -168.11 -117.05 -22.38
CA GLY AA 570 -169.10 -116.98 -23.42
C GLY AA 570 -168.63 -115.95 -24.39
N ALA AA 571 -169.19 -115.96 -25.61
CA ALA AA 571 -168.82 -114.97 -26.58
C ALA AA 571 -169.90 -114.93 -27.60
N LEU AA 572 -169.93 -113.82 -28.37
CA LEU AA 572 -170.79 -113.66 -29.50
C LEU AA 572 -169.82 -113.45 -30.62
N TYR AA 573 -169.73 -114.41 -31.56
CA TYR AA 573 -168.77 -114.42 -32.63
C TYR AA 573 -169.51 -114.18 -33.90
N SER AA 574 -168.82 -113.53 -34.87
CA SER AA 574 -169.28 -113.42 -36.23
C SER AA 574 -168.09 -113.78 -37.07
N HIS AA 575 -168.21 -114.87 -37.84
CA HIS AA 575 -167.17 -115.39 -38.71
C HIS AA 575 -167.71 -115.33 -40.10
N ILE AA 576 -166.80 -115.30 -41.10
CA ILE AA 576 -167.13 -115.13 -42.50
C ILE AA 576 -167.45 -116.48 -43.09
N ASN AA 577 -168.54 -116.55 -43.91
CA ASN AA 577 -168.87 -117.71 -44.70
C ASN AA 577 -168.02 -117.66 -45.94
N GLY AA 578 -167.21 -118.71 -46.16
CA GLY AA 578 -166.26 -118.78 -47.25
C GLY AA 578 -165.16 -117.77 -47.06
N GLY AA 579 -164.50 -117.36 -48.18
CA GLY AA 579 -163.44 -116.39 -48.16
C GLY AA 579 -163.96 -115.00 -47.85
N ALA AA 580 -163.01 -114.06 -47.64
CA ALA AA 580 -163.30 -112.68 -47.32
C ALA AA 580 -163.77 -111.94 -48.56
N GLY AA 581 -164.58 -110.87 -48.35
CA GLY AA 581 -165.13 -110.06 -49.41
C GLY AA 581 -166.40 -110.64 -49.95
N SER AA 582 -166.90 -111.75 -49.36
CA SER AA 582 -168.11 -112.43 -49.76
C SER AA 582 -169.35 -111.61 -49.47
N GLY AA 583 -169.35 -110.90 -48.32
CA GLY AA 583 -170.48 -110.12 -47.86
C GLY AA 583 -171.44 -110.99 -47.11
N SER AA 584 -171.04 -112.25 -46.82
CA SER AA 584 -171.85 -113.24 -46.16
C SER AA 584 -171.09 -113.64 -44.94
N ALA AA 585 -171.78 -113.69 -43.78
CA ALA AA 585 -171.18 -114.04 -42.52
C ALA AA 585 -172.28 -114.60 -41.68
N TYR AA 586 -171.90 -115.44 -40.69
CA TYR AA 586 -172.83 -116.08 -39.80
C TYR AA 586 -172.49 -115.61 -38.42
N THR AA 587 -173.54 -115.32 -37.62
CA THR AA 587 -173.40 -114.84 -36.27
C THR AA 587 -173.84 -115.96 -35.37
N GLN AA 588 -172.92 -116.44 -34.52
CA GLN AA 588 -173.14 -117.55 -33.63
C GLN AA 588 -173.08 -117.06 -32.22
N LEU AA 589 -173.92 -117.66 -31.35
CA LEU AA 589 -174.00 -117.40 -29.94
C LEU AA 589 -173.43 -118.65 -29.31
N THR AA 590 -172.23 -118.51 -28.69
CA THR AA 590 -171.44 -119.63 -28.25
C THR AA 590 -171.40 -119.61 -26.75
N ALA AA 591 -171.29 -120.82 -26.14
CA ALA AA 591 -171.12 -120.96 -24.72
C ALA AA 591 -170.04 -121.99 -24.54
N ILE AA 592 -169.26 -121.86 -23.44
CA ILE AA 592 -168.14 -122.74 -23.17
C ILE AA 592 -168.67 -123.97 -22.47
N SER AA 593 -168.18 -125.16 -22.87
CA SER AA 593 -168.56 -126.39 -22.23
C SER AA 593 -167.33 -127.25 -22.17
N GLY AA 594 -166.99 -127.77 -20.96
CA GLY AA 594 -165.88 -128.67 -20.76
C GLY AA 594 -164.53 -128.01 -20.76
N SER AA 595 -164.52 -126.65 -20.78
CA SER AA 595 -163.37 -125.77 -20.81
C SER AA 595 -162.91 -125.57 -22.23
N THR AA 596 -163.69 -126.05 -23.23
CA THR AA 596 -163.41 -125.89 -24.63
C THR AA 596 -164.36 -124.82 -25.10
N PRO AA 597 -163.94 -123.63 -25.58
CA PRO AA 597 -164.88 -122.63 -26.08
C PRO AA 597 -165.43 -123.07 -27.41
N ASP AA 598 -166.63 -122.56 -27.77
CA ASP AA 598 -167.35 -122.86 -29.00
C ASP AA 598 -167.65 -124.33 -29.14
N ALA AA 599 -167.79 -125.05 -28.00
CA ALA AA 599 -168.12 -126.45 -27.95
C ALA AA 599 -169.53 -126.67 -28.41
N VAL AA 600 -170.47 -125.92 -27.80
CA VAL AA 600 -171.84 -125.81 -28.25
C VAL AA 600 -171.98 -124.44 -28.82
N SER AA 601 -172.74 -124.34 -29.93
CA SER AA 601 -172.89 -123.12 -30.66
C SER AA 601 -174.27 -123.16 -31.24
N LEU AA 602 -174.94 -121.99 -31.27
CA LEU AA 602 -176.21 -121.81 -31.91
C LEU AA 602 -175.87 -120.86 -33.02
N LYS AA 603 -175.89 -121.33 -34.28
CA LYS AA 603 -175.45 -120.56 -35.42
C LYS AA 603 -176.67 -120.10 -36.15
N VAL AA 604 -176.63 -118.86 -36.68
CA VAL AA 604 -177.69 -118.30 -37.48
C VAL AA 604 -177.05 -117.94 -38.77
N ASN AA 605 -177.67 -118.36 -39.90
CA ASN AA 605 -177.25 -118.11 -41.27
C ASN AA 605 -175.91 -118.79 -41.57
N HIS AA 606 -175.75 -120.06 -41.13
CA HIS AA 606 -174.55 -120.82 -41.35
C HIS AA 606 -174.53 -121.36 -42.77
N LYS AA 607 -173.57 -120.84 -43.56
CA LYS AA 607 -173.36 -121.12 -44.97
C LYS AA 607 -174.51 -120.63 -45.80
N ASP AA 608 -175.10 -119.48 -45.38
CA ASP AA 608 -176.22 -118.80 -46.00
C ASP AA 608 -177.44 -119.68 -46.07
N CYS AA 609 -177.71 -120.43 -44.97
CA CYS AA 609 -178.88 -121.26 -44.87
C CYS AA 609 -180.11 -120.42 -44.65
N ARG AA 610 -179.99 -119.39 -43.78
CA ARG AA 610 -181.03 -118.48 -43.36
C ARG AA 610 -181.87 -119.09 -42.28
N GLY AA 611 -181.30 -120.06 -41.52
CA GLY AA 611 -181.99 -120.73 -40.46
C GLY AA 611 -181.11 -120.82 -39.26
N ALA AA 612 -181.71 -121.27 -38.13
CA ALA AA 612 -181.05 -121.39 -36.86
C ALA AA 612 -180.71 -122.84 -36.66
N GLU AA 613 -179.41 -123.11 -36.37
CA GLU AA 613 -178.94 -124.44 -36.04
C GLU AA 613 -178.95 -124.49 -34.54
N ILE AA 614 -179.83 -125.36 -34.01
CA ILE AA 614 -180.23 -125.39 -32.63
C ILE AA 614 -179.54 -126.58 -32.02
N PRO AA 615 -178.60 -126.45 -31.08
CA PRO AA 615 -177.97 -127.57 -30.42
C PRO AA 615 -178.94 -128.25 -29.49
N PHE AA 616 -178.70 -129.56 -29.21
CA PHE AA 616 -179.54 -130.33 -28.33
C PHE AA 616 -178.64 -131.24 -27.56
N VAL AA 617 -179.15 -131.75 -26.41
CA VAL AA 617 -178.45 -132.63 -25.50
C VAL AA 617 -178.17 -133.94 -26.23
N PRO AA 618 -176.98 -134.55 -26.22
CA PRO AA 618 -176.71 -135.77 -26.98
C PRO AA 618 -177.30 -137.00 -26.32
N ASP AA 619 -177.87 -136.85 -25.11
CA ASP AA 619 -178.41 -137.93 -24.31
C ASP AA 619 -179.71 -137.40 -23.78
N ILE AA 620 -180.44 -138.23 -22.98
CA ILE AA 620 -181.70 -137.90 -22.37
C ILE AA 620 -181.54 -136.72 -21.43
N ALA AA 621 -182.45 -135.73 -21.52
CA ALA AA 621 -182.43 -134.53 -20.71
C ALA AA 621 -182.68 -134.84 -19.27
N SER AA 622 -182.00 -134.09 -18.37
CA SER AA 622 -182.19 -134.15 -16.95
C SER AA 622 -183.20 -133.10 -16.58
N ASP AA 623 -183.68 -133.14 -15.33
CA ASP AA 623 -184.72 -132.26 -14.84
C ASP AA 623 -184.10 -131.04 -14.20
N ASP AA 624 -182.75 -130.99 -14.13
CA ASP AA 624 -182.01 -129.88 -13.56
C ASP AA 624 -181.36 -129.10 -14.67
N PHE AA 625 -181.50 -129.58 -15.93
CA PHE AA 625 -180.96 -128.95 -17.12
C PHE AA 625 -181.84 -127.79 -17.50
N ILE AA 626 -183.17 -127.95 -17.34
CA ILE AA 626 -184.14 -126.93 -17.63
C ILE AA 626 -184.79 -126.64 -16.31
N LYS AA 627 -184.88 -125.34 -15.96
CA LYS AA 627 -185.34 -124.89 -14.67
C LYS AA 627 -186.01 -123.57 -14.86
N ASP AA 628 -186.31 -123.19 -16.13
CA ASP AA 628 -186.93 -121.93 -16.45
C ASP AA 628 -188.21 -122.28 -17.15
N SER AA 629 -189.34 -121.81 -16.56
CA SER AA 629 -190.67 -122.02 -17.04
C SER AA 629 -190.89 -121.36 -18.38
N SER AA 630 -191.76 -121.98 -19.21
CA SER AA 630 -192.16 -121.51 -20.51
C SER AA 630 -191.01 -121.56 -21.48
N CYS AA 631 -190.26 -122.69 -21.48
CA CYS AA 631 -189.10 -122.90 -22.31
C CYS AA 631 -189.09 -124.35 -22.68
N PHE AA 632 -188.45 -124.72 -23.82
CA PHE AA 632 -188.28 -126.09 -24.24
C PHE AA 632 -186.83 -126.31 -24.54
N LEU AA 633 -186.32 -127.47 -24.08
CA LEU AA 633 -184.96 -127.90 -24.23
C LEU AA 633 -185.01 -129.14 -25.09
N PRO AA 634 -184.54 -129.16 -26.34
CA PRO AA 634 -184.52 -130.36 -27.17
C PRO AA 634 -183.42 -131.28 -26.69
N TYR AA 635 -183.65 -132.61 -26.81
CA TYR AA 635 -182.70 -133.61 -26.39
C TYR AA 635 -182.81 -134.77 -27.35
N TRP AA 636 -181.79 -135.66 -27.34
CA TRP AA 636 -181.74 -136.79 -28.24
C TRP AA 636 -182.10 -138.02 -27.48
N GLU AA 637 -182.84 -138.94 -28.14
CA GLU AA 637 -183.12 -140.25 -27.64
C GLU AA 637 -182.58 -141.19 -28.69
N ASN AA 638 -181.54 -141.96 -28.30
CA ASN AA 638 -180.74 -142.77 -29.18
C ASN AA 638 -181.47 -143.96 -29.72
N ASN AA 639 -182.23 -144.67 -28.84
CA ASN AA 639 -182.93 -145.89 -29.16
C ASN AA 639 -184.05 -145.70 -30.14
N SER AA 640 -184.84 -144.61 -30.01
CA SER AA 640 -185.92 -144.27 -30.91
C SER AA 640 -185.38 -143.87 -32.28
N THR AA 641 -184.28 -143.08 -32.28
CA THR AA 641 -183.75 -142.36 -33.43
C THR AA 641 -184.78 -141.32 -33.86
N SER AA 642 -185.31 -140.57 -32.89
CA SER AA 642 -186.23 -139.49 -33.12
C SER AA 642 -185.96 -138.46 -32.06
N LEU AA 643 -186.08 -137.17 -32.45
CA LEU AA 643 -185.75 -136.05 -31.63
C LEU AA 643 -186.91 -135.76 -30.70
N LYS AA 644 -186.59 -135.44 -29.43
CA LYS AA 644 -187.53 -135.21 -28.37
C LYS AA 644 -187.25 -133.85 -27.79
N ALA AA 645 -188.21 -133.31 -27.02
CA ALA AA 645 -188.05 -132.03 -26.36
C ALA AA 645 -188.63 -132.16 -25.00
N LEU AA 646 -187.84 -131.75 -23.97
CA LEU AA 646 -188.27 -131.70 -22.60
C LEU AA 646 -188.78 -130.30 -22.45
N VAL AA 647 -190.10 -130.20 -22.19
CA VAL AA 647 -190.83 -128.96 -22.22
C VAL AA 647 -191.18 -128.69 -20.80
N LYS AA 648 -190.88 -127.46 -20.32
CA LYS AA 648 -191.31 -126.99 -19.03
C LYS AA 648 -192.42 -126.05 -19.32
N LYS AA 649 -193.64 -126.42 -18.87
CA LYS AA 649 -194.87 -125.69 -19.03
C LYS AA 649 -194.80 -124.37 -18.29
N PRO AA 650 -195.57 -123.33 -18.63
CA PRO AA 650 -195.52 -122.03 -17.97
C PRO AA 650 -196.06 -122.09 -16.55
N ASN AA 651 -196.60 -123.24 -16.09
CA ASN AA 651 -197.08 -123.45 -14.74
C ASN AA 651 -196.00 -124.12 -13.91
N GLY AA 652 -194.83 -124.41 -14.52
CA GLY AA 652 -193.66 -124.91 -13.83
C GLY AA 652 -193.63 -126.40 -13.66
N GLU AA 653 -194.29 -127.17 -14.56
CA GLU AA 653 -194.33 -128.61 -14.49
C GLU AA 653 -193.81 -129.14 -15.80
N LEU AA 654 -192.96 -130.19 -15.74
CA LEU AA 654 -192.32 -130.78 -16.89
C LEU AA 654 -193.24 -131.76 -17.57
N VAL AA 655 -193.13 -131.83 -18.91
CA VAL AA 655 -193.84 -132.78 -19.74
C VAL AA 655 -192.90 -133.08 -20.87
N ARG AA 656 -192.87 -134.35 -21.33
CA ARG AA 656 -192.01 -134.80 -22.40
C ARG AA 656 -192.88 -135.02 -23.59
N LEU AA 657 -192.56 -134.31 -24.70
CA LEU AA 657 -193.29 -134.33 -25.94
C LEU AA 657 -192.28 -134.68 -27.00
N THR AA 658 -192.76 -135.19 -28.16
CA THR AA 658 -191.92 -135.59 -29.27
C THR AA 658 -191.85 -134.44 -30.24
N LEU AA 659 -190.65 -133.83 -30.39
CA LEU AA 659 -190.49 -132.63 -31.18
C LEU AA 659 -190.44 -132.94 -32.65
N ALA AA 660 -189.67 -133.99 -33.07
CA ALA AA 660 -189.55 -134.31 -34.48
C ALA AA 660 -189.54 -135.80 -34.66
N THR AA 661 -190.41 -136.30 -35.57
CA THR AA 661 -190.42 -137.67 -36.02
C THR AA 661 -190.89 -137.56 -37.44
N LEU AA 662 -190.30 -138.37 -38.35
CA LEU AA 662 -190.63 -138.39 -39.76
C LEU AA 662 -192.00 -139.05 -39.94
#